data_9M3J
#
_entry.id   9M3J
#
_cell.length_a   1.00
_cell.length_b   1.00
_cell.length_c   1.00
_cell.angle_alpha   90.00
_cell.angle_beta   90.00
_cell.angle_gamma   90.00
#
_symmetry.space_group_name_H-M   'P 1'
#
loop_
_entity.id
_entity.type
_entity.pdbx_description
1 polymer 'Allophycocyanin alpha subunit'
2 polymer 'Allophycocyanin beta subunit'
3 polymer Allophycocyanin-B
4 polymer 'Phycobilisome 7.8 kDa linker polypeptide, allophycocyanin-associated, core'
5 polymer 'Phycobiliprotein ApcE'
6 non-polymer PHYCOCYANOBILIN
#
loop_
_entity_poly.entity_id
_entity_poly.type
_entity_poly.pdbx_seq_one_letter_code
_entity_poly.pdbx_strand_id
1 'polypeptide(L)'
;MSVLTKAIVNADAEARYLSPGELDRIKSFVASGERRLRIAQTLTEARERIVKQAGDQLFQIRPDVVSPGGNAYGEKMTAL
CLRDLDYYLRLVTYGIVAGDVTPIEEIGIIGVKEMYNSLQTPIPAVAEGVRAMKNVATSLLSGDDAAEAGFYFDYLVGAM
Q
;
A1,C1,E1,H1,A2,C2,E2,G2,I2,K2,M2,O2,Q2,S2,U2,W2,Y2,a2,c2,e2,g2,i2,k2,m2,o2,q2,s2,u2,A3,C3,E3,G3,I3,K3,M3,O3,Q3,S3,U3,W3,Y3,a3,c3,e3
2 'polypeptide(L)'
;MQDAITAVINNYDVQGKYLDGAALDKLKAYFTTGAVRVRAAAVISSNATTIIKEAAAKALIYSDLTRPGG(MEN)MYTTR
RYAACIRDMDYFLRYATYAMLAGDPSILDERVLNGLKETYNSLGVPIAATVGGIQAMKEVVGGLVGPDAAKEASIYFDYL
SSGLS
;
B1,D1,F1,G1,I1,J1,B2,D2,F2,H2,J2,L2,N2,P2,R2,T2,V2,X2,Z2,b2,d2,f2,h2,j2,l2,n2,p2,r2,t2,v2,B3,D3,F3,H3,J3,L3,N3,P3,R3,T3,V3,X3,Z3,b3,d3,f3,g3,h3
3 'polypeptide(L)'
;MSVVLTTIMNADQQLRYPSVGELEQIKNFMEDSALRLKVAKTLSDANDRVVKQASAGLFQRRPDLNNPGGNAYGEKRLGS
CIRDLGWYYRLITYSIVAGNNEPVERIGLTGIFEMYRVLEVPIPAMIESMRLLKKEALELLSPAEAEIAAPYFDYVIGAM
Q
;
K1,L1
4 'polypeptide(L)' MSRYFKVTACIPSLKRVRTGRELQNTFFTKLVPYENWFTEQQRIQKAGGKVLSVKLFTGVQGANTGVGA z1,M1,z2,w2,x2,y2,z3,i3
5 'polypeptide(L)'
;MSIRGTSGSTVARPRLFRTVMTETINGINAEDRYPNSGEVSQLDQFFGDGQRRIAIVAKLTENAEMIVSRAANRIFVGGS
PMAYSERQKAKAKSPLANDEFGNEPIVEDRGGFLESLKSIFSTRGGGGRASADFAVPPDFEPINIARYGPERMQKSIRDL
DWFLRYTTYAILAGDPSILEANCLGLREILEKSCSISATIVALLEMRKNAARLFKDEADSKLVSSYISVVIRALDADRSD
APADIVRPSSEDRPGLTLPYIYKLSADSLTTFKMTAIYGADGRPKVNLSSDEKERVVRAAYRQVFERDLKAYGQSVSEAE
SKVKNGEISVREFVRRLGKSELYRREFYQPFINSRVLELAFKHFLGRAPESRAEVQKYFSIISSPIVRGQSSMPSGGLYA
LIDALIDSEEYTSIFGEDTVPYLRNLGVEAQPSWNWGAAYDLYNYAAPRRKVPQFITLFADYTQPLPNQHPYGAGNDPLE
IQFGAIFKNSTINPAERAAPIGKDVKRILIRNGSPTSNERGNPTGMSEGATTLGPKIFKLTQNVGFRSKGMVQNAGVVTV
EGSVQALITAAYQQIFGRQLYQGQRLKVAEIKLENGETTVKEFVRALGRSEIFRKLYWEPFYVCKAIEYIHRRLLGRPTY
DRVENNRYFDIASKKGFYGVVDAMLNSNEYQEVFGEDVLPYERYLTPAGLSLRKGRFGSSDVLTTPGGITPRGDAARMMD
KIQELGTPINERSIPEMYVNQGVPALKRQRKVFKQSQATDRESFDALVTAAYVQVFDKDIASYIRSEFSALESRLRNRET
SVKEFVRLLGFSALYRKQFHDRYPNTKVVEFAFKHFLGRAVKNQAELIKYHGLLGRKGIKALIGALVDGEEYGRLYGEDT
VPSWQFPTLPAANYPNSVELYNRFTRQDDSLVVPSFKPIRSKMDIASMPLVQAALKEQQATKTALDMSRPMFLELGRSFK
GADGQSVEVGVGTLRRQLEHIYRIAPDATRSEKDVAINAIYRQVLDVFAGIPPSYLRLSEAESKLKNNEISVREFVRRLG
RSENYRKRFFEPYSSPKVVELLTKHFLGRAPISQQEISTYVQILGTKGLAAAVDAIVESPEYLTIFNEDIVPYRRYPTLP
AGNYRASVRVNDEELISQSWSSLSPTYTGYQYVTR
;
j3,k3
#
loop_
_chem_comp.id
_chem_comp.type
_chem_comp.name
_chem_comp.formula
CYC non-polymer PHYCOCYANOBILIN 'C33 H40 N4 O6'
#
# COMPACT_ATOMS: atom_id res chain seq x y z
N SER A 2 62.50 27.74 20.86
CA SER A 2 61.88 27.62 22.17
C SER A 2 61.45 28.98 22.70
N VAL A 3 60.94 28.99 23.94
CA VAL A 3 60.47 30.22 24.56
C VAL A 3 61.62 31.21 24.73
N LEU A 4 62.79 30.70 25.11
CA LEU A 4 63.98 31.54 25.24
C LEU A 4 64.34 32.19 23.92
N THR A 5 64.33 31.40 22.84
CA THR A 5 64.66 31.92 21.52
C THR A 5 63.65 32.97 21.08
N LYS A 6 62.36 32.72 21.30
CA LYS A 6 61.33 33.68 20.91
C LYS A 6 61.47 34.99 21.69
N ALA A 7 61.67 34.89 23.01
CA ALA A 7 61.78 36.09 23.83
C ALA A 7 63.02 36.91 23.46
N ILE A 8 64.15 36.22 23.27
CA ILE A 8 65.38 36.91 22.91
C ILE A 8 65.24 37.55 21.54
N VAL A 9 64.58 36.85 20.61
CA VAL A 9 64.39 37.39 19.26
C VAL A 9 63.52 38.64 19.31
N ASN A 10 62.44 38.61 20.10
CA ASN A 10 61.55 39.76 20.19
C ASN A 10 62.26 40.96 20.80
N ALA A 11 62.96 40.75 21.91
CA ALA A 11 63.70 41.84 22.53
C ALA A 11 64.80 42.36 21.62
N ASP A 12 65.49 41.47 20.90
CA ASP A 12 66.53 41.87 19.98
C ASP A 12 65.97 42.70 18.83
N ALA A 13 64.82 42.29 18.30
CA ALA A 13 64.18 43.07 17.25
C ALA A 13 63.75 44.44 17.75
N GLU A 14 63.25 44.50 18.99
CA GLU A 14 62.90 45.79 19.57
C GLU A 14 64.12 46.61 19.99
N ALA A 15 65.32 46.01 19.98
CA ALA A 15 66.56 46.71 20.33
C ALA A 15 66.54 47.15 21.79
N ARG A 16 66.31 46.18 22.67
CA ARG A 16 66.16 46.45 24.09
C ARG A 16 66.28 45.13 24.84
N TYR A 17 66.50 45.23 26.16
CA TYR A 17 66.52 44.06 27.00
C TYR A 17 65.10 43.52 27.17
N LEU A 18 65.00 42.30 27.70
CA LEU A 18 63.73 41.59 27.72
C LEU A 18 62.73 42.23 28.67
N SER A 19 61.46 42.22 28.24
CA SER A 19 60.39 42.86 28.99
C SER A 19 59.98 42.03 30.20
N PRO A 20 59.31 42.65 31.19
CA PRO A 20 58.80 41.91 32.35
C PRO A 20 57.98 40.66 32.09
N GLY A 21 57.08 40.64 31.09
CA GLY A 21 56.54 39.36 30.64
C GLY A 21 57.62 38.45 30.11
N GLU A 22 58.62 39.03 29.41
CA GLU A 22 59.61 38.20 28.73
C GLU A 22 60.47 37.44 29.74
N LEU A 23 60.84 38.08 30.86
CA LEU A 23 61.62 37.38 31.87
C LEU A 23 60.78 36.37 32.63
N ASP A 24 59.55 36.73 33.00
CA ASP A 24 58.72 35.83 33.79
C ASP A 24 58.29 34.61 32.99
N ARG A 25 58.20 34.75 31.67
CA ARG A 25 57.90 33.61 30.81
C ARG A 25 59.04 32.60 30.85
N ILE A 26 60.26 33.08 31.06
CA ILE A 26 61.42 32.21 31.22
C ILE A 26 61.42 31.53 32.58
N LYS A 27 61.11 32.27 33.64
CA LYS A 27 61.09 31.69 34.98
C LYS A 27 60.02 30.60 35.09
N SER A 28 58.84 30.84 34.54
CA SER A 28 57.80 29.82 34.55
C SER A 28 58.21 28.59 33.74
N PHE A 29 58.86 28.80 32.60
CA PHE A 29 59.28 27.67 31.77
C PHE A 29 60.33 26.82 32.48
N VAL A 30 61.30 27.46 33.12
CA VAL A 30 62.32 26.69 33.84
C VAL A 30 61.71 26.00 35.06
N ALA A 31 60.66 26.61 35.63
CA ALA A 31 59.96 25.95 36.74
C ALA A 31 59.18 24.73 36.25
N SER A 32 58.72 24.76 35.00
CA SER A 32 57.95 23.64 34.45
C SER A 32 58.84 22.59 33.77
N GLY A 33 60.13 22.89 33.61
CA GLY A 33 61.05 22.00 32.92
C GLY A 33 61.12 20.55 33.37
N GLU A 34 61.05 20.30 34.68
CA GLU A 34 61.15 18.91 35.15
C GLU A 34 59.94 18.09 34.72
N ARG A 35 58.74 18.66 34.81
CA ARG A 35 57.57 17.94 34.34
C ARG A 35 57.57 17.79 32.83
N ARG A 36 58.11 18.78 32.12
CA ARG A 36 58.29 18.62 30.66
C ARG A 36 59.19 17.43 30.36
N LEU A 37 60.30 17.31 31.09
CA LEU A 37 61.22 16.19 30.88
C LEU A 37 60.56 14.86 31.22
N ARG A 38 59.75 14.84 32.28
CA ARG A 38 59.07 13.60 32.65
C ARG A 38 58.07 13.17 31.59
N ILE A 39 57.32 14.14 31.03
CA ILE A 39 56.36 13.82 29.97
C ILE A 39 57.10 13.32 28.73
N ALA A 40 58.23 13.95 28.40
CA ALA A 40 59.02 13.48 27.27
C ALA A 40 59.57 12.08 27.51
N GLN A 41 60.01 11.78 28.73
CA GLN A 41 60.54 10.46 29.06
C GLN A 41 59.44 9.41 28.88
N THR A 42 58.23 9.72 29.35
CA THR A 42 57.10 8.80 29.23
C THR A 42 56.74 8.54 27.77
N LEU A 43 56.66 9.61 26.96
CA LEU A 43 56.31 9.44 25.56
C LEU A 43 57.39 8.66 24.81
N THR A 44 58.66 8.95 25.09
CA THR A 44 59.74 8.23 24.43
C THR A 44 59.75 6.77 24.80
N GLU A 45 59.45 6.45 26.07
CA GLU A 45 59.41 5.05 26.48
C GLU A 45 58.24 4.31 25.85
N ALA A 46 57.09 4.97 25.69
CA ALA A 46 55.92 4.33 25.10
C ALA A 46 55.78 4.69 23.62
N ARG A 47 56.90 5.04 22.97
CA ARG A 47 56.85 5.54 21.61
C ARG A 47 56.32 4.52 20.61
N GLU A 48 56.55 3.22 20.86
CA GLU A 48 56.13 2.22 19.89
C GLU A 48 54.65 1.87 20.04
N ARG A 49 54.15 1.84 21.27
CA ARG A 49 52.75 1.48 21.50
C ARG A 49 51.82 2.56 20.95
N ILE A 50 52.18 3.83 21.17
CA ILE A 50 51.37 4.93 20.66
C ILE A 50 51.31 4.90 19.13
N VAL A 51 52.45 4.63 18.50
CA VAL A 51 52.48 4.53 17.04
C VAL A 51 51.62 3.38 16.55
N LYS A 52 51.70 2.23 17.21
CA LYS A 52 50.92 1.07 16.78
C LYS A 52 49.41 1.33 16.93
N GLN A 53 48.99 1.84 18.09
CA GLN A 53 47.57 2.11 18.28
C GLN A 53 47.09 3.25 17.37
N ALA A 54 47.93 4.24 17.11
CA ALA A 54 47.56 5.30 16.17
C ALA A 54 47.36 4.75 14.77
N GLY A 55 48.25 3.86 14.35
CA GLY A 55 48.09 3.22 13.05
C GLY A 55 46.83 2.38 12.96
N ASP A 56 46.52 1.67 14.06
CA ASP A 56 45.34 0.82 14.10
C ASP A 56 44.09 1.70 13.97
N GLN A 57 44.02 2.78 14.75
CA GLN A 57 42.86 3.67 14.68
C GLN A 57 42.77 4.37 13.32
N LEU A 58 43.92 4.76 12.75
CA LEU A 58 43.91 5.42 11.45
C LEU A 58 43.40 4.50 10.36
N PHE A 59 43.87 3.25 10.34
CA PHE A 59 43.42 2.30 9.33
C PHE A 59 42.01 1.78 9.58
N GLN A 60 41.49 1.92 10.80
CA GLN A 60 40.10 1.59 11.07
C GLN A 60 39.14 2.75 10.78
N ILE A 61 39.62 3.99 10.81
CA ILE A 61 38.76 5.14 10.54
C ILE A 61 38.86 5.64 9.09
N ARG A 62 39.97 5.37 8.40
CA ARG A 62 40.14 5.78 7.00
C ARG A 62 40.62 4.60 6.16
N PRO A 63 39.75 3.62 5.90
CA PRO A 63 40.18 2.42 5.16
C PRO A 63 40.57 2.69 3.72
N ASP A 64 40.15 3.84 3.18
CA ASP A 64 40.42 4.15 1.77
C ASP A 64 41.91 4.26 1.48
N VAL A 65 42.70 4.68 2.48
CA VAL A 65 44.14 4.78 2.27
C VAL A 65 44.77 3.41 2.10
N VAL A 66 44.27 2.41 2.83
CA VAL A 66 44.86 1.07 2.81
C VAL A 66 44.09 0.18 1.84
N SER A 67 43.29 0.80 0.97
CA SER A 67 42.58 0.12 -0.09
C SER A 67 43.43 0.13 -1.34
N PRO A 68 42.94 -0.46 -2.44
CA PRO A 68 43.63 -0.28 -3.73
C PRO A 68 43.83 1.20 -4.08
N GLY A 69 45.03 1.55 -4.50
CA GLY A 69 45.38 2.95 -4.63
C GLY A 69 45.46 3.59 -3.26
N GLY A 70 45.30 4.90 -3.20
CA GLY A 70 45.25 5.59 -1.93
C GLY A 70 46.60 5.82 -1.27
N ASN A 71 47.66 5.35 -1.90
CA ASN A 71 49.05 5.65 -1.53
C ASN A 71 49.47 4.90 -0.26
N ALA A 72 48.61 4.00 0.20
CA ALA A 72 48.93 3.18 1.37
C ALA A 72 48.48 1.74 1.18
N TYR A 73 48.68 1.20 -0.03
CA TYR A 73 48.25 -0.15 -0.34
C TYR A 73 49.26 -1.21 0.07
N GLY A 74 50.53 -1.05 -0.33
CA GLY A 74 51.53 -2.06 -0.07
C GLY A 74 51.96 -2.10 1.39
N GLU A 75 52.60 -3.22 1.74
CA GLU A 75 53.17 -3.35 3.07
C GLU A 75 54.27 -2.32 3.30
N LYS A 76 55.10 -2.07 2.28
CA LYS A 76 56.12 -1.04 2.38
C LYS A 76 55.49 0.33 2.57
N MET A 77 54.37 0.59 1.88
CA MET A 77 53.68 1.87 2.05
C MET A 77 53.13 2.02 3.46
N THR A 78 52.56 0.95 4.01
CA THR A 78 52.07 1.01 5.39
C THR A 78 53.21 1.22 6.38
N ALA A 79 54.35 0.56 6.14
CA ALA A 79 55.52 0.76 6.98
C ALA A 79 56.00 2.21 6.90
N LEU A 80 55.97 2.80 5.71
CA LEU A 80 56.37 4.20 5.55
C LEU A 80 55.41 5.13 6.29
N CYS A 81 54.11 4.82 6.24
CA CYS A 81 53.14 5.63 6.98
C CYS A 81 53.38 5.56 8.48
N LEU A 82 53.64 4.36 9.00
CA LEU A 82 53.95 4.23 10.42
C LEU A 82 55.25 4.94 10.76
N ARG A 83 56.22 4.92 9.85
CA ARG A 83 57.46 5.66 10.05
C ARG A 83 57.20 7.16 10.13
N ASP A 84 56.30 7.67 9.28
CA ASP A 84 55.95 9.08 9.33
C ASP A 84 55.27 9.43 10.65
N LEU A 85 54.40 8.53 11.14
CA LEU A 85 53.79 8.75 12.45
C LEU A 85 54.83 8.79 13.55
N ASP A 86 55.83 7.90 13.47
CA ASP A 86 56.92 7.91 14.46
C ASP A 86 57.72 9.20 14.37
N TYR A 87 57.96 9.70 13.15
CA TYR A 87 58.66 10.97 12.98
C TYR A 87 57.91 12.11 13.63
N TYR A 88 56.59 12.16 13.44
CA TYR A 88 55.83 13.23 14.07
C TYR A 88 55.76 13.07 15.58
N LEU A 89 55.76 11.83 16.08
CA LEU A 89 55.88 11.62 17.51
C LEU A 89 57.18 12.17 18.06
N ARG A 90 58.28 11.92 17.34
CA ARG A 90 59.59 12.43 17.76
C ARG A 90 59.59 13.96 17.73
N LEU A 91 58.96 14.55 16.73
CA LEU A 91 58.87 16.01 16.66
C LEU A 91 58.06 16.57 17.83
N VAL A 92 56.98 15.88 18.21
CA VAL A 92 56.19 16.33 19.35
C VAL A 92 57.00 16.24 20.63
N THR A 93 57.77 15.16 20.79
CA THR A 93 58.62 15.02 21.97
C THR A 93 59.69 16.11 22.01
N TYR A 94 60.22 16.50 20.85
CA TYR A 94 61.16 17.62 20.80
C TYR A 94 60.47 18.91 21.23
N GLY A 95 59.27 19.16 20.71
CA GLY A 95 58.58 20.41 20.99
C GLY A 95 58.19 20.55 22.44
N ILE A 96 57.83 19.43 23.08
CA ILE A 96 57.39 19.46 24.48
C ILE A 96 58.53 19.93 25.37
N VAL A 97 59.72 19.37 25.18
CA VAL A 97 60.87 19.79 25.98
C VAL A 97 61.33 21.18 25.56
N ALA A 98 61.13 21.54 24.30
CA ALA A 98 61.50 22.89 23.85
C ALA A 98 60.66 23.96 24.53
N GLY A 99 59.37 23.68 24.72
CA GLY A 99 58.46 24.63 25.33
C GLY A 99 57.67 25.46 24.35
N ASP A 100 58.17 25.62 23.14
CA ASP A 100 57.43 26.25 22.05
C ASP A 100 57.42 25.29 20.88
N VAL A 101 56.94 25.73 19.71
CA VAL A 101 56.78 24.86 18.57
C VAL A 101 57.62 25.28 17.37
N THR A 102 58.48 26.29 17.52
CA THR A 102 59.38 26.66 16.44
C THR A 102 60.35 25.56 16.00
N PRO A 103 60.91 24.71 16.90
CA PRO A 103 61.72 23.59 16.37
C PRO A 103 60.93 22.63 15.50
N ILE A 104 59.65 22.41 15.82
CA ILE A 104 58.81 21.58 14.99
C ILE A 104 58.51 22.26 13.67
N GLU A 105 58.24 23.57 13.72
CA GLU A 105 57.90 24.31 12.50
C GLU A 105 59.06 24.37 11.53
N GLU A 106 60.28 24.53 12.06
CA GLU A 106 61.44 24.62 11.19
C GLU A 106 61.91 23.28 10.64
N ILE A 107 61.31 22.17 11.09
CA ILE A 107 61.77 20.85 10.67
C ILE A 107 60.69 20.16 9.83
N GLY A 108 59.49 20.02 10.38
CA GLY A 108 58.50 19.19 9.73
C GLY A 108 57.12 19.81 9.51
N ILE A 109 57.03 21.13 9.51
CA ILE A 109 55.73 21.78 9.34
C ILE A 109 55.74 22.71 8.13
N ILE A 110 56.92 23.22 7.78
CA ILE A 110 57.04 24.14 6.64
C ILE A 110 57.36 23.30 5.41
N GLY A 111 56.52 23.42 4.38
CA GLY A 111 56.66 22.64 3.16
C GLY A 111 55.94 21.30 3.20
N VAL A 112 55.25 20.98 4.29
CA VAL A 112 54.57 19.70 4.40
C VAL A 112 53.47 19.58 3.36
N LYS A 113 52.75 20.68 3.10
CA LYS A 113 51.69 20.66 2.10
C LYS A 113 52.24 20.37 0.72
N GLU A 114 53.35 21.04 0.35
CA GLU A 114 53.93 20.82 -0.97
C GLU A 114 54.45 19.39 -1.12
N MET A 115 55.14 18.89 -0.09
CA MET A 115 55.69 17.54 -0.14
C MET A 115 54.58 16.49 -0.22
N TYR A 116 53.54 16.65 0.60
CA TYR A 116 52.48 15.65 0.61
C TYR A 116 51.61 15.74 -0.64
N ASN A 117 51.52 16.93 -1.24
CA ASN A 117 50.83 17.03 -2.52
C ASN A 117 51.63 16.39 -3.64
N SER A 118 52.96 16.52 -3.58
CA SER A 118 53.82 15.85 -4.55
C SER A 118 53.69 14.34 -4.44
N LEU A 119 53.59 13.83 -3.21
CA LEU A 119 53.49 12.39 -2.99
C LEU A 119 52.05 11.90 -3.13
N GLN A 120 51.09 12.82 -3.15
CA GLN A 120 49.67 12.51 -2.98
C GLN A 120 49.41 11.64 -1.75
N THR A 121 49.83 12.11 -0.59
CA THR A 121 49.35 11.45 0.61
C THR A 121 48.20 12.26 1.21
N PRO A 122 47.14 11.64 1.67
CA PRO A 122 46.03 12.40 2.25
C PRO A 122 46.42 13.14 3.53
N ILE A 123 46.55 14.45 3.40
CA ILE A 123 46.87 15.29 4.56
C ILE A 123 45.81 15.18 5.65
N PRO A 124 44.51 15.18 5.35
CA PRO A 124 43.53 14.85 6.40
C PRO A 124 43.73 13.48 7.02
N ALA A 125 44.20 12.49 6.25
CA ALA A 125 44.51 11.19 6.82
C ALA A 125 45.67 11.29 7.81
N VAL A 126 46.70 12.06 7.47
CA VAL A 126 47.82 12.26 8.39
C VAL A 126 47.35 12.98 9.65
N ALA A 127 46.44 13.95 9.49
CA ALA A 127 45.87 14.62 10.64
C ALA A 127 45.08 13.67 11.51
N GLU A 128 44.34 12.74 10.90
CA GLU A 128 43.63 11.72 11.66
C GLU A 128 44.61 10.84 12.44
N GLY A 129 45.73 10.50 11.81
CA GLY A 129 46.76 9.74 12.51
C GLY A 129 47.31 10.49 13.70
N VAL A 130 47.53 11.79 13.56
CA VAL A 130 48.02 12.61 14.67
C VAL A 130 46.97 12.66 15.78
N ARG A 131 45.69 12.72 15.41
CA ARG A 131 44.62 12.70 16.41
C ARG A 131 44.62 11.37 17.17
N ALA A 132 44.81 10.26 16.47
CA ALA A 132 44.88 8.96 17.14
C ALA A 132 46.08 8.89 18.07
N MET A 133 47.22 9.44 17.64
CA MET A 133 48.39 9.51 18.50
C MET A 133 48.12 10.33 19.75
N LYS A 134 47.41 11.44 19.61
CA LYS A 134 47.03 12.26 20.76
C LYS A 134 46.12 11.50 21.71
N ASN A 135 45.17 10.73 21.16
CA ASN A 135 44.30 9.92 22.01
C ASN A 135 45.10 8.86 22.77
N VAL A 136 46.07 8.23 22.11
CA VAL A 136 46.90 7.23 22.78
C VAL A 136 47.73 7.87 23.88
N ALA A 137 48.28 9.06 23.60
CA ALA A 137 49.07 9.76 24.61
C ALA A 137 48.22 10.15 25.82
N THR A 138 46.99 10.61 25.57
CA THR A 138 46.09 10.93 26.67
C THR A 138 45.74 9.68 27.48
N SER A 139 45.58 8.55 26.79
CA SER A 139 45.32 7.29 27.51
C SER A 139 46.51 6.89 28.37
N LEU A 140 47.73 7.11 27.87
CA LEU A 140 48.94 6.65 28.54
C LEU A 140 49.60 7.73 29.39
N LEU A 141 48.92 8.85 29.63
CA LEU A 141 49.50 9.93 30.41
C LEU A 141 48.54 10.31 31.54
N SER A 142 49.00 11.23 32.38
CA SER A 142 48.18 11.80 33.45
C SER A 142 47.25 12.86 32.88
N GLY A 143 46.63 13.67 33.75
CA GLY A 143 45.70 14.68 33.27
C GLY A 143 46.35 15.99 32.85
N ASP A 144 47.10 16.61 33.76
CA ASP A 144 47.78 17.87 33.44
C ASP A 144 48.80 17.66 32.33
N ASP A 145 49.54 16.56 32.38
CA ASP A 145 50.44 16.21 31.29
C ASP A 145 49.66 15.98 30.00
N ALA A 146 48.45 15.44 30.12
CA ALA A 146 47.59 15.26 28.95
C ALA A 146 47.27 16.59 28.30
N ALA A 147 46.90 17.59 29.10
CA ALA A 147 46.61 18.91 28.55
C ALA A 147 47.86 19.54 27.94
N GLU A 148 48.99 19.42 28.63
CA GLU A 148 50.23 20.04 28.18
C GLU A 148 50.69 19.44 26.86
N ALA A 149 50.59 18.12 26.71
CA ALA A 149 50.96 17.49 25.46
C ALA A 149 49.90 17.70 24.38
N GLY A 150 48.64 17.81 24.78
CA GLY A 150 47.58 18.00 23.83
C GLY A 150 47.63 19.37 23.17
N PHE A 151 48.22 20.35 23.87
CA PHE A 151 48.47 21.64 23.23
C PHE A 151 49.36 21.49 22.00
N TYR A 152 50.46 20.76 22.13
CA TYR A 152 51.36 20.58 20.99
C TYR A 152 50.74 19.65 19.94
N PHE A 153 49.99 18.64 20.37
CA PHE A 153 49.32 17.76 19.43
C PHE A 153 48.29 18.53 18.59
N ASP A 154 47.51 19.40 19.23
CA ASP A 154 46.56 20.21 18.51
C ASP A 154 47.26 21.25 17.64
N TYR A 155 48.45 21.71 18.06
CA TYR A 155 49.23 22.57 17.18
C TYR A 155 49.62 21.85 15.90
N LEU A 156 50.06 20.59 16.03
CA LEU A 156 50.40 19.80 14.84
C LEU A 156 49.17 19.60 13.96
N VAL A 157 48.02 19.32 14.58
CA VAL A 157 46.79 19.12 13.82
C VAL A 157 46.40 20.39 13.08
N GLY A 158 46.49 21.54 13.76
CA GLY A 158 46.16 22.80 13.09
C GLY A 158 47.14 23.17 12.00
N ALA A 159 48.43 22.86 12.21
CA ALA A 159 49.42 23.11 11.17
C ALA A 159 49.17 22.25 9.95
N MET A 160 48.74 21.00 10.14
CA MET A 160 48.33 20.14 9.04
C MET A 160 46.87 20.43 8.69
N GLN A 161 46.65 21.63 8.16
CA GLN A 161 45.31 22.13 7.91
C GLN A 161 45.33 23.35 6.99
N MET B 1 70.24 31.79 15.53
CA MET B 1 70.42 31.57 16.96
C MET B 1 69.83 30.24 17.40
N GLN B 2 70.59 29.53 18.24
CA GLN B 2 70.11 28.31 18.90
C GLN B 2 70.48 28.38 20.37
N ASP B 3 69.48 28.21 21.23
CA ASP B 3 69.72 28.13 22.66
C ASP B 3 70.24 26.74 23.01
N ALA B 4 70.33 26.44 24.31
CA ALA B 4 70.84 25.14 24.74
C ALA B 4 69.89 24.02 24.35
N ILE B 5 68.60 24.19 24.61
CA ILE B 5 67.62 23.15 24.31
C ILE B 5 67.52 22.94 22.79
N THR B 6 67.47 24.04 22.04
CA THR B 6 67.43 23.93 20.59
C THR B 6 68.70 23.29 20.04
N ALA B 7 69.85 23.61 20.63
CA ALA B 7 71.11 23.03 20.19
C ALA B 7 71.12 21.53 20.41
N VAL B 8 70.68 21.08 21.59
CA VAL B 8 70.63 19.65 21.87
C VAL B 8 69.63 18.95 20.95
N ILE B 9 68.50 19.62 20.68
CA ILE B 9 67.48 19.05 19.81
C ILE B 9 68.03 18.87 18.41
N ASN B 10 68.73 19.88 17.89
CA ASN B 10 69.36 19.77 16.58
C ASN B 10 70.44 18.68 16.57
N ASN B 11 71.24 18.62 17.64
CA ASN B 11 72.34 17.67 17.70
C ASN B 11 71.85 16.24 17.65
N TYR B 12 70.73 15.95 18.31
CA TYR B 12 70.17 14.60 18.25
C TYR B 12 69.21 14.42 17.09
N ASP B 13 68.77 15.49 16.43
CA ASP B 13 67.83 15.36 15.32
C ASP B 13 68.54 15.10 14.00
N VAL B 14 69.74 15.67 13.80
CA VAL B 14 70.49 15.32 12.60
C VAL B 14 70.89 13.84 12.62
N GLN B 15 71.20 13.31 13.81
CA GLN B 15 71.43 11.87 13.96
C GLN B 15 70.14 11.07 13.83
N GLY B 16 69.04 11.55 14.42
CA GLY B 16 67.75 10.93 14.21
C GLY B 16 67.35 9.88 15.22
N LYS B 17 67.47 10.20 16.51
CA LYS B 17 66.96 9.33 17.56
C LYS B 17 66.25 10.18 18.60
N TYR B 18 65.36 9.54 19.36
CA TYR B 18 64.69 10.21 20.47
C TYR B 18 65.72 10.57 21.54
N LEU B 19 65.39 11.61 22.31
CA LEU B 19 66.26 12.02 23.40
C LEU B 19 66.33 10.92 24.46
N ASP B 20 67.49 10.79 25.08
CA ASP B 20 67.77 9.74 26.05
C ASP B 20 68.26 10.37 27.36
N GLY B 21 68.81 9.53 28.24
CA GLY B 21 69.23 10.01 29.54
C GLY B 21 70.32 11.07 29.47
N ALA B 22 71.23 10.94 28.49
CA ALA B 22 72.27 11.95 28.32
C ALA B 22 71.68 13.31 27.97
N ALA B 23 70.71 13.32 27.04
CA ALA B 23 70.04 14.56 26.68
C ALA B 23 69.25 15.10 27.87
N LEU B 24 68.64 14.20 28.65
CA LEU B 24 67.88 14.63 29.82
C LEU B 24 68.78 15.31 30.83
N ASP B 25 69.97 14.75 31.07
CA ASP B 25 70.93 15.37 31.99
C ASP B 25 71.43 16.70 31.45
N LYS B 26 71.70 16.76 30.14
CA LYS B 26 72.21 17.99 29.56
C LYS B 26 71.18 19.11 29.65
N LEU B 27 69.90 18.79 29.40
CA LEU B 27 68.84 19.78 29.55
C LEU B 27 68.62 20.12 31.02
N LYS B 28 68.77 19.12 31.90
CA LYS B 28 68.62 19.32 33.33
C LYS B 28 69.68 20.27 33.87
N ALA B 29 70.85 20.32 33.25
CA ALA B 29 71.86 21.30 33.66
C ALA B 29 71.34 22.72 33.51
N TYR B 30 70.81 23.05 32.33
CA TYR B 30 70.26 24.39 32.12
C TYR B 30 69.04 24.62 32.99
N PHE B 31 68.24 23.58 33.20
CA PHE B 31 67.06 23.73 34.05
C PHE B 31 67.44 23.98 35.51
N THR B 32 68.53 23.37 35.98
CA THR B 32 69.00 23.56 37.34
C THR B 32 69.89 24.79 37.48
N THR B 33 70.20 25.47 36.38
CA THR B 33 70.68 26.84 36.50
C THR B 33 69.74 27.72 37.32
N GLY B 34 68.44 27.54 37.18
CA GLY B 34 67.49 28.04 38.17
C GLY B 34 67.38 29.56 38.23
N ALA B 35 67.39 30.21 37.07
CA ALA B 35 67.06 31.64 36.97
C ALA B 35 68.11 32.54 37.61
N VAL B 36 69.27 32.00 38.00
CA VAL B 36 70.37 32.86 38.40
C VAL B 36 70.81 33.71 37.22
N ARG B 37 70.74 33.16 36.01
CA ARG B 37 71.01 33.94 34.80
C ARG B 37 70.01 35.08 34.64
N VAL B 38 68.72 34.82 34.92
CA VAL B 38 67.74 35.88 34.70
C VAL B 38 67.88 36.98 35.75
N ARG B 39 68.21 36.59 37.00
CA ARG B 39 68.50 37.62 38.00
C ARG B 39 69.72 38.46 37.62
N ALA B 40 70.79 37.81 37.16
CA ALA B 40 71.99 38.54 36.77
C ALA B 40 71.71 39.45 35.57
N ALA B 41 70.93 38.95 34.60
CA ALA B 41 70.56 39.77 33.45
C ALA B 41 69.70 40.95 33.86
N ALA B 42 68.79 40.75 34.81
CA ALA B 42 67.97 41.85 35.31
C ALA B 42 68.84 42.91 35.98
N VAL B 43 69.83 42.47 36.76
CA VAL B 43 70.74 43.43 37.40
C VAL B 43 71.53 44.21 36.35
N ILE B 44 72.04 43.50 35.34
CA ILE B 44 72.84 44.15 34.31
C ILE B 44 72.00 45.15 33.51
N SER B 45 70.76 44.77 33.19
CA SER B 45 69.87 45.70 32.51
C SER B 45 69.50 46.87 33.41
N SER B 46 69.40 46.64 34.71
CA SER B 46 69.10 47.72 35.64
C SER B 46 70.22 48.76 35.66
N ASN B 47 71.47 48.31 35.70
CA ASN B 47 72.61 49.22 35.78
C ASN B 47 73.51 49.13 34.55
N ALA B 48 72.91 49.09 33.36
CA ALA B 48 73.68 48.95 32.13
C ALA B 48 74.57 50.16 31.89
N THR B 49 74.02 51.37 31.99
CA THR B 49 74.80 52.56 31.64
C THR B 49 75.91 52.82 32.64
N THR B 50 75.72 52.40 33.89
CA THR B 50 76.80 52.53 34.88
C THR B 50 77.98 51.65 34.51
N ILE B 51 77.70 50.44 34.02
CA ILE B 51 78.76 49.53 33.60
C ILE B 51 79.53 50.12 32.44
N ILE B 52 78.82 50.70 31.47
CA ILE B 52 79.48 51.32 30.32
C ILE B 52 80.34 52.49 30.76
N LYS B 53 79.82 53.31 31.68
CA LYS B 53 80.58 54.47 32.16
C LYS B 53 81.85 54.04 32.87
N GLU B 54 81.75 53.09 33.80
CA GLU B 54 82.93 52.63 34.53
C GLU B 54 83.94 51.96 33.60
N ALA B 55 83.45 51.11 32.68
CA ALA B 55 84.35 50.42 31.76
C ALA B 55 85.08 51.42 30.85
N ALA B 56 84.35 52.42 30.34
CA ALA B 56 84.99 53.44 29.52
C ALA B 56 86.00 54.25 30.32
N ALA B 57 85.67 54.56 31.57
CA ALA B 57 86.60 55.32 32.41
C ALA B 57 87.88 54.54 32.67
N LYS B 58 87.78 53.22 32.78
CA LYS B 58 88.96 52.40 33.02
C LYS B 58 89.45 51.73 31.73
N ALA B 59 88.94 52.21 30.59
CA ALA B 59 89.45 51.69 29.32
C ALA B 59 90.09 52.77 28.46
N LEU B 60 89.36 53.84 28.16
CA LEU B 60 89.78 54.77 27.12
C LEU B 60 89.73 56.23 27.53
N ILE B 61 88.88 56.61 28.48
CA ILE B 61 88.72 58.01 28.85
C ILE B 61 89.98 58.49 29.56
N TYR B 62 90.22 59.80 29.47
CA TYR B 62 91.42 60.44 30.02
C TYR B 62 92.69 59.82 29.44
N SER B 63 92.68 59.62 28.12
CA SER B 63 93.79 58.98 27.43
C SER B 63 93.88 59.58 26.02
N ASP B 64 94.75 59.00 25.20
CA ASP B 64 94.97 59.51 23.86
C ASP B 64 93.72 59.35 22.99
N LEU B 65 92.88 58.36 23.29
CA LEU B 65 91.68 58.12 22.50
C LEU B 65 90.71 59.30 22.59
N THR B 66 90.63 59.93 23.77
CA THR B 66 89.69 61.03 24.00
C THR B 66 90.33 62.40 23.77
N ARG B 67 91.52 62.43 23.19
CA ARG B 67 92.19 63.67 22.83
C ARG B 67 92.26 63.75 21.30
N PRO B 68 92.68 64.90 20.74
CA PRO B 68 92.77 65.03 19.28
C PRO B 68 93.69 64.01 18.63
N GLY B 69 93.29 63.52 17.45
CA GLY B 69 94.02 62.46 16.79
C GLY B 69 93.65 61.09 17.32
N GLY B 70 92.35 60.80 17.36
CA GLY B 70 91.88 59.51 17.85
C GLY B 70 90.57 59.07 17.22
N MEN B 71 90.29 57.77 17.33
CA MEN B 71 89.09 57.21 16.79
C MEN B 71 87.93 57.45 17.74
O MEN B 71 86.74 57.35 17.42
CB MEN B 71 89.16 55.69 16.53
CG MEN B 71 88.35 55.30 15.32
OD1 MEN B 71 87.25 54.71 15.45
ND2 MEN B 71 88.88 55.60 14.08
CE2 MEN B 71 88.25 55.30 12.84
N MET B 72 88.28 57.80 18.96
CA MET B 72 87.31 58.05 20.01
C MET B 72 86.93 59.53 20.06
N TYR B 73 87.80 60.36 19.51
CA TYR B 73 87.60 61.81 19.55
C TYR B 73 86.39 62.19 18.71
N THR B 74 85.70 63.26 19.13
CA THR B 74 84.48 63.81 18.55
C THR B 74 83.24 63.04 18.99
N THR B 75 82.13 63.77 19.14
CA THR B 75 80.93 63.23 19.75
C THR B 75 80.32 62.13 18.90
N ARG B 76 80.37 62.27 17.57
CA ARG B 76 79.78 61.25 16.70
C ARG B 76 80.47 59.91 16.86
N ARG B 77 81.81 59.91 16.82
CA ARG B 77 82.56 58.67 16.96
C ARG B 77 82.43 58.09 18.36
N TYR B 78 82.41 58.97 19.38
CA TYR B 78 82.22 58.46 20.74
C TYR B 78 80.84 57.83 20.90
N ALA B 79 79.82 58.45 20.30
CA ALA B 79 78.47 57.89 20.38
C ALA B 79 78.39 56.55 19.67
N ALA B 80 79.08 56.44 18.54
CA ALA B 80 79.16 55.16 17.85
C ALA B 80 79.83 54.10 18.71
N CYS B 81 80.93 54.46 19.38
CA CYS B 81 81.63 53.48 20.22
C CYS B 81 80.79 53.09 21.43
N ILE B 82 80.12 54.05 22.06
CA ILE B 82 79.32 53.72 23.23
C ILE B 82 78.10 52.91 22.84
N ARG B 83 77.50 53.18 21.68
CA ARG B 83 76.41 52.36 21.19
C ARG B 83 76.90 50.94 20.90
N ASP B 84 78.12 50.81 20.38
CA ASP B 84 78.70 49.49 20.17
C ASP B 84 78.92 48.77 21.50
N MET B 85 79.35 49.52 22.53
CA MET B 85 79.56 48.94 23.85
C MET B 85 78.24 48.44 24.44
N ASP B 86 77.18 49.23 24.28
CA ASP B 86 75.85 48.80 24.70
C ASP B 86 75.41 47.58 23.91
N TYR B 87 75.78 47.51 22.63
CA TYR B 87 75.52 46.33 21.81
C TYR B 87 76.19 45.10 22.40
N PHE B 88 77.47 45.25 22.78
CA PHE B 88 78.21 44.14 23.38
C PHE B 88 77.57 43.69 24.68
N LEU B 89 77.17 44.63 25.53
CA LEU B 89 76.55 44.26 26.80
C LEU B 89 75.22 43.55 26.58
N ARG B 90 74.39 44.09 25.68
CA ARG B 90 73.06 43.51 25.46
C ARG B 90 73.16 42.12 24.83
N TYR B 91 74.05 41.95 23.85
CA TYR B 91 74.18 40.65 23.22
C TYR B 91 74.85 39.65 24.15
N ALA B 92 75.76 40.12 25.02
CA ALA B 92 76.33 39.24 26.03
C ALA B 92 75.26 38.76 26.99
N THR B 93 74.36 39.65 27.41
CA THR B 93 73.25 39.24 28.27
C THR B 93 72.33 38.26 27.55
N TYR B 94 72.08 38.50 26.25
CA TYR B 94 71.24 37.60 25.47
C TYR B 94 71.85 36.20 25.41
N ALA B 95 73.14 36.11 25.07
CA ALA B 95 73.80 34.81 25.01
C ALA B 95 73.88 34.16 26.38
N MET B 96 74.07 34.97 27.43
CA MET B 96 74.16 34.44 28.78
C MET B 96 72.83 33.82 29.21
N LEU B 97 71.73 34.46 28.86
CA LEU B 97 70.42 33.89 29.16
C LEU B 97 70.12 32.67 28.29
N ALA B 98 70.53 32.71 27.02
CA ALA B 98 70.25 31.61 26.11
C ALA B 98 71.01 30.35 26.52
N GLY B 99 72.26 30.51 26.96
CA GLY B 99 73.11 29.39 27.28
C GLY B 99 74.05 28.97 26.17
N ASP B 100 73.87 29.50 24.96
CA ASP B 100 74.71 29.15 23.83
C ASP B 100 75.25 30.41 23.17
N PRO B 101 76.52 30.41 22.75
CA PRO B 101 77.12 31.59 22.13
C PRO B 101 76.87 31.73 20.64
N SER B 102 75.88 31.02 20.08
CA SER B 102 75.65 31.06 18.64
C SER B 102 75.22 32.45 18.17
N ILE B 103 74.52 33.20 19.03
CA ILE B 103 74.03 34.52 18.65
C ILE B 103 75.19 35.48 18.40
N LEU B 104 76.26 35.35 19.19
CA LEU B 104 77.42 36.23 19.06
C LEU B 104 78.09 36.06 17.71
N ASP B 105 78.19 34.83 17.20
CA ASP B 105 78.68 34.62 15.85
C ASP B 105 77.63 34.96 14.79
N GLU B 106 76.34 34.86 15.15
CA GLU B 106 75.28 35.15 14.20
C GLU B 106 75.28 36.61 13.80
N ARG B 107 75.28 37.51 14.78
CA ARG B 107 75.24 38.94 14.45
C ARG B 107 76.13 39.83 15.30
N VAL B 108 76.89 39.29 16.25
CA VAL B 108 77.72 40.12 17.11
C VAL B 108 79.21 40.01 16.78
N LEU B 109 79.62 39.03 15.98
CA LEU B 109 81.03 38.86 15.67
C LEU B 109 81.26 38.66 14.18
N ASN B 110 80.22 38.24 13.45
CA ASN B 110 80.35 37.94 12.04
C ASN B 110 80.64 39.19 11.23
N GLY B 111 81.87 39.30 10.71
CA GLY B 111 82.27 40.45 9.94
C GLY B 111 82.62 41.67 10.77
N LEU B 112 82.57 41.56 12.10
CA LEU B 112 82.85 42.72 12.96
C LEU B 112 84.31 43.15 12.83
N LYS B 113 85.24 42.18 12.82
CA LYS B 113 86.65 42.52 12.68
C LYS B 113 86.94 43.11 11.30
N GLU B 114 86.30 42.58 10.26
CA GLU B 114 86.49 43.15 8.92
C GLU B 114 85.98 44.57 8.85
N THR B 115 84.82 44.83 9.45
CA THR B 115 84.28 46.19 9.48
C THR B 115 85.19 47.13 10.27
N TYR B 116 85.73 46.65 11.39
CA TYR B 116 86.63 47.47 12.19
C TYR B 116 87.92 47.77 11.45
N ASN B 117 88.44 46.78 10.71
CA ASN B 117 89.63 47.02 9.90
C ASN B 117 89.35 48.02 8.79
N SER B 118 88.17 47.94 8.18
CA SER B 118 87.79 48.90 7.16
C SER B 118 87.67 50.31 7.72
N LEU B 119 87.11 50.42 8.93
CA LEU B 119 86.82 51.74 9.51
C LEU B 119 88.07 52.38 10.10
N GLY B 120 88.70 51.71 11.06
CA GLY B 120 89.84 52.26 11.76
C GLY B 120 89.74 52.11 13.26
N VAL B 121 88.77 51.32 13.71
CA VAL B 121 88.52 51.12 15.14
C VAL B 121 89.66 50.31 15.74
N PRO B 122 90.31 50.79 16.79
CA PRO B 122 91.34 49.98 17.47
C PRO B 122 90.72 48.80 18.19
N ILE B 123 91.13 47.59 17.77
CA ILE B 123 90.56 46.38 18.33
C ILE B 123 91.02 46.16 19.77
N ALA B 124 92.28 46.47 20.06
CA ALA B 124 92.85 46.20 21.37
C ALA B 124 92.17 47.00 22.47
N ALA B 125 91.87 48.27 22.19
CA ALA B 125 91.19 49.10 23.18
C ALA B 125 89.80 48.57 23.49
N THR B 126 89.06 48.16 22.46
CA THR B 126 87.74 47.57 22.67
C THR B 126 87.85 46.27 23.48
N VAL B 127 88.87 45.47 23.17
CA VAL B 127 89.05 44.20 23.87
C VAL B 127 89.34 44.45 25.34
N GLY B 128 90.23 45.41 25.64
CA GLY B 128 90.53 45.72 27.03
C GLY B 128 89.34 46.31 27.76
N GLY B 129 88.54 47.11 27.06
CA GLY B 129 87.31 47.61 27.65
C GLY B 129 86.36 46.49 28.02
N ILE B 130 86.20 45.50 27.13
CA ILE B 130 85.36 44.36 27.43
C ILE B 130 85.95 43.55 28.58
N GLN B 131 87.28 43.51 28.66
CA GLN B 131 87.94 42.79 29.75
C GLN B 131 87.62 43.41 31.10
N ALA B 132 87.68 44.75 31.18
CA ALA B 132 87.23 45.42 32.39
C ALA B 132 85.73 45.26 32.59
N MET B 133 84.99 45.13 31.49
CA MET B 133 83.53 45.00 31.57
C MET B 133 83.11 43.73 32.27
N LYS B 134 83.79 42.61 32.00
CA LYS B 134 83.36 41.38 32.67
C LYS B 134 83.66 41.48 34.16
N GLU B 135 84.75 42.16 34.51
CA GLU B 135 85.09 42.36 35.91
C GLU B 135 84.02 43.17 36.63
N VAL B 136 83.60 44.29 36.03
CA VAL B 136 82.60 45.14 36.67
C VAL B 136 81.27 44.42 36.77
N VAL B 137 80.88 43.70 35.71
CA VAL B 137 79.60 43.00 35.73
C VAL B 137 79.63 41.85 36.74
N GLY B 138 80.77 41.16 36.85
CA GLY B 138 80.88 40.10 37.83
C GLY B 138 80.85 40.63 39.25
N GLY B 139 81.46 41.80 39.47
CA GLY B 139 81.31 42.45 40.76
C GLY B 139 79.88 42.84 41.06
N LEU B 140 79.11 43.17 40.02
CA LEU B 140 77.73 43.58 40.24
C LEU B 140 76.83 42.39 40.55
N VAL B 141 76.73 41.42 39.63
CA VAL B 141 75.71 40.39 39.76
C VAL B 141 76.02 39.46 40.93
N GLY B 142 77.30 39.15 41.15
CA GLY B 142 77.69 38.24 42.19
C GLY B 142 78.42 37.03 41.65
N PRO B 143 79.00 36.23 42.55
CA PRO B 143 79.86 35.12 42.11
C PRO B 143 79.08 33.90 41.64
N ASP B 144 77.75 33.89 41.75
CA ASP B 144 76.98 32.71 41.38
C ASP B 144 77.04 32.46 39.88
N ALA B 145 76.87 33.51 39.08
CA ALA B 145 76.94 33.40 37.63
C ALA B 145 78.01 34.31 37.03
N ALA B 146 78.95 34.79 37.83
CA ALA B 146 80.02 35.63 37.31
C ALA B 146 80.89 34.87 36.32
N LYS B 147 81.20 33.60 36.64
CA LYS B 147 81.95 32.77 35.70
C LYS B 147 81.17 32.54 34.42
N GLU B 148 79.86 32.33 34.54
CA GLU B 148 79.03 32.10 33.36
C GLU B 148 79.02 33.33 32.46
N ALA B 149 78.91 34.52 33.05
CA ALA B 149 79.00 35.74 32.25
C ALA B 149 80.39 35.91 31.64
N SER B 150 81.43 35.55 32.40
CA SER B 150 82.80 35.76 31.93
C SER B 150 83.12 34.84 30.76
N ILE B 151 82.50 33.66 30.68
CA ILE B 151 82.80 32.77 29.56
C ILE B 151 82.29 33.38 28.25
N TYR B 152 81.08 33.95 28.25
CA TYR B 152 80.59 34.61 27.05
C TYR B 152 81.37 35.88 26.74
N PHE B 153 81.78 36.61 27.79
CA PHE B 153 82.61 37.80 27.57
C PHE B 153 83.94 37.42 26.94
N ASP B 154 84.54 36.33 27.40
CA ASP B 154 85.80 35.87 26.84
C ASP B 154 85.62 35.36 25.42
N TYR B 155 84.49 34.72 25.13
CA TYR B 155 84.20 34.29 23.76
C TYR B 155 84.11 35.50 22.82
N LEU B 156 83.41 36.54 23.27
CA LEU B 156 83.30 37.76 22.46
C LEU B 156 84.67 38.41 22.27
N SER B 157 85.48 38.44 23.33
CA SER B 157 86.81 39.04 23.22
C SER B 157 87.70 38.25 22.27
N SER B 158 87.63 36.92 22.34
CA SER B 158 88.43 36.07 21.46
C SER B 158 88.01 36.24 20.01
N GLY B 159 86.70 36.35 19.77
CA GLY B 159 86.22 36.60 18.42
C GLY B 159 86.65 37.96 17.90
N LEU B 160 86.61 38.99 18.76
CA LEU B 160 86.96 40.33 18.33
C LEU B 160 88.45 40.46 18.05
N SER B 161 89.28 39.97 18.95
CA SER B 161 90.72 40.13 18.84
C SER B 161 91.35 39.01 18.02
N SER C 2 81.21 72.74 2.62
CA SER C 2 80.18 73.28 3.49
C SER C 2 79.03 73.83 2.66
N VAL C 3 79.09 75.13 2.36
CA VAL C 3 78.11 75.74 1.48
C VAL C 3 78.20 75.11 0.10
N LEU C 4 79.42 74.95 -0.41
CA LEU C 4 79.63 74.30 -1.69
C LEU C 4 79.13 72.86 -1.68
N THR C 5 79.42 72.13 -0.59
CA THR C 5 79.00 70.75 -0.48
C THR C 5 77.49 70.62 -0.49
N LYS C 6 76.80 71.45 0.30
CA LYS C 6 75.34 71.38 0.34
C LYS C 6 74.73 71.78 -0.99
N ALA C 7 75.28 72.80 -1.64
CA ALA C 7 74.76 73.23 -2.95
C ALA C 7 74.92 72.12 -3.99
N ILE C 8 76.10 71.52 -4.04
CA ILE C 8 76.36 70.49 -5.05
C ILE C 8 75.53 69.24 -4.76
N VAL C 9 75.36 68.91 -3.47
CA VAL C 9 74.56 67.76 -3.07
C VAL C 9 73.11 67.96 -3.47
N ASN C 10 72.58 69.16 -3.21
CA ASN C 10 71.19 69.44 -3.58
C ASN C 10 71.01 69.40 -5.09
N ALA C 11 71.94 70.00 -5.84
CA ALA C 11 71.84 69.99 -7.28
C ALA C 11 71.91 68.58 -7.85
N ASP C 12 72.80 67.75 -7.31
CA ASP C 12 72.95 66.39 -7.81
C ASP C 12 71.74 65.54 -7.43
N ALA C 13 71.15 65.79 -6.25
CA ALA C 13 69.90 65.13 -5.91
C ALA C 13 68.79 65.55 -6.85
N GLU C 14 68.76 66.81 -7.26
CA GLU C 14 67.82 67.29 -8.25
C GLU C 14 68.13 66.78 -9.65
N ALA C 15 69.32 66.22 -9.87
CA ALA C 15 69.71 65.66 -11.17
C ALA C 15 69.75 66.74 -12.23
N ARG C 16 70.52 67.80 -11.95
CA ARG C 16 70.68 68.91 -12.87
C ARG C 16 72.00 69.59 -12.58
N TYR C 17 72.33 70.58 -13.40
CA TYR C 17 73.52 71.38 -13.16
C TYR C 17 73.29 72.27 -11.93
N LEU C 18 74.34 72.99 -11.55
CA LEU C 18 74.19 73.98 -10.48
C LEU C 18 73.25 75.08 -10.95
N SER C 19 72.26 75.38 -10.11
CA SER C 19 71.28 76.39 -10.47
C SER C 19 71.94 77.77 -10.51
N PRO C 20 71.45 78.68 -11.35
CA PRO C 20 71.96 80.06 -11.29
C PRO C 20 71.79 80.70 -9.93
N GLY C 21 70.67 80.41 -9.25
CA GLY C 21 70.54 80.84 -7.87
C GLY C 21 71.50 80.11 -6.94
N GLU C 22 71.74 78.83 -7.21
CA GLU C 22 72.63 78.05 -6.37
C GLU C 22 74.07 78.56 -6.43
N LEU C 23 74.50 79.03 -7.59
CA LEU C 23 75.83 79.63 -7.70
C LEU C 23 75.89 80.98 -7.01
N ASP C 24 74.75 81.61 -6.77
CA ASP C 24 74.73 82.91 -6.09
C ASP C 24 75.25 82.81 -4.67
N ARG C 25 74.92 81.72 -3.97
CA ARG C 25 75.47 81.53 -2.63
C ARG C 25 76.99 81.38 -2.68
N ILE C 26 77.50 80.76 -3.75
CA ILE C 26 78.93 80.60 -3.94
C ILE C 26 79.59 81.97 -4.12
N LYS C 27 78.99 82.82 -4.96
CA LYS C 27 79.53 84.16 -5.18
C LYS C 27 79.49 84.98 -3.89
N SER C 28 78.39 84.88 -3.15
CA SER C 28 78.29 85.61 -1.88
C SER C 28 79.33 85.12 -0.88
N PHE C 29 79.58 83.80 -0.86
CA PHE C 29 80.58 83.26 0.05
C PHE C 29 81.97 83.77 -0.33
N VAL C 30 82.30 83.76 -1.63
CA VAL C 30 83.64 84.19 -2.03
C VAL C 30 83.79 85.69 -1.82
N ALA C 31 82.68 86.43 -1.83
CA ALA C 31 82.74 87.85 -1.49
C ALA C 31 82.97 88.06 0.00
N SER C 32 82.27 87.30 0.84
CA SER C 32 82.31 87.56 2.29
C SER C 32 83.41 86.77 2.99
N GLY C 33 84.22 86.01 2.22
CA GLY C 33 85.28 85.23 2.82
C GLY C 33 86.31 86.06 3.56
N GLU C 34 86.66 87.23 3.01
CA GLU C 34 87.64 88.10 3.66
C GLU C 34 87.13 88.58 5.01
N ARG C 35 85.89 89.03 5.06
CA ARG C 35 85.30 89.51 6.31
C ARG C 35 85.19 88.38 7.33
N ARG C 36 84.78 87.19 6.88
CA ARG C 36 84.62 86.09 7.83
C ARG C 36 85.98 85.63 8.34
N LEU C 37 87.02 85.69 7.50
CA LEU C 37 88.37 85.36 7.96
C LEU C 37 88.86 86.37 8.99
N ARG C 38 88.56 87.66 8.77
CA ARG C 38 88.92 88.68 9.75
C ARG C 38 88.23 88.43 11.08
N ILE C 39 86.94 88.11 11.03
CA ILE C 39 86.19 87.83 12.26
C ILE C 39 86.73 86.58 12.94
N ALA C 40 87.12 85.58 12.14
CA ALA C 40 87.68 84.36 12.68
C ALA C 40 88.98 84.61 13.43
N GLN C 41 89.86 85.43 12.86
CA GLN C 41 91.11 85.74 13.55
C GLN C 41 90.86 86.59 14.78
N THR C 42 89.87 87.49 14.72
CA THR C 42 89.52 88.30 15.88
C THR C 42 88.98 87.44 17.02
N LEU C 43 88.29 86.35 16.68
CA LEU C 43 87.87 85.41 17.72
C LEU C 43 89.05 84.58 18.23
N THR C 44 89.90 84.09 17.33
CA THR C 44 91.00 83.23 17.74
C THR C 44 92.07 83.94 18.54
N GLU C 45 92.18 85.27 18.44
CA GLU C 45 93.20 86.01 19.19
C GLU C 45 92.91 86.05 20.69
N ALA C 46 91.71 85.65 21.13
CA ALA C 46 91.39 85.67 22.56
C ALA C 46 90.72 84.39 23.04
N ARG C 47 91.24 83.22 22.67
CA ARG C 47 90.61 81.95 23.00
C ARG C 47 90.58 81.70 24.51
N GLU C 48 91.69 82.00 25.20
CA GLU C 48 91.75 81.73 26.63
C GLU C 48 91.04 82.82 27.43
N ARG C 49 91.04 84.06 26.92
CA ARG C 49 90.36 85.15 27.63
C ARG C 49 88.86 84.97 27.61
N ILE C 50 88.31 84.60 26.45
CA ILE C 50 86.87 84.36 26.34
C ILE C 50 86.47 83.16 27.18
N VAL C 51 87.29 82.11 27.17
CA VAL C 51 87.05 80.95 28.02
C VAL C 51 87.07 81.37 29.49
N LYS C 52 87.97 82.28 29.85
CA LYS C 52 88.05 82.78 31.22
C LYS C 52 86.74 83.47 31.60
N GLN C 53 86.36 84.51 30.85
CA GLN C 53 85.18 85.31 31.21
C GLN C 53 83.90 84.48 31.18
N ALA C 54 83.78 83.59 30.19
CA ALA C 54 82.68 82.63 30.20
C ALA C 54 82.76 81.72 31.42
N GLY C 55 83.98 81.46 31.91
CA GLY C 55 84.13 80.70 33.13
C GLY C 55 83.53 81.40 34.34
N ASP C 56 83.83 82.70 34.50
CA ASP C 56 83.24 83.43 35.62
C ASP C 56 81.73 83.50 35.48
N GLN C 57 81.24 83.75 34.26
CA GLN C 57 79.79 83.83 34.05
C GLN C 57 79.11 82.50 34.36
N LEU C 58 79.70 81.39 33.89
CA LEU C 58 79.08 80.09 34.10
C LEU C 58 79.12 79.69 35.56
N PHE C 59 80.26 79.91 36.24
CA PHE C 59 80.34 79.53 37.65
C PHE C 59 79.42 80.38 38.52
N GLN C 60 79.27 81.67 38.18
CA GLN C 60 78.41 82.54 38.98
C GLN C 60 76.93 82.24 38.70
N ILE C 61 76.61 81.82 37.48
CA ILE C 61 75.23 81.52 37.13
C ILE C 61 74.82 80.13 37.62
N ARG C 62 75.75 79.19 37.70
CA ARG C 62 75.45 77.82 38.09
C ARG C 62 76.41 77.40 39.18
N PRO C 63 76.11 77.74 40.44
CA PRO C 63 76.80 77.08 41.55
C PRO C 63 76.49 75.60 41.66
N ASP C 64 75.41 75.15 41.00
CA ASP C 64 75.14 73.72 40.82
C ASP C 64 76.35 72.98 40.26
N VAL C 65 76.95 73.50 39.19
CA VAL C 65 78.05 72.80 38.54
C VAL C 65 79.29 72.80 39.43
N VAL C 66 79.47 73.84 40.23
CA VAL C 66 80.64 73.95 41.09
C VAL C 66 80.24 73.56 42.50
N SER C 67 79.11 72.86 42.62
CA SER C 67 78.62 72.35 43.88
C SER C 67 79.20 70.97 44.16
N PRO C 68 79.08 70.48 45.40
CA PRO C 68 79.54 69.11 45.70
C PRO C 68 78.84 68.04 44.87
N GLY C 69 77.58 68.26 44.52
CA GLY C 69 76.88 67.35 43.62
C GLY C 69 77.12 67.60 42.15
N GLY C 70 77.80 68.70 41.81
CA GLY C 70 78.07 69.01 40.42
C GLY C 70 79.29 68.28 39.87
N ASN C 71 79.51 68.48 38.57
CA ASN C 71 80.64 67.86 37.89
C ASN C 71 81.88 68.74 37.84
N ALA C 72 81.77 70.00 38.26
CA ALA C 72 82.94 70.87 38.24
C ALA C 72 83.62 70.95 39.59
N TYR C 73 83.13 70.21 40.58
CA TYR C 73 83.73 70.22 41.91
C TYR C 73 85.11 69.59 41.86
N GLY C 74 86.14 70.43 41.99
CA GLY C 74 87.50 69.99 41.78
C GLY C 74 88.17 70.71 40.63
N GLU C 75 89.42 71.13 40.85
CA GLU C 75 90.13 71.91 39.84
C GLU C 75 90.37 71.09 38.57
N LYS C 76 90.55 69.78 38.71
CA LYS C 76 90.80 68.93 37.55
C LYS C 76 89.62 68.93 36.59
N MET C 77 88.42 68.64 37.10
CA MET C 77 87.25 68.60 36.24
C MET C 77 86.83 70.01 35.83
N THR C 78 87.15 71.01 36.65
CA THR C 78 86.94 72.39 36.21
C THR C 78 87.82 72.73 35.00
N ALA C 79 89.07 72.28 35.02
CA ALA C 79 89.98 72.44 33.89
C ALA C 79 89.45 71.68 32.68
N LEU C 80 88.88 70.50 32.92
CA LEU C 80 88.27 69.72 31.85
C LEU C 80 87.10 70.48 31.21
N CYS C 81 86.29 71.13 32.05
CA CYS C 81 85.19 71.94 31.53
C CYS C 81 85.70 73.12 30.72
N LEU C 82 86.77 73.77 31.20
CA LEU C 82 87.37 74.87 30.43
C LEU C 82 87.93 74.37 29.10
N ARG C 83 88.52 73.17 29.09
CA ARG C 83 89.01 72.58 27.85
C ARG C 83 87.86 72.30 26.89
N ASP C 84 86.72 71.84 27.42
CA ASP C 84 85.54 71.64 26.59
C ASP C 84 85.05 72.96 26.00
N LEU C 85 85.08 74.02 26.79
CA LEU C 85 84.69 75.33 26.30
C LEU C 85 85.62 75.82 25.19
N ASP C 86 86.93 75.59 25.35
CA ASP C 86 87.88 75.91 24.30
C ASP C 86 87.61 75.08 23.05
N TYR C 87 87.27 73.81 23.23
CA TYR C 87 86.91 72.95 22.11
C TYR C 87 85.72 73.52 21.33
N TYR C 88 84.70 73.96 22.05
CA TYR C 88 83.52 74.50 21.37
C TYR C 88 83.80 75.84 20.72
N LEU C 89 84.68 76.65 21.31
CA LEU C 89 85.09 77.89 20.65
C LEU C 89 85.84 77.59 19.36
N ARG C 90 86.70 76.57 19.37
CA ARG C 90 87.38 76.15 18.15
C ARG C 90 86.37 75.66 17.11
N LEU C 91 85.35 74.93 17.57
CA LEU C 91 84.32 74.46 16.64
C LEU C 91 83.55 75.61 16.02
N VAL C 92 83.19 76.61 16.82
CA VAL C 92 82.41 77.71 16.27
C VAL C 92 83.26 78.57 15.34
N THR C 93 84.55 78.75 15.63
CA THR C 93 85.38 79.48 14.68
C THR C 93 85.58 78.68 13.40
N TYR C 94 85.65 77.35 13.51
CA TYR C 94 85.61 76.49 12.32
C TYR C 94 84.37 76.76 11.49
N GLY C 95 83.21 76.79 12.14
CA GLY C 95 81.96 77.04 11.41
C GLY C 95 81.93 78.42 10.79
N ILE C 96 82.48 79.41 11.48
CA ILE C 96 82.49 80.77 10.98
C ILE C 96 83.34 80.86 9.71
N VAL C 97 84.51 80.22 9.71
CA VAL C 97 85.34 80.21 8.50
C VAL C 97 84.69 79.35 7.43
N ALA C 98 83.94 78.31 7.83
CA ALA C 98 83.44 77.35 6.86
C ALA C 98 82.15 77.84 6.20
N GLY C 99 81.52 78.87 6.78
CA GLY C 99 80.31 79.44 6.21
C GLY C 99 79.04 78.65 6.46
N ASP C 100 79.14 77.33 6.59
CA ASP C 100 78.03 76.47 6.97
C ASP C 100 78.38 75.83 8.29
N VAL C 101 77.34 75.46 9.05
CA VAL C 101 77.55 74.87 10.37
C VAL C 101 77.93 73.40 10.32
N THR C 102 78.10 72.84 9.12
CA THR C 102 78.36 71.42 8.87
C THR C 102 79.55 70.86 9.67
N PRO C 103 80.70 71.54 9.69
CA PRO C 103 81.79 71.05 10.57
C PRO C 103 81.41 71.04 12.05
N ILE C 104 80.65 72.04 12.51
CA ILE C 104 80.21 72.05 13.90
C ILE C 104 79.29 70.87 14.17
N GLU C 105 78.36 70.61 13.24
CA GLU C 105 77.45 69.48 13.38
C GLU C 105 78.21 68.17 13.40
N GLU C 106 79.26 68.08 12.59
CA GLU C 106 79.95 66.81 12.44
C GLU C 106 81.07 66.63 13.47
N ILE C 107 81.38 67.64 14.26
CA ILE C 107 82.37 67.54 15.32
C ILE C 107 81.71 67.42 16.68
N GLY C 108 80.71 68.25 16.98
CA GLY C 108 80.32 68.36 18.37
C GLY C 108 78.87 68.52 18.78
N ILE C 109 77.90 68.15 17.94
CA ILE C 109 76.51 68.22 18.40
C ILE C 109 75.77 66.91 18.15
N ILE C 110 76.30 66.07 17.26
CA ILE C 110 75.68 64.77 17.01
C ILE C 110 76.25 63.80 18.04
N GLY C 111 75.37 63.24 18.86
CA GLY C 111 75.81 62.39 19.95
C GLY C 111 76.34 63.14 21.15
N VAL C 112 76.27 64.48 21.16
CA VAL C 112 76.74 65.24 22.32
C VAL C 112 75.86 64.96 23.52
N LYS C 113 74.57 64.67 23.27
CA LYS C 113 73.68 64.29 24.36
C LYS C 113 74.13 62.99 25.00
N GLU C 114 74.50 62.00 24.18
CA GLU C 114 75.01 60.74 24.72
C GLU C 114 76.34 60.94 25.43
N MET C 115 77.21 61.78 24.84
CA MET C 115 78.40 62.32 25.51
C MET C 115 78.12 62.76 26.94
N TYR C 116 77.28 63.78 27.10
CA TYR C 116 77.19 64.41 28.40
C TYR C 116 76.28 63.64 29.33
N ASN C 117 75.47 62.72 28.79
CA ASN C 117 74.72 61.82 29.66
C ASN C 117 75.61 60.71 30.20
N SER C 118 76.52 60.18 29.39
CA SER C 118 77.48 59.20 29.89
C SER C 118 78.44 59.85 30.87
N LEU C 119 78.79 61.11 30.64
CA LEU C 119 79.67 61.85 31.54
C LEU C 119 78.92 62.45 32.73
N GLN C 120 77.59 62.41 32.70
CA GLN C 120 76.76 62.93 33.79
C GLN C 120 77.01 64.43 34.00
N THR C 121 76.73 65.19 32.94
CA THR C 121 77.03 66.62 32.94
C THR C 121 75.81 67.42 32.52
N PRO C 122 75.60 68.61 33.10
CA PRO C 122 74.41 69.41 32.77
C PRO C 122 74.45 70.03 31.38
N ILE C 123 73.57 69.54 30.51
CA ILE C 123 73.40 70.15 29.19
C ILE C 123 72.98 71.61 29.30
N PRO C 124 72.00 71.99 30.14
CA PRO C 124 71.72 73.43 30.32
C PRO C 124 72.90 74.23 30.82
N ALA C 125 73.75 73.64 31.67
CA ALA C 125 74.95 74.35 32.11
C ALA C 125 75.91 74.60 30.95
N VAL C 126 76.08 73.59 30.09
CA VAL C 126 76.93 73.78 28.91
C VAL C 126 76.34 74.84 27.99
N ALA C 127 75.01 74.85 27.84
CA ALA C 127 74.36 75.86 27.02
C ALA C 127 74.55 77.26 27.60
N GLU C 128 74.47 77.37 28.93
CA GLU C 128 74.71 78.66 29.58
C GLU C 128 76.14 79.13 29.35
N GLY C 129 77.10 78.20 29.43
CA GLY C 129 78.47 78.56 29.12
C GLY C 129 78.65 79.03 27.70
N VAL C 130 78.00 78.36 26.75
CA VAL C 130 78.06 78.78 25.35
C VAL C 130 77.44 80.15 25.16
N ARG C 131 76.35 80.43 25.88
CA ARG C 131 75.71 81.74 25.77
C ARG C 131 76.61 82.84 26.35
N ALA C 132 77.27 82.56 27.46
CA ALA C 132 78.22 83.53 28.02
C ALA C 132 79.38 83.75 27.06
N MET C 133 79.84 82.69 26.41
CA MET C 133 80.86 82.82 25.38
C MET C 133 80.37 83.70 24.24
N LYS C 134 79.10 83.53 23.86
CA LYS C 134 78.50 84.39 22.83
C LYS C 134 78.50 85.85 23.24
N ASN C 135 78.13 86.11 24.50
CA ASN C 135 78.10 87.49 24.99
C ASN C 135 79.49 88.11 24.97
N VAL C 136 80.49 87.37 25.43
CA VAL C 136 81.86 87.89 25.42
C VAL C 136 82.35 88.12 24.00
N ALA C 137 82.06 87.18 23.10
CA ALA C 137 82.47 87.34 21.71
C ALA C 137 81.79 88.53 21.06
N THR C 138 80.48 88.71 21.31
CA THR C 138 79.76 89.84 20.75
C THR C 138 80.30 91.16 21.28
N SER C 139 80.68 91.20 22.56
CA SER C 139 81.38 92.37 23.06
C SER C 139 82.73 92.56 22.36
N LEU C 140 83.39 91.47 21.97
CA LEU C 140 84.71 91.54 21.36
C LEU C 140 84.68 91.84 19.86
N LEU C 141 83.54 91.72 19.20
CA LEU C 141 83.47 91.96 17.76
C LEU C 141 82.55 93.16 17.50
N SER C 142 82.29 93.41 16.22
CA SER C 142 81.38 94.46 15.78
C SER C 142 80.00 93.88 15.51
N GLY C 143 78.98 94.75 15.56
CA GLY C 143 77.61 94.28 15.63
C GLY C 143 77.15 93.52 14.40
N ASP C 144 77.50 94.02 13.20
CA ASP C 144 77.02 93.41 11.97
C ASP C 144 77.56 91.99 11.80
N ASP C 145 78.87 91.81 12.02
CA ASP C 145 79.43 90.47 11.98
C ASP C 145 79.02 89.68 13.22
N ALA C 146 78.76 90.36 14.33
CA ALA C 146 78.29 89.69 15.53
C ALA C 146 76.90 89.10 15.32
N ALA C 147 76.12 89.64 14.37
CA ALA C 147 74.83 89.02 14.05
C ALA C 147 75.01 87.61 13.53
N GLU C 148 75.91 87.44 12.54
CA GLU C 148 76.16 86.10 12.00
C GLU C 148 76.83 85.21 13.05
N ALA C 149 77.76 85.78 13.82
CA ALA C 149 78.42 85.00 14.88
C ALA C 149 77.41 84.52 15.91
N GLY C 150 76.46 85.37 16.28
CA GLY C 150 75.41 84.97 17.19
C GLY C 150 74.46 83.97 16.56
N PHE C 151 74.29 84.04 15.24
CA PHE C 151 73.52 83.02 14.54
C PHE C 151 74.17 81.65 14.72
N TYR C 152 75.48 81.57 14.52
CA TYR C 152 76.19 80.30 14.73
C TYR C 152 76.11 79.86 16.20
N PHE C 153 76.30 80.80 17.13
CA PHE C 153 76.31 80.46 18.54
C PHE C 153 74.93 79.98 19.00
N ASP C 154 73.87 80.63 18.52
CA ASP C 154 72.52 80.22 18.90
C ASP C 154 72.12 78.93 18.21
N TYR C 155 72.65 78.65 17.02
CA TYR C 155 72.45 77.33 16.43
C TYR C 155 73.06 76.26 17.33
N LEU C 156 74.27 76.52 17.84
CA LEU C 156 74.90 75.59 18.78
C LEU C 156 74.08 75.44 20.06
N VAL C 157 73.56 76.56 20.58
CA VAL C 157 72.77 76.54 21.81
C VAL C 157 71.50 75.71 21.62
N GLY C 158 70.82 75.92 20.49
CA GLY C 158 69.66 75.11 20.19
C GLY C 158 69.99 73.65 19.97
N ALA C 159 71.17 73.39 19.38
CA ALA C 159 71.59 72.01 19.16
C ALA C 159 71.80 71.26 20.47
N MET C 160 72.51 71.88 21.42
CA MET C 160 72.62 71.32 22.76
C MET C 160 71.43 71.79 23.61
N GLN C 161 70.27 71.21 23.30
CA GLN C 161 69.05 71.46 24.06
C GLN C 161 67.94 70.52 23.62
N MET D 1 81.70 64.06 0.25
CA MET D 1 83.00 64.53 -0.20
C MET D 1 83.42 65.84 0.44
N GLN D 2 84.63 66.30 0.12
CA GLN D 2 85.17 67.53 0.70
C GLN D 2 85.63 68.45 -0.42
N ASP D 3 85.54 69.74 -0.17
CA ASP D 3 86.12 70.78 -1.00
C ASP D 3 87.47 71.16 -0.40
N ALA D 4 88.07 72.24 -0.90
CA ALA D 4 89.32 72.71 -0.33
C ALA D 4 89.13 73.15 1.13
N ILE D 5 88.09 73.96 1.37
CA ILE D 5 87.84 74.47 2.71
C ILE D 5 87.48 73.35 3.67
N THR D 6 86.60 72.44 3.25
CA THR D 6 86.25 71.30 4.09
C THR D 6 87.43 70.38 4.33
N ALA D 7 88.29 70.18 3.32
CA ALA D 7 89.45 69.33 3.50
C ALA D 7 90.41 69.91 4.52
N VAL D 8 90.70 71.21 4.43
CA VAL D 8 91.62 71.81 5.39
C VAL D 8 91.00 71.84 6.78
N ILE D 9 89.69 72.09 6.85
CA ILE D 9 89.00 72.14 8.14
C ILE D 9 89.02 70.78 8.81
N ASN D 10 88.76 69.72 8.04
CA ASN D 10 88.83 68.37 8.60
C ASN D 10 90.25 67.99 8.98
N ASN D 11 91.24 68.37 8.18
CA ASN D 11 92.63 68.07 8.50
C ASN D 11 93.07 68.77 9.78
N TYR D 12 92.55 69.96 10.05
CA TYR D 12 92.85 70.62 11.32
C TYR D 12 92.00 70.07 12.47
N ASP D 13 90.79 69.58 12.17
CA ASP D 13 89.94 69.01 13.21
C ASP D 13 90.50 67.70 13.74
N VAL D 14 91.09 66.89 12.85
CA VAL D 14 91.67 65.63 13.29
C VAL D 14 92.82 65.83 14.27
N GLN D 15 93.55 66.94 14.15
CA GLN D 15 94.60 67.28 15.10
C GLN D 15 94.09 68.19 16.23
N GLY D 16 92.87 68.69 16.13
CA GLY D 16 92.34 69.56 17.17
C GLY D 16 93.08 70.87 17.29
N LYS D 17 93.35 71.52 16.17
CA LYS D 17 94.12 72.76 16.15
C LYS D 17 93.27 73.90 15.60
N TYR D 18 93.41 75.08 16.20
CA TYR D 18 92.82 76.28 15.63
C TYR D 18 93.45 76.56 14.28
N LEU D 19 92.74 77.32 13.44
CA LEU D 19 93.22 77.63 12.11
C LEU D 19 94.48 78.49 12.20
N ASP D 20 95.53 78.05 11.52
CA ASP D 20 96.85 78.64 11.64
C ASP D 20 97.20 79.41 10.36
N GLY D 21 98.44 79.88 10.30
CA GLY D 21 98.86 80.70 9.16
C GLY D 21 98.83 79.94 7.84
N ALA D 22 99.30 78.69 7.85
CA ALA D 22 99.32 77.90 6.62
C ALA D 22 97.91 77.62 6.12
N ALA D 23 97.00 77.28 7.04
CA ALA D 23 95.60 77.07 6.66
C ALA D 23 94.99 78.35 6.12
N LEU D 24 95.34 79.49 6.72
CA LEU D 24 94.86 80.77 6.23
C LEU D 24 95.37 81.06 4.82
N ASP D 25 96.64 80.76 4.54
CA ASP D 25 97.16 80.95 3.20
C ASP D 25 96.48 80.03 2.20
N LYS D 26 96.21 78.78 2.59
CA LYS D 26 95.49 77.87 1.70
C LYS D 26 94.08 78.38 1.41
N LEU D 27 93.40 78.89 2.45
CA LEU D 27 92.06 79.43 2.25
C LEU D 27 92.09 80.65 1.34
N LYS D 28 93.07 81.53 1.52
CA LYS D 28 93.19 82.71 0.66
C LYS D 28 93.49 82.30 -0.77
N ALA D 29 94.34 81.28 -0.96
CA ALA D 29 94.65 80.80 -2.30
C ALA D 29 93.42 80.21 -2.97
N TYR D 30 92.53 79.57 -2.19
CA TYR D 30 91.28 79.13 -2.78
C TYR D 30 90.36 80.31 -3.10
N PHE D 31 90.30 81.29 -2.19
CA PHE D 31 89.35 82.39 -2.34
C PHE D 31 89.71 83.28 -3.53
N THR D 32 91.00 83.43 -3.81
CA THR D 32 91.41 84.34 -4.88
C THR D 32 91.00 83.84 -6.25
N THR D 33 90.72 82.54 -6.41
CA THR D 33 90.26 81.97 -7.66
C THR D 33 88.79 81.59 -7.65
N GLY D 34 88.00 82.16 -6.73
CA GLY D 34 86.60 81.76 -6.63
C GLY D 34 85.78 82.20 -7.83
N ALA D 35 85.98 83.43 -8.29
CA ALA D 35 85.14 83.97 -9.35
C ALA D 35 85.38 83.26 -10.68
N VAL D 36 86.63 82.95 -10.99
CA VAL D 36 86.97 82.33 -12.28
C VAL D 36 86.36 80.95 -12.38
N ARG D 37 86.32 80.21 -11.26
CA ARG D 37 85.65 78.91 -11.26
C ARG D 37 84.16 79.06 -11.56
N VAL D 38 83.53 80.08 -11.00
CA VAL D 38 82.10 80.32 -11.25
C VAL D 38 81.86 80.64 -12.72
N ARG D 39 82.71 81.49 -13.30
CA ARG D 39 82.56 81.84 -14.71
C ARG D 39 82.77 80.62 -15.61
N ALA D 40 83.78 79.81 -15.30
CA ALA D 40 84.02 78.60 -16.09
C ALA D 40 82.86 77.62 -15.98
N ALA D 41 82.31 77.46 -14.77
CA ALA D 41 81.16 76.58 -14.59
C ALA D 41 79.94 77.10 -15.33
N ALA D 42 79.72 78.42 -15.33
CA ALA D 42 78.62 78.99 -16.10
C ALA D 42 78.80 78.74 -17.59
N VAL D 43 80.01 78.91 -18.11
CA VAL D 43 80.27 78.70 -19.53
C VAL D 43 80.03 77.23 -19.90
N ILE D 44 80.54 76.31 -19.08
CA ILE D 44 80.39 74.88 -19.40
C ILE D 44 78.93 74.46 -19.29
N SER D 45 78.21 75.00 -18.31
CA SER D 45 76.80 74.69 -18.18
C SER D 45 76.00 75.22 -19.36
N SER D 46 76.32 76.43 -19.83
CA SER D 46 75.61 76.99 -20.97
C SER D 46 75.97 76.30 -22.28
N ASN D 47 77.18 75.75 -22.42
CA ASN D 47 77.59 75.14 -23.67
C ASN D 47 77.70 73.62 -23.61
N ALA D 48 77.13 72.97 -22.60
CA ALA D 48 77.34 71.56 -22.29
C ALA D 48 77.07 70.60 -23.45
N THR D 49 75.95 70.77 -24.14
CA THR D 49 75.61 69.86 -25.23
C THR D 49 76.60 69.99 -26.38
N THR D 50 77.04 71.21 -26.68
CA THR D 50 77.99 71.42 -27.76
C THR D 50 79.34 70.77 -27.46
N ILE D 51 79.77 70.79 -26.20
CA ILE D 51 81.01 70.11 -25.82
C ILE D 51 80.90 68.61 -26.09
N ILE D 52 79.75 68.02 -25.72
CA ILE D 52 79.56 66.59 -25.95
C ILE D 52 79.56 66.29 -27.45
N LYS D 53 78.90 67.14 -28.23
CA LYS D 53 78.85 66.91 -29.69
C LYS D 53 80.25 66.98 -30.31
N GLU D 54 81.02 68.02 -29.97
CA GLU D 54 82.36 68.14 -30.53
C GLU D 54 83.28 67.02 -30.05
N ALA D 55 83.22 66.66 -28.77
CA ALA D 55 84.06 65.58 -28.26
C ALA D 55 83.71 64.25 -28.90
N ALA D 56 82.41 63.98 -29.10
CA ALA D 56 81.99 62.76 -29.77
C ALA D 56 82.49 62.73 -31.20
N ALA D 57 82.33 63.85 -31.92
CA ALA D 57 82.77 63.89 -33.31
C ALA D 57 84.28 63.75 -33.43
N LYS D 58 85.04 64.26 -32.47
CA LYS D 58 86.49 64.19 -32.54
C LYS D 58 87.07 62.89 -31.97
N ALA D 59 86.30 62.15 -31.18
CA ALA D 59 86.86 61.00 -30.49
C ALA D 59 86.22 59.66 -30.83
N LEU D 60 84.90 59.56 -30.92
CA LEU D 60 84.30 58.23 -30.95
C LEU D 60 83.48 57.95 -32.20
N ILE D 61 83.02 59.01 -32.87
CA ILE D 61 82.16 58.85 -34.04
C ILE D 61 83.02 58.55 -35.25
N TYR D 62 82.40 57.98 -36.29
CA TYR D 62 83.06 57.72 -37.57
C TYR D 62 84.18 56.68 -37.40
N SER D 63 83.89 55.63 -36.66
CA SER D 63 84.88 54.59 -36.37
C SER D 63 84.18 53.25 -36.24
N ASP D 64 84.94 52.25 -35.77
CA ASP D 64 84.37 50.92 -35.59
C ASP D 64 83.47 50.84 -34.37
N LEU D 65 83.56 51.83 -33.47
CA LEU D 65 82.69 51.84 -32.30
C LEU D 65 81.23 52.00 -32.72
N THR D 66 80.96 52.85 -33.71
CA THR D 66 79.60 53.05 -34.21
C THR D 66 79.15 51.95 -35.14
N ARG D 67 80.07 51.23 -35.78
CA ARG D 67 79.67 50.16 -36.67
C ARG D 67 79.27 48.93 -35.89
N PRO D 68 78.59 47.98 -36.55
CA PRO D 68 78.22 46.73 -35.89
C PRO D 68 79.43 45.99 -35.34
N GLY D 69 79.27 45.40 -34.16
CA GLY D 69 80.38 44.87 -33.42
C GLY D 69 81.06 45.88 -32.52
N GLY D 70 80.61 47.13 -32.52
CA GLY D 70 81.16 48.15 -31.63
C GLY D 70 80.33 48.31 -30.38
N MEN D 71 80.95 48.85 -29.33
CA MEN D 71 80.30 48.98 -28.06
C MEN D 71 79.18 50.03 -28.10
O MEN D 71 78.18 49.98 -27.40
CB MEN D 71 81.24 49.39 -26.91
CG MEN D 71 80.56 49.16 -25.57
OD1 MEN D 71 80.27 50.13 -24.84
ND2 MEN D 71 80.31 47.86 -25.20
CE2 MEN D 71 79.68 47.50 -23.97
N MET D 72 79.40 51.02 -28.95
CA MET D 72 78.47 52.14 -29.06
C MET D 72 77.42 51.92 -30.14
N TYR D 73 77.46 50.74 -30.76
CA TYR D 73 76.49 50.39 -31.78
C TYR D 73 75.11 50.28 -31.15
N THR D 74 74.07 50.54 -31.95
CA THR D 74 72.66 50.59 -31.56
C THR D 74 72.34 51.87 -30.80
N THR D 75 71.12 52.37 -30.96
CA THR D 75 70.75 53.66 -30.39
C THR D 75 70.79 53.65 -28.86
N ARG D 76 70.50 52.50 -28.24
CA ARG D 76 70.57 52.40 -26.79
C ARG D 76 71.99 52.63 -26.30
N ARG D 77 72.95 51.96 -26.91
CA ARG D 77 74.34 52.13 -26.51
C ARG D 77 74.89 53.49 -26.88
N TYR D 78 74.46 54.06 -28.01
CA TYR D 78 74.89 55.41 -28.37
C TYR D 78 74.38 56.43 -27.35
N ALA D 79 73.10 56.34 -26.99
CA ALA D 79 72.55 57.24 -25.99
C ALA D 79 73.22 57.04 -24.64
N ALA D 80 73.53 55.78 -24.30
CA ALA D 80 74.23 55.50 -23.04
C ALA D 80 75.61 56.13 -23.03
N CYS D 81 76.33 56.05 -24.15
CA CYS D 81 77.66 56.64 -24.20
C CYS D 81 77.61 58.16 -24.11
N ILE D 82 76.69 58.79 -24.84
CA ILE D 82 76.60 60.25 -24.74
C ILE D 82 76.10 60.68 -23.36
N ARG D 83 75.27 59.89 -22.70
CA ARG D 83 74.83 60.20 -21.35
C ARG D 83 75.98 60.08 -20.36
N ASP D 84 76.83 59.08 -20.55
CA ASP D 84 78.05 58.97 -19.75
C ASP D 84 78.97 60.16 -19.99
N MET D 85 79.01 60.63 -21.25
CA MET D 85 79.80 61.79 -21.60
C MET D 85 79.32 63.02 -20.83
N ASP D 86 77.99 63.21 -20.80
CA ASP D 86 77.39 64.28 -20.02
C ASP D 86 77.67 64.12 -18.53
N TYR D 87 77.64 62.88 -18.03
CA TYR D 87 77.98 62.60 -16.63
C TYR D 87 79.39 63.09 -16.31
N PHE D 88 80.35 62.72 -17.17
CA PHE D 88 81.74 63.10 -16.96
C PHE D 88 81.90 64.62 -17.00
N LEU D 89 81.24 65.27 -17.95
CA LEU D 89 81.35 66.73 -18.06
C LEU D 89 80.76 67.43 -16.83
N ARG D 90 79.57 66.99 -16.40
CA ARG D 90 78.91 67.62 -15.25
C ARG D 90 79.72 67.40 -13.96
N TYR D 91 80.22 66.18 -13.76
CA TYR D 91 80.97 65.92 -12.54
C TYR D 91 82.35 66.58 -12.58
N ALA D 92 82.91 66.75 -13.78
CA ALA D 92 84.14 67.53 -13.88
C ALA D 92 83.90 68.98 -13.52
N THR D 93 82.76 69.53 -13.94
CA THR D 93 82.39 70.88 -13.51
C THR D 93 82.21 70.95 -11.99
N TYR D 94 81.59 69.92 -11.42
CA TYR D 94 81.44 69.84 -9.96
C TYR D 94 82.80 69.87 -9.26
N ALA D 95 83.73 69.05 -9.74
CA ALA D 95 85.05 68.99 -9.12
C ALA D 95 85.80 70.30 -9.29
N MET D 96 85.68 70.93 -10.46
CA MET D 96 86.37 72.19 -10.70
C MET D 96 85.84 73.31 -9.82
N LEU D 97 84.51 73.34 -9.60
CA LEU D 97 83.95 74.38 -8.75
C LEU D 97 84.28 74.11 -7.28
N ALA D 98 84.28 72.84 -6.87
CA ALA D 98 84.56 72.51 -5.48
C ALA D 98 86.04 72.58 -5.14
N GLY D 99 86.91 72.57 -6.15
CA GLY D 99 88.34 72.56 -5.89
C GLY D 99 88.84 71.30 -5.23
N ASP D 100 88.30 70.13 -5.61
CA ASP D 100 88.72 68.88 -5.01
C ASP D 100 88.19 67.70 -5.82
N PRO D 101 89.02 66.69 -6.10
CA PRO D 101 88.53 65.48 -6.78
C PRO D 101 87.94 64.44 -5.85
N SER D 102 87.62 64.81 -4.60
CA SER D 102 87.03 63.87 -3.66
C SER D 102 85.68 63.38 -4.15
N ILE D 103 84.86 64.28 -4.69
CA ILE D 103 83.58 63.87 -5.27
C ILE D 103 83.81 62.99 -6.49
N LEU D 104 84.86 63.27 -7.26
CA LEU D 104 85.20 62.45 -8.41
C LEU D 104 85.52 61.02 -8.00
N ASP D 105 86.26 60.85 -6.91
CA ASP D 105 86.53 59.51 -6.39
C ASP D 105 85.28 58.87 -5.79
N GLU D 106 84.48 59.67 -5.09
CA GLU D 106 83.35 59.12 -4.33
C GLU D 106 82.21 58.66 -5.24
N ARG D 107 81.82 59.48 -6.20
CA ARG D 107 80.57 59.26 -6.92
C ARG D 107 80.75 58.91 -8.39
N VAL D 108 81.98 58.86 -8.90
CA VAL D 108 82.19 58.57 -10.31
C VAL D 108 83.11 57.36 -10.47
N LEU D 109 84.32 57.45 -9.94
CA LEU D 109 85.32 56.43 -10.19
C LEU D 109 85.08 55.15 -9.39
N ASN D 110 84.24 55.21 -8.36
CA ASN D 110 84.06 54.06 -7.47
C ASN D 110 83.36 52.91 -8.19
N GLY D 111 84.10 51.83 -8.46
CA GLY D 111 83.56 50.69 -9.17
C GLY D 111 83.35 50.91 -10.66
N LEU D 112 83.75 52.06 -11.19
CA LEU D 112 83.48 52.36 -12.59
C LEU D 112 84.33 51.51 -13.52
N LYS D 113 85.60 51.29 -13.17
CA LYS D 113 86.46 50.46 -14.01
C LYS D 113 85.98 49.02 -14.03
N GLU D 114 85.53 48.50 -12.88
CA GLU D 114 85.06 47.12 -12.84
C GLU D 114 83.72 46.96 -13.54
N THR D 115 82.82 47.96 -13.42
CA THR D 115 81.55 47.84 -14.13
C THR D 115 81.74 47.97 -15.64
N TYR D 116 82.66 48.85 -16.08
CA TYR D 116 82.98 48.91 -17.50
C TYR D 116 83.62 47.62 -17.99
N ASN D 117 84.46 46.99 -17.16
CA ASN D 117 85.02 45.69 -17.52
C ASN D 117 83.94 44.64 -17.65
N SER D 118 82.98 44.64 -16.72
CA SER D 118 81.88 43.68 -16.79
C SER D 118 81.00 43.90 -18.00
N LEU D 119 80.74 45.15 -18.37
CA LEU D 119 79.88 45.44 -19.51
C LEU D 119 80.62 45.38 -20.85
N GLY D 120 81.95 45.38 -20.85
CA GLY D 120 82.71 45.34 -22.08
C GLY D 120 82.97 46.68 -22.73
N VAL D 121 82.78 47.78 -22.03
CA VAL D 121 82.94 49.12 -22.58
C VAL D 121 84.42 49.41 -22.83
N PRO D 122 84.76 50.09 -23.94
CA PRO D 122 86.18 50.43 -24.19
C PRO D 122 86.69 51.54 -23.29
N ILE D 123 87.56 51.17 -22.34
CA ILE D 123 88.10 52.16 -21.40
C ILE D 123 88.98 53.16 -22.12
N ALA D 124 89.75 52.70 -23.11
CA ALA D 124 90.58 53.62 -23.89
C ALA D 124 89.72 54.61 -24.67
N ALA D 125 88.60 54.13 -25.23
CA ALA D 125 87.69 55.04 -25.93
C ALA D 125 87.07 56.06 -24.98
N THR D 126 86.70 55.63 -23.77
CA THR D 126 86.19 56.58 -22.79
C THR D 126 87.25 57.60 -22.40
N VAL D 127 88.50 57.17 -22.26
CA VAL D 127 89.58 58.09 -21.93
C VAL D 127 89.77 59.11 -23.05
N GLY D 128 89.73 58.65 -24.31
CA GLY D 128 89.83 59.57 -25.43
C GLY D 128 88.70 60.56 -25.49
N GLY D 129 87.48 60.12 -25.21
CA GLY D 129 86.36 61.04 -25.13
C GLY D 129 86.49 62.06 -24.02
N ILE D 130 86.97 61.61 -22.85
CA ILE D 130 87.18 62.53 -21.73
C ILE D 130 88.23 63.57 -22.09
N GLN D 131 89.32 63.14 -22.73
CA GLN D 131 90.32 64.10 -23.17
C GLN D 131 89.80 65.05 -24.24
N ALA D 132 88.91 64.58 -25.13
CA ALA D 132 88.28 65.50 -26.08
C ALA D 132 87.43 66.54 -25.38
N MET D 133 86.66 66.12 -24.36
CA MET D 133 85.90 67.08 -23.56
C MET D 133 86.83 68.08 -22.87
N LYS D 134 87.97 67.59 -22.37
CA LYS D 134 88.93 68.47 -21.71
C LYS D 134 89.47 69.50 -22.69
N GLU D 135 89.79 69.09 -23.91
CA GLU D 135 90.27 70.02 -24.93
C GLU D 135 89.21 71.06 -25.26
N VAL D 136 87.96 70.63 -25.44
CA VAL D 136 86.89 71.57 -25.79
C VAL D 136 86.65 72.55 -24.66
N VAL D 137 86.64 72.06 -23.42
CA VAL D 137 86.40 72.91 -22.26
C VAL D 137 87.53 73.91 -22.10
N GLY D 138 88.78 73.46 -22.27
CA GLY D 138 89.90 74.37 -22.20
C GLY D 138 89.88 75.42 -23.30
N GLY D 139 89.41 75.05 -24.49
CA GLY D 139 89.25 76.02 -25.55
C GLY D 139 88.20 77.06 -25.23
N LEU D 140 87.06 76.64 -24.70
CA LEU D 140 85.96 77.58 -24.47
C LEU D 140 86.22 78.47 -23.26
N VAL D 141 86.72 77.90 -22.16
CA VAL D 141 86.86 78.66 -20.92
C VAL D 141 87.91 79.77 -21.03
N GLY D 142 88.98 79.55 -21.78
CA GLY D 142 90.02 80.54 -21.93
C GLY D 142 91.18 80.31 -20.98
N PRO D 143 92.18 81.20 -21.05
CA PRO D 143 93.37 81.06 -20.19
C PRO D 143 93.06 81.07 -18.69
N ASP D 144 92.00 81.77 -18.30
CA ASP D 144 91.73 82.04 -16.88
C ASP D 144 91.48 80.77 -16.08
N ALA D 145 90.73 79.82 -16.62
CA ALA D 145 90.39 78.59 -15.91
C ALA D 145 90.66 77.33 -16.71
N ALA D 146 91.49 77.40 -17.75
CA ALA D 146 91.70 76.24 -18.62
C ALA D 146 92.39 75.10 -17.87
N LYS D 147 93.51 75.39 -17.22
CA LYS D 147 94.22 74.34 -16.50
C LYS D 147 93.47 73.88 -15.25
N GLU D 148 92.73 74.79 -14.58
CA GLU D 148 91.88 74.35 -13.47
C GLU D 148 90.82 73.36 -13.96
N ALA D 149 90.21 73.63 -15.12
CA ALA D 149 89.26 72.67 -15.68
C ALA D 149 89.96 71.38 -16.07
N SER D 150 91.14 71.48 -16.68
CA SER D 150 91.78 70.32 -17.28
C SER D 150 92.33 69.36 -16.25
N ILE D 151 92.69 69.86 -15.05
CA ILE D 151 93.26 68.97 -14.04
C ILE D 151 92.25 67.92 -13.59
N TYR D 152 90.97 68.28 -13.48
CA TYR D 152 89.97 67.30 -13.06
C TYR D 152 89.61 66.31 -14.16
N PHE D 153 89.60 66.74 -15.42
CA PHE D 153 89.45 65.79 -16.52
C PHE D 153 90.62 64.81 -16.55
N ASP D 154 91.84 65.31 -16.31
CA ASP D 154 92.99 64.44 -16.19
C ASP D 154 92.84 63.48 -15.02
N TYR D 155 92.27 63.95 -13.91
CA TYR D 155 92.01 63.08 -12.77
C TYR D 155 91.05 61.95 -13.14
N LEU D 156 89.98 62.27 -13.86
CA LEU D 156 89.04 61.23 -14.30
C LEU D 156 89.71 60.24 -15.24
N SER D 157 90.50 60.74 -16.19
CA SER D 157 91.19 59.86 -17.12
C SER D 157 92.18 58.94 -16.43
N SER D 158 92.96 59.48 -15.49
CA SER D 158 93.91 58.67 -14.74
C SER D 158 93.23 57.67 -13.81
N GLY D 159 92.07 58.03 -13.24
CA GLY D 159 91.32 57.06 -12.45
C GLY D 159 90.78 55.94 -13.30
N LEU D 160 90.28 56.24 -14.49
CA LEU D 160 89.80 55.21 -15.39
C LEU D 160 90.93 54.30 -15.87
N SER D 161 92.06 54.88 -16.27
CA SER D 161 93.18 54.09 -16.77
C SER D 161 94.01 53.53 -15.62
N MET E 1 67.93 37.37 -23.87
CA MET E 1 68.18 36.01 -24.35
C MET E 1 67.68 35.83 -25.77
N GLN E 2 67.96 34.65 -26.32
CA GLN E 2 67.75 34.41 -27.74
C GLN E 2 67.14 33.04 -27.97
N ASP E 3 66.44 32.92 -29.10
CA ASP E 3 65.98 31.67 -29.67
C ASP E 3 66.69 31.49 -31.00
N ALA E 4 66.23 30.53 -31.80
CA ALA E 4 66.86 30.28 -33.10
C ALA E 4 66.79 31.53 -33.99
N ILE E 5 65.60 32.12 -34.12
CA ILE E 5 65.44 33.25 -35.03
C ILE E 5 66.23 34.46 -34.54
N THR E 6 66.11 34.78 -33.26
CA THR E 6 66.81 35.94 -32.72
C THR E 6 68.32 35.74 -32.75
N ALA E 7 68.77 34.51 -32.51
CA ALA E 7 70.19 34.20 -32.60
C ALA E 7 70.71 34.40 -34.01
N VAL E 8 69.95 33.95 -35.01
CA VAL E 8 70.35 34.18 -36.40
C VAL E 8 70.37 35.68 -36.70
N ILE E 9 69.36 36.41 -36.23
CA ILE E 9 69.24 37.83 -36.54
C ILE E 9 70.40 38.63 -35.96
N ASN E 10 70.70 38.45 -34.67
CA ASN E 10 71.78 39.26 -34.10
C ASN E 10 73.15 38.72 -34.51
N ASN E 11 73.27 37.41 -34.76
CA ASN E 11 74.53 36.86 -35.25
C ASN E 11 74.84 37.37 -36.65
N TYR E 12 73.83 37.73 -37.43
CA TYR E 12 74.09 38.40 -38.70
C TYR E 12 74.24 39.91 -38.53
N ASP E 13 73.55 40.49 -37.54
CA ASP E 13 73.61 41.94 -37.34
C ASP E 13 74.96 42.38 -36.81
N VAL E 14 75.69 41.47 -36.15
CA VAL E 14 76.99 41.83 -35.60
C VAL E 14 77.98 42.24 -36.68
N GLN E 15 77.96 41.59 -37.84
CA GLN E 15 78.77 42.02 -38.98
C GLN E 15 77.94 42.65 -40.08
N GLY E 16 76.65 42.87 -39.86
CA GLY E 16 75.86 43.65 -40.80
C GLY E 16 75.66 43.02 -42.16
N LYS E 17 75.34 41.73 -42.17
CA LYS E 17 75.04 41.02 -43.42
C LYS E 17 73.54 40.74 -43.50
N TYR E 18 72.99 40.87 -44.70
CA TYR E 18 71.60 40.52 -44.92
C TYR E 18 71.43 39.00 -44.84
N LEU E 19 70.18 38.57 -44.64
CA LEU E 19 69.91 37.15 -44.51
C LEU E 19 70.18 36.43 -45.84
N ASP E 20 71.14 35.51 -45.81
CA ASP E 20 71.58 34.79 -47.00
C ASP E 20 70.97 33.38 -47.02
N GLY E 21 71.44 32.56 -47.95
CA GLY E 21 70.91 31.22 -48.10
C GLY E 21 71.13 30.35 -46.87
N ALA E 22 72.32 30.43 -46.27
CA ALA E 22 72.59 29.66 -45.06
C ALA E 22 71.70 30.12 -43.91
N ALA E 23 71.49 31.43 -43.78
CA ALA E 23 70.62 31.94 -42.72
C ALA E 23 69.19 31.45 -42.90
N LEU E 24 68.66 31.56 -44.12
CA LEU E 24 67.30 31.09 -44.38
C LEU E 24 67.20 29.57 -44.21
N ASP E 25 68.28 28.85 -44.49
CA ASP E 25 68.30 27.41 -44.23
C ASP E 25 68.19 27.12 -42.75
N LYS E 26 68.92 27.87 -41.91
CA LYS E 26 68.82 27.68 -40.47
C LYS E 26 67.43 27.99 -39.96
N LEU E 27 66.84 29.08 -40.45
CA LEU E 27 65.47 29.44 -40.05
C LEU E 27 64.47 28.37 -40.48
N LYS E 28 64.61 27.85 -41.70
CA LYS E 28 63.71 26.81 -42.17
C LYS E 28 63.88 25.53 -41.35
N ALA E 29 65.12 25.20 -40.99
CA ALA E 29 65.37 24.04 -40.14
C ALA E 29 64.73 24.22 -38.78
N TYR E 30 64.68 25.44 -38.26
CA TYR E 30 63.95 25.64 -37.01
C TYR E 30 62.45 25.51 -37.21
N PHE E 31 61.90 26.17 -38.24
CA PHE E 31 60.44 26.20 -38.39
C PHE E 31 59.87 24.84 -38.76
N THR E 32 60.67 23.96 -39.38
CA THR E 32 60.12 22.68 -39.81
C THR E 32 59.84 21.74 -38.65
N THR E 33 60.38 22.00 -37.47
CA THR E 33 60.31 21.05 -36.37
C THR E 33 59.66 21.60 -35.11
N GLY E 34 59.31 22.89 -35.08
CA GLY E 34 58.86 23.49 -33.83
C GLY E 34 57.47 23.06 -33.43
N ALA E 35 56.68 22.57 -34.39
CA ALA E 35 55.34 22.06 -34.07
C ALA E 35 55.42 20.87 -33.12
N VAL E 36 56.37 19.97 -33.37
CA VAL E 36 56.65 18.90 -32.42
C VAL E 36 57.09 19.47 -31.09
N ARG E 37 57.85 20.58 -31.12
CA ARG E 37 58.20 21.28 -29.89
C ARG E 37 56.95 21.77 -29.17
N VAL E 38 55.97 22.29 -29.92
CA VAL E 38 54.74 22.77 -29.30
C VAL E 38 53.99 21.63 -28.62
N ARG E 39 53.89 20.49 -29.31
CA ARG E 39 53.21 19.33 -28.73
C ARG E 39 53.93 18.83 -27.48
N ALA E 40 55.26 18.76 -27.54
CA ALA E 40 56.04 18.32 -26.38
C ALA E 40 55.88 19.27 -25.21
N ALA E 41 55.89 20.58 -25.48
CA ALA E 41 55.70 21.56 -24.41
C ALA E 41 54.32 21.44 -23.79
N ALA E 42 53.28 21.24 -24.61
CA ALA E 42 51.94 21.04 -24.08
C ALA E 42 51.86 19.80 -23.21
N VAL E 43 52.44 18.69 -23.65
CA VAL E 43 52.42 17.47 -22.87
C VAL E 43 53.17 17.64 -21.56
N ILE E 44 54.32 18.31 -21.61
CA ILE E 44 55.12 18.53 -20.41
C ILE E 44 54.37 19.41 -19.42
N SER E 45 53.71 20.47 -19.92
CA SER E 45 52.95 21.34 -19.04
C SER E 45 51.77 20.60 -18.42
N SER E 46 51.11 19.74 -19.19
CA SER E 46 50.01 18.96 -18.65
C SER E 46 50.46 17.92 -17.64
N ASN E 47 51.68 17.38 -17.77
CA ASN E 47 52.16 16.34 -16.89
C ASN E 47 53.35 16.75 -16.04
N ALA E 48 53.48 18.03 -15.69
CA ALA E 48 54.62 18.54 -14.93
C ALA E 48 54.80 17.89 -13.57
N THR E 49 53.73 17.80 -12.78
CA THR E 49 53.87 17.29 -11.42
C THR E 49 54.25 15.81 -11.41
N THR E 50 53.69 15.02 -12.32
CA THR E 50 54.03 13.60 -12.39
C THR E 50 55.49 13.38 -12.77
N ILE E 51 56.03 14.23 -13.65
CA ILE E 51 57.42 14.12 -14.04
C ILE E 51 58.34 14.36 -12.84
N ILE E 52 58.05 15.41 -12.06
CA ILE E 52 58.85 15.69 -10.87
C ILE E 52 58.69 14.55 -9.86
N LYS E 53 57.48 13.98 -9.76
CA LYS E 53 57.25 12.83 -8.89
C LYS E 53 58.16 11.66 -9.26
N GLU E 54 58.12 11.23 -10.52
CA GLU E 54 58.86 10.01 -10.88
C GLU E 54 60.36 10.25 -10.88
N ALA E 55 60.80 11.45 -11.25
CA ALA E 55 62.22 11.77 -11.15
C ALA E 55 62.69 11.70 -9.70
N ALA E 56 61.93 12.28 -8.76
CA ALA E 56 62.29 12.17 -7.36
C ALA E 56 62.24 10.73 -6.87
N ALA E 57 61.25 9.95 -7.32
CA ALA E 57 61.11 8.58 -6.84
C ALA E 57 62.26 7.70 -7.29
N LYS E 58 62.72 7.85 -8.53
CA LYS E 58 63.76 6.98 -9.07
C LYS E 58 65.16 7.57 -8.91
N ALA E 59 65.29 8.80 -8.39
CA ALA E 59 66.62 9.36 -8.23
C ALA E 59 66.93 9.95 -6.86
N LEU E 60 65.96 10.42 -6.09
CA LEU E 60 66.28 11.16 -4.87
C LEU E 60 65.68 10.50 -3.62
N ILE E 61 64.39 10.19 -3.65
CA ILE E 61 63.70 9.69 -2.48
C ILE E 61 64.04 8.22 -2.28
N TYR E 62 63.66 7.67 -1.13
CA TYR E 62 64.02 6.32 -0.69
C TYR E 62 65.52 6.16 -0.46
N SER E 63 66.23 7.26 -0.21
CA SER E 63 67.67 7.23 -0.08
C SER E 63 68.09 7.92 1.22
N ASP E 64 69.40 7.93 1.48
CA ASP E 64 69.91 8.60 2.66
C ASP E 64 69.78 10.11 2.55
N LEU E 65 69.61 10.63 1.33
CA LEU E 65 69.33 12.05 1.15
C LEU E 65 68.02 12.44 1.83
N THR E 66 67.00 11.60 1.68
CA THR E 66 65.74 11.80 2.40
C THR E 66 65.77 11.24 3.81
N ARG E 67 66.70 10.34 4.11
CA ARG E 67 66.88 9.90 5.48
C ARG E 67 67.43 11.02 6.35
N PRO E 68 67.29 10.91 7.67
CA PRO E 68 67.83 11.94 8.57
C PRO E 68 69.34 12.09 8.44
N GLY E 69 69.77 13.27 8.02
CA GLY E 69 71.19 13.52 7.82
C GLY E 69 71.51 14.02 6.43
N GLY E 70 70.69 13.64 5.45
CA GLY E 70 70.89 14.07 4.08
C GLY E 70 70.44 15.50 3.86
N MEN E 71 70.60 15.99 2.63
CA MEN E 71 70.21 17.33 2.31
C MEN E 71 68.70 17.43 2.22
O MEN E 71 68.04 18.45 2.45
CB MEN E 71 70.78 17.88 0.99
CG MEN E 71 71.31 19.28 1.21
OD1 MEN E 71 71.38 20.10 0.27
ND2 MEN E 71 71.72 19.60 2.48
CE2 MEN E 71 72.25 20.88 2.85
N MET E 72 68.10 16.29 1.87
CA MET E 72 66.65 16.21 1.73
C MET E 72 65.93 15.83 3.01
N TYR E 73 66.52 16.15 4.15
CA TYR E 73 65.84 15.99 5.42
C TYR E 73 64.97 17.21 5.67
N THR E 74 63.91 17.01 6.44
CA THR E 74 62.94 18.05 6.81
C THR E 74 62.07 18.47 5.61
N THR E 75 60.80 18.75 5.90
CA THR E 75 59.86 19.10 4.85
C THR E 75 60.23 20.41 4.17
N ARG E 76 60.89 21.32 4.90
CA ARG E 76 61.35 22.57 4.31
C ARG E 76 62.34 22.31 3.18
N ARG E 77 63.36 21.51 3.45
CA ARG E 77 64.34 21.18 2.42
C ARG E 77 63.71 20.35 1.31
N TYR E 78 62.77 19.48 1.66
CA TYR E 78 62.06 18.71 0.64
C TYR E 78 61.31 19.63 -0.33
N ALA E 79 60.56 20.60 0.21
CA ALA E 79 59.81 21.51 -0.63
C ALA E 79 60.74 22.39 -1.45
N ALA E 80 61.87 22.81 -0.86
CA ALA E 80 62.84 23.61 -1.61
C ALA E 80 63.42 22.84 -2.78
N CYS E 81 63.79 21.57 -2.56
CA CYS E 81 64.36 20.79 -3.65
C CYS E 81 63.34 20.48 -4.73
N ILE E 82 62.09 20.22 -4.34
CA ILE E 82 61.07 19.96 -5.36
C ILE E 82 60.75 21.24 -6.14
N ARG E 83 60.81 22.40 -5.48
CA ARG E 83 60.61 23.65 -6.21
C ARG E 83 61.75 23.89 -7.20
N ASP E 84 62.97 23.59 -6.79
CA ASP E 84 64.11 23.65 -7.71
C ASP E 84 63.92 22.71 -8.89
N MET E 85 63.38 21.51 -8.61
CA MET E 85 63.11 20.52 -9.63
C MET E 85 62.12 21.06 -10.66
N ASP E 86 61.04 21.68 -10.16
CA ASP E 86 60.03 22.30 -11.01
C ASP E 86 60.62 23.42 -11.85
N TYR E 87 61.49 24.24 -11.25
CA TYR E 87 62.12 25.32 -11.98
C TYR E 87 63.01 24.79 -13.11
N PHE E 88 63.77 23.74 -12.82
CA PHE E 88 64.60 23.11 -13.83
C PHE E 88 63.76 22.58 -14.99
N LEU E 89 62.65 21.92 -14.66
CA LEU E 89 61.77 21.37 -15.68
C LEU E 89 61.17 22.47 -16.55
N ARG E 90 60.71 23.55 -15.92
CA ARG E 90 60.09 24.64 -16.69
C ARG E 90 61.10 25.34 -17.57
N TYR E 91 62.31 25.58 -17.07
CA TYR E 91 63.31 26.25 -17.89
C TYR E 91 63.81 25.33 -19.00
N ALA E 92 63.85 24.02 -18.76
CA ALA E 92 64.15 23.08 -19.83
C ALA E 92 63.09 23.12 -20.92
N THR E 93 61.82 23.21 -20.53
CA THR E 93 60.74 23.34 -21.51
C THR E 93 60.86 24.64 -22.30
N TYR E 94 61.21 25.74 -21.62
CA TYR E 94 61.42 27.00 -22.33
C TYR E 94 62.56 26.90 -23.32
N ALA E 95 63.66 26.27 -22.92
CA ALA E 95 64.81 26.10 -23.82
C ALA E 95 64.44 25.24 -25.02
N MET E 96 63.67 24.17 -24.79
CA MET E 96 63.25 23.31 -25.88
C MET E 96 62.33 24.07 -26.86
N LEU E 97 61.42 24.88 -26.33
CA LEU E 97 60.56 25.67 -27.20
C LEU E 97 61.35 26.69 -28.00
N ALA E 98 62.31 27.36 -27.35
CA ALA E 98 63.06 28.42 -28.02
C ALA E 98 64.09 27.89 -29.00
N GLY E 99 64.56 26.65 -28.82
CA GLY E 99 65.60 26.14 -29.68
C GLY E 99 66.92 26.87 -29.53
N ASP E 100 67.28 27.23 -28.29
CA ASP E 100 68.54 27.90 -28.01
C ASP E 100 68.77 27.88 -26.50
N PRO E 101 69.97 27.54 -26.04
CA PRO E 101 70.20 27.44 -24.59
C PRO E 101 70.57 28.75 -23.91
N SER E 102 70.38 29.90 -24.58
CA SER E 102 70.66 31.17 -23.95
C SER E 102 69.75 31.41 -22.75
N ILE E 103 68.51 30.92 -22.82
CA ILE E 103 67.59 31.08 -21.71
C ILE E 103 68.08 30.32 -20.49
N LEU E 104 68.63 29.12 -20.71
CA LEU E 104 69.23 28.35 -19.61
C LEU E 104 70.49 29.02 -19.10
N ASP E 105 71.30 29.55 -20.01
CA ASP E 105 72.57 30.18 -19.62
C ASP E 105 72.33 31.43 -18.80
N GLU E 106 71.22 32.14 -19.05
CA GLU E 106 70.95 33.37 -18.32
C GLU E 106 70.11 33.12 -17.08
N ARG E 107 68.90 32.59 -17.22
CA ARG E 107 67.97 32.52 -16.11
C ARG E 107 68.01 31.21 -15.34
N VAL E 108 68.98 30.33 -15.63
CA VAL E 108 69.06 29.06 -14.92
C VAL E 108 70.40 28.89 -14.25
N LEU E 109 71.48 28.91 -15.04
CA LEU E 109 72.80 28.57 -14.51
C LEU E 109 73.44 29.77 -13.81
N ASN E 110 73.00 30.98 -14.14
CA ASN E 110 73.60 32.18 -13.57
C ASN E 110 73.35 32.26 -12.08
N GLY E 111 74.42 32.25 -11.28
CA GLY E 111 74.28 32.29 -9.84
C GLY E 111 73.64 31.07 -9.23
N LEU E 112 73.99 29.87 -9.70
CA LEU E 112 73.43 28.65 -9.14
C LEU E 112 74.48 27.68 -8.61
N LYS E 113 75.60 27.51 -9.31
CA LYS E 113 76.63 26.56 -8.90
C LYS E 113 77.27 26.96 -7.57
N GLU E 114 77.74 28.19 -7.48
CA GLU E 114 78.40 28.64 -6.25
C GLU E 114 77.37 28.80 -5.14
N THR E 115 76.11 29.11 -5.50
CA THR E 115 75.05 29.15 -4.49
C THR E 115 74.83 27.76 -3.88
N TYR E 116 74.79 26.73 -4.73
CA TYR E 116 74.66 25.36 -4.22
C TYR E 116 75.88 24.98 -3.40
N ASN E 117 77.06 25.44 -3.80
CA ASN E 117 78.27 25.17 -3.01
C ASN E 117 78.19 25.82 -1.64
N SER E 118 77.69 27.06 -1.58
CA SER E 118 77.59 27.76 -0.30
C SER E 118 76.47 27.19 0.56
N LEU E 119 75.43 26.61 -0.05
CA LEU E 119 74.34 26.03 0.71
C LEU E 119 74.53 24.55 1.02
N GLY E 120 75.55 23.91 0.46
CA GLY E 120 75.79 22.50 0.70
C GLY E 120 74.95 21.54 -0.12
N VAL E 121 74.30 22.02 -1.18
CA VAL E 121 73.43 21.20 -2.00
C VAL E 121 74.24 20.13 -2.74
N PRO E 122 73.77 18.88 -2.79
CA PRO E 122 74.49 17.86 -3.55
C PRO E 122 74.33 18.02 -5.06
N ILE E 123 75.42 18.42 -5.72
CA ILE E 123 75.39 18.63 -7.16
C ILE E 123 75.16 17.32 -7.89
N ALA E 124 75.74 16.22 -7.39
CA ALA E 124 75.54 14.92 -8.01
C ALA E 124 74.08 14.49 -7.92
N ALA E 125 73.44 14.69 -6.76
CA ALA E 125 72.03 14.36 -6.62
C ALA E 125 71.16 15.24 -7.51
N THR E 126 71.50 16.53 -7.63
CA THR E 126 70.75 17.40 -8.52
C THR E 126 70.87 16.95 -9.98
N VAL E 127 72.07 16.55 -10.40
CA VAL E 127 72.26 16.07 -11.77
C VAL E 127 71.49 14.79 -11.99
N GLY E 128 71.50 13.89 -11.01
CA GLY E 128 70.71 12.67 -11.12
C GLY E 128 69.22 12.93 -11.24
N GLY E 129 68.71 13.89 -10.47
CA GLY E 129 67.32 14.28 -10.63
C GLY E 129 67.03 14.88 -11.99
N ILE E 130 67.97 15.65 -12.53
CA ILE E 130 67.79 16.22 -13.87
C ILE E 130 67.71 15.11 -14.91
N GLN E 131 68.59 14.11 -14.82
CA GLN E 131 68.52 13.00 -15.75
C GLN E 131 67.25 12.17 -15.57
N ALA E 132 66.76 12.05 -14.33
CA ALA E 132 65.48 11.38 -14.12
C ALA E 132 64.34 12.14 -14.81
N MET E 133 64.34 13.47 -14.69
CA MET E 133 63.35 14.28 -15.41
C MET E 133 63.46 14.08 -16.92
N LYS E 134 64.69 14.03 -17.43
CA LYS E 134 64.89 13.83 -18.86
C LYS E 134 64.37 12.48 -19.31
N GLU E 135 64.60 11.44 -18.50
CA GLU E 135 64.09 10.10 -18.83
C GLU E 135 62.57 10.09 -18.87
N VAL E 136 61.92 10.69 -17.86
CA VAL E 136 60.46 10.70 -17.82
C VAL E 136 59.90 11.51 -18.97
N VAL E 137 60.53 12.65 -19.28
CA VAL E 137 60.05 13.51 -20.36
C VAL E 137 60.19 12.80 -21.71
N GLY E 138 61.32 12.11 -21.91
CA GLY E 138 61.50 11.35 -23.13
C GLY E 138 60.51 10.21 -23.26
N GLY E 139 60.16 9.58 -22.15
CA GLY E 139 59.14 8.57 -22.16
C GLY E 139 57.78 9.13 -22.52
N LEU E 140 57.48 10.33 -22.03
CA LEU E 140 56.16 10.92 -22.27
C LEU E 140 56.01 11.45 -23.69
N VAL E 141 56.93 12.33 -24.11
CA VAL E 141 56.76 13.04 -25.37
C VAL E 141 56.85 12.13 -26.59
N GLY E 142 57.70 11.11 -26.56
CA GLY E 142 57.85 10.22 -27.68
C GLY E 142 59.06 10.55 -28.53
N PRO E 143 59.24 9.79 -29.61
CA PRO E 143 60.40 9.99 -30.50
C PRO E 143 60.48 11.36 -31.13
N ASP E 144 59.34 12.03 -31.31
CA ASP E 144 59.27 13.27 -32.07
C ASP E 144 60.11 14.39 -31.45
N ALA E 145 60.02 14.57 -30.14
CA ALA E 145 60.75 15.62 -29.44
C ALA E 145 61.68 15.12 -28.35
N ALA E 146 61.93 13.81 -28.29
CA ALA E 146 62.73 13.24 -27.21
C ALA E 146 64.15 13.77 -27.23
N LYS E 147 64.80 13.75 -28.40
CA LYS E 147 66.16 14.25 -28.49
C LYS E 147 66.20 15.76 -28.32
N GLU E 148 65.14 16.46 -28.77
CA GLU E 148 65.08 17.91 -28.63
C GLU E 148 65.05 18.32 -27.17
N ALA E 149 64.29 17.59 -26.35
CA ALA E 149 64.29 17.87 -24.92
C ALA E 149 65.58 17.39 -24.27
N SER E 150 66.10 16.25 -24.73
CA SER E 150 67.26 15.64 -24.09
C SER E 150 68.52 16.47 -24.26
N ILE E 151 68.66 17.16 -25.40
CA ILE E 151 69.85 17.97 -25.63
C ILE E 151 69.93 19.11 -24.62
N TYR E 152 68.81 19.78 -24.36
CA TYR E 152 68.82 20.87 -23.40
C TYR E 152 68.85 20.36 -21.96
N PHE E 153 68.28 19.18 -21.69
CA PHE E 153 68.47 18.57 -20.38
C PHE E 153 69.94 18.27 -20.12
N ASP E 154 70.63 17.73 -21.12
CA ASP E 154 72.07 17.51 -21.01
C ASP E 154 72.83 18.82 -20.88
N TYR E 155 72.37 19.88 -21.55
CA TYR E 155 72.97 21.19 -21.38
C TYR E 155 72.89 21.66 -19.94
N LEU E 156 71.71 21.55 -19.32
CA LEU E 156 71.57 21.94 -17.92
C LEU E 156 72.42 21.08 -17.00
N SER E 157 72.44 19.76 -17.23
CA SER E 157 73.22 18.86 -16.37
C SER E 157 74.71 19.14 -16.49
N SER E 158 75.19 19.39 -17.72
CA SER E 158 76.61 19.69 -17.91
C SER E 158 76.97 21.05 -17.36
N GLY E 159 76.06 22.02 -17.44
CA GLY E 159 76.31 23.31 -16.83
C GLY E 159 76.41 23.23 -15.32
N LEU E 160 75.56 22.41 -14.71
CA LEU E 160 75.62 22.21 -13.27
C LEU E 160 76.93 21.55 -12.85
N SER E 161 77.35 20.52 -13.58
CA SER E 161 78.56 19.79 -13.24
C SER E 161 79.81 20.45 -13.82
N SER F 2 -45.93 0.50 -54.38
CA SER F 2 -46.28 -0.85 -53.97
C SER F 2 -45.77 -1.89 -54.96
N VAL F 3 -46.12 -3.15 -54.70
CA VAL F 3 -45.67 -4.26 -55.53
C VAL F 3 -46.21 -4.13 -56.95
N LEU F 4 -47.49 -3.76 -57.07
CA LEU F 4 -48.12 -3.63 -58.38
C LEU F 4 -47.44 -2.54 -59.21
N THR F 5 -47.23 -1.37 -58.60
CA THR F 5 -46.60 -0.27 -59.34
C THR F 5 -45.16 -0.61 -59.67
N LYS F 6 -44.47 -1.33 -58.79
CA LYS F 6 -43.08 -1.70 -59.06
C LYS F 6 -42.99 -2.67 -60.23
N ALA F 7 -43.84 -3.70 -60.24
CA ALA F 7 -43.84 -4.66 -61.33
C ALA F 7 -44.24 -4.00 -62.64
N ILE F 8 -45.22 -3.11 -62.60
CA ILE F 8 -45.69 -2.47 -63.82
C ILE F 8 -44.62 -1.55 -64.38
N VAL F 9 -43.93 -0.81 -63.51
CA VAL F 9 -42.86 0.07 -63.96
C VAL F 9 -41.70 -0.73 -64.55
N ASN F 10 -41.38 -1.86 -63.91
CA ASN F 10 -40.30 -2.72 -64.41
C ASN F 10 -40.64 -3.28 -65.78
N ALA F 11 -41.89 -3.69 -65.98
CA ALA F 11 -42.28 -4.18 -67.31
C ALA F 11 -42.30 -3.05 -68.33
N ASP F 12 -42.80 -1.88 -67.94
CA ASP F 12 -42.93 -0.77 -68.88
C ASP F 12 -41.56 -0.26 -69.33
N ALA F 13 -40.58 -0.29 -68.44
CA ALA F 13 -39.24 0.14 -68.80
C ALA F 13 -38.65 -0.75 -69.89
N GLU F 14 -38.84 -2.06 -69.77
CA GLU F 14 -38.37 -3.00 -70.79
C GLU F 14 -39.28 -3.03 -72.01
N ALA F 15 -40.47 -2.43 -71.93
CA ALA F 15 -41.40 -2.37 -73.07
C ALA F 15 -41.85 -3.77 -73.48
N ARG F 16 -42.21 -4.55 -72.47
CA ARG F 16 -42.65 -5.92 -72.66
C ARG F 16 -43.74 -6.22 -71.64
N TYR F 17 -44.44 -7.33 -71.86
CA TYR F 17 -45.54 -7.70 -70.98
C TYR F 17 -45.00 -8.35 -69.71
N LEU F 18 -45.91 -8.61 -68.78
CA LEU F 18 -45.53 -9.07 -67.45
C LEU F 18 -44.94 -10.47 -67.51
N SER F 19 -43.74 -10.63 -66.95
CA SER F 19 -43.10 -11.92 -66.92
C SER F 19 -43.81 -12.84 -65.93
N PRO F 20 -43.72 -14.17 -66.12
CA PRO F 20 -44.43 -15.12 -65.24
C PRO F 20 -44.09 -14.98 -63.76
N GLY F 21 -42.81 -14.73 -63.44
CA GLY F 21 -42.47 -14.46 -62.07
C GLY F 21 -43.09 -13.18 -61.56
N GLU F 22 -43.21 -12.18 -62.43
CA GLU F 22 -43.86 -10.93 -62.06
C GLU F 22 -45.34 -11.15 -61.75
N LEU F 23 -46.01 -11.97 -62.56
CA LEU F 23 -47.41 -12.28 -62.27
C LEU F 23 -47.54 -13.10 -60.98
N ASP F 24 -46.59 -14.00 -60.73
CA ASP F 24 -46.63 -14.80 -59.51
C ASP F 24 -46.47 -13.91 -58.29
N ARG F 25 -45.63 -12.88 -58.40
CA ARG F 25 -45.48 -11.91 -57.31
C ARG F 25 -46.80 -11.22 -57.00
N ILE F 26 -47.52 -10.77 -58.04
CA ILE F 26 -48.78 -10.08 -57.85
C ILE F 26 -49.82 -11.02 -57.25
N LYS F 27 -49.85 -12.26 -57.72
CA LYS F 27 -50.81 -13.23 -57.20
C LYS F 27 -50.54 -13.53 -55.73
N SER F 28 -49.26 -13.67 -55.37
CA SER F 28 -48.92 -13.90 -53.97
C SER F 28 -49.31 -12.71 -53.10
N PHE F 29 -49.06 -11.49 -53.60
CA PHE F 29 -49.40 -10.29 -52.82
C PHE F 29 -50.91 -10.18 -52.61
N VAL F 30 -51.69 -10.41 -53.67
CA VAL F 30 -53.14 -10.31 -53.53
C VAL F 30 -53.68 -11.41 -52.64
N ALA F 31 -53.04 -12.58 -52.66
CA ALA F 31 -53.45 -13.64 -51.75
C ALA F 31 -53.11 -13.31 -50.30
N SER F 32 -52.00 -12.61 -50.07
CA SER F 32 -51.56 -12.29 -48.71
C SER F 32 -52.05 -10.92 -48.22
N GLY F 33 -52.86 -10.22 -49.01
CA GLY F 33 -53.32 -8.90 -48.61
C GLY F 33 -54.13 -8.85 -47.33
N GLU F 34 -54.90 -9.90 -47.05
CA GLU F 34 -55.81 -9.84 -45.90
C GLU F 34 -55.04 -9.82 -44.58
N ARG F 35 -53.93 -10.55 -44.51
CA ARG F 35 -53.09 -10.51 -43.32
C ARG F 35 -52.52 -9.12 -43.10
N ARG F 36 -52.11 -8.46 -44.19
CA ARG F 36 -51.62 -7.09 -44.09
C ARG F 36 -52.72 -6.15 -43.62
N LEU F 37 -53.95 -6.37 -44.08
CA LEU F 37 -55.08 -5.56 -43.63
C LEU F 37 -55.31 -5.75 -42.12
N ARG F 38 -55.19 -6.99 -41.65
CA ARG F 38 -55.34 -7.24 -40.22
C ARG F 38 -54.22 -6.55 -39.42
N ILE F 39 -53.00 -6.58 -39.94
CA ILE F 39 -51.89 -5.87 -39.31
C ILE F 39 -52.19 -4.38 -39.23
N ALA F 40 -52.70 -3.82 -40.33
CA ALA F 40 -52.98 -2.39 -40.37
C ALA F 40 -54.06 -2.00 -39.37
N GLN F 41 -55.15 -2.78 -39.29
CA GLN F 41 -56.21 -2.44 -38.34
C GLN F 41 -55.71 -2.57 -36.90
N THR F 42 -54.88 -3.59 -36.64
CA THR F 42 -54.35 -3.77 -35.29
C THR F 42 -53.46 -2.60 -34.89
N LEU F 43 -52.54 -2.22 -35.76
CA LEU F 43 -51.67 -1.08 -35.45
C LEU F 43 -52.48 0.21 -35.34
N THR F 44 -53.54 0.34 -36.14
CA THR F 44 -54.36 1.54 -36.07
C THR F 44 -55.09 1.65 -34.75
N GLU F 45 -55.67 0.54 -34.25
CA GLU F 45 -56.41 0.66 -33.01
C GLU F 45 -55.48 0.72 -31.81
N ALA F 46 -54.22 0.27 -31.97
CA ALA F 46 -53.24 0.38 -30.91
C ALA F 46 -52.20 1.45 -31.19
N ARG F 47 -52.57 2.47 -31.97
CA ARG F 47 -51.61 3.50 -32.38
C ARG F 47 -51.14 4.34 -31.19
N GLU F 48 -52.03 4.67 -30.25
CA GLU F 48 -51.65 5.60 -29.20
C GLU F 48 -50.79 4.94 -28.11
N ARG F 49 -51.07 3.67 -27.79
CA ARG F 49 -50.28 2.98 -26.79
C ARG F 49 -48.87 2.73 -27.29
N ILE F 50 -48.73 2.39 -28.57
CA ILE F 50 -47.41 2.18 -29.17
C ILE F 50 -46.61 3.47 -29.13
N VAL F 51 -47.24 4.59 -29.47
CA VAL F 51 -46.55 5.88 -29.44
C VAL F 51 -46.12 6.24 -28.02
N LYS F 52 -47.00 6.04 -27.03
CA LYS F 52 -46.64 6.38 -25.66
C LYS F 52 -45.48 5.52 -25.15
N GLN F 53 -45.54 4.21 -25.39
CA GLN F 53 -44.44 3.35 -24.93
C GLN F 53 -43.14 3.64 -25.67
N ALA F 54 -43.22 3.96 -26.96
CA ALA F 54 -42.03 4.33 -27.72
C ALA F 54 -41.42 5.61 -27.17
N GLY F 55 -42.27 6.58 -26.81
CA GLY F 55 -41.77 7.80 -26.20
C GLY F 55 -41.09 7.54 -24.87
N ASP F 56 -41.68 6.68 -24.04
CA ASP F 56 -41.07 6.34 -22.77
C ASP F 56 -39.72 5.66 -22.95
N GLN F 57 -39.64 4.70 -23.86
CA GLN F 57 -38.39 4.00 -24.12
C GLN F 57 -37.33 4.96 -24.67
N LEU F 58 -37.72 5.84 -25.58
CA LEU F 58 -36.78 6.79 -26.16
C LEU F 58 -36.26 7.76 -25.11
N PHE F 59 -37.13 8.27 -24.26
CA PHE F 59 -36.69 9.19 -23.22
C PHE F 59 -35.83 8.51 -22.16
N GLN F 60 -36.05 7.22 -21.91
CA GLN F 60 -35.15 6.49 -21.01
C GLN F 60 -33.79 6.28 -21.66
N ILE F 61 -33.79 5.93 -22.96
CA ILE F 61 -32.53 5.59 -23.63
C ILE F 61 -31.68 6.83 -23.84
N ARG F 62 -32.29 7.94 -24.25
CA ARG F 62 -31.58 9.16 -24.61
C ARG F 62 -32.12 10.34 -23.81
N PRO F 63 -31.63 10.53 -22.59
CA PRO F 63 -32.06 11.70 -21.79
C PRO F 63 -31.65 13.04 -22.40
N ASP F 64 -30.64 13.02 -23.28
CA ASP F 64 -30.10 14.26 -23.82
C ASP F 64 -31.12 15.01 -24.66
N VAL F 65 -32.03 14.30 -25.33
CA VAL F 65 -33.04 14.96 -26.14
C VAL F 65 -34.01 15.75 -25.27
N VAL F 66 -34.40 15.18 -24.12
CA VAL F 66 -35.19 15.90 -23.14
C VAL F 66 -34.26 16.44 -22.06
N SER F 67 -33.72 17.63 -22.29
CA SER F 67 -32.70 18.20 -21.41
C SER F 67 -32.68 19.70 -21.63
N PRO F 68 -31.92 20.45 -20.80
CA PRO F 68 -31.85 21.92 -20.95
C PRO F 68 -31.41 22.39 -22.33
N GLY F 69 -30.47 21.69 -22.94
CA GLY F 69 -29.98 22.08 -24.26
C GLY F 69 -30.49 21.18 -25.37
N GLY F 70 -31.33 20.21 -25.03
CA GLY F 70 -31.78 19.25 -26.00
C GLY F 70 -32.71 19.86 -27.03
N ASN F 71 -32.88 19.14 -28.14
CA ASN F 71 -33.76 19.60 -29.21
C ASN F 71 -35.21 19.65 -28.75
N ALA F 72 -35.62 18.74 -27.86
CA ALA F 72 -36.97 18.67 -27.34
C ALA F 72 -36.93 18.96 -25.85
N TYR F 73 -36.98 20.24 -25.50
CA TYR F 73 -37.06 20.69 -24.12
C TYR F 73 -38.33 21.48 -23.93
N GLY F 74 -39.10 21.14 -22.90
CA GLY F 74 -40.39 21.75 -22.68
C GLY F 74 -41.52 20.80 -22.99
N GLU F 75 -42.69 21.38 -23.22
CA GLU F 75 -43.91 20.61 -23.48
C GLU F 75 -44.22 20.51 -24.97
N LYS F 76 -44.17 21.63 -25.70
CA LYS F 76 -44.52 21.59 -27.12
C LYS F 76 -43.48 20.84 -27.94
N MET F 77 -42.21 20.90 -27.52
CA MET F 77 -41.16 20.12 -28.18
C MET F 77 -41.42 18.62 -28.04
N THR F 78 -41.73 18.17 -26.82
CA THR F 78 -42.01 16.76 -26.59
C THR F 78 -43.30 16.35 -27.29
N ALA F 79 -44.26 17.26 -27.38
CA ALA F 79 -45.48 16.98 -28.13
C ALA F 79 -45.17 16.76 -29.60
N LEU F 80 -44.30 17.60 -30.16
CA LEU F 80 -43.93 17.46 -31.58
C LEU F 80 -43.18 16.17 -31.84
N CYS F 81 -42.33 15.75 -30.89
CA CYS F 81 -41.59 14.50 -31.06
C CYS F 81 -42.53 13.30 -31.12
N LEU F 82 -43.47 13.21 -30.17
CA LEU F 82 -44.45 12.12 -30.20
C LEU F 82 -45.36 12.22 -31.42
N ARG F 83 -45.63 13.44 -31.88
CA ARG F 83 -46.39 13.61 -33.12
C ARG F 83 -45.64 13.02 -34.31
N ASP F 84 -44.33 13.28 -34.39
CA ASP F 84 -43.53 12.71 -35.47
C ASP F 84 -43.52 11.19 -35.40
N LEU F 85 -43.48 10.65 -34.17
CA LEU F 85 -43.60 9.21 -34.01
C LEU F 85 -44.94 8.71 -34.54
N ASP F 86 -46.01 9.48 -34.32
CA ASP F 86 -47.32 9.10 -34.86
C ASP F 86 -47.32 9.12 -36.39
N TYR F 87 -46.71 10.14 -36.99
CA TYR F 87 -46.57 10.16 -38.46
C TYR F 87 -45.83 8.93 -38.96
N TYR F 88 -44.74 8.55 -38.31
CA TYR F 88 -43.99 7.38 -38.78
C TYR F 88 -44.77 6.09 -38.56
N LEU F 89 -45.58 6.01 -37.50
CA LEU F 89 -46.45 4.85 -37.33
C LEU F 89 -47.47 4.76 -38.46
N ARG F 90 -48.05 5.90 -38.84
CA ARG F 90 -49.00 5.92 -39.94
C ARG F 90 -48.33 5.50 -41.25
N LEU F 91 -47.10 5.97 -41.47
CA LEU F 91 -46.37 5.58 -42.67
C LEU F 91 -46.05 4.08 -42.66
N VAL F 92 -45.73 3.53 -41.49
CA VAL F 92 -45.49 2.09 -41.40
C VAL F 92 -46.75 1.30 -41.74
N THR F 93 -47.90 1.76 -41.26
CA THR F 93 -49.17 1.10 -41.61
C THR F 93 -49.43 1.19 -43.11
N TYR F 94 -49.14 2.35 -43.71
CA TYR F 94 -49.31 2.51 -45.16
C TYR F 94 -48.41 1.55 -45.92
N GLY F 95 -47.16 1.42 -45.48
CA GLY F 95 -46.26 0.49 -46.14
C GLY F 95 -46.70 -0.95 -46.00
N ILE F 96 -47.22 -1.30 -44.82
CA ILE F 96 -47.70 -2.67 -44.60
C ILE F 96 -48.87 -2.98 -45.51
N VAL F 97 -49.82 -2.04 -45.64
CA VAL F 97 -50.95 -2.30 -46.52
C VAL F 97 -50.50 -2.31 -47.99
N ALA F 98 -49.53 -1.48 -48.37
CA ALA F 98 -49.09 -1.43 -49.75
C ALA F 98 -48.26 -2.63 -50.16
N GLY F 99 -47.55 -3.26 -49.22
CA GLY F 99 -46.71 -4.40 -49.56
C GLY F 99 -45.32 -4.04 -50.03
N ASP F 100 -45.02 -2.75 -50.14
CA ASP F 100 -43.69 -2.29 -50.51
C ASP F 100 -43.44 -0.97 -49.78
N VAL F 101 -42.42 -0.24 -50.22
CA VAL F 101 -42.02 0.98 -49.51
C VAL F 101 -42.09 2.22 -50.37
N THR F 102 -42.81 2.18 -51.49
CA THR F 102 -42.93 3.35 -52.36
C THR F 102 -43.63 4.53 -51.68
N PRO F 103 -44.82 4.34 -51.09
CA PRO F 103 -45.46 5.48 -50.40
C PRO F 103 -44.65 5.99 -49.22
N ILE F 104 -44.03 5.10 -48.46
CA ILE F 104 -43.18 5.51 -47.34
C ILE F 104 -42.01 6.34 -47.83
N GLU F 105 -41.38 5.91 -48.93
CA GLU F 105 -40.27 6.65 -49.51
C GLU F 105 -40.71 8.01 -50.01
N GLU F 106 -41.85 8.07 -50.69
CA GLU F 106 -42.29 9.34 -51.25
C GLU F 106 -42.83 10.28 -50.19
N ILE F 107 -43.19 9.77 -49.01
CA ILE F 107 -43.77 10.63 -48.00
C ILE F 107 -42.77 11.07 -46.94
N GLY F 108 -41.94 10.17 -46.42
CA GLY F 108 -41.25 10.50 -45.18
C GLY F 108 -39.76 10.25 -45.03
N ILE F 109 -39.05 9.80 -46.06
CA ILE F 109 -37.63 9.53 -45.97
C ILE F 109 -36.82 10.37 -46.93
N ILE F 110 -37.31 10.60 -48.14
CA ILE F 110 -36.55 11.40 -49.09
C ILE F 110 -36.58 12.86 -48.62
N GLY F 111 -35.40 13.41 -48.37
CA GLY F 111 -35.27 14.76 -47.84
C GLY F 111 -35.34 14.87 -46.34
N VAL F 112 -35.61 13.75 -45.65
CA VAL F 112 -35.71 13.79 -44.19
C VAL F 112 -34.36 14.13 -43.57
N LYS F 113 -33.26 13.76 -44.22
CA LYS F 113 -31.94 14.11 -43.71
C LYS F 113 -31.74 15.62 -43.72
N GLU F 114 -32.08 16.27 -44.83
CA GLU F 114 -31.96 17.72 -44.91
C GLU F 114 -32.91 18.41 -43.93
N MET F 115 -34.14 17.90 -43.81
CA MET F 115 -35.12 18.50 -42.90
C MET F 115 -34.64 18.41 -41.45
N TYR F 116 -34.17 17.24 -41.04
CA TYR F 116 -33.74 17.08 -39.66
C TYR F 116 -32.42 17.78 -39.39
N ASN F 117 -31.57 17.93 -40.40
CA ASN F 117 -30.38 18.74 -40.23
C ASN F 117 -30.73 20.21 -40.06
N SER F 118 -31.72 20.69 -40.81
CA SER F 118 -32.17 22.07 -40.65
C SER F 118 -32.77 22.29 -39.27
N LEU F 119 -33.56 21.33 -38.80
CA LEU F 119 -34.17 21.46 -37.48
C LEU F 119 -33.21 21.13 -36.34
N GLN F 120 -32.04 20.56 -36.65
CA GLN F 120 -31.07 20.13 -35.64
C GLN F 120 -31.67 19.11 -34.68
N THR F 121 -32.40 18.15 -35.23
CA THR F 121 -32.91 17.04 -34.43
C THR F 121 -32.00 15.82 -34.61
N PRO F 122 -31.66 15.11 -33.53
CA PRO F 122 -30.79 13.94 -33.66
C PRO F 122 -31.43 12.82 -34.47
N ILE F 123 -30.87 12.58 -35.66
CA ILE F 123 -31.34 11.49 -36.50
C ILE F 123 -31.17 10.12 -35.82
N PRO F 124 -30.04 9.82 -35.19
CA PRO F 124 -29.97 8.60 -34.37
C PRO F 124 -31.00 8.54 -33.26
N ALA F 125 -31.38 9.70 -32.69
CA ALA F 125 -32.45 9.70 -31.70
C ALA F 125 -33.78 9.31 -32.33
N VAL F 126 -34.06 9.81 -33.53
CA VAL F 126 -35.29 9.41 -34.22
C VAL F 126 -35.26 7.92 -34.56
N ALA F 127 -34.09 7.41 -34.95
CA ALA F 127 -33.96 5.99 -35.22
C ALA F 127 -34.20 5.16 -33.96
N GLU F 128 -33.71 5.64 -32.81
CA GLU F 128 -33.98 4.97 -31.55
C GLU F 128 -35.46 4.97 -31.22
N GLY F 129 -36.14 6.10 -31.52
CA GLY F 129 -37.58 6.15 -31.32
C GLY F 129 -38.32 5.16 -32.18
N VAL F 130 -37.90 5.02 -33.44
CA VAL F 130 -38.54 4.04 -34.32
C VAL F 130 -38.26 2.62 -33.84
N ARG F 131 -37.06 2.38 -33.31
CA ARG F 131 -36.75 1.06 -32.77
C ARG F 131 -37.63 0.74 -31.56
N ALA F 132 -37.84 1.73 -30.68
CA ALA F 132 -38.73 1.52 -29.54
C ALA F 132 -40.16 1.30 -30.01
N MET F 133 -40.57 1.99 -31.07
CA MET F 133 -41.88 1.73 -31.67
C MET F 133 -42.00 0.30 -32.16
N LYS F 134 -40.94 -0.21 -32.80
CA LYS F 134 -40.94 -1.60 -33.25
C LYS F 134 -41.04 -2.57 -32.08
N ASN F 135 -40.32 -2.29 -30.99
CA ASN F 135 -40.38 -3.15 -29.81
C ASN F 135 -41.78 -3.15 -29.21
N VAL F 136 -42.43 -1.99 -29.17
CA VAL F 136 -43.80 -1.92 -28.65
C VAL F 136 -44.76 -2.68 -29.57
N ALA F 137 -44.60 -2.50 -30.88
CA ALA F 137 -45.53 -3.13 -31.83
C ALA F 137 -45.37 -4.64 -31.85
N THR F 138 -44.17 -5.13 -31.53
CA THR F 138 -43.95 -6.57 -31.54
C THR F 138 -44.70 -7.28 -30.42
N SER F 139 -45.16 -6.56 -29.39
CA SER F 139 -45.87 -7.15 -28.28
C SER F 139 -47.39 -7.13 -28.47
N LEU F 140 -47.86 -6.83 -29.68
CA LEU F 140 -49.29 -6.82 -29.95
C LEU F 140 -49.66 -7.56 -31.22
N LEU F 141 -48.84 -8.51 -31.66
CA LEU F 141 -49.09 -9.24 -32.90
C LEU F 141 -48.59 -10.67 -32.76
N SER F 142 -49.09 -11.54 -33.63
CA SER F 142 -48.58 -12.90 -33.71
C SER F 142 -47.15 -12.88 -34.26
N GLY F 143 -46.46 -14.00 -34.09
CA GLY F 143 -45.05 -14.10 -34.45
C GLY F 143 -44.76 -13.85 -35.92
N ASP F 144 -45.50 -14.52 -36.81
CA ASP F 144 -45.36 -14.25 -38.24
C ASP F 144 -45.80 -12.82 -38.56
N ASP F 145 -46.91 -12.38 -37.96
CA ASP F 145 -47.39 -11.03 -38.18
C ASP F 145 -46.43 -9.99 -37.61
N ALA F 146 -45.85 -10.29 -36.44
CA ALA F 146 -44.85 -9.41 -35.84
C ALA F 146 -43.62 -9.30 -36.72
N ALA F 147 -43.18 -10.42 -37.31
CA ALA F 147 -42.05 -10.38 -38.24
C ALA F 147 -42.38 -9.56 -39.47
N GLU F 148 -43.60 -9.70 -39.98
CA GLU F 148 -44.03 -8.95 -41.15
C GLU F 148 -44.00 -7.44 -40.89
N ALA F 149 -44.46 -7.03 -39.70
CA ALA F 149 -44.39 -5.61 -39.35
C ALA F 149 -42.95 -5.18 -39.09
N GLY F 150 -42.15 -6.06 -38.49
CA GLY F 150 -40.79 -5.72 -38.17
C GLY F 150 -39.92 -5.53 -39.39
N PHE F 151 -40.29 -6.17 -40.50
CA PHE F 151 -39.58 -5.91 -41.76
C PHE F 151 -39.66 -4.44 -42.15
N TYR F 152 -40.86 -3.85 -42.11
CA TYR F 152 -41.00 -2.45 -42.47
C TYR F 152 -40.43 -1.53 -41.41
N PHE F 153 -40.54 -1.92 -40.13
CA PHE F 153 -39.91 -1.13 -39.08
C PHE F 153 -38.39 -1.07 -39.26
N ASP F 154 -37.78 -2.22 -39.56
CA ASP F 154 -36.35 -2.25 -39.82
C ASP F 154 -36.00 -1.50 -41.10
N TYR F 155 -36.90 -1.49 -42.09
CA TYR F 155 -36.67 -0.68 -43.28
C TYR F 155 -36.60 0.80 -42.92
N LEU F 156 -37.52 1.27 -42.08
CA LEU F 156 -37.48 2.66 -41.64
C LEU F 156 -36.20 2.96 -40.86
N VAL F 157 -35.79 2.02 -40.00
CA VAL F 157 -34.57 2.20 -39.21
C VAL F 157 -33.36 2.31 -40.12
N GLY F 158 -33.27 1.43 -41.12
CA GLY F 158 -32.16 1.50 -42.06
C GLY F 158 -32.21 2.74 -42.93
N ALA F 159 -33.40 3.17 -43.33
CA ALA F 159 -33.53 4.36 -44.17
C ALA F 159 -33.11 5.61 -43.42
N MET F 160 -33.37 5.67 -42.11
CA MET F 160 -32.91 6.79 -41.29
C MET F 160 -31.50 6.49 -40.78
N GLN F 161 -30.59 6.27 -41.72
CA GLN F 161 -29.20 5.92 -41.45
C GLN F 161 -28.29 6.46 -42.54
N MET G 1 -47.52 6.86 -61.85
CA MET G 1 -48.54 5.84 -61.66
C MET G 1 -49.07 5.83 -60.24
N GLN G 2 -50.31 5.39 -60.08
CA GLN G 2 -50.95 5.23 -58.77
C GLN G 2 -51.97 4.11 -58.90
N ASP G 3 -51.70 2.96 -58.29
CA ASP G 3 -52.64 1.85 -58.29
C ASP G 3 -53.77 2.14 -57.30
N ALA G 4 -54.60 1.12 -57.05
CA ALA G 4 -55.72 1.29 -56.13
C ALA G 4 -55.24 1.52 -54.69
N ILE G 5 -54.29 0.71 -54.23
CA ILE G 5 -53.79 0.84 -52.87
C ILE G 5 -53.07 2.16 -52.69
N THR G 6 -52.23 2.54 -53.67
CA THR G 6 -51.53 3.81 -53.60
C THR G 6 -52.50 4.98 -53.67
N ALA G 7 -53.59 4.83 -54.43
CA ALA G 7 -54.59 5.88 -54.53
C ALA G 7 -55.29 6.09 -53.20
N VAL G 8 -55.66 5.00 -52.53
CA VAL G 8 -56.28 5.11 -51.22
C VAL G 8 -55.29 5.69 -50.21
N ILE G 9 -54.02 5.30 -50.33
CA ILE G 9 -52.98 5.82 -49.45
C ILE G 9 -52.84 7.34 -49.62
N ASN G 10 -52.85 7.80 -50.88
CA ASN G 10 -52.78 9.23 -51.13
C ASN G 10 -54.03 9.95 -50.65
N ASN G 11 -55.19 9.32 -50.83
CA ASN G 11 -56.45 9.93 -50.41
C ASN G 11 -56.48 10.15 -48.90
N TYR G 12 -55.91 9.21 -48.14
CA TYR G 12 -55.82 9.43 -46.70
C TYR G 12 -54.63 10.29 -46.32
N ASP G 13 -53.59 10.34 -47.15
CA ASP G 13 -52.39 11.10 -46.82
C ASP G 13 -52.61 12.59 -46.95
N VAL G 14 -53.35 13.01 -47.97
CA VAL G 14 -53.62 14.43 -48.16
C VAL G 14 -54.51 14.99 -47.08
N GLN G 15 -55.32 14.15 -46.44
CA GLN G 15 -56.17 14.60 -45.35
C GLN G 15 -55.57 14.33 -43.97
N GLY G 16 -54.60 13.43 -43.89
CA GLY G 16 -53.88 13.19 -42.66
C GLY G 16 -54.62 12.50 -41.53
N LYS G 17 -55.34 11.41 -41.84
CA LYS G 17 -55.82 10.48 -40.82
C LYS G 17 -55.47 9.05 -41.23
N TYR G 18 -55.67 8.13 -40.30
CA TYR G 18 -55.28 6.75 -40.50
C TYR G 18 -56.25 6.04 -41.44
N LEU G 19 -55.90 4.80 -41.80
CA LEU G 19 -56.78 3.98 -42.62
C LEU G 19 -58.05 3.64 -41.85
N ASP G 20 -59.18 3.66 -42.54
CA ASP G 20 -60.49 3.48 -41.93
C ASP G 20 -61.16 2.21 -42.44
N GLY G 21 -62.37 1.97 -41.95
CA GLY G 21 -63.12 0.79 -42.38
C GLY G 21 -63.47 0.83 -43.85
N ALA G 22 -63.77 2.03 -44.37
CA ALA G 22 -64.03 2.17 -45.80
C ALA G 22 -62.81 1.80 -46.63
N ALA G 23 -61.62 2.26 -46.19
CA ALA G 23 -60.38 1.91 -46.87
C ALA G 23 -60.13 0.40 -46.81
N LEU G 24 -60.42 -0.20 -45.66
CA LEU G 24 -60.28 -1.64 -45.52
C LEU G 24 -61.21 -2.38 -46.49
N ASP G 25 -62.44 -1.90 -46.62
CA ASP G 25 -63.38 -2.52 -47.56
C ASP G 25 -62.91 -2.39 -49.00
N LYS G 26 -62.42 -1.20 -49.39
CA LYS G 26 -61.94 -1.01 -50.75
C LYS G 26 -60.73 -1.90 -51.05
N LEU G 27 -59.78 -1.95 -50.12
CA LEU G 27 -58.62 -2.80 -50.33
C LEU G 27 -59.00 -4.27 -50.36
N LYS G 28 -59.97 -4.67 -49.53
CA LYS G 28 -60.45 -6.05 -49.56
C LYS G 28 -61.10 -6.39 -50.89
N ALA G 29 -61.88 -5.43 -51.44
CA ALA G 29 -62.51 -5.66 -52.74
C ALA G 29 -61.46 -5.82 -53.84
N TYR G 30 -60.43 -4.96 -53.83
CA TYR G 30 -59.39 -5.09 -54.84
C TYR G 30 -58.60 -6.38 -54.67
N PHE G 31 -58.43 -6.83 -53.43
CA PHE G 31 -57.78 -8.11 -53.19
C PHE G 31 -58.63 -9.26 -53.72
N THR G 32 -59.95 -9.14 -53.56
CA THR G 32 -60.85 -10.18 -54.09
C THR G 32 -60.78 -10.23 -55.60
N THR G 33 -60.65 -9.08 -56.26
CA THR G 33 -60.61 -9.08 -57.73
C THR G 33 -59.25 -9.45 -58.29
N GLY G 34 -58.29 -9.85 -57.45
CA GLY G 34 -56.93 -10.09 -57.90
C GLY G 34 -56.69 -11.25 -58.86
N ALA G 35 -57.24 -12.42 -58.54
CA ALA G 35 -56.88 -13.64 -59.28
C ALA G 35 -57.40 -13.61 -60.71
N VAL G 36 -58.67 -13.23 -60.89
CA VAL G 36 -59.25 -13.17 -62.22
C VAL G 36 -58.55 -12.11 -63.05
N ARG G 37 -58.13 -11.03 -62.40
CA ARG G 37 -57.33 -9.98 -63.06
C ARG G 37 -56.04 -10.56 -63.63
N VAL G 38 -55.32 -11.35 -62.83
CA VAL G 38 -54.06 -11.94 -63.28
C VAL G 38 -54.31 -12.92 -64.41
N ARG G 39 -55.37 -13.73 -64.30
CA ARG G 39 -55.68 -14.69 -65.35
C ARG G 39 -56.01 -13.99 -66.68
N ALA G 40 -56.82 -12.93 -66.62
CA ALA G 40 -57.16 -12.20 -67.84
C ALA G 40 -55.94 -11.53 -68.45
N ALA G 41 -55.07 -10.97 -67.60
CA ALA G 41 -53.84 -10.37 -68.11
C ALA G 41 -52.95 -11.42 -68.78
N ALA G 42 -52.87 -12.62 -68.19
CA ALA G 42 -52.08 -13.68 -68.79
C ALA G 42 -52.65 -14.10 -70.15
N VAL G 43 -53.97 -14.20 -70.24
CA VAL G 43 -54.58 -14.58 -71.52
C VAL G 43 -54.34 -13.52 -72.59
N ILE G 44 -54.47 -12.24 -72.21
CA ILE G 44 -54.25 -11.16 -73.17
C ILE G 44 -52.79 -11.15 -73.63
N SER G 45 -51.86 -11.34 -72.69
CA SER G 45 -50.44 -11.41 -73.04
C SER G 45 -50.16 -12.60 -73.96
N SER G 46 -50.84 -13.72 -73.72
CA SER G 46 -50.68 -14.88 -74.59
C SER G 46 -51.16 -14.58 -76.01
N ASN G 47 -52.33 -13.96 -76.13
CA ASN G 47 -52.96 -13.76 -77.43
C ASN G 47 -52.90 -12.29 -77.87
N ALA G 48 -51.78 -11.63 -77.58
CA ALA G 48 -51.61 -10.23 -77.98
C ALA G 48 -51.65 -10.06 -79.50
N THR G 49 -50.89 -10.88 -80.23
CA THR G 49 -50.80 -10.73 -81.69
C THR G 49 -52.13 -11.04 -82.35
N THR G 50 -52.85 -12.04 -81.86
CA THR G 50 -54.13 -12.44 -82.44
C THR G 50 -55.15 -11.31 -82.34
N ILE G 51 -55.16 -10.61 -81.21
CA ILE G 51 -56.08 -9.50 -80.97
C ILE G 51 -55.84 -8.39 -82.00
N ILE G 52 -54.57 -8.04 -82.20
CA ILE G 52 -54.23 -7.03 -83.20
C ILE G 52 -54.63 -7.50 -84.59
N LYS G 53 -54.47 -8.79 -84.86
CA LYS G 53 -54.82 -9.32 -86.18
C LYS G 53 -56.32 -9.20 -86.46
N GLU G 54 -57.15 -9.64 -85.50
CA GLU G 54 -58.59 -9.53 -85.70
C GLU G 54 -59.05 -8.07 -85.75
N ALA G 55 -58.46 -7.22 -84.91
CA ALA G 55 -58.84 -5.81 -84.91
C ALA G 55 -58.52 -5.15 -86.24
N ALA G 56 -57.34 -5.44 -86.79
CA ALA G 56 -56.98 -4.94 -88.11
C ALA G 56 -57.92 -5.49 -89.18
N ALA G 57 -58.20 -6.79 -89.14
CA ALA G 57 -59.05 -7.40 -90.16
C ALA G 57 -60.48 -6.87 -90.11
N LYS G 58 -60.92 -6.43 -88.93
CA LYS G 58 -62.28 -5.95 -88.74
C LYS G 58 -62.42 -4.46 -89.08
N ALA G 59 -61.44 -3.63 -88.74
CA ALA G 59 -61.68 -2.20 -88.85
C ALA G 59 -60.64 -1.45 -89.67
N LEU G 60 -59.55 -2.12 -90.04
CA LEU G 60 -58.39 -1.40 -90.55
C LEU G 60 -58.04 -1.78 -91.98
N ILE G 61 -57.88 -3.09 -92.24
CA ILE G 61 -57.41 -3.51 -93.56
C ILE G 61 -58.60 -3.66 -94.52
N TYR G 62 -58.29 -3.72 -95.82
CA TYR G 62 -59.24 -3.87 -96.92
C TYR G 62 -60.10 -2.64 -97.13
N SER G 63 -59.83 -1.56 -96.40
CA SER G 63 -60.60 -0.33 -96.50
C SER G 63 -59.80 0.71 -97.30
N ASP G 64 -60.31 1.94 -97.32
CA ASP G 64 -59.60 3.01 -98.01
C ASP G 64 -58.27 3.31 -97.35
N LEU G 65 -58.19 3.16 -96.02
CA LEU G 65 -56.96 3.48 -95.30
C LEU G 65 -55.82 2.54 -95.66
N THR G 66 -56.15 1.31 -96.07
CA THR G 66 -55.14 0.33 -96.46
C THR G 66 -54.84 0.37 -97.96
N ARG G 67 -55.05 1.51 -98.60
CA ARG G 67 -54.82 1.72 -100.01
C ARG G 67 -53.98 2.97 -100.20
N PRO G 68 -53.55 3.26 -101.43
CA PRO G 68 -52.79 4.50 -101.68
C PRO G 68 -53.56 5.75 -101.31
N GLY G 69 -52.86 6.75 -100.79
CA GLY G 69 -53.49 7.96 -100.29
C GLY G 69 -54.02 7.81 -98.89
N GLY G 70 -53.47 6.86 -98.14
CA GLY G 70 -53.90 6.62 -96.77
C GLY G 70 -52.79 6.77 -95.75
N MEN G 71 -53.16 6.99 -94.50
CA MEN G 71 -52.20 7.16 -93.44
C MEN G 71 -51.62 5.80 -93.07
O MEN G 71 -50.50 5.65 -92.56
CB MEN G 71 -52.77 7.78 -92.15
CG MEN G 71 -51.67 8.54 -91.43
OD1 MEN G 71 -51.17 8.08 -90.37
ND2 MEN G 71 -51.22 9.72 -91.97
CE2 MEN G 71 -50.19 10.52 -91.40
N MET G 72 -52.41 4.77 -93.34
CA MET G 72 -51.96 3.40 -93.15
C MET G 72 -51.10 2.90 -94.31
N TYR G 73 -51.06 3.66 -95.41
CA TYR G 73 -50.28 3.25 -96.56
C TYR G 73 -48.81 3.26 -96.21
N THR G 74 -48.05 2.38 -96.88
CA THR G 74 -46.62 2.14 -96.65
C THR G 74 -46.41 1.30 -95.40
N THR G 75 -45.47 0.34 -95.52
CA THR G 75 -45.23 -0.63 -94.46
C THR G 75 -44.76 0.05 -93.18
N ARG G 76 -44.01 1.15 -93.30
CA ARG G 76 -43.53 1.85 -92.12
C ARG G 76 -44.69 2.46 -91.33
N ARG G 77 -45.62 3.11 -92.02
CA ARG G 77 -46.78 3.69 -91.34
C ARG G 77 -47.67 2.60 -90.75
N TYR G 78 -47.86 1.49 -91.48
CA TYR G 78 -48.68 0.42 -90.93
C TYR G 78 -48.02 -0.21 -89.70
N ALA G 79 -46.70 -0.36 -89.73
CA ALA G 79 -45.98 -0.89 -88.58
C ALA G 79 -46.07 0.07 -87.40
N ALA G 80 -46.01 1.37 -87.67
CA ALA G 80 -46.16 2.36 -86.61
C ALA G 80 -47.55 2.27 -85.99
N CYS G 81 -48.58 2.11 -86.83
CA CYS G 81 -49.94 2.01 -86.30
C CYS G 81 -50.13 0.73 -85.49
N ILE G 82 -49.58 -0.40 -85.96
CA ILE G 82 -49.72 -1.64 -85.21
C ILE G 82 -48.92 -1.60 -83.92
N ARG G 83 -47.76 -0.92 -83.92
CA ARG G 83 -47.01 -0.73 -82.69
C ARG G 83 -47.77 0.13 -81.71
N ASP G 84 -48.47 1.16 -82.21
CA ASP G 84 -49.34 1.95 -81.34
C ASP G 84 -50.48 1.10 -80.78
N MET G 85 -51.00 0.19 -81.60
CA MET G 85 -52.04 -0.73 -81.15
C MET G 85 -51.52 -1.62 -80.03
N ASP G 86 -50.32 -2.15 -80.21
CA ASP G 86 -49.70 -2.96 -79.15
C ASP G 86 -49.44 -2.12 -77.90
N TYR G 87 -49.12 -0.84 -78.09
CA TYR G 87 -48.97 0.08 -76.96
C TYR G 87 -50.28 0.20 -76.19
N PHE G 88 -51.38 0.37 -76.93
CA PHE G 88 -52.70 0.48 -76.31
C PHE G 88 -53.03 -0.79 -75.52
N LEU G 89 -52.76 -1.95 -76.13
CA LEU G 89 -53.07 -3.22 -75.47
C LEU G 89 -52.23 -3.40 -74.21
N ARG G 90 -50.94 -3.09 -74.29
CA ARG G 90 -50.05 -3.28 -73.14
C ARG G 90 -50.40 -2.33 -72.01
N TYR G 91 -50.65 -1.06 -72.33
CA TYR G 91 -50.98 -0.11 -71.28
C TYR G 91 -52.39 -0.36 -70.72
N ALA G 92 -53.31 -0.87 -71.55
CA ALA G 92 -54.61 -1.27 -71.04
C ALA G 92 -54.48 -2.44 -70.07
N THR G 93 -53.60 -3.40 -70.39
CA THR G 93 -53.35 -4.50 -69.46
C THR G 93 -52.72 -4.01 -68.17
N TYR G 94 -51.79 -3.06 -68.27
CA TYR G 94 -51.16 -2.49 -67.08
C TYR G 94 -52.19 -1.78 -66.19
N ALA G 95 -53.06 -0.97 -66.81
CA ALA G 95 -54.09 -0.28 -66.04
C ALA G 95 -55.11 -1.26 -65.47
N MET G 96 -55.41 -2.32 -66.21
CA MET G 96 -56.33 -3.34 -65.72
C MET G 96 -55.77 -4.05 -64.50
N LEU G 97 -54.49 -4.38 -64.53
CA LEU G 97 -53.85 -5.00 -63.37
C LEU G 97 -53.69 -4.03 -62.20
N ALA G 98 -53.48 -2.74 -62.47
CA ALA G 98 -53.33 -1.74 -61.42
C ALA G 98 -54.62 -1.35 -60.74
N GLY G 99 -55.72 -1.19 -61.49
CA GLY G 99 -56.98 -0.76 -60.96
C GLY G 99 -57.28 0.72 -61.15
N ASP G 100 -56.29 1.51 -61.59
CA ASP G 100 -56.47 2.94 -61.75
C ASP G 100 -55.95 3.40 -63.11
N PRO G 101 -56.62 4.37 -63.73
CA PRO G 101 -56.20 4.80 -65.08
C PRO G 101 -55.11 5.86 -65.09
N SER G 102 -54.38 6.01 -63.99
CA SER G 102 -53.30 6.99 -63.94
C SER G 102 -52.21 6.67 -64.96
N ILE G 103 -51.88 5.39 -65.11
CA ILE G 103 -50.94 4.98 -66.16
C ILE G 103 -51.52 5.29 -67.52
N LEU G 104 -52.81 5.03 -67.73
CA LEU G 104 -53.46 5.30 -69.00
C LEU G 104 -53.41 6.78 -69.36
N ASP G 105 -53.52 7.66 -68.37
CA ASP G 105 -53.47 9.09 -68.62
C ASP G 105 -52.04 9.55 -68.86
N GLU G 106 -51.17 9.35 -67.87
CA GLU G 106 -49.84 9.95 -67.93
C GLU G 106 -48.98 9.29 -69.00
N ARG G 107 -48.98 7.96 -69.08
CA ARG G 107 -48.07 7.27 -69.98
C ARG G 107 -48.63 7.13 -71.38
N VAL G 108 -49.95 7.19 -71.54
CA VAL G 108 -50.58 6.94 -72.83
C VAL G 108 -51.44 8.13 -73.26
N LEU G 109 -52.45 8.45 -72.45
CA LEU G 109 -53.45 9.43 -72.88
C LEU G 109 -52.88 10.84 -72.92
N ASN G 110 -51.87 11.11 -72.08
CA ASN G 110 -51.24 12.42 -72.06
C ASN G 110 -50.57 12.71 -73.39
N GLY G 111 -50.90 13.85 -73.98
CA GLY G 111 -50.58 14.08 -75.38
C GLY G 111 -51.47 13.20 -76.22
N LEU G 112 -50.89 12.64 -77.30
CA LEU G 112 -51.54 11.63 -78.14
C LEU G 112 -52.68 12.19 -79.01
N LYS G 113 -52.98 13.47 -78.89
CA LYS G 113 -53.96 14.11 -79.75
C LYS G 113 -53.34 15.24 -80.56
N GLU G 114 -52.52 16.09 -79.94
CA GLU G 114 -51.79 17.10 -80.69
C GLU G 114 -50.79 16.44 -81.64
N THR G 115 -50.14 15.36 -81.18
CA THR G 115 -49.23 14.61 -82.04
C THR G 115 -49.98 13.98 -83.20
N TYR G 116 -51.16 13.42 -82.94
CA TYR G 116 -51.94 12.79 -84.00
C TYR G 116 -52.41 13.82 -85.03
N ASN G 117 -52.86 14.99 -84.55
CA ASN G 117 -53.28 16.03 -85.48
C ASN G 117 -52.10 16.55 -86.30
N SER G 118 -50.93 16.70 -85.67
CA SER G 118 -49.75 17.16 -86.39
C SER G 118 -49.32 16.15 -87.44
N LEU G 119 -49.34 14.87 -87.10
CA LEU G 119 -48.93 13.84 -88.04
C LEU G 119 -49.94 13.66 -89.16
N GLY G 120 -51.22 13.89 -88.87
CA GLY G 120 -52.28 13.63 -89.81
C GLY G 120 -52.97 12.30 -89.62
N VAL G 121 -52.66 11.56 -88.56
CA VAL G 121 -53.25 10.25 -88.30
C VAL G 121 -54.73 10.42 -88.03
N PRO G 122 -55.60 9.67 -88.72
CA PRO G 122 -57.03 9.70 -88.38
C PRO G 122 -57.25 9.18 -86.96
N ILE G 123 -58.22 9.79 -86.28
CA ILE G 123 -58.50 9.48 -84.88
C ILE G 123 -59.74 8.60 -84.74
N ALA G 124 -60.73 8.79 -85.62
CA ALA G 124 -61.91 7.94 -85.59
C ALA G 124 -61.55 6.49 -85.90
N ALA G 125 -60.66 6.28 -86.87
CA ALA G 125 -60.22 4.92 -87.19
C ALA G 125 -59.45 4.31 -86.02
N THR G 126 -58.63 5.11 -85.35
CA THR G 126 -57.90 4.60 -84.18
C THR G 126 -58.85 4.22 -83.05
N VAL G 127 -59.89 5.03 -82.83
CA VAL G 127 -60.89 4.70 -81.82
C VAL G 127 -61.63 3.44 -82.21
N GLY G 128 -61.92 3.28 -83.50
CA GLY G 128 -62.56 2.05 -83.97
C GLY G 128 -61.68 0.84 -83.75
N GLY G 129 -60.38 0.98 -83.97
CA GLY G 129 -59.46 -0.12 -83.70
C GLY G 129 -59.38 -0.46 -82.23
N ILE G 130 -59.44 0.56 -81.37
CA ILE G 130 -59.44 0.33 -79.93
C ILE G 130 -60.69 -0.44 -79.52
N GLN G 131 -61.85 -0.05 -80.07
CA GLN G 131 -63.06 -0.81 -79.82
C GLN G 131 -62.97 -2.22 -80.42
N ALA G 132 -62.28 -2.38 -81.54
CA ALA G 132 -62.11 -3.70 -82.12
C ALA G 132 -61.33 -4.62 -81.19
N MET G 133 -60.25 -4.10 -80.62
CA MET G 133 -59.54 -4.79 -79.56
C MET G 133 -60.46 -5.06 -78.38
N LYS G 134 -61.40 -4.15 -78.12
CA LYS G 134 -62.38 -4.38 -77.07
C LYS G 134 -63.24 -5.62 -77.33
N GLU G 135 -63.75 -5.82 -78.55
CA GLU G 135 -64.57 -7.04 -78.69
C GLU G 135 -63.67 -8.27 -78.74
N VAL G 136 -62.45 -8.13 -79.27
CA VAL G 136 -61.54 -9.28 -79.34
C VAL G 136 -61.18 -9.78 -77.94
N VAL G 137 -60.86 -8.86 -77.03
CA VAL G 137 -60.56 -9.25 -75.65
C VAL G 137 -61.82 -9.77 -74.97
N GLY G 138 -62.99 -9.26 -75.38
CA GLY G 138 -64.25 -9.68 -74.83
C GLY G 138 -64.52 -11.15 -75.05
N GLY G 139 -64.05 -11.68 -76.18
CA GLY G 139 -64.15 -13.09 -76.46
C GLY G 139 -63.00 -13.89 -75.92
N LEU G 140 -61.79 -13.31 -75.95
CA LEU G 140 -60.62 -14.04 -75.49
C LEU G 140 -60.66 -14.28 -73.99
N VAL G 141 -61.05 -13.27 -73.21
CA VAL G 141 -61.05 -13.39 -71.76
C VAL G 141 -62.45 -13.79 -71.30
N GLY G 142 -62.53 -14.29 -70.07
CA GLY G 142 -63.78 -14.71 -69.50
C GLY G 142 -64.67 -13.54 -69.14
N PRO G 143 -65.96 -13.81 -68.90
CA PRO G 143 -66.89 -12.73 -68.57
C PRO G 143 -66.62 -12.07 -67.21
N ASP G 144 -65.82 -12.70 -66.34
CA ASP G 144 -65.50 -12.08 -65.06
C ASP G 144 -64.69 -10.81 -65.24
N ALA G 145 -63.74 -10.82 -66.19
CA ALA G 145 -62.88 -9.68 -66.44
C ALA G 145 -63.34 -8.82 -67.61
N ALA G 146 -64.50 -9.15 -68.20
CA ALA G 146 -64.92 -8.46 -69.41
C ALA G 146 -65.26 -6.99 -69.15
N LYS G 147 -65.99 -6.71 -68.07
CA LYS G 147 -66.43 -5.34 -67.83
C LYS G 147 -65.27 -4.43 -67.44
N GLU G 148 -64.43 -4.88 -66.52
CA GLU G 148 -63.28 -4.07 -66.12
C GLU G 148 -62.28 -3.93 -67.27
N ALA G 149 -62.14 -4.96 -68.11
CA ALA G 149 -61.33 -4.81 -69.31
C ALA G 149 -61.92 -3.75 -70.24
N SER G 150 -63.24 -3.78 -70.43
CA SER G 150 -63.89 -2.86 -71.36
C SER G 150 -63.81 -1.42 -70.89
N ILE G 151 -63.84 -1.19 -69.57
CA ILE G 151 -63.84 0.19 -69.09
C ILE G 151 -62.47 0.85 -69.34
N TYR G 152 -61.38 0.11 -69.11
CA TYR G 152 -60.08 0.67 -69.44
C TYR G 152 -59.88 0.76 -70.95
N PHE G 153 -60.49 -0.15 -71.71
CA PHE G 153 -60.40 -0.02 -73.16
C PHE G 153 -61.14 1.21 -73.66
N ASP G 154 -62.27 1.55 -73.03
CA ASP G 154 -63.03 2.73 -73.43
C ASP G 154 -62.36 4.00 -72.96
N TYR G 155 -61.55 3.92 -71.89
CA TYR G 155 -60.85 5.09 -71.38
C TYR G 155 -59.91 5.71 -72.42
N LEU G 156 -59.14 4.86 -73.11
CA LEU G 156 -58.22 5.35 -74.14
C LEU G 156 -58.98 6.02 -75.28
N SER G 157 -60.08 5.41 -75.71
CA SER G 157 -60.89 5.99 -76.78
C SER G 157 -61.49 7.33 -76.37
N SER G 158 -62.01 7.44 -75.15
CA SER G 158 -62.54 8.70 -74.65
C SER G 158 -61.47 9.76 -74.52
N GLY G 159 -60.27 9.41 -74.05
CA GLY G 159 -59.20 10.38 -73.99
C GLY G 159 -58.73 10.85 -75.35
N LEU G 160 -58.61 9.94 -76.31
CA LEU G 160 -58.21 10.31 -77.66
C LEU G 160 -59.24 11.18 -78.36
N SER G 161 -60.52 10.84 -78.23
CA SER G 161 -61.58 11.60 -78.89
C SER G 161 -62.01 12.78 -78.05
N SER H 2 -32.92 11.19 -102.52
CA SER H 2 -32.19 10.42 -103.52
C SER H 2 -30.68 10.69 -103.43
N VAL H 3 -30.04 10.74 -104.59
CA VAL H 3 -28.60 10.97 -104.67
C VAL H 3 -28.28 12.36 -104.12
N LEU H 4 -29.03 13.37 -104.58
CA LEU H 4 -28.82 14.73 -104.11
C LEU H 4 -29.11 14.86 -102.62
N THR H 5 -30.17 14.20 -102.16
CA THR H 5 -30.53 14.23 -100.75
C THR H 5 -29.42 13.66 -99.89
N LYS H 6 -28.92 12.47 -100.25
CA LYS H 6 -27.86 11.84 -99.48
C LYS H 6 -26.58 12.67 -99.52
N ALA H 7 -26.23 13.21 -100.69
CA ALA H 7 -25.03 14.02 -100.82
C ALA H 7 -25.10 15.26 -99.94
N ILE H 8 -26.23 15.96 -99.96
CA ILE H 8 -26.37 17.19 -99.19
C ILE H 8 -26.40 16.88 -97.70
N VAL H 9 -27.07 15.78 -97.32
CA VAL H 9 -27.15 15.40 -95.92
C VAL H 9 -25.76 15.07 -95.38
N ASN H 10 -25.00 14.29 -96.14
CA ASN H 10 -23.66 13.90 -95.68
C ASN H 10 -22.72 15.10 -95.64
N ALA H 11 -22.79 15.98 -96.65
CA ALA H 11 -21.94 17.16 -96.65
C ALA H 11 -22.27 18.09 -95.49
N ASP H 12 -23.56 18.26 -95.20
CA ASP H 12 -23.97 19.09 -94.07
C ASP H 12 -23.53 18.46 -92.74
N ALA H 13 -23.63 17.14 -92.61
CA ALA H 13 -23.14 16.48 -91.41
C ALA H 13 -21.63 16.66 -91.26
N GLU H 14 -20.91 16.65 -92.38
CA GLU H 14 -19.49 17.00 -92.39
C GLU H 14 -19.24 18.48 -92.10
N ALA H 15 -20.27 19.32 -92.23
CA ALA H 15 -20.18 20.75 -91.94
C ALA H 15 -19.19 21.44 -92.88
N ARG H 16 -19.48 21.29 -94.17
CA ARG H 16 -18.63 21.88 -95.20
C ARG H 16 -19.46 22.00 -96.47
N TYR H 17 -18.89 22.71 -97.46
CA TYR H 17 -19.53 22.82 -98.75
C TYR H 17 -19.52 21.46 -99.46
N LEU H 18 -20.16 21.42 -100.63
CA LEU H 18 -20.17 20.18 -101.40
C LEU H 18 -18.76 19.82 -101.86
N SER H 19 -18.34 18.61 -101.53
CA SER H 19 -17.04 18.14 -101.95
C SER H 19 -17.06 17.85 -103.45
N PRO H 20 -15.91 17.90 -104.12
CA PRO H 20 -15.85 17.50 -105.53
C PRO H 20 -16.29 16.07 -105.76
N GLY H 21 -16.12 15.18 -104.78
CA GLY H 21 -16.64 13.83 -104.92
C GLY H 21 -18.15 13.81 -105.08
N GLU H 22 -18.86 14.47 -104.16
CA GLU H 22 -20.33 14.52 -104.24
C GLU H 22 -20.79 15.26 -105.49
N LEU H 23 -20.05 16.31 -105.87
CA LEU H 23 -20.32 16.98 -107.13
C LEU H 23 -20.20 16.01 -108.31
N ASP H 24 -19.26 15.07 -108.23
CA ASP H 24 -19.12 14.06 -109.26
C ASP H 24 -20.38 13.20 -109.38
N ARG H 25 -20.90 12.72 -108.24
CA ARG H 25 -22.11 11.89 -108.30
C ARG H 25 -23.29 12.69 -108.82
N ILE H 26 -23.35 13.98 -108.47
CA ILE H 26 -24.42 14.83 -109.00
C ILE H 26 -24.32 14.95 -110.51
N LYS H 27 -23.11 15.28 -111.00
CA LYS H 27 -22.93 15.56 -112.42
C LYS H 27 -23.09 14.30 -113.26
N SER H 28 -22.85 13.13 -112.66
CA SER H 28 -23.07 11.91 -113.43
C SER H 28 -24.48 11.38 -113.30
N PHE H 29 -25.16 11.63 -112.18
CA PHE H 29 -26.55 11.22 -112.08
C PHE H 29 -27.43 12.04 -113.03
N VAL H 30 -27.11 13.33 -113.18
CA VAL H 30 -27.89 14.16 -114.10
C VAL H 30 -27.71 13.67 -115.54
N ALA H 31 -26.52 13.17 -115.86
CA ALA H 31 -26.27 12.63 -117.19
C ALA H 31 -26.96 11.29 -117.39
N SER H 32 -26.88 10.40 -116.38
CA SER H 32 -27.41 9.05 -116.50
C SER H 32 -28.92 8.99 -116.28
N GLY H 33 -29.56 10.11 -115.92
CA GLY H 33 -31.00 10.13 -115.79
C GLY H 33 -31.74 9.76 -117.06
N GLU H 34 -31.12 10.02 -118.22
CA GLU H 34 -31.71 9.59 -119.49
C GLU H 34 -31.86 8.07 -119.54
N ARG H 35 -30.78 7.34 -119.24
CA ARG H 35 -30.85 5.89 -119.25
C ARG H 35 -31.77 5.37 -118.14
N ARG H 36 -31.76 6.04 -116.98
CA ARG H 36 -32.63 5.65 -115.88
C ARG H 36 -34.10 5.76 -116.29
N LEU H 37 -34.46 6.87 -116.93
CA LEU H 37 -35.83 7.06 -117.39
C LEU H 37 -36.18 6.06 -118.48
N ARG H 38 -35.23 5.78 -119.39
CA ARG H 38 -35.48 4.81 -120.45
C ARG H 38 -35.81 3.44 -119.85
N ILE H 39 -35.05 3.04 -118.83
CA ILE H 39 -35.38 1.83 -118.09
C ILE H 39 -36.75 1.96 -117.44
N ALA H 40 -37.09 3.18 -117.00
CA ALA H 40 -38.36 3.43 -116.33
C ALA H 40 -39.57 3.07 -117.21
N GLN H 41 -39.70 3.71 -118.38
CA GLN H 41 -40.87 3.33 -119.19
C GLN H 41 -40.70 1.96 -119.86
N THR H 42 -39.47 1.46 -120.02
CA THR H 42 -39.34 0.09 -120.54
C THR H 42 -39.92 -0.93 -119.57
N LEU H 43 -39.73 -0.71 -118.26
CA LEU H 43 -40.38 -1.59 -117.28
C LEU H 43 -41.86 -1.26 -117.13
N THR H 44 -42.22 0.03 -117.23
CA THR H 44 -43.61 0.44 -117.00
C THR H 44 -44.54 -0.09 -118.08
N GLU H 45 -44.04 -0.19 -119.32
CA GLU H 45 -44.88 -0.70 -120.40
C GLU H 45 -45.27 -2.16 -120.17
N ALA H 46 -44.34 -2.95 -119.62
CA ALA H 46 -44.57 -4.36 -119.37
C ALA H 46 -44.70 -4.65 -117.87
N ARG H 47 -45.20 -3.67 -117.11
CA ARG H 47 -45.42 -3.84 -115.67
C ARG H 47 -46.33 -5.03 -115.37
N GLU H 48 -47.49 -5.11 -116.05
CA GLU H 48 -48.46 -6.14 -115.70
C GLU H 48 -47.99 -7.53 -116.14
N ARG H 49 -47.35 -7.62 -117.30
CA ARG H 49 -46.91 -8.92 -117.79
C ARG H 49 -45.79 -9.49 -116.93
N ILE H 50 -44.86 -8.62 -116.49
CA ILE H 50 -43.77 -9.06 -115.63
C ILE H 50 -44.33 -9.58 -114.31
N VAL H 51 -45.31 -8.87 -113.75
CA VAL H 51 -45.92 -9.30 -112.48
C VAL H 51 -46.62 -10.64 -112.66
N LYS H 52 -47.36 -10.78 -113.77
CA LYS H 52 -48.10 -12.02 -113.99
C LYS H 52 -47.16 -13.20 -114.17
N GLN H 53 -46.09 -13.04 -114.97
CA GLN H 53 -45.17 -14.14 -115.20
C GLN H 53 -44.37 -14.47 -113.94
N ALA H 54 -44.00 -13.44 -113.17
CA ALA H 54 -43.33 -13.65 -111.90
C ALA H 54 -44.22 -14.42 -110.94
N GLY H 55 -45.51 -14.06 -110.90
CA GLY H 55 -46.45 -14.80 -110.06
C GLY H 55 -46.59 -16.25 -110.48
N ASP H 56 -46.64 -16.49 -111.80
CA ASP H 56 -46.76 -17.86 -112.30
C ASP H 56 -45.54 -18.69 -111.91
N GLN H 57 -44.34 -18.18 -112.15
CA GLN H 57 -43.17 -18.99 -111.84
C GLN H 57 -42.95 -19.07 -110.33
N LEU H 58 -43.41 -18.07 -109.58
CA LEU H 58 -43.40 -18.18 -108.12
C LEU H 58 -44.32 -19.29 -107.65
N PHE H 59 -45.52 -19.40 -108.26
CA PHE H 59 -46.44 -20.47 -107.89
C PHE H 59 -45.85 -21.83 -108.21
N GLN H 60 -45.23 -21.97 -109.37
CA GLN H 60 -44.66 -23.27 -109.72
C GLN H 60 -43.46 -23.62 -108.84
N ILE H 61 -42.67 -22.62 -108.46
CA ILE H 61 -41.49 -22.88 -107.64
C ILE H 61 -41.84 -23.11 -106.18
N ARG H 62 -42.95 -22.55 -105.69
CA ARG H 62 -43.36 -22.69 -104.29
C ARG H 62 -44.80 -23.14 -104.24
N PRO H 63 -45.06 -24.45 -104.33
CA PRO H 63 -46.40 -24.96 -104.07
C PRO H 63 -46.81 -24.86 -102.62
N ASP H 64 -45.86 -24.65 -101.69
CA ASP H 64 -46.19 -24.63 -100.28
C ASP H 64 -47.01 -23.39 -99.90
N VAL H 65 -46.83 -22.28 -100.61
CA VAL H 65 -47.65 -21.10 -100.31
C VAL H 65 -49.09 -21.35 -100.72
N VAL H 66 -49.31 -22.09 -101.80
CA VAL H 66 -50.65 -22.56 -102.12
C VAL H 66 -50.87 -23.88 -101.41
N SER H 67 -51.22 -23.81 -100.13
CA SER H 67 -51.42 -24.96 -99.27
C SER H 67 -52.50 -24.65 -98.26
N PRO H 68 -53.04 -25.67 -97.58
CA PRO H 68 -54.09 -25.42 -96.56
C PRO H 68 -53.63 -24.50 -95.44
N GLY H 69 -52.37 -24.60 -95.02
CA GLY H 69 -51.81 -23.64 -94.09
C GLY H 69 -51.27 -22.38 -94.71
N GLY H 70 -51.13 -22.36 -96.04
CA GLY H 70 -50.59 -21.19 -96.70
C GLY H 70 -51.62 -20.09 -96.87
N ASN H 71 -51.14 -18.94 -97.31
CA ASN H 71 -51.97 -17.76 -97.51
C ASN H 71 -52.45 -17.60 -98.95
N ALA H 72 -52.16 -18.56 -99.82
CA ALA H 72 -52.46 -18.42 -101.24
C ALA H 72 -53.69 -19.19 -101.69
N TYR H 73 -54.24 -20.08 -100.85
CA TYR H 73 -55.48 -20.77 -101.19
C TYR H 73 -56.62 -19.77 -101.31
N GLY H 74 -57.10 -19.59 -102.53
CA GLY H 74 -58.13 -18.61 -102.81
C GLY H 74 -57.71 -17.64 -103.89
N GLU H 75 -58.59 -17.44 -104.88
CA GLU H 75 -58.30 -16.49 -105.95
C GLU H 75 -58.18 -15.07 -105.39
N LYS H 76 -58.95 -14.76 -104.35
CA LYS H 76 -58.82 -13.45 -103.71
C LYS H 76 -57.44 -13.27 -103.09
N MET H 77 -56.94 -14.29 -102.40
CA MET H 77 -55.61 -14.22 -101.82
C MET H 77 -54.53 -14.11 -102.89
N THR H 78 -54.68 -14.86 -103.99
CA THR H 78 -53.72 -14.76 -105.08
C THR H 78 -53.74 -13.36 -105.72
N ALA H 79 -54.91 -12.77 -105.86
CA ALA H 79 -55.01 -11.41 -106.37
C ALA H 79 -54.34 -10.42 -105.41
N LEU H 80 -54.51 -10.65 -104.11
CA LEU H 80 -53.89 -9.80 -103.10
C LEU H 80 -52.37 -9.87 -103.19
N CYS H 81 -51.84 -11.07 -103.41
CA CYS H 81 -50.40 -11.25 -103.63
C CYS H 81 -49.90 -10.61 -104.92
N LEU H 82 -50.65 -10.74 -106.01
CA LEU H 82 -50.26 -10.10 -107.26
C LEU H 82 -50.28 -8.58 -107.14
N ARG H 83 -51.21 -8.03 -106.35
CA ARG H 83 -51.23 -6.60 -106.10
C ARG H 83 -49.98 -6.15 -105.34
N ASP H 84 -49.54 -6.95 -104.36
CA ASP H 84 -48.29 -6.65 -103.67
C ASP H 84 -47.11 -6.67 -104.64
N LEU H 85 -47.12 -7.63 -105.57
CA LEU H 85 -46.07 -7.67 -106.58
C LEU H 85 -46.07 -6.42 -107.44
N ASP H 86 -47.24 -5.96 -107.88
CA ASP H 86 -47.34 -4.74 -108.68
C ASP H 86 -46.86 -3.54 -107.88
N TYR H 87 -47.18 -3.51 -106.60
CA TYR H 87 -46.69 -2.47 -105.72
C TYR H 87 -45.16 -2.45 -105.71
N TYR H 88 -44.55 -3.63 -105.64
CA TYR H 88 -43.09 -3.67 -105.57
C TYR H 88 -42.44 -3.38 -106.90
N LEU H 89 -43.08 -3.69 -108.02
CA LEU H 89 -42.53 -3.27 -109.30
C LEU H 89 -42.61 -1.76 -109.46
N ARG H 90 -43.67 -1.15 -108.94
CA ARG H 90 -43.71 0.30 -108.85
C ARG H 90 -42.56 0.82 -107.99
N LEU H 91 -42.29 0.14 -106.87
CA LEU H 91 -41.21 0.56 -105.98
C LEU H 91 -39.85 0.45 -106.66
N VAL H 92 -39.60 -0.65 -107.38
CA VAL H 92 -38.30 -0.82 -108.02
C VAL H 92 -38.13 0.16 -109.17
N THR H 93 -39.19 0.46 -109.92
CA THR H 93 -39.04 1.48 -110.96
C THR H 93 -38.84 2.87 -110.33
N TYR H 94 -39.45 3.12 -109.18
CA TYR H 94 -39.18 4.35 -108.44
C TYR H 94 -37.71 4.45 -108.08
N GLY H 95 -37.14 3.37 -107.55
CA GLY H 95 -35.74 3.38 -107.18
C GLY H 95 -34.83 3.55 -108.39
N ILE H 96 -35.22 2.93 -109.51
CA ILE H 96 -34.43 3.04 -110.74
C ILE H 96 -34.40 4.48 -111.24
N VAL H 97 -35.56 5.14 -111.26
CA VAL H 97 -35.59 6.53 -111.71
C VAL H 97 -34.89 7.44 -110.71
N ALA H 98 -34.99 7.12 -109.41
CA ALA H 98 -34.42 8.01 -108.39
C ALA H 98 -32.91 7.86 -108.29
N GLY H 99 -32.37 6.72 -108.74
CA GLY H 99 -30.96 6.44 -108.63
C GLY H 99 -30.52 5.93 -107.28
N ASP H 100 -31.21 6.30 -106.21
CA ASP H 100 -30.96 5.80 -104.87
C ASP H 100 -32.18 5.00 -104.43
N VAL H 101 -31.99 4.14 -103.43
CA VAL H 101 -33.06 3.26 -102.98
C VAL H 101 -33.86 3.91 -101.85
N THR H 102 -33.67 5.21 -101.65
CA THR H 102 -34.30 5.98 -100.58
C THR H 102 -35.83 5.88 -100.59
N PRO H 103 -36.50 6.13 -101.72
CA PRO H 103 -37.97 5.97 -101.71
C PRO H 103 -38.44 4.55 -101.46
N ILE H 104 -37.73 3.55 -101.99
CA ILE H 104 -38.16 2.15 -101.83
C ILE H 104 -38.10 1.74 -100.37
N GLU H 105 -37.04 2.11 -99.67
CA GLU H 105 -36.90 1.79 -98.26
C GLU H 105 -38.01 2.43 -97.44
N GLU H 106 -38.31 3.70 -97.71
CA GLU H 106 -39.33 4.40 -96.95
C GLU H 106 -40.72 3.85 -97.25
N ILE H 107 -40.94 3.35 -98.47
CA ILE H 107 -42.28 2.93 -98.86
C ILE H 107 -42.58 1.48 -98.47
N GLY H 108 -41.67 0.55 -98.72
CA GLY H 108 -42.09 -0.83 -98.66
C GLY H 108 -41.19 -1.88 -98.03
N ILE H 109 -40.12 -1.50 -97.33
CA ILE H 109 -39.27 -2.46 -96.65
C ILE H 109 -39.23 -2.23 -95.14
N ILE H 110 -39.21 -0.97 -94.70
CA ILE H 110 -39.18 -0.69 -93.27
C ILE H 110 -40.56 -1.02 -92.70
N GLY H 111 -40.60 -1.92 -91.73
CA GLY H 111 -41.85 -2.37 -91.17
C GLY H 111 -42.54 -3.46 -91.95
N VAL H 112 -41.95 -3.90 -93.07
CA VAL H 112 -42.56 -4.98 -93.84
C VAL H 112 -42.51 -6.29 -93.06
N LYS H 113 -41.52 -6.44 -92.16
CA LYS H 113 -41.49 -7.61 -91.29
C LYS H 113 -42.71 -7.65 -90.38
N GLU H 114 -43.05 -6.51 -89.77
CA GLU H 114 -44.27 -6.44 -88.97
C GLU H 114 -45.52 -6.61 -89.84
N MET H 115 -45.49 -6.02 -91.04
CA MET H 115 -46.49 -6.25 -92.08
C MET H 115 -46.83 -7.73 -92.22
N TYR H 116 -45.83 -8.53 -92.54
CA TYR H 116 -46.12 -9.89 -92.98
C TYR H 116 -46.14 -10.86 -91.82
N ASN H 117 -45.63 -10.44 -90.65
CA ASN H 117 -45.85 -11.22 -89.43
C ASN H 117 -47.28 -11.04 -88.93
N SER H 118 -47.81 -9.82 -88.98
CA SER H 118 -49.20 -9.61 -88.61
C SER H 118 -50.13 -10.28 -89.61
N LEU H 119 -49.77 -10.24 -90.89
CA LEU H 119 -50.63 -10.84 -91.90
C LEU H 119 -50.37 -12.33 -92.12
N GLN H 120 -49.36 -12.91 -91.47
CA GLN H 120 -49.04 -14.33 -91.61
C GLN H 120 -48.67 -14.69 -93.03
N THR H 121 -47.75 -13.96 -93.63
CA THR H 121 -47.39 -14.18 -95.03
C THR H 121 -45.93 -14.60 -95.13
N PRO H 122 -45.59 -15.53 -96.03
CA PRO H 122 -44.20 -15.98 -96.13
C PRO H 122 -43.27 -14.95 -96.76
N ILE H 123 -42.41 -14.36 -95.92
CA ILE H 123 -41.39 -13.44 -96.42
C ILE H 123 -40.42 -14.11 -97.39
N PRO H 124 -39.90 -15.30 -97.13
CA PRO H 124 -39.10 -15.99 -98.16
C PRO H 124 -39.86 -16.25 -99.46
N ALA H 125 -41.15 -16.56 -99.38
CA ALA H 125 -41.96 -16.68 -100.60
C ALA H 125 -42.06 -15.36 -101.35
N VAL H 126 -42.23 -14.25 -100.66
CA VAL H 126 -42.25 -12.95 -101.33
C VAL H 126 -40.90 -12.64 -101.96
N ALA H 127 -39.82 -13.03 -101.29
CA ALA H 127 -38.48 -12.87 -101.87
C ALA H 127 -38.33 -13.70 -103.14
N GLU H 128 -38.86 -14.92 -103.13
CA GLU H 128 -38.83 -15.76 -104.33
C GLU H 128 -39.65 -15.15 -105.45
N GLY H 129 -40.80 -14.57 -105.11
CA GLY H 129 -41.57 -13.85 -106.12
C GLY H 129 -40.80 -12.66 -106.69
N VAL H 130 -40.05 -11.96 -105.85
CA VAL H 130 -39.24 -10.84 -106.31
C VAL H 130 -38.14 -11.33 -107.24
N ARG H 131 -37.55 -12.49 -106.94
CA ARG H 131 -36.54 -13.06 -107.82
C ARG H 131 -37.13 -13.48 -109.16
N ALA H 132 -38.33 -14.09 -109.12
CA ALA H 132 -39.04 -14.45 -110.34
C ALA H 132 -39.30 -13.22 -111.20
N MET H 133 -39.72 -12.15 -110.54
CA MET H 133 -39.99 -10.87 -111.19
C MET H 133 -38.70 -10.26 -111.74
N LYS H 134 -37.60 -10.46 -111.02
CA LYS H 134 -36.26 -10.14 -111.53
C LYS H 134 -36.02 -10.82 -112.87
N ASN H 135 -36.26 -12.12 -112.93
CA ASN H 135 -36.05 -12.88 -114.16
C ASN H 135 -36.93 -12.36 -115.29
N VAL H 136 -38.21 -12.12 -114.99
CA VAL H 136 -39.15 -11.68 -116.01
C VAL H 136 -38.78 -10.30 -116.55
N ALA H 137 -38.38 -9.39 -115.65
CA ALA H 137 -37.96 -8.07 -116.09
C ALA H 137 -36.66 -8.12 -116.87
N THR H 138 -35.72 -8.97 -116.45
CA THR H 138 -34.45 -9.08 -117.15
C THR H 138 -34.62 -9.67 -118.54
N SER H 139 -35.64 -10.51 -118.72
CA SER H 139 -35.90 -11.10 -120.03
C SER H 139 -36.26 -10.08 -121.11
N LEU H 140 -36.67 -8.87 -120.74
CA LEU H 140 -37.11 -7.86 -121.70
C LEU H 140 -36.20 -6.63 -121.72
N LEU H 141 -34.96 -6.76 -121.28
CA LEU H 141 -34.06 -5.61 -121.19
C LEU H 141 -32.67 -6.00 -121.68
N SER H 142 -31.93 -5.01 -122.16
CA SER H 142 -30.55 -5.22 -122.58
C SER H 142 -29.67 -5.50 -121.36
N GLY H 143 -28.52 -6.13 -121.61
CA GLY H 143 -27.68 -6.66 -120.55
C GLY H 143 -27.17 -5.67 -119.53
N ASP H 144 -26.62 -4.55 -119.98
CA ASP H 144 -26.19 -3.51 -119.03
C ASP H 144 -27.39 -2.91 -118.31
N ASP H 145 -28.45 -2.61 -119.06
CA ASP H 145 -29.69 -2.10 -118.48
C ASP H 145 -30.33 -3.13 -117.57
N ALA H 146 -30.32 -4.41 -117.97
CA ALA H 146 -30.86 -5.47 -117.13
C ALA H 146 -30.08 -5.58 -115.82
N ALA H 147 -28.75 -5.46 -115.87
CA ALA H 147 -27.96 -5.51 -114.65
C ALA H 147 -28.24 -4.28 -113.77
N GLU H 148 -28.47 -3.13 -114.40
CA GLU H 148 -28.79 -1.93 -113.64
C GLU H 148 -30.11 -2.09 -112.88
N ALA H 149 -31.12 -2.68 -113.53
CA ALA H 149 -32.35 -2.99 -112.81
C ALA H 149 -32.14 -4.11 -111.80
N GLY H 150 -31.21 -5.03 -112.12
CA GLY H 150 -30.99 -6.17 -111.26
C GLY H 150 -30.33 -5.80 -109.96
N PHE H 151 -29.59 -4.70 -109.93
CA PHE H 151 -29.06 -4.19 -108.67
C PHE H 151 -30.18 -3.88 -107.69
N TYR H 152 -31.21 -3.17 -108.15
CA TYR H 152 -32.32 -2.84 -107.27
C TYR H 152 -33.16 -4.06 -106.93
N PHE H 153 -33.33 -4.97 -107.90
CA PHE H 153 -34.08 -6.21 -107.62
C PHE H 153 -33.36 -7.05 -106.56
N ASP H 154 -32.04 -7.17 -106.66
CA ASP H 154 -31.27 -7.92 -105.67
C ASP H 154 -31.26 -7.20 -104.34
N TYR H 155 -31.28 -5.86 -104.34
CA TYR H 155 -31.39 -5.14 -103.08
C TYR H 155 -32.72 -5.42 -102.40
N LEU H 156 -33.80 -5.50 -103.17
CA LEU H 156 -35.09 -5.88 -102.59
C LEU H 156 -35.04 -7.30 -102.06
N VAL H 157 -34.39 -8.21 -102.80
CA VAL H 157 -34.28 -9.61 -102.36
C VAL H 157 -33.54 -9.68 -101.03
N GLY H 158 -32.51 -8.85 -100.87
CA GLY H 158 -31.86 -8.73 -99.57
C GLY H 158 -32.75 -8.08 -98.53
N ALA H 159 -33.56 -7.10 -98.95
CA ALA H 159 -34.36 -6.32 -98.01
C ALA H 159 -35.41 -7.17 -97.30
N MET H 160 -36.17 -7.97 -98.05
CA MET H 160 -36.98 -9.02 -97.40
C MET H 160 -36.09 -10.23 -97.08
N GLN H 161 -35.26 -10.04 -96.07
CA GLN H 161 -34.46 -11.11 -95.46
C GLN H 161 -34.20 -10.81 -93.99
N MET I 1 -35.14 16.41 -96.19
CA MET I 1 -35.48 17.34 -97.27
C MET I 1 -35.86 16.59 -98.55
N GLN I 2 -36.20 17.33 -99.59
CA GLN I 2 -36.57 16.75 -100.87
C GLN I 2 -36.02 17.60 -102.01
N ASP I 3 -35.73 16.94 -103.12
CA ASP I 3 -35.35 17.57 -104.37
C ASP I 3 -36.54 17.49 -105.31
N ALA I 4 -36.34 17.88 -106.57
CA ALA I 4 -37.40 17.78 -107.57
C ALA I 4 -37.80 16.31 -107.79
N ILE I 5 -36.79 15.45 -107.96
CA ILE I 5 -37.05 14.03 -108.22
C ILE I 5 -37.71 13.38 -107.01
N THR I 6 -37.18 13.65 -105.82
CA THR I 6 -37.79 13.10 -104.60
C THR I 6 -39.20 13.61 -104.38
N ALA I 7 -39.45 14.90 -104.65
CA ALA I 7 -40.79 15.45 -104.47
C ALA I 7 -41.78 14.81 -105.43
N VAL I 8 -41.41 14.65 -106.69
CA VAL I 8 -42.34 14.05 -107.65
C VAL I 8 -42.54 12.57 -107.33
N ILE I 9 -41.49 11.89 -106.88
CA ILE I 9 -41.60 10.48 -106.52
C ILE I 9 -42.55 10.31 -105.34
N ASN I 10 -42.43 11.18 -104.32
CA ASN I 10 -43.34 11.12 -103.20
C ASN I 10 -44.77 11.47 -103.60
N ASN I 11 -44.93 12.47 -104.48
CA ASN I 11 -46.26 12.87 -104.92
C ASN I 11 -46.93 11.78 -105.74
N TYR I 12 -46.16 10.91 -106.39
CA TYR I 12 -46.76 9.78 -107.06
C TYR I 12 -46.93 8.58 -106.13
N ASP I 13 -46.05 8.43 -105.14
CA ASP I 13 -46.18 7.34 -104.17
C ASP I 13 -47.41 7.51 -103.31
N VAL I 14 -47.75 8.75 -102.95
CA VAL I 14 -48.92 9.00 -102.12
C VAL I 14 -50.20 8.58 -102.83
N GLN I 15 -50.27 8.76 -104.15
CA GLN I 15 -51.37 8.25 -104.94
C GLN I 15 -51.19 6.78 -105.32
N GLY I 16 -50.00 6.23 -105.12
CA GLY I 16 -49.75 4.87 -105.58
C GLY I 16 -49.82 4.74 -107.08
N LYS I 17 -49.33 5.77 -107.78
CA LYS I 17 -49.41 5.85 -109.23
C LYS I 17 -48.03 5.69 -109.84
N TYR I 18 -47.98 5.05 -111.00
CA TYR I 18 -46.74 4.93 -111.75
C TYR I 18 -46.33 6.26 -112.35
N LEU I 19 -45.05 6.38 -112.68
CA LEU I 19 -44.52 7.61 -113.27
C LEU I 19 -45.18 7.86 -114.62
N ASP I 20 -45.93 8.95 -114.72
CA ASP I 20 -46.76 9.25 -115.87
C ASP I 20 -45.99 10.19 -116.81
N GLY I 21 -46.63 10.58 -117.90
CA GLY I 21 -45.99 11.49 -118.85
C GLY I 21 -45.62 12.82 -118.23
N ALA I 22 -46.52 13.37 -117.40
CA ALA I 22 -46.26 14.65 -116.76
C ALA I 22 -45.07 14.55 -115.79
N ALA I 23 -44.99 13.45 -115.04
CA ALA I 23 -43.83 13.24 -114.17
C ALA I 23 -42.56 13.12 -114.99
N LEU I 24 -42.65 12.48 -116.15
CA LEU I 24 -41.50 12.39 -117.05
C LEU I 24 -41.07 13.77 -117.53
N ASP I 25 -42.03 14.63 -117.90
CA ASP I 25 -41.66 15.98 -118.34
C ASP I 25 -41.03 16.78 -117.20
N LYS I 26 -41.55 16.63 -115.98
CA LYS I 26 -40.98 17.33 -114.84
C LYS I 26 -39.55 16.88 -114.58
N LEU I 27 -39.33 15.55 -114.62
CA LEU I 27 -37.98 15.02 -114.41
C LEU I 27 -37.03 15.47 -115.50
N LYS I 28 -37.49 15.48 -116.76
CA LYS I 28 -36.65 15.94 -117.85
C LYS I 28 -36.33 17.42 -117.72
N ALA I 29 -37.31 18.21 -117.26
CA ALA I 29 -37.09 19.63 -117.04
C ALA I 29 -36.03 19.84 -115.97
N TYR I 30 -36.02 19.02 -114.92
CA TYR I 30 -34.93 19.10 -113.96
C TYR I 30 -33.61 18.67 -114.60
N PHE I 31 -33.62 17.60 -115.39
CA PHE I 31 -32.39 17.00 -115.89
C PHE I 31 -31.68 17.92 -116.88
N THR I 32 -32.43 18.64 -117.71
CA THR I 32 -31.81 19.49 -118.72
C THR I 32 -31.01 20.65 -118.11
N THR I 33 -31.30 21.04 -116.87
CA THR I 33 -30.58 22.12 -116.21
C THR I 33 -29.63 21.63 -115.13
N GLY I 34 -29.30 20.34 -115.12
CA GLY I 34 -28.44 19.82 -114.06
C GLY I 34 -27.02 20.36 -114.12
N ALA I 35 -26.45 20.45 -115.32
CA ALA I 35 -25.04 20.82 -115.46
C ALA I 35 -24.80 22.27 -115.03
N VAL I 36 -25.70 23.17 -115.41
CA VAL I 36 -25.52 24.57 -115.06
C VAL I 36 -25.62 24.79 -113.56
N ARG I 37 -26.44 23.97 -112.89
CA ARG I 37 -26.50 24.03 -111.43
C ARG I 37 -25.15 23.64 -110.81
N VAL I 38 -24.51 22.60 -111.35
CA VAL I 38 -23.21 22.19 -110.85
C VAL I 38 -22.17 23.28 -111.09
N ARG I 39 -22.22 23.89 -112.28
CA ARG I 39 -21.27 24.96 -112.59
C ARG I 39 -21.44 26.15 -111.66
N ALA I 40 -22.69 26.57 -111.43
CA ALA I 40 -22.94 27.70 -110.55
C ALA I 40 -22.57 27.38 -109.10
N ALA I 41 -22.85 26.15 -108.65
CA ALA I 41 -22.46 25.74 -107.31
C ALA I 41 -20.95 25.73 -107.14
N ALA I 42 -20.22 25.24 -108.15
CA ALA I 42 -18.76 25.29 -108.10
C ALA I 42 -18.25 26.72 -108.08
N VAL I 43 -18.87 27.62 -108.87
CA VAL I 43 -18.45 29.02 -108.89
C VAL I 43 -18.67 29.66 -107.52
N ILE I 44 -19.80 29.35 -106.87
CA ILE I 44 -20.07 29.88 -105.54
C ILE I 44 -19.05 29.35 -104.54
N SER I 45 -18.83 28.02 -104.58
CA SER I 45 -18.01 27.38 -103.56
C SER I 45 -16.54 27.76 -103.69
N SER I 46 -16.09 28.06 -104.91
CA SER I 46 -14.69 28.38 -105.11
C SER I 46 -14.32 29.69 -104.44
N ASN I 47 -15.09 30.75 -104.69
CA ASN I 47 -14.77 32.08 -104.19
C ASN I 47 -15.85 32.62 -103.25
N ALA I 48 -16.47 31.76 -102.43
CA ALA I 48 -17.48 32.21 -101.48
C ALA I 48 -16.94 33.23 -100.48
N THR I 49 -15.66 33.13 -100.13
CA THR I 49 -15.06 34.09 -99.20
C THR I 49 -15.04 35.50 -99.81
N THR I 50 -14.63 35.60 -101.06
CA THR I 50 -14.64 36.91 -101.73
C THR I 50 -16.07 37.39 -101.94
N ILE I 51 -17.00 36.47 -102.17
CA ILE I 51 -18.40 36.85 -102.35
C ILE I 51 -18.95 37.48 -101.07
N ILE I 52 -18.71 36.83 -99.94
CA ILE I 52 -19.19 37.36 -98.67
C ILE I 52 -18.47 38.65 -98.32
N LYS I 53 -17.19 38.75 -98.67
CA LYS I 53 -16.42 39.98 -98.45
C LYS I 53 -17.02 41.15 -99.21
N GLU I 54 -17.35 40.94 -100.48
CA GLU I 54 -17.97 42.01 -101.27
C GLU I 54 -19.37 42.32 -100.78
N ALA I 55 -20.13 41.29 -100.41
CA ALA I 55 -21.52 41.50 -99.99
C ALA I 55 -21.59 42.25 -98.68
N ALA I 56 -20.59 42.09 -97.82
CA ALA I 56 -20.57 42.82 -96.55
C ALA I 56 -20.37 44.32 -96.75
N ALA I 57 -19.83 44.74 -97.89
CA ALA I 57 -19.52 46.14 -98.14
C ALA I 57 -20.71 46.95 -98.63
N LYS I 58 -21.81 46.32 -99.00
CA LYS I 58 -22.90 47.04 -99.64
C LYS I 58 -24.13 47.20 -98.76
N ALA I 59 -24.34 46.32 -97.78
CA ALA I 59 -25.61 46.27 -97.08
C ALA I 59 -25.56 46.63 -95.59
N LEU I 60 -24.50 46.26 -94.87
CA LEU I 60 -24.56 46.38 -93.42
C LEU I 60 -23.45 47.24 -92.83
N ILE I 61 -22.23 47.10 -93.33
CA ILE I 61 -21.09 47.79 -92.72
C ILE I 61 -21.16 49.27 -93.05
N TYR I 62 -20.35 50.07 -92.36
CA TYR I 62 -20.30 51.52 -92.55
C TYR I 62 -21.65 52.16 -92.20
N SER I 63 -22.30 51.65 -91.16
CA SER I 63 -23.62 52.10 -90.76
C SER I 63 -23.71 52.08 -89.24
N ASP I 64 -24.93 52.33 -88.73
CA ASP I 64 -25.14 52.33 -87.29
C ASP I 64 -25.13 50.93 -86.71
N LEU I 65 -25.27 49.91 -87.56
CA LEU I 65 -25.22 48.53 -87.09
C LEU I 65 -23.85 48.20 -86.50
N THR I 66 -22.80 48.70 -87.13
CA THR I 66 -21.43 48.43 -86.68
C THR I 66 -20.97 49.35 -85.56
N ARG I 67 -21.74 50.38 -85.25
CA ARG I 67 -21.40 51.32 -84.20
C ARG I 67 -21.93 50.82 -82.85
N PRO I 68 -21.55 51.48 -81.76
CA PRO I 68 -22.12 51.12 -80.45
C PRO I 68 -23.63 51.27 -80.43
N GLY I 69 -24.30 50.34 -79.78
CA GLY I 69 -25.74 50.24 -79.83
C GLY I 69 -26.26 49.44 -81.02
N GLY I 70 -25.38 49.01 -81.92
CA GLY I 70 -25.79 48.21 -83.06
C GLY I 70 -25.74 46.73 -82.77
N MEN I 71 -26.53 45.97 -83.53
CA MEN I 71 -26.64 44.54 -83.31
C MEN I 71 -25.34 43.83 -83.66
O MEN I 71 -24.90 42.86 -83.03
CB MEN I 71 -27.75 43.87 -84.13
CG MEN I 71 -28.10 42.52 -83.51
OD1 MEN I 71 -28.06 41.49 -84.20
ND2 MEN I 71 -28.45 42.52 -82.18
CE2 MEN I 71 -28.80 41.32 -81.46
N MET I 72 -24.69 44.35 -84.70
CA MET I 72 -23.47 43.74 -85.21
C MET I 72 -22.23 44.32 -84.54
N TYR I 73 -22.45 45.24 -83.60
CA TYR I 73 -21.36 45.81 -82.81
C TYR I 73 -20.72 44.70 -81.97
N THR I 74 -19.42 44.87 -81.69
CA THR I 74 -18.59 43.93 -80.93
C THR I 74 -18.15 42.74 -81.78
N THR I 75 -17.00 42.16 -81.43
CA THR I 75 -16.36 41.13 -82.25
C THR I 75 -17.23 39.88 -82.36
N ARG I 76 -17.84 39.45 -81.25
CA ARG I 76 -18.66 38.25 -81.24
C ARG I 76 -19.89 38.40 -82.14
N ARG I 77 -20.58 39.53 -82.02
CA ARG I 77 -21.75 39.77 -82.85
C ARG I 77 -21.38 39.92 -84.31
N TYR I 78 -20.25 40.57 -84.61
CA TYR I 78 -19.82 40.72 -86.00
C TYR I 78 -19.52 39.36 -86.63
N ALA I 79 -18.77 38.53 -85.91
CA ALA I 79 -18.46 37.19 -86.42
C ALA I 79 -19.72 36.35 -86.56
N ALA I 80 -20.66 36.50 -85.63
CA ALA I 80 -21.93 35.77 -85.73
C ALA I 80 -22.71 36.19 -86.96
N CYS I 81 -22.74 37.50 -87.26
CA CYS I 81 -23.44 37.96 -88.45
C CYS I 81 -22.80 37.41 -89.72
N ILE I 82 -21.46 37.42 -89.79
CA ILE I 82 -20.82 36.85 -90.98
C ILE I 82 -21.02 35.34 -91.07
N ARG I 83 -21.06 34.64 -89.94
CA ARG I 83 -21.35 33.20 -89.96
C ARG I 83 -22.76 32.94 -90.46
N ASP I 84 -23.71 33.77 -90.04
CA ASP I 84 -25.08 33.65 -90.53
C ASP I 84 -25.15 33.88 -92.03
N MET I 85 -24.38 34.86 -92.52
CA MET I 85 -24.35 35.12 -93.97
C MET I 85 -23.78 33.93 -94.72
N ASP I 86 -22.72 33.32 -94.18
CA ASP I 86 -22.16 32.12 -94.81
C ASP I 86 -23.16 30.97 -94.77
N TYR I 87 -23.90 30.84 -93.67
CA TYR I 87 -24.98 29.86 -93.59
C TYR I 87 -25.99 30.05 -94.70
N PHE I 88 -26.42 31.29 -94.90
CA PHE I 88 -27.42 31.60 -95.92
C PHE I 88 -26.88 31.28 -97.30
N LEU I 89 -25.62 31.63 -97.57
CA LEU I 89 -25.03 31.35 -98.88
C LEU I 89 -24.93 29.85 -99.16
N ARG I 90 -24.43 29.10 -98.17
CA ARG I 90 -24.25 27.66 -98.37
C ARG I 90 -25.60 26.96 -98.52
N TYR I 91 -26.59 27.32 -97.70
CA TYR I 91 -27.88 26.67 -97.79
C TYR I 91 -28.63 27.10 -99.04
N ALA I 92 -28.38 28.32 -99.52
CA ALA I 92 -28.93 28.72 -100.81
C ALA I 92 -28.31 27.89 -101.94
N THR I 93 -27.02 27.61 -101.85
CA THR I 93 -26.39 26.71 -102.81
C THR I 93 -27.02 25.33 -102.78
N TYR I 94 -27.28 24.82 -101.57
CA TYR I 94 -27.93 23.51 -101.46
C TYR I 94 -29.34 23.53 -102.06
N ALA I 95 -30.10 24.59 -101.78
CA ALA I 95 -31.45 24.69 -102.32
C ALA I 95 -31.42 24.80 -103.84
N MET I 96 -30.45 25.54 -104.38
CA MET I 96 -30.33 25.69 -105.82
C MET I 96 -29.96 24.36 -106.46
N LEU I 97 -29.08 23.59 -105.81
CA LEU I 97 -28.64 22.33 -106.39
C LEU I 97 -29.74 21.28 -106.32
N ALA I 98 -30.58 21.34 -105.28
CA ALA I 98 -31.65 20.37 -105.14
C ALA I 98 -32.91 20.79 -105.88
N GLY I 99 -33.01 22.05 -106.29
CA GLY I 99 -34.21 22.53 -106.96
C GLY I 99 -35.44 22.54 -106.09
N ASP I 100 -35.29 22.82 -104.80
CA ASP I 100 -36.44 22.80 -103.91
C ASP I 100 -36.12 23.56 -102.63
N PRO I 101 -36.91 24.56 -102.26
CA PRO I 101 -36.77 25.24 -100.96
C PRO I 101 -37.04 24.37 -99.73
N SER I 102 -37.32 23.07 -99.88
CA SER I 102 -37.69 22.24 -98.73
C SER I 102 -36.57 22.16 -97.71
N ILE I 103 -35.32 22.06 -98.17
CA ILE I 103 -34.19 22.07 -97.23
C ILE I 103 -34.10 23.41 -96.51
N LEU I 104 -34.39 24.51 -97.21
CA LEU I 104 -34.37 25.82 -96.59
C LEU I 104 -35.44 25.93 -95.50
N ASP I 105 -36.63 25.41 -95.76
CA ASP I 105 -37.69 25.42 -94.75
C ASP I 105 -37.35 24.49 -93.59
N GLU I 106 -36.73 23.34 -93.89
CA GLU I 106 -36.45 22.35 -92.86
C GLU I 106 -35.35 22.80 -91.91
N ARG I 107 -34.25 23.33 -92.45
CA ARG I 107 -33.03 23.47 -91.67
C ARG I 107 -32.50 24.89 -91.57
N VAL I 108 -33.22 25.87 -92.12
CA VAL I 108 -32.80 27.26 -92.02
C VAL I 108 -33.92 28.10 -91.42
N LEU I 109 -35.10 28.05 -92.04
CA LEU I 109 -36.17 28.96 -91.66
C LEU I 109 -36.84 28.58 -90.35
N ASN I 110 -36.85 27.29 -90.00
CA ASN I 110 -37.60 26.83 -88.83
C ASN I 110 -37.03 27.37 -87.53
N GLY I 111 -37.84 28.12 -86.79
CA GLY I 111 -37.40 28.74 -85.55
C GLY I 111 -36.59 30.00 -85.71
N LEU I 112 -36.26 30.37 -86.95
CA LEU I 112 -35.28 31.43 -87.18
C LEU I 112 -35.84 32.80 -86.83
N LYS I 113 -37.08 33.09 -87.26
CA LYS I 113 -37.61 34.43 -87.02
C LYS I 113 -37.90 34.67 -85.54
N GLU I 114 -38.40 33.65 -84.84
CA GLU I 114 -38.60 33.83 -83.40
C GLU I 114 -37.27 33.87 -82.66
N THR I 115 -36.26 33.14 -83.16
CA THR I 115 -34.93 33.24 -82.56
C THR I 115 -34.36 34.65 -82.72
N TYR I 116 -34.50 35.24 -83.90
CA TYR I 116 -34.04 36.61 -84.10
C TYR I 116 -34.86 37.59 -83.28
N ASN I 117 -36.15 37.32 -83.09
CA ASN I 117 -36.97 38.16 -82.22
C ASN I 117 -36.46 38.12 -80.79
N SER I 118 -36.12 36.92 -80.31
CA SER I 118 -35.60 36.80 -78.94
C SER I 118 -34.22 37.43 -78.81
N LEU I 119 -33.41 37.38 -79.85
CA LEU I 119 -32.05 37.93 -79.77
C LEU I 119 -31.97 39.41 -80.10
N GLY I 120 -33.01 39.99 -80.71
CA GLY I 120 -32.99 41.40 -81.07
C GLY I 120 -32.31 41.73 -82.38
N VAL I 121 -32.00 40.74 -83.20
CA VAL I 121 -31.28 40.93 -84.46
C VAL I 121 -32.18 41.66 -85.46
N PRO I 122 -31.64 42.57 -86.28
CA PRO I 122 -32.48 43.27 -87.28
C PRO I 122 -32.85 42.38 -88.46
N ILE I 123 -34.12 42.00 -88.53
CA ILE I 123 -34.58 41.15 -89.63
C ILE I 123 -34.50 41.89 -90.96
N ALA I 124 -34.78 43.19 -90.94
CA ALA I 124 -34.65 43.99 -92.16
C ALA I 124 -33.20 44.05 -92.64
N ALA I 125 -32.26 44.21 -91.70
CA ALA I 125 -30.85 44.20 -92.06
C ALA I 125 -30.43 42.85 -92.63
N THR I 126 -30.90 41.75 -92.02
CA THR I 126 -30.59 40.43 -92.55
C THR I 126 -31.18 40.24 -93.95
N VAL I 127 -32.38 40.75 -94.18
CA VAL I 127 -33.00 40.66 -95.50
C VAL I 127 -32.18 41.42 -96.53
N GLY I 128 -31.72 42.63 -96.17
CA GLY I 128 -30.88 43.39 -97.07
C GLY I 128 -29.57 42.70 -97.38
N GLY I 129 -28.93 42.11 -96.37
CA GLY I 129 -27.72 41.35 -96.62
C GLY I 129 -27.95 40.15 -97.52
N ILE I 130 -29.06 39.45 -97.32
CA ILE I 130 -29.39 38.29 -98.15
C ILE I 130 -29.60 38.70 -99.60
N GLN I 131 -30.33 39.80 -99.81
CA GLN I 131 -30.49 40.31 -101.17
C GLN I 131 -29.18 40.75 -101.81
N ALA I 132 -28.30 41.42 -101.04
CA ALA I 132 -27.03 41.86 -101.61
C ALA I 132 -26.15 40.68 -102.00
N MET I 133 -26.12 39.64 -101.16
CA MET I 133 -25.51 38.38 -101.56
C MET I 133 -26.17 37.84 -102.82
N LYS I 134 -27.49 38.04 -102.95
CA LYS I 134 -28.19 37.57 -104.14
C LYS I 134 -27.70 38.28 -105.41
N GLU I 135 -27.52 39.61 -105.36
CA GLU I 135 -27.00 40.29 -106.54
C GLU I 135 -25.58 39.85 -106.83
N VAL I 136 -24.75 39.67 -105.78
CA VAL I 136 -23.37 39.25 -106.01
C VAL I 136 -23.31 37.88 -106.68
N VAL I 137 -24.17 36.96 -106.22
CA VAL I 137 -24.22 35.62 -106.80
C VAL I 137 -24.75 35.67 -108.23
N GLY I 138 -25.77 36.51 -108.48
CA GLY I 138 -26.30 36.63 -109.82
C GLY I 138 -25.33 37.23 -110.81
N GLY I 139 -24.53 38.19 -110.35
CA GLY I 139 -23.47 38.75 -111.17
C GLY I 139 -22.38 37.73 -111.47
N LEU I 140 -22.00 36.94 -110.46
CA LEU I 140 -20.91 36.00 -110.66
C LEU I 140 -21.33 34.84 -111.56
N VAL I 141 -22.51 34.26 -111.31
CA VAL I 141 -22.91 33.06 -112.04
C VAL I 141 -23.18 33.33 -113.51
N GLY I 142 -23.69 34.51 -113.87
CA GLY I 142 -23.94 34.84 -115.24
C GLY I 142 -25.38 34.58 -115.65
N PRO I 143 -25.69 34.87 -116.91
CA PRO I 143 -27.07 34.69 -117.41
C PRO I 143 -27.60 33.26 -117.32
N ASP I 144 -26.70 32.28 -117.37
CA ASP I 144 -27.10 30.89 -117.45
C ASP I 144 -27.90 30.42 -116.24
N ALA I 145 -27.47 30.80 -115.04
CA ALA I 145 -28.14 30.39 -113.81
C ALA I 145 -28.43 31.53 -112.84
N ALA I 146 -28.48 32.78 -113.32
CA ALA I 146 -28.67 33.91 -112.41
C ALA I 146 -30.05 33.88 -111.77
N LYS I 147 -31.10 33.71 -112.57
CA LYS I 147 -32.46 33.66 -112.05
C LYS I 147 -32.64 32.44 -111.14
N GLU I 148 -32.09 31.30 -111.55
CA GLU I 148 -32.21 30.08 -110.74
C GLU I 148 -31.53 30.24 -109.40
N ALA I 149 -30.37 30.89 -109.36
CA ALA I 149 -29.71 31.15 -108.09
C ALA I 149 -30.51 32.15 -107.26
N SER I 150 -31.07 33.17 -107.92
CA SER I 150 -31.69 34.27 -107.19
C SER I 150 -33.03 33.88 -106.58
N ILE I 151 -33.71 32.88 -107.15
CA ILE I 151 -35.03 32.51 -106.64
C ILE I 151 -34.95 31.97 -105.22
N TYR I 152 -33.90 31.23 -104.88
CA TYR I 152 -33.77 30.70 -103.53
C TYR I 152 -33.38 31.75 -102.51
N PHE I 153 -32.56 32.73 -102.90
CA PHE I 153 -32.32 33.88 -102.03
C PHE I 153 -33.61 34.66 -101.81
N ASP I 154 -34.43 34.80 -102.85
CA ASP I 154 -35.73 35.43 -102.70
C ASP I 154 -36.62 34.64 -101.75
N TYR I 155 -36.59 33.31 -101.83
CA TYR I 155 -37.34 32.47 -100.91
C TYR I 155 -36.88 32.68 -99.48
N LEU I 156 -35.56 32.75 -99.26
CA LEU I 156 -35.03 33.01 -97.92
C LEU I 156 -35.49 34.36 -97.39
N SER I 157 -35.39 35.41 -98.21
CA SER I 157 -35.82 36.73 -97.79
C SER I 157 -37.31 36.80 -97.49
N SER I 158 -38.13 36.20 -98.35
CA SER I 158 -39.58 36.17 -98.11
C SER I 158 -39.96 35.35 -96.89
N GLY I 159 -39.27 34.24 -96.62
CA GLY I 159 -39.54 33.50 -95.41
C GLY I 159 -39.16 34.25 -94.16
N LEU I 160 -38.01 34.94 -94.19
CA LEU I 160 -37.61 35.75 -93.04
C LEU I 160 -38.56 36.92 -92.80
N SER I 161 -38.97 37.60 -93.87
CA SER I 161 -39.86 38.75 -93.76
C SER I 161 -41.32 38.30 -93.60
N MET J 1 -24.19 38.66 -66.51
CA MET J 1 -24.72 39.58 -65.51
C MET J 1 -23.83 40.80 -65.39
N GLN J 2 -24.21 41.75 -64.54
CA GLN J 2 -23.42 42.95 -64.33
C GLN J 2 -23.43 43.33 -62.86
N ASP J 3 -22.41 44.10 -62.48
CA ASP J 3 -22.32 44.75 -61.19
C ASP J 3 -22.36 46.25 -61.43
N ALA J 4 -22.09 47.04 -60.38
CA ALA J 4 -22.07 48.49 -60.54
C ALA J 4 -20.99 48.93 -61.52
N ILE J 5 -19.79 48.34 -61.41
CA ILE J 5 -18.67 48.73 -62.25
C ILE J 5 -18.97 48.41 -63.71
N THR J 6 -19.18 47.12 -64.03
CA THR J 6 -19.39 46.74 -65.43
C THR J 6 -20.70 47.29 -65.96
N ALA J 7 -21.66 47.58 -65.08
CA ALA J 7 -22.87 48.28 -65.50
C ALA J 7 -22.51 49.67 -66.01
N VAL J 8 -21.63 50.38 -65.30
CA VAL J 8 -21.17 51.68 -65.78
C VAL J 8 -20.42 51.54 -67.09
N ILE J 9 -19.56 50.52 -67.20
CA ILE J 9 -18.77 50.32 -68.43
C ILE J 9 -19.70 50.06 -69.62
N ASN J 10 -20.71 49.20 -69.45
CA ASN J 10 -21.60 48.89 -70.56
C ASN J 10 -22.47 50.11 -70.86
N ASN J 11 -22.93 50.81 -69.83
CA ASN J 11 -23.80 51.96 -70.04
C ASN J 11 -23.07 53.11 -70.73
N TYR J 12 -21.75 53.15 -70.64
CA TYR J 12 -21.00 54.14 -71.42
C TYR J 12 -20.55 53.59 -72.77
N ASP J 13 -20.32 52.29 -72.88
CA ASP J 13 -19.91 51.70 -74.14
C ASP J 13 -21.04 51.69 -75.15
N VAL J 14 -22.29 51.68 -74.66
CA VAL J 14 -23.43 51.66 -75.56
C VAL J 14 -23.51 52.91 -76.42
N GLN J 15 -23.10 54.07 -75.89
CA GLN J 15 -23.02 55.28 -76.70
C GLN J 15 -21.57 55.68 -77.01
N GLY J 16 -20.60 54.87 -76.61
CA GLY J 16 -19.22 55.17 -76.96
C GLY J 16 -18.68 56.40 -76.29
N LYS J 17 -18.98 56.59 -75.00
CA LYS J 17 -18.52 57.74 -74.24
C LYS J 17 -17.41 57.31 -73.28
N TYR J 18 -16.35 58.10 -73.25
CA TYR J 18 -15.28 57.85 -72.28
C TYR J 18 -15.78 58.14 -70.87
N LEU J 19 -15.10 57.55 -69.88
CA LEU J 19 -15.49 57.74 -68.49
C LEU J 19 -15.28 59.19 -68.09
N ASP J 20 -16.36 59.82 -67.61
CA ASP J 20 -16.37 61.22 -67.24
C ASP J 20 -16.49 61.36 -65.72
N GLY J 21 -16.66 62.61 -65.27
CA GLY J 21 -16.76 62.88 -63.84
C GLY J 21 -17.93 62.18 -63.18
N ALA J 22 -19.09 62.17 -63.84
CA ALA J 22 -20.25 61.49 -63.27
C ALA J 22 -20.03 60.00 -63.15
N ALA J 23 -19.45 59.38 -64.19
CA ALA J 23 -19.20 57.95 -64.16
C ALA J 23 -18.21 57.59 -63.06
N LEU J 24 -17.11 58.36 -62.96
CA LEU J 24 -16.14 58.11 -61.89
C LEU J 24 -16.75 58.37 -60.52
N ASP J 25 -17.71 59.29 -60.43
CA ASP J 25 -18.43 59.48 -59.17
C ASP J 25 -19.23 58.24 -58.80
N LYS J 26 -19.91 57.63 -59.78
CA LYS J 26 -20.65 56.40 -59.51
C LYS J 26 -19.70 55.28 -59.07
N LEU J 27 -18.56 55.14 -59.75
CA LEU J 27 -17.60 54.10 -59.37
C LEU J 27 -17.05 54.36 -57.96
N LYS J 28 -16.76 55.62 -57.63
CA LYS J 28 -16.28 55.96 -56.29
C LYS J 28 -17.34 55.64 -55.24
N ALA J 29 -18.61 55.95 -55.54
CA ALA J 29 -19.69 55.66 -54.61
C ALA J 29 -19.85 54.16 -54.40
N TYR J 30 -19.62 53.36 -55.43
CA TYR J 30 -19.64 51.91 -55.24
C TYR J 30 -18.44 51.44 -54.42
N PHE J 31 -17.25 51.96 -54.73
CA PHE J 31 -16.04 51.47 -54.08
C PHE J 31 -15.99 51.85 -52.60
N THR J 32 -16.59 52.98 -52.22
CA THR J 32 -16.47 53.43 -50.85
C THR J 32 -17.25 52.58 -49.85
N THR J 33 -18.17 51.73 -50.33
CA THR J 33 -19.07 51.01 -49.45
C THR J 33 -18.96 49.50 -49.55
N GLY J 34 -18.14 48.97 -50.46
CA GLY J 34 -18.16 47.54 -50.72
C GLY J 34 -17.48 46.73 -49.63
N ALA J 35 -16.62 47.38 -48.83
CA ALA J 35 -15.97 46.68 -47.73
C ALA J 35 -16.99 46.18 -46.71
N VAL J 36 -17.99 47.01 -46.41
CA VAL J 36 -19.11 46.57 -45.58
C VAL J 36 -19.87 45.45 -46.28
N ARG J 37 -19.94 45.51 -47.62
CA ARG J 37 -20.51 44.40 -48.38
C ARG J 37 -19.73 43.12 -48.15
N VAL J 38 -18.40 43.21 -48.13
CA VAL J 38 -17.56 42.02 -47.93
C VAL J 38 -17.80 41.44 -46.54
N ARG J 39 -17.85 42.30 -45.53
CA ARG J 39 -18.09 41.82 -44.17
C ARG J 39 -19.48 41.19 -44.04
N ALA J 40 -20.49 41.82 -44.63
CA ALA J 40 -21.85 41.27 -44.57
C ALA J 40 -21.94 39.94 -45.30
N ALA J 41 -21.27 39.83 -46.45
CA ALA J 41 -21.26 38.56 -47.18
C ALA J 41 -20.56 37.47 -46.40
N ALA J 42 -19.45 37.80 -45.73
CA ALA J 42 -18.78 36.81 -44.89
C ALA J 42 -19.67 36.35 -43.73
N VAL J 43 -20.37 37.29 -43.08
CA VAL J 43 -21.26 36.94 -41.99
C VAL J 43 -22.41 36.05 -42.49
N ILE J 44 -22.97 36.39 -43.65
CA ILE J 44 -24.08 35.61 -44.19
C ILE J 44 -23.61 34.20 -44.57
N SER J 45 -22.42 34.10 -45.16
CA SER J 45 -21.89 32.79 -45.51
C SER J 45 -21.63 31.95 -44.27
N SER J 46 -21.11 32.57 -43.21
CA SER J 46 -20.88 31.82 -41.97
C SER J 46 -22.18 31.44 -41.27
N ASN J 47 -23.26 32.20 -41.46
CA ASN J 47 -24.52 31.92 -40.79
C ASN J 47 -25.66 31.55 -41.73
N ALA J 48 -25.37 30.94 -42.88
CA ALA J 48 -26.38 30.61 -43.88
C ALA J 48 -27.48 29.70 -43.36
N THR J 49 -27.12 28.58 -42.71
CA THR J 49 -28.12 27.62 -42.29
C THR J 49 -28.98 28.16 -41.15
N THR J 50 -28.37 28.92 -40.24
CA THR J 50 -29.12 29.50 -39.13
C THR J 50 -30.16 30.49 -39.62
N ILE J 51 -29.82 31.31 -40.62
CA ILE J 51 -30.77 32.28 -41.17
C ILE J 51 -31.96 31.56 -41.78
N ILE J 52 -31.71 30.48 -42.53
CA ILE J 52 -32.79 29.69 -43.11
C ILE J 52 -33.65 29.08 -42.01
N LYS J 53 -33.01 28.63 -40.92
CA LYS J 53 -33.75 28.02 -39.82
C LYS J 53 -34.71 29.01 -39.17
N GLU J 54 -34.21 30.19 -38.79
CA GLU J 54 -35.09 31.17 -38.17
C GLU J 54 -36.14 31.71 -39.13
N ALA J 55 -35.79 31.90 -40.40
CA ALA J 55 -36.78 32.36 -41.37
C ALA J 55 -37.90 31.35 -41.54
N ALA J 56 -37.56 30.06 -41.66
CA ALA J 56 -38.59 29.03 -41.75
C ALA J 56 -39.42 28.96 -40.47
N ALA J 57 -38.78 29.04 -39.31
CA ALA J 57 -39.49 28.94 -38.05
C ALA J 57 -40.45 30.11 -37.84
N LYS J 58 -40.09 31.28 -38.35
CA LYS J 58 -40.94 32.46 -38.18
C LYS J 58 -42.02 32.57 -39.25
N ALA J 59 -41.77 32.10 -40.47
CA ALA J 59 -42.69 32.37 -41.57
C ALA J 59 -43.41 31.16 -42.14
N LEU J 60 -42.85 29.95 -42.07
CA LEU J 60 -43.43 28.84 -42.81
C LEU J 60 -43.97 27.74 -41.90
N ILE J 61 -43.10 27.17 -41.06
CA ILE J 61 -43.45 25.99 -40.29
C ILE J 61 -44.25 26.37 -39.05
N TYR J 62 -44.84 25.36 -38.38
CA TYR J 62 -45.93 25.53 -37.42
C TYR J 62 -47.17 26.11 -38.11
N SER J 63 -47.51 25.57 -39.27
CA SER J 63 -48.66 26.06 -40.02
C SER J 63 -49.25 24.90 -40.82
N ASP J 64 -50.23 25.23 -41.68
CA ASP J 64 -50.84 24.22 -42.53
C ASP J 64 -49.94 23.83 -43.68
N LEU J 65 -48.89 24.62 -43.95
CA LEU J 65 -47.95 24.28 -45.01
C LEU J 65 -47.24 22.97 -44.73
N THR J 66 -46.86 22.74 -43.47
CA THR J 66 -46.18 21.52 -43.07
C THR J 66 -47.14 20.38 -42.77
N ARG J 67 -48.43 20.65 -42.65
CA ARG J 67 -49.42 19.62 -42.37
C ARG J 67 -49.87 18.97 -43.67
N PRO J 68 -50.65 17.88 -43.58
CA PRO J 68 -51.22 17.29 -44.78
C PRO J 68 -52.11 18.28 -45.52
N GLY J 69 -52.05 18.24 -46.85
CA GLY J 69 -52.70 19.22 -47.68
C GLY J 69 -51.89 20.46 -47.94
N GLY J 70 -50.77 20.63 -47.27
CA GLY J 70 -49.90 21.77 -47.49
C GLY J 70 -48.89 21.52 -48.60
N MEN J 71 -48.25 22.58 -49.06
CA MEN J 71 -47.30 22.47 -50.13
C MEN J 71 -45.95 21.99 -49.61
O MEN J 71 -45.14 21.36 -50.29
CB MEN J 71 -47.05 23.78 -50.92
CG MEN J 71 -46.43 23.48 -52.26
OD1 MEN J 71 -45.33 23.98 -52.58
ND2 MEN J 71 -47.12 22.65 -53.12
CE2 MEN J 71 -46.66 22.29 -54.42
N MET J 72 -45.70 22.31 -48.34
CA MET J 72 -44.44 21.98 -47.71
C MET J 72 -44.53 20.62 -47.02
N TYR J 73 -45.69 19.97 -47.12
CA TYR J 73 -45.90 18.68 -46.49
C TYR J 73 -45.00 17.64 -47.16
N THR J 74 -44.57 16.65 -46.36
CA THR J 74 -43.65 15.57 -46.73
C THR J 74 -42.21 16.06 -46.77
N THR J 75 -41.28 15.15 -46.41
CA THR J 75 -39.87 15.51 -46.31
C THR J 75 -39.29 15.95 -47.65
N ARG J 76 -39.77 15.38 -48.75
CA ARG J 76 -39.27 15.78 -50.07
C ARG J 76 -39.58 17.24 -50.35
N ARG J 77 -40.83 17.64 -50.16
CA ARG J 77 -41.19 19.04 -50.37
C ARG J 77 -40.55 19.96 -49.35
N TYR J 78 -40.35 19.48 -48.11
CA TYR J 78 -39.66 20.28 -47.11
C TYR J 78 -38.22 20.56 -47.54
N ALA J 79 -37.51 19.52 -48.00
CA ALA J 79 -36.14 19.71 -48.46
C ALA J 79 -36.09 20.59 -49.70
N ALA J 80 -37.08 20.46 -50.59
CA ALA J 80 -37.14 21.33 -51.76
C ALA J 80 -37.30 22.78 -51.35
N CYS J 81 -38.20 23.05 -50.40
CA CYS J 81 -38.42 24.44 -49.98
C CYS J 81 -37.21 25.00 -49.27
N ILE J 82 -36.53 24.20 -48.45
CA ILE J 82 -35.31 24.69 -47.81
C ILE J 82 -34.18 24.89 -48.81
N ARG J 83 -34.07 24.06 -49.85
CA ARG J 83 -33.05 24.30 -50.87
C ARG J 83 -33.35 25.59 -51.62
N ASP J 84 -34.62 25.86 -51.90
CA ASP J 84 -35.00 27.13 -52.51
C ASP J 84 -34.67 28.30 -51.59
N MET J 85 -34.89 28.10 -50.29
CA MET J 85 -34.54 29.08 -49.25
C MET J 85 -33.06 29.44 -49.35
N ASP J 86 -32.21 28.40 -49.37
CA ASP J 86 -30.76 28.59 -49.44
C ASP J 86 -30.36 29.27 -50.75
N TYR J 87 -31.00 28.90 -51.86
CA TYR J 87 -30.68 29.50 -53.16
C TYR J 87 -31.01 30.98 -53.17
N PHE J 88 -32.17 31.35 -52.61
CA PHE J 88 -32.55 32.76 -52.51
C PHE J 88 -31.55 33.52 -51.66
N LEU J 89 -31.13 32.92 -50.54
CA LEU J 89 -30.15 33.59 -49.68
C LEU J 89 -28.82 33.80 -50.39
N ARG J 90 -28.34 32.77 -51.10
CA ARG J 90 -27.05 32.87 -51.77
C ARG J 90 -27.09 33.88 -52.91
N TYR J 91 -28.18 33.89 -53.68
CA TYR J 91 -28.26 34.84 -54.78
C TYR J 91 -28.47 36.26 -54.28
N ALA J 92 -29.16 36.42 -53.15
CA ALA J 92 -29.25 37.74 -52.53
C ALA J 92 -27.88 38.23 -52.08
N THR J 93 -27.06 37.32 -51.53
CA THR J 93 -25.70 37.69 -51.17
C THR J 93 -24.87 38.08 -52.38
N TYR J 94 -25.01 37.33 -53.49
CA TYR J 94 -24.30 37.68 -54.71
C TYR J 94 -24.73 39.06 -55.23
N ALA J 95 -26.04 39.34 -55.18
CA ALA J 95 -26.55 40.62 -55.66
C ALA J 95 -26.05 41.77 -54.79
N MET J 96 -26.03 41.55 -53.47
CA MET J 96 -25.54 42.60 -52.57
C MET J 96 -24.04 42.83 -52.77
N LEU J 97 -23.28 41.76 -53.02
CA LEU J 97 -21.86 41.94 -53.29
C LEU J 97 -21.64 42.71 -54.59
N ALA J 98 -22.39 42.36 -55.64
CA ALA J 98 -22.20 43.00 -56.93
C ALA J 98 -22.78 44.41 -56.99
N GLY J 99 -23.70 44.74 -56.10
CA GLY J 99 -24.38 46.03 -56.18
C GLY J 99 -25.25 46.18 -57.42
N ASP J 100 -25.95 45.11 -57.81
CA ASP J 100 -26.81 45.15 -58.98
C ASP J 100 -27.71 43.92 -59.01
N PRO J 101 -29.01 44.09 -59.27
CA PRO J 101 -29.92 42.93 -59.33
C PRO J 101 -29.93 42.23 -60.68
N SER J 102 -28.97 42.50 -61.55
CA SER J 102 -28.94 41.86 -62.86
C SER J 102 -28.78 40.36 -62.76
N ILE J 103 -27.91 39.90 -61.85
CA ILE J 103 -27.75 38.46 -61.65
C ILE J 103 -29.02 37.84 -61.09
N LEU J 104 -29.72 38.56 -60.20
CA LEU J 104 -30.98 38.07 -59.68
C LEU J 104 -32.02 37.91 -60.79
N ASP J 105 -32.10 38.90 -61.69
CA ASP J 105 -33.03 38.79 -62.81
C ASP J 105 -32.65 37.67 -63.76
N GLU J 106 -31.36 37.52 -64.03
CA GLU J 106 -30.92 36.57 -65.05
C GLU J 106 -31.02 35.13 -64.57
N ARG J 107 -30.65 34.87 -63.32
CA ARG J 107 -30.55 33.49 -62.84
C ARG J 107 -31.52 33.14 -61.72
N VAL J 108 -32.41 34.03 -61.32
CA VAL J 108 -33.35 33.70 -60.25
C VAL J 108 -34.79 33.92 -60.70
N LEU J 109 -35.10 35.14 -61.13
CA LEU J 109 -36.48 35.49 -61.41
C LEU J 109 -36.94 34.96 -62.77
N ASN J 110 -36.02 34.56 -63.64
CA ASN J 110 -36.39 34.12 -64.97
C ASN J 110 -37.02 32.73 -64.92
N GLY J 111 -38.33 32.67 -65.13
CA GLY J 111 -39.07 31.41 -65.12
C GLY J 111 -39.55 30.96 -63.77
N LEU J 112 -39.16 31.64 -62.69
CA LEU J 112 -39.54 31.18 -61.36
C LEU J 112 -41.03 31.39 -61.12
N LYS J 113 -41.62 32.46 -61.66
CA LYS J 113 -43.01 32.77 -61.35
C LYS J 113 -43.96 31.73 -61.94
N GLU J 114 -43.94 31.55 -63.26
CA GLU J 114 -44.82 30.55 -63.84
C GLU J 114 -44.33 29.14 -63.53
N THR J 115 -43.06 28.96 -63.15
CA THR J 115 -42.64 27.66 -62.64
C THR J 115 -43.35 27.32 -61.34
N TYR J 116 -43.40 28.28 -60.41
CA TYR J 116 -44.14 28.06 -59.16
C TYR J 116 -45.64 27.93 -59.44
N ASN J 117 -46.14 28.64 -60.44
CA ASN J 117 -47.54 28.50 -60.80
C ASN J 117 -47.85 27.10 -61.31
N SER J 118 -46.97 26.54 -62.14
CA SER J 118 -47.18 25.20 -62.67
C SER J 118 -46.91 24.13 -61.61
N LEU J 119 -46.14 24.46 -60.58
CA LEU J 119 -45.84 23.49 -59.54
C LEU J 119 -46.76 23.59 -58.32
N GLY J 120 -47.54 24.65 -58.21
CA GLY J 120 -48.43 24.84 -57.07
C GLY J 120 -47.81 25.51 -55.88
N VAL J 121 -46.62 26.10 -56.02
CA VAL J 121 -45.91 26.72 -54.89
C VAL J 121 -46.66 27.97 -54.44
N PRO J 122 -46.87 28.15 -53.12
CA PRO J 122 -47.50 29.39 -52.65
C PRO J 122 -46.55 30.58 -52.68
N ILE J 123 -46.78 31.48 -53.63
CA ILE J 123 -45.89 32.62 -53.83
C ILE J 123 -45.91 33.54 -52.62
N ALA J 124 -47.07 33.67 -51.98
CA ALA J 124 -47.16 34.46 -50.75
C ALA J 124 -46.27 33.85 -49.66
N ALA J 125 -46.28 32.53 -49.53
CA ALA J 125 -45.42 31.87 -48.55
C ALA J 125 -43.94 32.07 -48.87
N THR J 126 -43.56 31.98 -50.16
CA THR J 126 -42.17 32.23 -50.51
C THR J 126 -41.76 33.68 -50.23
N VAL J 127 -42.66 34.62 -50.50
CA VAL J 127 -42.36 36.03 -50.22
C VAL J 127 -42.19 36.25 -48.73
N GLY J 128 -43.07 35.64 -47.91
CA GLY J 128 -42.92 35.74 -46.47
C GLY J 128 -41.63 35.14 -45.97
N GLY J 129 -41.22 33.99 -46.53
CA GLY J 129 -39.93 33.42 -46.18
C GLY J 129 -38.76 34.31 -46.58
N ILE J 130 -38.85 34.97 -47.73
CA ILE J 130 -37.79 35.86 -48.17
C ILE J 130 -37.68 37.06 -47.23
N GLN J 131 -38.82 37.62 -46.83
CA GLN J 131 -38.78 38.73 -45.88
C GLN J 131 -38.30 38.30 -44.51
N ALA J 132 -38.59 37.08 -44.08
CA ALA J 132 -38.01 36.57 -42.84
C ALA J 132 -36.50 36.45 -42.97
N MET J 133 -36.03 36.00 -44.15
CA MET J 133 -34.59 36.01 -44.44
C MET J 133 -34.02 37.40 -44.28
N LYS J 134 -34.68 38.39 -44.86
CA LYS J 134 -34.17 39.76 -44.83
C LYS J 134 -34.15 40.30 -43.41
N GLU J 135 -35.15 39.96 -42.60
CA GLU J 135 -35.18 40.38 -41.20
C GLU J 135 -34.01 39.79 -40.43
N VAL J 136 -33.78 38.49 -40.58
CA VAL J 136 -32.68 37.84 -39.85
C VAL J 136 -31.34 38.37 -40.32
N VAL J 137 -31.21 38.62 -41.62
CA VAL J 137 -29.93 39.10 -42.16
C VAL J 137 -29.66 40.52 -41.70
N GLY J 138 -30.70 41.37 -41.66
CA GLY J 138 -30.54 42.71 -41.13
C GLY J 138 -30.20 42.72 -39.65
N GLY J 139 -30.75 41.78 -38.90
CA GLY J 139 -30.37 41.63 -37.51
C GLY J 139 -28.92 41.22 -37.34
N LEU J 140 -28.45 40.32 -38.21
CA LEU J 140 -27.08 39.80 -38.06
C LEU J 140 -26.04 40.81 -38.51
N VAL J 141 -26.19 41.37 -39.72
CA VAL J 141 -25.12 42.17 -40.30
C VAL J 141 -24.94 43.51 -39.62
N GLY J 142 -26.01 44.10 -39.09
CA GLY J 142 -25.90 45.39 -38.43
C GLY J 142 -26.25 46.55 -39.33
N PRO J 143 -26.17 47.78 -38.78
CA PRO J 143 -26.55 48.98 -39.54
C PRO J 143 -25.74 49.20 -40.81
N ASP J 144 -24.48 48.74 -40.82
CA ASP J 144 -23.56 49.06 -41.90
C ASP J 144 -24.03 48.51 -43.24
N ALA J 145 -24.50 47.26 -43.26
CA ALA J 145 -24.96 46.63 -44.48
C ALA J 145 -26.44 46.23 -44.45
N ALA J 146 -27.22 46.75 -43.50
CA ALA J 146 -28.60 46.29 -43.34
C ALA J 146 -29.46 46.67 -44.54
N LYS J 147 -29.44 47.95 -44.93
CA LYS J 147 -30.27 48.38 -46.05
C LYS J 147 -29.77 47.83 -47.38
N GLU J 148 -28.45 47.69 -47.55
CA GLU J 148 -27.92 47.11 -48.78
C GLU J 148 -28.30 45.64 -48.91
N ALA J 149 -28.28 44.90 -47.81
CA ALA J 149 -28.74 43.52 -47.84
C ALA J 149 -30.24 43.47 -48.11
N SER J 150 -31.01 44.36 -47.49
CA SER J 150 -32.47 44.24 -47.53
C SER J 150 -33.04 44.66 -48.87
N ILE J 151 -32.35 45.55 -49.60
CA ILE J 151 -32.89 46.03 -50.87
C ILE J 151 -32.99 44.90 -51.89
N TYR J 152 -32.02 43.99 -51.93
CA TYR J 152 -32.10 42.90 -52.88
C TYR J 152 -33.08 41.80 -52.46
N PHE J 153 -33.29 41.58 -51.16
CA PHE J 153 -34.37 40.72 -50.74
C PHE J 153 -35.72 41.31 -51.14
N ASP J 154 -35.87 42.63 -50.99
CA ASP J 154 -37.08 43.30 -51.49
C ASP J 154 -37.20 43.17 -53.00
N TYR J 155 -36.09 43.22 -53.72
CA TYR J 155 -36.10 43.02 -55.16
C TYR J 155 -36.62 41.64 -55.52
N LEU J 156 -36.13 40.61 -54.81
CA LEU J 156 -36.60 39.26 -55.04
C LEU J 156 -38.08 39.12 -54.73
N SER J 157 -38.52 39.69 -53.61
CA SER J 157 -39.94 39.64 -53.24
C SER J 157 -40.84 40.34 -54.25
N SER J 158 -40.42 41.52 -54.73
CA SER J 158 -41.18 42.24 -55.74
C SER J 158 -41.18 41.55 -57.09
N GLY J 159 -40.07 40.92 -57.49
CA GLY J 159 -40.07 40.15 -58.72
C GLY J 159 -40.97 38.94 -58.64
N LEU J 160 -40.96 38.22 -57.53
CA LEU J 160 -41.84 37.08 -57.35
C LEU J 160 -43.31 37.50 -57.30
N SER J 161 -43.61 38.59 -56.60
CA SER J 161 -44.99 39.06 -56.48
C SER J 161 -45.42 39.87 -57.71
N SER K 2 61.41 38.03 -31.41
CA SER K 2 60.58 37.03 -32.07
C SER K 2 59.30 36.76 -31.28
N VAL K 3 58.35 36.09 -31.93
CA VAL K 3 57.09 35.75 -31.26
C VAL K 3 57.34 34.81 -30.10
N VAL K 4 58.22 33.82 -30.27
CA VAL K 4 58.55 32.90 -29.20
C VAL K 4 59.19 33.64 -28.04
N LEU K 5 60.09 34.58 -28.35
CA LEU K 5 60.74 35.38 -27.31
C LEU K 5 59.72 36.20 -26.54
N THR K 6 58.77 36.82 -27.25
CA THR K 6 57.75 37.63 -26.61
C THR K 6 56.86 36.77 -25.71
N THR K 7 56.47 35.59 -26.18
CA THR K 7 55.62 34.72 -25.37
C THR K 7 56.35 34.21 -24.14
N ILE K 8 57.61 33.80 -24.30
CA ILE K 8 58.37 33.29 -23.18
C ILE K 8 58.68 34.39 -22.18
N MET K 9 58.79 35.64 -22.67
CA MET K 9 58.98 36.76 -21.76
C MET K 9 57.80 36.92 -20.81
N ASN K 10 56.58 36.92 -21.35
CA ASN K 10 55.39 37.00 -20.50
C ASN K 10 55.27 35.79 -19.59
N ALA K 11 55.53 34.58 -20.12
CA ALA K 11 55.40 33.37 -19.32
C ALA K 11 56.38 33.38 -18.15
N ASP K 12 57.62 33.78 -18.38
CA ASP K 12 58.60 33.80 -17.30
C ASP K 12 58.35 34.97 -16.35
N GLN K 13 57.82 36.08 -16.86
CA GLN K 13 57.49 37.20 -15.99
C GLN K 13 56.38 36.85 -15.02
N GLN K 14 55.37 36.12 -15.49
CA GLN K 14 54.27 35.69 -14.64
C GLN K 14 54.54 34.35 -13.97
N LEU K 15 55.71 33.76 -14.23
CA LEU K 15 56.13 32.52 -13.60
C LEU K 15 55.17 31.38 -13.91
N ARG K 16 54.99 31.08 -15.20
CA ARG K 16 54.07 30.04 -15.60
C ARG K 16 54.45 29.53 -16.99
N TYR K 17 53.88 28.39 -17.34
CA TYR K 17 54.08 27.80 -18.67
C TYR K 17 53.35 28.64 -19.71
N PRO K 18 53.55 28.39 -21.01
CA PRO K 18 52.74 29.07 -22.01
C PRO K 18 51.27 28.67 -21.90
N SER K 19 50.39 29.49 -22.45
CA SER K 19 48.95 29.34 -22.24
C SER K 19 48.33 28.57 -23.40
N VAL K 20 47.05 28.23 -23.25
CA VAL K 20 46.33 27.46 -24.24
C VAL K 20 46.01 28.32 -25.46
N GLY K 21 45.97 29.63 -25.28
CA GLY K 21 45.75 30.52 -26.41
C GLY K 21 47.07 31.01 -26.93
N GLU K 22 48.13 30.75 -26.16
CA GLU K 22 49.48 31.18 -26.54
C GLU K 22 50.14 30.21 -27.51
N LEU K 23 49.97 28.91 -27.31
CA LEU K 23 50.46 27.93 -28.27
C LEU K 23 49.72 27.99 -29.60
N GLU K 24 48.44 28.36 -29.59
CA GLU K 24 47.71 28.57 -30.85
C GLU K 24 48.31 29.67 -31.69
N GLN K 25 48.83 30.73 -31.06
CA GLN K 25 49.58 31.77 -31.75
C GLN K 25 51.01 31.38 -32.08
N ILE K 26 51.66 30.60 -31.22
CA ILE K 26 53.03 30.16 -31.50
C ILE K 26 53.06 29.24 -32.71
N LYS K 27 52.05 28.39 -32.88
CA LYS K 27 51.97 27.51 -34.04
C LYS K 27 51.58 28.28 -35.31
N ASN K 28 50.71 29.27 -35.20
CA ASN K 28 50.30 30.08 -36.35
C ASN K 28 51.40 31.00 -36.84
N PHE K 29 52.41 31.29 -36.00
CA PHE K 29 53.56 32.07 -36.40
C PHE K 29 54.49 31.31 -37.33
N MET K 30 54.52 29.98 -37.25
CA MET K 30 55.40 29.16 -38.06
C MET K 30 54.77 28.70 -39.36
N GLU K 31 53.46 28.47 -39.38
CA GLU K 31 52.80 27.94 -40.57
C GLU K 31 52.84 28.91 -41.75
N ASP K 32 52.84 30.21 -41.49
CA ASP K 32 53.00 31.22 -42.52
C ASP K 32 54.45 31.58 -42.76
N SER K 33 55.38 30.95 -42.04
CA SER K 33 56.80 31.24 -42.22
C SER K 33 57.28 30.81 -43.60
N ALA K 34 56.70 29.74 -44.14
CA ALA K 34 57.08 29.27 -45.48
C ALA K 34 56.76 30.32 -46.53
N LEU K 35 55.59 30.94 -46.43
CA LEU K 35 55.25 32.03 -47.33
C LEU K 35 56.12 33.26 -47.05
N ARG K 36 56.29 33.59 -45.76
CA ARG K 36 56.95 34.85 -45.41
C ARG K 36 58.45 34.83 -45.71
N LEU K 37 59.04 33.63 -45.85
CA LEU K 37 60.47 33.53 -46.08
C LEU K 37 60.87 34.16 -47.41
N LYS K 38 60.07 33.92 -48.46
CA LYS K 38 60.36 34.53 -49.75
C LYS K 38 59.94 35.99 -49.77
N VAL K 39 59.07 36.40 -48.85
CA VAL K 39 58.63 37.80 -48.81
C VAL K 39 59.80 38.72 -48.47
N ALA K 40 60.53 38.40 -47.41
CA ALA K 40 61.69 39.21 -47.06
C ALA K 40 62.87 38.92 -47.98
N LYS K 41 62.87 37.74 -48.62
CA LYS K 41 63.94 37.40 -49.55
C LYS K 41 63.92 38.33 -50.75
N THR K 42 62.73 38.65 -51.26
CA THR K 42 62.61 39.61 -52.35
C THR K 42 63.08 40.99 -51.91
N LEU K 43 62.66 41.41 -50.72
CA LEU K 43 63.15 42.67 -50.17
C LEU K 43 64.64 42.58 -49.85
N SER K 44 65.11 41.39 -49.47
CA SER K 44 66.54 41.21 -49.20
C SER K 44 67.35 41.40 -50.47
N ASP K 45 66.86 40.89 -51.60
CA ASP K 45 67.58 41.04 -52.85
C ASP K 45 67.14 42.29 -53.59
N ALA K 46 67.06 43.41 -52.88
CA ALA K 46 66.90 44.73 -53.49
C ALA K 46 67.64 45.77 -52.67
N ASN K 47 68.34 45.29 -51.64
CA ASN K 47 68.79 46.11 -50.50
C ASN K 47 69.64 47.30 -50.88
N ASP K 48 70.46 47.16 -51.92
CA ASP K 48 71.30 48.25 -52.40
C ASP K 48 70.66 48.97 -53.58
N ARG K 49 69.36 48.80 -53.77
CA ARG K 49 68.66 49.46 -54.86
C ARG K 49 67.49 50.29 -54.34
N VAL K 50 66.75 49.74 -53.37
CA VAL K 50 65.58 50.44 -52.83
C VAL K 50 66.02 51.73 -52.12
N VAL K 51 67.08 51.64 -51.31
CA VAL K 51 67.55 52.82 -50.60
C VAL K 51 68.19 53.82 -51.56
N LYS K 52 68.81 53.32 -52.63
CA LYS K 52 69.45 54.19 -53.61
C LYS K 52 68.40 55.01 -54.34
N GLN K 53 67.27 54.39 -54.68
CA GLN K 53 66.19 55.13 -55.31
C GLN K 53 65.38 55.94 -54.30
N ALA K 54 65.43 55.57 -53.01
CA ALA K 54 64.81 56.36 -51.94
C ALA K 54 65.56 57.65 -51.64
N SER K 55 66.88 57.67 -51.88
CA SER K 55 67.65 58.89 -51.68
C SER K 55 67.13 60.03 -52.55
N ALA K 56 66.94 59.77 -53.84
CA ALA K 56 66.40 60.77 -54.74
C ALA K 56 64.94 61.10 -54.45
N GLY K 57 64.20 60.18 -53.87
CA GLY K 57 62.83 60.45 -53.49
C GLY K 57 62.66 61.28 -52.25
N LEU K 58 63.59 61.21 -51.30
CA LEU K 58 63.46 62.03 -50.10
C LEU K 58 64.22 63.34 -50.21
N PHE K 59 65.40 63.32 -50.82
CA PHE K 59 66.21 64.53 -50.88
C PHE K 59 65.63 65.53 -51.86
N GLN K 60 64.86 65.05 -52.84
CA GLN K 60 64.13 65.96 -53.72
C GLN K 60 62.92 66.56 -53.02
N ARG K 61 62.27 65.77 -52.15
CA ARG K 61 61.11 66.25 -51.40
C ARG K 61 61.55 67.33 -50.42
N ARG K 62 62.45 66.98 -49.51
CA ARG K 62 63.01 67.96 -48.58
C ARG K 62 64.36 68.41 -49.12
N PRO K 63 64.41 69.52 -49.86
CA PRO K 63 65.67 69.96 -50.48
C PRO K 63 66.65 70.63 -49.54
N ASP K 64 66.28 70.84 -48.27
CA ASP K 64 67.18 71.45 -47.30
C ASP K 64 68.09 70.44 -46.63
N LEU K 65 67.94 69.15 -46.93
CA LEU K 65 68.86 68.14 -46.42
C LEU K 65 70.14 68.05 -47.21
N ASN K 66 70.18 68.62 -48.41
CA ASN K 66 71.37 68.61 -49.27
C ASN K 66 71.69 70.02 -49.73
N ASN K 67 71.67 70.96 -48.81
CA ASN K 67 71.93 72.36 -49.09
C ASN K 67 72.98 72.86 -48.11
N PRO K 68 73.49 74.09 -48.29
CA PRO K 68 74.52 74.63 -47.39
C PRO K 68 74.12 74.66 -45.92
N GLY K 69 72.84 74.87 -45.64
CA GLY K 69 72.36 74.84 -44.27
C GLY K 69 71.75 73.52 -43.88
N GLY K 70 72.12 72.45 -44.59
CA GLY K 70 71.54 71.14 -44.40
C GLY K 70 72.45 70.21 -43.63
N ASN K 71 71.84 69.20 -43.01
CA ASN K 71 72.62 68.24 -42.22
C ASN K 71 73.36 67.25 -43.11
N ALA K 72 72.78 66.89 -44.25
CA ALA K 72 73.41 65.95 -45.16
C ALA K 72 74.11 66.63 -46.33
N TYR K 73 74.66 67.82 -46.11
CA TYR K 73 75.33 68.56 -47.17
C TYR K 73 76.68 67.92 -47.45
N GLY K 74 76.94 67.61 -48.72
CA GLY K 74 78.17 66.97 -49.13
C GLY K 74 77.96 65.50 -49.45
N GLU K 75 78.93 64.95 -50.19
CA GLU K 75 78.85 63.57 -50.64
C GLU K 75 78.92 62.59 -49.46
N LYS K 76 79.92 62.76 -48.59
CA LYS K 76 80.07 61.88 -47.45
C LYS K 76 78.96 62.05 -46.42
N ARG K 77 78.35 63.23 -46.36
CA ARG K 77 77.20 63.45 -45.48
C ARG K 77 75.94 62.82 -46.06
N LEU K 78 75.77 62.85 -47.38
CA LEU K 78 74.70 62.08 -48.02
C LEU K 78 74.88 60.58 -47.79
N GLY K 79 76.12 60.11 -47.87
CA GLY K 79 76.42 58.70 -47.66
C GLY K 79 75.98 58.18 -46.30
N SER K 80 76.14 58.97 -45.25
CA SER K 80 75.65 58.60 -43.92
C SER K 80 74.15 58.45 -43.87
N CYS K 81 73.40 59.35 -44.50
CA CYS K 81 71.94 59.24 -44.53
C CYS K 81 71.51 58.00 -45.31
N ILE K 82 72.15 57.74 -46.45
CA ILE K 82 71.80 56.55 -47.22
C ILE K 82 72.17 55.29 -46.45
N ARG K 83 73.28 55.32 -45.71
CA ARG K 83 73.64 54.17 -44.90
C ARG K 83 72.66 53.95 -43.76
N ASP K 84 72.12 55.04 -43.20
CA ASP K 84 71.06 54.91 -42.20
C ASP K 84 69.81 54.29 -42.80
N LEU K 85 69.44 54.71 -44.02
CA LEU K 85 68.30 54.11 -44.70
C LEU K 85 68.53 52.61 -44.92
N GLY K 86 69.74 52.24 -45.33
CA GLY K 86 70.06 50.84 -45.50
C GLY K 86 69.99 50.07 -44.18
N TRP K 87 70.46 50.69 -43.10
CA TRP K 87 70.41 50.06 -41.78
C TRP K 87 68.97 49.79 -41.36
N TYR K 88 68.11 50.79 -41.52
CA TYR K 88 66.72 50.60 -41.12
C TYR K 88 65.99 49.62 -42.02
N TYR K 89 66.34 49.59 -43.31
CA TYR K 89 65.78 48.58 -44.21
C TYR K 89 66.19 47.18 -43.78
N ARG K 90 67.47 47.01 -43.42
CA ARG K 90 67.96 45.73 -42.94
C ARG K 90 67.25 45.32 -41.64
N LEU K 91 67.07 46.27 -40.73
CA LEU K 91 66.41 45.96 -39.46
C LEU K 91 64.96 45.58 -39.68
N ILE K 92 64.27 46.26 -40.60
CA ILE K 92 62.86 45.96 -40.84
C ILE K 92 62.72 44.61 -41.53
N THR K 93 63.70 44.24 -42.36
CA THR K 93 63.72 42.89 -42.91
C THR K 93 63.98 41.85 -41.82
N TYR K 94 64.87 42.17 -40.89
CA TYR K 94 65.14 41.27 -39.77
C TYR K 94 63.88 41.06 -38.94
N SER K 95 63.08 42.11 -38.79
CA SER K 95 61.82 42.00 -38.05
C SER K 95 60.77 41.23 -38.83
N ILE K 96 60.72 41.40 -40.17
CA ILE K 96 59.70 40.70 -40.95
C ILE K 96 60.04 39.22 -41.05
N VAL K 97 61.32 38.86 -40.86
CA VAL K 97 61.67 37.45 -40.77
C VAL K 97 61.68 37.03 -39.30
N ALA K 98 61.11 37.86 -38.43
CA ALA K 98 61.14 37.57 -37.00
C ALA K 98 59.75 37.39 -36.41
N GLY K 99 58.84 38.30 -36.74
CA GLY K 99 57.56 38.33 -36.05
C GLY K 99 57.28 39.68 -35.41
N ASN K 100 57.32 39.73 -34.08
CA ASN K 100 57.03 40.97 -33.38
C ASN K 100 58.14 42.00 -33.59
N ASN K 101 58.01 43.13 -32.91
CA ASN K 101 58.82 44.33 -33.16
C ASN K 101 60.29 44.17 -32.78
N GLU K 102 60.62 43.06 -32.12
CA GLU K 102 61.87 42.73 -31.43
C GLU K 102 63.15 43.17 -32.14
N PRO K 103 63.41 42.74 -33.41
CA PRO K 103 64.69 43.07 -34.05
C PRO K 103 64.93 44.56 -34.24
N VAL K 104 63.89 45.30 -34.59
CA VAL K 104 64.03 46.74 -34.79
C VAL K 104 63.96 47.49 -33.47
N GLU K 105 62.97 47.16 -32.64
CA GLU K 105 62.76 47.89 -31.39
C GLU K 105 63.92 47.70 -30.42
N ARG K 106 64.43 46.46 -30.32
CA ARG K 106 65.49 46.17 -29.36
C ARG K 106 66.83 46.71 -29.82
N ILE K 107 67.06 46.81 -31.12
CA ILE K 107 68.37 47.19 -31.63
C ILE K 107 68.40 48.66 -32.01
N GLY K 108 67.57 49.04 -32.98
CA GLY K 108 67.63 50.39 -33.51
C GLY K 108 66.33 51.15 -33.45
N LEU K 109 65.56 50.98 -32.37
CA LEU K 109 64.37 51.80 -32.16
C LEU K 109 64.26 52.40 -30.76
N THR K 110 64.77 51.75 -29.71
CA THR K 110 64.60 52.24 -28.35
C THR K 110 65.66 53.29 -28.04
N GLY K 111 65.36 54.53 -28.41
CA GLY K 111 66.23 55.64 -28.09
C GLY K 111 66.78 56.38 -29.29
N ILE K 112 66.07 56.35 -30.42
CA ILE K 112 66.50 57.13 -31.58
C ILE K 112 66.46 58.61 -31.26
N PHE K 113 65.47 59.04 -30.48
CA PHE K 113 65.43 60.41 -29.99
C PHE K 113 66.68 60.75 -29.19
N GLU K 114 67.12 59.84 -28.32
CA GLU K 114 68.33 60.08 -27.54
C GLU K 114 69.59 60.07 -28.41
N MET K 115 69.65 59.24 -29.45
CA MET K 115 70.79 59.28 -30.35
C MET K 115 70.84 60.61 -31.08
N TYR K 116 69.70 61.07 -31.58
CA TYR K 116 69.69 62.29 -32.39
C TYR K 116 69.77 63.53 -31.50
N ARG K 117 69.57 63.35 -30.19
CA ARG K 117 69.70 64.39 -29.17
C ARG K 117 71.04 65.11 -29.24
N VAL K 118 72.09 64.39 -29.63
CA VAL K 118 73.42 64.98 -29.78
C VAL K 118 73.89 64.84 -31.23
N LEU K 119 73.02 64.34 -32.10
CA LEU K 119 73.39 64.07 -33.48
C LEU K 119 72.77 65.03 -34.49
N GLU K 120 71.62 65.63 -34.17
CA GLU K 120 71.01 66.66 -35.03
C GLU K 120 70.63 66.10 -36.40
N VAL K 121 69.71 65.13 -36.42
CA VAL K 121 69.17 64.62 -37.68
C VAL K 121 67.66 64.61 -37.60
N PRO K 122 66.95 65.21 -38.57
CA PRO K 122 65.53 65.53 -38.37
C PRO K 122 64.61 64.32 -38.31
N ILE K 123 63.96 64.15 -37.15
CA ILE K 123 62.96 63.09 -37.00
C ILE K 123 61.79 63.25 -37.96
N PRO K 124 61.20 64.44 -38.14
CA PRO K 124 60.15 64.57 -39.16
C PRO K 124 60.60 64.26 -40.58
N ALA K 125 61.88 64.46 -40.90
CA ALA K 125 62.41 64.00 -42.19
C ALA K 125 62.54 62.48 -42.23
N MET K 126 62.95 61.88 -41.10
CA MET K 126 63.03 60.41 -41.04
C MET K 126 61.65 59.78 -41.16
N ILE K 127 60.62 60.50 -40.70
CA ILE K 127 59.24 60.01 -40.86
C ILE K 127 58.90 59.85 -42.33
N GLU K 128 59.19 60.87 -43.12
CA GLU K 128 58.93 60.78 -44.55
C GLU K 128 59.86 59.79 -45.23
N SER K 129 61.08 59.63 -44.71
CA SER K 129 62.00 58.63 -45.27
C SER K 129 61.44 57.23 -45.09
N MET K 130 60.96 56.91 -43.89
CA MET K 130 60.41 55.58 -43.64
C MET K 130 59.08 55.40 -44.37
N ARG K 131 58.30 56.48 -44.50
CA ARG K 131 57.09 56.44 -45.32
C ARG K 131 57.42 56.08 -46.76
N LEU K 132 58.46 56.72 -47.30
CA LEU K 132 58.87 56.45 -48.68
C LEU K 132 59.37 55.03 -48.82
N LEU K 133 60.15 54.55 -47.85
CA LEU K 133 60.66 53.18 -47.89
C LEU K 133 59.53 52.17 -47.88
N LYS K 134 58.55 52.39 -46.99
CA LYS K 134 57.35 51.58 -46.96
C LYS K 134 56.60 51.63 -48.28
N LYS K 135 56.56 52.79 -48.94
CA LYS K 135 55.85 52.91 -50.21
C LYS K 135 56.61 52.31 -51.39
N GLU K 136 57.95 52.30 -51.36
CA GLU K 136 58.72 51.84 -52.51
C GLU K 136 59.09 50.38 -52.35
N ALA K 137 58.79 49.78 -51.20
CA ALA K 137 59.12 48.37 -51.07
C ALA K 137 57.96 47.41 -51.32
N LEU K 138 56.71 47.88 -51.33
CA LEU K 138 55.62 46.92 -51.53
C LEU K 138 55.47 46.54 -52.99
N GLU K 139 55.78 47.45 -53.91
CA GLU K 139 55.50 47.25 -55.33
C GLU K 139 56.25 46.05 -55.91
N LEU K 140 57.39 45.70 -55.33
CA LEU K 140 58.07 44.46 -55.70
C LEU K 140 57.24 43.24 -55.31
N LEU K 141 56.38 43.37 -54.30
CA LEU K 141 55.54 42.27 -53.85
C LEU K 141 54.16 42.31 -54.52
N SER K 142 53.46 41.18 -54.43
CA SER K 142 52.07 41.09 -54.85
C SER K 142 51.20 41.67 -53.74
N PRO K 143 49.94 42.02 -54.01
CA PRO K 143 49.06 42.49 -52.93
C PRO K 143 48.87 41.48 -51.82
N ALA K 144 48.92 40.18 -52.13
CA ALA K 144 48.91 39.16 -51.09
C ALA K 144 50.13 39.31 -50.18
N GLU K 145 51.30 39.55 -50.77
CA GLU K 145 52.48 39.86 -49.96
C GLU K 145 52.43 41.29 -49.42
N ALA K 146 51.74 42.20 -50.10
CA ALA K 146 51.62 43.57 -49.61
C ALA K 146 50.86 43.60 -48.28
N GLU K 147 49.87 42.73 -48.13
CA GLU K 147 49.16 42.63 -46.86
C GLU K 147 50.08 42.11 -45.76
N ILE K 148 51.10 41.33 -46.12
CA ILE K 148 52.02 40.76 -45.16
C ILE K 148 53.27 41.62 -45.07
N ALA K 149 53.20 42.84 -45.63
CA ALA K 149 54.36 43.72 -45.64
C ALA K 149 54.03 45.09 -45.07
N ALA K 150 52.82 45.59 -45.34
CA ALA K 150 52.41 46.94 -44.93
C ALA K 150 52.48 47.19 -43.42
N PRO K 151 51.90 46.36 -42.55
CA PRO K 151 52.06 46.57 -41.10
C PRO K 151 53.50 46.53 -40.64
N TYR K 152 54.32 45.63 -41.18
CA TYR K 152 55.73 45.53 -40.82
C TYR K 152 56.52 46.80 -41.11
N PHE K 153 56.08 47.59 -42.10
CA PHE K 153 56.67 48.90 -42.37
C PHE K 153 55.97 50.01 -41.61
N ASP K 154 54.73 49.78 -41.18
CA ASP K 154 53.98 50.82 -40.49
C ASP K 154 54.58 51.12 -39.11
N TYR K 155 55.27 50.16 -38.51
CA TYR K 155 55.70 50.33 -37.12
C TYR K 155 56.75 51.42 -36.97
N VAL K 156 57.64 51.58 -37.95
CA VAL K 156 58.69 52.57 -37.82
C VAL K 156 58.11 53.98 -37.79
N ILE K 157 57.23 54.29 -38.75
CA ILE K 157 56.58 55.59 -38.79
C ILE K 157 55.43 55.72 -37.81
N GLY K 158 55.07 54.64 -37.12
CA GLY K 158 54.12 54.77 -36.02
C GLY K 158 54.81 54.97 -34.69
N ALA K 159 56.04 54.46 -34.57
CA ALA K 159 56.83 54.60 -33.36
C ALA K 159 57.50 55.97 -33.33
N MET K 160 58.27 56.29 -34.37
CA MET K 160 58.82 57.64 -34.43
C MET K 160 57.72 58.61 -34.86
N GLN K 161 57.13 59.27 -33.87
CA GLN K 161 55.97 60.14 -34.12
C GLN K 161 55.57 60.88 -32.85
N SER L 2 -15.65 42.58 -64.41
CA SER L 2 -14.68 43.04 -63.42
C SER L 2 -14.24 41.89 -62.51
N VAL L 3 -13.47 42.24 -61.49
CA VAL L 3 -13.00 41.23 -60.54
C VAL L 3 -14.16 40.59 -59.79
N VAL L 4 -15.15 41.39 -59.41
CA VAL L 4 -16.33 40.86 -58.71
C VAL L 4 -17.08 39.89 -59.61
N LEU L 5 -17.25 40.25 -60.88
CA LEU L 5 -17.90 39.35 -61.83
C LEU L 5 -17.12 38.05 -62.00
N THR L 6 -15.80 38.14 -62.12
CA THR L 6 -14.99 36.95 -62.33
C THR L 6 -15.05 36.04 -61.11
N THR L 7 -15.06 36.61 -59.91
CA THR L 7 -15.14 35.79 -58.70
C THR L 7 -16.53 35.17 -58.54
N ILE L 8 -17.59 35.96 -58.78
CA ILE L 8 -18.94 35.46 -58.58
C ILE L 8 -19.28 34.41 -59.63
N MET L 9 -18.73 34.54 -60.84
CA MET L 9 -18.95 33.53 -61.87
C MET L 9 -18.39 32.18 -61.45
N ASN L 10 -17.16 32.17 -60.92
CA ASN L 10 -16.59 30.93 -60.42
C ASN L 10 -17.38 30.39 -59.24
N ALA L 11 -17.80 31.26 -58.32
CA ALA L 11 -18.55 30.82 -57.14
C ALA L 11 -19.88 30.18 -57.54
N ASP L 12 -20.58 30.78 -58.50
CA ASP L 12 -21.86 30.22 -58.93
C ASP L 12 -21.66 28.99 -59.80
N GLN L 13 -20.55 28.93 -60.54
CA GLN L 13 -20.26 27.74 -61.34
C GLN L 13 -20.01 26.54 -60.45
N GLN L 14 -19.29 26.74 -59.34
CA GLN L 14 -19.04 25.66 -58.39
C GLN L 14 -20.14 25.55 -57.34
N LEU L 15 -21.16 26.41 -57.42
CA LEU L 15 -22.32 26.35 -56.54
C LEU L 15 -21.94 26.54 -55.08
N ARG L 16 -21.32 27.68 -54.76
CA ARG L 16 -20.86 27.93 -53.41
C ARG L 16 -20.72 29.43 -53.20
N TYR L 17 -20.58 29.82 -51.94
CA TYR L 17 -20.34 31.21 -51.57
C TYR L 17 -18.92 31.61 -51.97
N PRO L 18 -18.57 32.90 -51.88
CA PRO L 18 -17.18 33.27 -52.12
C PRO L 18 -16.24 32.68 -51.08
N SER L 19 -14.95 32.60 -51.42
CA SER L 19 -14.00 31.81 -50.63
C SER L 19 -13.29 32.69 -49.62
N VAL L 20 -12.50 32.07 -48.75
CA VAL L 20 -11.78 32.74 -47.68
C VAL L 20 -10.50 33.38 -48.23
N GLY L 21 -10.14 33.05 -49.46
CA GLY L 21 -9.03 33.71 -50.11
C GLY L 21 -9.55 34.63 -51.21
N GLU L 22 -10.80 34.40 -51.58
CA GLU L 22 -11.45 35.21 -52.60
C GLU L 22 -11.84 36.59 -52.10
N LEU L 23 -12.36 36.69 -50.87
CA LEU L 23 -12.68 37.98 -50.29
C LEU L 23 -11.44 38.82 -50.00
N GLU L 24 -10.31 38.19 -49.67
CA GLU L 24 -9.06 38.92 -49.51
C GLU L 24 -8.63 39.61 -50.79
N GLN L 25 -8.86 38.97 -51.94
CA GLN L 25 -8.64 39.59 -53.24
C GLN L 25 -9.70 40.60 -53.63
N ILE L 26 -10.96 40.35 -53.26
CA ILE L 26 -12.02 41.30 -53.57
C ILE L 26 -11.82 42.61 -52.81
N LYS L 27 -11.33 42.52 -51.57
CA LYS L 27 -11.06 43.73 -50.79
C LYS L 27 -9.81 44.47 -51.26
N ASN L 28 -8.79 43.75 -51.70
CA ASN L 28 -7.58 44.38 -52.23
C ASN L 28 -7.78 44.97 -53.61
N PHE L 29 -8.82 44.55 -54.32
CA PHE L 29 -9.19 45.15 -55.59
C PHE L 29 -9.74 46.55 -55.44
N MET L 30 -10.34 46.86 -54.29
CA MET L 30 -10.97 48.16 -54.04
C MET L 30 -10.03 49.16 -53.38
N GLU L 31 -9.14 48.72 -52.49
CA GLU L 31 -8.29 49.65 -51.75
C GLU L 31 -7.32 50.40 -52.64
N ASP L 32 -6.91 49.81 -53.77
CA ASP L 32 -6.09 50.50 -54.75
C ASP L 32 -6.93 51.20 -55.81
N SER L 33 -8.26 51.10 -55.73
CA SER L 33 -9.12 51.78 -56.68
C SER L 33 -9.01 53.30 -56.54
N ALA L 34 -8.76 53.79 -55.32
CA ALA L 34 -8.60 55.22 -55.10
C ALA L 34 -7.41 55.77 -55.88
N LEU L 35 -6.29 55.04 -55.88
CA LEU L 35 -5.16 55.42 -56.71
C LEU L 35 -5.49 55.23 -58.18
N ARG L 36 -6.07 54.09 -58.53
CA ARG L 36 -6.23 53.73 -59.94
C ARG L 36 -7.25 54.62 -60.65
N LEU L 37 -8.12 55.29 -59.90
CA LEU L 37 -9.12 56.15 -60.52
C LEU L 37 -8.48 57.31 -61.27
N LYS L 38 -7.44 57.91 -60.68
CA LYS L 38 -6.72 58.96 -61.39
C LYS L 38 -5.82 58.38 -62.47
N VAL L 39 -5.37 57.14 -62.31
CA VAL L 39 -4.51 56.52 -63.32
C VAL L 39 -5.28 56.35 -64.63
N ALA L 40 -6.46 55.74 -64.57
CA ALA L 40 -7.26 55.61 -65.77
C ALA L 40 -7.84 56.96 -66.20
N LYS L 41 -7.98 57.88 -65.25
CA LYS L 41 -8.50 59.21 -65.58
C LYS L 41 -7.53 59.97 -66.47
N THR L 42 -6.23 59.85 -66.19
CA THR L 42 -5.22 60.61 -66.94
C THR L 42 -5.19 60.20 -68.41
N LEU L 43 -5.32 58.91 -68.68
CA LEU L 43 -5.43 58.46 -70.07
C LEU L 43 -6.74 58.91 -70.70
N SER L 44 -7.76 59.21 -69.88
CA SER L 44 -9.05 59.60 -70.41
C SER L 44 -8.97 60.94 -71.14
N ASP L 45 -8.31 61.94 -70.55
CA ASP L 45 -8.24 63.23 -71.21
C ASP L 45 -6.98 63.33 -72.07
N ALA L 46 -6.73 62.29 -72.87
CA ALA L 46 -5.73 62.34 -73.93
C ALA L 46 -6.23 61.54 -75.12
N ASN L 47 -7.44 61.00 -74.98
CA ASN L 47 -7.97 59.93 -75.84
C ASN L 47 -7.97 60.29 -77.32
N ASP L 48 -8.16 61.57 -77.63
CA ASP L 48 -8.09 62.04 -79.01
C ASP L 48 -6.72 62.60 -79.35
N ARG L 49 -5.71 62.28 -78.55
CA ARG L 49 -4.36 62.77 -78.80
C ARG L 49 -3.35 61.61 -78.89
N VAL L 50 -3.51 60.61 -78.02
CA VAL L 50 -2.60 59.46 -78.03
C VAL L 50 -2.75 58.67 -79.32
N VAL L 51 -4.00 58.46 -79.75
CA VAL L 51 -4.26 57.74 -81.01
C VAL L 51 -3.74 58.55 -82.19
N LYS L 52 -3.92 59.87 -82.11
CA LYS L 52 -3.51 60.78 -83.16
C LYS L 52 -2.01 60.73 -83.36
N GLN L 53 -1.28 60.63 -82.25
CA GLN L 53 0.17 60.47 -82.31
C GLN L 53 0.60 59.07 -82.73
N ALA L 54 -0.13 58.03 -82.30
CA ALA L 54 0.20 56.66 -82.67
C ALA L 54 -0.01 56.40 -84.16
N SER L 55 -0.88 57.18 -84.82
CA SER L 55 -0.95 57.10 -86.28
C SER L 55 0.42 57.42 -86.90
N ALA L 56 1.06 58.49 -86.41
CA ALA L 56 2.40 58.97 -86.74
C ALA L 56 3.53 58.09 -86.19
N GLY L 57 3.23 57.16 -85.28
CA GLY L 57 4.15 56.12 -84.92
C GLY L 57 4.01 54.83 -85.69
N LEU L 58 2.87 54.62 -86.35
CA LEU L 58 2.60 53.31 -86.93
C LEU L 58 2.61 53.24 -88.45
N PHE L 59 1.93 54.18 -89.13
CA PHE L 59 1.91 54.07 -90.59
C PHE L 59 3.16 54.68 -91.23
N GLN L 60 4.15 55.15 -90.45
CA GLN L 60 5.43 55.32 -91.12
C GLN L 60 6.27 54.07 -90.92
N ARG L 61 6.13 53.40 -89.76
CA ARG L 61 6.80 52.12 -89.50
C ARG L 61 6.37 51.09 -90.53
N ARG L 62 5.07 50.92 -90.73
CA ARG L 62 4.57 50.07 -91.80
C ARG L 62 4.00 50.94 -92.91
N PRO L 63 4.78 51.31 -93.92
CA PRO L 63 4.30 52.21 -94.97
C PRO L 63 3.38 51.57 -96.00
N ASP L 64 3.27 50.24 -96.02
CA ASP L 64 2.33 49.57 -96.91
C ASP L 64 0.88 49.71 -96.46
N LEU L 65 0.64 50.20 -95.24
CA LEU L 65 -0.72 50.49 -94.80
C LEU L 65 -1.30 51.72 -95.47
N ASN L 66 -0.46 52.65 -95.92
CA ASN L 66 -0.87 53.84 -96.66
C ASN L 66 -0.17 53.90 -98.01
N ASN L 67 -0.19 52.78 -98.72
CA ASN L 67 0.36 52.64 -100.06
C ASN L 67 -0.69 51.97 -100.92
N PRO L 68 -0.55 52.05 -102.26
CA PRO L 68 -1.63 51.66 -103.18
C PRO L 68 -2.15 50.24 -103.02
N GLY L 69 -1.28 49.33 -102.58
CA GLY L 69 -1.72 47.98 -102.28
C GLY L 69 -2.09 47.79 -100.82
N GLY L 70 -2.37 48.90 -100.13
CA GLY L 70 -2.59 48.90 -98.69
C GLY L 70 -4.06 48.93 -98.33
N ASN L 71 -4.36 48.56 -97.09
CA ASN L 71 -5.75 48.48 -96.65
C ASN L 71 -6.25 49.85 -96.16
N ALA L 72 -5.33 50.75 -95.80
CA ALA L 72 -5.70 52.05 -95.26
C ALA L 72 -5.45 53.19 -96.23
N TYR L 73 -5.50 52.92 -97.53
CA TYR L 73 -5.37 53.98 -98.54
C TYR L 73 -6.65 54.82 -98.54
N GLY L 74 -6.49 56.13 -98.56
CA GLY L 74 -7.59 57.06 -98.51
C GLY L 74 -7.76 57.68 -97.13
N GLU L 75 -8.27 58.91 -97.14
CA GLU L 75 -8.45 59.62 -95.87
C GLU L 75 -9.50 58.93 -95.00
N LYS L 76 -10.62 58.52 -95.60
CA LYS L 76 -11.64 57.79 -94.86
C LYS L 76 -11.17 56.42 -94.39
N ARG L 77 -10.35 55.73 -95.19
CA ARG L 77 -9.77 54.46 -94.74
C ARG L 77 -8.80 54.64 -93.59
N LEU L 78 -7.99 55.70 -93.62
CA LEU L 78 -7.14 56.01 -92.47
C LEU L 78 -7.97 56.35 -91.24
N GLY L 79 -9.07 57.08 -91.43
CA GLY L 79 -9.97 57.40 -90.34
C GLY L 79 -10.52 56.18 -89.64
N SER L 80 -10.83 55.12 -90.39
CA SER L 80 -11.27 53.86 -89.79
C SER L 80 -10.22 53.23 -88.90
N CYS L 81 -8.95 53.20 -89.34
CA CYS L 81 -7.90 52.63 -88.50
C CYS L 81 -7.67 53.47 -87.25
N ILE L 82 -7.70 54.79 -87.39
CA ILE L 82 -7.57 55.65 -86.20
C ILE L 82 -8.76 55.48 -85.26
N ARG L 83 -9.95 55.29 -85.80
CA ARG L 83 -11.11 55.04 -84.95
C ARG L 83 -11.00 53.69 -84.25
N ASP L 84 -10.44 52.69 -84.94
CA ASP L 84 -10.18 51.41 -84.28
C ASP L 84 -9.18 51.56 -83.14
N LEU L 85 -8.13 52.36 -83.35
CA LEU L 85 -7.18 52.61 -82.27
C LEU L 85 -7.86 53.31 -81.09
N GLY L 86 -8.74 54.26 -81.39
CA GLY L 86 -9.50 54.91 -80.33
C GLY L 86 -10.39 53.95 -79.58
N TRP L 87 -10.99 53.00 -80.30
CA TRP L 87 -11.84 51.99 -79.68
C TRP L 87 -11.03 51.12 -78.73
N TYR L 88 -9.85 50.68 -79.18
CA TYR L 88 -8.96 49.88 -78.34
C TYR L 88 -8.48 50.66 -77.13
N TYR L 89 -8.17 51.94 -77.30
CA TYR L 89 -7.76 52.77 -76.18
C TYR L 89 -8.87 52.92 -75.15
N ARG L 90 -10.10 53.15 -75.64
CA ARG L 90 -11.25 53.26 -74.74
C ARG L 90 -11.49 51.95 -73.99
N LEU L 91 -11.37 50.82 -74.70
CA LEU L 91 -11.61 49.53 -74.07
C LEU L 91 -10.54 49.20 -73.02
N ILE L 92 -9.29 49.52 -73.31
CA ILE L 92 -8.22 49.24 -72.35
C ILE L 92 -8.35 50.14 -71.13
N THR L 93 -8.78 51.39 -71.33
CA THR L 93 -9.08 52.24 -70.18
C THR L 93 -10.25 51.69 -69.36
N TYR L 94 -11.28 51.18 -70.05
CA TYR L 94 -12.42 50.58 -69.37
C TYR L 94 -11.99 49.40 -68.53
N SER L 95 -11.08 48.56 -69.05
CA SER L 95 -10.57 47.43 -68.30
C SER L 95 -9.67 47.88 -67.15
N ILE L 96 -8.92 48.96 -67.35
CA ILE L 96 -8.10 49.51 -66.28
C ILE L 96 -8.97 49.96 -65.11
N VAL L 97 -10.14 50.50 -65.42
CA VAL L 97 -11.08 50.96 -64.39
C VAL L 97 -11.78 49.75 -63.78
N ALA L 98 -11.75 48.63 -64.48
CA ALA L 98 -12.61 47.50 -64.13
C ALA L 98 -11.91 46.44 -63.28
N GLY L 99 -10.65 46.12 -63.61
CA GLY L 99 -10.01 44.99 -62.98
C GLY L 99 -9.52 43.95 -63.97
N ASN L 100 -10.17 42.79 -64.00
CA ASN L 100 -9.74 41.71 -64.88
C ASN L 100 -9.96 42.08 -66.35
N ASN L 101 -9.66 41.12 -67.23
CA ASN L 101 -9.63 41.35 -68.67
C ASN L 101 -11.03 41.56 -69.27
N GLU L 102 -12.07 41.35 -68.47
CA GLU L 102 -13.51 41.35 -68.75
C GLU L 102 -13.94 42.38 -69.79
N PRO L 103 -13.69 43.70 -69.60
CA PRO L 103 -14.24 44.69 -70.53
C PRO L 103 -13.73 44.57 -71.95
N VAL L 104 -12.44 44.29 -72.12
CA VAL L 104 -11.86 44.19 -73.45
C VAL L 104 -12.15 42.83 -74.08
N GLU L 105 -11.97 41.76 -73.30
CA GLU L 105 -12.18 40.41 -73.83
C GLU L 105 -13.63 40.17 -74.21
N ARG L 106 -14.56 40.66 -73.39
CA ARG L 106 -15.97 40.38 -73.65
C ARG L 106 -16.51 41.21 -74.81
N ILE L 107 -15.90 42.37 -75.09
CA ILE L 107 -16.47 43.28 -76.07
C ILE L 107 -15.66 43.26 -77.36
N GLY L 108 -14.37 43.61 -77.29
CA GLY L 108 -13.59 43.75 -78.50
C GLY L 108 -12.33 42.91 -78.54
N LEU L 109 -12.38 41.71 -77.94
CA LEU L 109 -11.25 40.79 -78.02
C LEU L 109 -11.65 39.37 -78.43
N THR L 110 -12.84 38.89 -78.09
CA THR L 110 -13.24 37.52 -78.45
C THR L 110 -13.87 37.55 -79.85
N GLY L 111 -13.01 37.32 -80.84
CA GLY L 111 -13.44 37.28 -82.22
C GLY L 111 -12.73 38.27 -83.12
N ILE L 112 -11.51 38.66 -82.73
CA ILE L 112 -10.72 39.56 -83.57
C ILE L 112 -10.40 38.92 -84.91
N PHE L 113 -9.92 37.69 -84.89
CA PHE L 113 -9.61 36.96 -86.11
C PHE L 113 -10.85 36.72 -86.96
N GLU L 114 -11.98 36.38 -86.33
CA GLU L 114 -13.21 36.17 -87.07
C GLU L 114 -13.75 37.44 -87.71
N MET L 115 -13.61 38.59 -87.02
CA MET L 115 -13.91 39.86 -87.66
C MET L 115 -13.01 40.09 -88.86
N TYR L 116 -11.69 40.01 -88.66
CA TYR L 116 -10.75 40.44 -89.70
C TYR L 116 -10.70 39.45 -90.84
N ARG L 117 -11.24 38.25 -90.64
CA ARG L 117 -11.34 37.21 -91.66
C ARG L 117 -12.10 37.70 -92.89
N VAL L 118 -13.07 38.59 -92.66
CA VAL L 118 -13.85 39.21 -93.73
C VAL L 118 -13.52 40.70 -93.81
N LEU L 119 -12.43 41.11 -93.16
CA LEU L 119 -12.05 42.51 -93.12
C LEU L 119 -10.71 42.81 -93.80
N GLU L 120 -9.79 41.85 -93.84
CA GLU L 120 -8.48 42.03 -94.48
C GLU L 120 -7.68 43.13 -93.77
N VAL L 121 -7.46 42.95 -92.48
CA VAL L 121 -6.75 43.94 -91.67
C VAL L 121 -5.64 43.24 -90.89
N PRO L 122 -4.41 43.77 -90.90
CA PRO L 122 -3.27 42.97 -90.43
C PRO L 122 -3.19 42.82 -88.91
N ILE L 123 -3.36 41.58 -88.45
CA ILE L 123 -3.11 41.29 -87.03
C ILE L 123 -1.67 41.58 -86.62
N PRO L 124 -0.63 41.20 -87.39
CA PRO L 124 0.72 41.64 -87.05
C PRO L 124 0.91 43.15 -87.04
N ALA L 125 0.08 43.89 -87.77
CA ALA L 125 0.08 45.35 -87.69
C ALA L 125 -0.59 45.86 -86.42
N MET L 126 -1.71 45.25 -86.01
CA MET L 126 -2.30 45.58 -84.72
C MET L 126 -1.37 45.25 -83.56
N ILE L 127 -0.50 44.26 -83.74
CA ILE L 127 0.48 43.93 -82.69
C ILE L 127 1.38 45.13 -82.42
N GLU L 128 1.96 45.69 -83.48
CA GLU L 128 2.79 46.87 -83.33
C GLU L 128 1.97 48.09 -82.96
N SER L 129 0.69 48.14 -83.37
CA SER L 129 -0.17 49.25 -83.03
C SER L 129 -0.40 49.34 -81.52
N MET L 130 -0.78 48.22 -80.89
CA MET L 130 -0.92 48.20 -79.45
C MET L 130 0.42 48.28 -78.73
N ARG L 131 1.50 47.81 -79.37
CA ARG L 131 2.82 48.02 -78.81
C ARG L 131 3.13 49.51 -78.69
N LEU L 132 2.79 50.28 -79.73
CA LEU L 132 3.03 51.71 -79.72
C LEU L 132 2.03 52.43 -78.81
N LEU L 133 0.81 51.90 -78.70
CA LEU L 133 -0.16 52.46 -77.77
C LEU L 133 0.34 52.35 -76.33
N LYS L 134 0.82 51.16 -75.95
CA LYS L 134 1.45 50.97 -74.65
C LYS L 134 2.72 51.79 -74.52
N LYS L 135 3.46 51.97 -75.62
CA LYS L 135 4.68 52.76 -75.63
C LYS L 135 4.40 54.22 -75.33
N GLU L 136 3.30 54.79 -75.82
CA GLU L 136 3.06 56.22 -75.72
C GLU L 136 2.10 56.56 -74.58
N ALA L 137 1.39 55.57 -74.04
CA ALA L 137 0.41 55.88 -73.02
C ALA L 137 0.99 55.83 -71.61
N LEU L 138 2.26 55.42 -71.48
CA LEU L 138 2.83 55.25 -70.15
C LEU L 138 3.63 56.49 -69.70
N GLU L 139 4.21 57.23 -70.64
CA GLU L 139 5.01 58.40 -70.25
C GLU L 139 4.16 59.51 -69.62
N LEU L 140 2.85 59.53 -69.89
CA LEU L 140 1.98 60.45 -69.17
C LEU L 140 1.90 60.12 -67.69
N LEU L 141 2.15 58.87 -67.33
CA LEU L 141 2.12 58.41 -65.94
C LEU L 141 3.53 58.45 -65.34
N SER L 142 3.59 58.27 -64.03
CA SER L 142 4.86 58.12 -63.33
C SER L 142 5.26 56.66 -63.35
N PRO L 143 6.48 56.31 -62.91
CA PRO L 143 6.83 54.87 -62.82
C PRO L 143 5.92 54.09 -61.88
N ALA L 144 5.45 54.72 -60.81
CA ALA L 144 4.50 54.06 -59.92
C ALA L 144 3.20 53.74 -60.65
N GLU L 145 2.70 54.70 -61.43
CA GLU L 145 1.52 54.44 -62.26
C GLU L 145 1.86 53.58 -63.46
N ALA L 146 3.09 53.66 -63.97
CA ALA L 146 3.50 52.80 -65.08
C ALA L 146 3.47 51.33 -64.67
N GLU L 147 3.81 51.04 -63.41
CA GLU L 147 3.73 49.67 -62.93
C GLU L 147 2.30 49.20 -62.80
N ILE L 148 1.34 50.13 -62.71
CA ILE L 148 -0.07 49.78 -62.57
C ILE L 148 -0.76 49.95 -63.93
N ALA L 149 0.04 50.12 -64.98
CA ALA L 149 -0.52 50.32 -66.32
C ALA L 149 0.07 49.34 -67.32
N ALA L 150 1.31 48.92 -67.10
CA ALA L 150 2.02 48.03 -68.04
C ALA L 150 1.34 46.69 -68.29
N PRO L 151 0.98 45.89 -67.27
CA PRO L 151 0.27 44.63 -67.55
C PRO L 151 -1.06 44.81 -68.25
N TYR L 152 -1.82 45.84 -67.89
CA TYR L 152 -3.07 46.18 -68.56
C TYR L 152 -2.88 46.44 -70.05
N PHE L 153 -1.73 46.95 -70.46
CA PHE L 153 -1.38 47.11 -71.86
C PHE L 153 -0.83 45.84 -72.47
N ASP L 154 -0.22 44.97 -71.67
CA ASP L 154 0.39 43.77 -72.21
C ASP L 154 -0.64 42.77 -72.73
N TYR L 155 -1.88 42.84 -72.24
CA TYR L 155 -2.85 41.80 -72.54
C TYR L 155 -3.25 41.80 -74.02
N VAL L 156 -3.30 42.98 -74.64
CA VAL L 156 -3.69 43.03 -76.05
C VAL L 156 -2.68 42.30 -76.92
N ILE L 157 -1.40 42.61 -76.77
CA ILE L 157 -0.36 41.97 -77.56
C ILE L 157 -0.04 40.56 -77.07
N GLY L 158 -0.52 40.18 -75.89
CA GLY L 158 -0.38 38.80 -75.45
C GLY L 158 -1.52 37.92 -75.90
N ALA L 159 -2.68 38.54 -76.16
CA ALA L 159 -3.85 37.79 -76.60
C ALA L 159 -3.84 37.64 -78.11
N MET L 160 -3.70 38.75 -78.84
CA MET L 160 -3.65 38.64 -80.30
C MET L 160 -2.27 38.13 -80.72
N GLN L 161 -2.11 36.82 -80.78
CA GLN L 161 -0.79 36.27 -81.06
C GLN L 161 -0.83 34.77 -81.35
N SER M 2 67.29 31.93 10.31
CA SER M 2 67.68 33.32 10.11
C SER M 2 69.12 33.44 9.63
N ARG M 3 69.30 33.79 8.36
CA ARG M 3 70.62 34.02 7.81
C ARG M 3 70.54 34.88 6.56
N TYR M 4 71.51 35.76 6.39
CA TYR M 4 71.58 36.70 5.28
C TYR M 4 72.77 36.33 4.40
N PHE M 5 72.51 36.14 3.11
CA PHE M 5 73.54 35.92 2.12
C PHE M 5 74.18 37.25 1.76
N LYS M 6 75.50 37.27 1.69
CA LYS M 6 76.26 38.46 1.29
C LYS M 6 76.73 38.24 -0.15
N VAL M 7 76.16 39.03 -1.07
CA VAL M 7 76.42 38.82 -2.49
C VAL M 7 76.89 40.11 -3.14
N THR M 8 77.36 40.01 -4.38
CA THR M 8 77.71 41.16 -5.19
C THR M 8 77.21 40.92 -6.61
N ALA M 9 76.73 41.97 -7.28
CA ALA M 9 76.14 41.75 -8.59
C ALA M 9 76.08 43.07 -9.36
N CYS M 10 75.90 42.96 -10.68
CA CYS M 10 75.70 44.10 -11.55
C CYS M 10 74.46 43.83 -12.39
N ILE M 11 73.64 44.86 -12.58
CA ILE M 11 72.36 44.76 -13.28
C ILE M 11 72.25 45.94 -14.24
N PRO M 12 72.37 45.73 -15.54
CA PRO M 12 72.19 46.84 -16.49
C PRO M 12 70.74 46.98 -16.96
N SER M 13 70.25 48.21 -17.01
CA SER M 13 68.92 48.50 -17.55
C SER M 13 69.05 48.78 -19.03
N LEU M 14 68.34 48.00 -19.85
CA LEU M 14 68.53 48.05 -21.29
C LEU M 14 67.25 48.42 -22.05
N LYS M 15 66.34 49.16 -21.41
CA LYS M 15 65.13 49.54 -22.11
C LYS M 15 64.69 50.97 -21.80
N ARG M 16 65.39 51.67 -20.92
CA ARG M 16 64.92 52.99 -20.52
C ARG M 16 65.99 54.07 -20.51
N VAL M 17 67.28 53.72 -20.50
CA VAL M 17 68.44 54.63 -20.40
C VAL M 17 68.23 55.73 -19.35
N ARG M 18 68.19 55.33 -18.08
CA ARG M 18 67.99 56.27 -16.98
C ARG M 18 69.15 57.26 -16.91
N THR M 19 68.84 58.48 -16.49
CA THR M 19 69.73 59.62 -16.69
C THR M 19 70.15 60.29 -15.38
N GLY M 20 69.98 59.61 -14.25
CA GLY M 20 70.51 60.18 -13.02
C GLY M 20 70.96 59.19 -11.97
N ARG M 21 72.24 59.27 -11.59
CA ARG M 21 72.87 58.47 -10.53
C ARG M 21 72.52 56.98 -10.66
N GLU M 22 73.06 56.39 -11.74
CA GLU M 22 72.76 55.00 -12.10
C GLU M 22 74.00 54.15 -11.88
N LEU M 23 74.91 54.65 -11.04
CA LEU M 23 76.16 53.95 -10.80
C LEU M 23 76.07 53.17 -9.49
N GLN M 24 75.26 53.66 -8.56
CA GLN M 24 74.98 52.92 -7.34
C GLN M 24 73.96 51.81 -7.55
N ASN M 25 73.35 51.74 -8.72
CA ASN M 25 72.31 50.77 -9.04
C ASN M 25 72.74 49.79 -10.11
N THR M 26 74.04 49.74 -10.40
CA THR M 26 74.53 48.88 -11.46
C THR M 26 75.58 47.93 -10.95
N PHE M 27 75.91 48.02 -9.66
CA PHE M 27 76.85 47.12 -9.01
C PHE M 27 76.70 47.32 -7.51
N PHE M 28 76.35 46.26 -6.79
CA PHE M 28 76.13 46.42 -5.36
C PHE M 28 76.47 45.12 -4.64
N THR M 29 76.86 45.28 -3.37
CA THR M 29 76.95 44.19 -2.40
C THR M 29 76.03 44.54 -1.24
N LYS M 30 75.09 43.65 -0.93
CA LYS M 30 74.17 43.91 0.16
C LYS M 30 73.74 42.60 0.78
N LEU M 31 73.60 42.61 2.10
CA LEU M 31 73.08 41.44 2.81
C LEU M 31 71.60 41.27 2.48
N VAL M 32 71.23 40.08 2.03
CA VAL M 32 69.83 39.81 1.71
C VAL M 32 69.39 38.57 2.47
N PRO M 33 68.22 38.58 3.10
CA PRO M 33 67.80 37.42 3.88
C PRO M 33 67.58 36.20 3.00
N TYR M 34 67.56 35.03 3.66
CA TYR M 34 67.28 33.79 2.94
C TYR M 34 65.89 33.85 2.33
N GLU M 35 64.90 34.34 3.08
CA GLU M 35 63.51 34.26 2.63
C GLU M 35 63.26 35.17 1.44
N ASN M 36 64.11 36.18 1.24
CA ASN M 36 63.96 37.11 0.13
C ASN M 36 65.06 36.95 -0.91
N TRP M 37 66.07 36.10 -0.64
CA TRP M 37 67.21 35.98 -1.53
C TRP M 37 66.83 35.41 -2.89
N PHE M 38 65.91 34.44 -2.92
CA PHE M 38 65.49 33.85 -4.19
C PHE M 38 64.81 34.89 -5.08
N THR M 39 63.86 35.64 -4.53
CA THR M 39 63.14 36.63 -5.31
C THR M 39 64.07 37.79 -5.71
N GLU M 40 65.06 38.10 -4.87
CA GLU M 40 66.01 39.14 -5.23
C GLU M 40 66.95 38.68 -6.32
N GLN M 41 67.43 37.43 -6.24
CA GLN M 41 68.37 36.91 -7.22
C GLN M 41 67.70 36.69 -8.57
N GLN M 42 66.41 36.36 -8.56
CA GLN M 42 65.69 36.21 -9.82
C GLN M 42 65.58 37.54 -10.56
N ARG M 43 65.53 38.65 -9.82
CA ARG M 43 65.40 39.97 -10.45
C ARG M 43 66.62 40.30 -11.28
N ILE M 44 67.82 39.95 -10.80
CA ILE M 44 69.05 40.24 -11.54
C ILE M 44 69.05 39.48 -12.85
N GLN M 45 68.68 38.20 -12.82
CA GLN M 45 68.64 37.40 -14.03
C GLN M 45 67.57 37.90 -14.98
N LYS M 46 66.42 38.33 -14.46
CA LYS M 46 65.37 38.87 -15.32
C LYS M 46 65.82 40.16 -15.98
N ALA M 47 66.49 41.05 -15.24
CA ALA M 47 66.97 42.29 -15.81
C ALA M 47 68.07 42.05 -16.84
N GLY M 48 68.87 41.01 -16.63
CA GLY M 48 69.92 40.65 -17.57
C GLY M 48 71.32 40.72 -17.01
N GLY M 49 71.50 41.22 -15.79
CA GLY M 49 72.80 41.22 -15.17
C GLY M 49 73.19 39.85 -14.65
N LYS M 50 74.37 39.78 -14.05
CA LYS M 50 74.89 38.55 -13.49
C LYS M 50 75.33 38.79 -12.05
N VAL M 51 75.22 37.74 -11.23
CA VAL M 51 75.71 37.79 -9.86
C VAL M 51 77.16 37.33 -9.88
N LEU M 52 78.02 38.07 -9.17
CA LEU M 52 79.45 37.76 -9.20
C LEU M 52 79.82 36.77 -8.11
N SER M 53 79.21 36.88 -6.93
CA SER M 53 79.54 35.98 -5.84
C SER M 53 78.37 35.91 -4.86
N VAL M 54 78.24 34.76 -4.20
CA VAL M 54 77.27 34.56 -3.14
C VAL M 54 78.00 33.96 -1.95
N LYS M 55 77.75 34.51 -0.77
CA LYS M 55 78.36 34.04 0.46
C LYS M 55 77.31 33.92 1.54
N LEU M 56 77.25 32.76 2.20
CA LEU M 56 76.18 32.49 3.13
C LEU M 56 76.29 33.38 4.37
N PHE M 57 77.52 33.58 4.86
CA PHE M 57 77.80 34.57 5.90
C PHE M 57 77.17 34.21 7.24
N THR M 58 75.84 34.34 7.33
CA THR M 58 75.19 34.45 8.64
C THR M 58 75.23 33.14 9.42
N GLY M 59 74.87 32.03 8.78
CA GLY M 59 74.55 30.85 9.55
C GLY M 59 75.39 29.64 9.19
N VAL M 60 74.87 28.47 9.55
CA VAL M 60 75.53 27.22 9.23
C VAL M 60 74.71 26.47 8.18
N GLN M 61 75.37 25.61 7.42
CA GLN M 61 74.72 24.80 6.40
C GLN M 61 73.95 23.62 6.97
N GLY M 62 74.08 23.35 8.27
CA GLY M 62 73.32 22.25 8.86
C GLY M 62 71.83 22.50 8.85
N ALA M 63 71.41 23.73 9.16
CA ALA M 63 70.00 24.13 9.18
C ALA M 63 69.32 23.38 10.32
N ASN M 64 68.18 22.73 10.08
CA ASN M 64 67.36 22.11 11.13
C ASN M 64 66.92 23.22 12.08
N THR M 65 67.14 23.11 13.38
CA THR M 65 66.74 24.15 14.31
C THR M 65 67.56 25.42 14.07
N GLY M 66 66.92 26.56 14.29
CA GLY M 66 67.51 27.85 14.00
C GLY M 66 67.21 28.38 12.62
N VAL M 67 66.52 27.59 11.79
CA VAL M 67 66.16 28.05 10.45
C VAL M 67 65.09 29.13 10.53
N GLY M 68 64.11 28.96 11.42
CA GLY M 68 62.99 29.90 11.45
C GLY M 68 63.42 31.25 11.95
N ALA M 69 62.64 32.27 11.58
CA ALA M 69 62.93 33.64 11.97
C ALA M 69 61.78 34.56 11.60
N SER N 2 -43.02 10.47 -60.76
CA SER N 2 -42.65 10.44 -62.17
C SER N 2 -43.45 11.44 -62.98
N ARG N 3 -42.76 12.41 -63.56
CA ARG N 3 -43.40 13.39 -64.44
C ARG N 3 -42.33 14.17 -65.18
N TYR N 4 -42.64 14.58 -66.40
CA TYR N 4 -41.74 15.34 -67.25
C TYR N 4 -42.36 16.71 -67.54
N PHE N 5 -41.59 17.75 -67.28
CA PHE N 5 -41.95 19.12 -67.63
C PHE N 5 -41.74 19.31 -69.13
N LYS N 6 -42.71 19.92 -69.79
CA LYS N 6 -42.62 20.25 -71.20
C LYS N 6 -42.32 21.74 -71.32
N VAL N 7 -41.09 22.07 -71.71
CA VAL N 7 -40.64 23.46 -71.70
C VAL N 7 -40.08 23.86 -73.06
N THR N 8 -39.99 25.16 -73.30
CA THR N 8 -39.36 25.71 -74.48
C THR N 8 -38.40 26.82 -74.08
N ALA N 9 -37.27 26.93 -74.76
CA ALA N 9 -36.30 27.93 -74.37
C ALA N 9 -35.28 28.14 -75.49
N CYS N 10 -34.51 29.21 -75.39
CA CYS N 10 -33.41 29.48 -76.30
C CYS N 10 -32.19 29.84 -75.48
N ILE N 11 -31.03 29.36 -75.93
CA ILE N 11 -29.77 29.52 -75.22
C ILE N 11 -28.72 30.02 -76.21
N PRO N 12 -28.24 31.25 -76.09
CA PRO N 12 -27.18 31.72 -77.00
C PRO N 12 -25.79 31.44 -76.45
N SER N 13 -24.88 31.00 -77.33
CA SER N 13 -23.49 30.81 -76.96
C SER N 13 -22.71 32.08 -77.30
N LEU N 14 -22.07 32.67 -76.29
CA LEU N 14 -21.45 33.98 -76.46
C LEU N 14 -19.97 33.99 -76.10
N LYS N 15 -19.28 32.88 -76.33
CA LYS N 15 -17.86 32.85 -75.99
C LYS N 15 -17.03 32.16 -77.07
N ARG N 16 -17.68 31.40 -77.96
CA ARG N 16 -16.94 30.55 -78.87
C ARG N 16 -17.35 30.71 -80.34
N VAL N 17 -18.54 31.26 -80.63
CA VAL N 17 -19.14 31.39 -81.97
C VAL N 17 -19.01 30.10 -82.77
N ARG N 18 -19.77 29.08 -82.36
CA ARG N 18 -19.82 27.80 -83.06
C ARG N 18 -20.29 27.99 -84.49
N THR N 19 -19.75 27.18 -85.40
CA THR N 19 -19.81 27.49 -86.83
C THR N 19 -20.39 26.34 -87.66
N GLY N 20 -21.18 25.46 -87.05
CA GLY N 20 -21.92 24.53 -87.88
C GLY N 20 -23.27 24.09 -87.33
N ARG N 21 -24.32 24.40 -88.09
CA ARG N 21 -25.73 24.17 -87.73
C ARG N 21 -26.01 24.53 -86.27
N GLU N 22 -25.80 25.80 -85.95
CA GLU N 22 -25.99 26.27 -84.58
C GLU N 22 -27.42 26.80 -84.42
N LEU N 23 -28.38 25.98 -84.82
CA LEU N 23 -29.77 26.44 -84.81
C LEU N 23 -30.67 25.50 -84.02
N GLN N 24 -30.46 24.19 -84.16
CA GLN N 24 -31.26 23.26 -83.38
C GLN N 24 -30.89 23.26 -81.91
N ASN N 25 -29.71 23.75 -81.55
CA ASN N 25 -29.21 23.72 -80.19
C ASN N 25 -29.36 25.10 -79.54
N THR N 26 -30.17 25.96 -80.16
CA THR N 26 -30.29 27.34 -79.71
C THR N 26 -31.74 27.71 -79.40
N PHE N 27 -32.67 26.83 -79.74
CA PHE N 27 -34.09 27.05 -79.48
C PHE N 27 -34.78 25.69 -79.54
N PHE N 28 -35.29 25.21 -78.41
CA PHE N 28 -35.83 23.85 -78.38
C PHE N 28 -36.97 23.75 -77.37
N THR N 29 -37.86 22.79 -77.66
CA THR N 29 -38.85 22.28 -76.73
C THR N 29 -38.52 20.81 -76.51
N LYS N 30 -38.46 20.37 -75.25
CA LYS N 30 -38.20 18.97 -74.98
C LYS N 30 -38.71 18.61 -73.61
N LEU N 31 -39.25 17.40 -73.49
CA LEU N 31 -39.68 16.90 -72.20
C LEU N 31 -38.46 16.57 -71.34
N VAL N 32 -38.42 17.15 -70.14
CA VAL N 32 -37.30 16.90 -69.24
C VAL N 32 -37.86 16.39 -67.92
N PRO N 33 -37.23 15.39 -67.30
CA PRO N 33 -37.79 14.81 -66.08
C PRO N 33 -37.78 15.79 -64.92
N TYR N 34 -38.64 15.53 -63.94
CA TYR N 34 -38.69 16.36 -62.75
C TYR N 34 -37.38 16.33 -61.99
N GLU N 35 -36.75 15.15 -61.89
CA GLU N 35 -35.52 15.03 -61.13
C GLU N 35 -34.37 15.75 -61.82
N ASN N 36 -34.43 15.88 -63.14
CA ASN N 36 -33.38 16.53 -63.91
C ASN N 36 -33.77 17.92 -64.39
N TRP N 37 -34.99 18.37 -64.08
CA TRP N 37 -35.45 19.66 -64.59
C TRP N 37 -34.64 20.81 -64.02
N PHE N 38 -34.29 20.75 -62.73
CA PHE N 38 -33.55 21.84 -62.11
C PHE N 38 -32.17 21.99 -62.74
N THR N 39 -31.45 20.88 -62.91
CA THR N 39 -30.13 20.94 -63.52
C THR N 39 -30.22 21.32 -65.00
N GLU N 40 -31.32 20.94 -65.66
CA GLU N 40 -31.50 21.35 -67.05
C GLU N 40 -31.76 22.84 -67.17
N GLN N 41 -32.60 23.37 -66.27
CA GLN N 41 -33.01 24.77 -66.35
C GLN N 41 -31.92 25.70 -65.86
N GLN N 42 -31.08 25.23 -64.94
CA GLN N 42 -29.98 26.07 -64.45
C GLN N 42 -28.97 26.34 -65.55
N ARG N 43 -28.81 25.39 -66.47
CA ARG N 43 -27.84 25.54 -67.56
C ARG N 43 -28.22 26.71 -68.47
N ILE N 44 -29.51 26.87 -68.75
CA ILE N 44 -29.96 27.97 -69.60
C ILE N 44 -29.64 29.31 -68.96
N GLN N 45 -29.92 29.44 -67.65
CA GLN N 45 -29.61 30.67 -66.94
C GLN N 45 -28.11 30.92 -66.89
N LYS N 46 -27.32 29.87 -66.69
CA LYS N 46 -25.87 30.03 -66.65
C LYS N 46 -25.33 30.48 -68.00
N ALA N 47 -25.83 29.90 -69.10
CA ALA N 47 -25.35 30.29 -70.42
C ALA N 47 -25.81 31.69 -70.78
N GLY N 48 -27.01 32.08 -70.35
CA GLY N 48 -27.55 33.39 -70.63
C GLY N 48 -28.87 33.42 -71.35
N GLY N 49 -29.36 32.28 -71.84
CA GLY N 49 -30.66 32.24 -72.47
C GLY N 49 -31.78 32.30 -71.46
N LYS N 50 -33.01 32.41 -71.97
CA LYS N 50 -34.19 32.50 -71.14
C LYS N 50 -35.16 31.37 -71.48
N VAL N 51 -35.87 30.91 -70.45
CA VAL N 51 -36.90 29.89 -70.62
C VAL N 51 -38.19 30.61 -70.99
N LEU N 52 -38.85 30.15 -72.06
CA LEU N 52 -40.05 30.82 -72.52
C LEU N 52 -41.29 30.32 -71.79
N SER N 53 -41.35 29.03 -71.48
CA SER N 53 -42.51 28.48 -70.80
C SER N 53 -42.18 27.10 -70.26
N VAL N 54 -42.89 26.73 -69.19
CA VAL N 54 -42.76 25.42 -68.56
C VAL N 54 -44.16 24.88 -68.29
N LYS N 55 -44.32 23.56 -68.43
CA LYS N 55 -45.62 22.93 -68.26
C LYS N 55 -45.48 21.65 -67.43
N LEU N 56 -46.48 21.38 -66.58
CA LEU N 56 -46.49 20.15 -65.80
C LEU N 56 -46.60 18.93 -66.71
N PHE N 57 -47.59 18.92 -67.60
CA PHE N 57 -47.79 17.86 -68.58
C PHE N 57 -48.11 16.51 -67.91
N THR N 58 -47.10 15.90 -67.29
CA THR N 58 -47.20 14.49 -66.95
C THR N 58 -47.95 14.25 -65.64
N GLY N 59 -47.59 14.99 -64.58
CA GLY N 59 -48.04 14.60 -63.26
C GLY N 59 -49.13 15.49 -62.72
N VAL N 60 -49.65 15.08 -61.56
CA VAL N 60 -50.70 15.82 -60.89
C VAL N 60 -50.09 16.72 -59.81
N GLN N 61 -50.80 17.78 -59.46
CA GLN N 61 -50.31 18.76 -58.50
C GLN N 61 -50.26 18.23 -57.07
N GLY N 62 -51.00 17.17 -56.76
CA GLY N 62 -51.04 16.68 -55.39
C GLY N 62 -49.72 16.12 -54.91
N ALA N 63 -49.00 15.41 -55.78
CA ALA N 63 -47.74 14.75 -55.44
C ALA N 63 -48.04 13.66 -54.42
N ASN N 64 -47.32 13.59 -53.29
CA ASN N 64 -47.46 12.52 -52.31
C ASN N 64 -47.10 11.21 -53.02
N THR N 65 -47.94 10.19 -52.99
CA THR N 65 -47.63 8.94 -53.67
C THR N 65 -47.64 9.15 -55.18
N GLY N 66 -46.80 8.38 -55.88
CA GLY N 66 -46.61 8.51 -57.30
C GLY N 66 -45.49 9.45 -57.70
N VAL N 67 -44.93 10.18 -56.73
CA VAL N 67 -43.82 11.08 -57.03
C VAL N 67 -42.58 10.29 -57.43
N GLY N 68 -42.31 9.19 -56.72
CA GLY N 68 -41.07 8.45 -56.97
C GLY N 68 -41.11 7.75 -58.31
N ALA N 69 -39.92 7.43 -58.82
CA ALA N 69 -39.78 6.77 -60.10
C ALA N 69 -38.35 6.30 -60.32
N SER O 2 -4.49 -48.25 63.35
CA SER O 2 -4.58 -49.53 64.05
C SER O 2 -3.84 -50.63 63.30
N VAL O 3 -3.85 -51.83 63.86
CA VAL O 3 -3.21 -52.97 63.22
C VAL O 3 -3.88 -53.29 61.90
N LEU O 4 -5.21 -53.20 61.85
CA LEU O 4 -5.93 -53.43 60.60
C LEU O 4 -5.52 -52.41 59.54
N THR O 5 -5.44 -51.13 59.93
CA THR O 5 -5.05 -50.10 59.00
C THR O 5 -3.63 -50.31 58.49
N LYS O 6 -2.72 -50.68 59.38
CA LYS O 6 -1.32 -50.89 58.97
C LYS O 6 -1.20 -52.07 58.02
N ALA O 7 -1.87 -53.18 58.34
CA ALA O 7 -1.80 -54.36 57.49
C ALA O 7 -2.42 -54.09 56.12
N ILE O 8 -3.58 -53.43 56.11
CA ILE O 8 -4.25 -53.13 54.85
C ILE O 8 -3.41 -52.18 54.01
N VAL O 9 -2.77 -51.20 54.66
CA VAL O 9 -1.96 -50.24 53.93
C VAL O 9 -0.75 -50.91 53.31
N ASN O 10 -0.08 -51.79 54.06
CA ASN O 10 1.06 -52.51 53.48
C ASN O 10 0.63 -53.42 52.34
N ALA O 11 -0.49 -54.13 52.50
CA ALA O 11 -0.97 -55.01 51.44
C ALA O 11 -1.33 -54.23 50.19
N ASP O 12 -1.98 -53.07 50.36
CA ASP O 12 -2.31 -52.23 49.22
C ASP O 12 -1.06 -51.69 48.55
N ALA O 13 -0.07 -51.28 49.35
CA ALA O 13 1.16 -50.73 48.78
C ALA O 13 1.93 -51.78 47.99
N GLU O 14 1.89 -53.03 48.42
CA GLU O 14 2.53 -54.10 47.66
C GLU O 14 1.61 -54.70 46.60
N ALA O 15 0.34 -54.27 46.55
CA ALA O 15 -0.61 -54.74 45.54
C ALA O 15 -0.83 -56.25 45.65
N ARG O 16 -1.29 -56.67 46.83
CA ARG O 16 -1.50 -58.08 47.10
C ARG O 16 -2.48 -58.22 48.26
N TYR O 17 -3.04 -59.41 48.39
CA TYR O 17 -3.90 -59.70 49.52
C TYR O 17 -3.08 -59.84 50.79
N LEU O 18 -3.76 -59.84 51.92
CA LEU O 18 -3.09 -59.88 53.21
C LEU O 18 -2.33 -61.18 53.40
N SER O 19 -1.19 -61.10 54.06
CA SER O 19 -0.36 -62.26 54.31
C SER O 19 -0.90 -63.08 55.47
N PRO O 20 -0.51 -64.36 55.55
CA PRO O 20 -0.93 -65.17 56.71
C PRO O 20 -0.50 -64.61 58.04
N GLY O 21 0.70 -64.02 58.11
CA GLY O 21 1.13 -63.40 59.36
C GLY O 21 0.27 -62.20 59.74
N GLU O 22 -0.12 -61.41 58.75
CA GLU O 22 -0.99 -60.28 59.00
C GLU O 22 -2.38 -60.76 59.46
N LEU O 23 -2.87 -61.84 58.86
CA LEU O 23 -4.13 -62.41 59.31
C LEU O 23 -4.03 -62.92 60.74
N ASP O 24 -2.89 -63.54 61.08
CA ASP O 24 -2.68 -64.03 62.44
C ASP O 24 -2.67 -62.89 63.44
N ARG O 25 -2.00 -61.78 63.10
CA ARG O 25 -1.97 -60.65 64.02
C ARG O 25 -3.34 -59.99 64.14
N ILE O 26 -4.12 -59.99 63.06
CA ILE O 26 -5.50 -59.49 63.16
C ILE O 26 -6.32 -60.35 64.11
N LYS O 27 -6.17 -61.68 64.00
CA LYS O 27 -6.88 -62.58 64.90
C LYS O 27 -6.45 -62.37 66.35
N SER O 28 -5.14 -62.18 66.59
CA SER O 28 -4.67 -61.92 67.94
C SER O 28 -5.22 -60.61 68.48
N PHE O 29 -5.29 -59.58 67.65
CA PHE O 29 -5.81 -58.29 68.09
C PHE O 29 -7.30 -58.40 68.45
N VAL O 30 -8.08 -59.07 67.61
CA VAL O 30 -9.50 -59.22 67.91
C VAL O 30 -9.69 -60.11 69.14
N ALA O 31 -8.75 -61.02 69.39
CA ALA O 31 -8.82 -61.81 70.61
C ALA O 31 -8.50 -60.98 71.86
N SER O 32 -7.58 -60.03 71.76
CA SER O 32 -7.17 -59.22 72.90
C SER O 32 -8.02 -57.98 73.09
N GLY O 33 -8.97 -57.74 72.19
CA GLY O 33 -9.86 -56.59 72.28
C GLY O 33 -10.58 -56.35 73.60
N GLU O 34 -11.13 -57.40 74.23
CA GLU O 34 -11.86 -57.19 75.48
C GLU O 34 -10.94 -56.74 76.60
N ARG O 35 -9.74 -57.31 76.69
CA ARG O 35 -8.79 -56.88 77.70
C ARG O 35 -8.34 -55.46 77.43
N ARG O 36 -8.18 -55.11 76.14
CA ARG O 36 -7.83 -53.73 75.79
C ARG O 36 -8.92 -52.76 76.22
N LEU O 37 -10.18 -53.13 76.00
CA LEU O 37 -11.30 -52.29 76.42
C LEU O 37 -11.35 -52.14 77.93
N ARG O 38 -11.07 -53.22 78.66
CA ARG O 38 -11.05 -53.15 80.12
C ARG O 38 -9.95 -52.20 80.61
N ILE O 39 -8.77 -52.27 79.99
CA ILE O 39 -7.69 -51.36 80.36
C ILE O 39 -8.09 -49.92 80.09
N ALA O 40 -8.68 -49.67 78.92
CA ALA O 40 -9.11 -48.32 78.58
C ALA O 40 -10.14 -47.79 79.55
N GLN O 41 -11.11 -48.63 79.94
CA GLN O 41 -12.11 -48.24 80.92
C GLN O 41 -11.46 -47.89 82.25
N THR O 42 -10.45 -48.68 82.66
CA THR O 42 -9.78 -48.43 83.92
C THR O 42 -9.08 -47.07 83.92
N LEU O 43 -8.28 -46.80 82.89
CA LEU O 43 -7.60 -45.51 82.84
C LEU O 43 -8.57 -44.34 82.69
N THR O 44 -9.62 -44.50 81.89
CA THR O 44 -10.54 -43.38 81.71
C THR O 44 -11.32 -43.10 82.98
N GLU O 45 -11.57 -44.13 83.80
CA GLU O 45 -12.17 -43.89 85.10
C GLU O 45 -11.18 -43.24 86.06
N ALA O 46 -9.90 -43.60 85.97
CA ALA O 46 -8.88 -43.04 86.86
C ALA O 46 -8.12 -41.88 86.23
N ARG O 47 -8.77 -41.17 85.29
CA ARG O 47 -8.07 -40.13 84.54
C ARG O 47 -7.63 -38.96 85.43
N GLU O 48 -8.47 -38.55 86.39
CA GLU O 48 -8.15 -37.35 87.15
C GLU O 48 -7.05 -37.61 88.16
N ARG O 49 -7.11 -38.73 88.86
CA ARG O 49 -6.10 -39.07 89.87
C ARG O 49 -4.73 -39.24 89.23
N ILE O 50 -4.69 -39.90 88.07
CA ILE O 50 -3.42 -40.12 87.37
C ILE O 50 -2.81 -38.78 86.96
N VAL O 51 -3.63 -37.89 86.41
CA VAL O 51 -3.13 -36.59 85.96
C VAL O 51 -2.61 -35.77 87.13
N LYS O 52 -3.38 -35.71 88.23
CA LYS O 52 -2.94 -34.95 89.39
C LYS O 52 -1.65 -35.52 89.97
N GLN O 53 -1.57 -36.84 90.12
CA GLN O 53 -0.36 -37.46 90.65
C GLN O 53 0.84 -37.20 89.76
N ALA O 54 0.72 -37.41 88.45
CA ALA O 54 1.82 -37.15 87.53
C ALA O 54 2.25 -35.70 87.59
N GLY O 55 1.28 -34.80 87.82
CA GLY O 55 1.65 -33.42 88.16
C GLY O 55 2.53 -33.32 89.39
N ASP O 56 2.19 -34.06 90.45
CA ASP O 56 3.00 -34.00 91.68
C ASP O 56 4.43 -34.50 91.45
N GLN O 57 4.59 -35.72 90.91
CA GLN O 57 5.95 -36.19 90.63
C GLN O 57 6.70 -35.32 89.62
N LEU O 58 6.00 -34.78 88.61
CA LEU O 58 6.68 -33.91 87.66
C LEU O 58 7.19 -32.63 88.34
N PHE O 59 6.36 -32.02 89.18
CA PHE O 59 6.80 -30.80 89.85
C PHE O 59 7.86 -31.09 90.91
N GLN O 60 7.82 -32.27 91.53
CA GLN O 60 8.89 -32.64 92.46
C GLN O 60 10.21 -32.85 91.73
N ILE O 61 10.17 -33.54 90.59
CA ILE O 61 11.40 -33.84 89.87
C ILE O 61 11.99 -32.58 89.23
N ARG O 62 11.14 -31.70 88.70
CA ARG O 62 11.61 -30.50 88.00
C ARG O 62 10.88 -29.29 88.55
N PRO O 63 11.32 -28.77 89.70
CA PRO O 63 10.71 -27.54 90.23
C PRO O 63 10.96 -26.32 89.37
N ASP O 64 11.97 -26.35 88.50
CA ASP O 64 12.31 -25.18 87.71
C ASP O 64 11.20 -24.83 86.71
N VAL O 65 10.43 -25.83 86.28
CA VAL O 65 9.36 -25.55 85.33
C VAL O 65 8.26 -24.72 85.98
N VAL O 66 8.11 -24.83 87.30
CA VAL O 66 7.17 -23.98 88.02
C VAL O 66 8.00 -22.89 88.69
N SER O 67 9.21 -22.71 88.23
CA SER O 67 10.00 -21.55 88.63
C SER O 67 9.76 -20.48 87.59
N PRO O 68 9.93 -19.21 87.96
CA PRO O 68 9.55 -18.11 87.06
C PRO O 68 10.36 -18.04 85.77
N GLY O 69 11.49 -18.73 85.71
CA GLY O 69 12.21 -18.88 84.46
C GLY O 69 11.76 -20.09 83.67
N GLY O 70 10.62 -20.68 84.06
CA GLY O 70 10.11 -21.89 83.45
C GLY O 70 8.87 -21.63 82.62
N ASN O 71 8.56 -22.57 81.71
CA ASN O 71 7.42 -22.39 80.83
C ASN O 71 6.11 -22.36 81.60
N ALA O 72 5.96 -23.23 82.61
CA ALA O 72 4.69 -23.39 83.29
C ALA O 72 4.61 -22.58 84.59
N TYR O 73 5.24 -21.41 84.64
CA TYR O 73 5.15 -20.58 85.82
C TYR O 73 3.75 -19.98 85.93
N GLY O 74 3.14 -20.09 87.10
CA GLY O 74 1.82 -19.54 87.33
C GLY O 74 0.76 -20.62 87.34
N GLU O 75 -0.38 -20.26 87.95
CA GLU O 75 -1.47 -21.23 88.12
C GLU O 75 -2.07 -21.66 86.79
N LYS O 76 -2.27 -20.71 85.87
CA LYS O 76 -2.86 -21.07 84.59
C LYS O 76 -1.86 -21.71 83.63
N MET O 77 -0.57 -21.34 83.71
CA MET O 77 0.45 -22.12 83.02
C MET O 77 0.51 -23.55 83.52
N THR O 78 0.40 -23.77 84.82
CA THR O 78 0.33 -25.12 85.35
C THR O 78 -0.94 -25.84 84.90
N ALA O 79 -2.07 -25.11 84.83
CA ALA O 79 -3.31 -25.70 84.36
C ALA O 79 -3.20 -26.14 82.90
N LEU O 80 -2.51 -25.36 82.08
CA LEU O 80 -2.32 -25.75 80.69
C LEU O 80 -1.43 -26.99 80.59
N CYS O 81 -0.42 -27.09 81.46
CA CYS O 81 0.40 -28.30 81.49
C CYS O 81 -0.43 -29.52 81.87
N LEU O 82 -1.31 -29.35 82.87
CA LEU O 82 -2.21 -30.43 83.25
C LEU O 82 -3.17 -30.80 82.12
N ARG O 83 -3.64 -29.82 81.36
CA ARG O 83 -4.53 -30.11 80.25
C ARG O 83 -3.82 -30.85 79.12
N ASP O 84 -2.56 -30.47 78.85
CA ASP O 84 -1.75 -31.24 77.91
C ASP O 84 -1.56 -32.67 78.41
N LEU O 85 -1.40 -32.82 79.73
CA LEU O 85 -1.31 -34.15 80.32
C LEU O 85 -2.59 -34.95 80.08
N ASP O 86 -3.75 -34.32 80.26
CA ASP O 86 -5.02 -35.00 80.00
C ASP O 86 -5.13 -35.39 78.53
N TYR O 87 -4.66 -34.51 77.63
CA TYR O 87 -4.65 -34.81 76.20
C TYR O 87 -3.83 -36.05 75.91
N TYR O 88 -2.63 -36.13 76.50
CA TYR O 88 -1.77 -37.28 76.25
C TYR O 88 -2.34 -38.54 76.86
N LEU O 89 -3.00 -38.44 78.02
CA LEU O 89 -3.62 -39.62 78.61
C LEU O 89 -4.75 -40.14 77.73
N ARG O 90 -5.57 -39.24 77.18
CA ARG O 90 -6.64 -39.64 76.28
C ARG O 90 -6.07 -40.28 75.02
N LEU O 91 -4.97 -39.73 74.51
CA LEU O 91 -4.31 -40.35 73.36
C LEU O 91 -3.80 -41.74 73.69
N VAL O 92 -3.26 -41.93 74.91
CA VAL O 92 -2.79 -43.25 75.31
C VAL O 92 -3.93 -44.24 75.35
N THR O 93 -5.09 -43.83 75.88
CA THR O 93 -6.25 -44.71 75.88
C THR O 93 -6.69 -45.05 74.45
N TYR O 94 -6.66 -44.05 73.56
CA TYR O 94 -7.00 -44.29 72.15
C TYR O 94 -6.07 -45.32 71.53
N GLY O 95 -4.77 -45.17 71.76
CA GLY O 95 -3.81 -46.11 71.20
C GLY O 95 -3.98 -47.50 71.77
N ILE O 96 -4.29 -47.58 73.06
CA ILE O 96 -4.49 -48.89 73.69
C ILE O 96 -5.69 -49.59 73.09
N VAL O 97 -6.80 -48.87 72.89
CA VAL O 97 -7.95 -49.52 72.27
C VAL O 97 -7.70 -49.85 70.81
N ALA O 98 -6.93 -49.02 70.10
CA ALA O 98 -6.70 -49.24 68.68
C ALA O 98 -5.72 -50.37 68.40
N GLY O 99 -4.79 -50.64 69.32
CA GLY O 99 -3.83 -51.70 69.10
C GLY O 99 -2.57 -51.30 68.38
N ASP O 100 -2.46 -50.05 67.95
CA ASP O 100 -1.23 -49.55 67.37
C ASP O 100 -1.20 -48.03 67.55
N VAL O 101 -0.21 -47.39 66.95
CA VAL O 101 0.09 -46.00 67.26
C VAL O 101 -0.31 -45.02 66.17
N THR O 102 -1.12 -45.44 65.21
CA THR O 102 -1.50 -44.57 64.10
C THR O 102 -2.28 -43.33 64.54
N PRO O 103 -3.37 -43.47 65.32
CA PRO O 103 -4.10 -42.26 65.75
C PRO O 103 -3.28 -41.34 66.65
N ILE O 104 -2.52 -41.91 67.59
CA ILE O 104 -1.67 -41.08 68.44
C ILE O 104 -0.61 -40.35 67.63
N GLU O 105 -0.03 -41.03 66.64
CA GLU O 105 0.96 -40.41 65.77
C GLU O 105 0.35 -39.27 64.98
N GLU O 106 -0.86 -39.46 64.46
CA GLU O 106 -1.48 -38.40 63.65
C GLU O 106 -2.04 -37.28 64.51
N ILE O 107 -2.24 -37.52 65.80
CA ILE O 107 -2.87 -36.50 66.63
C ILE O 107 -1.86 -35.69 67.45
N GLY O 108 -0.85 -36.32 68.03
CA GLY O 108 -0.08 -35.62 69.02
C GLY O 108 1.43 -35.77 69.05
N ILE O 109 2.04 -36.32 68.01
CA ILE O 109 3.50 -36.41 67.93
C ILE O 109 4.06 -35.72 66.70
N ILE O 110 3.39 -35.82 65.55
CA ILE O 110 3.89 -35.16 64.35
C ILE O 110 3.68 -33.66 64.50
N GLY O 111 4.78 -32.91 64.41
CA GLY O 111 4.75 -31.48 64.60
C GLY O 111 4.81 -31.05 66.05
N VAL O 112 4.84 -32.00 66.99
CA VAL O 112 4.87 -31.63 68.40
C VAL O 112 6.17 -30.95 68.74
N LYS O 113 7.27 -31.33 68.09
CA LYS O 113 8.54 -30.64 68.32
C LYS O 113 8.46 -29.19 67.90
N GLU O 114 7.85 -28.93 66.74
CA GLU O 114 7.69 -27.56 66.27
C GLU O 114 6.77 -26.77 67.20
N MET O 115 5.68 -27.37 67.64
CA MET O 115 4.74 -26.68 68.53
C MET O 115 5.41 -26.32 69.86
N TYR O 116 6.13 -27.27 70.45
CA TYR O 116 6.73 -27.00 71.75
C TYR O 116 7.96 -26.12 71.62
N ASN O 117 8.61 -26.09 70.47
CA ASN O 117 9.67 -25.12 70.26
C ASN O 117 9.12 -23.72 70.09
N SER O 118 7.97 -23.60 69.43
CA SER O 118 7.31 -22.30 69.32
C SER O 118 6.85 -21.81 70.69
N LEU O 119 6.32 -22.72 71.51
CA LEU O 119 5.87 -22.35 72.85
C LEU O 119 7.01 -22.27 73.85
N GLN O 120 8.23 -22.70 73.48
CA GLN O 120 9.38 -22.69 74.37
C GLN O 120 9.16 -23.58 75.60
N THR O 121 8.56 -24.75 75.39
CA THR O 121 8.28 -25.65 76.50
C THR O 121 9.30 -26.79 76.51
N PRO O 122 9.75 -27.23 77.69
CA PRO O 122 10.72 -28.32 77.74
C PRO O 122 10.13 -29.68 77.37
N ILE O 123 10.51 -30.16 76.19
CA ILE O 123 10.10 -31.50 75.77
C ILE O 123 10.57 -32.59 76.72
N PRO O 124 11.83 -32.59 77.20
CA PRO O 124 12.20 -33.56 78.24
C PRO O 124 11.38 -33.45 79.50
N ALA O 125 10.98 -32.25 79.92
CA ALA O 125 10.07 -32.12 81.05
C ALA O 125 8.71 -32.75 80.78
N VAL O 126 8.14 -32.56 79.59
CA VAL O 126 6.88 -33.21 79.28
C VAL O 126 7.04 -34.73 79.23
N ALA O 127 8.20 -35.19 78.76
CA ALA O 127 8.47 -36.63 78.75
C ALA O 127 8.54 -37.18 80.17
N GLU O 128 9.15 -36.41 81.08
CA GLU O 128 9.18 -36.82 82.49
C GLU O 128 7.77 -36.89 83.07
N GLY O 129 6.93 -35.91 82.72
CA GLY O 129 5.54 -35.97 83.11
C GLY O 129 4.82 -37.21 82.59
N VAL O 130 5.10 -37.58 81.34
CA VAL O 130 4.50 -38.78 80.78
C VAL O 130 4.99 -40.03 81.52
N ARG O 131 6.27 -40.03 81.92
CA ARG O 131 6.79 -41.17 82.68
C ARG O 131 6.10 -41.28 84.03
N ALA O 132 5.88 -40.15 84.69
CA ALA O 132 5.13 -40.15 85.94
C ALA O 132 3.71 -40.66 85.72
N MET O 133 3.12 -40.31 84.58
CA MET O 133 1.83 -40.87 84.20
C MET O 133 1.88 -42.38 84.08
N LYS O 134 2.94 -42.89 83.45
CA LYS O 134 3.09 -44.33 83.30
C LYS O 134 3.16 -45.02 84.65
N ASN O 135 3.92 -44.43 85.58
CA ASN O 135 4.01 -44.99 86.92
C ASN O 135 2.66 -45.00 87.62
N VAL O 136 1.93 -43.88 87.56
CA VAL O 136 0.63 -43.79 88.23
C VAL O 136 -0.36 -44.76 87.61
N ALA O 137 -0.35 -44.87 86.28
CA ALA O 137 -1.29 -45.76 85.61
C ALA O 137 -0.98 -47.22 85.90
N THR O 138 0.30 -47.60 85.89
CA THR O 138 0.64 -48.98 86.19
C THR O 138 0.41 -49.30 87.66
N SER O 139 0.37 -48.29 88.52
CA SER O 139 -0.02 -48.49 89.91
C SER O 139 -1.47 -48.95 90.06
N LEU O 140 -2.34 -48.67 89.09
CA LEU O 140 -3.75 -49.03 89.17
C LEU O 140 -4.11 -50.19 88.26
N LEU O 141 -3.12 -50.99 87.84
CA LEU O 141 -3.34 -52.00 86.83
C LEU O 141 -2.63 -53.29 87.20
N SER O 142 -3.20 -54.41 86.76
CA SER O 142 -2.53 -55.69 86.89
C SER O 142 -1.35 -55.78 85.92
N GLY O 143 -0.44 -56.70 86.21
CA GLY O 143 0.85 -56.78 85.56
C GLY O 143 0.86 -56.90 84.04
N ASP O 144 0.03 -57.80 83.50
CA ASP O 144 -0.03 -57.98 82.05
C ASP O 144 -0.56 -56.70 81.41
N ASP O 145 -1.71 -56.22 81.87
CA ASP O 145 -2.25 -55.00 81.28
C ASP O 145 -1.45 -53.76 81.67
N ALA O 146 -0.79 -53.78 82.84
CA ALA O 146 0.12 -52.69 83.17
C ALA O 146 1.27 -52.60 82.18
N ALA O 147 1.85 -53.75 81.82
CA ALA O 147 2.91 -53.76 80.81
C ALA O 147 2.36 -53.33 79.45
N GLU O 148 1.12 -53.74 79.15
CA GLU O 148 0.50 -53.35 77.88
C GLU O 148 0.34 -51.84 77.77
N ALA O 149 -0.12 -51.19 78.83
CA ALA O 149 -0.22 -49.73 78.81
C ALA O 149 1.16 -49.08 78.86
N GLY O 150 2.09 -49.70 79.57
CA GLY O 150 3.44 -49.15 79.65
C GLY O 150 4.15 -49.15 78.32
N PHE O 151 3.82 -50.10 77.44
CA PHE O 151 4.38 -50.06 76.09
C PHE O 151 3.97 -48.79 75.35
N TYR O 152 2.69 -48.42 75.44
CA TYR O 152 2.24 -47.20 74.77
C TYR O 152 2.81 -45.95 75.43
N PHE O 153 2.91 -45.95 76.76
CA PHE O 153 3.53 -44.81 77.43
C PHE O 153 5.00 -44.66 77.03
N ASP O 154 5.70 -45.80 76.90
CA ASP O 154 7.07 -45.80 76.43
C ASP O 154 7.14 -45.29 75.00
N TYR O 155 6.17 -45.64 74.16
CA TYR O 155 6.14 -45.13 72.79
C TYR O 155 6.01 -43.62 72.78
N LEU O 156 5.13 -43.07 73.62
CA LEU O 156 4.99 -41.61 73.70
C LEU O 156 6.28 -40.96 74.17
N VAL O 157 6.93 -41.57 75.17
CA VAL O 157 8.19 -41.01 75.68
C VAL O 157 9.27 -41.03 74.61
N GLY O 158 9.36 -42.13 73.86
CA GLY O 158 10.34 -42.21 72.80
C GLY O 158 10.06 -41.26 71.65
N ALA O 159 8.76 -41.08 71.33
CA ALA O 159 8.40 -40.12 70.28
C ALA O 159 8.76 -38.71 70.67
N MET O 160 8.54 -38.33 71.93
CA MET O 160 9.00 -37.03 72.42
C MET O 160 10.49 -37.10 72.74
N GLN O 161 11.29 -37.16 71.68
CA GLN O 161 12.72 -37.37 71.83
C GLN O 161 13.45 -37.17 70.51
N MET P 1 -7.15 -43.94 54.85
CA MET P 1 -8.18 -44.96 54.98
C MET P 1 -8.58 -45.11 56.44
N GLN P 2 -9.82 -45.56 56.67
CA GLN P 2 -10.36 -45.69 58.01
C GLN P 2 -11.04 -47.05 58.16
N ASP P 3 -10.95 -47.59 59.37
CA ASP P 3 -11.72 -48.75 59.78
C ASP P 3 -12.77 -48.30 60.81
N ALA P 4 -13.50 -49.26 61.38
CA ALA P 4 -14.50 -48.92 62.38
C ALA P 4 -13.85 -48.34 63.64
N ILE P 5 -12.76 -48.97 64.08
CA ILE P 5 -12.09 -48.54 65.32
C ILE P 5 -11.51 -47.14 65.15
N THR P 6 -10.77 -46.92 64.06
CA THR P 6 -10.21 -45.61 63.79
C THR P 6 -11.30 -44.57 63.56
N ALA P 7 -12.41 -44.96 62.92
CA ALA P 7 -13.50 -44.02 62.69
C ALA P 7 -14.09 -43.55 64.01
N VAL P 8 -14.33 -44.47 64.95
CA VAL P 8 -14.86 -44.09 66.25
C VAL P 8 -13.85 -43.25 67.02
N ILE P 9 -12.56 -43.61 66.90
CA ILE P 9 -11.51 -42.89 67.62
C ILE P 9 -11.43 -41.45 67.14
N ASN P 10 -11.47 -41.23 65.83
CA ASN P 10 -11.45 -39.86 65.32
C ASN P 10 -12.75 -39.13 65.60
N ASN P 11 -13.88 -39.85 65.59
CA ASN P 11 -15.16 -39.22 65.90
C ASN P 11 -15.21 -38.74 67.34
N TYR P 12 -14.47 -39.39 68.24
CA TYR P 12 -14.36 -38.87 69.60
C TYR P 12 -13.25 -37.84 69.75
N ASP P 13 -12.18 -37.98 68.95
CA ASP P 13 -11.08 -37.03 69.02
C ASP P 13 -11.51 -35.64 68.58
N VAL P 14 -12.42 -35.57 67.60
CA VAL P 14 -12.91 -34.27 67.14
C VAL P 14 -13.65 -33.53 68.25
N GLN P 15 -14.28 -34.26 69.17
CA GLN P 15 -14.87 -33.65 70.35
C GLN P 15 -13.93 -33.61 71.54
N GLY P 16 -12.75 -34.24 71.44
CA GLY P 16 -11.84 -34.26 72.57
C GLY P 16 -12.39 -35.02 73.75
N LYS P 17 -13.03 -36.16 73.49
CA LYS P 17 -13.74 -36.92 74.52
C LYS P 17 -13.08 -38.27 74.73
N TYR P 18 -12.99 -38.69 75.98
CA TYR P 18 -12.56 -40.05 76.28
C TYR P 18 -13.60 -41.04 75.77
N LEU P 19 -13.14 -42.26 75.50
CA LEU P 19 -14.06 -43.29 75.02
C LEU P 19 -15.05 -43.66 76.12
N ASP P 20 -16.32 -43.65 75.78
CA ASP P 20 -17.39 -43.90 76.72
C ASP P 20 -18.11 -45.21 76.36
N GLY P 21 -19.22 -45.45 77.05
CA GLY P 21 -19.95 -46.71 76.88
C GLY P 21 -20.47 -46.91 75.46
N ALA P 22 -20.88 -45.83 74.81
CA ALA P 22 -21.42 -45.96 73.45
C ALA P 22 -20.33 -46.39 72.47
N ALA P 23 -19.19 -45.72 72.49
CA ALA P 23 -18.08 -46.09 71.61
C ALA P 23 -17.58 -47.49 71.94
N LEU P 24 -17.58 -47.84 73.24
CA LEU P 24 -17.23 -49.19 73.65
C LEU P 24 -18.21 -50.20 73.06
N ASP P 25 -19.50 -49.86 73.03
CA ASP P 25 -20.48 -50.75 72.42
C ASP P 25 -20.21 -50.94 70.94
N LYS P 26 -19.89 -49.85 70.24
CA LYS P 26 -19.64 -49.96 68.79
C LYS P 26 -18.40 -50.80 68.50
N LEU P 27 -17.31 -50.53 69.19
CA LEU P 27 -16.10 -51.30 68.88
C LEU P 27 -16.22 -52.73 69.39
N LYS P 28 -17.04 -52.96 70.42
CA LYS P 28 -17.37 -54.33 70.81
C LYS P 28 -18.13 -55.04 69.71
N ALA P 29 -19.08 -54.34 69.08
CA ALA P 29 -19.83 -54.92 67.97
C ALA P 29 -18.90 -55.27 66.81
N TYR P 30 -17.90 -54.44 66.55
CA TYR P 30 -16.92 -54.81 65.54
C TYR P 30 -16.08 -56.01 65.98
N PHE P 31 -15.64 -56.01 67.25
CA PHE P 31 -14.73 -57.04 67.72
C PHE P 31 -15.38 -58.42 67.71
N THR P 32 -16.71 -58.46 67.93
CA THR P 32 -17.41 -59.74 68.00
C THR P 32 -17.39 -60.49 66.68
N THR P 33 -17.20 -59.80 65.55
CA THR P 33 -17.23 -60.43 64.23
C THR P 33 -15.86 -60.47 63.56
N GLY P 34 -14.77 -60.45 64.34
CA GLY P 34 -13.45 -60.36 63.73
C GLY P 34 -13.06 -61.59 62.93
N ALA P 35 -13.32 -62.78 63.49
CA ALA P 35 -12.79 -64.00 62.89
C ALA P 35 -13.51 -64.34 61.58
N VAL P 36 -14.81 -64.06 61.51
CA VAL P 36 -15.58 -64.38 60.30
C VAL P 36 -15.05 -63.58 59.12
N ARG P 37 -14.70 -62.31 59.35
CA ARG P 37 -14.12 -61.49 58.29
C ARG P 37 -12.81 -62.08 57.80
N VAL P 38 -11.97 -62.55 58.73
CA VAL P 38 -10.69 -63.11 58.35
C VAL P 38 -10.87 -64.37 57.52
N ARG P 39 -11.79 -65.25 57.94
CA ARG P 39 -12.01 -66.49 57.19
C ARG P 39 -12.58 -66.20 55.80
N ALA P 40 -13.53 -65.26 55.72
CA ALA P 40 -14.09 -64.90 54.42
C ALA P 40 -13.05 -64.28 53.51
N ALA P 41 -12.17 -63.44 54.06
CA ALA P 41 -11.10 -62.85 53.26
C ALA P 41 -10.13 -63.91 52.75
N ALA P 42 -9.78 -64.88 53.59
CA ALA P 42 -8.92 -65.97 53.13
C ALA P 42 -9.59 -66.77 52.03
N VAL P 43 -10.89 -67.02 52.15
CA VAL P 43 -11.62 -67.75 51.10
C VAL P 43 -11.62 -66.96 49.80
N ILE P 44 -11.80 -65.64 49.89
CA ILE P 44 -11.83 -64.81 48.70
C ILE P 44 -10.47 -64.81 48.02
N SER P 45 -9.39 -64.69 48.81
CA SER P 45 -8.05 -64.73 48.25
C SER P 45 -7.77 -66.09 47.62
N SER P 46 -8.29 -67.15 48.21
CA SER P 46 -8.20 -68.48 47.61
C SER P 46 -8.91 -68.58 46.27
N ASN P 47 -10.13 -68.05 46.17
CA ASN P 47 -10.93 -68.21 44.96
C ASN P 47 -11.01 -66.95 44.11
N ALA P 48 -9.98 -66.10 44.13
CA ALA P 48 -9.96 -64.86 43.37
C ALA P 48 -10.15 -65.06 41.87
N THR P 49 -9.37 -65.95 41.26
CA THR P 49 -9.47 -66.13 39.82
C THR P 49 -10.79 -66.78 39.42
N THR P 50 -11.25 -67.75 40.21
CA THR P 50 -12.50 -68.44 39.88
C THR P 50 -13.70 -67.52 40.05
N ILE P 51 -13.69 -66.64 41.05
CA ILE P 51 -14.77 -65.70 41.23
C ILE P 51 -14.86 -64.76 40.03
N ILE P 52 -13.72 -64.26 39.57
CA ILE P 52 -13.68 -63.37 38.42
C ILE P 52 -14.19 -64.09 37.18
N LYS P 53 -13.75 -65.34 36.97
CA LYS P 53 -14.17 -66.09 35.80
C LYS P 53 -15.67 -66.35 35.82
N GLU P 54 -16.22 -66.74 36.97
CA GLU P 54 -17.66 -67.00 37.04
C GLU P 54 -18.47 -65.73 36.86
N ALA P 55 -18.04 -64.62 37.46
CA ALA P 55 -18.75 -63.36 37.27
C ALA P 55 -18.70 -62.91 35.81
N ALA P 56 -17.56 -63.08 35.16
CA ALA P 56 -17.46 -62.73 33.75
C ALA P 56 -18.36 -63.59 32.89
N ALA P 57 -18.36 -64.91 33.14
CA ALA P 57 -19.20 -65.80 32.35
C ALA P 57 -20.68 -65.54 32.59
N LYS P 58 -21.05 -65.08 33.78
CA LYS P 58 -22.46 -64.85 34.07
C LYS P 58 -22.95 -63.48 33.64
N ALA P 59 -22.08 -62.46 33.58
CA ALA P 59 -22.54 -61.11 33.35
C ALA P 59 -21.98 -60.42 32.11
N LEU P 60 -20.82 -60.83 31.61
CA LEU P 60 -20.18 -60.04 30.55
C LEU P 60 -20.08 -60.79 29.23
N ILE P 61 -19.41 -61.94 29.25
CA ILE P 61 -18.99 -62.59 28.01
C ILE P 61 -20.18 -63.31 27.37
N TYR P 62 -19.98 -63.76 26.12
CA TYR P 62 -21.05 -64.34 25.30
C TYR P 62 -22.15 -63.30 25.05
N SER P 63 -21.75 -62.09 24.66
CA SER P 63 -22.70 -61.05 24.36
C SER P 63 -22.09 -60.12 23.32
N ASP P 64 -22.72 -58.97 23.12
CA ASP P 64 -22.19 -57.98 22.18
C ASP P 64 -20.96 -57.28 22.75
N LEU P 65 -20.76 -57.35 24.07
CA LEU P 65 -19.59 -56.71 24.67
C LEU P 65 -18.30 -57.35 24.20
N THR P 66 -18.28 -58.68 24.10
CA THR P 66 -17.08 -59.40 23.69
C THR P 66 -16.99 -59.62 22.18
N ARG P 67 -17.99 -59.18 21.43
CA ARG P 67 -17.95 -59.27 19.98
C ARG P 67 -17.37 -57.99 19.39
N PRO P 68 -17.12 -57.98 18.07
CA PRO P 68 -16.70 -56.74 17.42
C PRO P 68 -17.74 -55.64 17.60
N GLY P 69 -17.26 -54.43 17.88
CA GLY P 69 -18.12 -53.34 18.27
C GLY P 69 -18.40 -53.27 19.76
N GLY P 70 -17.97 -54.27 20.51
CA GLY P 70 -18.18 -54.29 21.95
C GLY P 70 -17.02 -53.65 22.67
N MEN P 71 -17.29 -53.05 23.82
CA MEN P 71 -16.28 -52.32 24.54
C MEN P 71 -15.20 -53.24 25.09
O MEN P 71 -14.05 -52.88 25.32
CB MEN P 71 -16.85 -51.52 25.73
CG MEN P 71 -15.80 -50.57 26.26
OD1 MEN P 71 -15.07 -50.89 27.21
ND2 MEN P 71 -15.66 -49.35 25.62
CE2 MEN P 71 -14.69 -48.38 26.02
N MET P 72 -15.60 -54.48 25.32
CA MET P 72 -14.69 -55.47 25.89
C MET P 72 -14.09 -56.34 24.79
N TYR P 73 -14.33 -55.96 23.54
CA TYR P 73 -13.73 -56.61 22.38
C TYR P 73 -12.23 -56.37 22.37
N THR P 74 -11.49 -57.31 21.78
CA THR P 74 -10.03 -57.30 21.62
C THR P 74 -9.34 -57.68 22.93
N THR P 75 -8.16 -58.29 22.81
CA THR P 75 -7.47 -58.85 23.97
C THR P 75 -7.08 -57.77 24.96
N ARG P 76 -6.64 -56.61 24.48
CA ARG P 76 -6.25 -55.54 25.39
C ARG P 76 -7.42 -55.06 26.23
N ARG P 77 -8.57 -54.83 25.59
CA ARG P 77 -9.74 -54.40 26.34
C ARG P 77 -10.25 -55.47 27.27
N TYR P 78 -10.19 -56.75 26.86
CA TYR P 78 -10.61 -57.82 27.76
C TYR P 78 -9.70 -57.87 28.99
N ALA P 79 -8.39 -57.76 28.78
CA ALA P 79 -7.46 -57.78 29.90
C ALA P 79 -7.70 -56.59 30.82
N ALA P 80 -7.99 -55.43 30.25
CA ALA P 80 -8.30 -54.26 31.07
C ALA P 80 -9.55 -54.48 31.90
N CYS P 81 -10.59 -55.07 31.30
CA CYS P 81 -11.82 -55.33 32.04
C CYS P 81 -11.60 -56.33 33.17
N ILE P 82 -10.86 -57.40 32.91
CA ILE P 82 -10.61 -58.36 33.98
C ILE P 82 -9.70 -57.78 35.06
N ARG P 83 -8.76 -56.90 34.71
CA ARG P 83 -7.94 -56.26 35.73
C ARG P 83 -8.79 -55.33 36.59
N ASP P 84 -9.76 -54.66 35.96
CA ASP P 84 -10.69 -53.83 36.74
C ASP P 84 -11.52 -54.69 37.69
N MET P 85 -11.96 -55.86 37.23
CA MET P 85 -12.69 -56.77 38.11
C MET P 85 -11.83 -57.23 39.28
N ASP P 86 -10.55 -57.53 39.00
CA ASP P 86 -9.64 -57.92 40.08
C ASP P 86 -9.44 -56.79 41.08
N TYR P 87 -9.35 -55.55 40.58
CA TYR P 87 -9.30 -54.37 41.45
C TYR P 87 -10.51 -54.32 42.36
N PHE P 88 -11.70 -54.49 41.78
CA PHE P 88 -12.94 -54.43 42.55
C PHE P 88 -12.97 -55.50 43.62
N LEU P 89 -12.55 -56.71 43.27
CA LEU P 89 -12.56 -57.81 44.23
C LEU P 89 -11.59 -57.56 45.38
N ARG P 90 -10.36 -57.15 45.06
CA ARG P 90 -9.37 -56.93 46.12
C ARG P 90 -9.76 -55.77 47.02
N TYR P 91 -10.31 -54.69 46.46
CA TYR P 91 -10.66 -53.56 47.31
C TYR P 91 -11.93 -53.83 48.10
N ALA P 92 -12.84 -54.67 47.56
CA ALA P 92 -13.97 -55.12 48.36
C ALA P 92 -13.48 -55.96 49.54
N THR P 93 -12.47 -56.80 49.31
CA THR P 93 -11.89 -57.57 50.41
C THR P 93 -11.29 -56.66 51.48
N TYR P 94 -10.54 -55.64 51.05
CA TYR P 94 -9.94 -54.71 52.00
C TYR P 94 -11.00 -53.97 52.80
N ALA P 95 -12.04 -53.50 52.13
CA ALA P 95 -13.10 -52.76 52.81
C ALA P 95 -13.85 -53.66 53.79
N MET P 96 -14.09 -54.91 53.39
CA MET P 96 -14.77 -55.84 54.29
C MET P 96 -13.93 -56.15 55.52
N LEU P 97 -12.62 -56.31 55.34
CA LEU P 97 -11.73 -56.54 56.48
C LEU P 97 -11.71 -55.33 57.39
N ALA P 98 -11.66 -54.13 56.82
CA ALA P 98 -11.59 -52.92 57.65
C ALA P 98 -12.93 -52.56 58.26
N GLY P 99 -14.03 -53.12 57.76
CA GLY P 99 -15.34 -52.75 58.26
C GLY P 99 -15.71 -51.31 57.96
N ASP P 100 -15.31 -50.79 56.81
CA ASP P 100 -15.61 -49.41 56.45
C ASP P 100 -15.51 -49.20 54.95
N PRO P 101 -16.40 -48.42 54.35
CA PRO P 101 -16.32 -48.13 52.92
C PRO P 101 -15.40 -46.97 52.57
N SER P 102 -14.61 -46.50 53.54
CA SER P 102 -13.72 -45.37 53.29
C SER P 102 -12.68 -45.70 52.23
N ILE P 103 -12.10 -46.89 52.31
CA ILE P 103 -11.12 -47.28 51.31
C ILE P 103 -11.76 -47.43 49.94
N LEU P 104 -13.01 -47.90 49.89
CA LEU P 104 -13.71 -47.98 48.62
C LEU P 104 -13.92 -46.60 48.00
N ASP P 105 -14.35 -45.61 48.81
CA ASP P 105 -14.51 -44.27 48.27
C ASP P 105 -13.17 -43.63 47.95
N GLU P 106 -12.13 -44.09 48.62
CA GLU P 106 -10.92 -43.31 48.80
C GLU P 106 -9.78 -43.81 47.92
N ARG P 107 -9.90 -45.04 47.42
CA ARG P 107 -8.92 -45.57 46.49
C ARG P 107 -9.54 -46.10 45.20
N VAL P 108 -10.86 -46.11 45.09
CA VAL P 108 -11.48 -46.68 43.91
C VAL P 108 -12.46 -45.72 43.25
N LEU P 109 -13.45 -45.25 44.00
CA LEU P 109 -14.57 -44.55 43.37
C LEU P 109 -14.24 -43.11 42.99
N ASN P 110 -13.11 -42.57 43.47
CA ASN P 110 -12.79 -41.18 43.17
C ASN P 110 -12.39 -41.00 41.72
N GLY P 111 -13.28 -40.41 40.93
CA GLY P 111 -13.00 -40.13 39.53
C GLY P 111 -13.16 -41.31 38.60
N LEU P 112 -13.50 -42.49 39.11
CA LEU P 112 -13.64 -43.66 38.26
C LEU P 112 -14.81 -43.49 37.29
N LYS P 113 -15.90 -42.85 37.75
CA LYS P 113 -17.04 -42.62 36.88
C LYS P 113 -16.66 -41.74 35.70
N GLU P 114 -15.97 -40.63 35.96
CA GLU P 114 -15.63 -39.72 34.88
C GLU P 114 -14.57 -40.33 33.96
N THR P 115 -13.64 -41.11 34.52
CA THR P 115 -12.71 -41.85 33.68
C THR P 115 -13.43 -42.83 32.76
N TYR P 116 -14.44 -43.50 33.28
CA TYR P 116 -15.19 -44.44 32.45
C TYR P 116 -15.99 -43.71 31.38
N ASN P 117 -16.52 -42.52 31.69
CA ASN P 117 -17.18 -41.75 30.64
C ASN P 117 -16.20 -41.32 29.57
N SER P 118 -14.99 -40.91 29.97
CA SER P 118 -13.99 -40.50 28.98
C SER P 118 -13.56 -41.67 28.09
N LEU P 119 -13.38 -42.84 28.67
CA LEU P 119 -12.95 -43.99 27.88
C LEU P 119 -14.09 -44.68 27.14
N GLY P 120 -15.34 -44.39 27.49
CA GLY P 120 -16.47 -45.05 26.88
C GLY P 120 -16.87 -46.37 27.50
N VAL P 121 -16.31 -46.73 28.65
CA VAL P 121 -16.59 -48.01 29.31
C VAL P 121 -18.04 -48.05 29.77
N PRO P 122 -18.72 -49.19 29.63
CA PRO P 122 -20.13 -49.27 30.05
C PRO P 122 -20.30 -49.42 31.56
N ILE P 123 -20.87 -48.39 32.18
CA ILE P 123 -21.09 -48.41 33.62
C ILE P 123 -22.09 -49.49 33.99
N ALA P 124 -23.12 -49.69 33.16
CA ALA P 124 -24.11 -50.72 33.46
C ALA P 124 -23.50 -52.11 33.43
N ALA P 125 -22.67 -52.39 32.43
CA ALA P 125 -21.99 -53.67 32.38
C ALA P 125 -21.03 -53.85 33.54
N THR P 126 -20.33 -52.79 33.93
CA THR P 126 -19.45 -52.87 35.09
C THR P 126 -20.23 -53.19 36.36
N VAL P 127 -21.38 -52.53 36.55
CA VAL P 127 -22.20 -52.80 37.73
C VAL P 127 -22.73 -54.23 37.71
N GLY P 128 -23.11 -54.72 36.53
CA GLY P 128 -23.54 -56.09 36.43
C GLY P 128 -22.45 -57.09 36.79
N GLY P 129 -21.23 -56.81 36.33
CA GLY P 129 -20.11 -57.66 36.72
C GLY P 129 -19.83 -57.61 38.21
N ILE P 130 -19.95 -56.43 38.81
CA ILE P 130 -19.75 -56.30 40.25
C ILE P 130 -20.80 -57.11 41.02
N GLN P 131 -22.06 -57.03 40.58
CA GLN P 131 -23.10 -57.82 41.25
C GLN P 131 -22.91 -59.31 41.04
N ALA P 132 -22.45 -59.74 39.87
CA ALA P 132 -22.15 -61.16 39.68
C ALA P 132 -21.04 -61.62 40.61
N MET P 133 -19.98 -60.81 40.75
CA MET P 133 -18.92 -61.13 41.69
C MET P 133 -19.44 -61.17 43.12
N LYS P 134 -20.36 -60.26 43.46
CA LYS P 134 -20.96 -60.26 44.79
C LYS P 134 -21.74 -61.55 45.04
N GLU P 135 -22.50 -62.01 44.05
CA GLU P 135 -23.26 -63.23 44.21
C GLU P 135 -22.33 -64.42 44.38
N VAL P 136 -21.25 -64.48 43.60
CA VAL P 136 -20.28 -65.57 43.73
C VAL P 136 -19.63 -65.55 45.10
N VAL P 137 -19.26 -64.36 45.58
CA VAL P 137 -18.62 -64.23 46.89
C VAL P 137 -19.57 -64.65 48.00
N GLY P 138 -20.84 -64.25 47.89
CA GLY P 138 -21.83 -64.67 48.87
C GLY P 138 -22.05 -66.17 48.87
N GLY P 139 -21.98 -66.80 47.69
CA GLY P 139 -22.06 -68.24 47.65
C GLY P 139 -20.85 -68.90 48.31
N LEU P 140 -19.66 -68.36 48.05
CA LEU P 140 -18.45 -69.01 48.55
C LEU P 140 -18.29 -68.84 50.06
N VAL P 141 -18.47 -67.62 50.57
CA VAL P 141 -18.15 -67.34 51.96
C VAL P 141 -19.08 -68.04 52.94
N GLY P 142 -20.35 -68.23 52.58
CA GLY P 142 -21.31 -68.83 53.46
C GLY P 142 -22.15 -67.81 54.19
N PRO P 143 -23.12 -68.29 54.98
CA PRO P 143 -24.03 -67.39 55.69
C PRO P 143 -23.35 -66.44 56.67
N ASP P 144 -22.18 -66.82 57.18
CA ASP P 144 -21.52 -66.05 58.22
C ASP P 144 -21.13 -64.65 57.76
N ALA P 145 -20.42 -64.55 56.64
CA ALA P 145 -19.94 -63.27 56.15
C ALA P 145 -20.57 -62.86 54.83
N ALA P 146 -21.66 -63.50 54.42
CA ALA P 146 -22.26 -63.20 53.13
C ALA P 146 -22.79 -61.76 53.08
N LYS P 147 -23.58 -61.37 54.08
CA LYS P 147 -24.13 -60.02 54.11
C LYS P 147 -23.02 -58.98 54.28
N GLU P 148 -22.04 -59.29 55.13
CA GLU P 148 -20.96 -58.34 55.38
C GLU P 148 -20.14 -58.09 54.13
N ALA P 149 -19.86 -59.15 53.36
CA ALA P 149 -19.16 -58.96 52.09
C ALA P 149 -20.05 -58.23 51.08
N SER P 150 -21.34 -58.57 51.07
CA SER P 150 -22.22 -58.07 50.02
C SER P 150 -22.51 -56.58 50.18
N ILE P 151 -22.43 -56.07 51.41
CA ILE P 151 -22.72 -54.64 51.61
C ILE P 151 -21.69 -53.78 50.90
N TYR P 152 -20.43 -54.19 50.86
CA TYR P 152 -19.42 -53.40 50.18
C TYR P 152 -19.50 -53.52 48.66
N PHE P 153 -19.87 -54.68 48.13
CA PHE P 153 -20.14 -54.76 46.69
C PHE P 153 -21.32 -53.88 46.30
N ASP P 154 -22.37 -53.86 47.13
CA ASP P 154 -23.47 -52.94 46.90
C ASP P 154 -23.02 -51.49 47.00
N TYR P 155 -22.09 -51.20 47.91
CA TYR P 155 -21.53 -49.86 48.01
C TYR P 155 -20.80 -49.46 46.74
N LEU P 156 -20.00 -50.38 46.19
CA LEU P 156 -19.31 -50.12 44.94
C LEU P 156 -20.29 -49.88 43.80
N SER P 157 -21.33 -50.71 43.72
CA SER P 157 -22.33 -50.56 42.67
C SER P 157 -23.08 -49.24 42.77
N SER P 158 -23.50 -48.86 43.99
CA SER P 158 -24.20 -47.60 44.19
C SER P 158 -23.30 -46.39 43.97
N GLY P 159 -22.00 -46.50 44.28
CA GLY P 159 -21.09 -45.41 43.97
C GLY P 159 -20.86 -45.25 42.48
N LEU P 160 -20.73 -46.35 41.75
CA LEU P 160 -20.56 -46.27 40.31
C LEU P 160 -21.81 -45.74 39.62
N SER P 161 -22.97 -46.29 39.94
CA SER P 161 -24.21 -45.86 39.32
C SER P 161 -24.70 -44.55 39.93
N SER Q 2 0.63 -49.82 9.86
CA SER Q 2 1.16 -50.14 8.56
C SER Q 2 2.55 -49.55 8.38
N VAL Q 3 3.11 -49.71 7.17
CA VAL Q 3 4.43 -49.17 6.89
C VAL Q 3 4.44 -47.65 6.98
N LEU Q 4 3.42 -47.00 6.41
CA LEU Q 4 3.35 -45.54 6.48
C LEU Q 4 3.19 -45.06 7.91
N THR Q 5 2.34 -45.72 8.69
CA THR Q 5 2.14 -45.32 10.09
C THR Q 5 3.42 -45.49 10.88
N LYS Q 6 4.14 -46.59 10.66
CA LYS Q 6 5.39 -46.83 11.39
C LYS Q 6 6.44 -45.79 11.01
N ALA Q 7 6.57 -45.49 9.73
CA ALA Q 7 7.56 -44.51 9.29
C ALA Q 7 7.22 -43.12 9.82
N ILE Q 8 5.94 -42.76 9.78
CA ILE Q 8 5.53 -41.44 10.26
C ILE Q 8 5.77 -41.33 11.76
N VAL Q 9 5.48 -42.40 12.51
CA VAL Q 9 5.70 -42.36 13.95
C VAL Q 9 7.19 -42.24 14.26
N ASN Q 10 8.02 -42.98 13.54
CA ASN Q 10 9.46 -42.89 13.75
C ASN Q 10 10.00 -41.49 13.43
N ALA Q 11 9.51 -40.88 12.36
CA ALA Q 11 9.94 -39.52 12.04
C ALA Q 11 9.45 -38.53 13.08
N ASP Q 12 8.20 -38.68 13.52
CA ASP Q 12 7.64 -37.74 14.48
C ASP Q 12 8.31 -37.86 15.84
N ALA Q 13 8.84 -39.04 16.16
CA ALA Q 13 9.57 -39.20 17.41
C ALA Q 13 10.81 -38.32 17.44
N GLU Q 14 11.49 -38.17 16.30
CA GLU Q 14 12.65 -37.30 16.21
C GLU Q 14 12.30 -35.88 15.78
N ALA Q 15 11.04 -35.62 15.43
CA ALA Q 15 10.59 -34.27 15.08
C ALA Q 15 11.32 -33.75 13.84
N ARG Q 16 11.20 -34.46 12.73
CA ARG Q 16 11.86 -34.10 11.49
C ARG Q 16 11.08 -34.64 10.32
N TYR Q 17 11.34 -34.08 9.14
CA TYR Q 17 10.68 -34.53 7.93
C TYR Q 17 11.21 -35.91 7.54
N LEU Q 18 10.46 -36.64 6.72
CA LEU Q 18 10.86 -37.98 6.35
C LEU Q 18 12.13 -37.96 5.51
N SER Q 19 13.05 -38.85 5.85
CA SER Q 19 14.26 -39.01 5.07
C SER Q 19 13.96 -39.71 3.76
N PRO Q 20 14.82 -39.55 2.75
CA PRO Q 20 14.60 -40.24 1.47
C PRO Q 20 14.57 -41.76 1.57
N GLY Q 21 15.27 -42.34 2.54
CA GLY Q 21 15.18 -43.77 2.77
C GLY Q 21 13.79 -44.21 3.16
N GLU Q 22 13.15 -43.41 4.01
CA GLU Q 22 11.78 -43.71 4.42
C GLU Q 22 10.83 -43.57 3.23
N LEU Q 23 11.09 -42.59 2.36
CA LEU Q 23 10.27 -42.45 1.16
C LEU Q 23 10.50 -43.63 0.20
N ASP Q 24 11.73 -44.16 0.17
CA ASP Q 24 11.99 -45.36 -0.62
C ASP Q 24 11.21 -46.56 -0.06
N ARG Q 25 11.18 -46.71 1.26
CA ARG Q 25 10.39 -47.78 1.86
C ARG Q 25 8.92 -47.60 1.52
N ILE Q 26 8.43 -46.37 1.55
CA ILE Q 26 7.03 -46.10 1.22
C ILE Q 26 6.74 -46.46 -0.24
N LYS Q 27 7.66 -46.12 -1.14
CA LYS Q 27 7.50 -46.46 -2.55
C LYS Q 27 7.47 -47.97 -2.76
N SER Q 28 8.36 -48.69 -2.07
CA SER Q 28 8.34 -50.15 -2.18
C SER Q 28 7.03 -50.72 -1.66
N PHE Q 29 6.52 -50.17 -0.55
CA PHE Q 29 5.26 -50.65 -0.01
C PHE Q 29 4.09 -50.39 -0.96
N VAL Q 30 4.04 -49.20 -1.56
CA VAL Q 30 2.94 -48.90 -2.46
C VAL Q 30 3.04 -49.74 -3.73
N ALA Q 31 4.27 -50.07 -4.14
CA ALA Q 31 4.44 -51.00 -5.25
C ALA Q 31 3.92 -52.39 -4.90
N SER Q 32 4.19 -52.85 -3.68
CA SER Q 32 3.82 -54.22 -3.31
C SER Q 32 2.38 -54.30 -2.83
N GLY Q 33 1.70 -53.16 -2.73
CA GLY Q 33 0.35 -53.16 -2.19
C GLY Q 33 -0.64 -53.95 -3.02
N GLU Q 34 -0.51 -53.91 -4.35
CA GLU Q 34 -1.43 -54.64 -5.20
C GLU Q 34 -1.30 -56.15 -5.00
N ARG Q 35 -0.05 -56.64 -4.97
CA ARG Q 35 0.17 -58.06 -4.69
C ARG Q 35 -0.32 -58.43 -3.30
N ARG Q 36 -0.10 -57.56 -2.32
CA ARG Q 36 -0.54 -57.85 -0.96
C ARG Q 36 -2.05 -57.99 -0.88
N LEU Q 37 -2.78 -57.06 -1.51
CA LEU Q 37 -4.24 -57.14 -1.47
C LEU Q 37 -4.76 -58.32 -2.28
N ARG Q 38 -4.06 -58.68 -3.36
CA ARG Q 38 -4.45 -59.87 -4.10
C ARG Q 38 -4.28 -61.13 -3.26
N ILE Q 39 -3.17 -61.23 -2.53
CA ILE Q 39 -2.96 -62.36 -1.62
C ILE Q 39 -4.03 -62.38 -0.54
N ALA Q 40 -4.38 -61.21 -0.01
CA ALA Q 40 -5.41 -61.14 1.03
C ALA Q 40 -6.75 -61.61 0.52
N GLN Q 41 -7.13 -61.21 -0.70
CA GLN Q 41 -8.39 -61.67 -1.25
C GLN Q 41 -8.36 -63.17 -1.54
N THR Q 42 -7.20 -63.69 -1.97
CA THR Q 42 -7.07 -65.13 -2.18
C THR Q 42 -7.27 -65.90 -0.88
N LEU Q 43 -6.69 -65.41 0.22
CA LEU Q 43 -6.92 -66.05 1.50
C LEU Q 43 -8.37 -65.90 1.96
N THR Q 44 -8.97 -64.74 1.70
CA THR Q 44 -10.32 -64.49 2.18
C THR Q 44 -11.34 -65.37 1.47
N GLU Q 45 -11.10 -65.69 0.20
CA GLU Q 45 -12.05 -66.51 -0.54
C GLU Q 45 -12.14 -67.92 0.04
N ALA Q 46 -11.02 -68.44 0.55
CA ALA Q 46 -10.96 -69.79 1.09
C ALA Q 46 -10.86 -69.80 2.62
N ARG Q 47 -11.59 -68.91 3.29
CA ARG Q 47 -11.44 -68.78 4.74
C ARG Q 47 -12.06 -69.98 5.47
N GLU Q 48 -13.16 -70.51 4.96
CA GLU Q 48 -13.85 -71.58 5.68
C GLU Q 48 -13.10 -72.90 5.57
N ARG Q 49 -12.62 -73.21 4.37
CA ARG Q 49 -11.88 -74.46 4.17
C ARG Q 49 -10.60 -74.48 4.99
N ILE Q 50 -9.87 -73.36 5.03
CA ILE Q 50 -8.63 -73.29 5.79
C ILE Q 50 -8.90 -73.47 7.27
N VAL Q 51 -9.96 -72.82 7.77
CA VAL Q 51 -10.31 -72.92 9.19
C VAL Q 51 -10.67 -74.36 9.53
N LYS Q 52 -11.47 -75.01 8.68
CA LYS Q 52 -11.89 -76.39 8.95
C LYS Q 52 -10.70 -77.34 8.95
N GLN Q 53 -9.82 -77.22 7.96
CA GLN Q 53 -8.70 -78.14 7.88
C GLN Q 53 -7.73 -77.89 9.02
N ALA Q 54 -7.51 -76.62 9.39
CA ALA Q 54 -6.63 -76.32 10.51
C ALA Q 54 -7.21 -76.86 11.81
N GLY Q 55 -8.53 -76.77 11.97
CA GLY Q 55 -9.15 -77.34 13.15
C GLY Q 55 -8.97 -78.85 13.23
N ASP Q 56 -9.17 -79.54 12.11
CA ASP Q 56 -8.96 -80.99 12.09
C ASP Q 56 -7.51 -81.35 12.40
N GLN Q 57 -6.56 -80.62 11.81
CA GLN Q 57 -5.15 -80.89 12.05
C GLN Q 57 -4.78 -80.64 13.51
N LEU Q 58 -5.25 -79.54 14.08
CA LEU Q 58 -4.95 -79.23 15.47
C LEU Q 58 -5.56 -80.25 16.41
N PHE Q 59 -6.79 -80.68 16.13
CA PHE Q 59 -7.40 -81.71 16.97
C PHE Q 59 -6.69 -83.04 16.83
N GLN Q 60 -6.10 -83.34 15.67
CA GLN Q 60 -5.33 -84.56 15.54
C GLN Q 60 -4.04 -84.48 16.33
N ILE Q 61 -3.35 -83.34 16.26
CA ILE Q 61 -2.06 -83.23 16.94
C ILE Q 61 -2.25 -83.17 18.45
N ARG Q 62 -3.27 -82.46 18.94
CA ARG Q 62 -3.49 -82.27 20.37
C ARG Q 62 -4.91 -82.70 20.72
N PRO Q 63 -5.14 -84.00 20.82
CA PRO Q 63 -6.49 -84.48 21.15
C PRO Q 63 -6.94 -84.15 22.56
N ASP Q 64 -6.01 -83.81 23.46
CA ASP Q 64 -6.36 -83.57 24.86
C ASP Q 64 -7.28 -82.36 25.01
N VAL Q 65 -7.18 -81.39 24.11
CA VAL Q 65 -8.07 -80.23 24.17
C VAL Q 65 -9.50 -80.62 23.89
N VAL Q 66 -9.71 -81.70 23.14
CA VAL Q 66 -11.06 -82.19 22.86
C VAL Q 66 -11.35 -83.37 23.77
N SER Q 67 -10.53 -83.53 24.81
CA SER Q 67 -10.71 -84.55 25.81
C SER Q 67 -11.52 -83.97 26.95
N PRO Q 68 -12.00 -84.80 27.89
CA PRO Q 68 -12.84 -84.32 28.99
C PRO Q 68 -12.21 -83.22 29.83
N GLY Q 69 -10.88 -83.28 30.02
CA GLY Q 69 -10.19 -82.25 30.76
C GLY Q 69 -9.68 -81.13 29.88
N GLY Q 70 -10.09 -81.13 28.61
CA GLY Q 70 -9.64 -80.16 27.63
C GLY Q 70 -10.48 -78.90 27.67
N ASN Q 71 -9.87 -77.78 27.28
CA ASN Q 71 -10.60 -76.52 27.25
C ASN Q 71 -11.69 -76.54 26.18
N ALA Q 72 -11.44 -77.21 25.05
CA ALA Q 72 -12.37 -77.26 23.94
C ALA Q 72 -13.19 -78.56 23.91
N TYR Q 73 -13.55 -79.09 25.07
CA TYR Q 73 -14.33 -80.31 25.12
C TYR Q 73 -15.80 -80.00 24.89
N GLY Q 74 -16.39 -80.60 23.86
CA GLY Q 74 -17.76 -80.36 23.50
C GLY Q 74 -17.89 -79.63 22.17
N GLU Q 75 -19.09 -79.75 21.61
CA GLU Q 75 -19.35 -79.15 20.30
C GLU Q 75 -19.25 -77.63 20.34
N LYS Q 76 -19.79 -77.00 21.38
CA LYS Q 76 -19.75 -75.55 21.45
C LYS Q 76 -18.38 -75.02 21.83
N MET Q 77 -17.66 -75.73 22.69
CA MET Q 77 -16.25 -75.42 22.93
C MET Q 77 -15.41 -75.51 21.68
N THR Q 78 -15.62 -76.53 20.84
CA THR Q 78 -14.92 -76.60 19.57
C THR Q 78 -15.34 -75.50 18.61
N ALA Q 79 -16.62 -75.12 18.65
CA ALA Q 79 -17.09 -74.02 17.82
C ALA Q 79 -16.39 -72.72 18.19
N LEU Q 80 -16.20 -72.49 19.49
CA LEU Q 80 -15.49 -71.29 19.92
C LEU Q 80 -14.03 -71.31 19.49
N CYS Q 81 -13.40 -72.49 19.54
CA CYS Q 81 -12.01 -72.60 19.06
C CYS Q 81 -11.92 -72.30 17.58
N LEU Q 82 -12.85 -72.83 16.78
CA LEU Q 82 -12.85 -72.54 15.35
C LEU Q 82 -13.13 -71.07 15.08
N ARG Q 83 -14.00 -70.44 15.87
CA ARG Q 83 -14.25 -69.01 15.71
C ARG Q 83 -12.99 -68.19 16.03
N ASP Q 84 -12.24 -68.59 17.06
CA ASP Q 84 -10.99 -67.91 17.35
C ASP Q 84 -9.98 -68.08 16.22
N LEU Q 85 -9.92 -69.28 15.64
CA LEU Q 85 -9.03 -69.50 14.50
C LEU Q 85 -9.43 -68.63 13.32
N ASP Q 86 -10.74 -68.46 13.09
CA ASP Q 86 -11.21 -67.55 12.05
C ASP Q 86 -10.82 -66.11 12.35
N TYR Q 87 -10.91 -65.72 13.63
CA TYR Q 87 -10.48 -64.38 14.04
C TYR Q 87 -9.01 -64.16 13.69
N TYR Q 88 -8.17 -65.15 13.99
CA TYR Q 88 -6.75 -64.99 13.71
C TYR Q 88 -6.47 -65.00 12.21
N LEU Q 89 -7.24 -65.76 11.43
CA LEU Q 89 -7.09 -65.70 9.97
C LEU Q 89 -7.42 -64.31 9.44
N ARG Q 90 -8.51 -63.72 9.96
CA ARG Q 90 -8.88 -62.36 9.56
C ARG Q 90 -7.79 -61.37 9.93
N LEU Q 91 -7.21 -61.53 11.12
CA LEU Q 91 -6.13 -60.64 11.54
C LEU Q 91 -4.91 -60.80 10.64
N VAL Q 92 -4.60 -62.04 10.22
CA VAL Q 92 -3.47 -62.25 9.33
C VAL Q 92 -3.71 -61.59 7.98
N THR Q 93 -4.93 -61.68 7.45
CA THR Q 93 -5.23 -60.99 6.19
C THR Q 93 -5.12 -59.49 6.35
N TYR Q 94 -5.57 -58.95 7.49
CA TYR Q 94 -5.42 -57.52 7.77
C TYR Q 94 -3.95 -57.13 7.77
N GLY Q 95 -3.11 -57.92 8.43
CA GLY Q 95 -1.68 -57.61 8.47
C GLY Q 95 -1.03 -57.68 7.11
N ILE Q 96 -1.43 -58.67 6.30
CA ILE Q 96 -0.86 -58.82 4.95
C ILE Q 96 -1.24 -57.63 4.09
N VAL Q 97 -2.48 -57.17 4.19
CA VAL Q 97 -2.89 -55.99 3.43
C VAL Q 97 -2.14 -54.76 3.90
N ALA Q 98 -2.05 -54.56 5.22
CA ALA Q 98 -1.47 -53.32 5.73
C ALA Q 98 0.04 -53.29 5.51
N GLY Q 99 0.66 -54.46 5.37
CA GLY Q 99 2.09 -54.53 5.18
C GLY Q 99 2.89 -54.48 6.45
N ASP Q 100 2.24 -54.32 7.60
CA ASP Q 100 2.91 -54.27 8.89
C ASP Q 100 2.04 -54.98 9.91
N VAL Q 101 2.63 -55.32 11.05
CA VAL Q 101 1.92 -56.12 12.06
C VAL Q 101 1.17 -55.22 13.04
N THR Q 102 1.09 -53.93 12.73
CA THR Q 102 0.47 -52.94 13.62
C THR Q 102 -0.98 -53.24 13.98
N PRO Q 103 -1.88 -53.49 13.03
CA PRO Q 103 -3.26 -53.82 13.42
C PRO Q 103 -3.38 -55.13 14.18
N ILE Q 104 -2.55 -56.11 13.84
CA ILE Q 104 -2.61 -57.41 14.51
C ILE Q 104 -2.27 -57.28 15.98
N GLU Q 105 -1.24 -56.50 16.30
CA GLU Q 105 -0.81 -56.36 17.69
C GLU Q 105 -1.88 -55.68 18.53
N GLU Q 106 -2.49 -54.62 18.02
CA GLU Q 106 -3.51 -53.93 18.78
C GLU Q 106 -4.78 -54.76 18.90
N ILE Q 107 -5.10 -55.55 17.88
CA ILE Q 107 -6.37 -56.27 17.89
C ILE Q 107 -6.31 -57.57 18.70
N GLY Q 108 -5.30 -58.41 18.46
CA GLY Q 108 -5.34 -59.74 19.04
C GLY Q 108 -4.03 -60.31 19.55
N ILE Q 109 -3.11 -59.47 20.03
CA ILE Q 109 -1.85 -59.93 20.60
C ILE Q 109 -1.62 -59.39 22.00
N ILE Q 110 -1.70 -58.08 22.19
CA ILE Q 110 -1.47 -57.51 23.51
C ILE Q 110 -2.63 -57.90 24.42
N GLY Q 111 -2.31 -58.50 25.57
CA GLY Q 111 -3.30 -59.00 26.47
C GLY Q 111 -3.80 -60.41 26.17
N VAL Q 112 -3.28 -61.03 25.11
CA VAL Q 112 -3.70 -62.39 24.77
C VAL Q 112 -3.29 -63.37 25.86
N LYS Q 113 -2.20 -63.08 26.57
CA LYS Q 113 -1.78 -63.96 27.66
C LYS Q 113 -2.81 -63.95 28.79
N GLU Q 114 -3.28 -62.76 29.17
CA GLU Q 114 -4.32 -62.70 30.20
C GLU Q 114 -5.64 -63.27 29.70
N MET Q 115 -5.96 -63.04 28.43
CA MET Q 115 -7.05 -63.74 27.74
C MET Q 115 -7.03 -65.24 28.00
N TYR Q 116 -5.96 -65.91 27.57
CA TYR Q 116 -5.98 -67.36 27.61
C TYR Q 116 -5.67 -67.88 29.02
N ASN Q 117 -5.10 -67.05 29.90
CA ASN Q 117 -4.94 -67.48 31.28
C ASN Q 117 -6.27 -67.43 32.02
N SER Q 118 -7.05 -66.37 31.83
CA SER Q 118 -8.36 -66.30 32.45
C SER Q 118 -9.29 -67.36 31.88
N LEU Q 119 -9.14 -67.68 30.59
CA LEU Q 119 -9.97 -68.72 30.03
C LEU Q 119 -9.40 -70.13 30.23
N GLN Q 120 -8.18 -70.24 30.78
CA GLN Q 120 -7.52 -71.53 30.96
C GLN Q 120 -7.34 -72.28 29.66
N THR Q 121 -7.07 -71.57 28.58
CA THR Q 121 -6.88 -72.20 27.29
C THR Q 121 -5.40 -72.43 27.04
N PRO Q 122 -5.01 -73.56 26.46
CA PRO Q 122 -3.59 -73.79 26.17
C PRO Q 122 -3.04 -72.90 25.07
N ILE Q 123 -2.19 -71.97 25.47
CA ILE Q 123 -1.54 -71.08 24.50
C ILE Q 123 -0.70 -71.84 23.48
N PRO Q 124 0.12 -72.81 23.85
CA PRO Q 124 0.78 -73.64 22.83
C PRO Q 124 -0.18 -74.38 21.92
N ALA Q 125 -1.34 -74.81 22.42
CA ALA Q 125 -2.35 -75.36 21.53
C ALA Q 125 -2.87 -74.35 20.52
N VAL Q 126 -3.11 -73.11 20.95
CA VAL Q 126 -3.52 -72.07 20.01
C VAL Q 126 -2.43 -71.81 18.99
N ALA Q 127 -1.17 -71.84 19.42
CA ALA Q 127 -0.04 -71.66 18.50
C ALA Q 127 0.01 -72.79 17.47
N GLU Q 128 -0.23 -74.01 17.91
CA GLU Q 128 -0.26 -75.14 16.97
C GLU Q 128 -1.41 -75.01 15.99
N GLY Q 129 -2.57 -74.55 16.46
CA GLY Q 129 -3.67 -74.27 15.55
C GLY Q 129 -3.31 -73.22 14.53
N VAL Q 130 -2.59 -72.18 14.94
CA VAL Q 130 -2.14 -71.16 14.01
C VAL Q 130 -1.16 -71.75 13.00
N ARG Q 131 -0.30 -72.67 13.44
CA ARG Q 131 0.63 -73.32 12.51
C ARG Q 131 -0.10 -74.15 11.47
N ALA Q 132 -1.12 -74.91 11.90
CA ALA Q 132 -1.92 -75.66 10.95
C ALA Q 132 -2.65 -74.74 9.98
N MET Q 133 -3.15 -73.61 10.48
CA MET Q 133 -3.74 -72.59 9.61
C MET Q 133 -2.72 -72.09 8.59
N LYS Q 134 -1.48 -71.90 9.02
CA LYS Q 134 -0.42 -71.45 8.12
C LYS Q 134 -0.16 -72.47 7.03
N ASN Q 135 -0.14 -73.76 7.40
CA ASN Q 135 0.07 -74.81 6.41
C ASN Q 135 -1.05 -74.84 5.39
N VAL Q 136 -2.30 -74.73 5.86
CA VAL Q 136 -3.44 -74.72 4.95
C VAL Q 136 -3.38 -73.51 4.02
N ALA Q 137 -2.97 -72.36 4.56
CA ALA Q 137 -2.88 -71.16 3.75
C ALA Q 137 -1.79 -71.28 2.70
N THR Q 138 -0.62 -71.79 3.09
CA THR Q 138 0.49 -71.88 2.14
C THR Q 138 0.25 -72.97 1.11
N SER Q 139 -0.62 -73.94 1.40
CA SER Q 139 -0.99 -74.90 0.37
C SER Q 139 -1.80 -74.29 -0.76
N LEU Q 140 -2.43 -73.14 -0.54
CA LEU Q 140 -3.29 -72.51 -1.54
C LEU Q 140 -2.63 -71.32 -2.21
N LEU Q 141 -1.32 -71.15 -2.05
CA LEU Q 141 -0.65 -69.97 -2.56
C LEU Q 141 0.62 -70.37 -3.30
N SER Q 142 1.03 -69.52 -4.24
CA SER Q 142 2.31 -69.70 -4.90
C SER Q 142 3.45 -69.49 -3.90
N GLY Q 143 4.66 -69.86 -4.32
CA GLY Q 143 5.81 -69.87 -3.43
C GLY Q 143 6.15 -68.54 -2.80
N ASP Q 144 6.24 -67.48 -3.59
CA ASP Q 144 6.55 -66.16 -3.04
C ASP Q 144 5.42 -65.67 -2.15
N ASP Q 145 4.17 -65.79 -2.63
CA ASP Q 145 3.03 -65.43 -1.80
C ASP Q 145 2.91 -66.31 -0.57
N ALA Q 146 3.24 -67.59 -0.69
CA ALA Q 146 3.24 -68.47 0.47
C ALA Q 146 4.24 -68.01 1.51
N ALA Q 147 5.44 -67.64 1.08
CA ALA Q 147 6.45 -67.13 2.03
C ALA Q 147 5.99 -65.81 2.65
N GLU Q 148 5.37 -64.94 1.84
CA GLU Q 148 4.91 -63.65 2.34
C GLU Q 148 3.85 -63.83 3.42
N ALA Q 149 2.91 -64.74 3.20
CA ALA Q 149 1.91 -65.01 4.24
C ALA Q 149 2.53 -65.72 5.44
N GLY Q 150 3.51 -66.60 5.17
CA GLY Q 150 4.14 -67.35 6.25
C GLY Q 150 4.92 -66.46 7.19
N PHE Q 151 5.43 -65.33 6.69
CA PHE Q 151 6.09 -64.37 7.58
C PHE Q 151 5.14 -63.88 8.66
N TYR Q 152 3.93 -63.46 8.28
CA TYR Q 152 2.97 -62.97 9.25
C TYR Q 152 2.44 -64.11 10.12
N PHE Q 153 2.27 -65.30 9.55
CA PHE Q 153 1.85 -66.44 10.37
C PHE Q 153 2.89 -66.78 11.43
N ASP Q 154 4.17 -66.76 11.05
CA ASP Q 154 5.23 -66.99 12.02
C ASP Q 154 5.30 -65.88 13.05
N TYR Q 155 5.00 -64.64 12.65
CA TYR Q 155 4.95 -63.56 13.63
C TYR Q 155 3.86 -63.81 14.66
N LEU Q 156 2.68 -64.25 14.21
CA LEU Q 156 1.61 -64.57 15.15
C LEU Q 156 2.01 -65.71 16.07
N VAL Q 157 2.68 -66.73 15.52
CA VAL Q 157 3.11 -67.86 16.33
C VAL Q 157 4.12 -67.41 17.38
N GLY Q 158 5.06 -66.55 17.00
CA GLY Q 158 6.02 -66.04 17.95
C GLY Q 158 5.39 -65.16 19.02
N ALA Q 159 4.44 -64.32 18.62
CA ALA Q 159 3.78 -63.45 19.58
C ALA Q 159 2.95 -64.25 20.59
N MET Q 160 2.21 -65.26 20.12
CA MET Q 160 1.49 -66.16 21.01
C MET Q 160 2.45 -67.20 21.58
N GLN Q 161 3.29 -66.73 22.50
CA GLN Q 161 4.39 -67.54 22.99
C GLN Q 161 5.00 -66.94 24.25
N MET R 1 -2.28 -42.71 15.85
CA MET R 1 -2.64 -42.18 14.54
C MET R 1 -3.10 -43.27 13.59
N GLN R 2 -3.50 -42.88 12.38
CA GLN R 2 -4.04 -43.82 11.42
C GLN R 2 -4.03 -43.20 10.03
N ASP R 3 -3.69 -44.03 9.04
CA ASP R 3 -3.68 -43.64 7.64
C ASP R 3 -4.93 -44.19 6.96
N ALA R 4 -4.98 -44.09 5.63
CA ALA R 4 -6.13 -44.61 4.89
C ALA R 4 -6.25 -46.12 5.03
N ILE R 5 -5.12 -46.83 4.92
CA ILE R 5 -5.12 -48.28 4.99
C ILE R 5 -5.59 -48.75 6.36
N THR R 6 -5.01 -48.18 7.42
CA THR R 6 -5.46 -48.55 8.77
C THR R 6 -6.87 -48.08 9.05
N ALA R 7 -7.32 -46.99 8.43
CA ALA R 7 -8.70 -46.55 8.62
C ALA R 7 -9.67 -47.57 8.05
N VAL R 8 -9.39 -48.05 6.83
CA VAL R 8 -10.23 -49.10 6.25
C VAL R 8 -10.17 -50.37 7.08
N ILE R 9 -8.97 -50.75 7.52
CA ILE R 9 -8.81 -51.99 8.27
C ILE R 9 -9.55 -51.92 9.60
N ASN R 10 -9.45 -50.78 10.29
CA ASN R 10 -10.18 -50.62 11.54
C ASN R 10 -11.68 -50.57 11.32
N ASN R 11 -12.14 -49.89 10.27
CA ASN R 11 -13.56 -49.82 9.99
C ASN R 11 -14.14 -51.19 9.66
N TYR R 12 -13.32 -52.09 9.11
CA TYR R 12 -13.80 -53.44 8.88
C TYR R 12 -13.61 -54.34 10.10
N ASP R 13 -12.60 -54.07 10.92
CA ASP R 13 -12.38 -54.88 12.11
C ASP R 13 -13.46 -54.63 13.15
N VAL R 14 -13.97 -53.40 13.23
CA VAL R 14 -15.04 -53.12 14.18
C VAL R 14 -16.30 -53.90 13.83
N GLN R 15 -16.52 -54.19 12.56
CA GLN R 15 -17.61 -55.08 12.14
C GLN R 15 -17.18 -56.53 12.10
N GLY R 16 -15.90 -56.82 12.24
CA GLY R 16 -15.43 -58.20 12.18
C GLY R 16 -15.64 -58.83 10.83
N LYS R 17 -15.48 -58.04 9.77
CA LYS R 17 -15.76 -58.47 8.41
C LYS R 17 -14.47 -58.59 7.62
N TYR R 18 -14.40 -59.61 6.76
CA TYR R 18 -13.29 -59.69 5.82
C TYR R 18 -13.41 -58.60 4.77
N LEU R 19 -12.29 -58.31 4.11
CA LEU R 19 -12.28 -57.26 3.10
C LEU R 19 -13.11 -57.68 1.89
N ASP R 20 -13.92 -56.76 1.39
CA ASP R 20 -14.82 -57.00 0.29
C ASP R 20 -14.48 -56.05 -0.87
N GLY R 21 -15.40 -56.00 -1.85
CA GLY R 21 -15.15 -55.19 -3.04
C GLY R 21 -14.99 -53.72 -2.73
N ALA R 22 -15.82 -53.18 -1.83
CA ALA R 22 -15.72 -51.76 -1.49
C ALA R 22 -14.38 -51.45 -0.80
N ALA R 23 -13.96 -52.32 0.12
CA ALA R 23 -12.70 -52.11 0.81
C ALA R 23 -11.53 -52.20 -0.16
N LEU R 24 -11.58 -53.16 -1.09
CA LEU R 24 -10.52 -53.27 -2.08
C LEU R 24 -10.52 -52.07 -3.03
N ASP R 25 -11.69 -51.55 -3.37
CA ASP R 25 -11.75 -50.34 -4.19
C ASP R 25 -11.12 -49.16 -3.48
N LYS R 26 -11.40 -49.00 -2.19
CA LYS R 26 -10.79 -47.91 -1.42
C LYS R 26 -9.28 -48.08 -1.36
N LEU R 27 -8.82 -49.31 -1.14
CA LEU R 27 -7.38 -49.54 -1.05
C LEU R 27 -6.70 -49.29 -2.40
N LYS R 28 -7.32 -49.71 -3.49
CA LYS R 28 -6.76 -49.44 -4.82
C LYS R 28 -6.71 -47.95 -5.10
N ALA R 29 -7.77 -47.22 -4.74
CA ALA R 29 -7.78 -45.79 -4.96
C ALA R 29 -6.71 -45.10 -4.13
N TYR R 30 -6.40 -45.62 -2.94
CA TYR R 30 -5.29 -45.05 -2.19
C TYR R 30 -3.96 -45.40 -2.84
N PHE R 31 -3.80 -46.64 -3.28
CA PHE R 31 -2.51 -47.10 -3.78
C PHE R 31 -2.14 -46.40 -5.08
N THR R 32 -3.14 -46.07 -5.91
CA THR R 32 -2.86 -45.37 -7.15
C THR R 32 -2.25 -44.00 -6.93
N THR R 33 -2.65 -43.30 -5.87
CA THR R 33 -2.12 -41.98 -5.56
C THR R 33 -0.90 -42.04 -4.66
N GLY R 34 -0.03 -43.03 -4.84
CA GLY R 34 1.11 -43.17 -3.96
C GLY R 34 2.25 -42.22 -4.30
N ALA R 35 2.65 -42.21 -5.57
CA ALA R 35 3.85 -41.46 -5.95
C ALA R 35 3.64 -39.96 -5.85
N VAL R 36 2.41 -39.49 -6.10
CA VAL R 36 2.13 -38.07 -6.04
C VAL R 36 2.33 -37.53 -4.63
N ARG R 37 1.86 -38.27 -3.63
CA ARG R 37 2.03 -37.86 -2.24
C ARG R 37 3.51 -37.80 -1.86
N VAL R 38 4.28 -38.79 -2.31
CA VAL R 38 5.71 -38.82 -1.99
C VAL R 38 6.43 -37.65 -2.62
N ARG R 39 6.12 -37.35 -3.88
CA ARG R 39 6.75 -36.23 -4.55
C ARG R 39 6.40 -34.90 -3.89
N ALA R 40 5.14 -34.73 -3.51
CA ALA R 40 4.73 -33.49 -2.84
C ALA R 40 5.40 -33.35 -1.48
N ALA R 41 5.50 -34.45 -0.73
CA ALA R 41 6.16 -34.40 0.57
C ALA R 41 7.64 -34.09 0.43
N ALA R 42 8.30 -34.66 -0.58
CA ALA R 42 9.70 -34.34 -0.81
C ALA R 42 9.91 -32.87 -1.16
N VAL R 43 9.02 -32.31 -1.99
CA VAL R 43 9.13 -30.90 -2.35
C VAL R 43 8.94 -30.02 -1.13
N ILE R 44 7.95 -30.34 -0.30
CA ILE R 44 7.68 -29.54 0.89
C ILE R 44 8.86 -29.61 1.86
N SER R 45 9.42 -30.81 2.04
CA SER R 45 10.55 -30.97 2.95
C SER R 45 11.77 -30.20 2.44
N SER R 46 12.00 -30.22 1.13
CA SER R 46 13.11 -29.43 0.60
C SER R 46 12.89 -27.93 0.71
N ASN R 47 11.66 -27.45 0.55
CA ASN R 47 11.39 -26.01 0.60
C ASN R 47 10.75 -25.56 1.90
N ALA R 48 10.95 -26.26 3.01
CA ALA R 48 10.32 -25.94 4.28
C ALA R 48 10.62 -24.53 4.79
N THR R 49 11.90 -24.13 4.78
CA THR R 49 12.26 -22.85 5.37
C THR R 49 11.73 -21.67 4.55
N THR R 50 11.80 -21.77 3.23
CA THR R 50 11.30 -20.69 2.39
C THR R 50 9.80 -20.50 2.53
N ILE R 51 9.05 -21.59 2.69
CA ILE R 51 7.61 -21.50 2.88
C ILE R 51 7.30 -20.74 4.16
N ILE R 52 8.01 -21.06 5.25
CA ILE R 52 7.78 -20.38 6.52
C ILE R 52 8.14 -18.91 6.41
N LYS R 53 9.26 -18.61 5.76
CA LYS R 53 9.69 -17.22 5.61
C LYS R 53 8.68 -16.41 4.82
N GLU R 54 8.21 -16.94 3.70
CA GLU R 54 7.25 -16.20 2.88
C GLU R 54 5.90 -16.07 3.57
N ALA R 55 5.45 -17.10 4.26
CA ALA R 55 4.18 -17.01 4.98
C ALA R 55 4.26 -15.97 6.09
N ALA R 56 5.37 -15.96 6.84
CA ALA R 56 5.53 -14.97 7.90
C ALA R 56 5.58 -13.56 7.34
N ALA R 57 6.31 -13.37 6.23
CA ALA R 57 6.39 -12.05 5.62
C ALA R 57 5.03 -11.59 5.11
N LYS R 58 4.24 -12.49 4.54
CA LYS R 58 2.96 -12.10 3.98
C LYS R 58 1.88 -11.88 5.04
N ALA R 59 1.91 -12.61 6.16
CA ALA R 59 0.79 -12.59 7.08
C ALA R 59 1.08 -12.06 8.47
N LEU R 60 2.31 -12.09 8.96
CA LEU R 60 2.53 -11.78 10.36
C LEU R 60 3.36 -10.52 10.59
N ILE R 61 4.57 -10.48 10.05
CA ILE R 61 5.54 -9.46 10.40
C ILE R 61 5.27 -8.17 9.64
N TYR R 62 6.00 -7.11 10.00
CA TYR R 62 5.70 -5.74 9.55
C TYR R 62 4.34 -5.29 10.07
N SER R 63 4.14 -5.40 11.38
CA SER R 63 2.85 -5.01 11.95
C SER R 63 2.96 -4.92 13.47
N ASP R 64 1.80 -4.74 14.11
CA ASP R 64 1.76 -4.61 15.56
C ASP R 64 2.15 -5.92 16.25
N LEU R 65 2.05 -7.05 15.55
CA LEU R 65 2.48 -8.31 16.13
C LEU R 65 3.97 -8.29 16.46
N THR R 66 4.78 -7.77 15.55
CA THR R 66 6.21 -7.67 15.79
C THR R 66 6.64 -6.35 16.41
N ARG R 67 5.76 -5.37 16.45
CA ARG R 67 6.20 -4.17 17.14
C ARG R 67 5.99 -4.33 18.63
N PRO R 68 6.58 -3.46 19.49
CA PRO R 68 6.61 -3.72 20.95
C PRO R 68 5.25 -3.90 21.60
N GLY R 69 5.17 -4.84 22.54
CA GLY R 69 3.92 -5.23 23.13
C GLY R 69 3.16 -6.28 22.34
N GLY R 70 3.55 -6.54 21.10
CA GLY R 70 2.90 -7.54 20.29
C GLY R 70 3.27 -8.92 20.77
N MEN R 71 2.49 -9.92 20.35
CA MEN R 71 2.69 -11.25 20.84
C MEN R 71 3.93 -11.89 20.23
O MEN R 71 4.51 -12.85 20.74
CB MEN R 71 1.52 -12.21 20.59
CG MEN R 71 1.67 -13.38 21.55
OD1 MEN R 71 2.31 -14.39 21.20
ND2 MEN R 71 1.09 -13.27 22.78
CE2 MEN R 71 1.17 -14.31 23.77
N MET R 72 4.34 -11.37 19.09
CA MET R 72 5.52 -11.90 18.42
C MET R 72 6.71 -10.96 18.62
N TYR R 73 6.56 -10.01 19.52
CA TYR R 73 7.66 -9.12 19.88
C TYR R 73 8.68 -9.91 20.70
N THR R 74 9.96 -9.51 20.58
CA THR R 74 11.11 -10.12 21.22
C THR R 74 11.52 -11.40 20.49
N THR R 75 12.82 -11.69 20.50
CA THR R 75 13.35 -12.88 19.84
C THR R 75 12.77 -14.14 20.44
N ARG R 76 12.52 -14.12 21.75
CA ARG R 76 12.01 -15.27 22.47
C ARG R 76 10.67 -15.73 21.91
N ARG R 77 9.82 -14.78 21.52
CA ARG R 77 8.53 -15.11 20.95
C ARG R 77 8.56 -15.25 19.43
N TYR R 78 9.46 -14.53 18.76
CA TYR R 78 9.59 -14.70 17.31
C TYR R 78 10.05 -16.11 16.97
N ALA R 79 11.05 -16.63 17.69
CA ALA R 79 11.52 -17.98 17.45
C ALA R 79 10.43 -19.00 17.74
N ALA R 80 9.66 -18.77 18.80
CA ALA R 80 8.56 -19.68 19.14
C ALA R 80 7.51 -19.69 18.05
N CYS R 81 7.15 -18.52 17.51
CA CYS R 81 6.13 -18.48 16.47
C CYS R 81 6.60 -19.18 15.20
N ILE R 82 7.85 -18.95 14.79
CA ILE R 82 8.32 -19.65 13.60
C ILE R 82 8.45 -21.16 13.85
N ARG R 83 8.79 -21.57 15.08
CA ARG R 83 8.81 -22.99 15.40
C ARG R 83 7.41 -23.58 15.30
N ASP R 84 6.40 -22.84 15.75
CA ASP R 84 5.02 -23.31 15.63
C ASP R 84 4.60 -23.48 14.18
N MET R 85 4.99 -22.52 13.33
CA MET R 85 4.67 -22.66 11.90
C MET R 85 5.37 -23.87 11.30
N ASP R 86 6.61 -24.13 11.73
CA ASP R 86 7.31 -25.33 11.28
C ASP R 86 6.58 -26.59 11.73
N TYR R 87 6.07 -26.60 12.95
CA TYR R 87 5.32 -27.76 13.45
C TYR R 87 4.09 -28.00 12.60
N PHE R 88 3.35 -26.94 12.29
CA PHE R 88 2.15 -27.07 11.47
C PHE R 88 2.49 -27.61 10.09
N LEU R 89 3.57 -27.10 9.50
CA LEU R 89 3.98 -27.57 8.18
C LEU R 89 4.37 -29.05 8.20
N ARG R 90 5.12 -29.45 9.22
CA ARG R 90 5.57 -30.84 9.31
C ARG R 90 4.40 -31.79 9.50
N TYR R 91 3.45 -31.42 10.37
CA TYR R 91 2.32 -32.31 10.60
C TYR R 91 1.37 -32.31 9.41
N ALA R 92 1.29 -31.21 8.66
CA ALA R 92 0.54 -31.22 7.42
C ALA R 92 1.17 -32.16 6.41
N THR R 93 2.50 -32.19 6.35
CA THR R 93 3.18 -33.15 5.49
C THR R 93 2.89 -34.58 5.90
N TYR R 94 2.91 -34.86 7.20
CA TYR R 94 2.56 -36.20 7.70
C TYR R 94 1.14 -36.58 7.30
N ALA R 95 0.20 -35.64 7.47
CA ALA R 95 -1.19 -35.91 7.14
C ALA R 95 -1.36 -36.15 5.65
N MET R 96 -0.64 -35.40 4.82
CA MET R 96 -0.72 -35.59 3.38
C MET R 96 -0.18 -36.95 2.97
N LEU R 97 0.93 -37.38 3.58
CA LEU R 97 1.46 -38.71 3.29
C LEU R 97 0.49 -39.79 3.72
N ALA R 98 -0.11 -39.65 4.90
CA ALA R 98 -1.00 -40.69 5.41
C ALA R 98 -2.34 -40.71 4.69
N GLY R 99 -2.76 -39.58 4.11
CA GLY R 99 -4.09 -39.50 3.55
C GLY R 99 -5.19 -39.56 4.59
N ASP R 100 -4.98 -38.93 5.75
CA ASP R 100 -5.96 -38.94 6.83
C ASP R 100 -5.64 -37.86 7.85
N PRO R 101 -6.62 -37.05 8.25
CA PRO R 101 -6.37 -36.00 9.25
C PRO R 101 -6.39 -36.51 10.69
N SER R 102 -6.39 -37.82 10.91
CA SER R 102 -6.40 -38.36 12.25
C SER R 102 -5.14 -37.97 13.01
N ILE R 103 -4.00 -37.91 12.31
CA ILE R 103 -2.77 -37.46 12.97
C ILE R 103 -2.89 -36.00 13.36
N LEU R 104 -3.55 -35.17 12.53
CA LEU R 104 -3.77 -33.79 12.88
C LEU R 104 -4.64 -33.65 14.12
N ASP R 105 -5.70 -34.46 14.22
CA ASP R 105 -6.56 -34.40 15.40
C ASP R 105 -5.83 -34.88 16.64
N GLU R 106 -5.09 -35.99 16.52
CA GLU R 106 -4.49 -36.60 17.70
C GLU R 106 -3.29 -35.81 18.21
N ARG R 107 -2.41 -35.36 17.30
CA ARG R 107 -1.14 -34.82 17.72
C ARG R 107 -0.95 -33.34 17.46
N VAL R 108 -1.97 -32.64 16.97
CA VAL R 108 -1.83 -31.20 16.75
C VAL R 108 -2.94 -30.45 17.45
N LEU R 109 -4.19 -30.79 17.15
CA LEU R 109 -5.30 -29.92 17.51
C LEU R 109 -5.73 -30.07 18.97
N ASN R 110 -5.58 -31.25 19.57
CA ASN R 110 -6.10 -31.40 20.93
C ASN R 110 -5.31 -30.57 21.94
N GLY R 111 -6.03 -29.80 22.76
CA GLY R 111 -5.42 -28.90 23.71
C GLY R 111 -4.80 -27.65 23.13
N LEU R 112 -4.66 -27.57 21.80
CA LEU R 112 -3.96 -26.44 21.19
C LEU R 112 -4.70 -25.14 21.40
N LYS R 113 -6.03 -25.16 21.23
CA LYS R 113 -6.81 -23.95 21.37
C LYS R 113 -6.69 -23.38 22.78
N GLU R 114 -7.02 -24.20 23.79
CA GLU R 114 -6.98 -23.73 25.16
C GLU R 114 -5.56 -23.39 25.60
N THR R 115 -4.56 -24.05 25.02
CA THR R 115 -3.18 -23.60 25.19
C THR R 115 -2.99 -22.18 24.68
N TYR R 116 -3.62 -21.86 23.55
CA TYR R 116 -3.43 -20.52 22.98
C TYR R 116 -4.17 -19.46 23.79
N ASN R 117 -5.36 -19.75 24.30
CA ASN R 117 -5.96 -18.80 25.24
C ASN R 117 -5.16 -18.70 26.53
N SER R 118 -4.52 -19.79 26.96
CA SER R 118 -3.69 -19.71 28.15
C SER R 118 -2.49 -18.80 27.95
N LEU R 119 -1.83 -18.89 26.79
CA LEU R 119 -0.65 -18.08 26.53
C LEU R 119 -0.96 -16.67 26.06
N GLY R 120 -2.13 -16.44 25.45
CA GLY R 120 -2.44 -15.15 24.89
C GLY R 120 -2.16 -15.01 23.41
N VAL R 121 -1.88 -16.11 22.71
CA VAL R 121 -1.57 -16.09 21.29
C VAL R 121 -2.80 -15.70 20.47
N PRO R 122 -2.65 -14.88 19.44
CA PRO R 122 -3.81 -14.58 18.57
C PRO R 122 -4.15 -15.73 17.63
N ILE R 123 -5.33 -16.32 17.86
CA ILE R 123 -5.76 -17.45 17.06
C ILE R 123 -5.99 -17.04 15.61
N ALA R 124 -6.54 -15.85 15.40
CA ALA R 124 -6.78 -15.37 14.05
C ALA R 124 -5.46 -15.16 13.30
N ALA R 125 -4.45 -14.62 13.99
CA ALA R 125 -3.14 -14.47 13.35
C ALA R 125 -2.52 -15.82 13.02
N THR R 126 -2.67 -16.81 13.91
CA THR R 126 -2.16 -18.14 13.61
C THR R 126 -2.87 -18.73 12.40
N VAL R 127 -4.18 -18.53 12.29
CA VAL R 127 -4.94 -19.05 11.15
C VAL R 127 -4.48 -18.36 9.87
N GLY R 128 -4.25 -17.05 9.93
CA GLY R 128 -3.73 -16.35 8.76
C GLY R 128 -2.38 -16.85 8.31
N GLY R 129 -1.48 -17.11 9.26
CA GLY R 129 -0.20 -17.71 8.91
C GLY R 129 -0.35 -19.08 8.28
N ILE R 130 -1.27 -19.90 8.80
CA ILE R 130 -1.49 -21.23 8.25
C ILE R 130 -1.99 -21.13 6.81
N GLN R 131 -2.92 -20.21 6.56
CA GLN R 131 -3.43 -20.06 5.19
C GLN R 131 -2.36 -19.51 4.24
N ALA R 132 -1.48 -18.62 4.72
CA ALA R 132 -0.39 -18.18 3.88
C ALA R 132 0.53 -19.33 3.50
N MET R 133 0.85 -20.19 4.48
CA MET R 133 1.63 -21.38 4.17
C MET R 133 0.89 -22.29 3.20
N LYS R 134 -0.44 -22.36 3.32
CA LYS R 134 -1.23 -23.18 2.41
C LYS R 134 -1.11 -22.68 0.99
N GLU R 135 -1.21 -21.36 0.80
CA GLU R 135 -1.08 -20.78 -0.53
C GLU R 135 0.31 -21.05 -1.11
N VAL R 136 1.35 -20.89 -0.29
CA VAL R 136 2.71 -21.12 -0.78
C VAL R 136 2.92 -22.59 -1.15
N VAL R 137 2.40 -23.50 -0.31
CA VAL R 137 2.58 -24.92 -0.57
C VAL R 137 1.83 -25.34 -1.83
N GLY R 138 0.61 -24.81 -2.01
CA GLY R 138 -0.13 -25.08 -3.22
C GLY R 138 0.57 -24.57 -4.46
N GLY R 139 1.25 -23.42 -4.35
CA GLY R 139 2.08 -22.97 -5.45
C GLY R 139 3.23 -23.92 -5.74
N LEU R 140 3.89 -24.40 -4.69
CA LEU R 140 5.09 -25.21 -4.88
C LEU R 140 4.77 -26.59 -5.45
N VAL R 141 3.78 -27.28 -4.88
CA VAL R 141 3.61 -28.71 -5.16
C VAL R 141 3.13 -28.99 -6.59
N GLY R 142 2.52 -28.03 -7.26
CA GLY R 142 2.02 -28.24 -8.60
C GLY R 142 0.55 -28.58 -8.62
N PRO R 143 0.01 -28.82 -9.81
CA PRO R 143 -1.43 -29.06 -9.93
C PRO R 143 -1.82 -30.46 -9.50
N ASP R 144 -0.85 -31.37 -9.43
CA ASP R 144 -1.13 -32.76 -9.10
C ASP R 144 -1.69 -32.90 -7.69
N ALA R 145 -1.00 -32.33 -6.71
CA ALA R 145 -1.37 -32.47 -5.31
C ALA R 145 -1.77 -31.18 -4.64
N ALA R 146 -2.17 -30.16 -5.41
CA ALA R 146 -2.52 -28.88 -4.82
C ALA R 146 -3.75 -28.99 -3.92
N LYS R 147 -4.80 -29.64 -4.42
CA LYS R 147 -6.02 -29.79 -3.62
C LYS R 147 -5.78 -30.68 -2.40
N GLU R 148 -5.02 -31.77 -2.59
CA GLU R 148 -4.74 -32.68 -1.48
C GLU R 148 -3.93 -31.98 -0.40
N ALA R 149 -2.97 -31.16 -0.78
CA ALA R 149 -2.22 -30.39 0.20
C ALA R 149 -3.10 -29.35 0.88
N SER R 150 -3.94 -28.67 0.11
CA SER R 150 -4.72 -27.56 0.66
C SER R 150 -5.77 -28.04 1.64
N ILE R 151 -6.27 -29.27 1.45
CA ILE R 151 -7.33 -29.77 2.32
C ILE R 151 -6.87 -29.88 3.76
N TYR R 152 -5.64 -30.33 4.00
CA TYR R 152 -5.17 -30.45 5.37
C TYR R 152 -4.89 -29.12 6.03
N PHE R 153 -4.40 -28.13 5.29
CA PHE R 153 -4.24 -26.81 5.85
C PHE R 153 -5.59 -26.22 6.21
N ASP R 154 -6.60 -26.43 5.37
CA ASP R 154 -7.95 -25.99 5.71
C ASP R 154 -8.47 -26.72 6.93
N TYR R 155 -8.15 -28.01 7.06
CA TYR R 155 -8.55 -28.78 8.24
C TYR R 155 -7.94 -28.19 9.51
N LEU R 156 -6.65 -27.86 9.46
CA LEU R 156 -5.99 -27.27 10.61
C LEU R 156 -6.58 -25.91 10.96
N SER R 157 -6.82 -25.07 9.95
CA SER R 157 -7.41 -23.76 10.19
C SER R 157 -8.80 -23.84 10.78
N SER R 158 -9.64 -24.73 10.26
CA SER R 158 -10.98 -24.92 10.80
C SER R 158 -10.96 -25.50 12.21
N GLY R 159 -10.02 -26.41 12.51
CA GLY R 159 -9.90 -26.90 13.87
C GLY R 159 -9.49 -25.82 14.85
N LEU R 160 -8.52 -24.98 14.46
CA LEU R 160 -8.09 -23.89 15.34
C LEU R 160 -9.18 -22.85 15.54
N SER R 161 -9.82 -22.41 14.46
CA SER R 161 -10.83 -21.37 14.56
C SER R 161 -12.15 -21.91 15.08
N SER S 2 17.31 -8.60 37.32
CA SER S 2 18.26 -7.80 38.07
C SER S 2 18.88 -8.60 39.20
N VAL S 3 19.78 -7.95 39.96
CA VAL S 3 20.46 -8.62 41.05
C VAL S 3 19.48 -9.01 42.14
N LEU S 4 18.49 -8.15 42.41
CA LEU S 4 17.46 -8.47 43.40
C LEU S 4 16.69 -9.72 43.02
N THR S 5 16.28 -9.81 41.75
CA THR S 5 15.53 -10.98 41.30
C THR S 5 16.39 -12.23 41.33
N LYS S 6 17.66 -12.11 40.93
CA LYS S 6 18.55 -13.28 40.95
C LYS S 6 18.78 -13.77 42.37
N ALA S 7 18.92 -12.85 43.33
CA ALA S 7 19.08 -13.27 44.71
C ALA S 7 17.81 -13.90 45.25
N ILE S 8 16.66 -13.28 44.98
CA ILE S 8 15.40 -13.77 45.55
C ILE S 8 15.03 -15.12 44.97
N VAL S 9 15.39 -15.36 43.70
CA VAL S 9 15.08 -16.62 43.06
C VAL S 9 15.83 -17.75 43.75
N ASN S 10 17.12 -17.54 44.02
CA ASN S 10 17.89 -18.54 44.76
C ASN S 10 17.35 -18.72 46.17
N ALA S 11 16.99 -17.63 46.85
CA ALA S 11 16.49 -17.73 48.21
C ALA S 11 15.19 -18.52 48.27
N ASP S 12 14.29 -18.28 47.31
CA ASP S 12 13.02 -19.00 47.31
C ASP S 12 13.20 -20.44 46.85
N ALA S 13 14.15 -20.69 45.95
CA ALA S 13 14.42 -22.05 45.53
C ALA S 13 14.96 -22.89 46.67
N GLU S 14 15.85 -22.33 47.49
CA GLU S 14 16.36 -23.04 48.65
C GLU S 14 15.45 -22.89 49.88
N ALA S 15 14.38 -22.10 49.77
CA ALA S 15 13.38 -21.98 50.82
C ALA S 15 13.98 -21.40 52.10
N ARG S 16 14.56 -20.21 51.98
CA ARG S 16 15.24 -19.60 53.10
C ARG S 16 15.29 -18.09 52.91
N TYR S 17 15.54 -17.39 54.00
CA TYR S 17 15.73 -15.95 53.94
C TYR S 17 17.05 -15.63 53.25
N LEU S 18 17.20 -14.37 52.85
CA LEU S 18 18.41 -13.96 52.15
C LEU S 18 19.62 -14.02 53.06
N SER S 19 20.74 -14.46 52.50
CA SER S 19 21.98 -14.54 53.24
C SER S 19 22.56 -13.15 53.47
N PRO S 20 23.42 -13.01 54.48
CA PRO S 20 24.12 -11.72 54.66
C PRO S 20 24.98 -11.33 53.47
N GLY S 21 25.60 -12.30 52.80
CA GLY S 21 26.34 -11.99 51.59
C GLY S 21 25.46 -11.42 50.49
N GLU S 22 24.27 -12.00 50.34
CA GLU S 22 23.32 -11.49 49.36
C GLU S 22 22.84 -10.09 49.74
N LEU S 23 22.62 -9.85 51.03
CA LEU S 23 22.19 -8.51 51.45
C LEU S 23 23.28 -7.49 51.20
N ASP S 24 24.55 -7.85 51.45
CA ASP S 24 25.64 -6.93 51.19
C ASP S 24 25.80 -6.64 49.69
N ARG S 25 25.63 -7.66 48.85
CA ARG S 25 25.70 -7.39 47.41
C ARG S 25 24.53 -6.51 46.95
N ILE S 26 23.34 -6.70 47.53
CA ILE S 26 22.22 -5.81 47.22
C ILE S 26 22.56 -4.38 47.66
N LYS S 27 23.24 -4.25 48.80
CA LYS S 27 23.63 -2.93 49.29
C LYS S 27 24.58 -2.23 48.32
N SER S 28 25.60 -2.95 47.84
CA SER S 28 26.51 -2.35 46.88
C SER S 28 25.80 -2.02 45.57
N PHE S 29 24.88 -2.90 45.15
CA PHE S 29 24.10 -2.67 43.94
C PHE S 29 23.28 -1.39 44.03
N VAL S 30 22.65 -1.16 45.19
CA VAL S 30 21.88 0.08 45.35
C VAL S 30 22.82 1.26 45.53
N ALA S 31 24.04 1.03 46.02
CA ALA S 31 25.00 2.13 46.13
C ALA S 31 25.43 2.64 44.77
N SER S 32 25.63 1.75 43.80
CA SER S 32 26.10 2.14 42.47
C SER S 32 25.00 2.72 41.58
N GLY S 33 23.78 2.81 42.10
CA GLY S 33 22.61 3.20 41.32
C GLY S 33 22.67 4.57 40.67
N GLU S 34 23.22 5.56 41.37
CA GLU S 34 23.29 6.90 40.79
C GLU S 34 24.21 6.95 39.59
N ARG S 35 25.37 6.29 39.66
CA ARG S 35 26.28 6.23 38.52
C ARG S 35 25.61 5.50 37.35
N ARG S 36 24.92 4.40 37.64
CA ARG S 36 24.24 3.68 36.57
C ARG S 36 23.16 4.53 35.91
N LEU S 37 22.37 5.26 36.72
CA LEU S 37 21.33 6.11 36.17
C LEU S 37 21.92 7.24 35.33
N ARG S 38 23.04 7.82 35.78
CA ARG S 38 23.66 8.88 34.99
C ARG S 38 24.17 8.35 33.65
N ILE S 39 24.77 7.16 33.64
CA ILE S 39 25.25 6.59 32.39
C ILE S 39 24.09 6.32 31.44
N ALA S 40 23.01 5.74 31.97
CA ALA S 40 21.84 5.47 31.14
C ALA S 40 21.23 6.77 30.60
N GLN S 41 21.20 7.82 31.42
CA GLN S 41 20.70 9.11 30.95
C GLN S 41 21.55 9.65 29.81
N THR S 42 22.88 9.54 29.95
CA THR S 42 23.76 10.06 28.90
C THR S 42 23.53 9.32 27.58
N LEU S 43 23.42 7.99 27.64
CA LEU S 43 23.16 7.23 26.43
C LEU S 43 21.79 7.57 25.84
N THR S 44 20.78 7.75 26.70
CA THR S 44 19.44 8.06 26.21
C THR S 44 19.41 9.42 25.52
N GLU S 45 20.10 10.41 26.08
CA GLU S 45 20.18 11.69 25.39
C GLU S 45 20.92 11.58 24.06
N ALA S 46 22.01 10.81 24.01
CA ALA S 46 22.79 10.69 22.78
C ALA S 46 22.34 9.52 21.91
N ARG S 47 21.08 9.10 22.05
CA ARG S 47 20.61 7.91 21.34
C ARG S 47 20.62 8.09 19.83
N GLU S 48 20.20 9.27 19.33
CA GLU S 48 20.04 9.42 17.88
C GLU S 48 21.38 9.49 17.17
N ARG S 49 22.31 10.30 17.71
CA ARG S 49 23.63 10.44 17.11
C ARG S 49 24.36 9.11 17.11
N ILE S 50 24.22 8.34 18.19
CA ILE S 50 24.85 7.02 18.28
C ILE S 50 24.33 6.10 17.19
N VAL S 51 23.01 6.09 16.99
CA VAL S 51 22.42 5.21 15.99
C VAL S 51 22.88 5.59 14.58
N LYS S 52 22.87 6.90 14.28
CA LYS S 52 23.25 7.35 12.95
C LYS S 52 24.71 7.05 12.66
N GLN S 53 25.60 7.37 13.61
CA GLN S 53 27.01 7.09 13.38
C GLN S 53 27.30 5.61 13.33
N ALA S 54 26.59 4.80 14.12
CA ALA S 54 26.76 3.36 14.05
C ALA S 54 26.36 2.83 12.67
N GLY S 55 25.27 3.37 12.12
CA GLY S 55 24.88 2.98 10.78
C GLY S 55 25.92 3.34 9.73
N ASP S 56 26.47 4.56 9.82
CA ASP S 56 27.49 4.96 8.85
C ASP S 56 28.76 4.10 8.95
N GLN S 57 29.23 3.84 10.17
CA GLN S 57 30.39 2.96 10.32
C GLN S 57 30.11 1.55 9.83
N LEU S 58 28.92 1.02 10.10
CA LEU S 58 28.59 -0.32 9.63
C LEU S 58 28.58 -0.39 8.11
N PHE S 59 28.00 0.61 7.47
CA PHE S 59 27.95 0.60 6.02
C PHE S 59 29.31 0.84 5.38
N GLN S 60 30.17 1.63 6.01
CA GLN S 60 31.55 1.74 5.52
C GLN S 60 32.28 0.42 5.66
N ILE S 61 32.13 -0.25 6.80
CA ILE S 61 32.85 -1.50 7.03
C ILE S 61 32.40 -2.60 6.08
N ARG S 62 31.10 -2.73 5.84
CA ARG S 62 30.68 -3.68 4.81
C ARG S 62 29.51 -3.13 4.02
N PRO S 63 29.75 -2.58 2.84
CA PRO S 63 28.69 -1.94 2.07
C PRO S 63 27.83 -2.91 1.29
N ASP S 64 28.16 -4.19 1.34
CA ASP S 64 27.44 -5.19 0.56
C ASP S 64 25.99 -5.33 1.03
N VAL S 65 25.72 -4.99 2.28
CA VAL S 65 24.36 -5.10 2.80
C VAL S 65 23.47 -4.00 2.25
N VAL S 66 24.05 -2.93 1.72
CA VAL S 66 23.25 -1.84 1.17
C VAL S 66 23.37 -1.90 -0.36
N SER S 67 23.87 -3.01 -0.87
CA SER S 67 23.97 -3.24 -2.30
C SER S 67 22.65 -3.81 -2.77
N PRO S 68 22.45 -3.86 -4.10
CA PRO S 68 21.17 -4.38 -4.64
C PRO S 68 20.83 -5.78 -4.21
N GLY S 69 21.84 -6.65 -4.06
CA GLY S 69 21.59 -7.99 -3.60
C GLY S 69 21.67 -8.10 -2.09
N GLY S 70 21.76 -6.96 -1.41
CA GLY S 70 21.94 -6.92 0.02
C GLY S 70 20.61 -7.03 0.74
N ASN S 71 20.66 -7.43 2.01
CA ASN S 71 19.45 -7.58 2.79
C ASN S 71 18.80 -6.24 3.09
N ALA S 72 19.61 -5.18 3.20
CA ALA S 72 19.12 -3.88 3.62
C ALA S 72 19.08 -2.87 2.48
N TYR S 73 18.94 -3.33 1.24
CA TYR S 73 18.89 -2.42 0.10
C TYR S 73 17.59 -1.63 0.13
N GLY S 74 17.66 -0.35 -0.18
CA GLY S 74 16.50 0.51 -0.24
C GLY S 74 16.32 1.31 1.03
N GLU S 75 15.55 2.39 0.89
CA GLU S 75 15.30 3.29 2.01
C GLU S 75 14.54 2.58 3.12
N LYS S 76 13.45 1.88 2.78
CA LYS S 76 12.64 1.24 3.79
C LYS S 76 13.34 0.06 4.46
N MET S 77 14.24 -0.62 3.75
CA MET S 77 15.02 -1.68 4.37
C MET S 77 16.14 -1.14 5.25
N THR S 78 16.78 -0.04 4.85
CA THR S 78 17.78 0.58 5.70
C THR S 78 17.16 1.13 6.99
N ALA S 79 15.93 1.65 6.89
CA ALA S 79 15.24 2.14 8.07
C ALA S 79 15.03 1.05 9.11
N LEU S 80 14.67 -0.16 8.69
CA LEU S 80 14.52 -1.28 9.61
C LEU S 80 15.83 -1.70 10.25
N CYS S 81 16.93 -1.69 9.51
CA CYS S 81 18.23 -2.01 10.13
C CYS S 81 18.59 -0.99 11.19
N LEU S 82 18.41 0.29 10.90
CA LEU S 82 18.70 1.29 11.91
C LEU S 82 17.73 1.19 13.09
N ARG S 83 16.50 0.78 12.84
CA ARG S 83 15.57 0.56 13.95
C ARG S 83 16.02 -0.59 14.83
N ASP S 84 16.56 -1.65 14.23
CA ASP S 84 17.11 -2.75 15.01
C ASP S 84 18.26 -2.28 15.88
N LEU S 85 19.13 -1.43 15.31
CA LEU S 85 20.22 -0.88 16.11
C LEU S 85 19.69 -0.03 17.26
N ASP S 86 18.62 0.74 17.01
CA ASP S 86 17.99 1.51 18.08
C ASP S 86 17.43 0.59 19.16
N TYR S 87 16.84 -0.53 18.75
CA TYR S 87 16.33 -1.52 19.69
C TYR S 87 17.44 -2.02 20.60
N TYR S 88 18.59 -2.36 20.01
CA TYR S 88 19.67 -2.89 20.82
C TYR S 88 20.29 -1.82 21.71
N LEU S 89 20.32 -0.57 21.27
CA LEU S 89 20.77 0.50 22.17
C LEU S 89 19.85 0.65 23.37
N ARG S 90 18.53 0.59 23.13
CA ARG S 90 17.58 0.64 24.24
C ARG S 90 17.78 -0.53 25.19
N LEU S 91 18.02 -1.72 24.64
CA LEU S 91 18.27 -2.89 25.48
C LEU S 91 19.54 -2.72 26.30
N VAL S 92 20.57 -2.11 25.71
CA VAL S 92 21.80 -1.87 26.45
C VAL S 92 21.57 -0.89 27.60
N THR S 93 20.77 0.15 27.37
CA THR S 93 20.44 1.07 28.47
C THR S 93 19.67 0.36 29.58
N TYR S 94 18.73 -0.51 29.19
CA TYR S 94 18.00 -1.31 30.17
C TYR S 94 18.95 -2.17 30.99
N GLY S 95 19.90 -2.82 30.31
CA GLY S 95 20.86 -3.66 31.02
C GLY S 95 21.74 -2.87 31.96
N ILE S 96 22.13 -1.66 31.55
CA ILE S 96 22.94 -0.82 32.41
C ILE S 96 22.19 -0.43 33.67
N VAL S 97 20.92 -0.05 33.53
CA VAL S 97 20.17 0.32 34.73
C VAL S 97 19.87 -0.91 35.58
N ALA S 98 19.70 -2.08 34.98
CA ALA S 98 19.34 -3.26 35.75
C ALA S 98 20.54 -3.90 36.44
N GLY S 99 21.75 -3.73 35.90
CA GLY S 99 22.92 -4.26 36.53
C GLY S 99 23.36 -5.63 36.05
N ASP S 100 22.55 -6.30 35.26
CA ASP S 100 22.96 -7.56 34.64
C ASP S 100 22.24 -7.70 33.31
N VAL S 101 22.28 -8.91 32.75
CA VAL S 101 21.85 -9.11 31.37
C VAL S 101 20.56 -9.88 31.24
N THR S 102 19.79 -10.02 32.32
CA THR S 102 18.49 -10.67 32.19
C THR S 102 17.52 -9.94 31.25
N PRO S 103 17.37 -8.60 31.30
CA PRO S 103 16.46 -7.96 30.33
C PRO S 103 16.95 -8.11 28.90
N ILE S 104 18.26 -7.98 28.67
CA ILE S 104 18.82 -8.13 27.34
C ILE S 104 18.58 -9.54 26.82
N GLU S 105 18.83 -10.56 27.64
CA GLU S 105 18.60 -11.93 27.23
C GLU S 105 17.13 -12.21 26.96
N GLU S 106 16.24 -11.79 27.86
CA GLU S 106 14.84 -12.11 27.69
C GLU S 106 14.21 -11.35 26.53
N ILE S 107 14.78 -10.21 26.15
CA ILE S 107 14.13 -9.41 25.12
C ILE S 107 14.75 -9.61 23.75
N GLY S 108 16.06 -9.71 23.64
CA GLY S 108 16.65 -9.64 22.32
C GLY S 108 17.83 -10.54 21.99
N ILE S 109 18.01 -11.65 22.70
CA ILE S 109 19.13 -12.54 22.43
C ILE S 109 18.69 -13.98 22.18
N ILE S 110 17.90 -14.56 23.08
CA ILE S 110 17.55 -15.97 22.92
C ILE S 110 16.56 -16.09 21.76
N GLY S 111 16.92 -16.93 20.78
CA GLY S 111 16.15 -17.04 19.56
C GLY S 111 16.53 -16.05 18.48
N VAL S 112 17.49 -15.15 18.76
CA VAL S 112 17.89 -14.17 17.76
C VAL S 112 18.52 -14.86 16.55
N LYS S 113 19.20 -15.98 16.78
CA LYS S 113 19.75 -16.76 15.68
C LYS S 113 18.63 -17.26 14.78
N GLU S 114 17.55 -17.77 15.38
CA GLU S 114 16.43 -18.28 14.61
C GLU S 114 15.75 -17.17 13.83
N MET S 115 15.53 -16.01 14.45
CA MET S 115 14.84 -14.92 13.77
C MET S 115 15.66 -14.40 12.60
N TYR S 116 16.97 -14.22 12.81
CA TYR S 116 17.78 -13.66 11.74
C TYR S 116 18.03 -14.69 10.65
N ASN S 117 18.07 -15.98 10.98
CA ASN S 117 18.13 -16.99 9.94
C ASN S 117 16.85 -17.01 9.11
N SER S 118 15.69 -16.83 9.77
CA SER S 118 14.44 -16.78 9.04
C SER S 118 14.39 -15.57 8.10
N LEU S 119 14.84 -14.41 8.59
CA LEU S 119 14.84 -13.22 7.75
C LEU S 119 15.99 -13.20 6.76
N GLN S 120 16.94 -14.13 6.87
CA GLN S 120 18.11 -14.18 6.00
C GLN S 120 18.99 -12.94 6.17
N THR S 121 19.06 -12.43 7.40
CA THR S 121 19.91 -11.28 7.68
C THR S 121 21.26 -11.74 8.20
N PRO S 122 22.36 -11.10 7.79
CA PRO S 122 23.69 -11.52 8.24
C PRO S 122 23.93 -11.17 9.70
N ILE S 123 23.89 -12.19 10.56
CA ILE S 123 24.21 -11.98 11.98
C ILE S 123 25.62 -11.44 12.19
N PRO S 124 26.66 -11.91 11.48
CA PRO S 124 27.96 -11.25 11.60
C PRO S 124 27.94 -9.77 11.24
N ALA S 125 27.15 -9.36 10.24
CA ALA S 125 27.04 -7.94 9.95
C ALA S 125 26.35 -7.19 11.08
N VAL S 126 25.30 -7.78 11.65
CA VAL S 126 24.58 -7.12 12.74
C VAL S 126 25.47 -6.97 13.96
N ALA S 127 26.33 -7.96 14.21
CA ALA S 127 27.25 -7.87 15.34
C ALA S 127 28.25 -6.74 15.16
N GLU S 128 28.78 -6.58 13.95
CA GLU S 128 29.71 -5.48 13.70
C GLU S 128 28.99 -4.14 13.82
N GLY S 129 27.73 -4.09 13.38
CA GLY S 129 26.95 -2.88 13.59
C GLY S 129 26.78 -2.55 15.05
N VAL S 130 26.57 -3.56 15.88
CA VAL S 130 26.47 -3.32 17.33
C VAL S 130 27.81 -2.84 17.89
N ARG S 131 28.91 -3.39 17.37
CA ARG S 131 30.23 -2.98 17.85
C ARG S 131 30.52 -1.53 17.51
N ALA S 132 30.10 -1.09 16.33
CA ALA S 132 30.24 0.34 15.98
C ALA S 132 29.45 1.22 16.93
N MET S 133 28.24 0.77 17.30
CA MET S 133 27.46 1.48 18.29
C MET S 133 28.19 1.56 19.63
N LYS S 134 28.87 0.48 20.00
CA LYS S 134 29.66 0.49 21.24
C LYS S 134 30.77 1.52 21.17
N ASN S 135 31.46 1.59 20.02
CA ASN S 135 32.54 2.56 19.87
C ASN S 135 32.02 3.99 19.99
N VAL S 136 30.91 4.28 19.31
CA VAL S 136 30.35 5.64 19.37
C VAL S 136 29.87 5.96 20.78
N ALA S 137 29.26 4.99 21.47
CA ALA S 137 28.79 5.22 22.83
C ALA S 137 29.95 5.45 23.79
N THR S 138 31.02 4.66 23.65
CA THR S 138 32.16 4.83 24.54
C THR S 138 32.93 6.11 24.23
N SER S 139 32.74 6.67 23.03
CA SER S 139 33.32 7.97 22.73
C SER S 139 32.70 9.11 23.52
N LEU S 140 31.56 8.91 24.18
CA LEU S 140 30.86 9.98 24.89
C LEU S 140 30.84 9.79 26.40
N LEU S 141 31.74 8.96 26.93
CA LEU S 141 31.71 8.64 28.35
C LEU S 141 33.10 8.71 28.95
N SER S 142 33.16 8.94 30.26
CA SER S 142 34.40 8.82 31.00
C SER S 142 34.85 7.37 31.02
N GLY S 143 36.10 7.16 31.45
CA GLY S 143 36.73 5.86 31.39
C GLY S 143 36.03 4.75 32.16
N ASP S 144 35.66 5.03 33.41
CA ASP S 144 34.98 4.02 34.21
C ASP S 144 33.59 3.71 33.66
N ASP S 145 32.82 4.75 33.35
CA ASP S 145 31.52 4.56 32.73
C ASP S 145 31.65 3.94 31.35
N ALA S 146 32.70 4.29 30.61
CA ALA S 146 32.94 3.67 29.31
C ALA S 146 33.15 2.17 29.45
N ALA S 147 33.96 1.75 30.43
CA ALA S 147 34.18 0.33 30.65
C ALA S 147 32.89 -0.36 31.10
N GLU S 148 32.12 0.31 31.96
CA GLU S 148 30.88 -0.28 32.45
C GLU S 148 29.87 -0.52 31.33
N ALA S 149 29.73 0.45 30.42
CA ALA S 149 28.85 0.24 29.27
C ALA S 149 29.44 -0.75 28.29
N GLY S 150 30.77 -0.72 28.14
CA GLY S 150 31.42 -1.64 27.22
C GLY S 150 31.25 -3.09 27.63
N PHE S 151 31.10 -3.35 28.92
CA PHE S 151 30.84 -4.72 29.37
C PHE S 151 29.55 -5.26 28.75
N TYR S 152 28.47 -4.47 28.80
CA TYR S 152 27.22 -4.89 28.19
C TYR S 152 27.34 -4.97 26.67
N PHE S 153 28.12 -4.07 26.07
CA PHE S 153 28.29 -4.12 24.62
C PHE S 153 29.01 -5.39 24.18
N ASP S 154 30.09 -5.77 24.87
CA ASP S 154 30.72 -7.05 24.56
C ASP S 154 29.83 -8.23 24.89
N TYR S 155 28.94 -8.09 25.88
CA TYR S 155 27.99 -9.17 26.12
C TYR S 155 27.07 -9.38 24.92
N LEU S 156 26.55 -8.28 24.37
CA LEU S 156 25.73 -8.39 23.17
C LEU S 156 26.51 -8.98 22.01
N VAL S 157 27.75 -8.52 21.82
CA VAL S 157 28.56 -9.00 20.69
C VAL S 157 28.86 -10.48 20.84
N GLY S 158 29.14 -10.93 22.06
CA GLY S 158 29.38 -12.35 22.28
C GLY S 158 28.13 -13.19 22.10
N ALA S 159 26.98 -12.67 22.55
CA ALA S 159 25.73 -13.41 22.39
C ALA S 159 25.37 -13.56 20.92
N MET S 160 25.61 -12.53 20.10
CA MET S 160 25.41 -12.63 18.66
C MET S 160 26.56 -13.42 18.04
N GLN S 161 26.52 -14.74 18.25
CA GLN S 161 27.58 -15.63 17.82
C GLN S 161 27.15 -17.09 17.93
N MET T 1 8.39 -13.12 38.46
CA MET T 1 8.32 -12.07 39.48
C MET T 1 9.06 -10.83 39.02
N GLN T 2 8.73 -9.68 39.62
CA GLN T 2 9.36 -8.42 39.28
C GLN T 2 9.71 -7.67 40.55
N ASP T 3 10.80 -6.90 40.48
CA ASP T 3 11.14 -5.91 41.48
C ASP T 3 10.74 -4.55 40.93
N ALA T 4 11.09 -3.49 41.66
CA ALA T 4 10.76 -2.15 41.18
C ALA T 4 11.49 -1.83 39.88
N ILE T 5 12.78 -2.16 39.81
CA ILE T 5 13.58 -1.80 38.64
C ILE T 5 13.12 -2.58 37.42
N THR T 6 12.96 -3.89 37.56
CA THR T 6 12.51 -4.69 36.41
C THR T 6 11.06 -4.36 36.06
N ALA T 7 10.26 -3.96 37.04
CA ALA T 7 8.89 -3.54 36.74
C ALA T 7 8.90 -2.29 35.86
N VAL T 8 9.72 -1.30 36.21
CA VAL T 8 9.82 -0.09 35.40
C VAL T 8 10.37 -0.43 34.02
N ILE T 9 11.38 -1.30 33.96
CA ILE T 9 11.99 -1.65 32.68
C ILE T 9 10.99 -2.35 31.77
N ASN T 10 10.22 -3.30 32.30
CA ASN T 10 9.23 -3.97 31.48
C ASN T 10 8.09 -3.05 31.09
N ASN T 11 7.67 -2.16 32.00
CA ASN T 11 6.60 -1.21 31.69
C ASN T 11 7.00 -0.27 30.58
N TYR T 12 8.29 0.07 30.48
CA TYR T 12 8.73 0.90 29.37
C TYR T 12 9.03 0.08 28.12
N ASP T 13 9.47 -1.17 28.28
CA ASP T 13 9.73 -2.01 27.13
C ASP T 13 8.47 -2.33 26.36
N VAL T 14 7.36 -2.56 27.07
CA VAL T 14 6.11 -2.87 26.38
C VAL T 14 5.62 -1.70 25.53
N GLN T 15 5.94 -0.47 25.91
CA GLN T 15 5.65 0.69 25.09
C GLN T 15 6.79 1.06 24.16
N GLY T 16 7.93 0.39 24.27
CA GLY T 16 9.05 0.72 23.40
C GLY T 16 9.63 2.08 23.64
N LYS T 17 9.82 2.44 24.91
CA LYS T 17 10.31 3.76 25.28
C LYS T 17 11.68 3.67 25.95
N TYR T 18 12.56 4.59 25.60
CA TYR T 18 13.77 4.78 26.39
C TYR T 18 13.42 5.36 27.75
N LEU T 19 14.29 5.13 28.72
CA LEU T 19 14.04 5.62 30.07
C LEU T 19 14.10 7.14 30.09
N ASP T 20 13.03 7.77 30.56
CA ASP T 20 12.88 9.21 30.57
C ASP T 20 12.98 9.74 32.00
N GLY T 21 12.64 11.02 32.17
CA GLY T 21 12.76 11.65 33.47
C GLY T 21 11.89 11.01 34.53
N ALA T 22 10.66 10.62 34.17
CA ALA T 22 9.76 10.01 35.14
C ALA T 22 10.27 8.65 35.60
N ALA T 23 10.72 7.82 34.66
CA ALA T 23 11.24 6.51 35.00
C ALA T 23 12.51 6.64 35.84
N LEU T 24 13.37 7.60 35.48
CA LEU T 24 14.58 7.82 36.27
C LEU T 24 14.24 8.32 37.67
N ASP T 25 13.21 9.14 37.81
CA ASP T 25 12.78 9.57 39.14
C ASP T 25 12.25 8.40 39.95
N LYS T 26 11.51 7.50 39.31
CA LYS T 26 11.01 6.32 40.01
C LYS T 26 12.15 5.44 40.48
N LEU T 27 13.14 5.21 39.61
CA LEU T 27 14.29 4.41 40.00
C LEU T 27 15.09 5.09 41.11
N LYS T 28 15.22 6.42 41.05
CA LYS T 28 15.91 7.16 42.08
C LYS T 28 15.19 7.02 43.42
N ALA T 29 13.85 7.10 43.39
CA ALA T 29 13.07 6.95 44.61
C ALA T 29 13.24 5.56 45.20
N TYR T 30 13.30 4.53 44.37
CA TYR T 30 13.58 3.20 44.92
C TYR T 30 14.99 3.12 45.49
N PHE T 31 15.98 3.64 44.77
CA PHE T 31 17.37 3.49 45.18
C PHE T 31 17.65 4.25 46.48
N THR T 32 16.92 5.34 46.72
CA THR T 32 17.16 6.12 47.93
C THR T 32 16.79 5.37 49.20
N THR T 33 15.96 4.34 49.11
CA THR T 33 15.56 3.55 50.28
C THR T 33 16.10 2.13 50.24
N GLY T 34 17.20 1.89 49.54
CA GLY T 34 17.72 0.53 49.44
C GLY T 34 18.24 0.01 50.77
N ALA T 35 18.98 0.85 51.50
CA ALA T 35 19.64 0.38 52.71
C ALA T 35 18.65 0.04 53.81
N VAL T 36 17.58 0.83 53.94
CA VAL T 36 16.58 0.59 54.97
C VAL T 36 15.89 -0.75 54.76
N ARG T 37 15.63 -1.10 53.49
CA ARG T 37 15.03 -2.39 53.19
C ARG T 37 15.96 -3.53 53.61
N VAL T 38 17.25 -3.41 53.33
CA VAL T 38 18.20 -4.47 53.69
C VAL T 38 18.28 -4.62 55.21
N ARG T 39 18.32 -3.49 55.92
CA ARG T 39 18.39 -3.55 57.37
C ARG T 39 17.12 -4.19 57.96
N ALA T 40 15.96 -3.79 57.45
CA ALA T 40 14.70 -4.37 57.95
C ALA T 40 14.63 -5.86 57.65
N ALA T 41 15.07 -6.27 56.46
CA ALA T 41 15.06 -7.68 56.12
C ALA T 41 16.00 -8.48 57.01
N ALA T 42 17.18 -7.94 57.31
CA ALA T 42 18.08 -8.62 58.23
C ALA T 42 17.48 -8.75 59.63
N VAL T 43 16.82 -7.70 60.11
CA VAL T 43 16.20 -7.75 61.43
C VAL T 43 15.09 -8.79 61.46
N ILE T 44 14.26 -8.83 60.41
CA ILE T 44 13.17 -9.79 60.36
C ILE T 44 13.69 -11.22 60.28
N SER T 45 14.75 -11.43 59.50
CA SER T 45 15.34 -12.76 59.41
C SER T 45 15.90 -13.21 60.75
N SER T 46 16.56 -12.29 61.46
CA SER T 46 17.09 -12.64 62.77
C SER T 46 16.00 -12.86 63.82
N ASN T 47 14.85 -12.20 63.69
CA ASN T 47 13.78 -12.34 64.66
C ASN T 47 12.57 -13.09 64.13
N ALA T 48 12.75 -13.96 63.14
CA ALA T 48 11.63 -14.66 62.49
C ALA T 48 10.77 -15.49 63.45
N THR T 49 11.39 -16.37 64.23
CA THR T 49 10.62 -17.28 65.07
C THR T 49 9.90 -16.54 66.19
N THR T 50 10.55 -15.53 66.77
CA THR T 50 9.93 -14.76 67.84
C THR T 50 8.69 -14.01 67.36
N ILE T 51 8.76 -13.44 66.16
CA ILE T 51 7.61 -12.71 65.61
C ILE T 51 6.42 -13.64 65.45
N ILE T 52 6.66 -14.85 64.94
CA ILE T 52 5.58 -15.84 64.84
C ILE T 52 5.06 -16.20 66.22
N LYS T 53 5.96 -16.27 67.21
CA LYS T 53 5.53 -16.62 68.56
C LYS T 53 4.57 -15.59 69.15
N GLU T 54 4.96 -14.31 69.12
CA GLU T 54 4.04 -13.30 69.63
C GLU T 54 2.78 -13.16 68.77
N ALA T 55 2.89 -13.34 67.45
CA ALA T 55 1.71 -13.25 66.61
C ALA T 55 0.70 -14.35 66.96
N ALA T 56 1.18 -15.59 67.11
CA ALA T 56 0.31 -16.68 67.51
C ALA T 56 -0.28 -16.45 68.90
N ALA T 57 0.55 -15.96 69.83
CA ALA T 57 0.08 -15.73 71.19
C ALA T 57 -1.00 -14.65 71.25
N LYS T 58 -0.88 -13.61 70.43
CA LYS T 58 -1.83 -12.51 70.50
C LYS T 58 -3.04 -12.70 69.60
N ALA T 59 -2.98 -13.61 68.62
CA ALA T 59 -4.08 -13.78 67.69
C ALA T 59 -4.76 -15.13 67.71
N LEU T 60 -4.05 -16.23 67.90
CA LEU T 60 -4.64 -17.54 67.63
C LEU T 60 -4.85 -18.38 68.88
N ILE T 61 -3.79 -18.65 69.63
CA ILE T 61 -3.83 -19.61 70.73
C ILE T 61 -4.64 -19.07 71.89
N TYR T 62 -4.91 -19.93 72.88
CA TYR T 62 -5.77 -19.59 74.02
C TYR T 62 -7.19 -19.28 73.57
N SER T 63 -7.70 -20.07 72.64
CA SER T 63 -9.05 -19.86 72.12
C SER T 63 -9.59 -21.20 71.63
N ASP T 64 -10.72 -21.12 70.92
CA ASP T 64 -11.37 -22.35 70.44
C ASP T 64 -10.64 -22.93 69.25
N LEU T 65 -9.74 -22.16 68.61
CA LEU T 65 -8.99 -22.67 67.49
C LEU T 65 -8.09 -23.83 67.89
N THR T 66 -7.40 -23.69 69.03
CA THR T 66 -6.52 -24.72 69.52
C THR T 66 -7.24 -25.84 70.25
N ARG T 67 -8.49 -25.62 70.63
CA ARG T 67 -9.31 -26.61 71.31
C ARG T 67 -9.81 -27.64 70.30
N PRO T 68 -10.28 -28.80 70.77
CA PRO T 68 -10.90 -29.76 69.86
C PRO T 68 -12.08 -29.15 69.13
N GLY T 69 -12.20 -29.48 67.84
CA GLY T 69 -13.13 -28.83 66.96
C GLY T 69 -12.60 -27.59 66.28
N GLY T 70 -11.46 -27.08 66.73
CA GLY T 70 -10.82 -25.94 66.10
C GLY T 70 -9.96 -26.39 64.93
N MEN T 71 -9.65 -25.45 64.04
CA MEN T 71 -8.91 -25.79 62.85
C MEN T 71 -7.46 -26.12 63.15
O MEN T 71 -6.81 -26.91 62.49
CB MEN T 71 -8.90 -24.68 61.78
CG MEN T 71 -8.43 -25.30 60.47
OD1 MEN T 71 -7.39 -24.87 59.91
ND2 MEN T 71 -9.17 -26.33 59.96
CE2 MEN T 71 -8.86 -27.01 58.74
N MET T 72 -6.93 -25.47 64.18
CA MET T 72 -5.53 -25.68 64.54
C MET T 72 -5.40 -26.61 65.73
N TYR T 73 -6.42 -27.45 65.93
CA TYR T 73 -6.35 -28.51 66.92
C TYR T 73 -5.42 -29.61 66.42
N THR T 74 -4.73 -30.27 67.35
CA THR T 74 -3.76 -31.33 67.12
C THR T 74 -2.41 -30.78 66.65
N THR T 75 -1.34 -31.53 66.93
CA THR T 75 0.02 -31.08 66.66
C THR T 75 0.26 -30.87 65.17
N ARG T 76 -0.30 -31.74 64.32
CA ARG T 76 -0.11 -31.60 62.89
C ARG T 76 -0.70 -30.30 62.38
N ARG T 77 -1.92 -29.97 62.80
CA ARG T 77 -2.54 -28.73 62.37
C ARG T 77 -1.86 -27.51 62.96
N TYR T 78 -1.37 -27.61 64.21
CA TYR T 78 -0.62 -26.50 64.78
C TYR T 78 0.66 -26.24 63.99
N ALA T 79 1.38 -27.31 63.63
CA ALA T 79 2.59 -27.16 62.85
C ALA T 79 2.29 -26.60 61.47
N ALA T 80 1.18 -27.03 60.86
CA ALA T 80 0.80 -26.49 59.55
C ALA T 80 0.49 -25.00 59.64
N CYS T 81 -0.23 -24.59 60.69
CA CYS T 81 -0.55 -23.16 60.84
C CYS T 81 0.71 -22.33 61.05
N ILE T 82 1.63 -22.80 61.89
CA ILE T 82 2.86 -22.03 62.07
C ILE T 82 3.73 -22.03 60.82
N ARG T 83 3.71 -23.11 60.03
CA ARG T 83 4.45 -23.11 58.77
C ARG T 83 3.86 -22.11 57.79
N ASP T 84 2.54 -22.02 57.75
CA ASP T 84 1.89 -21.02 56.91
C ASP T 84 2.25 -19.62 57.36
N MET T 85 2.33 -19.43 58.67
CA MET T 85 2.73 -18.13 59.23
C MET T 85 4.15 -17.78 58.79
N ASP T 86 5.03 -18.76 58.82
CA ASP T 86 6.41 -18.55 58.36
C ASP T 86 6.47 -18.26 56.87
N TYR T 87 5.61 -18.92 56.09
CA TYR T 87 5.52 -18.62 54.66
C TYR T 87 5.14 -17.16 54.43
N PHE T 88 4.14 -16.69 55.16
CA PHE T 88 3.70 -15.30 55.03
C PHE T 88 4.82 -14.34 55.42
N LEU T 89 5.53 -14.65 56.49
CA LEU T 89 6.64 -13.79 56.92
C LEU T 89 7.75 -13.73 55.87
N ARG T 90 8.15 -14.88 55.34
CA ARG T 90 9.24 -14.92 54.39
C ARG T 90 8.86 -14.22 53.08
N TYR T 91 7.64 -14.42 52.61
CA TYR T 91 7.26 -13.80 51.35
C TYR T 91 7.01 -12.30 51.53
N ALA T 92 6.56 -11.88 52.72
CA ALA T 92 6.48 -10.45 53.00
C ALA T 92 7.86 -9.82 53.01
N THR T 93 8.85 -10.52 53.56
CA THR T 93 10.22 -10.02 53.52
C THR T 93 10.72 -9.92 52.08
N TYR T 94 10.41 -10.92 51.26
CA TYR T 94 10.79 -10.86 49.84
C TYR T 94 10.14 -9.67 49.14
N ALA T 95 8.86 -9.43 49.42
CA ALA T 95 8.16 -8.33 48.80
C ALA T 95 8.73 -6.99 49.24
N MET T 96 9.08 -6.86 50.51
CA MET T 96 9.64 -5.60 50.98
C MET T 96 11.04 -5.37 50.43
N LEU T 97 11.80 -6.45 50.21
CA LEU T 97 13.10 -6.29 49.58
C LEU T 97 12.96 -5.87 48.12
N ALA T 98 12.05 -6.51 47.39
CA ALA T 98 11.93 -6.23 45.97
C ALA T 98 11.14 -4.97 45.68
N GLY T 99 10.42 -4.44 46.65
CA GLY T 99 9.59 -3.27 46.41
C GLY T 99 8.46 -3.52 45.44
N ASP T 100 7.86 -4.70 45.47
CA ASP T 100 6.78 -5.00 44.54
C ASP T 100 6.01 -6.24 44.96
N PRO T 101 4.67 -6.20 44.93
CA PRO T 101 3.87 -7.37 45.32
C PRO T 101 3.70 -8.41 44.23
N SER T 102 4.50 -8.34 43.16
CA SER T 102 4.38 -9.29 42.06
C SER T 102 4.68 -10.71 42.53
N ILE T 103 5.69 -10.88 43.38
CA ILE T 103 6.01 -12.20 43.89
C ILE T 103 4.90 -12.72 44.79
N LEU T 104 4.27 -11.84 45.58
CA LEU T 104 3.15 -12.26 46.41
C LEU T 104 1.98 -12.72 45.57
N ASP T 105 1.67 -12.00 44.49
CA ASP T 105 0.58 -12.44 43.62
C ASP T 105 0.93 -13.73 42.89
N GLU T 106 2.19 -13.87 42.48
CA GLU T 106 2.57 -15.00 41.65
C GLU T 106 2.67 -16.29 42.45
N ARG T 107 3.25 -16.25 43.64
CA ARG T 107 3.59 -17.47 44.35
C ARG T 107 2.88 -17.65 45.69
N VAL T 108 2.01 -16.74 46.09
CA VAL T 108 1.34 -16.88 47.38
C VAL T 108 -0.17 -16.87 47.20
N LEU T 109 -0.71 -15.76 46.68
CA LEU T 109 -2.15 -15.59 46.66
C LEU T 109 -2.83 -16.39 45.57
N ASN T 110 -2.07 -16.95 44.64
CA ASN T 110 -2.66 -17.68 43.52
C ASN T 110 -3.29 -18.99 43.99
N GLY T 111 -4.61 -19.02 44.12
CA GLY T 111 -5.31 -20.20 44.55
C GLY T 111 -5.34 -20.41 46.05
N LEU T 112 -4.74 -19.51 46.83
CA LEU T 112 -4.72 -19.67 48.27
C LEU T 112 -6.12 -19.62 48.86
N LYS T 113 -6.98 -18.73 48.36
CA LYS T 113 -8.31 -18.57 48.90
C LYS T 113 -9.13 -19.83 48.72
N GLU T 114 -9.13 -20.39 47.51
CA GLU T 114 -9.93 -21.58 47.27
C GLU T 114 -9.29 -22.82 47.89
N THR T 115 -7.95 -22.83 48.03
CA THR T 115 -7.32 -23.92 48.77
C THR T 115 -7.73 -23.91 50.24
N TYR T 116 -7.76 -22.73 50.86
CA TYR T 116 -8.22 -22.64 52.24
C TYR T 116 -9.70 -22.97 52.35
N ASN T 117 -10.49 -22.62 51.33
CA ASN T 117 -11.89 -22.99 51.33
C ASN T 117 -12.05 -24.51 51.26
N SER T 118 -11.22 -25.18 50.46
CA SER T 118 -11.26 -26.63 50.39
C SER T 118 -10.84 -27.27 51.71
N LEU T 119 -9.81 -26.74 52.36
CA LEU T 119 -9.30 -27.36 53.57
C LEU T 119 -10.04 -26.94 54.83
N GLY T 120 -10.89 -25.92 54.77
CA GLY T 120 -11.63 -25.48 55.93
C GLY T 120 -10.91 -24.51 56.83
N VAL T 121 -9.77 -23.98 56.41
CA VAL T 121 -8.98 -23.06 57.22
C VAL T 121 -9.75 -21.76 57.45
N PRO T 122 -9.69 -21.16 58.63
CA PRO T 122 -10.38 -19.89 58.86
C PRO T 122 -9.64 -18.70 58.25
N ILE T 123 -10.24 -18.09 57.23
CA ILE T 123 -9.60 -16.98 56.54
C ILE T 123 -9.52 -15.77 57.45
N ALA T 124 -10.55 -15.53 58.26
CA ALA T 124 -10.52 -14.42 59.20
C ALA T 124 -9.41 -14.61 60.22
N ALA T 125 -9.22 -15.83 60.72
CA ALA T 125 -8.13 -16.11 61.64
C ALA T 125 -6.78 -15.90 60.96
N THR T 126 -6.66 -16.30 59.70
CA THR T 126 -5.41 -16.07 58.97
C THR T 126 -5.11 -14.59 58.82
N VAL T 127 -6.14 -13.80 58.52
CA VAL T 127 -5.95 -12.35 58.39
C VAL T 127 -5.54 -11.74 59.72
N GLY T 128 -6.16 -12.20 60.81
CA GLY T 128 -5.77 -11.73 62.13
C GLY T 128 -4.33 -12.07 62.47
N GLY T 129 -3.89 -13.28 62.16
CA GLY T 129 -2.50 -13.63 62.39
C GLY T 129 -1.54 -12.81 61.55
N ILE T 130 -1.91 -12.54 60.29
CA ILE T 130 -1.07 -11.72 59.43
C ILE T 130 -0.95 -10.31 60.00
N GLN T 131 -2.07 -9.74 60.46
CA GLN T 131 -2.01 -8.42 61.07
C GLN T 131 -1.19 -8.42 62.36
N ALA T 132 -1.26 -9.49 63.14
CA ALA T 132 -0.42 -9.59 64.32
C ALA T 132 1.05 -9.59 63.96
N MET T 133 1.42 -10.35 62.91
CA MET T 133 2.81 -10.33 62.46
C MET T 133 3.20 -8.93 61.98
N LYS T 134 2.25 -8.23 61.35
CA LYS T 134 2.52 -6.87 60.88
C LYS T 134 2.82 -5.95 62.04
N GLU T 135 2.04 -6.04 63.11
CA GLU T 135 2.29 -5.22 64.30
C GLU T 135 3.63 -5.54 64.92
N VAL T 136 3.96 -6.83 65.03
CA VAL T 136 5.23 -7.24 65.64
C VAL T 136 6.40 -6.74 64.79
N VAL T 137 6.29 -6.86 63.47
CA VAL T 137 7.37 -6.44 62.60
C VAL T 137 7.53 -4.92 62.63
N GLY T 138 6.41 -4.20 62.70
CA GLY T 138 6.48 -2.76 62.85
C GLY T 138 7.14 -2.34 64.15
N GLY T 139 6.87 -3.07 65.22
CA GLY T 139 7.56 -2.82 66.48
C GLY T 139 9.05 -3.07 66.39
N LEU T 140 9.43 -4.16 65.73
CA LEU T 140 10.85 -4.52 65.67
C LEU T 140 11.65 -3.58 64.79
N VAL T 141 11.16 -3.31 63.56
CA VAL T 141 11.97 -2.61 62.58
C VAL T 141 12.19 -1.14 62.92
N GLY T 142 11.17 -0.46 63.46
CA GLY T 142 11.30 0.94 63.78
C GLY T 142 10.64 1.84 62.75
N PRO T 143 10.73 3.15 62.97
CA PRO T 143 10.08 4.12 62.06
C PRO T 143 10.57 4.06 60.62
N ASP T 144 11.81 3.63 60.42
CA ASP T 144 12.44 3.70 59.10
C ASP T 144 11.71 2.87 58.05
N ALA T 145 11.45 1.59 58.35
CA ALA T 145 10.81 0.70 57.40
C ALA T 145 9.47 0.15 57.88
N ALA T 146 8.86 0.77 58.90
CA ALA T 146 7.63 0.24 59.46
C ALA T 146 6.50 0.26 58.43
N LYS T 147 6.26 1.42 57.82
CA LYS T 147 5.16 1.54 56.87
C LYS T 147 5.43 0.73 55.60
N GLU T 148 6.70 0.69 55.16
CA GLU T 148 7.02 -0.04 53.94
C GLU T 148 6.86 -1.54 54.15
N ALA T 149 7.22 -2.05 55.32
CA ALA T 149 6.94 -3.43 55.64
C ALA T 149 5.44 -3.66 55.78
N SER T 150 4.73 -2.68 56.33
CA SER T 150 3.32 -2.88 56.63
C SER T 150 2.46 -2.93 55.37
N ILE T 151 2.89 -2.24 54.30
CA ILE T 151 2.08 -2.20 53.09
C ILE T 151 1.95 -3.58 52.47
N TYR T 152 3.01 -4.40 52.52
CA TYR T 152 2.91 -5.73 51.94
C TYR T 152 2.12 -6.71 52.80
N PHE T 153 2.19 -6.57 54.14
CA PHE T 153 1.31 -7.36 54.98
C PHE T 153 -0.15 -6.99 54.73
N ASP T 154 -0.44 -5.70 54.55
CA ASP T 154 -1.77 -5.28 54.17
C ASP T 154 -2.17 -5.84 52.82
N TYR T 155 -1.23 -5.92 51.88
CA TYR T 155 -1.50 -6.52 50.58
C TYR T 155 -1.90 -7.98 50.72
N LEU T 156 -1.16 -8.73 51.53
CA LEU T 156 -1.49 -10.15 51.74
C LEU T 156 -2.85 -10.30 52.42
N SER T 157 -3.11 -9.48 53.43
CA SER T 157 -4.40 -9.54 54.12
C SER T 157 -5.56 -9.20 53.20
N SER T 158 -5.42 -8.17 52.37
CA SER T 158 -6.46 -7.82 51.41
C SER T 158 -6.63 -8.86 50.32
N GLY T 159 -5.54 -9.50 49.90
CA GLY T 159 -5.68 -10.57 48.92
C GLY T 159 -6.41 -11.78 49.47
N LEU T 160 -6.09 -12.20 50.70
CA LEU T 160 -6.82 -13.30 51.30
C LEU T 160 -8.28 -12.93 51.57
N SER T 161 -8.53 -11.75 52.11
CA SER T 161 -9.89 -11.31 52.40
C SER T 161 -10.58 -10.86 51.13
N SER U 2 -48.13 -43.73 46.09
CA SER U 2 -49.03 -44.03 47.19
C SER U 2 -49.68 -42.76 47.74
N VAL U 3 -50.46 -42.92 48.80
CA VAL U 3 -51.12 -41.78 49.43
C VAL U 3 -50.10 -40.81 50.00
N LEU U 4 -49.02 -41.35 50.59
CA LEU U 4 -47.94 -40.50 51.09
C LEU U 4 -47.32 -39.69 49.97
N THR U 5 -47.05 -40.35 48.83
CA THR U 5 -46.45 -39.66 47.70
C THR U 5 -47.37 -38.56 47.16
N LYS U 6 -48.67 -38.86 47.04
CA LYS U 6 -49.60 -37.86 46.53
C LYS U 6 -49.72 -36.67 47.48
N ALA U 7 -49.82 -36.94 48.78
CA ALA U 7 -49.97 -35.86 49.75
C ALA U 7 -48.71 -35.00 49.79
N ILE U 8 -47.54 -35.63 49.79
CA ILE U 8 -46.29 -34.87 49.83
C ILE U 8 -46.11 -34.08 48.56
N VAL U 9 -46.51 -34.65 47.41
CA VAL U 9 -46.38 -33.95 46.14
C VAL U 9 -47.25 -32.70 46.11
N ASN U 10 -48.50 -32.83 46.57
CA ASN U 10 -49.37 -31.65 46.63
C ASN U 10 -48.85 -30.60 47.60
N ALA U 11 -48.36 -31.04 48.76
CA ALA U 11 -47.82 -30.09 49.74
C ALA U 11 -46.61 -29.36 49.18
N ASP U 12 -45.72 -30.08 48.50
CA ASP U 12 -44.55 -29.45 47.89
C ASP U 12 -44.95 -28.50 46.78
N ALA U 13 -45.93 -28.91 45.96
CA ALA U 13 -46.37 -28.06 44.86
C ALA U 13 -46.97 -26.75 45.36
N GLU U 14 -47.67 -26.80 46.49
CA GLU U 14 -48.20 -25.57 47.08
C GLU U 14 -47.18 -24.88 47.98
N ALA U 15 -46.04 -25.53 48.24
CA ALA U 15 -45.00 -24.97 49.11
C ALA U 15 -45.52 -24.71 50.51
N ARG U 16 -45.96 -25.79 51.17
CA ARG U 16 -46.53 -25.71 52.49
C ARG U 16 -46.43 -27.07 53.16
N TYR U 17 -46.58 -27.07 54.48
CA TYR U 17 -46.60 -28.32 55.22
C TYR U 17 -47.90 -29.06 54.97
N LEU U 18 -47.94 -30.32 55.39
CA LEU U 18 -49.10 -31.17 55.15
C LEU U 18 -50.31 -30.65 55.90
N SER U 19 -51.48 -30.78 55.26
CA SER U 19 -52.73 -30.33 55.84
C SER U 19 -53.25 -31.35 56.85
N PRO U 20 -54.15 -30.92 57.74
CA PRO U 20 -54.78 -31.89 58.66
C PRO U 20 -55.53 -33.01 57.96
N GLY U 21 -56.17 -32.72 56.84
CA GLY U 21 -56.84 -33.77 56.09
C GLY U 21 -55.88 -34.78 55.53
N GLU U 22 -54.75 -34.30 55.00
CA GLU U 22 -53.71 -35.20 54.50
C GLU U 22 -53.13 -36.04 55.63
N LEU U 23 -52.94 -35.44 56.80
CA LEU U 23 -52.46 -36.20 57.94
C LEU U 23 -53.46 -37.27 58.36
N ASP U 24 -54.76 -36.94 58.33
CA ASP U 24 -55.79 -37.90 58.70
C ASP U 24 -55.80 -39.05 57.70
N ARG U 25 -55.65 -38.75 56.41
CA ARG U 25 -55.64 -39.83 55.43
C ARG U 25 -54.40 -40.70 55.55
N ILE U 26 -53.26 -40.09 55.91
CA ILE U 26 -52.06 -40.88 56.17
C ILE U 26 -52.27 -41.81 57.36
N LYS U 27 -52.90 -41.29 58.42
CA LYS U 27 -53.19 -42.12 59.60
C LYS U 27 -54.12 -43.26 59.25
N SER U 28 -55.15 -43.00 58.45
CA SER U 28 -56.08 -44.04 58.05
C SER U 28 -55.37 -45.10 57.20
N PHE U 29 -54.47 -44.68 56.31
CA PHE U 29 -53.74 -45.62 55.48
C PHE U 29 -52.84 -46.52 56.32
N VAL U 30 -52.11 -45.93 57.27
CA VAL U 30 -51.25 -46.74 58.13
C VAL U 30 -52.08 -47.65 59.03
N ALA U 31 -53.31 -47.23 59.34
CA ALA U 31 -54.20 -48.11 60.10
C ALA U 31 -54.70 -49.29 59.26
N SER U 32 -54.97 -49.06 57.98
CA SER U 32 -55.52 -50.10 57.11
C SER U 32 -54.44 -50.97 56.45
N GLY U 33 -53.16 -50.65 56.69
CA GLY U 33 -52.06 -51.39 56.13
C GLY U 33 -52.05 -52.90 56.31
N GLU U 34 -52.37 -53.40 57.51
CA GLU U 34 -52.33 -54.85 57.74
C GLU U 34 -53.40 -55.57 56.93
N ARG U 35 -54.60 -54.99 56.85
CA ARG U 35 -55.65 -55.59 56.04
C ARG U 35 -55.28 -55.56 54.57
N ARG U 36 -54.64 -54.47 54.13
CA ARG U 36 -54.17 -54.40 52.75
C ARG U 36 -53.13 -55.48 52.47
N LEU U 37 -52.22 -55.71 53.42
CA LEU U 37 -51.21 -56.75 53.26
C LEU U 37 -51.86 -58.13 53.21
N ARG U 38 -52.87 -58.37 54.04
CA ARG U 38 -53.58 -59.64 54.02
C ARG U 38 -54.25 -59.88 52.67
N ILE U 39 -54.90 -58.85 52.12
CA ILE U 39 -55.55 -58.98 50.83
C ILE U 39 -54.52 -59.29 49.74
N ALA U 40 -53.39 -58.57 49.78
CA ALA U 40 -52.34 -58.80 48.80
C ALA U 40 -51.77 -60.20 48.89
N GLN U 41 -51.59 -60.71 50.12
CA GLN U 41 -51.12 -62.08 50.30
C GLN U 41 -52.12 -63.07 49.74
N THR U 42 -53.41 -62.80 49.93
CA THR U 42 -54.45 -63.70 49.43
C THR U 42 -54.42 -63.78 47.90
N LEU U 43 -54.40 -62.63 47.22
CA LEU U 43 -54.37 -62.68 45.77
C LEU U 43 -53.06 -63.26 45.24
N THR U 44 -51.93 -62.98 45.91
CA THR U 44 -50.65 -63.53 45.48
C THR U 44 -50.65 -65.05 45.58
N GLU U 45 -51.28 -65.59 46.63
CA GLU U 45 -51.39 -67.04 46.73
C GLU U 45 -52.38 -67.58 45.71
N ALA U 46 -53.41 -66.81 45.35
CA ALA U 46 -54.36 -67.20 44.33
C ALA U 46 -53.96 -66.68 42.94
N ARG U 47 -52.66 -66.51 42.73
CA ARG U 47 -52.11 -65.95 41.49
C ARG U 47 -52.56 -66.70 40.24
N GLU U 48 -52.69 -68.03 40.32
CA GLU U 48 -52.75 -68.80 39.09
C GLU U 48 -54.18 -69.23 38.78
N ARG U 49 -54.92 -69.64 39.81
CA ARG U 49 -56.31 -70.03 39.63
C ARG U 49 -57.15 -68.86 39.12
N ILE U 50 -56.89 -67.66 39.67
CA ILE U 50 -57.60 -66.47 39.25
C ILE U 50 -57.33 -66.17 37.78
N VAL U 51 -56.05 -66.27 37.37
CA VAL U 51 -55.69 -66.03 35.98
C VAL U 51 -56.35 -67.04 35.05
N LYS U 52 -56.34 -68.32 35.43
CA LYS U 52 -56.94 -69.35 34.58
C LYS U 52 -58.44 -69.15 34.43
N GLN U 53 -59.14 -68.86 35.53
CA GLN U 53 -60.58 -68.65 35.44
C GLN U 53 -60.91 -67.38 34.67
N ALA U 54 -60.12 -66.32 34.83
CA ALA U 54 -60.35 -65.10 34.08
C ALA U 54 -60.14 -65.32 32.59
N GLY U 55 -59.10 -66.08 32.24
CA GLY U 55 -58.89 -66.40 30.84
C GLY U 55 -60.01 -67.23 30.26
N ASP U 56 -60.52 -68.19 31.03
CA ASP U 56 -61.65 -69.01 30.58
C ASP U 56 -62.88 -68.15 30.36
N GLN U 57 -63.17 -67.24 31.29
CA GLN U 57 -64.32 -66.36 31.15
C GLN U 57 -64.18 -65.45 29.94
N LEU U 58 -62.98 -64.89 29.74
CA LEU U 58 -62.74 -64.02 28.60
C LEU U 58 -62.91 -64.76 27.29
N PHE U 59 -62.40 -65.99 27.21
CA PHE U 59 -62.55 -66.77 25.98
C PHE U 59 -63.99 -67.17 25.73
N GLN U 60 -64.75 -67.48 26.78
CA GLN U 60 -66.18 -67.76 26.58
C GLN U 60 -66.91 -66.52 26.09
N ILE U 61 -66.59 -65.35 26.65
CA ILE U 61 -67.30 -64.13 26.26
C ILE U 61 -66.94 -63.71 24.85
N ARG U 62 -65.66 -63.77 24.48
CA ARG U 62 -65.18 -63.28 23.20
C ARG U 62 -64.37 -64.36 22.51
N PRO U 63 -65.05 -65.35 21.94
CA PRO U 63 -64.32 -66.41 21.21
C PRO U 63 -63.58 -65.93 19.98
N ASP U 64 -63.95 -64.76 19.45
CA ASP U 64 -63.32 -64.25 18.24
C ASP U 64 -61.85 -63.94 18.45
N VAL U 65 -61.45 -63.60 19.68
CA VAL U 65 -60.06 -63.26 19.95
C VAL U 65 -59.19 -64.51 19.83
N VAL U 66 -59.77 -65.69 20.02
CA VAL U 66 -59.03 -66.94 19.85
C VAL U 66 -59.45 -67.54 18.52
N SER U 67 -59.96 -66.70 17.63
CA SER U 67 -60.25 -67.09 16.26
C SER U 67 -59.05 -66.69 15.41
N PRO U 68 -58.90 -67.28 14.23
CA PRO U 68 -57.76 -66.95 13.36
C PRO U 68 -57.70 -65.49 12.94
N GLY U 69 -58.84 -64.80 12.93
CA GLY U 69 -58.84 -63.37 12.71
C GLY U 69 -58.76 -62.59 14.00
N GLY U 70 -58.18 -63.21 15.03
CA GLY U 70 -58.07 -62.60 16.34
C GLY U 70 -56.61 -62.41 16.74
N ASN U 71 -56.38 -61.44 17.64
CA ASN U 71 -55.02 -61.15 18.09
C ASN U 71 -54.40 -62.32 18.84
N ALA U 72 -55.18 -63.00 19.68
CA ALA U 72 -54.65 -64.04 20.54
C ALA U 72 -54.87 -65.44 19.97
N TYR U 73 -54.85 -65.59 18.66
CA TYR U 73 -55.00 -66.90 18.04
C TYR U 73 -53.71 -67.69 18.22
N GLY U 74 -53.84 -68.95 18.62
CA GLY U 74 -52.70 -69.82 18.81
C GLY U 74 -52.32 -69.94 20.27
N GLU U 75 -51.61 -71.04 20.57
CA GLU U 75 -51.24 -71.32 21.95
C GLU U 75 -50.26 -70.28 22.50
N LYS U 76 -49.30 -69.84 21.69
CA LYS U 76 -48.35 -68.83 22.13
C LYS U 76 -49.00 -67.46 22.29
N MET U 77 -49.89 -67.07 21.38
CA MET U 77 -50.64 -65.83 21.55
C MET U 77 -51.53 -65.87 22.79
N THR U 78 -52.15 -67.02 23.08
CA THR U 78 -52.92 -67.15 24.31
C THR U 78 -52.04 -67.07 25.54
N ALA U 79 -50.85 -67.68 25.48
CA ALA U 79 -49.93 -67.62 26.61
C ALA U 79 -49.48 -66.18 26.87
N LEU U 80 -49.26 -65.42 25.81
CA LEU U 80 -48.90 -64.02 25.98
C LEU U 80 -50.04 -63.23 26.60
N CYS U 81 -51.29 -63.54 26.22
CA CYS U 81 -52.44 -62.90 26.84
C CYS U 81 -52.51 -63.22 28.32
N LEU U 82 -52.27 -64.49 28.68
CA LEU U 82 -52.25 -64.87 30.09
C LEU U 82 -51.13 -64.18 30.85
N ARG U 83 -49.97 -64.01 30.22
CA ARG U 83 -48.87 -63.32 30.88
C ARG U 83 -49.19 -61.85 31.10
N ASP U 84 -49.84 -61.21 30.11
CA ASP U 84 -50.31 -59.84 30.32
C ASP U 84 -51.32 -59.78 31.47
N LEU U 85 -52.18 -60.79 31.56
CA LEU U 85 -53.13 -60.88 32.66
C LEU U 85 -52.41 -60.95 34.00
N ASP U 86 -51.37 -61.78 34.09
CA ASP U 86 -50.59 -61.87 35.32
C ASP U 86 -49.91 -60.55 35.63
N TYR U 87 -49.45 -59.84 34.60
CA TYR U 87 -48.85 -58.53 34.79
C TYR U 87 -49.84 -57.56 35.43
N TYR U 88 -51.07 -57.54 34.92
CA TYR U 88 -52.08 -56.66 35.49
C TYR U 88 -52.47 -57.09 36.89
N LEU U 89 -52.46 -58.39 37.18
CA LEU U 89 -52.74 -58.83 38.54
C LEU U 89 -51.66 -58.37 39.51
N ARG U 90 -50.39 -58.44 39.08
CA ARG U 90 -49.30 -57.94 39.90
C ARG U 90 -49.43 -56.46 40.15
N LEU U 91 -49.81 -55.70 39.11
CA LEU U 91 -50.05 -54.27 39.28
C LEU U 91 -51.19 -54.01 40.25
N VAL U 92 -52.24 -54.84 40.20
CA VAL U 92 -53.36 -54.67 41.12
C VAL U 92 -52.92 -54.90 42.56
N THR U 93 -52.13 -55.95 42.80
CA THR U 93 -51.63 -56.19 44.16
C THR U 93 -50.72 -55.05 44.62
N TYR U 94 -49.90 -54.52 43.71
CA TYR U 94 -49.03 -53.41 44.04
C TYR U 94 -49.83 -52.19 44.45
N GLY U 95 -50.88 -51.87 43.69
CA GLY U 95 -51.72 -50.73 44.03
C GLY U 95 -52.47 -50.94 45.33
N ILE U 96 -52.89 -52.18 45.59
CA ILE U 96 -53.60 -52.49 46.82
C ILE U 96 -52.71 -52.27 48.02
N VAL U 97 -51.46 -52.74 47.96
CA VAL U 97 -50.55 -52.51 49.08
C VAL U 97 -50.18 -51.04 49.19
N ALA U 98 -50.05 -50.34 48.06
CA ALA U 98 -49.62 -48.95 48.10
C ALA U 98 -50.70 -47.99 48.59
N GLY U 99 -51.97 -48.35 48.40
CA GLY U 99 -53.04 -47.47 48.84
C GLY U 99 -53.47 -46.44 47.83
N ASP U 100 -52.80 -46.35 46.69
CA ASP U 100 -53.22 -45.48 45.60
C ASP U 100 -52.71 -46.09 44.30
N VAL U 101 -52.77 -45.31 43.22
CA VAL U 101 -52.52 -45.84 41.89
C VAL U 101 -51.29 -45.26 41.22
N THR U 102 -50.35 -44.72 41.98
CA THR U 102 -49.14 -44.14 41.36
C THR U 102 -48.28 -45.20 40.65
N PRO U 103 -47.89 -46.30 41.33
CA PRO U 103 -47.10 -47.32 40.62
C PRO U 103 -47.86 -47.97 39.48
N ILE U 104 -49.17 -48.19 39.65
CA ILE U 104 -49.99 -48.75 38.58
C ILE U 104 -50.00 -47.81 37.38
N GLU U 105 -50.16 -46.51 37.63
CA GLU U 105 -50.14 -45.51 36.57
C GLU U 105 -48.82 -45.50 35.84
N GLU U 106 -47.72 -45.56 36.58
CA GLU U 106 -46.42 -45.48 35.93
C GLU U 106 -46.07 -46.76 35.20
N ILE U 107 -46.63 -47.89 35.62
CA ILE U 107 -46.19 -49.17 35.08
C ILE U 107 -47.09 -49.71 33.97
N GLY U 108 -48.41 -49.49 34.05
CA GLY U 108 -49.27 -50.27 33.17
C GLY U 108 -50.37 -49.57 32.39
N ILE U 109 -50.56 -48.27 32.56
CA ILE U 109 -51.63 -47.57 31.86
C ILE U 109 -51.11 -46.47 30.94
N ILE U 110 -50.04 -45.78 31.33
CA ILE U 110 -49.53 -44.71 30.49
C ILE U 110 -48.84 -45.31 29.27
N GLY U 111 -49.31 -44.95 28.09
CA GLY U 111 -48.81 -45.52 26.85
C GLY U 111 -49.38 -46.87 26.50
N VAL U 112 -50.27 -47.41 27.34
CA VAL U 112 -50.84 -48.72 27.05
C VAL U 112 -51.72 -48.67 25.81
N LYS U 113 -52.38 -47.54 25.56
CA LYS U 113 -53.18 -47.40 24.36
C LYS U 113 -52.30 -47.47 23.12
N GLU U 114 -51.16 -46.76 23.14
CA GLU U 114 -50.24 -46.82 22.02
C GLU U 114 -49.66 -48.22 21.84
N MET U 115 -49.30 -48.88 22.94
CA MET U 115 -48.73 -50.22 22.84
C MET U 115 -49.73 -51.20 22.24
N TYR U 116 -50.97 -51.16 22.71
CA TYR U 116 -51.95 -52.12 22.22
C TYR U 116 -52.43 -51.76 20.82
N ASN U 117 -52.37 -50.48 20.44
CA ASN U 117 -52.66 -50.13 19.06
C ASN U 117 -51.55 -50.61 18.13
N SER U 118 -50.29 -50.54 18.59
CA SER U 118 -49.19 -51.07 17.81
C SER U 118 -49.31 -52.58 17.66
N LEU U 119 -49.70 -53.27 18.74
CA LEU U 119 -49.87 -54.71 18.68
C LEU U 119 -51.19 -55.14 18.06
N GLN U 120 -52.09 -54.20 17.78
CA GLN U 120 -53.40 -54.50 17.20
C GLN U 120 -54.22 -55.41 18.10
N THR U 121 -54.20 -55.16 19.40
CA THR U 121 -54.93 -55.99 20.35
C THR U 121 -56.18 -55.26 20.84
N PRO U 122 -57.29 -55.96 21.06
CA PRO U 122 -58.50 -55.29 21.56
C PRO U 122 -58.43 -54.86 23.00
N ILE U 123 -58.33 -53.53 23.20
CA ILE U 123 -58.36 -52.98 24.55
C ILE U 123 -59.65 -53.30 25.30
N PRO U 124 -60.84 -53.20 24.70
CA PRO U 124 -62.05 -53.67 25.39
C PRO U 124 -62.00 -55.14 25.76
N ALA U 125 -61.40 -55.99 24.93
CA ALA U 125 -61.21 -57.38 25.33
C ALA U 125 -60.30 -57.52 26.54
N VAL U 126 -59.22 -56.74 26.61
CA VAL U 126 -58.37 -56.79 27.80
C VAL U 126 -59.12 -56.28 29.01
N ALA U 127 -59.98 -55.28 28.83
CA ALA U 127 -60.81 -54.79 29.93
C ALA U 127 -61.77 -55.87 30.42
N GLU U 128 -62.35 -56.62 29.49
CA GLU U 128 -63.23 -57.72 29.86
C GLU U 128 -62.46 -58.80 30.64
N GLY U 129 -61.24 -59.09 30.21
CA GLY U 129 -60.40 -60.01 30.97
C GLY U 129 -60.11 -59.51 32.37
N VAL U 130 -59.86 -58.21 32.52
CA VAL U 130 -59.63 -57.64 33.85
C VAL U 130 -60.90 -57.74 34.69
N ARG U 131 -62.06 -57.56 34.07
CA ARG U 131 -63.32 -57.72 34.80
C ARG U 131 -63.51 -59.15 35.28
N ALA U 132 -63.14 -60.13 34.43
CA ALA U 132 -63.19 -61.52 34.85
C ALA U 132 -62.26 -61.78 36.01
N MET U 133 -61.07 -61.16 35.99
CA MET U 133 -60.19 -61.22 37.15
C MET U 133 -60.83 -60.62 38.39
N LYS U 134 -61.54 -59.50 38.23
CA LYS U 134 -62.21 -58.89 39.38
C LYS U 134 -63.23 -59.85 39.98
N ASN U 135 -64.01 -60.51 39.13
CA ASN U 135 -64.98 -61.49 39.62
C ASN U 135 -64.30 -62.65 40.34
N VAL U 136 -63.27 -63.23 39.73
CA VAL U 136 -62.61 -64.39 40.31
C VAL U 136 -61.92 -64.02 41.63
N ALA U 137 -61.27 -62.86 41.66
CA ALA U 137 -60.59 -62.44 42.89
C ALA U 137 -61.58 -62.12 43.99
N THR U 138 -62.71 -61.49 43.65
CA THR U 138 -63.70 -61.21 44.68
C THR U 138 -64.39 -62.48 45.16
N SER U 139 -64.35 -63.55 44.35
CA SER U 139 -64.86 -64.84 44.79
C SER U 139 -64.03 -65.45 45.92
N LEU U 140 -62.79 -65.01 46.12
CA LEU U 140 -61.90 -65.59 47.13
C LEU U 140 -61.66 -64.64 48.30
N LEU U 141 -62.52 -63.65 48.50
CA LEU U 141 -62.27 -62.60 49.48
C LEU U 141 -63.53 -62.28 50.27
N SER U 142 -63.33 -61.81 51.49
CA SER U 142 -64.44 -61.29 52.27
C SER U 142 -64.93 -59.97 51.68
N GLY U 143 -66.17 -59.62 52.04
CA GLY U 143 -66.89 -58.53 51.38
C GLY U 143 -66.22 -57.17 51.40
N ASP U 144 -65.73 -56.72 52.55
CA ASP U 144 -65.07 -55.42 52.62
C ASP U 144 -63.78 -55.42 51.82
N ASP U 145 -62.92 -56.40 52.06
CA ASP U 145 -61.67 -56.48 51.31
C ASP U 145 -61.93 -56.82 49.84
N ALA U 146 -63.01 -57.54 49.55
CA ALA U 146 -63.40 -57.76 48.16
C ALA U 146 -63.76 -56.44 47.48
N ALA U 147 -64.49 -55.57 48.18
CA ALA U 147 -64.81 -54.26 47.62
C ALA U 147 -63.54 -53.43 47.44
N GLU U 148 -62.61 -53.54 48.39
CA GLU U 148 -61.36 -52.79 48.29
C GLU U 148 -60.55 -53.22 47.08
N ALA U 149 -60.46 -54.53 46.83
CA ALA U 149 -59.77 -55.00 45.63
C ALA U 149 -60.54 -54.65 44.37
N GLY U 150 -61.87 -54.70 44.43
CA GLY U 150 -62.69 -54.34 43.28
C GLY U 150 -62.54 -52.89 42.89
N PHE U 151 -62.24 -52.03 43.86
CA PHE U 151 -61.96 -50.63 43.52
C PHE U 151 -60.75 -50.52 42.60
N TYR U 152 -59.67 -51.23 42.90
CA TYR U 152 -58.48 -51.16 42.05
C TYR U 152 -58.70 -51.86 40.72
N PHE U 153 -59.44 -52.98 40.72
CA PHE U 153 -59.76 -53.64 39.45
C PHE U 153 -60.61 -52.73 38.57
N ASP U 154 -61.57 -52.02 39.17
CA ASP U 154 -62.37 -51.08 38.42
C ASP U 154 -61.56 -49.89 37.95
N TYR U 155 -60.56 -49.46 38.73
CA TYR U 155 -59.67 -48.41 38.27
C TYR U 155 -58.91 -48.84 37.03
N LEU U 156 -58.42 -50.08 37.01
CA LEU U 156 -57.74 -50.59 35.83
C LEU U 156 -58.69 -50.65 34.63
N VAL U 157 -59.92 -51.09 34.86
CA VAL U 157 -60.90 -51.17 33.78
C VAL U 157 -61.21 -49.79 33.22
N GLY U 158 -61.38 -48.79 34.10
CA GLY U 158 -61.62 -47.44 33.63
C GLY U 158 -60.42 -46.84 32.92
N ALA U 159 -59.22 -47.15 33.40
CA ALA U 159 -58.01 -46.63 32.76
C ALA U 159 -57.84 -47.20 31.36
N MET U 160 -58.19 -48.47 31.16
CA MET U 160 -58.14 -49.07 29.82
C MET U 160 -59.42 -48.75 29.07
N GLN U 161 -59.62 -47.45 28.84
CA GLN U 161 -60.82 -46.94 28.19
C GLN U 161 -60.56 -45.55 27.59
N MET V 1 -40.26 -38.42 43.25
CA MET V 1 -39.79 -38.83 44.57
C MET V 1 -40.20 -40.26 44.88
N GLN V 2 -39.83 -40.74 46.06
CA GLN V 2 -40.13 -42.12 46.46
C GLN V 2 -40.21 -42.21 47.98
N ASP V 3 -41.09 -43.07 48.46
CA ASP V 3 -41.19 -43.42 49.87
C ASP V 3 -40.72 -44.87 50.04
N ALA V 4 -40.85 -45.40 51.25
CA ALA V 4 -40.43 -46.77 51.51
C ALA V 4 -41.29 -47.76 50.74
N ILE V 5 -42.61 -47.56 50.76
CA ILE V 5 -43.52 -48.50 50.13
C ILE V 5 -43.33 -48.50 48.62
N THR V 6 -43.31 -47.30 48.02
CA THR V 6 -43.07 -47.21 46.59
C THR V 6 -41.68 -47.69 46.21
N ALA V 7 -40.68 -47.48 47.07
CA ALA V 7 -39.35 -47.97 46.79
C ALA V 7 -39.32 -49.48 46.72
N VAL V 8 -39.98 -50.15 47.67
CA VAL V 8 -40.03 -51.61 47.65
C VAL V 8 -40.84 -52.10 46.45
N ILE V 9 -41.92 -51.38 46.11
CA ILE V 9 -42.77 -51.78 44.99
C ILE V 9 -41.99 -51.73 43.69
N ASN V 10 -41.24 -50.64 43.47
CA ASN V 10 -40.43 -50.54 42.26
C ASN V 10 -39.26 -51.52 42.29
N ASN V 11 -38.70 -51.77 43.48
CA ASN V 11 -37.62 -52.74 43.59
C ASN V 11 -38.08 -54.14 43.21
N TYR V 12 -39.35 -54.45 43.45
CA TYR V 12 -39.86 -55.73 42.98
C TYR V 12 -40.33 -55.68 41.53
N ASP V 13 -40.83 -54.52 41.08
CA ASP V 13 -41.31 -54.39 39.71
C ASP V 13 -40.17 -54.51 38.72
N VAL V 14 -38.97 -54.05 39.11
CA VAL V 14 -37.82 -54.20 38.22
C VAL V 14 -37.47 -55.67 38.00
N GLN V 15 -37.74 -56.52 38.97
CA GLN V 15 -37.60 -57.97 38.80
C GLN V 15 -38.87 -58.62 38.27
N GLY V 16 -39.96 -57.87 38.18
CA GLY V 16 -41.23 -58.48 37.78
C GLY V 16 -41.71 -59.50 38.78
N LYS V 17 -41.57 -59.20 40.06
CA LYS V 17 -41.82 -60.15 41.13
C LYS V 17 -42.96 -59.67 42.01
N TYR V 18 -43.88 -60.58 42.31
CA TYR V 18 -44.94 -60.31 43.27
C TYR V 18 -44.34 -60.09 44.66
N LEU V 19 -45.10 -59.38 45.50
CA LEU V 19 -44.63 -59.11 46.86
C LEU V 19 -44.55 -60.41 47.65
N ASP V 20 -43.39 -60.65 48.27
CA ASP V 20 -43.13 -61.85 49.04
C ASP V 20 -42.93 -61.47 50.51
N GLY V 21 -42.49 -62.46 51.30
CA GLY V 21 -42.38 -62.27 52.73
C GLY V 21 -41.42 -61.17 53.14
N ALA V 22 -40.30 -61.03 52.41
CA ALA V 22 -39.33 -60.00 52.76
C ALA V 22 -39.89 -58.60 52.54
N ALA V 23 -40.54 -58.39 51.39
CA ALA V 23 -41.16 -57.10 51.11
C ALA V 23 -42.27 -56.81 52.11
N LEU V 24 -43.04 -57.84 52.47
CA LEU V 24 -44.07 -57.68 53.48
C LEU V 24 -43.47 -57.31 54.83
N ASP V 25 -42.33 -57.90 55.18
CA ASP V 25 -41.65 -57.55 56.42
C ASP V 25 -41.21 -56.09 56.40
N LYS V 26 -40.64 -55.64 55.29
CA LYS V 26 -40.14 -54.26 55.23
C LYS V 26 -41.28 -53.26 55.30
N LEU V 27 -42.34 -53.47 54.51
CA LEU V 27 -43.42 -52.48 54.54
C LEU V 27 -44.21 -52.56 55.83
N LYS V 28 -44.25 -53.73 56.47
CA LYS V 28 -44.81 -53.81 57.81
C LYS V 28 -43.98 -53.02 58.81
N ALA V 29 -42.66 -53.11 58.70
CA ALA V 29 -41.79 -52.34 59.57
C ALA V 29 -42.00 -50.85 59.39
N TYR V 30 -42.24 -50.41 58.15
CA TYR V 30 -42.63 -49.01 57.97
C TYR V 30 -44.00 -48.72 58.60
N PHE V 31 -44.95 -49.66 58.45
CA PHE V 31 -46.32 -49.39 58.89
C PHE V 31 -46.42 -49.24 60.39
N THR V 32 -45.60 -49.98 61.14
CA THR V 32 -45.69 -49.87 62.60
C THR V 32 -45.27 -48.51 63.14
N THR V 33 -44.53 -47.71 62.35
CA THR V 33 -44.04 -46.42 62.81
C THR V 33 -44.81 -45.24 62.22
N GLY V 34 -46.03 -45.46 61.72
CA GLY V 34 -46.73 -44.41 61.00
C GLY V 34 -47.13 -43.25 61.88
N ALA V 35 -47.68 -43.53 63.06
CA ALA V 35 -48.28 -42.49 63.88
C ALA V 35 -47.24 -41.53 64.44
N VAL V 36 -46.08 -42.07 64.84
CA VAL V 36 -45.04 -41.24 65.44
C VAL V 36 -44.53 -40.22 64.43
N ARG V 37 -44.38 -40.64 63.17
CA ARG V 37 -43.96 -39.71 62.12
C ARG V 37 -44.98 -38.60 61.93
N VAL V 38 -46.28 -38.93 61.98
CA VAL V 38 -47.32 -37.93 61.82
C VAL V 38 -47.27 -36.92 62.96
N ARG V 39 -47.11 -37.41 64.19
CA ARG V 39 -47.04 -36.50 65.33
C ARG V 39 -45.80 -35.60 65.25
N ALA V 40 -44.66 -36.17 64.83
CA ALA V 40 -43.45 -35.39 64.68
C ALA V 40 -43.62 -34.30 63.62
N ALA V 41 -44.22 -34.66 62.48
CA ALA V 41 -44.45 -33.67 61.44
C ALA V 41 -45.38 -32.56 61.89
N ALA V 42 -46.45 -32.90 62.63
CA ALA V 42 -47.34 -31.88 63.15
C ALA V 42 -46.62 -30.96 64.13
N VAL V 43 -45.80 -31.52 65.02
CA VAL V 43 -45.06 -30.70 65.98
C VAL V 43 -44.09 -29.77 65.26
N ILE V 44 -43.39 -30.28 64.24
CA ILE V 44 -42.42 -29.46 63.51
C ILE V 44 -43.13 -28.34 62.77
N SER V 45 -44.25 -28.65 62.12
CA SER V 45 -45.00 -27.62 61.38
C SER V 45 -45.52 -26.56 62.34
N SER V 46 -45.98 -26.97 63.52
CA SER V 46 -46.40 -26.00 64.52
C SER V 46 -45.26 -25.14 65.03
N ASN V 47 -44.07 -25.70 65.23
CA ASN V 47 -42.93 -24.97 65.77
C ASN V 47 -41.89 -24.59 64.74
N ALA V 48 -42.28 -24.38 63.49
CA ALA V 48 -41.34 -24.04 62.41
C ALA V 48 -40.49 -22.80 62.70
N THR V 49 -41.12 -21.68 63.07
CA THR V 49 -40.35 -20.44 63.23
C THR V 49 -39.43 -20.51 64.44
N THR V 50 -39.87 -21.17 65.51
CA THR V 50 -39.06 -21.21 66.72
C THR V 50 -37.82 -22.07 66.54
N ILE V 51 -37.95 -23.18 65.81
CA ILE V 51 -36.79 -24.03 65.54
C ILE V 51 -35.74 -23.26 64.74
N ILE V 52 -36.18 -22.54 63.73
CA ILE V 52 -35.26 -21.75 62.90
C ILE V 52 -34.60 -20.66 63.74
N LYS V 53 -35.38 -19.97 64.58
CA LYS V 53 -34.82 -18.92 65.41
C LYS V 53 -33.79 -19.46 66.39
N GLU V 54 -34.10 -20.57 67.05
CA GLU V 54 -33.16 -21.15 68.00
C GLU V 54 -31.89 -21.66 67.32
N ALA V 55 -32.04 -22.32 66.17
CA ALA V 55 -30.86 -22.79 65.45
C ALA V 55 -29.99 -21.62 64.98
N ALA V 56 -30.62 -20.55 64.51
CA ALA V 56 -29.86 -19.37 64.11
C ALA V 56 -29.14 -18.75 65.30
N ALA V 57 -29.82 -18.62 66.43
CA ALA V 57 -29.19 -18.04 67.61
C ALA V 57 -28.06 -18.91 68.14
N LYS V 58 -28.15 -20.22 67.95
CA LYS V 58 -27.12 -21.12 68.46
C LYS V 58 -25.94 -21.29 67.53
N ALA V 59 -26.14 -21.17 66.22
CA ALA V 59 -25.07 -21.51 65.28
C ALA V 59 -24.66 -20.40 64.33
N LEU V 60 -25.49 -19.40 64.07
CA LEU V 60 -25.17 -18.43 63.04
C LEU V 60 -24.94 -17.03 63.58
N ILE V 61 -25.95 -16.46 64.22
CA ILE V 61 -25.92 -15.04 64.58
C ILE V 61 -24.97 -14.83 65.75
N TYR V 62 -24.67 -13.56 66.04
CA TYR V 62 -23.68 -13.18 67.04
C TYR V 62 -22.30 -13.70 66.67
N SER V 63 -21.87 -13.43 65.45
CA SER V 63 -20.56 -13.86 65.00
C SER V 63 -20.11 -12.95 63.86
N ASP V 64 -19.05 -13.37 63.17
CA ASP V 64 -18.57 -12.60 62.03
C ASP V 64 -19.49 -12.76 60.82
N LEU V 65 -20.32 -13.81 60.81
CA LEU V 65 -21.23 -14.02 59.69
C LEU V 65 -22.26 -12.90 59.59
N THR V 66 -22.77 -12.45 60.73
CA THR V 66 -23.77 -11.39 60.76
C THR V 66 -23.16 -9.99 60.86
N ARG V 67 -21.85 -9.88 60.88
CA ARG V 67 -21.18 -8.59 60.88
C ARG V 67 -20.77 -8.21 59.46
N PRO V 68 -20.29 -6.98 59.28
CA PRO V 68 -19.74 -6.61 57.96
C PRO V 68 -18.59 -7.53 57.57
N GLY V 69 -18.60 -7.95 56.31
CA GLY V 69 -17.71 -8.98 55.84
C GLY V 69 -18.23 -10.39 56.00
N GLY V 70 -19.35 -10.56 56.70
CA GLY V 70 -19.95 -11.87 56.87
C GLY V 70 -20.91 -12.19 55.73
N MEN V 71 -21.04 -13.47 55.42
CA MEN V 71 -21.80 -13.89 54.28
C MEN V 71 -23.29 -13.61 54.44
O MEN V 71 -24.04 -13.40 53.50
CB MEN V 71 -21.67 -15.38 53.95
CG MEN V 71 -22.25 -15.64 52.57
OD1 MEN V 71 -23.38 -16.13 52.44
ND2 MEN V 71 -21.48 -15.29 51.48
CE2 MEN V 71 -21.91 -15.46 50.12
N MET V 72 -23.72 -13.60 55.70
CA MET V 72 -25.12 -13.32 56.00
C MET V 72 -25.29 -11.92 56.54
N TYR V 73 -24.32 -11.06 56.25
CA TYR V 73 -24.45 -9.63 56.54
C TYR V 73 -25.47 -9.01 55.60
N THR V 74 -26.15 -7.96 56.08
CA THR V 74 -27.20 -7.22 55.37
C THR V 74 -28.52 -7.99 55.38
N THR V 75 -29.63 -7.24 55.33
CA THR V 75 -30.95 -7.82 55.48
C THR V 75 -31.27 -8.83 54.39
N ARG V 76 -30.86 -8.54 53.15
CA ARG V 76 -31.16 -9.45 52.05
C ARG V 76 -30.49 -10.81 52.25
N ARG V 77 -29.21 -10.81 52.62
CA ARG V 77 -28.53 -12.08 52.85
C ARG V 77 -29.06 -12.78 54.09
N TYR V 78 -29.44 -12.03 55.13
CA TYR V 78 -30.05 -12.66 56.30
C TYR V 78 -31.37 -13.34 55.95
N ALA V 79 -32.21 -12.65 55.17
CA ALA V 79 -33.47 -13.26 54.75
C ALA V 79 -33.23 -14.47 53.88
N ALA V 80 -32.21 -14.41 53.00
CA ALA V 80 -31.89 -15.56 52.16
C ALA V 80 -31.44 -16.76 53.00
N CYS V 81 -30.60 -16.51 54.02
CA CYS V 81 -30.15 -17.60 54.88
C CYS V 81 -31.30 -18.21 55.66
N ILE V 82 -32.19 -17.38 56.21
CA ILE V 82 -33.32 -17.95 56.94
C ILE V 82 -34.30 -18.67 56.02
N ARG V 83 -34.47 -18.21 54.78
CA ARG V 83 -35.31 -18.93 53.83
C ARG V 83 -34.70 -20.27 53.49
N ASP V 84 -33.38 -20.32 53.37
CA ASP V 84 -32.70 -21.60 53.14
C ASP V 84 -32.91 -22.55 54.32
N MET V 85 -32.84 -22.01 55.54
CA MET V 85 -33.10 -22.83 56.72
C MET V 85 -34.52 -23.37 56.72
N ASP V 86 -35.48 -22.53 56.33
CA ASP V 86 -36.87 -22.98 56.24
C ASP V 86 -37.03 -24.07 55.19
N TYR V 87 -36.34 -23.93 54.06
CA TYR V 87 -36.31 -24.97 53.05
C TYR V 87 -35.81 -26.28 53.62
N PHE V 88 -34.70 -26.23 54.35
CA PHE V 88 -34.11 -27.42 54.93
C PHE V 88 -35.06 -28.09 55.91
N LEU V 89 -35.73 -27.29 56.75
CA LEU V 89 -36.65 -27.83 57.74
C LEU V 89 -37.85 -28.49 57.06
N ARG V 90 -38.47 -27.81 56.09
CA ARG V 90 -39.65 -28.36 55.43
C ARG V 90 -39.31 -29.63 54.65
N TYR V 91 -38.17 -29.66 53.95
CA TYR V 91 -37.85 -30.84 53.18
C TYR V 91 -37.38 -31.98 54.08
N ALA V 92 -36.77 -31.67 55.22
CA ALA V 92 -36.49 -32.71 56.20
C ALA V 92 -37.78 -33.30 56.74
N THR V 93 -38.79 -32.47 56.97
CA THR V 93 -40.10 -32.98 57.40
C THR V 93 -40.71 -33.88 56.35
N TYR V 94 -40.64 -33.48 55.08
CA TYR V 94 -41.17 -34.33 54.00
C TYR V 94 -40.44 -35.66 53.94
N ALA V 95 -39.11 -35.63 54.06
CA ALA V 95 -38.34 -36.87 54.01
C ALA V 95 -38.66 -37.77 55.20
N MET V 96 -38.84 -37.17 56.38
CA MET V 96 -39.17 -37.96 57.56
C MET V 96 -40.54 -38.61 57.41
N LEU V 97 -41.52 -37.88 56.89
CA LEU V 97 -42.84 -38.47 56.66
C LEU V 97 -42.76 -39.58 55.61
N ALA V 98 -42.00 -39.36 54.55
CA ALA V 98 -41.95 -40.34 53.47
C ALA V 98 -41.10 -41.56 53.83
N GLY V 99 -40.24 -41.45 54.84
CA GLY V 99 -39.36 -42.56 55.15
C GLY V 99 -38.35 -42.85 54.07
N ASP V 100 -37.82 -41.82 53.43
CA ASP V 100 -36.84 -41.99 52.36
C ASP V 100 -36.11 -40.69 52.07
N PRO V 101 -34.81 -40.73 51.81
CA PRO V 101 -34.07 -39.52 51.43
C PRO V 101 -34.16 -39.19 49.95
N SER V 102 -35.04 -39.87 49.20
CA SER V 102 -35.15 -39.64 47.77
C SER V 102 -35.61 -38.22 47.48
N ILE V 103 -36.55 -37.71 48.27
CA ILE V 103 -36.99 -36.33 48.08
C ILE V 103 -35.87 -35.36 48.39
N LEU V 104 -35.04 -35.66 49.40
CA LEU V 104 -33.91 -34.80 49.71
C LEU V 104 -32.92 -34.74 48.56
N ASP V 105 -32.59 -35.90 47.97
CA ASP V 105 -31.66 -35.89 46.84
C ASP V 105 -32.29 -35.23 45.61
N GLU V 106 -33.59 -35.40 45.43
CA GLU V 106 -34.24 -35.00 44.19
C GLU V 106 -34.55 -33.51 44.18
N ARG V 107 -34.87 -32.94 45.34
CA ARG V 107 -35.38 -31.58 45.40
C ARG V 107 -34.51 -30.63 46.20
N VAL V 108 -33.43 -31.11 46.81
CA VAL V 108 -32.59 -30.23 47.63
C VAL V 108 -31.13 -30.30 47.21
N LEU V 109 -30.55 -31.51 47.25
CA LEU V 109 -29.10 -31.62 47.17
C LEU V 109 -28.58 -31.53 45.75
N ASN V 110 -29.43 -31.60 44.74
CA ASN V 110 -28.95 -31.58 43.37
C ASN V 110 -28.42 -30.21 42.98
N GLY V 111 -27.09 -30.07 42.89
CA GLY V 111 -26.48 -28.83 42.49
C GLY V 111 -26.38 -27.78 43.57
N LEU V 112 -26.85 -28.07 44.79
CA LEU V 112 -26.80 -27.08 45.85
C LEU V 112 -25.36 -26.76 46.24
N LYS V 113 -24.49 -27.77 46.20
CA LYS V 113 -23.09 -27.55 46.54
C LYS V 113 -22.43 -26.59 45.56
N GLU V 114 -22.66 -26.79 44.26
CA GLU V 114 -22.02 -25.92 43.28
C GLU V 114 -22.66 -24.55 43.26
N THR V 115 -23.97 -24.46 43.53
CA THR V 115 -24.61 -23.16 43.66
C THR V 115 -24.03 -22.37 44.84
N TYR V 116 -23.82 -23.04 45.96
CA TYR V 116 -23.22 -22.36 47.11
C TYR V 116 -21.78 -21.98 46.82
N ASN V 117 -21.06 -22.81 46.07
CA ASN V 117 -19.70 -22.45 45.66
C ASN V 117 -19.70 -21.20 44.79
N SER V 118 -20.63 -21.12 43.83
CA SER V 118 -20.70 -19.96 42.97
C SER V 118 -21.07 -18.70 43.75
N LEU V 119 -22.01 -18.80 44.68
CA LEU V 119 -22.43 -17.63 45.44
C LEU V 119 -21.48 -17.27 46.58
N GLY V 120 -20.57 -18.17 46.95
CA GLY V 120 -19.67 -17.93 48.06
C GLY V 120 -20.25 -18.25 49.42
N VAL V 121 -21.38 -18.92 49.49
CA VAL V 121 -22.04 -19.24 50.76
C VAL V 121 -21.19 -20.23 51.55
N PRO V 122 -21.07 -20.08 52.87
CA PRO V 122 -20.25 -20.99 53.66
C PRO V 122 -20.93 -22.33 53.91
N ILE V 123 -20.37 -23.39 53.32
CA ILE V 123 -20.94 -24.72 53.48
C ILE V 123 -20.82 -25.18 54.94
N ALA V 124 -19.70 -24.86 55.59
CA ALA V 124 -19.53 -25.26 56.98
C ALA V 124 -20.55 -24.58 57.89
N ALA V 125 -20.79 -23.30 57.69
CA ALA V 125 -21.81 -22.61 58.47
C ALA V 125 -23.20 -23.16 58.19
N THR V 126 -23.49 -23.49 56.92
CA THR V 126 -24.78 -24.09 56.60
C THR V 126 -24.95 -25.44 57.30
N VAL V 127 -23.90 -26.26 57.32
CA VAL V 127 -23.96 -27.55 57.98
C VAL V 127 -24.16 -27.37 59.49
N GLY V 128 -23.49 -26.40 60.08
CA GLY V 128 -23.69 -26.11 61.49
C GLY V 128 -25.11 -25.68 61.81
N GLY V 129 -25.69 -24.84 60.94
CA GLY V 129 -27.08 -24.46 61.12
C GLY V 129 -28.03 -25.63 61.00
N ILE V 130 -27.76 -26.53 60.04
CA ILE V 130 -28.59 -27.72 59.88
C ILE V 130 -28.51 -28.60 61.12
N GLN V 131 -27.32 -28.77 61.67
CA GLN V 131 -27.17 -29.59 62.88
C GLN V 131 -27.84 -28.94 64.09
N ALA V 132 -27.76 -27.62 64.22
CA ALA V 132 -28.48 -26.95 65.31
C ALA V 132 -29.99 -27.14 65.16
N MET V 133 -30.50 -27.03 63.93
CA MET V 133 -31.92 -27.30 63.69
C MET V 133 -32.26 -28.74 64.03
N LYS V 134 -31.35 -29.67 63.74
CA LYS V 134 -31.56 -31.08 64.08
C LYS V 134 -31.66 -31.27 65.58
N GLU V 135 -30.78 -30.61 66.34
CA GLU V 135 -30.80 -30.74 67.79
C GLU V 135 -32.10 -30.16 68.35
N VAL V 136 -32.56 -29.03 67.79
CA VAL V 136 -33.83 -28.45 68.24
C VAL V 136 -35.00 -29.38 67.91
N VAL V 137 -34.97 -29.99 66.72
CA VAL V 137 -36.05 -30.89 66.33
C VAL V 137 -36.08 -32.12 67.23
N GLY V 138 -34.90 -32.66 67.53
CA GLY V 138 -34.83 -33.80 68.43
C GLY V 138 -35.30 -33.47 69.83
N GLY V 139 -35.02 -32.26 70.31
CA GLY V 139 -35.57 -31.84 71.58
C GLY V 139 -37.08 -31.74 71.55
N LEU V 140 -37.63 -31.15 70.48
CA LEU V 140 -39.07 -30.91 70.43
C LEU V 140 -39.87 -32.19 70.25
N VAL V 141 -39.45 -33.05 69.32
CA VAL V 141 -40.27 -34.21 68.97
C VAL V 141 -40.34 -35.24 70.09
N GLY V 142 -39.30 -35.36 70.91
CA GLY V 142 -39.27 -36.36 71.95
C GLY V 142 -38.54 -37.61 71.53
N PRO V 143 -38.39 -38.55 72.46
CA PRO V 143 -37.69 -39.81 72.16
C PRO V 143 -38.33 -40.63 71.04
N ASP V 144 -39.64 -40.46 70.84
CA ASP V 144 -40.35 -41.25 69.85
C ASP V 144 -39.86 -41.01 68.43
N ALA V 145 -39.74 -39.73 68.04
CA ALA V 145 -39.42 -39.38 66.66
C ALA V 145 -38.05 -38.74 66.49
N ALA V 146 -37.25 -38.64 67.55
CA ALA V 146 -35.99 -37.92 67.47
C ALA V 146 -35.01 -38.61 66.52
N LYS V 147 -34.92 -39.94 66.57
CA LYS V 147 -33.90 -40.63 65.79
C LYS V 147 -34.20 -40.58 64.30
N GLU V 148 -35.43 -40.94 63.91
CA GLU V 148 -35.77 -40.87 62.48
C GLU V 148 -35.85 -39.43 61.99
N ALA V 149 -36.15 -38.48 62.89
CA ALA V 149 -36.04 -37.08 62.51
C ALA V 149 -34.59 -36.72 62.21
N SER V 150 -33.67 -37.19 63.06
CA SER V 150 -32.28 -36.77 62.97
C SER V 150 -31.55 -37.44 61.81
N ILE V 151 -32.02 -38.61 61.38
CA ILE V 151 -31.32 -39.32 60.30
C ILE V 151 -31.35 -38.51 59.00
N TYR V 152 -32.46 -37.82 58.72
CA TYR V 152 -32.53 -37.03 57.50
C TYR V 152 -31.77 -35.73 57.60
N PHE V 153 -31.70 -35.11 58.79
CA PHE V 153 -30.81 -33.97 58.96
C PHE V 153 -29.36 -34.37 58.76
N ASP V 154 -28.98 -35.53 59.28
CA ASP V 154 -27.64 -36.06 59.02
C ASP V 154 -27.42 -36.34 57.54
N TYR V 155 -28.45 -36.83 56.85
CA TYR V 155 -28.35 -37.04 55.41
C TYR V 155 -28.11 -35.73 54.68
N LEU V 156 -28.83 -34.68 55.07
CA LEU V 156 -28.64 -33.37 54.46
C LEU V 156 -27.24 -32.84 54.70
N SER V 157 -26.76 -32.97 55.95
CA SER V 157 -25.41 -32.49 56.27
C SER V 157 -24.34 -33.26 55.52
N SER V 158 -24.46 -34.58 55.44
CA SER V 158 -23.50 -35.37 54.69
C SER V 158 -23.56 -35.11 53.19
N GLY V 159 -24.74 -34.84 52.64
CA GLY V 159 -24.82 -34.47 51.24
C GLY V 159 -24.19 -33.13 50.95
N LEU V 160 -24.41 -32.14 51.83
CA LEU V 160 -23.80 -30.84 51.64
C LEU V 160 -22.28 -30.89 51.77
N SER V 161 -21.78 -31.58 52.79
CA SER V 161 -20.35 -31.65 53.00
C SER V 161 -19.72 -32.76 52.16
N SER W 2 -26.28 5.38 43.14
CA SER W 2 -26.20 6.84 43.09
C SER W 2 -26.93 7.38 41.88
N VAL W 3 -26.83 8.69 41.68
CA VAL W 3 -27.47 9.32 40.54
C VAL W 3 -26.87 8.82 39.23
N LEU W 4 -25.54 8.70 39.18
CA LEU W 4 -24.88 8.20 37.97
C LEU W 4 -25.28 6.77 37.68
N THR W 5 -25.33 5.93 38.70
CA THR W 5 -25.70 4.53 38.50
C THR W 5 -27.14 4.42 38.02
N LYS W 6 -28.04 5.21 38.60
CA LYS W 6 -29.44 5.17 38.19
C LYS W 6 -29.60 5.65 36.74
N ALA W 7 -28.92 6.74 36.38
CA ALA W 7 -29.03 7.25 35.02
C ALA W 7 -28.44 6.27 34.02
N ILE W 8 -27.31 5.65 34.37
CA ILE W 8 -26.67 4.70 33.47
C ILE W 8 -27.55 3.47 33.29
N VAL W 9 -28.18 3.01 34.37
CA VAL W 9 -29.05 1.84 34.27
C VAL W 9 -30.27 2.16 33.41
N ASN W 10 -30.85 3.35 33.61
CA ASN W 10 -31.99 3.74 32.78
C ASN W 10 -31.62 3.84 31.31
N ALA W 11 -30.47 4.41 31.01
CA ALA W 11 -30.03 4.48 29.61
C ALA W 11 -29.76 3.09 29.04
N ASP W 12 -29.12 2.23 29.84
CA ASP W 12 -28.77 0.90 29.35
C ASP W 12 -30.01 0.05 29.14
N ALA W 13 -31.08 0.31 29.90
CA ALA W 13 -32.32 -0.43 29.70
C ALA W 13 -32.90 -0.16 28.32
N GLU W 14 -32.79 1.07 27.83
CA GLU W 14 -33.26 1.40 26.50
C GLU W 14 -32.18 1.21 25.43
N ALA W 15 -30.95 0.92 25.82
CA ALA W 15 -29.86 0.66 24.87
C ALA W 15 -29.57 1.89 24.03
N ARG W 16 -29.22 3.00 24.69
CA ARG W 16 -28.96 4.24 24.01
C ARG W 16 -28.01 5.09 24.84
N TYR W 17 -27.39 6.08 24.20
CA TYR W 17 -26.50 6.99 24.90
C TYR W 17 -27.31 7.90 25.80
N LEU W 18 -26.65 8.53 26.77
CA LEU W 18 -27.35 9.36 27.73
C LEU W 18 -27.92 10.61 27.05
N SER W 19 -29.16 10.93 27.39
CA SER W 19 -29.78 12.14 26.87
C SER W 19 -29.18 13.37 27.55
N PRO W 20 -29.28 14.54 26.91
CA PRO W 20 -28.74 15.76 27.53
C PRO W 20 -29.38 16.12 28.86
N GLY W 21 -30.64 15.76 29.08
CA GLY W 21 -31.26 15.98 30.37
C GLY W 21 -30.58 15.18 31.47
N GLU W 22 -30.23 13.94 31.14
CA GLU W 22 -29.51 13.10 32.09
C GLU W 22 -28.14 13.68 32.41
N LEU W 23 -27.46 14.22 31.39
CA LEU W 23 -26.18 14.86 31.63
C LEU W 23 -26.34 16.12 32.47
N ASP W 24 -27.45 16.85 32.28
CA ASP W 24 -27.73 18.00 33.13
C ASP W 24 -27.92 17.60 34.58
N ARG W 25 -28.67 16.52 34.82
CA ARG W 25 -28.86 16.10 36.20
C ARG W 25 -27.56 15.58 36.80
N ILE W 26 -26.71 14.97 35.97
CA ILE W 26 -25.40 14.54 36.44
C ILE W 26 -24.55 15.75 36.83
N LYS W 27 -24.62 16.82 36.02
CA LYS W 27 -23.90 18.05 36.35
C LYS W 27 -24.40 18.64 37.66
N SER W 28 -25.71 18.65 37.86
CA SER W 28 -26.25 19.15 39.13
C SER W 28 -25.79 18.30 40.30
N PHE W 29 -25.75 16.99 40.12
CA PHE W 29 -25.29 16.11 41.19
C PHE W 29 -23.82 16.35 41.53
N VAL W 30 -22.96 16.49 40.52
CA VAL W 30 -21.55 16.72 40.80
C VAL W 30 -21.34 18.10 41.41
N ALA W 31 -22.20 19.05 41.06
CA ALA W 31 -22.15 20.35 41.73
C ALA W 31 -22.52 20.23 43.20
N SER W 32 -23.53 19.43 43.52
CA SER W 32 -23.99 19.34 44.91
C SER W 32 -23.18 18.33 45.71
N GLY W 33 -22.25 17.65 45.06
CA GLY W 33 -21.47 16.62 45.75
C GLY W 33 -20.65 17.16 46.91
N GLU W 34 -20.10 18.36 46.77
CA GLU W 34 -19.30 18.93 47.85
C GLU W 34 -20.16 19.21 49.08
N ARG W 35 -21.33 19.80 48.88
CA ARG W 35 -22.23 20.06 49.99
C ARG W 35 -22.71 18.76 50.63
N ARG W 36 -22.97 17.74 49.80
CA ARG W 36 -23.37 16.45 50.33
C ARG W 36 -22.28 15.84 51.20
N LEU W 37 -21.03 15.94 50.75
CA LEU W 37 -19.91 15.44 51.53
C LEU W 37 -19.77 16.19 52.84
N ARG W 38 -19.97 17.51 52.81
CA ARG W 38 -19.89 18.30 54.03
C ARG W 38 -20.96 17.89 55.03
N ILE W 39 -22.19 17.69 54.55
CA ILE W 39 -23.28 17.26 55.43
C ILE W 39 -22.99 15.88 56.02
N ALA W 40 -22.48 14.97 55.19
CA ALA W 40 -22.18 13.62 55.68
C ALA W 40 -21.09 13.65 56.73
N GLN W 41 -20.05 14.46 56.52
CA GLN W 41 -18.98 14.55 57.51
C GLN W 41 -19.49 15.18 58.80
N THR W 42 -20.38 16.18 58.69
CA THR W 42 -20.97 16.77 59.89
C THR W 42 -21.78 15.75 60.68
N LEU W 43 -22.56 14.92 59.98
CA LEU W 43 -23.31 13.88 60.68
C LEU W 43 -22.38 12.84 61.29
N THR W 44 -21.29 12.51 60.59
CA THR W 44 -20.36 11.50 61.09
C THR W 44 -19.64 11.97 62.35
N GLU W 45 -19.37 13.28 62.44
CA GLU W 45 -18.66 13.79 63.61
C GLU W 45 -19.48 13.61 64.89
N ALA W 46 -20.80 13.78 64.80
CA ALA W 46 -21.69 13.67 65.95
C ALA W 46 -22.49 12.38 65.94
N ARG W 47 -21.87 11.26 65.57
CA ARG W 47 -22.62 10.02 65.43
C ARG W 47 -23.03 9.45 66.79
N GLU W 48 -22.17 9.59 67.80
CA GLU W 48 -22.48 8.97 69.08
C GLU W 48 -23.57 9.74 69.82
N ARG W 49 -23.47 11.07 69.83
CA ARG W 49 -24.47 11.89 70.51
C ARG W 49 -25.85 11.73 69.88
N ILE W 50 -25.90 11.69 68.55
CA ILE W 50 -27.18 11.53 67.86
C ILE W 50 -27.80 10.18 68.19
N VAL W 51 -26.98 9.13 68.19
CA VAL W 51 -27.48 7.78 68.49
C VAL W 51 -28.01 7.72 69.91
N LYS W 52 -27.26 8.29 70.87
CA LYS W 52 -27.69 8.25 72.26
C LYS W 52 -28.98 9.02 72.48
N GLN W 53 -29.07 10.23 71.91
CA GLN W 53 -30.28 11.03 72.08
C GLN W 53 -31.48 10.37 71.41
N ALA W 54 -31.30 9.79 70.22
CA ALA W 54 -32.39 9.11 69.55
C ALA W 54 -32.84 7.89 70.34
N GLY W 55 -31.89 7.17 70.93
CA GLY W 55 -32.26 6.03 71.76
C GLY W 55 -33.06 6.45 72.99
N ASP W 56 -32.66 7.54 73.63
CA ASP W 56 -33.42 8.05 74.77
C ASP W 56 -34.82 8.45 74.37
N GLN W 57 -34.95 9.16 73.25
CA GLN W 57 -36.27 9.57 72.77
C GLN W 57 -37.15 8.37 72.42
N LEU W 58 -36.56 7.36 71.76
CA LEU W 58 -37.33 6.17 71.41
C LEU W 58 -37.76 5.41 72.65
N PHE W 59 -36.89 5.30 73.65
CA PHE W 59 -37.27 4.63 74.88
C PHE W 59 -38.31 5.41 75.67
N GLN W 60 -38.31 6.73 75.56
CA GLN W 60 -39.40 7.49 76.16
C GLN W 60 -40.71 7.22 75.43
N ILE W 61 -40.67 7.23 74.09
CA ILE W 61 -41.92 7.11 73.32
C ILE W 61 -42.51 5.71 73.40
N ARG W 62 -41.68 4.67 73.36
CA ARG W 62 -42.14 3.28 73.38
C ARG W 62 -41.40 2.52 74.47
N PRO W 63 -41.76 2.77 75.73
CA PRO W 63 -41.08 2.06 76.83
C PRO W 63 -41.37 0.57 76.87
N ASP W 64 -42.40 0.10 76.17
CA ASP W 64 -42.73 -1.31 76.19
C ASP W 64 -41.63 -2.18 75.60
N VAL W 65 -40.84 -1.64 74.68
CA VAL W 65 -39.72 -2.40 74.12
C VAL W 65 -38.65 -2.66 75.17
N VAL W 66 -38.57 -1.80 76.19
CA VAL W 66 -37.61 -1.97 77.27
C VAL W 66 -38.33 -2.55 78.46
N SER W 67 -39.52 -3.08 78.24
CA SER W 67 -40.30 -3.76 79.26
C SER W 67 -40.00 -5.24 79.17
N PRO W 68 -40.45 -6.03 80.17
CA PRO W 68 -40.15 -7.47 80.21
C PRO W 68 -40.54 -8.25 78.97
N GLY W 69 -41.66 -7.87 78.34
CA GLY W 69 -42.08 -8.52 77.12
C GLY W 69 -41.54 -7.83 75.88
N GLY W 70 -40.61 -6.89 76.07
CA GLY W 70 -40.06 -6.10 74.98
C GLY W 70 -38.92 -6.83 74.31
N ASN W 71 -38.75 -6.57 73.01
CA ASN W 71 -37.64 -7.16 72.27
C ASN W 71 -36.30 -6.67 72.80
N ALA W 72 -36.24 -5.42 73.24
CA ALA W 72 -35.01 -4.80 73.72
C ALA W 72 -34.94 -4.75 75.24
N TYR W 73 -35.46 -5.77 75.93
CA TYR W 73 -35.40 -5.83 77.38
C TYR W 73 -34.04 -6.38 77.80
N GLY W 74 -33.33 -5.62 78.62
CA GLY W 74 -31.99 -5.98 79.04
C GLY W 74 -30.95 -5.05 78.45
N GLU W 75 -29.81 -4.99 79.14
CA GLU W 75 -28.76 -4.07 78.75
C GLU W 75 -28.17 -4.43 77.40
N LYS W 76 -27.98 -5.73 77.12
CA LYS W 76 -27.41 -6.12 75.84
C LYS W 76 -28.44 -6.05 74.72
N MET W 77 -29.72 -6.30 75.02
CA MET W 77 -30.77 -6.01 74.05
C MET W 77 -30.80 -4.54 73.67
N THR W 78 -30.68 -3.64 74.65
CA THR W 78 -30.63 -2.22 74.34
C THR W 78 -29.36 -1.84 73.58
N ALA W 79 -28.25 -2.51 73.89
CA ALA W 79 -27.02 -2.29 73.15
C ALA W 79 -27.19 -2.68 71.68
N LEU W 80 -27.88 -3.79 71.43
CA LEU W 80 -28.13 -4.20 70.05
C LEU W 80 -29.04 -3.20 69.34
N CYS W 81 -30.05 -2.67 70.04
CA CYS W 81 -30.91 -1.65 69.45
C CYS W 81 -30.12 -0.40 69.09
N LEU W 82 -29.24 0.04 69.99
CA LEU W 82 -28.39 1.19 69.68
C LEU W 82 -27.45 0.91 68.53
N ARG W 83 -26.91 -0.31 68.45
CA ARG W 83 -26.05 -0.66 67.33
C ARG W 83 -26.81 -0.65 66.01
N ASP W 84 -28.05 -1.13 66.01
CA ASP W 84 -28.88 -1.05 64.81
C ASP W 84 -29.15 0.41 64.42
N LEU W 85 -29.40 1.25 65.42
CA LEU W 85 -29.61 2.67 65.13
C LEU W 85 -28.35 3.29 64.53
N ASP W 86 -27.19 2.89 65.02
CA ASP W 86 -25.92 3.34 64.45
C ASP W 86 -25.76 2.85 63.01
N TYR W 87 -26.16 1.60 62.75
CA TYR W 87 -26.11 1.06 61.39
C TYR W 87 -26.96 1.89 60.45
N TYR W 88 -28.17 2.25 60.89
CA TYR W 88 -29.04 3.03 60.02
C TYR W 88 -28.53 4.45 59.85
N LEU W 89 -27.88 5.02 60.86
CA LEU W 89 -27.26 6.33 60.68
C LEU W 89 -26.14 6.27 59.66
N ARG W 90 -25.34 5.20 59.71
CA ARG W 90 -24.27 5.03 58.73
C ARG W 90 -24.84 4.89 57.32
N LEU W 91 -25.93 4.14 57.18
CA LEU W 91 -26.58 4.02 55.89
C LEU W 91 -27.13 5.35 55.40
N VAL W 92 -27.65 6.17 56.32
CA VAL W 92 -28.13 7.49 55.93
C VAL W 92 -27.00 8.37 55.43
N THR W 93 -25.84 8.31 56.08
CA THR W 93 -24.69 9.07 55.59
C THR W 93 -24.24 8.57 54.23
N TYR W 94 -24.25 7.25 54.02
CA TYR W 94 -23.94 6.69 52.71
C TYR W 94 -24.89 7.21 51.64
N GLY W 95 -26.18 7.23 51.94
CA GLY W 95 -27.14 7.74 50.99
C GLY W 95 -26.95 9.20 50.70
N ILE W 96 -26.60 9.97 51.72
CA ILE W 96 -26.38 11.41 51.54
C ILE W 96 -25.20 11.67 50.62
N VAL W 97 -24.10 10.94 50.83
CA VAL W 97 -22.94 11.16 49.96
C VAL W 97 -23.22 10.66 48.55
N ALA W 98 -23.89 9.51 48.42
CA ALA W 98 -24.12 8.95 47.08
C ALA W 98 -25.14 9.77 46.31
N GLY W 99 -25.99 10.50 47.01
CA GLY W 99 -27.01 11.31 46.36
C GLY W 99 -28.24 10.53 45.93
N ASP W 100 -28.28 9.23 46.18
CA ASP W 100 -29.41 8.39 45.84
C ASP W 100 -29.55 7.30 46.90
N VAL W 101 -30.71 6.66 46.93
CA VAL W 101 -31.00 5.70 47.99
C VAL W 101 -30.57 4.30 47.59
N THR W 102 -29.80 4.18 46.51
CA THR W 102 -29.35 2.90 45.97
C THR W 102 -28.57 2.04 46.97
N PRO W 103 -27.53 2.56 47.62
CA PRO W 103 -26.80 1.71 48.58
C PRO W 103 -27.63 1.33 49.80
N ILE W 104 -28.49 2.24 50.26
CA ILE W 104 -29.30 1.98 51.44
C ILE W 104 -30.26 0.82 51.19
N GLU W 105 -30.87 0.79 50.01
CA GLU W 105 -31.84 -0.25 49.70
C GLU W 105 -31.18 -1.63 49.66
N GLU W 106 -30.00 -1.72 49.06
CA GLU W 106 -29.34 -3.01 48.97
C GLU W 106 -28.74 -3.43 50.30
N ILE W 107 -28.36 -2.47 51.15
CA ILE W 107 -27.71 -2.83 52.40
C ILE W 107 -28.70 -3.17 53.50
N GLY W 108 -29.75 -2.36 53.69
CA GLY W 108 -30.57 -2.56 54.87
C GLY W 108 -32.07 -2.33 54.73
N ILE W 109 -32.62 -2.40 53.51
CA ILE W 109 -34.05 -2.23 53.29
C ILE W 109 -34.71 -3.50 52.77
N ILE W 110 -34.09 -4.16 51.78
CA ILE W 110 -34.69 -5.37 51.24
C ILE W 110 -34.39 -6.53 52.19
N GLY W 111 -35.42 -7.26 52.58
CA GLY W 111 -35.29 -8.34 53.53
C GLY W 111 -35.34 -7.90 54.98
N VAL W 112 -35.43 -6.59 55.23
CA VAL W 112 -35.49 -6.10 56.61
C VAL W 112 -36.76 -6.58 57.31
N LYS W 113 -37.85 -6.71 56.56
CA LYS W 113 -39.09 -7.21 57.16
C LYS W 113 -38.93 -8.65 57.63
N GLU W 114 -38.33 -9.50 56.80
CA GLU W 114 -38.09 -10.89 57.20
C GLU W 114 -37.13 -10.99 58.36
N MET W 115 -36.06 -10.18 58.34
CA MET W 115 -35.09 -10.18 59.43
C MET W 115 -35.74 -9.78 60.75
N TYR W 116 -36.53 -8.71 60.73
CA TYR W 116 -37.11 -8.25 61.98
C TYR W 116 -38.26 -9.14 62.43
N ASN W 117 -38.95 -9.79 61.49
CA ASN W 117 -39.97 -10.76 61.89
C ASN W 117 -39.33 -11.98 62.53
N SER W 118 -38.21 -12.45 61.99
CA SER W 118 -37.53 -13.59 62.58
C SER W 118 -36.97 -13.22 63.96
N LEU W 119 -36.48 -11.99 64.10
CA LEU W 119 -35.99 -11.56 65.41
C LEU W 119 -37.10 -11.10 66.34
N GLN W 120 -38.35 -11.03 65.87
CA GLN W 120 -39.49 -10.64 66.68
C GLN W 120 -39.34 -9.21 67.23
N THR W 121 -39.00 -8.27 66.37
CA THR W 121 -38.79 -6.90 66.81
C THR W 121 -39.86 -5.99 66.22
N PRO W 122 -40.33 -4.98 66.96
CA PRO W 122 -41.33 -4.07 66.40
C PRO W 122 -40.79 -3.13 65.34
N ILE W 123 -41.23 -3.36 64.10
CA ILE W 123 -40.86 -2.47 63.00
C ILE W 123 -41.33 -1.04 63.21
N PRO W 124 -42.56 -0.78 63.66
CA PRO W 124 -42.92 0.60 64.02
C PRO W 124 -42.05 1.20 65.12
N ALA W 125 -41.60 0.41 66.07
CA ALA W 125 -40.62 0.91 67.04
C ALA W 125 -39.30 1.30 66.41
N VAL W 126 -38.81 0.49 65.46
CA VAL W 126 -37.58 0.87 64.75
C VAL W 126 -37.81 2.15 63.94
N ALA W 127 -38.98 2.29 63.34
CA ALA W 127 -39.30 3.52 62.62
C ALA W 127 -39.33 4.72 63.55
N GLU W 128 -39.87 4.56 64.75
CA GLU W 128 -39.86 5.63 65.73
C GLU W 128 -38.43 6.01 66.12
N GLY W 129 -37.57 5.01 66.31
CA GLY W 129 -36.17 5.29 66.58
C GLY W 129 -35.49 6.04 65.44
N VAL W 130 -35.82 5.68 64.20
CA VAL W 130 -35.25 6.39 63.04
C VAL W 130 -35.74 7.83 63.02
N ARG W 131 -37.00 8.07 63.34
CA ARG W 131 -37.51 9.44 63.40
C ARG W 131 -36.82 10.24 64.51
N ALA W 132 -36.56 9.60 65.64
CA ALA W 132 -35.81 10.27 66.70
C ALA W 132 -34.41 10.64 66.23
N MET W 133 -33.75 9.72 65.51
CA MET W 133 -32.45 10.04 64.93
C MET W 133 -32.55 11.20 63.95
N LYS W 134 -33.63 11.25 63.18
CA LYS W 134 -33.83 12.35 62.24
C LYS W 134 -33.95 13.68 62.96
N ASN W 135 -34.71 13.71 64.07
CA ASN W 135 -34.83 14.94 64.84
C ASN W 135 -33.49 15.37 65.42
N VAL W 136 -32.73 14.42 65.97
CA VAL W 136 -31.43 14.74 66.54
C VAL W 136 -30.49 15.26 65.46
N ALA W 137 -30.50 14.63 64.28
CA ALA W 137 -29.62 15.05 63.20
C ALA W 137 -30.01 16.43 62.66
N THR W 138 -31.31 16.67 62.48
CA THR W 138 -31.73 17.96 61.96
C THR W 138 -31.54 19.07 62.98
N SER W 139 -31.41 18.72 64.26
CA SER W 139 -31.02 19.72 65.26
C SER W 139 -29.61 20.26 65.05
N LEU W 140 -28.74 19.52 64.36
CA LEU W 140 -27.34 19.92 64.20
C LEU W 140 -27.01 20.39 62.80
N LEU W 141 -28.01 20.82 62.03
CA LEU W 141 -27.77 21.21 60.65
C LEU W 141 -28.53 22.49 60.32
N SER W 142 -28.02 23.23 59.34
CA SER W 142 -28.75 24.36 58.80
C SER W 142 -30.01 23.89 58.11
N GLY W 143 -30.90 24.84 57.81
CA GLY W 143 -32.22 24.52 57.29
C GLY W 143 -32.24 23.74 55.99
N ASP W 144 -31.47 24.19 55.00
CA ASP W 144 -31.42 23.48 53.73
C ASP W 144 -30.78 22.11 53.89
N ASP W 145 -29.64 22.05 54.60
CA ASP W 145 -29.00 20.78 54.87
C ASP W 145 -29.86 19.88 55.75
N ALA W 146 -30.58 20.47 56.70
CA ALA W 146 -31.50 19.69 57.52
C ALA W 146 -32.59 19.05 56.67
N ALA W 147 -33.15 19.81 55.72
CA ALA W 147 -34.16 19.25 54.83
C ALA W 147 -33.56 18.17 53.93
N GLU W 148 -32.33 18.39 53.47
CA GLU W 148 -31.67 17.42 52.61
C GLU W 148 -31.45 16.09 53.33
N ALA W 149 -31.03 16.14 54.59
CA ALA W 149 -30.89 14.91 55.36
C ALA W 149 -32.26 14.32 55.71
N GLY W 150 -33.24 15.19 55.97
CA GLY W 150 -34.56 14.70 56.33
C GLY W 150 -35.25 13.96 55.21
N PHE W 151 -34.92 14.29 53.96
CA PHE W 151 -35.43 13.51 52.83
C PHE W 151 -35.02 12.05 52.93
N TYR W 152 -33.74 11.79 53.17
CA TYR W 152 -33.27 10.41 53.29
C TYR W 152 -33.79 9.75 54.55
N PHE W 153 -33.91 10.51 55.65
CA PHE W 153 -34.46 9.94 56.88
C PHE W 153 -35.92 9.53 56.68
N ASP W 154 -36.70 10.37 56.02
CA ASP W 154 -38.09 10.03 55.72
C ASP W 154 -38.17 8.87 54.75
N TYR W 155 -37.22 8.75 53.83
CA TYR W 155 -37.19 7.58 52.96
C TYR W 155 -36.98 6.30 53.76
N LEU W 156 -36.07 6.34 54.73
CA LEU W 156 -35.86 5.19 55.60
C LEU W 156 -37.12 4.85 56.38
N VAL W 157 -37.78 5.87 56.92
CA VAL W 157 -39.01 5.65 57.69
C VAL W 157 -40.09 5.03 56.82
N GLY W 158 -40.26 5.54 55.60
CA GLY W 158 -41.25 4.97 54.71
C GLY W 158 -40.91 3.55 54.27
N ALA W 159 -39.63 3.29 54.01
CA ALA W 159 -39.22 1.95 53.60
C ALA W 159 -39.43 0.94 54.71
N MET W 160 -39.22 1.34 55.97
CA MET W 160 -39.49 0.46 57.10
C MET W 160 -40.97 0.56 57.48
N GLN W 161 -41.81 0.10 56.55
CA GLN W 161 -43.26 0.15 56.70
C GLN W 161 -43.92 -1.02 56.00
N MET X 1 -23.99 -3.00 38.62
CA MET X 1 -22.92 -2.09 38.24
C MET X 1 -22.61 -1.13 39.38
N GLN X 2 -21.45 -0.47 39.30
CA GLN X 2 -21.03 0.47 40.33
C GLN X 2 -20.09 1.50 39.74
N ASP X 3 -20.22 2.73 40.23
CA ASP X 3 -19.34 3.83 39.85
C ASP X 3 -18.27 3.99 40.92
N ALA X 4 -17.49 5.06 40.82
CA ALA X 4 -16.45 5.32 41.81
C ALA X 4 -17.05 5.58 43.19
N ILE X 5 -18.14 6.35 43.23
CA ILE X 5 -18.78 6.68 44.50
C ILE X 5 -19.31 5.42 45.17
N THR X 6 -20.07 4.62 44.43
CA THR X 6 -20.59 3.38 45.01
C THR X 6 -19.48 2.38 45.32
N ALA X 7 -18.38 2.40 44.57
CA ALA X 7 -17.27 1.51 44.89
C ALA X 7 -16.64 1.88 46.22
N VAL X 8 -16.41 3.17 46.46
CA VAL X 8 -15.89 3.61 47.75
C VAL X 8 -16.88 3.30 48.86
N ILE X 9 -18.17 3.53 48.58
CA ILE X 9 -19.21 3.31 49.60
C ILE X 9 -19.27 1.84 49.99
N ASN X 10 -19.22 0.94 49.01
CA ASN X 10 -19.25 -0.48 49.32
C ASN X 10 -17.96 -0.93 49.99
N ASN X 11 -16.82 -0.38 49.58
CA ASN X 11 -15.56 -0.78 50.19
C ASN X 11 -15.48 -0.33 51.65
N TYR X 12 -16.22 0.73 52.00
CA TYR X 12 -16.31 1.10 53.41
C TYR X 12 -17.44 0.38 54.14
N ASP X 13 -18.49 -0.01 53.41
CA ASP X 13 -19.58 -0.76 54.02
C ASP X 13 -19.12 -2.14 54.44
N VAL X 14 -18.24 -2.77 53.66
CA VAL X 14 -17.75 -4.09 54.00
C VAL X 14 -16.97 -4.08 55.31
N GLN X 15 -16.35 -2.97 55.66
CA GLN X 15 -15.73 -2.79 56.96
C GLN X 15 -16.67 -2.16 57.98
N GLY X 16 -17.83 -1.69 57.55
CA GLY X 16 -18.76 -1.05 58.47
C GLY X 16 -18.20 0.24 59.06
N LYS X 17 -17.45 0.98 58.25
CA LYS X 17 -16.76 2.17 58.71
C LYS X 17 -17.44 3.42 58.18
N TYR X 18 -17.44 4.47 58.99
CA TYR X 18 -17.85 5.78 58.50
C TYR X 18 -16.78 6.34 57.57
N LEU X 19 -17.17 7.28 56.73
CA LEU X 19 -16.24 7.85 55.77
C LEU X 19 -15.18 8.68 56.47
N ASP X 20 -13.93 8.44 56.12
CA ASP X 20 -12.77 9.09 56.72
C ASP X 20 -12.09 10.00 55.71
N GLY X 21 -10.90 10.48 56.08
CA GLY X 21 -10.17 11.41 55.21
C GLY X 21 -9.81 10.81 53.87
N ALA X 22 -9.40 9.54 53.84
CA ALA X 22 -9.06 8.91 52.58
C ALA X 22 -10.27 8.78 51.68
N ALA X 23 -11.41 8.39 52.25
CA ALA X 23 -12.64 8.27 51.46
C ALA X 23 -13.07 9.62 50.92
N LEU X 24 -12.98 10.66 51.75
CA LEU X 24 -13.34 11.99 51.29
C LEU X 24 -12.38 12.49 50.21
N ASP X 25 -11.09 12.18 50.32
CA ASP X 25 -10.13 12.54 49.28
C ASP X 25 -10.47 11.85 47.97
N LYS X 26 -10.81 10.56 48.03
CA LYS X 26 -11.18 9.84 46.81
C LYS X 26 -12.44 10.44 46.20
N LEU X 27 -13.42 10.78 47.03
CA LEU X 27 -14.65 11.37 46.51
C LEU X 27 -14.40 12.74 45.90
N LYS X 28 -13.55 13.56 46.53
CA LYS X 28 -13.21 14.85 45.96
C LYS X 28 -12.49 14.70 44.63
N ALA X 29 -11.57 13.74 44.55
CA ALA X 29 -10.86 13.51 43.30
C ALA X 29 -11.80 13.07 42.21
N TYR X 30 -12.83 12.28 42.56
CA TYR X 30 -13.83 11.95 41.55
C TYR X 30 -14.65 13.18 41.15
N PHE X 31 -15.04 13.99 42.14
CA PHE X 31 -15.94 15.10 41.86
C PHE X 31 -15.27 16.17 41.01
N THR X 32 -13.97 16.36 41.19
CA THR X 32 -13.26 17.36 40.40
C THR X 32 -13.25 17.02 38.92
N THR X 33 -13.33 15.74 38.57
CA THR X 33 -13.33 15.29 37.18
C THR X 33 -14.73 15.08 36.63
N GLY X 34 -15.71 15.88 37.07
CA GLY X 34 -17.08 15.67 36.61
C GLY X 34 -17.34 16.22 35.23
N ALA X 35 -16.97 17.48 35.00
CA ALA X 35 -17.30 18.14 33.74
C ALA X 35 -16.57 17.51 32.57
N VAL X 36 -15.33 17.07 32.79
CA VAL X 36 -14.53 16.48 31.72
C VAL X 36 -15.18 15.22 31.18
N ARG X 37 -15.65 14.36 32.08
CA ARG X 37 -16.31 13.12 31.67
C ARG X 37 -17.59 13.43 30.91
N VAL X 38 -18.34 14.43 31.35
CA VAL X 38 -19.59 14.78 30.68
C VAL X 38 -19.32 15.28 29.27
N ARG X 39 -18.31 16.13 29.11
CA ARG X 39 -17.96 16.63 27.78
C ARG X 39 -17.50 15.50 26.87
N ALA X 40 -16.67 14.61 27.39
CA ALA X 40 -16.19 13.48 26.58
C ALA X 40 -17.34 12.58 26.15
N ALA X 41 -18.26 12.28 27.08
CA ALA X 41 -19.40 11.44 26.75
C ALA X 41 -20.31 12.11 25.72
N ALA X 42 -20.53 13.42 25.84
CA ALA X 42 -21.33 14.13 24.85
C ALA X 42 -20.69 14.09 23.47
N VAL X 43 -19.36 14.28 23.41
CA VAL X 43 -18.68 14.24 22.13
C VAL X 43 -18.78 12.85 21.50
N ILE X 44 -18.58 11.80 22.31
CA ILE X 44 -18.65 10.44 21.79
C ILE X 44 -20.05 10.12 21.30
N SER X 45 -21.07 10.53 22.06
CA SER X 45 -22.45 10.27 21.66
C SER X 45 -22.79 10.99 20.37
N SER X 46 -22.32 12.24 20.22
CA SER X 46 -22.56 12.95 18.99
C SER X 46 -21.83 12.35 17.80
N ASN X 47 -20.61 11.83 17.99
CA ASN X 47 -19.83 11.28 16.89
C ASN X 47 -19.80 9.77 16.87
N ALA X 48 -20.81 9.09 17.40
CA ALA X 48 -20.84 7.64 17.47
C ALA X 48 -20.72 6.95 16.11
N THR X 49 -21.53 7.35 15.14
CA THR X 49 -21.56 6.65 13.86
C THR X 49 -20.27 6.83 13.08
N THR X 50 -19.70 8.05 13.11
CA THR X 50 -18.46 8.31 12.40
C THR X 50 -17.30 7.49 12.97
N ILE X 51 -17.26 7.35 14.29
CA ILE X 51 -16.20 6.56 14.92
C ILE X 51 -16.27 5.11 14.44
N ILE X 52 -17.47 4.54 14.40
CA ILE X 52 -17.63 3.15 13.96
C ILE X 52 -17.24 3.02 12.49
N LYS X 53 -17.63 4.00 11.67
CA LYS X 53 -17.31 3.95 10.25
C LYS X 53 -15.81 3.99 10.01
N GLU X 54 -15.12 4.92 10.66
CA GLU X 54 -13.67 5.02 10.47
C GLU X 54 -12.95 3.80 11.05
N ALA X 55 -13.39 3.29 12.20
CA ALA X 55 -12.76 2.11 12.77
C ALA X 55 -12.93 0.89 11.88
N ALA X 56 -14.14 0.69 11.34
CA ALA X 56 -14.37 -0.43 10.44
C ALA X 56 -13.54 -0.31 9.18
N ALA X 57 -13.47 0.90 8.61
CA ALA X 57 -12.67 1.09 7.40
C ALA X 57 -11.19 0.86 7.66
N LYS X 58 -10.72 1.23 8.85
CA LYS X 58 -9.30 1.10 9.16
C LYS X 58 -8.90 -0.31 9.56
N ALA X 59 -9.81 -1.11 10.14
CA ALA X 59 -9.41 -2.37 10.71
C ALA X 59 -10.08 -3.61 10.14
N LEU X 60 -11.29 -3.51 9.59
CA LEU X 60 -12.01 -4.73 9.25
C LEU X 60 -12.23 -4.93 7.76
N ILE X 61 -12.90 -3.98 7.11
CA ILE X 61 -13.37 -4.15 5.75
C ILE X 61 -12.22 -3.97 4.76
N TYR X 62 -12.47 -4.23 3.48
CA TYR X 62 -11.44 -4.30 2.45
C TYR X 62 -10.48 -5.45 2.71
N SER X 63 -11.02 -6.62 3.01
CA SER X 63 -10.17 -7.77 3.31
C SER X 63 -10.99 -9.05 3.22
N ASP X 64 -10.35 -10.15 3.65
CA ASP X 64 -10.99 -11.45 3.59
C ASP X 64 -12.19 -11.56 4.52
N LEU X 65 -12.24 -10.70 5.55
CA LEU X 65 -13.41 -10.70 6.42
C LEU X 65 -14.67 -10.33 5.67
N THR X 66 -14.59 -9.32 4.80
CA THR X 66 -15.73 -8.91 4.01
C THR X 66 -15.84 -9.63 2.68
N ARG X 67 -14.77 -10.23 2.21
CA ARG X 67 -14.81 -11.04 1.01
C ARG X 67 -15.49 -12.37 1.33
N PRO X 68 -16.08 -13.09 0.34
CA PRO X 68 -16.93 -14.25 0.66
C PRO X 68 -16.28 -15.35 1.47
N GLY X 69 -17.08 -15.94 2.36
CA GLY X 69 -16.58 -16.89 3.33
C GLY X 69 -16.07 -16.25 4.61
N GLY X 70 -15.87 -14.95 4.62
CA GLY X 70 -15.41 -14.25 5.80
C GLY X 70 -16.50 -14.20 6.84
N MEN X 71 -16.14 -13.78 8.04
CA MEN X 71 -17.08 -13.80 9.13
C MEN X 71 -18.02 -12.61 9.09
O MEN X 71 -19.06 -12.55 9.73
CB MEN X 71 -16.44 -13.82 10.53
CG MEN X 71 -17.47 -14.37 11.49
OD1 MEN X 71 -18.21 -13.59 12.12
ND2 MEN X 71 -17.57 -15.73 11.62
CE2 MEN X 71 -18.52 -16.34 12.50
N MET X 72 -17.65 -11.61 8.31
CA MET X 72 -18.54 -10.48 8.12
C MET X 72 -18.97 -10.37 6.67
N TYR X 73 -18.90 -11.48 5.95
CA TYR X 73 -19.54 -11.59 4.64
C TYR X 73 -21.06 -11.65 4.85
N THR X 74 -21.80 -11.14 3.88
CA THR X 74 -23.27 -11.04 3.86
C THR X 74 -23.74 -9.89 4.74
N THR X 75 -24.84 -9.26 4.34
CA THR X 75 -25.38 -8.13 5.06
C THR X 75 -25.78 -8.51 6.47
N ARG X 76 -26.27 -9.73 6.65
CA ARG X 76 -26.73 -10.20 7.94
C ARG X 76 -25.60 -10.20 8.97
N ARG X 77 -24.39 -10.55 8.54
CA ARG X 77 -23.25 -10.53 9.44
C ARG X 77 -22.58 -9.17 9.52
N TYR X 78 -22.60 -8.39 8.43
CA TYR X 78 -22.03 -7.05 8.48
C TYR X 78 -22.79 -6.17 9.47
N ALA X 79 -24.13 -6.22 9.43
CA ALA X 79 -24.92 -5.44 10.36
C ALA X 79 -24.67 -5.87 11.80
N ALA X 80 -24.53 -7.18 12.02
CA ALA X 80 -24.24 -7.68 13.37
C ALA X 80 -22.90 -7.18 13.88
N CYS X 81 -21.88 -7.18 13.02
CA CYS X 81 -20.56 -6.71 13.46
C CYS X 81 -20.58 -5.23 13.79
N ILE X 82 -21.22 -4.41 12.95
CA ILE X 82 -21.28 -2.99 13.29
C ILE X 82 -22.12 -2.74 14.52
N ARG X 83 -23.17 -3.55 14.76
CA ARG X 83 -23.93 -3.44 15.99
C ARG X 83 -23.08 -3.78 17.21
N ASP X 84 -22.20 -4.78 17.07
CA ASP X 84 -21.31 -5.14 18.17
C ASP X 84 -20.34 -4.00 18.48
N MET X 85 -19.81 -3.36 17.43
CA MET X 85 -18.93 -2.21 17.65
C MET X 85 -19.67 -1.08 18.34
N ASP X 86 -20.93 -0.84 17.96
CA ASP X 86 -21.72 0.18 18.64
C ASP X 86 -21.94 -0.17 20.10
N TYR X 87 -22.18 -1.44 20.39
CA TYR X 87 -22.34 -1.89 21.77
C TYR X 87 -21.09 -1.63 22.60
N PHE X 88 -19.93 -1.95 22.04
CA PHE X 88 -18.67 -1.70 22.72
C PHE X 88 -18.47 -0.21 22.98
N LEU X 89 -18.78 0.62 21.98
CA LEU X 89 -18.62 2.06 22.15
C LEU X 89 -19.55 2.60 23.23
N ARG X 90 -20.80 2.14 23.24
CA ARG X 90 -21.77 2.63 24.22
C ARG X 90 -21.37 2.22 25.63
N TYR X 91 -20.92 0.98 25.81
CA TYR X 91 -20.56 0.55 27.15
C TYR X 91 -19.25 1.20 27.60
N ALA X 92 -18.34 1.48 26.66
CA ALA X 92 -17.15 2.24 27.01
C ALA X 92 -17.53 3.65 27.47
N THR X 93 -18.52 4.26 26.82
CA THR X 93 -19.00 5.56 27.27
C THR X 93 -19.60 5.48 28.67
N TYR X 94 -20.39 4.44 28.94
CA TYR X 94 -20.96 4.26 30.27
C TYR X 94 -19.87 4.13 31.32
N ALA X 95 -18.85 3.30 31.03
CA ALA X 95 -17.76 3.08 31.98
C ALA X 95 -16.96 4.36 32.19
N MET X 96 -16.76 5.14 31.12
CA MET X 96 -16.02 6.38 31.26
C MET X 96 -16.78 7.39 32.10
N LEU X 97 -18.10 7.46 31.93
CA LEU X 97 -18.90 8.35 32.78
C LEU X 97 -18.85 7.90 34.23
N ALA X 98 -18.97 6.59 34.48
CA ALA X 98 -19.02 6.11 35.85
C ALA X 98 -17.66 6.14 36.53
N GLY X 99 -16.57 6.16 35.76
CA GLY X 99 -15.25 6.06 36.34
C GLY X 99 -14.96 4.72 36.99
N ASP X 100 -15.45 3.64 36.39
CA ASP X 100 -15.26 2.30 36.94
C ASP X 100 -15.55 1.24 35.88
N PRO X 101 -14.65 0.26 35.70
CA PRO X 101 -14.89 -0.79 34.71
C PRO X 101 -15.80 -1.92 35.19
N SER X 102 -16.47 -1.75 36.32
CA SER X 102 -17.35 -2.79 36.83
C SER X 102 -18.50 -3.05 35.86
N ILE X 103 -19.01 -2.01 35.21
CA ILE X 103 -20.05 -2.19 34.22
C ILE X 103 -19.51 -2.98 33.03
N LEU X 104 -18.26 -2.74 32.65
CA LEU X 104 -17.67 -3.52 31.57
C LEU X 104 -17.54 -4.98 31.95
N ASP X 105 -17.14 -5.27 33.19
CA ASP X 105 -17.05 -6.66 33.61
C ASP X 105 -18.43 -7.32 33.67
N GLU X 106 -19.42 -6.61 34.20
CA GLU X 106 -20.74 -7.22 34.40
C GLU X 106 -21.48 -7.43 33.09
N ARG X 107 -21.51 -6.42 32.23
CA ARG X 107 -22.43 -6.42 31.11
C ARG X 107 -21.79 -6.48 29.74
N VAL X 108 -20.48 -6.66 29.65
CA VAL X 108 -19.84 -6.77 28.34
C VAL X 108 -19.01 -8.04 28.26
N LEU X 109 -18.08 -8.21 29.20
CA LEU X 109 -17.12 -9.30 29.09
C LEU X 109 -17.66 -10.62 29.61
N ASN X 110 -18.81 -10.61 30.28
CA ASN X 110 -19.33 -11.84 30.88
C ASN X 110 -19.81 -12.80 29.81
N GLY X 111 -19.00 -13.83 29.52
CA GLY X 111 -19.37 -14.83 28.54
C GLY X 111 -19.19 -14.41 27.10
N LEU X 112 -18.70 -13.19 26.86
CA LEU X 112 -18.53 -12.70 25.50
C LEU X 112 -17.52 -13.53 24.74
N LYS X 113 -16.42 -13.91 25.41
CA LYS X 113 -15.39 -14.71 24.75
C LYS X 113 -15.96 -16.04 24.28
N GLU X 114 -16.54 -16.81 25.20
CA GLU X 114 -17.03 -18.14 24.86
C GLU X 114 -18.19 -18.06 23.87
N THR X 115 -18.97 -16.97 23.91
CA THR X 115 -19.92 -16.71 22.84
C THR X 115 -19.21 -16.57 21.50
N TYR X 116 -18.05 -15.91 21.49
CA TYR X 116 -17.35 -15.70 20.23
C TYR X 116 -16.75 -17.00 19.69
N ASN X 117 -16.21 -17.86 20.56
CA ASN X 117 -15.82 -19.18 20.06
C ASN X 117 -17.02 -20.00 19.62
N SER X 118 -18.17 -19.82 20.26
CA SER X 118 -19.36 -20.54 19.83
C SER X 118 -19.79 -20.12 18.43
N LEU X 119 -19.80 -18.83 18.15
CA LEU X 119 -20.24 -18.34 16.85
C LEU X 119 -19.16 -18.41 15.78
N GLY X 120 -17.89 -18.51 16.15
CA GLY X 120 -16.82 -18.52 15.18
C GLY X 120 -16.24 -17.15 14.85
N VAL X 121 -16.55 -16.14 15.64
CA VAL X 121 -16.09 -14.77 15.38
C VAL X 121 -14.59 -14.67 15.63
N PRO X 122 -13.84 -13.96 14.78
CA PRO X 122 -12.42 -13.75 15.06
C PRO X 122 -12.18 -12.73 16.17
N ILE X 123 -11.71 -13.23 17.32
CA ILE X 123 -11.50 -12.36 18.48
C ILE X 123 -10.38 -11.36 18.20
N ALA X 124 -9.36 -11.76 17.45
CA ALA X 124 -8.30 -10.84 17.10
C ALA X 124 -8.83 -9.69 16.23
N ALA X 125 -9.70 -9.99 15.28
CA ALA X 125 -10.31 -8.93 14.48
C ALA X 125 -11.18 -8.02 15.34
N THR X 126 -11.91 -8.60 16.30
CA THR X 126 -12.70 -7.77 17.22
C THR X 126 -11.82 -6.84 18.02
N VAL X 127 -10.68 -7.34 18.50
CA VAL X 127 -9.75 -6.52 19.26
C VAL X 127 -9.17 -5.42 18.39
N GLY X 128 -8.86 -5.74 17.13
CA GLY X 128 -8.38 -4.71 16.22
C GLY X 128 -9.39 -3.61 15.99
N GLY X 129 -10.67 -3.99 15.82
CA GLY X 129 -11.70 -2.97 15.71
C GLY X 129 -11.84 -2.12 16.95
N ILE X 130 -11.72 -2.74 18.13
CA ILE X 130 -11.81 -1.99 19.38
C ILE X 130 -10.66 -0.99 19.49
N GLN X 131 -9.45 -1.40 19.13
CA GLN X 131 -8.35 -0.46 19.18
C GLN X 131 -8.44 0.64 18.13
N ALA X 132 -8.99 0.35 16.95
CA ALA X 132 -9.24 1.42 15.99
C ALA X 132 -10.22 2.45 16.54
N MET X 133 -11.30 1.97 17.18
CA MET X 133 -12.22 2.89 17.84
C MET X 133 -11.53 3.66 18.95
N LYS X 134 -10.60 3.02 19.65
CA LYS X 134 -9.85 3.71 20.70
C LYS X 134 -9.04 4.87 20.15
N GLU X 135 -8.38 4.64 19.01
CA GLU X 135 -7.61 5.71 18.39
C GLU X 135 -8.51 6.86 17.96
N VAL X 136 -9.65 6.53 17.34
CA VAL X 136 -10.56 7.58 16.86
C VAL X 136 -11.12 8.37 18.04
N VAL X 137 -11.48 7.68 19.12
CA VAL X 137 -12.05 8.35 20.29
C VAL X 137 -11.01 9.23 20.97
N GLY X 138 -9.78 8.73 21.07
CA GLY X 138 -8.71 9.55 21.61
C GLY X 138 -8.45 10.79 20.79
N GLY X 139 -8.57 10.67 19.46
CA GLY X 139 -8.48 11.86 18.63
C GLY X 139 -9.61 12.84 18.88
N LEU X 140 -10.84 12.33 19.01
CA LEU X 140 -11.99 13.21 19.11
C LEU X 140 -12.06 13.93 20.45
N VAL X 141 -11.86 13.21 21.56
CA VAL X 141 -12.20 13.77 22.86
C VAL X 141 -11.27 14.89 23.31
N GLY X 142 -10.06 14.98 22.74
CA GLY X 142 -9.12 16.00 23.13
C GLY X 142 -8.15 15.51 24.17
N PRO X 143 -7.25 16.39 24.61
CA PRO X 143 -6.20 15.97 25.54
C PRO X 143 -6.69 15.84 26.97
N ASP X 144 -7.86 16.42 27.26
CA ASP X 144 -8.39 16.41 28.62
C ASP X 144 -8.69 14.99 29.10
N ALA X 145 -9.45 14.24 28.32
CA ALA X 145 -9.89 12.91 28.70
C ALA X 145 -9.40 11.82 27.77
N ALA X 146 -8.31 12.04 27.03
CA ALA X 146 -7.82 11.03 26.10
C ALA X 146 -7.37 9.78 26.83
N LYS X 147 -6.60 9.94 27.92
CA LYS X 147 -6.12 8.79 28.67
C LYS X 147 -7.27 8.06 29.35
N GLU X 148 -8.19 8.80 29.94
CA GLU X 148 -9.35 8.20 30.58
C GLU X 148 -10.18 7.40 29.58
N ALA X 149 -10.40 7.95 28.39
CA ALA X 149 -11.13 7.20 27.37
C ALA X 149 -10.36 5.98 26.92
N SER X 150 -9.04 6.10 26.77
CA SER X 150 -8.25 5.01 26.21
C SER X 150 -8.15 3.83 27.15
N ILE X 151 -8.17 4.10 28.46
CA ILE X 151 -7.99 3.01 29.43
C ILE X 151 -9.13 2.01 29.37
N TYR X 152 -10.37 2.47 29.18
CA TYR X 152 -11.48 1.52 29.13
C TYR X 152 -11.49 0.70 27.84
N PHE X 153 -11.11 1.29 26.71
CA PHE X 153 -10.97 0.49 25.50
C PHE X 153 -9.86 -0.54 25.65
N ASP X 154 -8.77 -0.17 26.31
CA ASP X 154 -7.72 -1.15 26.58
C ASP X 154 -8.21 -2.25 27.52
N TYR X 155 -9.04 -1.88 28.49
CA TYR X 155 -9.64 -2.86 29.39
C TYR X 155 -10.49 -3.87 28.63
N LEU X 156 -11.34 -3.36 27.73
CA LEU X 156 -12.17 -4.25 26.92
C LEU X 156 -11.33 -5.16 26.03
N SER X 157 -10.31 -4.60 25.38
CA SER X 157 -9.47 -5.39 24.50
C SER X 157 -8.69 -6.46 25.27
N SER X 158 -8.12 -6.11 26.42
CA SER X 158 -7.43 -7.10 27.23
C SER X 158 -8.37 -8.15 27.80
N GLY X 159 -9.60 -7.80 28.16
CA GLY X 159 -10.55 -8.80 28.58
C GLY X 159 -10.91 -9.77 27.48
N LEU X 160 -11.15 -9.26 26.28
CA LEU X 160 -11.45 -10.14 25.14
C LEU X 160 -10.27 -11.03 24.77
N SER X 161 -9.07 -10.46 24.71
CA SER X 161 -7.89 -11.22 24.30
C SER X 161 -7.41 -12.13 25.42
N SER Y 2 -35.11 -23.04 0.05
CA SER Y 2 -35.89 -23.52 -1.08
C SER Y 2 -37.25 -24.03 -0.62
N VAL Y 3 -38.10 -24.36 -1.58
CA VAL Y 3 -39.46 -24.79 -1.28
C VAL Y 3 -39.45 -26.09 -0.50
N LEU Y 4 -38.51 -26.98 -0.80
CA LEU Y 4 -38.35 -28.20 0.00
C LEU Y 4 -38.07 -27.86 1.47
N THR Y 5 -37.17 -26.91 1.69
CA THR Y 5 -36.83 -26.52 3.05
C THR Y 5 -38.03 -25.91 3.76
N LYS Y 6 -38.79 -25.07 3.07
CA LYS Y 6 -39.92 -24.42 3.73
C LYS Y 6 -41.03 -25.42 4.03
N ALA Y 7 -41.24 -26.38 3.14
CA ALA Y 7 -42.23 -27.41 3.43
C ALA Y 7 -41.80 -28.27 4.59
N ILE Y 8 -40.53 -28.66 4.63
CA ILE Y 8 -40.04 -29.51 5.71
C ILE Y 8 -40.06 -28.76 7.04
N VAL Y 9 -39.81 -27.44 7.00
CA VAL Y 9 -39.80 -26.67 8.23
C VAL Y 9 -41.19 -26.61 8.85
N ASN Y 10 -42.21 -26.35 8.03
CA ASN Y 10 -43.57 -26.38 8.54
C ASN Y 10 -43.97 -27.77 9.02
N ALA Y 11 -43.59 -28.81 8.28
CA ALA Y 11 -43.93 -30.17 8.67
C ALA Y 11 -43.30 -30.54 10.01
N ASP Y 12 -42.04 -30.13 10.23
CA ASP Y 12 -41.37 -30.45 11.48
C ASP Y 12 -41.88 -29.58 12.62
N ALA Y 13 -42.26 -28.33 12.32
CA ALA Y 13 -42.84 -27.48 13.34
C ALA Y 13 -44.17 -28.03 13.84
N GLU Y 14 -45.01 -28.53 12.93
CA GLU Y 14 -46.27 -29.13 13.33
C GLU Y 14 -46.12 -30.60 13.70
N ALA Y 15 -44.91 -31.17 13.56
CA ALA Y 15 -44.63 -32.54 13.98
C ALA Y 15 -45.47 -33.54 13.20
N ARG Y 16 -45.35 -33.52 11.87
CA ARG Y 16 -46.16 -34.36 11.02
C ARG Y 16 -45.45 -34.59 9.70
N TYR Y 17 -45.90 -35.61 8.98
CA TYR Y 17 -45.41 -35.86 7.65
C TYR Y 17 -45.94 -34.81 6.67
N LEU Y 18 -45.32 -34.76 5.49
CA LEU Y 18 -45.70 -33.75 4.52
C LEU Y 18 -47.11 -33.99 4.00
N SER Y 19 -47.84 -32.90 3.84
CA SER Y 19 -49.19 -32.96 3.32
C SER Y 19 -49.18 -33.23 1.82
N PRO Y 20 -50.29 -33.77 1.28
CA PRO Y 20 -50.37 -33.95 -0.19
C PRO Y 20 -50.21 -32.67 -0.98
N GLY Y 21 -50.68 -31.53 -0.44
CA GLY Y 21 -50.45 -30.27 -1.13
C GLY Y 21 -48.97 -29.92 -1.22
N GLU Y 22 -48.25 -30.14 -0.12
CA GLU Y 22 -46.80 -29.92 -0.12
C GLU Y 22 -46.10 -30.85 -1.09
N LEU Y 23 -46.53 -32.12 -1.15
CA LEU Y 23 -45.95 -33.05 -2.11
C LEU Y 23 -46.22 -32.61 -3.54
N ASP Y 24 -47.42 -32.09 -3.83
CA ASP Y 24 -47.72 -31.62 -5.17
C ASP Y 24 -46.87 -30.39 -5.53
N ARG Y 25 -46.69 -29.47 -4.60
CA ARG Y 25 -45.86 -28.30 -4.90
C ARG Y 25 -44.41 -28.70 -5.08
N ILE Y 26 -43.95 -29.70 -4.33
CA ILE Y 26 -42.63 -30.26 -4.59
C ILE Y 26 -42.54 -30.82 -5.99
N LYS Y 27 -43.58 -31.53 -6.43
CA LYS Y 27 -43.56 -32.13 -7.76
C LYS Y 27 -43.51 -31.07 -8.85
N SER Y 28 -44.35 -30.04 -8.74
CA SER Y 28 -44.31 -28.95 -9.71
C SER Y 28 -42.96 -28.22 -9.65
N PHE Y 29 -42.41 -28.07 -8.45
CA PHE Y 29 -41.14 -27.40 -8.26
C PHE Y 29 -40.02 -28.13 -8.96
N VAL Y 30 -40.02 -29.46 -8.88
CA VAL Y 30 -39.01 -30.25 -9.59
C VAL Y 30 -39.32 -30.32 -11.08
N ALA Y 31 -40.58 -30.17 -11.46
CA ALA Y 31 -40.93 -30.17 -12.88
C ALA Y 31 -40.40 -28.93 -13.59
N SER Y 32 -40.37 -27.80 -12.91
CA SER Y 32 -39.92 -26.54 -13.50
C SER Y 32 -38.37 -26.39 -13.54
N GLY Y 33 -37.65 -27.38 -13.02
CA GLY Y 33 -36.21 -27.32 -12.84
C GLY Y 33 -35.39 -27.06 -14.10
N GLU Y 34 -35.76 -27.68 -15.22
CA GLU Y 34 -34.96 -27.53 -16.44
C GLU Y 34 -35.03 -26.11 -16.99
N ARG Y 35 -36.23 -25.52 -17.03
CA ARG Y 35 -36.33 -24.14 -17.50
C ARG Y 35 -35.63 -23.18 -16.54
N ARG Y 36 -35.74 -23.43 -15.23
CA ARG Y 36 -35.00 -22.62 -14.27
C ARG Y 36 -33.49 -22.71 -14.48
N LEU Y 37 -32.99 -23.93 -14.71
CA LEU Y 37 -31.56 -24.10 -14.92
C LEU Y 37 -31.10 -23.43 -16.20
N ARG Y 38 -31.94 -23.47 -17.24
CA ARG Y 38 -31.62 -22.77 -18.48
C ARG Y 38 -31.53 -21.26 -18.26
N ILE Y 39 -32.46 -20.69 -17.49
CA ILE Y 39 -32.43 -19.26 -17.23
C ILE Y 39 -31.19 -18.88 -16.45
N ALA Y 40 -30.86 -19.66 -15.42
CA ALA Y 40 -29.66 -19.39 -14.63
C ALA Y 40 -28.40 -19.53 -15.47
N GLN Y 41 -28.35 -20.52 -16.37
CA GLN Y 41 -27.21 -20.67 -17.25
C GLN Y 41 -27.07 -19.47 -18.18
N THR Y 42 -28.18 -18.98 -18.72
CA THR Y 42 -28.13 -17.83 -19.62
C THR Y 42 -27.61 -16.59 -18.90
N LEU Y 43 -28.10 -16.34 -17.69
CA LEU Y 43 -27.61 -15.19 -16.93
C LEU Y 43 -26.14 -15.36 -16.57
N THR Y 44 -25.72 -16.57 -16.22
CA THR Y 44 -24.33 -16.81 -15.88
C THR Y 44 -23.41 -16.57 -17.06
N GLU Y 45 -23.82 -16.99 -18.26
CA GLU Y 45 -23.00 -16.69 -19.44
C GLU Y 45 -23.00 -15.20 -19.75
N ALA Y 46 -24.04 -14.45 -19.44
CA ALA Y 46 -23.95 -13.02 -19.80
C ALA Y 46 -23.54 -12.17 -18.60
N ARG Y 47 -22.74 -12.72 -17.70
CA ARG Y 47 -22.39 -11.99 -16.46
C ARG Y 47 -21.72 -10.67 -16.81
N GLU Y 48 -20.58 -10.72 -17.49
CA GLU Y 48 -19.79 -9.49 -17.73
C GLU Y 48 -20.62 -8.45 -18.47
N ARG Y 49 -21.31 -8.83 -19.55
CA ARG Y 49 -22.02 -7.79 -20.34
C ARG Y 49 -23.09 -7.13 -19.47
N ILE Y 50 -23.90 -7.91 -18.77
CA ILE Y 50 -24.97 -7.38 -17.93
C ILE Y 50 -24.42 -6.39 -16.91
N VAL Y 51 -23.31 -6.75 -16.26
CA VAL Y 51 -22.73 -5.90 -15.23
C VAL Y 51 -22.23 -4.59 -15.84
N LYS Y 52 -21.52 -4.69 -16.97
CA LYS Y 52 -20.97 -3.49 -17.60
C LYS Y 52 -22.06 -2.55 -18.07
N GLN Y 53 -23.09 -3.10 -18.74
CA GLN Y 53 -24.18 -2.25 -19.21
C GLN Y 53 -24.99 -1.67 -18.07
N ALA Y 54 -25.18 -2.44 -16.99
CA ALA Y 54 -25.89 -1.92 -15.83
C ALA Y 54 -25.14 -0.75 -15.22
N GLY Y 55 -23.82 -0.87 -15.12
CA GLY Y 55 -23.02 0.24 -14.63
C GLY Y 55 -23.13 1.47 -15.52
N ASP Y 56 -23.10 1.26 -16.83
CA ASP Y 56 -23.20 2.39 -17.75
C ASP Y 56 -24.55 3.10 -17.64
N GLN Y 57 -25.64 2.34 -17.61
CA GLN Y 57 -26.95 2.96 -17.44
C GLN Y 57 -27.09 3.66 -16.09
N LEU Y 58 -26.56 3.06 -15.02
CA LEU Y 58 -26.65 3.68 -13.71
C LEU Y 58 -25.91 5.01 -13.68
N PHE Y 59 -24.70 5.04 -14.23
CA PHE Y 59 -23.95 6.29 -14.23
C PHE Y 59 -24.55 7.32 -15.17
N GLN Y 60 -25.17 6.90 -16.26
CA GLN Y 60 -25.90 7.84 -17.11
C GLN Y 60 -27.07 8.44 -16.36
N ILE Y 61 -27.85 7.62 -15.66
CA ILE Y 61 -29.03 8.11 -14.97
C ILE Y 61 -28.67 9.03 -13.81
N ARG Y 62 -27.63 8.72 -13.06
CA ARG Y 62 -27.23 9.65 -12.01
C ARG Y 62 -25.72 9.71 -11.90
N PRO Y 63 -25.08 10.66 -12.57
CA PRO Y 63 -23.62 10.70 -12.62
C PRO Y 63 -22.98 11.28 -11.36
N ASP Y 64 -23.79 11.74 -10.42
CA ASP Y 64 -23.26 12.39 -9.23
C ASP Y 64 -22.47 11.43 -8.34
N VAL Y 65 -22.75 10.13 -8.46
CA VAL Y 65 -22.03 9.15 -7.65
C VAL Y 65 -20.61 8.95 -8.16
N VAL Y 66 -20.33 9.33 -9.40
CA VAL Y 66 -18.99 9.18 -9.96
C VAL Y 66 -18.36 10.57 -10.07
N SER Y 67 -18.90 11.52 -9.33
CA SER Y 67 -18.35 12.86 -9.28
C SER Y 67 -17.35 12.92 -8.13
N PRO Y 68 -16.57 13.99 -8.04
CA PRO Y 68 -15.56 14.11 -6.98
C PRO Y 68 -16.10 13.98 -5.57
N GLY Y 69 -17.30 14.49 -5.33
CA GLY Y 69 -17.90 14.36 -4.01
C GLY Y 69 -18.74 13.12 -3.89
N GLY Y 70 -18.69 12.27 -4.90
CA GLY Y 70 -19.53 11.09 -4.97
C GLY Y 70 -18.93 9.94 -4.19
N ASN Y 71 -19.77 8.97 -3.83
CA ASN Y 71 -19.29 7.82 -3.06
C ASN Y 71 -18.37 6.95 -3.90
N ALA Y 72 -18.64 6.81 -5.19
CA ALA Y 72 -17.91 5.90 -6.05
C ALA Y 72 -16.90 6.60 -6.95
N TYR Y 73 -16.35 7.73 -6.51
CA TYR Y 73 -15.39 8.46 -7.32
C TYR Y 73 -14.08 7.69 -7.36
N GLY Y 74 -13.48 7.62 -8.54
CA GLY Y 74 -12.20 6.96 -8.71
C GLY Y 74 -12.36 5.55 -9.28
N GLU Y 75 -11.26 5.07 -9.85
CA GLU Y 75 -11.27 3.75 -10.47
C GLU Y 75 -11.51 2.65 -9.44
N LYS Y 76 -10.76 2.69 -8.34
CA LYS Y 76 -10.88 1.64 -7.33
C LYS Y 76 -12.21 1.71 -6.57
N MET Y 77 -12.89 2.85 -6.60
CA MET Y 77 -14.20 2.94 -6.00
C MET Y 77 -15.29 2.49 -6.95
N THR Y 78 -15.17 2.82 -8.24
CA THR Y 78 -16.12 2.32 -9.23
C THR Y 78 -16.05 0.80 -9.34
N ALA Y 79 -14.85 0.24 -9.18
CA ALA Y 79 -14.70 -1.22 -9.20
C ALA Y 79 -15.52 -1.90 -8.12
N LEU Y 80 -15.52 -1.34 -6.91
CA LEU Y 80 -16.33 -1.90 -5.83
C LEU Y 80 -17.83 -1.82 -6.10
N CYS Y 81 -18.31 -0.72 -6.68
CA CYS Y 81 -19.73 -0.62 -7.02
C CYS Y 81 -20.12 -1.67 -8.06
N LEU Y 82 -19.29 -1.83 -9.09
CA LEU Y 82 -19.59 -2.86 -10.07
C LEU Y 82 -19.49 -4.26 -9.47
N ARG Y 83 -18.60 -4.46 -8.50
CA ARG Y 83 -18.53 -5.74 -7.82
C ARG Y 83 -19.79 -6.01 -7.01
N ASP Y 84 -20.35 -4.96 -6.38
CA ASP Y 84 -21.61 -5.13 -5.67
C ASP Y 84 -22.73 -5.51 -6.63
N LEU Y 85 -22.76 -4.90 -7.81
CA LEU Y 85 -23.75 -5.29 -8.81
C LEU Y 85 -23.55 -6.74 -9.24
N ASP Y 86 -22.30 -7.18 -9.38
CA ASP Y 86 -22.03 -8.59 -9.68
C ASP Y 86 -22.53 -9.49 -8.57
N TYR Y 87 -22.35 -9.07 -7.31
CA TYR Y 87 -22.85 -9.82 -6.17
C TYR Y 87 -24.35 -10.01 -6.26
N TYR Y 88 -25.07 -8.93 -6.58
CA TYR Y 88 -26.51 -9.03 -6.63
C TYR Y 88 -26.98 -9.85 -7.82
N LEU Y 89 -26.24 -9.81 -8.94
CA LEU Y 89 -26.58 -10.68 -10.06
C LEU Y 89 -26.40 -12.15 -9.68
N ARG Y 90 -25.33 -12.47 -8.94
CA ARG Y 90 -25.14 -13.83 -8.47
C ARG Y 90 -26.26 -14.25 -7.53
N LEU Y 91 -26.67 -13.35 -6.65
CA LEU Y 91 -27.77 -13.65 -5.74
C LEU Y 91 -29.07 -13.88 -6.51
N VAL Y 92 -29.29 -13.13 -7.58
CA VAL Y 92 -30.48 -13.33 -8.40
C VAL Y 92 -30.44 -14.69 -9.09
N THR Y 93 -29.28 -15.10 -9.61
CA THR Y 93 -29.19 -16.43 -10.21
C THR Y 93 -29.44 -17.52 -9.18
N TYR Y 94 -28.91 -17.35 -7.97
CA TYR Y 94 -29.17 -18.30 -6.89
C TYR Y 94 -30.65 -18.37 -6.57
N GLY Y 95 -31.31 -17.21 -6.52
CA GLY Y 95 -32.74 -17.20 -6.23
C GLY Y 95 -33.55 -17.88 -7.32
N ILE Y 96 -33.18 -17.66 -8.59
CA ILE Y 96 -33.88 -18.30 -9.69
C ILE Y 96 -33.72 -19.81 -9.62
N VAL Y 97 -32.52 -20.28 -9.32
CA VAL Y 97 -32.32 -21.72 -9.25
C VAL Y 97 -33.05 -22.33 -8.06
N ALA Y 98 -33.07 -21.64 -6.91
CA ALA Y 98 -33.76 -22.16 -5.75
C ALA Y 98 -35.27 -22.06 -5.86
N GLY Y 99 -35.78 -21.14 -6.67
CA GLY Y 99 -37.21 -20.96 -6.84
C GLY Y 99 -37.84 -19.91 -5.96
N ASP Y 100 -37.14 -19.41 -4.96
CA ASP Y 100 -37.66 -18.30 -4.18
C ASP Y 100 -36.50 -17.63 -3.44
N VAL Y 101 -36.85 -16.63 -2.63
CA VAL Y 101 -35.89 -15.60 -2.25
C VAL Y 101 -35.28 -15.81 -0.88
N THR Y 102 -35.31 -17.01 -0.33
CA THR Y 102 -34.57 -17.21 0.92
C THR Y 102 -33.05 -17.04 0.79
N PRO Y 103 -32.37 -17.54 -0.25
CA PRO Y 103 -30.93 -17.22 -0.36
C PRO Y 103 -30.66 -15.74 -0.49
N ILE Y 104 -31.50 -15.04 -1.27
CA ILE Y 104 -31.35 -13.60 -1.44
C ILE Y 104 -31.53 -12.88 -0.12
N GLU Y 105 -32.52 -13.30 0.67
CA GLU Y 105 -32.73 -12.71 1.98
C GLU Y 105 -31.56 -12.96 2.92
N GLU Y 106 -31.11 -14.21 3.00
CA GLU Y 106 -30.07 -14.53 3.98
C GLU Y 106 -28.72 -13.94 3.59
N ILE Y 107 -28.52 -13.63 2.31
CA ILE Y 107 -27.20 -13.19 1.89
C ILE Y 107 -27.10 -11.70 1.61
N GLY Y 108 -28.19 -11.04 1.20
CA GLY Y 108 -28.00 -9.71 0.65
C GLY Y 108 -28.96 -8.59 0.96
N ILE Y 109 -29.99 -8.80 1.79
CA ILE Y 109 -30.96 -7.75 2.08
C ILE Y 109 -31.13 -7.50 3.57
N ILE Y 110 -31.16 -8.54 4.39
CA ILE Y 110 -31.32 -8.31 5.83
C ILE Y 110 -30.06 -7.63 6.37
N GLY Y 111 -30.22 -6.40 6.85
CA GLY Y 111 -29.10 -5.61 7.30
C GLY Y 111 -28.44 -4.77 6.23
N VAL Y 112 -28.92 -4.85 4.99
CA VAL Y 112 -28.32 -4.09 3.90
C VAL Y 112 -28.49 -2.60 4.14
N LYS Y 113 -29.60 -2.20 4.77
CA LYS Y 113 -29.80 -0.80 5.11
C LYS Y 113 -28.72 -0.33 6.08
N GLU Y 114 -28.43 -1.14 7.10
CA GLU Y 114 -27.42 -0.75 8.08
C GLU Y 114 -26.03 -0.70 7.45
N MET Y 115 -25.69 -1.68 6.60
CA MET Y 115 -24.36 -1.68 6.00
C MET Y 115 -24.18 -0.48 5.07
N TYR Y 116 -25.20 -0.18 4.26
CA TYR Y 116 -25.05 0.92 3.33
C TYR Y 116 -25.13 2.26 4.04
N ASN Y 117 -25.84 2.34 5.16
CA ASN Y 117 -25.80 3.56 5.96
C ASN Y 117 -24.43 3.75 6.59
N SER Y 118 -23.81 2.67 7.04
CA SER Y 118 -22.46 2.77 7.60
C SER Y 118 -21.47 3.22 6.54
N LEU Y 119 -21.57 2.67 5.33
CA LEU Y 119 -20.66 3.05 4.27
C LEU Y 119 -21.03 4.39 3.64
N GLN Y 120 -22.21 4.93 3.96
CA GLN Y 120 -22.67 6.21 3.44
C GLN Y 120 -22.87 6.19 1.93
N THR Y 121 -23.34 5.07 1.40
CA THR Y 121 -23.63 4.99 -0.02
C THR Y 121 -25.13 5.16 -0.26
N PRO Y 122 -25.52 5.74 -1.40
CA PRO Y 122 -26.95 5.98 -1.66
C PRO Y 122 -27.68 4.69 -2.03
N ILE Y 123 -28.50 4.21 -1.10
CA ILE Y 123 -29.34 3.05 -1.37
C ILE Y 123 -30.30 3.27 -2.53
N PRO Y 124 -30.94 4.43 -2.68
CA PRO Y 124 -31.70 4.67 -3.93
C PRO Y 124 -30.87 4.55 -5.18
N ALA Y 125 -29.61 4.97 -5.16
CA ALA Y 125 -28.74 4.76 -6.32
C ALA Y 125 -28.50 3.28 -6.55
N VAL Y 126 -28.29 2.52 -5.48
CA VAL Y 126 -28.06 1.08 -5.63
C VAL Y 126 -29.29 0.40 -6.21
N ALA Y 127 -30.48 0.85 -5.81
CA ALA Y 127 -31.71 0.26 -6.33
C ALA Y 127 -31.85 0.50 -7.83
N GLU Y 128 -31.54 1.72 -8.29
CA GLU Y 128 -31.61 2.01 -9.71
C GLU Y 128 -30.55 1.22 -10.47
N GLY Y 129 -29.38 1.04 -9.87
CA GLY Y 129 -28.36 0.19 -10.48
C GLY Y 129 -28.83 -1.24 -10.64
N VAL Y 130 -29.56 -1.76 -9.65
CA VAL Y 130 -30.10 -3.11 -9.76
C VAL Y 130 -31.17 -3.16 -10.85
N ARG Y 131 -31.99 -2.12 -10.95
CA ARG Y 131 -33.04 -2.09 -11.96
C ARG Y 131 -32.46 -2.08 -13.37
N ALA Y 132 -31.36 -1.36 -13.57
CA ALA Y 132 -30.70 -1.38 -14.88
C ALA Y 132 -30.20 -2.79 -15.20
N MET Y 133 -29.69 -3.50 -14.19
CA MET Y 133 -29.30 -4.89 -14.38
C MET Y 133 -30.49 -5.75 -14.79
N LYS Y 134 -31.66 -5.48 -14.19
CA LYS Y 134 -32.88 -6.20 -14.58
C LYS Y 134 -33.21 -5.95 -16.04
N ASN Y 135 -33.11 -4.70 -16.48
CA ASN Y 135 -33.43 -4.37 -17.87
C ASN Y 135 -32.48 -5.07 -18.83
N VAL Y 136 -31.18 -5.05 -18.54
CA VAL Y 136 -30.21 -5.71 -19.40
C VAL Y 136 -30.43 -7.21 -19.42
N ALA Y 137 -30.76 -7.78 -18.25
CA ALA Y 137 -31.01 -9.22 -18.20
C ALA Y 137 -32.25 -9.62 -18.98
N THR Y 138 -33.33 -8.85 -18.84
CA THR Y 138 -34.56 -9.16 -19.55
C THR Y 138 -34.41 -8.93 -21.05
N SER Y 139 -33.44 -8.10 -21.46
CA SER Y 139 -33.13 -7.96 -22.87
C SER Y 139 -32.59 -9.24 -23.50
N LEU Y 140 -32.10 -10.20 -22.72
CA LEU Y 140 -31.46 -11.40 -23.24
C LEU Y 140 -32.29 -12.66 -23.01
N LEU Y 141 -33.57 -12.53 -22.72
CA LEU Y 141 -34.38 -13.70 -22.38
C LEU Y 141 -35.70 -13.65 -23.13
N SER Y 142 -36.27 -14.84 -23.34
CA SER Y 142 -37.62 -14.95 -23.85
C SER Y 142 -38.61 -14.43 -22.82
N GLY Y 143 -39.84 -14.19 -23.26
CA GLY Y 143 -40.86 -13.53 -22.45
C GLY Y 143 -41.19 -14.19 -21.13
N ASP Y 144 -41.42 -15.51 -21.15
CA ASP Y 144 -41.74 -16.21 -19.91
C ASP Y 144 -40.56 -16.22 -18.95
N ASP Y 145 -39.38 -16.59 -19.45
CA ASP Y 145 -38.18 -16.52 -18.63
C ASP Y 145 -37.86 -15.09 -18.23
N ALA Y 146 -38.17 -14.12 -19.09
CA ALA Y 146 -37.96 -12.73 -18.73
C ALA Y 146 -38.81 -12.33 -17.54
N ALA Y 147 -40.08 -12.72 -17.54
CA ALA Y 147 -40.95 -12.41 -16.40
C ALA Y 147 -40.49 -13.17 -15.16
N GLU Y 148 -40.03 -14.41 -15.34
CA GLU Y 148 -39.56 -15.20 -14.20
C GLU Y 148 -38.37 -14.56 -13.52
N ALA Y 149 -37.40 -14.06 -14.31
CA ALA Y 149 -36.27 -13.36 -13.72
C ALA Y 149 -36.68 -11.99 -13.18
N GLY Y 150 -37.61 -11.33 -13.87
CA GLY Y 150 -38.05 -10.02 -13.44
C GLY Y 150 -38.73 -10.06 -12.09
N PHE Y 151 -39.35 -11.18 -11.74
CA PHE Y 151 -39.92 -11.32 -10.40
C PHE Y 151 -38.84 -11.16 -9.32
N TYR Y 152 -37.70 -11.84 -9.49
CA TYR Y 152 -36.65 -11.74 -8.49
C TYR Y 152 -36.00 -10.37 -8.51
N PHE Y 153 -35.87 -9.78 -9.69
CA PHE Y 153 -35.29 -8.43 -9.77
C PHE Y 153 -36.18 -7.41 -9.07
N ASP Y 154 -37.50 -7.51 -9.25
CA ASP Y 154 -38.41 -6.63 -8.52
C ASP Y 154 -38.39 -6.94 -7.03
N TYR Y 155 -38.15 -8.19 -6.64
CA TYR Y 155 -38.00 -8.46 -5.21
C TYR Y 155 -36.81 -7.72 -4.63
N LEU Y 156 -35.67 -7.76 -5.33
CA LEU Y 156 -34.48 -7.05 -4.85
C LEU Y 156 -34.74 -5.54 -4.80
N VAL Y 157 -35.40 -5.01 -5.82
CA VAL Y 157 -35.67 -3.57 -5.85
C VAL Y 157 -36.58 -3.17 -4.71
N GLY Y 158 -37.61 -3.97 -4.44
CA GLY Y 158 -38.49 -3.67 -3.32
C GLY Y 158 -37.79 -3.81 -1.98
N ALA Y 159 -36.94 -4.83 -1.83
CA ALA Y 159 -36.24 -5.04 -0.57
C ALA Y 159 -35.28 -3.90 -0.26
N MET Y 160 -34.56 -3.39 -1.27
CA MET Y 160 -33.70 -2.23 -1.08
C MET Y 160 -34.56 -0.97 -1.14
N GLN Y 161 -35.36 -0.78 -0.10
CA GLN Y 161 -36.32 0.30 -0.05
C GLN Y 161 -36.84 0.50 1.38
N MET Z 1 -30.96 -26.26 8.36
CA MET Z 1 -30.90 -27.45 7.53
C MET Z 1 -30.72 -27.11 6.06
N GLN Z 2 -30.32 -28.08 5.26
CA GLN Z 2 -30.12 -27.89 3.84
C GLN Z 2 -30.71 -29.05 3.06
N ASP Z 3 -31.09 -28.77 1.82
CA ASP Z 3 -31.44 -29.78 0.84
C ASP Z 3 -30.30 -29.84 -0.18
N ALA Z 4 -30.50 -30.61 -1.24
CA ALA Z 4 -29.47 -30.68 -2.28
C ALA Z 4 -29.26 -29.32 -2.94
N ILE Z 5 -30.34 -28.62 -3.26
CA ILE Z 5 -30.24 -27.37 -3.99
C ILE Z 5 -29.61 -26.29 -3.12
N THR Z 6 -30.09 -26.15 -1.88
CA THR Z 6 -29.51 -25.13 -1.00
C THR Z 6 -28.09 -25.51 -0.60
N ALA Z 7 -27.79 -26.80 -0.52
CA ALA Z 7 -26.42 -27.22 -0.23
C ALA Z 7 -25.48 -26.79 -1.35
N VAL Z 8 -25.88 -27.01 -2.60
CA VAL Z 8 -25.06 -26.57 -3.73
C VAL Z 8 -24.93 -25.05 -3.73
N ILE Z 9 -26.03 -24.35 -3.46
CA ILE Z 9 -26.02 -22.89 -3.49
C ILE Z 9 -25.09 -22.34 -2.43
N ASN Z 10 -25.15 -22.88 -1.21
CA ASN Z 10 -24.26 -22.41 -0.15
C ASN Z 10 -22.80 -22.79 -0.42
N ASN Z 11 -22.58 -23.99 -0.95
CA ASN Z 11 -21.21 -24.41 -1.25
C ASN Z 11 -20.58 -23.55 -2.33
N TYR Z 12 -21.38 -23.01 -3.24
CA TYR Z 12 -20.83 -22.10 -4.23
C TYR Z 12 -20.77 -20.66 -3.72
N ASP Z 13 -21.70 -20.28 -2.85
CA ASP Z 13 -21.68 -18.93 -2.29
C ASP Z 13 -20.46 -18.71 -1.42
N VAL Z 14 -20.07 -19.72 -0.63
CA VAL Z 14 -18.91 -19.55 0.25
C VAL Z 14 -17.64 -19.34 -0.55
N GLN Z 15 -17.55 -19.86 -1.77
CA GLN Z 15 -16.43 -19.59 -2.65
C GLN Z 15 -16.69 -18.43 -3.58
N GLY Z 16 -17.89 -17.86 -3.57
CA GLY Z 16 -18.17 -16.73 -4.45
C GLY Z 16 -18.19 -17.10 -5.91
N LYS Z 17 -18.80 -18.22 -6.25
CA LYS Z 17 -18.81 -18.72 -7.61
C LYS Z 17 -20.22 -18.72 -8.18
N TYR Z 18 -20.35 -18.30 -9.44
CA TYR Z 18 -21.56 -18.55 -10.19
C TYR Z 18 -21.72 -20.03 -10.49
N LEU Z 19 -22.96 -20.45 -10.66
CA LEU Z 19 -23.25 -21.86 -10.91
C LEU Z 19 -22.68 -22.28 -12.27
N ASP Z 20 -21.72 -23.19 -12.24
CA ASP Z 20 -21.03 -23.65 -13.43
C ASP Z 20 -21.62 -24.98 -13.89
N GLY Z 21 -20.93 -25.61 -14.84
CA GLY Z 21 -21.41 -26.87 -15.41
C GLY Z 21 -21.53 -27.98 -14.38
N ALA Z 22 -20.57 -28.07 -13.45
CA ALA Z 22 -20.63 -29.12 -12.44
C ALA Z 22 -21.82 -28.94 -11.49
N ALA Z 23 -22.05 -27.71 -11.03
CA ALA Z 23 -23.18 -27.45 -10.16
C ALA Z 23 -24.49 -27.68 -10.89
N LEU Z 24 -24.56 -27.28 -12.16
CA LEU Z 24 -25.77 -27.53 -12.94
C LEU Z 24 -26.00 -29.02 -13.13
N ASP Z 25 -24.93 -29.79 -13.33
CA ASP Z 25 -25.09 -31.23 -13.45
C ASP Z 25 -25.57 -31.85 -12.14
N LYS Z 26 -25.06 -31.35 -11.01
CA LYS Z 26 -25.52 -31.86 -9.72
C LYS Z 26 -27.01 -31.57 -9.51
N LEU Z 27 -27.42 -30.34 -9.83
CA LEU Z 27 -28.84 -29.98 -9.68
C LEU Z 27 -29.71 -30.79 -10.64
N LYS Z 28 -29.22 -31.03 -11.86
CA LYS Z 28 -29.96 -31.85 -12.81
C LYS Z 28 -30.11 -33.28 -12.31
N ALA Z 29 -29.04 -33.82 -11.72
CA ALA Z 29 -29.11 -35.17 -11.17
C ALA Z 29 -30.10 -35.25 -10.03
N TYR Z 30 -30.17 -34.22 -9.18
CA TYR Z 30 -31.20 -34.24 -8.15
C TYR Z 30 -32.60 -34.13 -8.75
N PHE Z 31 -32.78 -33.23 -9.72
CA PHE Z 31 -34.11 -32.99 -10.26
C PHE Z 31 -34.65 -34.19 -11.01
N THR Z 32 -33.76 -34.99 -11.61
CA THR Z 32 -34.21 -36.15 -12.38
C THR Z 32 -34.85 -37.21 -11.52
N THR Z 33 -34.58 -37.22 -10.21
CA THR Z 33 -35.18 -38.18 -9.30
C THR Z 33 -36.16 -37.54 -8.32
N GLY Z 34 -36.74 -36.39 -8.67
CA GLY Z 34 -37.63 -35.72 -7.76
C GLY Z 34 -38.91 -36.49 -7.52
N ALA Z 35 -39.52 -37.01 -8.58
CA ALA Z 35 -40.84 -37.62 -8.46
C ALA Z 35 -40.80 -38.91 -7.66
N VAL Z 36 -39.74 -39.70 -7.83
CA VAL Z 36 -39.61 -40.97 -7.11
C VAL Z 36 -39.53 -40.72 -5.62
N ARG Z 37 -38.82 -39.65 -5.22
CA ARG Z 37 -38.75 -39.30 -3.80
C ARG Z 37 -40.11 -38.96 -3.24
N VAL Z 38 -40.91 -38.20 -3.98
CA VAL Z 38 -42.23 -37.81 -3.52
C VAL Z 38 -43.13 -39.03 -3.39
N ARG Z 39 -43.06 -39.93 -4.38
CA ARG Z 39 -43.87 -41.15 -4.32
C ARG Z 39 -43.48 -42.02 -3.13
N ALA Z 40 -42.17 -42.20 -2.90
CA ALA Z 40 -41.73 -43.02 -1.77
C ALA Z 40 -42.12 -42.37 -0.44
N ALA Z 41 -42.02 -41.05 -0.34
CA ALA Z 41 -42.42 -40.37 0.87
C ALA Z 41 -43.92 -40.52 1.14
N ALA Z 42 -44.74 -40.43 0.09
CA ALA Z 42 -46.17 -40.64 0.27
C ALA Z 42 -46.47 -42.06 0.72
N VAL Z 43 -45.78 -43.04 0.13
CA VAL Z 43 -46.00 -44.44 0.53
C VAL Z 43 -45.61 -44.65 1.99
N ILE Z 44 -44.47 -44.08 2.40
CA ILE Z 44 -44.00 -44.25 3.78
C ILE Z 44 -44.96 -43.57 4.75
N SER Z 45 -45.45 -42.38 4.40
CA SER Z 45 -46.40 -41.69 5.26
C SER Z 45 -47.70 -42.49 5.39
N SER Z 46 -48.17 -43.06 4.29
CA SER Z 46 -49.37 -43.88 4.36
C SER Z 46 -49.17 -45.17 5.13
N ASN Z 47 -47.97 -45.75 5.11
CA ASN Z 47 -47.70 -47.01 5.78
C ASN Z 47 -46.86 -46.86 7.03
N ALA Z 48 -46.86 -45.69 7.68
CA ALA Z 48 -46.00 -45.40 8.81
C ALA Z 48 -46.15 -46.37 9.98
N THR Z 49 -47.39 -46.59 10.44
CA THR Z 49 -47.58 -47.42 11.64
C THR Z 49 -47.23 -48.88 11.38
N THR Z 50 -47.52 -49.37 10.18
CA THR Z 50 -47.20 -50.76 9.86
C THR Z 50 -45.68 -50.99 9.80
N ILE Z 51 -44.93 -50.00 9.31
CA ILE Z 51 -43.49 -50.14 9.27
C ILE Z 51 -42.94 -50.28 10.70
N ILE Z 52 -43.43 -49.45 11.61
CA ILE Z 52 -43.01 -49.54 13.01
C ILE Z 52 -43.41 -50.89 13.61
N LYS Z 53 -44.62 -51.36 13.28
CA LYS Z 53 -45.12 -52.60 13.88
C LYS Z 53 -44.28 -53.80 13.46
N GLU Z 54 -44.08 -53.98 12.15
CA GLU Z 54 -43.24 -55.07 11.69
C GLU Z 54 -41.78 -54.92 12.11
N ALA Z 55 -41.25 -53.70 12.15
CA ALA Z 55 -39.87 -53.52 12.60
C ALA Z 55 -39.71 -53.92 14.06
N ALA Z 56 -40.64 -53.49 14.91
CA ALA Z 56 -40.59 -53.86 16.33
C ALA Z 56 -40.76 -55.36 16.50
N ALA Z 57 -41.69 -55.97 15.76
CA ALA Z 57 -41.87 -57.41 15.86
C ALA Z 57 -40.62 -58.16 15.42
N LYS Z 58 -39.95 -57.69 14.38
CA LYS Z 58 -38.76 -58.36 13.87
C LYS Z 58 -37.53 -58.16 14.74
N ALA Z 59 -37.43 -57.03 15.44
CA ALA Z 59 -36.18 -56.70 16.12
C ALA Z 59 -36.24 -56.62 17.63
N LEU Z 60 -37.34 -56.17 18.22
CA LEU Z 60 -37.30 -55.81 19.65
C LEU Z 60 -38.11 -56.76 20.53
N ILE Z 61 -39.40 -56.92 20.25
CA ILE Z 61 -40.30 -57.64 21.14
C ILE Z 61 -39.99 -59.14 21.10
N TYR Z 62 -40.63 -59.89 22.00
CA TYR Z 62 -40.39 -61.32 22.17
C TYR Z 62 -38.95 -61.58 22.60
N SER Z 63 -38.45 -60.75 23.50
CA SER Z 63 -37.07 -60.89 23.97
C SER Z 63 -36.99 -60.28 25.37
N ASP Z 64 -35.76 -60.18 25.89
CA ASP Z 64 -35.56 -59.69 27.25
C ASP Z 64 -35.80 -58.20 27.35
N LEU Z 65 -35.84 -57.49 26.22
CA LEU Z 65 -36.10 -56.06 26.25
C LEU Z 65 -37.48 -55.75 26.79
N THR Z 66 -38.49 -56.52 26.38
CA THR Z 66 -39.86 -56.33 26.83
C THR Z 66 -40.13 -56.97 28.19
N ARG Z 67 -39.26 -57.86 28.64
CA ARG Z 67 -39.40 -58.49 29.94
C ARG Z 67 -38.94 -57.54 31.04
N PRO Z 68 -39.29 -57.82 32.29
CA PRO Z 68 -38.77 -57.01 33.40
C PRO Z 68 -37.25 -57.04 33.44
N GLY Z 69 -36.67 -55.89 33.73
CA GLY Z 69 -35.25 -55.67 33.59
C GLY Z 69 -34.83 -55.18 32.23
N GLY Z 70 -35.70 -55.26 31.23
CA GLY Z 70 -35.41 -54.75 29.90
C GLY Z 70 -35.67 -53.26 29.83
N MEN Z 71 -35.06 -52.59 28.87
CA MEN Z 71 -35.16 -51.16 28.77
C MEN Z 71 -36.54 -50.72 28.32
O MEN Z 71 -37.03 -49.63 28.62
CB MEN Z 71 -34.16 -50.53 27.79
CG MEN Z 71 -34.10 -49.04 28.09
OD1 MEN Z 71 -34.36 -48.20 27.19
ND2 MEN Z 71 -33.75 -48.66 29.37
CE2 MEN Z 71 -33.66 -47.29 29.79
N MET Z 72 -37.20 -51.58 27.56
CA MET Z 72 -38.51 -51.24 27.04
C MET Z 72 -39.60 -51.97 27.81
N TYR Z 73 -39.29 -52.38 29.03
CA TYR Z 73 -40.29 -52.94 29.93
C TYR Z 73 -41.21 -51.83 30.41
N THR Z 74 -42.47 -52.19 30.66
CA THR Z 74 -43.55 -51.29 31.10
C THR Z 74 -44.11 -50.47 29.95
N THR Z 75 -45.37 -50.06 30.09
CA THR Z 75 -46.07 -49.35 29.03
C THR Z 75 -45.42 -48.04 28.68
N ARG Z 76 -44.92 -47.30 29.69
CA ARG Z 76 -44.26 -46.03 29.43
C ARG Z 76 -43.04 -46.20 28.56
N ARG Z 77 -42.20 -47.19 28.89
CA ARG Z 77 -40.99 -47.40 28.10
C ARG Z 77 -41.32 -47.96 26.71
N TYR Z 78 -42.35 -48.79 26.60
CA TYR Z 78 -42.77 -49.26 25.28
C TYR Z 78 -43.23 -48.09 24.41
N ALA Z 79 -44.04 -47.20 24.98
CA ALA Z 79 -44.50 -46.03 24.24
C ALA Z 79 -43.34 -45.12 23.86
N ALA Z 80 -42.38 -44.94 24.77
CA ALA Z 80 -41.21 -44.12 24.46
C ALA Z 80 -40.39 -44.73 23.33
N CYS Z 81 -40.20 -46.05 23.35
CA CYS Z 81 -39.43 -46.70 22.29
C CYS Z 81 -40.13 -46.57 20.95
N ILE Z 82 -41.45 -46.79 20.91
CA ILE Z 82 -42.13 -46.65 19.63
C ILE Z 82 -42.17 -45.20 19.16
N ARG Z 83 -42.23 -44.22 20.08
CA ARG Z 83 -42.20 -42.82 19.68
C ARG Z 83 -40.85 -42.46 19.08
N ASP Z 84 -39.77 -42.95 19.69
CA ASP Z 84 -38.43 -42.77 19.12
C ASP Z 84 -38.34 -43.43 17.75
N MET Z 85 -38.92 -44.61 17.63
CA MET Z 85 -38.85 -45.37 16.39
C MET Z 85 -39.54 -44.58 15.29
N ASP Z 86 -40.68 -43.98 15.63
CA ASP Z 86 -41.41 -43.13 14.70
C ASP Z 86 -40.65 -41.85 14.37
N TYR Z 87 -39.93 -41.30 15.35
CA TYR Z 87 -39.08 -40.14 15.09
C TYR Z 87 -38.04 -40.45 14.03
N PHE Z 88 -37.42 -41.63 14.15
CA PHE Z 88 -36.43 -42.06 13.17
C PHE Z 88 -37.07 -42.20 11.80
N LEU Z 89 -38.26 -42.78 11.73
CA LEU Z 89 -38.95 -42.94 10.45
C LEU Z 89 -39.26 -41.58 9.81
N ARG Z 90 -39.80 -40.65 10.60
CA ARG Z 90 -40.20 -39.36 10.05
C ARG Z 90 -38.99 -38.55 9.58
N TYR Z 91 -37.91 -38.56 10.37
CA TYR Z 91 -36.75 -37.79 9.95
C TYR Z 91 -36.02 -38.46 8.79
N ALA Z 92 -36.10 -39.79 8.68
CA ALA Z 92 -35.57 -40.44 7.49
C ALA Z 92 -36.37 -40.04 6.26
N THR Z 93 -37.69 -39.91 6.40
CA THR Z 93 -38.51 -39.43 5.29
C THR Z 93 -38.12 -38.00 4.90
N TYR Z 94 -37.89 -37.14 5.90
CA TYR Z 94 -37.45 -35.77 5.61
C TYR Z 94 -36.12 -35.77 4.88
N ALA Z 95 -35.18 -36.61 5.32
CA ALA Z 95 -33.87 -36.67 4.69
C ALA Z 95 -33.99 -37.17 3.25
N MET Z 96 -34.84 -38.16 3.01
CA MET Z 96 -34.97 -38.68 1.65
C MET Z 96 -35.66 -37.67 0.74
N LEU Z 97 -36.56 -36.85 1.29
CA LEU Z 97 -37.18 -35.81 0.49
C LEU Z 97 -36.18 -34.71 0.16
N ALA Z 98 -35.39 -34.28 1.14
CA ALA Z 98 -34.47 -33.17 0.92
C ALA Z 98 -33.20 -33.59 0.20
N GLY Z 99 -32.92 -34.89 0.12
CA GLY Z 99 -31.69 -35.35 -0.49
C GLY Z 99 -30.45 -34.93 0.26
N ASP Z 100 -30.50 -34.88 1.59
CA ASP Z 100 -29.36 -34.43 2.36
C ASP Z 100 -29.51 -34.79 3.83
N PRO Z 101 -28.46 -35.37 4.44
CA PRO Z 101 -28.54 -35.73 5.87
C PRO Z 101 -28.27 -34.57 6.82
N SER Z 102 -28.30 -33.33 6.32
CA SER Z 102 -28.04 -32.18 7.19
C SER Z 102 -29.10 -32.06 8.27
N ILE Z 103 -30.37 -32.32 7.92
CA ILE Z 103 -31.43 -32.27 8.92
C ILE Z 103 -31.26 -33.36 9.96
N LEU Z 104 -30.81 -34.55 9.54
CA LEU Z 104 -30.55 -35.62 10.49
C LEU Z 104 -29.45 -35.27 11.46
N ASP Z 105 -28.36 -34.67 10.97
CA ASP Z 105 -27.30 -34.24 11.87
C ASP Z 105 -27.76 -33.10 12.78
N GLU Z 106 -28.56 -32.19 12.24
CA GLU Z 106 -28.91 -30.97 12.98
C GLU Z 106 -29.93 -31.25 14.08
N ARG Z 107 -30.95 -32.05 13.79
CA ARG Z 107 -32.09 -32.15 14.69
C ARG Z 107 -32.27 -33.53 15.33
N VAL Z 108 -31.44 -34.51 14.98
CA VAL Z 108 -31.62 -35.85 15.54
C VAL Z 108 -30.35 -36.33 16.22
N LEU Z 109 -29.26 -36.37 15.47
CA LEU Z 109 -28.07 -37.07 15.96
C LEU Z 109 -27.31 -36.29 17.02
N ASN Z 110 -27.47 -34.98 17.10
CA ASN Z 110 -26.69 -34.22 18.07
C ASN Z 110 -27.20 -34.52 19.48
N GLY Z 111 -26.28 -34.91 20.36
CA GLY Z 111 -26.64 -35.25 21.73
C GLY Z 111 -27.36 -36.57 21.92
N LEU Z 112 -27.66 -37.28 20.84
CA LEU Z 112 -28.46 -38.49 20.97
C LEU Z 112 -27.67 -39.62 21.63
N LYS Z 113 -26.39 -39.76 21.26
CA LYS Z 113 -25.55 -40.81 21.82
C LYS Z 113 -25.41 -40.66 23.33
N GLU Z 114 -25.05 -39.46 23.77
CA GLU Z 114 -24.85 -39.26 25.20
C GLU Z 114 -26.19 -39.20 25.94
N THR Z 115 -27.27 -38.81 25.27
CA THR Z 115 -28.59 -38.90 25.88
C THR Z 115 -28.98 -40.35 26.14
N TYR Z 116 -28.77 -41.22 25.16
CA TYR Z 116 -29.07 -42.63 25.36
C TYR Z 116 -28.14 -43.24 26.40
N ASN Z 117 -26.89 -42.77 26.45
CA ASN Z 117 -25.98 -43.24 27.50
C ASN Z 117 -26.48 -42.82 28.88
N SER Z 118 -27.00 -41.61 29.01
CA SER Z 118 -27.55 -41.16 30.27
C SER Z 118 -28.79 -41.95 30.67
N LEU Z 119 -29.66 -42.26 29.71
CA LEU Z 119 -30.92 -42.91 30.03
C LEU Z 119 -30.82 -44.43 30.10
N GLY Z 120 -29.75 -45.02 29.59
CA GLY Z 120 -29.58 -46.46 29.62
C GLY Z 120 -30.18 -47.20 28.44
N VAL Z 121 -30.61 -46.51 27.40
CA VAL Z 121 -31.22 -47.14 26.23
C VAL Z 121 -30.18 -47.98 25.49
N PRO Z 122 -30.56 -49.15 24.96
CA PRO Z 122 -29.60 -49.96 24.20
C PRO Z 122 -29.37 -49.45 22.79
N ILE Z 123 -28.17 -48.95 22.52
CA ILE Z 123 -27.86 -48.38 21.22
C ILE Z 123 -27.86 -49.47 20.15
N ALA Z 124 -27.39 -50.67 20.50
CA ALA Z 124 -27.42 -51.78 19.56
C ALA Z 124 -28.85 -52.15 19.18
N ALA Z 125 -29.75 -52.18 20.16
CA ALA Z 125 -31.16 -52.44 19.88
C ALA Z 125 -31.76 -51.34 18.99
N THR Z 126 -31.39 -50.08 19.24
CA THR Z 126 -31.90 -49.00 18.40
C THR Z 126 -31.41 -49.15 16.97
N VAL Z 127 -30.14 -49.51 16.79
CA VAL Z 127 -29.61 -49.72 15.44
C VAL Z 127 -30.33 -50.89 14.77
N GLY Z 128 -30.62 -51.95 15.53
CA GLY Z 128 -31.38 -53.06 14.99
C GLY Z 128 -32.77 -52.65 14.52
N GLY Z 129 -33.47 -51.84 15.31
CA GLY Z 129 -34.77 -51.36 14.90
C GLY Z 129 -34.72 -50.45 13.68
N ILE Z 130 -33.68 -49.61 13.59
CA ILE Z 130 -33.53 -48.75 12.43
C ILE Z 130 -33.28 -49.58 11.17
N GLN Z 131 -32.42 -50.59 11.27
CA GLN Z 131 -32.24 -51.50 10.15
C GLN Z 131 -33.51 -52.27 9.83
N ALA Z 132 -34.34 -52.54 10.84
CA ALA Z 132 -35.62 -53.20 10.59
C ALA Z 132 -36.52 -52.35 9.71
N MET Z 133 -36.68 -51.06 10.05
CA MET Z 133 -37.43 -50.19 9.15
C MET Z 133 -36.75 -50.03 7.81
N LYS Z 134 -35.41 -50.14 7.76
CA LYS Z 134 -34.74 -50.05 6.46
C LYS Z 134 -35.17 -51.19 5.55
N GLU Z 135 -35.19 -52.41 6.08
CA GLU Z 135 -35.66 -53.55 5.31
C GLU Z 135 -37.13 -53.41 4.93
N VAL Z 136 -37.96 -52.97 5.88
CA VAL Z 136 -39.38 -52.87 5.61
C VAL Z 136 -39.67 -51.81 4.55
N VAL Z 137 -39.00 -50.66 4.66
CA VAL Z 137 -39.22 -49.57 3.70
C VAL Z 137 -38.69 -49.97 2.33
N GLY Z 138 -37.57 -50.69 2.30
CA GLY Z 138 -37.09 -51.22 1.02
C GLY Z 138 -38.09 -52.18 0.40
N GLY Z 139 -38.75 -53.00 1.22
CA GLY Z 139 -39.79 -53.86 0.68
C GLY Z 139 -40.98 -53.08 0.17
N LEU Z 140 -41.34 -51.99 0.85
CA LEU Z 140 -42.55 -51.25 0.48
C LEU Z 140 -42.33 -50.40 -0.76
N VAL Z 141 -41.29 -49.56 -0.77
CA VAL Z 141 -41.14 -48.55 -1.81
C VAL Z 141 -40.84 -49.15 -3.18
N GLY Z 142 -40.06 -50.22 -3.25
CA GLY Z 142 -39.73 -50.83 -4.52
C GLY Z 142 -38.34 -50.50 -4.99
N PRO Z 143 -37.97 -50.99 -6.18
CA PRO Z 143 -36.63 -50.77 -6.72
C PRO Z 143 -36.26 -49.30 -6.92
N ASP Z 144 -37.27 -48.47 -7.20
CA ASP Z 144 -37.01 -47.09 -7.61
C ASP Z 144 -36.31 -46.27 -6.53
N ALA Z 145 -36.84 -46.28 -5.32
CA ALA Z 145 -36.30 -45.47 -4.24
C ALA Z 145 -35.75 -46.28 -3.08
N ALA Z 146 -35.53 -47.58 -3.26
CA ALA Z 146 -35.07 -48.42 -2.16
C ALA Z 146 -33.70 -48.00 -1.66
N LYS Z 147 -32.73 -47.88 -2.57
CA LYS Z 147 -31.37 -47.54 -2.16
C LYS Z 147 -31.30 -46.11 -1.61
N GLU Z 148 -32.06 -45.19 -2.20
CA GLU Z 148 -32.01 -43.81 -1.74
C GLU Z 148 -32.63 -43.67 -0.36
N ALA Z 149 -33.70 -44.42 -0.09
CA ALA Z 149 -34.23 -44.47 1.26
C ALA Z 149 -33.24 -45.13 2.21
N SER Z 150 -32.54 -46.16 1.71
CA SER Z 150 -31.67 -46.94 2.57
C SER Z 150 -30.45 -46.15 3.02
N ILE Z 151 -29.98 -45.22 2.19
CA ILE Z 151 -28.75 -44.49 2.53
C ILE Z 151 -28.94 -43.65 3.79
N TYR Z 152 -30.12 -43.06 3.97
CA TYR Z 152 -30.34 -42.24 5.16
C TYR Z 152 -30.56 -43.08 6.41
N PHE Z 153 -31.20 -44.24 6.30
CA PHE Z 153 -31.26 -45.15 7.43
C PHE Z 153 -29.88 -45.62 7.83
N ASP Z 154 -29.02 -45.91 6.85
CA ASP Z 154 -27.64 -46.24 7.14
C ASP Z 154 -26.91 -45.07 7.79
N TYR Z 155 -27.21 -43.84 7.37
CA TYR Z 155 -26.63 -42.66 8.00
C TYR Z 155 -27.00 -42.58 9.46
N LEU Z 156 -28.29 -42.77 9.78
CA LEU Z 156 -28.73 -42.75 11.17
C LEU Z 156 -28.08 -43.85 11.99
N SER Z 157 -28.02 -45.07 11.43
CA SER Z 157 -27.41 -46.18 12.14
C SER Z 157 -25.93 -45.94 12.40
N SER Z 158 -25.19 -45.44 11.42
CA SER Z 158 -23.79 -45.11 11.60
C SER Z 158 -23.57 -43.96 12.57
N GLY Z 159 -24.47 -42.98 12.59
CA GLY Z 159 -24.36 -41.91 13.56
C GLY Z 159 -24.57 -42.39 14.98
N LEU Z 160 -25.57 -43.22 15.20
CA LEU Z 160 -25.78 -43.79 16.54
C LEU Z 160 -24.64 -44.71 16.94
N SER Z 161 -24.15 -45.53 16.02
CA SER Z 161 -23.07 -46.46 16.31
C SER Z 161 -21.72 -45.76 16.26
N SER AA 2 10.11 -64.00 58.22
CA SER AA 2 9.36 -64.20 59.45
C SER AA 2 8.70 -62.90 59.90
N VAL AA 3 7.91 -62.99 60.96
CA VAL AA 3 7.31 -61.79 61.54
C VAL AA 3 8.40 -60.86 62.04
N LEU AA 4 9.44 -61.41 62.65
CA LEU AA 4 10.57 -60.61 63.12
C LEU AA 4 11.24 -59.89 61.95
N THR AA 5 11.48 -60.62 60.86
CA THR AA 5 12.12 -60.02 59.69
C THR AA 5 11.27 -58.92 59.10
N LYS AA 6 9.96 -59.15 59.00
CA LYS AA 6 9.06 -58.15 58.42
C LYS AA 6 9.00 -56.90 59.28
N ALA AA 7 8.85 -57.06 60.60
CA ALA AA 7 8.78 -55.92 61.50
C ALA AA 7 10.09 -55.14 61.51
N ILE AA 8 11.21 -55.85 61.55
CA ILE AA 8 12.51 -55.19 61.56
C ILE AA 8 12.74 -54.45 60.25
N VAL AA 9 12.35 -55.06 59.13
CA VAL AA 9 12.54 -54.42 57.83
C VAL AA 9 11.71 -53.16 57.72
N ASN AA 10 10.46 -53.22 58.18
CA ASN AA 10 9.62 -52.03 58.14
C ASN AA 10 10.16 -50.92 59.04
N ALA AA 11 10.55 -51.27 60.27
CA ALA AA 11 11.06 -50.26 61.19
C ALA AA 11 12.37 -49.66 60.68
N ASP AA 12 13.22 -50.48 60.07
CA ASP AA 12 14.48 -49.99 59.53
C ASP AA 12 14.25 -49.11 58.32
N ALA AA 13 13.29 -49.46 57.46
CA ALA AA 13 12.98 -48.63 56.32
C ALA AA 13 12.43 -47.28 56.75
N GLU AA 14 11.61 -47.26 57.81
CA GLU AA 14 11.10 -46.01 58.34
C GLU AA 14 12.13 -45.27 59.19
N ALA AA 15 13.21 -45.94 59.59
CA ALA AA 15 14.23 -45.35 60.46
C ALA AA 15 13.65 -44.94 61.80
N ARG AA 16 13.17 -45.93 62.54
CA ARG AA 16 12.60 -45.71 63.87
C ARG AA 16 12.71 -46.99 64.68
N TYR AA 17 12.51 -46.86 65.99
CA TYR AA 17 12.43 -48.03 66.85
C TYR AA 17 11.10 -48.74 66.65
N LEU AA 18 11.03 -49.98 67.12
CA LEU AA 18 9.84 -50.80 66.92
C LEU AA 18 8.64 -50.20 67.63
N SER AA 19 7.48 -50.34 67.00
CA SER AA 19 6.23 -49.81 67.53
C SER AA 19 5.60 -50.79 68.50
N PRO AA 20 4.68 -50.30 69.35
CA PRO AA 20 3.95 -51.21 70.26
C PRO AA 20 3.19 -52.31 69.54
N GLY AA 21 2.61 -52.03 68.38
CA GLY AA 21 1.91 -53.08 67.65
C GLY AA 21 2.84 -54.17 67.17
N GLU AA 22 4.01 -53.78 66.66
CA GLU AA 22 5.00 -54.76 66.23
C GLU AA 22 5.53 -55.56 67.41
N LEU AA 23 5.74 -54.90 68.55
CA LEU AA 23 6.17 -55.62 69.74
C LEU AA 23 5.12 -56.63 70.20
N ASP AA 24 3.84 -56.23 70.15
CA ASP AA 24 2.77 -57.14 70.51
C ASP AA 24 2.71 -58.33 69.57
N ARG AA 25 2.88 -58.10 68.27
CA ARG AA 25 2.85 -59.22 67.33
C ARG AA 25 4.06 -60.13 67.52
N ILE AA 26 5.22 -59.57 67.87
CA ILE AA 26 6.38 -60.41 68.17
C ILE AA 26 6.11 -61.27 69.39
N LYS AA 27 5.50 -60.69 70.43
CA LYS AA 27 5.16 -61.47 71.62
C LYS AA 27 4.17 -62.58 71.30
N SER AA 28 3.16 -62.28 70.48
CA SER AA 28 2.19 -63.29 70.09
C SER AA 28 2.86 -64.41 69.30
N PHE AA 29 3.80 -64.06 68.41
CA PHE AA 29 4.51 -65.08 67.63
C PHE AA 29 5.35 -65.97 68.53
N VAL AA 30 6.07 -65.36 69.48
CA VAL AA 30 6.91 -66.17 70.36
C VAL AA 30 6.05 -67.04 71.28
N ALA AA 31 4.87 -66.57 71.65
CA ALA AA 31 3.96 -67.41 72.42
C ALA AA 31 3.43 -68.57 71.60
N SER AA 32 3.07 -68.34 70.34
CA SER AA 32 2.49 -69.38 69.49
C SER AA 32 3.54 -70.27 68.84
N GLY AA 33 4.83 -69.99 69.06
CA GLY AA 33 5.89 -70.80 68.50
C GLY AA 33 5.86 -72.27 68.84
N GLU AA 34 5.48 -72.63 70.07
CA GLU AA 34 5.42 -74.04 70.44
C GLU AA 34 4.35 -74.77 69.66
N ARG AA 35 3.15 -74.17 69.54
CA ARG AA 35 2.09 -74.77 68.74
C ARG AA 35 2.50 -74.85 67.28
N ARG AA 36 3.22 -73.83 66.80
CA ARG AA 36 3.70 -73.84 65.42
C ARG AA 36 4.66 -74.98 65.18
N LEU AA 37 5.60 -75.21 66.11
CA LEU AA 37 6.56 -76.29 65.92
C LEU AA 37 5.89 -77.65 66.06
N ARG AA 38 4.87 -77.76 66.91
CA ARG AA 38 4.11 -79.01 66.97
C ARG AA 38 3.42 -79.30 65.65
N ILE AA 39 2.81 -78.28 65.05
CA ILE AA 39 2.15 -78.46 63.75
C ILE AA 39 3.16 -78.85 62.68
N ALA AA 40 4.32 -78.18 62.68
CA ALA AA 40 5.37 -78.50 61.71
C ALA AA 40 5.88 -79.92 61.88
N GLN AA 41 6.06 -80.35 63.12
CA GLN AA 41 6.49 -81.73 63.38
C GLN AA 41 5.46 -82.73 62.87
N THR AA 42 4.17 -82.44 63.10
CA THR AA 42 3.11 -83.32 62.63
C THR AA 42 3.12 -83.44 61.10
N LEU AA 43 3.22 -82.29 60.41
CA LEU AA 43 3.23 -82.34 58.95
C LEU AA 43 4.47 -83.02 58.41
N THR AA 44 5.63 -82.78 59.03
CA THR AA 44 6.86 -83.44 58.61
C THR AA 44 6.76 -84.95 58.78
N GLU AA 45 6.14 -85.40 59.88
CA GLU AA 45 5.93 -86.82 60.07
C GLU AA 45 4.97 -87.40 59.03
N ALA AA 46 3.91 -86.67 58.70
CA ALA AA 46 2.89 -87.15 57.76
C ALA AA 46 3.11 -86.62 56.35
N ARG AA 47 4.37 -86.32 55.99
CA ARG AA 47 4.66 -85.79 54.66
C ARG AA 47 4.34 -86.78 53.56
N GLU AA 48 4.61 -88.08 53.77
CA GLU AA 48 4.46 -89.04 52.68
C GLU AA 48 2.99 -89.31 52.37
N ARG AA 49 2.18 -89.51 53.41
CA ARG AA 49 0.76 -89.76 53.20
C ARG AA 49 0.07 -88.55 52.59
N ILE AA 50 0.46 -87.35 53.02
CA ILE AA 50 -0.11 -86.13 52.46
C ILE AA 50 0.21 -86.03 50.97
N VAL AA 51 1.46 -86.32 50.60
CA VAL AA 51 1.86 -86.27 49.21
C VAL AA 51 1.11 -87.30 48.38
N LYS AA 52 0.97 -88.53 48.90
CA LYS AA 52 0.27 -89.56 48.15
C LYS AA 52 -1.21 -89.24 47.96
N GLN AA 53 -1.89 -88.84 49.03
CA GLN AA 53 -3.32 -88.54 48.90
C GLN AA 53 -3.55 -87.31 48.04
N ALA AA 54 -2.66 -86.31 48.10
CA ALA AA 54 -2.76 -85.16 47.21
C ALA AA 54 -2.58 -85.59 45.77
N GLY AA 55 -1.63 -86.51 45.51
CA GLY AA 55 -1.43 -86.98 44.15
C GLY AA 55 -2.63 -87.72 43.60
N ASP AA 56 -3.22 -88.61 44.38
CA ASP AA 56 -4.42 -89.31 43.93
C ASP AA 56 -5.59 -88.36 43.73
N GLN AA 57 -5.79 -87.41 44.64
CA GLN AA 57 -6.90 -86.46 44.46
C GLN AA 57 -6.69 -85.61 43.22
N LEU AA 58 -5.46 -85.15 42.98
CA LEU AA 58 -5.17 -84.36 41.80
C LEU AA 58 -5.40 -85.18 40.52
N PHE AA 59 -5.00 -86.45 40.53
CA PHE AA 59 -5.19 -87.27 39.34
C PHE AA 59 -6.65 -87.59 39.09
N GLN AA 60 -7.44 -87.82 40.13
CA GLN AA 60 -8.88 -88.01 39.91
C GLN AA 60 -9.54 -86.75 39.40
N ILE AA 61 -9.12 -85.58 39.91
CA ILE AA 61 -9.72 -84.34 39.44
C ILE AA 61 -9.32 -84.04 38.00
N ARG AA 62 -8.05 -84.27 37.66
CA ARG AA 62 -7.51 -83.90 36.35
C ARG AA 62 -6.79 -85.09 35.73
N PRO AA 63 -7.55 -86.06 35.21
CA PRO AA 63 -6.91 -87.19 34.54
C PRO AA 63 -6.17 -86.82 33.26
N ASP AA 64 -6.48 -85.68 32.67
CA ASP AA 64 -5.86 -85.29 31.40
C ASP AA 64 -4.37 -85.01 31.57
N VAL AA 65 -3.95 -84.61 32.77
CA VAL AA 65 -2.55 -84.27 32.99
C VAL AA 65 -1.67 -85.51 32.85
N VAL AA 66 -2.22 -86.67 33.16
CA VAL AA 66 -1.47 -87.92 33.04
C VAL AA 66 -1.77 -88.56 31.70
N SER AA 67 -2.59 -87.89 30.90
CA SER AA 67 -2.96 -88.36 29.57
C SER AA 67 -1.80 -88.07 28.64
N PRO AA 68 -1.78 -88.70 27.45
CA PRO AA 68 -0.68 -88.52 26.49
C PRO AA 68 -0.37 -87.06 26.15
N GLY AA 69 -1.39 -86.23 26.03
CA GLY AA 69 -1.18 -84.82 25.79
C GLY AA 69 -1.09 -84.01 27.06
N GLY AA 70 -0.56 -84.62 28.12
CA GLY AA 70 -0.43 -83.97 29.41
C GLY AA 70 1.03 -83.81 29.81
N ASN AA 71 1.29 -82.76 30.60
CA ASN AA 71 2.65 -82.53 31.07
C ASN AA 71 3.12 -83.63 32.00
N ALA AA 72 2.20 -84.24 32.77
CA ALA AA 72 2.53 -85.28 33.72
C ALA AA 72 2.28 -86.68 33.18
N TYR AA 73 2.46 -86.88 31.87
CA TYR AA 73 2.31 -88.20 31.28
C TYR AA 73 3.63 -88.95 31.43
N GLY AA 74 3.57 -90.15 31.98
CA GLY AA 74 4.75 -90.94 32.24
C GLY AA 74 5.03 -91.10 33.72
N GLU AA 75 5.67 -92.21 34.05
CA GLU AA 75 5.94 -92.53 35.45
C GLU AA 75 6.90 -91.51 36.07
N LYS AA 76 7.96 -91.14 35.36
CA LYS AA 76 8.90 -90.16 35.89
C LYS AA 76 8.35 -88.74 35.84
N MET AA 77 7.51 -88.43 34.86
CA MET AA 77 6.78 -87.17 34.89
C MET AA 77 5.88 -87.05 36.10
N THR AA 78 5.20 -88.13 36.49
CA THR AA 78 4.41 -88.11 37.72
C THR AA 78 5.30 -88.05 38.95
N ALA AA 79 6.45 -88.72 38.91
CA ALA AA 79 7.38 -88.68 40.04
C ALA AA 79 7.90 -87.27 40.27
N LEU AA 80 8.21 -86.54 39.20
CA LEU AA 80 8.68 -85.17 39.33
C LEU AA 80 7.60 -84.27 39.89
N CYS AA 81 6.35 -84.46 39.46
CA CYS AA 81 5.24 -83.68 40.00
C CYS AA 81 5.06 -83.96 41.50
N LEU AA 82 5.16 -85.23 41.89
CA LEU AA 82 5.11 -85.56 43.32
C LEU AA 82 6.27 -84.94 44.09
N ARG AA 83 7.46 -84.90 43.48
CA ARG AA 83 8.60 -84.29 44.15
C ARG AA 83 8.40 -82.79 44.34
N ASP AA 84 7.86 -82.11 43.32
CA ASP AA 84 7.50 -80.70 43.49
C ASP AA 84 6.46 -80.52 44.58
N LEU AA 85 5.52 -81.47 44.67
CA LEU AA 85 4.53 -81.42 45.73
C LEU AA 85 5.19 -81.52 47.10
N ASP AA 86 6.16 -82.42 47.23
CA ASP AA 86 6.94 -82.53 48.47
C ASP AA 86 7.69 -81.24 48.76
N TYR AA 87 8.24 -80.60 47.72
CA TYR AA 87 8.94 -79.33 47.89
C TYR AA 87 8.01 -78.27 48.45
N TYR AA 88 6.82 -78.15 47.89
CA TYR AA 88 5.89 -77.12 48.36
C TYR AA 88 5.37 -77.45 49.76
N LEU AA 89 5.23 -78.74 50.08
CA LEU AA 89 4.86 -79.09 51.46
C LEU AA 89 5.95 -78.66 52.43
N ARG AA 90 7.22 -78.87 52.05
CA ARG AA 90 8.34 -78.43 52.87
C ARG AA 90 8.33 -76.91 53.05
N LEU AA 91 8.03 -76.19 51.98
CA LEU AA 91 7.93 -74.73 52.06
C LEU AA 91 6.78 -74.32 52.97
N VAL AA 92 5.68 -75.09 52.96
CA VAL AA 92 4.57 -74.80 53.87
C VAL AA 92 5.00 -74.97 55.32
N THR AA 93 5.77 -76.02 55.62
CA THR AA 93 6.28 -76.17 56.98
C THR AA 93 7.22 -75.03 57.35
N TYR AA 94 8.07 -74.60 56.40
CA TYR AA 94 8.97 -73.48 56.65
C TYR AA 94 8.19 -72.21 56.98
N GLY AA 95 7.14 -71.94 56.22
CA GLY AA 95 6.32 -70.76 56.50
C GLY AA 95 5.60 -70.85 57.83
N ILE AA 96 5.12 -72.05 58.16
CA ILE AA 96 4.42 -72.24 59.43
C ILE AA 96 5.37 -72.00 60.60
N VAL AA 97 6.58 -72.52 60.51
CA VAL AA 97 7.54 -72.30 61.60
C VAL AA 97 7.99 -70.85 61.65
N ALA AA 98 8.14 -70.19 60.51
CA ALA AA 98 8.64 -68.82 60.49
C ALA AA 98 7.58 -67.80 60.87
N GLY AA 99 6.30 -68.16 60.79
CA GLY AA 99 5.27 -67.23 61.17
C GLY AA 99 4.85 -66.27 60.07
N ASP AA 100 5.51 -66.29 58.93
CA ASP AA 100 5.11 -65.48 57.78
C ASP AA 100 5.65 -66.15 56.52
N VAL AA 101 5.44 -65.50 55.38
CA VAL AA 101 5.64 -66.15 54.08
C VAL AA 101 6.91 -65.72 53.37
N THR AA 102 7.84 -65.08 54.07
CA THR AA 102 9.07 -64.57 53.45
C THR AA 102 9.93 -65.67 52.82
N PRO AA 103 10.27 -66.75 53.55
CA PRO AA 103 11.05 -67.81 52.91
C PRO AA 103 10.32 -68.49 51.76
N ILE AA 104 9.00 -68.66 51.88
CA ILE AA 104 8.23 -69.24 50.78
C ILE AA 104 8.31 -68.35 49.55
N GLU AA 105 8.23 -67.03 49.76
CA GLU AA 105 8.36 -66.09 48.64
C GLU AA 105 9.75 -66.17 48.02
N GLU AA 106 10.79 -66.22 48.85
CA GLU AA 106 12.14 -66.20 48.31
C GLU AA 106 12.50 -67.53 47.66
N ILE AA 107 11.75 -68.59 47.95
CA ILE AA 107 12.10 -69.89 47.39
C ILE AA 107 11.23 -70.29 46.20
N GLY AA 108 9.91 -70.17 46.30
CA GLY AA 108 9.09 -70.88 45.34
C GLY AA 108 7.87 -70.23 44.71
N ILE AA 109 7.66 -68.93 44.89
CA ILE AA 109 6.59 -68.22 44.20
C ILE AA 109 7.11 -67.16 43.24
N ILE AA 110 8.22 -66.52 43.57
CA ILE AA 110 8.81 -65.57 42.63
C ILE AA 110 9.51 -66.35 41.53
N GLY AA 111 9.11 -66.10 40.28
CA GLY AA 111 9.65 -66.82 39.15
C GLY AA 111 8.98 -68.16 38.89
N VAL AA 112 7.94 -68.52 39.65
CA VAL AA 112 7.26 -69.79 39.42
C VAL AA 112 6.30 -69.70 38.24
N LYS AA 113 5.80 -68.51 37.92
CA LYS AA 113 5.03 -68.36 36.69
C LYS AA 113 5.93 -68.62 35.49
N GLU AA 114 7.15 -68.09 35.51
CA GLU AA 114 8.13 -68.42 34.49
C GLU AA 114 8.55 -69.88 34.57
N MET AA 115 8.62 -70.43 35.79
CA MET AA 115 8.84 -71.86 36.05
C MET AA 115 7.97 -72.70 35.15
N TYR AA 116 6.66 -72.52 35.30
CA TYR AA 116 5.73 -73.44 34.68
C TYR AA 116 5.37 -73.01 33.27
N ASN AA 117 5.67 -71.76 32.91
CA ASN AA 117 5.51 -71.35 31.52
C ASN AA 117 6.66 -71.88 30.66
N SER AA 118 7.89 -71.86 31.19
CA SER AA 118 8.99 -72.46 30.46
C SER AA 118 8.86 -73.98 30.41
N LEU AA 119 8.37 -74.58 31.49
CA LEU AA 119 8.21 -76.03 31.46
C LEU AA 119 6.87 -76.47 30.88
N GLN AA 120 6.00 -75.54 30.51
CA GLN AA 120 4.68 -75.86 29.96
C GLN AA 120 3.85 -76.68 30.95
N THR AA 121 3.89 -76.32 32.22
CA THR AA 121 3.15 -77.07 33.23
C THR AA 121 1.88 -76.32 33.63
N PRO AA 122 0.76 -77.01 33.81
CA PRO AA 122 -0.48 -76.32 34.19
C PRO AA 122 -0.46 -75.77 35.61
N ILE AA 123 -0.36 -74.44 35.70
CA ILE AA 123 -0.41 -73.78 37.01
C ILE AA 123 -1.72 -74.04 37.75
N PRO AA 124 -2.90 -73.96 37.11
CA PRO AA 124 -4.12 -74.38 37.81
C PRO AA 124 -4.09 -75.82 38.30
N ALA AA 125 -3.50 -76.74 37.54
CA ALA AA 125 -3.31 -78.09 38.03
C ALA AA 125 -2.42 -78.17 39.26
N VAL AA 126 -1.33 -77.41 39.28
CA VAL AA 126 -0.49 -77.36 40.47
C VAL AA 126 -1.25 -76.80 41.65
N ALA AA 127 -2.08 -75.78 41.42
CA ALA AA 127 -2.89 -75.22 42.49
C ALA AA 127 -3.88 -76.24 43.03
N GLU AA 128 -4.48 -77.03 42.14
CA GLU AA 128 -5.40 -78.07 42.58
C GLU AA 128 -4.67 -79.13 43.41
N GLY AA 129 -3.46 -79.50 42.99
CA GLY AA 129 -2.66 -80.42 43.79
C GLY AA 129 -2.34 -79.87 45.17
N VAL AA 130 -2.02 -78.58 45.25
CA VAL AA 130 -1.75 -77.97 46.55
C VAL AA 130 -3.00 -77.95 47.40
N ARG AA 131 -4.17 -77.74 46.79
CA ARG AA 131 -5.42 -77.78 47.54
C ARG AA 131 -5.70 -79.18 48.08
N ALA AA 132 -5.41 -80.21 47.28
CA ALA AA 132 -5.55 -81.58 47.77
C ALA AA 132 -4.59 -81.83 48.94
N MET AA 133 -3.38 -81.29 48.86
CA MET AA 133 -2.46 -81.34 49.98
C MET AA 133 -3.06 -80.67 51.22
N LYS AA 134 -3.71 -79.53 51.02
CA LYS AA 134 -4.33 -78.82 52.13
C LYS AA 134 -5.41 -79.66 52.78
N ASN AA 135 -6.22 -80.33 51.97
CA ASN AA 135 -7.25 -81.22 52.51
C ASN AA 135 -6.63 -82.37 53.31
N VAL AA 136 -5.58 -82.99 52.76
CA VAL AA 136 -4.95 -84.12 53.44
C VAL AA 136 -4.33 -83.68 54.76
N ALA AA 137 -3.63 -82.55 54.75
CA ALA AA 137 -3.00 -82.06 55.98
C ALA AA 137 -4.04 -81.64 57.01
N THR AA 138 -5.11 -80.99 56.55
CA THR AA 138 -6.18 -80.57 57.46
C THR AA 138 -6.88 -81.77 58.07
N SER AA 139 -6.89 -82.91 57.37
CA SER AA 139 -7.42 -84.14 57.94
C SER AA 139 -6.57 -84.70 59.08
N LEU AA 140 -5.33 -84.23 59.25
CA LEU AA 140 -4.42 -84.76 60.24
C LEU AA 140 -4.10 -83.76 61.36
N LEU AA 141 -4.96 -82.77 61.57
CA LEU AA 141 -4.73 -81.78 62.61
C LEU AA 141 -6.03 -81.41 63.29
N SER AA 142 -5.91 -80.90 64.52
CA SER AA 142 -7.06 -80.33 65.21
C SER AA 142 -7.49 -79.05 64.51
N GLY AA 143 -8.68 -78.57 64.88
CA GLY AA 143 -9.32 -77.45 64.19
C GLY AA 143 -8.52 -76.17 64.14
N ASP AA 144 -7.97 -75.74 65.26
CA ASP AA 144 -7.18 -74.52 65.28
C ASP AA 144 -5.90 -74.67 64.47
N ASP AA 145 -5.16 -75.75 64.70
CA ASP AA 145 -3.96 -76.01 63.92
C ASP AA 145 -4.29 -76.28 62.46
N ALA AA 146 -5.43 -76.91 62.19
CA ALA AA 146 -5.84 -77.13 60.81
C ALA AA 146 -6.08 -75.80 60.09
N ALA AA 147 -6.76 -74.86 60.75
CA ALA AA 147 -6.97 -73.55 60.16
C ALA AA 147 -5.64 -72.81 59.99
N GLU AA 148 -4.74 -72.96 60.97
CA GLU AA 148 -3.45 -72.28 60.89
C GLU AA 148 -2.62 -72.76 59.71
N ALA AA 149 -2.60 -74.07 59.46
CA ALA AA 149 -1.90 -74.58 58.29
C ALA AA 149 -2.66 -74.25 57.01
N GLY AA 150 -4.00 -74.24 57.08
CA GLY AA 150 -4.78 -73.92 55.91
C GLY AA 150 -4.58 -72.50 55.43
N PHE AA 151 -4.24 -71.58 56.34
CA PHE AA 151 -3.90 -70.23 55.92
C PHE AA 151 -2.69 -70.22 54.99
N TYR AA 152 -1.64 -70.96 55.35
CA TYR AA 152 -0.45 -71.02 54.49
C TYR AA 152 -0.72 -71.77 53.20
N PHE AA 153 -1.50 -72.85 53.25
CA PHE AA 153 -1.84 -73.57 52.03
C PHE AA 153 -2.66 -72.69 51.09
N ASP AA 154 -3.61 -71.94 51.65
CA ASP AA 154 -4.38 -70.97 50.87
C ASP AA 154 -3.47 -69.89 50.29
N TYR AA 155 -2.46 -69.45 51.03
CA TYR AA 155 -1.54 -68.47 50.50
C TYR AA 155 -0.78 -69.02 49.30
N LEU AA 156 -0.34 -70.28 49.39
CA LEU AA 156 0.34 -70.90 48.26
C LEU AA 156 -0.58 -71.00 47.05
N VAL AA 157 -1.85 -71.37 47.28
CA VAL AA 157 -2.81 -71.46 46.20
C VAL AA 157 -3.04 -70.10 45.56
N GLY AA 158 -3.14 -69.05 46.38
CA GLY AA 158 -3.32 -67.72 45.85
C GLY AA 158 -2.13 -67.23 45.06
N ALA AA 159 -0.92 -67.53 45.53
CA ALA AA 159 0.29 -67.18 44.78
C ALA AA 159 0.34 -67.92 43.45
N MET AA 160 -0.13 -69.18 43.43
CA MET AA 160 -0.26 -69.92 42.18
C MET AA 160 -1.55 -69.49 41.47
N GLN AA 161 -1.53 -68.25 40.98
CA GLN AA 161 -2.70 -67.66 40.34
C GLN AA 161 -2.31 -66.49 39.45
N MET BA 1 18.78 -59.38 55.20
CA MET BA 1 19.07 -59.74 56.58
C MET BA 1 18.33 -61.00 56.99
N GLN BA 2 18.83 -61.66 58.02
CA GLN BA 2 18.20 -62.87 58.54
C GLN BA 2 18.19 -62.83 60.07
N ASP BA 3 17.19 -63.46 60.65
CA ASP BA 3 17.13 -63.72 62.08
C ASP BA 3 17.61 -65.16 62.32
N ALA BA 4 17.47 -65.62 63.57
CA ALA BA 4 17.84 -67.00 63.88
C ALA BA 4 16.95 -67.98 63.13
N ILE BA 5 15.65 -67.71 63.09
CA ILE BA 5 14.71 -68.60 62.42
C ILE BA 5 15.02 -68.68 60.93
N THR BA 6 15.23 -67.52 60.29
CA THR BA 6 15.54 -67.51 58.87
C THR BA 6 16.90 -68.11 58.57
N ALA BA 7 17.88 -67.94 59.45
CA ALA BA 7 19.18 -68.57 59.24
C ALA BA 7 19.07 -70.08 59.29
N VAL BA 8 18.33 -70.60 60.26
CA VAL BA 8 18.10 -72.05 60.33
C VAL BA 8 17.34 -72.53 59.09
N ILE BA 9 16.35 -71.74 58.66
CA ILE BA 9 15.51 -72.13 57.54
C ILE BA 9 16.33 -72.19 56.26
N ASN BA 10 17.21 -71.21 56.04
CA ASN BA 10 18.00 -71.25 54.80
C ASN BA 10 19.11 -72.28 54.88
N ASN BA 11 19.67 -72.51 56.07
CA ASN BA 11 20.65 -73.58 56.22
C ASN BA 11 20.04 -74.94 55.95
N TYR BA 12 18.75 -75.10 56.20
CA TYR BA 12 18.07 -76.33 55.80
C TYR BA 12 17.62 -76.29 54.34
N ASP BA 13 17.34 -75.09 53.82
CA ASP BA 13 16.95 -74.94 52.43
C ASP BA 13 18.08 -75.36 51.49
N VAL BA 14 19.31 -74.99 51.85
CA VAL BA 14 20.45 -75.31 51.00
C VAL BA 14 20.64 -76.82 50.85
N GLN BA 15 20.24 -77.60 51.85
CA GLN BA 15 20.28 -79.05 51.76
C GLN BA 15 18.94 -79.65 51.34
N GLY BA 16 17.89 -78.85 51.25
CA GLY BA 16 16.58 -79.40 50.90
C GLY BA 16 16.06 -80.35 51.95
N LYS BA 17 16.25 -80.01 53.22
CA LYS BA 17 15.94 -80.90 54.33
C LYS BA 17 14.75 -80.39 55.11
N TYR BA 18 13.83 -81.28 55.44
CA TYR BA 18 12.77 -80.96 56.39
C TYR BA 18 13.38 -80.63 57.74
N LEU BA 19 12.67 -79.79 58.50
CA LEU BA 19 13.14 -79.44 59.84
C LEU BA 19 13.15 -80.68 60.73
N ASP BA 20 14.27 -80.90 61.40
CA ASP BA 20 14.48 -82.06 62.25
C ASP BA 20 14.62 -81.61 63.71
N GLY BA 21 15.01 -82.55 64.56
CA GLY BA 21 15.10 -82.28 65.99
C GLY BA 21 16.10 -81.19 66.33
N ALA BA 22 17.23 -81.15 65.62
CA ALA BA 22 18.24 -80.13 65.90
C ALA BA 22 17.72 -78.73 65.56
N ALA BA 23 17.08 -78.59 64.40
CA ALA BA 23 16.52 -77.30 64.01
C ALA BA 23 15.40 -76.89 64.97
N LEU BA 24 14.57 -77.86 65.36
CA LEU BA 24 13.51 -77.57 66.33
C LEU BA 24 14.09 -77.13 67.68
N ASP BA 25 15.19 -77.75 68.10
CA ASP BA 25 15.86 -77.35 69.33
C ASP BA 25 16.39 -75.93 69.22
N LYS BA 26 17.01 -75.59 68.09
CA LYS BA 26 17.53 -74.24 67.91
C LYS BA 26 16.40 -73.21 67.93
N LEU BA 27 15.28 -73.53 67.27
CA LEU BA 27 14.14 -72.63 67.26
C LEU BA 27 13.56 -72.47 68.66
N LYS BA 28 13.51 -73.57 69.43
CA LYS BA 28 13.02 -73.48 70.80
C LYS BA 28 13.95 -72.63 71.66
N ALA BA 29 15.26 -72.78 71.45
CA ALA BA 29 16.23 -71.95 72.17
C ALA BA 29 16.03 -70.48 71.85
N TYR BA 30 15.70 -70.17 70.59
CA TYR BA 30 15.36 -68.79 70.29
C TYR BA 30 14.07 -68.36 70.98
N PHE BA 31 13.05 -69.23 70.94
CA PHE BA 31 11.71 -68.83 71.35
C PHE BA 31 11.62 -68.60 72.85
N THR BA 32 12.35 -69.39 73.64
CA THR BA 32 12.27 -69.26 75.09
C THR BA 32 12.81 -67.92 75.59
N THR BA 33 13.61 -67.22 74.80
CA THR BA 33 14.14 -65.91 75.17
C THR BA 33 13.46 -64.77 74.42
N GLY BA 34 12.25 -64.99 73.90
CA GLY BA 34 11.63 -63.98 73.06
C GLY BA 34 11.24 -62.72 73.80
N ALA BA 35 10.58 -62.88 74.95
CA ALA BA 35 10.04 -61.72 75.66
C ALA BA 35 11.15 -60.85 76.25
N VAL BA 36 12.27 -61.47 76.61
CA VAL BA 36 13.39 -60.72 77.18
C VAL BA 36 13.94 -59.72 76.18
N ARG BA 37 14.08 -60.16 74.92
CA ARG BA 37 14.50 -59.26 73.84
C ARG BA 37 13.54 -58.09 73.72
N VAL BA 38 12.23 -58.38 73.83
CA VAL BA 38 11.22 -57.33 73.63
C VAL BA 38 11.29 -56.30 74.76
N ARG BA 39 11.39 -56.75 76.01
CA ARG BA 39 11.44 -55.78 77.10
C ARG BA 39 12.73 -54.97 77.07
N ALA BA 40 13.86 -55.63 76.74
CA ALA BA 40 15.12 -54.89 76.68
C ALA BA 40 15.10 -53.87 75.55
N ALA BA 41 14.52 -54.24 74.40
CA ALA BA 41 14.42 -53.30 73.29
C ALA BA 41 13.52 -52.12 73.63
N ALA BA 42 12.41 -52.37 74.32
CA ALA BA 42 11.54 -51.28 74.75
C ALA BA 42 12.27 -50.35 75.71
N VAL BA 43 13.05 -50.90 76.63
CA VAL BA 43 13.81 -50.06 77.57
C VAL BA 43 14.83 -49.22 76.82
N ILE BA 44 15.52 -49.83 75.84
CA ILE BA 44 16.53 -49.10 75.09
C ILE BA 44 15.90 -47.97 74.29
N SER BA 45 14.75 -48.24 73.66
CA SER BA 45 14.05 -47.21 72.91
C SER BA 45 13.59 -46.09 73.81
N SER BA 46 13.13 -46.42 75.02
CA SER BA 46 12.76 -45.40 75.98
C SER BA 46 13.94 -44.53 76.41
N ASN BA 47 15.11 -45.12 76.62
CA ASN BA 47 16.25 -44.39 77.16
C ASN BA 47 17.36 -44.15 76.14
N ALA BA 48 17.04 -44.07 74.85
CA ALA BA 48 18.03 -43.91 73.80
C ALA BA 48 18.90 -42.67 73.95
N THR BA 49 18.29 -41.51 74.20
CA THR BA 49 19.08 -40.28 74.29
C THR BA 49 19.95 -40.26 75.53
N THR BA 50 19.43 -40.76 76.66
CA THR BA 50 20.21 -40.80 77.89
C THR BA 50 21.41 -41.71 77.76
N ILE BA 51 21.25 -42.86 77.11
CA ILE BA 51 22.36 -43.77 76.88
C ILE BA 51 23.46 -43.09 76.07
N ILE BA 52 23.06 -42.38 75.01
CA ILE BA 52 24.04 -41.70 74.17
C ILE BA 52 24.76 -40.62 74.95
N LYS BA 53 24.01 -39.84 75.75
CA LYS BA 53 24.63 -38.78 76.54
C LYS BA 53 25.63 -39.34 77.55
N GLU BA 54 25.25 -40.39 78.27
CA GLU BA 54 26.15 -40.94 79.27
C GLU BA 54 27.37 -41.59 78.63
N ALA BA 55 27.18 -42.30 77.51
CA ALA BA 55 28.33 -42.90 76.83
C ALA BA 55 29.28 -41.83 76.31
N ALA BA 56 28.73 -40.74 75.77
CA ALA BA 56 29.59 -39.65 75.32
C ALA BA 56 30.34 -39.02 76.50
N ALA BA 57 29.64 -38.84 77.63
CA ALA BA 57 30.28 -38.24 78.80
C ALA BA 57 31.40 -39.11 79.34
N LYS BA 58 31.26 -40.44 79.25
CA LYS BA 58 32.30 -41.31 79.78
C LYS BA 58 33.43 -41.57 78.80
N ALA BA 59 33.18 -41.53 77.49
CA ALA BA 59 34.18 -41.98 76.53
C ALA BA 59 34.72 -40.91 75.59
N LEU BA 60 33.95 -39.86 75.29
CA LEU BA 60 34.36 -38.96 74.21
C LEU BA 60 34.70 -37.57 74.71
N ILE BA 61 33.75 -36.91 75.37
CA ILE BA 61 33.89 -35.49 75.71
C ILE BA 61 34.86 -35.31 76.87
N TYR BA 62 35.21 -34.05 77.14
CA TYR BA 62 36.24 -33.70 78.13
C TYR BA 62 37.59 -34.30 77.76
N SER BA 63 37.96 -34.18 76.50
CA SER BA 63 39.24 -34.70 76.02
C SER BA 63 39.69 -33.89 74.82
N ASP BA 64 40.76 -34.36 74.18
CA ASP BA 64 41.29 -33.65 73.02
C ASP BA 64 40.40 -33.84 71.80
N LEU BA 65 39.51 -34.83 71.83
CA LEU BA 65 38.59 -35.03 70.71
C LEU BA 65 37.67 -33.82 70.55
N THR BA 66 37.17 -33.29 71.66
CA THR BA 66 36.24 -32.17 71.65
C THR BA 66 36.93 -30.82 71.58
N ARG BA 67 38.24 -30.79 71.68
CA ARG BA 67 39.02 -29.57 71.61
C ARG BA 67 39.45 -29.30 70.18
N PRO BA 68 40.03 -28.13 69.91
CA PRO BA 68 40.56 -27.86 68.57
C PRO BA 68 41.62 -28.86 68.15
N GLY BA 69 41.57 -29.27 66.89
CA GLY BA 69 42.40 -30.34 66.40
C GLY BA 69 41.82 -31.73 66.56
N GLY BA 70 40.73 -31.86 67.31
CA GLY BA 70 40.09 -33.15 67.51
C GLY BA 70 39.10 -33.47 66.41
N MEN BA 71 38.76 -34.74 66.29
CA MEN BA 71 37.84 -35.18 65.27
C MEN BA 71 36.41 -34.95 65.72
O MEN BA 71 35.43 -35.00 64.97
CB MEN BA 71 37.98 -36.66 64.89
CG MEN BA 71 37.41 -36.87 63.50
OD1 MEN BA 71 36.22 -37.23 63.35
ND2 MEN BA 71 38.24 -36.65 62.43
CE2 MEN BA 71 37.84 -36.80 61.06
N MET BA 72 36.27 -34.68 67.01
CA MET BA 72 34.98 -34.39 67.61
C MET BA 72 34.72 -32.88 67.66
N TYR BA 73 35.74 -32.10 67.34
CA TYR BA 73 35.65 -30.64 67.41
C TYR BA 73 34.68 -30.13 66.35
N THR BA 74 34.03 -29.00 66.65
CA THR BA 74 33.04 -28.32 65.82
C THR BA 74 31.69 -29.02 65.87
N THR BA 75 30.62 -28.22 65.76
CA THR BA 75 29.28 -28.74 65.90
C THR BA 75 28.94 -29.75 64.81
N ARG BA 76 29.44 -29.55 63.59
CA ARG BA 76 29.18 -30.48 62.51
C ARG BA 76 29.75 -31.86 62.83
N ARG BA 77 31.01 -31.91 63.25
CA ARG BA 77 31.64 -33.18 63.57
C ARG BA 77 31.00 -33.83 64.79
N TYR BA 78 30.61 -33.03 65.79
CA TYR BA 78 29.92 -33.60 66.93
C TYR BA 78 28.56 -34.17 66.54
N ALA BA 79 27.85 -33.49 65.63
CA ALA BA 79 26.59 -34.02 65.11
C ALA BA 79 26.81 -35.34 64.40
N ALA BA 80 27.86 -35.41 63.60
CA ALA BA 80 28.16 -36.66 62.89
C ALA BA 80 28.47 -37.78 63.87
N CYS BA 81 29.23 -37.49 64.92
CA CYS BA 81 29.57 -38.52 65.89
C CYS BA 81 28.33 -38.99 66.64
N ILE BA 82 27.49 -38.08 67.10
CA ILE BA 82 26.30 -38.51 67.84
C ILE BA 82 25.28 -39.19 66.94
N ARG BA 83 25.15 -38.77 65.68
CA ARG BA 83 24.28 -39.48 64.76
C ARG BA 83 24.79 -40.89 64.50
N ASP BA 84 26.11 -41.05 64.41
CA ASP BA 84 26.69 -42.38 64.29
C ASP BA 84 26.38 -43.22 65.52
N MET BA 85 26.48 -42.62 66.71
CA MET BA 85 26.18 -43.34 67.95
C MET BA 85 24.72 -43.79 67.99
N ASP BA 86 23.81 -42.91 67.55
CA ASP BA 86 22.40 -43.28 67.50
C ASP BA 86 22.18 -44.41 66.50
N TYR BA 87 22.88 -44.37 65.36
CA TYR BA 87 22.80 -45.45 64.40
C TYR BA 87 23.25 -46.77 65.03
N PHE BA 88 24.35 -46.73 65.78
CA PHE BA 88 24.87 -47.92 66.42
C PHE BA 88 23.87 -48.46 67.44
N LEU BA 89 23.25 -47.56 68.20
CA LEU BA 89 22.26 -47.98 69.20
C LEU BA 89 21.05 -48.64 68.55
N ARG BA 90 20.49 -48.00 67.52
CA ARG BA 90 19.29 -48.54 66.88
C ARG BA 90 19.59 -49.85 66.18
N TYR BA 91 20.74 -49.97 65.53
CA TYR BA 91 21.04 -51.21 64.83
C TYR BA 91 21.44 -52.32 65.80
N ALA BA 92 22.03 -51.96 66.94
CA ALA BA 92 22.25 -52.96 67.97
C ALA BA 92 20.93 -53.49 68.51
N THR BA 93 19.96 -52.60 68.69
CA THR BA 93 18.63 -53.04 69.10
C THR BA 93 18.00 -53.96 68.05
N TYR BA 94 18.14 -53.61 66.77
CA TYR BA 94 17.60 -54.47 65.70
C TYR BA 94 18.27 -55.83 65.71
N ALA BA 95 19.60 -55.86 65.84
CA ALA BA 95 20.32 -57.13 65.84
C ALA BA 95 19.95 -57.99 67.04
N MET BA 96 19.80 -57.37 68.21
CA MET BA 96 19.46 -58.14 69.39
C MET BA 96 18.02 -58.62 69.35
N LEU BA 97 17.14 -57.88 68.67
CA LEU BA 97 15.78 -58.37 68.48
C LEU BA 97 15.75 -59.53 67.49
N ALA BA 98 16.53 -59.43 66.42
CA ALA BA 98 16.52 -60.49 65.40
C ALA BA 98 17.33 -61.70 65.83
N GLY BA 99 18.14 -61.58 66.87
CA GLY BA 99 18.99 -62.70 67.27
C GLY BA 99 20.01 -63.08 66.22
N ASP BA 100 20.59 -62.11 65.55
CA ASP BA 100 21.56 -62.38 64.48
C ASP BA 100 22.34 -61.12 64.14
N PRO BA 101 23.64 -61.24 63.90
CA PRO BA 101 24.44 -60.07 63.48
C PRO BA 101 24.36 -59.77 62.00
N SER BA 102 23.45 -60.43 61.27
CA SER BA 102 23.37 -60.23 59.83
C SER BA 102 22.99 -58.80 59.48
N ILE BA 103 22.04 -58.22 60.22
CA ILE BA 103 21.62 -56.86 59.94
C ILE BA 103 22.76 -55.87 60.22
N LEU BA 104 23.48 -56.06 61.33
CA LEU BA 104 24.62 -55.19 61.62
C LEU BA 104 25.70 -55.30 60.55
N ASP BA 105 25.99 -56.51 60.09
CA ASP BA 105 26.96 -56.67 59.02
C ASP BA 105 26.49 -56.00 57.73
N GLU BA 106 25.22 -56.20 57.38
CA GLU BA 106 24.73 -55.74 56.08
C GLU BA 106 24.60 -54.22 56.03
N ARG BA 107 23.97 -53.62 57.04
CA ARG BA 107 23.57 -52.23 56.94
C ARG BA 107 24.45 -51.25 57.69
N VAL BA 108 25.48 -51.73 58.40
CA VAL BA 108 26.35 -50.80 59.12
C VAL BA 108 27.81 -51.06 58.77
N LEU BA 109 28.27 -52.29 58.95
CA LEU BA 109 29.71 -52.56 58.93
C LEU BA 109 30.31 -52.51 57.53
N ASN BA 110 29.51 -52.70 56.48
CA ASN BA 110 30.07 -52.67 55.14
C ASN BA 110 30.53 -51.28 54.76
N GLY BA 111 31.84 -51.10 54.56
CA GLY BA 111 32.38 -49.83 54.15
C GLY BA 111 32.70 -48.86 55.26
N LEU BA 112 32.20 -49.12 56.48
CA LEU BA 112 32.38 -48.16 57.56
C LEU BA 112 33.84 -48.00 57.95
N LYS BA 113 34.60 -49.10 57.93
CA LYS BA 113 36.01 -49.06 58.31
C LYS BA 113 36.81 -48.13 57.39
N GLU BA 114 36.87 -48.46 56.10
CA GLU BA 114 37.64 -47.64 55.17
C GLU BA 114 37.04 -46.25 55.01
N THR BA 115 35.73 -46.10 55.22
CA THR BA 115 35.16 -44.77 55.25
C THR BA 115 35.73 -43.94 56.39
N TYR BA 116 35.85 -44.54 57.59
CA TYR BA 116 36.43 -43.83 58.71
C TYR BA 116 37.91 -43.54 58.48
N ASN BA 117 38.64 -44.48 57.87
CA ASN BA 117 40.05 -44.21 57.56
C ASN BA 117 40.18 -43.06 56.57
N SER BA 118 39.31 -43.02 55.56
CA SER BA 118 39.35 -41.92 54.59
C SER BA 118 39.02 -40.59 55.25
N LEU BA 119 38.01 -40.54 56.11
CA LEU BA 119 37.61 -39.29 56.73
C LEU BA 119 38.50 -38.86 57.87
N GLY BA 120 39.28 -39.78 58.45
CA GLY BA 120 40.10 -39.47 59.61
C GLY BA 120 39.44 -39.71 60.94
N VAL BA 121 38.35 -40.46 60.99
CA VAL BA 121 37.62 -40.72 62.23
C VAL BA 121 38.44 -41.65 63.11
N PRO BA 122 38.45 -41.44 64.43
CA PRO BA 122 39.20 -42.34 65.33
C PRO BA 122 38.47 -43.63 65.64
N ILE BA 123 38.98 -44.73 65.11
CA ILE BA 123 38.34 -46.04 65.31
C ILE BA 123 38.39 -46.44 66.78
N ALA BA 124 39.52 -46.15 67.45
CA ALA BA 124 39.65 -46.49 68.86
C ALA BA 124 38.63 -45.73 69.71
N ALA BA 125 38.47 -44.43 69.45
CA ALA BA 125 37.47 -43.66 70.17
C ALA BA 125 36.05 -44.16 69.88
N THR BA 126 35.77 -44.53 68.63
CA THR BA 126 34.46 -45.06 68.30
C THR BA 126 34.19 -46.37 69.05
N VAL BA 127 35.21 -47.23 69.13
CA VAL BA 127 35.05 -48.50 69.85
C VAL BA 127 34.83 -48.24 71.33
N GLY BA 128 35.55 -47.27 71.90
CA GLY BA 128 35.35 -46.92 73.29
C GLY BA 128 33.96 -46.40 73.57
N GLY BA 129 33.45 -45.53 72.69
CA GLY BA 129 32.08 -45.06 72.84
C GLY BA 129 31.06 -46.18 72.71
N ILE BA 130 31.28 -47.11 71.78
CA ILE BA 130 30.38 -48.24 71.63
C ILE BA 130 30.37 -49.10 72.89
N GLN BA 131 31.55 -49.33 73.47
CA GLN BA 131 31.63 -50.10 74.71
C GLN BA 131 30.96 -49.39 75.88
N ALA BA 132 31.11 -48.06 75.97
CA ALA BA 132 30.40 -47.32 77.02
C ALA BA 132 28.89 -47.42 76.84
N MET BA 133 28.42 -47.34 75.60
CA MET BA 133 26.99 -47.54 75.33
C MET BA 133 26.55 -48.94 75.72
N LYS BA 134 27.40 -49.93 75.45
CA LYS BA 134 27.10 -51.32 75.83
C LYS BA 134 26.97 -51.45 77.34
N GLU BA 135 27.86 -50.80 78.08
CA GLU BA 135 27.81 -50.89 79.53
C GLU BA 135 26.55 -50.21 80.07
N VAL BA 136 26.17 -49.07 79.48
CA VAL BA 136 24.96 -48.38 79.90
C VAL BA 136 23.73 -49.24 79.61
N VAL BA 137 23.71 -49.88 78.44
CA VAL BA 137 22.58 -50.73 78.06
C VAL BA 137 22.48 -51.92 79.00
N GLY BA 138 23.64 -52.52 79.33
CA GLY BA 138 23.64 -53.62 80.27
C GLY BA 138 23.17 -53.20 81.66
N GLY BA 139 23.53 -51.99 82.09
CA GLY BA 139 23.04 -51.51 83.36
C GLY BA 139 21.54 -51.30 83.34
N LEU BA 140 21.02 -50.74 82.25
CA LEU BA 140 19.59 -50.43 82.20
C LEU BA 140 18.73 -51.69 82.06
N VAL BA 141 19.11 -52.60 81.16
CA VAL BA 141 18.24 -53.72 80.84
C VAL BA 141 18.12 -54.72 81.99
N GLY BA 142 19.19 -54.96 82.74
CA GLY BA 142 19.15 -55.92 83.82
C GLY BA 142 19.84 -57.23 83.47
N PRO BA 143 19.87 -58.15 84.44
CA PRO BA 143 20.53 -59.44 84.22
C PRO BA 143 19.95 -60.26 83.08
N ASP BA 144 18.64 -60.11 82.83
CA ASP BA 144 17.94 -60.95 81.86
C ASP BA 144 18.48 -60.81 80.44
N ALA BA 145 18.81 -59.59 80.03
CA ALA BA 145 19.28 -59.34 78.68
C ALA BA 145 20.60 -58.58 78.60
N ALA BA 146 21.34 -58.47 79.71
CA ALA BA 146 22.58 -57.71 79.71
C ALA BA 146 23.61 -58.31 78.75
N LYS BA 147 23.95 -59.59 78.96
CA LYS BA 147 24.91 -60.25 78.09
C LYS BA 147 24.36 -60.38 76.68
N GLU BA 148 23.05 -60.59 76.59
CA GLU BA 148 22.38 -60.81 75.31
C GLU BA 148 22.47 -59.57 74.43
N ALA BA 149 22.38 -58.38 75.04
CA ALA BA 149 22.59 -57.15 74.29
C ALA BA 149 24.08 -56.89 74.09
N SER BA 150 24.91 -57.27 75.07
CA SER BA 150 26.33 -56.95 75.01
C SER BA 150 27.03 -57.71 73.89
N ILE BA 151 26.50 -58.88 73.50
CA ILE BA 151 27.14 -59.66 72.44
C ILE BA 151 27.13 -58.90 71.11
N TYR BA 152 26.04 -58.20 70.82
CA TYR BA 152 25.97 -57.44 69.56
C TYR BA 152 26.80 -56.16 69.59
N PHE BA 153 26.89 -55.50 70.75
CA PHE BA 153 27.83 -54.37 70.86
C PHE BA 153 29.26 -54.83 70.68
N ASP BA 154 29.60 -56.00 71.25
CA ASP BA 154 30.93 -56.56 71.01
C ASP BA 154 31.12 -56.91 69.54
N TYR BA 155 30.06 -57.38 68.87
CA TYR BA 155 30.14 -57.63 67.43
C TYR BA 155 30.45 -56.34 66.67
N LEU BA 156 29.79 -55.25 67.04
CA LEU BA 156 30.06 -53.96 66.39
C LEU BA 156 31.50 -53.51 66.63
N SER BA 157 31.96 -53.61 67.87
CA SER BA 157 33.32 -53.21 68.20
C SER BA 157 34.36 -54.06 67.48
N SER BA 158 34.16 -55.38 67.43
CA SER BA 158 35.07 -56.26 66.71
C SER BA 158 35.04 -56.04 65.21
N GLY BA 159 33.87 -55.71 64.64
CA GLY BA 159 33.83 -55.36 63.24
C GLY BA 159 34.57 -54.08 62.93
N LEU BA 160 34.41 -53.07 63.77
CA LEU BA 160 35.14 -51.82 63.59
C LEU BA 160 36.64 -52.01 63.76
N SER BA 161 37.06 -52.80 64.73
CA SER BA 161 38.49 -53.01 64.98
C SER BA 161 39.04 -54.16 64.13
N SER CA 2 34.57 -16.19 53.10
CA SER CA 2 34.88 -14.79 52.86
C SER CA 2 34.17 -14.29 51.61
N VAL CA 3 34.25 -12.98 51.39
CA VAL CA 3 33.65 -12.38 50.21
C VAL CA 3 34.30 -12.89 48.93
N LEU CA 4 35.63 -12.99 48.93
CA LEU CA 4 36.33 -13.58 47.79
C LEU CA 4 35.88 -15.02 47.57
N THR CA 5 35.68 -15.76 48.67
CA THR CA 5 35.31 -17.16 48.56
C THR CA 5 33.91 -17.32 47.95
N LYS CA 6 32.94 -16.52 48.41
CA LYS CA 6 31.59 -16.63 47.86
C LYS CA 6 31.51 -16.10 46.43
N ALA CA 7 32.25 -15.03 46.14
CA ALA CA 7 32.25 -14.52 44.78
C ALA CA 7 32.83 -15.53 43.81
N ILE CA 8 33.93 -16.19 44.20
CA ILE CA 8 34.49 -17.24 43.36
C ILE CA 8 33.54 -18.41 43.23
N VAL CA 9 32.85 -18.77 44.32
CA VAL CA 9 32.00 -19.96 44.25
C VAL CA 9 30.76 -19.71 43.40
N ASN CA 10 30.15 -18.52 43.50
CA ASN CA 10 28.97 -18.26 42.68
C ASN CA 10 29.35 -17.94 41.24
N ALA CA 11 30.60 -17.55 41.00
CA ALA CA 11 31.06 -17.46 39.61
C ALA CA 11 31.29 -18.85 39.03
N ASP CA 12 31.89 -19.75 39.81
CA ASP CA 12 32.15 -21.10 39.31
C ASP CA 12 30.87 -21.90 39.19
N ALA CA 13 29.82 -21.49 39.92
CA ALA CA 13 28.51 -22.10 39.73
C ALA CA 13 28.02 -21.90 38.30
N GLU CA 14 28.22 -20.70 37.75
CA GLU CA 14 27.85 -20.43 36.37
C GLU CA 14 28.96 -20.73 35.38
N ALA CA 15 30.16 -21.08 35.86
CA ALA CA 15 31.27 -21.48 34.99
C ALA CA 15 31.69 -20.34 34.06
N ARG CA 16 31.77 -19.13 34.62
CA ARG CA 16 32.12 -17.96 33.86
C ARG CA 16 33.04 -17.07 34.69
N TYR CA 17 33.71 -16.14 34.00
CA TYR CA 17 34.63 -15.23 34.67
C TYR CA 17 33.87 -14.22 35.50
N LEU CA 18 34.57 -13.55 36.42
CA LEU CA 18 33.90 -12.65 37.36
C LEU CA 18 33.34 -11.42 36.66
N SER CA 19 32.11 -11.08 37.03
CA SER CA 19 31.48 -9.87 36.53
C SER CA 19 32.13 -8.66 37.18
N PRO CA 20 32.02 -7.48 36.54
CA PRO CA 20 32.60 -6.26 37.14
C PRO CA 20 32.03 -5.91 38.51
N GLY CA 21 30.76 -6.23 38.77
CA GLY CA 21 30.18 -5.97 40.07
C GLY CA 21 30.85 -6.77 41.17
N GLU CA 22 31.12 -8.04 40.90
CA GLU CA 22 31.81 -8.87 41.88
C GLU CA 22 33.24 -8.39 42.09
N LEU CA 23 33.89 -7.91 41.02
CA LEU CA 23 35.21 -7.32 41.17
C LEU CA 23 35.17 -6.06 42.03
N ASP CA 24 34.15 -5.23 41.85
CA ASP CA 24 33.99 -4.04 42.70
C ASP CA 24 33.76 -4.43 44.15
N ARG CA 25 32.99 -5.49 44.38
CA ARG CA 25 32.83 -6.02 45.72
C ARG CA 25 34.18 -6.44 46.30
N ILE CA 26 35.03 -7.06 45.47
CA ILE CA 26 36.36 -7.45 45.92
C ILE CA 26 37.20 -6.23 46.29
N LYS CA 27 37.12 -5.17 45.48
CA LYS CA 27 37.88 -3.96 45.77
C LYS CA 27 37.43 -3.32 47.08
N SER CA 28 36.11 -3.23 47.29
CA SER CA 28 35.61 -2.67 48.54
C SER CA 28 36.01 -3.54 49.73
N PHE CA 29 35.99 -4.86 49.56
CA PHE CA 29 36.37 -5.75 50.65
C PHE CA 29 37.84 -5.60 51.00
N VAL CA 30 38.72 -5.51 50.00
CA VAL CA 30 40.14 -5.34 50.31
C VAL CA 30 40.40 -3.96 50.89
N ALA CA 31 39.58 -2.97 50.51
CA ALA CA 31 39.68 -1.66 51.14
C ALA CA 31 39.32 -1.71 52.62
N SER CA 32 38.25 -2.43 52.96
CA SER CA 32 37.75 -2.41 54.34
C SER CA 32 38.39 -3.50 55.19
N GLY CA 33 39.24 -4.34 54.58
CA GLY CA 33 39.87 -5.42 55.34
C GLY CA 33 40.74 -4.93 56.47
N GLU CA 34 41.43 -3.82 56.28
CA GLU CA 34 42.28 -3.27 57.34
C GLU CA 34 41.44 -2.83 58.53
N ARG CA 35 40.32 -2.15 58.27
CA ARG CA 35 39.44 -1.73 59.36
C ARG CA 35 38.84 -2.94 60.06
N ARG CA 36 38.48 -3.97 59.30
CA ARG CA 36 37.99 -5.21 59.91
C ARG CA 36 39.04 -5.82 60.82
N LEU CA 37 40.29 -5.86 60.37
CA LEU CA 37 41.38 -6.42 61.17
C LEU CA 37 41.59 -5.62 62.45
N ARG CA 38 41.53 -4.29 62.35
CA ARG CA 38 41.72 -3.47 63.53
C ARG CA 38 40.57 -3.65 64.53
N ILE CA 39 39.34 -3.75 64.05
CA ILE CA 39 38.21 -3.98 64.94
C ILE CA 39 38.33 -5.32 65.64
N ALA CA 40 38.72 -6.36 64.89
CA ALA CA 40 38.88 -7.67 65.48
C ALA CA 40 40.00 -7.69 66.52
N GLN CA 41 41.09 -6.99 66.25
CA GLN CA 41 42.17 -6.92 67.24
C GLN CA 41 41.72 -6.15 68.48
N THR CA 42 40.90 -5.12 68.30
CA THR CA 42 40.37 -4.38 69.44
C THR CA 42 39.50 -5.27 70.31
N LEU CA 43 38.64 -6.08 69.68
CA LEU CA 43 37.83 -7.01 70.46
C LEU CA 43 38.69 -8.09 71.11
N THR CA 44 39.74 -8.54 70.42
CA THR CA 44 40.60 -9.57 70.97
C THR CA 44 41.36 -9.08 72.19
N GLU CA 45 41.69 -7.79 72.21
CA GLU CA 45 42.45 -7.25 73.35
C GLU CA 45 41.65 -7.32 74.65
N ALA CA 46 40.34 -7.09 74.59
CA ALA CA 46 39.49 -7.10 75.77
C ALA CA 46 38.61 -8.34 75.86
N ARG CA 47 39.15 -9.51 75.50
CA ARG CA 47 38.32 -10.71 75.38
C ARG CA 47 37.82 -11.20 76.73
N GLU CA 48 38.64 -11.06 77.78
CA GLU CA 48 38.25 -11.63 79.07
C GLU CA 48 37.19 -10.78 79.77
N ARG CA 49 37.32 -9.46 79.66
CA ARG CA 49 36.35 -8.56 80.28
C ARG CA 49 34.97 -8.75 79.68
N ILE CA 50 34.90 -8.89 78.35
CA ILE CA 50 33.63 -9.10 77.67
C ILE CA 50 32.98 -10.38 78.16
N VAL CA 51 33.77 -11.46 78.24
CA VAL CA 51 33.24 -12.76 78.65
C VAL CA 51 32.72 -12.71 80.08
N LYS CA 52 33.51 -12.10 80.98
CA LYS CA 52 33.12 -12.04 82.39
C LYS CA 52 31.85 -11.23 82.58
N GLN CA 53 31.80 -10.02 82.01
CA GLN CA 53 30.63 -9.18 82.18
C GLN CA 53 29.40 -9.79 81.51
N ALA CA 54 29.57 -10.41 80.34
CA ALA CA 54 28.45 -11.05 79.67
C ALA CA 54 27.94 -12.24 80.47
N GLY CA 55 28.85 -12.99 81.11
CA GLY CA 55 28.41 -14.09 81.96
C GLY CA 55 27.64 -13.61 83.17
N ASP CA 56 28.10 -12.52 83.78
CA ASP CA 56 27.35 -11.94 84.90
C ASP CA 56 25.97 -11.48 84.45
N GLN CA 57 25.90 -10.83 83.28
CA GLN CA 57 24.62 -10.41 82.73
C GLN CA 57 23.70 -11.59 82.46
N LEU CA 58 24.25 -12.67 81.90
CA LEU CA 58 23.45 -13.85 81.59
C LEU CA 58 22.91 -14.50 82.85
N PHE CA 59 23.77 -14.63 83.88
CA PHE CA 59 23.30 -15.24 85.12
C PHE CA 59 22.29 -14.34 85.84
N GLN CA 60 22.40 -13.02 85.66
CA GLN CA 60 21.37 -12.12 86.18
C GLN CA 60 20.05 -12.34 85.47
N ILE CA 61 20.08 -12.36 84.13
CA ILE CA 61 18.85 -12.44 83.36
C ILE CA 61 18.18 -13.80 83.52
N ARG CA 62 18.96 -14.87 83.47
CA ARG CA 62 18.44 -16.24 83.53
C ARG CA 62 19.17 -16.97 84.64
N PRO CA 63 18.76 -16.79 85.89
CA PRO CA 63 19.37 -17.55 86.99
C PRO CA 63 18.85 -18.97 87.11
N ASP CA 64 17.95 -19.40 86.23
CA ASP CA 64 17.53 -20.79 86.22
C ASP CA 64 18.70 -21.68 85.84
N VAL CA 65 19.56 -21.23 84.92
CA VAL CA 65 20.65 -22.05 84.42
C VAL CA 65 21.66 -22.38 85.51
N VAL CA 66 21.79 -21.52 86.52
CA VAL CA 66 22.70 -21.78 87.63
C VAL CA 66 21.87 -22.17 88.83
N SER CA 67 20.64 -22.63 88.59
CA SER CA 67 19.79 -23.18 89.62
C SER CA 67 20.07 -24.66 89.72
N PRO CA 68 19.61 -25.32 90.79
CA PRO CA 68 19.88 -26.76 90.97
C PRO CA 68 19.42 -27.65 89.82
N GLY CA 69 18.31 -27.27 89.17
CA GLY CA 69 17.86 -27.97 87.99
C GLY CA 69 18.36 -27.31 86.72
N GLY CA 70 19.59 -26.80 86.74
CA GLY CA 70 20.15 -26.08 85.62
C GLY CA 70 21.28 -26.84 84.96
N ASN CA 71 21.43 -26.63 83.65
CA ASN CA 71 22.50 -27.30 82.92
C ASN CA 71 23.87 -26.86 83.38
N ALA CA 72 24.02 -25.60 83.78
CA ALA CA 72 25.30 -25.05 84.20
C ALA CA 72 25.40 -24.90 85.71
N TYR CA 73 24.68 -25.73 86.46
CA TYR CA 73 24.75 -25.68 87.91
C TYR CA 73 26.10 -26.23 88.36
N GLY CA 74 26.76 -25.51 89.26
CA GLY CA 74 28.09 -25.87 89.71
C GLY CA 74 29.15 -24.99 89.07
N GLU CA 75 30.28 -24.87 89.78
CA GLU CA 75 31.34 -23.98 89.34
C GLU CA 75 31.95 -24.44 88.03
N LYS CA 76 32.16 -25.75 87.86
CA LYS CA 76 32.72 -26.24 86.62
C LYS CA 76 31.76 -26.13 85.44
N MET CA 77 30.48 -26.36 85.67
CA MET CA 77 29.49 -26.11 84.62
C MET CA 77 29.40 -24.64 84.25
N THR CA 78 29.65 -23.74 85.19
CA THR CA 78 29.73 -22.32 84.84
C THR CA 78 31.01 -22.00 84.07
N ALA CA 79 32.11 -22.63 84.44
CA ALA CA 79 33.36 -22.43 83.72
C ALA CA 79 33.24 -22.90 82.27
N LEU CA 80 32.54 -24.01 82.06
CA LEU CA 80 32.29 -24.48 80.70
C LEU CA 80 31.43 -23.49 79.91
N CYS CA 81 30.43 -22.90 80.57
CA CYS CA 81 29.61 -21.88 79.92
C CYS CA 81 30.45 -20.68 79.50
N LEU CA 82 31.34 -20.24 80.39
CA LEU CA 82 32.23 -19.14 80.04
C LEU CA 82 33.18 -19.50 78.92
N ARG CA 83 33.66 -20.75 78.89
CA ARG CA 83 34.50 -21.19 77.79
C ARG CA 83 33.73 -21.19 76.47
N ASP CA 84 32.46 -21.59 76.50
CA ASP CA 84 31.64 -21.51 75.30
C ASP CA 84 31.45 -20.08 74.84
N LEU CA 85 31.26 -19.15 75.79
CA LEU CA 85 31.12 -17.75 75.43
C LEU CA 85 32.42 -17.22 74.82
N ASP CA 86 33.57 -17.64 75.35
CA ASP CA 86 34.84 -17.26 74.73
C ASP CA 86 34.97 -17.83 73.33
N TYR CA 87 34.50 -19.06 73.13
CA TYR CA 87 34.48 -19.66 71.79
C TYR CA 87 33.68 -18.81 70.83
N TYR CA 88 32.48 -18.38 71.25
CA TYR CA 88 31.64 -17.57 70.38
C TYR CA 88 32.25 -16.20 70.12
N LEU CA 89 32.94 -15.62 71.11
CA LEU CA 89 33.63 -14.36 70.87
C LEU CA 89 34.74 -14.52 69.84
N ARG CA 90 35.49 -15.62 69.92
CA ARG CA 90 36.53 -15.90 68.94
C ARG CA 90 35.93 -16.07 67.55
N LEU CA 91 34.80 -16.75 67.46
CA LEU CA 91 34.14 -16.91 66.15
C LEU CA 91 33.64 -15.58 65.61
N VAL CA 92 33.14 -14.70 66.49
CA VAL CA 92 32.71 -13.39 66.02
C VAL CA 92 33.88 -12.58 65.49
N THR CA 93 35.04 -12.65 66.16
CA THR CA 93 36.23 -11.98 65.64
C THR CA 93 36.65 -12.56 64.29
N TYR CA 94 36.57 -13.89 64.14
CA TYR CA 94 36.87 -14.53 62.87
C TYR CA 94 35.93 -14.04 61.78
N GLY CA 95 34.64 -13.93 62.11
CA GLY CA 95 33.69 -13.44 61.13
C GLY CA 95 33.95 -12.00 60.73
N ILE CA 96 34.35 -11.17 61.69
CA ILE CA 96 34.63 -9.77 61.40
C ILE CA 96 35.85 -9.64 60.49
N VAL CA 97 36.90 -10.42 60.76
CA VAL CA 97 38.08 -10.33 59.90
C VAL CA 97 37.78 -10.89 58.51
N ALA CA 98 37.04 -11.99 58.43
CA ALA CA 98 36.77 -12.60 57.14
C ALA CA 98 35.83 -11.73 56.32
N GLY CA 99 34.94 -10.98 56.98
CA GLY CA 99 33.95 -10.19 56.30
C GLY CA 99 32.69 -10.95 55.92
N ASP CA 100 32.74 -12.28 55.95
CA ASP CA 100 31.60 -13.13 55.68
C ASP CA 100 31.48 -14.12 56.83
N VAL CA 101 30.27 -14.63 57.05
CA VAL CA 101 30.03 -15.52 58.17
C VAL CA 101 30.27 -16.98 57.77
N THR CA 102 30.89 -17.19 56.61
CA THR CA 102 31.22 -18.50 56.07
C THR CA 102 32.02 -19.39 57.03
N PRO CA 103 33.12 -18.91 57.64
CA PRO CA 103 33.86 -19.80 58.54
C PRO CA 103 33.11 -20.12 59.82
N ILE CA 104 32.46 -19.12 60.42
CA ILE CA 104 31.82 -19.32 61.71
C ILE CA 104 30.62 -20.23 61.57
N GLU CA 105 29.99 -20.25 60.39
CA GLU CA 105 28.87 -21.16 60.15
C GLU CA 105 29.32 -22.62 60.25
N GLU CA 106 30.42 -22.95 59.58
CA GLU CA 106 30.95 -24.31 59.68
C GLU CA 106 31.46 -24.59 61.09
N ILE CA 107 32.11 -23.61 61.72
CA ILE CA 107 32.77 -23.87 62.98
C ILE CA 107 31.79 -24.06 64.14
N GLY CA 108 30.81 -23.17 64.29
CA GLY CA 108 30.05 -23.18 65.52
C GLY CA 108 28.56 -22.89 65.46
N ILE CA 109 27.92 -23.10 64.31
CA ILE CA 109 26.51 -22.83 64.16
C ILE CA 109 25.72 -24.05 63.70
N ILE CA 110 26.10 -24.64 62.56
CA ILE CA 110 25.34 -25.77 62.04
C ILE CA 110 25.58 -26.98 62.94
N GLY CA 111 24.52 -27.47 63.56
CA GLY CA 111 24.61 -28.53 64.54
C GLY CA 111 24.56 -28.07 65.99
N VAL CA 112 24.49 -26.76 66.25
CA VAL CA 112 24.43 -26.30 67.62
C VAL CA 112 23.10 -26.65 68.26
N LYS CA 113 22.05 -26.82 67.46
CA LYS CA 113 20.76 -27.24 68.00
C LYS CA 113 20.87 -28.63 68.63
N GLU CA 114 21.39 -29.59 67.86
CA GLU CA 114 21.64 -30.92 68.41
C GLU CA 114 22.67 -30.86 69.53
N MET CA 115 23.64 -29.94 69.40
CA MET CA 115 24.64 -29.67 70.43
C MET CA 115 24.01 -29.50 71.80
N TYR CA 116 23.21 -28.46 71.94
CA TYR CA 116 22.69 -28.15 73.27
C TYR CA 116 21.45 -28.96 73.57
N ASN CA 117 20.87 -29.63 72.57
CA ASN CA 117 19.83 -30.60 72.87
C ASN CA 117 20.40 -31.84 73.55
N SER CA 118 21.50 -32.37 73.00
CA SER CA 118 22.15 -33.53 73.60
C SER CA 118 22.75 -33.17 74.95
N LEU CA 119 23.35 -31.98 75.06
CA LEU CA 119 23.88 -31.58 76.35
C LEU CA 119 22.82 -31.07 77.30
N GLN CA 120 21.57 -30.93 76.85
CA GLN CA 120 20.47 -30.39 77.65
C GLN CA 120 20.75 -28.96 78.10
N THR CA 121 21.39 -28.18 77.25
CA THR CA 121 21.67 -26.79 77.57
C THR CA 121 20.64 -25.89 76.91
N PRO CA 122 20.19 -24.83 77.57
CA PRO CA 122 19.14 -23.98 76.98
C PRO CA 122 19.61 -23.09 75.84
N ILE CA 123 19.02 -23.32 74.66
CA ILE CA 123 19.29 -22.44 73.51
C ILE CA 123 18.95 -20.99 73.79
N PRO CA 124 17.78 -20.65 74.34
CA PRO CA 124 17.51 -19.24 74.69
C PRO CA 124 18.51 -18.66 75.68
N ALA CA 125 18.97 -19.42 76.65
CA ALA CA 125 20.01 -18.92 77.55
C ALA CA 125 21.32 -18.66 76.83
N VAL CA 126 21.73 -19.54 75.91
CA VAL CA 126 22.94 -19.28 75.13
C VAL CA 126 22.76 -18.03 74.28
N ALA CA 127 21.56 -17.84 73.71
CA ALA CA 127 21.28 -16.63 72.93
C ALA CA 127 21.38 -15.39 73.81
N GLU CA 128 20.86 -15.46 75.03
CA GLU CA 128 20.93 -14.32 75.93
C GLU CA 128 22.37 -13.99 76.31
N GLY CA 129 23.18 -15.01 76.55
CA GLY CA 129 24.59 -14.78 76.78
C GLY CA 129 25.29 -14.14 75.61
N VAL CA 130 24.94 -14.58 74.39
CA VAL CA 130 25.52 -13.98 73.20
C VAL CA 130 25.11 -12.52 73.07
N ARG CA 131 23.86 -12.20 73.40
CA ARG CA 131 23.42 -10.81 73.30
C ARG CA 131 24.09 -9.94 74.36
N ALA CA 132 24.34 -10.49 75.55
CA ALA CA 132 25.09 -9.76 76.56
C ALA CA 132 26.52 -9.50 76.09
N MET CA 133 27.14 -10.51 75.47
CA MET CA 133 28.45 -10.32 74.87
C MET CA 133 28.41 -9.22 73.81
N LYS CA 134 27.32 -9.18 73.03
CA LYS CA 134 27.14 -8.13 72.03
C LYS CA 134 27.10 -6.75 72.67
N ASN CA 135 26.34 -6.61 73.76
CA ASN CA 135 26.24 -5.32 74.42
C ASN CA 135 27.60 -4.87 74.96
N VAL CA 136 28.32 -5.78 75.62
CA VAL CA 136 29.62 -5.43 76.17
C VAL CA 136 30.61 -5.11 75.06
N ALA CA 137 30.49 -5.80 73.92
CA ALA CA 137 31.39 -5.55 72.80
C ALA CA 137 31.13 -4.18 72.17
N THR CA 138 29.86 -3.86 71.93
CA THR CA 138 29.55 -2.54 71.36
C THR CA 138 29.82 -1.41 72.35
N SER CA 139 29.90 -1.72 73.65
CA SER CA 139 30.30 -0.72 74.62
C SER CA 139 31.74 -0.23 74.41
N LEU CA 140 32.59 -0.97 73.71
CA LEU CA 140 34.00 -0.64 73.58
C LEU CA 140 34.39 -0.25 72.15
N LEU CA 141 33.42 0.10 71.31
CA LEU CA 141 33.72 0.36 69.90
C LEU CA 141 33.03 1.64 69.45
N SER CA 142 33.59 2.24 68.40
CA SER CA 142 32.98 3.39 67.76
C SER CA 142 31.71 2.95 67.02
N GLY CA 143 30.89 3.94 66.68
CA GLY CA 143 29.56 3.70 66.13
C GLY CA 143 29.51 2.88 64.87
N ASP CA 144 30.33 3.21 63.87
CA ASP CA 144 30.40 2.39 62.67
C ASP CA 144 30.93 1.01 62.99
N ASP CA 145 32.03 0.94 63.76
CA ASP CA 145 32.56 -0.33 64.21
C ASP CA 145 31.58 -1.06 65.11
N ALA CA 146 30.83 -0.33 65.94
CA ALA CA 146 29.84 -0.95 66.80
C ALA CA 146 28.74 -1.62 65.98
N ALA CA 147 28.24 -0.94 64.94
CA ALA CA 147 27.22 -1.55 64.09
C ALA CA 147 27.80 -2.72 63.32
N GLU CA 148 29.06 -2.61 62.88
CA GLU CA 148 29.70 -3.70 62.15
C GLU CA 148 29.81 -4.95 62.99
N ALA CA 149 30.17 -4.80 64.27
CA ALA CA 149 30.23 -5.97 65.15
C ALA CA 149 28.84 -6.46 65.53
N GLY CA 150 27.90 -5.53 65.74
CA GLY CA 150 26.56 -5.91 66.13
C GLY CA 150 25.83 -6.69 65.07
N PHE CA 151 26.14 -6.46 63.79
CA PHE CA 151 25.55 -7.27 62.74
C PHE CA 151 25.95 -8.74 62.88
N TYR CA 152 27.23 -9.02 63.10
CA TYR CA 152 27.67 -10.40 63.27
C TYR CA 152 27.10 -11.01 64.54
N PHE CA 153 27.04 -10.22 65.62
CA PHE CA 153 26.45 -10.74 66.86
C PHE CA 153 24.98 -11.10 66.67
N ASP CA 154 24.23 -10.24 65.99
CA ASP CA 154 22.83 -10.53 65.73
C ASP CA 154 22.67 -11.72 64.80
N TYR CA 155 23.60 -11.91 63.86
CA TYR CA 155 23.55 -13.10 63.02
C TYR CA 155 23.75 -14.36 63.84
N LEU CA 156 24.68 -14.31 64.81
CA LEU CA 156 24.86 -15.44 65.72
C LEU CA 156 23.59 -15.72 66.51
N VAL CA 157 22.95 -14.67 67.03
CA VAL CA 157 21.75 -14.85 67.84
C VAL CA 157 20.62 -15.43 66.99
N GLY CA 158 20.47 -14.94 65.77
CA GLY CA 158 19.44 -15.46 64.89
C GLY CA 158 19.71 -16.90 64.47
N ALA CA 159 20.98 -17.23 64.23
CA ALA CA 159 21.33 -18.59 63.85
C ALA CA 159 21.08 -19.58 64.99
N MET CA 160 21.32 -19.15 66.23
CA MET CA 160 20.96 -19.96 67.40
C MET CA 160 19.47 -19.76 67.70
N GLN CA 161 18.64 -20.27 66.79
CA GLN CA 161 17.20 -20.10 66.87
C GLN CA 161 16.49 -21.16 66.02
N MET DA 1 36.10 -24.65 49.38
CA MET DA 1 37.50 -24.29 49.22
C MET DA 1 37.95 -23.28 50.27
N GLN DA 2 39.11 -22.67 50.04
CA GLN DA 2 39.66 -21.68 50.95
C GLN DA 2 40.57 -20.73 50.19
N ASP DA 3 40.55 -19.47 50.61
CA ASP DA 3 41.45 -18.44 50.13
C ASP DA 3 42.58 -18.27 51.14
N ALA DA 4 43.39 -17.22 50.96
CA ALA DA 4 44.45 -16.94 51.93
C ALA DA 4 43.88 -16.58 53.29
N ILE DA 5 42.87 -15.71 53.30
CA ILE DA 5 42.28 -15.26 54.57
C ILE DA 5 41.60 -16.42 55.28
N THR DA 6 40.77 -17.17 54.54
CA THR DA 6 40.10 -18.32 55.14
C THR DA 6 41.08 -19.40 55.54
N ALA DA 7 42.18 -19.58 54.80
CA ALA DA 7 43.18 -20.55 55.19
C ALA DA 7 43.85 -20.17 56.50
N VAL DA 8 44.17 -18.88 56.66
CA VAL DA 8 44.76 -18.42 57.92
C VAL DA 8 43.77 -18.59 59.07
N ILE DA 9 42.50 -18.24 58.83
CA ILE DA 9 41.50 -18.32 59.90
C ILE DA 9 41.26 -19.78 60.30
N ASN DA 10 41.23 -20.68 59.32
CA ASN DA 10 41.07 -22.10 59.63
C ASN DA 10 42.30 -22.66 60.34
N ASN DA 11 43.50 -22.24 59.93
CA ASN DA 11 44.71 -22.71 60.60
C ASN DA 11 44.78 -22.21 62.03
N TYR DA 12 44.16 -21.07 62.31
CA TYR DA 12 44.13 -20.59 63.70
C TYR DA 12 42.98 -21.21 64.48
N ASP DA 13 41.86 -21.52 63.82
CA ASP DA 13 40.76 -22.18 64.50
C ASP DA 13 41.09 -23.62 64.84
N VAL DA 14 42.00 -24.23 64.07
CA VAL DA 14 42.41 -25.60 64.38
C VAL DA 14 43.13 -25.69 65.72
N GLN DA 15 43.75 -24.61 66.17
CA GLN DA 15 44.40 -24.57 67.46
C GLN DA 15 43.71 -23.65 68.46
N GLY DA 16 42.61 -23.03 68.06
CA GLY DA 16 41.79 -22.29 69.01
C GLY DA 16 42.46 -21.07 69.59
N LYS DA 17 43.18 -20.32 68.77
CA LYS DA 17 43.85 -19.10 69.20
C LYS DA 17 43.22 -17.90 68.53
N TYR DA 18 43.29 -16.75 69.19
CA TYR DA 18 42.93 -15.51 68.52
C TYR DA 18 44.01 -15.13 67.52
N LEU DA 19 43.67 -14.23 66.61
CA LEU DA 19 44.62 -13.82 65.59
C LEU DA 19 45.75 -13.00 66.21
N ASP DA 20 46.98 -13.38 65.89
CA ASP DA 20 48.16 -12.78 66.46
C ASP DA 20 48.94 -12.02 65.38
N GLY DA 21 50.14 -11.56 65.75
CA GLY DA 21 50.92 -10.72 64.85
C GLY DA 21 51.32 -11.42 63.57
N ALA DA 22 51.69 -12.70 63.65
CA ALA DA 22 52.11 -13.42 62.45
C ALA DA 22 50.96 -13.57 61.46
N ALA DA 23 49.78 -13.94 61.95
CA ALA DA 23 48.61 -14.03 61.08
C ALA DA 23 48.26 -12.67 60.50
N LEU DA 24 48.41 -11.62 61.31
CA LEU DA 24 48.16 -10.27 60.81
C LEU DA 24 49.13 -9.90 59.70
N ASP DA 25 50.41 -10.27 59.83
CA ASP DA 25 51.37 -10.00 58.77
C ASP DA 25 51.05 -10.77 57.51
N LYS DA 26 50.60 -12.02 57.63
CA LYS DA 26 50.18 -12.78 56.44
C LYS DA 26 48.98 -12.11 55.77
N LEU DA 27 48.02 -11.63 56.56
CA LEU DA 27 46.86 -10.96 56.00
C LEU DA 27 47.25 -9.67 55.31
N LYS DA 28 48.18 -8.91 55.90
CA LYS DA 28 48.66 -7.69 55.26
C LYS DA 28 49.39 -8.00 53.96
N ALA DA 29 50.19 -9.08 53.95
CA ALA DA 29 50.89 -9.47 52.73
C ALA DA 29 49.91 -9.84 51.63
N TYR DA 30 48.81 -10.51 51.97
CA TYR DA 30 47.80 -10.78 50.97
C TYR DA 30 47.10 -9.50 50.52
N PHE DA 31 46.80 -8.60 51.47
CA PHE DA 31 46.05 -7.39 51.15
C PHE DA 31 46.85 -6.47 50.25
N THR DA 32 48.18 -6.49 50.37
CA THR DA 32 49.04 -5.61 49.57
C THR DA 32 48.92 -5.90 48.07
N THR DA 33 48.83 -7.16 47.68
CA THR DA 33 48.75 -7.53 46.28
C THR DA 33 47.33 -7.72 45.78
N GLY DA 34 46.35 -7.12 46.45
CA GLY DA 34 44.96 -7.33 46.04
C GLY DA 34 44.65 -6.72 44.68
N ALA DA 35 45.09 -5.49 44.45
CA ALA DA 35 44.72 -4.79 43.22
C ALA DA 35 45.37 -5.41 41.99
N VAL DA 36 46.63 -5.86 42.13
CA VAL DA 36 47.33 -6.47 41.01
C VAL DA 36 46.63 -7.74 40.56
N ARG DA 37 46.16 -8.55 41.53
CA ARG DA 37 45.41 -9.75 41.20
C ARG DA 37 44.12 -9.40 40.47
N VAL DA 38 43.44 -8.32 40.89
CA VAL DA 38 42.20 -7.92 40.26
C VAL DA 38 42.44 -7.51 38.81
N ARG DA 39 43.50 -6.73 38.57
CA ARG DA 39 43.78 -6.29 37.21
C ARG DA 39 44.21 -7.47 36.33
N ALA DA 40 44.96 -8.41 36.89
CA ALA DA 40 45.37 -9.57 36.12
C ALA DA 40 44.17 -10.44 35.76
N ALA DA 41 43.26 -10.62 36.71
CA ALA DA 41 42.04 -11.37 36.44
C ALA DA 41 41.19 -10.70 35.37
N ALA DA 42 41.06 -9.38 35.43
CA ALA DA 42 40.30 -8.67 34.41
C ALA DA 42 40.94 -8.80 33.04
N VAL DA 43 42.27 -8.70 32.96
CA VAL DA 43 42.96 -8.85 31.69
C VAL DA 43 42.76 -10.25 31.12
N ILE DA 44 42.90 -11.27 31.97
CA ILE DA 44 42.75 -12.64 31.50
C ILE DA 44 41.32 -12.91 31.06
N SER DA 45 40.35 -12.36 31.79
CA SER DA 45 38.95 -12.52 31.40
C SER DA 45 38.67 -11.86 30.06
N SER DA 46 39.25 -10.68 29.83
CA SER DA 46 39.06 -10.02 28.55
C SER DA 46 39.77 -10.74 27.40
N ASN DA 47 40.87 -11.43 27.67
CA ASN DA 47 41.65 -12.07 26.62
C ASN DA 47 41.57 -13.59 26.64
N ALA DA 48 40.53 -14.16 27.26
CA ALA DA 48 40.43 -15.61 27.46
C ALA DA 48 40.44 -16.42 26.16
N THR DA 49 39.59 -16.08 25.21
CA THR DA 49 39.52 -16.84 23.95
C THR DA 49 40.82 -16.72 23.16
N THR DA 50 41.40 -15.51 23.13
CA THR DA 50 42.69 -15.31 22.47
C THR DA 50 43.79 -16.15 23.07
N ILE DA 51 43.83 -16.22 24.40
CA ILE DA 51 44.89 -16.97 25.08
C ILE DA 51 44.81 -18.44 24.73
N ILE DA 52 43.59 -19.00 24.73
CA ILE DA 52 43.39 -20.38 24.29
C ILE DA 52 43.83 -20.56 22.84
N LYS DA 53 43.58 -19.54 22.01
CA LYS DA 53 43.95 -19.64 20.60
C LYS DA 53 45.47 -19.75 20.42
N GLU DA 54 46.24 -18.83 21.02
CA GLU DA 54 47.71 -18.99 20.93
C GLU DA 54 48.20 -20.26 21.59
N ALA DA 55 47.64 -20.66 22.75
CA ALA DA 55 48.12 -21.87 23.41
C ALA DA 55 47.90 -23.10 22.54
N ALA DA 56 46.71 -23.24 21.95
CA ALA DA 56 46.44 -24.36 21.06
C ALA DA 56 47.33 -24.30 19.83
N ALA DA 57 47.49 -23.13 19.22
CA ALA DA 57 48.28 -23.02 18.01
C ALA DA 57 49.75 -23.34 18.25
N LYS DA 58 50.27 -23.00 19.43
CA LYS DA 58 51.68 -23.22 19.71
C LYS DA 58 51.98 -24.56 20.37
N ALA DA 59 50.97 -25.25 20.89
CA ALA DA 59 51.22 -26.50 21.59
C ALA DA 59 50.54 -27.74 21.01
N LEU DA 60 49.34 -27.62 20.45
CA LEU DA 60 48.57 -28.82 20.15
C LEU DA 60 48.36 -29.03 18.65
N ILE DA 61 47.77 -28.04 17.98
CA ILE DA 61 47.36 -28.21 16.58
C ILE DA 61 48.59 -28.22 15.68
N TYR DA 62 48.37 -28.55 14.40
CA TYR DA 62 49.46 -28.75 13.45
C TYR DA 62 50.37 -29.90 13.89
N SER DA 63 49.78 -30.94 14.45
CA SER DA 63 50.54 -32.09 14.93
C SER DA 63 49.73 -33.36 14.68
N ASP DA 64 50.26 -34.48 15.17
CA ASP DA 64 49.58 -35.76 14.97
C ASP DA 64 48.37 -35.91 15.87
N LEU DA 65 48.23 -35.06 16.88
CA LEU DA 65 47.07 -35.13 17.76
C LEU DA 65 45.78 -34.83 17.00
N THR DA 66 45.82 -33.85 16.10
CA THR DA 66 44.62 -33.41 15.41
C THR DA 66 44.39 -34.12 14.08
N ARG DA 67 45.29 -35.01 13.68
CA ARG DA 67 45.09 -35.81 12.48
C ARG DA 67 44.39 -37.11 12.84
N PRO DA 68 43.99 -37.91 11.85
CA PRO DA 68 43.36 -39.20 12.15
C PRO DA 68 44.27 -40.11 12.96
N GLY DA 69 43.68 -40.80 13.94
CA GLY DA 69 44.42 -41.54 14.91
C GLY DA 69 44.80 -40.76 16.16
N GLY DA 70 44.72 -39.44 16.12
CA GLY DA 70 45.07 -38.60 17.26
C GLY DA 70 43.96 -38.49 18.29
N MEN DA 71 44.17 -37.70 19.35
CA MEN DA 71 43.18 -37.63 20.39
C MEN DA 71 42.30 -36.43 20.12
O MEN DA 71 41.10 -36.39 20.42
CB MEN DA 71 43.74 -37.54 21.84
CG MEN DA 71 42.65 -37.92 22.84
OD1 MEN DA 71 42.44 -37.21 23.85
ND2 MEN DA 71 41.91 -39.06 22.59
CE2 MEN DA 71 40.87 -39.51 23.45
N MET DA 72 42.88 -35.41 19.53
CA MET DA 72 42.11 -34.25 19.15
C MET DA 72 41.27 -34.45 17.90
N TYR DA 73 41.33 -35.64 17.28
CA TYR DA 73 40.71 -35.83 15.98
C TYR DA 73 39.19 -35.75 16.12
N THR DA 74 38.53 -35.25 15.07
CA THR DA 74 37.09 -34.98 15.00
C THR DA 74 36.74 -33.73 15.81
N THR DA 75 35.71 -33.03 15.34
CA THR DA 75 35.30 -31.78 15.96
C THR DA 75 34.86 -31.96 17.40
N ARG DA 76 34.27 -33.12 17.72
CA ARG DA 76 33.85 -33.39 19.09
C ARG DA 76 35.04 -33.36 20.03
N ARG DA 77 36.10 -34.10 19.70
CA ARG DA 77 37.28 -34.13 20.55
C ARG DA 77 38.00 -32.78 20.57
N TYR DA 78 38.02 -32.08 19.43
CA TYR DA 78 38.65 -30.75 19.41
C TYR DA 78 37.92 -29.78 20.33
N ALA DA 79 36.59 -29.72 20.21
CA ALA DA 79 35.81 -28.81 21.04
C ALA DA 79 35.90 -29.19 22.51
N ALA DA 80 35.94 -30.49 22.81
CA ALA DA 80 36.09 -30.94 24.19
C ALA DA 80 37.44 -30.52 24.76
N CYS DA 81 38.52 -30.67 23.98
CA CYS DA 81 39.85 -30.31 24.47
C CYS DA 81 39.95 -28.80 24.69
N ILE DA 82 39.38 -27.99 23.80
CA ILE DA 82 39.38 -26.55 24.06
C ILE DA 82 38.48 -26.17 25.24
N ARG DA 83 37.38 -26.89 25.49
CA ARG DA 83 36.58 -26.64 26.66
C ARG DA 83 37.36 -26.94 27.93
N ASP DA 84 38.13 -28.02 27.91
CA ASP DA 84 39.02 -28.34 29.02
C ASP DA 84 40.07 -27.25 29.19
N MET DA 85 40.56 -26.71 28.07
CA MET DA 85 41.56 -25.66 28.09
C MET DA 85 41.01 -24.44 28.80
N ASP DA 86 39.77 -24.08 28.47
CA ASP DA 86 39.10 -22.96 29.12
C ASP DA 86 38.82 -23.24 30.58
N TYR DA 87 38.51 -24.50 30.92
CA TYR DA 87 38.36 -24.89 32.31
C TYR DA 87 39.61 -24.58 33.11
N PHE DA 88 40.76 -25.00 32.58
CA PHE DA 88 42.04 -24.74 33.24
C PHE DA 88 42.27 -23.25 33.39
N LEU DA 89 41.96 -22.48 32.35
CA LEU DA 89 42.16 -21.03 32.41
C LEU DA 89 41.30 -20.39 33.49
N ARG DA 90 40.01 -20.72 33.53
CA ARG DA 90 39.10 -20.08 34.48
C ARG DA 90 39.44 -20.48 35.91
N TYR DA 91 39.77 -21.75 36.13
CA TYR DA 91 40.11 -22.17 37.49
C TYR DA 91 41.45 -21.60 37.93
N ALA DA 92 42.39 -21.43 37.00
CA ALA DA 92 43.64 -20.77 37.34
C ALA DA 92 43.42 -19.32 37.71
N THR DA 93 42.51 -18.64 37.00
CA THR DA 93 42.17 -17.27 37.38
C THR DA 93 41.52 -17.22 38.75
N TYR DA 94 40.64 -18.19 39.06
CA TYR DA 94 40.06 -18.26 40.39
C TYR DA 94 41.12 -18.45 41.47
N ALA DA 95 42.07 -19.35 41.21
CA ALA DA 95 43.13 -19.61 42.18
C ALA DA 95 44.01 -18.39 42.36
N MET DA 96 44.27 -17.67 41.26
CA MET DA 96 45.10 -16.47 41.35
C MET DA 96 44.41 -15.38 42.15
N LEU DA 97 43.08 -15.25 41.98
CA LEU DA 97 42.34 -14.28 42.79
C LEU DA 97 42.34 -14.69 44.26
N ALA DA 98 42.10 -15.97 44.54
CA ALA DA 98 41.94 -16.39 45.92
C ALA DA 98 43.27 -16.50 46.66
N GLY DA 99 44.39 -16.59 45.94
CA GLY DA 99 45.66 -16.81 46.59
C GLY DA 99 45.76 -18.16 47.29
N ASP DA 100 45.21 -19.20 46.67
CA ASP DA 100 45.20 -20.53 47.30
C ASP DA 100 44.86 -21.61 46.29
N PRO DA 101 45.68 -22.66 46.19
CA PRO DA 101 45.38 -23.76 45.26
C PRO DA 101 44.35 -24.76 45.77
N SER DA 102 43.63 -24.42 46.85
CA SER DA 102 42.63 -25.33 47.40
C SER DA 102 41.52 -25.59 46.40
N ILE DA 103 41.07 -24.54 45.71
CA ILE DA 103 40.02 -24.71 44.71
C ILE DA 103 40.50 -25.55 43.54
N LEU DA 104 41.77 -25.39 43.15
CA LEU DA 104 42.34 -26.20 42.08
C LEU DA 104 42.39 -27.67 42.47
N ASP DA 105 42.80 -27.97 43.70
CA ASP DA 105 42.81 -29.35 44.16
C ASP DA 105 41.40 -29.92 44.27
N GLU DA 106 40.46 -29.10 44.77
CA GLU DA 106 39.13 -29.61 45.08
C GLU DA 106 38.29 -29.83 43.82
N ARG DA 107 38.34 -28.91 42.87
CA ARG DA 107 37.41 -28.93 41.75
C ARG DA 107 38.04 -29.26 40.41
N VAL DA 108 39.35 -29.50 40.35
CA VAL DA 108 39.98 -29.81 39.07
C VAL DA 108 40.75 -31.12 39.16
N LEU DA 109 41.64 -31.23 40.15
CA LEU DA 109 42.66 -32.27 40.11
C LEU DA 109 42.14 -33.64 40.56
N ASN DA 110 41.11 -33.69 41.41
CA ASN DA 110 40.69 -34.97 41.95
C ASN DA 110 40.03 -35.86 40.90
N GLY DA 111 40.62 -37.02 40.65
CA GLY DA 111 40.11 -37.97 39.68
C GLY DA 111 40.40 -37.62 38.24
N LEU DA 112 41.00 -36.45 37.98
CA LEU DA 112 41.25 -36.04 36.60
C LEU DA 112 42.26 -36.95 35.91
N LYS DA 113 43.31 -37.35 36.62
CA LYS DA 113 44.33 -38.21 36.01
C LYS DA 113 43.76 -39.57 35.64
N GLU DA 114 42.96 -40.15 36.53
CA GLU DA 114 42.37 -41.44 36.24
C GLU DA 114 41.33 -41.34 35.12
N THR DA 115 40.54 -40.27 35.10
CA THR DA 115 39.59 -40.09 34.02
C THR DA 115 40.32 -39.92 32.69
N TYR DA 116 41.42 -39.18 32.68
CA TYR DA 116 42.18 -38.98 31.46
C TYR DA 116 42.81 -40.27 30.99
N ASN DA 117 43.34 -41.09 31.90
CA ASN DA 117 43.96 -42.33 31.46
C ASN DA 117 42.92 -43.38 31.08
N SER DA 118 41.69 -43.22 31.58
CA SER DA 118 40.60 -44.06 31.12
C SER DA 118 40.12 -43.66 29.73
N LEU DA 119 40.12 -42.36 29.43
CA LEU DA 119 39.68 -41.89 28.13
C LEU DA 119 40.81 -41.76 27.12
N GLY DA 120 42.04 -42.07 27.50
CA GLY DA 120 43.17 -42.00 26.59
C GLY DA 120 43.71 -40.61 26.36
N VAL DA 121 43.33 -39.63 27.18
CA VAL DA 121 43.72 -38.24 26.98
C VAL DA 121 45.23 -38.07 27.19
N PRO DA 122 45.94 -37.44 26.27
CA PRO DA 122 47.39 -37.24 26.45
C PRO DA 122 47.71 -36.26 27.57
N ILE DA 123 48.21 -36.78 28.69
CA ILE DA 123 48.52 -35.94 29.84
C ILE DA 123 49.69 -35.01 29.53
N ALA DA 124 50.69 -35.52 28.81
CA ALA DA 124 51.82 -34.68 28.43
C ALA DA 124 51.39 -33.54 27.52
N ALA DA 125 50.51 -33.84 26.56
CA ALA DA 125 49.97 -32.78 25.70
C ALA DA 125 49.17 -31.76 26.50
N THR DA 126 48.38 -32.23 27.48
CA THR DA 126 47.63 -31.31 28.32
C THR DA 126 48.56 -30.40 29.13
N VAL DA 127 49.65 -30.97 29.66
CA VAL DA 127 50.61 -30.17 30.41
C VAL DA 127 51.28 -29.14 29.50
N GLY DA 128 51.62 -29.54 28.28
CA GLY DA 128 52.18 -28.60 27.34
C GLY DA 128 51.23 -27.47 27.00
N GLY DA 129 49.96 -27.77 26.82
CA GLY DA 129 48.97 -26.73 26.60
C GLY DA 129 48.82 -25.79 27.77
N ILE DA 130 48.83 -26.34 28.99
CA ILE DA 130 48.75 -25.50 30.18
C ILE DA 130 49.97 -24.59 30.27
N GLN DA 131 51.15 -25.11 29.96
CA GLN DA 131 52.35 -24.30 29.95
C GLN DA 131 52.31 -23.21 28.89
N ALA DA 132 51.77 -23.50 27.71
CA ALA DA 132 51.59 -22.46 26.70
C ALA DA 132 50.64 -21.38 27.19
N MET DA 133 49.57 -21.79 27.89
CA MET DA 133 48.67 -20.82 28.50
C MET DA 133 49.43 -19.94 29.49
N LYS DA 134 50.28 -20.55 30.30
CA LYS DA 134 51.04 -19.80 31.30
C LYS DA 134 51.97 -18.80 30.64
N GLU DA 135 52.62 -19.20 29.55
CA GLU DA 135 53.49 -18.29 28.81
C GLU DA 135 52.72 -17.09 28.27
N VAL DA 136 51.60 -17.34 27.59
CA VAL DA 136 50.84 -16.25 26.99
C VAL DA 136 50.21 -15.38 28.07
N VAL DA 137 49.84 -15.97 29.20
CA VAL DA 137 49.23 -15.19 30.29
C VAL DA 137 50.27 -14.31 30.95
N GLY DA 138 51.47 -14.83 31.16
CA GLY DA 138 52.55 -14.01 31.66
C GLY DA 138 52.91 -12.88 30.72
N GLY DA 139 52.84 -13.14 29.41
CA GLY DA 139 53.03 -12.07 28.46
C GLY DA 139 51.96 -10.99 28.57
N LEU DA 140 50.69 -11.40 28.69
CA LEU DA 140 49.61 -10.44 28.70
C LEU DA 140 49.58 -9.62 29.99
N VAL DA 141 49.68 -10.29 31.15
CA VAL DA 141 49.49 -9.60 32.42
C VAL DA 141 50.60 -8.62 32.73
N GLY DA 142 51.85 -8.93 32.39
CA GLY DA 142 52.96 -8.08 32.69
C GLY DA 142 53.73 -8.54 33.92
N PRO DA 143 54.82 -7.83 34.23
CA PRO DA 143 55.66 -8.19 35.38
C PRO DA 143 54.94 -8.18 36.71
N ASP DA 144 53.88 -7.36 36.84
CA ASP DA 144 53.21 -7.18 38.12
C ASP DA 144 52.57 -8.46 38.64
N ALA DA 145 51.92 -9.23 37.77
CA ALA DA 145 51.23 -10.44 38.17
C ALA DA 145 51.69 -11.68 37.42
N ALA DA 146 52.83 -11.63 36.72
CA ALA DA 146 53.26 -12.75 35.90
C ALA DA 146 53.57 -13.98 36.74
N LYS DA 147 54.41 -13.81 37.77
CA LYS DA 147 54.75 -14.93 38.64
C LYS DA 147 53.54 -15.42 39.41
N GLU DA 148 52.71 -14.50 39.90
CA GLU DA 148 51.54 -14.87 40.69
C GLU DA 148 50.55 -15.68 39.86
N ALA DA 149 50.40 -15.34 38.58
CA ALA DA 149 49.57 -16.16 37.71
C ALA DA 149 50.25 -17.49 37.41
N SER DA 150 51.55 -17.46 37.12
CA SER DA 150 52.22 -18.65 36.60
C SER DA 150 52.37 -19.74 37.66
N ILE DA 151 52.35 -19.35 38.94
CA ILE DA 151 52.49 -20.35 40.00
C ILE DA 151 51.32 -21.34 39.97
N TYR DA 152 50.11 -20.86 39.68
CA TYR DA 152 48.96 -21.76 39.63
C TYR DA 152 48.94 -22.63 38.38
N PHE DA 153 49.40 -22.12 37.23
CA PHE DA 153 49.56 -22.98 36.07
C PHE DA 153 50.60 -24.08 36.35
N ASP DA 154 51.70 -23.71 37.02
CA ASP DA 154 52.69 -24.71 37.40
C ASP DA 154 52.09 -25.71 38.39
N TYR DA 155 51.24 -25.24 39.30
CA TYR DA 155 50.56 -26.14 40.23
C TYR DA 155 49.68 -27.14 39.50
N LEU DA 156 48.90 -26.66 38.52
CA LEU DA 156 48.03 -27.55 37.76
C LEU DA 156 48.84 -28.55 36.96
N SER DA 157 49.92 -28.09 36.32
CA SER DA 157 50.77 -28.99 35.55
C SER DA 157 51.42 -30.04 36.44
N SER DA 158 51.91 -29.66 37.62
CA SER DA 158 52.45 -30.61 38.57
C SER DA 158 51.41 -31.61 39.07
N GLY DA 159 50.19 -31.15 39.36
CA GLY DA 159 49.16 -32.07 39.78
C GLY DA 159 48.77 -33.07 38.72
N LEU DA 160 48.66 -32.63 37.47
CA LEU DA 160 48.36 -33.55 36.38
C LEU DA 160 49.51 -34.52 36.12
N SER DA 161 50.73 -34.01 36.04
CA SER DA 161 51.89 -34.85 35.76
C SER DA 161 52.29 -35.66 36.97
N SER EA 2 24.29 -46.35 10.74
CA SER EA 2 23.63 -47.01 9.64
C SER EA 2 22.17 -47.32 9.96
N VAL EA 3 21.43 -47.76 8.94
CA VAL EA 3 20.02 -48.11 9.13
C VAL EA 3 19.90 -49.30 10.08
N LEU EA 4 20.77 -50.29 9.93
CA LEU EA 4 20.79 -51.43 10.84
C LEU EA 4 21.05 -50.97 12.26
N THR EA 5 21.99 -50.03 12.43
CA THR EA 5 22.28 -49.50 13.76
C THR EA 5 21.07 -48.79 14.34
N LYS EA 6 20.41 -47.94 13.55
CA LYS EA 6 19.30 -47.16 14.09
C LYS EA 6 18.10 -48.04 14.40
N ALA EA 7 17.97 -49.16 13.69
CA ALA EA 7 16.94 -50.13 14.06
C ALA EA 7 17.31 -50.88 15.34
N ILE EA 8 18.56 -51.34 15.43
CA ILE EA 8 18.95 -52.21 16.53
C ILE EA 8 18.97 -51.45 17.84
N VAL EA 9 19.30 -50.15 17.81
CA VAL EA 9 19.34 -49.38 19.05
C VAL EA 9 17.94 -49.26 19.67
N ASN EA 10 16.92 -49.01 18.83
CA ASN EA 10 15.59 -48.90 19.42
C ASN EA 10 15.04 -50.27 19.79
N ALA EA 11 15.36 -51.31 19.02
CA ALA EA 11 14.94 -52.66 19.39
C ALA EA 11 15.54 -53.08 20.73
N ASP EA 12 16.83 -52.82 20.93
CA ASP EA 12 17.46 -53.12 22.21
C ASP EA 12 16.90 -52.26 23.33
N ALA EA 13 16.57 -50.99 23.02
CA ALA EA 13 15.98 -50.13 24.03
C ALA EA 13 14.62 -50.65 24.48
N GLU EA 14 13.85 -51.22 23.55
CA GLU EA 14 12.55 -51.79 23.88
C GLU EA 14 12.64 -53.23 24.37
N ALA EA 15 13.82 -53.84 24.28
CA ALA EA 15 14.04 -55.20 24.81
C ALA EA 15 13.16 -56.22 24.11
N ARG EA 16 13.35 -56.35 22.80
CA ARG EA 16 12.48 -57.20 21.99
C ARG EA 16 13.18 -57.55 20.68
N TYR EA 17 12.66 -58.56 20.01
CA TYR EA 17 13.18 -58.95 18.71
C TYR EA 17 12.79 -57.92 17.66
N LEU EA 18 13.39 -58.04 16.47
CA LEU EA 18 13.14 -57.08 15.41
C LEU EA 18 11.70 -57.16 14.93
N SER EA 19 11.13 -56.00 14.67
CA SER EA 19 9.83 -55.91 14.06
C SER EA 19 9.93 -56.33 12.59
N PRO EA 20 8.86 -56.93 12.05
CA PRO EA 20 8.88 -57.28 10.62
C PRO EA 20 9.07 -56.09 9.71
N GLY EA 21 8.51 -54.93 10.06
CA GLY EA 21 8.74 -53.73 9.29
C GLY EA 21 10.20 -53.31 9.30
N GLU EA 22 10.85 -53.46 10.45
CA GLU EA 22 12.30 -53.23 10.52
C GLU EA 22 13.04 -54.21 9.62
N LEU EA 23 12.54 -55.45 9.55
CA LEU EA 23 13.14 -56.42 8.64
C LEU EA 23 13.02 -55.97 7.18
N ASP EA 24 11.84 -55.48 6.79
CA ASP EA 24 11.68 -55.02 5.41
C ASP EA 24 12.54 -53.80 5.13
N ARG EA 25 12.65 -52.88 6.09
CA ARG EA 25 13.50 -51.71 5.90
C ARG EA 25 14.95 -52.10 5.70
N ILE EA 26 15.48 -53.00 6.53
CA ILE EA 26 16.87 -53.40 6.38
C ILE EA 26 17.06 -54.20 5.10
N LYS EA 27 16.03 -54.94 4.68
CA LYS EA 27 16.09 -55.68 3.42
C LYS EA 27 16.19 -54.72 2.23
N SER EA 28 15.39 -53.66 2.23
CA SER EA 28 15.52 -52.66 1.16
C SER EA 28 16.86 -51.96 1.22
N PHE EA 29 17.36 -51.70 2.42
CA PHE EA 29 18.66 -51.05 2.58
C PHE EA 29 19.78 -51.91 1.99
N VAL EA 30 19.75 -53.21 2.28
CA VAL EA 30 20.77 -54.09 1.69
C VAL EA 30 20.53 -54.28 0.20
N ALA EA 31 19.29 -54.07 -0.25
CA ALA EA 31 19.04 -54.07 -1.69
C ALA EA 31 19.73 -52.92 -2.40
N SER EA 32 19.69 -51.71 -1.83
CA SER EA 32 20.23 -50.51 -2.46
C SER EA 32 21.76 -50.41 -2.36
N GLY EA 33 22.41 -51.43 -1.79
CA GLY EA 33 23.83 -51.40 -1.51
C GLY EA 33 24.72 -51.25 -2.72
N GLU EA 34 24.39 -51.94 -3.81
CA GLU EA 34 25.23 -51.87 -5.00
C GLU EA 34 25.21 -50.47 -5.60
N ARG EA 35 24.03 -49.84 -5.67
CA ARG EA 35 23.94 -48.49 -6.19
C ARG EA 35 24.70 -47.50 -5.31
N ARG EA 36 24.56 -47.65 -3.99
CA ARG EA 36 25.28 -46.76 -3.08
C ARG EA 36 26.80 -46.93 -3.22
N LEU EA 37 27.26 -48.17 -3.34
CA LEU EA 37 28.68 -48.43 -3.52
C LEU EA 37 29.18 -47.86 -4.85
N ARG EA 38 28.37 -47.96 -5.90
CA ARG EA 38 28.76 -47.40 -7.19
C ARG EA 38 28.94 -45.88 -7.11
N ILE EA 39 28.00 -45.19 -6.47
CA ILE EA 39 28.10 -43.73 -6.35
C ILE EA 39 29.33 -43.35 -5.54
N ALA EA 40 29.56 -44.06 -4.42
CA ALA EA 40 30.73 -43.78 -3.60
C ALA EA 40 32.03 -44.04 -4.35
N GLN EA 41 32.09 -45.12 -5.14
CA GLN EA 41 33.28 -45.43 -5.91
C GLN EA 41 33.57 -44.34 -6.93
N THR EA 42 32.52 -43.85 -7.61
CA THR EA 42 32.71 -42.78 -8.58
C THR EA 42 33.25 -41.52 -7.93
N LEU EA 43 32.67 -41.14 -6.78
CA LEU EA 43 33.14 -39.94 -6.10
C LEU EA 43 34.59 -40.10 -5.62
N THR EA 44 34.93 -41.26 -5.05
CA THR EA 44 36.29 -41.48 -4.58
C THR EA 44 37.28 -41.47 -5.74
N GLU EA 45 36.90 -42.03 -6.88
CA GLU EA 45 37.77 -42.00 -8.05
C GLU EA 45 37.96 -40.57 -8.57
N ALA EA 46 36.94 -39.72 -8.47
CA ALA EA 46 37.04 -38.35 -8.95
C ALA EA 46 37.26 -37.34 -7.82
N ARG EA 47 37.87 -37.78 -6.72
CA ARG EA 47 37.99 -36.92 -5.54
C ARG EA 47 38.85 -35.67 -5.80
N GLU EA 48 39.94 -35.79 -6.58
CA GLU EA 48 40.88 -34.68 -6.66
C GLU EA 48 40.32 -33.52 -7.48
N ARG EA 49 39.69 -33.82 -8.61
CA ARG EA 49 39.07 -32.79 -9.43
C ARG EA 49 37.99 -32.06 -8.65
N ILE EA 50 37.23 -32.79 -7.83
CA ILE EA 50 36.19 -32.19 -7.01
C ILE EA 50 36.81 -31.18 -6.04
N VAL EA 51 37.92 -31.56 -5.40
CA VAL EA 51 38.56 -30.68 -4.42
C VAL EA 51 39.10 -29.42 -5.10
N LYS EA 52 39.75 -29.60 -6.25
CA LYS EA 52 40.36 -28.45 -6.93
C LYS EA 52 39.31 -27.46 -7.41
N GLN EA 53 38.26 -27.96 -8.06
CA GLN EA 53 37.18 -27.08 -8.49
C GLN EA 53 36.43 -26.47 -7.31
N ALA EA 54 36.33 -27.21 -6.19
CA ALA EA 54 35.72 -26.63 -5.00
C ALA EA 54 36.50 -25.42 -4.54
N GLY EA 55 37.83 -25.56 -4.50
CA GLY EA 55 38.67 -24.42 -4.16
C GLY EA 55 38.55 -23.26 -5.14
N ASP EA 56 38.48 -23.57 -6.43
CA ASP EA 56 38.50 -22.50 -7.44
C ASP EA 56 37.21 -21.68 -7.44
N GLN EA 57 36.04 -22.33 -7.57
CA GLN EA 57 34.81 -21.55 -7.42
C GLN EA 57 34.61 -21.02 -6.00
N LEU EA 58 35.21 -21.62 -4.98
CA LEU EA 58 35.14 -21.02 -3.64
C LEU EA 58 35.86 -19.67 -3.61
N PHE EA 59 37.07 -19.62 -4.14
CA PHE EA 59 37.82 -18.38 -4.17
C PHE EA 59 37.21 -17.37 -5.15
N GLN EA 60 36.56 -17.84 -6.21
CA GLN EA 60 35.82 -16.92 -7.07
C GLN EA 60 34.65 -16.30 -6.33
N ILE EA 61 33.86 -17.13 -5.63
CA ILE EA 61 32.70 -16.61 -4.90
C ILE EA 61 33.12 -15.66 -3.79
N ARG EA 62 34.21 -15.94 -3.11
CA ARG EA 62 34.73 -14.97 -2.16
C ARG EA 62 36.26 -15.06 -2.14
N PRO EA 63 36.95 -13.97 -2.52
CA PRO EA 63 38.41 -14.02 -2.59
C PRO EA 63 39.06 -13.48 -1.33
N ASP EA 64 38.23 -13.01 -0.41
CA ASP EA 64 38.71 -12.33 0.80
C ASP EA 64 39.56 -13.23 1.67
N VAL EA 65 39.26 -14.54 1.67
CA VAL EA 65 39.94 -15.44 2.59
C VAL EA 65 41.40 -15.65 2.20
N VAL EA 66 41.74 -15.38 0.94
CA VAL EA 66 43.12 -15.59 0.48
C VAL EA 66 43.82 -14.25 0.34
N SER EA 67 43.19 -13.19 0.82
CA SER EA 67 43.78 -11.87 0.83
C SER EA 67 44.74 -11.80 2.01
N PRO EA 68 45.53 -10.71 2.10
CA PRO EA 68 46.45 -10.55 3.24
C PRO EA 68 45.78 -10.63 4.60
N GLY EA 69 44.57 -10.09 4.72
CA GLY EA 69 43.85 -10.13 5.97
C GLY EA 69 42.89 -11.30 6.04
N GLY EA 70 43.25 -12.41 5.41
CA GLY EA 70 42.39 -13.59 5.33
C GLY EA 70 42.91 -14.71 6.20
N ASN EA 71 41.99 -15.58 6.64
CA ASN EA 71 42.37 -16.70 7.48
C ASN EA 71 43.23 -17.70 6.72
N ALA EA 72 42.97 -17.88 5.43
CA ALA EA 72 43.68 -18.85 4.61
C ALA EA 72 44.77 -18.21 3.74
N TYR EA 73 45.36 -17.11 4.20
CA TYR EA 73 46.36 -16.41 3.43
C TYR EA 73 47.68 -17.18 3.50
N GLY EA 74 48.29 -17.41 2.34
CA GLY EA 74 49.48 -18.22 2.25
C GLY EA 74 49.19 -19.57 1.59
N GLU EA 75 50.22 -20.08 0.92
CA GLU EA 75 50.06 -21.34 0.18
C GLU EA 75 49.82 -22.50 1.15
N LYS EA 76 50.53 -22.53 2.27
CA LYS EA 76 50.30 -23.56 3.27
C LYS EA 76 48.94 -23.44 3.93
N MET EA 77 48.46 -22.21 4.14
CA MET EA 77 47.11 -22.01 4.65
C MET EA 77 46.05 -22.51 3.66
N THR EA 78 46.23 -22.22 2.37
CA THR EA 78 45.32 -22.72 1.36
C THR EA 78 45.34 -24.24 1.28
N ALA EA 79 46.52 -24.84 1.49
CA ALA EA 79 46.61 -26.29 1.57
C ALA EA 79 45.75 -26.86 2.70
N LEU EA 80 45.72 -26.22 3.86
CA LEU EA 80 44.84 -26.65 4.94
C LEU EA 80 43.37 -26.56 4.58
N CYS EA 81 42.95 -25.48 3.91
CA CYS EA 81 41.56 -25.35 3.51
C CYS EA 81 41.16 -26.43 2.51
N LEU EA 82 42.02 -26.69 1.53
CA LEU EA 82 41.69 -27.75 0.57
C LEU EA 82 41.75 -29.12 1.22
N ARG EA 83 42.61 -29.31 2.23
CA ARG EA 83 42.61 -30.58 2.95
C ARG EA 83 41.34 -30.75 3.78
N ASP EA 84 40.82 -29.65 4.34
CA ASP EA 84 39.52 -29.69 5.00
C ASP EA 84 38.44 -30.09 4.02
N LEU EA 85 38.50 -29.55 2.81
CA LEU EA 85 37.54 -29.94 1.78
C LEU EA 85 37.66 -31.43 1.45
N ASP EA 86 38.89 -31.95 1.41
CA ASP EA 86 39.09 -33.38 1.18
C ASP EA 86 38.50 -34.19 2.33
N TYR EA 87 38.66 -33.71 3.56
CA TYR EA 87 38.09 -34.39 4.72
C TYR EA 87 36.57 -34.47 4.61
N TYR EA 88 35.95 -33.35 4.23
CA TYR EA 88 34.50 -33.35 4.09
C TYR EA 88 34.03 -34.21 2.92
N LEU EA 89 34.83 -34.29 1.86
CA LEU EA 89 34.50 -35.20 0.77
C LEU EA 89 34.53 -36.65 1.22
N ARG EA 90 35.53 -37.01 2.02
CA ARG EA 90 35.61 -38.37 2.56
C ARG EA 90 34.41 -38.65 3.46
N LEU EA 91 34.03 -37.66 4.28
CA LEU EA 91 32.85 -37.83 5.13
C LEU EA 91 31.59 -38.01 4.30
N VAL EA 92 31.47 -37.28 3.20
CA VAL EA 92 30.30 -37.43 2.33
C VAL EA 92 30.27 -38.81 1.70
N THR EA 93 31.42 -39.32 1.28
CA THR EA 93 31.46 -40.68 0.74
C THR EA 93 31.06 -41.71 1.80
N TYR EA 94 31.53 -41.52 3.03
CA TYR EA 94 31.13 -42.41 4.13
C TYR EA 94 29.62 -42.36 4.35
N GLY EA 95 29.05 -41.16 4.31
CA GLY EA 95 27.61 -41.04 4.49
C GLY EA 95 26.84 -41.69 3.35
N ILE EA 96 27.37 -41.58 2.13
CA ILE EA 96 26.73 -42.23 0.99
C ILE EA 96 26.72 -43.73 1.15
N VAL EA 97 27.85 -44.31 1.55
CA VAL EA 97 27.89 -45.76 1.71
C VAL EA 97 27.04 -46.20 2.89
N ALA EA 98 26.94 -45.39 3.95
CA ALA EA 98 26.16 -45.76 5.11
C ALA EA 98 24.66 -45.64 4.88
N GLY EA 99 24.23 -44.69 4.05
CA GLY EA 99 22.82 -44.48 3.86
C GLY EA 99 22.20 -43.46 4.77
N ASP EA 100 22.93 -42.96 5.76
CA ASP EA 100 22.45 -41.90 6.64
C ASP EA 100 23.63 -41.00 7.00
N VAL EA 101 23.44 -40.19 8.03
CA VAL EA 101 24.41 -39.15 8.36
C VAL EA 101 25.08 -39.36 9.71
N THR EA 102 24.94 -40.54 10.32
CA THR EA 102 25.59 -40.79 11.61
C THR EA 102 27.12 -40.70 11.55
N PRO EA 103 27.82 -41.29 10.57
CA PRO EA 103 29.29 -41.13 10.58
C PRO EA 103 29.71 -39.70 10.31
N ILE EA 104 28.99 -39.00 9.44
CA ILE EA 104 29.29 -37.60 9.15
C ILE EA 104 29.13 -36.75 10.40
N GLU EA 105 28.04 -36.95 11.14
CA GLU EA 105 27.82 -36.18 12.36
C GLU EA 105 28.86 -36.52 13.41
N GLU EA 106 29.17 -37.81 13.58
CA GLU EA 106 30.12 -38.18 14.63
C GLU EA 106 31.54 -37.75 14.29
N ILE EA 107 31.85 -37.54 13.02
CA ILE EA 107 33.22 -37.22 12.66
C ILE EA 107 33.44 -35.72 12.47
N GLY EA 108 32.50 -35.01 11.85
CA GLY EA 108 32.82 -33.65 11.45
C GLY EA 108 31.76 -32.58 11.55
N ILE EA 109 30.74 -32.75 12.39
CA ILE EA 109 29.68 -31.75 12.54
C ILE EA 109 29.58 -31.23 13.96
N ILE EA 110 29.39 -32.10 14.94
CA ILE EA 110 29.15 -31.63 16.30
C ILE EA 110 30.48 -31.13 16.88
N GLY EA 111 30.46 -29.91 17.42
CA GLY EA 111 31.66 -29.25 17.89
C GLY EA 111 32.41 -28.47 16.84
N VAL EA 112 31.98 -28.57 15.57
CA VAL EA 112 32.67 -27.87 14.50
C VAL EA 112 32.55 -26.36 14.68
N LYS EA 113 31.44 -25.90 15.27
CA LYS EA 113 31.28 -24.48 15.54
C LYS EA 113 32.34 -23.97 16.50
N GLU EA 114 32.51 -24.67 17.62
CA GLU EA 114 33.50 -24.25 18.61
C GLU EA 114 34.92 -24.35 18.05
N MET EA 115 35.20 -25.42 17.29
CA MET EA 115 36.55 -25.58 16.75
C MET EA 115 36.86 -24.49 15.73
N TYR EA 116 35.92 -24.18 14.83
CA TYR EA 116 36.19 -23.17 13.82
C TYR EA 116 36.14 -21.77 14.40
N ASN EA 117 35.45 -21.58 15.53
CA ASN EA 117 35.52 -20.29 16.21
C ASN EA 117 36.86 -20.12 16.89
N SER EA 118 37.40 -21.21 17.45
CA SER EA 118 38.75 -21.15 18.02
C SER EA 118 39.77 -20.84 16.95
N LEU EA 119 39.65 -21.48 15.78
CA LEU EA 119 40.59 -21.21 14.70
C LEU EA 119 40.29 -19.91 13.97
N GLN EA 120 39.13 -19.32 14.21
CA GLN EA 120 38.72 -18.07 13.56
C GLN EA 120 38.60 -18.22 12.05
N THR EA 121 38.20 -19.39 11.59
CA THR EA 121 37.93 -19.58 10.17
C THR EA 121 36.46 -19.31 9.89
N PRO EA 122 36.13 -18.65 8.78
CA PRO EA 122 34.73 -18.31 8.48
C PRO EA 122 33.92 -19.54 8.10
N ILE EA 123 33.07 -19.98 9.03
CA ILE EA 123 32.16 -21.09 8.73
C ILE EA 123 31.21 -20.82 7.57
N PRO EA 124 30.65 -19.61 7.38
CA PRO EA 124 29.88 -19.38 6.15
C PRO EA 124 30.70 -19.51 4.88
N ALA EA 125 31.98 -19.14 4.92
CA ALA EA 125 32.84 -19.38 3.77
C ALA EA 125 33.06 -20.87 3.54
N VAL EA 126 33.23 -21.63 4.62
CA VAL EA 126 33.42 -23.07 4.49
C VAL EA 126 32.17 -23.72 3.93
N ALA EA 127 31.00 -23.20 4.29
CA ALA EA 127 29.74 -23.73 3.76
C ALA EA 127 29.67 -23.54 2.25
N GLU EA 128 30.06 -22.37 1.75
CA GLU EA 128 30.05 -22.15 0.32
C GLU EA 128 31.10 -23.02 -0.37
N GLY EA 129 32.24 -23.21 0.27
CA GLY EA 129 33.24 -24.12 -0.27
C GLY EA 129 32.73 -25.55 -0.39
N VAL EA 130 31.93 -25.98 0.58
CA VAL EA 130 31.33 -27.32 0.52
C VAL EA 130 30.27 -27.37 -0.58
N ARG EA 131 29.48 -26.31 -0.72
CA ARG EA 131 28.43 -26.30 -1.74
C ARG EA 131 29.02 -26.35 -3.15
N ALA EA 132 30.18 -25.74 -3.34
CA ALA EA 132 30.90 -25.89 -4.60
C ALA EA 132 31.26 -27.36 -4.84
N MET EA 133 31.60 -28.07 -3.77
CA MET EA 133 31.85 -29.49 -3.87
C MET EA 133 30.61 -30.24 -4.34
N LYS EA 134 29.44 -29.86 -3.83
CA LYS EA 134 28.19 -30.50 -4.26
C LYS EA 134 27.95 -30.24 -5.74
N ASN EA 135 28.20 -29.01 -6.19
CA ASN EA 135 28.01 -28.70 -7.60
C ASN EA 135 28.93 -29.54 -8.49
N VAL EA 136 30.21 -29.63 -8.12
CA VAL EA 136 31.15 -30.41 -8.93
C VAL EA 136 30.80 -31.88 -8.89
N ALA EA 137 30.31 -32.37 -7.75
CA ALA EA 137 29.95 -33.78 -7.64
C ALA EA 137 28.73 -34.11 -8.47
N THR EA 138 27.69 -33.27 -8.41
CA THR EA 138 26.50 -33.52 -9.22
C THR EA 138 26.75 -33.23 -10.69
N SER EA 139 27.86 -32.59 -11.03
CA SER EA 139 28.26 -32.45 -12.42
C SER EA 139 28.72 -33.78 -13.05
N LEU EA 140 28.91 -34.84 -12.26
CA LEU EA 140 29.49 -36.08 -12.77
C LEU EA 140 28.64 -37.30 -12.47
N LEU EA 141 27.31 -37.15 -12.39
CA LEU EA 141 26.45 -38.25 -12.00
C LEU EA 141 25.13 -38.20 -12.75
N SER EA 142 24.46 -39.35 -12.82
CA SER EA 142 23.10 -39.40 -13.32
C SER EA 142 22.15 -38.74 -12.32
N GLY EA 143 20.92 -38.51 -12.76
CA GLY EA 143 19.96 -37.75 -11.98
C GLY EA 143 19.62 -38.31 -10.61
N ASP EA 144 19.28 -39.59 -10.55
CA ASP EA 144 18.98 -40.20 -9.26
C ASP EA 144 20.22 -40.23 -8.37
N ASP EA 145 21.36 -40.63 -8.93
CA ASP EA 145 22.61 -40.61 -8.17
C ASP EA 145 22.99 -39.20 -7.75
N ALA EA 146 22.78 -38.22 -8.64
CA ALA EA 146 23.08 -36.83 -8.30
C ALA EA 146 22.22 -36.35 -7.14
N ALA EA 147 20.93 -36.69 -7.15
CA ALA EA 147 20.07 -36.30 -6.03
C ALA EA 147 20.49 -37.01 -4.74
N GLU EA 148 20.87 -38.29 -4.86
CA GLU EA 148 21.26 -39.05 -3.68
C GLU EA 148 22.51 -38.46 -3.03
N ALA EA 149 23.48 -38.01 -3.84
CA ALA EA 149 24.66 -37.36 -3.27
C ALA EA 149 24.34 -35.95 -2.78
N GLY EA 150 23.46 -35.24 -3.50
CA GLY EA 150 23.13 -33.89 -3.12
C GLY EA 150 22.41 -33.82 -1.79
N PHE EA 151 21.69 -34.88 -1.42
CA PHE EA 151 21.07 -34.89 -0.10
C PHE EA 151 22.11 -34.81 1.02
N TYR EA 152 23.19 -35.61 0.91
CA TYR EA 152 24.23 -35.55 1.93
C TYR EA 152 25.01 -34.25 1.87
N PHE EA 153 25.23 -33.70 0.66
CA PHE EA 153 25.90 -32.41 0.57
C PHE EA 153 25.07 -31.31 1.23
N ASP EA 154 23.76 -31.33 1.02
CA ASP EA 154 22.87 -30.37 1.66
C ASP EA 154 22.83 -30.59 3.17
N TYR EA 155 22.96 -31.84 3.61
CA TYR EA 155 23.04 -32.08 5.05
C TYR EA 155 24.28 -31.43 5.65
N LEU EA 156 25.42 -31.55 4.96
CA LEU EA 156 26.64 -30.90 5.44
C LEU EA 156 26.47 -29.38 5.48
N VAL EA 157 25.88 -28.81 4.43
CA VAL EA 157 25.69 -27.35 4.38
C VAL EA 157 24.76 -26.89 5.49
N GLY EA 158 23.70 -27.65 5.75
CA GLY EA 158 22.80 -27.31 6.84
C GLY EA 158 23.46 -27.46 8.20
N ALA EA 159 24.29 -28.48 8.36
CA ALA EA 159 24.99 -28.70 9.63
C ALA EA 159 25.96 -27.58 9.93
N MET EA 160 26.63 -27.04 8.90
CA MET EA 160 27.46 -25.85 9.08
C MET EA 160 26.58 -24.60 9.02
N GLN EA 161 25.74 -24.46 10.04
CA GLN EA 161 24.79 -23.36 10.14
C GLN EA 161 24.23 -23.26 11.54
N MET FA 1 27.80 -49.50 19.59
CA MET FA 1 28.19 -50.72 18.88
C MET FA 1 28.40 -50.48 17.40
N GLN FA 2 28.83 -51.52 16.69
CA GLN FA 2 29.18 -51.41 15.28
C GLN FA 2 28.53 -52.54 14.49
N ASP FA 3 28.33 -52.29 13.20
CA ASP FA 3 27.94 -53.30 12.24
C ASP FA 3 29.05 -53.44 11.21
N ALA FA 4 28.76 -54.17 10.14
CA ALA FA 4 29.77 -54.37 9.10
C ALA FA 4 30.10 -53.06 8.40
N ILE FA 5 29.08 -52.32 7.96
CA ILE FA 5 29.30 -51.10 7.19
C ILE FA 5 29.96 -50.03 8.05
N THR FA 6 29.41 -49.80 9.25
CA THR FA 6 29.98 -48.78 10.11
C THR FA 6 31.36 -49.19 10.62
N ALA FA 7 31.60 -50.50 10.78
CA ALA FA 7 32.92 -50.96 11.20
C ALA FA 7 33.95 -50.69 10.11
N VAL FA 8 33.62 -50.98 8.85
CA VAL FA 8 34.53 -50.67 7.76
C VAL FA 8 34.77 -49.17 7.68
N ILE FA 9 33.70 -48.38 7.87
CA ILE FA 9 33.81 -46.93 7.84
C ILE FA 9 34.77 -46.45 8.92
N ASN FA 10 34.64 -46.98 10.14
CA ASN FA 10 35.52 -46.54 11.22
C ASN FA 10 36.96 -46.99 11.00
N ASN FA 11 37.18 -48.22 10.54
CA ASN FA 11 38.56 -48.65 10.30
C ASN FA 11 39.21 -47.88 9.15
N TYR FA 12 38.43 -47.36 8.22
CA TYR FA 12 39.08 -46.51 7.23
C TYR FA 12 39.17 -45.05 7.68
N ASP FA 13 38.26 -44.60 8.54
CA ASP FA 13 38.32 -43.23 9.02
C ASP FA 13 39.49 -43.03 9.97
N VAL FA 14 39.83 -44.06 10.75
CA VAL FA 14 40.97 -43.95 11.64
C VAL FA 14 42.26 -43.75 10.87
N GLN FA 15 42.40 -44.38 9.71
CA GLN FA 15 43.54 -44.16 8.83
C GLN FA 15 43.34 -42.94 7.92
N GLY FA 16 42.16 -42.37 7.88
CA GLY FA 16 41.92 -41.24 6.99
C GLY FA 16 41.98 -41.62 5.53
N LYS FA 17 41.43 -42.79 5.19
CA LYS FA 17 41.48 -43.30 3.84
C LYS FA 17 40.10 -43.32 3.22
N TYR FA 18 40.01 -43.00 1.94
CA TYR FA 18 38.78 -43.21 1.20
C TYR FA 18 38.51 -44.70 1.04
N LEU FA 19 37.24 -45.05 0.90
CA LEU FA 19 36.89 -46.45 0.72
C LEU FA 19 37.42 -46.96 -0.61
N ASP FA 20 38.32 -47.93 -0.54
CA ASP FA 20 39.02 -48.46 -1.70
C ASP FA 20 38.37 -49.75 -2.17
N GLY FA 21 39.06 -50.44 -3.09
CA GLY FA 21 38.52 -51.68 -3.64
C GLY FA 21 38.33 -52.76 -2.60
N ALA FA 22 39.26 -52.87 -1.66
CA ALA FA 22 39.12 -53.88 -0.61
C ALA FA 22 37.92 -53.59 0.28
N ALA FA 23 37.73 -52.33 0.65
CA ALA FA 23 36.57 -51.96 1.47
C ALA FA 23 35.27 -52.21 0.71
N LEU FA 24 35.25 -51.89 -0.59
CA LEU FA 24 34.08 -52.16 -1.40
C LEU FA 24 33.80 -53.65 -1.50
N ASP FA 25 34.86 -54.46 -1.62
CA ASP FA 25 34.68 -55.92 -1.67
C ASP FA 25 34.12 -56.44 -0.36
N LYS FA 26 34.61 -55.94 0.77
CA LYS FA 26 34.08 -56.35 2.06
C LYS FA 26 32.62 -55.95 2.21
N LEU FA 27 32.28 -54.75 1.77
CA LEU FA 27 30.90 -54.30 1.83
C LEU FA 27 30.00 -55.15 0.96
N LYS FA 28 30.47 -55.52 -0.24
CA LYS FA 28 29.69 -56.38 -1.13
C LYS FA 28 29.52 -57.77 -0.53
N ALA FA 29 30.57 -58.28 0.12
CA ALA FA 29 30.49 -59.58 0.78
C ALA FA 29 29.46 -59.56 1.90
N TYR FA 30 29.37 -58.46 2.64
CA TYR FA 30 28.29 -58.36 3.62
C TYR FA 30 26.93 -58.24 2.94
N PHE FA 31 26.85 -57.47 1.85
CA PHE FA 31 25.56 -57.16 1.24
C PHE FA 31 24.95 -58.40 0.60
N THR FA 32 25.77 -59.30 0.07
CA THR FA 32 25.25 -60.44 -0.67
C THR FA 32 24.51 -61.45 0.22
N THR FA 33 24.68 -61.38 1.53
CA THR FA 33 24.04 -62.32 2.45
C THR FA 33 22.97 -61.67 3.32
N GLY FA 34 22.35 -60.59 2.86
CA GLY FA 34 21.37 -59.90 3.68
C GLY FA 34 20.11 -60.72 3.92
N ALA FA 35 19.61 -61.36 2.88
CA ALA FA 35 18.31 -62.03 2.97
C ALA FA 35 18.36 -63.26 3.87
N VAL FA 36 19.46 -64.01 3.80
CA VAL FA 36 19.61 -65.21 4.62
C VAL FA 36 19.61 -64.86 6.10
N ARG FA 37 20.34 -63.80 6.47
CA ARG FA 37 20.32 -63.32 7.84
C ARG FA 37 18.92 -62.89 8.25
N VAL FA 38 18.17 -62.29 7.32
CA VAL FA 38 16.82 -61.83 7.61
C VAL FA 38 15.93 -63.02 7.96
N ARG FA 39 15.95 -64.04 7.12
CA ARG FA 39 15.10 -65.21 7.36
C ARG FA 39 15.54 -65.96 8.61
N ALA FA 40 16.85 -66.03 8.86
CA ALA FA 40 17.32 -66.69 10.07
C ALA FA 40 16.86 -65.96 11.32
N ALA FA 41 16.95 -64.62 11.31
CA ALA FA 41 16.46 -63.84 12.45
C ALA FA 41 14.96 -64.01 12.64
N ALA FA 42 14.20 -64.06 11.55
CA ALA FA 42 12.76 -64.28 11.66
C ALA FA 42 12.45 -65.64 12.28
N VAL FA 43 13.15 -66.69 11.84
CA VAL FA 43 12.92 -68.02 12.38
C VAL FA 43 13.27 -68.08 13.86
N ILE FA 44 14.40 -67.47 14.24
CA ILE FA 44 14.81 -67.49 15.64
C ILE FA 44 13.82 -66.73 16.50
N SER FA 45 13.34 -65.58 16.01
CA SER FA 45 12.36 -64.79 16.76
C SER FA 45 11.05 -65.55 16.93
N SER FA 46 10.64 -66.27 15.89
CA SER FA 46 9.43 -67.08 16.00
C SER FA 46 9.61 -68.29 16.90
N ASN FA 47 10.84 -68.82 17.03
CA ASN FA 47 11.09 -70.00 17.83
C ASN FA 47 11.91 -69.72 19.08
N ALA FA 48 11.84 -68.51 19.64
CA ALA FA 48 12.62 -68.11 20.80
C ALA FA 48 12.46 -69.02 22.01
N THR FA 49 11.24 -69.11 22.56
CA THR FA 49 11.09 -69.79 23.85
C THR FA 49 11.23 -71.30 23.69
N THR FA 50 10.90 -71.84 22.53
CA THR FA 50 11.12 -73.26 22.30
C THR FA 50 12.60 -73.59 22.26
N ILE FA 51 13.41 -72.71 21.66
CA ILE FA 51 14.86 -72.91 21.65
C ILE FA 51 15.41 -72.91 23.06
N ILE FA 52 14.98 -71.95 23.89
CA ILE FA 52 15.45 -71.88 25.27
C ILE FA 52 15.01 -73.12 26.05
N LYS FA 53 13.77 -73.54 25.86
CA LYS FA 53 13.25 -74.72 26.56
C LYS FA 53 14.05 -75.96 26.19
N GLU FA 54 14.28 -76.17 24.89
CA GLU FA 54 15.03 -77.34 24.46
C GLU FA 54 16.48 -77.29 24.93
N ALA FA 55 17.12 -76.12 24.87
CA ALA FA 55 18.50 -76.02 25.33
C ALA FA 55 18.61 -76.27 26.83
N ALA FA 56 17.69 -75.72 27.62
CA ALA FA 56 17.70 -75.95 29.05
C ALA FA 56 17.45 -77.43 29.37
N ALA FA 57 16.51 -78.05 28.67
CA ALA FA 57 16.23 -79.46 28.90
C ALA FA 57 17.41 -80.34 28.53
N LYS FA 58 18.16 -79.98 27.49
CA LYS FA 58 19.26 -80.82 27.06
C LYS FA 58 20.59 -80.46 27.72
N ALA FA 59 20.65 -79.36 28.48
CA ALA FA 59 21.92 -78.93 29.05
C ALA FA 59 21.92 -78.76 30.56
N LEU FA 60 20.84 -78.30 31.19
CA LEU FA 60 20.91 -77.90 32.58
C LEU FA 60 20.00 -78.73 33.49
N ILE FA 61 18.71 -78.79 33.17
CA ILE FA 61 17.74 -79.43 34.04
C ILE FA 61 17.91 -80.94 34.03
N TYR FA 62 17.19 -81.64 34.92
CA TYR FA 62 17.37 -83.07 35.14
C TYR FA 62 18.80 -83.37 35.59
N SER FA 63 19.34 -82.47 36.41
CA SER FA 63 20.70 -82.60 36.91
C SER FA 63 20.76 -81.99 38.31
N ASP FA 64 21.97 -81.88 38.83
CA ASP FA 64 22.14 -81.38 40.20
C ASP FA 64 22.02 -79.86 40.27
N LEU FA 65 22.02 -79.18 39.13
CA LEU FA 65 21.87 -77.74 39.13
C LEU FA 65 20.49 -77.33 39.64
N THR FA 66 19.45 -78.05 39.22
CA THR FA 66 18.08 -77.73 39.60
C THR FA 66 17.72 -78.19 41.01
N ARG FA 67 18.49 -79.10 41.59
CA ARG FA 67 18.17 -79.59 42.91
C ARG FA 67 18.77 -78.68 43.98
N PRO FA 68 18.38 -78.87 45.24
CA PRO FA 68 18.95 -78.06 46.32
C PRO FA 68 20.47 -78.20 46.41
N GLY FA 69 21.13 -77.11 46.75
CA GLY FA 69 22.57 -77.03 46.71
C GLY FA 69 23.14 -76.60 45.39
N GLY FA 70 22.33 -76.58 44.33
CA GLY FA 70 22.78 -76.14 43.02
C GLY FA 70 22.54 -74.65 42.84
N MEN FA 71 23.18 -74.10 41.81
CA MEN FA 71 23.10 -72.69 41.56
C MEN FA 71 21.78 -72.30 40.92
O MEN FA 71 21.26 -71.18 40.99
CB MEN FA 71 24.18 -72.16 40.60
CG MEN FA 71 24.22 -70.65 40.70
OD1 MEN FA 71 24.47 -69.96 39.68
ND2 MEN FA 71 23.98 -70.09 41.92
CE2 MEN FA 71 23.99 -68.68 42.18
N MET FA 72 21.19 -73.30 40.26
CA MET FA 72 20.00 -73.07 39.45
C MET FA 72 18.78 -73.39 40.29
N TYR FA 73 19.03 -73.74 41.55
CA TYR FA 73 17.99 -74.07 42.50
C TYR FA 73 17.14 -72.84 42.80
N THR FA 74 15.86 -73.09 43.13
CA THR FA 74 14.84 -72.09 43.47
C THR FA 74 14.32 -71.41 42.21
N THR FA 75 13.03 -71.04 42.26
CA THR FA 75 12.38 -70.41 41.12
C THR FA 75 13.05 -69.10 40.76
N ARG FA 76 13.52 -68.35 41.75
CA ARG FA 76 14.19 -67.09 41.51
C ARG FA 76 15.45 -67.27 40.67
N ARG FA 77 16.33 -68.18 41.09
CA ARG FA 77 17.57 -68.41 40.36
C ARG FA 77 17.31 -69.02 38.98
N TYR FA 78 16.36 -69.96 38.88
CA TYR FA 78 16.04 -70.51 37.56
C TYR FA 78 15.49 -69.44 36.62
N ALA FA 79 14.61 -68.58 37.13
CA ALA FA 79 14.06 -67.51 36.29
C ALA FA 79 15.15 -66.56 35.84
N ALA FA 80 16.08 -66.22 36.74
CA ALA FA 80 17.19 -65.36 36.37
C ALA FA 80 18.06 -66.01 35.30
N CYS FA 81 18.33 -67.31 35.43
CA CYS FA 81 19.11 -68.02 34.41
C CYS FA 81 18.38 -68.02 33.07
N ILE FA 82 17.07 -68.27 33.06
CA ILE FA 82 16.36 -68.27 31.79
C ILE FA 82 16.29 -66.87 31.17
N ARG FA 83 16.16 -65.82 32.00
CA ARG FA 83 16.20 -64.46 31.47
C ARG FA 83 17.54 -64.17 30.83
N ASP FA 84 18.63 -64.58 31.50
CA ASP FA 84 19.97 -64.43 30.93
C ASP FA 84 20.09 -65.18 29.61
N MET FA 85 19.53 -66.39 29.56
CA MET FA 85 19.67 -67.22 28.39
C MET FA 85 18.93 -66.60 27.21
N ASP FA 86 17.74 -66.06 27.49
CA ASP FA 86 16.97 -65.36 26.47
C ASP FA 86 17.72 -64.13 25.97
N TYR FA 87 18.37 -63.40 26.87
CA TYR FA 87 19.15 -62.24 26.45
C TYR FA 87 20.29 -62.66 25.53
N PHE FA 88 20.94 -63.77 25.86
CA PHE FA 88 22.01 -64.30 25.02
C PHE FA 88 21.49 -64.61 23.62
N LEU FA 89 20.31 -65.24 23.56
CA LEU FA 89 19.72 -65.58 22.26
C LEU FA 89 19.40 -64.33 21.44
N ARG FA 90 18.77 -63.35 22.07
CA ARG FA 90 18.36 -62.15 21.32
C ARG FA 90 19.56 -61.35 20.87
N TYR FA 91 20.58 -61.21 21.71
CA TYR FA 91 21.75 -60.45 21.31
C TYR FA 91 22.57 -61.22 20.28
N ALA FA 92 22.54 -62.55 20.33
CA ALA FA 92 23.16 -63.33 19.27
C ALA FA 92 22.46 -63.08 17.94
N THR FA 93 21.13 -62.99 17.96
CA THR FA 93 20.40 -62.64 16.74
C THR FA 93 20.78 -61.26 16.24
N TYR FA 94 20.91 -60.28 17.15
CA TYR FA 94 21.32 -58.94 16.76
C TYR FA 94 22.70 -58.95 16.12
N ALA FA 95 23.64 -59.66 16.73
CA ALA FA 95 25.00 -59.71 16.21
C ALA FA 95 25.03 -60.41 14.85
N MET FA 96 24.21 -61.45 14.70
CA MET FA 96 24.13 -62.15 13.42
C MET FA 96 23.60 -61.23 12.32
N LEU FA 97 22.57 -60.44 12.64
CA LEU FA 97 22.04 -59.51 11.64
C LEU FA 97 23.05 -58.43 11.30
N ALA FA 98 23.73 -57.89 12.31
CA ALA FA 98 24.66 -56.79 12.07
C ALA FA 98 25.97 -57.26 11.45
N GLY FA 99 26.27 -58.55 11.53
CA GLY FA 99 27.54 -59.04 11.00
C GLY FA 99 28.75 -58.54 11.77
N ASP FA 100 28.63 -58.39 13.08
CA ASP FA 100 29.76 -57.93 13.88
C ASP FA 100 29.54 -58.19 15.36
N PRO FA 101 30.56 -58.68 16.08
CA PRO FA 101 30.43 -58.93 17.51
C PRO FA 101 30.64 -57.70 18.38
N SER FA 102 30.63 -56.50 17.80
CA SER FA 102 30.87 -55.29 18.58
C SER FA 102 29.78 -55.08 19.61
N ILE FA 103 28.52 -55.32 19.24
CA ILE FA 103 27.43 -55.19 20.19
C ILE FA 103 27.56 -56.22 21.31
N LEU FA 104 28.00 -57.43 20.97
CA LEU FA 104 28.21 -58.45 22.00
C LEU FA 104 29.32 -58.05 22.97
N ASP FA 105 30.42 -57.49 22.47
CA ASP FA 105 31.47 -57.01 23.35
C ASP FA 105 30.98 -55.85 24.21
N GLU FA 106 30.19 -54.95 23.63
CA GLU FA 106 29.77 -53.77 24.36
C GLU FA 106 28.75 -54.09 25.45
N ARG FA 107 27.75 -54.90 25.13
CA ARG FA 107 26.57 -55.00 25.98
C ARG FA 107 26.39 -56.34 26.68
N VAL FA 108 27.28 -57.31 26.45
CA VAL FA 108 27.13 -58.60 27.10
C VAL FA 108 28.40 -59.00 27.82
N LEU FA 109 29.52 -59.03 27.10
CA LEU FA 109 30.73 -59.65 27.62
C LEU FA 109 31.40 -58.82 28.71
N ASN FA 110 31.05 -57.54 28.83
CA ASN FA 110 31.75 -56.66 29.76
C ASN FA 110 31.45 -57.00 31.22
N GLY FA 111 32.43 -57.56 31.93
CA GLY FA 111 32.30 -57.87 33.34
C GLY FA 111 31.46 -59.08 33.66
N LEU FA 112 31.01 -59.82 32.65
CA LEU FA 112 30.08 -60.90 32.89
C LEU FA 112 30.76 -62.06 33.64
N LYS FA 113 32.01 -62.36 33.29
CA LYS FA 113 32.71 -63.46 33.96
C LYS FA 113 32.97 -63.13 35.43
N GLU FA 114 33.38 -61.90 35.72
CA GLU FA 114 33.62 -61.51 37.10
C GLU FA 114 32.32 -61.44 37.90
N THR FA 115 31.24 -60.98 37.27
CA THR FA 115 29.95 -60.95 37.96
C THR FA 115 29.47 -62.37 38.25
N TYR FA 116 29.67 -63.28 37.31
CA TYR FA 116 29.23 -64.66 37.50
C TYR FA 116 30.09 -65.36 38.55
N ASN FA 117 31.37 -65.00 38.62
CA ASN FA 117 32.21 -65.48 39.72
C ASN FA 117 31.74 -64.93 41.06
N SER FA 118 31.35 -63.65 41.07
CA SER FA 118 30.87 -63.02 42.29
C SER FA 118 29.58 -63.67 42.78
N LEU FA 119 28.70 -64.05 41.85
CA LEU FA 119 27.44 -64.68 42.23
C LEU FA 119 27.51 -66.20 42.19
N GLY FA 120 28.68 -66.78 41.94
CA GLY FA 120 28.82 -68.21 41.89
C GLY FA 120 28.22 -68.87 40.67
N VAL FA 121 27.99 -68.13 39.60
CA VAL FA 121 27.32 -68.66 38.41
C VAL FA 121 28.23 -69.67 37.73
N PRO FA 122 27.73 -70.86 37.40
CA PRO FA 122 28.57 -71.86 36.72
C PRO FA 122 28.84 -71.46 35.27
N ILE FA 123 30.09 -71.05 35.01
CA ILE FA 123 30.46 -70.63 33.66
C ILE FA 123 30.40 -71.80 32.69
N ALA FA 124 30.79 -72.99 33.16
CA ALA FA 124 30.69 -74.17 32.32
C ALA FA 124 29.25 -74.48 31.96
N ALA FA 125 28.35 -74.38 32.93
CA ALA FA 125 26.93 -74.60 32.65
C ALA FA 125 26.38 -73.55 31.70
N THR FA 126 26.80 -72.29 31.85
CA THR FA 126 26.37 -71.24 30.94
C THR FA 126 26.84 -71.52 29.51
N VAL FA 127 28.10 -71.93 29.37
CA VAL FA 127 28.63 -72.25 28.05
C VAL FA 127 27.89 -73.45 27.45
N GLY FA 128 27.57 -74.43 28.29
CA GLY FA 128 26.79 -75.56 27.81
C GLY FA 128 25.41 -75.17 27.33
N GLY FA 129 24.73 -74.29 28.06
CA GLY FA 129 23.43 -73.81 27.60
C GLY FA 129 23.52 -73.00 26.32
N ILE FA 130 24.56 -72.17 26.20
CA ILE FA 130 24.76 -71.41 24.97
C ILE FA 130 25.01 -72.34 23.79
N GLN FA 131 25.82 -73.37 24.00
CA GLN FA 131 26.06 -74.36 22.95
C GLN FA 131 24.80 -75.14 22.61
N ALA FA 132 23.96 -75.43 23.60
CA ALA FA 132 22.68 -76.08 23.32
C ALA FA 132 21.80 -75.23 22.44
N MET FA 133 21.68 -73.93 22.75
CA MET FA 133 20.90 -73.07 21.87
C MET FA 133 21.54 -72.95 20.49
N LYS FA 134 22.87 -72.98 20.44
CA LYS FA 134 23.55 -72.92 19.14
C LYS FA 134 23.20 -74.15 18.30
N GLU FA 135 23.16 -75.32 18.92
CA GLU FA 135 22.77 -76.52 18.20
C GLU FA 135 21.31 -76.45 17.75
N VAL FA 136 20.43 -75.99 18.62
CA VAL FA 136 19.01 -75.95 18.26
C VAL FA 136 18.76 -74.92 17.15
N VAL FA 137 19.46 -73.79 17.19
CA VAL FA 137 19.30 -72.79 16.14
C VAL FA 137 19.94 -73.24 14.84
N GLY FA 138 21.03 -74.02 14.94
CA GLY FA 138 21.58 -74.62 13.74
C GLY FA 138 20.63 -75.60 13.10
N GLY FA 139 19.90 -76.36 13.90
CA GLY FA 139 18.88 -77.23 13.37
C GLY FA 139 17.71 -76.47 12.77
N LEU FA 140 17.25 -75.42 13.46
CA LEU FA 140 16.08 -74.69 12.97
C LEU FA 140 16.38 -73.89 11.71
N VAL FA 141 17.48 -73.14 11.71
CA VAL FA 141 17.75 -72.20 10.64
C VAL FA 141 18.04 -72.87 9.31
N GLY FA 142 18.60 -74.08 9.31
CA GLY FA 142 18.95 -74.75 8.08
C GLY FA 142 20.30 -74.31 7.55
N PRO FA 143 20.65 -74.82 6.37
CA PRO FA 143 21.98 -74.55 5.78
C PRO FA 143 22.29 -73.08 5.53
N ASP FA 144 21.25 -72.27 5.28
CA ASP FA 144 21.45 -70.89 4.81
C ASP FA 144 22.23 -70.03 5.79
N ALA FA 145 21.83 -70.03 7.06
CA ALA FA 145 22.47 -69.18 8.05
C ALA FA 145 22.95 -69.93 9.29
N ALA FA 146 23.09 -71.26 9.21
CA ALA FA 146 23.51 -72.03 10.37
C ALA FA 146 24.93 -71.65 10.80
N LYS FA 147 25.84 -71.52 9.83
CA LYS FA 147 27.22 -71.17 10.16
C LYS FA 147 27.31 -69.76 10.72
N GLU FA 148 26.62 -68.82 10.10
CA GLU FA 148 26.64 -67.43 10.55
C GLU FA 148 26.06 -67.30 11.95
N ALA FA 149 24.96 -68.01 12.23
CA ALA FA 149 24.42 -67.99 13.58
C ALA FA 149 25.37 -68.65 14.57
N SER FA 150 26.02 -69.74 14.16
CA SER FA 150 26.85 -70.51 15.08
C SER FA 150 28.11 -69.75 15.47
N ILE FA 151 28.64 -68.93 14.57
CA ILE FA 151 29.89 -68.24 14.87
C ILE FA 151 29.73 -67.26 16.03
N TYR FA 152 28.58 -66.58 16.13
CA TYR FA 152 28.39 -65.66 17.24
C TYR FA 152 28.11 -66.35 18.56
N PHE FA 153 27.40 -67.49 18.55
CA PHE FA 153 27.26 -68.26 19.77
C PHE FA 153 28.62 -68.79 20.23
N ASP FA 154 29.45 -69.24 19.30
CA ASP FA 154 30.82 -69.62 19.66
C ASP FA 154 31.61 -68.44 20.17
N TYR FA 155 31.36 -67.25 19.62
CA TYR FA 155 32.00 -66.04 20.12
C TYR FA 155 31.63 -65.77 21.56
N LEU FA 156 30.35 -65.87 21.90
CA LEU FA 156 29.92 -65.67 23.29
C LEU FA 156 30.51 -66.72 24.21
N SER FA 157 30.51 -67.98 23.76
CA SER FA 157 31.09 -69.06 24.56
C SER FA 157 32.57 -68.84 24.82
N SER FA 158 33.33 -68.41 23.81
CA SER FA 158 34.73 -68.09 23.98
C SER FA 158 34.96 -66.86 24.85
N GLY FA 159 34.09 -65.85 24.74
CA GLY FA 159 34.24 -64.67 25.58
C GLY FA 159 34.00 -64.97 27.05
N LEU FA 160 33.02 -65.82 27.35
CA LEU FA 160 32.80 -66.21 28.74
C LEU FA 160 33.87 -67.17 29.24
N SER FA 161 34.25 -68.16 28.43
CA SER FA 161 35.22 -69.16 28.84
C SER FA 161 36.66 -68.69 28.60
N SER GA 2 -63.23 -28.75 52.48
CA SER GA 2 -63.37 -30.07 53.08
C SER GA 2 -62.54 -31.10 52.34
N VAL GA 3 -62.53 -32.32 52.86
CA VAL GA 3 -61.86 -33.42 52.16
C VAL GA 3 -62.54 -33.68 50.82
N LEU GA 4 -63.87 -33.64 50.80
CA LEU GA 4 -64.60 -33.81 49.55
C LEU GA 4 -64.25 -32.73 48.54
N THR GA 5 -64.20 -31.47 49.00
CA THR GA 5 -63.87 -30.36 48.09
C THR GA 5 -62.44 -30.48 47.57
N LYS GA 6 -61.51 -30.87 48.44
CA LYS GA 6 -60.12 -31.03 48.02
C LYS GA 6 -59.99 -32.12 46.97
N ALA GA 7 -60.62 -33.28 47.21
CA ALA GA 7 -60.55 -34.38 46.27
C ALA GA 7 -61.23 -34.02 44.95
N ILE GA 8 -62.37 -33.34 45.02
CA ILE GA 8 -63.10 -33.03 43.79
C ILE GA 8 -62.34 -31.99 42.98
N VAL GA 9 -61.71 -31.02 43.65
CA VAL GA 9 -60.93 -30.01 42.96
C VAL GA 9 -59.73 -30.63 42.28
N ASN GA 10 -59.04 -31.54 42.97
CA ASN GA 10 -57.90 -32.23 42.36
C ASN GA 10 -58.34 -33.07 41.15
N ALA GA 11 -59.44 -33.81 41.28
CA ALA GA 11 -59.91 -34.65 40.19
C ALA GA 11 -60.34 -33.80 38.99
N ASP GA 12 -61.00 -32.68 39.25
CA ASP GA 12 -61.42 -31.80 38.15
C ASP GA 12 -60.21 -31.16 37.48
N ALA GA 13 -59.20 -30.77 38.27
CA ALA GA 13 -58.01 -30.18 37.69
C ALA GA 13 -57.28 -31.19 36.81
N GLU GA 14 -57.23 -32.45 37.22
CA GLU GA 14 -56.61 -33.48 36.41
C GLU GA 14 -57.50 -33.95 35.27
N ALA GA 15 -58.79 -33.63 35.32
CA ALA GA 15 -59.76 -34.07 34.31
C ALA GA 15 -59.88 -35.59 34.29
N ARG GA 16 -60.31 -36.16 35.42
CA ARG GA 16 -60.47 -37.60 35.56
C ARG GA 16 -61.47 -37.87 36.68
N TYR GA 17 -61.95 -39.11 36.73
CA TYR GA 17 -62.73 -39.56 37.86
C TYR GA 17 -61.82 -39.78 39.07
N LEU GA 18 -62.42 -39.82 40.25
CA LEU GA 18 -61.64 -39.95 41.46
C LEU GA 18 -60.96 -41.30 41.53
N SER GA 19 -59.86 -41.35 42.27
CA SER GA 19 -59.07 -42.56 42.39
C SER GA 19 -59.45 -43.34 43.64
N PRO GA 20 -58.98 -44.59 43.76
CA PRO GA 20 -59.26 -45.37 44.97
C PRO GA 20 -58.77 -44.72 46.25
N GLY GA 21 -57.64 -44.01 46.21
CA GLY GA 21 -57.17 -43.33 47.41
C GLY GA 21 -58.12 -42.25 47.89
N GLU GA 22 -58.61 -41.43 46.95
CA GLU GA 22 -59.56 -40.39 47.31
C GLU GA 22 -60.89 -40.99 47.77
N LEU GA 23 -61.31 -42.09 47.13
CA LEU GA 23 -62.53 -42.76 47.56
C LEU GA 23 -62.39 -43.30 48.99
N ASP GA 24 -61.24 -43.89 49.30
CA ASP GA 24 -61.00 -44.41 50.64
C ASP GA 24 -60.97 -43.28 51.66
N ARG GA 25 -60.35 -42.15 51.32
CA ARG GA 25 -60.33 -41.05 52.27
C ARG GA 25 -61.73 -40.46 52.46
N ILE GA 26 -62.55 -40.46 51.41
CA ILE GA 26 -63.94 -40.02 51.55
C ILE GA 26 -64.70 -40.96 52.49
N LYS GA 27 -64.49 -42.26 52.34
CA LYS GA 27 -65.14 -43.22 53.23
C LYS GA 27 -64.69 -43.03 54.68
N SER GA 28 -63.40 -42.81 54.88
CA SER GA 28 -62.89 -42.57 56.23
C SER GA 28 -63.48 -41.30 56.83
N PHE GA 29 -63.61 -40.25 56.02
CA PHE GA 29 -64.19 -39.00 56.51
C PHE GA 29 -65.65 -39.18 56.89
N VAL GA 30 -66.41 -39.88 56.05
CA VAL GA 30 -67.83 -40.08 56.37
C VAL GA 30 -67.99 -40.97 57.59
N ALA GA 31 -67.05 -41.91 57.80
CA ALA GA 31 -67.09 -42.70 59.02
C ALA GA 31 -66.78 -41.88 60.25
N SER GA 32 -65.78 -41.00 60.18
CA SER GA 32 -65.33 -40.22 61.33
C SER GA 32 -66.17 -38.97 61.56
N GLY GA 33 -67.14 -38.70 60.68
CA GLY GA 33 -68.04 -37.58 60.86
C GLY GA 33 -68.78 -37.56 62.19
N GLU GA 34 -69.11 -38.73 62.74
CA GLU GA 34 -69.79 -38.80 64.02
C GLU GA 34 -68.92 -38.23 65.14
N ARG GA 35 -67.67 -38.71 65.24
CA ARG GA 35 -66.76 -38.20 66.25
C ARG GA 35 -66.45 -36.74 66.01
N ARG GA 36 -66.39 -36.33 64.74
CA ARG GA 36 -66.14 -34.92 64.43
C ARG GA 36 -67.28 -34.05 64.94
N LEU GA 37 -68.53 -34.48 64.71
CA LEU GA 37 -69.67 -33.71 65.19
C LEU GA 37 -69.73 -33.68 66.71
N ARG GA 38 -69.38 -34.80 67.36
CA ARG GA 38 -69.35 -34.81 68.82
C ARG GA 38 -68.32 -33.85 69.37
N ILE GA 39 -67.12 -33.83 68.77
CA ILE GA 39 -66.06 -32.92 69.22
C ILE GA 39 -66.49 -31.47 69.02
N ALA GA 40 -67.10 -31.18 67.86
CA ALA GA 40 -67.58 -29.83 67.60
C ALA GA 40 -68.65 -29.41 68.59
N GLN GA 41 -69.58 -30.31 68.92
CA GLN GA 41 -70.60 -29.99 69.92
C GLN GA 41 -69.98 -29.69 71.28
N THR GA 42 -69.00 -30.50 71.68
CA THR GA 42 -68.36 -30.30 72.98
C THR GA 42 -67.64 -28.95 73.06
N LEU GA 43 -66.83 -28.63 72.05
CA LEU GA 43 -66.07 -27.39 72.14
C LEU GA 43 -66.97 -26.17 71.92
N THR GA 44 -68.05 -26.32 71.14
CA THR GA 44 -69.03 -25.25 71.03
C THR GA 44 -69.70 -24.99 72.37
N GLU GA 45 -70.02 -26.05 73.11
CA GLU GA 45 -70.59 -25.88 74.44
C GLU GA 45 -69.58 -25.24 75.39
N ALA GA 46 -68.30 -25.57 75.26
CA ALA GA 46 -67.26 -25.07 76.15
C ALA GA 46 -66.48 -23.91 75.55
N ARG GA 47 -67.11 -23.15 74.65
CA ARG GA 47 -66.41 -22.04 74.00
C ARG GA 47 -66.05 -20.93 74.98
N GLU GA 48 -66.92 -20.64 75.95
CA GLU GA 48 -66.68 -19.49 76.82
C GLU GA 48 -65.54 -19.75 77.78
N ARG GA 49 -65.51 -20.93 78.40
CA ARG GA 49 -64.43 -21.24 79.34
C ARG GA 49 -63.10 -21.36 78.62
N ILE GA 50 -63.12 -21.90 77.40
CA ILE GA 50 -61.91 -21.98 76.59
C ILE GA 50 -61.37 -20.59 76.30
N VAL GA 51 -62.26 -19.67 75.92
CA VAL GA 51 -61.87 -18.30 75.63
C VAL GA 51 -61.30 -17.63 76.87
N LYS GA 52 -61.95 -17.80 78.02
CA LYS GA 52 -61.48 -17.16 79.25
C LYS GA 52 -60.12 -17.70 79.67
N GLN GA 53 -59.93 -19.03 79.62
CA GLN GA 53 -58.67 -19.61 80.06
C GLN GA 53 -57.54 -19.30 79.10
N ALA GA 54 -57.83 -19.25 77.79
CA ALA GA 54 -56.85 -18.75 76.84
C ALA GA 54 -56.49 -17.31 77.16
N GLY GA 55 -57.49 -16.52 77.56
CA GLY GA 55 -57.23 -15.13 77.88
C GLY GA 55 -56.28 -14.93 79.05
N ASP GA 56 -56.52 -15.61 80.17
CA ASP GA 56 -55.63 -15.35 81.30
C ASP GA 56 -54.28 -16.03 81.10
N GLN GA 57 -54.23 -17.15 80.38
CA GLN GA 57 -52.94 -17.74 80.05
C GLN GA 57 -52.11 -16.80 79.18
N LEU GA 58 -52.75 -16.20 78.17
CA LEU GA 58 -52.04 -15.25 77.31
C LEU GA 58 -51.60 -14.02 78.08
N PHE GA 59 -52.45 -13.53 78.99
CA PHE GA 59 -52.08 -12.34 79.74
C PHE GA 59 -51.01 -12.63 80.79
N GLN GA 60 -50.94 -13.86 81.31
CA GLN GA 60 -49.82 -14.22 82.17
C GLN GA 60 -48.52 -14.31 81.37
N ILE GA 61 -48.58 -14.95 80.19
CA ILE GA 61 -47.36 -15.13 79.42
C ILE GA 61 -46.86 -13.82 78.84
N ARG GA 62 -47.77 -12.92 78.45
CA ARG GA 62 -47.40 -11.67 77.78
C ARG GA 62 -48.12 -10.51 78.46
N PRO GA 63 -47.65 -10.10 79.64
CA PRO GA 63 -48.25 -8.92 80.29
C PRO GA 63 -48.06 -7.63 79.53
N ASP GA 64 -47.05 -7.56 78.65
CA ASP GA 64 -46.75 -6.31 77.95
C ASP GA 64 -47.86 -5.92 76.98
N VAL GA 65 -48.61 -6.90 76.47
CA VAL GA 65 -49.66 -6.60 75.50
C VAL GA 65 -50.77 -5.78 76.14
N VAL GA 66 -50.97 -5.95 77.44
CA VAL GA 66 -52.00 -5.19 78.15
C VAL GA 66 -51.34 -3.99 78.83
N SER GA 67 -50.05 -3.81 78.59
CA SER GA 67 -49.29 -2.70 79.14
C SER GA 67 -49.60 -1.47 78.31
N PRO GA 68 -49.30 -0.26 78.83
CA PRO GA 68 -49.61 0.99 78.13
C PRO GA 68 -49.12 1.08 76.69
N GLY GA 69 -47.91 0.56 76.43
CA GLY GA 69 -47.40 0.52 75.08
C GLY GA 69 -47.75 -0.78 74.38
N GLY GA 70 -48.91 -1.34 74.70
CA GLY GA 70 -49.36 -2.60 74.13
C GLY GA 70 -50.59 -2.41 73.27
N ASN GA 71 -50.74 -3.28 72.28
CA ASN GA 71 -51.92 -3.22 71.40
C ASN GA 71 -53.19 -3.51 72.17
N ALA GA 72 -53.15 -4.44 73.13
CA ALA GA 72 -54.32 -4.84 73.89
C ALA GA 72 -54.45 -4.10 75.21
N TYR GA 73 -54.00 -2.85 75.26
CA TYR GA 73 -54.13 -2.04 76.48
C TYR GA 73 -55.50 -1.40 76.48
N GLY GA 74 -56.25 -1.61 77.56
CA GLY GA 74 -57.61 -1.13 77.66
C GLY GA 74 -58.61 -2.28 77.72
N GLU GA 75 -59.73 -2.01 78.41
CA GLU GA 75 -60.75 -3.03 78.60
C GLU GA 75 -61.39 -3.44 77.28
N LYS GA 76 -61.74 -2.47 76.43
CA LYS GA 76 -62.31 -2.80 75.13
C LYS GA 76 -61.27 -3.35 74.17
N MET GA 77 -60.01 -2.92 74.30
CA MET GA 77 -58.94 -3.54 73.54
C MET GA 77 -58.79 -5.01 73.87
N THR GA 78 -58.89 -5.38 75.15
CA THR GA 78 -58.88 -6.78 75.52
C THR GA 78 -60.15 -7.50 75.07
N ALA GA 79 -61.29 -6.81 75.10
CA ALA GA 79 -62.54 -7.42 74.65
C ALA GA 79 -62.50 -7.77 73.17
N LEU GA 80 -61.94 -6.88 72.35
CA LEU GA 80 -61.81 -7.14 70.92
C LEU GA 80 -60.88 -8.32 70.68
N CYS GA 81 -59.78 -8.40 71.44
CA CYS GA 81 -58.87 -9.52 71.30
C CYS GA 81 -59.56 -10.84 71.67
N LEU GA 82 -60.32 -10.84 72.76
CA LEU GA 82 -61.07 -12.04 73.14
C LEU GA 82 -62.10 -12.41 72.08
N ARG GA 83 -62.73 -11.42 71.46
CA ARG GA 83 -63.64 -11.71 70.35
C ARG GA 83 -62.90 -12.35 69.18
N ASP GA 84 -61.66 -11.91 68.94
CA ASP GA 84 -60.85 -12.57 67.90
C ASP GA 84 -60.55 -14.02 68.27
N LEU GA 85 -60.24 -14.28 69.54
CA LEU GA 85 -60.06 -15.68 69.96
C LEU GA 85 -61.33 -16.48 69.75
N ASP GA 86 -62.49 -15.88 70.04
CA ASP GA 86 -63.76 -16.55 69.79
C ASP GA 86 -63.94 -16.87 68.32
N TYR GA 87 -63.58 -15.92 67.45
CA TYR GA 87 -63.68 -16.13 66.01
C TYR GA 87 -62.81 -17.30 65.57
N TYR GA 88 -61.57 -17.33 66.06
CA TYR GA 88 -60.67 -18.41 65.63
C TYR GA 88 -61.09 -19.75 66.20
N LEU GA 89 -61.65 -19.77 67.42
CA LEU GA 89 -62.19 -21.02 67.95
C LEU GA 89 -63.35 -21.52 67.10
N ARG GA 90 -64.23 -20.61 66.67
CA ARG GA 90 -65.35 -20.98 65.81
C ARG GA 90 -64.85 -21.53 64.49
N LEU GA 91 -63.81 -20.91 63.92
CA LEU GA 91 -63.23 -21.41 62.69
C LEU GA 91 -62.59 -22.78 62.91
N VAL GA 92 -62.05 -23.01 64.10
CA VAL GA 92 -61.51 -24.33 64.42
C VAL GA 92 -62.63 -25.38 64.43
N THR GA 93 -63.79 -25.02 64.97
CA THR GA 93 -64.95 -25.93 64.90
C THR GA 93 -65.34 -26.22 63.46
N TYR GA 94 -65.33 -25.17 62.63
CA TYR GA 94 -65.67 -25.34 61.21
C TYR GA 94 -64.70 -26.30 60.52
N GLY GA 95 -63.41 -26.12 60.78
CA GLY GA 95 -62.42 -27.01 60.17
C GLY GA 95 -62.56 -28.43 60.66
N ILE GA 96 -62.82 -28.61 61.96
CA ILE GA 96 -62.96 -29.95 62.52
C ILE GA 96 -64.17 -30.66 61.92
N VAL GA 97 -65.28 -29.95 61.77
CA VAL GA 97 -66.45 -30.59 61.16
C VAL GA 97 -66.24 -30.83 59.67
N ALA GA 98 -65.52 -29.96 58.97
CA ALA GA 98 -65.35 -30.10 57.53
C ALA GA 98 -64.31 -31.15 57.16
N GLY GA 99 -63.39 -31.46 58.06
CA GLY GA 99 -62.38 -32.46 57.76
C GLY GA 99 -61.16 -31.93 57.05
N ASP GA 100 -61.13 -30.66 56.69
CA ASP GA 100 -59.94 -30.04 56.12
C ASP GA 100 -59.99 -28.55 56.43
N VAL GA 101 -59.01 -27.81 55.91
CA VAL GA 101 -58.78 -26.44 56.34
C VAL GA 101 -59.23 -25.39 55.31
N THR GA 102 -60.07 -25.76 54.35
CA THR GA 102 -60.49 -24.85 53.30
C THR GA 102 -61.25 -23.63 53.82
N PRO GA 103 -62.33 -23.80 54.59
CA PRO GA 103 -63.02 -22.60 55.11
C PRO GA 103 -62.18 -21.78 56.06
N ILE GA 104 -61.36 -22.44 56.88
CA ILE GA 104 -60.47 -21.72 57.80
C ILE GA 104 -59.49 -20.86 57.03
N GLU GA 105 -58.91 -21.40 55.97
CA GLU GA 105 -57.97 -20.62 55.19
C GLU GA 105 -58.67 -19.51 54.42
N GLU GA 106 -59.88 -19.79 53.92
CA GLU GA 106 -60.59 -18.77 53.16
C GLU GA 106 -61.10 -17.64 54.03
N ILE GA 107 -61.24 -17.88 55.34
CA ILE GA 107 -61.84 -16.86 56.18
C ILE GA 107 -60.83 -16.16 57.08
N GLY GA 108 -59.80 -16.85 57.56
CA GLY GA 108 -59.04 -16.28 58.66
C GLY GA 108 -57.54 -16.19 58.61
N ILE GA 109 -56.89 -16.83 57.64
CA ILE GA 109 -55.43 -16.79 57.54
C ILE GA 109 -54.95 -16.04 56.30
N ILE GA 110 -55.71 -16.10 55.20
CA ILE GA 110 -55.30 -15.36 54.01
C ILE GA 110 -55.53 -13.87 54.28
N GLY GA 111 -54.45 -13.10 54.19
CA GLY GA 111 -54.53 -11.69 54.49
C GLY GA 111 -54.52 -11.35 55.97
N VAL GA 112 -54.36 -12.36 56.85
CA VAL GA 112 -54.32 -12.07 58.28
C VAL GA 112 -52.99 -11.44 58.66
N LYS GA 113 -51.92 -11.74 57.93
CA LYS GA 113 -50.66 -11.04 58.14
C LYS GA 113 -50.82 -9.56 57.83
N GLU GA 114 -51.48 -9.24 56.72
CA GLU GA 114 -51.81 -7.85 56.43
C GLU GA 114 -52.77 -7.30 57.47
N MET GA 115 -53.62 -8.16 58.02
CA MET GA 115 -54.58 -7.76 59.05
C MET GA 115 -53.85 -7.17 60.25
N TYR GA 116 -52.94 -7.96 60.81
CA TYR GA 116 -52.30 -7.55 62.05
C TYR GA 116 -51.10 -6.64 61.78
N ASN GA 117 -50.64 -6.54 60.54
CA ASN GA 117 -49.67 -5.52 60.21
C ASN GA 117 -50.33 -4.15 60.09
N SER GA 118 -51.52 -4.09 59.49
CA SER GA 118 -52.26 -2.83 59.43
C SER GA 118 -52.74 -2.42 60.82
N LEU GA 119 -53.15 -3.39 61.63
CA LEU GA 119 -53.62 -3.07 62.97
C LEU GA 119 -52.50 -3.00 63.99
N GLN GA 120 -51.26 -3.30 63.59
CA GLN GA 120 -50.12 -3.29 64.50
C GLN GA 120 -50.30 -4.26 65.65
N THR GA 121 -50.81 -5.45 65.35
CA THR GA 121 -51.07 -6.42 66.40
C THR GA 121 -50.01 -7.52 66.40
N PRO GA 122 -49.53 -7.96 67.55
CA PRO GA 122 -48.48 -8.98 67.58
C PRO GA 122 -48.97 -10.35 67.15
N ILE GA 123 -48.55 -10.76 65.95
CA ILE GA 123 -48.90 -12.09 65.44
C ILE GA 123 -48.37 -13.21 66.33
N PRO GA 124 -47.11 -13.18 66.80
CA PRO GA 124 -46.69 -14.21 67.77
C PRO GA 124 -47.52 -14.24 69.05
N ALA GA 125 -47.96 -13.07 69.54
CA ALA GA 125 -48.87 -13.05 70.68
C ALA GA 125 -50.21 -13.69 70.35
N VAL GA 126 -50.76 -13.45 69.17
CA VAL GA 126 -52.00 -14.11 68.77
C VAL GA 126 -51.79 -15.62 68.67
N ALA GA 127 -50.63 -16.05 68.19
CA ALA GA 127 -50.33 -17.47 68.12
C ALA GA 127 -50.25 -18.09 69.51
N GLU GA 128 -49.65 -17.37 70.45
CA GLU GA 128 -49.62 -17.85 71.84
C GLU GA 128 -51.02 -17.96 72.42
N GLY GA 129 -51.87 -16.98 72.12
CA GLY GA 129 -53.27 -17.07 72.55
C GLY GA 129 -53.99 -18.26 71.96
N VAL GA 130 -53.74 -18.56 70.69
CA VAL GA 130 -54.36 -19.73 70.08
C VAL GA 130 -53.83 -21.02 70.72
N ARG GA 131 -52.55 -21.04 71.08
CA ARG GA 131 -52.00 -22.20 71.76
C ARG GA 131 -52.63 -22.40 73.14
N ALA GA 132 -52.90 -21.28 73.83
CA ALA GA 132 -53.63 -21.36 75.10
C ALA GA 132 -55.03 -21.92 74.88
N MET GA 133 -55.69 -21.50 73.80
CA MET GA 133 -56.98 -22.06 73.44
C MET GA 133 -56.87 -23.56 73.20
N LYS GA 134 -55.80 -23.98 72.55
CA LYS GA 134 -55.59 -25.40 72.28
C LYS GA 134 -55.44 -26.19 73.57
N ASN GA 135 -54.67 -25.64 74.53
CA ASN GA 135 -54.51 -26.31 75.81
C ASN GA 135 -55.84 -26.43 76.55
N VAL GA 136 -56.63 -25.35 76.55
CA VAL GA 136 -57.92 -25.38 77.25
C VAL GA 136 -58.86 -26.39 76.60
N ALA GA 137 -58.92 -26.41 75.27
CA ALA GA 137 -59.82 -27.34 74.60
C ALA GA 137 -59.34 -28.79 74.75
N THR GA 138 -58.02 -29.00 74.73
CA THR GA 138 -57.46 -30.33 74.93
C THR GA 138 -57.76 -30.84 76.33
N SER GA 139 -57.84 -29.94 77.31
CA SER GA 139 -58.21 -30.33 78.67
C SER GA 139 -59.67 -30.76 78.79
N LEU GA 140 -60.51 -30.53 77.78
CA LEU GA 140 -61.92 -30.88 77.82
C LEU GA 140 -62.30 -31.92 76.78
N LEU GA 141 -61.38 -32.81 76.42
CA LEU GA 141 -61.67 -33.88 75.48
C LEU GA 141 -60.85 -35.11 75.81
N SER GA 142 -61.32 -36.26 75.32
CA SER GA 142 -60.53 -37.48 75.39
C SER GA 142 -59.30 -37.36 74.50
N GLY GA 143 -58.38 -38.31 74.66
CA GLY GA 143 -57.11 -38.28 73.96
C GLY GA 143 -57.18 -38.24 72.46
N ASP GA 144 -58.03 -39.10 71.87
CA ASP GA 144 -58.16 -39.15 70.42
C ASP GA 144 -58.75 -37.83 69.93
N ASP GA 145 -59.86 -37.39 70.53
CA ASP GA 145 -60.46 -36.12 70.15
C ASP GA 145 -59.56 -34.95 70.48
N ALA GA 146 -58.81 -35.04 71.58
CA ALA GA 146 -57.86 -33.98 71.91
C ALA GA 146 -56.79 -33.83 70.84
N ALA GA 147 -56.23 -34.95 70.37
CA ALA GA 147 -55.24 -34.88 69.29
C ALA GA 147 -55.86 -34.38 68.00
N GLU GA 148 -57.10 -34.81 67.72
CA GLU GA 148 -57.76 -34.38 66.49
C GLU GA 148 -58.00 -32.88 66.48
N ALA GA 149 -58.45 -32.32 67.61
CA ALA GA 149 -58.59 -30.87 67.70
C ALA GA 149 -57.23 -30.18 67.66
N GLY GA 150 -56.22 -30.77 68.30
CA GLY GA 150 -54.91 -30.16 68.33
C GLY GA 150 -54.26 -30.07 66.96
N PHE GA 151 -54.62 -30.98 66.05
CA PHE GA 151 -54.13 -30.87 64.68
C PHE GA 151 -54.60 -29.56 64.03
N TYR GA 152 -55.88 -29.24 64.15
CA TYR GA 152 -56.37 -27.98 63.60
C TYR GA 152 -55.81 -26.79 64.35
N PHE GA 153 -55.65 -26.91 65.68
CA PHE GA 153 -55.13 -25.81 66.46
C PHE GA 153 -53.68 -25.49 66.08
N ASP GA 154 -52.84 -26.51 65.93
CA ASP GA 154 -51.46 -26.23 65.55
C ASP GA 154 -51.35 -25.89 64.07
N TYR GA 155 -52.33 -26.28 63.25
CA TYR GA 155 -52.42 -25.74 61.90
C TYR GA 155 -52.62 -24.22 61.93
N LEU GA 156 -53.54 -23.76 62.77
CA LEU GA 156 -53.74 -22.32 62.92
C LEU GA 156 -52.49 -21.64 63.45
N VAL GA 157 -51.81 -22.30 64.38
CA VAL GA 157 -50.56 -21.75 64.94
C VAL GA 157 -49.51 -21.63 63.84
N GLY GA 158 -49.39 -22.65 63.00
CA GLY GA 158 -48.42 -22.59 61.90
C GLY GA 158 -48.77 -21.54 60.88
N ALA GA 159 -50.07 -21.36 60.60
CA ALA GA 159 -50.50 -20.29 59.70
C ALA GA 159 -50.17 -18.92 60.29
N MET GA 160 -50.29 -18.77 61.61
CA MET GA 160 -49.85 -17.57 62.32
C MET GA 160 -48.33 -17.62 62.50
N GLN GA 161 -47.62 -17.50 61.39
CA GLN GA 161 -46.17 -17.62 61.40
C GLN GA 161 -45.55 -17.01 60.15
N MET HA 1 -66.50 -23.62 44.15
CA MET HA 1 -67.52 -24.65 44.33
C MET HA 1 -67.70 -25.00 45.80
N GLN HA 2 -68.76 -25.72 46.12
CA GLN HA 2 -69.06 -26.09 47.48
C GLN HA 2 -69.91 -27.35 47.51
N ASP HA 3 -69.68 -28.18 48.52
CA ASP HA 3 -70.50 -29.34 48.81
C ASP HA 3 -71.56 -28.96 49.83
N ALA HA 4 -72.26 -29.97 50.37
CA ALA HA 4 -73.26 -29.72 51.39
C ALA HA 4 -72.61 -29.15 52.66
N ILE HA 5 -71.48 -29.72 53.05
CA ILE HA 5 -70.79 -29.28 54.27
C ILE HA 5 -70.33 -27.84 54.12
N THR HA 6 -69.67 -27.52 53.00
CA THR HA 6 -69.21 -26.16 52.78
C THR HA 6 -70.38 -25.19 52.60
N ALA HA 7 -71.49 -25.64 52.02
CA ALA HA 7 -72.64 -24.76 51.86
C ALA HA 7 -73.24 -24.38 53.20
N VAL HA 8 -73.44 -25.37 54.09
CA VAL HA 8 -73.97 -25.05 55.41
C VAL HA 8 -72.96 -24.23 56.20
N ILE HA 9 -71.66 -24.50 55.99
CA ILE HA 9 -70.63 -23.76 56.71
C ILE HA 9 -70.64 -22.29 56.31
N ASN HA 10 -70.71 -22.01 55.01
CA ASN HA 10 -70.71 -20.60 54.61
C ASN HA 10 -72.02 -19.91 54.95
N ASN HA 11 -73.14 -20.64 54.90
CA ASN HA 11 -74.41 -20.07 55.31
C ASN HA 11 -74.42 -19.74 56.80
N TYR HA 12 -73.62 -20.44 57.59
CA TYR HA 12 -73.47 -20.05 58.99
C TYR HA 12 -72.42 -18.95 59.19
N ASP HA 13 -71.38 -18.93 58.34
CA ASP HA 13 -70.31 -17.95 58.54
C ASP HA 13 -70.72 -16.57 58.05
N VAL HA 14 -71.73 -16.51 57.19
CA VAL HA 14 -72.28 -15.21 56.84
C VAL HA 14 -72.90 -14.53 58.06
N GLN HA 15 -73.46 -15.30 58.97
CA GLN HA 15 -74.01 -14.78 60.22
C GLN HA 15 -73.02 -14.85 61.38
N GLY HA 16 -71.89 -15.52 61.20
CA GLY HA 16 -70.94 -15.63 62.29
C GLY HA 16 -71.45 -16.43 63.46
N LYS HA 17 -72.15 -17.53 63.19
CA LYS HA 17 -72.76 -18.35 64.21
C LYS HA 17 -72.04 -19.69 64.32
N TYR HA 18 -71.87 -20.17 65.55
CA TYR HA 18 -71.38 -21.52 65.75
C TYR HA 18 -72.39 -22.51 65.20
N LEU HA 19 -71.92 -23.70 64.86
CA LEU HA 19 -72.82 -24.74 64.38
C LEU HA 19 -73.77 -25.18 65.49
N ASP HA 20 -75.06 -25.20 65.17
CA ASP HA 20 -76.12 -25.54 66.12
C ASP HA 20 -76.75 -26.88 65.72
N GLY HA 21 -77.85 -27.20 66.39
CA GLY HA 21 -78.51 -28.47 66.16
C GLY HA 21 -79.01 -28.65 64.73
N ALA HA 22 -79.50 -27.57 64.11
CA ALA HA 22 -79.99 -27.67 62.74
C ALA HA 22 -78.85 -27.97 61.77
N ALA HA 23 -77.72 -27.27 61.91
CA ALA HA 23 -76.57 -27.52 61.06
C ALA HA 23 -76.03 -28.93 61.29
N LEU HA 24 -75.98 -29.37 62.55
CA LEU HA 24 -75.54 -30.72 62.85
C LEU HA 24 -76.47 -31.75 62.23
N ASP HA 25 -77.78 -31.48 62.24
CA ASP HA 25 -78.73 -32.38 61.61
C ASP HA 25 -78.52 -32.47 60.11
N LYS HA 26 -78.29 -31.33 59.46
CA LYS HA 26 -78.06 -31.33 58.01
C LYS HA 26 -76.78 -32.09 57.66
N LEU HA 27 -75.72 -31.86 58.44
CA LEU HA 27 -74.47 -32.59 58.23
C LEU HA 27 -74.66 -34.08 58.46
N LYS HA 28 -75.46 -34.45 59.46
CA LYS HA 28 -75.78 -35.86 59.70
C LYS HA 28 -76.53 -36.45 58.52
N ALA HA 29 -77.48 -35.69 57.96
CA ALA HA 29 -78.24 -36.16 56.82
C ALA HA 29 -77.35 -36.40 55.61
N TYR HA 30 -76.36 -35.55 55.40
CA TYR HA 30 -75.40 -35.84 54.34
C TYR HA 30 -74.52 -37.04 54.67
N PHE HA 31 -74.07 -37.12 55.93
CA PHE HA 31 -73.09 -38.14 56.30
C PHE HA 31 -73.67 -39.54 56.21
N THR HA 32 -74.94 -39.71 56.56
CA THR HA 32 -75.54 -41.05 56.52
C THR HA 32 -75.63 -41.61 55.10
N THR HA 33 -75.58 -40.76 54.08
CA THR HA 33 -75.66 -41.21 52.69
C THR HA 33 -74.32 -41.19 51.97
N GLY HA 34 -73.22 -41.10 52.72
CA GLY HA 34 -71.92 -40.92 52.08
C GLY HA 34 -71.47 -42.11 51.27
N ALA HA 35 -71.61 -43.31 51.82
CA ALA HA 35 -71.03 -44.50 51.19
C ALA HA 35 -71.74 -44.84 49.88
N VAL HA 36 -73.05 -44.66 49.84
CA VAL HA 36 -73.82 -44.97 48.64
C VAL HA 36 -73.38 -44.08 47.48
N ARG HA 37 -73.09 -42.81 47.77
CA ARG HA 37 -72.57 -41.92 46.74
C ARG HA 37 -71.25 -42.42 46.18
N VAL HA 38 -70.37 -42.90 47.05
CA VAL HA 38 -69.06 -43.39 46.61
C VAL HA 38 -69.21 -44.62 45.72
N ARG HA 39 -70.06 -45.56 46.15
CA ARG HA 39 -70.22 -46.79 45.36
C ARG HA 39 -70.88 -46.49 44.01
N ALA HA 40 -71.88 -45.60 44.01
CA ALA HA 40 -72.53 -45.23 42.74
C ALA HA 40 -71.57 -44.52 41.80
N ALA HA 41 -70.72 -43.64 42.35
CA ALA HA 41 -69.73 -42.97 41.51
C ALA HA 41 -68.71 -43.95 40.96
N ALA HA 42 -68.31 -44.94 41.76
CA ALA HA 42 -67.40 -45.97 41.25
C ALA HA 42 -68.05 -46.76 40.12
N VAL HA 43 -69.34 -47.09 40.26
CA VAL HA 43 -70.03 -47.82 39.19
C VAL HA 43 -70.11 -46.96 37.92
N ILE HA 44 -70.37 -45.66 38.08
CA ILE HA 44 -70.46 -44.77 36.92
C ILE HA 44 -69.11 -44.68 36.23
N SER HA 45 -68.03 -44.58 37.01
CA SER HA 45 -66.69 -44.54 36.42
C SER HA 45 -66.37 -45.86 35.72
N SER HA 46 -66.83 -46.97 36.27
CA SER HA 46 -66.69 -48.26 35.62
C SER HA 46 -67.37 -48.31 34.27
N ASN HA 47 -68.60 -47.82 34.18
CA ASN HA 47 -69.39 -47.94 32.96
C ASN HA 47 -69.58 -46.62 32.22
N ALA HA 48 -68.63 -45.70 32.32
CA ALA HA 48 -68.72 -44.38 31.69
C ALA HA 48 -68.90 -44.46 30.19
N THR HA 49 -68.10 -45.28 29.51
CA THR HA 49 -68.22 -45.36 28.06
C THR HA 49 -69.52 -46.05 27.65
N THR HA 50 -69.96 -47.05 28.41
CA THR HA 50 -71.21 -47.74 28.09
C THR HA 50 -72.42 -46.85 28.32
N ILE HA 51 -72.38 -46.02 29.36
CA ILE HA 51 -73.47 -45.09 29.60
C ILE HA 51 -73.63 -44.16 28.40
N ILE HA 52 -72.51 -43.61 27.93
CA ILE HA 52 -72.53 -42.75 26.73
C ILE HA 52 -73.02 -43.53 25.52
N LYS HA 53 -72.60 -44.80 25.39
CA LYS HA 53 -72.89 -45.53 24.17
C LYS HA 53 -74.38 -45.84 24.04
N GLU HA 54 -74.98 -46.49 25.02
CA GLU HA 54 -76.42 -46.73 24.95
C GLU HA 54 -77.24 -45.44 25.07
N ALA HA 55 -76.72 -44.42 25.75
CA ALA HA 55 -77.44 -43.14 25.78
C ALA HA 55 -77.54 -42.54 24.38
N ALA HA 56 -76.44 -42.53 23.64
CA ALA HA 56 -76.46 -42.06 22.26
C ALA HA 56 -77.30 -42.96 21.39
N ALA HA 57 -77.22 -44.28 21.59
CA ALA HA 57 -77.97 -45.21 20.77
C ALA HA 57 -79.47 -45.04 20.96
N LYS HA 58 -79.91 -44.66 22.16
CA LYS HA 58 -81.33 -44.48 22.40
C LYS HA 58 -81.84 -43.08 22.10
N ALA HA 59 -80.98 -42.06 22.17
CA ALA HA 59 -81.48 -40.69 22.05
C ALA HA 59 -81.03 -39.94 20.79
N LEU HA 60 -79.86 -40.26 20.22
CA LEU HA 60 -79.30 -39.39 19.19
C LEU HA 60 -79.23 -40.05 17.82
N ILE HA 61 -78.54 -41.18 17.73
CA ILE HA 61 -78.22 -41.80 16.45
C ILE HA 61 -79.45 -42.48 15.86
N TYR HA 62 -79.34 -42.91 14.60
CA TYR HA 62 -80.47 -43.48 13.86
C TYR HA 62 -81.58 -42.45 13.67
N SER HA 63 -81.22 -41.29 13.12
CA SER HA 63 -82.19 -40.24 12.87
C SER HA 63 -81.57 -39.24 11.89
N ASP HA 64 -82.30 -38.14 11.65
CA ASP HA 64 -81.76 -37.06 10.85
C ASP HA 64 -80.60 -36.36 11.56
N LEU HA 65 -80.54 -36.49 12.89
CA LEU HA 65 -79.53 -35.78 13.65
C LEU HA 65 -78.14 -36.31 13.35
N THR HA 66 -78.03 -37.57 12.91
CA THR HA 66 -76.79 -38.16 12.44
C THR HA 66 -76.65 -38.15 10.93
N ARG HA 67 -77.65 -37.69 10.21
CA ARG HA 67 -77.64 -37.66 8.75
C ARG HA 67 -77.14 -36.32 8.25
N PRO HA 68 -76.96 -36.16 6.94
CA PRO HA 68 -76.60 -34.84 6.39
C PRO HA 68 -77.63 -33.78 6.74
N GLY HA 69 -77.13 -32.61 7.15
CA GLY HA 69 -77.95 -31.59 7.75
C GLY HA 69 -78.08 -31.69 9.25
N GLY HA 70 -77.58 -32.77 9.85
CA GLY HA 70 -77.64 -32.95 11.29
C GLY HA 70 -76.52 -32.22 12.00
N MEN HA 71 -76.75 -31.85 13.26
CA MEN HA 71 -75.76 -31.13 14.03
C MEN HA 71 -74.65 -32.07 14.50
O MEN HA 71 -73.56 -31.68 14.89
CB MEN HA 71 -76.35 -30.44 15.27
CG MEN HA 71 -75.41 -29.35 15.72
OD1 MEN HA 71 -74.71 -29.50 16.76
ND2 MEN HA 71 -75.35 -28.20 14.98
CE2 MEN HA 71 -74.51 -27.08 15.29
N MET HA 72 -74.96 -33.36 14.45
CA MET HA 72 -74.05 -34.41 14.89
C MET HA 72 -73.30 -34.98 13.69
N TYR HA 73 -73.79 -34.67 12.49
CA TYR HA 73 -73.27 -35.26 11.26
C TYR HA 73 -71.80 -34.87 11.05
N THR HA 74 -71.05 -35.80 10.44
CA THR HA 74 -69.60 -35.77 10.25
C THR HA 74 -68.89 -36.12 11.54
N THR HA 75 -67.71 -36.75 11.40
CA THR HA 75 -66.98 -37.28 12.56
C THR HA 75 -66.60 -36.17 13.54
N ARG HA 76 -66.34 -34.96 13.02
CA ARG HA 76 -66.00 -33.85 13.89
C ARG HA 76 -67.14 -33.52 14.85
N ARG HA 77 -68.35 -33.33 14.31
CA ARG HA 77 -69.47 -33.02 15.17
C ARG HA 77 -69.89 -34.18 16.05
N TYR HA 78 -69.79 -35.42 15.54
CA TYR HA 78 -70.12 -36.56 16.39
C TYR HA 78 -69.17 -36.67 17.57
N ALA HA 79 -67.86 -36.53 17.32
CA ALA HA 79 -66.89 -36.61 18.40
C ALA HA 79 -67.06 -35.45 19.37
N ALA HA 80 -67.42 -34.27 18.85
CA ALA HA 80 -67.71 -33.14 19.72
C ALA HA 80 -68.91 -33.44 20.63
N CYS HA 81 -69.97 -34.02 20.07
CA CYS HA 81 -71.15 -34.32 20.86
C CYS HA 81 -70.86 -35.38 21.91
N ILE HA 82 -70.10 -36.44 21.55
CA ILE HA 82 -69.77 -37.45 22.54
C ILE HA 82 -68.81 -36.92 23.61
N ARG HA 83 -67.89 -36.02 23.25
CA ARG HA 83 -67.07 -35.37 24.27
C ARG HA 83 -67.93 -34.56 25.23
N ASP HA 84 -68.95 -33.90 24.69
CA ASP HA 84 -69.88 -33.16 25.54
C ASP HA 84 -70.62 -34.10 26.48
N MET HA 85 -71.07 -35.24 25.97
CA MET HA 85 -71.76 -36.21 26.83
C MET HA 85 -70.85 -36.75 27.92
N ASP HA 86 -69.58 -36.99 27.58
CA ASP HA 86 -68.62 -37.43 28.59
C ASP HA 86 -68.44 -36.36 29.65
N TYR HA 87 -68.39 -35.09 29.24
CA TYR HA 87 -68.32 -33.99 30.20
C TYR HA 87 -69.53 -34.00 31.12
N PHE HA 88 -70.72 -34.17 30.54
CA PHE HA 88 -71.95 -34.16 31.32
C PHE HA 88 -71.98 -35.31 32.32
N LEU HA 89 -71.54 -36.49 31.88
CA LEU HA 89 -71.51 -37.65 32.78
C LEU HA 89 -70.54 -37.43 33.93
N ARG HA 90 -69.33 -36.96 33.61
CA ARG HA 90 -68.31 -36.78 34.65
C ARG HA 90 -68.72 -35.69 35.64
N TYR HA 91 -69.31 -34.60 35.15
CA TYR HA 91 -69.69 -33.53 36.06
C TYR HA 91 -70.95 -33.88 36.83
N ALA HA 92 -71.83 -34.72 36.26
CA ALA HA 92 -72.94 -35.24 37.04
C ALA HA 92 -72.44 -36.12 38.18
N THR HA 93 -71.44 -36.94 37.90
CA THR HA 93 -70.82 -37.74 38.97
C THR HA 93 -70.20 -36.84 40.03
N TYR HA 94 -69.51 -35.78 39.61
CA TYR HA 94 -68.92 -34.84 40.55
C TYR HA 94 -69.98 -34.19 41.42
N ALA HA 95 -71.07 -33.73 40.82
CA ALA HA 95 -72.13 -33.07 41.57
C ALA HA 95 -72.80 -34.03 42.55
N MET HA 96 -73.05 -35.27 42.11
CA MET HA 96 -73.72 -36.23 42.98
C MET HA 96 -72.80 -36.65 44.13
N LEU HA 97 -71.49 -36.65 43.91
CA LEU HA 97 -70.57 -36.94 45.01
C LEU HA 97 -70.49 -35.76 45.97
N ALA HA 98 -70.46 -34.54 45.44
CA ALA HA 98 -70.35 -33.37 46.29
C ALA HA 98 -71.65 -33.05 47.01
N GLY HA 99 -72.77 -33.62 46.57
CA GLY HA 99 -74.04 -33.29 47.19
C GLY HA 99 -74.45 -31.84 46.99
N ASP HA 100 -74.14 -31.27 45.83
CA ASP HA 100 -74.47 -29.88 45.56
C ASP HA 100 -74.34 -29.58 44.07
N PRO HA 101 -75.28 -28.83 43.48
CA PRO HA 101 -75.16 -28.48 42.07
C PRO HA 101 -74.28 -27.28 41.79
N SER HA 102 -73.52 -26.82 42.79
CA SER HA 102 -72.66 -25.66 42.60
C SER HA 102 -71.59 -25.92 41.56
N ILE HA 103 -71.02 -27.14 41.56
CA ILE HA 103 -69.99 -27.47 40.58
C ILE HA 103 -70.56 -27.48 39.16
N LEU HA 104 -71.77 -28.00 38.99
CA LEU HA 104 -72.41 -27.96 37.67
C LEU HA 104 -72.70 -26.54 37.24
N ASP HA 105 -73.14 -25.69 38.16
CA ASP HA 105 -73.38 -24.29 37.81
C ASP HA 105 -72.08 -23.53 37.56
N GLU HA 106 -70.97 -24.05 38.09
CA GLU HA 106 -69.72 -23.30 38.04
C GLU HA 106 -68.89 -23.68 36.82
N ARG HA 107 -68.97 -24.94 36.39
CA ARG HA 107 -68.05 -25.48 35.40
C ARG HA 107 -68.69 -25.75 34.04
N VAL HA 108 -70.01 -25.94 33.98
CA VAL HA 108 -70.64 -26.39 32.74
C VAL HA 108 -71.71 -25.42 32.27
N LEU HA 109 -72.74 -25.21 33.10
CA LEU HA 109 -73.93 -24.52 32.65
C LEU HA 109 -73.70 -23.04 32.34
N ASN HA 110 -72.68 -22.43 32.94
CA ASN HA 110 -72.45 -21.01 32.73
C ASN HA 110 -71.97 -20.74 31.31
N GLY HA 111 -72.79 -20.09 30.50
CA GLY HA 111 -72.46 -19.76 29.13
C GLY HA 111 -72.74 -20.85 28.12
N LEU HA 112 -72.99 -22.08 28.57
CA LEU HA 112 -73.20 -23.19 27.65
C LEU HA 112 -74.44 -23.00 26.81
N LYS HA 113 -75.48 -22.39 27.38
CA LYS HA 113 -76.73 -22.21 26.65
C LYS HA 113 -76.55 -21.29 25.46
N GLU HA 114 -76.05 -20.08 25.70
CA GLU HA 114 -75.89 -19.12 24.61
C GLU HA 114 -74.80 -19.58 23.66
N THR HA 115 -73.83 -20.36 24.15
CA THR HA 115 -72.86 -20.98 23.25
C THR HA 115 -73.55 -21.94 22.29
N TYR HA 116 -74.45 -22.78 22.79
CA TYR HA 116 -75.16 -23.70 21.94
C TYR HA 116 -76.07 -22.98 20.95
N ASN HA 117 -76.71 -21.88 21.39
CA ASN HA 117 -77.51 -21.11 20.45
C ASN HA 117 -76.66 -20.51 19.34
N SER HA 118 -75.47 -20.01 19.70
CA SER HA 118 -74.57 -19.45 18.70
C SER HA 118 -74.09 -20.52 17.72
N LEU HA 119 -73.73 -21.69 18.22
CA LEU HA 119 -73.21 -22.75 17.35
C LEU HA 119 -74.30 -23.48 16.58
N GLY HA 120 -75.55 -23.39 17.01
CA GLY HA 120 -76.63 -24.12 16.37
C GLY HA 120 -76.91 -25.49 16.93
N VAL HA 121 -76.40 -25.80 18.12
CA VAL HA 121 -76.56 -27.12 18.73
C VAL HA 121 -78.01 -27.34 19.12
N PRO HA 122 -78.55 -28.54 18.95
CA PRO HA 122 -79.95 -28.79 19.35
C PRO HA 122 -80.13 -29.00 20.84
N ILE HA 123 -80.78 -28.02 21.49
CA ILE HA 123 -80.98 -28.08 22.93
C ILE HA 123 -81.88 -29.25 23.31
N ALA HA 124 -82.93 -29.50 22.53
CA ALA HA 124 -83.84 -30.60 22.81
C ALA HA 124 -83.12 -31.94 22.72
N ALA HA 125 -82.30 -32.12 21.68
CA ALA HA 125 -81.54 -33.36 21.56
C ALA HA 125 -80.54 -33.52 22.70
N THR HA 126 -79.89 -32.43 23.12
CA THR HA 126 -78.96 -32.52 24.23
C THR HA 126 -79.66 -32.92 25.52
N VAL HA 127 -80.82 -32.34 25.81
CA VAL HA 127 -81.54 -32.70 27.02
C VAL HA 127 -82.05 -34.13 26.94
N GLY HA 128 -82.42 -34.59 25.73
CA GLY HA 128 -82.79 -35.98 25.57
C GLY HA 128 -81.64 -36.93 25.86
N GLY HA 129 -80.46 -36.60 25.36
CA GLY HA 129 -79.29 -37.39 25.70
C GLY HA 129 -78.98 -37.38 27.19
N ILE HA 130 -79.15 -36.23 27.83
CA ILE HA 130 -78.89 -36.12 29.26
C ILE HA 130 -79.85 -37.01 30.05
N GLN HA 131 -81.13 -36.97 29.70
CA GLN HA 131 -82.09 -37.82 30.41
C GLN HA 131 -81.88 -39.30 30.11
N ALA HA 132 -81.45 -39.66 28.89
CA ALA HA 132 -81.11 -41.04 28.61
C ALA HA 132 -79.94 -41.52 29.47
N MET HA 133 -78.90 -40.70 29.59
CA MET HA 133 -77.80 -41.03 30.48
C MET HA 133 -78.26 -41.14 31.92
N LYS HA 134 -79.19 -40.27 32.33
CA LYS HA 134 -79.75 -40.34 33.68
C LYS HA 134 -80.44 -41.65 33.93
N GLU HA 135 -81.25 -42.10 32.97
CA GLU HA 135 -81.96 -43.37 33.13
C GLU HA 135 -80.98 -44.53 33.17
N VAL HA 136 -79.90 -44.45 32.37
CA VAL HA 136 -78.93 -45.54 32.35
C VAL HA 136 -78.19 -45.62 33.68
N VAL HA 137 -77.76 -44.48 34.21
CA VAL HA 137 -77.03 -44.48 35.48
C VAL HA 137 -77.95 -44.90 36.62
N GLY HA 138 -79.23 -44.50 36.54
CA GLY HA 138 -80.19 -44.95 37.52
C GLY HA 138 -80.40 -46.46 37.49
N GLY HA 139 -80.44 -47.04 36.30
CA GLY HA 139 -80.53 -48.48 36.19
C GLY HA 139 -79.30 -49.18 36.74
N LEU HA 140 -78.12 -48.63 36.45
CA LEU HA 140 -76.89 -49.28 36.88
C LEU HA 140 -76.69 -49.19 38.39
N VAL HA 141 -76.85 -48.00 38.97
CA VAL HA 141 -76.56 -47.82 40.38
C VAL HA 141 -77.54 -48.55 41.29
N GLY HA 142 -78.81 -48.64 40.91
CA GLY HA 142 -79.81 -49.29 41.72
C GLY HA 142 -80.56 -48.32 42.60
N PRO HA 143 -81.57 -48.83 43.32
CA PRO HA 143 -82.35 -48.02 44.26
C PRO HA 143 -81.56 -47.16 45.24
N ASP HA 144 -80.40 -47.64 45.69
CA ASP HA 144 -79.66 -46.98 46.75
C ASP HA 144 -79.18 -45.59 46.37
N ALA HA 145 -78.91 -45.36 45.09
CA ALA HA 145 -78.37 -44.10 44.63
C ALA HA 145 -79.02 -43.59 43.36
N ALA HA 146 -80.08 -44.24 42.87
CA ALA HA 146 -80.69 -43.84 41.60
C ALA HA 146 -81.28 -42.44 41.69
N LYS HA 147 -82.08 -42.17 42.74
CA LYS HA 147 -82.70 -40.85 42.86
C LYS HA 147 -81.64 -39.78 43.12
N GLU HA 148 -80.67 -40.08 43.99
CA GLU HA 148 -79.64 -39.11 44.31
C GLU HA 148 -78.77 -38.78 43.10
N ALA HA 149 -78.61 -39.73 42.18
CA ALA HA 149 -77.91 -39.42 40.94
C ALA HA 149 -78.80 -38.67 39.98
N SER HA 150 -80.09 -39.03 39.93
CA SER HA 150 -80.98 -38.46 38.93
C SER HA 150 -81.30 -37.00 39.23
N ILE HA 151 -81.19 -36.60 40.50
CA ILE HA 151 -81.50 -35.20 40.84
C ILE HA 151 -80.54 -34.24 40.15
N TYR HA 152 -79.25 -34.60 40.04
CA TYR HA 152 -78.30 -33.73 39.38
C TYR HA 152 -78.41 -33.75 37.86
N PHE HA 153 -78.78 -34.90 37.28
CA PHE HA 153 -79.10 -34.92 35.86
C PHE HA 153 -80.30 -34.03 35.55
N ASP HA 154 -81.32 -34.08 36.40
CA ASP HA 154 -82.46 -33.18 36.24
C ASP HA 154 -82.05 -31.73 36.42
N TYR HA 155 -81.14 -31.45 37.35
CA TYR HA 155 -80.61 -30.10 37.51
C TYR HA 155 -79.93 -29.63 36.23
N LEU HA 156 -79.12 -30.49 35.63
CA LEU HA 156 -78.44 -30.13 34.38
C LEU HA 156 -79.45 -29.87 33.26
N SER HA 157 -80.43 -30.75 33.11
CA SER HA 157 -81.42 -30.59 32.05
C SER HA 157 -82.28 -29.34 32.26
N SER HA 158 -82.69 -29.06 33.50
CA SER HA 158 -83.45 -27.85 33.80
C SER HA 158 -82.63 -26.59 33.64
N GLY HA 159 -81.34 -26.61 33.99
CA GLY HA 159 -80.49 -25.47 33.74
C GLY HA 159 -80.31 -25.20 32.26
N LEU HA 160 -80.26 -26.26 31.45
CA LEU HA 160 -80.24 -26.05 30.01
C LEU HA 160 -81.57 -25.49 29.51
N SER HA 161 -82.65 -26.23 29.67
CA SER HA 161 -83.95 -25.79 29.17
C SER HA 161 -84.47 -24.60 29.95
N SER IA 2 -59.52 -27.13 -1.41
CA SER IA 2 -59.06 -27.11 -2.79
C SER IA 2 -57.68 -26.47 -2.89
N VAL IA 3 -57.06 -26.61 -4.06
CA VAL IA 3 -55.76 -25.99 -4.29
C VAL IA 3 -55.86 -24.49 -4.18
N LEU IA 4 -56.95 -23.90 -4.69
CA LEU IA 4 -57.20 -22.47 -4.53
C LEU IA 4 -57.28 -22.10 -3.06
N THR IA 5 -58.01 -22.88 -2.27
CA THR IA 5 -58.18 -22.58 -0.85
C THR IA 5 -56.85 -22.63 -0.13
N LYS IA 6 -56.05 -23.66 -0.40
CA LYS IA 6 -54.79 -23.80 0.33
C LYS IA 6 -53.79 -22.74 -0.09
N ALA IA 7 -53.74 -22.40 -1.39
CA ALA IA 7 -52.83 -21.36 -1.84
C ALA IA 7 -53.22 -20.01 -1.25
N ILE IA 8 -54.52 -19.70 -1.24
CA ILE IA 8 -54.98 -18.44 -0.69
C ILE IA 8 -54.70 -18.38 0.81
N VAL IA 9 -54.90 -19.50 1.51
CA VAL IA 9 -54.71 -19.47 2.96
C VAL IA 9 -53.24 -19.34 3.31
N ASN IA 10 -52.35 -20.01 2.58
CA ASN IA 10 -50.93 -19.88 2.94
C ASN IA 10 -50.37 -18.53 2.49
N ALA IA 11 -50.92 -17.93 1.43
CA ALA IA 11 -50.55 -16.56 1.09
C ALA IA 11 -51.03 -15.59 2.15
N ASP IA 12 -52.27 -15.75 2.64
CA ASP IA 12 -52.79 -14.86 3.66
C ASP IA 12 -52.07 -15.05 4.99
N ALA IA 13 -51.48 -16.22 5.19
CA ALA IA 13 -50.64 -16.42 6.37
C ALA IA 13 -49.47 -15.46 6.38
N GLU IA 14 -48.86 -15.22 5.22
CA GLU IA 14 -47.78 -14.25 5.11
C GLU IA 14 -48.28 -12.85 4.81
N ALA IA 15 -49.58 -12.69 4.55
CA ALA IA 15 -50.18 -11.36 4.33
C ALA IA 15 -49.60 -10.68 3.11
N ARG IA 16 -49.43 -11.44 2.03
CA ARG IA 16 -48.83 -10.94 0.81
C ARG IA 16 -49.58 -11.51 -0.39
N TYR IA 17 -49.38 -10.88 -1.55
CA TYR IA 17 -50.02 -11.32 -2.77
C TYR IA 17 -49.44 -12.64 -3.24
N LEU IA 18 -50.13 -13.32 -4.14
CA LEU IA 18 -49.73 -14.67 -4.55
C LEU IA 18 -48.42 -14.64 -5.32
N SER IA 19 -47.52 -15.53 -4.95
CA SER IA 19 -46.29 -15.71 -5.69
C SER IA 19 -46.58 -16.35 -7.04
N PRO IA 20 -45.69 -16.16 -8.01
CA PRO IA 20 -45.92 -16.76 -9.34
C PRO IA 20 -45.98 -18.29 -9.31
N GLY IA 21 -45.24 -18.94 -8.42
CA GLY IA 21 -45.28 -20.38 -8.31
C GLY IA 21 -46.65 -20.91 -7.94
N GLU IA 22 -47.31 -20.21 -7.00
CA GLU IA 22 -48.67 -20.58 -6.64
C GLU IA 22 -49.62 -20.31 -7.79
N LEU IA 23 -49.31 -19.32 -8.62
CA LEU IA 23 -50.10 -19.09 -9.83
C LEU IA 23 -49.95 -20.25 -10.81
N ASP IA 24 -48.75 -20.78 -10.96
CA ASP IA 24 -48.57 -21.96 -11.80
C ASP IA 24 -49.28 -23.17 -11.22
N ARG IA 25 -49.29 -23.30 -9.88
CA ARG IA 25 -50.22 -24.21 -9.21
C ARG IA 25 -51.65 -24.02 -9.69
N ILE IA 26 -52.11 -22.78 -9.76
CA ILE IA 26 -53.52 -22.53 -10.06
C ILE IA 26 -53.83 -22.92 -11.50
N LYS IA 27 -52.92 -22.59 -12.42
CA LYS IA 27 -53.12 -22.99 -13.81
C LYS IA 27 -53.09 -24.50 -13.99
N SER IA 28 -52.17 -25.18 -13.30
CA SER IA 28 -52.14 -26.64 -13.38
C SER IA 28 -53.42 -27.26 -12.83
N PHE IA 29 -53.90 -26.75 -11.70
CA PHE IA 29 -55.11 -27.29 -11.10
C PHE IA 29 -56.33 -27.07 -12.00
N VAL IA 30 -56.44 -25.88 -12.60
CA VAL IA 30 -57.59 -25.62 -13.47
C VAL IA 30 -57.49 -26.49 -14.72
N ALA IA 31 -56.28 -26.69 -15.24
CA ALA IA 31 -56.12 -27.55 -16.41
C ALA IA 31 -56.49 -28.99 -16.09
N SER IA 32 -56.22 -29.44 -14.86
CA SER IA 32 -56.51 -30.83 -14.51
C SER IA 32 -57.95 -31.00 -14.01
N GLY IA 33 -58.64 -29.89 -13.76
CA GLY IA 33 -59.97 -29.98 -13.16
C GLY IA 33 -60.98 -30.71 -14.02
N GLU IA 34 -60.92 -30.54 -15.34
CA GLU IA 34 -61.85 -31.22 -16.23
C GLU IA 34 -61.66 -32.73 -16.17
N ARG IA 35 -60.40 -33.19 -16.21
CA ARG IA 35 -60.12 -34.62 -16.08
C ARG IA 35 -60.56 -35.14 -14.72
N ARG IA 36 -60.35 -34.34 -13.66
CA ARG IA 36 -60.77 -34.77 -12.32
C ARG IA 36 -62.28 -34.94 -12.25
N LEU IA 37 -63.04 -33.99 -12.80
CA LEU IA 37 -64.49 -34.09 -12.75
C LEU IA 37 -64.98 -35.24 -13.61
N ARG IA 38 -64.31 -35.51 -14.73
CA ARG IA 38 -64.67 -36.67 -15.54
C ARG IA 38 -64.45 -37.98 -14.77
N ILE IA 39 -63.31 -38.09 -14.07
CA ILE IA 39 -63.04 -39.29 -13.29
C ILE IA 39 -64.06 -39.45 -12.18
N ALA IA 40 -64.40 -38.36 -11.51
CA ALA IA 40 -65.39 -38.42 -10.44
C ALA IA 40 -66.76 -38.82 -10.96
N GLN IA 41 -67.15 -38.32 -12.13
CA GLN IA 41 -68.42 -38.72 -12.72
C GLN IA 41 -68.39 -40.20 -13.09
N THR IA 42 -67.26 -40.69 -13.60
CA THR IA 42 -67.14 -42.10 -13.94
C THR IA 42 -67.29 -42.97 -12.70
N LEU IA 43 -66.67 -42.58 -11.60
CA LEU IA 43 -66.84 -43.33 -10.35
C LEU IA 43 -68.27 -43.21 -9.84
N THR IA 44 -68.90 -42.06 -10.05
CA THR IA 44 -70.27 -41.86 -9.59
C THR IA 44 -71.24 -42.77 -10.32
N GLU IA 45 -71.01 -43.01 -11.61
CA GLU IA 45 -71.92 -43.85 -12.38
C GLU IA 45 -71.93 -45.29 -11.89
N ALA IA 46 -70.81 -45.77 -11.33
CA ALA IA 46 -70.69 -47.15 -10.89
C ALA IA 46 -70.57 -47.27 -9.37
N ARG IA 47 -71.32 -46.47 -8.62
CA ARG IA 47 -71.12 -46.42 -7.17
C ARG IA 47 -71.61 -47.69 -6.48
N GLU IA 48 -72.71 -48.28 -6.97
CA GLU IA 48 -73.32 -49.40 -6.27
C GLU IA 48 -72.51 -50.68 -6.43
N ARG IA 49 -72.00 -50.92 -7.65
CA ARG IA 49 -71.19 -52.10 -7.89
C ARG IA 49 -69.91 -52.07 -7.06
N ILE IA 50 -69.30 -50.89 -6.93
CA ILE IA 50 -68.07 -50.75 -6.16
C ILE IA 50 -68.30 -51.13 -4.71
N VAL IA 51 -69.34 -50.56 -4.09
CA VAL IA 51 -69.59 -50.81 -2.67
C VAL IA 51 -69.98 -52.26 -2.45
N LYS IA 52 -70.78 -52.83 -3.35
CA LYS IA 52 -71.20 -54.21 -3.20
C LYS IA 52 -70.02 -55.17 -3.27
N GLN IA 53 -69.19 -55.05 -4.32
CA GLN IA 53 -68.06 -55.96 -4.45
C GLN IA 53 -67.03 -55.73 -3.36
N ALA IA 54 -66.82 -54.48 -2.93
CA ALA IA 54 -65.88 -54.20 -1.87
C ALA IA 54 -66.37 -54.78 -0.54
N GLY IA 55 -67.68 -54.71 -0.29
CA GLY IA 55 -68.21 -55.32 0.91
C GLY IA 55 -68.06 -56.82 0.92
N ASP IA 56 -68.28 -57.46 -0.24
CA ASP IA 56 -68.04 -58.89 -0.35
C ASP IA 56 -66.58 -59.22 -0.09
N GLN IA 57 -65.67 -58.42 -0.65
CA GLN IA 57 -64.24 -58.63 -0.44
C GLN IA 57 -63.88 -58.47 1.04
N LEU IA 58 -64.42 -57.45 1.69
CA LEU IA 58 -64.13 -57.19 3.09
C LEU IA 58 -64.64 -58.33 3.96
N PHE IA 59 -65.85 -58.81 3.70
CA PHE IA 59 -66.37 -59.93 4.47
C PHE IA 59 -65.60 -61.21 4.22
N GLN IA 60 -65.02 -61.35 3.02
CA GLN IA 60 -64.13 -62.48 2.76
C GLN IA 60 -62.87 -62.40 3.59
N ILE IA 61 -62.19 -61.25 3.55
CA ILE IA 61 -60.92 -61.12 4.26
C ILE IA 61 -61.10 -61.16 5.78
N ARG IA 62 -62.10 -60.45 6.30
CA ARG IA 62 -62.28 -60.27 7.74
C ARG IA 62 -63.68 -60.75 8.10
N PRO IA 63 -63.84 -62.06 8.34
CA PRO IA 63 -65.17 -62.59 8.64
C PRO IA 63 -65.60 -62.40 10.09
N ASP IA 64 -64.69 -61.99 10.97
CA ASP IA 64 -65.05 -61.84 12.38
C ASP IA 64 -66.03 -60.70 12.60
N VAL IA 65 -66.05 -59.71 11.71
CA VAL IA 65 -67.00 -58.61 11.88
C VAL IA 65 -68.42 -59.06 11.60
N VAL IA 66 -68.59 -60.12 10.81
CA VAL IA 66 -69.93 -60.66 10.55
C VAL IA 66 -70.07 -61.93 11.38
N SER IA 67 -69.24 -62.07 12.40
CA SER IA 67 -69.34 -63.15 13.36
C SER IA 67 -70.15 -62.64 14.55
N PRO IA 68 -70.60 -63.55 15.41
CA PRO IA 68 -71.45 -63.15 16.56
C PRO IA 68 -70.81 -62.11 17.47
N GLY IA 69 -69.49 -62.17 17.62
CA GLY IA 69 -68.77 -61.14 18.36
C GLY IA 69 -68.26 -60.04 17.46
N GLY IA 70 -69.04 -59.70 16.43
CA GLY IA 70 -68.65 -58.70 15.46
C GLY IA 70 -69.53 -57.47 15.54
N ASN IA 71 -68.92 -56.31 15.26
CA ASN IA 71 -69.65 -55.05 15.32
C ASN IA 71 -70.75 -54.98 14.26
N ALA IA 72 -70.51 -55.54 13.08
CA ALA IA 72 -71.47 -55.51 11.99
C ALA IA 72 -72.24 -56.81 11.85
N TYR IA 73 -72.36 -57.58 12.93
CA TYR IA 73 -73.12 -58.83 12.91
C TYR IA 73 -74.59 -58.53 12.74
N GLY IA 74 -75.25 -59.25 11.84
CA GLY IA 74 -76.65 -59.01 11.53
C GLY IA 74 -76.80 -58.26 10.22
N GLU IA 75 -78.00 -58.38 9.65
CA GLU IA 75 -78.26 -57.82 8.33
C GLU IA 75 -78.27 -56.29 8.35
N LYS IA 76 -78.96 -55.68 9.32
CA LYS IA 76 -78.94 -54.22 9.42
C LYS IA 76 -77.59 -53.65 9.77
N MET IA 77 -76.82 -54.33 10.63
CA MET IA 77 -75.45 -53.95 10.89
C MET IA 77 -74.57 -54.04 9.64
N THR IA 78 -74.83 -55.02 8.77
CA THR IA 78 -74.09 -55.07 7.51
C THR IA 78 -74.52 -53.95 6.56
N ALA IA 79 -75.82 -53.64 6.55
CA ALA IA 79 -76.32 -52.55 5.71
C ALA IA 79 -75.73 -51.21 6.15
N LEU IA 80 -75.56 -51.01 7.45
CA LEU IA 80 -74.92 -49.79 7.94
C LEU IA 80 -73.46 -49.72 7.49
N CYS IA 81 -72.77 -50.87 7.50
CA CYS IA 81 -71.39 -50.92 6.99
C CYS IA 81 -71.34 -50.55 5.52
N LEU IA 82 -72.28 -51.06 4.72
CA LEU IA 82 -72.33 -50.70 3.31
C LEU IA 82 -72.64 -49.23 3.12
N ARG IA 83 -73.52 -48.67 3.95
CA ARG IA 83 -73.80 -47.23 3.86
C ARG IA 83 -72.56 -46.41 4.21
N ASP IA 84 -71.78 -46.86 5.19
CA ASP IA 84 -70.53 -46.18 5.50
C ASP IA 84 -69.55 -46.26 4.32
N LEU IA 85 -69.48 -47.41 3.66
CA LEU IA 85 -68.61 -47.53 2.49
C LEU IA 85 -69.07 -46.60 1.37
N ASP IA 86 -70.38 -46.47 1.18
CA ASP IA 86 -70.89 -45.52 0.20
C ASP IA 86 -70.53 -44.08 0.58
N TYR IA 87 -70.59 -43.77 1.88
CA TYR IA 87 -70.17 -42.46 2.37
C TYR IA 87 -68.72 -42.18 2.01
N TYR IA 88 -67.85 -43.17 2.24
CA TYR IA 88 -66.44 -42.98 1.91
C TYR IA 88 -66.21 -42.86 0.42
N LEU IA 89 -66.97 -43.60 -0.40
CA LEU IA 89 -66.85 -43.45 -1.85
C LEU IA 89 -67.25 -42.04 -2.29
N ARG IA 90 -68.34 -41.51 -1.72
CA ARG IA 90 -68.76 -40.15 -2.03
C ARG IA 90 -67.67 -39.15 -1.63
N LEU IA 91 -67.06 -39.37 -0.46
CA LEU IA 91 -65.98 -38.49 -0.02
C LEU IA 91 -64.79 -38.55 -0.96
N VAL IA 92 -64.45 -39.74 -1.44
CA VAL IA 92 -63.32 -39.87 -2.37
C VAL IA 92 -63.62 -39.14 -3.67
N THR IA 93 -64.86 -39.25 -4.18
CA THR IA 93 -65.23 -38.51 -5.38
C THR IA 93 -65.14 -37.01 -5.15
N TYR IA 94 -65.59 -36.55 -3.97
CA TYR IA 94 -65.48 -35.13 -3.62
C TYR IA 94 -64.02 -34.69 -3.61
N GLY IA 95 -63.14 -35.52 -3.05
CA GLY IA 95 -61.73 -35.18 -3.03
C GLY IA 95 -61.14 -35.10 -4.42
N ILE IA 96 -61.54 -36.02 -5.30
CA ILE IA 96 -61.01 -36.04 -6.66
C ILE IA 96 -61.45 -34.78 -7.42
N VAL IA 97 -62.72 -34.38 -7.26
CA VAL IA 97 -63.17 -33.17 -7.97
C VAL IA 97 -62.50 -31.94 -7.37
N ALA IA 98 -62.39 -31.88 -6.05
CA ALA IA 98 -61.83 -30.68 -5.42
C ALA IA 98 -60.34 -30.56 -5.70
N GLY IA 99 -59.67 -31.68 -5.97
CA GLY IA 99 -58.24 -31.69 -6.17
C GLY IA 99 -57.43 -31.74 -4.88
N ASP IA 100 -57.78 -30.93 -3.90
CA ASP IA 100 -57.18 -30.98 -2.58
C ASP IA 100 -58.10 -31.77 -1.67
N VAL IA 101 -57.52 -32.30 -0.59
CA VAL IA 101 -58.23 -33.25 0.25
C VAL IA 101 -58.91 -32.54 1.41
N THR IA 102 -59.01 -31.21 1.35
CA THR IA 102 -59.61 -30.40 2.40
C THR IA 102 -61.04 -30.81 2.79
N PRO IA 103 -61.95 -31.13 1.86
CA PRO IA 103 -63.30 -31.54 2.32
C PRO IA 103 -63.32 -32.88 3.02
N ILE IA 104 -62.51 -33.83 2.55
CA ILE IA 104 -62.54 -35.18 3.10
C ILE IA 104 -62.09 -35.19 4.55
N GLU IA 105 -61.03 -34.44 4.86
CA GLU IA 105 -60.53 -34.38 6.23
C GLU IA 105 -61.56 -33.79 7.18
N GLU IA 106 -62.24 -32.72 6.76
CA GLU IA 106 -63.22 -32.09 7.62
C GLU IA 106 -64.50 -32.89 7.72
N ILE IA 107 -64.80 -33.72 6.73
CA ILE IA 107 -66.07 -34.44 6.76
C ILE IA 107 -65.96 -35.83 7.39
N GLY IA 108 -64.98 -36.63 7.00
CA GLY IA 108 -64.98 -38.02 7.42
C GLY IA 108 -63.66 -38.61 7.86
N ILE IA 109 -62.70 -37.77 8.27
CA ILE IA 109 -61.41 -38.24 8.74
C ILE IA 109 -61.15 -37.85 10.18
N ILE IA 110 -61.12 -36.55 10.47
CA ILE IA 110 -60.79 -36.11 11.84
C ILE IA 110 -61.96 -36.46 12.75
N GLY IA 111 -61.65 -37.15 13.84
CA GLY IA 111 -62.66 -37.63 14.75
C GLY IA 111 -63.18 -39.03 14.46
N VAL IA 112 -62.74 -39.65 13.35
CA VAL IA 112 -63.20 -40.99 13.03
C VAL IA 112 -62.65 -42.01 14.02
N LYS IA 113 -61.55 -41.70 14.69
CA LYS IA 113 -61.07 -42.59 15.75
C LYS IA 113 -62.09 -42.63 16.88
N GLU IA 114 -62.57 -41.46 17.31
CA GLU IA 114 -63.63 -41.41 18.31
C GLU IA 114 -64.93 -42.03 17.78
N MET IA 115 -65.22 -41.81 16.49
CA MET IA 115 -66.28 -42.51 15.76
C MET IA 115 -66.29 -44.01 16.06
N TYR IA 116 -65.24 -44.70 15.66
CA TYR IA 116 -65.30 -46.14 15.71
C TYR IA 116 -64.95 -46.67 17.09
N ASN IA 117 -64.33 -45.85 17.93
CA ASN IA 117 -64.14 -46.25 19.32
C ASN IA 117 -65.47 -46.23 20.07
N SER IA 118 -66.26 -45.19 19.86
CA SER IA 118 -67.59 -45.13 20.48
C SER IA 118 -68.49 -46.21 19.93
N LEU IA 119 -68.44 -46.45 18.62
CA LEU IA 119 -69.32 -47.47 18.06
C LEU IA 119 -68.75 -48.88 18.22
N GLN IA 120 -67.54 -49.03 18.76
CA GLN IA 120 -66.91 -50.34 18.94
C GLN IA 120 -66.72 -51.07 17.61
N THR IA 121 -66.39 -50.34 16.56
CA THR IA 121 -66.23 -50.94 15.24
C THR IA 121 -64.75 -51.10 14.92
N PRO IA 122 -64.34 -52.16 14.22
CA PRO IA 122 -62.92 -52.33 13.91
C PRO IA 122 -62.42 -51.39 12.81
N ILE IA 123 -61.61 -50.42 13.24
CA ILE IA 123 -60.97 -49.51 12.28
C ILE IA 123 -60.11 -50.25 11.26
N PRO IA 124 -59.31 -51.25 11.63
CA PRO IA 124 -58.62 -52.06 10.60
C PRO IA 124 -59.56 -52.72 9.62
N ALA IA 125 -60.73 -53.19 10.07
CA ALA IA 125 -61.73 -53.71 9.14
C ALA IA 125 -62.25 -52.63 8.19
N VAL IA 126 -62.48 -51.42 8.69
CA VAL IA 126 -62.87 -50.33 7.79
C VAL IA 126 -61.76 -50.04 6.79
N ALA IA 127 -60.50 -50.14 7.23
CA ALA IA 127 -59.38 -49.94 6.31
C ALA IA 127 -59.36 -51.01 5.23
N GLU IA 128 -59.62 -52.25 5.60
CA GLU IA 128 -59.67 -53.32 4.61
C GLU IA 128 -60.80 -53.11 3.61
N GLY IA 129 -61.96 -52.66 4.11
CA GLY IA 129 -63.06 -52.34 3.21
C GLY IA 129 -62.73 -51.21 2.25
N VAL IA 130 -62.05 -50.17 2.75
CA VAL IA 130 -61.65 -49.06 1.88
C VAL IA 130 -60.65 -49.53 0.85
N ARG IA 131 -59.74 -50.42 1.23
CA ARG IA 131 -58.77 -50.94 0.28
C ARG IA 131 -59.44 -51.76 -0.82
N ALA IA 132 -60.42 -52.58 -0.44
CA ALA IA 132 -61.18 -53.33 -1.44
C ALA IA 132 -61.95 -52.39 -2.36
N MET IA 133 -62.53 -51.32 -1.80
CA MET IA 133 -63.16 -50.30 -2.61
C MET IA 133 -62.17 -49.68 -3.59
N LYS IA 134 -60.94 -49.44 -3.13
CA LYS IA 134 -59.89 -48.90 -3.98
C LYS IA 134 -59.59 -49.83 -5.15
N ASN IA 135 -59.48 -51.13 -4.86
CA ASN IA 135 -59.17 -52.10 -5.92
C ASN IA 135 -60.29 -52.15 -6.96
N VAL IA 136 -61.54 -52.22 -6.49
CA VAL IA 136 -62.66 -52.34 -7.42
C VAL IA 136 -62.82 -51.05 -8.23
N ALA IA 137 -62.57 -49.90 -7.60
CA ALA IA 137 -62.66 -48.64 -8.32
C ALA IA 137 -61.54 -48.49 -9.34
N THR IA 138 -60.32 -48.90 -8.99
CA THR IA 138 -59.21 -48.79 -9.92
C THR IA 138 -59.33 -49.79 -11.06
N SER IA 139 -60.11 -50.85 -10.87
CA SER IA 139 -60.39 -51.77 -11.96
C SER IA 139 -61.17 -51.13 -13.11
N LEU IA 140 -61.88 -50.03 -12.87
CA LEU IA 140 -62.75 -49.43 -13.87
C LEU IA 140 -62.19 -48.12 -14.43
N LEU IA 141 -60.89 -47.88 -14.28
CA LEU IA 141 -60.33 -46.60 -14.68
C LEU IA 141 -59.04 -46.81 -15.46
N SER IA 142 -58.68 -45.81 -16.27
CA SER IA 142 -57.41 -45.80 -16.96
C SER IA 142 -56.27 -45.62 -15.96
N GLY IA 143 -55.06 -45.97 -16.40
CA GLY IA 143 -53.90 -46.03 -15.54
C GLY IA 143 -53.54 -44.73 -14.83
N ASP IA 144 -53.52 -43.62 -15.57
CA ASP IA 144 -53.29 -42.33 -14.93
C ASP IA 144 -54.44 -41.97 -14.00
N ASP IA 145 -55.67 -42.16 -14.46
CA ASP IA 145 -56.84 -41.94 -13.62
C ASP IA 145 -56.87 -42.93 -12.46
N ALA IA 146 -56.43 -44.17 -12.69
CA ALA IA 146 -56.36 -45.15 -11.62
C ALA IA 146 -55.40 -44.71 -10.53
N ALA IA 147 -54.22 -44.22 -10.90
CA ALA IA 147 -53.27 -43.72 -9.91
C ALA IA 147 -53.81 -42.50 -9.19
N GLU IA 148 -54.48 -41.61 -9.94
CA GLU IA 148 -55.05 -40.40 -9.35
C GLU IA 148 -56.10 -40.73 -8.29
N ALA IA 149 -56.91 -41.76 -8.53
CA ALA IA 149 -57.88 -42.18 -7.53
C ALA IA 149 -57.22 -42.95 -6.40
N GLY IA 150 -56.22 -43.77 -6.73
CA GLY IA 150 -55.55 -44.57 -5.72
C GLY IA 150 -54.80 -43.75 -4.71
N PHE IA 151 -54.31 -42.57 -5.10
CA PHE IA 151 -53.68 -41.69 -4.13
C PHE IA 151 -54.66 -41.26 -3.03
N TYR IA 152 -55.88 -40.87 -3.42
CA TYR IA 152 -56.86 -40.48 -2.43
C TYR IA 152 -57.33 -41.66 -1.59
N PHE IA 153 -57.47 -42.83 -2.22
CA PHE IA 153 -57.81 -44.03 -1.46
C PHE IA 153 -56.73 -44.36 -0.42
N ASP IA 154 -55.47 -44.21 -0.82
CA ASP IA 154 -54.38 -44.43 0.12
C ASP IA 154 -54.37 -43.40 1.23
N TYR IA 155 -54.76 -42.15 0.93
CA TYR IA 155 -54.89 -41.17 2.00
C TYR IA 155 -55.94 -41.64 2.99
N LEU IA 156 -57.07 -42.14 2.50
CA LEU IA 156 -58.12 -42.63 3.41
C LEU IA 156 -57.61 -43.76 4.29
N VAL IA 157 -56.90 -44.71 3.68
CA VAL IA 157 -56.39 -45.86 4.43
C VAL IA 157 -55.38 -45.44 5.49
N GLY IA 158 -54.49 -44.51 5.14
CA GLY IA 158 -53.48 -44.08 6.10
C GLY IA 158 -54.01 -43.13 7.14
N ALA IA 159 -55.02 -42.33 6.79
CA ALA IA 159 -55.54 -41.33 7.70
C ALA IA 159 -56.58 -41.91 8.64
N MET IA 160 -57.05 -43.13 8.36
CA MET IA 160 -57.88 -43.83 9.34
C MET IA 160 -57.00 -44.67 10.26
N GLN IA 161 -55.69 -44.50 10.08
CA GLN IA 161 -54.70 -44.99 11.04
C GLN IA 161 -54.49 -43.98 12.15
N MET JA 1 -61.86 -20.94 5.08
CA MET JA 1 -62.88 -20.32 4.24
C MET JA 1 -63.44 -21.29 3.20
N GLN JA 2 -63.80 -20.78 2.03
CA GLN JA 2 -64.47 -21.56 1.01
C GLN JA 2 -64.46 -20.82 -0.32
N ASP JA 3 -64.29 -21.57 -1.40
CA ASP JA 3 -64.29 -21.06 -2.77
C ASP JA 3 -65.56 -21.53 -3.48
N ALA JA 4 -65.61 -21.32 -4.79
CA ALA JA 4 -66.76 -21.78 -5.57
C ALA JA 4 -66.86 -23.30 -5.58
N ILE JA 5 -65.73 -23.98 -5.84
CA ILE JA 5 -65.73 -25.43 -5.92
C ILE JA 5 -66.05 -26.04 -4.56
N THR JA 6 -65.38 -25.54 -3.51
CA THR JA 6 -65.67 -26.02 -2.17
C THR JA 6 -67.09 -25.67 -1.74
N ALA JA 7 -67.63 -24.55 -2.21
CA ALA JA 7 -69.01 -24.20 -1.90
C ALA JA 7 -69.98 -25.20 -2.51
N VAL JA 8 -69.75 -25.58 -3.77
CA VAL JA 8 -70.58 -26.58 -4.42
C VAL JA 8 -70.47 -27.92 -3.70
N ILE JA 9 -69.24 -28.31 -3.35
CA ILE JA 9 -69.03 -29.61 -2.71
C ILE JA 9 -69.67 -29.64 -1.32
N ASN JA 10 -69.56 -28.54 -0.58
CA ASN JA 10 -70.17 -28.49 0.74
C ASN JA 10 -71.69 -28.44 0.66
N ASN JA 11 -72.24 -27.71 -0.31
CA ASN JA 11 -73.68 -27.66 -0.48
C ASN JA 11 -74.23 -29.01 -0.91
N TYR JA 12 -73.41 -29.83 -1.56
CA TYR JA 12 -73.85 -31.18 -1.90
C TYR JA 12 -73.63 -32.17 -0.76
N ASP JA 13 -72.60 -31.94 0.05
CA ASP JA 13 -72.36 -32.79 1.21
C ASP JA 13 -73.43 -32.59 2.27
N VAL JA 14 -73.99 -31.37 2.34
CA VAL JA 14 -74.98 -31.06 3.37
C VAL JA 14 -76.25 -31.89 3.21
N GLN JA 15 -76.52 -32.38 2.00
CA GLN JA 15 -77.64 -33.27 1.73
C GLN JA 15 -77.20 -34.68 1.35
N GLY JA 16 -75.91 -34.89 1.11
CA GLY JA 16 -75.43 -36.24 0.92
C GLY JA 16 -75.73 -36.83 -0.44
N LYS JA 17 -75.59 -36.04 -1.49
CA LYS JA 17 -75.80 -36.51 -2.85
C LYS JA 17 -74.46 -36.55 -3.57
N TYR JA 18 -74.41 -37.34 -4.65
CA TYR JA 18 -73.29 -37.22 -5.57
C TYR JA 18 -73.47 -35.99 -6.46
N LEU JA 19 -72.38 -35.56 -7.09
CA LEU JA 19 -72.43 -34.36 -7.92
C LEU JA 19 -73.25 -34.65 -9.18
N ASP JA 20 -74.16 -33.73 -9.51
CA ASP JA 20 -75.08 -33.88 -10.62
C ASP JA 20 -74.77 -32.84 -11.70
N GLY JA 21 -75.67 -32.78 -12.69
CA GLY JA 21 -75.47 -31.86 -13.80
C GLY JA 21 -75.42 -30.40 -13.39
N ALA JA 22 -76.27 -30.01 -12.44
CA ALA JA 22 -76.26 -28.62 -11.97
C ALA JA 22 -74.94 -28.26 -11.30
N ALA JA 23 -74.42 -29.17 -10.48
CA ALA JA 23 -73.12 -28.95 -9.83
C ALA JA 23 -72.02 -28.84 -10.87
N LEU JA 24 -72.04 -29.73 -11.86
CA LEU JA 24 -71.05 -29.67 -12.94
C LEU JA 24 -71.16 -28.36 -13.71
N ASP JA 25 -72.37 -27.89 -13.94
CA ASP JA 25 -72.56 -26.63 -14.66
C ASP JA 25 -72.00 -25.45 -13.89
N LYS JA 26 -72.27 -25.41 -12.57
CA LYS JA 26 -71.72 -24.32 -11.75
C LYS JA 26 -70.20 -24.36 -11.71
N LEU JA 27 -69.63 -25.56 -11.55
CA LEU JA 27 -68.18 -25.66 -11.53
C LEU JA 27 -67.57 -25.29 -12.87
N LYS JA 28 -68.24 -25.63 -13.97
CA LYS JA 28 -67.76 -25.22 -15.29
C LYS JA 28 -67.90 -23.73 -15.49
N ALA JA 29 -68.92 -23.12 -14.87
CA ALA JA 29 -69.06 -21.67 -14.92
C ALA JA 29 -67.91 -20.99 -14.18
N TYR JA 30 -67.49 -21.55 -13.06
CA TYR JA 30 -66.28 -21.04 -12.42
C TYR JA 30 -65.05 -21.32 -13.28
N PHE JA 31 -65.07 -22.44 -13.98
CA PHE JA 31 -63.97 -22.86 -14.85
C PHE JA 31 -63.74 -21.84 -15.96
N THR JA 32 -64.80 -21.41 -16.63
CA THR JA 32 -64.64 -20.61 -17.84
C THR JA 32 -64.05 -19.23 -17.58
N THR JA 33 -64.10 -18.75 -16.34
CA THR JA 33 -63.46 -17.49 -15.98
C THR JA 33 -62.19 -17.69 -15.18
N GLY JA 34 -61.44 -18.76 -15.45
CA GLY JA 34 -60.26 -19.04 -14.65
C GLY JA 34 -59.10 -18.12 -14.96
N ALA JA 35 -58.65 -18.11 -16.23
CA ALA JA 35 -57.44 -17.39 -16.58
C ALA JA 35 -57.63 -15.88 -16.45
N VAL JA 36 -58.86 -15.40 -16.66
CA VAL JA 36 -59.12 -13.98 -16.49
C VAL JA 36 -58.89 -13.56 -15.04
N ARG JA 37 -59.34 -14.39 -14.09
CA ARG JA 37 -59.09 -14.12 -12.68
C ARG JA 37 -57.60 -14.10 -12.38
N VAL JA 38 -56.84 -15.02 -12.98
CA VAL JA 38 -55.41 -15.10 -12.73
C VAL JA 38 -54.71 -13.84 -13.24
N ARG JA 39 -55.07 -13.40 -14.45
CA ARG JA 39 -54.43 -12.20 -14.99
C ARG JA 39 -54.83 -10.95 -14.22
N ALA JA 40 -56.09 -10.88 -13.76
CA ALA JA 40 -56.53 -9.75 -12.95
C ALA JA 40 -55.77 -9.71 -11.63
N ALA JA 41 -55.59 -10.87 -10.99
CA ALA JA 41 -54.83 -10.94 -9.75
C ALA JA 41 -53.38 -10.52 -9.97
N ALA JA 42 -52.77 -10.97 -11.07
CA ALA JA 42 -51.39 -10.57 -11.35
C ALA JA 42 -51.27 -9.07 -11.57
N VAL JA 43 -52.21 -8.48 -12.31
CA VAL JA 43 -52.17 -7.05 -12.56
C VAL JA 43 -52.33 -6.27 -11.26
N ILE JA 44 -53.27 -6.69 -10.42
CA ILE JA 44 -53.51 -5.98 -9.17
C ILE JA 44 -52.30 -6.12 -8.24
N SER JA 45 -51.68 -7.30 -8.22
CA SER JA 45 -50.49 -7.50 -7.40
C SER JA 45 -49.35 -6.61 -7.88
N SER JA 46 -49.18 -6.49 -9.19
CA SER JA 46 -48.12 -5.64 -9.71
C SER JA 46 -48.40 -4.15 -9.51
N ASN JA 47 -49.67 -3.77 -9.40
CA ASN JA 47 -50.03 -2.36 -9.26
C ASN JA 47 -50.66 -2.00 -7.93
N ALA JA 48 -50.40 -2.79 -6.88
CA ALA JA 48 -51.02 -2.59 -5.57
C ALA JA 48 -50.73 -1.22 -4.96
N THR JA 49 -49.47 -0.82 -4.90
CA THR JA 49 -49.11 0.45 -4.25
C THR JA 49 -49.66 1.64 -5.02
N THR JA 50 -49.62 1.58 -6.35
CA THR JA 50 -50.19 2.63 -7.18
C THR JA 50 -51.68 2.80 -6.95
N ILE JA 51 -52.40 1.69 -6.84
CA ILE JA 51 -53.84 1.75 -6.64
C ILE JA 51 -54.18 2.40 -5.32
N ILE JA 52 -53.43 2.06 -4.26
CA ILE JA 52 -53.62 2.72 -2.97
C ILE JA 52 -53.34 4.20 -3.08
N LYS JA 53 -52.34 4.58 -3.87
CA LYS JA 53 -52.01 5.99 -4.02
C LYS JA 53 -53.15 6.77 -4.66
N GLU JA 54 -53.67 6.30 -5.80
CA GLU JA 54 -54.81 7.01 -6.39
C GLU JA 54 -56.04 6.99 -5.51
N ALA JA 55 -56.34 5.87 -4.86
CA ALA JA 55 -57.52 5.83 -4.00
C ALA JA 55 -57.42 6.83 -2.85
N ALA JA 56 -56.26 6.88 -2.18
CA ALA JA 56 -56.05 7.85 -1.12
C ALA JA 56 -56.12 9.28 -1.65
N ALA JA 57 -55.47 9.54 -2.79
CA ALA JA 57 -55.41 10.90 -3.31
C ALA JA 57 -56.78 11.39 -3.74
N LYS JA 58 -57.64 10.50 -4.24
CA LYS JA 58 -58.94 10.91 -4.74
C LYS JA 58 -60.05 10.82 -3.71
N ALA JA 59 -59.82 10.14 -2.58
CA ALA JA 59 -60.89 9.99 -1.60
C ALA JA 59 -60.57 10.48 -0.19
N LEU JA 60 -59.32 10.46 0.25
CA LEU JA 60 -59.05 10.72 1.66
C LEU JA 60 -58.23 11.99 1.89
N ILE JA 61 -57.06 12.08 1.28
CA ILE JA 61 -56.12 13.16 1.57
C ILE JA 61 -56.62 14.45 0.94
N TYR JA 62 -55.96 15.56 1.27
CA TYR JA 62 -56.39 16.91 0.88
C TYR JA 62 -57.77 17.22 1.45
N SER JA 63 -58.01 16.80 2.68
CA SER JA 63 -59.30 17.02 3.34
C SER JA 63 -59.06 17.18 4.83
N ASP JA 64 -60.17 17.20 5.59
CA ASP JA 64 -60.08 17.40 7.03
C ASP JA 64 -59.61 16.14 7.75
N LEU JA 65 -59.60 15.00 7.06
CA LEU JA 65 -59.13 13.77 7.69
C LEU JA 65 -57.66 13.86 8.05
N THR JA 66 -56.86 14.46 7.17
CA THR JA 66 -55.42 14.58 7.36
C THR JA 66 -55.02 15.83 8.13
N ARG JA 67 -55.96 16.70 8.45
CA ARG JA 67 -55.68 17.89 9.23
C ARG JA 67 -55.77 17.60 10.72
N PRO JA 68 -55.36 18.54 11.55
CA PRO JA 68 -55.51 18.35 13.01
C PRO JA 68 -56.97 18.17 13.40
N GLY JA 69 -57.20 17.24 14.32
CA GLY JA 69 -58.53 16.84 14.70
C GLY JA 69 -59.13 15.75 13.84
N GLY JA 70 -58.54 15.47 12.69
CA GLY JA 70 -59.02 14.41 11.82
C GLY JA 70 -58.59 13.05 12.32
N MEN JA 71 -59.04 12.00 11.66
CA MEN JA 71 -58.72 10.66 12.09
C MEN JA 71 -57.44 10.18 11.41
O MEN JA 71 -56.71 9.31 11.85
CB MEN JA 71 -59.80 9.61 11.81
CG MEN JA 71 -59.56 8.42 12.71
OD1 MEN JA 71 -59.45 7.27 12.24
ND2 MEN JA 71 -59.47 8.66 14.06
CE2 MEN JA 71 -59.25 7.64 15.04
N MET JA 72 -57.18 10.81 10.26
CA MET JA 72 -56.00 10.48 9.47
C MET JA 72 -54.78 11.26 9.93
N TYR JA 73 -54.97 12.12 10.93
CA TYR JA 73 -53.90 12.99 11.39
C TYR JA 73 -52.81 12.14 12.05
N THR JA 74 -51.57 12.62 11.99
CA THR JA 74 -50.37 11.96 12.49
C THR JA 74 -49.95 10.80 11.58
N THR JA 75 -48.64 10.61 11.47
CA THR JA 75 -48.10 9.60 10.56
C THR JA 75 -48.51 8.20 10.97
N ARG JA 76 -48.66 7.94 12.26
CA ARG JA 76 -49.08 6.62 12.71
C ARG JA 76 -50.47 6.28 12.19
N ARG JA 77 -51.42 7.21 12.34
CA ARG JA 77 -52.76 6.99 11.83
C ARG JA 77 -52.78 6.91 10.32
N TYR JA 78 -51.98 7.73 9.63
CA TYR JA 78 -51.92 7.67 8.18
C TYR JA 78 -51.41 6.32 7.69
N ALA JA 79 -50.33 5.82 8.31
CA ALA JA 79 -49.79 4.53 7.93
C ALA JA 79 -50.75 3.40 8.26
N ALA JA 80 -51.47 3.51 9.38
CA ALA JA 80 -52.46 2.50 9.72
C ALA JA 80 -53.59 2.46 8.70
N CYS JA 81 -54.05 3.65 8.26
CA CYS JA 81 -55.12 3.67 7.26
C CYS JA 81 -54.67 3.09 5.94
N ILE JA 82 -53.45 3.41 5.50
CA ILE JA 82 -52.99 2.81 4.25
C ILE JA 82 -52.74 1.31 4.40
N ARG JA 83 -52.35 0.84 5.59
CA ARG JA 83 -52.25 -0.60 5.80
C ARG JA 83 -53.61 -1.26 5.72
N ASP JA 84 -54.65 -0.59 6.25
CA ASP JA 84 -56.01 -1.10 6.13
C ASP JA 84 -56.44 -1.16 4.67
N MET JA 85 -56.05 -0.15 3.89
CA MET JA 85 -56.35 -0.16 2.45
C MET JA 85 -55.67 -1.33 1.75
N ASP JA 86 -54.41 -1.60 2.12
CA ASP JA 86 -53.71 -2.75 1.55
C ASP JA 86 -54.40 -4.05 1.95
N TYR JA 87 -54.89 -4.13 3.20
CA TYR JA 87 -55.68 -5.26 3.64
C TYR JA 87 -56.89 -5.48 2.74
N PHE JA 88 -57.65 -4.42 2.50
CA PHE JA 88 -58.85 -4.51 1.68
C PHE JA 88 -58.51 -4.95 0.26
N LEU JA 89 -57.45 -4.39 -0.31
CA LEU JA 89 -57.06 -4.74 -1.67
C LEU JA 89 -56.64 -6.20 -1.78
N ARG JA 90 -55.79 -6.66 -0.87
CA ARG JA 90 -55.31 -8.03 -0.93
C ARG JA 90 -56.44 -9.03 -0.70
N TYR JA 91 -57.36 -8.71 0.22
CA TYR JA 91 -58.45 -9.64 0.49
C TYR JA 91 -59.46 -9.63 -0.65
N ALA JA 92 -59.66 -8.48 -1.29
CA ALA JA 92 -60.50 -8.44 -2.48
C ALA JA 92 -59.90 -9.27 -3.60
N THR JA 93 -58.59 -9.22 -3.77
CA THR JA 93 -57.93 -10.08 -4.76
C THR JA 93 -58.10 -11.55 -4.42
N TYR JA 94 -57.98 -11.90 -3.14
CA TYR JA 94 -58.22 -13.29 -2.72
C TYR JA 94 -59.64 -13.73 -3.04
N ALA JA 95 -60.62 -12.87 -2.72
CA ALA JA 95 -62.02 -13.21 -2.98
C ALA JA 95 -62.29 -13.32 -4.48
N MET JA 96 -61.65 -12.47 -5.27
CA MET JA 96 -61.83 -12.53 -6.72
C MET JA 96 -61.25 -13.81 -7.28
N LEU JA 97 -60.10 -14.25 -6.76
CA LEU JA 97 -59.53 -15.52 -7.19
C LEU JA 97 -60.43 -16.69 -6.79
N ALA JA 98 -60.92 -16.68 -5.55
CA ALA JA 98 -61.67 -17.83 -5.05
C ALA JA 98 -63.11 -17.86 -5.55
N GLY JA 99 -63.63 -16.74 -6.07
CA GLY JA 99 -65.01 -16.70 -6.47
C GLY JA 99 -65.98 -16.87 -5.31
N ASP JA 100 -65.68 -16.27 -4.16
CA ASP JA 100 -66.53 -16.45 -2.99
C ASP JA 100 -66.21 -15.41 -1.92
N PRO JA 101 -67.22 -14.69 -1.41
CA PRO JA 101 -66.98 -13.72 -0.34
C PRO JA 101 -66.87 -14.33 1.05
N SER JA 102 -66.72 -15.65 1.16
CA SER JA 102 -66.60 -16.29 2.45
C SER JA 102 -65.35 -15.82 3.19
N ILE JA 103 -64.24 -15.68 2.47
CA ILE JA 103 -63.01 -15.20 3.11
C ILE JA 103 -63.17 -13.76 3.56
N LEU JA 104 -63.90 -12.95 2.78
CA LEU JA 104 -64.15 -11.57 3.18
C LEU JA 104 -64.99 -11.49 4.45
N ASP JA 105 -66.02 -12.32 4.55
CA ASP JA 105 -66.83 -12.35 5.77
C ASP JA 105 -66.02 -12.88 6.95
N GLU JA 106 -65.20 -13.90 6.73
CA GLU JA 106 -64.53 -14.58 7.82
C GLU JA 106 -63.37 -13.76 8.38
N ARG JA 107 -62.56 -13.16 7.51
CA ARG JA 107 -61.33 -12.53 7.95
C ARG JA 107 -61.31 -11.01 7.83
N VAL JA 108 -62.42 -10.38 7.44
CA VAL JA 108 -62.44 -8.94 7.31
C VAL JA 108 -63.58 -8.33 8.11
N LEU JA 109 -64.79 -8.84 7.90
CA LEU JA 109 -65.98 -8.10 8.33
C LEU JA 109 -66.37 -8.36 9.77
N ASN JA 110 -66.00 -9.50 10.35
CA ASN JA 110 -66.46 -9.85 11.68
C ASN JA 110 -65.83 -8.96 12.75
N GLY JA 111 -66.65 -8.14 13.40
CA GLY JA 111 -66.18 -7.24 14.43
C GLY JA 111 -65.54 -5.96 13.93
N LEU JA 112 -65.39 -5.81 12.61
CA LEU JA 112 -64.72 -4.65 12.06
C LEU JA 112 -65.50 -3.37 12.35
N LYS JA 113 -66.83 -3.42 12.21
CA LYS JA 113 -67.64 -2.23 12.43
C LYS JA 113 -67.56 -1.76 13.88
N GLU JA 114 -67.65 -2.71 14.81
CA GLU JA 114 -67.57 -2.35 16.22
C GLU JA 114 -66.17 -1.86 16.60
N THR JA 115 -65.13 -2.48 16.03
CA THR JA 115 -63.78 -1.99 16.28
C THR JA 115 -63.61 -0.57 15.74
N TYR JA 116 -64.16 -0.31 14.55
CA TYR JA 116 -64.05 1.01 13.96
C TYR JA 116 -64.80 2.06 14.77
N ASN JA 117 -66.00 1.72 15.28
CA ASN JA 117 -66.75 2.72 16.01
C ASN JA 117 -66.24 2.85 17.45
N SER JA 118 -65.48 1.86 17.92
CA SER JA 118 -64.77 2.02 19.18
C SER JA 118 -63.53 2.89 19.03
N LEU JA 119 -62.84 2.79 17.89
CA LEU JA 119 -61.66 3.60 17.65
C LEU JA 119 -61.97 4.93 16.97
N GLY JA 120 -63.23 5.19 16.63
CA GLY JA 120 -63.61 6.43 16.00
C GLY JA 120 -63.37 6.51 14.50
N VAL JA 121 -63.13 5.39 13.84
CA VAL JA 121 -62.76 5.39 12.43
C VAL JA 121 -63.92 5.79 11.54
N PRO JA 122 -63.73 6.73 10.62
CA PRO JA 122 -64.79 7.06 9.66
C PRO JA 122 -65.16 5.90 8.75
N ILE JA 123 -66.32 5.29 9.02
CA ILE JA 123 -66.80 4.20 8.18
C ILE JA 123 -67.14 4.70 6.78
N ALA JA 124 -67.75 5.88 6.71
CA ALA JA 124 -68.08 6.47 5.41
C ALA JA 124 -66.82 6.77 4.60
N ALA JA 125 -65.80 7.31 5.26
CA ALA JA 125 -64.54 7.57 4.58
C ALA JA 125 -63.89 6.26 4.13
N THR JA 126 -63.97 5.21 4.95
CA THR JA 126 -63.42 3.92 4.55
C THR JA 126 -64.15 3.37 3.34
N VAL JA 127 -65.47 3.51 3.30
CA VAL JA 127 -66.25 3.04 2.16
C VAL JA 127 -65.88 3.82 0.91
N GLY JA 128 -65.70 5.14 1.04
CA GLY JA 128 -65.28 5.94 -0.10
C GLY JA 128 -63.92 5.54 -0.62
N GLY JA 129 -62.98 5.26 0.27
CA GLY JA 129 -61.68 4.77 -0.15
C GLY JA 129 -61.75 3.43 -0.86
N ILE JA 130 -62.58 2.52 -0.33
CA ILE JA 130 -62.76 1.21 -0.96
C ILE JA 130 -63.34 1.38 -2.36
N GLN JA 131 -64.33 2.27 -2.50
CA GLN JA 131 -64.92 2.53 -3.81
C GLN JA 131 -63.93 3.13 -4.79
N ALA JA 132 -63.09 4.08 -4.35
CA ALA JA 132 -62.08 4.63 -5.25
C ALA JA 132 -61.08 3.57 -5.68
N MET JA 133 -60.69 2.70 -4.75
CA MET JA 133 -59.82 1.58 -5.10
C MET JA 133 -60.49 0.66 -6.11
N LYS JA 134 -61.80 0.45 -5.96
CA LYS JA 134 -62.55 -0.35 -6.92
C LYS JA 134 -62.53 0.28 -8.31
N GLU JA 135 -62.71 1.60 -8.37
CA GLU JA 135 -62.70 2.29 -9.66
C GLU JA 135 -61.34 2.16 -10.34
N VAL JA 136 -60.26 2.37 -9.59
CA VAL JA 136 -58.94 2.28 -10.19
C VAL JA 136 -58.60 0.84 -10.58
N VAL JA 137 -59.11 -0.12 -9.81
CA VAL JA 137 -58.87 -1.53 -10.14
C VAL JA 137 -59.61 -1.91 -11.40
N GLY JA 138 -60.86 -1.44 -11.54
CA GLY JA 138 -61.59 -1.67 -12.76
C GLY JA 138 -60.93 -1.02 -13.97
N GLY JA 139 -60.35 0.17 -13.77
CA GLY JA 139 -59.61 0.79 -14.86
C GLY JA 139 -58.38 -0.01 -15.26
N LEU JA 140 -57.63 -0.50 -14.27
CA LEU JA 140 -56.39 -1.19 -14.58
C LEU JA 140 -56.64 -2.57 -15.19
N VAL JA 141 -57.57 -3.33 -14.61
CA VAL JA 141 -57.73 -4.73 -15.01
C VAL JA 141 -58.31 -4.88 -16.40
N GLY JA 142 -59.23 -4.00 -16.82
CA GLY JA 142 -59.83 -4.10 -18.12
C GLY JA 142 -61.24 -4.67 -18.08
N PRO JA 143 -61.90 -4.69 -19.25
CA PRO JA 143 -63.28 -5.19 -19.33
C PRO JA 143 -63.46 -6.64 -18.89
N ASP JA 144 -62.41 -7.45 -19.05
CA ASP JA 144 -62.53 -8.90 -18.84
C ASP JA 144 -62.90 -9.26 -17.41
N ALA JA 145 -62.29 -8.59 -16.43
CA ALA JA 145 -62.54 -8.88 -15.02
C ALA JA 145 -62.97 -7.68 -14.21
N ALA JA 146 -63.42 -6.60 -14.84
CA ALA JA 146 -63.77 -5.38 -14.12
C ALA JA 146 -64.94 -5.61 -13.17
N LYS JA 147 -66.04 -6.16 -13.67
CA LYS JA 147 -67.21 -6.39 -12.82
C LYS JA 147 -66.93 -7.48 -11.80
N GLU JA 148 -66.16 -8.50 -12.18
CA GLU JA 148 -65.82 -9.58 -11.26
C GLU JA 148 -65.02 -9.08 -10.08
N ALA JA 149 -64.06 -8.18 -10.35
CA ALA JA 149 -63.35 -7.54 -9.25
C ALA JA 149 -64.28 -6.64 -8.45
N SER JA 150 -65.14 -5.87 -9.15
CA SER JA 150 -65.90 -4.82 -8.50
C SER JA 150 -66.96 -5.37 -7.56
N ILE JA 151 -67.43 -6.60 -7.81
CA ILE JA 151 -68.46 -7.18 -6.95
C ILE JA 151 -67.94 -7.37 -5.53
N TYR JA 152 -66.66 -7.72 -5.37
CA TYR JA 152 -66.11 -7.90 -4.04
C TYR JA 152 -65.85 -6.59 -3.31
N PHE JA 153 -65.42 -5.54 -4.02
CA PHE JA 153 -65.34 -4.23 -3.38
C PHE JA 153 -66.72 -3.75 -2.95
N ASP JA 154 -67.73 -3.98 -3.78
CA ASP JA 154 -69.10 -3.64 -3.39
C ASP JA 154 -69.55 -4.47 -2.18
N TYR JA 155 -69.15 -5.74 -2.14
CA TYR JA 155 -69.45 -6.59 -1.00
C TYR JA 155 -68.82 -6.04 0.28
N LEU JA 156 -67.56 -5.65 0.21
CA LEU JA 156 -66.88 -5.10 1.38
C LEU JA 156 -67.52 -3.79 1.84
N SER JA 157 -67.84 -2.92 0.88
CA SER JA 157 -68.49 -1.66 1.21
C SER JA 157 -69.85 -1.87 1.84
N SER JA 158 -70.64 -2.81 1.31
CA SER JA 158 -71.92 -3.16 1.90
C SER JA 158 -71.80 -3.77 3.29
N GLY JA 159 -70.81 -4.64 3.51
CA GLY JA 159 -70.61 -5.21 4.82
C GLY JA 159 -70.19 -4.19 5.86
N LEU JA 160 -69.33 -3.25 5.47
CA LEU JA 160 -68.95 -2.19 6.40
C LEU JA 160 -70.11 -1.23 6.67
N SER JA 161 -70.76 -0.75 5.62
CA SER JA 161 -71.85 0.22 5.78
C SER JA 161 -73.08 -0.46 6.34
N SER KA 2 -43.27 13.70 28.39
CA SER KA 2 -42.48 14.51 29.30
C SER KA 2 -41.69 13.65 30.27
N VAL KA 3 -40.74 14.27 30.98
CA VAL KA 3 -39.93 13.56 31.95
C VAL KA 3 -40.80 13.02 33.08
N LEU KA 4 -41.78 13.80 33.52
CA LEU KA 4 -42.69 13.35 34.57
C LEU KA 4 -43.44 12.10 34.15
N THR KA 5 -43.96 12.10 32.92
CA THR KA 5 -44.65 10.91 32.42
C THR KA 5 -43.71 9.72 32.32
N LYS KA 6 -42.51 9.94 31.78
CA LYS KA 6 -41.60 8.82 31.56
C LYS KA 6 -41.12 8.23 32.88
N ALA KA 7 -41.07 9.04 33.93
CA ALA KA 7 -40.72 8.53 35.24
C ALA KA 7 -41.90 7.85 35.93
N ILE KA 8 -43.10 8.44 35.79
CA ILE KA 8 -44.26 7.92 36.49
C ILE KA 8 -44.71 6.59 35.88
N VAL KA 9 -44.53 6.42 34.57
CA VAL KA 9 -44.87 5.13 33.97
C VAL KA 9 -43.95 4.03 34.52
N ASN KA 10 -42.68 4.35 34.74
CA ASN KA 10 -41.78 3.38 35.36
C ASN KA 10 -42.19 3.08 36.80
N ALA KA 11 -42.51 4.11 37.58
CA ALA KA 11 -42.91 3.90 38.97
C ALA KA 11 -44.20 3.09 39.06
N ASP KA 12 -45.18 3.39 38.21
CA ASP KA 12 -46.43 2.64 38.21
C ASP KA 12 -46.21 1.22 37.73
N ALA KA 13 -45.29 1.01 36.79
CA ALA KA 13 -44.98 -0.33 36.34
C ALA KA 13 -44.36 -1.16 37.46
N GLU KA 14 -43.52 -0.54 38.28
CA GLU KA 14 -42.93 -1.22 39.43
C GLU KA 14 -43.86 -1.28 40.63
N ALA KA 15 -44.98 -0.55 40.60
CA ALA KA 15 -46.00 -0.62 41.64
C ALA KA 15 -45.44 -0.18 43.00
N ARG KA 16 -44.92 1.05 43.03
CA ARG KA 16 -44.27 1.55 44.23
C ARG KA 16 -44.32 3.07 44.23
N TYR KA 17 -44.04 3.65 45.38
CA TYR KA 17 -43.99 5.10 45.49
C TYR KA 17 -42.75 5.64 44.76
N LEU KA 18 -42.84 6.90 44.37
CA LEU KA 18 -41.84 7.48 43.48
C LEU KA 18 -40.53 7.71 44.23
N SER KA 19 -39.43 7.34 43.58
CA SER KA 19 -38.11 7.32 44.19
C SER KA 19 -37.58 8.72 44.46
N PRO KA 20 -36.70 8.86 45.46
CA PRO KA 20 -36.10 10.18 45.73
C PRO KA 20 -35.27 10.73 44.59
N GLY KA 21 -34.52 9.87 43.89
CA GLY KA 21 -33.81 10.33 42.70
C GLY KA 21 -34.77 10.79 41.62
N GLU KA 22 -35.92 10.14 41.53
CA GLU KA 22 -36.99 10.61 40.66
C GLU KA 22 -37.45 12.01 41.08
N LEU KA 23 -37.56 12.24 42.38
CA LEU KA 23 -37.87 13.57 42.90
C LEU KA 23 -36.84 14.60 42.46
N ASP KA 24 -35.55 14.28 42.61
CA ASP KA 24 -34.51 15.23 42.23
C ASP KA 24 -34.52 15.52 40.75
N ARG KA 25 -34.69 14.49 39.91
CA ARG KA 25 -34.67 14.71 38.48
C ARG KA 25 -35.88 15.54 38.03
N ILE KA 26 -37.06 15.29 38.57
CA ILE KA 26 -38.22 16.07 38.17
C ILE KA 26 -38.11 17.50 38.73
N LYS KA 27 -37.45 17.65 39.88
CA LYS KA 27 -37.21 18.97 40.43
C LYS KA 27 -36.30 19.79 39.52
N SER KA 28 -35.23 19.19 39.02
CA SER KA 28 -34.37 19.89 38.07
C SER KA 28 -35.11 20.19 36.77
N PHE KA 29 -35.96 19.26 36.33
CA PHE KA 29 -36.76 19.48 35.13
C PHE KA 29 -37.67 20.69 35.28
N VAL KA 30 -38.35 20.80 36.42
CA VAL KA 30 -39.22 21.95 36.62
C VAL KA 30 -38.40 23.21 36.86
N ALA KA 31 -37.15 23.05 37.32
CA ALA KA 31 -36.26 24.21 37.43
C ALA KA 31 -35.92 24.80 36.06
N SER KA 32 -35.67 23.95 35.07
CA SER KA 32 -35.28 24.41 33.74
C SER KA 32 -36.46 24.91 32.89
N GLY KA 33 -37.66 24.97 33.47
CA GLY KA 33 -38.87 25.29 32.76
C GLY KA 33 -38.90 26.67 32.14
N GLU KA 34 -38.43 27.68 32.87
CA GLU KA 34 -38.45 29.03 32.33
C GLU KA 34 -37.54 29.17 31.12
N ARG KA 35 -36.35 28.56 31.18
CA ARG KA 35 -35.44 28.60 30.05
C ARG KA 35 -36.04 27.89 28.84
N ARG KA 36 -36.65 26.72 29.07
CA ARG KA 36 -37.26 25.99 27.96
C ARG KA 36 -38.42 26.78 27.34
N LEU KA 37 -39.24 27.41 28.18
CA LEU KA 37 -40.34 28.22 27.68
C LEU KA 37 -39.83 29.43 26.91
N ARG KA 38 -38.73 30.04 27.36
CA ARG KA 38 -38.16 31.17 26.64
C ARG KA 38 -37.68 30.77 25.25
N ILE KA 39 -36.98 29.63 25.14
CA ILE KA 39 -36.50 29.18 23.84
C ILE KA 39 -37.66 28.88 22.91
N ALA KA 40 -38.68 28.18 23.43
CA ALA KA 40 -39.85 27.88 22.60
C ALA KA 40 -40.58 29.14 22.17
N GLN KA 41 -40.68 30.13 23.06
CA GLN KA 41 -41.34 31.38 22.71
C GLN KA 41 -40.60 32.11 21.60
N THR KA 42 -39.26 32.15 21.69
CA THR KA 42 -38.48 32.80 20.65
C THR KA 42 -38.66 32.11 19.30
N LEU KA 43 -38.63 30.78 19.30
CA LEU KA 43 -38.80 30.05 18.04
C LEU KA 43 -40.19 30.26 17.45
N THR KA 44 -41.22 30.22 18.30
CA THR KA 44 -42.58 30.43 17.81
C THR KA 44 -42.75 31.85 17.26
N GLU KA 45 -42.11 32.84 17.90
CA GLU KA 45 -42.18 34.20 17.38
C GLU KA 45 -41.49 34.31 16.03
N ALA KA 46 -40.35 33.64 15.85
CA ALA KA 46 -39.60 33.70 14.61
C ALA KA 46 -39.96 32.55 13.67
N ARG KA 47 -41.17 31.99 13.82
CA ARG KA 47 -41.57 30.79 13.08
C ARG KA 47 -41.54 30.99 11.56
N GLU KA 48 -42.06 32.11 11.07
CA GLU KA 48 -42.23 32.26 9.62
C GLU KA 48 -40.89 32.42 8.91
N ARG KA 49 -39.97 33.16 9.52
CA ARG KA 49 -38.65 33.36 8.93
C ARG KA 49 -37.92 32.03 8.79
N ILE KA 50 -38.08 31.17 9.80
CA ILE KA 50 -37.49 29.84 9.76
C ILE KA 50 -38.00 29.07 8.55
N VAL KA 51 -39.31 29.10 8.33
CA VAL KA 51 -39.91 28.36 7.22
C VAL KA 51 -39.44 28.91 5.89
N LYS KA 52 -39.41 30.24 5.75
CA LYS KA 52 -39.09 30.84 4.45
C LYS KA 52 -37.64 30.58 4.06
N GLN KA 53 -36.69 31.00 4.90
CA GLN KA 53 -35.29 30.75 4.53
C GLN KA 53 -34.94 29.27 4.55
N ALA KA 54 -35.64 28.46 5.34
CA ALA KA 54 -35.42 27.02 5.27
C ALA KA 54 -35.85 26.44 3.93
N GLY KA 55 -37.01 26.86 3.42
CA GLY KA 55 -37.43 26.42 2.10
C GLY KA 55 -36.50 26.89 1.00
N ASP KA 56 -36.02 28.13 1.12
CA ASP KA 56 -35.08 28.65 0.13
C ASP KA 56 -33.77 27.86 0.14
N GLN KA 57 -33.25 27.55 1.34
CA GLN KA 57 -32.04 26.73 1.42
C GLN KA 57 -32.28 25.33 0.86
N LEU KA 58 -33.46 24.76 1.13
CA LEU KA 58 -33.77 23.43 0.63
C LEU KA 58 -33.82 23.41 -0.89
N PHE KA 59 -34.46 24.42 -1.49
CA PHE KA 59 -34.53 24.47 -2.95
C PHE KA 59 -33.19 24.78 -3.57
N GLN KA 60 -32.33 25.53 -2.89
CA GLN KA 60 -30.96 25.69 -3.36
C GLN KA 60 -30.22 24.37 -3.36
N ILE KA 61 -30.28 23.63 -2.24
CA ILE KA 61 -29.52 22.40 -2.12
C ILE KA 61 -30.04 21.32 -3.05
N ARG KA 62 -31.35 21.24 -3.26
CA ARG KA 62 -31.92 20.20 -4.11
C ARG KA 62 -33.05 20.79 -4.93
N PRO KA 63 -32.77 21.27 -6.14
CA PRO KA 63 -33.76 22.03 -6.89
C PRO KA 63 -34.72 21.17 -7.70
N ASP KA 64 -34.38 19.90 -7.91
CA ASP KA 64 -35.14 19.04 -8.81
C ASP KA 64 -36.55 18.76 -8.30
N VAL KA 65 -36.78 18.92 -6.99
CA VAL KA 65 -38.10 18.65 -6.43
C VAL KA 65 -39.12 19.66 -6.94
N VAL KA 66 -38.68 20.87 -7.29
CA VAL KA 66 -39.59 21.89 -7.80
C VAL KA 66 -39.46 21.94 -9.31
N SER KA 67 -38.84 20.91 -9.88
CA SER KA 67 -38.71 20.77 -11.32
C SER KA 67 -39.97 20.11 -11.85
N PRO KA 68 -40.15 20.06 -13.18
CA PRO KA 68 -41.34 19.44 -13.77
C PRO KA 68 -41.58 18.00 -13.34
N GLY KA 69 -40.51 17.22 -13.19
CA GLY KA 69 -40.65 15.86 -12.73
C GLY KA 69 -40.48 15.73 -11.23
N GLY KA 70 -40.90 16.74 -10.49
CA GLY KA 70 -40.72 16.80 -9.05
C GLY KA 70 -42.03 16.60 -8.31
N ASN KA 71 -41.93 16.10 -7.08
CA ASN KA 71 -43.12 15.89 -6.26
C ASN KA 71 -43.78 17.22 -5.91
N ALA KA 72 -42.98 18.25 -5.65
CA ALA KA 72 -43.49 19.54 -5.22
C ALA KA 72 -43.62 20.54 -6.37
N TYR KA 73 -43.87 20.06 -7.58
CA TYR KA 73 -43.99 20.95 -8.72
C TYR KA 73 -45.35 21.63 -8.68
N GLY KA 74 -45.35 22.95 -8.75
CA GLY KA 74 -46.54 23.75 -8.60
C GLY KA 74 -46.52 24.56 -7.30
N GLU KA 75 -47.17 25.71 -7.35
CA GLU KA 75 -47.20 26.59 -6.19
C GLU KA 75 -47.94 25.96 -5.02
N LYS KA 76 -49.03 25.23 -5.31
CA LYS KA 76 -49.79 24.57 -4.25
C LYS KA 76 -49.11 23.31 -3.72
N MET KA 77 -48.33 22.60 -4.54
CA MET KA 77 -47.39 21.62 -4.00
C MET KA 77 -46.34 22.26 -3.09
N THR KA 78 -45.74 23.38 -3.49
CA THR KA 78 -44.75 24.05 -2.66
C THR KA 78 -45.35 24.53 -1.34
N ALA KA 79 -46.62 24.97 -1.38
CA ALA KA 79 -47.32 25.32 -0.16
C ALA KA 79 -47.45 24.13 0.77
N LEU KA 80 -47.71 22.94 0.24
CA LEU KA 80 -47.73 21.73 1.06
C LEU KA 80 -46.40 21.42 1.70
N CYS KA 81 -45.30 21.57 0.95
CA CYS KA 81 -43.98 21.30 1.51
C CYS KA 81 -43.64 22.28 2.62
N LEU KA 82 -43.93 23.57 2.41
CA LEU KA 82 -43.64 24.53 3.46
C LEU KA 82 -44.59 24.36 4.64
N ARG KA 83 -45.81 23.89 4.40
CA ARG KA 83 -46.71 23.58 5.50
C ARG KA 83 -46.20 22.40 6.32
N ASP KA 84 -45.64 21.40 5.65
CA ASP KA 84 -45.00 20.29 6.36
C ASP KA 84 -43.83 20.78 7.20
N LEU KA 85 -43.05 21.72 6.65
CA LEU KA 85 -41.94 22.30 7.41
C LEU KA 85 -42.47 23.04 8.64
N ASP KA 86 -43.56 23.78 8.49
CA ASP KA 86 -44.17 24.46 9.64
C ASP KA 86 -44.67 23.45 10.67
N TYR KA 87 -45.24 22.33 10.21
CA TYR KA 87 -45.67 21.26 11.11
C TYR KA 87 -44.50 20.75 11.93
N TYR KA 88 -43.37 20.52 11.26
CA TYR KA 88 -42.20 20.02 11.98
C TYR KA 88 -41.64 21.08 12.92
N LEU KA 89 -41.75 22.36 12.57
CA LEU KA 89 -41.36 23.42 13.49
C LEU KA 89 -42.20 23.40 14.75
N ARG KA 90 -43.52 23.22 14.59
CA ARG KA 90 -44.41 23.15 15.75
C ARG KA 90 -44.07 21.93 16.60
N LEU KA 91 -43.76 20.81 15.96
CA LEU KA 91 -43.36 19.62 16.70
C LEU KA 91 -42.06 19.86 17.46
N VAL KA 92 -41.11 20.56 16.86
CA VAL KA 92 -39.86 20.86 17.54
C VAL KA 92 -40.09 21.76 18.75
N THR KA 93 -40.98 22.76 18.60
CA THR KA 93 -41.30 23.61 19.74
C THR KA 93 -41.97 22.81 20.86
N TYR KA 94 -42.85 21.88 20.50
CA TYR KA 94 -43.46 20.99 21.49
C TYR KA 94 -42.41 20.16 22.20
N GLY KA 95 -41.46 19.62 21.46
CA GLY KA 95 -40.40 18.84 22.08
C GLY KA 95 -39.52 19.67 22.99
N ILE KA 96 -39.27 20.92 22.60
CA ILE KA 96 -38.48 21.81 23.45
C ILE KA 96 -39.20 22.08 24.77
N VAL KA 97 -40.49 22.37 24.71
CA VAL KA 97 -41.21 22.64 25.95
C VAL KA 97 -41.34 21.37 26.78
N ALA KA 98 -41.44 20.21 26.15
CA ALA KA 98 -41.60 18.97 26.88
C ALA KA 98 -40.31 18.48 27.51
N GLY KA 99 -39.16 18.79 26.92
CA GLY KA 99 -37.90 18.31 27.44
C GLY KA 99 -37.45 16.98 26.89
N ASP KA 100 -38.28 16.32 26.07
CA ASP KA 100 -37.90 15.07 25.43
C ASP KA 100 -38.58 15.01 24.06
N VAL KA 101 -38.59 13.81 23.47
CA VAL KA 101 -39.02 13.66 22.09
C VAL KA 101 -40.32 12.88 21.95
N THR KA 102 -41.00 12.56 23.04
CA THR KA 102 -42.23 11.78 22.98
C THR KA 102 -43.35 12.44 22.17
N PRO KA 103 -43.64 13.75 22.32
CA PRO KA 103 -44.70 14.33 21.47
C PRO KA 103 -44.33 14.33 20.00
N ILE KA 104 -43.06 14.60 19.70
CA ILE KA 104 -42.58 14.58 18.32
C ILE KA 104 -42.74 13.19 17.72
N GLU KA 105 -42.34 12.15 18.46
CA GLU KA 105 -42.46 10.79 17.95
C GLU KA 105 -43.93 10.40 17.77
N GLU KA 106 -44.78 10.75 18.73
CA GLU KA 106 -46.18 10.34 18.62
C GLU KA 106 -46.92 11.12 17.54
N ILE KA 107 -46.45 12.31 17.19
CA ILE KA 107 -47.19 13.11 16.23
C ILE KA 107 -46.66 12.99 14.81
N GLY KA 108 -45.35 12.94 14.62
CA GLY KA 108 -44.84 13.06 13.27
C GLY KA 108 -43.62 12.23 12.89
N ILE KA 109 -43.39 11.10 13.56
CA ILE KA 109 -42.27 10.22 13.23
C ILE KA 109 -42.72 8.79 13.01
N ILE KA 110 -43.58 8.26 13.88
CA ILE KA 110 -44.05 6.89 13.73
C ILE KA 110 -44.93 6.79 12.49
N GLY KA 111 -44.51 5.99 11.53
CA GLY KA 111 -45.25 5.80 10.29
C GLY KA 111 -44.98 6.87 9.24
N VAL KA 112 -44.09 7.82 9.52
CA VAL KA 112 -43.79 8.86 8.55
C VAL KA 112 -43.14 8.27 7.30
N LYS KA 113 -42.36 7.20 7.46
CA LYS KA 113 -41.79 6.52 6.31
C LYS KA 113 -42.88 5.96 5.41
N GLU KA 114 -43.88 5.31 5.99
CA GLU KA 114 -44.99 4.78 5.22
C GLU KA 114 -45.77 5.88 4.52
N MET KA 115 -46.04 6.98 5.24
CA MET KA 115 -46.83 8.06 4.66
C MET KA 115 -46.09 8.71 3.50
N TYR KA 116 -44.79 8.96 3.67
CA TYR KA 116 -44.05 9.62 2.60
C TYR KA 116 -43.72 8.67 1.47
N ASN KA 117 -43.73 7.35 1.71
CA ASN KA 117 -43.60 6.42 0.60
C ASN KA 117 -44.90 6.32 -0.19
N SER KA 118 -46.05 6.39 0.50
CA SER KA 118 -47.32 6.43 -0.20
C SER KA 118 -47.43 7.69 -1.06
N LEU KA 119 -47.01 8.82 -0.51
CA LEU KA 119 -47.05 10.06 -1.29
C LEU KA 119 -45.89 10.16 -2.28
N GLN KA 120 -44.87 9.30 -2.13
CA GLN KA 120 -43.66 9.35 -2.94
C GLN KA 120 -42.94 10.70 -2.84
N THR KA 121 -42.97 11.29 -1.65
CA THR KA 121 -42.13 12.47 -1.41
C THR KA 121 -40.74 12.02 -0.97
N PRO KA 122 -39.68 12.68 -1.46
CA PRO KA 122 -38.33 12.25 -1.10
C PRO KA 122 -37.99 12.58 0.34
N ILE KA 123 -37.96 11.56 1.19
CA ILE KA 123 -37.62 11.76 2.59
C ILE KA 123 -36.18 12.23 2.81
N PRO KA 124 -35.18 11.83 1.99
CA PRO KA 124 -33.88 12.51 2.12
C PRO KA 124 -33.94 13.99 1.80
N ALA KA 125 -34.81 14.41 0.88
CA ALA KA 125 -34.99 15.83 0.63
C ALA KA 125 -35.64 16.51 1.82
N VAL KA 126 -36.64 15.86 2.42
CA VAL KA 126 -37.34 16.46 3.56
C VAL KA 126 -36.40 16.57 4.75
N ALA KA 127 -35.48 15.61 4.89
CA ALA KA 127 -34.49 15.69 5.96
C ALA KA 127 -33.60 16.91 5.81
N GLU KA 128 -33.13 17.19 4.59
CA GLU KA 128 -32.30 18.37 4.38
C GLU KA 128 -33.12 19.64 4.58
N GLY KA 129 -34.40 19.61 4.19
CA GLY KA 129 -35.26 20.75 4.46
C GLY KA 129 -35.40 21.02 5.95
N VAL KA 130 -35.49 19.95 6.75
CA VAL KA 130 -35.54 20.12 8.20
C VAL KA 130 -34.22 20.67 8.72
N ARG KA 131 -33.11 20.17 8.19
CA ARG KA 131 -31.79 20.61 8.68
C ARG KA 131 -31.54 22.08 8.39
N ALA KA 132 -32.03 22.57 7.25
CA ALA KA 132 -31.99 24.00 6.98
C ALA KA 132 -32.80 24.77 8.02
N MET KA 133 -33.92 24.18 8.46
CA MET KA 133 -34.70 24.77 9.53
C MET KA 133 -33.88 24.85 10.82
N LYS KA 134 -33.10 23.81 11.10
CA LYS KA 134 -32.24 23.83 12.29
C LYS KA 134 -31.20 24.94 12.18
N ASN KA 135 -30.62 25.11 11.00
CA ASN KA 135 -29.63 26.16 10.81
C ASN KA 135 -30.24 27.54 11.05
N VAL KA 136 -31.41 27.79 10.48
CA VAL KA 136 -32.07 29.08 10.67
C VAL KA 136 -32.45 29.28 12.13
N ALA KA 137 -32.84 28.20 12.81
CA ALA KA 137 -33.21 28.31 14.22
C ALA KA 137 -32.01 28.65 15.08
N THR KA 138 -30.88 27.97 14.89
CA THR KA 138 -29.70 28.26 15.70
C THR KA 138 -29.03 29.56 15.28
N SER KA 139 -29.44 30.14 14.14
CA SER KA 139 -28.98 31.48 13.79
C SER KA 139 -29.59 32.57 14.67
N LEU KA 140 -30.58 32.27 15.51
CA LEU KA 140 -31.30 33.28 16.27
C LEU KA 140 -31.26 33.05 17.78
N LEU KA 141 -30.31 32.25 18.27
CA LEU KA 141 -30.28 31.91 19.69
C LEU KA 141 -28.86 32.04 20.23
N SER KA 142 -28.77 32.17 21.55
CA SER KA 142 -27.49 32.05 22.24
C SER KA 142 -27.00 30.62 22.16
N GLY KA 143 -25.71 30.43 22.47
CA GLY KA 143 -25.05 29.15 22.27
C GLY KA 143 -25.64 27.97 23.01
N ASP KA 144 -25.92 28.13 24.30
CA ASP KA 144 -26.52 27.04 25.06
C ASP KA 144 -27.93 26.75 24.57
N ASP KA 145 -28.74 27.79 24.37
CA ASP KA 145 -30.08 27.60 23.82
C ASP KA 145 -30.03 27.06 22.40
N ALA KA 146 -29.06 27.50 21.60
CA ALA KA 146 -28.91 26.98 20.25
C ALA KA 146 -28.61 25.48 20.27
N ALA KA 147 -27.73 25.04 21.16
CA ALA KA 147 -27.45 23.61 21.28
C ALA KA 147 -28.69 22.85 21.76
N GLU KA 148 -29.43 23.44 22.69
CA GLU KA 148 -30.62 22.77 23.23
C GLU KA 148 -31.68 22.57 22.16
N ALA KA 149 -31.84 23.54 21.25
CA ALA KA 149 -32.76 23.36 20.14
C ALA KA 149 -32.20 22.44 19.07
N GLY KA 150 -30.89 22.52 18.85
CA GLY KA 150 -30.26 21.69 17.84
C GLY KA 150 -30.32 20.21 18.16
N PHE KA 151 -30.39 19.88 19.46
CA PHE KA 151 -30.57 18.47 19.80
C PHE KA 151 -31.89 17.92 19.26
N TYR KA 152 -32.98 18.66 19.44
CA TYR KA 152 -34.26 18.20 18.92
C TYR KA 152 -34.29 18.21 17.40
N PHE KA 153 -33.66 19.22 16.78
CA PHE KA 153 -33.60 19.24 15.33
C PHE KA 153 -32.83 18.03 14.79
N ASP KA 154 -31.71 17.68 15.44
CA ASP KA 154 -30.96 16.50 15.05
C ASP KA 154 -31.74 15.23 15.32
N TYR KA 155 -32.57 15.20 16.36
CA TYR KA 155 -33.42 14.04 16.57
C TYR KA 155 -34.40 13.86 15.42
N LEU KA 156 -35.01 14.95 14.96
CA LEU KA 156 -35.91 14.87 13.81
C LEU KA 156 -35.19 14.36 12.58
N VAL KA 157 -33.99 14.89 12.32
CA VAL KA 157 -33.24 14.48 11.13
C VAL KA 157 -32.85 13.02 11.22
N GLY KA 158 -32.42 12.56 12.39
CA GLY KA 158 -32.06 11.17 12.54
C GLY KA 158 -33.27 10.24 12.44
N ALA KA 159 -34.40 10.65 13.00
CA ALA KA 159 -35.59 9.82 12.94
C ALA KA 159 -36.12 9.71 11.52
N MET KA 160 -35.92 10.74 10.71
CA MET KA 160 -36.28 10.68 9.28
C MET KA 160 -35.13 10.01 8.52
N GLN KA 161 -34.96 8.73 8.80
CA GLN KA 161 -33.85 7.96 8.23
C GLN KA 161 -34.13 6.46 8.33
N MET LA 1 -51.58 8.28 29.82
CA MET LA 1 -51.89 9.31 30.81
C MET LA 1 -51.22 10.63 30.44
N GLN LA 2 -51.68 11.72 31.05
CA GLN LA 2 -51.22 13.05 30.71
C GLN LA 2 -50.85 13.80 31.98
N ASP LA 3 -49.93 14.76 31.82
CA ASP LA 3 -49.61 15.72 32.86
C ASP LA 3 -50.02 17.10 32.37
N ALA LA 4 -49.61 18.13 33.11
CA ALA LA 4 -49.94 19.50 32.70
C ALA LA 4 -49.29 19.85 31.37
N ILE LA 5 -47.99 19.57 31.23
CA ILE LA 5 -47.26 19.97 30.02
C ILE LA 5 -47.77 19.20 28.81
N THR LA 6 -47.87 17.89 28.93
CA THR LA 6 -48.32 17.09 27.79
C THR LA 6 -49.78 17.34 27.49
N ALA LA 7 -50.58 17.65 28.52
CA ALA LA 7 -51.97 17.99 28.29
C ALA LA 7 -52.11 19.27 27.49
N VAL LA 8 -51.31 20.29 27.84
CA VAL LA 8 -51.32 21.53 27.08
C VAL LA 8 -50.85 21.30 25.65
N ILE LA 9 -49.81 20.47 25.51
CA ILE LA 9 -49.27 20.16 24.19
C ILE LA 9 -50.31 19.49 23.32
N ASN LA 10 -51.03 18.51 23.87
CA ASN LA 10 -52.06 17.82 23.11
C ASN LA 10 -53.23 18.73 22.79
N ASN LA 11 -53.64 19.57 23.75
CA ASN LA 11 -54.76 20.47 23.51
C ASN LA 11 -54.44 21.50 22.45
N TYR LA 12 -53.17 21.87 22.30
CA TYR LA 12 -52.84 22.76 21.20
C TYR LA 12 -52.54 22.01 19.91
N ASP LA 13 -52.08 20.77 20.00
CA ASP LA 13 -51.79 19.99 18.81
C ASP LA 13 -53.06 19.57 18.08
N VAL LA 14 -54.14 19.32 18.83
CA VAL LA 14 -55.40 19.00 18.20
C VAL LA 14 -55.91 20.15 17.35
N GLN LA 15 -55.69 21.39 17.80
CA GLN LA 15 -56.03 22.56 17.01
C GLN LA 15 -54.94 22.95 16.01
N GLY LA 16 -53.77 22.33 16.11
CA GLY LA 16 -52.68 22.72 15.22
C GLY LA 16 -52.17 24.12 15.49
N LYS LA 17 -52.05 24.49 16.77
CA LYS LA 17 -51.64 25.83 17.16
C LYS LA 17 -50.28 25.77 17.84
N TYR LA 18 -49.43 26.75 17.51
CA TYR LA 18 -48.21 26.94 18.26
C TYR LA 18 -48.53 27.42 19.66
N LEU LA 19 -47.64 27.12 20.60
CA LEU LA 19 -47.85 27.52 21.98
C LEU LA 19 -47.82 29.04 22.10
N ASP LA 20 -48.92 29.60 22.59
CA ASP LA 20 -49.11 31.04 22.68
C ASP LA 20 -48.93 31.51 24.12
N GLY LA 21 -49.25 32.78 24.35
CA GLY LA 21 -49.09 33.36 25.67
C GLY LA 21 -49.93 32.68 26.74
N ALA LA 22 -51.14 32.27 26.39
CA ALA LA 22 -51.99 31.57 27.35
C ALA LA 22 -51.39 30.22 27.74
N ALA LA 23 -50.89 29.48 26.76
CA ALA LA 23 -50.26 28.20 27.04
C ALA LA 23 -49.00 28.38 27.89
N LEU LA 24 -48.22 29.41 27.57
CA LEU LA 24 -47.03 29.71 28.37
C LEU LA 24 -47.40 30.09 29.80
N ASP LA 25 -48.48 30.86 29.97
CA ASP LA 25 -48.94 31.21 31.30
C ASP LA 25 -49.38 29.99 32.09
N LYS LA 26 -50.10 29.07 31.43
CA LYS LA 26 -50.51 27.84 32.09
C LYS LA 26 -49.30 27.00 32.49
N LEU LA 27 -48.32 26.91 31.60
CA LEU LA 27 -47.11 26.15 31.90
C LEU LA 27 -46.34 26.77 33.07
N LYS LA 28 -46.27 28.10 33.10
CA LYS LA 28 -45.60 28.77 34.21
C LYS LA 28 -46.35 28.56 35.52
N ALA LA 29 -47.68 28.58 35.45
CA ALA LA 29 -48.50 28.32 36.64
C ALA LA 29 -48.26 26.91 37.17
N TYR LA 30 -48.09 25.93 36.28
CA TYR LA 30 -47.72 24.61 36.75
C TYR LA 30 -46.30 24.60 37.33
N PHE LA 31 -45.38 25.30 36.67
CA PHE LA 31 -43.97 25.21 37.06
C PHE LA 31 -43.72 25.86 38.41
N THR LA 32 -44.45 26.92 38.74
CA THR LA 32 -44.18 27.65 39.98
C THR LA 32 -44.49 26.83 41.23
N THR LA 33 -45.25 25.75 41.12
CA THR LA 33 -45.60 24.91 42.26
C THR LA 33 -44.92 23.55 42.24
N GLY LA 34 -43.77 23.43 41.59
CA GLY LA 34 -43.11 22.14 41.48
C GLY LA 34 -42.61 21.62 42.83
N ALA LA 35 -41.98 22.49 43.61
CA ALA LA 35 -41.32 22.04 44.83
C ALA LA 35 -42.32 21.60 45.89
N VAL LA 36 -43.43 22.31 46.00
CA VAL LA 36 -44.45 21.98 47.00
C VAL LA 36 -45.04 20.61 46.74
N ARG LA 37 -45.32 20.30 45.46
CA ARG LA 37 -45.80 18.98 45.10
C ARG LA 37 -44.78 17.91 45.44
N VAL LA 38 -43.50 18.21 45.23
CA VAL LA 38 -42.44 17.24 45.51
C VAL LA 38 -42.39 16.92 47.00
N ARG LA 39 -42.39 17.96 47.83
CA ARG LA 39 -42.30 17.74 49.28
C ARG LA 39 -43.55 17.05 49.81
N ALA LA 40 -44.72 17.42 49.29
CA ALA LA 40 -45.96 16.77 49.72
C ALA LA 40 -45.97 15.30 49.34
N ALA LA 41 -45.50 14.98 48.13
CA ALA LA 41 -45.41 13.58 47.72
C ALA LA 41 -44.42 12.82 48.59
N ALA LA 42 -43.30 13.44 48.95
CA ALA LA 42 -42.36 12.79 49.86
C ALA LA 42 -42.98 12.51 51.22
N VAL LA 43 -43.74 13.47 51.76
CA VAL LA 43 -44.39 13.27 53.05
C VAL LA 43 -45.41 12.15 52.98
N ILE LA 44 -46.20 12.12 51.91
CA ILE LA 44 -47.22 11.07 51.75
C ILE LA 44 -46.57 9.71 51.62
N SER LA 45 -45.49 9.62 50.84
CA SER LA 45 -44.80 8.34 50.66
C SER LA 45 -44.19 7.86 51.96
N SER LA 46 -43.65 8.78 52.76
CA SER LA 46 -43.12 8.39 54.06
C SER LA 46 -44.21 8.05 55.07
N ASN LA 47 -45.41 8.58 54.91
CA ASN LA 47 -46.50 8.32 55.85
C ASN LA 47 -47.63 7.48 55.25
N ALA LA 48 -47.34 6.65 54.25
CA ALA LA 48 -48.36 5.85 53.57
C ALA LA 48 -49.18 4.96 54.50
N THR LA 49 -48.52 4.04 55.21
CA THR LA 49 -49.27 3.03 55.96
C THR LA 49 -50.00 3.64 57.15
N THR LA 50 -49.42 4.67 57.76
CA THR LA 50 -50.11 5.34 58.86
C THR LA 50 -51.36 6.07 58.37
N ILE LA 51 -51.30 6.66 57.18
CA ILE LA 51 -52.47 7.33 56.62
C ILE LA 51 -53.60 6.33 56.40
N ILE LA 52 -53.28 5.16 55.83
CA ILE LA 52 -54.31 4.15 55.59
C ILE LA 52 -54.87 3.64 56.91
N LYS LA 53 -54.00 3.42 57.90
CA LYS LA 53 -54.45 2.93 59.20
C LYS LA 53 -55.40 3.93 59.86
N GLU LA 54 -55.02 5.21 59.85
CA GLU LA 54 -55.88 6.23 60.47
C GLU LA 54 -57.19 6.39 59.71
N ALA LA 55 -57.15 6.38 58.38
CA ALA LA 55 -58.37 6.52 57.60
C ALA LA 55 -59.31 5.35 57.82
N ALA LA 56 -58.78 4.13 57.85
CA ALA LA 56 -59.61 2.97 58.12
C ALA LA 56 -60.20 3.02 59.53
N ALA LA 57 -59.38 3.40 60.52
CA ALA LA 57 -59.89 3.48 61.89
C ALA LA 57 -60.95 4.55 62.04
N LYS LA 58 -60.86 5.63 61.26
CA LYS LA 58 -61.82 6.71 61.40
C LYS LA 58 -63.06 6.53 60.53
N ALA LA 59 -62.99 5.68 59.50
CA ALA LA 59 -64.11 5.56 58.57
C ALA LA 59 -64.77 4.19 58.49
N LEU LA 60 -64.05 3.10 58.67
CA LEU LA 60 -64.62 1.78 58.38
C LEU LA 60 -64.70 0.86 59.59
N ILE LA 61 -63.56 0.62 60.24
CA ILE LA 61 -63.48 -0.39 61.29
C ILE LA 61 -64.24 0.07 62.52
N TYR LA 62 -64.43 -0.85 63.47
CA TYR LA 62 -65.28 -0.63 64.64
C TYR LA 62 -66.71 -0.32 64.21
N SER LA 63 -67.16 -0.99 63.15
CA SER LA 63 -68.51 -0.78 62.62
C SER LA 63 -69.04 -2.12 62.13
N ASP LA 64 -70.20 -2.06 61.48
CA ASP LA 64 -70.86 -3.29 61.05
C ASP LA 64 -70.28 -3.80 59.72
N LEU LA 65 -69.45 -3.00 59.05
CA LEU LA 65 -68.83 -3.46 57.81
C LEU LA 65 -67.88 -4.62 58.08
N THR LA 66 -67.06 -4.51 59.13
CA THR LA 66 -66.05 -5.50 59.43
C THR LA 66 -66.60 -6.71 60.15
N ARG LA 67 -67.82 -6.63 60.67
CA ARG LA 67 -68.42 -7.75 61.37
C ARG LA 67 -69.03 -8.72 60.37
N PRO LA 68 -69.39 -9.93 60.82
CA PRO LA 68 -70.01 -10.91 59.93
C PRO LA 68 -71.29 -10.39 59.30
N GLY LA 69 -71.50 -10.75 58.03
CA GLY LA 69 -72.57 -10.20 57.25
C GLY LA 69 -72.21 -8.93 56.50
N GLY LA 70 -71.09 -8.30 56.85
CA GLY LA 70 -70.64 -7.10 56.17
C GLY LA 70 -69.71 -7.41 55.03
N MEN LA 71 -69.48 -6.44 54.17
CA MEN LA 71 -68.61 -6.62 53.03
C MEN LA 71 -67.15 -6.65 53.43
O MEN LA 71 -66.28 -7.23 52.80
CB MEN LA 71 -68.75 -5.52 51.95
CG MEN LA 71 -68.13 -6.02 50.67
OD1 MEN LA 71 -67.39 -5.29 49.99
ND2 MEN LA 71 -68.43 -7.31 50.28
CE2 MEN LA 71 -67.91 -7.92 49.09
N MET LA 72 -66.87 -6.00 54.55
CA MET LA 72 -65.51 -5.90 55.06
C MET LA 72 -65.12 -7.14 55.86
N TYR LA 73 -66.08 -8.06 56.00
CA TYR LA 73 -65.86 -9.25 56.80
C TYR LA 73 -64.81 -10.16 56.14
N THR LA 74 -64.10 -10.91 56.98
CA THR LA 74 -63.05 -11.86 56.61
C THR LA 74 -61.74 -11.17 56.26
N THR LA 75 -60.63 -11.83 56.61
CA THR LA 75 -59.29 -11.29 56.36
C THR LA 75 -59.05 -11.08 54.87
N ARG LA 76 -59.61 -11.96 54.03
CA ARG LA 76 -59.46 -11.82 52.59
C ARG LA 76 -60.06 -10.50 52.09
N ARG LA 77 -61.31 -10.24 52.46
CA ARG LA 77 -61.96 -9.00 52.03
C ARG LA 77 -61.30 -7.77 52.64
N TYR LA 78 -60.91 -7.83 53.91
CA TYR LA 78 -60.24 -6.68 54.52
C TYR LA 78 -58.92 -6.39 53.83
N ALA LA 79 -58.15 -7.45 53.51
CA ALA LA 79 -56.88 -7.27 52.83
C ALA LA 79 -57.09 -6.68 51.44
N ALA LA 80 -58.13 -7.14 50.73
CA ALA LA 80 -58.44 -6.56 49.43
C ALA LA 80 -58.79 -5.08 49.54
N CYS LA 81 -59.60 -4.71 50.55
CA CYS LA 81 -60.00 -3.31 50.68
C CYS LA 81 -58.81 -2.43 51.05
N ILE LA 82 -57.92 -2.91 51.92
CA ILE LA 82 -56.74 -2.12 52.25
C ILE LA 82 -55.78 -2.01 51.08
N ARG LA 83 -55.64 -3.06 50.26
CA ARG LA 83 -54.82 -2.96 49.06
C ARG LA 83 -55.39 -1.94 48.10
N ASP LA 84 -56.72 -1.96 47.93
CA ASP LA 84 -57.38 -0.97 47.09
C ASP LA 84 -57.15 0.44 47.63
N MET LA 85 -57.21 0.59 48.96
CA MET LA 85 -57.07 1.92 49.55
C MET LA 85 -55.66 2.44 49.32
N ASP LA 86 -54.67 1.55 49.45
CA ASP LA 86 -53.29 1.91 49.18
C ASP LA 86 -53.10 2.34 47.72
N TYR LA 87 -53.74 1.61 46.80
CA TYR LA 87 -53.63 1.99 45.40
C TYR LA 87 -54.25 3.36 45.14
N PHE LA 88 -55.38 3.65 45.77
CA PHE LA 88 -55.98 4.98 45.65
C PHE LA 88 -55.02 6.05 46.15
N LEU LA 89 -54.36 5.79 47.29
CA LEU LA 89 -53.43 6.77 47.84
C LEU LA 89 -52.26 7.03 46.90
N ARG LA 90 -51.68 5.95 46.36
CA ARG LA 90 -50.50 6.10 45.51
C ARG LA 90 -50.85 6.79 44.20
N TYR LA 91 -51.99 6.43 43.60
CA TYR LA 91 -52.36 7.08 42.35
C TYR LA 91 -52.80 8.52 42.58
N ALA LA 92 -53.36 8.82 43.76
CA ALA LA 92 -53.64 10.21 44.10
C ALA LA 92 -52.35 11.01 44.18
N THR LA 93 -51.31 10.41 44.75
CA THR LA 93 -50.00 11.07 44.78
C THR LA 93 -49.45 11.30 43.37
N TYR LA 94 -49.59 10.30 42.49
CA TYR LA 94 -49.14 10.46 41.12
C TYR LA 94 -49.90 11.58 40.41
N ALA LA 95 -51.22 11.64 40.59
CA ALA LA 95 -52.02 12.68 39.97
C ALA LA 95 -51.65 14.06 40.51
N MET LA 96 -51.37 14.12 41.81
CA MET LA 96 -50.95 15.39 42.41
C MET LA 96 -49.62 15.85 41.83
N LEU LA 97 -48.68 14.94 41.65
CA LEU LA 97 -47.40 15.30 41.05
C LEU LA 97 -47.57 15.75 39.61
N ALA LA 98 -48.38 15.03 38.83
CA ALA LA 98 -48.51 15.34 37.41
C ALA LA 98 -49.39 16.56 37.17
N GLY LA 99 -50.20 16.96 38.14
CA GLY LA 99 -51.11 18.08 37.91
C GLY LA 99 -52.18 17.79 36.90
N ASP LA 100 -52.69 16.55 36.86
CA ASP LA 100 -53.75 16.21 35.92
C ASP LA 100 -54.43 14.91 36.31
N PRO LA 101 -55.76 14.87 36.27
CA PRO LA 101 -56.48 13.63 36.61
C PRO LA 101 -56.59 12.64 35.46
N SER LA 102 -55.81 12.81 34.39
CA SER LA 102 -55.89 11.91 33.25
C SER LA 102 -55.49 10.49 33.64
N ILE LA 103 -54.44 10.34 34.44
CA ILE LA 103 -54.04 9.01 34.91
C ILE LA 103 -55.12 8.41 35.80
N LEU LA 104 -55.77 9.23 36.62
CA LEU LA 104 -56.84 8.72 37.46
C LEU LA 104 -58.03 8.23 36.63
N ASP LA 105 -58.40 8.96 35.58
CA ASP LA 105 -59.44 8.50 34.67
C ASP LA 105 -59.01 7.22 33.96
N GLU LA 106 -57.73 7.14 33.59
CA GLU LA 106 -57.28 6.01 32.79
C GLU LA 106 -57.22 4.72 33.60
N ARG LA 107 -56.67 4.78 34.82
CA ARG LA 107 -56.26 3.58 35.52
C ARG LA 107 -57.03 3.29 36.80
N VAL LA 108 -57.98 4.13 37.19
CA VAL LA 108 -58.70 3.90 38.43
C VAL LA 108 -60.20 3.92 38.20
N LEU LA 109 -60.72 5.02 37.65
CA LEU LA 109 -62.16 5.23 37.62
C LEU LA 109 -62.85 4.37 36.56
N ASN LA 110 -62.10 3.77 35.64
CA ASN LA 110 -62.70 3.01 34.56
C ASN LA 110 -63.28 1.67 35.04
N GLY LA 111 -64.62 1.59 35.10
CA GLY LA 111 -65.30 0.37 35.48
C GLY LA 111 -65.28 0.05 36.96
N LEU LA 112 -64.69 0.90 37.78
CA LEU LA 112 -64.56 0.61 39.20
C LEU LA 112 -65.93 0.59 39.88
N LYS LA 113 -66.80 1.53 39.53
CA LYS LA 113 -68.11 1.60 40.16
C LYS LA 113 -68.94 0.36 39.83
N GLU LA 114 -68.94 -0.05 38.55
CA GLU LA 114 -69.71 -1.21 38.13
C GLU LA 114 -69.13 -2.49 38.73
N THR LA 115 -67.80 -2.59 38.81
CA THR LA 115 -67.20 -3.74 39.46
C THR LA 115 -67.57 -3.76 40.95
N TYR LA 116 -67.72 -2.59 41.55
CA TYR LA 116 -68.06 -2.54 42.98
C TYR LA 116 -69.52 -2.91 43.21
N ASN LA 117 -70.42 -2.55 42.29
CA ASN LA 117 -71.78 -3.09 42.39
C ASN LA 117 -71.77 -4.59 42.15
N SER LA 118 -70.95 -5.06 41.21
CA SER LA 118 -70.90 -6.47 40.88
C SER LA 118 -70.41 -7.30 42.05
N LEU LA 119 -69.47 -6.78 42.82
CA LEU LA 119 -68.97 -7.49 43.99
C LEU LA 119 -69.62 -7.03 45.29
N GLY LA 120 -70.57 -6.11 45.23
CA GLY LA 120 -71.26 -5.64 46.42
C GLY LA 120 -70.47 -4.66 47.26
N VAL LA 121 -69.41 -4.07 46.72
CA VAL LA 121 -68.54 -3.20 47.50
C VAL LA 121 -69.29 -1.93 47.88
N PRO LA 122 -69.23 -1.50 49.14
CA PRO LA 122 -69.94 -0.28 49.54
C PRO LA 122 -69.29 0.97 48.98
N ILE LA 123 -69.93 1.60 48.01
CA ILE LA 123 -69.38 2.80 47.40
C ILE LA 123 -69.34 3.95 48.41
N ALA LA 124 -70.37 4.04 49.26
CA ALA LA 124 -70.38 5.06 50.30
C ALA LA 124 -69.23 4.85 51.28
N ALA LA 125 -68.97 3.59 51.66
CA ALA LA 125 -67.85 3.30 52.54
C ALA LA 125 -66.52 3.63 51.88
N THR LA 126 -66.38 3.33 50.59
CA THR LA 126 -65.16 3.65 49.87
C THR LA 126 -64.95 5.16 49.80
N VAL LA 127 -66.01 5.91 49.54
CA VAL LA 127 -65.91 7.37 49.50
C VAL LA 127 -65.56 7.92 50.87
N GLY LA 128 -66.12 7.35 51.93
CA GLY LA 128 -65.76 7.75 53.28
C GLY LA 128 -64.31 7.49 53.60
N GLY LA 129 -63.79 6.32 53.19
CA GLY LA 129 -62.38 6.05 53.39
C GLY LA 129 -61.47 6.98 52.61
N ILE LA 130 -61.84 7.29 51.36
CA ILE LA 130 -61.07 8.23 50.56
C ILE LA 130 -61.07 9.60 51.20
N GLN LA 131 -62.22 10.04 51.70
CA GLN LA 131 -62.29 11.32 52.41
C GLN LA 131 -61.48 11.31 53.69
N ALA LA 132 -61.46 10.20 54.41
CA ALA LA 132 -60.62 10.09 55.60
C ALA LA 132 -59.14 10.22 55.26
N MET LA 133 -58.70 9.56 54.19
CA MET LA 133 -57.29 9.72 53.79
C MET LA 133 -57.04 11.15 53.32
N LYS LA 134 -58.02 11.78 52.69
CA LYS LA 134 -57.86 13.17 52.26
C LYS LA 134 -57.68 14.09 53.47
N GLU LA 135 -58.45 13.84 54.54
CA GLU LA 135 -58.31 14.64 55.75
C GLU LA 135 -56.94 14.42 56.40
N VAL LA 136 -56.52 13.16 56.50
CA VAL LA 136 -55.22 12.88 57.12
C VAL LA 136 -54.09 13.44 56.26
N VAL LA 137 -54.28 13.44 54.94
CA VAL LA 137 -53.26 13.98 54.04
C VAL LA 137 -53.19 15.49 54.18
N GLY LA 138 -54.34 16.15 54.29
CA GLY LA 138 -54.35 17.57 54.53
C GLY LA 138 -53.71 17.94 55.85
N GLY LA 139 -53.90 17.11 56.87
CA GLY LA 139 -53.22 17.31 58.13
C GLY LA 139 -51.72 17.15 58.03
N LEU LA 140 -51.27 16.11 57.33
CA LEU LA 140 -49.84 15.84 57.24
C LEU LA 140 -49.12 16.88 56.37
N VAL LA 141 -49.64 17.15 55.18
CA VAL LA 141 -48.92 17.98 54.22
C VAL LA 141 -48.80 19.44 54.65
N GLY LA 142 -49.83 20.00 55.28
CA GLY LA 142 -49.82 21.39 55.67
C GLY LA 142 -50.34 22.30 54.57
N PRO LA 143 -50.43 23.60 54.88
CA PRO LA 143 -50.87 24.63 53.93
C PRO LA 143 -50.34 24.56 52.50
N ASP LA 144 -49.10 24.12 52.32
CA ASP LA 144 -48.43 24.24 51.03
C ASP LA 144 -49.13 23.46 49.93
N ALA LA 145 -49.41 22.17 50.18
CA ALA LA 145 -50.01 21.31 49.19
C ALA LA 145 -51.29 20.63 49.65
N ALA LA 146 -51.91 21.10 50.73
CA ALA LA 146 -53.12 20.48 51.24
C ALA LA 146 -54.26 20.57 50.23
N LYS LA 147 -54.45 21.75 49.64
CA LYS LA 147 -55.52 21.94 48.67
C LYS LA 147 -55.26 21.14 47.41
N GLU LA 148 -54.01 21.14 46.93
CA GLU LA 148 -53.66 20.41 45.71
C GLU LA 148 -53.86 18.91 45.90
N ALA LA 149 -53.47 18.38 47.06
CA ALA LA 149 -53.72 16.98 47.34
C ALA LA 149 -55.21 16.70 47.47
N SER LA 150 -55.95 17.63 48.09
CA SER LA 150 -57.36 17.38 48.39
C SER LA 150 -58.20 17.36 47.13
N ILE LA 151 -57.80 18.13 46.10
CA ILE LA 151 -58.63 18.20 44.91
C ILE LA 151 -58.68 16.86 44.18
N TYR LA 152 -57.58 16.11 44.17
CA TYR LA 152 -57.61 14.81 43.50
C TYR LA 152 -58.37 13.75 44.30
N PHE LA 153 -58.28 13.78 45.63
CA PHE LA 153 -59.11 12.87 46.41
C PHE LA 153 -60.59 13.18 46.24
N ASP LA 154 -60.94 14.47 46.20
CA ASP LA 154 -62.31 14.85 45.89
C ASP LA 154 -62.70 14.42 44.49
N TYR LA 155 -61.76 14.47 43.55
CA TYR LA 155 -61.98 13.96 42.20
C TYR LA 155 -62.33 12.48 42.22
N LEU LA 156 -61.57 11.68 42.97
CA LEU LA 156 -61.84 10.26 43.04
C LEU LA 156 -63.18 9.98 43.70
N SER LA 157 -63.49 10.70 44.78
CA SER LA 157 -64.77 10.55 45.46
C SER LA 157 -65.94 10.91 44.54
N SER LA 158 -65.83 12.01 43.79
CA SER LA 158 -66.86 12.39 42.85
C SER LA 158 -66.99 11.42 41.68
N GLY LA 159 -65.87 10.88 41.18
CA GLY LA 159 -65.95 9.92 40.09
C GLY LA 159 -66.53 8.60 40.52
N LEU LA 160 -66.36 8.23 41.79
CA LEU LA 160 -67.00 7.01 42.29
C LEU LA 160 -68.47 7.23 42.61
N SER LA 161 -68.79 8.30 43.33
CA SER LA 161 -70.18 8.58 43.69
C SER LA 161 -70.92 9.24 42.53
N SER MA 2 -93.48 -83.62 -32.30
CA SER MA 2 -94.36 -84.09 -31.24
C SER MA 2 -93.67 -84.03 -29.89
N VAL MA 3 -94.45 -84.18 -28.83
CA VAL MA 3 -93.88 -84.22 -27.48
C VAL MA 3 -92.99 -85.44 -27.32
N LEU MA 4 -93.41 -86.58 -27.86
CA LEU MA 4 -92.58 -87.78 -27.84
C LEU MA 4 -91.26 -87.55 -28.57
N THR MA 5 -91.33 -86.91 -29.74
CA THR MA 5 -90.13 -86.64 -30.53
C THR MA 5 -89.18 -85.71 -29.78
N LYS MA 6 -89.73 -84.66 -29.18
CA LYS MA 6 -88.90 -83.70 -28.45
C LYS MA 6 -88.25 -84.35 -27.23
N ALA MA 7 -89.02 -85.11 -26.47
CA ALA MA 7 -88.49 -85.77 -25.27
C ALA MA 7 -87.42 -86.79 -25.64
N ILE MA 8 -87.67 -87.58 -26.69
CA ILE MA 8 -86.70 -88.59 -27.10
C ILE MA 8 -85.42 -87.92 -27.62
N VAL MA 9 -85.58 -86.81 -28.34
CA VAL MA 9 -84.42 -86.10 -28.86
C VAL MA 9 -83.57 -85.54 -27.72
N ASN MA 10 -84.21 -84.94 -26.72
CA ASN MA 10 -83.45 -84.44 -25.58
C ASN MA 10 -82.78 -85.56 -24.80
N ALA MA 11 -83.48 -86.67 -24.59
CA ALA MA 11 -82.90 -87.80 -23.87
C ALA MA 11 -81.71 -88.38 -24.60
N ASP MA 12 -81.82 -88.52 -25.93
CA ASP MA 12 -80.71 -89.05 -26.71
C ASP MA 12 -79.54 -88.07 -26.74
N ALA MA 13 -79.83 -86.77 -26.83
CA ALA MA 13 -78.76 -85.78 -26.83
C ALA MA 13 -78.00 -85.76 -25.51
N GLU MA 14 -78.71 -85.91 -24.39
CA GLU MA 14 -78.06 -86.00 -23.10
C GLU MA 14 -77.50 -87.39 -22.82
N ALA MA 15 -77.84 -88.37 -23.66
CA ALA MA 15 -77.33 -89.74 -23.52
C ALA MA 15 -77.79 -90.37 -22.20
N ARG MA 16 -79.11 -90.39 -22.02
CA ARG MA 16 -79.70 -90.86 -20.77
C ARG MA 16 -81.12 -91.33 -21.05
N TYR MA 17 -81.67 -92.06 -20.07
CA TYR MA 17 -83.08 -92.41 -20.13
C TYR MA 17 -83.93 -91.18 -19.84
N LEU MA 18 -85.24 -91.31 -20.10
CA LEU MA 18 -86.13 -90.17 -19.98
C LEU MA 18 -86.26 -89.74 -18.52
N SER MA 19 -86.36 -88.44 -18.31
CA SER MA 19 -86.52 -87.86 -16.99
C SER MA 19 -87.95 -88.04 -16.49
N PRO MA 20 -88.16 -87.94 -15.17
CA PRO MA 20 -89.53 -87.98 -14.64
C PRO MA 20 -90.43 -86.89 -15.19
N GLY MA 21 -89.89 -85.70 -15.43
CA GLY MA 21 -90.69 -84.64 -16.04
C GLY MA 21 -91.11 -84.99 -17.45
N GLU MA 22 -90.20 -85.56 -18.22
CA GLU MA 22 -90.54 -86.00 -19.58
C GLU MA 22 -91.59 -87.10 -19.55
N LEU MA 23 -91.46 -88.05 -18.61
CA LEU MA 23 -92.46 -89.10 -18.47
C LEU MA 23 -93.82 -88.53 -18.10
N ASP MA 24 -93.84 -87.54 -17.19
CA ASP MA 24 -95.10 -86.92 -16.79
C ASP MA 24 -95.74 -86.17 -17.95
N ARG MA 25 -94.93 -85.47 -18.75
CA ARG MA 25 -95.50 -84.75 -19.89
C ARG MA 25 -96.00 -85.72 -20.97
N ILE MA 26 -95.31 -86.86 -21.15
CA ILE MA 26 -95.81 -87.88 -22.06
C ILE MA 26 -97.14 -88.43 -21.58
N LYS MA 27 -97.25 -88.69 -20.28
CA LYS MA 27 -98.49 -89.18 -19.70
C LYS MA 27 -99.62 -88.17 -19.89
N SER MA 28 -99.33 -86.89 -19.66
CA SER MA 28 -100.34 -85.86 -19.85
C SER MA 28 -100.78 -85.76 -21.31
N PHE MA 29 -99.82 -85.86 -22.23
CA PHE MA 29 -100.15 -85.77 -23.65
C PHE MA 29 -101.00 -86.95 -24.09
N VAL MA 30 -100.67 -88.16 -23.64
CA VAL MA 30 -101.47 -89.32 -24.01
C VAL MA 30 -102.84 -89.24 -23.35
N ALA MA 31 -102.93 -88.61 -22.19
CA ALA MA 31 -104.24 -88.38 -21.58
C ALA MA 31 -105.08 -87.41 -22.40
N SER MA 32 -104.46 -86.35 -22.93
CA SER MA 32 -105.18 -85.33 -23.68
C SER MA 32 -105.32 -85.66 -25.17
N GLY MA 33 -104.79 -86.80 -25.61
CA GLY MA 33 -104.86 -87.20 -27.00
C GLY MA 33 -106.23 -87.29 -27.63
N GLU MA 34 -107.21 -87.88 -26.94
CA GLU MA 34 -108.55 -87.99 -27.54
C GLU MA 34 -109.22 -86.64 -27.66
N ARG MA 35 -109.00 -85.74 -26.69
CA ARG MA 35 -109.52 -84.39 -26.80
C ARG MA 35 -108.89 -83.65 -27.97
N ARG MA 36 -107.58 -83.82 -28.15
CA ARG MA 36 -106.90 -83.22 -29.30
C ARG MA 36 -107.46 -83.78 -30.61
N LEU MA 37 -107.73 -85.09 -30.64
CA LEU MA 37 -108.32 -85.70 -31.83
C LEU MA 37 -109.69 -85.12 -32.13
N ARG MA 38 -110.51 -84.92 -31.09
CA ARG MA 38 -111.83 -84.33 -31.27
C ARG MA 38 -111.74 -82.91 -31.81
N ILE MA 39 -110.81 -82.12 -31.26
CA ILE MA 39 -110.64 -80.74 -31.71
C ILE MA 39 -110.19 -80.71 -33.17
N ALA MA 40 -109.23 -81.57 -33.53
CA ALA MA 40 -108.77 -81.64 -34.91
C ALA MA 40 -109.87 -82.09 -35.86
N GLN MA 41 -110.70 -83.05 -35.44
CA GLN MA 41 -111.82 -83.49 -36.26
C GLN MA 41 -112.81 -82.35 -36.48
N THR MA 42 -113.10 -81.58 -35.43
CA THR MA 42 -114.00 -80.45 -35.57
C THR MA 42 -113.46 -79.41 -36.54
N LEU MA 43 -112.17 -79.09 -36.42
CA LEU MA 43 -111.56 -78.12 -37.32
C LEU MA 43 -111.56 -78.62 -38.77
N THR MA 44 -111.23 -79.90 -38.96
CA THR MA 44 -111.24 -80.46 -40.31
C THR MA 44 -112.64 -80.44 -40.91
N GLU MA 45 -113.65 -80.73 -40.09
CA GLU MA 45 -115.02 -80.70 -40.58
C GLU MA 45 -115.46 -79.29 -40.94
N ALA MA 46 -115.02 -78.29 -40.17
CA ALA MA 46 -115.34 -76.90 -40.45
C ALA MA 46 -114.22 -76.18 -41.19
N ARG MA 47 -113.44 -76.92 -41.97
CA ARG MA 47 -112.26 -76.35 -42.63
C ARG MA 47 -112.64 -75.27 -43.65
N GLU MA 48 -113.73 -75.48 -44.39
CA GLU MA 48 -114.04 -74.58 -45.51
C GLU MA 48 -114.57 -73.24 -45.01
N ARG MA 49 -115.49 -73.27 -44.05
CA ARG MA 49 -116.07 -72.04 -43.51
C ARG MA 49 -115.02 -71.19 -42.83
N ILE MA 50 -114.10 -71.84 -42.10
CA ILE MA 50 -113.03 -71.11 -41.43
C ILE MA 50 -112.14 -70.39 -42.44
N VAL MA 51 -111.78 -71.10 -43.52
CA VAL MA 51 -110.94 -70.50 -44.56
C VAL MA 51 -111.66 -69.34 -45.22
N LYS MA 52 -112.94 -69.51 -45.56
CA LYS MA 52 -113.69 -68.45 -46.22
C LYS MA 52 -113.83 -67.22 -45.34
N GLN MA 53 -114.16 -67.42 -44.06
CA GLN MA 53 -114.32 -66.27 -43.16
C GLN MA 53 -112.98 -65.59 -42.90
N ALA MA 54 -111.90 -66.37 -42.77
CA ALA MA 54 -110.58 -65.77 -42.59
C ALA MA 54 -110.21 -64.92 -43.79
N GLY MA 55 -110.49 -65.41 -44.99
CA GLY MA 55 -110.22 -64.62 -46.18
C GLY MA 55 -111.06 -63.36 -46.24
N ASP MA 56 -112.33 -63.46 -45.84
CA ASP MA 56 -113.21 -62.30 -45.87
C ASP MA 56 -112.74 -61.22 -44.89
N GLN MA 57 -112.47 -61.59 -43.64
CA GLN MA 57 -111.96 -60.62 -42.67
C GLN MA 57 -110.60 -60.05 -43.09
N LEU MA 58 -109.75 -60.89 -43.69
CA LEU MA 58 -108.45 -60.42 -44.14
C LEU MA 58 -108.61 -59.36 -45.24
N PHE MA 59 -109.52 -59.62 -46.18
CA PHE MA 59 -109.79 -58.65 -47.24
C PHE MA 59 -110.39 -57.37 -46.68
N GLN MA 60 -111.29 -57.47 -45.69
CA GLN MA 60 -111.86 -56.28 -45.09
C GLN MA 60 -110.80 -55.46 -44.36
N ILE MA 61 -109.89 -56.13 -43.67
CA ILE MA 61 -108.84 -55.43 -42.94
C ILE MA 61 -107.84 -54.78 -43.87
N ARG MA 62 -107.44 -55.48 -44.94
CA ARG MA 62 -106.43 -54.99 -45.87
C ARG MA 62 -106.96 -55.09 -47.29
N PRO MA 63 -107.75 -54.10 -47.73
CA PRO MA 63 -108.18 -54.09 -49.14
C PRO MA 63 -107.05 -53.87 -50.12
N ASP MA 64 -105.92 -53.33 -49.67
CA ASP MA 64 -104.82 -53.05 -50.58
C ASP MA 64 -104.23 -54.33 -51.18
N VAL MA 65 -104.35 -55.45 -50.45
CA VAL MA 65 -103.83 -56.71 -50.97
C VAL MA 65 -104.64 -57.16 -52.18
N VAL MA 66 -105.90 -56.78 -52.24
CA VAL MA 66 -106.73 -57.08 -53.40
C VAL MA 66 -106.90 -55.80 -54.20
N SER MA 67 -105.96 -54.88 -54.04
CA SER MA 67 -105.87 -53.68 -54.84
C SER MA 67 -104.87 -53.95 -55.96
N PRO MA 68 -104.80 -53.07 -56.98
CA PRO MA 68 -103.96 -53.32 -58.16
C PRO MA 68 -102.50 -53.66 -57.90
N GLY MA 69 -101.89 -53.01 -56.90
CA GLY MA 69 -100.52 -53.31 -56.57
C GLY MA 69 -100.37 -54.29 -55.43
N GLY MA 70 -101.44 -55.06 -55.16
CA GLY MA 70 -101.44 -56.03 -54.09
C GLY MA 70 -100.98 -57.39 -54.60
N ASN MA 71 -100.41 -58.19 -53.68
CA ASN MA 71 -99.94 -59.52 -54.05
C ASN MA 71 -101.08 -60.43 -54.46
N ALA MA 72 -102.22 -60.34 -53.77
CA ALA MA 72 -103.36 -61.21 -54.01
C ALA MA 72 -104.39 -60.59 -54.96
N TYR MA 73 -104.00 -59.58 -55.73
CA TYR MA 73 -104.91 -58.94 -56.66
C TYR MA 73 -105.27 -59.94 -57.76
N GLY MA 74 -106.55 -60.02 -58.08
CA GLY MA 74 -107.04 -60.95 -59.08
C GLY MA 74 -107.65 -62.19 -58.45
N GLU MA 75 -108.51 -62.83 -59.25
CA GLU MA 75 -109.28 -63.97 -58.76
C GLU MA 75 -108.38 -65.14 -58.41
N LYS MA 76 -107.50 -65.55 -59.31
CA LYS MA 76 -106.63 -66.68 -59.04
C LYS MA 76 -105.54 -66.37 -58.02
N MET MA 77 -105.05 -65.14 -57.97
CA MET MA 77 -104.16 -64.75 -56.88
C MET MA 77 -104.84 -64.83 -55.52
N THR MA 78 -106.10 -64.41 -55.44
CA THR MA 78 -106.86 -64.59 -54.20
C THR MA 78 -107.09 -66.06 -53.88
N ALA MA 79 -107.36 -66.88 -54.91
CA ALA MA 79 -107.54 -68.30 -54.70
C ALA MA 79 -106.26 -68.94 -54.16
N LEU MA 80 -105.10 -68.47 -54.63
CA LEU MA 80 -103.84 -68.98 -54.11
C LEU MA 80 -103.67 -68.63 -52.64
N CYS MA 81 -104.05 -67.42 -52.23
CA CYS MA 81 -103.98 -67.05 -50.83
C CYS MA 81 -104.93 -67.90 -49.98
N LEU MA 82 -106.13 -68.16 -50.50
CA LEU MA 82 -107.06 -69.03 -49.80
C LEU MA 82 -106.52 -70.45 -49.67
N ARG MA 83 -105.87 -70.96 -50.73
CA ARG MA 83 -105.25 -72.28 -50.64
C ARG MA 83 -104.12 -72.28 -49.62
N ASP MA 84 -103.36 -71.19 -49.53
CA ASP MA 84 -102.34 -71.07 -48.49
C ASP MA 84 -102.95 -71.11 -47.11
N LEU MA 85 -104.09 -70.44 -46.93
CA LEU MA 85 -104.78 -70.48 -45.64
C LEU MA 85 -105.26 -71.89 -45.31
N ASP MA 86 -105.76 -72.62 -46.32
CA ASP MA 86 -106.15 -74.01 -46.10
C ASP MA 86 -104.94 -74.87 -45.73
N TYR MA 87 -103.80 -74.61 -46.38
CA TYR MA 87 -102.56 -75.30 -46.05
C TYR MA 87 -102.19 -75.06 -44.59
N TYR MA 88 -102.28 -73.82 -44.14
CA TYR MA 88 -101.96 -73.50 -42.76
C TYR MA 88 -102.98 -74.12 -41.80
N LEU MA 89 -104.23 -74.27 -42.23
CA LEU MA 89 -105.20 -75.00 -41.42
C LEU MA 89 -104.80 -76.44 -41.23
N ARG MA 90 -104.35 -77.08 -42.32
CA ARG MA 90 -103.91 -78.47 -42.23
C ARG MA 90 -102.69 -78.58 -41.32
N LEU MA 91 -101.76 -77.63 -41.40
CA LEU MA 91 -100.61 -77.63 -40.50
C LEU MA 91 -101.02 -77.41 -39.06
N VAL MA 92 -102.00 -76.54 -38.82
CA VAL MA 92 -102.47 -76.30 -37.46
C VAL MA 92 -103.10 -77.55 -36.87
N THR MA 93 -103.91 -78.26 -37.67
CA THR MA 93 -104.48 -79.52 -37.20
C THR MA 93 -103.38 -80.55 -36.93
N TYR MA 94 -102.35 -80.59 -37.79
CA TYR MA 94 -101.23 -81.48 -37.56
C TYR MA 94 -100.52 -81.17 -36.24
N GLY MA 95 -100.30 -79.89 -35.97
CA GLY MA 95 -99.64 -79.51 -34.72
C GLY MA 95 -100.49 -79.83 -33.51
N ILE MA 96 -101.81 -79.60 -33.62
CA ILE MA 96 -102.71 -79.90 -32.51
C ILE MA 96 -102.72 -81.39 -32.20
N VAL MA 97 -102.76 -82.23 -33.24
CA VAL MA 97 -102.72 -83.66 -32.99
C VAL MA 97 -101.36 -84.12 -32.49
N ALA MA 98 -100.28 -83.44 -32.90
CA ALA MA 98 -98.94 -83.82 -32.47
C ALA MA 98 -98.63 -83.40 -31.05
N GLY MA 99 -99.19 -82.30 -30.57
CA GLY MA 99 -98.89 -81.80 -29.25
C GLY MA 99 -97.73 -80.82 -29.19
N ASP MA 100 -97.04 -80.61 -30.30
CA ASP MA 100 -95.95 -79.63 -30.36
C ASP MA 100 -95.93 -79.04 -31.76
N VAL MA 101 -94.83 -78.38 -32.11
CA VAL MA 101 -94.76 -77.63 -33.37
C VAL MA 101 -93.68 -78.15 -34.30
N THR MA 102 -93.18 -79.37 -34.09
CA THR MA 102 -92.10 -79.89 -34.93
C THR MA 102 -92.54 -80.07 -36.39
N PRO MA 103 -93.63 -80.82 -36.66
CA PRO MA 103 -94.06 -80.95 -38.07
C PRO MA 103 -94.49 -79.63 -38.69
N ILE MA 104 -95.12 -78.76 -37.89
CA ILE MA 104 -95.55 -77.46 -38.40
C ILE MA 104 -94.36 -76.64 -38.81
N GLU MA 105 -93.33 -76.58 -37.97
CA GLU MA 105 -92.11 -75.83 -38.30
C GLU MA 105 -91.39 -76.45 -39.50
N GLU MA 106 -91.35 -77.79 -39.56
CA GLU MA 106 -90.68 -78.44 -40.67
C GLU MA 106 -91.41 -78.20 -41.99
N ILE MA 107 -92.71 -77.96 -41.95
CA ILE MA 107 -93.47 -77.85 -43.19
C ILE MA 107 -93.71 -76.40 -43.63
N GLY MA 108 -93.94 -75.47 -42.70
CA GLY MA 108 -94.45 -74.18 -43.13
C GLY MA 108 -94.00 -72.90 -42.45
N ILE MA 109 -92.98 -72.94 -41.59
CA ILE MA 109 -92.45 -71.73 -40.98
C ILE MA 109 -91.03 -71.42 -41.45
N ILE MA 110 -90.09 -72.33 -41.20
CA ILE MA 110 -88.70 -72.04 -41.55
C ILE MA 110 -88.58 -71.97 -43.08
N GLY MA 111 -88.01 -70.86 -43.56
CA GLY MA 111 -88.02 -70.57 -44.97
C GLY MA 111 -89.20 -69.74 -45.44
N VAL MA 112 -90.15 -69.41 -44.56
CA VAL MA 112 -91.34 -68.69 -45.00
C VAL MA 112 -91.05 -67.21 -45.21
N LYS MA 113 -90.04 -66.67 -44.53
CA LYS MA 113 -89.59 -65.32 -44.85
C LYS MA 113 -89.06 -65.25 -46.27
N GLU MA 114 -88.29 -66.27 -46.67
CA GLU MA 114 -87.82 -66.34 -48.05
C GLU MA 114 -88.98 -66.60 -49.02
N MET MA 115 -89.96 -67.42 -48.61
CA MET MA 115 -91.25 -67.52 -49.29
C MET MA 115 -91.82 -66.17 -49.68
N TYR MA 116 -92.10 -65.34 -48.70
CA TYR MA 116 -92.91 -64.18 -49.03
C TYR MA 116 -92.04 -63.00 -49.45
N ASN MA 117 -90.72 -63.09 -49.24
CA ASN MA 117 -89.82 -62.12 -49.84
C ASN MA 117 -89.63 -62.41 -51.33
N SER MA 118 -89.45 -63.69 -51.70
CA SER MA 118 -89.32 -64.04 -53.10
C SER MA 118 -90.61 -63.78 -53.85
N LEU MA 119 -91.76 -64.12 -53.25
CA LEU MA 119 -93.03 -63.88 -53.90
C LEU MA 119 -93.53 -62.44 -53.69
N GLN MA 120 -92.82 -61.64 -52.90
CA GLN MA 120 -93.22 -60.27 -52.61
C GLN MA 120 -94.59 -60.22 -51.93
N THR MA 121 -94.89 -61.23 -51.13
CA THR MA 121 -96.18 -61.30 -50.46
C THR MA 121 -96.07 -60.71 -49.06
N PRO MA 122 -97.07 -59.97 -48.60
CA PRO MA 122 -96.98 -59.37 -47.26
C PRO MA 122 -97.10 -60.39 -46.14
N ILE MA 123 -95.96 -60.64 -45.47
CA ILE MA 123 -95.97 -61.52 -44.30
C ILE MA 123 -96.88 -61.00 -43.19
N PRO MA 124 -96.88 -59.72 -42.84
CA PRO MA 124 -97.90 -59.22 -41.89
C PRO MA 124 -99.32 -59.43 -42.35
N ALA MA 125 -99.61 -59.32 -43.65
CA ALA MA 125 -100.93 -59.65 -44.15
C ALA MA 125 -101.28 -61.12 -43.98
N VAL MA 126 -100.32 -62.02 -44.22
CA VAL MA 126 -100.55 -63.44 -43.95
C VAL MA 126 -100.80 -63.67 -42.47
N ALA MA 127 -100.09 -62.97 -41.60
CA ALA MA 127 -100.31 -63.08 -40.16
C ALA MA 127 -101.71 -62.60 -39.77
N GLU MA 128 -102.16 -61.49 -40.37
CA GLU MA 128 -103.50 -61.00 -40.07
C GLU MA 128 -104.58 -61.96 -40.55
N GLY MA 129 -104.38 -62.54 -41.74
CA GLY MA 129 -105.28 -63.57 -42.20
C GLY MA 129 -105.31 -64.77 -41.28
N VAL MA 130 -104.14 -65.16 -40.75
CA VAL MA 130 -104.08 -66.25 -39.78
C VAL MA 130 -104.82 -65.88 -38.50
N ARG MA 131 -104.77 -64.60 -38.12
CA ARG MA 131 -105.46 -64.17 -36.90
C ARG MA 131 -106.98 -64.23 -37.07
N ALA MA 132 -107.49 -63.73 -38.19
CA ALA MA 132 -108.92 -63.85 -38.47
C ALA MA 132 -109.32 -65.32 -38.58
N MET MA 133 -108.44 -66.13 -39.16
CA MET MA 133 -108.62 -67.57 -39.21
C MET MA 133 -108.73 -68.18 -37.83
N LYS MA 134 -107.88 -67.73 -36.90
CA LYS MA 134 -107.96 -68.19 -35.51
C LYS MA 134 -109.27 -67.79 -34.87
N ASN MA 135 -109.74 -66.58 -35.15
CA ASN MA 135 -111.03 -66.15 -34.62
C ASN MA 135 -112.16 -67.03 -35.11
N VAL MA 136 -112.16 -67.35 -36.41
CA VAL MA 136 -113.19 -68.21 -36.98
C VAL MA 136 -113.11 -69.61 -36.38
N ALA MA 137 -111.87 -70.11 -36.18
CA ALA MA 137 -111.70 -71.44 -35.61
C ALA MA 137 -112.16 -71.50 -34.16
N THR MA 138 -111.84 -70.49 -33.37
CA THR MA 138 -112.25 -70.48 -31.97
C THR MA 138 -113.75 -70.21 -31.82
N SER MA 139 -114.38 -69.66 -32.85
CA SER MA 139 -115.83 -69.52 -32.85
C SER MA 139 -116.57 -70.85 -32.87
N LEU MA 140 -115.91 -71.95 -33.23
CA LEU MA 140 -116.56 -73.26 -33.36
C LEU MA 140 -116.04 -74.28 -32.35
N LEU MA 141 -115.47 -73.83 -31.23
CA LEU MA 141 -114.90 -74.75 -30.25
C LEU MA 141 -115.28 -74.32 -28.85
N SER MA 142 -115.24 -75.28 -27.93
CA SER MA 142 -115.40 -74.98 -26.52
C SER MA 142 -114.19 -74.17 -26.03
N GLY MA 143 -114.35 -73.56 -24.85
CA GLY MA 143 -113.35 -72.64 -24.31
C GLY MA 143 -111.98 -73.24 -24.11
N ASP MA 144 -111.90 -74.41 -23.48
CA ASP MA 144 -110.61 -75.07 -23.32
C ASP MA 144 -110.04 -75.50 -24.67
N ASP MA 145 -110.86 -76.09 -25.52
CA ASP MA 145 -110.41 -76.48 -26.86
C ASP MA 145 -110.10 -75.25 -27.70
N ALA MA 146 -110.87 -74.17 -27.54
CA ALA MA 146 -110.56 -72.93 -28.25
C ALA MA 146 -109.20 -72.39 -27.84
N ALA MA 147 -108.89 -72.42 -26.53
CA ALA MA 147 -107.58 -71.98 -26.07
C ALA MA 147 -106.47 -72.88 -26.60
N GLU MA 148 -106.72 -74.19 -26.62
CA GLU MA 148 -105.73 -75.13 -27.13
C GLU MA 148 -105.41 -74.89 -28.59
N ALA MA 149 -106.43 -74.66 -29.41
CA ALA MA 149 -106.19 -74.34 -30.82
C ALA MA 149 -105.56 -72.97 -30.98
N GLY MA 150 -105.98 -72.00 -30.16
CA GLY MA 150 -105.43 -70.67 -30.25
C GLY MA 150 -103.98 -70.59 -29.87
N PHE MA 151 -103.51 -71.53 -29.03
CA PHE MA 151 -102.08 -71.57 -28.74
C PHE MA 151 -101.27 -71.87 -30.00
N TYR MA 152 -101.70 -72.86 -30.78
CA TYR MA 152 -101.00 -73.16 -32.03
C TYR MA 152 -101.17 -72.04 -33.04
N PHE MA 153 -102.36 -71.42 -33.09
CA PHE MA 153 -102.56 -70.30 -34.00
C PHE MA 153 -101.64 -69.13 -33.66
N ASP MA 154 -101.51 -68.82 -32.38
CA ASP MA 154 -100.61 -67.75 -31.95
C ASP MA 154 -99.16 -68.14 -32.18
N TYR MA 155 -98.83 -69.43 -32.09
CA TYR MA 155 -97.50 -69.89 -32.46
C TYR MA 155 -97.23 -69.59 -33.93
N LEU MA 156 -98.19 -69.86 -34.80
CA LEU MA 156 -98.01 -69.56 -36.22
C LEU MA 156 -97.87 -68.07 -36.45
N VAL MA 157 -98.68 -67.27 -35.74
CA VAL MA 157 -98.62 -65.82 -35.88
C VAL MA 157 -97.25 -65.30 -35.46
N GLY MA 158 -96.73 -65.78 -34.33
CA GLY MA 158 -95.40 -65.39 -33.90
C GLY MA 158 -94.32 -65.89 -34.84
N ALA MA 159 -94.53 -67.06 -35.43
CA ALA MA 159 -93.59 -67.61 -36.41
C ALA MA 159 -93.48 -66.70 -37.63
N MET MA 160 -94.62 -66.19 -38.11
CA MET MA 160 -94.61 -65.16 -39.15
C MET MA 160 -94.37 -63.80 -38.48
N GLN MA 161 -93.13 -63.61 -38.04
CA GLN MA 161 -92.74 -62.41 -37.31
C GLN MA 161 -91.23 -62.32 -37.18
N MET NA 1 -85.82 -88.59 -36.87
CA MET NA 1 -86.55 -89.82 -36.58
C MET NA 1 -88.06 -89.59 -36.60
N GLN NA 2 -88.82 -90.68 -36.51
CA GLN NA 2 -90.27 -90.61 -36.51
C GLN NA 2 -90.83 -91.56 -35.47
N ASP NA 3 -91.94 -91.16 -34.87
CA ASP NA 3 -92.79 -92.01 -34.05
C ASP NA 3 -93.98 -92.45 -34.89
N ALA NA 4 -94.95 -93.10 -34.26
CA ALA NA 4 -96.16 -93.49 -34.98
C ALA NA 4 -96.94 -92.26 -35.44
N ILE NA 5 -97.10 -91.28 -34.55
CA ILE NA 5 -97.84 -90.06 -34.88
C ILE NA 5 -97.14 -89.29 -35.98
N THR NA 6 -95.82 -89.12 -35.85
CA THR NA 6 -95.07 -88.41 -36.87
C THR NA 6 -95.06 -89.16 -38.20
N ALA NA 7 -95.01 -90.50 -38.16
CA ALA NA 7 -95.06 -91.27 -39.40
C ALA NA 7 -96.40 -91.10 -40.12
N VAL NA 8 -97.50 -91.13 -39.36
CA VAL NA 8 -98.81 -90.92 -39.97
C VAL NA 8 -98.92 -89.50 -40.51
N ILE NA 9 -98.40 -88.53 -39.77
CA ILE NA 9 -98.45 -87.14 -40.21
C ILE NA 9 -97.64 -86.95 -41.49
N ASN NA 10 -96.48 -87.61 -41.58
CA ASN NA 10 -95.70 -87.58 -42.81
C ASN NA 10 -96.45 -88.23 -43.97
N ASN NA 11 -97.06 -89.40 -43.73
CA ASN NA 11 -97.76 -90.09 -44.80
C ASN NA 11 -98.97 -89.33 -45.29
N TYR NA 12 -99.55 -88.47 -44.44
CA TYR NA 12 -100.66 -87.65 -44.89
C TYR NA 12 -100.20 -86.33 -45.48
N ASP NA 13 -99.09 -85.78 -45.00
CA ASP NA 13 -98.60 -84.51 -45.52
C ASP NA 13 -97.97 -84.68 -46.90
N VAL NA 14 -97.43 -85.86 -47.17
CA VAL NA 14 -96.91 -86.14 -48.52
C VAL NA 14 -98.03 -86.10 -49.54
N GLN NA 15 -99.23 -86.52 -49.17
CA GLN NA 15 -100.41 -86.43 -50.02
C GLN NA 15 -101.16 -85.12 -49.85
N GLY NA 16 -100.79 -84.30 -48.87
CA GLY NA 16 -101.51 -83.06 -48.63
C GLY NA 16 -102.93 -83.28 -48.15
N LYS NA 17 -103.11 -84.24 -47.25
CA LYS NA 17 -104.43 -84.67 -46.81
C LYS NA 17 -104.66 -84.27 -45.35
N TYR NA 18 -105.91 -83.90 -45.05
CA TYR NA 18 -106.31 -83.78 -43.65
C TYR NA 18 -106.48 -85.16 -43.05
N LEU NA 19 -106.39 -85.23 -41.72
CA LEU NA 19 -106.51 -86.50 -41.03
C LEU NA 19 -107.92 -87.05 -41.16
N ASP NA 20 -108.03 -88.33 -41.52
CA ASP NA 20 -109.30 -89.00 -41.74
C ASP NA 20 -109.51 -90.09 -40.68
N GLY NA 21 -110.54 -90.90 -40.90
CA GLY NA 21 -110.89 -91.93 -39.93
C GLY NA 21 -109.80 -92.96 -39.72
N ALA NA 22 -109.13 -93.37 -40.79
CA ALA NA 22 -108.07 -94.37 -40.64
C ALA NA 22 -106.89 -93.84 -39.84
N ALA NA 23 -106.47 -92.60 -40.14
CA ALA NA 23 -105.39 -91.98 -39.38
C ALA NA 23 -105.78 -91.80 -37.92
N LEU NA 24 -107.03 -91.39 -37.68
CA LEU NA 24 -107.52 -91.28 -36.31
C LEU NA 24 -107.52 -92.61 -35.60
N ASP NA 25 -107.89 -93.69 -36.30
CA ASP NA 25 -107.86 -95.02 -35.71
C ASP NA 25 -106.43 -95.44 -35.34
N LYS NA 26 -105.48 -95.17 -36.23
CA LYS NA 26 -104.08 -95.49 -35.92
C LYS NA 26 -103.59 -94.69 -34.72
N LEU NA 27 -103.94 -93.41 -34.67
CA LEU NA 27 -103.55 -92.57 -33.54
C LEU NA 27 -104.16 -93.08 -32.23
N LYS NA 28 -105.44 -93.48 -32.27
CA LYS NA 28 -106.10 -94.02 -31.10
C LYS NA 28 -105.45 -95.33 -30.66
N ALA NA 29 -105.07 -96.17 -31.63
CA ALA NA 29 -104.40 -97.42 -31.31
C ALA NA 29 -103.06 -97.17 -30.62
N TYR NA 30 -102.31 -96.17 -31.08
CA TYR NA 30 -101.07 -95.84 -30.37
C TYR NA 30 -101.36 -95.27 -28.98
N PHE NA 31 -102.38 -94.41 -28.88
CA PHE NA 31 -102.69 -93.76 -27.61
C PHE NA 31 -103.11 -94.77 -26.56
N THR NA 32 -103.81 -95.83 -26.97
CA THR NA 32 -104.36 -96.78 -26.01
C THR NA 32 -103.30 -97.55 -25.24
N THR NA 33 -102.08 -97.63 -25.77
CA THR NA 33 -101.01 -98.39 -25.12
C THR NA 33 -99.86 -97.53 -24.65
N GLY NA 34 -100.07 -96.23 -24.47
CA GLY NA 34 -98.98 -95.36 -24.07
C GLY NA 34 -98.46 -95.64 -22.68
N ALA NA 35 -99.36 -95.88 -21.73
CA ALA NA 35 -98.95 -96.01 -20.33
C ALA NA 35 -98.12 -97.27 -20.10
N VAL NA 36 -98.49 -98.37 -20.77
CA VAL NA 36 -97.72 -99.60 -20.64
C VAL NA 36 -96.30 -99.41 -21.16
N ARG NA 37 -96.17 -98.64 -22.25
CA ARG NA 37 -94.84 -98.31 -22.76
C ARG NA 37 -94.05 -97.51 -21.72
N VAL NA 38 -94.70 -96.59 -21.04
CA VAL NA 38 -94.02 -95.76 -20.04
C VAL NA 38 -93.54 -96.62 -18.88
N ARG NA 39 -94.40 -97.52 -18.39
CA ARG NA 39 -93.99 -98.35 -17.26
C ARG NA 39 -92.90 -99.34 -17.67
N ALA NA 40 -92.97 -99.89 -18.88
CA ALA NA 40 -91.92 -100.77 -19.36
C ALA NA 40 -90.60 -100.02 -19.48
N ALA NA 41 -90.63 -98.79 -19.99
CA ALA NA 41 -89.42 -97.98 -20.08
C ALA NA 41 -88.85 -97.68 -18.71
N ALA NA 42 -89.72 -97.37 -17.73
CA ALA NA 42 -89.24 -97.11 -16.38
C ALA NA 42 -88.58 -98.34 -15.77
N VAL NA 43 -89.18 -99.52 -15.95
CA VAL NA 43 -88.59 -100.75 -15.44
C VAL NA 43 -87.25 -101.02 -16.11
N ILE NA 44 -87.18 -100.82 -17.43
CA ILE NA 44 -85.95 -101.07 -18.17
C ILE NA 44 -84.85 -100.12 -17.70
N SER NA 45 -85.20 -98.85 -17.50
CA SER NA 45 -84.22 -97.88 -17.02
C SER NA 45 -83.73 -98.22 -15.62
N SER NA 46 -84.65 -98.64 -14.75
CA SER NA 46 -84.26 -99.02 -13.39
C SER NA 46 -83.42 -100.29 -13.36
N ASN NA 47 -83.57 -101.19 -14.34
CA ASN NA 47 -82.83 -102.44 -14.33
C ASN NA 47 -81.87 -102.60 -15.50
N ALA NA 48 -81.40 -101.51 -16.09
CA ALA NA 48 -80.53 -101.54 -17.26
C ALA NA 48 -79.23 -102.32 -17.03
N THR NA 49 -78.54 -102.04 -15.93
CA THR NA 49 -77.28 -102.71 -15.66
C THR NA 49 -77.49 -104.18 -15.35
N THR NA 50 -78.59 -104.51 -14.64
CA THR NA 50 -78.91 -105.90 -14.35
C THR NA 50 -79.19 -106.71 -15.61
N ILE NA 51 -79.94 -106.11 -16.55
CA ILE NA 51 -80.23 -106.78 -17.80
C ILE NA 51 -78.95 -107.06 -18.58
N ILE NA 52 -78.04 -106.09 -18.61
CA ILE NA 52 -76.77 -106.27 -19.31
C ILE NA 52 -75.94 -107.36 -18.65
N LYS NA 53 -75.93 -107.39 -17.32
CA LYS NA 53 -75.19 -108.45 -16.61
C LYS NA 53 -75.72 -109.83 -16.96
N GLU NA 54 -77.02 -110.05 -16.83
CA GLU NA 54 -77.56 -111.38 -17.10
C GLU NA 54 -77.45 -111.75 -18.57
N ALA NA 55 -77.61 -110.78 -19.47
CA ALA NA 55 -77.43 -111.07 -20.89
C ALA NA 55 -75.99 -111.49 -21.18
N ALA NA 56 -75.01 -110.77 -20.62
CA ALA NA 56 -73.61 -111.12 -20.81
C ALA NA 56 -73.30 -112.48 -20.22
N ALA NA 57 -73.80 -112.76 -19.00
CA ALA NA 57 -73.55 -114.04 -18.36
C ALA NA 57 -74.17 -115.19 -19.13
N LYS NA 58 -75.32 -114.97 -19.76
CA LYS NA 58 -76.00 -116.04 -20.46
C LYS NA 58 -75.50 -116.25 -21.88
N ALA NA 59 -74.94 -115.22 -22.53
CA ALA NA 59 -74.59 -115.34 -23.93
C ALA NA 59 -73.11 -115.18 -24.27
N LEU NA 60 -72.34 -114.39 -23.51
CA LEU NA 60 -71.02 -114.01 -23.97
C LEU NA 60 -69.89 -114.59 -23.12
N ILE NA 61 -69.91 -114.30 -21.82
CA ILE NA 61 -68.78 -114.64 -20.95
C ILE NA 61 -68.73 -116.15 -20.72
N TYR NA 62 -67.62 -116.62 -20.14
CA TYR NA 62 -67.37 -118.06 -19.98
C TYR NA 62 -67.34 -118.76 -21.34
N SER NA 63 -66.58 -118.19 -22.28
CA SER NA 63 -66.48 -118.76 -23.62
C SER NA 63 -65.11 -118.41 -24.19
N ASP NA 64 -64.93 -118.72 -25.48
CA ASP NA 64 -63.67 -118.42 -26.13
C ASP NA 64 -63.55 -116.94 -26.47
N LEU NA 65 -64.67 -116.21 -26.47
CA LEU NA 65 -64.62 -114.79 -26.75
C LEU NA 65 -63.81 -114.04 -25.70
N THR NA 66 -64.02 -114.39 -24.43
CA THR NA 66 -63.35 -113.71 -23.32
C THR NA 66 -61.92 -114.21 -23.11
N ARG NA 67 -61.53 -115.28 -23.77
CA ARG NA 67 -60.18 -115.78 -23.70
C ARG NA 67 -59.29 -115.06 -24.71
N PRO NA 68 -57.97 -115.21 -24.59
CA PRO NA 68 -57.07 -114.62 -25.58
C PRO NA 68 -57.35 -115.17 -26.98
N GLY NA 69 -57.29 -114.30 -27.96
CA GLY NA 69 -57.73 -114.63 -29.30
C GLY NA 69 -59.20 -114.38 -29.57
N GLY NA 70 -59.96 -113.94 -28.57
CA GLY NA 70 -61.36 -113.63 -28.75
C GLY NA 70 -61.60 -112.13 -28.85
N MEN NA 71 -62.74 -111.75 -29.42
CA MEN NA 71 -63.09 -110.36 -29.61
C MEN NA 71 -63.35 -109.68 -28.27
O MEN NA 71 -63.06 -108.51 -28.01
CB MEN NA 71 -64.35 -110.11 -30.46
CG MEN NA 71 -64.21 -108.81 -31.21
OD1 MEN NA 71 -65.15 -107.97 -31.23
ND2 MEN NA 71 -63.04 -108.59 -31.88
CE2 MEN NA 71 -62.74 -107.42 -32.65
N MET NA 72 -63.94 -110.46 -27.38
CA MET NA 72 -64.18 -110.03 -26.00
C MET NA 72 -62.90 -109.83 -25.19
N TYR NA 73 -61.79 -110.38 -25.66
CA TYR NA 73 -60.58 -110.45 -24.86
C TYR NA 73 -60.03 -109.05 -24.59
N THR NA 74 -59.45 -108.87 -23.40
CA THR NA 74 -58.96 -107.61 -22.84
C THR NA 74 -60.10 -106.71 -22.37
N THR NA 75 -59.84 -105.98 -21.30
CA THR NA 75 -60.87 -105.14 -20.68
C THR NA 75 -61.36 -104.05 -21.62
N ARG NA 76 -60.47 -103.52 -22.46
CA ARG NA 76 -60.84 -102.50 -23.43
C ARG NA 76 -61.93 -102.99 -24.37
N ARG NA 77 -61.68 -104.13 -25.03
CA ARG NA 77 -62.65 -104.71 -25.94
C ARG NA 77 -63.93 -105.13 -25.22
N TYR NA 78 -63.80 -105.68 -24.01
CA TYR NA 78 -64.99 -106.14 -23.30
C TYR NA 78 -65.88 -104.97 -22.93
N ALA NA 79 -65.29 -103.91 -22.38
CA ALA NA 79 -66.06 -102.74 -21.97
C ALA NA 79 -66.64 -102.03 -23.17
N ALA NA 80 -65.93 -102.03 -24.29
CA ALA NA 80 -66.49 -101.44 -25.51
C ALA NA 80 -67.72 -102.23 -25.95
N CYS NA 81 -67.66 -103.56 -25.89
CA CYS NA 81 -68.82 -104.39 -26.22
C CYS NA 81 -69.97 -104.13 -25.25
N ILE NA 82 -69.69 -104.03 -23.96
CA ILE NA 82 -70.78 -103.79 -22.99
C ILE NA 82 -71.37 -102.40 -23.13
N ARG NA 83 -70.56 -101.40 -23.46
CA ARG NA 83 -71.10 -100.09 -23.84
C ARG NA 83 -71.98 -100.21 -25.07
N ASP NA 84 -71.63 -101.12 -25.97
CA ASP NA 84 -72.46 -101.38 -27.14
C ASP NA 84 -73.82 -101.96 -26.74
N MET NA 85 -73.83 -102.95 -25.84
CA MET NA 85 -75.12 -103.50 -25.41
C MET NA 85 -75.94 -102.48 -24.61
N ASP NA 86 -75.27 -101.61 -23.87
CA ASP NA 86 -75.98 -100.52 -23.20
C ASP NA 86 -76.63 -99.59 -24.21
N TYR NA 87 -75.90 -99.30 -25.30
CA TYR NA 87 -76.48 -98.54 -26.40
C TYR NA 87 -77.70 -99.25 -26.97
N PHE NA 88 -77.59 -100.57 -27.17
CA PHE NA 88 -78.68 -101.36 -27.71
C PHE NA 88 -79.91 -101.28 -26.82
N LEU NA 89 -79.71 -101.42 -25.51
CA LEU NA 89 -80.81 -101.37 -24.56
C LEU NA 89 -81.47 -100.00 -24.56
N ARG NA 90 -80.67 -98.94 -24.51
CA ARG NA 90 -81.24 -97.59 -24.44
C ARG NA 90 -81.98 -97.25 -25.73
N TYR NA 91 -81.44 -97.61 -26.89
CA TYR NA 91 -82.12 -97.28 -28.13
C TYR NA 91 -83.32 -98.18 -28.37
N ALA NA 92 -83.29 -99.41 -27.85
CA ALA NA 92 -84.49 -100.24 -27.88
C ALA NA 92 -85.59 -99.63 -27.02
N THR NA 93 -85.21 -99.07 -25.86
CA THR NA 93 -86.20 -98.37 -25.03
C THR NA 93 -86.76 -97.15 -25.76
N TYR NA 94 -85.89 -96.40 -26.45
CA TYR NA 94 -86.36 -95.26 -27.24
C TYR NA 94 -87.33 -95.71 -28.33
N ALA NA 95 -87.02 -96.82 -29.00
CA ALA NA 95 -87.88 -97.33 -30.06
C ALA NA 95 -89.23 -97.77 -29.49
N MET NA 96 -89.21 -98.42 -28.33
CA MET NA 96 -90.45 -98.83 -27.68
C MET NA 96 -91.30 -97.62 -27.30
N LEU NA 97 -90.67 -96.58 -26.76
CA LEU NA 97 -91.42 -95.40 -26.38
C LEU NA 97 -91.99 -94.67 -27.59
N ALA NA 98 -91.23 -94.59 -28.68
CA ALA NA 98 -91.68 -93.87 -29.85
C ALA NA 98 -92.61 -94.69 -30.74
N GLY NA 99 -92.67 -96.00 -30.54
CA GLY NA 99 -93.48 -96.84 -31.40
C GLY NA 99 -93.04 -96.85 -32.84
N ASP NA 100 -91.74 -96.88 -33.08
CA ASP NA 100 -91.21 -96.83 -34.45
C ASP NA 100 -89.74 -97.23 -34.49
N PRO NA 101 -89.34 -98.11 -35.41
CA PRO NA 101 -87.93 -98.45 -35.56
C PRO NA 101 -87.12 -97.46 -36.38
N SER NA 102 -87.69 -96.28 -36.67
CA SER NA 102 -86.97 -95.28 -37.45
C SER NA 102 -85.72 -94.81 -36.73
N ILE NA 103 -85.80 -94.60 -35.41
CA ILE NA 103 -84.63 -94.20 -34.66
C ILE NA 103 -83.58 -95.29 -34.63
N LEU NA 104 -84.02 -96.56 -34.55
CA LEU NA 104 -83.08 -97.67 -34.59
C LEU NA 104 -82.34 -97.74 -35.92
N ASP NA 105 -83.06 -97.55 -37.03
CA ASP NA 105 -82.40 -97.53 -38.33
C ASP NA 105 -81.48 -96.33 -38.45
N GLU NA 106 -81.89 -95.17 -37.93
CA GLU NA 106 -81.15 -93.94 -38.14
C GLU NA 106 -79.86 -93.92 -37.35
N ARG NA 107 -79.90 -94.33 -36.08
CA ARG NA 107 -78.79 -94.08 -35.17
C ARG NA 107 -78.05 -95.34 -34.73
N VAL NA 108 -78.50 -96.54 -35.13
CA VAL NA 108 -77.83 -97.74 -34.68
C VAL NA 108 -77.41 -98.62 -35.85
N LEU NA 109 -78.38 -99.01 -36.68
CA LEU NA 109 -78.11 -100.01 -37.70
C LEU NA 109 -77.28 -99.47 -38.85
N ASN NA 110 -77.33 -98.16 -39.09
CA ASN NA 110 -76.70 -97.59 -40.28
C ASN NA 110 -75.18 -97.69 -40.20
N GLY NA 111 -74.60 -98.62 -40.96
CA GLY NA 111 -73.16 -98.82 -41.01
C GLY NA 111 -72.60 -99.76 -39.97
N LEU NA 112 -73.42 -100.24 -39.04
CA LEU NA 112 -72.91 -101.06 -37.96
C LEU NA 112 -72.40 -102.41 -38.45
N LYS NA 113 -73.07 -102.97 -39.47
CA LYS NA 113 -72.64 -104.25 -40.02
C LYS NA 113 -71.25 -104.17 -40.63
N GLU NA 114 -71.02 -103.15 -41.46
CA GLU NA 114 -69.72 -102.95 -42.07
C GLU NA 114 -68.67 -102.59 -41.04
N THR NA 115 -69.04 -101.81 -40.02
CA THR NA 115 -68.11 -101.49 -38.95
C THR NA 115 -67.67 -102.74 -38.21
N TYR NA 116 -68.62 -103.62 -37.89
CA TYR NA 116 -68.29 -104.86 -37.20
C TYR NA 116 -67.45 -105.78 -38.09
N ASN NA 117 -67.76 -105.81 -39.39
CA ASN NA 117 -66.95 -106.61 -40.31
C ASN NA 117 -65.52 -106.11 -40.38
N SER NA 118 -65.34 -104.79 -40.44
CA SER NA 118 -64.00 -104.23 -40.47
C SER NA 118 -63.25 -104.47 -39.16
N LEU NA 119 -63.94 -104.35 -38.03
CA LEU NA 119 -63.29 -104.51 -36.73
C LEU NA 119 -63.09 -105.96 -36.32
N GLY NA 120 -63.77 -106.89 -36.99
CA GLY NA 120 -63.73 -108.29 -36.59
C GLY NA 120 -64.74 -108.68 -35.53
N VAL NA 121 -65.74 -107.84 -35.29
CA VAL NA 121 -66.74 -108.10 -34.24
C VAL NA 121 -67.61 -109.29 -34.65
N PRO NA 122 -67.88 -110.22 -33.73
CA PRO NA 122 -68.76 -111.35 -34.06
C PRO NA 122 -70.22 -110.97 -34.10
N ILE NA 123 -70.80 -110.94 -35.31
CA ILE NA 123 -72.18 -110.55 -35.47
C ILE NA 123 -73.11 -111.58 -34.85
N ALA NA 124 -72.76 -112.86 -34.95
CA ALA NA 124 -73.57 -113.91 -34.33
C ALA NA 124 -73.59 -113.76 -32.81
N ALA NA 125 -72.44 -113.48 -32.21
CA ALA NA 125 -72.38 -113.26 -30.77
C ALA NA 125 -73.17 -112.03 -30.37
N THR NA 126 -73.10 -110.95 -31.16
CA THR NA 126 -73.90 -109.77 -30.87
C THR NA 126 -75.39 -110.07 -30.95
N VAL NA 127 -75.80 -110.87 -31.93
CA VAL NA 127 -77.20 -111.26 -32.05
C VAL NA 127 -77.64 -112.08 -30.85
N GLY NA 128 -76.79 -113.02 -30.41
CA GLY NA 128 -77.11 -113.79 -29.22
C GLY NA 128 -77.24 -112.96 -27.97
N GLY NA 129 -76.33 -112.00 -27.78
CA GLY NA 129 -76.44 -111.08 -26.67
C GLY NA 129 -77.70 -110.23 -26.71
N ILE NA 130 -78.05 -109.74 -27.90
CA ILE NA 130 -79.27 -108.95 -28.06
C ILE NA 130 -80.50 -109.79 -27.73
N GLN NA 131 -80.52 -111.05 -28.18
CA GLN NA 131 -81.64 -111.92 -27.87
C GLN NA 131 -81.74 -112.25 -26.38
N ALA NA 132 -80.61 -112.47 -25.71
CA ALA NA 132 -80.62 -112.67 -24.27
C ALA NA 132 -81.14 -111.44 -23.55
N MET NA 133 -80.73 -110.25 -23.99
CA MET NA 133 -81.24 -109.02 -23.41
C MET NA 133 -82.75 -108.89 -23.64
N LYS NA 134 -83.22 -109.29 -24.82
CA LYS NA 134 -84.65 -109.26 -25.09
C LYS NA 134 -85.41 -110.20 -24.18
N GLU NA 135 -84.85 -111.39 -23.93
CA GLU NA 135 -85.48 -112.35 -23.02
C GLU NA 135 -85.56 -111.79 -21.62
N VAL NA 136 -84.48 -111.18 -21.14
CA VAL NA 136 -84.47 -110.60 -19.79
C VAL NA 136 -85.47 -109.45 -19.71
N VAL NA 137 -85.54 -108.63 -20.77
CA VAL NA 137 -86.46 -107.49 -20.78
C VAL NA 137 -87.90 -107.97 -20.76
N GLY NA 138 -88.19 -109.02 -21.54
CA GLY NA 138 -89.53 -109.59 -21.52
C GLY NA 138 -89.90 -110.18 -20.18
N GLY NA 139 -88.93 -110.81 -19.51
CA GLY NA 139 -89.20 -111.30 -18.17
C GLY NA 139 -89.47 -110.17 -17.18
N LEU NA 140 -88.70 -109.09 -17.27
CA LEU NA 140 -88.84 -108.01 -16.30
C LEU NA 140 -90.12 -107.22 -16.53
N VAL NA 141 -90.42 -106.86 -17.78
CA VAL NA 141 -91.53 -105.97 -18.06
C VAL NA 141 -92.89 -106.58 -17.76
N GLY NA 142 -93.06 -107.88 -18.00
CA GLY NA 142 -94.33 -108.53 -17.80
C GLY NA 142 -95.11 -108.70 -19.09
N PRO NA 143 -96.30 -109.28 -18.99
CA PRO NA 143 -97.09 -109.58 -20.19
C PRO NA 143 -97.58 -108.34 -20.93
N ASP NA 144 -97.71 -107.23 -20.21
CA ASP NA 144 -98.31 -106.03 -20.78
C ASP NA 144 -97.50 -105.45 -21.94
N ALA NA 145 -96.17 -105.45 -21.81
CA ALA NA 145 -95.31 -104.90 -22.84
C ALA NA 145 -94.23 -105.87 -23.31
N ALA NA 146 -94.39 -107.17 -23.06
CA ALA NA 146 -93.35 -108.13 -23.43
C ALA NA 146 -93.18 -108.20 -24.94
N LYS NA 147 -94.29 -108.33 -25.67
CA LYS NA 147 -94.21 -108.39 -27.13
C LYS NA 147 -93.73 -107.06 -27.70
N GLU NA 148 -94.16 -105.95 -27.11
CA GLU NA 148 -93.74 -104.63 -27.57
C GLU NA 148 -92.23 -104.46 -27.41
N ALA NA 149 -91.67 -104.93 -26.30
CA ALA NA 149 -90.23 -104.91 -26.14
C ALA NA 149 -89.55 -105.85 -27.13
N SER NA 150 -90.13 -107.05 -27.31
CA SER NA 150 -89.46 -108.08 -28.10
C SER NA 150 -89.40 -107.71 -29.57
N ILE NA 151 -90.39 -106.96 -30.08
CA ILE NA 151 -90.41 -106.64 -31.50
C ILE NA 151 -89.22 -105.77 -31.89
N TYR NA 152 -88.85 -104.79 -31.06
CA TYR NA 152 -87.71 -103.94 -31.40
C TYR NA 152 -86.37 -104.63 -31.19
N PHE NA 153 -86.25 -105.51 -30.19
CA PHE NA 153 -85.05 -106.32 -30.08
C PHE NA 153 -84.88 -107.24 -31.29
N ASP NA 154 -85.98 -107.84 -31.75
CA ASP NA 154 -85.91 -108.63 -32.97
C ASP NA 154 -85.60 -107.77 -34.18
N TYR NA 155 -86.08 -106.54 -34.20
CA TYR NA 155 -85.73 -105.61 -35.27
C TYR NA 155 -84.24 -105.34 -35.30
N LEU NA 156 -83.64 -105.10 -34.13
CA LEU NA 156 -82.20 -104.87 -34.05
C LEU NA 156 -81.43 -106.12 -34.49
N SER NA 157 -81.86 -107.29 -34.04
CA SER NA 157 -81.20 -108.53 -34.41
C SER NA 157 -81.29 -108.79 -35.91
N SER NA 158 -82.45 -108.55 -36.51
CA SER NA 158 -82.62 -108.68 -37.95
C SER NA 158 -81.79 -107.67 -38.73
N GLY NA 159 -81.70 -106.43 -38.26
CA GLY NA 159 -80.86 -105.45 -38.93
C GLY NA 159 -79.39 -105.81 -38.89
N LEU NA 160 -78.91 -106.30 -37.74
CA LEU NA 160 -77.53 -106.76 -37.65
C LEU NA 160 -77.29 -107.99 -38.51
N SER NA 161 -78.23 -108.93 -38.51
CA SER NA 161 -78.08 -110.16 -39.27
C SER NA 161 -78.42 -109.97 -40.74
N SER OA 2 -43.39 -99.37 -25.74
CA SER OA 2 -42.11 -99.44 -25.03
C SER OA 2 -41.49 -98.06 -24.92
N VAL OA 3 -40.27 -98.02 -24.37
CA VAL OA 3 -39.53 -96.77 -24.28
C VAL OA 3 -39.24 -96.24 -25.67
N LEU OA 4 -38.88 -97.11 -26.61
CA LEU OA 4 -38.65 -96.70 -27.98
C LEU OA 4 -39.90 -96.10 -28.60
N THR OA 5 -41.05 -96.76 -28.39
CA THR OA 5 -42.31 -96.26 -28.94
C THR OA 5 -42.66 -94.90 -28.34
N LYS OA 6 -42.47 -94.74 -27.03
CA LYS OA 6 -42.78 -93.47 -26.39
C LYS OA 6 -41.89 -92.36 -26.91
N ALA OA 7 -40.59 -92.63 -27.03
CA ALA OA 7 -39.65 -91.62 -27.53
C ALA OA 7 -39.96 -91.25 -28.97
N ILE OA 8 -40.26 -92.25 -29.80
CA ILE OA 8 -40.54 -91.99 -31.21
C ILE OA 8 -41.83 -91.20 -31.35
N VAL OA 9 -42.82 -91.51 -30.51
CA VAL OA 9 -44.08 -90.78 -30.53
C VAL OA 9 -43.87 -89.32 -30.14
N ASN OA 10 -43.09 -89.10 -29.08
CA ASN OA 10 -42.82 -87.74 -28.64
C ASN OA 10 -42.03 -86.95 -29.66
N ALA OA 11 -41.06 -87.59 -30.34
CA ALA OA 11 -40.30 -86.90 -31.37
C ALA OA 11 -41.17 -86.58 -32.57
N ASP OA 12 -42.00 -87.53 -33.01
CA ASP OA 12 -42.85 -87.30 -34.17
C ASP OA 12 -43.94 -86.26 -33.89
N ALA OA 13 -44.37 -86.13 -32.64
CA ALA OA 13 -45.41 -85.16 -32.33
C ALA OA 13 -44.97 -83.72 -32.57
N GLU OA 14 -43.66 -83.45 -32.52
CA GLU OA 14 -43.14 -82.10 -32.78
C GLU OA 14 -42.59 -81.99 -34.20
N ALA OA 15 -42.61 -83.08 -34.96
CA ALA OA 15 -42.12 -83.10 -36.35
C ALA OA 15 -40.63 -82.74 -36.41
N ARG OA 16 -39.85 -83.44 -35.60
CA ARG OA 16 -38.43 -83.21 -35.52
C ARG OA 16 -37.70 -84.55 -35.48
N TYR OA 17 -36.38 -84.47 -35.35
CA TYR OA 17 -35.54 -85.65 -35.18
C TYR OA 17 -35.29 -85.90 -33.70
N LEU OA 18 -34.80 -87.10 -33.41
CA LEU OA 18 -34.53 -87.48 -32.02
C LEU OA 18 -33.39 -86.64 -31.47
N SER OA 19 -33.66 -85.89 -30.41
CA SER OA 19 -32.66 -85.07 -29.76
C SER OA 19 -31.66 -85.95 -29.03
N PRO OA 20 -30.50 -85.40 -28.67
CA PRO OA 20 -29.54 -86.17 -27.86
C PRO OA 20 -30.10 -86.61 -26.52
N GLY OA 21 -31.00 -85.82 -25.94
CA GLY OA 21 -31.61 -86.23 -24.68
C GLY OA 21 -32.43 -87.50 -24.83
N GLU OA 22 -33.20 -87.61 -25.91
CA GLU OA 22 -33.98 -88.81 -26.17
C GLU OA 22 -33.23 -89.81 -27.03
N LEU OA 23 -31.96 -90.06 -26.70
CA LEU OA 23 -31.22 -91.17 -27.26
C LEU OA 23 -30.48 -91.87 -26.12
N ASP OA 24 -30.16 -91.11 -25.08
CA ASP OA 24 -29.54 -91.70 -23.90
C ASP OA 24 -30.52 -92.63 -23.19
N ARG OA 25 -31.82 -92.29 -23.22
CA ARG OA 25 -32.81 -93.18 -22.65
C ARG OA 25 -32.88 -94.50 -23.43
N ILE OA 26 -32.76 -94.42 -24.75
CA ILE OA 26 -32.74 -95.64 -25.56
C ILE OA 26 -31.50 -96.46 -25.26
N LYS OA 27 -30.35 -95.80 -25.12
CA LYS OA 27 -29.12 -96.52 -24.81
C LYS OA 27 -29.20 -97.19 -23.44
N SER OA 28 -29.75 -96.49 -22.45
CA SER OA 28 -29.93 -97.08 -21.13
C SER OA 28 -30.91 -98.24 -21.18
N PHE OA 29 -31.95 -98.11 -22.01
CA PHE OA 29 -32.92 -99.19 -22.14
C PHE OA 29 -32.29 -100.44 -22.75
N VAL OA 30 -31.49 -100.28 -23.80
CA VAL OA 30 -30.84 -101.44 -24.41
C VAL OA 30 -29.78 -102.00 -23.46
N ALA OA 31 -29.18 -101.15 -22.64
CA ALA OA 31 -28.22 -101.63 -21.65
C ALA OA 31 -28.91 -102.47 -20.57
N SER OA 32 -30.12 -102.08 -20.17
CA SER OA 32 -30.81 -102.80 -19.11
C SER OA 32 -31.73 -103.89 -19.67
N GLY OA 33 -31.73 -104.05 -21.00
CA GLY OA 33 -32.62 -105.00 -21.62
C GLY OA 33 -32.40 -106.45 -21.20
N GLU OA 34 -31.14 -106.88 -21.15
CA GLU OA 34 -30.87 -108.27 -20.78
C GLU OA 34 -31.21 -108.53 -19.33
N ARG OA 35 -30.98 -107.54 -18.45
CA ARG OA 35 -31.37 -107.69 -17.06
C ARG OA 35 -32.89 -107.77 -16.92
N ARG OA 36 -33.61 -106.94 -17.68
CA ARG OA 36 -35.07 -107.01 -17.65
C ARG OA 36 -35.58 -108.35 -18.16
N LEU OA 37 -34.95 -108.87 -19.21
CA LEU OA 37 -35.33 -110.18 -19.73
C LEU OA 37 -35.06 -111.28 -18.71
N ARG OA 38 -33.93 -111.21 -18.01
CA ARG OA 38 -33.63 -112.21 -16.99
C ARG OA 38 -34.63 -112.13 -15.84
N ILE OA 39 -35.01 -110.91 -15.43
CA ILE OA 39 -36.00 -110.75 -14.37
C ILE OA 39 -37.34 -111.35 -14.80
N ALA OA 40 -37.78 -111.05 -16.03
CA ALA OA 40 -39.06 -111.56 -16.50
C ALA OA 40 -39.04 -113.08 -16.62
N GLN OA 41 -37.94 -113.65 -17.12
CA GLN OA 41 -37.87 -115.10 -17.21
C GLN OA 41 -37.86 -115.75 -15.83
N THR OA 42 -37.17 -115.12 -14.87
CA THR OA 42 -37.17 -115.65 -13.50
C THR OA 42 -38.56 -115.62 -12.90
N LEU OA 43 -39.31 -114.55 -13.13
CA LEU OA 43 -40.69 -114.50 -12.66
C LEU OA 43 -41.56 -115.52 -13.39
N THR OA 44 -41.24 -115.79 -14.67
CA THR OA 44 -42.04 -116.75 -15.44
C THR OA 44 -41.82 -118.17 -14.95
N GLU OA 45 -40.61 -118.48 -14.48
CA GLU OA 45 -40.33 -119.82 -13.97
C GLU OA 45 -41.20 -120.15 -12.76
N ALA OA 46 -41.40 -119.18 -11.87
CA ALA OA 46 -42.14 -119.39 -10.64
C ALA OA 46 -43.56 -118.82 -10.70
N ARG OA 47 -44.21 -118.90 -11.86
CA ARG OA 47 -45.54 -118.31 -12.00
C ARG OA 47 -46.57 -119.04 -11.17
N GLU OA 48 -46.46 -120.37 -11.08
CA GLU OA 48 -47.47 -121.14 -10.36
C GLU OA 48 -47.37 -120.92 -8.85
N ARG OA 49 -46.15 -121.01 -8.30
CA ARG OA 49 -45.97 -120.83 -6.87
C ARG OA 49 -46.34 -119.41 -6.44
N ILE OA 50 -45.96 -118.42 -7.24
CA ILE OA 50 -46.28 -117.03 -6.92
C ILE OA 50 -47.78 -116.81 -6.91
N VAL OA 51 -48.48 -117.37 -7.91
CA VAL OA 51 -49.93 -117.21 -8.00
C VAL OA 51 -50.61 -117.87 -6.82
N LYS OA 52 -50.18 -119.09 -6.47
CA LYS OA 52 -50.82 -119.82 -5.38
C LYS OA 52 -50.59 -119.12 -4.04
N GLN OA 53 -49.35 -118.70 -3.77
CA GLN OA 53 -49.07 -118.01 -2.52
C GLN OA 53 -49.78 -116.68 -2.43
N ALA OA 54 -49.86 -115.95 -3.55
CA ALA OA 54 -50.57 -114.67 -3.56
C ALA OA 54 -52.06 -114.88 -3.29
N GLY OA 55 -52.64 -115.93 -3.89
CA GLY OA 55 -54.03 -116.23 -3.62
C GLY OA 55 -54.30 -116.58 -2.17
N ASP OA 56 -53.39 -117.38 -1.58
CA ASP OA 56 -53.53 -117.72 -0.17
C ASP OA 56 -53.43 -116.47 0.72
N GLN OA 57 -52.46 -115.61 0.45
CA GLN OA 57 -52.29 -114.40 1.25
C GLN OA 57 -53.48 -113.47 1.10
N LEU OA 58 -54.00 -113.35 -0.13
CA LEU OA 58 -55.18 -112.52 -0.38
C LEU OA 58 -56.39 -113.06 0.37
N PHE OA 59 -56.59 -114.37 0.33
CA PHE OA 59 -57.73 -114.96 1.05
C PHE OA 59 -57.59 -114.79 2.55
N GLN OA 60 -56.37 -114.90 3.09
CA GLN OA 60 -56.19 -114.64 4.51
C GLN OA 60 -56.50 -113.19 4.86
N ILE OA 61 -56.09 -112.25 4.01
CA ILE OA 61 -56.35 -110.85 4.33
C ILE OA 61 -57.84 -110.54 4.22
N ARG OA 62 -58.49 -111.00 3.17
CA ARG OA 62 -59.90 -110.68 2.89
C ARG OA 62 -60.66 -111.97 2.67
N PRO OA 63 -61.08 -112.63 3.76
CA PRO OA 63 -61.90 -113.84 3.62
C PRO OA 63 -63.31 -113.56 3.15
N ASP OA 64 -63.74 -112.30 3.14
CA ASP OA 64 -65.11 -111.97 2.72
C ASP OA 64 -65.35 -112.32 1.26
N VAL OA 65 -64.31 -112.25 0.43
CA VAL OA 65 -64.47 -112.59 -0.98
C VAL OA 65 -64.75 -114.07 -1.16
N VAL OA 66 -64.29 -114.91 -0.22
CA VAL OA 66 -64.53 -116.35 -0.28
C VAL OA 66 -65.65 -116.67 0.69
N SER OA 67 -66.43 -115.66 1.06
CA SER OA 67 -67.60 -115.82 1.90
C SER OA 67 -68.81 -115.95 0.99
N PRO OA 68 -69.96 -116.37 1.53
CA PRO OA 68 -71.18 -116.54 0.72
C PRO OA 68 -71.60 -115.29 -0.04
N GLY OA 69 -71.35 -114.12 0.55
CA GLY OA 69 -71.64 -112.87 -0.13
C GLY OA 69 -70.45 -112.33 -0.89
N GLY OA 70 -69.47 -113.19 -1.18
CA GLY OA 70 -68.26 -112.80 -1.86
C GLY OA 70 -68.33 -113.15 -3.33
N ASN OA 71 -67.66 -112.34 -4.15
CA ASN OA 71 -67.64 -112.58 -5.59
C ASN OA 71 -66.94 -113.88 -5.94
N ALA OA 72 -65.85 -114.20 -5.23
CA ALA OA 72 -65.06 -115.40 -5.50
C ALA OA 72 -65.49 -116.57 -4.63
N TYR OA 73 -66.76 -116.65 -4.26
CA TYR OA 73 -67.26 -117.75 -3.47
C TYR OA 73 -67.42 -118.98 -4.36
N GLY OA 74 -66.87 -120.11 -3.92
CA GLY OA 74 -66.90 -121.33 -4.69
C GLY OA 74 -65.54 -121.66 -5.28
N GLU OA 75 -65.36 -122.95 -5.56
CA GLU OA 75 -64.08 -123.43 -6.07
C GLU OA 75 -63.76 -122.84 -7.44
N LYS OA 76 -64.73 -122.88 -8.37
CA LYS OA 76 -64.51 -122.31 -9.69
C LYS OA 76 -64.36 -120.80 -9.66
N MET OA 77 -65.12 -120.12 -8.80
CA MET OA 77 -64.95 -118.67 -8.63
C MET OA 77 -63.58 -118.32 -8.09
N THR OA 78 -63.00 -119.16 -7.23
CA THR OA 78 -61.64 -118.93 -6.76
C THR OA 78 -60.61 -119.26 -7.83
N ALA OA 79 -60.86 -120.29 -8.64
CA ALA OA 79 -59.97 -120.61 -9.74
C ALA OA 79 -59.93 -119.47 -10.75
N LEU OA 80 -61.07 -118.82 -10.98
CA LEU OA 80 -61.09 -117.66 -11.87
C LEU OA 80 -60.27 -116.52 -11.30
N CYS OA 81 -60.35 -116.30 -9.99
CA CYS OA 81 -59.53 -115.27 -9.35
C CYS OA 81 -58.04 -115.58 -9.50
N LEU OA 82 -57.67 -116.85 -9.31
CA LEU OA 82 -56.28 -117.25 -9.52
C LEU OA 82 -55.85 -117.05 -10.97
N ARG OA 83 -56.73 -117.35 -11.93
CA ARG OA 83 -56.40 -117.14 -13.33
C ARG OA 83 -56.21 -115.65 -13.63
N ASP OA 84 -57.03 -114.80 -13.02
CA ASP OA 84 -56.85 -113.36 -13.17
C ASP OA 84 -55.52 -112.91 -12.59
N LEU OA 85 -55.13 -113.47 -11.44
CA LEU OA 85 -53.83 -113.13 -10.87
C LEU OA 85 -52.69 -113.57 -11.79
N ASP OA 86 -52.84 -114.75 -12.42
CA ASP OA 86 -51.86 -115.19 -13.39
C ASP OA 86 -51.79 -114.26 -14.59
N TYR OA 87 -52.95 -113.78 -15.05
CA TYR OA 87 -53.00 -112.81 -16.14
C TYR OA 87 -52.23 -111.55 -15.78
N TYR OA 88 -52.44 -111.03 -14.57
CA TYR OA 88 -51.77 -109.79 -14.21
C TYR OA 88 -50.28 -110.01 -13.95
N LEU OA 89 -49.89 -111.20 -13.50
CA LEU OA 89 -48.46 -111.51 -13.42
C LEU OA 89 -47.83 -111.52 -14.81
N ARG OA 90 -48.54 -112.10 -15.79
CA ARG OA 90 -48.04 -112.09 -17.16
C ARG OA 90 -47.92 -110.67 -17.69
N LEU OA 91 -48.90 -109.82 -17.38
CA LEU OA 91 -48.83 -108.43 -17.80
C LEU OA 91 -47.66 -107.70 -17.16
N VAL OA 92 -47.38 -107.99 -15.88
CA VAL OA 92 -46.24 -107.37 -15.22
C VAL OA 92 -44.93 -107.83 -15.88
N THR OA 93 -44.85 -109.10 -16.24
CA THR OA 93 -43.66 -109.58 -16.96
C THR OA 93 -43.51 -108.88 -18.30
N TYR OA 94 -44.62 -108.68 -19.01
CA TYR OA 94 -44.60 -107.95 -20.28
C TYR OA 94 -44.09 -106.53 -20.09
N GLY OA 95 -44.59 -105.86 -19.05
CA GLY OA 95 -44.12 -104.50 -18.79
C GLY OA 95 -42.65 -104.44 -18.45
N ILE OA 96 -42.18 -105.43 -17.69
CA ILE OA 96 -40.77 -105.44 -17.27
C ILE OA 96 -39.86 -105.66 -18.47
N VAL OA 97 -40.25 -106.58 -19.37
CA VAL OA 97 -39.41 -106.78 -20.56
C VAL OA 97 -39.47 -105.57 -21.47
N ALA OA 98 -40.66 -104.98 -21.63
CA ALA OA 98 -40.80 -103.85 -22.55
C ALA OA 98 -40.07 -102.62 -22.04
N GLY OA 99 -39.89 -102.53 -20.73
CA GLY OA 99 -39.26 -101.36 -20.13
C GLY OA 99 -40.20 -100.21 -19.89
N ASP OA 100 -41.25 -100.06 -20.69
CA ASP OA 100 -42.32 -99.11 -20.45
C ASP OA 100 -43.59 -99.90 -20.20
N VAL OA 101 -44.52 -99.31 -19.45
CA VAL OA 101 -45.67 -100.05 -18.97
C VAL OA 101 -46.74 -100.14 -20.05
N THR OA 102 -46.56 -99.41 -21.16
CA THR OA 102 -47.49 -99.16 -22.27
C THR OA 102 -48.39 -100.32 -22.68
N PRO OA 103 -47.87 -101.52 -22.93
CA PRO OA 103 -48.76 -102.64 -23.29
C PRO OA 103 -49.75 -103.01 -22.20
N ILE OA 104 -49.39 -102.79 -20.93
CA ILE OA 104 -50.26 -103.16 -19.82
C ILE OA 104 -51.54 -102.34 -19.85
N GLU OA 105 -51.44 -101.08 -20.26
CA GLU OA 105 -52.63 -100.24 -20.37
C GLU OA 105 -53.60 -100.80 -21.40
N GLU OA 106 -53.11 -101.11 -22.60
CA GLU OA 106 -53.98 -101.62 -23.64
C GLU OA 106 -54.50 -103.01 -23.32
N ILE OA 107 -53.78 -103.75 -22.48
CA ILE OA 107 -54.23 -105.10 -22.16
C ILE OA 107 -55.24 -105.13 -21.02
N GLY OA 108 -54.93 -104.56 -19.86
CA GLY OA 108 -55.76 -104.84 -18.70
C GLY OA 108 -56.00 -103.82 -17.62
N ILE OA 109 -55.75 -102.52 -17.85
CA ILE OA 109 -55.99 -101.51 -16.83
C ILE OA 109 -57.00 -100.47 -17.28
N ILE OA 110 -57.02 -100.11 -18.56
CA ILE OA 110 -58.05 -99.18 -19.04
C ILE OA 110 -59.33 -99.97 -19.30
N GLY OA 111 -60.45 -99.46 -18.80
CA GLY OA 111 -61.71 -100.16 -18.86
C GLY OA 111 -61.89 -101.22 -17.78
N VAL OA 112 -60.85 -101.48 -16.99
CA VAL OA 112 -60.94 -102.52 -15.95
C VAL OA 112 -61.87 -102.07 -14.83
N LYS OA 113 -62.05 -100.76 -14.65
CA LYS OA 113 -63.03 -100.28 -13.70
C LYS OA 113 -64.43 -100.72 -14.10
N GLU OA 114 -64.76 -100.57 -15.39
CA GLU OA 114 -66.04 -101.09 -15.90
C GLU OA 114 -66.08 -102.62 -15.85
N MET OA 115 -64.95 -103.28 -16.14
CA MET OA 115 -64.76 -104.71 -15.91
C MET OA 115 -65.28 -105.15 -14.54
N TYR OA 116 -64.69 -104.59 -13.49
CA TYR OA 116 -64.96 -105.12 -12.16
C TYR OA 116 -66.25 -104.54 -11.57
N ASN OA 117 -66.67 -103.36 -12.00
CA ASN OA 117 -67.99 -102.87 -11.61
C ASN OA 117 -69.09 -103.71 -12.23
N SER OA 118 -68.92 -104.13 -13.48
CA SER OA 118 -69.95 -104.93 -14.14
C SER OA 118 -69.98 -106.34 -13.58
N LEU OA 119 -68.81 -106.92 -13.29
CA LEU OA 119 -68.84 -108.23 -12.66
C LEU OA 119 -69.08 -108.17 -11.16
N GLN OA 120 -69.14 -106.98 -10.57
CA GLN OA 120 -69.32 -106.82 -9.12
C GLN OA 120 -68.17 -107.42 -8.33
N THR OA 121 -66.95 -107.34 -8.85
CA THR OA 121 -65.80 -107.88 -8.14
C THR OA 121 -65.09 -106.78 -7.37
N PRO OA 122 -64.58 -107.04 -6.16
CA PRO OA 122 -63.90 -105.99 -5.41
C PRO OA 122 -62.56 -105.58 -6.01
N ILE OA 123 -62.53 -104.39 -6.59
CA ILE OA 123 -61.27 -103.84 -7.12
C ILE OA 123 -60.23 -103.67 -6.04
N PRO OA 124 -60.53 -103.14 -4.85
CA PRO OA 124 -59.53 -103.15 -3.76
C PRO OA 124 -59.04 -104.55 -3.39
N ALA OA 125 -59.90 -105.56 -3.44
CA ALA OA 125 -59.43 -106.93 -3.24
C ALA OA 125 -58.47 -107.38 -4.33
N VAL OA 126 -58.74 -107.03 -5.59
CA VAL OA 126 -57.80 -107.34 -6.66
C VAL OA 126 -56.48 -106.63 -6.44
N ALA OA 127 -56.53 -105.38 -5.96
CA ALA OA 127 -55.31 -104.65 -5.65
C ALA OA 127 -54.53 -105.35 -4.54
N GLU OA 128 -55.23 -105.85 -3.53
CA GLU OA 128 -54.57 -106.59 -2.46
C GLU OA 128 -53.91 -107.85 -2.99
N GLY OA 129 -54.59 -108.57 -3.89
CA GLY OA 129 -53.99 -109.72 -4.53
C GLY OA 129 -52.75 -109.37 -5.34
N VAL OA 130 -52.79 -108.23 -6.02
CA VAL OA 130 -51.63 -107.78 -6.78
C VAL OA 130 -50.46 -107.47 -5.84
N ARG OA 131 -50.75 -106.86 -4.70
CA ARG OA 131 -49.71 -106.62 -3.70
C ARG OA 131 -49.15 -107.94 -3.17
N ALA OA 132 -50.02 -108.95 -3.01
CA ALA OA 132 -49.57 -110.25 -2.55
C ALA OA 132 -48.60 -110.89 -3.55
N MET OA 133 -48.96 -110.86 -4.84
CA MET OA 133 -48.04 -111.39 -5.85
C MET OA 133 -46.76 -110.56 -5.93
N LYS OA 134 -46.87 -109.26 -5.66
CA LYS OA 134 -45.66 -108.43 -5.60
C LYS OA 134 -44.72 -108.90 -4.50
N ASN OA 135 -45.28 -109.19 -3.32
CA ASN OA 135 -44.46 -109.71 -2.22
C ASN OA 135 -43.85 -111.05 -2.59
N VAL OA 136 -44.63 -111.94 -3.20
CA VAL OA 136 -44.13 -113.25 -3.59
C VAL OA 136 -42.99 -113.12 -4.61
N ALA OA 137 -43.17 -112.24 -5.59
CA ALA OA 137 -42.14 -112.05 -6.61
C ALA OA 137 -40.87 -111.44 -6.03
N THR OA 138 -41.03 -110.42 -5.18
CA THR OA 138 -39.85 -109.77 -4.59
C THR OA 138 -39.13 -110.70 -3.62
N SER OA 139 -39.83 -111.70 -3.09
CA SER OA 139 -39.17 -112.72 -2.28
C SER OA 139 -38.24 -113.62 -3.08
N LEU OA 140 -38.33 -113.63 -4.41
CA LEU OA 140 -37.54 -114.53 -5.25
C LEU OA 140 -36.56 -113.79 -6.15
N LEU OA 141 -36.20 -112.55 -5.83
CA LEU OA 141 -35.33 -111.78 -6.69
C LEU OA 141 -34.30 -111.01 -5.86
N SER OA 142 -33.20 -110.65 -6.52
CA SER OA 142 -32.20 -109.81 -5.89
C SER OA 142 -32.78 -108.41 -5.66
N GLY OA 143 -32.03 -107.60 -4.92
CA GLY OA 143 -32.51 -106.29 -4.48
C GLY OA 143 -32.89 -105.34 -5.60
N ASP OA 144 -31.97 -105.11 -6.54
CA ASP OA 144 -32.27 -104.23 -7.67
C ASP OA 144 -33.33 -104.83 -8.59
N ASP OA 145 -33.25 -106.13 -8.87
CA ASP OA 145 -34.30 -106.81 -9.63
C ASP OA 145 -35.65 -106.75 -8.91
N ALA OA 146 -35.65 -106.98 -7.61
CA ALA OA 146 -36.90 -106.92 -6.84
C ALA OA 146 -37.49 -105.51 -6.88
N ALA OA 147 -36.64 -104.49 -6.73
CA ALA OA 147 -37.13 -103.11 -6.80
C ALA OA 147 -37.69 -102.80 -8.19
N GLU OA 148 -37.00 -103.26 -9.24
CA GLU OA 148 -37.46 -103.00 -10.60
C GLU OA 148 -38.81 -103.64 -10.87
N ALA OA 149 -39.01 -104.87 -10.40
CA ALA OA 149 -40.32 -105.50 -10.54
C ALA OA 149 -41.36 -104.79 -9.69
N GLY OA 150 -40.97 -104.36 -8.48
CA GLY OA 150 -41.91 -103.73 -7.58
C GLY OA 150 -42.40 -102.38 -8.09
N PHE OA 151 -41.59 -101.71 -8.90
CA PHE OA 151 -42.05 -100.48 -9.54
C PHE OA 151 -43.28 -100.73 -10.41
N TYR OA 152 -43.22 -101.75 -11.26
CA TYR OA 152 -44.36 -102.05 -12.12
C TYR OA 152 -45.52 -102.62 -11.32
N PHE OA 153 -45.22 -103.39 -10.27
CA PHE OA 153 -46.31 -103.89 -9.42
C PHE OA 153 -47.05 -102.75 -8.73
N ASP OA 154 -46.31 -101.77 -8.22
CA ASP OA 154 -46.92 -100.61 -7.60
C ASP OA 154 -47.68 -99.78 -8.62
N TYR OA 155 -47.18 -99.70 -9.85
CA TYR OA 155 -47.91 -99.00 -10.90
C TYR OA 155 -49.24 -99.68 -11.18
N LEU OA 156 -49.25 -101.01 -11.23
CA LEU OA 156 -50.49 -101.74 -11.45
C LEU OA 156 -51.45 -101.54 -10.28
N VAL OA 157 -50.91 -101.51 -9.07
CA VAL OA 157 -51.75 -101.28 -7.88
C VAL OA 157 -52.39 -99.90 -7.94
N GLY OA 158 -51.60 -98.89 -8.33
CA GLY OA 158 -52.15 -97.56 -8.48
C GLY OA 158 -53.17 -97.46 -9.60
N ALA OA 159 -52.95 -98.20 -10.70
CA ALA OA 159 -53.93 -98.24 -11.77
C ALA OA 159 -55.22 -98.91 -11.30
N MET OA 160 -55.13 -99.85 -10.37
CA MET OA 160 -56.32 -100.43 -9.73
C MET OA 160 -56.75 -99.57 -8.55
N GLN OA 161 -57.05 -98.31 -8.85
CA GLN OA 161 -57.41 -97.33 -7.84
C GLN OA 161 -58.29 -96.24 -8.44
N MET PA 1 -48.09 -97.12 -33.17
CA MET PA 1 -47.23 -98.12 -33.81
C MET PA 1 -46.57 -99.10 -32.83
N GLN PA 2 -45.72 -99.96 -33.38
CA GLN PA 2 -45.10 -101.03 -32.62
C GLN PA 2 -43.67 -101.25 -33.10
N ASP PA 3 -42.78 -101.43 -32.15
CA ASP PA 3 -41.40 -101.81 -32.44
C ASP PA 3 -41.30 -103.34 -32.39
N ALA PA 4 -40.07 -103.85 -32.46
CA ALA PA 4 -39.88 -105.29 -32.37
C ALA PA 4 -40.34 -105.83 -31.02
N ILE PA 5 -39.99 -105.13 -29.95
CA ILE PA 5 -40.35 -105.57 -28.60
C ILE PA 5 -41.86 -105.56 -28.42
N THR PA 6 -42.51 -104.47 -28.80
CA THR PA 6 -43.96 -104.39 -28.70
C THR PA 6 -44.67 -105.38 -29.61
N ALA PA 7 -44.13 -105.64 -30.79
CA ALA PA 7 -44.74 -106.63 -31.68
C ALA PA 7 -44.67 -108.02 -31.08
N VAL PA 8 -43.51 -108.39 -30.51
CA VAL PA 8 -43.39 -109.70 -29.88
C VAL PA 8 -44.31 -109.80 -28.67
N ILE PA 9 -44.39 -108.72 -27.88
CA ILE PA 9 -45.23 -108.71 -26.69
C ILE PA 9 -46.69 -108.87 -27.08
N ASN PA 10 -47.13 -108.18 -28.13
CA ASN PA 10 -48.51 -108.31 -28.59
C ASN PA 10 -48.78 -109.69 -29.17
N ASN PA 11 -47.82 -110.25 -29.91
CA ASN PA 11 -48.01 -111.57 -30.49
C ASN PA 11 -48.05 -112.65 -29.41
N TYR PA 12 -47.46 -112.40 -28.25
CA TYR PA 12 -47.62 -113.33 -27.14
C TYR PA 12 -48.85 -113.02 -26.29
N ASP PA 13 -49.27 -111.76 -26.24
CA ASP PA 13 -50.46 -111.39 -25.47
C ASP PA 13 -51.72 -111.90 -26.14
N VAL PA 14 -51.72 -111.98 -27.47
CA VAL PA 14 -52.89 -112.52 -28.16
C VAL PA 14 -53.11 -113.98 -27.82
N GLN PA 15 -52.04 -114.74 -27.62
CA GLN PA 15 -52.13 -116.12 -27.15
C GLN PA 15 -52.21 -116.22 -25.63
N GLY PA 16 -51.98 -115.11 -24.92
CA GLY PA 16 -51.99 -115.16 -23.47
C GLY PA 16 -50.88 -116.02 -22.90
N LYS PA 17 -49.69 -115.91 -23.49
CA LYS PA 17 -48.56 -116.77 -23.14
C LYS PA 17 -47.45 -115.95 -22.49
N TYR PA 18 -46.82 -116.54 -21.48
CA TYR PA 18 -45.60 -115.96 -20.94
C TYR PA 18 -44.48 -116.05 -21.98
N LEU PA 19 -43.55 -115.11 -21.90
CA LEU PA 19 -42.45 -115.08 -22.86
C LEU PA 19 -41.53 -116.27 -22.67
N ASP PA 20 -41.02 -116.80 -23.77
CA ASP PA 20 -40.19 -117.99 -23.76
C ASP PA 20 -38.84 -117.68 -24.41
N GLY PA 21 -38.04 -118.75 -24.58
CA GLY PA 21 -36.71 -118.59 -25.13
C GLY PA 21 -36.71 -118.10 -26.56
N ALA PA 22 -37.71 -118.51 -27.34
CA ALA PA 22 -37.78 -118.11 -28.74
C ALA PA 22 -37.93 -116.61 -28.88
N ALA PA 23 -38.84 -116.01 -28.10
CA ALA PA 23 -38.96 -114.55 -28.11
C ALA PA 23 -37.77 -113.90 -27.43
N LEU PA 24 -37.16 -114.59 -26.46
CA LEU PA 24 -36.00 -114.06 -25.78
C LEU PA 24 -34.81 -113.85 -26.71
N ASP PA 25 -34.57 -114.79 -27.63
CA ASP PA 25 -33.48 -114.61 -28.60
C ASP PA 25 -33.76 -113.42 -29.51
N LYS PA 26 -35.02 -113.26 -29.94
CA LYS PA 26 -35.37 -112.13 -30.79
C LYS PA 26 -35.16 -110.80 -30.07
N LEU PA 27 -35.54 -110.73 -28.80
CA LEU PA 27 -35.29 -109.52 -28.04
C LEU PA 27 -33.79 -109.27 -27.84
N LYS PA 28 -33.03 -110.33 -27.57
CA LYS PA 28 -31.59 -110.18 -27.38
C LYS PA 28 -30.91 -109.71 -28.66
N ALA PA 29 -31.42 -110.12 -29.83
CA ALA PA 29 -30.85 -109.66 -31.09
C ALA PA 29 -30.99 -108.15 -31.24
N TYR PA 30 -32.18 -107.62 -30.92
CA TYR PA 30 -32.37 -106.18 -30.98
C TYR PA 30 -31.51 -105.47 -29.94
N PHE PA 31 -31.37 -106.06 -28.76
CA PHE PA 31 -30.53 -105.45 -27.74
C PHE PA 31 -29.07 -105.42 -28.17
N THR PA 32 -28.63 -106.42 -28.94
CA THR PA 32 -27.29 -106.36 -29.52
C THR PA 32 -27.20 -105.28 -30.59
N THR PA 33 -28.25 -105.11 -31.39
CA THR PA 33 -28.23 -104.11 -32.47
C THR PA 33 -28.57 -102.70 -31.98
N GLY PA 34 -28.68 -102.48 -30.67
CA GLY PA 34 -29.13 -101.19 -30.17
C GLY PA 34 -28.16 -100.06 -30.42
N ALA PA 35 -26.87 -100.27 -30.19
CA ALA PA 35 -25.91 -99.17 -30.22
C ALA PA 35 -25.71 -98.65 -31.63
N VAL PA 36 -25.64 -99.54 -32.61
CA VAL PA 36 -25.35 -99.12 -33.98
C VAL PA 36 -26.49 -98.29 -34.55
N ARG PA 37 -27.74 -98.61 -34.19
CA ARG PA 37 -28.87 -97.83 -34.67
C ARG PA 37 -28.83 -96.41 -34.13
N VAL PA 38 -28.55 -96.25 -32.83
CA VAL PA 38 -28.47 -94.92 -32.24
C VAL PA 38 -27.30 -94.15 -32.84
N ARG PA 39 -26.17 -94.82 -33.07
CA ARG PA 39 -25.02 -94.14 -33.64
C ARG PA 39 -25.29 -93.70 -35.07
N ALA PA 40 -26.02 -94.51 -35.84
CA ALA PA 40 -26.33 -94.15 -37.21
C ALA PA 40 -27.42 -93.09 -37.29
N ALA PA 41 -28.29 -93.01 -36.29
CA ALA PA 41 -29.39 -92.05 -36.34
C ALA PA 41 -28.89 -90.61 -36.30
N ALA PA 42 -27.89 -90.32 -35.45
CA ALA PA 42 -27.41 -88.95 -35.33
C ALA PA 42 -26.73 -88.48 -36.62
N VAL PA 43 -26.08 -89.40 -37.32
CA VAL PA 43 -25.41 -89.06 -38.58
C VAL PA 43 -26.43 -88.59 -39.61
N ILE PA 44 -27.56 -89.30 -39.72
CA ILE PA 44 -28.59 -88.90 -40.67
C ILE PA 44 -29.21 -87.58 -40.25
N SER PA 45 -29.40 -87.37 -38.94
CA SER PA 45 -29.97 -86.12 -38.46
C SER PA 45 -29.08 -84.93 -38.80
N SER PA 46 -27.76 -85.10 -38.65
CA SER PA 46 -26.84 -84.04 -39.02
C SER PA 46 -26.72 -83.84 -40.52
N ASN PA 47 -26.80 -84.90 -41.31
CA ASN PA 47 -26.59 -84.83 -42.75
C ASN PA 47 -27.90 -84.89 -43.53
N ALA PA 48 -29.02 -84.50 -42.89
CA ALA PA 48 -30.32 -84.60 -43.55
C ALA PA 48 -30.41 -83.74 -44.80
N THR PA 49 -30.07 -82.45 -44.68
CA THR PA 49 -30.14 -81.58 -45.85
C THR PA 49 -29.11 -81.96 -46.90
N THR PA 50 -27.90 -82.32 -46.48
CA THR PA 50 -26.88 -82.74 -47.44
C THR PA 50 -27.28 -84.01 -48.16
N ILE PA 51 -27.90 -84.96 -47.45
CA ILE PA 51 -28.37 -86.19 -48.08
C ILE PA 51 -29.45 -85.90 -49.12
N ILE PA 52 -30.38 -85.00 -48.77
CA ILE PA 52 -31.43 -84.64 -49.72
C ILE PA 52 -30.89 -83.91 -50.93
N LYS PA 53 -29.86 -83.08 -50.75
CA LYS PA 53 -29.32 -82.30 -51.85
C LYS PA 53 -28.56 -83.13 -52.88
N GLU PA 54 -28.26 -84.39 -52.59
CA GLU PA 54 -27.64 -85.27 -53.57
C GLU PA 54 -28.61 -86.22 -54.23
N ALA PA 55 -29.57 -86.77 -53.51
CA ALA PA 55 -30.56 -87.65 -54.12
C ALA PA 55 -31.39 -86.90 -55.16
N ALA PA 56 -31.75 -85.66 -54.85
CA ALA PA 56 -32.45 -84.83 -55.84
C ALA PA 56 -31.60 -84.61 -57.08
N ALA PA 57 -30.30 -84.37 -56.89
CA ALA PA 57 -29.42 -84.18 -58.03
C ALA PA 57 -29.31 -85.43 -58.89
N LYS PA 58 -29.19 -86.61 -58.27
CA LYS PA 58 -29.02 -87.84 -59.01
C LYS PA 58 -30.32 -88.46 -59.49
N ALA PA 59 -31.48 -87.96 -59.07
CA ALA PA 59 -32.71 -88.60 -59.50
C ALA PA 59 -33.75 -87.67 -60.11
N LEU PA 60 -33.88 -86.42 -59.69
CA LEU PA 60 -35.03 -85.62 -60.08
C LEU PA 60 -34.67 -84.42 -60.96
N ILE PA 61 -33.78 -83.57 -60.47
CA ILE PA 61 -33.52 -82.29 -61.12
C ILE PA 61 -32.74 -82.48 -62.41
N TYR PA 62 -32.63 -81.42 -63.21
CA TYR PA 62 -32.01 -81.48 -64.53
C TYR PA 62 -32.77 -82.44 -65.45
N SER PA 63 -34.10 -82.33 -65.46
CA SER PA 63 -34.93 -83.19 -66.29
C SER PA 63 -36.22 -82.45 -66.60
N ASP PA 64 -37.15 -83.18 -67.24
CA ASP PA 64 -38.43 -82.58 -67.59
C ASP PA 64 -39.30 -82.32 -66.37
N LEU PA 65 -39.00 -82.98 -65.25
CA LEU PA 65 -39.77 -82.75 -64.03
C LEU PA 65 -39.63 -81.31 -63.55
N THR PA 66 -38.42 -80.76 -63.62
CA THR PA 66 -38.17 -79.38 -63.21
C THR PA 66 -38.46 -78.38 -64.32
N ARG PA 67 -38.78 -78.84 -65.52
CA ARG PA 67 -39.12 -77.95 -66.62
C ARG PA 67 -40.61 -77.67 -66.64
N PRO PA 68 -41.04 -76.73 -67.48
CA PRO PA 68 -42.48 -76.49 -67.63
C PRO PA 68 -43.20 -77.74 -68.12
N GLY PA 69 -44.40 -77.95 -67.59
CA GLY PA 69 -45.13 -79.17 -67.84
C GLY PA 69 -44.78 -80.30 -66.90
N GLY PA 70 -43.78 -80.12 -66.03
CA GLY PA 70 -43.39 -81.13 -65.08
C GLY PA 70 -44.10 -80.95 -63.75
N MEN PA 71 -44.15 -82.02 -62.97
CA MEN PA 71 -44.85 -82.01 -61.71
C MEN PA 71 -44.09 -81.25 -60.65
O MEN PA 71 -44.61 -80.71 -59.68
CB MEN PA 71 -45.14 -83.41 -61.14
CG MEN PA 71 -46.29 -83.34 -60.18
OD1 MEN PA 71 -46.20 -83.86 -59.04
ND2 MEN PA 71 -47.43 -82.68 -60.59
CE2 MEN PA 71 -48.60 -82.54 -59.78
N MET PA 72 -42.77 -81.22 -60.83
CA MET PA 72 -41.89 -80.57 -59.87
C MET PA 72 -41.63 -79.14 -60.32
N TYR PA 73 -42.24 -78.76 -61.44
CA TYR PA 73 -42.15 -77.40 -61.93
C TYR PA 73 -42.79 -76.43 -60.94
N THR PA 74 -42.26 -75.21 -60.90
CA THR PA 74 -42.64 -74.11 -59.99
C THR PA 74 -42.10 -74.32 -58.59
N THR PA 75 -41.84 -73.19 -57.91
CA THR PA 75 -41.22 -73.23 -56.60
C THR PA 75 -42.08 -73.95 -55.57
N ARG PA 76 -43.40 -73.78 -55.64
CA ARG PA 76 -44.29 -74.44 -54.70
C ARG PA 76 -44.18 -75.95 -54.81
N ARG PA 77 -44.26 -76.47 -56.04
CA ARG PA 77 -44.16 -77.90 -56.25
C ARG PA 77 -42.78 -78.43 -55.88
N TYR PA 78 -41.71 -77.68 -56.17
CA TYR PA 78 -40.39 -78.14 -55.77
C TYR PA 78 -40.26 -78.20 -54.25
N ALA PA 79 -40.74 -77.17 -53.55
CA ALA PA 79 -40.65 -77.16 -52.09
C ALA PA 79 -41.45 -78.30 -51.48
N ALA PA 80 -42.65 -78.54 -52.01
CA ALA PA 80 -43.47 -79.64 -51.52
C ALA PA 80 -42.80 -80.99 -51.76
N CYS PA 81 -42.19 -81.16 -52.94
CA CYS PA 81 -41.53 -82.42 -53.24
C CYS PA 81 -40.35 -82.65 -52.30
N ILE PA 82 -39.51 -81.64 -52.08
CA ILE PA 82 -38.38 -81.82 -51.16
C ILE PA 82 -38.84 -82.01 -49.72
N ARG PA 83 -39.96 -81.39 -49.32
CA ARG PA 83 -40.56 -81.73 -48.03
C ARG PA 83 -40.97 -83.20 -47.99
N ASP PA 84 -41.42 -83.74 -49.13
CA ASP PA 84 -41.74 -85.15 -49.19
C ASP PA 84 -40.50 -86.02 -48.98
N MET PA 85 -39.37 -85.65 -49.58
CA MET PA 85 -38.09 -86.30 -49.25
C MET PA 85 -37.79 -86.22 -47.76
N ASP PA 86 -38.02 -85.06 -47.14
CA ASP PA 86 -37.73 -84.94 -45.72
C ASP PA 86 -38.62 -85.86 -44.89
N TYR PA 87 -39.90 -85.95 -45.27
CA TYR PA 87 -40.83 -86.88 -44.63
C TYR PA 87 -40.34 -88.31 -44.72
N PHE PA 88 -39.95 -88.73 -45.93
CA PHE PA 88 -39.52 -90.10 -46.15
C PHE PA 88 -38.25 -90.40 -45.36
N LEU PA 89 -37.31 -89.45 -45.34
CA LEU PA 89 -36.06 -89.67 -44.61
C LEU PA 89 -36.30 -89.78 -43.11
N ARG PA 90 -37.13 -88.88 -42.56
CA ARG PA 90 -37.39 -88.92 -41.12
C ARG PA 90 -38.13 -90.20 -40.72
N TYR PA 91 -39.11 -90.61 -41.51
CA TYR PA 91 -39.85 -91.81 -41.14
C TYR PA 91 -39.05 -93.07 -41.40
N ALA PA 92 -38.14 -93.06 -42.38
CA ALA PA 92 -37.22 -94.17 -42.55
C ALA PA 92 -36.27 -94.26 -41.35
N THR PA 93 -35.83 -93.12 -40.83
CA THR PA 93 -35.02 -93.13 -39.62
C THR PA 93 -35.80 -93.70 -38.44
N TYR PA 94 -37.07 -93.31 -38.30
CA TYR PA 94 -37.90 -93.86 -37.23
C TYR PA 94 -38.08 -95.36 -37.38
N ALA PA 95 -38.31 -95.83 -38.60
CA ALA PA 95 -38.48 -97.25 -38.84
C ALA PA 95 -37.20 -98.03 -38.53
N MET PA 96 -36.05 -97.48 -38.91
CA MET PA 96 -34.79 -98.18 -38.64
C MET PA 96 -34.47 -98.16 -37.15
N LEU PA 97 -34.94 -97.14 -36.43
CA LEU PA 97 -34.76 -97.13 -34.98
C LEU PA 97 -35.67 -98.16 -34.31
N ALA PA 98 -36.93 -98.21 -34.73
CA ALA PA 98 -37.90 -99.07 -34.05
C ALA PA 98 -37.83 -100.52 -34.51
N GLY PA 99 -37.11 -100.81 -35.59
CA GLY PA 99 -37.03 -102.17 -36.07
C GLY PA 99 -38.34 -102.71 -36.59
N ASP PA 100 -39.15 -101.90 -37.26
CA ASP PA 100 -40.43 -102.35 -37.76
C ASP PA 100 -41.03 -101.33 -38.72
N PRO PA 101 -41.60 -101.78 -39.85
CA PRO PA 101 -42.27 -100.86 -40.77
C PRO PA 101 -43.71 -100.53 -40.40
N SER PA 102 -44.10 -100.83 -39.15
CA SER PA 102 -45.46 -100.55 -38.71
C SER PA 102 -45.77 -99.07 -38.77
N ILE PA 103 -44.85 -98.23 -38.31
CA ILE PA 103 -45.08 -96.78 -38.37
C ILE PA 103 -45.12 -96.29 -39.81
N LEU PA 104 -44.32 -96.91 -40.70
CA LEU PA 104 -44.36 -96.54 -42.10
C LEU PA 104 -45.72 -96.84 -42.72
N ASP PA 105 -46.30 -98.00 -42.42
CA ASP PA 105 -47.65 -98.29 -42.89
C ASP PA 105 -48.68 -97.39 -42.21
N GLU PA 106 -48.42 -97.04 -40.96
CA GLU PA 106 -49.39 -96.31 -40.14
C GLU PA 106 -49.55 -94.87 -40.59
N ARG PA 107 -48.45 -94.15 -40.77
CA ARG PA 107 -48.50 -92.70 -40.87
C ARG PA 107 -48.02 -92.17 -42.21
N VAL PA 108 -47.59 -93.04 -43.13
CA VAL PA 108 -47.06 -92.58 -44.41
C VAL PA 108 -47.81 -93.23 -45.55
N LEU PA 109 -47.86 -94.56 -45.55
CA LEU PA 109 -48.31 -95.29 -46.73
C LEU PA 109 -49.82 -95.25 -46.92
N ASN PA 110 -50.59 -95.13 -45.85
CA ASN PA 110 -52.04 -95.17 -46.00
C ASN PA 110 -52.56 -93.92 -46.69
N GLY PA 111 -53.33 -94.10 -47.76
CA GLY PA 111 -53.87 -93.01 -48.54
C GLY PA 111 -52.89 -92.34 -49.48
N LEU PA 112 -51.60 -92.67 -49.40
CA LEU PA 112 -50.60 -91.93 -50.15
C LEU PA 112 -50.68 -92.21 -51.64
N LYS PA 113 -50.89 -93.47 -52.01
CA LYS PA 113 -50.96 -93.84 -53.43
C LYS PA 113 -52.14 -93.17 -54.12
N GLU PA 114 -53.31 -93.25 -53.50
CA GLU PA 114 -54.49 -92.61 -54.07
C GLU PA 114 -54.37 -91.09 -54.06
N THR PA 115 -53.75 -90.52 -53.02
CA THR PA 115 -53.56 -89.07 -52.98
C THR PA 115 -52.63 -88.61 -54.09
N TYR PA 116 -51.53 -89.35 -54.32
CA TYR PA 116 -50.62 -89.02 -55.40
C TYR PA 116 -51.30 -89.18 -56.75
N ASN PA 117 -52.14 -90.20 -56.90
CA ASN PA 117 -52.89 -90.37 -58.14
C ASN PA 117 -53.84 -89.20 -58.37
N SER PA 118 -54.50 -88.74 -57.31
CA SER PA 118 -55.41 -87.60 -57.44
C SER PA 118 -54.66 -86.32 -57.76
N LEU PA 119 -53.48 -86.14 -57.20
CA LEU PA 119 -52.73 -84.91 -57.39
C LEU PA 119 -51.79 -84.93 -58.58
N GLY PA 120 -51.67 -86.08 -59.25
CA GLY PA 120 -50.83 -86.19 -60.43
C GLY PA 120 -49.36 -86.44 -60.19
N VAL PA 121 -48.97 -86.72 -58.95
CA VAL PA 121 -47.56 -86.90 -58.59
C VAL PA 121 -47.03 -88.18 -59.23
N PRO PA 122 -45.83 -88.16 -59.84
CA PRO PA 122 -45.28 -89.37 -60.45
C PRO PA 122 -44.70 -90.35 -59.43
N ILE PA 123 -45.36 -91.50 -59.29
CA ILE PA 123 -44.95 -92.50 -58.32
C ILE PA 123 -43.59 -93.06 -58.68
N ALA PA 124 -43.32 -93.24 -59.98
CA ALA PA 124 -42.01 -93.74 -60.40
C ALA PA 124 -40.89 -92.78 -60.03
N ALA PA 125 -41.12 -91.49 -60.23
CA ALA PA 125 -40.12 -90.49 -59.83
C ALA PA 125 -39.91 -90.48 -58.33
N THR PA 126 -41.00 -90.58 -57.55
CA THR PA 126 -40.85 -90.64 -56.10
C THR PA 126 -40.06 -91.87 -55.66
N VAL PA 127 -40.32 -93.01 -56.30
CA VAL PA 127 -39.60 -94.23 -55.96
C VAL PA 127 -38.13 -94.10 -56.32
N GLY PA 128 -37.83 -93.47 -57.46
CA GLY PA 128 -36.44 -93.24 -57.82
C GLY PA 128 -35.72 -92.34 -56.83
N GLY PA 129 -36.39 -91.27 -56.38
CA GLY PA 129 -35.81 -90.42 -55.36
C GLY PA 129 -35.58 -91.15 -54.05
N ILE PA 130 -36.52 -92.00 -53.65
CA ILE PA 130 -36.35 -92.79 -52.43
C ILE PA 130 -35.16 -93.74 -52.56
N GLN PA 131 -35.02 -94.37 -53.73
CA GLN PA 131 -33.88 -95.25 -53.96
C GLN PA 131 -32.56 -94.49 -53.94
N ALA PA 132 -32.52 -93.28 -54.50
CA ALA PA 132 -31.31 -92.47 -54.44
C ALA PA 132 -30.96 -92.10 -53.00
N MET PA 133 -31.97 -91.74 -52.20
CA MET PA 133 -31.74 -91.50 -50.78
C MET PA 133 -31.21 -92.74 -50.08
N LYS PA 134 -31.74 -93.91 -50.43
CA LYS PA 134 -31.25 -95.15 -49.84
C LYS PA 134 -29.79 -95.38 -50.19
N GLU PA 135 -29.42 -95.08 -51.43
CA GLU PA 135 -28.02 -95.19 -51.84
C GLU PA 135 -27.12 -94.26 -51.03
N VAL PA 136 -27.54 -93.01 -50.88
CA VAL PA 136 -26.74 -92.03 -50.14
C VAL PA 136 -26.62 -92.42 -48.67
N VAL PA 137 -27.71 -92.89 -48.08
CA VAL PA 137 -27.71 -93.28 -46.68
C VAL PA 137 -26.82 -94.49 -46.47
N GLY PA 138 -26.90 -95.47 -47.37
CA GLY PA 138 -26.03 -96.63 -47.29
C GLY PA 138 -24.57 -96.26 -47.44
N GLY PA 139 -24.28 -95.27 -48.28
CA GLY PA 139 -22.91 -94.78 -48.36
C GLY PA 139 -22.44 -94.13 -47.08
N LEU PA 140 -23.30 -93.29 -46.48
CA LEU PA 140 -22.87 -92.53 -45.31
C LEU PA 140 -22.74 -93.39 -44.07
N VAL PA 141 -23.73 -94.24 -43.80
CA VAL PA 141 -23.79 -94.93 -42.51
C VAL PA 141 -22.70 -95.98 -42.35
N GLY PA 142 -22.29 -96.65 -43.41
CA GLY PA 142 -21.27 -97.67 -43.32
C GLY PA 142 -21.84 -99.08 -43.35
N PRO PA 143 -20.94 -100.07 -43.34
CA PRO PA 143 -21.37 -101.48 -43.41
C PRO PA 143 -22.28 -101.93 -42.27
N ASP PA 144 -22.12 -101.32 -41.10
CA ASP PA 144 -22.79 -101.80 -39.89
C ASP PA 144 -24.31 -101.73 -40.00
N ALA PA 145 -24.84 -100.58 -40.43
CA ALA PA 145 -26.28 -100.39 -40.52
C ALA PA 145 -26.78 -100.17 -41.93
N ALA PA 146 -25.98 -100.50 -42.96
CA ALA PA 146 -26.37 -100.23 -44.33
C ALA PA 146 -27.60 -101.01 -44.74
N LYS PA 147 -27.57 -102.33 -44.52
CA LYS PA 147 -28.70 -103.16 -44.93
C LYS PA 147 -29.93 -102.85 -44.09
N GLU PA 148 -29.75 -102.60 -42.79
CA GLU PA 148 -30.88 -102.27 -41.93
C GLU PA 148 -31.54 -100.98 -42.36
N ALA PA 149 -30.75 -99.97 -42.72
CA ALA PA 149 -31.32 -98.73 -43.25
C ALA PA 149 -31.99 -98.97 -44.60
N SER PA 150 -31.39 -99.82 -45.44
CA SER PA 150 -31.86 -99.97 -46.80
C SER PA 150 -33.20 -100.71 -46.85
N ILE PA 151 -33.44 -101.61 -45.90
CA ILE PA 151 -34.66 -102.42 -45.96
C ILE PA 151 -35.91 -101.57 -45.80
N TYR PA 152 -35.86 -100.53 -44.98
CA TYR PA 152 -37.04 -99.69 -44.82
C TYR PA 152 -37.28 -98.75 -46.00
N PHE PA 153 -36.22 -98.26 -46.65
CA PHE PA 153 -36.41 -97.53 -47.90
C PHE PA 153 -36.99 -98.44 -48.97
N ASP PA 154 -36.53 -99.70 -49.01
CA ASP PA 154 -37.13 -100.67 -49.92
C ASP PA 154 -38.59 -100.93 -49.59
N TYR PA 155 -38.92 -100.97 -48.29
CA TYR PA 155 -40.32 -101.13 -47.87
C TYR PA 155 -41.17 -99.96 -48.35
N LEU PA 156 -40.67 -98.74 -48.19
CA LEU PA 156 -41.41 -97.57 -48.65
C LEU PA 156 -41.59 -97.58 -50.17
N SER PA 157 -40.53 -97.93 -50.90
CA SER PA 157 -40.62 -98.01 -52.36
C SER PA 157 -41.61 -99.06 -52.81
N SER PA 158 -41.59 -100.24 -52.19
CA SER PA 158 -42.56 -101.29 -52.51
C SER PA 158 -43.97 -100.89 -52.16
N GLY PA 159 -44.18 -100.20 -51.03
CA GLY PA 159 -45.52 -99.75 -50.67
C GLY PA 159 -46.07 -98.72 -51.64
N LEU PA 160 -45.24 -97.75 -52.03
CA LEU PA 160 -45.67 -96.77 -53.01
C LEU PA 160 -45.94 -97.42 -54.37
N SER PA 161 -45.07 -98.31 -54.81
CA SER PA 161 -45.24 -98.98 -56.09
C SER PA 161 -46.31 -100.06 -56.00
N SER QA 2 -55.62 -61.91 -59.39
CA SER QA 2 -55.65 -60.53 -59.86
C SER QA 2 -56.63 -59.69 -59.03
N VAL QA 3 -56.94 -58.49 -59.53
CA VAL QA 3 -57.88 -57.61 -58.84
C VAL QA 3 -59.26 -58.25 -58.77
N LEU QA 4 -59.78 -58.70 -59.92
CA LEU QA 4 -61.11 -59.29 -59.95
C LEU QA 4 -61.15 -60.58 -59.15
N THR QA 5 -60.07 -61.38 -59.20
CA THR QA 5 -60.02 -62.62 -58.44
C THR QA 5 -60.05 -62.34 -56.94
N LYS QA 6 -59.19 -61.42 -56.49
CA LYS QA 6 -59.13 -61.09 -55.07
C LYS QA 6 -60.45 -60.52 -54.59
N ALA QA 7 -61.08 -59.67 -55.40
CA ALA QA 7 -62.37 -59.10 -55.02
C ALA QA 7 -63.45 -60.15 -54.95
N ILE QA 8 -63.51 -61.05 -55.94
CA ILE QA 8 -64.57 -62.06 -55.94
C ILE QA 8 -64.36 -63.07 -54.82
N VAL QA 9 -63.12 -63.21 -54.36
CA VAL QA 9 -62.87 -64.09 -53.21
C VAL QA 9 -63.60 -63.57 -51.97
N ASN QA 10 -63.43 -62.30 -51.64
CA ASN QA 10 -64.14 -61.78 -50.47
C ASN QA 10 -65.64 -61.67 -50.74
N ALA QA 11 -66.02 -61.40 -52.00
CA ALA QA 11 -67.44 -61.33 -52.33
C ALA QA 11 -68.13 -62.67 -52.09
N ASP QA 12 -67.52 -63.76 -52.55
CA ASP QA 12 -68.12 -65.08 -52.34
C ASP QA 12 -67.97 -65.53 -50.89
N ALA QA 13 -66.92 -65.05 -50.21
CA ALA QA 13 -66.78 -65.35 -48.79
C ALA QA 13 -67.91 -64.71 -47.98
N GLU QA 14 -68.26 -63.47 -48.29
CA GLU QA 14 -69.36 -62.78 -47.65
C GLU QA 14 -70.71 -63.21 -48.21
N ALA QA 15 -70.71 -63.97 -49.31
CA ALA QA 15 -71.94 -64.48 -49.92
C ALA QA 15 -72.83 -63.33 -50.38
N ARG QA 16 -72.22 -62.37 -51.05
CA ARG QA 16 -72.92 -61.17 -51.49
C ARG QA 16 -72.44 -60.79 -52.88
N TYR QA 17 -73.22 -59.95 -53.54
CA TYR QA 17 -72.85 -59.49 -54.87
C TYR QA 17 -71.74 -58.45 -54.78
N LEU QA 18 -71.38 -57.91 -55.94
CA LEU QA 18 -70.21 -57.05 -56.04
C LEU QA 18 -70.47 -55.69 -55.39
N SER QA 19 -69.53 -55.27 -54.56
CA SER QA 19 -69.59 -53.96 -53.94
C SER QA 19 -69.34 -52.86 -54.97
N PRO QA 20 -69.84 -51.65 -54.72
CA PRO QA 20 -69.58 -50.55 -55.66
C PRO QA 20 -68.11 -50.18 -55.76
N GLY QA 21 -67.39 -50.15 -54.64
CA GLY QA 21 -65.97 -49.87 -54.71
C GLY QA 21 -65.21 -50.97 -55.44
N GLU QA 22 -65.66 -52.21 -55.25
CA GLU QA 22 -65.17 -53.33 -56.05
C GLU QA 22 -65.40 -53.07 -57.54
N LEU QA 23 -66.60 -52.59 -57.89
CA LEU QA 23 -66.91 -52.29 -59.28
C LEU QA 23 -66.02 -51.19 -59.82
N ASP QA 24 -65.80 -50.13 -59.03
CA ASP QA 24 -64.98 -49.01 -59.48
C ASP QA 24 -63.53 -49.42 -59.65
N ARG QA 25 -63.01 -50.25 -58.73
CA ARG QA 25 -61.65 -50.73 -58.89
C ARG QA 25 -61.53 -51.64 -60.12
N ILE QA 26 -62.55 -52.43 -60.42
CA ILE QA 26 -62.56 -53.20 -61.66
C ILE QA 26 -62.56 -52.27 -62.86
N LYS QA 27 -63.33 -51.19 -62.80
CA LYS QA 27 -63.41 -50.26 -63.92
C LYS QA 27 -62.07 -49.60 -64.18
N SER QA 28 -61.40 -49.16 -63.12
CA SER QA 28 -60.06 -48.57 -63.28
C SER QA 28 -59.06 -49.61 -63.77
N PHE QA 29 -59.18 -50.85 -63.27
CA PHE QA 29 -58.27 -51.92 -63.68
C PHE QA 29 -58.41 -52.25 -65.16
N VAL QA 30 -59.65 -52.28 -65.66
CA VAL QA 30 -59.88 -52.52 -67.08
C VAL QA 30 -59.54 -51.28 -67.89
N ALA QA 31 -59.61 -50.10 -67.27
CA ALA QA 31 -59.22 -48.87 -67.95
C ALA QA 31 -57.72 -48.79 -68.17
N SER QA 32 -56.93 -49.35 -67.26
CA SER QA 32 -55.47 -49.37 -67.38
C SER QA 32 -54.97 -50.55 -68.21
N GLY QA 33 -55.88 -51.32 -68.79
CA GLY QA 33 -55.54 -52.54 -69.51
C GLY QA 33 -54.69 -52.34 -70.74
N GLU QA 34 -54.96 -51.31 -71.53
CA GLU QA 34 -54.16 -51.09 -72.73
C GLU QA 34 -52.72 -50.71 -72.37
N ARG QA 35 -52.54 -49.86 -71.36
CA ARG QA 35 -51.20 -49.52 -70.92
C ARG QA 35 -50.48 -50.76 -70.38
N ARG QA 36 -51.20 -51.60 -69.63
CA ARG QA 36 -50.60 -52.84 -69.13
C ARG QA 36 -50.14 -53.74 -70.27
N LEU QA 37 -51.01 -53.92 -71.28
CA LEU QA 37 -50.69 -54.77 -72.41
C LEU QA 37 -49.51 -54.23 -73.20
N ARG QA 38 -49.46 -52.91 -73.40
CA ARG QA 38 -48.35 -52.31 -74.13
C ARG QA 38 -47.04 -52.49 -73.37
N ILE QA 39 -47.08 -52.36 -72.05
CA ILE QA 39 -45.88 -52.51 -71.22
C ILE QA 39 -45.34 -53.93 -71.34
N ALA QA 40 -46.22 -54.93 -71.12
CA ALA QA 40 -45.81 -56.32 -71.21
C ALA QA 40 -45.34 -56.67 -72.61
N GLN QA 41 -45.99 -56.11 -73.63
CA GLN QA 41 -45.59 -56.32 -75.01
C GLN QA 41 -44.17 -55.82 -75.24
N THR QA 42 -43.85 -54.63 -74.74
CA THR QA 42 -42.51 -54.08 -74.97
C THR QA 42 -41.44 -54.91 -74.28
N LEU QA 43 -41.68 -55.31 -73.02
CA LEU QA 43 -40.68 -56.13 -72.34
C LEU QA 43 -40.49 -57.48 -73.01
N THR QA 44 -41.59 -58.15 -73.39
CA THR QA 44 -41.45 -59.45 -74.04
C THR QA 44 -40.80 -59.31 -75.40
N GLU QA 45 -41.02 -58.17 -76.07
CA GLU QA 45 -40.32 -57.90 -77.31
C GLU QA 45 -38.82 -57.78 -77.11
N ALA QA 46 -38.40 -57.10 -76.05
CA ALA QA 46 -36.98 -56.92 -75.76
C ALA QA 46 -36.49 -57.91 -74.70
N ARG QA 47 -37.06 -59.12 -74.67
CA ARG QA 47 -36.86 -60.04 -73.55
C ARG QA 47 -35.40 -60.45 -73.35
N GLU QA 48 -34.63 -60.58 -74.43
CA GLU QA 48 -33.37 -61.30 -74.33
C GLU QA 48 -32.23 -60.39 -73.89
N ARG QA 49 -32.21 -59.16 -74.41
CA ARG QA 49 -31.14 -58.22 -74.08
C ARG QA 49 -31.17 -57.86 -72.61
N ILE QA 50 -32.36 -57.74 -72.03
CA ILE QA 50 -32.48 -57.54 -70.59
C ILE QA 50 -31.89 -58.73 -69.85
N VAL QA 51 -32.10 -59.94 -70.36
CA VAL QA 51 -31.58 -61.15 -69.71
C VAL QA 51 -30.06 -61.12 -69.66
N LYS QA 52 -29.44 -60.86 -70.81
CA LYS QA 52 -27.97 -60.89 -70.86
C LYS QA 52 -27.36 -59.73 -70.08
N GLN QA 53 -27.94 -58.53 -70.22
CA GLN QA 53 -27.39 -57.39 -69.49
C GLN QA 53 -27.58 -57.53 -67.98
N ALA QA 54 -28.71 -58.09 -67.55
CA ALA QA 54 -28.92 -58.32 -66.13
C ALA QA 54 -27.94 -59.35 -65.61
N GLY QA 55 -27.66 -60.39 -66.39
CA GLY QA 55 -26.66 -61.37 -65.99
C GLY QA 55 -25.29 -60.75 -65.84
N ASP QA 56 -24.89 -59.91 -66.79
CA ASP QA 56 -23.59 -59.25 -66.71
C ASP QA 56 -23.51 -58.31 -65.51
N GLN QA 57 -24.56 -57.52 -65.28
CA GLN QA 57 -24.54 -56.59 -64.16
C GLN QA 57 -24.52 -57.33 -62.82
N LEU QA 58 -25.29 -58.42 -62.71
CA LEU QA 58 -25.29 -59.20 -61.49
C LEU QA 58 -23.92 -59.81 -61.23
N PHE QA 59 -23.27 -60.35 -62.28
CA PHE QA 59 -21.95 -60.91 -62.09
C PHE QA 59 -20.91 -59.85 -61.73
N GLN QA 60 -21.01 -58.65 -62.30
CA GLN QA 60 -20.10 -57.58 -61.93
C GLN QA 60 -20.30 -57.17 -60.47
N ILE QA 61 -21.55 -57.05 -60.03
CA ILE QA 61 -21.80 -56.64 -58.66
C ILE QA 61 -21.39 -57.73 -57.67
N ARG QA 62 -21.62 -59.00 -58.00
CA ARG QA 62 -21.31 -60.13 -57.12
C ARG QA 62 -20.41 -61.10 -57.85
N PRO QA 63 -19.12 -60.76 -57.99
CA PRO QA 63 -18.20 -61.68 -58.67
C PRO QA 63 -17.99 -63.00 -57.94
N ASP QA 64 -18.30 -63.06 -56.64
CA ASP QA 64 -18.09 -64.28 -55.88
C ASP QA 64 -18.95 -65.42 -56.40
N VAL QA 65 -20.13 -65.09 -56.96
CA VAL QA 65 -21.00 -66.12 -57.50
C VAL QA 65 -20.36 -66.78 -58.72
N VAL QA 66 -19.54 -66.03 -59.46
CA VAL QA 66 -18.76 -66.61 -60.54
C VAL QA 66 -17.33 -66.91 -60.10
N SER QA 67 -16.96 -66.53 -58.89
CA SER QA 67 -15.68 -66.87 -58.30
C SER QA 67 -15.63 -68.38 -58.06
N PRO QA 68 -14.43 -68.95 -57.78
CA PRO QA 68 -14.32 -70.41 -57.66
C PRO QA 68 -15.17 -71.01 -56.56
N GLY QA 69 -15.38 -70.27 -55.48
CA GLY QA 69 -16.37 -70.67 -54.50
C GLY QA 69 -17.69 -69.96 -54.71
N GLY QA 70 -18.62 -70.60 -55.41
CA GLY QA 70 -19.90 -69.98 -55.69
C GLY QA 70 -20.78 -70.88 -56.52
N ASN QA 71 -22.09 -70.65 -56.43
CA ASN QA 71 -23.05 -71.50 -57.13
C ASN QA 71 -23.00 -71.33 -58.64
N ALA QA 72 -22.58 -70.17 -59.14
CA ALA QA 72 -22.54 -69.93 -60.58
C ALA QA 72 -21.21 -70.24 -61.20
N TYR QA 73 -20.25 -70.78 -60.44
CA TYR QA 73 -18.93 -71.09 -60.98
C TYR QA 73 -19.03 -72.19 -62.04
N GLY QA 74 -18.57 -71.89 -63.23
CA GLY QA 74 -18.68 -72.81 -64.34
C GLY QA 74 -19.68 -72.33 -65.37
N GLU QA 75 -19.44 -72.72 -66.62
CA GLU QA 75 -20.32 -72.30 -67.71
C GLU QA 75 -21.72 -72.88 -67.54
N LYS QA 76 -21.81 -74.14 -67.12
CA LYS QA 76 -23.13 -74.77 -66.93
C LYS QA 76 -23.89 -74.12 -65.78
N MET QA 77 -23.20 -73.82 -64.68
CA MET QA 77 -23.85 -73.14 -63.57
C MET QA 77 -24.33 -71.74 -63.98
N THR QA 78 -23.51 -71.03 -64.76
CA THR QA 78 -23.93 -69.73 -65.26
C THR QA 78 -25.13 -69.85 -66.18
N ALA QA 79 -25.17 -70.90 -67.00
CA ALA QA 79 -26.33 -71.13 -67.85
C ALA QA 79 -27.58 -71.39 -67.02
N LEU QA 80 -27.43 -72.12 -65.91
CA LEU QA 80 -28.57 -72.45 -65.07
C LEU QA 80 -29.00 -71.26 -64.21
N CYS QA 81 -28.20 -70.20 -64.18
CA CYS QA 81 -28.61 -68.94 -63.56
C CYS QA 81 -29.27 -68.01 -64.56
N LEU QA 82 -28.74 -67.94 -65.78
CA LEU QA 82 -29.40 -67.19 -66.83
C LEU QA 82 -30.76 -67.81 -67.18
N ARG QA 83 -30.88 -69.12 -67.06
CA ARG QA 83 -32.17 -69.77 -67.28
C ARG QA 83 -33.18 -69.35 -66.22
N ASP QA 84 -32.72 -69.23 -64.96
CA ASP QA 84 -33.60 -68.73 -63.91
C ASP QA 84 -34.00 -67.29 -64.17
N LEU QA 85 -33.07 -66.48 -64.67
CA LEU QA 85 -33.41 -65.10 -65.03
C LEU QA 85 -34.45 -65.06 -66.15
N ASP QA 86 -34.30 -65.94 -67.14
CA ASP QA 86 -35.28 -66.02 -68.22
C ASP QA 86 -36.64 -66.45 -67.69
N TYR QA 87 -36.64 -67.40 -66.75
CA TYR QA 87 -37.89 -67.85 -66.14
C TYR QA 87 -38.58 -66.70 -65.41
N TYR QA 88 -37.80 -65.92 -64.65
CA TYR QA 88 -38.39 -64.83 -63.89
C TYR QA 88 -38.75 -63.62 -64.74
N LEU QA 89 -38.25 -63.55 -65.97
CA LEU QA 89 -38.62 -62.42 -66.83
C LEU QA 89 -40.09 -62.47 -67.22
N ARG QA 90 -40.61 -63.65 -67.61
CA ARG QA 90 -41.97 -63.72 -68.10
C ARG QA 90 -42.98 -63.41 -67.01
N LEU QA 91 -42.64 -63.72 -65.76
CA LEU QA 91 -43.58 -63.54 -64.66
C LEU QA 91 -43.89 -62.07 -64.44
N VAL QA 92 -42.93 -61.18 -64.71
CA VAL QA 92 -43.20 -59.76 -64.51
C VAL QA 92 -44.20 -59.26 -65.56
N THR QA 93 -44.09 -59.73 -66.80
CA THR QA 93 -45.09 -59.36 -67.81
C THR QA 93 -46.44 -59.97 -67.48
N TYR QA 94 -46.44 -61.19 -66.96
CA TYR QA 94 -47.68 -61.84 -66.56
C TYR QA 94 -48.40 -61.03 -65.47
N GLY QA 95 -47.63 -60.58 -64.47
CA GLY QA 95 -48.22 -59.74 -63.43
C GLY QA 95 -48.67 -58.39 -63.97
N ILE QA 96 -47.92 -57.86 -64.95
CA ILE QA 96 -48.29 -56.59 -65.58
C ILE QA 96 -49.67 -56.70 -66.23
N VAL QA 97 -49.90 -57.79 -66.96
CA VAL QA 97 -51.21 -57.97 -67.58
C VAL QA 97 -52.27 -58.37 -66.54
N ALA QA 98 -51.87 -59.03 -65.47
CA ALA QA 98 -52.84 -59.50 -64.47
C ALA QA 98 -53.35 -58.39 -63.57
N GLY QA 99 -52.55 -57.35 -63.32
CA GLY QA 99 -52.99 -56.30 -62.43
C GLY QA 99 -52.92 -56.65 -60.96
N ASP QA 100 -52.30 -57.77 -60.61
CA ASP QA 100 -52.01 -58.12 -59.24
C ASP QA 100 -50.83 -59.06 -59.26
N VAL QA 101 -50.58 -59.74 -58.14
CA VAL QA 101 -49.36 -60.51 -57.99
C VAL QA 101 -49.61 -62.01 -57.89
N THR QA 102 -50.86 -62.44 -57.79
CA THR QA 102 -51.23 -63.82 -57.50
C THR QA 102 -50.65 -64.86 -58.47
N PRO QA 103 -50.63 -64.65 -59.80
CA PRO QA 103 -49.97 -65.65 -60.66
C PRO QA 103 -48.47 -65.75 -60.40
N ILE QA 104 -47.83 -64.60 -60.16
CA ILE QA 104 -46.41 -64.56 -59.84
C ILE QA 104 -46.14 -65.31 -58.55
N GLU QA 105 -46.98 -65.11 -57.53
CA GLU QA 105 -46.81 -65.84 -56.27
C GLU QA 105 -47.01 -67.33 -56.45
N GLU QA 106 -48.03 -67.75 -57.19
CA GLU QA 106 -48.28 -69.18 -57.29
C GLU QA 106 -47.28 -69.85 -58.21
N ILE QA 107 -46.57 -69.08 -59.03
CA ILE QA 107 -45.57 -69.68 -59.89
C ILE QA 107 -44.18 -69.70 -59.25
N GLY QA 108 -43.73 -68.58 -58.69
CA GLY QA 108 -42.34 -68.51 -58.28
C GLY QA 108 -42.01 -67.75 -57.00
N ILE QA 109 -42.98 -67.58 -56.10
CA ILE QA 109 -42.73 -66.91 -54.83
C ILE QA 109 -42.93 -67.82 -53.63
N ILE QA 110 -44.11 -68.40 -53.48
CA ILE QA 110 -44.31 -69.31 -52.36
C ILE QA 110 -43.49 -70.58 -52.59
N GLY QA 111 -42.68 -70.93 -51.59
CA GLY QA 111 -41.75 -72.03 -51.71
C GLY QA 111 -40.43 -71.68 -52.36
N VAL QA 112 -40.25 -70.44 -52.83
CA VAL QA 112 -39.03 -70.08 -53.52
C VAL QA 112 -37.86 -70.01 -52.54
N LYS QA 113 -38.15 -69.70 -51.28
CA LYS QA 113 -37.10 -69.73 -50.28
C LYS QA 113 -36.59 -71.14 -50.06
N GLU QA 114 -37.50 -72.12 -50.02
CA GLU QA 114 -37.09 -73.51 -49.91
C GLU QA 114 -36.34 -73.96 -51.16
N MET QA 115 -36.83 -73.55 -52.34
CA MET QA 115 -36.08 -73.60 -53.59
C MET QA 115 -34.62 -73.22 -53.44
N TYR QA 116 -34.35 -71.98 -53.08
CA TYR QA 116 -32.98 -71.52 -53.18
C TYR QA 116 -32.16 -71.95 -51.96
N ASN QA 117 -32.83 -72.29 -50.85
CA ASN QA 117 -32.11 -72.79 -49.70
C ASN QA 117 -31.66 -74.24 -49.91
N SER QA 118 -32.46 -75.03 -50.63
CA SER QA 118 -32.02 -76.39 -50.95
C SER QA 118 -30.80 -76.36 -51.85
N LEU QA 119 -30.78 -75.46 -52.82
CA LEU QA 119 -29.67 -75.36 -53.75
C LEU QA 119 -28.51 -74.54 -53.22
N GLN QA 120 -28.67 -73.89 -52.07
CA GLN QA 120 -27.60 -73.12 -51.44
C GLN QA 120 -27.19 -71.94 -52.33
N THR QA 121 -28.17 -71.30 -52.93
CA THR QA 121 -28.00 -70.16 -53.80
C THR QA 121 -28.26 -68.87 -53.04
N PRO QA 122 -27.40 -67.86 -53.20
CA PRO QA 122 -27.59 -66.60 -52.47
C PRO QA 122 -28.85 -65.88 -52.94
N ILE QA 123 -29.85 -65.85 -52.05
CA ILE QA 123 -31.13 -65.18 -52.30
C ILE QA 123 -30.91 -63.70 -52.56
N PRO QA 124 -30.12 -62.98 -51.76
CA PRO QA 124 -29.77 -61.60 -52.13
C PRO QA 124 -29.07 -61.48 -53.46
N ALA QA 125 -28.27 -62.47 -53.85
CA ALA QA 125 -27.64 -62.44 -55.17
C ALA QA 125 -28.69 -62.53 -56.26
N VAL QA 126 -29.70 -63.39 -56.08
CA VAL QA 126 -30.78 -63.49 -57.06
C VAL QA 126 -31.58 -62.20 -57.10
N ALA QA 127 -31.81 -61.58 -55.93
CA ALA QA 127 -32.45 -60.28 -55.88
C ALA QA 127 -31.63 -59.21 -56.61
N GLU QA 128 -30.31 -59.28 -56.49
CA GLU QA 128 -29.45 -58.36 -57.25
C GLU QA 128 -29.64 -58.56 -58.75
N GLY QA 129 -29.72 -59.81 -59.19
CA GLY QA 129 -29.93 -60.07 -60.61
C GLY QA 129 -31.25 -59.55 -61.11
N VAL QA 130 -32.32 -59.74 -60.31
CA VAL QA 130 -33.63 -59.21 -60.71
C VAL QA 130 -33.62 -57.69 -60.74
N ARG QA 131 -32.96 -57.06 -59.77
CA ARG QA 131 -32.84 -55.61 -59.77
C ARG QA 131 -32.08 -55.11 -60.99
N ALA QA 132 -31.00 -55.79 -61.36
CA ALA QA 132 -30.27 -55.41 -62.57
C ALA QA 132 -31.12 -55.59 -63.82
N MET QA 133 -31.92 -56.66 -63.86
CA MET QA 133 -32.85 -56.85 -64.96
C MET QA 133 -33.86 -55.72 -65.03
N LYS QA 134 -34.26 -55.18 -63.88
CA LYS QA 134 -35.19 -54.06 -63.84
C LYS QA 134 -34.62 -52.84 -64.57
N ASN QA 135 -33.34 -52.55 -64.37
CA ASN QA 135 -32.74 -51.40 -65.02
C ASN QA 135 -32.66 -51.57 -66.53
N VAL QA 136 -32.28 -52.75 -67.00
CA VAL QA 136 -32.22 -52.99 -68.44
C VAL QA 136 -33.61 -52.93 -69.05
N ALA QA 137 -34.62 -53.41 -68.31
CA ALA QA 137 -35.99 -53.34 -68.82
C ALA QA 137 -36.49 -51.91 -68.87
N THR QA 138 -36.21 -51.11 -67.83
CA THR QA 138 -36.68 -49.73 -67.81
C THR QA 138 -35.92 -48.86 -68.78
N SER QA 139 -34.71 -49.25 -69.18
CA SER QA 139 -33.94 -48.49 -70.15
C SER QA 139 -34.56 -48.53 -71.55
N LEU QA 140 -35.41 -49.51 -71.85
CA LEU QA 140 -36.01 -49.64 -73.17
C LEU QA 140 -37.48 -49.25 -73.19
N LEU QA 141 -37.89 -48.33 -72.32
CA LEU QA 141 -39.28 -47.88 -72.28
C LEU QA 141 -39.32 -46.38 -72.01
N SER QA 142 -40.47 -45.78 -72.31
CA SER QA 142 -40.64 -44.36 -72.07
C SER QA 142 -40.70 -44.05 -70.58
N GLY QA 143 -40.90 -42.77 -70.27
CA GLY QA 143 -40.90 -42.34 -68.87
C GLY QA 143 -42.04 -42.93 -68.07
N ASP QA 144 -43.25 -42.91 -68.62
CA ASP QA 144 -44.40 -43.45 -67.90
C ASP QA 144 -44.38 -44.97 -67.87
N ASP QA 145 -44.02 -45.58 -69.01
CA ASP QA 145 -43.95 -47.04 -69.09
C ASP QA 145 -42.88 -47.63 -68.20
N ALA QA 146 -41.75 -46.92 -68.06
CA ALA QA 146 -40.63 -47.43 -67.29
C ALA QA 146 -41.01 -47.61 -65.82
N ALA QA 147 -41.69 -46.63 -65.23
CA ALA QA 147 -42.10 -46.74 -63.84
C ALA QA 147 -43.12 -47.87 -63.66
N GLU QA 148 -44.01 -48.04 -64.65
CA GLU QA 148 -45.01 -49.09 -64.57
C GLU QA 148 -44.38 -50.47 -64.56
N ALA QA 149 -43.39 -50.69 -65.43
CA ALA QA 149 -42.67 -51.96 -65.39
C ALA QA 149 -41.85 -52.09 -64.11
N GLY QA 150 -41.29 -50.98 -63.65
CA GLY QA 150 -40.49 -51.00 -62.43
C GLY QA 150 -41.29 -51.35 -61.21
N PHE QA 151 -42.59 -51.07 -61.21
CA PHE QA 151 -43.44 -51.49 -60.10
C PHE QA 151 -43.44 -53.00 -59.92
N TYR QA 152 -43.62 -53.75 -61.02
CA TYR QA 152 -43.65 -55.20 -60.90
C TYR QA 152 -42.27 -55.78 -60.69
N PHE QA 153 -41.24 -55.16 -61.28
CA PHE QA 153 -39.87 -55.61 -60.99
C PHE QA 153 -39.53 -55.38 -59.52
N ASP QA 154 -39.99 -54.27 -58.95
CA ASP QA 154 -39.85 -54.01 -57.53
C ASP QA 154 -40.61 -55.02 -56.70
N TYR QA 155 -41.79 -55.43 -57.16
CA TYR QA 155 -42.52 -56.49 -56.45
C TYR QA 155 -41.71 -57.78 -56.42
N LEU QA 156 -41.10 -58.15 -57.55
CA LEU QA 156 -40.27 -59.35 -57.57
C LEU QA 156 -39.09 -59.24 -56.63
N VAL QA 157 -38.46 -58.05 -56.60
CA VAL QA 157 -37.34 -57.83 -55.69
C VAL QA 157 -37.78 -57.96 -54.24
N GLY QA 158 -38.93 -57.40 -53.91
CA GLY QA 158 -39.44 -57.51 -52.55
C GLY QA 158 -39.81 -58.93 -52.17
N ALA QA 159 -40.39 -59.68 -53.11
CA ALA QA 159 -40.81 -61.04 -52.82
C ALA QA 159 -39.62 -61.98 -52.68
N MET QA 160 -38.53 -61.70 -53.40
CA MET QA 160 -37.35 -62.55 -53.24
C MET QA 160 -36.67 -62.39 -51.88
N GLN QA 161 -36.99 -61.38 -51.08
CA GLN QA 161 -36.37 -61.22 -49.78
C GLN QA 161 -37.40 -61.32 -48.67
N MET RA 1 -59.35 -71.52 -60.03
CA MET RA 1 -60.05 -71.07 -61.22
C MET RA 1 -59.15 -70.23 -62.11
N GLN RA 2 -59.76 -69.50 -63.04
CA GLN RA 2 -59.03 -68.70 -64.00
C GLN RA 2 -60.00 -67.89 -64.84
N ASP RA 3 -59.46 -66.87 -65.49
CA ASP RA 3 -60.19 -66.03 -66.43
C ASP RA 3 -59.56 -66.21 -67.80
N ALA RA 4 -59.95 -65.37 -68.75
CA ALA RA 4 -59.34 -65.43 -70.08
C ALA RA 4 -57.85 -65.10 -70.02
N ILE RA 5 -57.49 -64.01 -69.34
CA ILE RA 5 -56.09 -63.58 -69.27
C ILE RA 5 -55.25 -64.61 -68.54
N THR RA 6 -55.71 -65.04 -67.37
CA THR RA 6 -54.97 -66.03 -66.60
C THR RA 6 -54.94 -67.38 -67.30
N ALA RA 7 -55.99 -67.71 -68.05
CA ALA RA 7 -56.02 -68.96 -68.79
C ALA RA 7 -54.97 -68.97 -69.89
N VAL RA 8 -54.88 -67.87 -70.66
CA VAL RA 8 -53.84 -67.76 -71.68
C VAL RA 8 -52.46 -67.78 -71.03
N ILE RA 9 -52.31 -67.09 -69.91
CA ILE RA 9 -51.03 -67.03 -69.21
C ILE RA 9 -50.59 -68.41 -68.76
N ASN RA 10 -51.50 -69.18 -68.16
CA ASN RA 10 -51.15 -70.53 -67.72
C ASN RA 10 -50.91 -71.46 -68.91
N ASN RA 11 -51.68 -71.31 -69.99
CA ASN RA 11 -51.51 -72.17 -71.15
C ASN RA 11 -50.17 -71.91 -71.83
N TYR RA 12 -49.64 -70.70 -71.71
CA TYR RA 12 -48.31 -70.46 -72.25
C TYR RA 12 -47.21 -70.80 -71.24
N ASP RA 13 -47.47 -70.64 -69.94
CA ASP RA 13 -46.46 -70.95 -68.95
C ASP RA 13 -46.23 -72.45 -68.84
N VAL RA 14 -47.25 -73.25 -69.13
CA VAL RA 14 -47.06 -74.70 -69.14
C VAL RA 14 -46.10 -75.12 -70.25
N GLN RA 15 -46.12 -74.43 -71.38
CA GLN RA 15 -45.19 -74.70 -72.48
C GLN RA 15 -43.91 -73.90 -72.36
N GLY RA 16 -43.82 -72.98 -71.41
CA GLY RA 16 -42.61 -72.18 -71.28
C GLY RA 16 -42.38 -71.25 -72.44
N LYS RA 17 -43.44 -70.63 -72.93
CA LYS RA 17 -43.37 -69.75 -74.09
C LYS RA 17 -43.70 -68.32 -73.71
N TYR RA 18 -42.96 -67.37 -74.28
CA TYR RA 18 -43.33 -65.97 -74.13
C TYR RA 18 -44.63 -65.71 -74.88
N LEU RA 19 -45.29 -64.61 -74.52
CA LEU RA 19 -46.53 -64.24 -75.17
C LEU RA 19 -46.25 -63.80 -76.61
N ASP RA 20 -46.76 -64.55 -77.57
CA ASP RA 20 -46.56 -64.30 -78.99
C ASP RA 20 -47.80 -63.64 -79.59
N GLY RA 21 -47.82 -63.56 -80.91
CA GLY RA 21 -48.91 -62.87 -81.60
C GLY RA 21 -50.27 -63.48 -81.37
N ALA RA 22 -50.34 -64.82 -81.31
CA ALA RA 22 -51.62 -65.47 -81.09
C ALA RA 22 -52.18 -65.17 -79.71
N ALA RA 23 -51.32 -65.24 -78.68
CA ALA RA 23 -51.75 -64.91 -77.33
C ALA RA 23 -52.15 -63.44 -77.23
N LEU RA 24 -51.40 -62.56 -77.89
CA LEU RA 24 -51.76 -61.15 -77.92
C LEU RA 24 -53.11 -60.93 -78.58
N ASP RA 25 -53.38 -61.64 -79.68
CA ASP RA 25 -54.67 -61.51 -80.35
C ASP RA 25 -55.81 -62.00 -79.46
N LYS RA 26 -55.60 -63.12 -78.76
CA LYS RA 26 -56.63 -63.63 -77.86
C LYS RA 26 -56.91 -62.64 -76.73
N LEU RA 27 -55.84 -62.09 -76.14
CA LEU RA 27 -56.01 -61.11 -75.07
C LEU RA 27 -56.71 -59.86 -75.58
N LYS RA 28 -56.37 -59.41 -76.79
CA LYS RA 28 -57.02 -58.24 -77.37
C LYS RA 28 -58.49 -58.50 -77.62
N ALA RA 29 -58.81 -59.70 -78.10
CA ALA RA 29 -60.21 -60.08 -78.33
C ALA RA 29 -61.00 -60.06 -77.03
N TYR RA 30 -60.42 -60.55 -75.94
CA TYR RA 30 -61.09 -60.43 -74.65
C TYR RA 30 -61.20 -58.96 -74.23
N PHE RA 31 -60.16 -58.17 -74.48
CA PHE RA 31 -60.15 -56.77 -74.03
C PHE RA 31 -61.24 -55.95 -74.69
N THR RA 32 -61.50 -56.20 -75.98
CA THR RA 32 -62.49 -55.39 -76.69
C THR RA 32 -63.90 -55.55 -76.14
N THR RA 33 -64.22 -56.69 -75.50
CA THR RA 33 -65.55 -56.94 -74.97
C THR RA 33 -65.65 -56.77 -73.46
N GLY RA 34 -64.69 -56.10 -72.83
CA GLY RA 34 -64.71 -55.96 -71.38
C GLY RA 34 -65.86 -55.12 -70.88
N ALA RA 35 -66.12 -53.98 -71.54
CA ALA RA 35 -67.12 -53.04 -71.03
C ALA RA 35 -68.53 -53.61 -71.11
N VAL RA 36 -68.82 -54.35 -72.18
CA VAL RA 36 -70.14 -54.95 -72.33
C VAL RA 36 -70.41 -55.96 -71.22
N ARG RA 37 -69.39 -56.76 -70.87
CA ARG RA 37 -69.53 -57.68 -69.75
C ARG RA 37 -69.78 -56.94 -68.45
N VAL RA 38 -69.11 -55.80 -68.25
CA VAL RA 38 -69.28 -55.00 -67.04
C VAL RA 38 -70.73 -54.49 -66.93
N ARG RA 39 -71.25 -53.94 -68.03
CA ARG RA 39 -72.61 -53.40 -67.98
C ARG RA 39 -73.64 -54.51 -67.81
N ALA RA 40 -73.41 -55.66 -68.46
CA ALA RA 40 -74.33 -56.79 -68.29
C ALA RA 40 -74.32 -57.29 -66.85
N ALA RA 41 -73.14 -57.37 -66.24
CA ALA RA 41 -73.05 -57.78 -64.85
C ALA RA 41 -73.74 -56.78 -63.92
N ALA RA 42 -73.57 -55.49 -64.19
CA ALA RA 42 -74.27 -54.47 -63.39
C ALA RA 42 -75.78 -54.60 -63.52
N VAL RA 43 -76.27 -54.84 -64.73
CA VAL RA 43 -77.71 -55.02 -64.94
C VAL RA 43 -78.22 -56.25 -64.19
N ILE RA 44 -77.47 -57.35 -64.25
CA ILE RA 44 -77.89 -58.58 -63.58
C ILE RA 44 -77.90 -58.38 -62.07
N SER RA 45 -76.90 -57.67 -61.55
CA SER RA 45 -76.85 -57.39 -60.12
C SER RA 45 -78.02 -56.52 -59.69
N SER RA 46 -78.36 -55.52 -60.51
CA SER RA 46 -79.51 -54.68 -60.20
C SER RA 46 -80.84 -55.43 -60.30
N ASN RA 47 -80.93 -56.45 -61.14
CA ASN RA 47 -82.17 -57.19 -61.34
C ASN RA 47 -82.11 -58.63 -60.86
N ALA RA 48 -81.26 -58.94 -59.88
CA ALA RA 48 -81.07 -60.28 -59.34
C ALA RA 48 -82.36 -61.00 -58.95
N THR RA 49 -83.14 -60.44 -58.02
CA THR RA 49 -84.30 -61.17 -57.53
C THR RA 49 -85.40 -61.22 -58.58
N THR RA 50 -85.44 -60.25 -59.49
CA THR RA 50 -86.39 -60.31 -60.60
C THR RA 50 -86.10 -61.49 -61.52
N ILE RA 51 -84.83 -61.74 -61.79
CA ILE RA 51 -84.45 -62.85 -62.67
C ILE RA 51 -84.93 -64.17 -62.07
N ILE RA 52 -84.67 -64.38 -60.77
CA ILE RA 52 -85.11 -65.60 -60.08
C ILE RA 52 -86.64 -65.65 -60.02
N LYS RA 53 -87.29 -64.49 -59.84
CA LYS RA 53 -88.73 -64.48 -59.62
C LYS RA 53 -89.49 -64.92 -60.87
N GLU RA 54 -89.31 -64.19 -61.98
CA GLU RA 54 -89.91 -64.66 -63.23
C GLU RA 54 -89.32 -65.98 -63.72
N ALA RA 55 -88.09 -66.34 -63.34
CA ALA RA 55 -87.58 -67.66 -63.70
C ALA RA 55 -88.40 -68.77 -63.05
N ALA RA 56 -88.63 -68.65 -61.74
CA ALA RA 56 -89.47 -69.60 -61.04
C ALA RA 56 -90.90 -69.57 -61.56
N ALA RA 57 -91.39 -68.37 -61.89
CA ALA RA 57 -92.75 -68.24 -62.42
C ALA RA 57 -92.91 -68.98 -63.74
N LYS RA 58 -91.93 -68.87 -64.64
CA LYS RA 58 -92.03 -69.52 -65.93
C LYS RA 58 -91.71 -71.01 -65.89
N ALA RA 59 -90.87 -71.46 -64.97
CA ALA RA 59 -90.38 -72.83 -65.04
C ALA RA 59 -90.78 -73.75 -63.89
N LEU RA 60 -90.96 -73.23 -62.68
CA LEU RA 60 -91.01 -74.11 -61.52
C LEU RA 60 -92.37 -74.13 -60.83
N ILE RA 61 -92.85 -72.97 -60.42
CA ILE RA 61 -94.05 -72.88 -59.58
C ILE RA 61 -95.30 -73.17 -60.41
N TYR RA 62 -96.44 -73.34 -59.71
CA TYR RA 62 -97.70 -73.73 -60.34
C TYR RA 62 -97.59 -75.09 -61.02
N SER RA 63 -97.07 -76.07 -60.28
CA SER RA 63 -96.94 -77.43 -60.79
C SER RA 63 -96.91 -78.38 -59.61
N ASP RA 64 -96.54 -79.64 -59.91
CA ASP RA 64 -96.50 -80.66 -58.86
C ASP RA 64 -95.29 -80.48 -57.96
N LEU RA 65 -94.31 -79.68 -58.38
CA LEU RA 65 -93.14 -79.42 -57.54
C LEU RA 65 -93.54 -78.68 -56.27
N THR RA 66 -94.46 -77.72 -56.38
CA THR RA 66 -94.90 -76.92 -55.25
C THR RA 66 -95.95 -77.59 -54.39
N ARG RA 67 -96.53 -78.69 -54.87
CA ARG RA 67 -97.57 -79.42 -54.16
C ARG RA 67 -96.98 -80.52 -53.29
N PRO RA 68 -97.79 -81.14 -52.44
CA PRO RA 68 -97.30 -82.31 -51.68
C PRO RA 68 -96.85 -83.42 -52.61
N GLY RA 69 -95.77 -84.09 -52.22
CA GLY RA 69 -95.11 -85.05 -53.08
C GLY RA 69 -94.02 -84.45 -53.95
N GLY RA 70 -93.95 -83.13 -54.03
CA GLY RA 70 -92.92 -82.46 -54.79
C GLY RA 70 -91.63 -82.36 -54.01
N MEN RA 71 -90.53 -82.16 -54.73
CA MEN RA 71 -89.22 -82.10 -54.13
C MEN RA 71 -88.93 -80.68 -53.66
O MEN RA 71 -88.02 -80.36 -52.90
CB MEN RA 71 -88.10 -82.53 -55.09
CG MEN RA 71 -86.75 -82.58 -54.40
OD1 MEN RA 71 -85.87 -81.76 -54.71
ND2 MEN RA 71 -86.55 -83.56 -53.46
CE2 MEN RA 71 -85.32 -83.71 -52.74
N MET RA 72 -89.80 -79.79 -54.14
CA MET RA 72 -89.55 -78.36 -54.04
C MET RA 72 -90.70 -77.75 -53.24
N TYR RA 73 -91.57 -78.65 -52.77
CA TYR RA 73 -92.64 -78.34 -51.83
C TYR RA 73 -92.08 -78.02 -50.45
N THR RA 74 -92.82 -77.22 -49.67
CA THR RA 74 -92.53 -76.75 -48.32
C THR RA 74 -91.59 -75.56 -48.34
N THR RA 75 -91.64 -74.74 -47.27
CA THR RA 75 -90.87 -73.51 -47.23
C THR RA 75 -89.38 -73.76 -47.28
N ARG RA 76 -88.90 -74.77 -46.55
CA ARG RA 76 -87.48 -75.08 -46.54
C ARG RA 76 -86.98 -75.47 -47.93
N ARG RA 77 -87.69 -76.38 -48.60
CA ARG RA 77 -87.26 -76.81 -49.93
C ARG RA 77 -87.37 -75.70 -50.95
N TYR RA 78 -88.42 -74.87 -50.89
CA TYR RA 78 -88.53 -73.76 -51.82
C TYR RA 78 -87.41 -72.75 -51.59
N ALA RA 79 -87.08 -72.47 -50.33
CA ALA RA 79 -85.99 -71.55 -50.04
C ALA RA 79 -84.67 -72.11 -50.53
N ALA RA 80 -84.45 -73.42 -50.36
CA ALA RA 80 -83.23 -74.05 -50.86
C ALA RA 80 -83.16 -73.95 -52.38
N CYS RA 81 -84.29 -74.17 -53.05
CA CYS RA 81 -84.35 -74.04 -54.50
C CYS RA 81 -83.99 -72.63 -54.96
N ILE RA 82 -84.64 -71.62 -54.38
CA ILE RA 82 -84.36 -70.25 -54.81
C ILE RA 82 -82.97 -69.79 -54.42
N ARG RA 83 -82.43 -70.28 -53.30
CA ARG RA 83 -81.04 -70.00 -52.96
C ARG RA 83 -80.11 -70.60 -54.00
N ASP RA 84 -80.43 -71.80 -54.48
CA ASP RA 84 -79.66 -72.40 -55.56
C ASP RA 84 -79.75 -71.55 -56.82
N MET RA 85 -80.93 -71.02 -57.14
CA MET RA 85 -81.07 -70.14 -58.31
C MET RA 85 -80.21 -68.89 -58.15
N ASP RA 86 -80.19 -68.31 -56.94
CA ASP RA 86 -79.37 -67.12 -56.72
C ASP RA 86 -77.88 -67.43 -56.89
N TYR RA 87 -77.45 -68.58 -56.37
CA TYR RA 87 -76.05 -68.98 -56.55
C TYR RA 87 -75.72 -69.21 -58.02
N PHE RA 88 -76.65 -69.83 -58.76
CA PHE RA 88 -76.43 -70.05 -60.18
C PHE RA 88 -76.31 -68.73 -60.93
N LEU RA 89 -77.17 -67.76 -60.58
CA LEU RA 89 -77.11 -66.45 -61.22
C LEU RA 89 -75.80 -65.74 -60.91
N ARG RA 90 -75.38 -65.77 -59.65
CA ARG RA 90 -74.16 -65.06 -59.26
C ARG RA 90 -72.92 -65.72 -59.90
N TYR RA 91 -72.88 -67.05 -59.94
CA TYR RA 91 -71.73 -67.71 -60.52
C TYR RA 91 -71.73 -67.58 -62.04
N ALA RA 92 -72.91 -67.51 -62.65
CA ALA RA 92 -72.98 -67.23 -64.09
C ALA RA 92 -72.47 -65.83 -64.38
N THR RA 93 -72.80 -64.86 -63.52
CA THR RA 93 -72.27 -63.52 -63.66
C THR RA 93 -70.75 -63.51 -63.53
N TYR RA 94 -70.22 -64.27 -62.56
CA TYR RA 94 -68.77 -64.39 -62.40
C TYR RA 94 -68.13 -65.00 -63.64
N ALA RA 95 -68.74 -66.06 -64.18
CA ALA RA 95 -68.19 -66.72 -65.36
C ALA RA 95 -68.19 -65.78 -66.57
N MET RA 96 -69.28 -65.03 -66.74
CA MET RA 96 -69.35 -64.09 -67.85
C MET RA 96 -68.33 -62.97 -67.69
N LEU RA 97 -68.14 -62.48 -66.46
CA LEU RA 97 -67.17 -61.42 -66.23
C LEU RA 97 -65.75 -61.91 -66.47
N ALA RA 98 -65.44 -63.12 -66.02
CA ALA RA 98 -64.08 -63.64 -66.16
C ALA RA 98 -63.82 -64.20 -67.55
N GLY RA 99 -64.85 -64.43 -68.35
CA GLY RA 99 -64.66 -65.02 -69.65
C GLY RA 99 -64.13 -66.44 -69.62
N ASP RA 100 -64.49 -67.20 -68.59
CA ASP RA 100 -64.02 -68.57 -68.47
C ASP RA 100 -64.92 -69.39 -67.57
N PRO RA 101 -65.29 -70.61 -67.97
CA PRO RA 101 -66.09 -71.48 -67.10
C PRO RA 101 -65.29 -72.23 -66.05
N SER RA 102 -64.03 -71.85 -65.82
CA SER RA 102 -63.21 -72.55 -64.83
C SER RA 102 -63.80 -72.40 -63.42
N ILE RA 103 -64.27 -71.20 -63.09
CA ILE RA 103 -64.91 -71.01 -61.79
C ILE RA 103 -66.19 -71.82 -61.70
N LEU RA 104 -66.92 -71.96 -62.81
CA LEU RA 104 -68.11 -72.79 -62.82
C LEU RA 104 -67.76 -74.25 -62.55
N ASP RA 105 -66.70 -74.75 -63.18
CA ASP RA 105 -66.29 -76.13 -62.96
C ASP RA 105 -65.80 -76.35 -61.53
N GLU RA 106 -65.04 -75.40 -60.99
CA GLU RA 106 -64.41 -75.62 -59.70
C GLU RA 106 -65.37 -75.41 -58.54
N ARG RA 107 -66.14 -74.33 -58.56
CA ARG RA 107 -66.95 -73.94 -57.42
C ARG RA 107 -68.45 -74.14 -57.61
N VAL RA 108 -68.89 -74.71 -58.73
CA VAL RA 108 -70.31 -74.93 -58.94
C VAL RA 108 -70.61 -76.40 -59.22
N LEU RA 109 -70.04 -76.93 -60.30
CA LEU RA 109 -70.47 -78.23 -60.79
C LEU RA 109 -69.79 -79.40 -60.09
N ASN RA 110 -68.80 -79.13 -59.24
CA ASN RA 110 -68.03 -80.22 -58.64
C ASN RA 110 -68.85 -80.98 -57.60
N GLY RA 111 -69.34 -82.16 -57.98
CA GLY RA 111 -70.10 -83.00 -57.09
C GLY RA 111 -71.56 -82.64 -56.95
N LEU RA 112 -72.01 -81.57 -57.61
CA LEU RA 112 -73.40 -81.13 -57.46
C LEU RA 112 -74.36 -82.14 -58.06
N LYS RA 113 -73.97 -82.80 -59.16
CA LYS RA 113 -74.83 -83.78 -59.81
C LYS RA 113 -75.14 -84.95 -58.87
N GLU RA 114 -74.09 -85.55 -58.30
CA GLU RA 114 -74.30 -86.68 -57.41
C GLU RA 114 -74.90 -86.23 -56.08
N THR RA 115 -74.63 -85.00 -55.65
CA THR RA 115 -75.30 -84.47 -54.47
C THR RA 115 -76.80 -84.36 -54.68
N TYR RA 116 -77.21 -83.86 -55.85
CA TYR RA 116 -78.63 -83.79 -56.17
C TYR RA 116 -79.22 -85.18 -56.33
N ASN RA 117 -78.45 -86.13 -56.85
CA ASN RA 117 -78.93 -87.50 -56.94
C ASN RA 117 -79.18 -88.09 -55.56
N SER RA 118 -78.27 -87.84 -54.62
CA SER RA 118 -78.47 -88.31 -53.25
C SER RA 118 -79.66 -87.63 -52.59
N LEU RA 119 -79.82 -86.32 -52.78
CA LEU RA 119 -80.89 -85.60 -52.12
C LEU RA 119 -82.26 -85.84 -52.74
N GLY RA 120 -82.33 -86.13 -54.04
CA GLY RA 120 -83.59 -86.30 -54.72
C GLY RA 120 -84.06 -85.11 -55.53
N VAL RA 121 -83.22 -84.09 -55.70
CA VAL RA 121 -83.61 -82.88 -56.43
C VAL RA 121 -83.78 -83.19 -57.91
N PRO RA 122 -84.76 -82.60 -58.59
CA PRO RA 122 -84.95 -82.87 -60.02
C PRO RA 122 -83.95 -82.14 -60.91
N ILE RA 123 -83.08 -82.91 -61.56
CA ILE RA 123 -82.05 -82.34 -62.42
C ILE RA 123 -82.68 -81.64 -63.62
N ALA RA 124 -83.70 -82.27 -64.21
CA ALA RA 124 -84.35 -81.68 -65.38
C ALA RA 124 -85.04 -80.37 -65.03
N ALA RA 125 -85.72 -80.32 -63.87
CA ALA RA 125 -86.34 -79.08 -63.42
C ALA RA 125 -85.29 -78.01 -63.14
N THR RA 126 -84.15 -78.38 -62.56
CA THR RA 126 -83.09 -77.41 -62.33
C THR RA 126 -82.56 -76.86 -63.64
N VAL RA 127 -82.38 -77.72 -64.64
CA VAL RA 127 -81.90 -77.26 -65.95
C VAL RA 127 -82.93 -76.36 -66.60
N GLY RA 128 -84.22 -76.67 -66.43
CA GLY RA 128 -85.26 -75.80 -66.93
C GLY RA 128 -85.25 -74.43 -66.29
N GLY RA 129 -85.05 -74.37 -64.97
CA GLY RA 129 -84.90 -73.09 -64.31
C GLY RA 129 -83.66 -72.33 -64.75
N ILE RA 130 -82.57 -73.05 -65.03
CA ILE RA 130 -81.36 -72.44 -65.54
C ILE RA 130 -81.63 -71.78 -66.89
N GLN RA 131 -82.29 -72.51 -67.79
CA GLN RA 131 -82.69 -71.92 -69.07
C GLN RA 131 -83.66 -70.76 -68.87
N ALA RA 132 -84.50 -70.81 -67.85
CA ALA RA 132 -85.42 -69.72 -67.57
C ALA RA 132 -84.69 -68.43 -67.22
N MET RA 133 -83.76 -68.48 -66.25
CA MET RA 133 -83.02 -67.25 -65.97
C MET RA 133 -82.10 -66.88 -67.12
N LYS RA 134 -81.67 -67.85 -67.93
CA LYS RA 134 -80.90 -67.52 -69.11
C LYS RA 134 -81.73 -66.68 -70.07
N GLU RA 135 -83.00 -67.06 -70.28
CA GLU RA 135 -83.90 -66.27 -71.12
C GLU RA 135 -84.12 -64.88 -70.53
N VAL RA 136 -84.32 -64.82 -69.21
CA VAL RA 136 -84.60 -63.54 -68.57
C VAL RA 136 -83.39 -62.60 -68.69
N VAL RA 137 -82.19 -63.12 -68.43
CA VAL RA 137 -80.98 -62.31 -68.51
C VAL RA 137 -80.70 -61.91 -69.95
N GLY RA 138 -80.98 -62.81 -70.90
CA GLY RA 138 -80.82 -62.46 -72.30
C GLY RA 138 -81.74 -61.35 -72.74
N GLY RA 139 -82.98 -61.37 -72.27
CA GLY RA 139 -83.88 -60.28 -72.54
C GLY RA 139 -83.43 -58.98 -71.90
N LEU RA 140 -82.94 -59.07 -70.66
CA LEU RA 140 -82.60 -57.85 -69.92
C LEU RA 140 -81.35 -57.19 -70.47
N VAL RA 141 -80.29 -57.96 -70.71
CA VAL RA 141 -78.99 -57.39 -71.03
C VAL RA 141 -78.95 -56.70 -72.39
N GLY RA 142 -79.66 -57.23 -73.38
CA GLY RA 142 -79.62 -56.66 -74.71
C GLY RA 142 -78.68 -57.39 -75.64
N PRO RA 143 -78.62 -56.94 -76.89
CA PRO RA 143 -77.78 -57.61 -77.89
C PRO RA 143 -76.29 -57.64 -77.55
N ASP RA 144 -75.84 -56.65 -76.78
CA ASP RA 144 -74.40 -56.49 -76.52
C ASP RA 144 -73.80 -57.66 -75.77
N ALA RA 145 -74.49 -58.15 -74.74
CA ALA RA 145 -73.97 -59.25 -73.92
C ALA RA 145 -74.90 -60.45 -73.85
N ALA RA 146 -75.88 -60.57 -74.74
CA ALA RA 146 -76.85 -61.65 -74.66
C ALA RA 146 -76.19 -63.02 -74.85
N LYS RA 147 -75.45 -63.17 -75.95
CA LYS RA 147 -74.81 -64.46 -76.23
C LYS RA 147 -73.74 -64.78 -75.19
N GLU RA 148 -72.96 -63.77 -74.80
CA GLU RA 148 -71.90 -63.98 -73.83
C GLU RA 148 -72.46 -64.42 -72.48
N ALA RA 149 -73.58 -63.81 -72.06
CA ALA RA 149 -74.24 -64.27 -70.84
C ALA RA 149 -74.81 -65.67 -71.02
N SER RA 150 -75.40 -65.95 -72.18
CA SER RA 150 -76.15 -67.20 -72.37
C SER RA 150 -75.23 -68.40 -72.45
N ILE RA 151 -73.99 -68.21 -72.92
CA ILE RA 151 -73.09 -69.35 -73.11
C ILE RA 151 -72.74 -70.01 -71.79
N TYR RA 152 -72.59 -69.22 -70.71
CA TYR RA 152 -72.27 -69.81 -69.42
C TYR RA 152 -73.47 -70.48 -68.77
N PHE RA 153 -74.69 -69.96 -68.98
CA PHE RA 153 -75.86 -70.69 -68.54
C PHE RA 153 -75.98 -72.02 -69.28
N ASP RA 154 -75.66 -72.02 -70.57
CA ASP RA 154 -75.61 -73.27 -71.33
C ASP RA 154 -74.55 -74.20 -70.78
N TYR RA 155 -73.40 -73.65 -70.38
CA TYR RA 155 -72.35 -74.46 -69.75
C TYR RA 155 -72.84 -75.11 -68.47
N LEU RA 156 -73.53 -74.34 -67.62
CA LEU RA 156 -74.07 -74.88 -66.37
C LEU RA 156 -75.10 -75.97 -66.65
N SER RA 157 -76.00 -75.73 -67.61
CA SER RA 157 -77.02 -76.72 -67.95
C SER RA 157 -76.40 -77.99 -68.50
N SER RA 158 -75.40 -77.87 -69.37
CA SER RA 158 -74.70 -79.02 -69.91
C SER RA 158 -73.94 -79.79 -68.84
N GLY RA 159 -73.30 -79.10 -67.90
CA GLY RA 159 -72.63 -79.80 -66.81
C GLY RA 159 -73.58 -80.53 -65.90
N LEU RA 160 -74.70 -79.90 -65.56
CA LEU RA 160 -75.70 -80.56 -64.72
C LEU RA 160 -76.34 -81.76 -65.42
N SER RA 161 -76.63 -81.62 -66.71
CA SER RA 161 -77.27 -82.70 -67.46
C SER RA 161 -76.27 -83.74 -67.92
N SER SA 2 52.12 11.76 117.82
CA SER SA 2 52.12 10.57 118.66
C SER SA 2 50.93 9.68 118.35
N VAL SA 3 50.94 8.47 118.92
CA VAL SA 3 49.82 7.56 118.72
C VAL SA 3 48.55 8.11 119.34
N LEU SA 4 48.66 8.70 120.54
CA LEU SA 4 47.50 9.32 121.18
C LEU SA 4 46.96 10.46 120.33
N THR SA 5 47.85 11.29 119.79
CA THR SA 5 47.44 12.41 118.95
C THR SA 5 46.73 11.92 117.69
N LYS SA 6 47.28 10.89 117.05
CA LYS SA 6 46.67 10.35 115.83
C LYS SA 6 45.30 9.76 116.12
N ALA SA 7 45.18 8.98 117.21
CA ALA SA 7 43.92 8.36 117.56
C ALA SA 7 42.87 9.41 117.89
N ILE SA 8 43.25 10.43 118.65
CA ILE SA 8 42.30 11.48 119.02
C ILE SA 8 41.89 12.27 117.80
N VAL SA 9 42.82 12.50 116.88
CA VAL SA 9 42.51 13.24 115.66
C VAL SA 9 41.51 12.47 114.81
N ASN SA 10 41.74 11.16 114.64
CA ASN SA 10 40.78 10.35 113.88
C ASN SA 10 39.42 10.29 114.55
N ALA SA 11 39.39 10.13 115.88
CA ALA SA 11 38.12 10.06 116.59
C ALA SA 11 37.35 11.37 116.47
N ASP SA 12 38.03 12.50 116.60
CA ASP SA 12 37.35 13.80 116.47
C ASP SA 12 36.91 14.04 115.03
N ALA SA 13 37.72 13.59 114.07
CA ALA SA 13 37.36 13.77 112.67
C ALA SA 13 36.12 12.99 112.30
N GLU SA 14 35.99 11.75 112.79
CA GLU SA 14 34.80 10.97 112.53
C GLU SA 14 33.69 11.23 113.54
N ALA SA 15 33.93 12.09 114.53
CA ALA SA 15 32.90 12.53 115.46
C ALA SA 15 32.37 11.36 116.29
N ARG SA 16 33.27 10.67 116.97
CA ARG SA 16 32.91 9.49 117.74
C ARG SA 16 33.95 9.26 118.82
N TYR SA 17 33.61 8.39 119.76
CA TYR SA 17 34.59 7.96 120.75
C TYR SA 17 35.62 7.04 120.11
N LEU SA 18 36.66 6.74 120.88
CA LEU SA 18 37.75 5.93 120.34
C LEU SA 18 37.29 4.50 120.08
N SER SA 19 37.79 3.93 119.00
CA SER SA 19 37.48 2.56 118.62
C SER SA 19 38.23 1.58 119.51
N PRO SA 20 37.76 0.32 119.57
CA PRO SA 20 38.51 -0.70 120.33
C PRO SA 20 39.93 -0.91 119.82
N GLY SA 21 40.14 -0.82 118.51
CA GLY SA 21 41.49 -0.91 117.98
C GLY SA 21 42.38 0.22 118.44
N GLU SA 22 41.82 1.44 118.45
CA GLU SA 22 42.57 2.58 118.96
C GLU SA 22 42.89 2.44 120.44
N LEU SA 23 41.93 1.93 121.22
CA LEU SA 23 42.18 1.68 122.63
C LEU SA 23 43.29 0.65 122.83
N ASP SA 24 43.26 -0.42 122.01
CA ASP SA 24 44.27 -1.45 122.12
C ASP SA 24 45.65 -0.93 121.75
N ARG SA 25 45.72 -0.09 120.70
CA ARG SA 25 47.03 0.47 120.33
C ARG SA 25 47.53 1.46 121.38
N ILE SA 26 46.63 2.21 122.01
CA ILE SA 26 47.03 3.08 123.12
C ILE SA 26 47.57 2.26 124.27
N LYS SA 27 46.91 1.15 124.59
CA LYS SA 27 47.36 0.28 125.66
C LYS SA 27 48.74 -0.31 125.34
N SER SA 28 48.94 -0.74 124.10
CA SER SA 28 50.24 -1.28 123.70
C SER SA 28 51.32 -0.21 123.79
N PHE SA 29 51.02 1.01 123.38
CA PHE SA 29 52.00 2.08 123.43
C PHE SA 29 52.38 2.41 124.88
N VAL SA 30 51.38 2.49 125.75
CA VAL SA 30 51.68 2.79 127.16
C VAL SA 30 52.44 1.64 127.79
N ALA SA 31 52.20 0.41 127.33
CA ALA SA 31 53.00 -0.72 127.80
C ALA SA 31 54.44 -0.62 127.35
N SER SA 32 54.68 -0.19 126.11
CA SER SA 32 56.03 -0.12 125.55
C SER SA 32 56.75 1.19 125.87
N GLY SA 33 56.08 2.11 126.57
CA GLY SA 33 56.65 3.39 126.90
C GLY SA 33 57.98 3.39 127.63
N GLU SA 34 58.14 2.55 128.66
CA GLU SA 34 59.40 2.55 129.40
C GLU SA 34 60.55 2.00 128.56
N ARG SA 35 60.27 1.00 127.70
CA ARG SA 35 61.29 0.52 126.78
C ARG SA 35 61.69 1.60 125.80
N ARG SA 36 60.70 2.36 125.30
CA ARG SA 36 60.99 3.47 124.42
C ARG SA 36 61.84 4.52 125.11
N LEU SA 37 61.53 4.80 126.39
CA LEU SA 37 62.31 5.75 127.16
C LEU SA 37 63.75 5.26 127.34
N ARG SA 38 63.93 3.98 127.59
CA ARG SA 38 65.28 3.43 127.74
C ARG SA 38 66.07 3.54 126.43
N ILE SA 39 65.43 3.23 125.31
CA ILE SA 39 66.11 3.33 124.02
C ILE SA 39 66.50 4.78 123.72
N ALA SA 40 65.58 5.71 123.98
CA ALA SA 40 65.87 7.12 123.78
C ALA SA 40 67.00 7.60 124.68
N GLN SA 41 67.01 7.15 125.94
CA GLN SA 41 68.09 7.52 126.85
C GLN SA 41 69.43 7.01 126.36
N THR SA 42 69.46 5.76 125.85
CA THR SA 42 70.71 5.20 125.33
C THR SA 42 71.21 6.00 124.12
N LEU SA 43 70.29 6.33 123.21
CA LEU SA 43 70.70 7.09 122.03
C LEU SA 43 71.16 8.50 122.41
N THR SA 44 70.48 9.14 123.36
CA THR SA 44 70.88 10.45 123.83
C THR SA 44 72.26 10.42 124.47
N GLU SA 45 72.54 9.36 125.23
CA GLU SA 45 73.84 9.22 125.85
C GLU SA 45 74.93 8.97 124.81
N ALA SA 46 74.59 8.28 123.72
CA ALA SA 46 75.55 8.00 122.65
C ALA SA 46 75.36 8.92 121.45
N ARG SA 47 74.83 10.13 121.68
CA ARG SA 47 74.50 11.03 120.58
C ARG SA 47 75.74 11.50 119.83
N GLU SA 48 76.84 11.77 120.53
CA GLU SA 48 77.99 12.40 119.89
C GLU SA 48 78.78 11.41 119.05
N ARG SA 49 79.07 10.23 119.61
CA ARG SA 49 79.83 9.23 118.88
C ARG SA 49 79.07 8.75 117.65
N ILE SA 50 77.74 8.64 117.77
CA ILE SA 50 76.92 8.23 116.64
C ILE SA 50 77.01 9.26 115.52
N VAL SA 51 76.93 10.55 115.87
CA VAL SA 51 77.05 11.61 114.88
C VAL SA 51 78.41 11.58 114.21
N LYS SA 52 79.48 11.43 114.99
CA LYS SA 52 80.83 11.40 114.45
C LYS SA 52 81.00 10.22 113.49
N GLN SA 53 80.57 9.02 113.90
CA GLN SA 53 80.70 7.86 113.04
C GLN SA 53 79.85 7.99 111.78
N ALA SA 54 78.63 8.51 111.89
CA ALA SA 54 77.78 8.68 110.72
C ALA SA 54 78.41 9.66 109.74
N GLY SA 55 79.00 10.74 110.26
CA GLY SA 55 79.73 11.66 109.40
C GLY SA 55 80.91 11.00 108.72
N ASP SA 56 81.62 10.12 109.45
CA ASP SA 56 82.76 9.43 108.87
C ASP SA 56 82.34 8.52 107.71
N GLN SA 57 81.32 7.69 107.94
CA GLN SA 57 80.83 6.83 106.85
C GLN SA 57 80.28 7.65 105.68
N LEU SA 58 79.60 8.76 105.97
CA LEU SA 58 79.10 9.60 104.89
C LEU SA 58 80.23 10.17 104.05
N PHE SA 59 81.30 10.64 104.71
CA PHE SA 59 82.45 11.17 103.99
C PHE SA 59 83.17 10.09 103.19
N GLN SA 60 83.30 8.88 103.75
CA GLN SA 60 83.92 7.80 102.98
C GLN SA 60 83.08 7.44 101.76
N ILE SA 61 81.76 7.40 101.91
CA ILE SA 61 80.90 7.02 100.80
C ILE SA 61 80.88 8.09 99.73
N ARG SA 62 80.80 9.36 100.10
CA ARG SA 62 80.66 10.46 99.15
C ARG SA 62 81.73 11.51 99.43
N PRO SA 63 82.95 11.30 98.93
CA PRO SA 63 83.99 12.33 99.09
C PRO SA 63 83.70 13.61 98.32
N ASP SA 64 82.82 13.57 97.32
CA ASP SA 64 82.55 14.75 96.51
C ASP SA 64 81.87 15.85 97.33
N VAL SA 65 81.14 15.47 98.37
CA VAL SA 65 80.47 16.47 99.21
C VAL SA 65 81.49 17.31 99.96
N VAL SA 66 82.64 16.72 100.27
CA VAL SA 66 83.73 17.45 100.92
C VAL SA 66 84.81 17.69 99.89
N SER SA 67 84.40 17.74 98.62
CA SER SA 67 85.27 18.10 97.51
C SER SA 67 84.93 19.53 97.11
N PRO SA 68 85.77 20.16 96.26
CA PRO SA 68 85.54 21.56 95.86
C PRO SA 68 84.17 21.83 95.27
N GLY SA 69 83.63 20.87 94.52
CA GLY SA 69 82.28 21.00 94.00
C GLY SA 69 81.25 20.37 94.92
N GLY SA 70 81.50 20.39 96.22
CA GLY SA 70 80.63 19.78 97.21
C GLY SA 70 79.99 20.81 98.11
N ASN SA 71 78.76 20.51 98.55
CA ASN SA 71 78.04 21.44 99.42
C ASN SA 71 78.72 21.59 100.78
N ALA SA 72 79.22 20.50 101.34
CA ALA SA 72 79.84 20.50 102.66
C ALA SA 72 81.36 20.65 102.60
N TYR SA 73 81.88 21.18 101.50
CA TYR SA 73 83.31 21.41 101.38
C TYR SA 73 83.74 22.44 102.41
N GLY SA 74 84.78 22.13 103.16
CA GLY SA 74 85.31 23.03 104.16
C GLY SA 74 84.87 22.65 105.57
N GLU SA 75 85.61 23.20 106.53
CA GLU SA 75 85.44 22.79 107.92
C GLU SA 75 84.09 23.22 108.49
N LYS SA 76 83.67 24.46 108.25
CA LYS SA 76 82.42 24.92 108.84
C LYS SA 76 81.18 24.45 108.07
N MET SA 77 81.26 24.35 106.74
CA MET SA 77 80.26 23.58 105.99
C MET SA 77 80.15 22.13 106.43
N THR SA 78 81.25 21.50 106.88
CA THR SA 78 81.15 20.16 107.43
C THR SA 78 80.53 20.15 108.82
N ALA SA 79 80.89 21.13 109.64
CA ALA SA 79 80.32 21.25 110.98
C ALA SA 79 78.81 21.48 110.91
N LEU SA 80 78.36 22.23 109.90
CA LEU SA 80 76.92 22.44 109.72
C LEU SA 80 76.21 21.13 109.39
N CYS SA 81 76.83 20.30 108.56
CA CYS SA 81 76.26 18.99 108.25
C CYS SA 81 76.20 18.11 109.49
N LEU SA 82 77.25 18.16 110.31
CA LEU SA 82 77.25 17.40 111.56
C LEU SA 82 76.16 17.89 112.52
N ARG SA 83 75.96 19.21 112.60
CA ARG SA 83 74.91 19.76 113.43
C ARG SA 83 73.53 19.35 112.91
N ASP SA 84 73.38 19.29 111.58
CA ASP SA 84 72.13 18.79 111.00
C ASP SA 84 71.90 17.33 111.38
N LEU SA 85 72.96 16.53 111.37
CA LEU SA 85 72.83 15.13 111.80
C LEU SA 85 72.43 15.05 113.27
N ASP SA 86 72.99 15.91 114.12
CA ASP SA 86 72.59 15.95 115.52
C ASP SA 86 71.13 16.35 115.67
N TYR SA 87 70.67 17.31 114.87
CA TYR SA 87 69.27 17.71 114.87
C TYR SA 87 68.38 16.53 114.52
N TYR SA 88 68.79 15.77 113.49
CA TYR SA 88 68.00 14.62 113.08
C TYR SA 88 68.02 13.53 114.15
N LEU SA 89 69.12 13.40 114.89
CA LEU SA 89 69.16 12.47 116.00
C LEU SA 89 68.18 12.86 117.10
N ARG SA 90 68.13 14.15 117.41
CA ARG SA 90 67.19 14.63 118.42
C ARG SA 90 65.75 14.40 117.99
N LEU SA 91 65.45 14.64 116.71
CA LEU SA 91 64.09 14.39 116.22
C LEU SA 91 63.78 12.89 116.18
N VAL SA 92 64.79 12.06 115.90
CA VAL SA 92 64.58 10.62 115.93
C VAL SA 92 64.25 10.14 117.33
N THR SA 93 64.97 10.66 118.34
CA THR SA 93 64.64 10.32 119.72
C THR SA 93 63.25 10.81 120.09
N TYR SA 94 62.88 12.00 119.60
CA TYR SA 94 61.52 12.52 119.82
C TYR SA 94 60.48 11.59 119.24
N GLY SA 95 60.69 11.13 118.01
CA GLY SA 95 59.73 10.22 117.39
C GLY SA 95 59.65 8.89 118.11
N ILE SA 96 60.79 8.38 118.56
CA ILE SA 96 60.81 7.10 119.26
C ILE SA 96 60.06 7.20 120.59
N VAL SA 97 60.25 8.30 121.32
CA VAL SA 97 59.50 8.46 122.56
C VAL SA 97 58.03 8.72 122.29
N ALA SA 98 57.69 9.38 121.18
CA ALA SA 98 56.30 9.66 120.87
C ALA SA 98 55.53 8.44 120.39
N GLY SA 99 56.21 7.49 119.74
CA GLY SA 99 55.52 6.33 119.19
C GLY SA 99 55.03 6.50 117.77
N ASP SA 100 55.11 7.71 117.22
CA ASP SA 100 54.74 7.96 115.84
C ASP SA 100 55.73 8.99 115.28
N VAL SA 101 55.39 9.55 114.12
CA VAL SA 101 56.34 10.41 113.40
C VAL SA 101 55.87 11.85 113.30
N THR SA 102 54.75 12.21 113.92
CA THR SA 102 54.13 13.53 113.80
C THR SA 102 55.04 14.69 114.19
N PRO SA 103 55.69 14.64 115.38
CA PRO SA 103 56.60 15.69 115.79
C PRO SA 103 57.72 15.65 114.78
N ILE SA 104 58.24 14.46 114.49
CA ILE SA 104 59.38 14.35 113.56
C ILE SA 104 59.03 15.16 112.30
N GLU SA 105 57.84 14.90 111.73
CA GLU SA 105 57.45 15.57 110.47
C GLU SA 105 57.45 17.09 110.64
N GLU SA 106 56.61 17.58 111.57
CA GLU SA 106 56.46 19.05 111.79
C GLU SA 106 57.82 19.70 112.01
N ILE SA 107 58.79 18.95 112.52
CA ILE SA 107 60.13 19.56 112.85
C ILE SA 107 61.08 19.55 111.65
N GLY SA 108 61.20 18.46 110.89
CA GLY SA 108 62.24 18.56 109.83
C GLY SA 108 62.05 17.89 108.49
N ILE SA 109 60.94 17.23 108.22
CA ILE SA 109 60.83 16.43 107.01
C ILE SA 109 60.03 17.13 105.92
N ILE SA 110 58.96 17.83 106.26
CA ILE SA 110 58.21 18.54 105.22
C ILE SA 110 58.91 19.87 104.93
N GLY SA 111 59.06 20.17 103.65
CA GLY SA 111 59.82 21.32 103.22
C GLY SA 111 61.31 21.07 103.12
N VAL SA 112 61.79 19.90 103.55
CA VAL SA 112 63.23 19.64 103.53
C VAL SA 112 63.73 19.52 102.09
N LYS SA 113 62.87 19.06 101.17
CA LYS SA 113 63.28 18.95 99.77
C LYS SA 113 63.60 20.32 99.19
N GLU SA 114 62.68 21.27 99.33
CA GLU SA 114 62.95 22.63 98.86
C GLU SA 114 64.03 23.28 99.71
N MET SA 115 64.18 22.82 100.96
CA MET SA 115 65.23 23.29 101.85
C MET SA 115 66.60 23.05 101.24
N TYR SA 116 66.89 21.79 100.92
CA TYR SA 116 68.19 21.47 100.36
C TYR SA 116 68.26 21.82 98.88
N ASN SA 117 67.13 22.09 98.24
CA ASN SA 117 67.19 22.66 96.89
C ASN SA 117 67.66 24.11 96.93
N SER SA 118 67.13 24.90 97.86
CA SER SA 118 67.58 26.28 98.03
C SER SA 118 69.02 26.32 98.48
N LEU SA 119 69.39 25.43 99.40
CA LEU SA 119 70.78 25.40 99.86
C LEU SA 119 71.70 24.63 98.93
N GLN SA 120 71.16 24.03 97.87
CA GLN SA 120 71.94 23.24 96.91
C GLN SA 120 72.64 22.06 97.57
N THR SA 121 72.02 21.50 98.60
CA THR SA 121 72.62 20.39 99.34
C THR SA 121 72.05 19.07 98.83
N PRO SA 122 72.87 18.03 98.70
CA PRO SA 122 72.35 16.74 98.20
C PRO SA 122 71.45 16.04 99.21
N ILE SA 123 70.16 15.99 98.90
CA ILE SA 123 69.21 15.22 99.71
C ILE SA 123 69.56 13.74 99.75
N PRO SA 124 69.92 13.09 98.63
CA PRO SA 124 70.41 11.71 98.73
C PRO SA 124 71.65 11.55 99.61
N ALA SA 125 72.57 12.51 99.60
CA ALA SA 125 73.69 12.48 100.52
C ALA SA 125 73.24 12.60 101.97
N VAL SA 126 72.26 13.45 102.27
CA VAL SA 126 71.72 13.52 103.62
C VAL SA 126 71.08 12.19 104.02
N ALA SA 127 70.40 11.54 103.07
CA ALA SA 127 69.81 10.24 103.34
C ALA SA 127 70.89 9.20 103.63
N GLU SA 128 71.99 9.23 102.88
CA GLU SA 128 73.09 8.30 103.13
C GLU SA 128 73.73 8.54 104.49
N GLY SA 129 73.90 9.80 104.85
CA GLY SA 129 74.36 10.13 106.19
C GLY SA 129 73.43 9.61 107.27
N VAL SA 130 72.12 9.74 107.04
CA VAL SA 130 71.14 9.20 107.99
C VAL SA 130 71.24 7.68 108.07
N ARG SA 131 71.55 7.03 106.96
CA ARG SA 131 71.69 5.57 106.96
C ARG SA 131 72.90 5.12 107.77
N ALA SA 132 74.05 5.76 107.55
CA ALA SA 132 75.22 5.45 108.37
C ALA SA 132 74.97 5.78 109.84
N MET SA 133 74.23 6.86 110.09
CA MET SA 133 73.73 7.19 111.41
C MET SA 133 72.93 6.04 112.01
N LYS SA 134 72.03 5.47 111.22
CA LYS SA 134 71.22 4.35 111.68
C LYS SA 134 72.08 3.14 112.02
N ASN SA 135 73.10 2.88 111.21
CA ASN SA 135 74.01 1.78 111.49
C ASN SA 135 74.73 1.99 112.82
N VAL SA 136 75.23 3.21 113.05
CA VAL SA 136 75.91 3.51 114.31
C VAL SA 136 74.94 3.37 115.49
N ALA SA 137 73.71 3.84 115.31
CA ALA SA 137 72.73 3.78 116.39
C ALA SA 137 72.34 2.34 116.73
N THR SA 138 72.15 1.51 115.69
CA THR SA 138 71.78 0.12 115.93
C THR SA 138 72.97 -0.69 116.44
N SER SA 139 74.19 -0.18 116.26
CA SER SA 139 75.35 -0.84 116.84
C SER SA 139 75.37 -0.82 118.36
N LEU SA 140 74.60 0.07 119.00
CA LEU SA 140 74.63 0.23 120.45
C LEU SA 140 73.30 -0.11 121.12
N LEU SA 141 72.48 -0.97 120.50
CA LEU SA 141 71.18 -1.30 121.05
C LEU SA 141 70.92 -2.80 120.90
N SER SA 142 70.02 -3.31 121.73
CA SER SA 142 69.56 -4.69 121.59
C SER SA 142 68.75 -4.83 120.30
N GLY SA 143 68.54 -6.08 119.90
CA GLY SA 143 67.91 -6.39 118.63
C GLY SA 143 66.51 -5.82 118.46
N ASP SA 144 65.65 -6.02 119.46
CA ASP SA 144 64.31 -5.44 119.39
C ASP SA 144 64.37 -3.91 119.42
N ASP SA 145 65.19 -3.34 120.31
CA ASP SA 145 65.36 -1.90 120.36
C ASP SA 145 66.04 -1.37 119.10
N ALA SA 146 66.98 -2.14 118.56
CA ALA SA 146 67.62 -1.75 117.30
C ALA SA 146 66.60 -1.69 116.18
N ALA SA 147 65.71 -2.68 116.10
CA ALA SA 147 64.66 -2.67 115.08
C ALA SA 147 63.70 -1.50 115.30
N GLU SA 148 63.35 -1.23 116.56
CA GLU SA 148 62.44 -0.13 116.86
C GLU SA 148 63.02 1.21 116.45
N ALA SA 149 64.30 1.44 116.72
CA ALA SA 149 64.94 2.68 116.28
C ALA SA 149 65.10 2.69 114.76
N GLY SA 150 65.42 1.54 114.16
CA GLY SA 150 65.62 1.48 112.73
C GLY SA 150 64.36 1.72 111.94
N PHE SA 151 63.20 1.44 112.54
CA PHE SA 151 61.94 1.79 111.88
C PHE SA 151 61.84 3.31 111.68
N TYR SA 152 62.12 4.08 112.73
CA TYR SA 152 62.10 5.53 112.60
C TYR SA 152 63.21 6.03 111.66
N PHE SA 153 64.38 5.40 111.72
CA PHE SA 153 65.47 5.81 110.83
C PHE SA 153 65.10 5.57 109.37
N ASP SA 154 64.51 4.42 109.07
CA ASP SA 154 64.08 4.13 107.72
C ASP SA 154 62.92 5.02 107.30
N TYR SA 155 62.08 5.43 108.25
CA TYR SA 155 61.06 6.43 107.96
C TYR SA 155 61.71 7.74 107.52
N LEU SA 156 62.77 8.17 108.21
CA LEU SA 156 63.47 9.38 107.82
C LEU SA 156 64.11 9.22 106.44
N VAL SA 157 64.69 8.05 106.18
CA VAL SA 157 65.31 7.79 104.88
C VAL SA 157 64.28 7.87 103.76
N GLY SA 158 63.10 7.31 103.99
CA GLY SA 158 62.03 7.43 103.01
C GLY SA 158 61.53 8.85 102.87
N ALA SA 159 61.50 9.61 103.97
CA ALA SA 159 61.07 11.00 103.93
C ALA SA 159 62.00 11.84 103.07
N MET SA 160 63.31 11.63 103.19
CA MET SA 160 64.26 12.22 102.24
C MET SA 160 64.27 11.35 100.97
N GLN SA 161 63.21 11.52 100.17
CA GLN SA 161 63.05 10.79 98.92
C GLN SA 161 61.89 11.35 98.12
N MET TA 1 46.39 20.38 118.26
CA MET TA 1 46.34 20.16 119.70
C MET TA 1 47.65 19.57 120.22
N GLN TA 2 47.62 19.08 121.46
CA GLN TA 2 48.78 18.47 122.06
C GLN TA 2 48.39 17.71 123.32
N ASP TA 3 49.08 16.62 123.57
CA ASP TA 3 48.95 15.81 124.78
C ASP TA 3 50.10 16.17 125.74
N ALA TA 4 50.23 15.40 126.82
CA ALA TA 4 51.34 15.63 127.74
C ALA TA 4 52.68 15.34 127.07
N ILE TA 5 52.74 14.25 126.31
CA ILE TA 5 53.99 13.87 125.63
C ILE TA 5 54.36 14.93 124.60
N THR TA 6 53.39 15.35 123.79
CA THR TA 6 53.64 16.40 122.82
C THR TA 6 53.99 17.72 123.47
N ALA TA 7 53.41 18.03 124.63
CA ALA TA 7 53.75 19.26 125.33
C ALA TA 7 55.19 19.23 125.81
N VAL TA 8 55.63 18.11 126.38
CA VAL TA 8 57.03 17.99 126.79
C VAL TA 8 57.94 18.08 125.57
N ILE TA 9 57.55 17.43 124.48
CA ILE TA 9 58.39 17.41 123.28
C ILE TA 9 58.53 18.80 122.69
N ASN TA 10 57.44 19.58 122.65
CA ASN TA 10 57.54 20.91 122.08
C ASN TA 10 58.28 21.87 123.02
N ASN TA 11 58.07 21.72 124.34
CA ASN TA 11 58.80 22.54 125.29
C ASN TA 11 60.29 22.27 125.23
N TYR TA 12 60.70 21.07 124.83
CA TYR TA 12 62.12 20.81 124.66
C TYR TA 12 62.62 21.18 123.28
N ASP TA 13 61.77 21.06 122.25
CA ASP TA 13 62.19 21.36 120.89
C ASP TA 13 62.34 22.85 120.68
N VAL TA 14 61.57 23.65 121.41
CA VAL TA 14 61.74 25.10 121.35
C VAL TA 14 63.12 25.51 121.85
N GLN TA 15 63.67 24.78 122.83
CA GLN TA 15 65.02 25.00 123.30
C GLN TA 15 66.06 24.18 122.54
N GLY TA 16 65.62 23.28 121.68
CA GLY TA 16 66.57 22.44 120.95
C GLY TA 16 67.32 21.49 121.87
N LYS TA 17 66.62 20.90 122.82
CA LYS TA 17 67.24 20.08 123.86
C LYS TA 17 66.84 18.62 123.70
N TYR TA 18 67.80 17.73 123.94
CA TYR TA 18 67.47 16.33 124.08
C TYR TA 18 66.71 16.11 125.39
N LEU TA 19 65.92 15.03 125.43
CA LEU TA 19 65.12 14.74 126.61
C LEU TA 19 66.02 14.39 127.79
N ASP TA 20 65.75 15.00 128.94
CA ASP TA 20 66.55 14.83 130.14
C ASP TA 20 65.73 14.11 131.22
N GLY TA 21 66.29 14.06 132.43
CA GLY TA 21 65.64 13.35 133.51
C GLY TA 21 64.29 13.93 133.90
N ALA TA 22 64.17 15.26 133.86
CA ALA TA 22 62.89 15.88 134.23
C ALA TA 22 61.80 15.53 133.23
N ALA TA 23 62.09 15.64 131.93
CA ALA TA 23 61.12 15.27 130.92
C ALA TA 23 60.79 13.79 130.99
N LEU TA 24 61.80 12.97 131.28
CA LEU TA 24 61.56 11.54 131.47
C LEU TA 24 60.64 11.29 132.66
N ASP TA 25 60.80 12.05 133.74
CA ASP TA 25 59.93 11.91 134.89
C ASP TA 25 58.49 12.30 134.54
N LYS TA 26 58.31 13.37 133.79
CA LYS TA 26 56.96 13.77 133.38
C LYS TA 26 56.33 12.70 132.48
N LEU TA 27 57.12 12.16 131.55
CA LEU TA 27 56.62 11.11 130.68
C LEU TA 27 56.24 9.86 131.47
N LYS TA 28 57.06 9.49 132.45
CA LYS TA 28 56.76 8.33 133.28
C LYS TA 28 55.51 8.57 134.12
N ALA TA 29 55.34 9.80 134.62
CA ALA TA 29 54.15 10.14 135.37
C ALA TA 29 52.89 10.02 134.51
N TYR TA 30 52.96 10.44 133.26
CA TYR TA 30 51.81 10.23 132.37
C TYR TA 30 51.60 8.75 132.08
N PHE TA 31 52.69 8.01 131.86
CA PHE TA 31 52.58 6.59 131.51
C PHE TA 31 51.97 5.77 132.63
N THR TA 32 52.24 6.18 133.88
CA THR TA 32 51.80 5.40 135.03
C THR TA 32 50.28 5.38 135.19
N THR TA 33 49.56 6.31 134.56
CA THR TA 33 48.12 6.38 134.67
C THR TA 33 47.41 6.15 133.34
N GLY TA 34 48.03 5.43 132.40
CA GLY TA 34 47.41 5.23 131.10
C GLY TA 34 46.16 4.38 131.17
N ALA TA 35 46.21 3.29 131.93
CA ALA TA 35 45.11 2.32 131.92
C ALA TA 35 43.86 2.88 132.57
N VAL TA 36 44.02 3.65 133.65
CA VAL TA 36 42.87 4.23 134.33
C VAL TA 36 42.14 5.20 133.43
N ARG TA 37 42.89 5.99 132.65
CA ARG TA 37 42.27 6.87 131.68
C ARG TA 37 41.48 6.09 130.64
N VAL TA 38 42.04 4.95 130.19
CA VAL TA 38 41.37 4.14 129.18
C VAL TA 38 40.06 3.58 129.72
N ARG TA 39 40.09 3.05 130.95
CA ARG TA 39 38.87 2.47 131.52
C ARG TA 39 37.83 3.54 131.79
N ALA TA 40 38.25 4.71 132.27
CA ALA TA 40 37.30 5.80 132.49
C ALA TA 40 36.68 6.26 131.18
N ALA TA 41 37.49 6.35 130.12
CA ALA TA 41 36.97 6.73 128.81
C ALA TA 41 35.98 5.68 128.29
N ALA TA 42 36.28 4.40 128.48
CA ALA TA 42 35.35 3.36 128.06
C ALA TA 42 34.04 3.44 128.82
N VAL TA 43 34.09 3.69 130.13
CA VAL TA 43 32.87 3.82 130.92
C VAL TA 43 32.06 5.03 130.46
N ILE TA 44 32.74 6.15 130.19
CA ILE TA 44 32.05 7.36 129.77
C ILE TA 44 31.40 7.14 128.40
N SER TA 45 32.10 6.47 127.49
CA SER TA 45 31.55 6.19 126.17
C SER TA 45 30.34 5.27 126.28
N SER TA 46 30.41 4.27 127.14
CA SER TA 46 29.28 3.37 127.33
C SER TA 46 28.09 4.05 127.99
N ASN TA 47 28.31 5.07 128.82
CA ASN TA 47 27.22 5.72 129.54
C ASN TA 47 27.00 7.17 129.14
N ALA TA 48 27.38 7.57 127.93
CA ALA TA 48 27.28 8.95 127.47
C ALA TA 48 25.86 9.49 127.51
N THR TA 49 24.90 8.76 126.94
CA THR TA 49 23.52 9.24 126.91
C THR TA 49 22.91 9.29 128.30
N THR TA 50 23.23 8.30 129.15
CA THR TA 50 22.73 8.27 130.51
C THR TA 50 23.23 9.45 131.33
N ILE TA 51 24.51 9.79 131.19
CA ILE TA 51 25.07 10.92 131.93
C ILE TA 51 24.38 12.22 131.51
N ILE TA 52 24.18 12.39 130.20
CA ILE TA 52 23.50 13.59 129.70
C ILE TA 52 22.07 13.66 130.23
N LYS TA 53 21.38 12.51 130.25
CA LYS TA 53 19.99 12.50 130.71
C LYS TA 53 19.89 12.91 132.18
N GLU TA 54 20.71 12.30 133.04
CA GLU TA 54 20.65 12.65 134.46
C GLU TA 54 21.17 14.06 134.72
N ALA TA 55 22.18 14.51 133.97
CA ALA TA 55 22.65 15.88 134.14
C ALA TA 55 21.56 16.88 133.77
N ALA TA 56 20.85 16.64 132.67
CA ALA TA 56 19.75 17.50 132.28
C ALA TA 56 18.64 17.47 133.32
N ALA TA 57 18.32 16.29 133.86
CA ALA TA 57 17.28 16.18 134.86
C ALA TA 57 17.64 16.95 136.13
N LYS TA 58 18.91 16.88 136.55
CA LYS TA 58 19.32 17.55 137.77
C LYS TA 58 19.53 19.05 137.61
N ALA TA 59 19.88 19.53 136.42
CA ALA TA 59 20.27 20.92 136.27
C ALA TA 59 19.36 21.78 135.40
N LEU TA 60 18.77 21.24 134.34
CA LEU TA 60 18.14 22.10 133.34
C LEU TA 60 16.63 21.98 133.32
N ILE TA 61 16.12 20.78 133.11
CA ILE TA 61 14.69 20.58 132.89
C ILE TA 61 13.92 20.81 134.19
N TYR TA 62 12.59 20.89 134.08
CA TYR TA 62 11.73 21.24 135.21
C TYR TA 62 12.07 22.63 135.74
N SER TA 63 12.16 23.60 134.85
CA SER TA 63 12.48 24.97 135.22
C SER TA 63 11.90 25.91 134.18
N ASP TA 64 12.23 27.19 134.30
CA ASP TA 64 11.73 28.18 133.35
C ASP TA 64 12.43 28.06 132.00
N LEU TA 65 13.58 27.39 131.96
CA LEU TA 65 14.31 27.24 130.70
C LEU TA 65 13.51 26.42 129.69
N THR TA 66 12.84 25.37 130.15
CA THR TA 66 12.04 24.52 129.29
C THR TA 66 10.65 25.09 129.04
N ARG TA 67 10.27 26.16 129.73
CA ARG TA 67 9.01 26.83 129.50
C ARG TA 67 9.15 27.88 128.40
N PRO TA 68 8.03 28.37 127.88
CA PRO TA 68 8.09 29.47 126.91
C PRO TA 68 8.77 30.69 127.51
N GLY TA 69 9.60 31.35 126.69
CA GLY TA 69 10.49 32.38 127.18
C GLY TA 69 11.81 31.87 127.69
N GLY TA 70 11.98 30.55 127.76
CA GLY TA 70 13.24 29.98 128.18
C GLY TA 70 14.13 29.69 127.00
N MEN TA 71 15.44 29.73 127.23
CA MEN TA 71 16.40 29.52 126.16
C MEN TA 71 16.32 28.10 125.64
O MEN TA 71 16.59 27.79 124.48
CB MEN TA 71 17.86 29.76 126.58
CG MEN TA 71 18.73 29.92 125.35
OD1 MEN TA 71 19.65 29.10 125.10
ND2 MEN TA 71 18.47 30.98 124.52
CE2 MEN TA 71 19.19 31.27 123.32
N MET TA 72 15.94 27.19 126.53
CA MET TA 72 15.85 25.78 126.20
C MET TA 72 14.50 25.43 125.59
N TYR TA 73 13.62 26.42 125.49
CA TYR TA 73 12.25 26.17 125.03
C TYR TA 73 12.28 25.76 123.55
N THR TA 74 11.31 24.92 123.17
CA THR TA 74 11.14 24.35 121.83
C THR TA 74 12.15 23.24 121.57
N THR TA 75 11.74 22.25 120.80
CA THR TA 75 12.55 21.05 120.58
C THR TA 75 13.86 21.36 119.88
N ARG TA 76 13.85 22.34 118.97
CA ARG TA 76 15.08 22.70 118.26
C ARG TA 76 16.14 23.22 119.21
N ARG TA 77 15.78 24.19 120.04
CA ARG TA 77 16.70 24.73 121.03
C ARG TA 77 17.09 23.68 122.06
N TYR TA 78 16.17 22.81 122.45
CA TYR TA 78 16.51 21.75 123.40
C TYR TA 78 17.56 20.82 122.82
N ALA TA 79 17.36 20.39 121.57
CA ALA TA 79 18.30 19.47 120.94
C ALA TA 79 19.64 20.14 120.72
N ALA TA 80 19.62 21.45 120.43
CA ALA TA 80 20.88 22.19 120.36
C ALA TA 80 21.61 22.18 121.70
N CYS TA 81 20.89 22.41 122.80
CA CYS TA 81 21.51 22.42 124.12
C CYS TA 81 22.08 21.04 124.47
N ILE TA 82 21.29 19.98 124.25
CA ILE TA 82 21.77 18.64 124.57
C ILE TA 82 22.89 18.18 123.64
N ARG TA 83 22.87 18.56 122.36
CA ARG TA 83 23.97 18.26 121.47
C ARG TA 83 25.24 18.96 121.92
N ASP TA 84 25.10 20.20 122.41
CA ASP TA 84 26.24 20.90 122.99
C ASP TA 84 26.76 20.16 124.22
N MET TA 85 25.86 19.64 125.05
CA MET TA 85 26.29 18.89 126.23
C MET TA 85 27.02 17.62 125.84
N ASP TA 86 26.54 16.92 124.82
CA ASP TA 86 27.24 15.74 124.33
C ASP TA 86 28.61 16.11 123.77
N TYR TA 87 28.71 17.26 123.11
CA TYR TA 87 30.01 17.78 122.67
C TYR TA 87 30.94 17.97 123.85
N PHE TA 88 30.41 18.57 124.93
CA PHE TA 88 31.21 18.79 126.13
C PHE TA 88 31.71 17.48 126.71
N LEU TA 89 30.82 16.49 126.77
CA LEU TA 89 31.20 15.18 127.29
C LEU TA 89 32.27 14.52 126.45
N ARG TA 90 32.09 14.50 125.12
CA ARG TA 90 33.05 13.84 124.25
C ARG TA 90 34.40 14.53 124.27
N TYR TA 91 34.41 15.86 124.27
CA TYR TA 91 35.68 16.57 124.26
C TYR TA 91 36.35 16.53 125.63
N ALA TA 92 35.56 16.43 126.70
CA ALA TA 92 36.14 16.18 128.01
C ALA TA 92 36.80 14.82 128.07
N THR TA 93 36.17 13.81 127.45
CA THR TA 93 36.79 12.50 127.37
C THR TA 93 38.08 12.55 126.56
N TYR TA 94 38.08 13.28 125.45
CA TYR TA 94 39.30 13.45 124.67
C TYR TA 94 40.40 14.11 125.49
N ALA TA 95 40.06 15.17 126.22
CA ALA TA 95 41.04 15.89 127.04
C ALA TA 95 41.59 14.99 128.15
N MET TA 96 40.72 14.20 128.77
CA MET TA 96 41.17 13.29 129.82
C MET TA 96 42.09 12.22 129.25
N LEU TA 97 41.77 11.68 128.07
CA LEU TA 97 42.63 10.68 127.45
C LEU TA 97 43.99 11.27 127.08
N ALA TA 98 44.00 12.48 126.55
CA ALA TA 98 45.25 13.08 126.09
C ALA TA 98 46.06 13.69 127.23
N GLY TA 99 45.44 13.89 128.39
CA GLY TA 99 46.14 14.54 129.49
C GLY TA 99 46.52 15.98 129.20
N ASP TA 100 45.63 16.74 128.55
CA ASP TA 100 45.94 18.11 128.19
C ASP TA 100 44.69 18.88 127.82
N PRO TA 101 44.51 20.10 128.33
CA PRO TA 101 43.36 20.92 127.94
C PRO TA 101 43.56 21.69 126.65
N SER TA 102 44.62 21.39 125.89
CA SER TA 102 44.87 22.08 124.63
C SER TA 102 43.75 21.85 123.63
N ILE TA 103 43.26 20.61 123.55
CA ILE TA 103 42.16 20.32 122.63
C ILE TA 103 40.88 21.01 123.08
N LEU TA 104 40.65 21.11 124.40
CA LEU TA 104 39.49 21.82 124.90
C LEU TA 104 39.54 23.30 124.55
N ASP TA 105 40.70 23.93 124.69
CA ASP TA 105 40.83 25.34 124.29
C ASP TA 105 40.70 25.49 122.79
N GLU TA 106 41.26 24.54 122.03
CA GLU TA 106 41.33 24.71 120.58
C GLU TA 106 39.97 24.53 119.93
N ARG TA 107 39.20 23.52 120.34
CA ARG TA 107 38.02 23.13 119.60
C ARG TA 107 36.71 23.38 120.34
N VAL TA 108 36.75 23.90 121.57
CA VAL TA 108 35.51 24.11 122.30
C VAL TA 108 35.40 25.55 122.79
N LEU TA 109 36.39 25.99 123.57
CA LEU TA 109 36.26 27.26 124.28
C LEU TA 109 36.44 28.47 123.36
N ASN TA 110 37.05 28.29 122.20
CA ASN TA 110 37.41 29.42 121.36
C ASN TA 110 36.16 30.07 120.76
N GLY TA 111 35.78 31.23 121.29
CA GLY TA 111 34.64 31.96 120.79
C GLY TA 111 33.30 31.53 121.33
N LEU TA 112 33.26 30.50 122.19
CA LEU TA 112 31.98 29.98 122.67
C LEU TA 112 31.27 30.99 123.55
N LYS TA 113 32.03 31.76 124.34
CA LYS TA 113 31.43 32.76 125.21
C LYS TA 113 30.72 33.83 124.40
N GLU TA 114 31.39 34.35 123.37
CA GLU TA 114 30.78 35.37 122.53
C GLU TA 114 29.61 34.80 121.72
N THR TA 115 29.73 33.54 121.29
CA THR TA 115 28.61 32.91 120.59
C THR TA 115 27.38 32.80 121.50
N TYR TA 116 27.59 32.40 122.75
CA TYR TA 116 26.47 32.28 123.69
C TYR TA 116 25.90 33.66 124.03
N ASN TA 117 26.76 34.67 124.13
CA ASN TA 117 26.28 36.01 124.38
C ASN TA 117 25.42 36.51 123.21
N SER TA 118 25.86 36.26 121.98
CA SER TA 118 25.10 36.68 120.82
C SER TA 118 23.79 35.93 120.70
N LEU TA 119 23.78 34.63 121.00
CA LEU TA 119 22.57 33.84 120.86
C LEU TA 119 21.63 33.99 122.05
N GLY TA 120 22.09 34.52 123.17
CA GLY TA 120 21.30 34.58 124.38
C GLY TA 120 21.38 33.36 125.26
N VAL TA 121 22.36 32.49 125.05
CA VAL TA 121 22.49 31.23 125.79
C VAL TA 121 22.86 31.52 127.24
N PRO TA 122 22.19 30.89 128.21
CA PRO TA 122 22.55 31.11 129.63
C PRO TA 122 23.84 30.41 130.02
N ILE TA 123 24.89 31.21 130.23
CA ILE TA 123 26.19 30.65 130.58
C ILE TA 123 26.14 29.99 131.94
N ALA TA 124 25.39 30.57 132.88
CA ALA TA 124 25.27 29.99 134.21
C ALA TA 124 24.58 28.63 134.16
N ALA TA 125 23.51 28.53 133.37
CA ALA TA 125 22.83 27.25 133.21
C ALA TA 125 23.73 26.21 132.54
N THR TA 126 24.50 26.63 131.53
CA THR TA 126 25.44 25.70 130.90
C THR TA 126 26.49 25.22 131.88
N VAL TA 127 27.00 26.12 132.73
CA VAL TA 127 27.98 25.74 133.75
C VAL TA 127 27.38 24.76 134.73
N GLY TA 128 26.14 25.00 135.15
CA GLY TA 128 25.46 24.07 136.02
C GLY TA 128 25.29 22.69 135.40
N GLY TA 129 24.90 22.66 134.12
CA GLY TA 129 24.76 21.37 133.44
C GLY TA 129 26.07 20.63 133.30
N ILE TA 130 27.15 21.32 132.94
CA ILE TA 130 28.44 20.65 132.80
C ILE TA 130 28.96 20.18 134.15
N GLN TA 131 28.69 20.95 135.21
CA GLN TA 131 29.05 20.49 136.55
C GLN TA 131 28.25 19.27 136.98
N ALA TA 132 26.96 19.21 136.64
CA ALA TA 132 26.17 18.01 136.92
C ALA TA 132 26.72 16.81 136.17
N MET TA 133 27.11 17.00 134.90
CA MET TA 133 27.73 15.90 134.15
C MET TA 133 29.05 15.49 134.79
N LYS TA 134 29.81 16.45 135.33
CA LYS TA 134 31.06 16.13 136.00
C LYS TA 134 30.81 15.28 137.24
N GLU TA 135 29.79 15.64 138.02
CA GLU TA 135 29.43 14.85 139.20
C GLU TA 135 29.02 13.43 138.81
N VAL TA 136 28.21 13.30 137.77
CA VAL TA 136 27.76 11.99 137.33
C VAL TA 136 28.94 11.16 136.82
N VAL TA 137 29.86 11.81 136.10
CA VAL TA 137 31.01 11.10 135.55
C VAL TA 137 31.93 10.65 136.68
N GLY TA 138 32.12 11.51 137.69
CA GLY TA 138 32.91 11.13 138.84
C GLY TA 138 32.30 9.96 139.60
N GLY TA 139 30.97 9.94 139.72
CA GLY TA 139 30.30 8.81 140.32
C GLY TA 139 30.47 7.52 139.52
N LEU TA 140 30.37 7.62 138.19
CA LEU TA 140 30.43 6.43 137.36
C LEU TA 140 31.84 5.87 137.27
N VAL TA 141 32.84 6.73 137.07
CA VAL TA 141 34.20 6.27 136.80
C VAL TA 141 34.84 5.59 138.00
N GLY TA 142 34.56 6.06 139.21
CA GLY TA 142 35.18 5.51 140.40
C GLY TA 142 36.35 6.34 140.88
N PRO TA 143 36.95 5.93 142.01
CA PRO TA 143 38.06 6.68 142.60
C PRO TA 143 39.28 6.82 141.69
N ASP TA 144 39.51 5.83 140.83
CA ASP TA 144 40.76 5.75 140.06
C ASP TA 144 40.92 6.91 139.08
N ALA TA 145 39.81 7.43 138.56
CA ALA TA 145 39.84 8.49 137.57
C ALA TA 145 38.90 9.64 137.87
N ALA TA 146 38.38 9.74 139.09
CA ALA TA 146 37.40 10.78 139.41
C ALA TA 146 38.01 12.18 139.29
N LYS TA 147 39.16 12.39 139.93
CA LYS TA 147 39.80 13.70 139.86
C LYS TA 147 40.29 14.02 138.46
N GLU TA 148 40.80 13.01 137.75
CA GLU TA 148 41.28 13.23 136.39
C GLU TA 148 40.14 13.63 135.46
N ALA TA 149 38.96 13.01 135.62
CA ALA TA 149 37.81 13.44 134.85
C ALA TA 149 37.35 14.83 135.28
N SER TA 150 37.37 15.10 136.59
CA SER TA 150 36.77 16.33 137.09
C SER TA 150 37.60 17.56 136.75
N ILE TA 151 38.92 17.39 136.59
CA ILE TA 151 39.76 18.54 136.31
C ILE TA 151 39.43 19.17 134.96
N TYR TA 152 39.15 18.35 133.95
CA TYR TA 152 38.81 18.91 132.64
C TYR TA 152 37.40 19.47 132.59
N PHE TA 153 36.45 18.88 133.32
CA PHE TA 153 35.14 19.51 133.45
C PHE TA 153 35.25 20.87 134.13
N ASP TA 154 36.05 20.96 135.18
CA ASP TA 154 36.29 22.26 135.82
C ASP TA 154 36.98 23.22 134.88
N TYR TA 155 37.90 22.72 134.05
CA TYR TA 155 38.56 23.56 133.06
C TYR TA 155 37.56 24.14 132.07
N LEU TA 156 36.65 23.30 131.57
CA LEU TA 156 35.63 23.77 130.64
C LEU TA 156 34.71 24.78 131.31
N SER TA 157 34.28 24.51 132.54
CA SER TA 157 33.42 25.44 133.26
C SER TA 157 34.11 26.77 133.52
N SER TA 158 35.38 26.75 133.89
CA SER TA 158 36.15 27.97 134.08
C SER TA 158 36.35 28.74 132.77
N GLY TA 159 36.58 28.04 131.66
CA GLY TA 159 36.69 28.73 130.39
C GLY TA 159 35.39 29.39 129.97
N LEU TA 160 34.26 28.71 130.16
CA LEU TA 160 32.97 29.30 129.85
C LEU TA 160 32.66 30.48 130.77
N SER TA 161 32.96 30.36 132.06
CA SER TA 161 32.67 31.43 133.01
C SER TA 161 33.74 32.51 132.97
N SER UA 2 4.25 31.22 106.88
CA SER UA 2 2.89 31.13 106.33
C SER UA 2 2.93 30.93 104.82
N VAL UA 3 1.76 30.94 104.19
CA VAL UA 3 1.70 30.83 102.75
C VAL UA 3 2.37 32.03 102.09
N LEU UA 4 2.18 33.22 102.65
CA LEU UA 4 2.84 34.40 102.13
C LEU UA 4 4.36 34.28 102.21
N THR UA 5 4.87 33.81 103.34
CA THR UA 5 6.30 33.63 103.51
C THR UA 5 6.84 32.60 102.54
N LYS UA 6 6.11 31.50 102.36
CA LYS UA 6 6.55 30.45 101.45
C LYS UA 6 6.60 30.94 100.01
N ALA UA 7 5.56 31.66 99.58
CA ALA UA 7 5.53 32.19 98.22
C ALA UA 7 6.62 33.22 98.00
N ILE UA 8 6.85 34.09 99.00
CA ILE UA 8 7.88 35.12 98.89
C ILE UA 8 9.25 34.48 98.82
N VAL UA 9 9.48 33.43 99.60
CA VAL UA 9 10.76 32.73 99.57
C VAL UA 9 10.98 32.07 98.22
N ASN UA 10 9.94 31.43 97.68
CA ASN UA 10 10.06 30.78 96.38
C ASN UA 10 10.33 31.80 95.28
N ALA UA 11 9.68 32.96 95.33
CA ALA UA 11 9.93 33.99 94.32
C ALA UA 11 11.33 34.57 94.45
N ASP UA 12 11.76 34.84 95.69
CA ASP UA 12 13.08 35.42 95.90
C ASP UA 12 14.20 34.47 95.53
N ALA UA 13 13.97 33.16 95.64
CA ALA UA 13 15.01 32.19 95.30
C ALA UA 13 15.42 32.27 93.83
N GLU UA 14 14.51 32.66 92.94
CA GLU UA 14 14.82 32.77 91.52
C GLU UA 14 15.10 34.21 91.10
N ALA UA 15 15.01 35.15 92.05
CA ALA UA 15 15.30 36.56 91.80
C ALA UA 15 14.36 37.14 90.75
N ARG UA 16 13.06 36.98 91.02
CA ARG UA 16 12.03 37.46 90.12
C ARG UA 16 10.89 38.05 90.94
N TYR UA 17 9.83 38.45 90.25
CA TYR UA 17 8.62 38.95 90.88
C TYR UA 17 7.59 37.83 90.99
N LEU UA 18 6.57 38.08 91.81
CA LEU UA 18 5.54 37.07 92.03
C LEU UA 18 4.72 36.89 90.77
N SER UA 19 4.71 35.66 90.26
CA SER UA 19 3.94 35.31 89.07
C SER UA 19 2.47 35.28 89.40
N PRO UA 20 1.61 35.28 88.38
CA PRO UA 20 0.17 35.11 88.64
C PRO UA 20 -0.17 33.80 89.32
N GLY UA 21 0.60 32.75 89.06
CA GLY UA 21 0.34 31.48 89.72
C GLY UA 21 0.59 31.53 91.22
N GLU UA 22 1.43 32.45 91.66
CA GLU UA 22 1.69 32.64 93.09
C GLU UA 22 1.02 33.90 93.63
N LEU UA 23 -0.12 34.27 93.07
CA LEU UA 23 -0.90 35.39 93.58
C LEU UA 23 -2.34 34.95 93.84
N ASP UA 24 -2.84 34.04 93.02
CA ASP UA 24 -4.16 33.48 93.27
C ASP UA 24 -4.16 32.66 94.55
N ARG UA 25 -3.03 32.03 94.89
CA ARG UA 25 -2.95 31.33 96.15
C ARG UA 25 -3.02 32.30 97.33
N ILE UA 26 -2.39 33.47 97.19
CA ILE UA 26 -2.48 34.47 98.24
C ILE UA 26 -3.90 35.00 98.37
N LYS UA 27 -4.58 35.21 97.24
CA LYS UA 27 -5.97 35.65 97.27
C LYS UA 27 -6.86 34.61 97.95
N SER UA 28 -6.65 33.33 97.63
CA SER UA 28 -7.41 32.27 98.28
C SER UA 28 -7.11 32.22 99.77
N PHE UA 29 -5.85 32.45 100.14
CA PHE UA 29 -5.46 32.43 101.54
C PHE UA 29 -6.14 33.55 102.31
N VAL UA 30 -6.15 34.77 101.75
CA VAL UA 30 -6.81 35.87 102.44
C VAL UA 30 -8.32 35.67 102.46
N ALA UA 31 -8.86 35.01 101.44
CA ALA UA 31 -10.28 34.68 101.45
C ALA UA 31 -10.63 33.70 102.56
N SER UA 32 -9.80 32.67 102.75
CA SER UA 32 -10.11 31.64 103.73
C SER UA 32 -9.56 32.01 105.11
N GLY UA 33 -8.94 33.18 105.23
CA GLY UA 33 -8.39 33.60 106.51
C GLY UA 33 -9.43 33.76 107.59
N GLU UA 34 -10.60 34.30 107.24
CA GLU UA 34 -11.65 34.49 108.25
C GLU UA 34 -12.17 33.15 108.75
N ARG UA 35 -12.30 32.17 107.85
CA ARG UA 35 -12.73 30.84 108.27
C ARG UA 35 -11.66 30.16 109.12
N ARG UA 36 -10.39 30.35 108.76
CA ARG UA 36 -9.31 29.78 109.55
C ARG UA 36 -9.26 30.39 110.95
N LEU UA 37 -9.47 31.70 111.05
CA LEU UA 37 -9.49 32.36 112.36
C LEU UA 37 -10.67 31.87 113.19
N ARG UA 38 -11.83 31.70 112.56
CA ARG UA 38 -12.99 31.18 113.29
C ARG UA 38 -12.75 29.76 113.78
N ILE UA 39 -12.12 28.92 112.95
CA ILE UA 39 -11.80 27.56 113.36
C ILE UA 39 -10.83 27.57 114.54
N ALA UA 40 -9.80 28.41 114.47
CA ALA UA 40 -8.83 28.46 115.56
C ALA UA 40 -9.45 28.96 116.86
N GLN UA 41 -10.33 29.97 116.77
CA GLN UA 41 -10.98 30.45 117.98
C GLN UA 41 -11.92 29.38 118.56
N THR UA 42 -12.62 28.64 117.68
CA THR UA 42 -13.48 27.57 118.16
C THR UA 42 -12.68 26.47 118.86
N LEU UA 43 -11.53 26.13 118.31
CA LEU UA 43 -10.67 25.14 118.96
C LEU UA 43 -10.11 25.66 120.27
N THR UA 44 -9.84 26.97 120.33
CA THR UA 44 -9.29 27.55 121.56
C THR UA 44 -10.33 27.58 122.67
N GLU UA 45 -11.60 27.77 122.33
CA GLU UA 45 -12.65 27.80 123.35
C GLU UA 45 -12.76 26.46 124.07
N ALA UA 46 -12.65 25.36 123.34
CA ALA UA 46 -12.80 24.02 123.90
C ALA UA 46 -11.46 23.36 124.19
N ARG UA 47 -10.46 24.14 124.60
CA ARG UA 47 -9.11 23.59 124.73
C ARG UA 47 -9.02 22.58 125.87
N GLU UA 48 -9.59 22.90 127.03
CA GLU UA 48 -9.42 22.02 128.19
C GLU UA 48 -10.19 20.72 128.01
N ARG UA 49 -11.40 20.78 127.46
CA ARG UA 49 -12.19 19.57 127.25
C ARG UA 49 -11.52 18.66 126.24
N ILE UA 50 -10.98 19.25 125.17
CA ILE UA 50 -10.29 18.47 124.15
C ILE UA 50 -9.08 17.77 124.74
N VAL UA 51 -8.31 18.49 125.55
CA VAL UA 51 -7.08 17.91 126.13
C VAL UA 51 -7.45 16.77 127.08
N LYS UA 52 -8.44 16.99 127.94
CA LYS UA 52 -8.83 15.96 128.91
C LYS UA 52 -9.38 14.72 128.21
N GLN UA 53 -10.27 14.91 127.24
CA GLN UA 53 -10.85 13.78 126.54
C GLN UA 53 -9.81 13.03 125.73
N ALA UA 54 -8.89 13.75 125.08
CA ALA UA 54 -7.82 13.11 124.33
C ALA UA 54 -6.90 12.31 125.24
N GLY UA 55 -6.60 12.86 126.43
CA GLY UA 55 -5.81 12.12 127.39
C GLY UA 55 -6.50 10.85 127.86
N ASP UA 56 -7.81 10.93 128.08
CA ASP UA 56 -8.57 9.74 128.47
C ASP UA 56 -8.52 8.67 127.38
N GLN UA 57 -8.73 9.08 126.12
CA GLN UA 57 -8.66 8.11 125.02
C GLN UA 57 -7.27 7.53 124.89
N LEU UA 58 -6.24 8.36 125.03
CA LEU UA 58 -4.86 7.88 124.92
C LEU UA 58 -4.54 6.87 126.01
N PHE UA 59 -4.98 7.15 127.25
CA PHE UA 59 -4.75 6.21 128.33
C PHE UA 59 -5.51 4.91 128.16
N GLN UA 60 -6.75 4.97 127.64
CA GLN UA 60 -7.48 3.74 127.37
C GLN UA 60 -6.80 2.92 126.28
N ILE UA 61 -6.32 3.59 125.22
CA ILE UA 61 -5.69 2.85 124.13
C ILE UA 61 -4.35 2.26 124.56
N ARG UA 62 -3.53 3.03 125.28
CA ARG UA 62 -2.20 2.60 125.69
C ARG UA 62 -2.09 2.79 127.20
N PRO UA 63 -2.57 1.83 127.99
CA PRO UA 63 -2.40 1.93 129.45
C PRO UA 63 -0.99 1.64 129.90
N ASP UA 64 -0.11 1.15 129.02
CA ASP UA 64 1.25 0.83 129.42
C ASP UA 64 2.04 2.07 129.82
N VAL UA 65 1.73 3.22 129.22
CA VAL UA 65 2.43 4.45 129.57
C VAL UA 65 2.12 4.86 131.00
N VAL UA 66 0.93 4.51 131.50
CA VAL UA 66 0.54 4.87 132.86
C VAL UA 66 0.79 3.65 133.75
N SER UA 67 1.62 2.74 133.27
CA SER UA 67 2.03 1.56 134.03
C SER UA 67 3.35 1.89 134.72
N PRO UA 68 3.78 1.07 135.68
CA PRO UA 68 5.02 1.33 136.42
C PRO UA 68 6.25 1.49 135.54
N GLY UA 69 6.29 0.78 134.42
CA GLY UA 69 7.41 0.92 133.50
C GLY UA 69 7.14 1.94 132.42
N GLY UA 70 6.16 2.82 132.63
CA GLY UA 70 5.75 3.79 131.64
C GLY UA 70 6.39 5.15 131.91
N ASN UA 71 6.58 5.92 130.83
CA ASN UA 71 7.16 7.25 130.97
C ASN UA 71 6.24 8.17 131.76
N ALA UA 72 4.93 8.05 131.56
CA ALA UA 72 3.95 8.92 132.19
C ALA UA 72 3.34 8.30 133.45
N TYR UA 73 4.12 7.52 134.19
CA TYR UA 73 3.62 6.88 135.40
C TYR UA 73 3.65 7.89 136.55
N GLY UA 74 2.48 8.15 137.13
CA GLY UA 74 2.35 9.10 138.21
C GLY UA 74 1.45 10.27 137.84
N GLU UA 75 0.96 10.94 138.89
CA GLU UA 75 0.03 12.04 138.69
C GLU UA 75 0.70 13.21 137.95
N LYS UA 76 1.86 13.64 138.42
CA LYS UA 76 2.58 14.71 137.74
C LYS UA 76 3.12 14.31 136.38
N MET UA 77 3.54 13.05 136.22
CA MET UA 77 3.95 12.57 134.90
C MET UA 77 2.79 12.55 133.91
N THR UA 78 1.56 12.30 134.38
CA THR UA 78 0.40 12.42 133.52
C THR UA 78 0.03 13.88 133.25
N ALA UA 79 0.21 14.74 134.25
CA ALA UA 79 -0.03 16.16 134.05
C ALA UA 79 0.91 16.73 132.99
N LEU UA 80 2.17 16.28 132.99
CA LEU UA 80 3.11 16.72 131.96
C LEU UA 80 2.69 16.26 130.57
N CYS UA 81 2.18 15.02 130.47
CA CYS UA 81 1.66 14.53 129.20
C CYS UA 81 0.48 15.37 128.72
N LEU UA 82 -0.43 15.72 129.64
CA LEU UA 82 -1.54 16.59 129.28
C LEU UA 82 -1.06 17.98 128.85
N ARG UA 83 -0.05 18.52 129.52
CA ARG UA 83 0.49 19.81 129.12
C ARG UA 83 1.13 19.73 127.74
N ASP UA 84 1.80 18.63 127.43
CA ASP UA 84 2.36 18.45 126.09
C ASP UA 84 1.26 18.37 125.04
N LEU UA 85 0.16 17.69 125.36
CA LEU UA 85 -0.97 17.66 124.43
C LEU UA 85 -1.57 19.04 124.24
N ASP UA 86 -1.61 19.85 125.31
CA ASP UA 86 -2.05 21.23 125.18
C ASP UA 86 -1.11 22.03 124.28
N TYR UA 87 0.20 21.81 124.42
CA TYR UA 87 1.18 22.45 123.55
C TYR UA 87 0.93 22.11 122.09
N TYR UA 88 0.70 20.83 121.81
CA TYR UA 88 0.47 20.43 120.43
C TYR UA 88 -0.87 20.95 119.89
N LEU UA 89 -1.88 21.05 120.74
CA LEU UA 89 -3.13 21.66 120.30
C LEU UA 89 -2.93 23.14 119.95
N ARG UA 90 -2.15 23.84 120.77
CA ARG UA 90 -1.83 25.24 120.46
C ARG UA 90 -1.06 25.36 119.15
N LEU UA 91 -0.13 24.44 118.93
CA LEU UA 91 0.61 24.45 117.67
C LEU UA 91 -0.29 24.18 116.47
N VAL UA 92 -1.26 23.28 116.64
CA VAL UA 92 -2.21 23.00 115.56
C VAL UA 92 -3.05 24.24 115.26
N THR UA 93 -3.52 24.94 116.29
CA THR UA 93 -4.30 26.14 116.03
C THR UA 93 -3.44 27.23 115.39
N TYR UA 94 -2.15 27.29 115.75
CA TYR UA 94 -1.22 28.20 115.09
C TYR UA 94 -1.10 27.88 113.61
N GLY UA 95 -0.95 26.60 113.29
CA GLY UA 95 -0.87 26.20 111.89
C GLY UA 95 -2.14 26.53 111.13
N ILE UA 96 -3.29 26.35 111.78
CA ILE UA 96 -4.57 26.60 111.12
C ILE UA 96 -4.73 28.10 110.82
N VAL UA 97 -4.37 28.96 111.78
CA VAL UA 97 -4.46 30.40 111.50
C VAL UA 97 -3.45 30.82 110.45
N ALA UA 98 -2.23 30.28 110.53
CA ALA UA 98 -1.19 30.68 109.59
C ALA UA 98 -1.50 30.22 108.17
N GLY UA 99 -2.30 29.16 108.04
CA GLY UA 99 -2.62 28.59 106.75
C GLY UA 99 -1.58 27.63 106.21
N ASP UA 100 -0.31 27.86 106.50
CA ASP UA 100 0.76 26.92 106.21
C ASP UA 100 1.29 26.41 107.54
N VAL UA 101 1.86 25.20 107.53
CA VAL UA 101 2.25 24.55 108.77
C VAL UA 101 3.56 25.13 109.31
N THR UA 102 4.26 25.93 108.48
CA THR UA 102 5.62 26.45 108.61
C THR UA 102 6.11 26.74 110.03
N PRO UA 103 5.36 27.48 110.85
CA PRO UA 103 5.82 27.72 112.23
C PRO UA 103 5.92 26.45 113.06
N ILE UA 104 5.04 25.48 112.81
CA ILE UA 104 4.97 24.28 113.65
C ILE UA 104 6.25 23.45 113.51
N GLU UA 105 6.90 23.50 112.34
CA GLU UA 105 8.16 22.80 112.16
C GLU UA 105 9.23 23.31 113.10
N GLU UA 106 9.44 24.63 113.13
CA GLU UA 106 10.41 25.19 114.04
C GLU UA 106 9.97 25.01 115.49
N ILE UA 107 8.67 25.04 115.75
CA ILE UA 107 8.21 25.00 117.14
C ILE UA 107 8.37 23.61 117.76
N GLY UA 108 7.85 22.56 117.13
CA GLY UA 108 7.76 21.31 117.86
C GLY UA 108 7.95 19.98 117.15
N ILE UA 109 8.42 19.96 115.90
CA ILE UA 109 8.64 18.71 115.19
C ILE UA 109 10.11 18.48 114.86
N ILE UA 110 10.85 19.55 114.55
CA ILE UA 110 12.29 19.37 114.34
C ILE UA 110 12.95 19.25 115.71
N GLY UA 111 13.66 18.15 115.92
CA GLY UA 111 14.25 17.86 117.21
C GLY UA 111 13.34 17.15 118.19
N VAL UA 112 12.07 16.94 117.82
CA VAL UA 112 11.14 16.24 118.71
C VAL UA 112 11.54 14.78 118.87
N LYS UA 113 12.22 14.22 117.87
CA LYS UA 113 12.73 12.85 118.01
C LYS UA 113 13.73 12.77 119.14
N GLU UA 114 14.67 13.72 119.21
CA GLU UA 114 15.64 13.77 120.29
C GLU UA 114 15.00 14.16 121.62
N MET UA 115 14.00 15.05 121.57
CA MET UA 115 13.05 15.25 122.68
C MET UA 115 12.62 13.94 123.32
N TYR UA 116 11.90 13.12 122.57
CA TYR UA 116 11.28 11.97 123.23
C TYR UA 116 12.24 10.79 123.34
N ASN UA 117 13.35 10.79 122.60
CA ASN UA 117 14.36 9.77 122.81
C ASN UA 117 15.15 10.01 124.09
N SER UA 118 15.59 11.26 124.32
CA SER UA 118 16.35 11.53 125.53
C SER UA 118 15.44 11.65 126.74
N LEU UA 119 14.14 11.85 126.52
CA LEU UA 119 13.23 11.73 127.65
C LEU UA 119 12.64 10.33 127.77
N GLN UA 120 12.96 9.43 126.84
CA GLN UA 120 12.51 8.04 126.88
C GLN UA 120 10.99 7.94 126.83
N THR UA 121 10.35 8.81 126.06
CA THR UA 121 8.90 8.83 125.99
C THR UA 121 8.43 8.15 124.71
N PRO UA 122 7.30 7.44 124.73
CA PRO UA 122 6.82 6.78 123.51
C PRO UA 122 6.28 7.75 122.47
N ILE UA 123 7.06 7.91 121.39
CA ILE UA 123 6.60 8.74 120.26
C ILE UA 123 5.32 8.19 119.65
N PRO UA 124 5.16 6.90 119.40
CA PRO UA 124 3.85 6.39 118.97
C PRO UA 124 2.72 6.68 119.95
N ALA UA 125 2.99 6.65 121.26
CA ALA UA 125 1.99 7.09 122.21
C ALA UA 125 1.62 8.55 122.06
N VAL UA 126 2.60 9.42 121.80
CA VAL UA 126 2.31 10.82 121.51
C VAL UA 126 1.46 10.93 120.25
N ALA UA 127 1.74 10.09 119.25
CA ALA UA 127 0.94 10.07 118.03
C ALA UA 127 -0.51 9.68 118.33
N GLU UA 128 -0.70 8.68 119.18
CA GLU UA 128 -2.06 8.27 119.54
C GLU UA 128 -2.77 9.37 120.32
N GLY UA 129 -2.06 10.07 121.19
CA GLY UA 129 -2.65 11.21 121.87
C GLY UA 129 -3.06 12.31 120.91
N VAL UA 130 -2.23 12.57 119.90
CA VAL UA 130 -2.57 13.56 118.89
C VAL UA 130 -3.79 13.12 118.09
N ARG UA 131 -3.89 11.82 117.80
CA ARG UA 131 -5.06 11.32 117.08
C ARG UA 131 -6.33 11.46 117.92
N ALA UA 132 -6.23 11.21 119.22
CA ALA UA 132 -7.37 11.42 120.10
C ALA UA 132 -7.76 12.89 120.14
N MET UA 133 -6.77 13.79 120.17
CA MET UA 133 -7.06 15.22 120.10
C MET UA 133 -7.74 15.58 118.80
N LYS UA 134 -7.32 14.95 117.70
CA LYS UA 134 -7.95 15.18 116.40
C LYS UA 134 -9.41 14.75 116.43
N ASN UA 135 -9.69 13.59 117.03
CA ASN UA 135 -11.07 13.13 117.13
C ASN UA 135 -11.91 14.08 117.96
N VAL UA 136 -11.37 14.55 119.08
CA VAL UA 136 -12.11 15.48 119.94
C VAL UA 136 -12.37 16.79 119.22
N ALA UA 137 -11.37 17.28 118.47
CA ALA UA 137 -11.54 18.53 117.74
C ALA UA 137 -12.58 18.40 116.63
N THR UA 138 -12.50 17.32 115.85
CA THR UA 138 -13.47 17.13 114.77
C THR UA 138 -14.87 16.87 115.30
N SER UA 139 -14.99 16.41 116.53
CA SER UA 139 -16.31 16.26 117.14
C SER UA 139 -17.01 17.59 117.40
N LEU UA 140 -16.29 18.72 117.39
CA LEU UA 140 -16.87 20.01 117.72
C LEU UA 140 -16.84 20.99 116.56
N LEU UA 141 -16.77 20.50 115.32
CA LEU UA 141 -16.65 21.39 114.17
C LEU UA 141 -17.52 20.89 113.04
N SER UA 142 -17.87 21.81 112.14
CA SER UA 142 -18.55 21.43 110.91
C SER UA 142 -17.62 20.59 110.04
N GLY UA 143 -18.20 19.98 109.00
CA GLY UA 143 -17.48 19.05 108.17
C GLY UA 143 -16.26 19.62 107.47
N ASP UA 144 -16.40 20.77 106.82
CA ASP UA 144 -15.27 21.38 106.15
C ASP UA 144 -14.24 21.92 107.14
N ASP UA 145 -14.69 22.58 108.21
CA ASP UA 145 -13.78 22.97 109.29
C ASP UA 145 -13.12 21.77 109.94
N ALA UA 146 -13.86 20.69 110.18
CA ALA UA 146 -13.29 19.49 110.77
C ALA UA 146 -12.22 18.89 109.86
N ALA UA 147 -12.48 18.82 108.56
CA ALA UA 147 -11.49 18.30 107.62
C ALA UA 147 -10.26 19.19 107.58
N GLU UA 148 -10.47 20.51 107.59
CA GLU UA 148 -9.35 21.45 107.55
C GLU UA 148 -8.45 21.30 108.77
N ALA UA 149 -9.04 21.12 109.95
CA ALA UA 149 -8.23 20.89 111.14
C ALA UA 149 -7.56 19.51 111.10
N GLY UA 150 -8.29 18.50 110.59
CA GLY UA 150 -7.74 17.16 110.54
C GLY UA 150 -6.56 17.05 109.60
N PHE UA 151 -6.50 17.92 108.58
CA PHE UA 151 -5.32 17.95 107.73
C PHE UA 151 -4.06 18.26 108.53
N TYR UA 152 -4.10 19.30 109.37
CA TYR UA 152 -2.93 19.64 110.16
C TYR UA 152 -2.67 18.62 111.26
N PHE UA 153 -3.73 18.02 111.81
CA PHE UA 153 -3.53 16.97 112.81
C PHE UA 153 -2.83 15.76 112.19
N ASP UA 154 -3.25 15.36 110.99
CA ASP UA 154 -2.58 14.29 110.28
C ASP UA 154 -1.15 14.69 109.91
N TYR UA 155 -0.93 15.98 109.64
CA TYR UA 155 0.42 16.45 109.37
C TYR UA 155 1.32 16.24 110.57
N LEU UA 156 0.81 16.54 111.77
CA LEU UA 156 1.59 16.27 112.99
C LEU UA 156 1.82 14.78 113.18
N VAL UA 157 0.78 13.98 112.89
CA VAL UA 157 0.87 12.53 113.07
C VAL UA 157 1.90 11.93 112.12
N GLY UA 158 2.09 12.56 110.96
CA GLY UA 158 3.17 12.12 110.08
C GLY UA 158 4.50 12.78 110.42
N ALA UA 159 4.44 13.94 111.08
CA ALA UA 159 5.65 14.73 111.31
C ALA UA 159 6.46 14.19 112.47
N MET UA 160 5.82 13.61 113.49
CA MET UA 160 6.59 13.02 114.59
C MET UA 160 6.88 11.55 114.26
N GLN UA 161 6.40 11.15 113.08
CA GLN UA 161 6.66 9.83 112.54
C GLN UA 161 8.06 9.77 111.91
N MET VA 1 12.42 35.24 107.10
CA MET VA 1 11.70 36.45 107.48
C MET VA 1 10.33 36.15 108.09
N GLN VA 2 9.53 37.19 108.26
CA GLN VA 2 8.26 37.06 108.96
C GLN VA 2 7.29 38.10 108.43
N ASP VA 3 6.08 37.63 108.09
CA ASP VA 3 4.97 38.50 107.74
C ASP VA 3 4.20 38.83 109.01
N ALA VA 4 3.07 39.51 108.86
CA ALA VA 4 2.28 39.90 110.02
C ALA VA 4 1.75 38.68 110.78
N ILE VA 5 1.25 37.69 110.04
CA ILE VA 5 0.68 36.50 110.66
C ILE VA 5 1.75 35.74 111.42
N THR VA 6 2.89 35.51 110.78
CA THR VA 6 3.99 34.80 111.43
C THR VA 6 4.55 35.58 112.62
N ALA VA 7 4.63 36.92 112.52
CA ALA VA 7 5.11 37.71 113.64
C ALA VA 7 4.18 37.60 114.84
N VAL VA 8 2.87 37.68 114.60
CA VAL VA 8 1.90 37.55 115.69
C VAL VA 8 1.98 36.15 116.30
N ILE VA 9 2.10 35.12 115.45
CA ILE VA 9 2.17 33.75 115.93
C ILE VA 9 3.42 33.55 116.78
N ASN VA 10 4.55 34.07 116.33
CA ASN VA 10 5.80 33.94 117.08
C ASN VA 10 5.72 34.71 118.40
N ASN VA 11 5.16 35.91 118.38
CA ASN VA 11 5.06 36.70 119.61
C ASN VA 11 4.14 36.05 120.62
N TYR VA 12 3.09 35.38 120.18
CA TYR VA 12 2.24 34.65 121.12
C TYR VA 12 2.86 33.33 121.56
N ASP VA 13 3.64 32.69 120.69
CA ASP VA 13 4.29 31.43 121.06
C ASP VA 13 5.36 31.70 122.11
N VAL VA 14 6.01 32.85 122.04
CA VAL VA 14 7.04 33.18 123.03
C VAL VA 14 6.45 33.29 124.44
N GLN VA 15 5.17 33.61 124.57
CA GLN VA 15 4.47 33.51 125.83
C GLN VA 15 3.75 32.17 125.99
N GLY VA 16 3.69 31.36 124.94
CA GLY VA 16 2.99 30.10 125.03
C GLY VA 16 1.49 30.26 125.22
N LYS VA 17 0.88 31.19 124.49
CA LYS VA 17 -0.51 31.55 124.67
C LYS VA 17 -1.31 31.20 123.42
N TYR VA 18 -2.54 30.74 123.62
CA TYR VA 18 -3.47 30.63 122.51
C TYR VA 18 -3.84 32.02 121.99
N LEU VA 19 -4.20 32.08 120.72
CA LEU VA 19 -4.53 33.36 120.10
C LEU VA 19 -5.83 33.91 120.68
N ASP VA 20 -5.86 35.23 120.87
CA ASP VA 20 -7.01 35.91 121.46
C ASP VA 20 -7.59 36.93 120.48
N GLY VA 21 -8.60 37.65 120.97
CA GLY VA 21 -9.28 38.62 120.13
C GLY VA 21 -8.38 39.76 119.69
N ALA VA 22 -7.42 40.15 120.54
CA ALA VA 22 -6.54 41.26 120.22
C ALA VA 22 -5.68 40.93 118.99
N ALA VA 23 -5.14 39.73 118.92
CA ALA VA 23 -4.41 39.31 117.72
C ALA VA 23 -5.38 39.02 116.58
N LEU VA 24 -6.61 38.62 116.92
CA LEU VA 24 -7.61 38.35 115.89
C LEU VA 24 -7.97 39.59 115.09
N ASP VA 25 -8.12 40.75 115.75
CA ASP VA 25 -8.39 41.99 115.01
C ASP VA 25 -7.22 42.36 114.12
N LYS VA 26 -5.99 42.16 114.59
CA LYS VA 26 -4.82 42.46 113.77
C LYS VA 26 -4.77 41.59 112.53
N LEU VA 27 -5.08 40.30 112.69
CA LEU VA 27 -5.15 39.42 111.53
C LEU VA 27 -6.30 39.80 110.60
N LYS VA 28 -7.43 40.23 111.17
CA LYS VA 28 -8.56 40.68 110.36
C LYS VA 28 -8.19 41.88 109.51
N ALA VA 29 -7.38 42.79 110.07
CA ALA VA 29 -6.95 43.96 109.31
C ALA VA 29 -6.14 43.56 108.08
N TYR VA 30 -5.21 42.63 108.24
CA TYR VA 30 -4.42 42.17 107.11
C TYR VA 30 -5.30 41.45 106.09
N PHE VA 31 -6.24 40.64 106.57
CA PHE VA 31 -7.14 39.94 105.65
C PHE VA 31 -8.02 40.92 104.89
N THR VA 32 -8.36 42.05 105.50
CA THR VA 32 -9.08 43.09 104.79
C THR VA 32 -8.18 43.78 103.77
N THR VA 33 -6.89 43.94 104.07
CA THR VA 33 -5.97 44.61 103.18
C THR VA 33 -5.36 43.68 102.12
N GLY VA 34 -5.83 42.44 102.03
CA GLY VA 34 -5.19 41.48 101.16
C GLY VA 34 -5.31 41.79 99.68
N ALA VA 35 -6.50 42.18 99.22
CA ALA VA 35 -6.73 42.31 97.78
C ALA VA 35 -5.98 43.50 97.19
N VAL VA 36 -5.95 44.61 97.93
CA VAL VA 36 -5.33 45.82 97.41
C VAL VA 36 -3.82 45.63 97.26
N ARG VA 37 -3.19 44.87 98.16
CA ARG VA 37 -1.77 44.59 98.02
C ARG VA 37 -1.49 43.77 96.77
N VAL VA 38 -2.31 42.76 96.51
CA VAL VA 38 -2.13 41.93 95.32
C VAL VA 38 -2.33 42.75 94.06
N ARG VA 39 -3.34 43.62 94.05
CA ARG VA 39 -3.55 44.46 92.88
C ARG VA 39 -2.40 45.44 92.67
N ALA VA 40 -1.88 46.00 93.76
CA ALA VA 40 -0.79 46.96 93.63
C ALA VA 40 0.51 46.30 93.21
N ALA VA 41 0.75 45.06 93.63
CA ALA VA 41 2.01 44.39 93.32
C ALA VA 41 2.16 44.14 91.83
N ALA VA 42 1.09 43.74 91.14
CA ALA VA 42 1.20 43.44 89.71
C ALA VA 42 1.51 44.69 88.90
N VAL VA 43 0.98 45.85 89.34
CA VAL VA 43 1.25 47.10 88.64
C VAL VA 43 2.73 47.44 88.69
N ILE VA 44 3.35 47.25 89.86
CA ILE VA 44 4.78 47.50 89.99
C ILE VA 44 5.58 46.53 89.13
N SER VA 45 5.13 45.28 89.05
CA SER VA 45 5.80 44.30 88.20
C SER VA 45 5.74 44.70 86.74
N SER VA 46 4.59 45.16 86.28
CA SER VA 46 4.46 45.63 84.90
C SER VA 46 5.30 46.87 84.62
N ASN VA 47 5.28 47.87 85.51
CA ASN VA 47 5.99 49.12 85.26
C ASN VA 47 7.30 49.22 86.05
N ALA VA 48 7.98 48.09 86.27
CA ALA VA 48 9.23 48.12 87.01
C ALA VA 48 10.30 48.94 86.29
N THR VA 49 10.55 48.63 85.01
CA THR VA 49 11.55 49.38 84.27
C THR VA 49 11.14 50.83 84.06
N THR VA 50 9.86 51.07 83.77
CA THR VA 50 9.38 52.43 83.59
C THR VA 50 9.51 53.22 84.89
N ILE VA 51 9.23 52.59 86.03
CA ILE VA 51 9.39 53.27 87.32
C ILE VA 51 10.84 53.65 87.56
N ILE VA 52 11.76 52.74 87.24
CA ILE VA 52 13.18 53.03 87.42
C ILE VA 52 13.65 54.13 86.48
N LYS VA 53 13.12 54.19 85.25
CA LYS VA 53 13.57 55.15 84.26
C LYS VA 53 13.20 56.58 84.60
N GLU VA 54 12.26 56.79 85.52
CA GLU VA 54 11.92 58.14 85.96
C GLU VA 54 12.60 58.55 87.26
N ALA VA 55 12.76 57.62 88.22
CA ALA VA 55 13.46 57.95 89.46
C ALA VA 55 14.91 58.30 89.18
N ALA VA 56 15.55 57.54 88.29
CA ALA VA 56 16.94 57.84 87.92
C ALA VA 56 17.03 59.20 87.24
N ALA VA 57 16.08 59.52 86.37
CA ALA VA 57 16.08 60.82 85.71
C ALA VA 57 15.88 61.96 86.70
N LYS VA 58 15.00 61.78 87.68
CA LYS VA 58 14.69 62.84 88.63
C LYS VA 58 15.67 62.93 89.79
N ALA VA 59 16.52 61.93 89.98
CA ALA VA 59 17.41 61.97 91.14
C ALA VA 59 18.88 61.83 90.86
N LEU VA 60 19.31 61.05 89.85
CA LEU VA 60 20.71 60.71 89.74
C LEU VA 60 21.37 61.30 88.49
N ILE VA 61 20.82 60.99 87.31
CA ILE VA 61 21.48 61.33 86.06
C ILE VA 61 21.41 62.82 85.80
N TYR VA 62 22.18 63.28 84.82
CA TYR VA 62 22.33 64.71 84.51
C TYR VA 62 22.91 65.46 85.70
N SER VA 63 23.99 64.92 86.28
CA SER VA 63 24.63 65.55 87.43
C SER VA 63 26.08 65.11 87.49
N ASP VA 64 26.76 65.54 88.55
CA ASP VA 64 28.17 65.20 88.71
C ASP VA 64 28.37 63.73 89.05
N LEU VA 65 27.32 63.06 89.54
CA LEU VA 65 27.41 61.63 89.82
C LEU VA 65 27.68 60.85 88.55
N THR VA 66 27.06 61.24 87.44
CA THR VA 66 27.17 60.51 86.19
C THR VA 66 28.34 61.00 85.33
N ARG VA 67 29.00 62.06 85.73
CA ARG VA 67 30.14 62.58 84.99
C ARG VA 67 31.42 61.87 85.43
N PRO VA 68 32.53 62.12 84.74
CA PRO VA 68 33.82 61.58 85.20
C PRO VA 68 34.15 62.08 86.61
N GLY VA 69 34.70 61.18 87.42
CA GLY VA 69 34.88 61.43 88.83
C GLY VA 69 33.67 61.10 89.68
N GLY VA 70 32.56 60.70 89.07
CA GLY VA 70 31.37 60.33 89.80
C GLY VA 70 31.33 58.84 90.07
N MEN VA 71 30.53 58.44 91.04
CA MEN VA 71 30.46 57.05 91.42
C MEN VA 71 29.66 56.23 90.42
O MEN VA 71 29.80 55.03 90.25
CB MEN VA 71 29.80 56.81 92.79
CG MEN VA 71 30.17 55.42 93.28
OD1 MEN VA 71 29.29 54.58 93.55
ND2 MEN VA 71 31.52 55.12 93.38
CE2 MEN VA 71 32.02 53.86 93.81
N MET VA 72 28.77 56.94 89.71
CA MET VA 72 27.89 56.28 88.75
C MET VA 72 28.53 56.37 87.37
N TYR VA 73 29.71 56.99 87.31
CA TYR VA 73 30.45 57.11 86.07
C TYR VA 73 30.88 55.72 85.58
N THR VA 74 30.95 55.57 84.26
CA THR VA 74 31.27 54.34 83.53
C THR VA 74 30.06 53.41 83.47
N THR VA 75 30.00 52.61 82.40
CA THR VA 75 28.86 51.74 82.16
C THR VA 75 28.70 50.71 83.26
N ARG VA 76 29.80 50.20 83.80
CA ARG VA 76 29.73 49.20 84.87
C ARG VA 76 29.06 49.78 86.10
N ARG VA 77 29.49 50.97 86.51
CA ARG VA 77 28.91 51.57 87.69
C ARG VA 77 27.46 52.01 87.46
N TYR VA 78 27.13 52.47 86.25
CA TYR VA 78 25.74 52.79 85.98
C TYR VA 78 24.85 51.55 86.04
N ALA VA 79 25.32 50.45 85.46
CA ALA VA 79 24.57 49.20 85.49
C ALA VA 79 24.42 48.70 86.92
N ALA VA 80 25.48 48.80 87.71
CA ALA VA 80 25.41 48.39 89.11
C ALA VA 80 24.42 49.26 89.89
N CYS VA 81 24.43 50.56 89.66
CA CYS VA 81 23.50 51.44 90.37
C CYS VA 81 22.06 51.13 89.99
N ILE VA 82 21.78 50.92 88.71
CA ILE VA 82 20.42 50.57 88.33
C ILE VA 82 20.01 49.19 88.85
N ARG VA 83 20.95 48.24 88.92
CA ARG VA 83 20.61 46.92 89.47
C ARG VA 83 20.29 47.02 90.95
N ASP VA 84 21.07 47.82 91.69
CA ASP VA 84 20.76 48.08 93.10
C ASP VA 84 19.41 48.73 93.23
N MET VA 85 19.09 49.63 92.31
CA MET VA 85 17.83 50.36 92.35
C MET VA 85 16.67 49.38 92.17
N ASP VA 86 16.84 48.43 91.25
CA ASP VA 86 15.85 47.38 91.06
C ASP VA 86 15.76 46.45 92.27
N TYR VA 87 16.90 46.18 92.93
CA TYR VA 87 16.89 45.41 94.17
C TYR VA 87 16.00 46.08 95.21
N PHE VA 88 16.17 47.39 95.39
CA PHE VA 88 15.38 48.13 96.35
C PHE VA 88 13.90 48.07 95.99
N LEU VA 89 13.58 48.23 94.70
CA LEU VA 89 12.19 48.19 94.27
C LEU VA 89 11.56 46.82 94.54
N ARG VA 90 12.26 45.74 94.18
CA ARG VA 90 11.72 44.40 94.37
C ARG VA 90 11.54 44.07 95.84
N TYR VA 91 12.50 44.43 96.68
CA TYR VA 91 12.39 44.07 98.08
C TYR VA 91 11.37 44.96 98.79
N ALA VA 92 11.19 46.19 98.32
CA ALA VA 92 10.09 47.00 98.82
C ALA VA 92 8.75 46.37 98.45
N THR VA 93 8.66 45.80 97.25
CA THR VA 93 7.43 45.08 96.87
C THR VA 93 7.19 43.88 97.78
N TYR VA 94 8.26 43.12 98.07
CA TYR VA 94 8.11 41.98 98.98
C TYR VA 94 7.68 42.43 100.37
N ALA VA 95 8.25 43.51 100.86
CA ALA VA 95 7.88 44.02 102.18
C ALA VA 95 6.43 44.49 102.21
N MET VA 96 5.99 45.16 101.14
CA MET VA 96 4.61 45.62 101.09
C MET VA 96 3.64 44.45 100.99
N LEU VA 97 4.06 43.37 100.33
CA LEU VA 97 3.21 42.18 100.28
C LEU VA 97 3.14 41.50 101.65
N ALA VA 98 4.29 41.32 102.30
CA ALA VA 98 4.33 40.56 103.55
C ALA VA 98 3.85 41.38 104.74
N GLY VA 99 3.71 42.68 104.61
CA GLY VA 99 3.28 43.50 105.72
C GLY VA 99 4.28 43.57 106.86
N ASP VA 100 5.58 43.61 106.55
CA ASP VA 100 6.60 43.69 107.58
C ASP VA 100 7.97 44.00 106.99
N PRO VA 101 8.76 44.84 107.64
CA PRO VA 101 10.11 45.14 107.15
C PRO VA 101 11.17 44.13 107.59
N SER VA 102 10.76 42.97 108.10
CA SER VA 102 11.72 41.97 108.56
C SER VA 102 12.58 41.47 107.42
N ILE VA 103 11.96 41.20 106.26
CA ILE VA 103 12.73 40.74 105.10
C ILE VA 103 13.65 41.85 104.61
N LEU VA 104 13.23 43.10 104.69
CA LEU VA 104 14.09 44.21 104.32
C LEU VA 104 15.32 44.29 105.22
N ASP VA 105 15.13 44.11 106.53
CA ASP VA 105 16.26 44.10 107.44
C ASP VA 105 17.16 42.89 107.20
N GLU VA 106 16.56 41.75 106.88
CA GLU VA 106 17.31 40.50 106.78
C GLU VA 106 18.11 40.42 105.49
N ARG VA 107 17.60 40.96 104.40
CA ARG VA 107 18.16 40.72 103.08
C ARG VA 107 18.81 41.92 102.43
N VAL VA 108 18.57 43.13 102.92
CA VAL VA 108 19.07 44.31 102.23
C VAL VA 108 19.96 45.13 103.15
N LEU VA 109 19.40 45.55 104.30
CA LEU VA 109 20.12 46.48 105.16
C LEU VA 109 21.30 45.83 105.88
N ASN VA 110 21.35 44.50 105.93
CA ASN VA 110 22.38 43.81 106.69
C ASN VA 110 23.75 43.94 106.04
N GLY VA 111 24.59 44.82 106.56
CA GLY VA 111 25.93 45.03 106.03
C GLY VA 111 25.99 45.94 104.82
N LEU VA 112 24.84 46.41 104.32
CA LEU VA 112 24.82 47.22 103.12
C LEU VA 112 25.54 48.55 103.33
N LYS VA 113 25.34 49.19 104.48
CA LYS VA 113 25.95 50.48 104.72
C LYS VA 113 27.47 50.35 104.82
N GLU VA 114 27.95 49.28 105.45
CA GLU VA 114 29.39 49.07 105.56
C GLU VA 114 30.00 48.74 104.20
N THR VA 115 29.30 47.93 103.39
CA THR VA 115 29.79 47.64 102.05
C THR VA 115 29.82 48.90 101.19
N TYR VA 116 28.80 49.74 101.30
CA TYR VA 116 28.77 50.99 100.54
C TYR VA 116 29.88 51.93 101.00
N ASN VA 117 30.14 51.99 102.30
CA ASN VA 117 31.26 52.80 102.78
C ASN VA 117 32.59 52.28 102.26
N SER VA 118 32.74 50.96 102.22
CA SER VA 118 33.98 50.38 101.69
C SER VA 118 34.13 50.65 100.20
N LEU VA 119 33.03 50.69 99.46
CA LEU VA 119 33.09 50.86 98.02
C LEU VA 119 32.97 52.31 97.56
N GLY VA 120 32.68 53.25 98.46
CA GLY VA 120 32.57 54.64 98.11
C GLY VA 120 31.22 55.09 97.59
N VAL VA 121 30.19 54.26 97.71
CA VAL VA 121 28.86 54.56 97.17
C VAL VA 121 28.23 55.73 97.92
N PRO VA 122 27.58 56.67 97.24
CA PRO VA 122 26.92 57.78 97.93
C PRO VA 122 25.59 57.39 98.56
N ILE VA 123 25.58 57.36 99.90
CA ILE VA 123 24.38 56.97 100.63
C ILE VA 123 23.26 57.99 100.42
N ALA VA 124 23.62 59.27 100.38
CA ALA VA 124 22.63 60.32 100.15
C ALA VA 124 21.99 60.17 98.78
N ALA VA 125 22.79 59.89 97.75
CA ALA VA 125 22.26 59.67 96.41
C ALA VA 125 21.35 58.44 96.37
N THR VA 126 21.75 57.36 97.05
CA THR VA 126 20.91 56.17 97.09
C THR VA 126 19.58 56.46 97.78
N VAL VA 127 19.61 57.21 98.87
CA VAL VA 127 18.38 57.57 99.57
C VAL VA 127 17.49 58.44 98.69
N GLY VA 128 18.11 59.36 97.93
CA GLY VA 128 17.34 60.17 97.00
C GLY VA 128 16.66 59.35 95.92
N GLY VA 129 17.38 58.38 95.36
CA GLY VA 129 16.77 57.49 94.39
C GLY VA 129 15.64 56.66 94.97
N ILE VA 130 15.81 56.18 96.20
CA ILE VA 130 14.76 55.41 96.86
C ILE VA 130 13.52 56.27 97.07
N GLN VA 131 13.72 57.52 97.51
CA GLN VA 131 12.58 58.43 97.65
C GLN VA 131 11.94 58.76 96.31
N ALA VA 132 12.73 58.84 95.24
CA ALA VA 132 12.16 59.05 93.92
C ALA VA 132 11.27 57.89 93.50
N MET VA 133 11.71 56.65 93.72
CA MET VA 133 10.82 55.52 93.44
C MET VA 133 9.61 55.53 94.35
N LYS VA 134 9.77 56.01 95.58
CA LYS VA 134 8.62 56.10 96.48
C LYS VA 134 7.58 57.06 95.91
N GLU VA 135 8.03 58.20 95.40
CA GLU VA 135 7.12 59.15 94.76
C GLU VA 135 6.44 58.55 93.55
N VAL VA 136 7.21 57.86 92.70
CA VAL VA 136 6.66 57.29 91.47
C VAL VA 136 5.64 56.20 91.81
N VAL VA 137 5.96 55.35 92.78
CA VAL VA 137 5.06 54.26 93.15
C VAL VA 137 3.79 54.81 93.79
N GLY VA 138 3.93 55.85 94.62
CA GLY VA 138 2.77 56.49 95.19
C GLY VA 138 1.87 57.11 94.14
N GLY VA 139 2.47 57.67 93.08
CA GLY VA 139 1.67 58.17 91.98
C GLY VA 139 0.95 57.05 91.25
N LEU VA 140 1.66 55.94 90.98
CA LEU VA 140 1.09 54.89 90.14
C LEU VA 140 0.00 54.12 90.87
N VAL VA 141 0.26 53.69 92.11
CA VAL VA 141 -0.64 52.76 92.79
C VAL VA 141 -1.98 53.37 93.15
N GLY VA 142 -2.01 54.66 93.48
CA GLY VA 142 -3.25 55.31 93.87
C GLY VA 142 -3.40 55.47 95.36
N PRO VA 143 -4.49 56.12 95.78
CA PRO VA 143 -4.70 56.38 97.22
C PRO VA 143 -4.78 55.12 98.07
N ASP VA 144 -5.24 54.01 97.49
CA ASP VA 144 -5.55 52.81 98.27
C ASP VA 144 -4.31 52.21 98.94
N ALA VA 145 -3.21 52.09 98.21
CA ALA VA 145 -2.00 51.46 98.73
C ALA VA 145 -0.79 52.37 98.77
N ALA VA 146 -0.97 53.68 98.57
CA ALA VA 146 0.15 54.59 98.49
C ALA VA 146 0.91 54.67 99.81
N LYS VA 147 0.18 54.82 100.92
CA LYS VA 147 0.82 54.91 102.22
C LYS VA 147 1.55 53.63 102.58
N GLU VA 148 0.89 52.48 102.33
CA GLU VA 148 1.49 51.19 102.66
C GLU VA 148 2.76 50.95 101.85
N ALA VA 149 2.75 51.31 100.57
CA ALA VA 149 3.95 51.21 99.76
C ALA VA 149 5.03 52.17 100.27
N SER VA 150 4.62 53.39 100.66
CA SER VA 150 5.60 54.42 101.00
C SER VA 150 6.33 54.12 102.29
N ILE VA 151 5.65 53.44 103.23
CA ILE VA 151 6.27 53.21 104.54
C ILE VA 151 7.51 52.33 104.44
N TYR VA 152 7.51 51.35 103.54
CA TYR VA 152 8.68 50.49 103.40
C TYR VA 152 9.84 51.18 102.68
N PHE VA 153 9.56 52.03 101.70
CA PHE VA 153 10.63 52.84 101.12
C PHE VA 153 11.21 53.78 102.16
N ASP VA 154 10.37 54.36 103.01
CA ASP VA 154 10.87 55.17 104.11
C ASP VA 154 11.71 54.34 105.07
N TYR VA 155 11.30 53.10 105.33
CA TYR VA 155 12.08 52.21 106.18
C TYR VA 155 13.45 51.93 105.60
N LEU VA 156 13.51 51.65 104.29
CA LEU VA 156 14.80 51.42 103.64
C LEU VA 156 15.68 52.66 103.69
N SER VA 157 15.10 53.83 103.42
CA SER VA 157 15.85 55.07 103.46
C SER VA 157 16.40 55.35 104.86
N SER VA 158 15.58 55.17 105.89
CA SER VA 158 16.02 55.32 107.26
C SER VA 158 17.09 54.31 107.65
N GLY VA 159 16.96 53.06 107.19
CA GLY VA 159 17.98 52.07 107.50
C GLY VA 159 19.31 52.38 106.86
N LEU VA 160 19.30 52.81 105.60
CA LEU VA 160 20.54 53.24 104.96
C LEU VA 160 21.13 54.47 105.62
N SER VA 161 20.29 55.45 105.94
CA SER VA 161 20.76 56.67 106.58
C SER VA 161 21.04 56.44 108.07
N SER WA 2 46.30 45.53 79.66
CA SER WA 2 47.01 45.43 78.39
C SER WA 2 47.74 44.10 78.30
N VAL WA 3 48.70 44.02 77.37
CA VAL WA 3 49.45 42.79 77.15
C VAL WA 3 50.17 42.33 78.40
N LEU WA 4 50.92 43.24 79.04
CA LEU WA 4 51.64 42.88 80.27
C LEU WA 4 50.65 42.50 81.37
N THR WA 5 49.49 43.15 81.40
CA THR WA 5 48.50 42.87 82.42
C THR WA 5 47.96 41.45 82.28
N LYS WA 6 47.52 41.07 81.08
CA LYS WA 6 46.94 39.75 80.92
C LYS WA 6 47.98 38.66 81.04
N ALA WA 7 49.17 38.88 80.49
CA ALA WA 7 50.24 37.90 80.61
C ALA WA 7 50.63 37.70 82.07
N ILE WA 8 50.75 38.79 82.82
CA ILE WA 8 50.97 38.69 84.27
C ILE WA 8 49.81 37.98 84.95
N VAL WA 9 48.61 38.10 84.38
CA VAL WA 9 47.44 37.43 84.94
C VAL WA 9 47.62 35.91 84.94
N ASN WA 10 47.97 35.33 83.78
CA ASN WA 10 48.16 33.89 83.76
C ASN WA 10 49.45 33.49 84.45
N ALA WA 11 50.46 34.37 84.44
CA ALA WA 11 51.69 34.09 85.15
C ALA WA 11 51.45 33.95 86.64
N ASP WA 12 50.65 34.84 87.21
CA ASP WA 12 50.35 34.76 88.64
C ASP WA 12 49.33 33.67 88.94
N ALA WA 13 48.46 33.37 87.97
CA ALA WA 13 47.55 32.25 88.14
C ALA WA 13 48.30 30.93 88.22
N GLU WA 14 49.33 30.76 87.39
CA GLU WA 14 50.15 29.56 87.39
C GLU WA 14 51.29 29.64 88.41
N ALA WA 15 51.50 30.80 89.02
CA ALA WA 15 52.54 30.98 90.04
C ALA WA 15 53.93 30.72 89.46
N ARG WA 16 54.28 31.46 88.42
CA ARG WA 16 55.53 31.25 87.71
C ARG WA 16 56.00 32.54 87.07
N TYR WA 17 57.27 32.54 86.67
CA TYR WA 17 57.81 33.67 85.93
C TYR WA 17 57.31 33.66 84.50
N LEU WA 18 57.66 34.70 83.76
CA LEU WA 18 57.19 34.86 82.40
C LEU WA 18 57.81 33.83 81.47
N SER WA 19 56.99 33.28 80.59
CA SER WA 19 57.47 32.37 79.56
C SER WA 19 58.14 33.16 78.44
N PRO WA 20 58.96 32.48 77.62
CA PRO WA 20 59.59 33.16 76.48
C PRO WA 20 58.59 33.78 75.52
N GLY WA 21 57.48 33.10 75.27
CA GLY WA 21 56.47 33.66 74.38
C GLY WA 21 55.87 34.93 74.93
N GLU WA 22 55.60 34.95 76.24
CA GLU WA 22 55.16 36.18 76.90
C GLU WA 22 56.22 37.27 76.79
N LEU WA 23 57.49 36.90 76.95
CA LEU WA 23 58.56 37.88 76.88
C LEU WA 23 58.68 38.49 75.48
N ASP WA 24 58.68 37.67 74.44
CA ASP WA 24 58.85 38.23 73.10
C ASP WA 24 57.58 38.93 72.64
N ARG WA 25 56.42 38.51 73.16
CA ARG WA 25 55.20 39.24 72.90
C ARG WA 25 55.24 40.64 73.50
N ILE WA 26 55.73 40.75 74.74
CA ILE WA 26 55.94 42.07 75.34
C ILE WA 26 56.98 42.85 74.55
N LYS WA 27 57.98 42.15 74.01
CA LYS WA 27 59.00 42.81 73.21
C LYS WA 27 58.42 43.40 71.93
N SER WA 28 57.57 42.64 71.23
CA SER WA 28 56.89 43.18 70.06
C SER WA 28 55.98 44.34 70.44
N PHE WA 29 55.34 44.24 71.61
CA PHE WA 29 54.45 45.30 72.07
C PHE WA 29 55.23 46.59 72.28
N VAL WA 30 56.40 46.50 72.92
CA VAL WA 30 57.20 47.70 73.15
C VAL WA 30 57.83 48.15 71.84
N ALA WA 31 57.98 47.23 70.89
CA ALA WA 31 58.46 47.60 69.56
C ALA WA 31 57.44 48.45 68.81
N SER WA 32 56.16 48.13 68.94
CA SER WA 32 55.08 48.82 68.23
C SER WA 32 54.63 50.10 68.95
N GLY WA 33 55.29 50.45 70.05
CA GLY WA 33 54.87 51.54 70.91
C GLY WA 33 54.86 52.91 70.26
N GLU WA 34 55.90 53.23 69.47
CA GLU WA 34 55.96 54.55 68.86
C GLU WA 34 54.87 54.73 67.80
N ARG WA 35 54.63 53.69 67.00
CA ARG WA 35 53.53 53.74 66.03
C ARG WA 35 52.19 53.89 66.74
N ARG WA 36 52.00 53.17 67.85
CA ARG WA 36 50.78 53.31 68.63
C ARG WA 36 50.61 54.73 69.16
N LEU WA 37 51.70 55.31 69.66
CA LEU WA 37 51.65 56.67 70.18
C LEU WA 37 51.33 57.67 69.08
N ARG WA 38 51.91 57.48 67.89
CA ARG WA 38 51.62 58.38 66.78
C ARG WA 38 50.16 58.29 66.35
N ILE WA 39 49.62 57.06 66.31
CA ILE WA 39 48.20 56.85 66.04
C ILE WA 39 47.34 57.66 67.00
N ALA WA 40 47.48 57.38 68.30
CA ALA WA 40 46.64 58.04 69.30
C ALA WA 40 46.86 59.54 69.30
N GLN WA 41 48.09 59.99 69.05
CA GLN WA 41 48.39 61.41 69.01
C GLN WA 41 47.64 62.10 67.88
N THR WA 42 47.64 61.49 66.68
CA THR WA 42 46.93 62.10 65.56
C THR WA 42 45.43 62.19 65.82
N LEU WA 43 44.83 61.11 66.34
CA LEU WA 43 43.40 61.16 66.61
C LEU WA 43 43.05 62.18 67.69
N THR WA 44 43.82 62.22 68.80
CA THR WA 44 43.50 63.18 69.85
C THR WA 44 43.73 64.60 69.38
N GLU WA 45 44.70 64.81 68.48
CA GLU WA 45 44.90 66.12 67.89
C GLU WA 45 43.72 66.55 67.05
N ALA WA 46 43.14 65.62 66.27
CA ALA WA 46 42.05 65.96 65.37
C ALA WA 46 40.67 65.78 66.00
N ARG WA 47 40.63 65.54 67.32
CA ARG WA 47 39.54 64.81 67.99
C ARG WA 47 38.14 65.35 67.69
N GLU WA 48 38.02 66.63 67.35
CA GLU WA 48 36.69 67.25 67.32
C GLU WA 48 35.99 67.03 65.98
N ARG WA 49 36.77 67.09 64.88
CA ARG WA 49 36.19 66.92 63.56
C ARG WA 49 35.60 65.52 63.38
N ILE WA 50 36.28 64.50 63.91
CA ILE WA 50 35.72 63.15 63.89
C ILE WA 50 34.40 63.11 64.63
N VAL WA 51 34.30 63.83 65.75
CA VAL WA 51 33.08 63.83 66.55
C VAL WA 51 31.92 64.42 65.75
N LYS WA 52 32.13 65.60 65.17
CA LYS WA 52 31.03 66.27 64.48
C LYS WA 52 30.66 65.54 63.19
N GLN WA 53 31.65 65.09 62.42
CA GLN WA 53 31.32 64.39 61.19
C GLN WA 53 30.67 63.04 61.45
N ALA WA 54 31.08 62.36 62.53
CA ALA WA 54 30.42 61.10 62.89
C ALA WA 54 28.98 61.36 63.29
N GLY WA 55 28.73 62.43 64.04
CA GLY WA 55 27.36 62.78 64.38
C GLY WA 55 26.51 63.07 63.16
N ASP WA 56 27.06 63.82 62.21
CA ASP WA 56 26.32 64.14 60.99
C ASP WA 56 26.04 62.88 60.17
N GLN WA 57 27.03 62.00 60.03
CA GLN WA 57 26.82 60.78 59.25
C GLN WA 57 25.81 59.86 59.92
N LEU WA 58 25.88 59.73 61.24
CA LEU WA 58 24.91 58.91 61.95
C LEU WA 58 23.50 59.45 61.80
N PHE WA 59 23.34 60.76 61.91
CA PHE WA 59 22.01 61.33 61.73
C PHE WA 59 21.51 61.22 60.30
N GLN WA 60 22.41 61.29 59.31
CA GLN WA 60 21.99 61.08 57.93
C GLN WA 60 21.54 59.64 57.71
N ILE WA 61 22.28 58.68 58.26
CA ILE WA 61 21.91 57.29 58.07
C ILE WA 61 20.60 56.95 58.78
N ARG WA 62 20.44 57.38 60.04
CA ARG WA 62 19.20 57.11 60.74
C ARG WA 62 18.61 58.41 61.29
N PRO WA 63 17.86 59.13 60.48
CA PRO WA 63 17.27 60.39 60.93
C PRO WA 63 16.16 60.20 61.96
N ASP WA 64 15.69 58.98 62.18
CA ASP WA 64 14.61 58.73 63.14
C ASP WA 64 15.04 59.06 64.56
N VAL WA 65 16.34 58.98 64.84
CA VAL WA 65 16.82 59.38 66.15
C VAL WA 65 16.67 60.87 66.34
N VAL WA 66 16.62 61.65 65.25
CA VAL WA 66 16.35 63.08 65.42
C VAL WA 66 14.97 63.38 64.87
N SER WA 67 14.11 62.37 64.85
CA SER WA 67 12.68 62.48 64.62
C SER WA 67 11.95 62.68 65.94
N PRO WA 68 10.67 63.16 65.89
CA PRO WA 68 9.90 63.48 67.12
C PRO WA 68 9.81 62.34 68.13
N GLY WA 69 9.71 61.10 67.65
CA GLY WA 69 9.62 59.98 68.56
C GLY WA 69 10.99 59.39 68.84
N GLY WA 70 12.02 60.16 68.54
CA GLY WA 70 13.38 59.69 68.53
C GLY WA 70 14.08 60.05 69.83
N ASN WA 71 15.21 59.39 70.07
CA ASN WA 71 15.94 59.56 71.32
C ASN WA 71 16.74 60.86 71.36
N ALA WA 72 16.83 61.58 70.23
CA ALA WA 72 17.74 62.73 70.15
C ALA WA 72 17.04 64.05 69.79
N TYR WA 73 15.78 64.26 70.19
CA TYR WA 73 15.18 65.59 70.15
C TYR WA 73 15.63 66.44 71.33
N GLY WA 74 15.99 67.67 71.03
CA GLY WA 74 16.61 68.60 71.96
C GLY WA 74 18.03 68.94 71.52
N GLU WA 75 18.36 70.22 71.60
CA GLU WA 75 19.76 70.59 71.38
C GLU WA 75 20.63 69.98 72.46
N LYS WA 76 20.21 70.10 73.71
CA LYS WA 76 20.88 69.42 74.81
C LYS WA 76 20.77 67.91 74.73
N MET WA 77 19.73 67.37 74.10
CA MET WA 77 19.62 65.93 73.98
C MET WA 77 20.50 65.35 72.88
N THR WA 78 20.75 66.12 71.82
CA THR WA 78 21.74 65.72 70.81
C THR WA 78 23.15 65.97 71.31
N ALA WA 79 23.33 66.99 72.15
CA ALA WA 79 24.61 67.19 72.81
C ALA WA 79 25.04 65.98 73.63
N LEU WA 80 24.11 65.29 74.27
CA LEU WA 80 24.42 64.07 75.00
C LEU WA 80 24.92 62.96 74.08
N CYS WA 81 24.29 62.78 72.91
CA CYS WA 81 24.79 61.80 71.95
C CYS WA 81 26.17 62.15 71.46
N LEU WA 82 26.42 63.44 71.18
CA LEU WA 82 27.75 63.85 70.77
C LEU WA 82 28.78 63.64 71.88
N ARG WA 83 28.39 63.88 73.13
CA ARG WA 83 29.31 63.63 74.24
C ARG WA 83 29.60 62.14 74.39
N ASP WA 84 28.60 61.30 74.14
CA ASP WA 84 28.84 59.86 74.14
C ASP WA 84 29.84 59.46 73.06
N LEU WA 85 29.70 60.05 71.87
CA LEU WA 85 30.66 59.81 70.80
C LEU WA 85 32.06 60.27 71.20
N ASP WA 86 32.15 61.42 71.86
CA ASP WA 86 33.44 61.90 72.35
C ASP WA 86 34.06 60.94 73.35
N TYR WA 87 33.24 60.42 74.26
CA TYR WA 87 33.70 59.43 75.24
C TYR WA 87 34.26 58.20 74.54
N TYR WA 88 33.54 57.68 73.55
CA TYR WA 88 34.00 56.46 72.90
C TYR WA 88 35.24 56.71 72.04
N LEU WA 89 35.37 57.90 71.46
CA LEU WA 89 36.60 58.23 70.73
C LEU WA 89 37.80 58.27 71.68
N ARG WA 90 37.60 58.86 72.86
CA ARG WA 90 38.65 58.86 73.87
C ARG WA 90 39.05 57.45 74.28
N LEU WA 91 38.05 56.58 74.49
CA LEU WA 91 38.34 55.21 74.87
C LEU WA 91 39.08 54.48 73.75
N VAL WA 92 38.76 54.81 72.49
CA VAL WA 92 39.49 54.23 71.37
C VAL WA 92 40.95 54.66 71.40
N THR WA 93 41.23 55.93 71.69
CA THR WA 93 42.61 56.39 71.81
C THR WA 93 43.34 55.68 72.96
N TYR WA 94 42.65 55.52 74.09
CA TYR WA 94 43.25 54.81 75.23
C TYR WA 94 43.59 53.37 74.87
N GLY WA 95 42.70 52.69 74.15
CA GLY WA 95 42.99 51.33 73.72
C GLY WA 95 44.14 51.26 72.74
N ILE WA 96 44.24 52.26 71.87
CA ILE WA 96 45.34 52.34 70.91
C ILE WA 96 46.67 52.43 71.64
N VAL WA 97 46.74 53.24 72.70
CA VAL WA 97 47.99 53.31 73.44
C VAL WA 97 48.19 52.08 74.34
N ALA WA 98 47.10 51.42 74.75
CA ALA WA 98 47.19 50.30 75.69
C ALA WA 98 47.62 49.00 75.04
N GLY WA 99 47.20 48.72 73.81
CA GLY WA 99 47.69 47.54 73.15
C GLY WA 99 46.86 46.29 73.30
N ASP WA 100 45.80 46.34 74.10
CA ASP WA 100 44.48 45.68 73.97
C ASP WA 100 43.44 46.55 74.65
N VAL WA 101 42.33 45.92 75.01
CA VAL WA 101 41.06 46.62 75.10
C VAL WA 101 40.48 46.65 76.51
N THR WA 102 41.18 46.11 77.51
CA THR WA 102 40.67 46.02 78.87
C THR WA 102 40.30 47.35 79.54
N PRO WA 103 41.06 48.45 79.41
CA PRO WA 103 40.53 49.73 79.96
C PRO WA 103 39.24 50.16 79.28
N ILE WA 104 39.15 49.91 77.97
CA ILE WA 104 37.95 50.20 77.21
C ILE WA 104 36.78 49.38 77.74
N GLU WA 105 37.01 48.09 78.00
CA GLU WA 105 35.97 47.22 78.53
C GLU WA 105 35.53 47.65 79.92
N GLU WA 106 36.47 48.02 80.78
CA GLU WA 106 36.10 48.37 82.15
C GLU WA 106 35.59 49.80 82.24
N ILE WA 107 35.70 50.57 81.16
CA ILE WA 107 35.12 51.91 81.15
C ILE WA 107 33.76 51.97 80.46
N GLY WA 108 33.61 51.38 79.28
CA GLY WA 108 32.39 51.55 78.53
C GLY WA 108 31.87 50.37 77.74
N ILE WA 109 32.28 49.14 78.09
CA ILE WA 109 31.81 47.95 77.39
C ILE WA 109 31.00 47.04 78.30
N ILE WA 110 31.58 46.56 79.39
CA ILE WA 110 30.79 45.71 80.28
C ILE WA 110 29.78 46.56 81.02
N GLY WA 111 28.51 46.16 80.95
CA GLY WA 111 27.42 46.94 81.46
C GLY WA 111 26.82 47.94 80.51
N VAL WA 112 27.40 48.11 79.31
CA VAL WA 112 26.91 49.13 78.39
C VAL WA 112 25.55 48.74 77.83
N LYS WA 113 25.30 47.44 77.71
CA LYS WA 113 24.00 47.00 77.22
C LYS WA 113 22.90 47.36 78.21
N GLU WA 114 23.15 47.17 79.51
CA GLU WA 114 22.20 47.62 80.51
C GLU WA 114 22.09 49.14 80.53
N MET WA 115 23.23 49.82 80.39
CA MET WA 115 23.30 51.27 80.20
C MET WA 115 22.30 51.77 79.17
N TYR WA 116 22.40 51.26 77.95
CA TYR WA 116 21.57 51.83 76.88
C TYR WA 116 20.18 51.22 76.88
N ASN WA 117 20.00 50.04 77.48
CA ASN WA 117 18.67 49.47 77.57
C ASN WA 117 17.83 50.21 78.58
N SER WA 118 18.45 50.72 79.65
CA SER WA 118 17.71 51.57 80.58
C SER WA 118 17.25 52.85 79.91
N LEU WA 119 18.10 53.45 79.08
CA LEU WA 119 17.77 54.70 78.42
C LEU WA 119 16.95 54.52 77.15
N GLN WA 120 16.75 53.28 76.71
CA GLN WA 120 15.95 52.98 75.52
C GLN WA 120 16.55 53.60 74.27
N THR WA 121 17.88 53.57 74.19
CA THR WA 121 18.65 54.10 73.07
C THR WA 121 19.02 52.98 72.10
N PRO WA 122 18.87 53.21 70.80
CA PRO WA 122 19.19 52.16 69.81
C PRO WA 122 20.68 51.84 69.82
N ILE WA 123 21.00 50.64 70.29
CA ILE WA 123 22.37 50.13 70.34
C ILE WA 123 22.97 50.04 68.94
N PRO WA 124 22.27 49.48 67.94
CA PRO WA 124 22.78 49.56 66.56
C PRO WA 124 22.98 50.98 66.07
N ALA WA 125 22.13 51.92 66.50
CA ALA WA 125 22.34 53.32 66.13
C ALA WA 125 23.64 53.84 66.71
N VAL WA 126 23.94 53.48 67.96
CA VAL WA 126 25.21 53.89 68.56
C VAL WA 126 26.38 53.25 67.82
N ALA WA 127 26.23 51.97 67.44
CA ALA WA 127 27.24 51.31 66.62
C ALA WA 127 27.40 51.98 65.27
N GLU WA 128 26.30 52.43 64.66
CA GLU WA 128 26.38 53.18 63.41
C GLU WA 128 27.17 54.47 63.61
N GLY WA 129 26.93 55.16 64.72
CA GLY WA 129 27.67 56.38 65.01
C GLY WA 129 29.16 56.14 65.17
N VAL WA 130 29.52 55.07 65.88
CA VAL WA 130 30.93 54.74 66.04
C VAL WA 130 31.56 54.35 64.71
N ARG WA 131 30.82 53.61 63.88
CA ARG WA 131 31.34 53.25 62.56
C ARG WA 131 31.57 54.47 61.69
N ALA WA 132 30.61 55.40 61.67
CA ALA WA 132 30.80 56.64 60.91
C ALA WA 132 31.94 57.47 61.48
N MET WA 133 32.14 57.41 62.79
CA MET WA 133 33.31 58.02 63.41
C MET WA 133 34.60 57.40 62.87
N LYS WA 134 34.59 56.09 62.65
CA LYS WA 134 35.78 55.40 62.18
C LYS WA 134 36.23 55.92 60.82
N ASN WA 135 35.28 56.19 59.92
CA ASN WA 135 35.63 56.63 58.58
C ASN WA 135 36.27 58.01 58.58
N VAL WA 136 35.68 58.95 59.31
CA VAL WA 136 36.26 60.29 59.36
C VAL WA 136 37.52 60.31 60.20
N ALA WA 137 37.69 59.31 61.07
CA ALA WA 137 38.95 59.18 61.80
C ALA WA 137 40.06 58.68 60.88
N THR WA 138 39.78 57.64 60.09
CA THR WA 138 40.78 57.10 59.17
C THR WA 138 41.07 58.05 58.02
N SER WA 139 40.14 58.96 57.71
CA SER WA 139 40.38 59.96 56.68
C SER WA 139 41.54 60.89 57.00
N LEU WA 140 41.85 61.08 58.29
CA LEU WA 140 42.93 61.97 58.72
C LEU WA 140 44.19 61.21 59.10
N LEU WA 141 44.41 60.03 58.53
CA LEU WA 141 45.58 59.23 58.85
C LEU WA 141 46.19 58.67 57.57
N SER WA 142 47.45 58.27 57.67
CA SER WA 142 48.15 57.66 56.55
C SER WA 142 47.63 56.25 56.29
N GLY WA 143 48.26 55.58 55.33
CA GLY WA 143 47.80 54.25 54.94
C GLY WA 143 47.93 53.22 56.04
N ASP WA 144 49.06 53.22 56.75
CA ASP WA 144 49.26 52.20 57.79
C ASP WA 144 48.77 52.69 59.16
N ASP WA 145 48.80 53.99 59.41
CA ASP WA 145 48.22 54.55 60.62
C ASP WA 145 46.72 54.28 60.69
N ALA WA 146 46.05 54.41 59.54
CA ALA WA 146 44.60 54.30 59.48
C ALA WA 146 44.11 52.91 59.83
N ALA WA 147 44.80 51.88 59.34
CA ALA WA 147 44.40 50.50 59.65
C ALA WA 147 44.54 50.21 61.13
N GLU WA 148 45.63 50.70 61.74
CA GLU WA 148 45.84 50.48 63.17
C GLU WA 148 44.75 51.18 63.99
N ALA WA 149 44.37 52.40 63.60
CA ALA WA 149 43.25 53.04 64.29
C ALA WA 149 41.95 52.28 64.06
N GLY WA 150 41.73 51.79 62.84
CA GLY WA 150 40.50 51.10 62.52
C GLY WA 150 40.35 49.78 63.26
N PHE WA 151 41.47 49.17 63.66
CA PHE WA 151 41.40 47.97 64.48
C PHE WA 151 40.66 48.25 65.79
N TYR WA 152 41.03 49.31 66.50
CA TYR WA 152 40.33 49.63 67.74
C TYR WA 152 38.93 50.17 67.48
N PHE WA 153 38.75 50.90 66.38
CA PHE WA 153 37.42 51.41 66.07
C PHE WA 153 36.43 50.28 65.80
N ASP WA 154 36.82 49.29 65.01
CA ASP WA 154 35.88 48.20 64.76
C ASP WA 154 35.86 47.21 65.91
N TYR WA 155 36.86 47.25 66.80
CA TYR WA 155 36.70 46.59 68.09
C TYR WA 155 35.52 47.17 68.85
N LEU WA 156 35.45 48.51 68.93
CA LEU WA 156 34.34 49.15 69.62
C LEU WA 156 33.03 48.84 68.92
N VAL WA 157 33.05 48.80 67.58
CA VAL WA 157 31.86 48.45 66.82
C VAL WA 157 31.38 47.05 67.18
N GLY WA 158 32.31 46.09 67.25
CA GLY WA 158 31.92 44.74 67.62
C GLY WA 158 31.45 44.63 69.06
N ALA WA 159 32.09 45.36 69.96
CA ALA WA 159 31.74 45.26 71.38
C ALA WA 159 30.38 45.89 71.67
N MET WA 160 30.01 46.93 70.92
CA MET WA 160 28.69 47.52 71.14
C MET WA 160 27.56 46.60 70.76
N GLN WA 161 27.76 45.56 69.95
CA GLN WA 161 26.68 44.65 69.60
C GLN WA 161 26.93 43.27 70.20
N MET XA 1 45.05 46.72 89.45
CA MET XA 1 46.34 47.41 89.48
C MET XA 1 46.43 48.41 88.33
N GLN XA 2 47.67 48.80 87.98
CA GLN XA 2 47.90 49.74 86.91
C GLN XA 2 49.40 49.86 86.66
N ASP XA 3 49.76 50.10 85.40
CA ASP XA 3 51.11 50.43 85.00
C ASP XA 3 51.22 51.93 84.87
N ALA XA 4 52.35 52.41 84.32
CA ALA XA 4 52.50 53.84 84.07
C ALA XA 4 51.48 54.32 83.05
N ILE XA 5 51.33 53.58 81.94
CA ILE XA 5 50.42 53.98 80.87
C ILE XA 5 48.98 53.99 81.38
N THR XA 6 48.57 52.90 82.02
CA THR XA 6 47.21 52.82 82.53
C THR XA 6 46.97 53.82 83.65
N ALA XA 7 48.01 54.12 84.43
CA ALA XA 7 47.88 55.12 85.49
C ALA XA 7 47.62 56.51 84.91
N VAL XA 8 48.38 56.89 83.88
CA VAL XA 8 48.14 58.17 83.22
C VAL XA 8 46.76 58.19 82.58
N ILE XA 9 46.37 57.08 81.94
CA ILE XA 9 45.08 57.00 81.27
C ILE XA 9 43.95 57.18 82.26
N ASN XA 10 44.02 56.49 83.40
CA ASN XA 10 42.98 56.62 84.42
C ASN XA 10 42.99 58.00 85.06
N ASN XA 11 44.18 58.58 85.27
CA ASN XA 11 44.25 59.90 85.89
C ASN XA 11 43.67 60.97 84.98
N TYR XA 12 43.71 60.76 83.67
CA TYR XA 12 43.05 61.72 82.79
C TYR XA 12 41.58 61.39 82.59
N ASP XA 13 41.21 60.11 82.60
CA ASP XA 13 39.82 59.74 82.44
C ASP XA 13 38.98 60.20 83.62
N VAL XA 14 39.57 60.20 84.82
CA VAL XA 14 38.84 60.69 85.99
C VAL XA 14 38.55 62.18 85.87
N GLN XA 15 39.47 62.95 85.29
CA GLN XA 15 39.27 64.38 85.12
C GLN XA 15 38.51 64.74 83.85
N GLY XA 16 38.27 63.76 82.97
CA GLY XA 16 37.58 64.09 81.74
C GLY XA 16 38.41 64.97 80.81
N LYS XA 17 39.69 64.65 80.68
CA LYS XA 17 40.62 65.38 79.82
C LYS XA 17 41.20 64.46 78.77
N TYR XA 18 41.42 64.99 77.57
CA TYR XA 18 42.17 64.26 76.57
C TYR XA 18 43.65 64.24 76.94
N LEU XA 19 44.40 63.36 76.27
CA LEU XA 19 45.84 63.30 76.50
C LEU XA 19 46.52 64.54 75.93
N ASP XA 20 47.07 65.38 76.80
CA ASP XA 20 47.70 66.62 76.41
C ASP XA 20 49.22 66.46 76.41
N GLY XA 21 49.92 67.59 76.29
CA GLY XA 21 51.37 67.56 76.18
C GLY XA 21 52.06 66.95 77.40
N ALA XA 22 51.56 67.27 78.60
CA ALA XA 22 52.17 66.72 79.81
C ALA XA 22 52.01 65.20 79.88
N ALA XA 23 50.81 64.70 79.56
CA ALA XA 23 50.59 63.26 79.55
C ALA XA 23 51.44 62.58 78.48
N LEU XA 24 51.56 63.21 77.31
CA LEU XA 24 52.43 62.68 76.27
C LEU XA 24 53.89 62.64 76.72
N ASP XA 25 54.33 63.68 77.43
CA ASP XA 25 55.70 63.70 77.94
C ASP XA 25 55.94 62.60 78.96
N LYS XA 26 54.97 62.39 79.87
CA LYS XA 26 55.09 61.32 80.85
C LYS XA 26 55.15 59.95 80.17
N LEU XA 27 54.28 59.74 79.19
CA LEU XA 27 54.29 58.48 78.45
C LEU XA 27 55.60 58.28 77.70
N LYS XA 28 56.12 59.34 77.09
CA LYS XA 28 57.40 59.25 76.39
C LYS XA 28 58.53 58.94 77.36
N ALA XA 29 58.50 59.54 78.54
CA ALA XA 29 59.51 59.28 79.55
C ALA XA 29 59.50 57.82 79.98
N TYR XA 30 58.30 57.24 80.15
CA TYR XA 30 58.24 55.81 80.43
C TYR XA 30 58.74 54.99 79.25
N PHE XA 31 58.38 55.40 78.02
CA PHE XA 31 58.70 54.61 76.83
C PHE XA 31 60.19 54.54 76.60
N THR XA 32 60.92 55.63 76.90
CA THR XA 32 62.35 55.66 76.61
C THR XA 32 63.15 54.66 77.44
N THR XA 33 62.62 54.20 78.57
CA THR XA 33 63.34 53.25 79.42
C THR XA 33 62.77 51.84 79.35
N GLY XA 34 62.06 51.50 78.27
CA GLY XA 34 61.41 50.20 78.19
C GLY XA 34 62.39 49.04 78.13
N ALA XA 35 63.42 49.18 77.28
CA ALA XA 35 64.31 48.05 77.00
C ALA XA 35 65.13 47.66 78.22
N VAL XA 36 65.58 48.65 78.99
CA VAL XA 36 66.38 48.37 80.18
C VAL XA 36 65.56 47.62 81.22
N ARG XA 37 64.27 47.96 81.33
CA ARG XA 37 63.38 47.24 82.24
C ARG XA 37 63.26 45.78 81.83
N VAL XA 38 63.13 45.53 80.53
CA VAL XA 38 63.03 44.16 80.03
C VAL XA 38 64.32 43.40 80.32
N ARG XA 39 65.47 44.05 80.13
CA ARG XA 39 66.75 43.41 80.40
C ARG XA 39 66.89 43.06 81.88
N ALA XA 40 66.53 43.99 82.77
CA ALA XA 40 66.63 43.74 84.20
C ALA XA 40 65.69 42.61 84.63
N ALA XA 41 64.46 42.61 84.11
CA ALA XA 41 63.53 41.54 84.43
C ALA XA 41 64.03 40.19 83.94
N ALA XA 42 64.58 40.13 82.73
CA ALA XA 42 65.13 38.88 82.22
C ALA XA 42 66.31 38.39 83.06
N VAL XA 43 67.18 39.30 83.48
CA VAL XA 43 68.32 38.92 84.31
C VAL XA 43 67.83 38.36 85.65
N ILE XA 44 66.86 39.04 86.27
CA ILE XA 44 66.36 38.58 87.57
C ILE XA 44 65.67 37.23 87.44
N SER XA 45 64.89 37.04 86.37
CA SER XA 45 64.23 35.77 86.16
C SER XA 45 65.23 34.64 85.94
N SER XA 46 66.29 34.93 85.19
CA SER XA 46 67.34 33.93 84.99
C SER XA 46 68.13 33.63 86.26
N ASN XA 47 68.26 34.60 87.17
CA ASN XA 47 69.04 34.41 88.39
C ASN XA 47 68.20 34.44 89.66
N ALA XA 48 66.95 33.98 89.61
CA ALA XA 48 66.03 34.05 90.74
C ALA XA 48 66.52 33.36 92.01
N THR XA 49 66.91 32.08 91.92
CA THR XA 49 67.24 31.34 93.14
C THR XA 49 68.56 31.81 93.74
N THR XA 50 69.50 32.25 92.89
CA THR XA 50 70.76 32.76 93.39
C THR XA 50 70.57 34.01 94.23
N ILE XA 51 69.67 34.89 93.80
CA ILE XA 51 69.41 36.13 94.53
C ILE XA 51 68.85 35.82 95.91
N ILE XA 52 67.85 34.94 95.98
CA ILE XA 52 67.24 34.60 97.27
C ILE XA 52 68.24 33.88 98.16
N LYS XA 53 69.05 33.00 97.57
CA LYS XA 53 70.06 32.27 98.32
C LYS XA 53 71.08 33.22 98.95
N GLU XA 54 71.60 34.16 98.15
CA GLU XA 54 72.57 35.11 98.67
C GLU XA 54 71.94 36.06 99.69
N ALA XA 55 70.70 36.49 99.46
CA ALA XA 55 70.02 37.35 100.42
C ALA XA 55 69.83 36.64 101.75
N ALA XA 56 69.41 35.38 101.71
CA ALA XA 56 69.27 34.60 102.94
C ALA XA 56 70.61 34.44 103.64
N ALA XA 57 71.67 34.14 102.88
CA ALA XA 57 72.98 33.97 103.49
C ALA XA 57 73.49 35.26 104.11
N LYS XA 58 73.15 36.40 103.53
CA LYS XA 58 73.64 37.68 104.04
C LYS XA 58 72.81 38.22 105.20
N ALA XA 59 71.50 37.94 105.25
CA ALA XA 59 70.65 38.62 106.22
C ALA XA 59 69.91 37.70 107.19
N LEU XA 60 69.65 36.44 106.84
CA LEU XA 60 68.73 35.65 107.64
C LEU XA 60 69.42 34.50 108.37
N ILE XA 61 70.10 33.64 107.62
CA ILE XA 61 70.64 32.40 108.15
C ILE XA 61 71.89 32.65 108.97
N TYR XA 62 72.34 31.62 109.70
CA TYR XA 62 73.44 31.74 110.66
C TYR XA 62 73.10 32.74 111.77
N SER XA 63 71.90 32.60 112.34
CA SER XA 63 71.45 33.48 113.40
C SER XA 63 70.51 32.72 114.32
N ASP XA 64 69.84 33.47 115.20
CA ASP XA 64 68.87 32.87 116.11
C ASP XA 64 67.57 32.51 115.40
N LEU XA 65 67.34 33.08 114.22
CA LEU XA 65 66.13 32.77 113.47
C LEU XA 65 66.10 31.30 113.06
N THR XA 66 67.22 30.77 112.62
CA THR XA 66 67.33 29.39 112.15
C THR XA 66 67.46 28.38 113.29
N ARG XA 67 67.70 28.83 114.50
CA ARG XA 67 67.84 27.97 115.66
C ARG XA 67 66.51 27.80 116.37
N PRO XA 68 66.42 26.86 117.31
CA PRO XA 68 65.18 26.70 118.08
C PRO XA 68 64.81 27.98 118.84
N GLY XA 69 63.51 28.28 118.86
CA GLY XA 69 63.04 29.56 119.32
C GLY XA 69 62.91 30.61 118.24
N GLY XA 70 63.34 30.31 117.01
CA GLY XA 70 63.24 31.24 115.91
C GLY XA 70 61.98 31.05 115.09
N MEN XA 71 61.58 32.11 114.39
CA MEN XA 71 60.37 32.09 113.61
C MEN XA 71 60.60 31.38 112.27
O MEN XA 71 59.70 30.90 111.58
CB MEN XA 71 59.82 33.49 113.28
CG MEN XA 71 58.43 33.40 112.69
OD1 MEN XA 71 58.20 33.83 111.54
ND2 MEN XA 71 57.44 32.81 113.45
CE2 MEN XA 71 56.09 32.65 113.02
N MET XA 72 61.87 31.29 111.91
CA MET XA 72 62.26 30.72 110.63
C MET XA 72 62.84 29.32 110.84
N TYR XA 73 62.98 28.94 112.12
CA TYR XA 73 63.41 27.60 112.48
C TYR XA 73 62.38 26.58 111.99
N THR XA 74 62.86 25.35 111.73
CA THR XA 74 62.12 24.21 111.19
C THR XA 74 61.97 24.33 109.67
N THR XA 75 61.88 23.18 109.00
CA THR XA 75 61.82 23.17 107.54
C THR XA 75 60.56 23.88 107.03
N ARG XA 76 59.43 23.71 107.72
CA ARG XA 76 58.20 24.36 107.28
C ARG XA 76 58.31 25.87 107.34
N ARG XA 77 58.79 26.40 108.46
CA ARG XA 77 58.91 27.85 108.60
C ARG XA 77 59.97 28.42 107.66
N TYR XA 78 61.09 27.72 107.49
CA TYR XA 78 62.10 28.14 106.52
C TYR XA 78 61.53 28.12 105.10
N ALA XA 79 60.73 27.11 104.78
CA ALA XA 79 60.07 27.05 103.47
C ALA XA 79 59.15 28.25 103.28
N ALA XA 80 58.39 28.58 104.32
CA ALA XA 80 57.50 29.74 104.24
C ALA XA 80 58.30 31.02 104.02
N CYS XA 81 59.42 31.17 104.72
CA CYS XA 81 60.24 32.37 104.58
C CYS XA 81 60.81 32.49 103.17
N ILE XA 82 61.39 31.40 102.65
CA ILE XA 82 61.97 31.49 101.31
C ILE XA 82 60.92 31.60 100.22
N ARG XA 83 59.75 30.99 100.40
CA ARG XA 83 58.66 31.18 99.44
C ARG XA 83 58.20 32.64 99.44
N ASP XA 84 58.13 33.25 100.63
CA ASP XA 84 57.82 34.67 100.71
C ASP XA 84 58.88 35.50 100.01
N MET XA 85 60.15 35.12 100.18
CA MET XA 85 61.24 35.83 99.53
C MET XA 85 61.10 35.77 98.01
N ASP XA 86 60.78 34.59 97.48
CA ASP XA 86 60.60 34.44 96.04
C ASP XA 86 59.40 35.25 95.55
N TYR XA 87 58.31 35.27 96.33
CA TYR XA 87 57.15 36.07 95.96
C TYR XA 87 57.48 37.55 95.94
N PHE XA 88 58.27 38.01 96.93
CA PHE XA 88 58.70 39.40 96.94
C PHE XA 88 59.54 39.71 95.71
N LEU XA 89 60.43 38.79 95.34
CA LEU XA 89 61.25 38.99 94.15
C LEU XA 89 60.40 39.09 92.88
N ARG XA 90 59.44 38.19 92.73
CA ARG XA 90 58.64 38.17 91.51
C ARG XA 90 57.74 39.39 91.43
N TYR XA 91 57.14 39.78 92.56
CA TYR XA 91 56.28 40.97 92.55
C TYR XA 91 57.09 42.24 92.37
N ALA XA 92 58.32 42.28 92.88
CA ALA XA 92 59.19 43.42 92.62
C ALA XA 92 59.55 43.50 91.14
N THR XA 93 59.78 42.34 90.51
CA THR XA 93 60.03 42.32 89.07
C THR XA 93 58.82 42.84 88.30
N TYR XA 94 57.62 42.42 88.70
CA TYR XA 94 56.40 42.91 88.06
C TYR XA 94 56.25 44.42 88.24
N ALA XA 95 56.56 44.92 89.44
CA ALA XA 95 56.43 46.35 89.70
C ALA XA 95 57.43 47.14 88.86
N MET XA 96 58.66 46.63 88.75
CA MET XA 96 59.67 47.32 87.94
C MET XA 96 59.28 47.30 86.47
N LEU XA 97 58.71 46.19 86.00
CA LEU XA 97 58.29 46.11 84.60
C LEU XA 97 57.13 47.06 84.31
N ALA XA 98 56.16 47.13 85.23
CA ALA XA 98 54.98 47.94 85.01
C ALA XA 98 55.21 49.42 85.30
N GLY XA 99 56.30 49.75 86.01
CA GLY XA 99 56.54 51.14 86.37
C GLY XA 99 55.52 51.71 87.32
N ASP XA 100 54.97 50.89 88.22
CA ASP XA 100 53.97 51.36 89.16
C ASP XA 100 53.87 50.42 90.36
N PRO XA 101 53.82 50.96 91.58
CA PRO XA 101 53.63 50.12 92.76
C PRO XA 101 52.18 49.74 93.04
N SER XA 102 51.28 49.96 92.08
CA SER XA 102 49.88 49.61 92.27
C SER XA 102 49.71 48.10 92.46
N ILE XA 103 50.43 47.31 91.67
CA ILE XA 103 50.37 45.86 91.83
C ILE XA 103 50.93 45.44 93.17
N LEU XA 104 51.99 46.12 93.64
CA LEU XA 104 52.53 45.82 94.95
C LEU XA 104 51.54 46.12 96.06
N ASP XA 105 50.83 47.24 95.95
CA ASP XA 105 49.83 47.58 96.96
C ASP XA 105 48.65 46.62 96.93
N GLU XA 106 48.19 46.26 95.73
CA GLU XA 106 46.96 45.48 95.62
C GLU XA 106 47.20 43.99 95.90
N ARG XA 107 48.38 43.49 95.58
CA ARG XA 107 48.63 42.05 95.66
C ARG XA 107 49.79 41.65 96.56
N VAL XA 108 50.41 42.58 97.27
CA VAL XA 108 51.50 42.23 98.17
C VAL XA 108 51.24 42.75 99.57
N LEU XA 109 51.05 44.06 99.69
CA LEU XA 109 51.04 44.68 101.02
C LEU XA 109 49.65 44.67 101.66
N ASN XA 110 48.62 44.24 100.94
CA ASN XA 110 47.27 44.29 101.48
C ASN XA 110 47.09 43.24 102.57
N GLY XA 111 47.13 43.67 103.83
CA GLY XA 111 46.92 42.78 104.95
C GLY XA 111 48.13 41.97 105.37
N LEU XA 112 49.25 42.09 104.65
CA LEU XA 112 50.42 41.28 104.97
C LEU XA 112 51.03 41.66 106.30
N LYS XA 113 51.01 42.97 106.63
CA LYS XA 113 51.55 43.41 107.91
C LYS XA 113 50.79 42.81 109.08
N GLU XA 114 49.47 42.90 109.04
CA GLU XA 114 48.66 42.34 110.12
C GLU XA 114 48.74 40.81 110.13
N THR XA 115 48.86 40.20 108.95
CA THR XA 115 49.03 38.74 108.90
C THR XA 115 50.33 38.31 109.56
N TYR XA 116 51.42 39.03 109.30
CA TYR XA 116 52.69 38.72 109.96
C TYR XA 116 52.61 39.01 111.45
N ASN XA 117 51.86 40.03 111.85
CA ASN XA 117 51.68 40.31 113.27
C ASN XA 117 50.95 39.15 113.94
N SER XA 118 49.93 38.60 113.26
CA SER XA 118 49.18 37.49 113.83
C SER XA 118 50.02 36.22 113.86
N LEU XA 119 50.86 36.00 112.85
CA LEU XA 119 51.65 34.78 112.75
C LEU XA 119 52.92 34.80 113.59
N GLY XA 120 53.44 35.99 113.92
CA GLY XA 120 54.67 36.11 114.65
C GLY XA 120 55.92 36.26 113.81
N VAL XA 121 55.78 36.45 112.50
CA VAL XA 121 56.93 36.58 111.60
C VAL XA 121 57.66 37.88 111.90
N PRO XA 122 58.99 37.90 111.81
CA PRO XA 122 59.74 39.14 112.11
C PRO XA 122 59.72 40.15 110.95
N ILE XA 123 59.06 41.29 111.19
CA ILE XA 123 58.93 42.32 110.15
C ILE XA 123 60.30 42.92 109.84
N ALA XA 124 61.10 43.19 110.86
CA ALA XA 124 62.42 43.78 110.64
C ALA XA 124 63.33 42.83 109.87
N ALA XA 125 63.28 41.54 110.22
CA ALA XA 125 64.07 40.55 109.48
C ALA XA 125 63.61 40.44 108.04
N THR XA 126 62.30 40.48 107.79
CA THR XA 126 61.81 40.43 106.42
C THR XA 126 62.25 41.66 105.63
N VAL XA 127 62.21 42.83 106.26
CA VAL XA 127 62.65 44.06 105.60
C VAL XA 127 64.14 43.99 105.27
N GLY XA 128 64.95 43.48 106.21
CA GLY XA 128 66.37 43.31 105.94
C GLY XA 128 66.65 42.34 104.81
N GLY XA 129 65.91 41.22 104.77
CA GLY XA 129 66.03 40.30 103.65
C GLY XA 129 65.67 40.94 102.33
N ILE XA 130 64.57 41.71 102.31
CA ILE XA 130 64.12 42.38 101.10
C ILE XA 130 65.19 43.35 100.60
N GLN XA 131 65.79 44.11 101.53
CA GLN XA 131 66.95 44.93 101.19
C GLN XA 131 68.10 44.08 100.66
N ALA XA 132 68.25 42.86 101.16
CA ALA XA 132 69.28 41.96 100.64
C ALA XA 132 69.06 41.62 99.17
N MET XA 133 67.85 41.21 98.79
CA MET XA 133 67.67 40.92 97.36
C MET XA 133 67.69 42.21 96.55
N LYS XA 134 67.35 43.34 97.18
CA LYS XA 134 67.49 44.63 96.49
C LYS XA 134 68.95 44.88 96.12
N GLU XA 135 69.86 44.64 97.07
CA GLU XA 135 71.28 44.80 96.82
C GLU XA 135 71.76 43.83 95.73
N VAL XA 136 71.31 42.57 95.82
CA VAL XA 136 71.76 41.56 94.86
C VAL XA 136 71.26 41.91 93.45
N VAL XA 137 70.00 42.35 93.35
CA VAL XA 137 69.44 42.70 92.05
C VAL XA 137 70.12 43.93 91.49
N GLY XA 138 70.43 44.90 92.36
CA GLY XA 138 71.17 46.07 91.90
C GLY XA 138 72.55 45.73 91.40
N GLY XA 139 73.22 44.79 92.06
CA GLY XA 139 74.50 44.32 91.58
C GLY XA 139 74.40 43.60 90.24
N LEU XA 140 73.36 42.77 90.09
CA LEU XA 140 73.24 41.96 88.88
C LEU XA 140 72.84 42.80 87.67
N VAL XA 141 71.85 43.67 87.83
CA VAL XA 141 71.26 44.37 86.69
C VAL XA 141 72.23 45.36 86.04
N GLY XA 142 73.05 46.05 86.82
CA GLY XA 142 73.94 47.04 86.28
C GLY XA 142 73.40 48.45 86.43
N PRO XA 143 74.17 49.44 85.95
CA PRO XA 143 73.76 50.85 86.08
C PRO XA 143 72.44 51.18 85.39
N ASP XA 144 72.10 50.43 84.34
CA ASP XA 144 70.95 50.77 83.50
C ASP XA 144 69.63 50.71 84.26
N ALA XA 145 69.43 49.65 85.05
CA ALA XA 145 68.18 49.45 85.76
C ALA XA 145 68.32 49.37 87.27
N ALA XA 146 69.45 49.80 87.83
CA ALA XA 146 69.69 49.63 89.27
C ALA XA 146 68.71 50.45 90.09
N LYS XA 147 68.58 51.74 89.79
CA LYS XA 147 67.72 52.61 90.58
C LYS XA 147 66.25 52.23 90.42
N GLU XA 148 65.83 51.94 89.18
CA GLU XA 148 64.44 51.58 88.93
C GLU XA 148 64.09 50.26 89.60
N ALA XA 149 65.03 49.31 89.62
CA ALA XA 149 64.80 48.08 90.37
C ALA XA 149 64.72 48.36 91.86
N SER XA 150 65.60 49.23 92.36
CA SER XA 150 65.73 49.42 93.80
C SER XA 150 64.54 50.17 94.39
N ILE XA 151 63.91 51.04 93.59
CA ILE XA 151 62.82 51.86 94.12
C ILE XA 151 61.64 51.01 94.57
N TYR XA 152 61.33 49.93 93.85
CA TYR XA 152 60.21 49.09 94.25
C TYR XA 152 60.54 48.18 95.43
N PHE XA 153 61.78 47.73 95.57
CA PHE XA 153 62.18 47.07 96.80
C PHE XA 153 62.06 48.01 97.99
N ASP XA 154 62.46 49.27 97.80
CA ASP XA 154 62.26 50.28 98.83
C ASP XA 154 60.79 50.49 99.14
N TYR XA 155 59.94 50.46 98.10
CA TYR XA 155 58.50 50.57 98.31
C TYR XA 155 57.98 49.41 99.16
N LEU XA 156 58.43 48.19 98.86
CA LEU XA 156 58.00 47.03 99.63
C LEU XA 156 58.46 47.14 101.09
N SER XA 157 59.71 47.55 101.30
CA SER XA 157 60.24 47.71 102.65
C SER XA 157 59.49 48.80 103.42
N SER XA 158 59.21 49.93 102.79
CA SER XA 158 58.43 50.99 103.41
C SER XA 158 57.01 50.57 103.73
N GLY XA 159 56.35 49.82 102.84
CA GLY XA 159 55.02 49.35 103.13
C GLY XA 159 54.98 48.36 104.28
N LEU XA 160 55.93 47.43 104.31
CA LEU XA 160 56.01 46.47 105.41
C LEU XA 160 56.32 47.15 106.73
N SER XA 161 57.24 48.11 106.73
CA SER XA 161 57.64 48.81 107.95
C SER XA 161 56.64 49.89 108.34
N SER YA 2 -86.00 -77.21 -11.94
CA SER YA 2 -87.43 -77.40 -12.09
C SER YA 2 -87.84 -77.42 -13.56
N VAL YA 3 -89.11 -77.74 -13.81
CA VAL YA 3 -89.61 -77.76 -15.18
C VAL YA 3 -89.56 -76.37 -15.80
N LEU YA 4 -89.90 -75.34 -15.01
CA LEU YA 4 -89.82 -73.96 -15.50
C LEU YA 4 -88.39 -73.61 -15.88
N THR YA 5 -87.42 -73.96 -15.03
CA THR YA 5 -86.02 -73.68 -15.31
C THR YA 5 -85.56 -74.41 -16.57
N LYS YA 6 -85.95 -75.68 -16.71
CA LYS YA 6 -85.57 -76.47 -17.87
C LYS YA 6 -86.12 -75.86 -19.16
N ALA YA 7 -87.41 -75.55 -19.17
CA ALA YA 7 -88.04 -75.02 -20.38
C ALA YA 7 -87.46 -73.66 -20.74
N ILE YA 8 -87.29 -72.79 -19.73
CA ILE YA 8 -86.78 -71.46 -20.01
C ILE YA 8 -85.33 -71.52 -20.49
N VAL YA 9 -84.54 -72.43 -19.91
CA VAL YA 9 -83.15 -72.57 -20.32
C VAL YA 9 -83.05 -73.05 -21.76
N ASN YA 10 -83.88 -74.02 -22.13
CA ASN YA 10 -83.86 -74.49 -23.52
C ASN YA 10 -84.32 -73.39 -24.48
N ALA YA 11 -85.36 -72.64 -24.10
CA ALA YA 11 -85.84 -71.55 -24.95
C ALA YA 11 -84.78 -70.48 -25.14
N ASP YA 12 -84.09 -70.11 -24.04
CA ASP YA 12 -83.05 -69.10 -24.14
C ASP YA 12 -81.86 -69.61 -24.95
N ALA YA 13 -81.53 -70.90 -24.82
CA ALA YA 13 -80.44 -71.46 -25.60
C ALA YA 13 -80.74 -71.43 -27.09
N GLU YA 14 -81.99 -71.74 -27.46
CA GLU YA 14 -82.39 -71.66 -28.86
C GLU YA 14 -82.74 -70.24 -29.29
N ALA YA 15 -82.73 -69.29 -28.36
CA ALA YA 15 -82.97 -67.88 -28.67
C ALA YA 15 -84.38 -67.67 -29.25
N ARG YA 16 -85.38 -68.12 -28.49
CA ARG YA 16 -86.76 -68.08 -28.94
C ARG YA 16 -87.69 -68.06 -27.74
N TYR YA 17 -88.94 -67.70 -27.99
CA TYR YA 17 -89.95 -67.78 -26.95
C TYR YA 17 -90.39 -69.22 -26.73
N LEU YA 18 -91.05 -69.44 -25.59
CA LEU YA 18 -91.40 -70.80 -25.17
C LEU YA 18 -92.42 -71.42 -26.12
N SER YA 19 -92.26 -72.72 -26.35
CA SER YA 19 -93.13 -73.45 -27.25
C SER YA 19 -94.48 -73.73 -26.60
N PRO YA 20 -95.50 -74.01 -27.43
CA PRO YA 20 -96.81 -74.41 -26.86
C PRO YA 20 -96.72 -75.67 -26.01
N GLY YA 21 -95.87 -76.62 -26.37
CA GLY YA 21 -95.68 -77.79 -25.54
C GLY YA 21 -95.10 -77.46 -24.19
N GLU YA 22 -94.13 -76.55 -24.17
CA GLU YA 22 -93.58 -76.08 -22.90
C GLU YA 22 -94.64 -75.37 -22.08
N LEU YA 23 -95.49 -74.57 -22.73
CA LEU YA 23 -96.55 -73.88 -22.02
C LEU YA 23 -97.53 -74.88 -21.42
N ASP YA 24 -97.89 -75.92 -22.16
CA ASP YA 24 -98.79 -76.94 -21.64
C ASP YA 24 -98.18 -77.69 -20.47
N ARG YA 25 -96.89 -78.04 -20.57
CA ARG YA 25 -96.27 -78.74 -19.46
C ARG YA 25 -96.13 -77.85 -18.23
N ILE YA 26 -95.89 -76.55 -18.43
CA ILE YA 26 -95.87 -75.61 -17.31
C ILE YA 26 -97.25 -75.54 -16.66
N LYS YA 27 -98.30 -75.50 -17.47
CA LYS YA 27 -99.66 -75.46 -16.93
C LYS YA 27 -99.98 -76.72 -16.14
N SER YA 28 -99.59 -77.88 -16.65
CA SER YA 28 -99.82 -79.13 -15.93
C SER YA 28 -99.05 -79.16 -14.63
N PHE YA 29 -97.79 -78.70 -14.64
CA PHE YA 29 -96.98 -78.69 -13.43
C PHE YA 29 -97.58 -77.77 -12.37
N VAL YA 30 -98.03 -76.58 -12.78
CA VAL YA 30 -98.62 -75.67 -11.82
C VAL YA 30 -99.96 -76.20 -11.33
N ALA YA 31 -100.67 -76.96 -12.17
CA ALA YA 31 -101.91 -77.59 -11.73
C ALA YA 31 -101.65 -78.66 -10.67
N SER YA 32 -100.59 -79.44 -10.83
CA SER YA 32 -100.28 -80.53 -9.90
C SER YA 32 -99.53 -80.05 -8.66
N GLY YA 33 -99.35 -78.74 -8.49
CA GLY YA 33 -98.55 -78.19 -7.42
C GLY YA 33 -99.03 -78.50 -6.01
N GLU YA 34 -100.34 -78.38 -5.76
CA GLU YA 34 -100.85 -78.64 -4.42
C GLU YA 34 -100.74 -80.12 -4.06
N ARG YA 35 -100.95 -81.00 -5.04
CA ARG YA 35 -100.77 -82.43 -4.81
C ARG YA 35 -99.31 -82.75 -4.50
N ARG YA 36 -98.39 -82.12 -5.24
CA ARG YA 36 -96.97 -82.30 -4.96
C ARG YA 36 -96.61 -81.81 -3.56
N LEU YA 37 -97.16 -80.66 -3.17
CA LEU YA 37 -96.91 -80.13 -1.83
C LEU YA 37 -97.46 -81.05 -0.76
N ARG YA 38 -98.63 -81.65 -1.01
CA ARG YA 38 -99.19 -82.60 -0.05
C ARG YA 38 -98.29 -83.82 0.11
N ILE YA 39 -97.77 -84.33 -1.01
CA ILE YA 39 -96.83 -85.46 -0.95
C ILE YA 39 -95.59 -85.07 -0.17
N ALA YA 40 -95.08 -83.87 -0.42
CA ALA YA 40 -93.89 -83.39 0.26
C ALA YA 40 -94.11 -83.26 1.76
N GLN YA 41 -95.24 -82.70 2.18
CA GLN YA 41 -95.50 -82.55 3.61
C GLN YA 41 -95.69 -83.91 4.27
N THR YA 42 -96.31 -84.86 3.56
CA THR YA 42 -96.46 -86.22 4.08
C THR YA 42 -95.10 -86.86 4.33
N LEU YA 43 -94.22 -86.81 3.33
CA LEU YA 43 -92.89 -87.40 3.49
C LEU YA 43 -92.08 -86.68 4.56
N THR YA 44 -92.20 -85.35 4.63
CA THR YA 44 -91.48 -84.59 5.66
C THR YA 44 -91.95 -84.97 7.05
N GLU YA 45 -93.26 -85.14 7.24
CA GLU YA 45 -93.76 -85.55 8.54
C GLU YA 45 -93.37 -86.99 8.86
N ALA YA 46 -93.22 -87.84 7.85
CA ALA YA 46 -92.82 -89.22 8.05
C ALA YA 46 -91.34 -89.46 7.78
N ARG YA 47 -90.51 -88.42 7.91
CA ARG YA 47 -89.09 -88.55 7.56
C ARG YA 47 -88.36 -89.54 8.47
N GLU YA 48 -88.67 -89.56 9.76
CA GLU YA 48 -87.87 -90.38 10.68
C GLU YA 48 -88.19 -91.86 10.50
N ARG YA 49 -89.47 -92.20 10.42
CA ARG YA 49 -89.88 -93.60 10.33
C ARG YA 49 -89.45 -94.22 9.01
N ILE YA 50 -89.49 -93.42 7.93
CA ILE YA 50 -89.06 -93.90 6.62
C ILE YA 50 -87.58 -94.25 6.65
N VAL YA 51 -86.76 -93.36 7.22
CA VAL YA 51 -85.32 -93.58 7.32
C VAL YA 51 -85.03 -94.80 8.20
N LYS YA 52 -85.74 -94.93 9.31
CA LYS YA 52 -85.55 -96.05 10.22
C LYS YA 52 -85.87 -97.39 9.54
N GLN YA 53 -87.02 -97.49 8.89
CA GLN YA 53 -87.40 -98.73 8.23
C GLN YA 53 -86.47 -99.05 7.07
N ALA YA 54 -86.05 -98.04 6.30
CA ALA YA 54 -85.10 -98.27 5.21
C ALA YA 54 -83.77 -98.76 5.75
N GLY YA 55 -83.32 -98.20 6.88
CA GLY YA 55 -82.09 -98.66 7.49
C GLY YA 55 -82.17 -100.10 7.94
N ASP YA 56 -83.27 -100.49 8.58
CA ASP YA 56 -83.42 -101.89 9.00
C ASP YA 56 -83.47 -102.82 7.79
N GLN YA 57 -84.19 -102.43 6.73
CA GLN YA 57 -84.24 -103.27 5.53
C GLN YA 57 -82.87 -103.43 4.89
N LEU YA 58 -82.11 -102.33 4.81
CA LEU YA 58 -80.77 -102.39 4.24
C LEU YA 58 -79.86 -103.27 5.08
N PHE YA 59 -79.98 -103.19 6.40
CA PHE YA 59 -79.14 -104.02 7.25
C PHE YA 59 -79.50 -105.50 7.18
N GLN YA 60 -80.79 -105.83 7.05
CA GLN YA 60 -81.16 -107.22 6.83
C GLN YA 60 -80.62 -107.72 5.49
N ILE YA 61 -80.74 -106.91 4.44
CA ILE YA 61 -80.33 -107.39 3.11
C ILE YA 61 -78.82 -107.51 3.01
N ARG YA 62 -78.07 -106.56 3.58
CA ARG YA 62 -76.61 -106.54 3.47
C ARG YA 62 -76.00 -106.37 4.85
N PRO YA 63 -75.86 -107.47 5.59
CA PRO YA 63 -75.20 -107.38 6.91
C PRO YA 63 -73.72 -107.12 6.81
N ASP YA 64 -73.10 -107.33 5.64
CA ASP YA 64 -71.65 -107.23 5.52
C ASP YA 64 -71.17 -105.79 5.72
N VAL YA 65 -72.01 -104.81 5.36
CA VAL YA 65 -71.59 -103.41 5.48
C VAL YA 65 -71.43 -103.02 6.94
N VAL YA 66 -72.19 -103.64 7.82
CA VAL YA 66 -72.11 -103.35 9.25
C VAL YA 66 -71.26 -104.43 9.91
N SER YA 67 -70.51 -105.16 9.10
CA SER YA 67 -69.59 -106.19 9.57
C SER YA 67 -68.24 -105.52 9.82
N PRO YA 68 -67.29 -106.24 10.44
CA PRO YA 68 -65.97 -105.68 10.71
C PRO YA 68 -65.24 -105.14 9.48
N GLY YA 69 -65.41 -105.81 8.35
CA GLY YA 69 -64.86 -105.32 7.10
C GLY YA 69 -65.85 -104.48 6.33
N GLY YA 70 -66.63 -103.66 7.03
CA GLY YA 70 -67.66 -102.85 6.44
C GLY YA 70 -67.37 -101.38 6.58
N ASN YA 71 -67.88 -100.59 5.63
CA ASN YA 71 -67.69 -99.14 5.67
C ASN YA 71 -68.39 -98.53 6.88
N ALA YA 72 -69.60 -99.00 7.19
CA ALA YA 72 -70.41 -98.46 8.26
C ALA YA 72 -70.28 -99.25 9.56
N TYR YA 73 -69.11 -99.80 9.84
CA TYR YA 73 -68.91 -100.59 11.05
C TYR YA 73 -68.73 -99.65 12.24
N GLY YA 74 -69.61 -99.76 13.22
CA GLY YA 74 -69.64 -98.88 14.36
C GLY YA 74 -70.94 -98.10 14.43
N GLU YA 75 -71.26 -97.68 15.66
CA GLU YA 75 -72.51 -96.95 15.90
C GLU YA 75 -72.52 -95.62 15.16
N LYS YA 76 -71.42 -94.87 15.25
CA LYS YA 76 -71.33 -93.58 14.58
C LYS YA 76 -71.16 -93.69 13.06
N MET YA 77 -70.48 -94.74 12.57
CA MET YA 77 -70.53 -95.03 11.14
C MET YA 77 -71.94 -95.34 10.65
N THR YA 78 -72.71 -96.11 11.41
CA THR YA 78 -74.11 -96.32 11.08
C THR YA 78 -74.90 -95.02 11.12
N ALA YA 79 -74.62 -94.16 12.09
CA ALA YA 79 -75.30 -92.87 12.18
C ALA YA 79 -75.01 -92.01 10.95
N LEU YA 80 -73.77 -92.04 10.46
CA LEU YA 80 -73.43 -91.28 9.26
C LEU YA 80 -74.19 -91.80 8.05
N CYS YA 81 -74.32 -93.12 7.93
CA CYS YA 81 -75.11 -93.69 6.83
C CYS YA 81 -76.58 -93.28 6.94
N LEU YA 82 -77.12 -93.30 8.15
CA LEU YA 82 -78.50 -92.86 8.34
C LEU YA 82 -78.66 -91.39 7.99
N ARG YA 83 -77.67 -90.57 8.32
CA ARG YA 83 -77.72 -89.15 7.94
C ARG YA 83 -77.68 -88.99 6.42
N ASP YA 84 -76.89 -89.83 5.74
CA ASP YA 84 -76.88 -89.80 4.28
C ASP YA 84 -78.25 -90.18 3.70
N LEU YA 85 -78.88 -91.20 4.28
CA LEU YA 85 -80.21 -91.59 3.83
C LEU YA 85 -81.22 -90.47 4.05
N ASP YA 86 -81.11 -89.78 5.18
CA ASP YA 86 -81.96 -88.61 5.43
C ASP YA 86 -81.70 -87.51 4.42
N TYR YA 87 -80.44 -87.29 4.08
CA TYR YA 87 -80.08 -86.30 3.06
C TYR YA 87 -80.74 -86.64 1.72
N TYR YA 88 -80.70 -87.91 1.34
CA TYR YA 88 -81.30 -88.29 0.07
C TYR YA 88 -82.83 -88.22 0.13
N LEU YA 89 -83.42 -88.47 1.30
CA LEU YA 89 -84.86 -88.27 1.43
C LEU YA 89 -85.23 -86.80 1.25
N ARG YA 90 -84.44 -85.90 1.84
CA ARG YA 90 -84.68 -84.47 1.66
C ARG YA 90 -84.51 -84.08 0.20
N LEU YA 91 -83.51 -84.64 -0.47
CA LEU YA 91 -83.30 -84.36 -1.89
C LEU YA 91 -84.48 -84.85 -2.73
N VAL YA 92 -85.02 -86.03 -2.39
CA VAL YA 92 -86.17 -86.55 -3.11
C VAL YA 92 -87.39 -85.65 -2.90
N THR YA 93 -87.57 -85.15 -1.68
CA THR YA 93 -88.65 -84.20 -1.44
C THR YA 93 -88.48 -82.93 -2.24
N TYR YA 94 -87.24 -82.43 -2.33
CA TYR YA 94 -86.95 -81.25 -3.15
C TYR YA 94 -87.29 -81.51 -4.61
N GLY YA 95 -86.90 -82.68 -5.12
CA GLY YA 95 -87.19 -83.01 -6.51
C GLY YA 95 -88.67 -83.13 -6.77
N ILE YA 96 -89.40 -83.73 -5.83
CA ILE YA 96 -90.84 -83.89 -5.97
C ILE YA 96 -91.54 -82.54 -5.98
N VAL YA 97 -91.15 -81.64 -5.09
CA VAL YA 97 -91.76 -80.31 -5.09
C VAL YA 97 -91.37 -79.53 -6.35
N ALA YA 98 -90.14 -79.70 -6.84
CA ALA YA 98 -89.69 -78.96 -8.00
C ALA YA 98 -90.29 -79.46 -9.30
N GLY YA 99 -90.67 -80.74 -9.37
CA GLY YA 99 -91.24 -81.29 -10.58
C GLY YA 99 -90.23 -81.85 -11.56
N ASP YA 100 -88.95 -81.77 -11.27
CA ASP YA 100 -87.91 -82.35 -12.11
C ASP YA 100 -86.76 -82.78 -11.22
N VAL YA 101 -85.62 -83.10 -11.84
CA VAL YA 101 -84.51 -83.71 -11.12
C VAL YA 101 -83.29 -82.79 -11.01
N THR YA 102 -83.41 -81.51 -11.35
CA THR YA 102 -82.30 -80.58 -11.22
C THR YA 102 -81.78 -80.42 -9.79
N PRO YA 103 -82.63 -80.30 -8.75
CA PRO YA 103 -82.06 -80.18 -7.39
C PRO YA 103 -81.30 -81.43 -6.95
N ILE YA 104 -81.89 -82.60 -7.15
CA ILE YA 104 -81.22 -83.86 -6.81
C ILE YA 104 -79.92 -83.99 -7.59
N GLU YA 105 -79.94 -83.61 -8.87
CA GLU YA 105 -78.76 -83.75 -9.71
C GLU YA 105 -77.63 -82.85 -9.25
N GLU YA 106 -77.91 -81.57 -9.04
CA GLU YA 106 -76.83 -80.65 -8.71
C GLU YA 106 -76.49 -80.66 -7.22
N ILE YA 107 -77.23 -81.42 -6.42
CA ILE YA 107 -76.89 -81.47 -5.00
C ILE YA 107 -76.26 -82.81 -4.60
N GLY YA 108 -76.76 -83.94 -5.10
CA GLY YA 108 -76.35 -85.18 -4.49
C GLY YA 108 -76.02 -86.38 -5.38
N ILE YA 109 -75.97 -86.21 -6.70
CA ILE YA 109 -75.63 -87.31 -7.60
C ILE YA 109 -74.36 -87.01 -8.40
N ILE YA 110 -74.17 -85.76 -8.82
CA ILE YA 110 -72.97 -85.42 -9.58
C ILE YA 110 -71.78 -85.38 -8.62
N GLY YA 111 -70.76 -86.18 -8.92
CA GLY YA 111 -69.63 -86.32 -8.04
C GLY YA 111 -69.81 -87.31 -6.91
N VAL YA 112 -70.98 -87.93 -6.81
CA VAL YA 112 -71.21 -88.89 -5.73
C VAL YA 112 -70.39 -90.16 -5.95
N LYS YA 113 -70.04 -90.45 -7.20
CA LYS YA 113 -69.15 -91.57 -7.45
C LYS YA 113 -67.78 -91.32 -6.83
N GLU YA 114 -67.27 -90.09 -6.96
CA GLU YA 114 -66.01 -89.76 -6.32
C GLU YA 114 -66.15 -89.65 -4.81
N MET YA 115 -67.31 -89.15 -4.33
CA MET YA 115 -67.73 -89.31 -2.94
C MET YA 115 -67.47 -90.71 -2.40
N TYR YA 116 -68.14 -91.70 -2.96
CA TYR YA 116 -68.10 -93.01 -2.31
C TYR YA 116 -66.91 -93.82 -2.76
N ASN YA 117 -66.20 -93.37 -3.80
CA ASN YA 117 -64.91 -93.97 -4.11
C ASN YA 117 -63.84 -93.50 -3.14
N SER YA 118 -63.82 -92.20 -2.82
CA SER YA 118 -62.88 -91.70 -1.84
C SER YA 118 -63.18 -92.26 -0.46
N LEU YA 119 -64.47 -92.32 -0.10
CA LEU YA 119 -64.83 -92.86 1.21
C LEU YA 119 -64.93 -94.37 1.22
N GLN YA 120 -64.75 -95.03 0.07
CA GLN YA 120 -64.79 -96.49 -0.02
C GLN YA 120 -66.15 -97.04 0.41
N THR YA 121 -67.22 -96.39 -0.03
CA THR YA 121 -68.56 -96.79 0.38
C THR YA 121 -69.27 -97.51 -0.74
N PRO YA 122 -69.93 -98.63 -0.48
CA PRO YA 122 -70.66 -99.34 -1.55
C PRO YA 122 -71.78 -98.52 -2.16
N ILE YA 123 -71.58 -98.13 -3.41
CA ILE YA 123 -72.64 -97.43 -4.15
C ILE YA 123 -73.88 -98.29 -4.35
N PRO YA 124 -73.77 -99.55 -4.77
CA PRO YA 124 -74.98 -100.41 -4.81
C PRO YA 124 -75.64 -100.58 -3.46
N ALA YA 125 -74.88 -100.61 -2.36
CA ALA YA 125 -75.50 -100.63 -1.04
C ALA YA 125 -76.29 -99.36 -0.74
N VAL YA 126 -75.75 -98.19 -1.10
CA VAL YA 126 -76.52 -96.96 -0.94
C VAL YA 126 -77.77 -96.97 -1.80
N ALA YA 127 -77.66 -97.53 -3.01
CA ALA YA 127 -78.85 -97.66 -3.87
C ALA YA 127 -79.89 -98.57 -3.25
N GLU YA 128 -79.45 -99.65 -2.62
CA GLU YA 128 -80.37 -100.54 -1.92
C GLU YA 128 -81.06 -99.81 -0.78
N GLY YA 129 -80.31 -99.00 -0.03
CA GLY YA 129 -80.93 -98.18 1.00
C GLY YA 129 -81.94 -97.21 0.44
N VAL YA 130 -81.65 -96.62 -0.72
CA VAL YA 130 -82.60 -95.72 -1.36
C VAL YA 130 -83.87 -96.45 -1.75
N ARG YA 131 -83.74 -97.68 -2.26
CA ARG YA 131 -84.92 -98.48 -2.57
C ARG YA 131 -85.71 -98.80 -1.32
N ALA YA 132 -85.03 -99.02 -0.20
CA ALA YA 132 -85.71 -99.25 1.06
C ALA YA 132 -86.53 -98.03 1.49
N MET YA 133 -85.95 -96.83 1.37
CA MET YA 133 -86.73 -95.63 1.65
C MET YA 133 -87.88 -95.47 0.66
N LYS YA 134 -87.67 -95.90 -0.59
CA LYS YA 134 -88.75 -95.85 -1.58
C LYS YA 134 -89.93 -96.71 -1.14
N ASN YA 135 -89.65 -97.93 -0.69
CA ASN YA 135 -90.71 -98.81 -0.23
C ASN YA 135 -91.42 -98.23 0.99
N VAL YA 136 -90.65 -97.71 1.95
CA VAL YA 136 -91.24 -97.19 3.17
C VAL YA 136 -92.08 -95.95 2.87
N ALA YA 137 -91.63 -95.14 1.90
CA ALA YA 137 -92.37 -93.93 1.56
C ALA YA 137 -93.63 -94.24 0.77
N THR YA 138 -93.56 -95.19 -0.16
CA THR YA 138 -94.75 -95.56 -0.91
C THR YA 138 -95.76 -96.28 -0.03
N SER YA 139 -95.31 -96.89 1.07
CA SER YA 139 -96.23 -97.44 2.04
C SER YA 139 -97.06 -96.37 2.76
N LEU YA 140 -96.64 -95.11 2.73
CA LEU YA 140 -97.33 -94.03 3.43
C LEU YA 140 -98.01 -93.05 2.49
N LEU YA 141 -98.25 -93.44 1.24
CA LEU YA 141 -98.85 -92.54 0.27
C LEU YA 141 -99.92 -93.25 -0.54
N SER YA 142 -100.86 -92.47 -1.06
CA SER YA 142 -101.84 -93.00 -2.00
C SER YA 142 -101.15 -93.39 -3.30
N GLY YA 143 -101.84 -94.22 -4.08
CA GLY YA 143 -101.27 -94.85 -5.26
C GLY YA 143 -100.72 -93.90 -6.31
N ASP YA 144 -101.47 -92.85 -6.64
CA ASP YA 144 -100.97 -91.86 -7.60
C ASP YA 144 -99.78 -91.11 -7.04
N ASP YA 145 -99.90 -90.58 -5.82
CA ASP YA 145 -98.77 -89.91 -5.19
C ASP YA 145 -97.62 -90.87 -4.90
N ALA YA 146 -97.94 -92.13 -4.58
CA ALA YA 146 -96.89 -93.13 -4.38
C ALA YA 146 -96.11 -93.35 -5.66
N ALA YA 147 -96.79 -93.46 -6.80
CA ALA YA 147 -96.10 -93.62 -8.08
C ALA YA 147 -95.28 -92.37 -8.41
N GLU YA 148 -95.84 -91.19 -8.11
CA GLU YA 148 -95.14 -89.94 -8.38
C GLU YA 148 -93.83 -89.86 -7.60
N ALA YA 149 -93.85 -90.25 -6.32
CA ALA YA 149 -92.63 -90.26 -5.53
C ALA YA 149 -91.70 -91.39 -5.96
N GLY YA 150 -92.27 -92.53 -6.35
CA GLY YA 150 -91.45 -93.66 -6.77
C GLY YA 150 -90.69 -93.38 -8.04
N PHE YA 151 -91.22 -92.51 -8.91
CA PHE YA 151 -90.47 -92.13 -10.10
C PHE YA 151 -89.17 -91.42 -9.73
N TYR YA 152 -89.22 -90.46 -8.80
CA TYR YA 152 -88.01 -89.79 -8.38
C TYR YA 152 -87.08 -90.72 -7.61
N PHE YA 153 -87.65 -91.62 -6.81
CA PHE YA 153 -86.82 -92.61 -6.11
C PHE YA 153 -86.09 -93.51 -7.11
N ASP YA 154 -86.78 -93.94 -8.16
CA ASP YA 154 -86.15 -94.75 -9.20
C ASP YA 154 -85.11 -93.96 -9.96
N TYR YA 155 -85.35 -92.66 -10.17
CA TYR YA 155 -84.33 -91.81 -10.79
C TYR YA 155 -83.07 -91.77 -9.93
N LEU YA 156 -83.24 -91.62 -8.62
CA LEU YA 156 -82.08 -91.62 -7.73
C LEU YA 156 -81.35 -92.95 -7.78
N VAL YA 157 -82.10 -94.05 -7.81
CA VAL YA 157 -81.50 -95.38 -7.87
C VAL YA 157 -80.72 -95.56 -9.16
N GLY YA 158 -81.29 -95.13 -10.29
CA GLY YA 158 -80.59 -95.25 -11.56
C GLY YA 158 -79.37 -94.35 -11.64
N ALA YA 159 -79.47 -93.13 -11.10
CA ALA YA 159 -78.33 -92.23 -11.12
C ALA YA 159 -77.19 -92.73 -10.24
N MET YA 160 -77.52 -93.41 -9.13
CA MET YA 160 -76.49 -94.00 -8.26
C MET YA 160 -76.11 -95.36 -8.81
N GLN YA 161 -75.48 -95.35 -9.98
CA GLN YA 161 -75.08 -96.56 -10.67
C GLN YA 161 -74.04 -96.27 -11.74
N MET ZA 1 -79.50 -69.68 -13.46
CA MET ZA 1 -80.88 -69.20 -13.35
C MET ZA 1 -81.65 -69.90 -12.24
N GLN ZA 2 -82.43 -69.12 -11.48
CA GLN ZA 2 -83.32 -69.68 -10.49
C GLN ZA 2 -84.70 -69.07 -10.66
N ASP ZA 3 -85.73 -69.88 -10.45
CA ASP ZA 3 -87.11 -69.44 -10.42
C ASP ZA 3 -87.52 -69.27 -8.96
N ALA ZA 4 -88.81 -69.05 -8.73
CA ALA ZA 4 -89.31 -68.95 -7.37
C ALA ZA 4 -89.14 -70.26 -6.62
N ILE ZA 5 -89.52 -71.37 -7.27
CA ILE ZA 5 -89.41 -72.69 -6.64
C ILE ZA 5 -87.95 -73.03 -6.37
N THR ZA 6 -87.08 -72.78 -7.34
CA THR ZA 6 -85.66 -73.02 -7.15
C THR ZA 6 -85.06 -72.11 -6.08
N ALA ZA 7 -85.54 -70.88 -5.96
CA ALA ZA 7 -85.05 -69.99 -4.92
C ALA ZA 7 -85.44 -70.49 -3.54
N VAL ZA 8 -86.68 -70.97 -3.40
CA VAL ZA 8 -87.11 -71.53 -2.11
C VAL ZA 8 -86.31 -72.78 -1.77
N ILE ZA 9 -86.12 -73.65 -2.76
CA ILE ZA 9 -85.36 -74.88 -2.55
C ILE ZA 9 -83.92 -74.55 -2.21
N ASN ZA 10 -83.38 -73.49 -2.82
CA ASN ZA 10 -82.04 -73.02 -2.48
C ASN ZA 10 -81.96 -72.55 -1.04
N ASN ZA 11 -82.90 -71.70 -0.62
CA ASN ZA 11 -82.85 -71.14 0.72
C ASN ZA 11 -83.05 -72.22 1.78
N TYR ZA 12 -83.68 -73.34 1.42
CA TYR ZA 12 -83.79 -74.41 2.40
C TYR ZA 12 -82.65 -75.42 2.31
N ASP ZA 13 -82.07 -75.60 1.12
CA ASP ZA 13 -80.97 -76.54 0.97
C ASP ZA 13 -79.69 -75.99 1.61
N VAL ZA 14 -79.52 -74.66 1.58
CA VAL ZA 14 -78.38 -74.05 2.24
C VAL ZA 14 -78.40 -74.30 3.74
N GLN ZA 15 -79.58 -74.29 4.36
CA GLN ZA 15 -79.72 -74.63 5.76
C GLN ZA 15 -79.88 -76.12 6.01
N GLY ZA 16 -80.03 -76.91 4.95
CA GLY ZA 16 -80.21 -78.34 5.15
C GLY ZA 16 -81.52 -78.67 5.83
N LYS ZA 17 -82.58 -77.95 5.48
CA LYS ZA 17 -83.86 -78.06 6.15
C LYS ZA 17 -84.91 -78.62 5.20
N TYR ZA 18 -85.80 -79.43 5.74
CA TYR ZA 18 -86.96 -79.85 4.98
C TYR ZA 18 -87.89 -78.67 4.76
N LEU ZA 19 -88.76 -78.79 3.75
CA LEU ZA 19 -89.71 -77.72 3.47
C LEU ZA 19 -90.75 -77.64 4.57
N ASP ZA 20 -90.94 -76.43 5.11
CA ASP ZA 20 -91.87 -76.18 6.19
C ASP ZA 20 -93.03 -75.33 5.68
N GLY ZA 21 -93.87 -74.88 6.62
CA GLY ZA 21 -95.06 -74.14 6.26
C GLY ZA 21 -94.79 -72.85 5.49
N ALA ZA 22 -93.73 -72.13 5.87
CA ALA ZA 22 -93.42 -70.88 5.18
C ALA ZA 22 -93.00 -71.13 3.74
N ALA ZA 23 -92.15 -72.14 3.52
CA ALA ZA 23 -91.74 -72.48 2.17
C ALA ZA 23 -92.93 -72.94 1.35
N LEU ZA 24 -93.80 -73.75 1.95
CA LEU ZA 24 -95.01 -74.17 1.26
C LEU ZA 24 -95.90 -72.99 0.93
N ASP ZA 25 -95.96 -71.99 1.81
CA ASP ZA 25 -96.75 -70.79 1.55
C ASP ZA 25 -96.19 -70.03 0.36
N LYS ZA 26 -94.87 -69.86 0.30
CA LYS ZA 26 -94.26 -69.15 -0.83
C LYS ZA 26 -94.49 -69.92 -2.14
N LEU ZA 27 -94.34 -71.24 -2.09
CA LEU ZA 27 -94.55 -72.06 -3.29
C LEU ZA 27 -96.00 -71.98 -3.75
N LYS ZA 28 -96.95 -72.03 -2.82
CA LYS ZA 28 -98.36 -71.93 -3.17
C LYS ZA 28 -98.69 -70.55 -3.73
N ALA ZA 29 -98.06 -69.51 -3.17
CA ALA ZA 29 -98.26 -68.16 -3.68
C ALA ZA 29 -97.79 -68.04 -5.11
N TYR ZA 30 -96.65 -68.65 -5.45
CA TYR ZA 30 -96.25 -68.68 -6.85
C TYR ZA 30 -97.22 -69.52 -7.69
N PHE ZA 31 -97.69 -70.64 -7.15
CA PHE ZA 31 -98.51 -71.58 -7.91
C PHE ZA 31 -99.83 -70.95 -8.31
N THR ZA 32 -100.44 -70.16 -7.43
CA THR ZA 32 -101.75 -69.58 -7.71
C THR ZA 32 -101.72 -68.58 -8.86
N THR ZA 33 -100.56 -68.04 -9.22
CA THR ZA 33 -100.45 -67.07 -10.29
C THR ZA 33 -99.80 -67.64 -11.56
N GLY ZA 34 -99.75 -68.97 -11.69
CA GLY ZA 34 -99.05 -69.55 -12.83
C GLY ZA 34 -99.74 -69.28 -14.16
N ALA ZA 35 -101.06 -69.44 -14.21
CA ALA ZA 35 -101.77 -69.39 -15.48
C ALA ZA 35 -101.75 -67.99 -16.09
N VAL ZA 36 -101.88 -66.97 -15.25
CA VAL ZA 36 -101.82 -65.58 -15.75
C VAL ZA 36 -100.46 -65.30 -16.35
N ARG ZA 37 -99.39 -65.83 -15.75
CA ARG ZA 37 -98.06 -65.69 -16.30
C ARG ZA 37 -97.96 -66.32 -17.69
N VAL ZA 38 -98.54 -67.51 -17.86
CA VAL ZA 38 -98.49 -68.19 -19.16
C VAL ZA 38 -99.26 -67.38 -20.20
N ARG ZA 39 -100.45 -66.88 -19.84
CA ARG ZA 39 -101.25 -66.11 -20.77
C ARG ZA 39 -100.53 -64.83 -21.19
N ALA ZA 40 -99.95 -64.11 -20.22
CA ALA ZA 40 -99.28 -62.87 -20.53
C ALA ZA 40 -98.02 -63.12 -21.36
N ALA ZA 41 -97.29 -64.20 -21.07
CA ALA ZA 41 -96.13 -64.55 -21.88
C ALA ZA 41 -96.53 -64.88 -23.31
N ALA ZA 42 -97.62 -65.62 -23.50
CA ALA ZA 42 -98.10 -65.91 -24.85
C ALA ZA 42 -98.50 -64.63 -25.59
N VAL ZA 43 -99.17 -63.71 -24.88
CA VAL ZA 43 -99.58 -62.45 -25.51
C VAL ZA 43 -98.35 -61.64 -25.94
N ILE ZA 44 -97.35 -61.56 -25.07
CA ILE ZA 44 -96.14 -60.80 -25.39
C ILE ZA 44 -95.40 -61.44 -26.56
N SER ZA 45 -95.34 -62.78 -26.58
CA SER ZA 45 -94.69 -63.48 -27.68
C SER ZA 45 -95.41 -63.23 -29.00
N SER ZA 46 -96.75 -63.24 -28.97
CA SER ZA 46 -97.52 -62.98 -30.17
C SER ZA 46 -97.44 -61.53 -30.64
N ASN ZA 47 -97.26 -60.58 -29.74
CA ASN ZA 47 -97.23 -59.17 -30.10
C ASN ZA 47 -95.87 -58.51 -29.91
N ALA ZA 48 -94.78 -59.28 -29.95
CA ALA ZA 48 -93.44 -58.75 -29.71
C ALA ZA 48 -93.04 -57.62 -30.65
N THR ZA 49 -93.23 -57.81 -31.96
CA THR ZA 49 -92.82 -56.77 -32.91
C THR ZA 49 -93.66 -55.51 -32.76
N THR ZA 50 -94.96 -55.68 -32.45
CA THR ZA 50 -95.83 -54.53 -32.26
C THR ZA 50 -95.40 -53.67 -31.10
N ILE ZA 51 -95.09 -54.30 -29.96
CA ILE ZA 51 -94.66 -53.56 -28.79
C ILE ZA 51 -93.33 -52.88 -29.07
N ILE ZA 52 -92.46 -53.54 -29.85
CA ILE ZA 52 -91.15 -52.97 -30.16
C ILE ZA 52 -91.30 -51.69 -30.98
N LYS ZA 53 -92.09 -51.75 -32.06
CA LYS ZA 53 -92.19 -50.55 -32.89
C LYS ZA 53 -92.98 -49.46 -32.19
N GLU ZA 54 -93.96 -49.83 -31.36
CA GLU ZA 54 -94.66 -48.82 -30.58
C GLU ZA 54 -93.74 -48.13 -29.58
N ALA ZA 55 -92.91 -48.89 -28.86
CA ALA ZA 55 -91.98 -48.30 -27.91
C ALA ZA 55 -90.95 -47.42 -28.63
N ALA ZA 56 -90.49 -47.86 -29.80
CA ALA ZA 56 -89.58 -47.03 -30.59
C ALA ZA 56 -90.25 -45.72 -31.00
N ALA ZA 57 -91.50 -45.78 -31.47
CA ALA ZA 57 -92.18 -44.57 -31.88
C ALA ZA 57 -92.47 -43.65 -30.71
N LYS ZA 58 -92.66 -44.21 -29.51
CA LYS ZA 58 -92.99 -43.38 -28.36
C LYS ZA 58 -91.76 -42.79 -27.67
N ALA ZA 59 -90.61 -43.46 -27.74
CA ALA ZA 59 -89.48 -43.03 -26.95
C ALA ZA 59 -88.20 -42.72 -27.73
N LEU ZA 60 -88.01 -43.27 -28.93
CA LEU ZA 60 -86.71 -43.17 -29.56
C LEU ZA 60 -86.74 -42.33 -30.83
N ILE ZA 61 -87.56 -42.72 -31.79
CA ILE ZA 61 -87.52 -42.14 -33.12
C ILE ZA 61 -88.12 -40.75 -33.13
N TYR ZA 62 -87.96 -40.04 -34.25
CA TYR ZA 62 -88.37 -38.64 -34.37
C TYR ZA 62 -87.62 -37.78 -33.36
N SER ZA 63 -86.31 -37.94 -33.30
CA SER ZA 63 -85.48 -37.17 -32.39
C SER ZA 63 -84.05 -37.16 -32.93
N ASP ZA 64 -83.14 -36.59 -32.14
CA ASP ZA 64 -81.76 -36.46 -32.57
C ASP ZA 64 -81.05 -37.80 -32.64
N LEU ZA 65 -81.57 -38.81 -31.93
CA LEU ZA 65 -80.95 -40.14 -31.96
C LEU ZA 65 -81.01 -40.75 -33.34
N THR ZA 66 -82.12 -40.54 -34.06
CA THR ZA 66 -82.28 -41.04 -35.42
C THR ZA 66 -81.75 -40.07 -36.47
N ARG ZA 67 -81.13 -38.96 -36.06
CA ARG ZA 67 -80.52 -38.02 -36.98
C ARG ZA 67 -79.02 -38.18 -36.99
N PRO ZA 68 -78.33 -37.53 -37.92
CA PRO ZA 68 -76.86 -37.52 -37.90
C PRO ZA 68 -76.34 -36.93 -36.60
N GLY ZA 69 -75.34 -37.58 -36.02
CA GLY ZA 69 -74.87 -37.25 -34.70
C GLY ZA 69 -75.54 -38.03 -33.59
N GLY ZA 70 -76.65 -38.70 -33.87
CA GLY ZA 70 -77.30 -39.56 -32.91
C GLY ZA 70 -76.63 -40.91 -32.83
N MEN ZA 71 -77.03 -41.71 -31.84
CA MEN ZA 71 -76.39 -42.97 -31.59
C MEN ZA 71 -77.02 -44.12 -32.37
O MEN ZA 71 -76.47 -45.20 -32.61
CB MEN ZA 71 -76.43 -43.39 -30.11
CG MEN ZA 71 -75.45 -44.53 -29.90
OD1 MEN ZA 71 -75.85 -45.68 -29.61
ND2 MEN ZA 71 -74.11 -44.24 -30.07
CE2 MEN ZA 71 -73.05 -45.19 -29.92
N MET ZA 72 -78.24 -43.85 -32.80
CA MET ZA 72 -79.10 -44.89 -33.37
C MET ZA 72 -79.23 -44.65 -34.88
N TYR ZA 73 -78.60 -43.58 -35.32
CA TYR ZA 73 -78.50 -43.27 -36.74
C TYR ZA 73 -77.76 -44.38 -37.49
N THR ZA 74 -78.06 -44.51 -38.78
CA THR ZA 74 -77.63 -45.57 -39.68
C THR ZA 74 -78.36 -46.87 -39.35
N THR ZA 75 -78.62 -47.67 -40.40
CA THR ZA 75 -79.42 -48.88 -40.23
C THR ZA 75 -78.74 -49.88 -39.31
N ARG ZA 76 -77.40 -49.92 -39.31
CA ARG ZA 76 -76.68 -50.85 -38.45
C ARG ZA 76 -76.91 -50.54 -36.98
N ARG ZA 77 -76.73 -49.28 -36.59
CA ARG ZA 77 -76.91 -48.93 -35.19
C ARG ZA 77 -78.38 -48.97 -34.78
N TYR ZA 78 -79.30 -48.64 -35.69
CA TYR ZA 78 -80.72 -48.84 -35.40
C TYR ZA 78 -81.04 -50.31 -35.18
N ALA ZA 79 -80.45 -51.19 -36.00
CA ALA ZA 79 -80.66 -52.62 -35.84
C ALA ZA 79 -80.12 -53.09 -34.50
N ALA ZA 80 -78.95 -52.58 -34.10
CA ALA ZA 80 -78.40 -52.92 -32.80
C ALA ZA 80 -79.33 -52.48 -31.67
N CYS ZA 81 -79.89 -51.27 -31.78
CA CYS ZA 81 -80.80 -50.78 -30.75
C CYS ZA 81 -82.06 -51.63 -30.67
N ILE ZA 82 -82.69 -51.93 -31.81
CA ILE ZA 82 -83.91 -52.73 -31.76
C ILE ZA 82 -83.63 -54.17 -31.36
N ARG ZA 83 -82.47 -54.71 -31.72
CA ARG ZA 83 -82.12 -56.06 -31.29
C ARG ZA 83 -81.91 -56.13 -29.78
N ASP ZA 84 -81.27 -55.10 -29.22
CA ASP ZA 84 -81.19 -54.98 -27.76
C ASP ZA 84 -82.57 -54.86 -27.14
N MET ZA 85 -83.46 -54.12 -27.80
CA MET ZA 85 -84.82 -53.93 -27.29
C MET ZA 85 -85.58 -55.24 -27.26
N ASP ZA 86 -85.44 -56.04 -28.33
CA ASP ZA 86 -86.05 -57.36 -28.37
C ASP ZA 86 -85.45 -58.27 -27.31
N TYR ZA 87 -84.14 -58.12 -27.05
CA TYR ZA 87 -83.51 -58.83 -25.94
C TYR ZA 87 -84.19 -58.49 -24.63
N PHE ZA 88 -84.43 -57.21 -24.40
CA PHE ZA 88 -85.10 -56.75 -23.18
C PHE ZA 88 -86.49 -57.36 -23.06
N LEU ZA 89 -87.24 -57.35 -24.16
CA LEU ZA 89 -88.60 -57.89 -24.14
C LEU ZA 89 -88.61 -59.39 -23.83
N ARG ZA 90 -87.77 -60.15 -24.54
CA ARG ZA 90 -87.77 -61.59 -24.37
C ARG ZA 90 -87.26 -61.99 -22.99
N TYR ZA 91 -86.23 -61.32 -22.48
CA TYR ZA 91 -85.70 -61.68 -21.17
C TYR ZA 91 -86.63 -61.22 -20.06
N ALA ZA 92 -87.36 -60.12 -20.26
CA ALA ZA 92 -88.39 -59.73 -19.31
C ALA ZA 92 -89.50 -60.78 -19.27
N THR ZA 93 -89.86 -61.32 -20.45
CA THR ZA 93 -90.84 -62.41 -20.48
C THR ZA 93 -90.34 -63.63 -19.72
N TYR ZA 94 -89.06 -63.98 -19.90
CA TYR ZA 94 -88.48 -65.10 -19.17
C TYR ZA 94 -88.52 -64.87 -17.67
N ALA ZA 95 -88.13 -63.67 -17.23
CA ALA ZA 95 -88.10 -63.36 -15.80
C ALA ZA 95 -89.51 -63.38 -15.21
N MET ZA 96 -90.48 -62.86 -15.96
CA MET ZA 96 -91.86 -62.86 -15.48
C MET ZA 96 -92.40 -64.29 -15.38
N LEU ZA 97 -92.07 -65.14 -16.35
CA LEU ZA 97 -92.51 -66.53 -16.29
C LEU ZA 97 -91.88 -67.25 -15.11
N ALA ZA 98 -90.59 -67.03 -14.89
CA ALA ZA 98 -89.90 -67.72 -13.80
C ALA ZA 98 -90.22 -67.13 -12.44
N GLY ZA 99 -90.80 -65.93 -12.39
CA GLY ZA 99 -91.06 -65.29 -11.11
C GLY ZA 99 -89.80 -64.95 -10.35
N ASP ZA 100 -88.77 -64.49 -11.05
CA ASP ZA 100 -87.49 -64.18 -10.42
C ASP ZA 100 -86.63 -63.33 -11.35
N PRO ZA 101 -85.97 -62.28 -10.82
CA PRO ZA 101 -85.04 -61.50 -11.65
C PRO ZA 101 -83.65 -62.10 -11.75
N SER ZA 102 -83.49 -63.38 -11.40
CA SER ZA 102 -82.19 -64.02 -11.48
C SER ZA 102 -81.67 -64.05 -12.91
N ILE ZA 103 -82.54 -64.37 -13.87
CA ILE ZA 103 -82.14 -64.33 -15.27
C ILE ZA 103 -81.76 -62.92 -15.69
N LEU ZA 104 -82.48 -61.92 -15.20
CA LEU ZA 104 -82.18 -60.54 -15.55
C LEU ZA 104 -80.82 -60.11 -15.02
N ASP ZA 105 -80.48 -60.51 -13.79
CA ASP ZA 105 -79.16 -60.17 -13.25
C ASP ZA 105 -78.06 -60.99 -13.92
N GLU ZA 106 -78.38 -62.22 -14.32
CA GLU ZA 106 -77.35 -63.13 -14.79
C GLU ZA 106 -77.02 -62.90 -16.25
N ARG ZA 107 -78.01 -62.96 -17.14
CA ARG ZA 107 -77.77 -62.95 -18.56
C ARG ZA 107 -78.03 -61.59 -19.21
N VAL ZA 108 -78.37 -60.56 -18.44
CA VAL ZA 108 -78.68 -59.27 -19.03
C VAL ZA 108 -77.83 -58.15 -18.43
N LEU ZA 109 -77.95 -57.94 -17.12
CA LEU ZA 109 -77.43 -56.72 -16.52
C LEU ZA 109 -75.93 -56.77 -16.25
N ASN ZA 110 -75.33 -57.96 -16.27
CA ASN ZA 110 -73.92 -58.06 -15.90
C ASN ZA 110 -73.02 -57.41 -16.96
N GLY ZA 111 -72.42 -56.27 -16.61
CA GLY ZA 111 -71.53 -55.57 -17.49
C GLY ZA 111 -72.19 -54.70 -18.54
N LEU ZA 112 -73.53 -54.65 -18.56
CA LEU ZA 112 -74.22 -53.89 -19.60
C LEU ZA 112 -73.96 -52.40 -19.46
N LYS ZA 113 -73.84 -51.90 -18.23
CA LYS ZA 113 -73.61 -50.48 -18.03
C LYS ZA 113 -72.25 -50.06 -18.55
N GLU ZA 114 -71.21 -50.84 -18.22
CA GLU ZA 114 -69.87 -50.56 -18.72
C GLU ZA 114 -69.82 -50.72 -20.24
N THR ZA 115 -70.54 -51.71 -20.78
CA THR ZA 115 -70.59 -51.88 -22.22
C THR ZA 115 -71.20 -50.66 -22.90
N TYR ZA 116 -72.32 -50.16 -22.36
CA TYR ZA 116 -72.96 -48.99 -22.94
C TYR ZA 116 -72.10 -47.75 -22.81
N ASN ZA 117 -71.38 -47.63 -21.69
CA ASN ZA 117 -70.46 -46.51 -21.54
C ASN ZA 117 -69.33 -46.59 -22.56
N SER ZA 118 -68.81 -47.79 -22.80
CA SER ZA 118 -67.74 -47.96 -23.76
C SER ZA 118 -68.18 -47.64 -25.18
N LEU ZA 119 -69.37 -48.11 -25.58
CA LEU ZA 119 -69.85 -47.84 -26.93
C LEU ZA 119 -70.49 -46.46 -27.09
N GLY ZA 120 -70.78 -45.77 -25.99
CA GLY ZA 120 -71.44 -44.49 -26.07
C GLY ZA 120 -72.94 -44.56 -26.21
N VAL ZA 121 -73.56 -45.71 -25.96
CA VAL ZA 121 -75.00 -45.87 -26.08
C VAL ZA 121 -75.70 -45.05 -25.00
N PRO ZA 122 -76.82 -44.40 -25.31
CA PRO ZA 122 -77.51 -43.57 -24.30
C PRO ZA 122 -78.31 -44.40 -23.30
N ILE ZA 123 -77.83 -44.42 -22.06
CA ILE ZA 123 -78.47 -45.21 -21.01
C ILE ZA 123 -79.87 -44.68 -20.71
N ALA ZA 124 -80.01 -43.35 -20.64
CA ALA ZA 124 -81.32 -42.78 -20.37
C ALA ZA 124 -82.31 -43.07 -21.49
N ALA ZA 125 -81.84 -43.00 -22.74
CA ALA ZA 125 -82.71 -43.32 -23.87
C ALA ZA 125 -83.14 -44.78 -23.86
N THR ZA 126 -82.22 -45.70 -23.58
CA THR ZA 126 -82.61 -47.12 -23.55
C THR ZA 126 -83.53 -47.40 -22.36
N VAL ZA 127 -83.33 -46.71 -21.24
CA VAL ZA 127 -84.24 -46.86 -20.11
C VAL ZA 127 -85.62 -46.38 -20.47
N GLY ZA 128 -85.72 -45.24 -21.16
CA GLY ZA 128 -87.01 -44.75 -21.61
C GLY ZA 128 -87.69 -45.68 -22.59
N GLY ZA 129 -86.92 -46.28 -23.50
CA GLY ZA 129 -87.48 -47.28 -24.39
C GLY ZA 129 -87.99 -48.51 -23.66
N ILE ZA 130 -87.26 -48.97 -22.65
CA ILE ZA 130 -87.72 -50.11 -21.85
C ILE ZA 130 -88.97 -49.75 -21.09
N GLN ZA 131 -89.06 -48.51 -20.60
CA GLN ZA 131 -90.29 -48.04 -19.97
C GLN ZA 131 -91.47 -47.99 -20.92
N ALA ZA 132 -91.25 -47.55 -22.17
CA ALA ZA 132 -92.31 -47.56 -23.15
C ALA ZA 132 -92.78 -48.98 -23.44
N MET ZA 133 -91.84 -49.91 -23.55
CA MET ZA 133 -92.21 -51.32 -23.70
C MET ZA 133 -92.95 -51.85 -22.49
N LYS ZA 134 -92.58 -51.41 -21.29
CA LYS ZA 134 -93.31 -51.80 -20.09
C LYS ZA 134 -94.75 -51.32 -20.15
N GLU ZA 135 -94.95 -50.08 -20.58
CA GLU ZA 135 -96.31 -49.53 -20.62
C GLU ZA 135 -97.12 -50.25 -21.69
N VAL ZA 136 -96.51 -50.54 -22.84
CA VAL ZA 136 -97.23 -51.26 -23.91
C VAL ZA 136 -97.59 -52.67 -23.46
N VAL ZA 137 -96.65 -53.35 -22.78
CA VAL ZA 137 -96.89 -54.71 -22.32
C VAL ZA 137 -98.00 -54.70 -21.27
N GLY ZA 138 -97.99 -53.72 -20.38
CA GLY ZA 138 -99.06 -53.60 -19.39
C GLY ZA 138 -100.41 -53.34 -20.02
N GLY ZA 139 -100.45 -52.51 -21.06
CA GLY ZA 139 -101.70 -52.30 -21.76
C GLY ZA 139 -102.20 -53.55 -22.46
N LEU ZA 140 -101.28 -54.30 -23.07
CA LEU ZA 140 -101.69 -55.47 -23.84
C LEU ZA 140 -102.13 -56.62 -22.94
N VAL ZA 141 -101.38 -56.89 -21.88
CA VAL ZA 141 -101.61 -58.08 -21.08
C VAL ZA 141 -102.92 -58.02 -20.29
N GLY ZA 142 -103.29 -56.86 -19.78
CA GLY ZA 142 -104.46 -56.75 -18.94
C GLY ZA 142 -104.12 -56.69 -17.46
N PRO ZA 143 -105.14 -56.42 -16.63
CA PRO ZA 143 -104.93 -56.35 -15.18
C PRO ZA 143 -104.32 -57.59 -14.53
N ASP ZA 144 -104.51 -58.77 -15.13
CA ASP ZA 144 -104.06 -60.02 -14.51
C ASP ZA 144 -102.54 -60.07 -14.36
N ALA ZA 145 -101.81 -59.65 -15.37
CA ALA ZA 145 -100.36 -59.70 -15.34
C ALA ZA 145 -99.69 -58.35 -15.51
N ALA ZA 146 -100.42 -57.24 -15.34
CA ALA ZA 146 -99.85 -55.92 -15.57
C ALA ZA 146 -98.72 -55.61 -14.59
N LYS ZA 147 -98.99 -55.77 -13.29
CA LYS ZA 147 -97.98 -55.43 -12.28
C LYS ZA 147 -96.82 -56.42 -12.32
N GLU ZA 148 -97.10 -57.71 -12.52
CA GLU ZA 148 -96.03 -58.69 -12.55
C GLU ZA 148 -95.16 -58.51 -13.79
N ALA ZA 149 -95.76 -58.07 -14.90
CA ALA ZA 149 -94.96 -57.71 -16.06
C ALA ZA 149 -94.11 -56.48 -15.77
N SER ZA 150 -94.72 -55.46 -15.16
CA SER ZA 150 -94.06 -54.17 -15.01
C SER ZA 150 -92.93 -54.22 -14.01
N ILE ZA 151 -92.99 -55.14 -13.03
CA ILE ZA 151 -91.96 -55.19 -12.01
C ILE ZA 151 -90.61 -55.58 -12.60
N TYR ZA 152 -90.59 -56.49 -13.55
CA TYR ZA 152 -89.31 -56.86 -14.17
C TYR ZA 152 -88.80 -55.81 -15.14
N PHE ZA 153 -89.69 -55.08 -15.81
CA PHE ZA 153 -89.22 -53.93 -16.58
C PHE ZA 153 -88.61 -52.87 -15.68
N ASP ZA 154 -89.22 -52.63 -14.52
CA ASP ZA 154 -88.63 -51.72 -13.54
C ASP ZA 154 -87.30 -52.24 -13.02
N TYR ZA 155 -87.20 -53.55 -12.82
CA TYR ZA 155 -85.94 -54.16 -12.42
C TYR ZA 155 -84.86 -53.92 -13.47
N LEU ZA 156 -85.21 -54.08 -14.74
CA LEU ZA 156 -84.26 -53.82 -15.82
C LEU ZA 156 -83.83 -52.36 -15.84
N SER ZA 157 -84.79 -51.44 -15.69
CA SER ZA 157 -84.48 -50.02 -15.71
C SER ZA 157 -83.59 -49.63 -14.53
N SER ZA 158 -83.87 -50.15 -13.34
CA SER ZA 158 -83.02 -49.90 -12.19
C SER ZA 158 -81.65 -50.55 -12.33
N GLY ZA 159 -81.55 -51.68 -13.02
CA GLY ZA 159 -80.24 -52.25 -13.31
C GLY ZA 159 -79.42 -51.38 -14.24
N LEU ZA 160 -80.04 -50.86 -15.29
CA LEU ZA 160 -79.33 -49.96 -16.20
C LEU ZA 160 -78.93 -48.65 -15.51
N SER ZA 161 -79.85 -48.05 -14.76
CA SER ZA 161 -79.58 -46.77 -14.12
C SER ZA 161 -78.87 -46.96 -12.79
N SER AB 2 -63.05 -46.18 -49.36
CA SER AB 2 -62.24 -45.74 -50.48
C SER AB 2 -61.48 -46.90 -51.10
N VAL AB 3 -61.04 -46.72 -52.35
CA VAL AB 3 -60.18 -47.72 -52.97
C VAL AB 3 -58.89 -47.86 -52.20
N LEU AB 4 -58.35 -46.74 -51.69
CA LEU AB 4 -57.19 -46.79 -50.82
C LEU AB 4 -57.48 -47.60 -49.55
N THR AB 5 -58.67 -47.41 -48.98
CA THR AB 5 -59.04 -48.15 -47.77
C THR AB 5 -59.11 -49.65 -48.04
N LYS AB 6 -59.75 -50.03 -49.15
CA LYS AB 6 -59.87 -51.45 -49.48
C LYS AB 6 -58.51 -52.07 -49.76
N ALA AB 7 -57.65 -51.35 -50.50
CA ALA AB 7 -56.33 -51.87 -50.81
C ALA AB 7 -55.49 -52.03 -49.54
N ILE AB 8 -55.58 -51.04 -48.65
CA ILE AB 8 -54.81 -51.09 -47.40
C ILE AB 8 -55.30 -52.23 -46.52
N VAL AB 9 -56.62 -52.44 -46.48
CA VAL AB 9 -57.17 -53.53 -45.67
C VAL AB 9 -56.73 -54.87 -46.23
N ASN AB 10 -56.78 -55.04 -47.55
CA ASN AB 10 -56.34 -56.30 -48.14
C ASN AB 10 -54.86 -56.55 -47.92
N ALA AB 11 -54.03 -55.51 -48.02
CA ALA AB 11 -52.60 -55.66 -47.76
C ALA AB 11 -52.35 -56.02 -46.30
N ASP AB 12 -53.07 -55.39 -45.38
CA ASP AB 12 -52.88 -55.66 -43.96
C ASP AB 12 -53.34 -57.08 -43.62
N ALA AB 13 -54.36 -57.58 -44.33
CA ALA AB 13 -54.83 -58.94 -44.10
C ALA AB 13 -53.75 -59.96 -44.41
N GLU AB 14 -52.99 -59.74 -45.48
CA GLU AB 14 -51.88 -60.61 -45.82
C GLU AB 14 -50.59 -60.22 -45.12
N ALA AB 15 -50.60 -59.10 -44.37
CA ALA AB 15 -49.44 -58.64 -43.62
C ALA AB 15 -48.26 -58.35 -44.55
N ARG AB 16 -48.57 -57.82 -45.73
CA ARG AB 16 -47.55 -57.53 -46.74
C ARG AB 16 -47.82 -56.16 -47.33
N TYR AB 17 -46.78 -55.58 -47.93
CA TYR AB 17 -46.90 -54.29 -48.57
C TYR AB 17 -47.80 -54.40 -49.81
N LEU AB 18 -48.28 -53.26 -50.30
CA LEU AB 18 -49.28 -53.27 -51.36
C LEU AB 18 -48.69 -53.81 -52.67
N SER AB 19 -49.51 -54.54 -53.39
CA SER AB 19 -49.12 -55.08 -54.69
C SER AB 19 -49.02 -53.96 -55.72
N PRO AB 20 -48.28 -54.18 -56.82
CA PRO AB 20 -48.20 -53.14 -57.85
C PRO AB 20 -49.53 -52.90 -58.54
N GLY AB 21 -50.38 -53.92 -58.62
CA GLY AB 21 -51.70 -53.73 -59.20
C GLY AB 21 -52.56 -52.82 -58.36
N GLU AB 22 -52.42 -52.91 -57.04
CA GLU AB 22 -53.12 -52.01 -56.14
C GLU AB 22 -52.64 -50.58 -56.34
N LEU AB 23 -51.34 -50.41 -56.54
CA LEU AB 23 -50.81 -49.07 -56.82
C LEU AB 23 -51.34 -48.55 -58.16
N ASP AB 24 -51.47 -49.43 -59.15
CA ASP AB 24 -52.03 -49.03 -60.44
C ASP AB 24 -53.48 -48.60 -60.31
N ARG AB 25 -54.28 -49.35 -59.56
CA ARG AB 25 -55.68 -48.99 -59.41
C ARG AB 25 -55.82 -47.72 -58.58
N ILE AB 26 -54.91 -47.50 -57.63
CA ILE AB 26 -54.89 -46.24 -56.90
C ILE AB 26 -54.55 -45.08 -57.82
N LYS AB 27 -53.62 -45.31 -58.76
CA LYS AB 27 -53.28 -44.27 -59.73
C LYS AB 27 -54.47 -43.95 -60.61
N SER AB 28 -55.19 -44.96 -61.06
CA SER AB 28 -56.39 -44.73 -61.86
C SER AB 28 -57.44 -43.98 -61.04
N PHE AB 29 -57.58 -44.33 -59.75
CA PHE AB 29 -58.53 -43.65 -58.89
C PHE AB 29 -58.18 -42.18 -58.70
N VAL AB 30 -56.90 -41.87 -58.46
CA VAL AB 30 -56.53 -40.48 -58.27
C VAL AB 30 -56.65 -39.70 -59.57
N ALA AB 31 -56.42 -40.37 -60.70
CA ALA AB 31 -56.62 -39.73 -62.00
C ALA AB 31 -58.10 -39.39 -62.22
N SER AB 32 -58.99 -40.30 -61.86
CA SER AB 32 -60.42 -40.06 -62.09
C SER AB 32 -61.07 -39.35 -60.91
N GLY AB 33 -60.28 -39.02 -59.88
CA GLY AB 33 -60.84 -38.36 -58.72
C GLY AB 33 -61.43 -37.00 -59.02
N GLU AB 34 -60.79 -36.24 -59.90
CA GLU AB 34 -61.31 -34.92 -60.27
C GLU AB 34 -62.66 -35.05 -60.96
N ARG AB 35 -62.77 -35.98 -61.91
CA ARG AB 35 -64.03 -36.20 -62.60
C ARG AB 35 -65.10 -36.71 -61.66
N ARG AB 36 -64.72 -37.58 -60.72
CA ARG AB 36 -65.69 -38.08 -59.73
C ARG AB 36 -66.19 -36.95 -58.85
N LEU AB 37 -65.29 -36.06 -58.40
CA LEU AB 37 -65.71 -34.91 -57.61
C LEU AB 37 -66.61 -34.00 -58.40
N ARG AB 38 -66.31 -33.80 -59.69
CA ARG AB 38 -67.17 -32.97 -60.54
C ARG AB 38 -68.57 -33.58 -60.66
N ILE AB 39 -68.64 -34.89 -60.89
CA ILE AB 39 -69.93 -35.57 -61.00
C ILE AB 39 -70.71 -35.46 -59.70
N ALA AB 40 -70.03 -35.66 -58.58
CA ALA AB 40 -70.69 -35.58 -57.27
C ALA AB 40 -71.20 -34.18 -57.00
N GLN AB 41 -70.41 -33.16 -57.32
CA GLN AB 41 -70.86 -31.78 -57.10
C GLN AB 41 -72.04 -31.44 -58.01
N THR AB 42 -72.00 -31.93 -59.26
CA THR AB 42 -73.11 -31.70 -60.18
C THR AB 42 -74.39 -32.36 -59.67
N LEU AB 43 -74.28 -33.57 -59.12
CA LEU AB 43 -75.43 -34.19 -58.48
C LEU AB 43 -75.85 -33.41 -57.24
N THR AB 44 -74.89 -32.79 -56.56
CA THR AB 44 -75.19 -32.04 -55.35
C THR AB 44 -76.03 -30.80 -55.65
N GLU AB 45 -75.72 -30.10 -56.73
CA GLU AB 45 -76.47 -28.87 -57.04
C GLU AB 45 -77.93 -29.17 -57.34
N ALA AB 46 -78.20 -30.24 -58.09
CA ALA AB 46 -79.55 -30.57 -58.53
C ALA AB 46 -80.20 -31.65 -57.68
N ARG AB 47 -79.90 -31.69 -56.38
CA ARG AB 47 -80.43 -32.74 -55.53
C ARG AB 47 -81.93 -32.60 -55.32
N GLU AB 48 -82.44 -31.36 -55.27
CA GLU AB 48 -83.86 -31.16 -55.00
C GLU AB 48 -84.71 -31.63 -56.16
N ARG AB 49 -84.36 -31.21 -57.38
CA ARG AB 49 -85.13 -31.58 -58.57
C ARG AB 49 -85.12 -33.08 -58.79
N ILE AB 50 -83.96 -33.72 -58.62
CA ILE AB 50 -83.86 -35.17 -58.80
C ILE AB 50 -84.75 -35.88 -57.78
N VAL AB 51 -84.73 -35.41 -56.53
CA VAL AB 51 -85.52 -36.03 -55.48
C VAL AB 51 -87.01 -35.91 -55.79
N LYS AB 52 -87.44 -34.71 -56.18
CA LYS AB 52 -88.87 -34.49 -56.46
C LYS AB 52 -89.34 -35.32 -57.65
N GLN AB 53 -88.57 -35.30 -58.74
CA GLN AB 53 -88.96 -36.05 -59.93
C GLN AB 53 -88.94 -37.56 -59.68
N ALA AB 54 -87.94 -38.05 -58.94
CA ALA AB 54 -87.90 -39.47 -58.63
C ALA AB 54 -89.05 -39.87 -57.72
N GLY AB 55 -89.41 -39.01 -56.77
CA GLY AB 55 -90.56 -39.29 -55.94
C GLY AB 55 -91.85 -39.34 -56.73
N ASP AB 56 -92.00 -38.42 -57.69
CA ASP AB 56 -93.18 -38.43 -58.54
C ASP AB 56 -93.24 -39.70 -59.38
N GLN AB 57 -92.10 -40.09 -59.97
CA GLN AB 57 -92.05 -41.30 -60.79
C GLN AB 57 -92.36 -42.54 -59.95
N LEU AB 58 -91.80 -42.60 -58.73
CA LEU AB 58 -92.06 -43.73 -57.84
C LEU AB 58 -93.53 -43.78 -57.45
N PHE AB 59 -94.15 -42.62 -57.21
CA PHE AB 59 -95.56 -42.60 -56.88
C PHE AB 59 -96.44 -43.04 -58.06
N GLN AB 60 -96.09 -42.66 -59.28
CA GLN AB 60 -96.83 -43.16 -60.43
C GLN AB 60 -96.65 -44.67 -60.57
N ILE AB 61 -95.43 -45.17 -60.36
CA ILE AB 61 -95.18 -46.60 -60.56
C ILE AB 61 -95.86 -47.44 -59.48
N ARG AB 62 -95.79 -47.02 -58.22
CA ARG AB 62 -96.33 -47.78 -57.09
C ARG AB 62 -97.20 -46.85 -56.27
N PRO AB 63 -98.42 -46.56 -56.75
CA PRO AB 63 -99.31 -45.68 -55.99
C PRO AB 63 -99.83 -46.28 -54.70
N ASP AB 64 -99.70 -47.60 -54.51
CA ASP AB 64 -100.27 -48.25 -53.33
C ASP AB 64 -99.54 -47.83 -52.05
N VAL AB 65 -98.29 -47.40 -52.16
CA VAL AB 65 -97.59 -46.90 -50.98
C VAL AB 65 -98.22 -45.60 -50.49
N VAL AB 66 -98.83 -44.83 -51.40
CA VAL AB 66 -99.52 -43.61 -51.04
C VAL AB 66 -101.01 -43.91 -50.96
N SER AB 67 -101.35 -45.18 -50.81
CA SER AB 67 -102.72 -45.62 -50.60
C SER AB 67 -102.93 -45.85 -49.12
N PRO AB 68 -104.21 -46.00 -48.69
CA PRO AB 68 -104.50 -46.16 -47.26
C PRO AB 68 -103.78 -47.32 -46.59
N GLY AB 69 -103.55 -48.41 -47.32
CA GLY AB 69 -102.77 -49.51 -46.81
C GLY AB 69 -101.30 -49.39 -47.19
N GLY AB 70 -100.81 -48.16 -47.34
CA GLY AB 70 -99.45 -47.90 -47.78
C GLY AB 70 -98.62 -47.30 -46.66
N ASN AB 71 -97.32 -47.61 -46.68
CA ASN AB 71 -96.41 -47.09 -45.66
C ASN AB 71 -96.28 -45.58 -45.73
N ALA AB 72 -96.25 -45.02 -46.93
CA ALA AB 72 -96.08 -43.58 -47.13
C ALA AB 72 -97.41 -42.88 -47.38
N TYR AB 73 -98.50 -43.36 -46.77
CA TYR AB 73 -99.80 -42.75 -46.95
C TYR AB 73 -99.90 -41.48 -46.11
N GLY AB 74 -100.00 -40.33 -46.77
CA GLY AB 74 -100.13 -39.06 -46.11
C GLY AB 74 -98.93 -38.15 -46.37
N GLU AB 75 -99.10 -36.89 -45.94
CA GLU AB 75 -98.09 -35.88 -46.23
C GLU AB 75 -96.78 -36.15 -45.51
N LYS AB 76 -96.82 -36.53 -44.23
CA LYS AB 76 -95.60 -36.79 -43.48
C LYS AB 76 -94.94 -38.11 -43.86
N MET AB 77 -95.75 -39.15 -44.08
CA MET AB 77 -95.26 -40.41 -44.60
C MET AB 77 -94.74 -40.31 -46.03
N THR AB 78 -95.11 -39.27 -46.77
CA THR AB 78 -94.48 -39.02 -48.07
C THR AB 78 -93.21 -38.18 -47.92
N ALA AB 79 -93.22 -37.21 -47.01
CA ALA AB 79 -92.03 -36.39 -46.78
C ALA AB 79 -90.89 -37.23 -46.23
N LEU AB 80 -91.21 -38.21 -45.38
CA LEU AB 80 -90.17 -39.09 -44.87
C LEU AB 80 -89.58 -39.96 -45.98
N CYS AB 81 -90.42 -40.42 -46.91
CA CYS AB 81 -89.92 -41.15 -48.07
C CYS AB 81 -89.00 -40.29 -48.92
N LEU AB 82 -89.39 -39.03 -49.13
CA LEU AB 82 -88.54 -38.10 -49.88
C LEU AB 82 -87.23 -37.84 -49.16
N ARG AB 83 -87.26 -37.70 -47.83
CA ARG AB 83 -86.04 -37.49 -47.07
C ARG AB 83 -85.13 -38.71 -47.13
N ASP AB 84 -85.71 -39.92 -47.10
CA ASP AB 84 -84.92 -41.12 -47.27
C ASP AB 84 -84.28 -41.17 -48.66
N LEU AB 85 -85.03 -40.75 -49.68
CA LEU AB 85 -84.47 -40.68 -51.03
C LEU AB 85 -83.33 -39.67 -51.09
N ASP AB 86 -83.47 -38.54 -50.42
CA ASP AB 86 -82.39 -37.56 -50.32
C ASP AB 86 -81.17 -38.15 -49.61
N TYR AB 87 -81.41 -38.92 -48.55
CA TYR AB 87 -80.33 -39.59 -47.84
C TYR AB 87 -79.57 -40.53 -48.78
N TYR AB 88 -80.30 -41.34 -49.54
CA TYR AB 88 -79.67 -42.27 -50.46
C TYR AB 88 -78.93 -41.54 -51.58
N LEU AB 89 -79.48 -40.41 -52.05
CA LEU AB 89 -78.76 -39.63 -53.04
C LEU AB 89 -77.45 -39.07 -52.48
N ARG AB 90 -77.48 -38.60 -51.23
CA ARG AB 90 -76.26 -38.09 -50.60
C ARG AB 90 -75.24 -39.20 -50.44
N LEU AB 91 -75.69 -40.40 -50.06
CA LEU AB 91 -74.78 -41.54 -50.01
C LEU AB 91 -74.22 -41.87 -51.39
N VAL AB 92 -75.04 -41.69 -52.43
CA VAL AB 92 -74.54 -41.90 -53.79
C VAL AB 92 -73.44 -40.92 -54.13
N THR AB 93 -73.60 -39.64 -53.76
CA THR AB 93 -72.53 -38.66 -53.98
C THR AB 93 -71.29 -39.02 -53.17
N TYR AB 94 -71.48 -39.49 -51.93
CA TYR AB 94 -70.35 -39.92 -51.12
C TYR AB 94 -69.60 -41.07 -51.78
N GLY AB 95 -70.35 -42.04 -52.31
CA GLY AB 95 -69.70 -43.14 -53.02
C GLY AB 95 -68.99 -42.69 -54.27
N ILE AB 96 -69.56 -41.71 -54.98
CA ILE AB 96 -68.93 -41.22 -56.19
C ILE AB 96 -67.63 -40.50 -55.87
N VAL AB 97 -67.61 -39.70 -54.81
CA VAL AB 97 -66.37 -39.00 -54.46
C VAL AB 97 -65.34 -39.97 -53.93
N ALA AB 98 -65.75 -40.90 -53.07
CA ALA AB 98 -64.79 -41.82 -52.47
C ALA AB 98 -64.27 -42.83 -53.48
N GLY AB 99 -65.04 -43.10 -54.52
CA GLY AB 99 -64.72 -44.15 -55.47
C GLY AB 99 -64.95 -45.55 -54.93
N ASP AB 100 -65.59 -45.67 -53.78
CA ASP AB 100 -65.77 -46.95 -53.11
C ASP AB 100 -66.93 -46.81 -52.13
N VAL AB 101 -67.48 -47.95 -51.69
CA VAL AB 101 -68.72 -47.93 -50.93
C VAL AB 101 -68.46 -47.71 -49.45
N THR AB 102 -67.23 -47.98 -49.00
CA THR AB 102 -66.78 -48.27 -47.63
C THR AB 102 -67.52 -47.50 -46.52
N PRO AB 103 -67.70 -46.18 -46.65
CA PRO AB 103 -68.59 -45.50 -45.69
C PRO AB 103 -70.06 -45.76 -45.97
N ILE AB 104 -70.44 -45.87 -47.26
CA ILE AB 104 -71.85 -45.95 -47.63
C ILE AB 104 -72.47 -47.27 -47.13
N GLU AB 105 -71.71 -48.37 -47.26
CA GLU AB 105 -72.22 -49.66 -46.83
C GLU AB 105 -72.50 -49.68 -45.34
N GLU AB 106 -71.60 -49.07 -44.56
CA GLU AB 106 -71.85 -48.92 -43.13
C GLU AB 106 -73.05 -48.01 -42.88
N ILE AB 107 -73.17 -46.91 -43.62
CA ILE AB 107 -74.19 -45.92 -43.32
C ILE AB 107 -75.61 -46.41 -43.62
N GLY AB 108 -75.84 -47.02 -44.78
CA GLY AB 108 -77.22 -47.19 -45.21
C GLY AB 108 -77.65 -48.50 -45.84
N ILE AB 109 -76.82 -49.53 -45.83
CA ILE AB 109 -77.17 -50.81 -46.43
C ILE AB 109 -77.18 -51.94 -45.40
N ILE AB 110 -76.29 -51.90 -44.41
CA ILE AB 110 -76.27 -52.95 -43.40
C ILE AB 110 -77.38 -52.69 -42.39
N GLY AB 111 -78.32 -53.62 -42.28
CA GLY AB 111 -79.44 -53.49 -41.38
C GLY AB 111 -80.65 -52.79 -41.97
N VAL AB 112 -80.61 -52.42 -43.25
CA VAL AB 112 -81.78 -51.77 -43.86
C VAL AB 112 -82.91 -52.75 -44.08
N LYS AB 113 -82.59 -54.05 -44.18
CA LYS AB 113 -83.65 -55.05 -44.21
C LYS AB 113 -84.43 -55.04 -42.90
N GLU AB 114 -83.71 -55.02 -41.78
CA GLU AB 114 -84.35 -54.83 -40.47
C GLU AB 114 -85.07 -53.48 -40.43
N MET AB 115 -84.47 -52.45 -41.04
CA MET AB 115 -85.04 -51.11 -41.12
C MET AB 115 -86.47 -51.15 -41.64
N TYR AB 116 -86.64 -51.65 -42.86
CA TYR AB 116 -87.95 -51.57 -43.48
C TYR AB 116 -88.84 -52.74 -43.07
N ASN AB 117 -88.28 -53.77 -42.44
CA ASN AB 117 -89.13 -54.78 -41.83
C ASN AB 117 -89.77 -54.25 -40.56
N SER AB 118 -89.00 -53.53 -39.74
CA SER AB 118 -89.56 -52.91 -38.54
C SER AB 118 -90.53 -51.80 -38.90
N LEU AB 119 -90.17 -50.97 -39.89
CA LEU AB 119 -91.06 -49.88 -40.26
C LEU AB 119 -92.17 -50.30 -41.20
N GLN AB 120 -92.18 -51.57 -41.65
CA GLN AB 120 -93.19 -52.10 -42.55
C GLN AB 120 -93.20 -51.35 -43.88
N THR AB 121 -92.05 -50.90 -44.32
CA THR AB 121 -91.95 -50.10 -45.54
C THR AB 121 -91.59 -50.98 -46.72
N PRO AB 122 -92.13 -50.72 -47.91
CA PRO AB 122 -91.79 -51.56 -49.07
C PRO AB 122 -90.37 -51.36 -49.57
N ILE AB 123 -89.53 -52.37 -49.30
CA ILE AB 123 -88.18 -52.37 -49.85
C ILE AB 123 -88.16 -52.37 -51.38
N PRO AB 124 -88.97 -53.17 -52.07
CA PRO AB 124 -89.05 -53.03 -53.54
C PRO AB 124 -89.50 -51.65 -54.00
N ALA AB 125 -90.41 -51.00 -53.26
CA ALA AB 125 -90.75 -49.62 -53.57
C ALA AB 125 -89.58 -48.66 -53.39
N VAL AB 126 -88.78 -48.84 -52.34
CA VAL AB 126 -87.58 -48.03 -52.18
C VAL AB 126 -86.60 -48.27 -53.32
N ALA AB 127 -86.49 -49.52 -53.77
CA ALA AB 127 -85.64 -49.82 -54.92
C ALA AB 127 -86.13 -49.13 -56.18
N GLU AB 128 -87.45 -49.12 -56.38
CA GLU AB 128 -88.02 -48.41 -57.53
C GLU AB 128 -87.75 -46.92 -57.45
N GLY AB 129 -87.86 -46.34 -56.25
CA GLY AB 129 -87.47 -44.95 -56.08
C GLY AB 129 -86.01 -44.70 -56.36
N VAL AB 130 -85.15 -45.65 -55.98
CA VAL AB 130 -83.72 -45.56 -56.29
C VAL AB 130 -83.50 -45.55 -57.79
N ARG AB 131 -84.21 -46.41 -58.51
CA ARG AB 131 -84.14 -46.40 -59.97
C ARG AB 131 -84.65 -45.08 -60.52
N ALA AB 132 -85.64 -44.48 -59.84
CA ALA AB 132 -86.13 -43.17 -60.23
C ALA AB 132 -85.06 -42.10 -60.14
N MET AB 133 -84.37 -42.01 -58.99
CA MET AB 133 -83.30 -41.02 -58.91
C MET AB 133 -82.14 -41.37 -59.83
N LYS AB 134 -81.95 -42.65 -60.13
CA LYS AB 134 -80.96 -43.04 -61.12
C LYS AB 134 -81.28 -42.44 -62.49
N ASN AB 135 -82.53 -42.60 -62.92
CA ASN AB 135 -82.94 -42.04 -64.20
C ASN AB 135 -82.82 -40.52 -64.21
N VAL AB 136 -83.23 -39.88 -63.12
CA VAL AB 136 -83.16 -38.41 -63.07
C VAL AB 136 -81.71 -37.94 -63.07
N ALA AB 137 -80.82 -38.68 -62.40
CA ALA AB 137 -79.41 -38.29 -62.36
C ALA AB 137 -78.73 -38.49 -63.70
N THR AB 138 -79.03 -39.60 -64.39
CA THR AB 138 -78.48 -39.79 -65.73
C THR AB 138 -79.09 -38.83 -66.74
N SER AB 139 -80.26 -38.25 -66.42
CA SER AB 139 -80.83 -37.19 -67.24
C SER AB 139 -80.04 -35.89 -67.17
N LEU AB 140 -79.10 -35.75 -66.24
CA LEU AB 140 -78.38 -34.49 -66.03
C LEU AB 140 -76.87 -34.65 -66.12
N LEU AB 141 -76.38 -35.72 -66.74
CA LEU AB 141 -74.95 -35.95 -66.83
C LEU AB 141 -74.57 -36.49 -68.20
N SER AB 142 -73.30 -36.31 -68.57
CA SER AB 142 -72.78 -36.90 -69.79
C SER AB 142 -72.80 -38.42 -69.69
N GLY AB 143 -72.62 -39.08 -70.83
CA GLY AB 143 -72.77 -40.51 -70.93
C GLY AB 143 -71.86 -41.34 -70.03
N ASP AB 144 -70.56 -41.05 -70.03
CA ASP AB 144 -69.66 -41.80 -69.16
C ASP AB 144 -69.98 -41.48 -67.71
N ASP AB 145 -70.19 -40.21 -67.38
CA ASP AB 145 -70.55 -39.81 -66.02
C ASP AB 145 -71.89 -40.39 -65.61
N ALA AB 146 -72.86 -40.39 -66.54
CA ALA AB 146 -74.17 -40.97 -66.25
C ALA AB 146 -74.06 -42.46 -65.94
N ALA AB 147 -73.26 -43.19 -66.73
CA ALA AB 147 -73.06 -44.61 -66.45
C ALA AB 147 -72.34 -44.80 -65.12
N GLU AB 148 -71.38 -43.92 -64.81
CA GLU AB 148 -70.62 -44.04 -63.57
C GLU AB 148 -71.52 -43.87 -62.35
N ALA AB 149 -72.45 -42.91 -62.41
CA ALA AB 149 -73.42 -42.77 -61.32
C ALA AB 149 -74.44 -43.89 -61.33
N GLY AB 150 -74.81 -44.38 -62.53
CA GLY AB 150 -75.75 -45.46 -62.63
C GLY AB 150 -75.23 -46.75 -62.04
N PHE AB 151 -73.91 -46.93 -62.04
CA PHE AB 151 -73.33 -48.08 -61.35
C PHE AB 151 -73.68 -48.06 -59.86
N TYR AB 152 -73.52 -46.91 -59.22
CA TYR AB 152 -73.86 -46.78 -57.80
C TYR AB 152 -75.36 -46.94 -57.57
N PHE AB 153 -76.18 -46.38 -58.45
CA PHE AB 153 -77.62 -46.51 -58.28
C PHE AB 153 -78.08 -47.95 -58.45
N ASP AB 154 -77.53 -48.66 -59.44
CA ASP AB 154 -77.82 -50.07 -59.59
C ASP AB 154 -77.31 -50.88 -58.41
N TYR AB 155 -76.20 -50.44 -57.81
CA TYR AB 155 -75.74 -51.06 -56.57
C TYR AB 155 -76.77 -50.92 -55.47
N LEU AB 156 -77.35 -49.72 -55.32
CA LEU AB 156 -78.37 -49.52 -54.30
C LEU AB 156 -79.59 -50.39 -54.57
N VAL AB 157 -79.96 -50.52 -55.86
CA VAL AB 157 -81.06 -51.39 -56.24
C VAL AB 157 -80.77 -52.84 -55.86
N GLY AB 158 -79.55 -53.29 -56.11
CA GLY AB 158 -79.20 -54.67 -55.80
C GLY AB 158 -78.86 -54.88 -54.34
N ALA AB 159 -78.72 -53.79 -53.59
CA ALA AB 159 -78.39 -53.89 -52.18
C ALA AB 159 -79.65 -53.78 -51.32
N MET AB 160 -80.75 -53.29 -51.91
CA MET AB 160 -82.08 -53.39 -51.29
C MET AB 160 -82.67 -54.77 -51.60
N GLN AB 161 -81.93 -55.52 -52.41
CA GLN AB 161 -82.31 -56.85 -52.86
C GLN AB 161 -82.13 -57.89 -51.75
N MET BB 1 -60.35 -48.84 -41.00
CA MET BB 1 -59.64 -47.56 -40.88
C MET BB 1 -60.22 -46.51 -41.82
N GLN BB 2 -59.54 -45.37 -41.90
CA GLN BB 2 -59.97 -44.29 -42.78
C GLN BB 2 -58.77 -43.52 -43.29
N ASP BB 3 -58.87 -43.03 -44.52
CA ASP BB 3 -57.91 -42.11 -45.11
C ASP BB 3 -58.44 -40.69 -44.94
N ALA BB 4 -57.77 -39.73 -45.59
CA ALA BB 4 -58.25 -38.35 -45.53
C ALA BB 4 -59.62 -38.22 -46.19
N ILE BB 5 -59.80 -38.87 -47.34
CA ILE BB 5 -61.06 -38.80 -48.07
C ILE BB 5 -62.19 -39.41 -47.25
N THR BB 6 -61.97 -40.61 -46.72
CA THR BB 6 -62.99 -41.25 -45.88
C THR BB 6 -63.24 -40.48 -44.59
N ALA BB 7 -62.21 -39.86 -44.01
CA ALA BB 7 -62.40 -39.06 -42.81
C ALA BB 7 -63.28 -37.86 -43.09
N VAL BB 8 -63.04 -37.16 -44.20
CA VAL BB 8 -63.89 -36.02 -44.55
C VAL BB 8 -65.31 -36.48 -44.86
N ILE BB 9 -65.45 -37.62 -45.54
CA ILE BB 9 -66.77 -38.12 -45.91
C ILE BB 9 -67.56 -38.47 -44.66
N ASN BB 10 -66.92 -39.14 -43.69
CA ASN BB 10 -67.60 -39.45 -42.45
C ASN BB 10 -67.90 -38.20 -41.63
N ASN BB 11 -66.98 -37.24 -41.62
CA ASN BB 11 -67.21 -36.01 -40.85
C ASN BB 11 -68.34 -35.18 -41.45
N TYR BB 12 -68.62 -35.34 -42.74
CA TYR BB 12 -69.78 -34.68 -43.31
C TYR BB 12 -71.05 -35.53 -43.19
N ASP BB 13 -70.91 -36.86 -43.19
CA ASP BB 13 -72.08 -37.72 -43.00
C ASP BB 13 -72.62 -37.59 -41.59
N VAL BB 14 -71.76 -37.33 -40.61
CA VAL BB 14 -72.23 -37.16 -39.24
C VAL BB 14 -73.05 -35.91 -39.07
N GLN BB 15 -72.95 -34.95 -40.00
CA GLN BB 15 -73.84 -33.80 -40.04
C GLN BB 15 -74.91 -33.94 -41.12
N GLY BB 16 -74.83 -34.97 -41.95
CA GLY BB 16 -75.80 -35.12 -43.03
C GLY BB 16 -75.69 -34.03 -44.07
N LYS BB 17 -74.47 -33.65 -44.42
CA LYS BB 17 -74.20 -32.52 -45.29
C LYS BB 17 -73.60 -33.00 -46.60
N TYR BB 18 -74.04 -32.40 -47.70
CA TYR BB 18 -73.36 -32.60 -48.97
C TYR BB 18 -72.02 -31.88 -48.95
N LEU BB 19 -71.09 -32.35 -49.78
CA LEU BB 19 -69.74 -31.80 -49.77
C LEU BB 19 -69.74 -30.36 -50.27
N ASP BB 20 -69.04 -29.49 -49.55
CA ASP BB 20 -68.97 -28.07 -49.84
C ASP BB 20 -67.55 -27.68 -50.26
N GLY BB 21 -67.33 -26.37 -50.35
CA GLY BB 21 -66.04 -25.87 -50.81
C GLY BB 21 -64.88 -26.28 -49.92
N ALA BB 22 -65.08 -26.28 -48.60
CA ALA BB 22 -64.01 -26.65 -47.69
C ALA BB 22 -63.63 -28.12 -47.85
N ALA BB 23 -64.64 -29.00 -47.95
CA ALA BB 23 -64.36 -30.43 -48.15
C ALA BB 23 -63.69 -30.66 -49.50
N LEU BB 24 -64.15 -29.96 -50.53
CA LEU BB 24 -63.50 -30.07 -51.83
C LEU BB 24 -62.06 -29.57 -51.80
N ASP BB 25 -61.80 -28.51 -51.03
CA ASP BB 25 -60.43 -28.02 -50.86
C ASP BB 25 -59.55 -29.05 -50.18
N LYS BB 26 -60.06 -29.69 -49.12
CA LYS BB 26 -59.29 -30.73 -48.44
C LYS BB 26 -59.01 -31.91 -49.37
N LEU BB 27 -60.02 -32.31 -50.16
CA LEU BB 27 -59.82 -33.39 -51.10
C LEU BB 27 -58.79 -33.02 -52.18
N LYS BB 28 -58.82 -31.78 -52.65
CA LYS BB 28 -57.84 -31.32 -53.61
C LYS BB 28 -56.43 -31.33 -53.00
N ALA BB 29 -56.32 -30.91 -51.74
CA ALA BB 29 -55.03 -30.90 -51.06
C ALA BB 29 -54.48 -32.30 -50.93
N TYR BB 30 -55.34 -33.29 -50.64
CA TYR BB 30 -54.85 -34.66 -50.60
C TYR BB 30 -54.50 -35.17 -51.99
N PHE BB 31 -55.32 -34.83 -53.00
CA PHE BB 31 -55.11 -35.36 -54.34
C PHE BB 31 -53.83 -34.82 -54.96
N THR BB 32 -53.45 -33.59 -54.62
CA THR BB 32 -52.27 -32.99 -55.23
C THR BB 32 -50.97 -33.69 -54.83
N THR BB 33 -50.97 -34.46 -53.75
CA THR BB 33 -49.78 -35.15 -53.28
C THR BB 33 -49.87 -36.67 -53.43
N GLY BB 34 -50.74 -37.17 -54.30
CA GLY BB 34 -50.90 -38.60 -54.43
C GLY BB 34 -49.69 -39.30 -55.01
N ALA BB 35 -49.07 -38.67 -56.03
CA ALA BB 35 -47.99 -39.34 -56.76
C ALA BB 35 -46.76 -39.52 -55.88
N VAL BB 36 -46.41 -38.51 -55.08
CA VAL BB 36 -45.23 -38.60 -54.24
C VAL BB 36 -45.39 -39.69 -53.18
N ARG BB 37 -46.60 -39.84 -52.66
CA ARG BB 37 -46.87 -40.90 -51.69
C ARG BB 37 -46.67 -42.28 -52.32
N VAL BB 38 -47.13 -42.46 -53.55
CA VAL BB 38 -46.99 -43.76 -54.22
C VAL BB 38 -45.52 -44.04 -54.51
N ARG BB 39 -44.78 -43.00 -54.92
CA ARG BB 39 -43.35 -43.18 -55.18
C ARG BB 39 -42.60 -43.55 -53.91
N ALA BB 40 -42.89 -42.87 -52.80
CA ALA BB 40 -42.23 -43.18 -51.55
C ALA BB 40 -42.60 -44.57 -51.05
N ALA BB 41 -43.86 -44.97 -51.23
CA ALA BB 41 -44.29 -46.30 -50.86
C ALA BB 41 -43.57 -47.37 -51.68
N ALA BB 42 -43.42 -47.16 -52.98
CA ALA BB 42 -42.67 -48.11 -53.81
C ALA BB 42 -41.22 -48.20 -53.38
N VAL BB 43 -40.59 -47.06 -53.08
CA VAL BB 43 -39.20 -47.07 -52.63
C VAL BB 43 -39.06 -47.83 -51.31
N ILE BB 44 -40.00 -47.61 -50.39
CA ILE BB 44 -39.94 -48.26 -49.10
C ILE BB 44 -40.16 -49.76 -49.25
N SER BB 45 -41.08 -50.15 -50.13
CA SER BB 45 -41.31 -51.56 -50.40
C SER BB 45 -40.07 -52.22 -50.99
N SER BB 46 -39.38 -51.50 -51.88
CA SER BB 46 -38.13 -52.01 -52.43
C SER BB 46 -37.05 -52.18 -51.38
N ASN BB 47 -36.87 -51.20 -50.50
CA ASN BB 47 -35.74 -51.17 -49.60
C ASN BB 47 -36.11 -51.48 -48.16
N ALA BB 48 -37.21 -52.19 -47.92
CA ALA BB 48 -37.70 -52.50 -46.58
C ALA BB 48 -36.67 -53.25 -45.74
N THR BB 49 -36.11 -54.33 -46.26
CA THR BB 49 -35.14 -55.10 -45.48
C THR BB 49 -33.85 -54.32 -45.28
N THR BB 50 -33.42 -53.56 -46.28
CA THR BB 50 -32.24 -52.71 -46.10
C THR BB 50 -32.49 -51.62 -45.07
N ILE BB 51 -33.68 -51.03 -45.06
CA ILE BB 51 -34.01 -50.03 -44.06
C ILE BB 51 -33.90 -50.62 -42.66
N ILE BB 52 -34.42 -51.84 -42.49
CA ILE BB 52 -34.31 -52.54 -41.21
C ILE BB 52 -32.87 -52.81 -40.85
N LYS BB 53 -32.06 -53.21 -41.84
CA LYS BB 53 -30.68 -53.62 -41.53
C LYS BB 53 -29.83 -52.45 -41.07
N GLU BB 54 -29.81 -51.34 -41.83
CA GLU BB 54 -29.09 -50.16 -41.34
C GLU BB 54 -29.74 -49.56 -40.10
N ALA BB 55 -31.06 -49.68 -39.94
CA ALA BB 55 -31.69 -49.20 -38.71
C ALA BB 55 -31.15 -49.95 -37.49
N ALA BB 56 -31.10 -51.28 -37.59
CA ALA BB 56 -30.55 -52.09 -36.51
C ALA BB 56 -29.07 -51.81 -36.30
N ALA BB 57 -28.33 -51.62 -37.39
CA ALA BB 57 -26.90 -51.33 -37.27
C ALA BB 57 -26.64 -50.02 -36.54
N LYS BB 58 -27.41 -48.98 -36.84
CA LYS BB 58 -27.18 -47.70 -36.18
C LYS BB 58 -27.78 -47.61 -34.79
N ALA BB 59 -28.87 -48.33 -34.49
CA ALA BB 59 -29.56 -48.10 -33.23
C ALA BB 59 -29.49 -49.24 -32.22
N LEU BB 60 -29.37 -50.49 -32.66
CA LEU BB 60 -29.65 -51.59 -31.74
C LEU BB 60 -28.42 -52.44 -31.42
N ILE BB 61 -27.80 -53.02 -32.45
CA ILE BB 61 -26.76 -54.02 -32.25
C ILE BB 61 -25.46 -53.37 -31.82
N TYR BB 62 -24.49 -54.20 -31.41
CA TYR BB 62 -23.21 -53.74 -30.88
C TYR BB 62 -23.39 -52.96 -29.58
N SER BB 63 -24.36 -53.37 -28.77
CA SER BB 63 -24.63 -52.68 -27.51
C SER BB 63 -24.95 -53.72 -26.45
N ASP BB 64 -25.43 -53.24 -25.30
CA ASP BB 64 -25.85 -54.15 -24.26
C ASP BB 64 -27.13 -54.90 -24.64
N LEU BB 65 -27.90 -54.38 -25.58
CA LEU BB 65 -29.10 -55.07 -26.03
C LEU BB 65 -28.75 -56.41 -26.68
N THR BB 66 -27.62 -56.47 -27.37
CA THR BB 66 -27.15 -57.69 -28.01
C THR BB 66 -26.35 -58.58 -27.08
N ARG BB 67 -25.61 -58.02 -26.15
CA ARG BB 67 -24.83 -58.80 -25.21
C ARG BB 67 -25.73 -59.61 -24.29
N PRO BB 68 -25.16 -60.54 -23.53
CA PRO BB 68 -25.95 -61.30 -22.55
C PRO BB 68 -26.59 -60.37 -21.53
N GLY BB 69 -27.92 -60.49 -21.42
CA GLY BB 69 -28.70 -59.58 -20.62
C GLY BB 69 -29.46 -58.54 -21.41
N GLY BB 70 -29.18 -58.42 -22.70
CA GLY BB 70 -29.92 -57.49 -23.53
C GLY BB 70 -31.27 -58.05 -23.92
N MEN BB 71 -32.24 -57.17 -24.16
CA MEN BB 71 -33.57 -57.60 -24.45
C MEN BB 71 -33.66 -58.27 -25.81
O MEN BB 71 -34.52 -59.09 -26.12
CB MEN BB 71 -34.63 -56.47 -24.45
CG MEN BB 71 -35.99 -57.12 -24.35
OD1 MEN BB 71 -36.76 -57.11 -25.33
ND2 MEN BB 71 -36.34 -57.70 -23.15
CE2 MEN BB 71 -37.59 -58.34 -22.92
N MET BB 72 -32.72 -57.91 -26.68
CA MET BB 72 -32.67 -58.51 -28.01
C MET BB 72 -31.59 -59.58 -28.08
N TYR BB 73 -30.98 -59.88 -26.93
CA TYR BB 73 -30.07 -61.01 -26.83
C TYR BB 73 -30.83 -62.29 -27.11
N THR BB 74 -30.13 -63.29 -27.67
CA THR BB 74 -30.65 -64.59 -28.10
C THR BB 74 -31.39 -64.46 -29.42
N THR BB 75 -31.34 -65.54 -30.21
CA THR BB 75 -31.87 -65.53 -31.57
C THR BB 75 -33.37 -65.28 -31.57
N ARG BB 76 -34.09 -65.85 -30.61
CA ARG BB 76 -35.54 -65.65 -30.54
C ARG BB 76 -35.90 -64.19 -30.34
N ARG BB 77 -35.23 -63.54 -29.39
CA ARG BB 77 -35.53 -62.14 -29.12
C ARG BB 77 -35.10 -61.24 -30.28
N TYR BB 78 -33.97 -61.53 -30.93
CA TYR BB 78 -33.56 -60.71 -32.06
C TYR BB 78 -34.55 -60.87 -33.21
N ALA BB 79 -35.02 -62.10 -33.46
CA ALA BB 79 -36.02 -62.32 -34.51
C ALA BB 79 -37.31 -61.57 -34.20
N ALA BB 80 -37.74 -61.60 -32.93
CA ALA BB 80 -38.94 -60.86 -32.55
C ALA BB 80 -38.76 -59.37 -32.75
N CYS BB 81 -37.59 -58.84 -32.39
CA CYS BB 81 -37.35 -57.41 -32.51
C CYS BB 81 -37.35 -56.97 -33.98
N ILE BB 82 -36.68 -57.74 -34.85
CA ILE BB 82 -36.68 -57.38 -36.26
C ILE BB 82 -38.06 -57.55 -36.89
N ARG BB 83 -38.85 -58.52 -36.43
CA ARG BB 83 -40.23 -58.63 -36.89
C ARG BB 83 -41.03 -57.40 -36.47
N ASP BB 84 -40.77 -56.90 -35.27
CA ASP BB 84 -41.41 -55.66 -34.83
C ASP BB 84 -41.02 -54.49 -35.72
N MET BB 85 -39.74 -54.42 -36.10
CA MET BB 85 -39.31 -53.34 -36.99
C MET BB 85 -40.00 -53.41 -38.34
N ASP BB 86 -40.13 -54.61 -38.91
CA ASP BB 86 -40.80 -54.70 -40.21
C ASP BB 86 -42.29 -54.38 -40.08
N TYR BB 87 -42.90 -54.73 -38.94
CA TYR BB 87 -44.28 -54.33 -38.69
C TYR BB 87 -44.41 -52.81 -38.67
N PHE BB 88 -43.50 -52.14 -37.97
CA PHE BB 88 -43.54 -50.68 -37.90
C PHE BB 88 -43.37 -50.07 -39.28
N LEU BB 89 -42.44 -50.61 -40.08
CA LEU BB 89 -42.21 -50.11 -41.42
C LEU BB 89 -43.45 -50.26 -42.30
N ARG BB 90 -44.08 -51.44 -42.26
CA ARG BB 90 -45.25 -51.69 -43.09
C ARG BB 90 -46.42 -50.79 -42.69
N TYR BB 91 -46.63 -50.62 -41.38
CA TYR BB 91 -47.76 -49.80 -40.96
C TYR BB 91 -47.49 -48.32 -41.17
N ALA BB 92 -46.22 -47.90 -41.10
CA ALA BB 92 -45.89 -46.53 -41.47
C ALA BB 92 -46.16 -46.30 -42.96
N THR BB 93 -45.83 -47.29 -43.79
CA THR BB 93 -46.16 -47.19 -45.22
C THR BB 93 -47.66 -47.08 -45.43
N TYR BB 94 -48.45 -47.88 -44.70
CA TYR BB 94 -49.91 -47.79 -44.80
C TYR BB 94 -50.41 -46.42 -44.37
N ALA BB 95 -49.86 -45.89 -43.27
CA ALA BB 95 -50.29 -44.60 -42.77
C ALA BB 95 -49.97 -43.48 -43.76
N MET BB 96 -48.76 -43.51 -44.34
CA MET BB 96 -48.39 -42.47 -45.29
C MET BB 96 -49.18 -42.58 -46.58
N LEU BB 97 -49.50 -43.80 -47.01
CA LEU BB 97 -50.34 -43.97 -48.19
C LEU BB 97 -51.74 -43.44 -47.95
N ALA BB 98 -52.31 -43.76 -46.78
CA ALA BB 98 -53.69 -43.35 -46.51
C ALA BB 98 -53.79 -41.90 -46.09
N GLY BB 99 -52.67 -41.26 -45.76
CA GLY BB 99 -52.74 -39.89 -45.28
C GLY BB 99 -53.47 -39.73 -43.98
N ASP BB 100 -53.32 -40.68 -43.06
CA ASP BB 100 -54.07 -40.65 -41.81
C ASP BB 100 -53.44 -41.62 -40.80
N PRO BB 101 -53.20 -41.17 -39.56
CA PRO BB 101 -52.67 -42.06 -38.53
C PRO BB 101 -53.73 -42.91 -37.85
N SER BB 102 -54.96 -42.94 -38.38
CA SER BB 102 -56.02 -43.74 -37.78
C SER BB 102 -55.67 -45.22 -37.82
N ILE BB 103 -55.10 -45.69 -38.93
CA ILE BB 103 -54.67 -47.09 -39.00
C ILE BB 103 -53.56 -47.37 -38.01
N LEU BB 104 -52.65 -46.41 -37.80
CA LEU BB 104 -51.61 -46.58 -36.81
C LEU BB 104 -52.18 -46.71 -35.40
N ASP BB 105 -53.19 -45.90 -35.07
CA ASP BB 105 -53.82 -46.02 -33.76
C ASP BB 105 -54.59 -47.33 -33.62
N GLU BB 106 -55.33 -47.71 -34.65
CA GLU BB 106 -56.19 -48.89 -34.53
C GLU BB 106 -55.39 -50.18 -34.48
N ARG BB 107 -54.44 -50.36 -35.40
CA ARG BB 107 -53.79 -51.65 -35.57
C ARG BB 107 -52.36 -51.70 -35.04
N VAL BB 108 -51.84 -50.61 -34.48
CA VAL BB 108 -50.46 -50.62 -34.02
C VAL BB 108 -50.34 -50.19 -32.57
N LEU BB 109 -50.83 -48.98 -32.26
CA LEU BB 109 -50.49 -48.35 -30.99
C LEU BB 109 -51.27 -48.92 -29.81
N ASN BB 110 -52.51 -49.34 -30.02
CA ASN BB 110 -53.34 -49.78 -28.89
C ASN BB 110 -52.79 -51.07 -28.31
N GLY BB 111 -52.61 -51.10 -27.00
CA GLY BB 111 -52.08 -52.26 -26.31
C GLY BB 111 -50.56 -52.40 -26.35
N LEU BB 112 -49.88 -51.71 -27.27
CA LEU BB 112 -48.47 -51.95 -27.47
C LEU BB 112 -47.63 -51.47 -26.29
N LYS BB 113 -48.02 -50.34 -25.69
CA LYS BB 113 -47.23 -49.76 -24.60
C LYS BB 113 -47.20 -50.68 -23.38
N GLU BB 114 -48.38 -51.10 -22.91
CA GLU BB 114 -48.37 -51.99 -21.76
C GLU BB 114 -47.94 -53.40 -22.15
N THR BB 115 -48.06 -53.76 -23.43
CA THR BB 115 -47.50 -55.04 -23.87
C THR BB 115 -45.99 -55.05 -23.71
N TYR BB 116 -45.32 -53.99 -24.15
CA TYR BB 116 -43.88 -53.87 -23.95
C TYR BB 116 -43.53 -53.76 -22.48
N ASN BB 117 -44.38 -53.08 -21.69
CA ASN BB 117 -44.14 -52.99 -20.25
C ASN BB 117 -44.16 -54.36 -19.59
N SER BB 118 -45.15 -55.19 -19.94
CA SER BB 118 -45.21 -56.54 -19.39
C SER BB 118 -44.06 -57.41 -19.89
N LEU BB 119 -43.71 -57.28 -21.18
CA LEU BB 119 -42.65 -58.13 -21.74
C LEU BB 119 -41.26 -57.71 -21.32
N GLY BB 120 -41.07 -56.48 -20.83
CA GLY BB 120 -39.75 -55.99 -20.52
C GLY BB 120 -39.00 -55.36 -21.68
N VAL BB 121 -39.67 -55.12 -22.80
CA VAL BB 121 -39.06 -54.51 -23.99
C VAL BB 121 -38.68 -53.07 -23.68
N PRO BB 122 -37.48 -52.63 -24.05
CA PRO BB 122 -37.11 -51.22 -23.82
C PRO BB 122 -37.78 -50.27 -24.80
N ILE BB 123 -38.73 -49.48 -24.28
CA ILE BB 123 -39.50 -48.57 -25.13
C ILE BB 123 -38.61 -47.49 -25.71
N ALA BB 124 -37.63 -47.02 -24.94
CA ALA BB 124 -36.72 -45.99 -25.43
C ALA BB 124 -35.88 -46.51 -26.59
N ALA BB 125 -35.36 -47.73 -26.47
CA ALA BB 125 -34.59 -48.32 -27.56
C ALA BB 125 -35.46 -48.55 -28.78
N THR BB 126 -36.70 -49.00 -28.59
CA THR BB 126 -37.60 -49.17 -29.74
C THR BB 126 -37.89 -47.85 -30.43
N VAL BB 127 -38.08 -46.78 -29.64
CA VAL BB 127 -38.30 -45.46 -30.23
C VAL BB 127 -37.09 -45.00 -31.01
N GLY BB 128 -35.89 -45.25 -30.47
CA GLY BB 128 -34.67 -44.92 -31.19
C GLY BB 128 -34.54 -45.67 -32.49
N GLY BB 129 -34.86 -46.98 -32.49
CA GLY BB 129 -34.85 -47.74 -33.73
C GLY BB 129 -35.86 -47.23 -34.74
N ILE BB 130 -37.05 -46.85 -34.27
CA ILE BB 130 -38.06 -46.30 -35.16
C ILE BB 130 -37.57 -45.00 -35.78
N GLN BB 131 -36.92 -44.15 -34.98
CA GLN BB 131 -36.34 -42.92 -35.51
C GLN BB 131 -35.23 -43.20 -36.52
N ALA BB 132 -34.39 -44.20 -36.29
CA ALA BB 132 -33.39 -44.58 -37.28
C ALA BB 132 -34.03 -45.03 -38.58
N MET BB 133 -35.09 -45.83 -38.49
CA MET BB 133 -35.82 -46.22 -39.69
C MET BB 133 -36.40 -45.01 -40.39
N LYS BB 134 -36.91 -44.04 -39.62
CA LYS BB 134 -37.46 -42.82 -40.19
C LYS BB 134 -36.40 -42.04 -40.96
N GLU BB 135 -35.21 -41.91 -40.38
CA GLU BB 135 -34.17 -41.11 -41.03
C GLU BB 135 -33.66 -41.82 -42.28
N VAL BB 136 -33.59 -43.15 -42.24
CA VAL BB 136 -33.18 -43.91 -43.43
C VAL BB 136 -34.21 -43.74 -44.54
N VAL BB 137 -35.49 -43.84 -44.20
CA VAL BB 137 -36.55 -43.70 -45.19
C VAL BB 137 -36.56 -42.29 -45.76
N GLY BB 138 -36.35 -41.29 -44.90
CA GLY BB 138 -36.29 -39.92 -45.38
C GLY BB 138 -35.13 -39.66 -46.31
N GLY BB 139 -33.95 -40.20 -45.99
CA GLY BB 139 -32.82 -40.08 -46.88
C GLY BB 139 -33.05 -40.79 -48.19
N LEU BB 140 -33.74 -41.93 -48.15
CA LEU BB 140 -33.94 -42.72 -49.36
C LEU BB 140 -34.97 -42.09 -50.28
N VAL BB 141 -36.09 -41.63 -49.72
CA VAL BB 141 -37.20 -41.14 -50.55
C VAL BB 141 -36.89 -39.81 -51.22
N GLY BB 142 -36.19 -38.89 -50.56
CA GLY BB 142 -35.91 -37.59 -51.11
C GLY BB 142 -36.73 -36.49 -50.46
N PRO BB 143 -36.44 -35.24 -50.83
CA PRO BB 143 -37.15 -34.09 -50.24
C PRO BB 143 -38.66 -34.11 -50.47
N ASP BB 144 -39.10 -34.73 -51.57
CA ASP BB 144 -40.51 -34.68 -51.96
C ASP BB 144 -41.42 -35.34 -50.91
N ALA BB 145 -41.02 -36.50 -50.40
CA ALA BB 145 -41.81 -37.24 -49.45
C ALA BB 145 -41.16 -37.39 -48.08
N ALA BB 146 -40.08 -36.66 -47.80
CA ALA BB 146 -39.36 -36.84 -46.55
C ALA BB 146 -40.21 -36.46 -45.35
N LYS BB 147 -40.77 -35.25 -45.35
CA LYS BB 147 -41.60 -34.83 -44.23
C LYS BB 147 -42.86 -35.66 -44.14
N GLU BB 148 -43.44 -36.01 -45.30
CA GLU BB 148 -44.68 -36.76 -45.32
C GLU BB 148 -44.50 -38.15 -44.71
N ALA BB 149 -43.36 -38.79 -44.98
CA ALA BB 149 -43.07 -40.06 -44.35
C ALA BB 149 -42.69 -39.89 -42.89
N SER BB 150 -41.96 -38.82 -42.57
CA SER BB 150 -41.40 -38.67 -41.23
C SER BB 150 -42.48 -38.34 -40.21
N ILE BB 151 -43.58 -37.72 -40.65
CA ILE BB 151 -44.65 -37.38 -39.71
C ILE BB 151 -45.26 -38.63 -39.10
N TYR BB 152 -45.42 -39.70 -39.87
CA TYR BB 152 -45.99 -40.93 -39.33
C TYR BB 152 -45.00 -41.69 -38.45
N PHE BB 153 -43.71 -41.66 -38.77
CA PHE BB 153 -42.72 -42.23 -37.86
C PHE BB 153 -42.71 -41.48 -36.53
N ASP BB 154 -42.82 -40.16 -36.58
CA ASP BB 154 -42.92 -39.38 -35.35
C ASP BB 154 -44.21 -39.69 -34.60
N TYR BB 155 -45.30 -39.93 -35.33
CA TYR BB 155 -46.55 -40.34 -34.70
C TYR BB 155 -46.37 -41.66 -33.96
N LEU BB 156 -45.71 -42.63 -34.60
CA LEU BB 156 -45.46 -43.91 -33.94
C LEU BB 156 -44.59 -43.75 -32.70
N SER BB 157 -43.52 -42.97 -32.82
CA SER BB 157 -42.64 -42.74 -31.69
C SER BB 157 -43.34 -42.03 -30.53
N SER BB 158 -44.15 -41.02 -30.84
CA SER BB 158 -44.93 -40.34 -29.81
C SER BB 158 -45.97 -41.24 -29.17
N GLY BB 159 -46.65 -42.08 -29.95
CA GLY BB 159 -47.59 -43.03 -29.37
C GLY BB 159 -46.91 -44.04 -28.46
N LEU BB 160 -45.74 -44.53 -28.84
CA LEU BB 160 -44.98 -45.41 -27.96
C LEU BB 160 -44.53 -44.70 -26.70
N SER BB 161 -44.09 -43.45 -26.83
CA SER BB 161 -43.59 -42.70 -25.68
C SER BB 161 -44.73 -42.06 -24.90
N SER CB 2 -33.15 -79.51 -19.92
CA SER CB 2 -32.44 -80.69 -19.45
C SER CB 2 -33.32 -81.93 -19.57
N VAL CB 3 -32.82 -83.06 -19.06
CA VAL CB 3 -33.63 -84.27 -19.04
C VAL CB 3 -34.83 -84.10 -18.13
N LEU CB 4 -34.67 -83.33 -17.05
CA LEU CB 4 -35.77 -83.10 -16.12
C LEU CB 4 -36.94 -82.40 -16.78
N THR CB 5 -36.67 -81.33 -17.53
CA THR CB 5 -37.74 -80.60 -18.20
C THR CB 5 -38.44 -81.44 -19.25
N LYS CB 6 -37.69 -82.18 -20.05
CA LYS CB 6 -38.30 -83.03 -21.07
C LYS CB 6 -39.05 -84.21 -20.48
N ALA CB 7 -38.67 -84.69 -19.30
CA ALA CB 7 -39.36 -85.79 -18.65
C ALA CB 7 -40.51 -85.32 -17.77
N ILE CB 8 -40.59 -84.02 -17.49
CA ILE CB 8 -41.68 -83.46 -16.69
C ILE CB 8 -42.75 -82.83 -17.57
N VAL CB 9 -42.37 -82.28 -18.72
CA VAL CB 9 -43.34 -81.59 -19.57
C VAL CB 9 -44.37 -82.55 -20.12
N ASN CB 10 -43.94 -83.74 -20.57
CA ASN CB 10 -44.88 -84.72 -21.08
C ASN CB 10 -45.79 -85.25 -19.97
N ALA CB 11 -45.26 -85.43 -18.76
CA ALA CB 11 -46.08 -85.86 -17.64
C ALA CB 11 -47.14 -84.82 -17.32
N ASP CB 12 -46.76 -83.53 -17.34
CA ASP CB 12 -47.73 -82.47 -17.10
C ASP CB 12 -48.73 -82.45 -18.24
N ALA CB 13 -48.28 -82.75 -19.46
CA ALA CB 13 -49.16 -82.68 -20.62
C ALA CB 13 -50.26 -83.72 -20.55
N GLU CB 14 -49.92 -84.95 -20.22
CA GLU CB 14 -50.94 -85.99 -20.15
C GLU CB 14 -51.65 -85.99 -18.78
N ALA CB 15 -51.10 -85.27 -17.80
CA ALA CB 15 -51.62 -85.24 -16.43
C ALA CB 15 -51.50 -86.61 -15.74
N ARG CB 16 -50.28 -86.95 -15.35
CA ARG CB 16 -50.05 -88.13 -14.51
C ARG CB 16 -48.74 -87.95 -13.77
N TYR CB 17 -48.51 -88.84 -12.81
CA TYR CB 17 -47.21 -88.92 -12.18
C TYR CB 17 -46.23 -89.69 -13.08
N LEU CB 18 -44.95 -89.57 -12.77
CA LEU CB 18 -43.91 -90.03 -13.68
C LEU CB 18 -43.91 -91.55 -13.84
N SER CB 19 -43.73 -91.99 -15.08
CA SER CB 19 -43.70 -93.41 -15.41
C SER CB 19 -42.32 -94.01 -15.17
N PRO CB 20 -42.27 -95.32 -14.87
CA PRO CB 20 -40.99 -95.94 -14.48
C PRO CB 20 -39.88 -95.86 -15.50
N GLY CB 21 -40.21 -95.89 -16.80
CA GLY CB 21 -39.19 -95.64 -17.81
C GLY CB 21 -38.60 -94.25 -17.68
N GLU CB 22 -39.44 -93.25 -17.43
CA GLU CB 22 -38.97 -91.90 -17.19
C GLU CB 22 -38.08 -91.83 -15.95
N LEU CB 23 -38.50 -92.50 -14.88
CA LEU CB 23 -37.72 -92.50 -13.65
C LEU CB 23 -36.35 -93.15 -13.87
N ASP CB 24 -36.30 -94.26 -14.60
CA ASP CB 24 -35.02 -94.95 -14.76
C ASP CB 24 -34.12 -94.24 -15.76
N ARG CB 25 -34.70 -93.55 -16.76
CA ARG CB 25 -33.85 -92.71 -17.59
C ARG CB 25 -33.29 -91.55 -16.77
N ILE CB 26 -34.05 -91.05 -15.80
CA ILE CB 26 -33.49 -90.08 -14.86
C ILE CB 26 -32.37 -90.71 -14.04
N LYS CB 27 -32.49 -92.00 -13.70
CA LYS CB 27 -31.39 -92.68 -13.00
C LYS CB 27 -30.13 -92.75 -13.83
N SER CB 28 -30.26 -93.10 -15.11
CA SER CB 28 -29.07 -93.12 -15.96
C SER CB 28 -28.45 -91.73 -16.06
N PHE CB 29 -29.30 -90.72 -16.20
CA PHE CB 29 -28.82 -89.34 -16.28
C PHE CB 29 -28.09 -88.92 -15.00
N VAL CB 30 -28.67 -89.21 -13.84
CA VAL CB 30 -28.07 -88.81 -12.57
C VAL CB 30 -26.81 -89.61 -12.28
N ALA CB 31 -26.79 -90.89 -12.68
CA ALA CB 31 -25.60 -91.71 -12.48
C ALA CB 31 -24.45 -91.23 -13.34
N SER CB 32 -24.74 -90.69 -14.53
CA SER CB 32 -23.71 -90.17 -15.40
C SER CB 32 -23.29 -88.74 -15.06
N GLY CB 33 -23.73 -88.21 -13.92
CA GLY CB 33 -23.50 -86.82 -13.58
C GLY CB 33 -22.05 -86.40 -13.40
N GLU CB 34 -21.29 -87.19 -12.64
CA GLU CB 34 -19.88 -86.85 -12.41
C GLU CB 34 -19.09 -86.92 -13.70
N ARG CB 35 -19.34 -87.95 -14.52
CA ARG CB 35 -18.64 -88.06 -15.79
C ARG CB 35 -19.05 -86.92 -16.73
N ARG CB 36 -20.31 -86.49 -16.67
CA ARG CB 36 -20.73 -85.33 -17.46
C ARG CB 36 -19.99 -84.07 -17.03
N LEU CB 37 -19.84 -83.87 -15.72
CA LEU CB 37 -19.11 -82.70 -15.24
C LEU CB 37 -17.65 -82.75 -15.68
N ARG CB 38 -17.02 -83.92 -15.58
CA ARG CB 38 -15.63 -84.03 -15.99
C ARG CB 38 -15.47 -83.82 -17.49
N ILE CB 39 -16.45 -84.27 -18.28
CA ILE CB 39 -16.44 -84.01 -19.71
C ILE CB 39 -16.53 -82.53 -20.01
N ALA CB 40 -17.45 -81.82 -19.36
CA ALA CB 40 -17.63 -80.40 -19.59
C ALA CB 40 -16.46 -79.56 -19.10
N GLN CB 41 -15.74 -80.01 -18.07
CA GLN CB 41 -14.60 -79.26 -17.58
C GLN CB 41 -13.46 -79.15 -18.59
N THR CB 42 -13.15 -80.23 -19.31
CA THR CB 42 -12.05 -80.20 -20.27
C THR CB 42 -12.33 -79.24 -21.41
N LEU CB 43 -13.58 -79.20 -21.88
CA LEU CB 43 -13.94 -78.28 -22.95
C LEU CB 43 -13.82 -76.83 -22.51
N THR CB 44 -14.08 -76.54 -21.25
CA THR CB 44 -13.85 -75.19 -20.73
C THR CB 44 -12.37 -74.90 -20.54
N GLU CB 45 -11.57 -75.91 -20.18
CA GLU CB 45 -10.12 -75.73 -20.15
C GLU CB 45 -9.58 -75.37 -21.52
N ALA CB 46 -10.09 -76.04 -22.57
CA ALA CB 46 -9.64 -75.83 -23.93
C ALA CB 46 -10.57 -74.90 -24.71
N ARG CB 47 -11.11 -73.88 -24.05
CA ARG CB 47 -12.09 -73.01 -24.70
C ARG CB 47 -11.46 -72.19 -25.81
N GLU CB 48 -10.48 -71.34 -25.48
CA GLU CB 48 -9.89 -70.42 -26.44
C GLU CB 48 -8.89 -71.10 -27.36
N ARG CB 49 -8.60 -72.38 -27.14
CA ARG CB 49 -7.71 -73.12 -28.02
C ARG CB 49 -8.45 -74.02 -28.99
N ILE CB 50 -9.68 -74.40 -28.68
CA ILE CB 50 -10.51 -75.13 -29.64
C ILE CB 50 -10.96 -74.22 -30.77
N VAL CB 51 -11.34 -72.98 -30.43
CA VAL CB 51 -11.91 -72.07 -31.42
C VAL CB 51 -10.87 -71.65 -32.44
N LYS CB 52 -9.63 -71.43 -31.99
CA LYS CB 52 -8.53 -71.15 -32.93
C LYS CB 52 -8.28 -72.29 -33.90
N GLN CB 53 -8.31 -73.54 -33.44
CA GLN CB 53 -8.17 -74.61 -34.42
C GLN CB 53 -9.37 -74.70 -35.34
N ALA CB 54 -10.59 -74.52 -34.81
CA ALA CB 54 -11.80 -74.64 -35.63
C ALA CB 54 -11.86 -73.56 -36.69
N GLY CB 55 -11.45 -72.34 -36.36
CA GLY CB 55 -11.47 -71.26 -37.35
C GLY CB 55 -10.55 -71.52 -38.53
N ASP CB 56 -9.37 -72.07 -38.25
CA ASP CB 56 -8.44 -72.40 -39.34
C ASP CB 56 -9.03 -73.44 -40.29
N GLN CB 57 -9.62 -74.50 -39.76
CA GLN CB 57 -10.21 -75.50 -40.65
C GLN CB 57 -11.41 -74.95 -41.40
N LEU CB 58 -12.21 -74.09 -40.76
CA LEU CB 58 -13.34 -73.48 -41.47
C LEU CB 58 -12.87 -72.61 -42.62
N PHE CB 59 -11.87 -71.77 -42.38
CA PHE CB 59 -11.39 -70.88 -43.42
C PHE CB 59 -10.58 -71.60 -44.48
N GLN CB 60 -9.99 -72.75 -44.16
CA GLN CB 60 -9.30 -73.54 -45.18
C GLN CB 60 -10.32 -74.28 -46.03
N ILE CB 61 -11.40 -74.75 -45.42
CA ILE CB 61 -12.46 -75.39 -46.19
C ILE CB 61 -13.16 -74.41 -47.11
N ARG CB 62 -13.45 -73.20 -46.64
CA ARG CB 62 -14.03 -72.21 -47.53
C ARG CB 62 -13.49 -70.82 -47.22
N PRO CB 63 -12.49 -70.36 -47.96
CA PRO CB 63 -11.87 -69.06 -47.66
C PRO CB 63 -12.69 -67.87 -48.14
N ASP CB 64 -13.76 -68.13 -48.89
CA ASP CB 64 -14.52 -67.06 -49.52
C ASP CB 64 -15.21 -66.15 -48.50
N VAL CB 65 -15.44 -66.66 -47.28
CA VAL CB 65 -16.05 -65.81 -46.26
C VAL CB 65 -15.05 -64.79 -45.73
N VAL CB 66 -13.76 -65.02 -45.92
CA VAL CB 66 -12.74 -64.08 -45.48
C VAL CB 66 -12.22 -63.33 -46.70
N SER CB 67 -12.98 -63.39 -47.79
CA SER CB 67 -12.67 -62.73 -49.04
C SER CB 67 -13.32 -61.35 -49.02
N PRO CB 68 -12.93 -60.45 -49.94
CA PRO CB 68 -13.48 -59.09 -49.90
C PRO CB 68 -14.99 -59.02 -50.14
N GLY CB 69 -15.56 -60.03 -50.79
CA GLY CB 69 -17.00 -60.09 -50.93
C GLY CB 69 -17.66 -60.93 -49.87
N GLY CB 70 -16.87 -61.41 -48.90
CA GLY CB 70 -17.35 -62.34 -47.89
C GLY CB 70 -17.97 -61.61 -46.72
N ASN CB 71 -18.72 -62.36 -45.92
CA ASN CB 71 -19.38 -61.77 -44.75
C ASN CB 71 -18.38 -61.53 -43.62
N ALA CB 72 -17.30 -62.31 -43.59
CA ALA CB 72 -16.35 -62.24 -42.50
C ALA CB 72 -15.09 -61.46 -42.86
N TYR CB 73 -15.15 -60.64 -43.92
CA TYR CB 73 -13.99 -59.87 -44.34
C TYR CB 73 -13.68 -58.83 -43.26
N GLY CB 74 -12.42 -58.75 -42.87
CA GLY CB 74 -11.97 -57.77 -41.90
C GLY CB 74 -11.65 -58.41 -40.56
N GLU CB 75 -10.80 -57.71 -39.82
CA GLU CB 75 -10.34 -58.21 -38.53
C GLU CB 75 -11.51 -58.32 -37.54
N LYS CB 76 -12.32 -57.27 -37.44
CA LYS CB 76 -13.43 -57.29 -36.50
C LYS CB 76 -14.56 -58.22 -36.95
N MET CB 77 -14.81 -58.33 -38.25
CA MET CB 77 -15.74 -59.34 -38.75
C MET CB 77 -15.29 -60.76 -38.42
N THR CB 78 -14.01 -61.08 -38.62
CA THR CB 78 -13.52 -62.41 -38.25
C THR CB 78 -13.59 -62.63 -36.75
N ALA CB 79 -13.31 -61.60 -35.96
CA ALA CB 79 -13.43 -61.71 -34.51
C ALA CB 79 -14.86 -62.00 -34.10
N LEU CB 80 -15.84 -61.38 -34.76
CA LEU CB 80 -17.24 -61.66 -34.45
C LEU CB 80 -17.61 -63.10 -34.75
N CYS CB 81 -17.12 -63.64 -35.88
CA CYS CB 81 -17.42 -65.02 -36.21
C CYS CB 81 -16.78 -65.98 -35.20
N LEU CB 82 -15.53 -65.69 -34.80
CA LEU CB 82 -14.90 -66.50 -33.77
C LEU CB 82 -15.65 -66.40 -32.44
N ARG CB 83 -16.21 -65.23 -32.13
CA ARG CB 83 -17.04 -65.09 -30.93
C ARG CB 83 -18.30 -65.93 -31.03
N ASP CB 84 -18.93 -65.98 -32.21
CA ASP CB 84 -20.11 -66.83 -32.37
C ASP CB 84 -19.76 -68.30 -32.21
N LEU CB 85 -18.61 -68.72 -32.73
CA LEU CB 85 -18.17 -70.10 -32.52
C LEU CB 85 -17.93 -70.39 -31.05
N ASP CB 86 -17.35 -69.43 -30.33
CA ASP CB 86 -17.18 -69.59 -28.89
C ASP CB 86 -18.53 -69.68 -28.18
N TYR CB 87 -19.51 -68.89 -28.63
CA TYR CB 87 -20.86 -68.96 -28.09
C TYR CB 87 -21.44 -70.36 -28.25
N TYR CB 88 -21.28 -70.94 -29.44
CA TYR CB 88 -21.84 -72.27 -29.66
C TYR CB 88 -21.06 -73.34 -28.90
N LEU CB 89 -19.77 -73.15 -28.70
CA LEU CB 89 -19.02 -74.07 -27.85
C LEU CB 89 -19.54 -74.01 -26.41
N ARG CB 90 -19.82 -72.80 -25.91
CA ARG CB 90 -20.39 -72.67 -24.57
C ARG CB 90 -21.75 -73.33 -24.49
N LEU CB 91 -22.58 -73.16 -25.52
CA LEU CB 91 -23.89 -73.79 -25.54
C LEU CB 91 -23.78 -75.31 -25.57
N VAL CB 92 -22.79 -75.83 -26.30
CA VAL CB 92 -22.56 -77.26 -26.31
C VAL CB 92 -22.16 -77.76 -24.93
N THR CB 93 -21.33 -77.00 -24.21
CA THR CB 93 -21.00 -77.37 -22.83
C THR CB 93 -22.24 -77.36 -21.94
N TYR CB 94 -23.12 -76.38 -22.15
CA TYR CB 94 -24.38 -76.33 -21.41
C TYR CB 94 -25.20 -77.59 -21.67
N GLY CB 95 -25.33 -77.98 -22.94
CA GLY CB 95 -26.09 -79.18 -23.27
C GLY CB 95 -25.46 -80.44 -22.70
N ILE CB 96 -24.13 -80.50 -22.72
CA ILE CB 96 -23.41 -81.65 -22.18
C ILE CB 96 -23.68 -81.79 -20.69
N VAL CB 97 -23.59 -80.69 -19.95
CA VAL CB 97 -23.83 -80.78 -18.51
C VAL CB 97 -25.29 -81.03 -18.20
N ALA CB 98 -26.22 -80.40 -18.93
CA ALA CB 98 -27.63 -80.53 -18.62
C ALA CB 98 -28.22 -81.87 -19.06
N GLY CB 99 -27.57 -82.56 -19.99
CA GLY CB 99 -28.05 -83.86 -20.39
C GLY CB 99 -29.10 -83.86 -21.48
N ASP CB 100 -29.55 -82.69 -21.92
CA ASP CB 100 -30.47 -82.58 -23.04
C ASP CB 100 -30.16 -81.28 -23.79
N VAL CB 101 -31.07 -80.87 -24.66
CA VAL CB 101 -30.82 -79.72 -25.53
C VAL CB 101 -31.77 -78.56 -25.27
N THR CB 102 -32.40 -78.50 -24.11
CA THR CB 102 -33.29 -77.39 -23.78
C THR CB 102 -32.57 -76.05 -23.75
N PRO CB 103 -31.46 -75.91 -23.01
CA PRO CB 103 -30.74 -74.63 -23.02
C PRO CB 103 -30.19 -74.26 -24.38
N ILE CB 104 -29.63 -75.24 -25.10
CA ILE CB 104 -29.09 -75.00 -26.44
C ILE CB 104 -30.17 -74.51 -27.37
N GLU CB 105 -31.33 -75.14 -27.36
CA GLU CB 105 -32.43 -74.74 -28.22
C GLU CB 105 -32.94 -73.36 -27.86
N GLU CB 106 -33.21 -73.12 -26.57
CA GLU CB 106 -33.81 -71.85 -26.20
C GLU CB 106 -32.83 -70.68 -26.32
N ILE CB 107 -31.53 -70.96 -26.34
CA ILE CB 107 -30.58 -69.87 -26.41
C ILE CB 107 -30.10 -69.60 -27.84
N GLY CB 108 -29.86 -70.63 -28.65
CA GLY CB 108 -29.13 -70.37 -29.88
C GLY CB 108 -29.54 -71.07 -31.16
N ILE CB 109 -30.72 -71.69 -31.22
CA ILE CB 109 -31.19 -72.31 -32.46
C ILE CB 109 -32.54 -71.77 -32.89
N ILE CB 110 -33.44 -71.51 -31.93
CA ILE CB 110 -34.77 -71.02 -32.30
C ILE CB 110 -34.65 -69.60 -32.81
N GLY CB 111 -35.01 -69.38 -34.07
CA GLY CB 111 -34.86 -68.09 -34.70
C GLY CB 111 -33.48 -67.82 -35.26
N VAL CB 112 -32.57 -68.79 -35.17
CA VAL CB 112 -31.22 -68.59 -35.70
C VAL CB 112 -31.24 -68.43 -37.21
N LYS CB 113 -32.23 -69.04 -37.87
CA LYS CB 113 -32.34 -68.87 -39.32
C LYS CB 113 -32.67 -67.42 -39.67
N GLU CB 114 -33.60 -66.82 -38.93
CA GLU CB 114 -33.92 -65.41 -39.15
C GLU CB 114 -32.74 -64.52 -38.77
N MET CB 115 -32.05 -64.88 -37.68
CA MET CB 115 -30.77 -64.28 -37.31
C MET CB 115 -29.82 -64.17 -38.50
N TYR CB 116 -29.44 -65.31 -39.05
CA TYR CB 116 -28.38 -65.32 -40.04
C TYR CB 116 -28.90 -64.91 -41.41
N ASN CB 117 -30.21 -64.91 -41.61
CA ASN CB 117 -30.75 -64.37 -42.85
C ASN CB 117 -30.77 -62.84 -42.82
N SER CB 118 -31.12 -62.25 -41.68
CA SER CB 118 -31.02 -60.80 -41.55
C SER CB 118 -29.57 -60.34 -41.65
N LEU CB 119 -28.66 -61.09 -41.03
CA LEU CB 119 -27.25 -60.73 -41.14
C LEU CB 119 -26.63 -61.19 -42.46
N GLN CB 120 -27.38 -61.96 -43.26
CA GLN CB 120 -26.89 -62.46 -44.55
C GLN CB 120 -25.64 -63.34 -44.39
N THR CB 121 -25.58 -64.10 -43.31
CA THR CB 121 -24.42 -64.94 -43.08
C THR CB 121 -24.69 -66.36 -43.58
N PRO CB 122 -23.71 -67.00 -44.23
CA PRO CB 122 -23.90 -68.36 -44.74
C PRO CB 122 -24.11 -69.37 -43.62
N ILE CB 123 -25.35 -69.85 -43.50
CA ILE CB 123 -25.65 -70.90 -42.54
C ILE CB 123 -24.90 -72.19 -42.83
N PRO CB 124 -24.81 -72.68 -44.07
CA PRO CB 124 -23.94 -73.83 -44.35
C PRO CB 124 -22.49 -73.60 -43.97
N ALA CB 125 -21.98 -72.38 -44.11
CA ALA CB 125 -20.63 -72.09 -43.63
C ALA CB 125 -20.57 -72.22 -42.10
N VAL CB 126 -21.61 -71.75 -41.41
CA VAL CB 126 -21.65 -71.87 -39.96
C VAL CB 126 -21.67 -73.33 -39.55
N ALA CB 127 -22.32 -74.18 -40.35
CA ALA CB 127 -22.36 -75.61 -40.04
C ALA CB 127 -20.96 -76.24 -40.08
N GLU CB 128 -20.18 -75.91 -41.12
CA GLU CB 128 -18.81 -76.43 -41.18
C GLU CB 128 -17.96 -75.85 -40.07
N GLY CB 129 -18.21 -74.59 -39.70
CA GLY CB 129 -17.53 -74.01 -38.56
C GLY CB 129 -17.79 -74.77 -37.27
N VAL CB 130 -19.04 -75.19 -37.08
CA VAL CB 130 -19.37 -75.98 -35.89
C VAL CB 130 -18.71 -77.35 -35.96
N ARG CB 131 -18.71 -77.97 -37.15
CA ARG CB 131 -18.14 -79.31 -37.28
C ARG CB 131 -16.63 -79.30 -37.02
N ALA CB 132 -15.96 -78.20 -37.37
CA ALA CB 132 -14.54 -78.07 -37.04
C ALA CB 132 -14.34 -78.10 -35.53
N MET CB 133 -15.21 -77.41 -34.79
CA MET CB 133 -15.15 -77.45 -33.34
C MET CB 133 -15.38 -78.86 -32.82
N LYS CB 134 -16.28 -79.61 -33.47
CA LYS CB 134 -16.52 -81.00 -33.10
C LYS CB 134 -15.26 -81.83 -33.26
N ASN CB 135 -14.57 -81.67 -34.39
CA ASN CB 135 -13.35 -82.45 -34.62
C ASN CB 135 -12.26 -82.08 -33.62
N VAL CB 136 -12.06 -80.79 -33.37
CA VAL CB 136 -11.01 -80.38 -32.45
C VAL CB 136 -11.34 -80.82 -31.03
N ALA CB 137 -12.61 -80.81 -30.66
CA ALA CB 137 -13.00 -81.28 -29.33
C ALA CB 137 -12.81 -82.78 -29.21
N THR CB 138 -13.17 -83.53 -30.26
CA THR CB 138 -12.99 -84.98 -30.24
C THR CB 138 -11.52 -85.36 -30.15
N SER CB 139 -10.64 -84.54 -30.75
CA SER CB 139 -9.21 -84.81 -30.69
C SER CB 139 -8.63 -84.75 -29.27
N LEU CB 140 -9.32 -84.09 -28.32
CA LEU CB 140 -8.78 -83.90 -26.98
C LEU CB 140 -9.57 -84.64 -25.91
N LEU CB 141 -10.35 -85.64 -26.28
CA LEU CB 141 -11.15 -86.39 -25.31
C LEU CB 141 -10.98 -87.88 -25.54
N SER CB 142 -11.24 -88.66 -24.48
CA SER CB 142 -11.28 -90.10 -24.61
C SER CB 142 -12.46 -90.51 -25.49
N GLY CB 143 -12.42 -91.75 -25.97
CA GLY CB 143 -13.35 -92.22 -26.98
C GLY CB 143 -14.82 -92.17 -26.59
N ASP CB 144 -15.15 -92.66 -25.40
CA ASP CB 144 -16.53 -92.58 -24.94
C ASP CB 144 -16.96 -91.14 -24.73
N ASP CB 145 -16.15 -90.35 -24.02
CA ASP CB 145 -16.44 -88.94 -23.83
C ASP CB 145 -16.45 -88.18 -25.15
N ALA CB 146 -15.55 -88.54 -26.07
CA ALA CB 146 -15.54 -87.91 -27.39
C ALA CB 146 -16.84 -88.16 -28.12
N ALA CB 147 -17.33 -89.40 -28.10
CA ALA CB 147 -18.61 -89.70 -28.74
C ALA CB 147 -19.76 -88.97 -28.05
N GLU CB 148 -19.68 -88.87 -26.72
CA GLU CB 148 -20.74 -88.18 -25.97
C GLU CB 148 -20.82 -86.71 -26.35
N ALA CB 149 -19.68 -86.03 -26.44
CA ALA CB 149 -19.70 -84.64 -26.89
C ALA CB 149 -20.06 -84.54 -28.37
N GLY CB 150 -19.68 -85.55 -29.15
CA GLY CB 150 -19.99 -85.54 -30.56
C GLY CB 150 -21.47 -85.63 -30.82
N PHE CB 151 -22.23 -86.27 -29.92
CA PHE CB 151 -23.68 -86.29 -30.06
C PHE CB 151 -24.27 -84.88 -30.02
N TYR CB 152 -23.83 -84.06 -29.06
CA TYR CB 152 -24.36 -82.71 -28.97
C TYR CB 152 -23.85 -81.81 -30.09
N PHE CB 153 -22.59 -81.99 -30.50
CA PHE CB 153 -22.09 -81.26 -31.66
C PHE CB 153 -22.88 -81.63 -32.91
N ASP CB 154 -23.21 -82.91 -33.05
CA ASP CB 154 -23.99 -83.39 -34.17
C ASP CB 154 -25.38 -82.78 -34.17
N TYR CB 155 -26.00 -82.69 -32.99
CA TYR CB 155 -27.31 -82.06 -32.89
C TYR CB 155 -27.25 -80.59 -33.28
N LEU CB 156 -26.22 -79.87 -32.82
CA LEU CB 156 -26.09 -78.46 -33.19
C LEU CB 156 -25.91 -78.30 -34.69
N VAL CB 157 -25.10 -79.17 -35.30
CA VAL CB 157 -24.89 -79.10 -36.74
C VAL CB 157 -26.18 -79.38 -37.49
N GLY CB 158 -26.96 -80.35 -37.02
CA GLY CB 158 -28.22 -80.66 -37.66
C GLY CB 158 -29.23 -79.54 -37.53
N ALA CB 159 -29.30 -78.91 -36.36
CA ALA CB 159 -30.29 -77.86 -36.14
C ALA CB 159 -29.89 -76.56 -36.83
N MET CB 160 -28.58 -76.36 -37.05
CA MET CB 160 -28.11 -75.10 -37.60
C MET CB 160 -28.59 -74.90 -39.03
N GLN CB 161 -28.49 -75.93 -39.87
CA GLN CB 161 -28.92 -75.82 -41.25
C GLN CB 161 -30.43 -75.68 -41.33
N MET DB 1 -41.06 -72.78 -16.71
CA MET DB 1 -40.59 -73.44 -15.50
C MET DB 1 -39.14 -73.85 -15.69
N GLN DB 2 -38.49 -74.29 -14.62
CA GLN DB 2 -37.09 -74.68 -14.66
C GLN DB 2 -36.79 -75.67 -13.55
N ASP DB 3 -35.85 -76.56 -13.82
CA ASP DB 3 -35.31 -77.46 -12.81
C ASP DB 3 -34.02 -76.86 -12.28
N ALA DB 4 -33.31 -77.61 -11.43
CA ALA DB 4 -32.09 -77.08 -10.85
C ALA DB 4 -30.99 -76.91 -11.90
N ILE DB 5 -30.82 -77.91 -12.77
CA ILE DB 5 -29.76 -77.86 -13.77
C ILE DB 5 -30.02 -76.74 -14.77
N THR DB 6 -31.24 -76.69 -15.30
CA THR DB 6 -31.58 -75.62 -16.24
C THR DB 6 -31.56 -74.26 -15.56
N ALA DB 7 -31.89 -74.21 -14.27
CA ALA DB 7 -31.82 -72.95 -13.54
C ALA DB 7 -30.39 -72.44 -13.44
N VAL DB 8 -29.45 -73.33 -13.12
CA VAL DB 8 -28.05 -72.92 -13.05
C VAL DB 8 -27.53 -72.54 -14.43
N ILE DB 9 -27.92 -73.30 -15.46
CA ILE DB 9 -27.48 -73.01 -16.81
C ILE DB 9 -27.99 -71.64 -17.26
N ASN DB 10 -29.25 -71.34 -16.96
CA ASN DB 10 -29.82 -70.04 -17.32
C ASN DB 10 -29.15 -68.93 -16.50
N ASN DB 11 -28.87 -69.20 -15.22
CA ASN DB 11 -28.24 -68.20 -14.37
C ASN DB 11 -26.82 -67.89 -14.79
N TYR DB 12 -26.17 -68.82 -15.49
CA TYR DB 12 -24.85 -68.52 -16.04
C TYR DB 12 -24.93 -67.94 -17.44
N ASP DB 13 -25.93 -68.35 -18.23
CA ASP DB 13 -26.11 -67.81 -19.57
C ASP DB 13 -26.47 -66.33 -19.53
N VAL DB 14 -27.20 -65.91 -18.50
CA VAL DB 14 -27.51 -64.49 -18.37
C VAL DB 14 -26.24 -63.67 -18.16
N GLN DB 15 -25.24 -64.23 -17.49
CA GLN DB 15 -23.97 -63.56 -17.29
C GLN DB 15 -22.97 -63.84 -18.41
N GLY DB 16 -23.28 -64.75 -19.31
CA GLY DB 16 -22.33 -65.09 -20.36
C GLY DB 16 -21.08 -65.75 -19.83
N LYS DB 17 -21.25 -66.71 -18.92
CA LYS DB 17 -20.13 -67.35 -18.24
C LYS DB 17 -20.13 -68.84 -18.49
N TYR DB 18 -18.94 -69.42 -18.61
CA TYR DB 18 -18.82 -70.86 -18.72
C TYR DB 18 -19.10 -71.52 -17.38
N LEU DB 19 -19.51 -72.80 -17.45
CA LEU DB 19 -19.71 -73.58 -16.24
C LEU DB 19 -18.39 -73.76 -15.50
N ASP DB 20 -18.32 -73.21 -14.29
CA ASP DB 20 -17.15 -73.26 -13.44
C ASP DB 20 -17.38 -74.21 -12.26
N GLY DB 21 -16.45 -74.19 -11.31
CA GLY DB 21 -16.48 -75.13 -10.21
C GLY DB 21 -17.72 -75.03 -9.34
N ALA DB 22 -18.16 -73.80 -9.04
CA ALA DB 22 -19.34 -73.63 -8.20
C ALA DB 22 -20.60 -74.15 -8.88
N ALA DB 23 -20.76 -73.83 -10.16
CA ALA DB 23 -21.93 -74.29 -10.91
C ALA DB 23 -21.93 -75.81 -11.02
N LEU DB 24 -20.77 -76.41 -11.31
CA LEU DB 24 -20.71 -77.86 -11.38
C LEU DB 24 -20.92 -78.48 -10.01
N ASP DB 25 -20.55 -77.78 -8.94
CA ASP DB 25 -20.86 -78.27 -7.59
C ASP DB 25 -22.36 -78.29 -7.34
N LYS DB 26 -23.07 -77.25 -7.76
CA LYS DB 26 -24.52 -77.26 -7.64
C LYS DB 26 -25.13 -78.42 -8.44
N LEU DB 27 -24.63 -78.62 -9.65
CA LEU DB 27 -25.15 -79.69 -10.49
C LEU DB 27 -24.88 -81.06 -9.87
N LYS DB 28 -23.68 -81.27 -9.31
CA LYS DB 28 -23.38 -82.53 -8.67
C LYS DB 28 -24.20 -82.72 -7.40
N ALA DB 29 -24.50 -81.60 -6.71
CA ALA DB 29 -25.36 -81.67 -5.54
C ALA DB 29 -26.75 -82.14 -5.90
N TYR DB 30 -27.29 -81.67 -7.03
CA TYR DB 30 -28.57 -82.21 -7.46
C TYR DB 30 -28.43 -83.67 -7.89
N PHE DB 31 -27.32 -84.02 -8.55
CA PHE DB 31 -27.15 -85.37 -9.06
C PHE DB 31 -27.07 -86.41 -7.94
N THR DB 32 -26.44 -86.05 -6.82
CA THR DB 32 -26.29 -87.02 -5.73
C THR DB 32 -27.62 -87.42 -5.10
N THR DB 33 -28.57 -86.49 -4.97
CA THR DB 33 -29.85 -86.79 -4.35
C THR DB 33 -30.88 -87.33 -5.34
N GLY DB 34 -30.43 -87.99 -6.41
CA GLY DB 34 -31.35 -88.45 -7.43
C GLY DB 34 -32.27 -89.56 -6.97
N ALA DB 35 -31.72 -90.53 -6.22
CA ALA DB 35 -32.44 -91.77 -5.94
C ALA DB 35 -33.67 -91.52 -5.08
N VAL DB 36 -33.52 -90.70 -4.03
CA VAL DB 36 -34.60 -90.46 -3.09
C VAL DB 36 -35.78 -89.80 -3.76
N ARG DB 37 -35.52 -88.94 -4.75
CA ARG DB 37 -36.60 -88.22 -5.40
C ARG DB 37 -37.46 -89.15 -6.25
N VAL DB 38 -36.84 -90.02 -7.05
CA VAL DB 38 -37.65 -90.89 -7.92
C VAL DB 38 -38.37 -91.93 -7.08
N ARG DB 39 -37.73 -92.39 -5.99
CA ARG DB 39 -38.42 -93.37 -5.16
C ARG DB 39 -39.59 -92.75 -4.42
N ALA DB 40 -39.42 -91.52 -3.92
CA ALA DB 40 -40.52 -90.81 -3.28
C ALA DB 40 -41.65 -90.55 -4.27
N ALA DB 41 -41.31 -90.14 -5.49
CA ALA DB 41 -42.33 -89.91 -6.52
C ALA DB 41 -43.07 -91.20 -6.87
N ALA DB 42 -42.37 -92.32 -7.00
CA ALA DB 42 -43.04 -93.59 -7.30
C ALA DB 42 -43.97 -94.00 -6.18
N VAL DB 43 -43.54 -93.90 -4.92
CA VAL DB 43 -44.41 -94.26 -3.81
C VAL DB 43 -45.61 -93.32 -3.73
N ILE DB 44 -45.39 -92.04 -4.04
CA ILE DB 44 -46.49 -91.08 -3.99
C ILE DB 44 -47.51 -91.36 -5.09
N SER DB 45 -47.02 -91.70 -6.28
CA SER DB 45 -47.92 -92.05 -7.37
C SER DB 45 -48.70 -93.31 -7.05
N SER DB 46 -48.04 -94.29 -6.43
CA SER DB 46 -48.72 -95.51 -6.03
C SER DB 46 -49.74 -95.28 -4.91
N ASN DB 47 -49.50 -94.32 -4.03
CA ASN DB 47 -50.36 -94.08 -2.89
C ASN DB 47 -51.13 -92.77 -2.96
N ALA DB 48 -51.34 -92.22 -4.16
CA ALA DB 48 -51.97 -90.91 -4.33
C ALA DB 48 -53.39 -90.84 -3.77
N THR DB 49 -54.24 -91.79 -4.16
CA THR DB 49 -55.64 -91.72 -3.74
C THR DB 49 -55.79 -92.03 -2.25
N THR DB 50 -54.95 -92.93 -1.72
CA THR DB 50 -54.94 -93.18 -0.29
C THR DB 50 -54.48 -91.95 0.48
N ILE DB 51 -53.47 -91.26 -0.05
CA ILE DB 51 -52.97 -90.04 0.59
C ILE DB 51 -54.07 -88.99 0.64
N ILE DB 52 -54.82 -88.83 -0.44
CA ILE DB 52 -55.92 -87.87 -0.46
C ILE DB 52 -56.99 -88.28 0.55
N LYS DB 53 -57.23 -89.59 0.67
CA LYS DB 53 -58.23 -90.07 1.60
C LYS DB 53 -57.87 -89.73 3.04
N GLU DB 54 -56.63 -90.06 3.45
CA GLU DB 54 -56.25 -89.73 4.84
C GLU DB 54 -56.15 -88.23 5.05
N ALA DB 55 -55.67 -87.48 4.06
CA ALA DB 55 -55.56 -86.03 4.21
C ALA DB 55 -56.93 -85.41 4.39
N ALA DB 56 -57.92 -85.84 3.61
CA ALA DB 56 -59.29 -85.36 3.79
C ALA DB 56 -59.83 -85.74 5.16
N ALA DB 57 -59.67 -87.01 5.56
CA ALA DB 57 -60.23 -87.45 6.82
C ALA DB 57 -59.55 -86.78 8.01
N LYS DB 58 -58.30 -86.37 7.84
CA LYS DB 58 -57.51 -85.81 8.93
C LYS DB 58 -57.64 -84.29 9.02
N ALA DB 59 -57.92 -83.61 7.90
CA ALA DB 59 -57.91 -82.15 7.92
C ALA DB 59 -59.23 -81.48 7.55
N LEU DB 60 -60.13 -82.15 6.82
CA LEU DB 60 -61.30 -81.45 6.31
C LEU DB 60 -62.63 -82.06 6.76
N ILE DB 61 -62.71 -83.39 6.79
CA ILE DB 61 -63.98 -84.09 6.87
C ILE DB 61 -64.39 -84.23 8.33
N TYR DB 62 -65.67 -84.58 8.57
CA TYR DB 62 -66.24 -84.65 9.92
C TYR DB 62 -66.20 -83.28 10.59
N SER DB 63 -66.63 -82.26 9.86
CA SER DB 63 -66.59 -80.89 10.36
C SER DB 63 -67.77 -80.13 9.77
N ASP DB 64 -67.79 -78.82 10.02
CA ASP DB 64 -68.87 -77.98 9.51
C ASP DB 64 -68.71 -77.72 8.01
N LEU DB 65 -67.52 -77.96 7.46
CA LEU DB 65 -67.32 -77.78 6.03
C LEU DB 65 -68.16 -78.76 5.23
N THR DB 66 -68.19 -80.02 5.64
CA THR DB 66 -68.96 -81.05 4.95
C THR DB 66 -70.46 -80.94 5.18
N ARG DB 67 -70.87 -80.26 6.22
CA ARG DB 67 -72.27 -80.07 6.54
C ARG DB 67 -72.87 -78.98 5.68
N PRO DB 68 -74.21 -78.88 5.64
CA PRO DB 68 -74.86 -77.88 4.78
C PRO DB 68 -74.48 -76.46 5.16
N GLY DB 69 -74.38 -75.60 4.15
CA GLY DB 69 -73.92 -74.24 4.32
C GLY DB 69 -72.42 -74.07 4.17
N GLY DB 70 -71.65 -75.15 4.21
CA GLY DB 70 -70.22 -75.08 4.05
C GLY DB 70 -69.83 -75.05 2.58
N MEN DB 71 -68.54 -74.88 2.32
CA MEN DB 71 -68.05 -74.81 0.97
C MEN DB 71 -67.89 -76.20 0.37
O MEN DB 71 -67.91 -76.44 -0.83
CB MEN DB 71 -66.70 -74.10 0.81
CG MEN DB 71 -66.42 -73.83 -0.65
OD1 MEN DB 71 -65.39 -74.26 -1.20
ND2 MEN DB 71 -67.36 -73.08 -1.34
CE2 MEN DB 71 -67.24 -72.73 -2.72
N MET DB 72 -67.68 -77.16 1.26
CA MET DB 72 -67.47 -78.53 0.85
C MET DB 72 -68.79 -79.29 0.79
N TYR DB 73 -69.87 -78.60 1.14
CA TYR DB 73 -71.20 -79.20 1.08
C TYR DB 73 -71.56 -79.53 -0.36
N THR DB 74 -72.31 -80.61 -0.54
CA THR DB 74 -72.75 -81.17 -1.82
C THR DB 74 -71.65 -81.96 -2.51
N THR DB 75 -72.05 -82.99 -3.25
CA THR DB 75 -71.10 -83.86 -3.93
C THR DB 75 -70.28 -83.11 -4.96
N ARG DB 76 -70.89 -82.12 -5.63
CA ARG DB 76 -70.19 -81.30 -6.60
C ARG DB 76 -68.99 -80.59 -5.98
N ARG DB 77 -69.22 -79.87 -4.88
CA ARG DB 77 -68.13 -79.18 -4.22
C ARG DB 77 -67.14 -80.14 -3.59
N TYR DB 78 -67.59 -81.30 -3.08
CA TYR DB 78 -66.64 -82.26 -2.53
C TYR DB 78 -65.72 -82.79 -3.63
N ALA DB 79 -66.29 -83.11 -4.80
CA ALA DB 79 -65.47 -83.58 -5.91
C ALA DB 79 -64.49 -82.50 -6.36
N ALA DB 80 -64.95 -81.25 -6.36
CA ALA DB 80 -64.05 -80.15 -6.68
C ALA DB 80 -62.88 -80.07 -5.71
N CYS DB 81 -63.15 -80.17 -4.41
CA CYS DB 81 -62.08 -80.09 -3.42
C CYS DB 81 -61.12 -81.27 -3.53
N ILE DB 82 -61.64 -82.49 -3.73
CA ILE DB 82 -60.73 -83.62 -3.82
C ILE DB 82 -59.92 -83.60 -5.11
N ARG DB 83 -60.51 -83.10 -6.21
CA ARG DB 83 -59.73 -82.91 -7.43
C ARG DB 83 -58.62 -81.89 -7.22
N ASP DB 84 -58.92 -80.82 -6.48
CA ASP DB 84 -57.90 -79.82 -6.18
C ASP DB 84 -56.77 -80.42 -5.34
N MET DB 85 -57.13 -81.27 -4.38
CA MET DB 85 -56.11 -81.93 -3.56
C MET DB 85 -55.22 -82.84 -4.40
N ASP DB 86 -55.83 -83.61 -5.31
CA ASP DB 86 -55.04 -84.48 -6.19
C ASP DB 86 -54.14 -83.65 -7.10
N TYR DB 87 -54.65 -82.53 -7.60
CA TYR DB 87 -53.86 -81.60 -8.40
C TYR DB 87 -52.65 -81.09 -7.62
N PHE DB 88 -52.88 -80.67 -6.38
CA PHE DB 88 -51.81 -80.12 -5.55
C PHE DB 88 -50.76 -81.17 -5.28
N LEU DB 89 -51.18 -82.39 -4.99
CA LEU DB 89 -50.23 -83.47 -4.72
C LEU DB 89 -49.42 -83.80 -5.97
N ARG DB 90 -50.07 -83.81 -7.14
CA ARG DB 90 -49.36 -84.09 -8.38
C ARG DB 90 -48.31 -83.03 -8.68
N TYR DB 91 -48.67 -81.76 -8.51
CA TYR DB 91 -47.71 -80.71 -8.82
C TYR DB 91 -46.63 -80.61 -7.77
N ALA DB 92 -46.93 -80.99 -6.52
CA ALA DB 92 -45.87 -81.10 -5.52
C ALA DB 92 -44.89 -82.21 -5.90
N THR DB 93 -45.41 -83.32 -6.43
CA THR DB 93 -44.53 -84.37 -6.93
C THR DB 93 -43.65 -83.87 -8.07
N TYR DB 94 -44.23 -83.09 -8.98
CA TYR DB 94 -43.46 -82.51 -10.07
C TYR DB 94 -42.36 -81.60 -9.55
N ALA DB 95 -42.70 -80.73 -8.60
CA ALA DB 95 -41.71 -79.80 -8.05
C ALA DB 95 -40.61 -80.54 -7.30
N MET DB 96 -40.98 -81.60 -6.58
CA MET DB 96 -39.98 -82.39 -5.87
C MET DB 96 -39.02 -83.07 -6.84
N LEU DB 97 -39.55 -83.62 -7.94
CA LEU DB 97 -38.67 -84.25 -8.92
C LEU DB 97 -37.78 -83.22 -9.60
N ALA DB 98 -38.33 -82.04 -9.91
CA ALA DB 98 -37.57 -81.04 -10.63
C ALA DB 98 -36.61 -80.28 -9.72
N GLY DB 99 -36.77 -80.37 -8.41
CA GLY DB 99 -35.92 -79.62 -7.50
C GLY DB 99 -36.07 -78.12 -7.63
N ASP DB 100 -37.28 -77.64 -7.90
CA ASP DB 100 -37.48 -76.21 -8.10
C ASP DB 100 -38.95 -75.84 -7.94
N PRO DB 101 -39.24 -74.69 -7.32
CA PRO DB 101 -40.64 -74.26 -7.16
C PRO DB 101 -41.18 -73.45 -8.32
N SER DB 102 -40.46 -73.35 -9.44
CA SER DB 102 -40.91 -72.53 -10.55
C SER DB 102 -42.20 -73.07 -11.16
N ILE DB 103 -42.31 -74.40 -11.27
CA ILE DB 103 -43.52 -75.00 -11.83
C ILE DB 103 -44.72 -74.71 -10.95
N LEU DB 104 -44.56 -74.80 -9.63
CA LEU DB 104 -45.64 -74.45 -8.72
C LEU DB 104 -46.00 -72.98 -8.81
N ASP DB 105 -45.01 -72.10 -8.93
CA ASP DB 105 -45.29 -70.68 -9.06
C ASP DB 105 -46.03 -70.38 -10.36
N GLU DB 106 -45.74 -71.13 -11.41
CA GLU DB 106 -46.33 -70.84 -12.71
C GLU DB 106 -47.72 -71.45 -12.82
N ARG DB 107 -47.83 -72.78 -12.75
CA ARG DB 107 -49.05 -73.46 -13.11
C ARG DB 107 -50.01 -73.71 -11.96
N VAL DB 108 -49.68 -73.31 -10.74
CA VAL DB 108 -50.58 -73.59 -9.61
C VAL DB 108 -50.97 -72.31 -8.90
N LEU DB 109 -49.98 -71.60 -8.36
CA LEU DB 109 -50.28 -70.48 -7.46
C LEU DB 109 -50.74 -69.24 -8.21
N ASN DB 110 -50.67 -69.24 -9.53
CA ASN DB 110 -51.01 -68.05 -10.30
C ASN DB 110 -52.52 -67.80 -10.35
N GLY DB 111 -52.98 -66.81 -9.59
CA GLY DB 111 -54.39 -66.44 -9.57
C GLY DB 111 -55.25 -67.29 -8.65
N LEU DB 112 -54.69 -68.33 -8.04
CA LEU DB 112 -55.49 -69.21 -7.19
C LEU DB 112 -56.02 -68.48 -5.97
N LYS DB 113 -55.22 -67.60 -5.37
CA LYS DB 113 -55.64 -66.91 -4.16
C LYS DB 113 -56.84 -66.01 -4.44
N GLU DB 114 -56.76 -65.22 -5.52
CA GLU DB 114 -57.88 -64.35 -5.86
C GLU DB 114 -59.10 -65.16 -6.31
N THR DB 115 -58.90 -66.26 -7.04
CA THR DB 115 -60.04 -67.05 -7.49
C THR DB 115 -60.74 -67.73 -6.32
N TYR DB 116 -59.97 -68.27 -5.37
CA TYR DB 116 -60.56 -68.85 -4.17
C TYR DB 116 -61.25 -67.79 -3.33
N ASN DB 117 -60.69 -66.58 -3.28
CA ASN DB 117 -61.34 -65.49 -2.57
C ASN DB 117 -62.67 -65.15 -3.22
N SER DB 118 -62.72 -65.19 -4.55
CA SER DB 118 -63.97 -64.91 -5.26
C SER DB 118 -64.99 -66.02 -5.06
N LEU DB 119 -64.54 -67.27 -4.98
CA LEU DB 119 -65.46 -68.40 -4.88
C LEU DB 119 -65.81 -68.78 -3.45
N GLY DB 120 -65.16 -68.19 -2.45
CA GLY DB 120 -65.49 -68.51 -1.08
C GLY DB 120 -64.76 -69.69 -0.49
N VAL DB 121 -63.70 -70.17 -1.13
CA VAL DB 121 -62.95 -71.33 -0.68
C VAL DB 121 -62.24 -71.01 0.63
N PRO DB 122 -62.19 -71.94 1.58
CA PRO DB 122 -61.45 -71.69 2.83
C PRO DB 122 -59.95 -71.88 2.68
N ILE DB 123 -59.20 -70.79 2.74
CA ILE DB 123 -57.76 -70.86 2.56
C ILE DB 123 -57.11 -71.60 3.73
N ALA DB 124 -57.61 -71.38 4.94
CA ALA DB 124 -57.07 -72.08 6.10
C ALA DB 124 -57.32 -73.58 5.99
N ALA DB 125 -58.53 -73.98 5.54
CA ALA DB 125 -58.81 -75.39 5.32
C ALA DB 125 -57.92 -75.98 4.23
N THR DB 126 -57.68 -75.21 3.16
CA THR DB 126 -56.79 -75.67 2.10
C THR DB 126 -55.38 -75.89 2.63
N VAL DB 127 -54.88 -74.97 3.45
CA VAL DB 127 -53.54 -75.10 4.02
C VAL DB 127 -53.48 -76.30 4.95
N GLY DB 128 -54.54 -76.52 5.73
CA GLY DB 128 -54.58 -77.69 6.60
C GLY DB 128 -54.57 -78.99 5.83
N GLY DB 129 -55.33 -79.07 4.74
CA GLY DB 129 -55.28 -80.25 3.89
C GLY DB 129 -53.92 -80.47 3.26
N ILE DB 130 -53.28 -79.39 2.83
CA ILE DB 130 -51.94 -79.48 2.26
C ILE DB 130 -50.95 -80.01 3.29
N GLN DB 131 -51.03 -79.51 4.53
CA GLN DB 131 -50.15 -80.02 5.56
C GLN DB 131 -50.47 -81.46 5.93
N ALA DB 132 -51.73 -81.86 5.88
CA ALA DB 132 -52.08 -83.27 6.14
C ALA DB 132 -51.49 -84.18 5.08
N MET DB 133 -51.59 -83.81 3.80
CA MET DB 133 -50.99 -84.65 2.76
C MET DB 133 -49.48 -84.61 2.85
N LYS DB 134 -48.91 -83.49 3.32
CA LYS DB 134 -47.48 -83.43 3.61
C LYS DB 134 -47.08 -84.46 4.66
N GLU DB 135 -47.87 -84.54 5.73
CA GLU DB 135 -47.59 -85.50 6.80
C GLU DB 135 -47.68 -86.93 6.28
N VAL DB 136 -48.71 -87.21 5.48
CA VAL DB 136 -48.90 -88.58 5.00
C VAL DB 136 -47.80 -88.97 4.02
N VAL DB 137 -47.34 -88.02 3.18
CA VAL DB 137 -46.27 -88.34 2.25
C VAL DB 137 -44.94 -88.48 2.99
N GLY DB 138 -44.74 -87.68 4.04
CA GLY DB 138 -43.56 -87.84 4.86
C GLY DB 138 -43.52 -89.19 5.55
N GLY DB 139 -44.66 -89.67 6.00
CA GLY DB 139 -44.73 -91.01 6.54
C GLY DB 139 -44.48 -92.09 5.50
N LEU DB 140 -45.08 -91.93 4.32
CA LEU DB 140 -44.99 -92.98 3.30
C LEU DB 140 -43.58 -93.08 2.72
N VAL DB 141 -42.98 -91.95 2.35
CA VAL DB 141 -41.73 -91.98 1.60
C VAL DB 141 -40.58 -92.55 2.40
N GLY DB 142 -40.59 -92.41 3.71
CA GLY DB 142 -39.49 -92.87 4.53
C GLY DB 142 -38.48 -91.76 4.74
N PRO DB 143 -37.35 -92.09 5.34
CA PRO DB 143 -36.35 -91.07 5.66
C PRO DB 143 -35.57 -90.52 4.47
N ASP DB 144 -35.57 -91.22 3.33
CA ASP DB 144 -34.76 -90.79 2.20
C ASP DB 144 -35.18 -89.43 1.63
N ALA DB 145 -36.47 -89.24 1.37
CA ALA DB 145 -36.95 -88.08 0.64
C ALA DB 145 -38.07 -87.31 1.34
N ALA DB 146 -38.34 -87.59 2.62
CA ALA DB 146 -39.45 -86.94 3.31
C ALA DB 146 -39.23 -85.44 3.41
N LYS DB 147 -37.99 -85.03 3.67
CA LYS DB 147 -37.71 -83.61 3.85
C LYS DB 147 -37.89 -82.86 2.54
N GLU DB 148 -37.32 -83.40 1.46
CA GLU DB 148 -37.43 -82.78 0.14
C GLU DB 148 -38.89 -82.71 -0.31
N ALA DB 149 -39.64 -83.78 -0.06
CA ALA DB 149 -41.07 -83.77 -0.38
C ALA DB 149 -41.80 -82.72 0.45
N SER DB 150 -41.40 -82.54 1.70
CA SER DB 150 -42.09 -81.61 2.58
C SER DB 150 -41.84 -80.16 2.20
N ILE DB 151 -40.66 -79.86 1.65
CA ILE DB 151 -40.31 -78.46 1.37
C ILE DB 151 -41.27 -77.84 0.36
N TYR DB 152 -41.62 -78.55 -0.70
CA TYR DB 152 -42.50 -77.96 -1.71
C TYR DB 152 -43.96 -77.90 -1.27
N PHE DB 153 -44.41 -78.84 -0.42
CA PHE DB 153 -45.71 -78.70 0.21
C PHE DB 153 -45.75 -77.44 1.08
N ASP DB 154 -44.68 -77.20 1.82
CA ASP DB 154 -44.57 -75.96 2.58
C ASP DB 154 -44.57 -74.75 1.67
N TYR DB 155 -43.94 -74.87 0.50
CA TYR DB 155 -43.94 -73.78 -0.47
C TYR DB 155 -45.35 -73.46 -0.94
N LEU DB 156 -46.14 -74.50 -1.27
CA LEU DB 156 -47.52 -74.28 -1.70
C LEU DB 156 -48.35 -73.65 -0.60
N SER DB 157 -48.20 -74.17 0.63
CA SER DB 157 -48.93 -73.62 1.77
C SER DB 157 -48.57 -72.16 2.03
N SER DB 158 -47.28 -71.83 2.00
CA SER DB 158 -46.83 -70.46 2.17
C SER DB 158 -47.27 -69.54 1.06
N GLY DB 159 -47.25 -69.99 -0.19
CA GLY DB 159 -47.73 -69.16 -1.29
C GLY DB 159 -49.21 -68.89 -1.20
N LEU DB 160 -50.01 -69.89 -0.84
CA LEU DB 160 -51.44 -69.65 -0.64
C LEU DB 160 -51.69 -68.74 0.55
N SER DB 161 -50.98 -68.95 1.65
CA SER DB 161 -51.16 -68.14 2.84
C SER DB 161 -50.38 -66.83 2.75
N SER EB 2 39.28 -4.91 109.28
CA SER EB 2 40.37 -5.28 110.18
C SER EB 2 41.38 -4.15 110.32
N VAL EB 3 42.34 -4.34 111.22
CA VAL EB 3 43.38 -3.34 111.41
C VAL EB 3 44.23 -3.21 110.16
N LEU EB 4 44.50 -4.33 109.47
CA LEU EB 4 45.24 -4.28 108.21
C LEU EB 4 44.50 -3.44 107.18
N THR EB 5 43.18 -3.69 107.05
CA THR EB 5 42.38 -2.94 106.09
C THR EB 5 42.35 -1.46 106.43
N LYS EB 6 42.22 -1.14 107.73
CA LYS EB 6 42.18 0.26 108.15
C LYS EB 6 43.49 0.97 107.86
N ALA EB 7 44.62 0.35 108.21
CA ALA EB 7 45.92 0.97 107.98
C ALA EB 7 46.20 1.14 106.50
N ILE EB 8 45.89 0.11 105.70
CA ILE EB 8 46.12 0.20 104.25
C ILE EB 8 45.21 1.24 103.64
N VAL EB 9 43.99 1.37 104.16
CA VAL EB 9 43.05 2.38 103.68
C VAL EB 9 43.59 3.78 103.91
N ASN EB 10 44.06 4.05 105.14
CA ASN EB 10 44.61 5.38 105.42
C ASN EB 10 45.87 5.65 104.61
N ALA EB 11 46.73 4.65 104.45
CA ALA EB 11 47.95 4.83 103.65
C ALA EB 11 47.62 5.14 102.20
N ASP EB 12 46.66 4.42 101.62
CA ASP EB 12 46.27 4.68 100.25
C ASP EB 12 45.60 6.04 100.10
N ALA EB 13 44.80 6.43 101.10
CA ALA EB 13 44.14 7.73 101.05
C ALA EB 13 45.15 8.87 101.09
N GLU EB 14 46.18 8.76 101.91
CA GLU EB 14 47.21 9.77 101.98
C GLU EB 14 48.29 9.61 100.91
N ALA EB 15 48.22 8.53 100.13
CA ALA EB 15 49.15 8.30 99.02
C ALA EB 15 50.58 8.15 99.51
N ARG EB 16 50.79 7.20 100.43
CA ARG EB 16 52.08 7.02 101.06
C ARG EB 16 52.20 5.59 101.55
N TYR EB 17 53.43 5.20 101.88
CA TYR EB 17 53.66 3.89 102.47
C TYR EB 17 53.34 3.92 103.97
N LEU EB 18 53.18 2.72 104.53
CA LEU EB 18 52.67 2.58 105.89
C LEU EB 18 53.64 3.14 106.91
N SER EB 19 53.09 3.71 107.97
CA SER EB 19 53.87 4.32 109.03
C SER EB 19 54.46 3.27 109.96
N PRO EB 20 55.52 3.63 110.68
CA PRO EB 20 56.06 2.70 111.69
C PRO EB 20 55.07 2.32 112.77
N GLY EB 21 54.20 3.25 113.18
CA GLY EB 21 53.16 2.92 114.14
C GLY EB 21 52.19 1.89 113.59
N GLU EB 22 51.81 2.05 112.31
CA GLU EB 22 50.96 1.07 111.66
C GLU EB 22 51.65 -0.29 111.59
N LEU EB 23 52.94 -0.29 111.28
CA LEU EB 23 53.68 -1.54 111.21
C LEU EB 23 53.74 -2.23 112.57
N ASP EB 24 53.98 -1.46 113.62
CA ASP EB 24 54.01 -2.02 114.97
C ASP EB 24 52.64 -2.58 115.38
N ARG EB 25 51.57 -1.85 115.05
CA ARG EB 25 50.24 -2.36 115.41
C ARG EB 25 49.89 -3.60 114.60
N ILE EB 26 50.34 -3.68 113.34
CA ILE EB 26 50.15 -4.88 112.54
C ILE EB 26 50.90 -6.05 113.17
N LYS EB 27 52.13 -5.81 113.63
CA LYS EB 27 52.91 -6.85 114.28
C LYS EB 27 52.23 -7.34 115.55
N SER EB 28 51.71 -6.41 116.36
CA SER EB 28 51.01 -6.79 117.58
C SER EB 28 49.75 -7.59 117.26
N PHE EB 29 49.00 -7.17 116.24
CA PHE EB 29 47.77 -7.86 115.88
C PHE EB 29 48.07 -9.28 115.40
N VAL EB 30 49.10 -9.43 114.56
CA VAL EB 30 49.45 -10.78 114.09
C VAL EB 30 49.99 -11.63 115.23
N ALA EB 31 50.66 -11.00 116.20
CA ALA EB 31 51.13 -11.74 117.36
C ALA EB 31 49.97 -12.26 118.21
N SER EB 32 48.92 -11.45 118.38
CA SER EB 32 47.77 -11.84 119.19
C SER EB 32 46.77 -12.72 118.44
N GLY EB 33 47.10 -13.14 117.22
CA GLY EB 33 46.19 -13.87 116.37
C GLY EB 33 45.71 -15.21 116.91
N GLU EB 34 46.63 -16.03 117.43
CA GLU EB 34 46.23 -17.34 117.93
C GLU EB 34 45.36 -17.20 119.17
N ARG EB 35 45.65 -16.21 120.02
CA ARG EB 35 44.83 -15.96 121.19
C ARG EB 35 43.43 -15.52 120.78
N ARG EB 36 43.33 -14.64 119.78
CA ARG EB 36 42.03 -14.21 119.29
C ARG EB 36 41.25 -15.37 118.69
N LEU EB 37 41.94 -16.23 117.94
CA LEU EB 37 41.29 -17.38 117.34
C LEU EB 37 40.81 -18.35 118.41
N ARG EB 38 41.58 -18.53 119.48
CA ARG EB 38 41.14 -19.38 120.59
C ARG EB 38 39.89 -18.80 121.25
N ILE EB 39 39.86 -17.48 121.44
CA ILE EB 39 38.69 -16.83 122.02
C ILE EB 39 37.47 -17.03 121.14
N ALA EB 40 37.65 -16.85 119.83
CA ALA EB 40 36.55 -17.06 118.87
C ALA EB 40 36.07 -18.50 118.87
N GLN EB 41 36.99 -19.45 118.94
CA GLN EB 41 36.61 -20.86 118.99
C GLN EB 41 35.82 -21.16 120.25
N THR EB 42 36.23 -20.60 121.39
CA THR EB 42 35.50 -20.80 122.64
C THR EB 42 34.09 -20.23 122.54
N LEU EB 43 33.96 -19.03 122.00
CA LEU EB 43 32.63 -18.43 121.88
C LEU EB 43 31.75 -19.22 120.92
N THR EB 44 32.33 -19.68 119.80
CA THR EB 44 31.56 -20.47 118.84
C THR EB 44 31.11 -21.79 119.46
N GLU EB 45 31.97 -22.42 120.27
CA GLU EB 45 31.58 -23.66 120.93
C GLU EB 45 30.52 -23.40 122.00
N ALA EB 46 30.52 -22.22 122.60
CA ALA EB 46 29.56 -21.88 123.64
C ALA EB 46 28.45 -20.96 123.13
N ARG EB 47 28.17 -20.98 121.82
CA ARG EB 47 27.20 -20.08 121.23
C ARG EB 47 25.80 -20.26 121.80
N GLU EB 48 25.33 -21.51 121.91
CA GLU EB 48 23.93 -21.74 122.26
C GLU EB 48 23.64 -21.37 123.71
N ARG EB 49 24.50 -21.82 124.64
CA ARG EB 49 24.27 -21.56 126.05
C ARG EB 49 24.40 -20.07 126.36
N ILE EB 50 25.33 -19.40 125.69
CA ILE EB 50 25.47 -17.95 125.84
C ILE EB 50 24.19 -17.24 125.40
N VAL EB 51 23.64 -17.65 124.27
CA VAL EB 51 22.41 -17.05 123.77
C VAL EB 51 21.25 -17.32 124.71
N LYS EB 52 21.16 -18.54 125.25
CA LYS EB 52 20.07 -18.87 126.16
C LYS EB 52 20.14 -18.07 127.44
N GLN EB 53 21.34 -17.94 128.02
CA GLN EB 53 21.50 -17.16 129.25
C GLN EB 53 21.25 -15.68 129.01
N ALA EB 54 21.71 -15.15 127.87
CA ALA EB 54 21.38 -13.77 127.51
C ALA EB 54 19.88 -13.61 127.35
N GLY EB 55 19.22 -14.61 126.77
CA GLY EB 55 17.79 -14.52 126.55
C GLY EB 55 16.98 -14.47 127.83
N ASP EB 56 17.23 -15.40 128.75
CA ASP EB 56 16.41 -15.38 129.96
C ASP EB 56 16.82 -14.25 130.89
N GLN EB 57 18.09 -13.80 130.82
CA GLN EB 57 18.47 -12.59 131.53
C GLN EB 57 17.72 -11.38 131.02
N LEU EB 58 17.64 -11.23 129.69
CA LEU EB 58 16.94 -10.09 129.10
C LEU EB 58 15.45 -10.16 129.42
N PHE EB 59 14.87 -11.36 129.38
CA PHE EB 59 13.45 -11.51 129.72
C PHE EB 59 13.17 -11.19 131.17
N GLN EB 60 14.06 -11.60 132.09
CA GLN EB 60 13.88 -11.22 133.49
C GLN EB 60 13.99 -9.72 133.67
N ILE EB 61 14.94 -9.09 132.97
CA ILE EB 61 15.11 -7.64 133.10
C ILE EB 61 13.91 -6.90 132.53
N ARG EB 62 13.40 -7.31 131.37
CA ARG EB 62 12.33 -6.62 130.67
C ARG EB 62 11.25 -7.62 130.28
N PRO EB 63 10.41 -8.03 131.25
CA PRO EB 63 9.26 -8.87 130.89
C PRO EB 63 8.23 -8.16 130.03
N ASP EB 64 8.26 -6.82 129.99
CA ASP EB 64 7.29 -6.07 129.20
C ASP EB 64 7.45 -6.34 127.70
N VAL EB 65 8.65 -6.72 127.27
CA VAL EB 65 8.89 -6.96 125.86
C VAL EB 65 8.11 -8.18 125.38
N VAL EB 66 7.97 -9.19 126.23
CA VAL EB 66 7.28 -10.42 125.85
C VAL EB 66 5.83 -10.30 126.26
N SER EB 67 5.43 -9.12 126.72
CA SER EB 67 4.06 -8.83 127.12
C SER EB 67 3.23 -8.67 125.86
N PRO EB 68 1.89 -8.62 125.99
CA PRO EB 68 1.01 -8.50 124.82
C PRO EB 68 1.32 -7.31 123.92
N GLY EB 69 1.71 -6.19 124.51
CA GLY EB 69 2.10 -5.03 123.72
C GLY EB 69 3.59 -4.99 123.47
N GLY EB 70 4.20 -6.16 123.27
CA GLY EB 70 5.63 -6.27 123.07
C GLY EB 70 5.98 -6.68 121.65
N ASN EB 71 7.16 -6.26 121.20
CA ASN EB 71 7.62 -6.61 119.86
C ASN EB 71 7.87 -8.10 119.73
N ALA EB 72 8.49 -8.71 120.74
CA ALA EB 72 8.83 -10.13 120.71
C ALA EB 72 7.80 -10.98 121.43
N TYR EB 73 6.52 -10.60 121.38
CA TYR EB 73 5.47 -11.32 122.09
C TYR EB 73 5.03 -12.52 121.26
N GLY EB 74 5.14 -13.70 121.84
CA GLY EB 74 4.88 -14.95 121.14
C GLY EB 74 6.12 -15.81 121.04
N GLU EB 75 5.89 -17.11 120.87
CA GLU EB 75 7.00 -18.06 120.81
C GLU EB 75 7.88 -17.82 119.59
N LYS EB 76 7.27 -17.69 118.41
CA LYS EB 76 8.04 -17.42 117.20
C LYS EB 76 8.61 -16.01 117.17
N MET EB 77 7.93 -15.03 117.75
CA MET EB 77 8.52 -13.70 117.88
C MET EB 77 9.76 -13.71 118.77
N THR EB 78 9.72 -14.44 119.89
CA THR EB 78 10.91 -14.60 120.70
C THR EB 78 11.98 -15.41 119.97
N ALA EB 79 11.57 -16.34 119.12
CA ALA EB 79 12.53 -17.10 118.33
C ALA EB 79 13.27 -16.18 117.36
N LEU EB 80 12.56 -15.26 116.72
CA LEU EB 80 13.19 -14.30 115.83
C LEU EB 80 14.16 -13.40 116.59
N CYS EB 81 13.75 -12.97 117.79
CA CYS EB 81 14.63 -12.16 118.62
C CYS EB 81 15.90 -12.91 118.97
N LEU EB 82 15.77 -14.16 119.43
CA LEU EB 82 16.93 -14.98 119.77
C LEU EB 82 17.80 -15.23 118.55
N ARG EB 83 17.21 -15.33 117.36
CA ARG EB 83 18.00 -15.41 116.14
C ARG EB 83 18.81 -14.12 115.94
N ASP EB 84 18.21 -12.98 116.27
CA ASP EB 84 18.96 -11.72 116.21
C ASP EB 84 20.11 -11.72 117.20
N LEU EB 85 19.89 -12.24 118.41
CA LEU EB 85 20.97 -12.32 119.39
C LEU EB 85 22.09 -13.24 118.89
N ASP EB 86 21.72 -14.36 118.26
CA ASP EB 86 22.73 -15.26 117.69
C ASP EB 86 23.50 -14.55 116.57
N TYR EB 87 22.80 -13.74 115.78
CA TYR EB 87 23.46 -12.93 114.76
C TYR EB 87 24.50 -12.01 115.37
N TYR EB 88 24.12 -11.32 116.45
CA TYR EB 88 25.05 -10.38 117.06
C TYR EB 88 26.22 -11.10 117.73
N LEU EB 89 26.00 -12.29 118.27
CA LEU EB 89 27.13 -13.10 118.72
C LEU EB 89 28.06 -13.45 117.56
N ARG EB 90 27.49 -13.77 116.40
CA ARG EB 90 28.31 -14.07 115.23
C ARG EB 90 29.16 -12.87 114.83
N LEU EB 91 28.55 -11.68 114.76
CA LEU EB 91 29.32 -10.50 114.40
C LEU EB 91 30.34 -10.14 115.47
N VAL EB 92 30.05 -10.45 116.74
CA VAL EB 92 31.04 -10.21 117.79
C VAL EB 92 32.25 -11.11 117.61
N THR EB 93 32.02 -12.39 117.32
CA THR EB 93 33.15 -13.29 117.05
C THR EB 93 33.91 -12.86 115.80
N TYR EB 94 33.18 -12.38 114.78
CA TYR EB 94 33.81 -11.88 113.56
C TYR EB 94 34.72 -10.69 113.87
N GLY EB 95 34.24 -9.77 114.70
CA GLY EB 95 35.08 -8.64 115.09
C GLY EB 95 36.26 -9.07 115.94
N ILE EB 96 36.05 -10.08 116.79
CA ILE EB 96 37.14 -10.59 117.63
C ILE EB 96 38.25 -11.14 116.76
N VAL EB 97 37.91 -11.95 115.75
CA VAL EB 97 38.94 -12.49 114.89
C VAL EB 97 39.52 -11.40 113.98
N ALA EB 98 38.73 -10.41 113.59
CA ALA EB 98 39.19 -9.37 112.69
C ALA EB 98 40.14 -8.39 113.34
N GLY EB 99 40.00 -8.14 114.64
CA GLY EB 99 40.86 -7.19 115.30
C GLY EB 99 40.40 -5.74 115.21
N ASP EB 100 39.22 -5.49 114.65
CA ASP EB 100 38.65 -4.16 114.62
C ASP EB 100 37.14 -4.31 114.48
N VAL EB 101 36.47 -3.19 114.16
CA VAL EB 101 35.01 -3.17 114.14
C VAL EB 101 34.42 -3.00 112.75
N THR EB 102 35.23 -3.13 111.69
CA THR EB 102 34.73 -3.01 110.33
C THR EB 102 33.66 -4.04 109.97
N PRO EB 103 33.84 -5.34 110.25
CA PRO EB 103 32.78 -6.30 109.88
C PRO EB 103 31.49 -6.10 110.64
N ILE EB 104 31.57 -5.93 111.96
CA ILE EB 104 30.38 -5.69 112.76
C ILE EB 104 29.69 -4.40 112.33
N GLU EB 105 30.49 -3.38 111.98
CA GLU EB 105 29.93 -2.11 111.56
C GLU EB 105 29.17 -2.24 110.24
N GLU EB 106 29.80 -2.84 109.23
CA GLU EB 106 29.16 -2.84 107.91
C GLU EB 106 28.19 -4.00 107.75
N ILE EB 107 28.04 -4.86 108.75
CA ILE EB 107 27.00 -5.87 108.65
C ILE EB 107 25.84 -5.66 109.64
N GLY EB 108 26.07 -4.99 110.76
CA GLY EB 108 25.04 -5.04 111.78
C GLY EB 108 24.61 -3.76 112.48
N ILE EB 109 25.27 -2.63 112.24
CA ILE EB 109 24.95 -1.39 112.93
C ILE EB 109 24.48 -0.30 111.97
N ILE EB 110 25.11 -0.19 110.80
CA ILE EB 110 24.73 0.87 109.87
C ILE EB 110 23.38 0.51 109.24
N GLY EB 111 22.40 1.38 109.44
CA GLY EB 111 21.05 1.12 109.01
C GLY EB 111 20.23 0.29 109.99
N VAL EB 112 20.84 -0.20 111.06
CA VAL EB 112 20.10 -1.00 112.03
C VAL EB 112 19.06 -0.16 112.74
N LYS EB 113 19.33 1.14 112.91
CA LYS EB 113 18.33 2.04 113.49
C LYS EB 113 17.09 2.11 112.60
N GLU EB 114 17.29 2.25 111.29
CA GLU EB 114 16.16 2.30 110.38
C GLU EB 114 15.41 0.97 110.34
N MET EB 115 16.15 -0.14 110.36
CA MET EB 115 15.51 -1.46 110.35
C MET EB 115 14.65 -1.66 111.59
N TYR EB 116 15.19 -1.36 112.76
CA TYR EB 116 14.44 -1.59 113.98
C TYR EB 116 13.39 -0.51 114.22
N ASN EB 117 13.50 0.62 113.53
CA ASN EB 117 12.42 1.60 113.55
C ASN EB 117 11.26 1.14 112.69
N SER EB 118 11.57 0.56 111.52
CA SER EB 118 10.51 -0.01 110.68
C SER EB 118 9.83 -1.18 111.37
N LEU EB 119 10.62 -2.03 112.04
CA LEU EB 119 10.05 -3.18 112.71
C LEU EB 119 9.54 -2.85 114.11
N GLN EB 120 9.78 -1.63 114.61
CA GLN EB 120 9.31 -1.22 115.93
C GLN EB 120 9.92 -2.06 117.04
N THR EB 121 11.24 -2.15 117.07
CA THR EB 121 11.93 -2.97 118.06
C THR EB 121 12.68 -2.08 119.04
N PRO EB 122 12.49 -2.26 120.36
CA PRO EB 122 13.28 -1.51 121.35
C PRO EB 122 14.79 -1.64 121.19
N ILE EB 123 15.42 -0.54 120.78
CA ILE EB 123 16.87 -0.52 120.65
C ILE EB 123 17.57 -0.68 121.99
N PRO EB 124 17.21 0.06 123.05
CA PRO EB 124 17.80 -0.21 124.36
C PRO EB 124 17.57 -1.63 124.87
N ALA EB 125 16.43 -2.24 124.55
CA ALA EB 125 16.22 -3.63 124.89
C ALA EB 125 17.19 -4.57 124.16
N VAL EB 126 17.44 -4.33 122.87
CA VAL EB 126 18.43 -5.14 122.17
C VAL EB 126 19.82 -4.91 122.75
N ALA EB 127 20.12 -3.67 123.16
CA ALA EB 127 21.39 -3.40 123.82
C ALA EB 127 21.50 -4.14 125.14
N GLU EB 128 20.39 -4.25 125.87
CA GLU EB 128 20.37 -5.02 127.10
C GLU EB 128 20.65 -6.49 126.84
N GLY EB 129 20.07 -7.03 125.77
CA GLY EB 129 20.39 -8.39 125.36
C GLY EB 129 21.86 -8.56 125.02
N VAL EB 130 22.45 -7.54 124.38
CA VAL EB 130 23.88 -7.58 124.06
C VAL EB 130 24.71 -7.60 125.34
N ARG EB 131 24.31 -6.81 126.34
CA ARG EB 131 25.01 -6.84 127.62
C ARG EB 131 24.85 -8.20 128.30
N ALA EB 132 23.69 -8.83 128.13
CA ALA EB 132 23.49 -10.16 128.67
C ALA EB 132 24.45 -11.18 128.04
N MET EB 133 24.61 -11.13 126.71
CA MET EB 133 25.61 -11.98 126.08
C MET EB 133 27.01 -11.63 126.55
N LYS EB 134 27.28 -10.34 126.81
CA LYS EB 134 28.60 -9.93 127.27
C LYS EB 134 28.92 -10.58 128.61
N ASN EB 135 27.97 -10.53 129.55
CA ASN EB 135 28.18 -11.16 130.84
C ASN EB 135 28.34 -12.66 130.73
N VAL EB 136 27.46 -13.31 129.96
CA VAL EB 136 27.47 -14.77 129.89
C VAL EB 136 28.73 -15.27 129.17
N ALA EB 137 29.22 -14.48 128.20
CA ALA EB 137 30.43 -14.87 127.50
C ALA EB 137 31.67 -14.60 128.33
N THR EB 138 31.68 -13.50 129.09
CA THR EB 138 32.79 -13.25 129.99
C THR EB 138 32.88 -14.29 131.09
N SER EB 139 31.75 -14.88 131.45
CA SER EB 139 31.76 -16.00 132.40
C SER EB 139 32.48 -17.23 131.87
N LEU EB 140 32.66 -17.36 130.55
CA LEU EB 140 33.25 -18.54 129.95
C LEU EB 140 34.64 -18.28 129.37
N LEU EB 141 35.32 -17.22 129.80
CA LEU EB 141 36.64 -16.90 129.27
C LEU EB 141 37.55 -16.46 130.39
N SER EB 142 38.85 -16.63 130.16
CA SER EB 142 39.86 -16.08 131.06
C SER EB 142 39.81 -14.56 131.02
N GLY EB 143 40.37 -13.95 132.07
CA GLY EB 143 40.26 -12.52 132.29
C GLY EB 143 40.75 -11.63 131.16
N ASP EB 144 41.93 -11.94 130.61
CA ASP EB 144 42.45 -11.15 129.49
C ASP EB 144 41.58 -11.33 128.26
N ASP EB 145 41.30 -12.57 127.89
CA ASP EB 145 40.41 -12.84 126.75
C ASP EB 145 39.00 -12.34 127.00
N ALA EB 146 38.52 -12.45 128.24
CA ALA EB 146 37.20 -11.93 128.57
C ALA EB 146 37.13 -10.42 128.39
N ALA EB 147 38.17 -9.70 128.82
CA ALA EB 147 38.21 -8.26 128.63
C ALA EB 147 38.30 -7.90 127.15
N GLU EB 148 39.09 -8.69 126.40
CA GLU EB 148 39.22 -8.46 124.96
C GLU EB 148 37.87 -8.59 124.26
N ALA EB 149 37.10 -9.61 124.62
CA ALA EB 149 35.77 -9.76 124.04
C ALA EB 149 34.81 -8.68 124.55
N GLY EB 150 34.96 -8.29 125.82
CA GLY EB 150 34.08 -7.29 126.38
C GLY EB 150 34.26 -5.93 125.76
N PHE EB 151 35.46 -5.63 125.27
CA PHE EB 151 35.68 -4.37 124.53
C PHE EB 151 34.77 -4.28 123.31
N TYR EB 152 34.73 -5.35 122.51
CA TYR EB 152 33.91 -5.34 121.31
C TYR EB 152 32.43 -5.43 121.65
N PHE EB 153 32.10 -6.13 122.74
CA PHE EB 153 30.71 -6.16 123.21
C PHE EB 153 30.26 -4.75 123.60
N ASP EB 154 31.13 -4.01 124.29
CA ASP EB 154 30.82 -2.63 124.65
C ASP EB 154 30.72 -1.74 123.43
N TYR EB 155 31.56 -2.00 122.41
CA TYR EB 155 31.44 -1.27 121.15
C TYR EB 155 30.07 -1.48 120.52
N LEU EB 156 29.61 -2.73 120.48
CA LEU EB 156 28.29 -3.02 119.92
C LEU EB 156 27.20 -2.33 120.73
N VAL EB 157 27.34 -2.34 122.06
CA VAL EB 157 26.36 -1.70 122.94
C VAL EB 157 26.30 -0.20 122.66
N GLY EB 158 27.46 0.44 122.54
CA GLY EB 158 27.49 1.86 122.27
C GLY EB 158 26.97 2.20 120.88
N ALA EB 159 27.31 1.38 119.88
CA ALA EB 159 26.83 1.63 118.53
C ALA EB 159 25.31 1.49 118.43
N MET EB 160 24.74 0.50 119.10
CA MET EB 160 23.28 0.36 119.16
C MET EB 160 22.77 1.30 120.26
N GLN EB 161 22.69 2.58 119.90
CA GLN EB 161 22.36 3.61 120.86
C GLN EB 161 22.09 4.94 120.16
N MET FB 1 38.12 -2.71 99.71
CA MET FB 1 39.11 -3.75 99.52
C MET FB 1 39.01 -4.79 100.62
N GLN FB 2 39.81 -5.85 100.50
CA GLN FB 2 39.80 -6.93 101.48
C GLN FB 2 41.19 -7.53 101.61
N ASP FB 3 41.48 -8.04 102.80
CA ASP FB 3 42.66 -8.85 103.07
C ASP FB 3 42.23 -10.32 103.11
N ALA FB 4 43.17 -11.19 103.51
CA ALA FB 4 42.83 -12.60 103.66
C ALA FB 4 41.79 -12.81 104.77
N ILE FB 5 41.97 -12.10 105.90
CA ILE FB 5 41.04 -12.21 107.02
C ILE FB 5 39.65 -11.73 106.59
N THR FB 6 39.59 -10.58 105.93
CA THR FB 6 38.33 -10.07 105.43
C THR FB 6 37.70 -10.97 104.40
N ALA FB 7 38.50 -11.60 103.53
CA ALA FB 7 37.96 -12.53 102.55
C ALA FB 7 37.32 -13.73 103.22
N VAL FB 8 37.99 -14.29 104.22
CA VAL FB 8 37.43 -15.42 104.96
C VAL FB 8 36.15 -15.01 105.68
N ILE FB 9 36.17 -13.81 106.27
CA ILE FB 9 35.00 -13.30 106.99
C ILE FB 9 33.83 -13.14 106.04
N ASN FB 10 34.08 -12.61 104.84
CA ASN FB 10 33.01 -12.48 103.85
C ASN FB 10 32.49 -13.84 103.39
N ASN FB 11 33.39 -14.79 103.16
CA ASN FB 11 32.98 -16.09 102.66
C ASN FB 11 32.17 -16.86 103.71
N TYR FB 12 32.39 -16.57 104.99
CA TYR FB 12 31.53 -17.18 106.01
C TYR FB 12 30.28 -16.36 106.29
N ASP FB 13 30.35 -15.04 106.11
CA ASP FB 13 29.18 -14.20 106.35
C ASP FB 13 28.11 -14.45 105.29
N VAL FB 14 28.53 -14.72 104.05
CA VAL FB 14 27.57 -15.01 103.00
C VAL FB 14 26.77 -16.28 103.30
N GLN FB 15 27.37 -17.24 103.99
CA GLN FB 15 26.67 -18.44 104.43
C GLN FB 15 26.05 -18.28 105.81
N GLY FB 16 26.34 -17.19 106.51
CA GLY FB 16 25.81 -17.03 107.85
C GLY FB 16 26.36 -18.05 108.83
N LYS FB 17 27.63 -18.41 108.66
CA LYS FB 17 28.24 -19.47 109.43
C LYS FB 17 29.27 -18.89 110.39
N TYR FB 18 29.34 -19.46 111.59
CA TYR FB 18 30.42 -19.12 112.50
C TYR FB 18 31.75 -19.62 111.93
N LEU FB 19 32.84 -19.08 112.46
CA LEU FB 19 34.16 -19.48 112.00
C LEU FB 19 34.44 -20.93 112.36
N ASP FB 20 34.62 -21.76 111.34
CA ASP FB 20 34.81 -23.20 111.51
C ASP FB 20 36.29 -23.56 111.42
N GLY FB 21 36.55 -24.87 111.38
CA GLY FB 21 37.93 -25.34 111.40
C GLY FB 21 38.73 -24.92 110.19
N ALA FB 22 38.14 -25.02 108.99
CA ALA FB 22 38.85 -24.66 107.78
C ALA FB 22 39.18 -23.17 107.74
N ALA FB 23 38.23 -22.33 108.15
CA ALA FB 23 38.50 -20.90 108.26
C ALA FB 23 39.60 -20.62 109.27
N LEU FB 24 39.61 -21.39 110.36
CA LEU FB 24 40.70 -21.26 111.32
C LEU FB 24 42.05 -21.62 110.70
N ASP FB 25 42.09 -22.67 109.89
CA ASP FB 25 43.35 -23.03 109.22
C ASP FB 25 43.80 -21.94 108.27
N LYS FB 26 42.87 -21.35 107.51
CA LYS FB 26 43.25 -20.25 106.61
C LYS FB 26 43.77 -19.05 107.40
N LEU FB 27 43.11 -18.74 108.51
CA LEU FB 27 43.55 -17.61 109.34
C LEU FB 27 44.93 -17.87 109.92
N LYS FB 28 45.19 -19.09 110.40
CA LYS FB 28 46.51 -19.44 110.91
C LYS FB 28 47.55 -19.36 109.81
N ALA FB 29 47.19 -19.81 108.59
CA ALA FB 29 48.12 -19.75 107.47
C ALA FB 29 48.50 -18.32 107.13
N TYR FB 30 47.56 -17.39 107.20
CA TYR FB 30 47.93 -15.99 107.02
C TYR FB 30 48.75 -15.47 108.19
N PHE FB 31 48.40 -15.88 109.41
CA PHE FB 31 49.06 -15.34 110.60
C PHE FB 31 50.53 -15.73 110.66
N THR FB 32 50.86 -16.97 110.26
CA THR FB 32 52.23 -17.46 110.40
C THR FB 32 53.24 -16.69 109.54
N THR FB 33 52.79 -16.00 108.50
CA THR FB 33 53.69 -15.26 107.62
C THR FB 33 53.55 -13.76 107.76
N GLY FB 34 53.03 -13.27 108.89
CA GLY FB 34 52.78 -11.84 109.04
C GLY FB 34 54.06 -11.02 109.08
N ALA FB 35 55.06 -11.47 109.85
CA ALA FB 35 56.24 -10.66 110.09
C ALA FB 35 57.08 -10.49 108.84
N VAL FB 36 57.20 -11.55 108.03
CA VAL FB 36 58.00 -11.48 106.80
C VAL FB 36 57.38 -10.48 105.83
N ARG FB 37 56.04 -10.41 105.79
CA ARG FB 37 55.38 -9.42 104.96
C ARG FB 37 55.72 -8.00 105.40
N VAL FB 38 55.75 -7.77 106.71
CA VAL FB 38 56.09 -6.44 107.22
C VAL FB 38 57.53 -6.08 106.88
N ARG FB 39 58.44 -7.05 107.04
CA ARG FB 39 59.85 -6.79 106.73
C ARG FB 39 60.04 -6.49 105.26
N ALA FB 40 59.42 -7.28 104.38
CA ALA FB 40 59.55 -7.04 102.95
C ALA FB 40 58.92 -5.72 102.54
N ALA FB 41 57.78 -5.36 103.14
CA ALA FB 41 57.16 -4.07 102.87
C ALA FB 41 58.06 -2.92 103.29
N ALA FB 42 58.68 -3.02 104.47
CA ALA FB 42 59.62 -1.98 104.90
C ALA FB 42 60.81 -1.88 103.96
N VAL FB 43 61.33 -3.03 103.50
CA VAL FB 43 62.47 -3.00 102.58
C VAL FB 43 62.09 -2.32 101.27
N ILE FB 44 60.91 -2.64 100.73
CA ILE FB 44 60.46 -2.04 99.48
C ILE FB 44 60.24 -0.55 99.65
N SER FB 45 59.67 -0.15 100.80
CA SER FB 45 59.45 1.27 101.08
C SER FB 45 60.77 2.02 101.16
N SER FB 46 61.78 1.41 101.79
CA SER FB 46 63.08 2.03 101.89
C SER FB 46 63.82 2.10 100.56
N ASN FB 47 63.64 1.12 99.68
CA ASN FB 47 64.38 1.07 98.43
C ASN FB 47 63.53 1.34 97.20
N ALA FB 48 62.40 2.03 97.33
CA ALA FB 48 61.47 2.26 96.23
C ALA FB 48 62.09 2.99 95.05
N THR FB 49 62.83 4.07 95.31
CA THR FB 49 63.41 4.84 94.21
C THR FB 49 64.47 4.04 93.46
N THR FB 50 65.30 3.31 94.19
CA THR FB 50 66.34 2.50 93.56
C THR FB 50 65.73 1.38 92.73
N ILE FB 51 64.67 0.75 93.21
CA ILE FB 51 63.99 -0.27 92.43
C ILE FB 51 63.43 0.32 91.15
N ILE FB 52 62.85 1.52 91.22
CA ILE FB 52 62.28 2.16 90.04
C ILE FB 52 63.36 2.47 89.02
N LYS FB 53 64.48 3.05 89.47
CA LYS FB 53 65.54 3.41 88.54
C LYS FB 53 66.18 2.17 87.93
N GLU FB 54 66.40 1.12 88.73
CA GLU FB 54 66.97 -0.11 88.18
C GLU FB 54 66.03 -0.78 87.18
N ALA FB 55 64.73 -0.83 87.50
CA ALA FB 55 63.78 -1.43 86.57
C ALA FB 55 63.70 -0.65 85.28
N ALA FB 56 63.72 0.68 85.36
CA ALA FB 56 63.71 1.50 84.15
C ALA FB 56 64.96 1.27 83.32
N ALA FB 57 66.13 1.19 83.97
CA ALA FB 57 67.36 0.94 83.24
C ALA FB 57 67.37 -0.44 82.60
N LYS FB 58 66.76 -1.42 83.25
CA LYS FB 58 66.76 -2.77 82.71
C LYS FB 58 65.73 -2.98 81.61
N ALA FB 59 64.60 -2.29 81.66
CA ALA FB 59 63.48 -2.63 80.78
C ALA FB 59 63.06 -1.55 79.80
N LEU FB 60 63.27 -0.26 80.10
CA LEU FB 60 62.62 0.76 79.29
C LEU FB 60 63.63 1.65 78.56
N ILE FB 61 64.57 2.23 79.29
CA ILE FB 61 65.42 3.27 78.75
C ILE FB 61 66.51 2.69 77.86
N TYR FB 62 67.22 3.55 77.14
CA TYR FB 62 68.20 3.15 76.14
C TYR FB 62 67.52 2.36 75.02
N SER FB 63 66.40 2.88 74.53
CA SER FB 63 65.66 2.26 73.45
C SER FB 63 64.85 3.32 72.73
N ASP FB 64 63.98 2.87 71.82
CA ASP FB 64 63.19 3.81 71.03
C ASP FB 64 62.10 4.47 71.87
N LEU FB 65 61.76 3.88 73.02
CA LEU FB 65 60.72 4.46 73.86
C LEU FB 65 61.14 5.83 74.40
N THR FB 66 62.39 5.96 74.82
CA THR FB 66 62.91 7.22 75.32
C THR FB 66 63.36 8.16 74.21
N ARG FB 67 63.49 7.67 72.99
CA ARG FB 67 63.85 8.50 71.85
C ARG FB 67 62.61 9.17 71.26
N PRO FB 68 62.80 10.19 70.43
CA PRO FB 68 61.67 10.81 69.73
C PRO FB 68 60.95 9.78 68.86
N GLY FB 69 59.62 9.89 68.82
CA GLY FB 69 58.79 8.88 68.20
C GLY FB 69 58.38 7.77 69.14
N GLY FB 70 58.90 7.76 70.37
CA GLY FB 70 58.49 6.79 71.37
C GLY FB 70 57.48 7.38 72.32
N MEN FB 71 56.81 6.52 73.07
CA MEN FB 71 55.76 6.95 73.96
C MEN FB 71 56.33 7.39 75.31
O MEN FB 71 55.68 7.96 76.19
CB MEN FB 71 54.70 5.86 74.24
CG MEN FB 71 53.47 6.45 74.89
OD1 MEN FB 71 53.23 6.26 76.10
ND2 MEN FB 71 52.63 7.21 74.10
CE2 MEN FB 71 51.43 7.83 74.58
N MET FB 72 57.62 7.12 75.46
CA MET FB 72 58.26 7.29 76.74
C MET FB 72 59.12 8.56 76.61
N TYR FB 73 59.16 9.08 75.39
CA TYR FB 73 59.92 10.27 75.06
C TYR FB 73 59.32 11.51 75.73
N THR FB 74 60.17 12.51 75.98
CA THR FB 74 59.86 13.80 76.61
C THR FB 74 59.79 13.66 78.13
N THR FB 75 60.12 14.75 78.83
CA THR FB 75 60.16 14.71 80.29
C THR FB 75 58.79 14.44 80.88
N ARG FB 76 57.73 15.00 80.28
CA ARG FB 76 56.38 14.79 80.81
C ARG FB 76 55.99 13.32 80.72
N ARG FB 77 56.17 12.70 79.55
CA ARG FB 77 55.81 11.30 79.38
C ARG FB 77 56.69 10.38 80.21
N TYR FB 78 57.98 10.68 80.31
CA TYR FB 78 58.87 9.89 81.16
C TYR FB 78 58.47 9.99 82.62
N ALA FB 79 58.12 11.19 83.09
CA ALA FB 79 57.71 11.35 84.47
C ALA FB 79 56.38 10.63 84.72
N ALA FB 80 55.48 10.66 83.73
CA ALA FB 80 54.24 9.90 83.85
C ALA FB 80 54.51 8.41 83.97
N CYS FB 81 55.45 7.89 83.16
CA CYS FB 81 55.78 6.48 83.23
C CYS FB 81 56.40 6.11 84.58
N ILE FB 82 57.32 6.93 85.09
CA ILE FB 82 57.90 6.62 86.39
C ILE FB 82 56.89 6.77 87.53
N ARG FB 83 55.94 7.70 87.40
CA ARG FB 83 54.88 7.81 88.39
C ARG FB 83 53.98 6.59 88.36
N ASP FB 84 53.71 6.06 87.17
CA ASP FB 84 52.96 4.81 87.06
C ASP FB 84 53.72 3.65 87.69
N MET FB 85 55.04 3.62 87.49
CA MET FB 85 55.86 2.58 88.10
C MET FB 85 55.83 2.67 89.62
N ASP FB 86 55.88 3.88 90.15
CA ASP FB 86 55.78 4.07 91.59
C ASP FB 86 54.41 3.62 92.10
N TYR FB 87 53.35 3.90 91.32
CA TYR FB 87 52.02 3.42 91.65
C TYR FB 87 51.99 1.91 91.74
N PHE FB 88 52.58 1.24 90.74
CA PHE FB 88 52.61 -0.21 90.71
C PHE FB 88 53.36 -0.77 91.92
N LEU FB 89 54.50 -0.15 92.25
CA LEU FB 89 55.30 -0.61 93.38
C LEU FB 89 54.53 -0.47 94.69
N ARG FB 90 53.94 0.71 94.91
CA ARG FB 90 53.23 0.95 96.17
C ARG FB 90 52.01 0.05 96.31
N TYR FB 91 51.26 -0.14 95.22
CA TYR FB 91 50.06 -0.97 95.33
C TYR FB 91 50.42 -2.45 95.40
N ALA FB 92 51.55 -2.85 94.80
CA ALA FB 92 52.05 -4.19 95.01
C ALA FB 92 52.41 -4.42 96.47
N THR FB 93 53.02 -3.41 97.10
CA THR FB 93 53.31 -3.49 98.53
C THR FB 93 52.02 -3.63 99.33
N TYR FB 94 50.99 -2.86 98.97
CA TYR FB 94 49.71 -2.94 99.68
C TYR FB 94 49.09 -4.32 99.54
N ALA FB 95 49.07 -4.87 98.32
CA ALA FB 95 48.48 -6.18 98.10
C ALA FB 95 49.26 -7.27 98.82
N MET FB 96 50.59 -7.16 98.82
CA MET FB 96 51.43 -8.12 99.53
C MET FB 96 51.17 -8.07 101.04
N LEU FB 97 51.03 -6.86 101.59
CA LEU FB 97 50.74 -6.73 103.02
C LEU FB 97 49.36 -7.29 103.36
N ALA FB 98 48.37 -7.02 102.52
CA ALA FB 98 47.01 -7.45 102.81
C ALA FB 98 46.79 -8.93 102.49
N GLY FB 99 47.69 -9.55 101.75
CA GLY FB 99 47.49 -10.94 101.38
C GLY FB 99 46.30 -11.15 100.46
N ASP FB 100 46.06 -10.21 99.55
CA ASP FB 100 44.92 -10.29 98.66
C ASP FB 100 45.09 -9.36 97.46
N PRO FB 101 44.81 -9.83 96.24
CA PRO FB 101 44.85 -8.94 95.08
C PRO FB 101 43.57 -8.13 94.87
N SER FB 102 42.68 -8.09 95.87
CA SER FB 102 41.45 -7.33 95.75
C SER FB 102 41.74 -5.85 95.59
N ILE FB 103 42.71 -5.32 96.35
CA ILE FB 103 43.09 -3.92 96.21
C ILE FB 103 43.69 -3.66 94.84
N LEU FB 104 44.44 -4.62 94.30
CA LEU FB 104 44.99 -4.46 92.96
C LEU FB 104 43.90 -4.41 91.91
N ASP FB 105 42.90 -5.28 92.01
CA ASP FB 105 41.80 -5.24 91.06
C ASP FB 105 40.97 -3.96 91.22
N GLU FB 106 40.82 -3.48 92.45
CA GLU FB 106 39.89 -2.39 92.71
C GLU FB 106 40.49 -1.05 92.35
N ARG FB 107 41.73 -0.79 92.80
CA ARG FB 107 42.33 0.53 92.67
C ARG FB 107 43.30 0.64 91.51
N VAL FB 108 43.63 -0.46 90.83
CA VAL FB 108 44.66 -0.41 89.80
C VAL FB 108 44.14 -0.93 88.47
N LEU FB 109 43.72 -2.19 88.43
CA LEU FB 109 43.49 -2.85 87.15
C LEU FB 109 42.17 -2.45 86.50
N ASN FB 110 41.26 -1.81 87.25
CA ASN FB 110 39.96 -1.49 86.70
C ASN FB 110 40.07 -0.41 85.63
N GLY FB 111 39.92 -0.80 84.36
CA GLY FB 111 39.97 0.14 83.25
C GLY FB 111 41.36 0.54 82.82
N LEU FB 112 42.41 0.01 83.46
CA LEU FB 112 43.77 0.41 83.11
C LEU FB 112 44.14 -0.02 81.70
N LYS FB 113 43.70 -1.22 81.29
CA LYS FB 113 44.01 -1.71 79.95
C LYS FB 113 43.38 -0.82 78.87
N GLU FB 114 42.12 -0.47 79.04
CA GLU FB 114 41.46 0.40 78.08
C GLU FB 114 42.06 1.80 78.11
N THR FB 115 42.45 2.28 79.30
CA THR FB 115 43.11 3.58 79.39
C THR FB 115 44.43 3.57 78.63
N TYR FB 116 45.22 2.51 78.78
CA TYR FB 116 46.48 2.41 78.06
C TYR FB 116 46.27 2.30 76.56
N ASN FB 117 45.24 1.58 76.14
CA ASN FB 117 44.93 1.51 74.71
C ASN FB 117 44.52 2.87 74.17
N SER FB 118 43.72 3.62 74.94
CA SER FB 118 43.29 4.94 74.50
C SER FB 118 44.47 5.91 74.39
N LEU FB 119 45.36 5.92 75.38
CA LEU FB 119 46.51 6.82 75.32
C LEU FB 119 47.63 6.31 74.43
N GLY FB 120 47.58 5.04 74.00
CA GLY FB 120 48.63 4.48 73.20
C GLY FB 120 49.84 4.00 73.97
N VAL FB 121 49.74 3.90 75.30
CA VAL FB 121 50.86 3.47 76.14
C VAL FB 121 51.18 2.01 75.83
N PRO FB 122 52.47 1.64 75.76
CA PRO FB 122 52.81 0.25 75.44
C PRO FB 122 52.57 -0.71 76.59
N ILE FB 123 51.59 -1.58 76.44
CA ILE FB 123 51.24 -2.52 77.51
C ILE FB 123 52.37 -3.53 77.72
N ALA FB 124 52.98 -4.00 76.64
CA ALA FB 124 54.09 -4.95 76.76
C ALA FB 124 55.28 -4.31 77.45
N ALA FB 125 55.59 -3.06 77.12
CA ALA FB 125 56.67 -2.35 77.80
C ALA FB 125 56.36 -2.16 79.28
N THR FB 126 55.11 -1.83 79.60
CA THR FB 126 54.72 -1.70 81.01
C THR FB 126 54.86 -3.02 81.74
N VAL FB 127 54.47 -4.12 81.10
CA VAL FB 127 54.60 -5.44 81.73
C VAL FB 127 56.06 -5.79 81.95
N GLY FB 128 56.91 -5.48 80.97
CA GLY FB 128 58.34 -5.71 81.14
C GLY FB 128 58.94 -4.88 82.25
N GLY FB 129 58.49 -3.62 82.38
CA GLY FB 129 58.93 -2.80 83.50
C GLY FB 129 58.49 -3.35 84.83
N ILE FB 130 57.26 -3.86 84.91
CA ILE FB 130 56.79 -4.48 86.14
C ILE FB 130 57.60 -5.72 86.47
N GLN FB 131 57.94 -6.51 85.44
CA GLN FB 131 58.78 -7.68 85.66
C GLN FB 131 60.19 -7.32 86.13
N ALA FB 132 60.78 -6.26 85.58
CA ALA FB 132 62.08 -5.80 86.07
C ALA FB 132 61.97 -5.31 87.51
N MET FB 133 60.86 -4.63 87.82
CA MET FB 133 60.60 -4.21 89.21
C MET FB 133 60.53 -5.42 90.13
N LYS FB 134 59.87 -6.49 89.67
CA LYS FB 134 59.81 -7.71 90.46
C LYS FB 134 61.20 -8.32 90.61
N GLU FB 135 62.02 -8.28 89.56
CA GLU FB 135 63.37 -8.83 89.65
C GLU FB 135 64.19 -8.09 90.71
N VAL FB 136 64.12 -6.77 90.70
CA VAL FB 136 64.83 -5.96 91.70
C VAL FB 136 64.29 -6.24 93.10
N VAL FB 137 62.96 -6.30 93.23
CA VAL FB 137 62.34 -6.47 94.54
C VAL FB 137 62.67 -7.85 95.10
N GLY FB 138 62.64 -8.88 94.25
CA GLY FB 138 62.99 -10.21 94.68
C GLY FB 138 64.44 -10.34 95.08
N GLY FB 139 65.33 -9.63 94.38
CA GLY FB 139 66.71 -9.56 94.83
C GLY FB 139 66.82 -8.90 96.20
N LEU FB 140 66.06 -7.83 96.42
CA LEU FB 140 66.22 -7.04 97.63
C LEU FB 140 65.63 -7.73 98.86
N VAL FB 141 64.44 -8.32 98.72
CA VAL FB 141 63.69 -8.78 99.88
C VAL FB 141 64.28 -10.01 100.55
N GLY FB 142 64.79 -10.97 99.79
CA GLY FB 142 65.30 -12.21 100.35
C GLY FB 142 64.34 -13.36 100.16
N PRO FB 143 64.76 -14.59 100.53
CA PRO FB 143 63.98 -15.78 100.22
C PRO FB 143 62.70 -15.88 101.04
N ASP FB 144 62.59 -15.09 102.09
CA ASP FB 144 61.43 -15.15 102.97
C ASP FB 144 60.15 -14.72 102.27
N ALA FB 145 60.22 -13.65 101.48
CA ALA FB 145 59.03 -13.06 100.87
C ALA FB 145 59.09 -13.01 99.36
N ALA FB 146 60.01 -13.73 98.71
CA ALA FB 146 60.18 -13.61 97.28
C ALA FB 146 58.94 -14.06 96.51
N LYS FB 147 58.46 -15.28 96.80
CA LYS FB 147 57.30 -15.79 96.08
C LYS FB 147 56.03 -15.04 96.46
N GLU FB 148 55.89 -14.69 97.74
CA GLU FB 148 54.66 -14.02 98.18
C GLU FB 148 54.58 -12.62 97.59
N ALA FB 149 55.73 -11.98 97.36
CA ALA FB 149 55.73 -10.70 96.65
C ALA FB 149 55.55 -10.93 95.15
N SER FB 150 56.05 -12.05 94.65
CA SER FB 150 56.05 -12.28 93.20
C SER FB 150 54.65 -12.58 92.69
N ILE FB 151 53.80 -13.15 93.55
CA ILE FB 151 52.44 -13.49 93.13
C ILE FB 151 51.66 -12.25 92.74
N TYR FB 152 51.83 -11.15 93.47
CA TYR FB 152 51.10 -9.93 93.14
C TYR FB 152 51.66 -9.19 91.94
N PHE FB 153 52.98 -9.21 91.74
CA PHE FB 153 53.53 -8.66 90.51
C PHE FB 153 53.08 -9.47 89.29
N ASP FB 154 53.04 -10.79 89.42
CA ASP FB 154 52.50 -11.61 88.33
C ASP FB 154 51.01 -11.36 88.14
N TYR FB 155 50.28 -11.10 89.23
CA TYR FB 155 48.88 -10.73 89.13
C TYR FB 155 48.71 -9.43 88.34
N LEU FB 156 49.55 -8.45 88.63
CA LEU FB 156 49.50 -7.18 87.90
C LEU FB 156 49.82 -7.38 86.42
N SER FB 157 50.85 -8.17 86.13
CA SER FB 157 51.21 -8.43 84.74
C SER FB 157 50.12 -9.18 83.99
N SER FB 158 49.50 -10.18 84.63
CA SER FB 158 48.40 -10.91 84.03
C SER FB 158 47.16 -10.05 83.83
N GLY FB 159 46.86 -9.15 84.77
CA GLY FB 159 45.78 -8.22 84.54
C GLY FB 159 46.05 -7.25 83.41
N LEU FB 160 47.28 -6.76 83.30
CA LEU FB 160 47.66 -5.87 82.22
C LEU FB 160 47.60 -6.55 80.86
N SER FB 161 48.07 -7.80 80.78
CA SER FB 161 48.10 -8.51 79.51
C SER FB 161 46.86 -9.37 79.32
N SER GB 2 53.18 28.70 69.81
CA SER GB 2 53.50 29.93 69.08
C SER GB 2 52.71 31.11 69.66
N VAL GB 3 53.07 32.31 69.21
CA VAL GB 3 52.32 33.50 69.60
C VAL GB 3 50.89 33.40 69.10
N LEU GB 4 50.69 32.85 67.90
CA LEU GB 4 49.34 32.63 67.39
C LEU GB 4 48.57 31.68 68.29
N THR GB 5 49.22 30.59 68.74
CA THR GB 5 48.56 29.63 69.62
C THR GB 5 48.18 30.28 70.95
N LYS GB 6 49.09 31.07 71.52
CA LYS GB 6 48.81 31.74 72.78
C LYS GB 6 47.64 32.71 72.64
N ALA GB 7 47.64 33.50 71.56
CA ALA GB 7 46.57 34.46 71.33
C ALA GB 7 45.24 33.75 71.13
N ILE GB 8 45.24 32.66 70.36
CA ILE GB 8 43.99 31.96 70.07
C ILE GB 8 43.45 31.31 71.32
N VAL GB 9 44.33 30.73 72.14
CA VAL GB 9 43.85 30.07 73.36
C VAL GB 9 43.32 31.11 74.35
N ASN GB 10 43.97 32.27 74.43
CA ASN GB 10 43.47 33.32 75.31
C ASN GB 10 42.12 33.86 74.85
N ALA GB 11 41.96 34.05 73.53
CA ALA GB 11 40.67 34.51 73.02
C ALA GB 11 39.57 33.47 73.25
N ASP GB 12 39.89 32.20 73.01
CA ASP GB 12 38.87 31.17 73.13
C ASP GB 12 38.53 30.90 74.59
N ALA GB 13 39.46 31.21 75.50
CA ALA GB 13 39.14 31.10 76.92
C ALA GB 13 38.03 32.07 77.31
N GLU GB 14 38.07 33.28 76.77
CA GLU GB 14 37.02 34.26 77.00
C GLU GB 14 35.86 34.10 76.02
N ALA GB 15 35.98 33.20 75.04
CA ALA GB 15 34.92 32.95 74.07
C ALA GB 15 34.62 34.19 73.24
N ARG GB 16 35.67 34.94 72.90
CA ARG GB 16 35.53 36.18 72.16
C ARG GB 16 36.61 36.24 71.08
N TYR GB 17 36.37 37.07 70.08
CA TYR GB 17 37.28 37.21 68.95
C TYR GB 17 38.55 37.93 69.41
N LEU GB 18 39.62 37.82 68.63
CA LEU GB 18 40.92 38.33 69.05
C LEU GB 18 40.91 39.84 69.15
N SER GB 19 41.67 40.36 70.11
CA SER GB 19 41.77 41.79 70.35
C SER GB 19 42.58 42.46 69.25
N PRO GB 20 42.41 43.78 69.05
CA PRO GB 20 43.25 44.48 68.06
C PRO GB 20 44.73 44.40 68.38
N GLY GB 21 45.09 44.42 69.65
CA GLY GB 21 46.47 44.27 70.06
C GLY GB 21 47.01 42.87 69.85
N GLU GB 22 46.19 41.82 69.98
CA GLU GB 22 46.64 40.49 69.60
C GLU GB 22 46.93 40.43 68.10
N LEU GB 23 46.11 41.10 67.30
CA LEU GB 23 46.40 41.20 65.88
C LEU GB 23 47.69 41.96 65.63
N ASP GB 24 47.95 43.00 66.42
CA ASP GB 24 49.20 43.76 66.28
C ASP GB 24 50.40 42.91 66.68
N ARG GB 25 50.29 42.11 67.75
CA ARG GB 25 51.40 41.26 68.14
C ARG GB 25 51.64 40.19 67.09
N ILE GB 26 50.56 39.71 66.45
CA ILE GB 26 50.71 38.74 65.38
C ILE GB 26 51.42 39.40 64.19
N LYS GB 27 51.09 40.67 63.92
CA LYS GB 27 51.78 41.41 62.87
C LYS GB 27 53.27 41.55 63.16
N SER GB 28 53.61 41.90 64.40
CA SER GB 28 55.01 42.01 64.79
C SER GB 28 55.70 40.66 64.69
N PHE GB 29 55.01 39.59 65.08
CA PHE GB 29 55.59 38.25 65.01
C PHE GB 29 55.85 37.83 63.57
N VAL GB 30 54.90 38.09 62.67
CA VAL GB 30 55.13 37.70 61.27
C VAL GB 30 56.21 38.57 60.66
N ALA GB 31 56.32 39.83 61.11
CA ALA GB 31 57.42 40.68 60.65
C ALA GB 31 58.77 40.13 61.10
N SER GB 32 58.87 39.67 62.34
CA SER GB 32 60.15 39.19 62.84
C SER GB 32 60.35 37.71 62.56
N GLY GB 33 59.38 37.08 61.89
CA GLY GB 33 59.47 35.65 61.62
C GLY GB 33 60.64 35.29 60.72
N GLU GB 34 60.90 36.09 59.70
CA GLU GB 34 62.02 35.81 58.81
C GLU GB 34 63.34 35.92 59.55
N ARG GB 35 63.49 36.95 60.39
CA ARG GB 35 64.69 37.08 61.19
C ARG GB 35 64.85 35.92 62.17
N ARG GB 36 63.75 35.49 62.78
CA ARG GB 36 63.81 34.36 63.70
C ARG GB 36 64.21 33.08 62.98
N LEU GB 37 63.68 32.87 61.77
CA LEU GB 37 64.07 31.71 60.97
C LEU GB 37 65.55 31.76 60.64
N ARG GB 38 66.05 32.94 60.26
CA ARG GB 38 67.48 33.10 59.98
C ARG GB 38 68.33 32.78 61.20
N ILE GB 39 67.94 33.29 62.37
CA ILE GB 39 68.69 33.08 63.60
C ILE GB 39 68.70 31.60 63.95
N ALA GB 40 67.54 30.94 63.88
CA ALA GB 40 67.45 29.53 64.22
C ALA GB 40 68.26 28.67 63.26
N GLN GB 41 68.20 28.98 61.96
CA GLN GB 41 68.99 28.21 61.00
C GLN GB 41 70.48 28.42 61.24
N THR GB 42 70.89 29.65 61.54
CA THR GB 42 72.29 29.93 61.83
C THR GB 42 72.76 29.17 63.07
N LEU GB 43 71.90 29.07 64.08
CA LEU GB 43 72.20 28.17 65.19
C LEU GB 43 72.23 26.72 64.73
N THR GB 44 71.47 26.41 63.68
CA THR GB 44 71.35 25.03 63.22
C THR GB 44 72.64 24.53 62.60
N GLU GB 45 73.28 25.33 61.73
CA GLU GB 45 74.47 24.79 61.05
C GLU GB 45 75.62 24.59 62.03
N ALA GB 46 75.73 25.47 63.03
CA ALA GB 46 76.83 25.44 63.99
C ALA GB 46 76.44 24.73 65.28
N ARG GB 47 75.61 23.69 65.19
CA ARG GB 47 75.15 23.01 66.40
C ARG GB 47 76.28 22.22 67.05
N GLU GB 48 77.16 21.63 66.24
CA GLU GB 48 78.17 20.72 66.80
C GLU GB 48 79.25 21.48 67.56
N ARG GB 49 79.77 22.56 66.97
CA ARG GB 49 80.81 23.34 67.63
C ARG GB 49 80.30 23.97 68.91
N ILE GB 50 79.07 24.48 68.89
CA ILE GB 50 78.47 25.07 70.08
C ILE GB 50 78.32 24.02 71.17
N VAL GB 51 77.88 22.81 70.78
CA VAL GB 51 77.68 21.74 71.75
C VAL GB 51 79.01 21.35 72.40
N LYS GB 52 80.05 21.15 71.57
CA LYS GB 52 81.34 20.74 72.10
C LYS GB 52 81.95 21.83 72.99
N GLN GB 53 81.87 23.08 72.56
CA GLN GB 53 82.44 24.17 73.36
C GLN GB 53 81.68 24.35 74.66
N ALA GB 54 80.36 24.23 74.63
CA ALA GB 54 79.59 24.34 75.87
C ALA GB 54 79.91 23.18 76.81
N GLY GB 55 80.09 21.97 76.25
CA GLY GB 55 80.46 20.84 77.10
C GLY GB 55 81.82 21.04 77.75
N ASP GB 56 82.78 21.53 76.98
CA ASP GB 56 84.11 21.79 77.52
C ASP GB 56 84.05 22.85 78.62
N GLN GB 57 83.31 23.93 78.37
CA GLN GB 57 83.17 24.99 79.37
C GLN GB 57 82.52 24.48 80.64
N LEU GB 58 81.43 23.71 80.50
CA LEU GB 58 80.70 23.18 81.64
C LEU GB 58 81.58 22.24 82.46
N PHE GB 59 82.36 21.41 81.77
CA PHE GB 59 83.32 20.57 82.46
C PHE GB 59 84.38 21.39 83.18
N GLN GB 60 84.74 22.58 82.66
CA GLN GB 60 85.68 23.41 83.40
C GLN GB 60 85.06 24.01 84.66
N ILE GB 61 83.83 24.51 84.59
CA ILE GB 61 83.28 25.09 85.82
C ILE GB 61 82.95 24.00 86.84
N ARG GB 62 82.40 22.87 86.42
CA ARG GB 62 81.92 21.84 87.34
C ARG GB 62 82.60 20.52 87.00
N PRO GB 63 83.85 20.36 87.41
CA PRO GB 63 84.55 19.09 87.17
C PRO GB 63 84.03 17.94 88.01
N ASP GB 64 83.25 18.20 89.06
CA ASP GB 64 82.78 17.14 89.93
C ASP GB 64 81.82 16.20 89.20
N VAL GB 65 81.11 16.70 88.18
CA VAL GB 65 80.20 15.84 87.43
C VAL GB 65 80.96 14.78 86.65
N VAL GB 66 82.21 15.08 86.27
CA VAL GB 66 83.03 14.12 85.54
C VAL GB 66 83.99 13.48 86.53
N SER GB 67 83.66 13.54 87.80
CA SER GB 67 84.42 12.91 88.86
C SER GB 67 83.78 11.56 89.16
N PRO GB 68 84.48 10.69 89.91
CA PRO GB 68 83.95 9.35 90.22
C PRO GB 68 82.59 9.36 90.89
N GLY GB 69 82.33 10.36 91.72
CA GLY GB 69 81.01 10.53 92.30
C GLY GB 69 80.13 11.45 91.50
N GLY GB 70 80.33 11.48 90.18
CA GLY GB 70 79.59 12.35 89.29
C GLY GB 70 78.68 11.57 88.36
N ASN GB 71 77.54 12.17 88.03
CA ASN GB 71 76.58 11.52 87.15
C ASN GB 71 77.15 11.32 85.75
N ALA GB 72 77.90 12.28 85.24
CA ALA GB 72 78.49 12.22 83.91
C ALA GB 72 79.88 11.63 83.92
N TYR GB 73 80.18 10.75 84.87
CA TYR GB 73 81.50 10.14 84.95
C TYR GB 73 81.60 9.02 83.93
N GLY GB 74 82.50 9.17 82.98
CA GLY GB 74 82.71 8.19 81.92
C GLY GB 74 82.39 8.75 80.55
N GLU GB 75 82.90 8.03 79.54
CA GLU GB 75 82.71 8.46 78.16
C GLU GB 75 81.24 8.44 77.76
N LYS GB 76 80.50 7.41 78.16
CA LYS GB 76 79.08 7.33 77.81
C LYS GB 76 78.23 8.28 78.63
N MET GB 77 78.54 8.46 79.92
CA MET GB 77 77.86 9.46 80.73
C MET GB 77 78.12 10.88 80.24
N THR GB 78 79.27 11.12 79.60
CA THR GB 78 79.51 12.42 78.98
C THR GB 78 78.82 12.54 77.63
N ALA GB 79 78.78 11.46 76.85
CA ALA GB 79 78.11 11.48 75.56
C ALA GB 79 76.61 11.70 75.73
N LEU GB 80 76.01 11.10 76.76
CA LEU GB 80 74.60 11.32 77.03
C LEU GB 80 74.35 12.76 77.46
N CYS GB 81 75.27 13.33 78.23
CA CYS GB 81 75.15 14.74 78.60
C CYS GB 81 75.19 15.63 77.38
N LEU GB 82 76.13 15.36 76.46
CA LEU GB 82 76.21 16.14 75.23
C LEU GB 82 74.97 15.95 74.35
N ARG GB 83 74.41 14.75 74.32
CA ARG GB 83 73.19 14.52 73.56
C ARG GB 83 72.01 15.29 74.15
N ASP GB 84 71.92 15.33 75.47
CA ASP GB 84 70.92 16.17 76.12
C ASP GB 84 71.14 17.64 75.77
N LEU GB 85 72.41 18.03 75.70
CA LEU GB 85 72.74 19.41 75.36
C LEU GB 85 72.29 19.74 73.95
N ASP GB 86 72.49 18.81 73.02
CA ASP GB 86 71.99 18.97 71.65
C ASP GB 86 70.48 19.02 71.62
N TYR GB 87 69.81 18.20 72.43
CA TYR GB 87 68.36 18.24 72.56
C TYR GB 87 67.87 19.62 72.96
N TYR GB 88 68.50 20.19 73.99
CA TYR GB 88 68.09 21.51 74.44
C TYR GB 88 68.41 22.60 73.42
N LEU GB 89 69.51 22.45 72.68
CA LEU GB 89 69.80 23.42 71.62
C LEU GB 89 68.75 23.36 70.52
N ARG GB 90 68.33 22.15 70.14
CA ARG GB 90 67.28 22.01 69.13
C ARG GB 90 65.97 22.59 69.65
N LEU GB 91 65.68 22.40 70.94
CA LEU GB 91 64.48 22.99 71.52
C LEU GB 91 64.55 24.52 71.49
N VAL GB 92 65.72 25.07 71.76
CA VAL GB 92 65.88 26.53 71.68
C VAL GB 92 65.68 27.03 70.26
N THR GB 93 66.19 26.29 69.27
CA THR GB 93 65.94 26.66 67.88
C THR GB 93 64.46 26.59 67.54
N TYR GB 94 63.76 25.58 68.05
CA TYR GB 94 62.32 25.47 67.86
C TYR GB 94 61.61 26.68 68.48
N GLY GB 95 62.04 27.09 69.66
CA GLY GB 95 61.44 28.26 70.28
C GLY GB 95 61.69 29.53 69.48
N ILE GB 96 62.89 29.67 68.94
CA ILE GB 96 63.23 30.85 68.16
C ILE GB 96 62.39 30.91 66.89
N VAL GB 97 62.21 29.77 66.22
CA VAL GB 97 61.39 29.78 64.99
C VAL GB 97 59.93 30.02 65.34
N ALA GB 98 59.43 29.38 66.40
CA ALA GB 98 58.02 29.49 66.73
C ALA GB 98 57.68 30.88 67.25
N GLY GB 99 58.66 31.58 67.83
CA GLY GB 99 58.41 32.85 68.46
C GLY GB 99 57.75 32.74 69.82
N ASP GB 100 57.59 31.53 70.34
CA ASP GB 100 56.99 31.29 71.64
C ASP GB 100 57.57 30.00 72.19
N VAL GB 101 57.45 29.81 73.51
CA VAL GB 101 58.02 28.64 74.16
C VAL GB 101 57.26 27.37 73.80
N THR GB 102 55.99 27.53 73.37
CA THR GB 102 54.86 26.59 73.44
C THR GB 102 55.23 25.12 73.25
N PRO GB 103 55.88 24.72 72.16
CA PRO GB 103 56.24 23.29 72.04
C PRO GB 103 57.34 22.87 73.00
N ILE GB 104 58.24 23.80 73.35
CA ILE GB 104 59.38 23.48 74.21
C ILE GB 104 58.89 23.06 75.58
N GLU GB 105 57.77 23.63 76.04
CA GLU GB 105 57.29 23.37 77.39
C GLU GB 105 56.88 21.91 77.56
N GLU GB 106 56.13 21.36 76.60
CA GLU GB 106 55.80 19.95 76.69
C GLU GB 106 56.97 19.07 76.29
N ILE GB 107 57.85 19.55 75.42
CA ILE GB 107 58.97 18.71 74.99
C ILE GB 107 60.00 18.48 76.11
N GLY GB 108 60.41 19.53 76.82
CA GLY GB 108 61.60 19.36 77.64
C GLY GB 108 61.73 20.05 78.98
N ILE GB 109 60.65 20.59 79.55
CA ILE GB 109 60.72 21.26 80.84
C ILE GB 109 59.74 20.67 81.85
N ILE GB 110 58.50 20.41 81.45
CA ILE GB 110 57.54 19.85 82.40
C ILE GB 110 57.92 18.41 82.70
N GLY GB 111 58.20 18.13 83.96
CA GLY GB 111 58.67 16.83 84.37
C GLY GB 111 60.18 16.66 84.34
N VAL GB 112 60.93 17.71 83.96
CA VAL GB 112 62.38 17.59 83.90
C VAL GB 112 62.99 17.57 85.31
N LYS GB 113 62.32 18.17 86.29
CA LYS GB 113 62.77 18.08 87.67
C LYS GB 113 62.71 16.63 88.15
N GLU GB 114 61.59 15.97 87.91
CA GLU GB 114 61.49 14.53 88.19
C GLU GB 114 62.47 13.75 87.33
N MET GB 115 62.73 14.24 86.11
CA MET GB 115 63.68 13.62 85.19
C MET GB 115 65.05 13.48 85.83
N TYR GB 116 65.62 14.61 86.25
CA TYR GB 116 66.97 14.58 86.77
C TYR GB 116 66.99 14.17 88.24
N ASN GB 117 65.83 14.14 88.91
CA ASN GB 117 65.79 13.52 90.22
C ASN GB 117 65.84 12.00 90.12
N SER GB 118 65.11 11.43 89.17
CA SER GB 118 65.19 9.99 88.94
C SER GB 118 66.57 9.58 88.43
N LEU GB 119 67.12 10.36 87.50
CA LEU GB 119 68.44 10.05 86.97
C LEU GB 119 69.56 10.50 87.89
N GLN GB 120 69.25 11.22 88.97
CA GLN GB 120 70.25 11.70 89.92
C GLN GB 120 71.24 12.65 89.26
N THR GB 121 70.78 13.40 88.26
CA THR GB 121 71.66 14.28 87.49
C THR GB 121 71.60 15.70 88.07
N PRO GB 122 72.72 16.44 88.07
CA PRO GB 122 72.69 17.80 88.61
C PRO GB 122 71.98 18.80 87.70
N ILE GB 123 70.77 19.20 88.13
CA ILE GB 123 70.04 20.24 87.41
C ILE GB 123 70.79 21.56 87.37
N PRO GB 124 71.40 22.05 88.46
CA PRO GB 124 72.26 23.24 88.36
C PRO GB 124 73.42 23.07 87.38
N ALA GB 125 74.01 21.88 87.30
CA ALA GB 125 75.02 21.63 86.27
C ALA GB 125 74.46 21.71 84.86
N VAL GB 126 73.25 21.19 84.64
CA VAL GB 126 72.60 21.35 83.34
C VAL GB 126 72.36 22.82 83.04
N ALA GB 127 72.01 23.60 84.08
CA ALA GB 127 71.83 25.04 83.89
C ALA GB 127 73.13 25.72 83.48
N GLU GB 128 74.24 25.34 84.12
CA GLU GB 128 75.55 25.89 83.76
C GLU GB 128 75.90 25.53 82.32
N GLY GB 129 75.60 24.31 81.90
CA GLY GB 129 75.78 23.94 80.51
C GLY GB 129 74.92 24.74 79.57
N VAL GB 130 73.68 25.03 79.97
CA VAL GB 130 72.79 25.87 79.16
C VAL GB 130 73.37 27.27 78.99
N ARG GB 131 73.90 27.83 80.08
CA ARG GB 131 74.57 29.12 80.01
C ARG GB 131 75.79 29.03 79.09
N ALA GB 132 76.44 27.86 79.08
CA ALA GB 132 77.56 27.63 78.16
C ALA GB 132 77.11 27.73 76.70
N MET GB 133 76.00 27.07 76.34
CA MET GB 133 75.51 27.21 74.97
C MET GB 133 75.11 28.64 74.68
N LYS GB 134 74.55 29.32 75.67
CA LYS GB 134 74.12 30.70 75.45
C LYS GB 134 75.30 31.59 75.10
N ASN GB 135 76.41 31.44 75.84
CA ASN GB 135 77.63 32.18 75.51
C ASN GB 135 78.17 31.81 74.14
N VAL GB 136 78.19 30.51 73.83
CA VAL GB 136 78.74 30.06 72.54
C VAL GB 136 77.90 30.59 71.38
N ALA GB 137 76.57 30.53 71.52
CA ALA GB 137 75.68 30.96 70.46
C ALA GB 137 75.71 32.48 70.27
N THR GB 138 75.77 33.23 71.38
CA THR GB 138 75.94 34.67 71.26
C THR GB 138 77.30 35.03 70.68
N SER GB 139 78.28 34.14 70.79
CA SER GB 139 79.56 34.33 70.12
C SER GB 139 79.47 34.20 68.60
N LEU GB 140 78.36 33.67 68.06
CA LEU GB 140 78.23 33.46 66.63
C LEU GB 140 77.07 34.23 66.01
N LEU GB 141 76.53 35.24 66.71
CA LEU GB 141 75.39 36.00 66.21
C LEU GB 141 75.59 37.47 66.49
N SER GB 142 74.89 38.29 65.72
CA SER GB 142 74.86 39.73 65.97
C SER GB 142 74.19 40.03 67.29
N GLY GB 143 74.37 41.24 67.78
CA GLY GB 143 73.92 41.63 69.10
C GLY GB 143 72.43 41.51 69.35
N ASP GB 144 71.61 42.00 68.42
CA ASP GB 144 70.17 41.86 68.56
C ASP GB 144 69.76 40.39 68.48
N ASP GB 145 70.28 39.67 67.49
CA ASP GB 145 69.99 38.24 67.38
C ASP GB 145 70.55 37.46 68.55
N ALA GB 146 71.73 37.85 69.04
CA ALA GB 146 72.30 37.19 70.21
C ALA GB 146 71.42 37.37 71.43
N ALA GB 147 70.90 38.58 71.64
CA ALA GB 147 69.98 38.81 72.75
C ALA GB 147 68.69 38.03 72.55
N GLU GB 148 68.22 37.93 71.30
CA GLU GB 148 67.00 37.19 71.00
C GLU GB 148 67.13 35.72 71.37
N ALA GB 149 68.27 35.11 71.05
CA ALA GB 149 68.51 33.73 71.45
C ALA GB 149 68.76 33.62 72.95
N GLY GB 150 69.42 34.64 73.53
CA GLY GB 150 69.70 34.62 74.95
C GLY GB 150 68.45 34.71 75.79
N PHE GB 151 67.38 35.27 75.24
CA PHE GB 151 66.07 35.20 75.90
C PHE GB 151 65.67 33.76 76.18
N TYR GB 152 65.70 32.90 75.15
CA TYR GB 152 65.32 31.51 75.33
C TYR GB 152 66.31 30.76 76.20
N PHE GB 153 67.61 31.07 76.06
CA PHE GB 153 68.61 30.40 76.88
C PHE GB 153 68.43 30.74 78.36
N ASP GB 154 68.21 32.03 78.67
CA ASP GB 154 67.92 32.42 80.03
C ASP GB 154 66.61 31.83 80.52
N TYR GB 155 65.65 31.61 79.61
CA TYR GB 155 64.44 30.92 80.00
C TYR GB 155 64.73 29.51 80.46
N LEU GB 156 65.57 28.78 79.71
CA LEU GB 156 65.92 27.42 80.13
C LEU GB 156 66.66 27.43 81.46
N VAL GB 157 67.52 28.44 81.65
CA VAL GB 157 68.22 28.60 82.92
C VAL GB 157 67.22 28.84 84.06
N GLY GB 158 66.19 29.63 83.80
CA GLY GB 158 65.20 29.89 84.84
C GLY GB 158 64.19 28.75 84.97
N ALA GB 159 64.16 27.85 83.99
CA ALA GB 159 63.14 26.81 83.98
C ALA GB 159 63.64 25.53 84.60
N MET GB 160 64.95 25.25 84.54
CA MET GB 160 65.49 24.07 85.21
C MET GB 160 65.32 24.27 86.72
N GLN GB 161 65.48 25.54 87.10
CA GLN GB 161 65.20 26.11 88.42
C GLN GB 161 63.98 25.54 89.14
N MET HB 1 45.90 23.21 70.97
CA MET HB 1 45.86 23.07 69.53
C MET HB 1 47.20 23.40 68.88
N GLN HB 2 47.21 23.46 67.56
CA GLN HB 2 48.42 23.79 66.81
C GLN HB 2 48.06 24.54 65.55
N ASP HB 3 48.98 25.41 65.12
CA ASP HB 3 48.92 26.09 63.84
C ASP HB 3 49.83 25.36 62.86
N ALA HB 4 50.05 25.96 61.69
CA ALA HB 4 50.97 25.37 60.72
C ALA HB 4 52.39 25.33 61.29
N ILE HB 5 52.82 26.42 61.93
CA ILE HB 5 54.17 26.50 62.47
C ILE HB 5 54.37 25.46 63.57
N THR HB 6 53.44 25.40 64.53
CA THR HB 6 53.53 24.42 65.59
C THR HB 6 53.40 22.99 65.07
N ALA HB 7 52.59 22.77 64.02
CA ALA HB 7 52.46 21.44 63.44
C ALA HB 7 53.78 20.99 62.84
N VAL HB 8 54.45 21.87 62.09
CA VAL HB 8 55.75 21.52 61.50
C VAL HB 8 56.77 21.31 62.61
N ILE HB 9 56.73 22.13 63.66
CA ILE HB 9 57.69 22.02 64.75
C ILE HB 9 57.53 20.68 65.45
N ASN HB 10 56.29 20.27 65.73
CA ASN HB 10 56.06 18.98 66.35
C ASN HB 10 56.42 17.83 65.42
N ASN HB 11 56.12 17.96 64.12
CA ASN HB 11 56.43 16.90 63.18
C ASN HB 11 57.94 16.72 63.01
N TYR HB 12 58.72 17.76 63.27
CA TYR HB 12 60.17 17.61 63.24
C TYR HB 12 60.73 17.20 64.60
N ASP HB 13 60.08 17.60 65.69
CA ASP HB 13 60.53 17.18 67.01
C ASP HB 13 60.31 15.69 67.24
N VAL HB 14 59.26 15.14 66.63
CA VAL HB 14 59.00 13.71 66.78
C VAL HB 14 60.11 12.88 66.15
N GLN HB 15 60.78 13.41 65.12
CA GLN HB 15 61.97 12.78 64.58
C GLN HB 15 63.26 13.33 65.20
N GLY HB 16 63.16 14.36 66.04
CA GLY HB 16 64.36 14.93 66.63
C GLY HB 16 65.27 15.57 65.62
N LYS HB 17 64.69 16.29 64.66
CA LYS HB 17 65.42 16.84 63.52
C LYS HB 17 65.45 18.35 63.60
N TYR HB 18 66.59 18.94 63.22
CA TYR HB 18 66.64 20.37 63.02
C TYR HB 18 65.91 20.74 61.75
N LEU HB 19 65.44 21.99 61.67
CA LEU HB 19 64.62 22.43 60.55
C LEU HB 19 65.46 22.46 59.27
N ASP HB 20 64.91 21.91 58.20
CA ASP HB 20 65.58 21.80 56.92
C ASP HB 20 64.87 22.66 55.87
N GLY HB 21 65.27 22.49 54.60
CA GLY HB 21 64.72 23.28 53.53
C GLY HB 21 63.22 23.11 53.34
N ALA HB 22 62.72 21.87 53.50
CA ALA HB 22 61.29 21.63 53.34
C ALA HB 22 60.49 22.31 54.44
N ALA HB 23 60.95 22.22 55.68
CA ALA HB 23 60.28 22.89 56.79
C ALA HB 23 60.31 24.40 56.61
N LEU HB 24 61.44 24.93 56.16
CA LEU HB 24 61.53 26.36 55.89
C LEU HB 24 60.61 26.77 54.75
N ASP HB 25 60.46 25.91 53.74
CA ASP HB 25 59.55 26.21 52.64
C ASP HB 25 58.11 26.27 53.14
N LYS HB 26 57.70 25.31 53.97
CA LYS HB 26 56.34 25.34 54.51
C LYS HB 26 56.12 26.57 55.39
N LEU HB 27 57.12 26.93 56.20
CA LEU HB 27 57.01 28.12 57.03
C LEU HB 27 56.90 29.38 56.17
N LYS HB 28 57.68 29.46 55.10
CA LYS HB 28 57.61 30.61 54.20
C LYS HB 28 56.25 30.67 53.51
N ALA HB 29 55.72 29.51 53.12
CA ALA HB 29 54.41 29.46 52.49
C ALA HB 29 53.33 29.97 53.44
N TYR HB 30 53.41 29.61 54.72
CA TYR HB 30 52.46 30.17 55.68
C TYR HB 30 52.69 31.67 55.88
N PHE HB 31 53.96 32.09 55.97
CA PHE HB 31 54.26 33.48 56.27
C PHE HB 31 53.82 34.41 55.16
N THR HB 32 53.86 33.93 53.91
CA THR HB 32 53.50 34.78 52.78
C THR HB 32 52.04 35.17 52.78
N THR HB 33 51.18 34.42 53.46
CA THR HB 33 49.75 34.69 53.50
C THR HB 33 49.27 35.17 54.87
N GLY HB 34 50.16 35.69 55.71
CA GLY HB 34 49.74 36.10 57.05
C GLY HB 34 48.82 37.30 57.04
N ALA HB 35 49.10 38.28 56.18
CA ALA HB 35 48.35 39.53 56.20
C ALA HB 35 46.90 39.34 55.79
N VAL HB 36 46.66 38.52 54.76
CA VAL HB 36 45.31 38.31 54.28
C VAL HB 36 44.46 37.62 55.34
N ARG HB 37 45.07 36.71 56.11
CA ARG HB 37 44.35 36.07 57.21
C ARG HB 37 43.93 37.07 58.26
N VAL HB 38 44.83 37.99 58.62
CA VAL HB 38 44.51 38.99 59.64
C VAL HB 38 43.42 39.93 59.15
N ARG HB 39 43.50 40.34 57.88
CA ARG HB 39 42.47 41.21 57.33
C ARG HB 39 41.11 40.53 57.30
N ALA HB 40 41.07 39.27 56.87
CA ALA HB 40 39.80 38.54 56.83
C ALA HB 40 39.24 38.34 58.24
N ALA HB 41 40.11 38.03 59.20
CA ALA HB 41 39.67 37.86 60.58
C ALA HB 41 39.10 39.16 61.15
N ALA HB 42 39.76 40.29 60.89
CA ALA HB 42 39.24 41.58 61.37
C ALA HB 42 37.89 41.91 60.72
N VAL HB 43 37.76 41.66 59.41
CA VAL HB 43 36.50 41.92 58.73
C VAL HB 43 35.38 41.05 59.31
N ILE HB 44 35.68 39.78 59.54
CA ILE HB 44 34.67 38.86 60.09
C ILE HB 44 34.28 39.28 61.50
N SER HB 45 35.26 39.68 62.30
CA SER HB 45 34.98 40.14 63.66
C SER HB 45 34.10 41.38 63.65
N SER HB 46 34.36 42.30 62.72
CA SER HB 46 33.53 43.49 62.60
C SER HB 46 32.12 43.18 62.11
N ASN HB 47 31.97 42.22 61.21
CA ASN HB 47 30.66 41.92 60.61
C ASN HB 47 30.00 40.68 61.20
N ALA HB 48 30.42 40.24 62.40
CA ALA HB 48 29.97 38.97 62.97
C ALA HB 48 28.46 38.82 63.10
N THR HB 49 27.79 39.78 63.73
CA THR HB 49 26.35 39.65 63.92
C THR HB 49 25.59 39.81 62.62
N THR HB 50 26.08 40.67 61.73
CA THR HB 50 25.46 40.85 60.42
C THR HB 50 25.52 39.58 59.58
N ILE HB 51 26.68 38.91 59.60
CA ILE HB 51 26.82 37.66 58.86
C ILE HB 51 25.88 36.61 59.38
N ILE HB 52 25.74 36.51 60.71
CA ILE HB 52 24.82 35.55 61.32
C ILE HB 52 23.40 35.86 60.92
N LYS HB 53 23.04 37.15 60.89
CA LYS HB 53 21.67 37.53 60.57
C LYS HB 53 21.31 37.18 59.13
N GLU HB 54 22.19 37.52 58.18
CA GLU HB 54 21.93 37.13 56.79
C GLU HB 54 21.97 35.63 56.59
N ALA HB 55 22.85 34.90 57.30
CA ALA HB 55 22.86 33.45 57.18
C ALA HB 55 21.54 32.86 57.67
N ALA HB 56 21.02 33.36 58.79
CA ALA HB 56 19.73 32.91 59.29
C ALA HB 56 18.62 33.24 58.31
N ALA HB 57 18.64 34.46 57.74
CA ALA HB 57 17.61 34.85 56.79
C ALA HB 57 17.61 33.98 55.55
N LYS HB 58 18.79 33.63 55.03
CA LYS HB 58 18.87 32.82 53.83
C LYS HB 58 18.58 31.34 54.08
N ALA HB 59 18.94 30.80 55.25
CA ALA HB 59 18.91 29.36 55.41
C ALA HB 59 17.87 28.84 56.39
N LEU HB 60 17.51 29.57 57.43
CA LEU HB 60 16.76 28.94 58.52
C LEU HB 60 15.32 29.46 58.64
N ILE HB 61 15.15 30.76 58.80
CA ILE HB 61 13.85 31.33 59.14
C ILE HB 61 12.92 31.28 57.94
N TYR HB 62 11.63 31.56 58.18
CA TYR HB 62 10.59 31.48 57.15
C TYR HB 62 10.43 30.06 56.63
N SER HB 63 10.61 29.07 57.50
CA SER HB 63 10.49 27.68 57.11
C SER HB 63 9.82 26.92 58.25
N ASP HB 64 9.75 25.60 58.09
CA ASP HB 64 9.18 24.76 59.14
C ASP HB 64 10.04 24.77 60.39
N LEU HB 65 11.32 25.12 60.27
CA LEU HB 65 12.18 25.22 61.46
C LEU HB 65 11.68 26.31 62.40
N THR HB 66 11.10 27.37 61.84
CA THR HB 66 10.63 28.50 62.63
C THR HB 66 9.14 28.46 62.92
N ARG HB 67 8.43 27.44 62.47
CA ARG HB 67 7.02 27.31 62.80
C ARG HB 67 6.84 26.31 63.93
N PRO HB 68 5.61 26.18 64.44
CA PRO HB 68 5.34 25.16 65.46
C PRO HB 68 5.67 23.76 64.96
N GLY HB 69 6.65 23.13 65.61
CA GLY HB 69 7.20 21.87 65.16
C GLY HB 69 8.62 21.95 64.64
N GLY HB 70 9.17 23.16 64.52
CA GLY HB 70 10.54 23.32 64.08
C GLY HB 70 11.51 23.34 65.25
N MEN HB 71 12.75 22.93 64.98
CA MEN HB 71 13.76 22.88 66.01
C MEN HB 71 14.20 24.29 66.38
O MEN HB 71 14.73 24.59 67.46
CB MEN HB 71 15.02 22.09 65.64
CG MEN HB 71 15.67 21.57 66.91
OD1 MEN HB 71 16.56 22.24 67.50
ND2 MEN HB 71 15.26 20.36 67.39
CE2 MEN HB 71 15.80 19.75 68.57
N MET HB 72 13.99 25.20 65.44
CA MET HB 72 14.30 26.61 65.64
C MET HB 72 13.18 27.31 66.39
N TYR HB 73 12.01 26.67 66.41
CA TYR HB 73 10.81 27.27 67.00
C TYR HB 73 11.00 27.47 68.50
N THR HB 74 10.30 28.46 69.04
CA THR HB 74 10.35 28.90 70.44
C THR HB 74 11.61 29.73 70.69
N THR HB 75 11.50 30.70 71.60
CA THR HB 75 12.57 31.67 71.81
C THR HB 75 13.85 31.00 72.31
N ARG HB 76 13.73 30.01 73.18
CA ARG HB 76 14.91 29.34 73.72
C ARG HB 76 15.68 28.64 72.61
N ARG HB 77 14.98 27.92 71.74
CA ARG HB 77 15.65 27.24 70.63
C ARG HB 77 16.21 28.23 69.61
N TYR HB 78 15.51 29.34 69.40
CA TYR HB 78 16.04 30.39 68.51
C TYR HB 78 17.35 30.93 69.04
N ALA HB 79 17.39 31.27 70.33
CA ALA HB 79 18.61 31.78 70.93
C ALA HB 79 19.73 30.75 70.89
N ALA HB 80 19.39 29.48 71.16
CA ALA HB 80 20.39 28.42 71.11
C ALA HB 80 20.97 28.27 69.70
N CYS HB 81 20.13 28.31 68.68
CA CYS HB 81 20.64 28.14 67.32
C CYS HB 81 21.52 29.33 66.90
N ILE HB 82 21.11 30.55 67.24
CA ILE HB 82 21.96 31.69 66.91
C ILE HB 82 23.27 31.66 67.70
N ARG HB 83 23.25 31.18 68.95
CA ARG HB 83 24.49 31.05 69.70
C ARG HB 83 25.40 30.00 69.06
N ASP HB 84 24.81 28.92 68.55
CA ASP HB 84 25.58 27.92 67.83
C ASP HB 84 26.23 28.52 66.58
N MET HB 85 25.47 29.34 65.85
CA MET HB 85 26.02 29.99 64.66
C MET HB 85 27.18 30.92 65.03
N ASP HB 86 27.03 31.65 66.13
CA ASP HB 86 28.12 32.51 66.60
C ASP HB 86 29.35 31.70 66.96
N TYR HB 87 29.15 30.55 67.61
CA TYR HB 87 30.27 29.66 67.93
C TYR HB 87 30.98 29.18 66.67
N PHE HB 88 30.19 28.80 65.65
CA PHE HB 88 30.77 28.36 64.39
C PHE HB 88 31.60 29.45 63.75
N LEU HB 89 31.07 30.69 63.75
CA LEU HB 89 31.80 31.80 63.15
C LEU HB 89 33.10 32.07 63.89
N ARG HB 90 33.06 32.07 65.22
CA ARG HB 90 34.26 32.34 66.01
C ARG HB 90 35.32 31.27 65.80
N TYR HB 91 34.91 30.01 65.78
CA TYR HB 91 35.92 28.95 65.63
C TYR HB 91 36.42 28.87 64.19
N ALA HB 92 35.59 29.24 63.20
CA ALA HB 92 36.08 29.36 61.84
C ALA HB 92 37.11 30.47 61.73
N THR HB 93 36.89 31.58 62.43
CA THR HB 93 37.90 32.64 62.45
C THR HB 93 39.18 32.16 63.10
N TYR HB 94 39.08 31.39 64.19
CA TYR HB 94 40.27 30.81 64.81
C TYR HB 94 41.02 29.89 63.85
N ALA HB 95 40.27 29.05 63.13
CA ALA HB 95 40.89 28.13 62.18
C ALA HB 95 41.59 28.87 61.05
N MET HB 96 40.96 29.94 60.55
CA MET HB 96 41.59 30.73 59.49
C MET HB 96 42.85 31.41 59.98
N LEU HB 97 42.82 31.97 61.20
CA LEU HB 97 44.01 32.63 61.73
C LEU HB 97 45.14 31.63 61.97
N ALA HB 98 44.81 30.45 62.51
CA ALA HB 98 45.84 29.49 62.84
C ALA HB 98 46.33 28.71 61.63
N GLY HB 99 45.59 28.74 60.52
CA GLY HB 99 45.97 27.95 59.36
C GLY HB 99 45.94 26.45 59.61
N ASP HB 100 45.01 25.97 60.43
CA ASP HB 100 44.97 24.57 60.81
C ASP HB 100 43.59 24.22 61.37
N PRO HB 101 42.98 23.14 60.90
CA PRO HB 101 41.68 22.71 61.43
C PRO HB 101 41.79 21.89 62.72
N SER HB 102 42.97 21.84 63.33
CA SER HB 102 43.14 21.09 64.58
C SER HB 102 42.28 21.68 65.69
N ILE HB 103 42.19 23.01 65.75
CA ILE HB 103 41.33 23.65 66.74
C ILE HB 103 39.88 23.32 66.48
N LEU HB 104 39.48 23.25 65.20
CA LEU HB 104 38.11 22.87 64.86
C LEU HB 104 37.80 21.45 65.30
N ASP HB 105 38.75 20.53 65.12
CA ASP HB 105 38.54 19.16 65.56
C ASP HB 105 38.48 19.06 67.08
N GLU HB 106 39.41 19.73 67.77
CA GLU HB 106 39.50 19.57 69.22
C GLU HB 106 38.33 20.25 69.93
N ARG HB 107 38.03 21.49 69.59
CA ARG HB 107 37.10 22.28 70.36
C ARG HB 107 35.73 22.45 69.72
N VAL HB 108 35.49 21.87 68.55
CA VAL HB 108 34.21 22.04 67.88
C VAL HB 108 33.59 20.70 67.51
N LEU HB 109 34.33 19.89 66.75
CA LEU HB 109 33.73 18.74 66.09
C LEU HB 109 33.45 17.58 67.03
N ASN HB 110 34.33 17.33 68.01
CA ASN HB 110 34.12 16.17 68.88
C ASN HB 110 32.88 16.32 69.74
N GLY HB 111 32.08 15.25 69.82
CA GLY HB 111 30.84 15.26 70.55
C GLY HB 111 29.68 15.97 69.87
N LEU HB 112 29.94 16.84 68.89
CA LEU HB 112 28.88 17.67 68.32
C LEU HB 112 27.89 16.84 67.52
N LYS HB 113 28.37 15.85 66.77
CA LYS HB 113 27.49 15.06 65.90
C LYS HB 113 26.45 14.29 66.71
N GLU HB 114 26.90 13.38 67.58
CA GLU HB 114 25.96 12.61 68.37
C GLU HB 114 25.25 13.49 69.40
N THR HB 115 25.83 14.64 69.76
CA THR HB 115 25.10 15.60 70.58
C THR HB 115 23.86 16.11 69.84
N TYR HB 116 24.02 16.46 68.57
CA TYR HB 116 22.87 16.88 67.77
C TYR HB 116 21.90 15.72 67.55
N ASN HB 117 22.41 14.51 67.39
CA ASN HB 117 21.52 13.37 67.25
C ASN HB 117 20.67 13.16 68.50
N SER HB 118 21.28 13.28 69.68
CA SER HB 118 20.52 13.15 70.92
C SER HB 118 19.54 14.30 71.10
N LEU HB 119 19.95 15.52 70.76
CA LEU HB 119 19.09 16.68 70.95
C LEU HB 119 17.97 16.79 69.94
N GLY HB 120 18.09 16.12 68.79
CA GLY HB 120 17.12 16.26 67.73
C GLY HB 120 17.37 17.42 66.78
N VAL HB 121 18.52 18.07 66.87
CA VAL HB 121 18.87 19.20 66.00
C VAL HB 121 19.03 18.70 64.57
N PRO HB 122 18.49 19.43 63.58
CA PRO HB 122 18.66 19.01 62.18
C PRO HB 122 20.06 19.31 61.65
N ILE HB 123 20.85 18.25 61.47
CA ILE HB 123 22.24 18.40 61.04
C ILE HB 123 22.29 18.96 59.62
N ALA HB 124 21.35 18.56 58.77
CA ALA HB 124 21.32 19.07 57.40
C ALA HB 124 21.06 20.57 57.38
N ALA HB 125 20.10 21.03 58.18
CA ALA HB 125 19.83 22.46 58.26
C ALA HB 125 21.01 23.23 58.83
N THR HB 126 21.69 22.67 59.84
CA THR HB 126 22.86 23.33 60.39
C THR HB 126 23.97 23.44 59.35
N VAL HB 127 24.17 22.37 58.56
CA VAL HB 127 25.20 22.40 57.52
C VAL HB 127 24.85 23.44 56.46
N GLY HB 128 23.57 23.51 56.08
CA GLY HB 128 23.15 24.53 55.12
C GLY HB 128 23.36 25.94 55.62
N GLY HB 129 23.02 26.19 56.90
CA GLY HB 129 23.28 27.49 57.49
C GLY HB 129 24.77 27.82 57.53
N ILE HB 130 25.60 26.85 57.86
CA ILE HB 130 27.05 27.07 57.88
C ILE HB 130 27.56 27.42 56.48
N GLN HB 131 27.06 26.71 55.47
CA GLN HB 131 27.45 27.02 54.09
C GLN HB 131 26.99 28.40 53.64
N ALA HB 132 25.77 28.81 53.98
CA ALA HB 132 25.31 30.15 53.63
C ALA HB 132 26.15 31.22 54.33
N MET HB 133 26.50 30.97 55.60
CA MET HB 133 27.38 31.89 56.31
C MET HB 133 28.76 31.93 55.68
N LYS HB 134 29.23 30.80 55.17
CA LYS HB 134 30.48 30.76 54.40
C LYS HB 134 30.38 31.63 53.17
N GLU HB 135 29.25 31.56 52.47
CA GLU HB 135 29.06 32.36 51.27
C GLU HB 135 29.10 33.85 51.61
N VAL HB 136 28.43 34.23 52.71
CA VAL HB 136 28.43 35.63 53.14
C VAL HB 136 29.83 36.09 53.52
N VAL HB 137 30.57 35.25 54.24
CA VAL HB 137 31.92 35.62 54.67
C VAL HB 137 32.84 35.76 53.47
N GLY HB 138 32.72 34.85 52.50
CA GLY HB 138 33.50 34.96 51.29
C GLY HB 138 33.16 36.20 50.48
N GLY HB 139 31.89 36.57 50.43
CA GLY HB 139 31.50 37.80 49.77
C GLY HB 139 32.08 39.02 50.44
N LEU HB 140 32.12 39.02 51.78
CA LEU HB 140 32.63 40.18 52.50
C LEU HB 140 34.15 40.28 52.39
N VAL HB 141 34.86 39.16 52.52
CA VAL HB 141 36.31 39.21 52.62
C VAL HB 141 36.99 39.59 51.31
N GLY HB 142 36.48 39.11 50.17
CA GLY HB 142 37.12 39.36 48.89
C GLY HB 142 37.88 38.15 48.37
N PRO HB 143 38.32 38.23 47.12
CA PRO HB 143 39.04 37.10 46.50
C PRO HB 143 40.31 36.70 47.23
N ASP HB 144 40.95 37.65 47.92
CA ASP HB 144 42.23 37.38 48.58
C ASP HB 144 42.12 36.32 49.66
N ALA HB 145 41.06 36.40 50.47
CA ALA HB 145 40.86 35.45 51.56
C ALA HB 145 39.63 34.57 51.39
N ALA HB 146 38.98 34.59 50.22
CA ALA HB 146 37.73 33.88 50.04
C ALA HB 146 37.91 32.37 50.18
N LYS HB 147 38.85 31.79 49.43
CA LYS HB 147 39.02 30.35 49.47
C LYS HB 147 39.60 29.90 50.81
N GLU HB 148 40.54 30.68 51.37
CA GLU HB 148 41.15 30.29 52.63
C GLU HB 148 40.16 30.38 53.79
N ALA HB 149 39.19 31.28 53.70
CA ALA HB 149 38.11 31.30 54.68
C ALA HB 149 37.14 30.17 54.42
N SER HB 150 36.88 29.87 53.15
CA SER HB 150 35.87 28.88 52.79
C SER HB 150 36.28 27.47 53.21
N ILE HB 151 37.57 27.18 53.15
CA ILE HB 151 38.06 25.82 53.39
C ILE HB 151 37.73 25.35 54.80
N TYR HB 152 37.85 26.23 55.79
CA TYR HB 152 37.51 25.83 57.16
C TYR HB 152 36.02 25.66 57.35
N PHE HB 153 35.19 26.43 56.66
CA PHE HB 153 33.75 26.19 56.71
C PHE HB 153 33.40 24.85 56.08
N ASP HB 154 34.05 24.49 54.97
CA ASP HB 154 33.81 23.16 54.41
C ASP HB 154 34.32 22.08 55.35
N TYR HB 155 35.42 22.35 56.08
CA TYR HB 155 35.89 21.41 57.09
C TYR HB 155 34.83 21.19 58.17
N LEU HB 156 34.20 22.29 58.63
CA LEU HB 156 33.14 22.18 59.63
C LEU HB 156 31.95 21.40 59.08
N SER HB 157 31.54 21.71 57.85
CA SER HB 157 30.40 21.01 57.24
C SER HB 157 30.67 19.53 57.05
N SER HB 158 31.87 19.18 56.58
CA SER HB 158 32.25 17.78 56.43
C SER HB 158 32.35 17.06 57.77
N GLY HB 159 32.87 17.71 58.81
CA GLY HB 159 32.89 17.10 60.12
C GLY HB 159 31.50 16.86 60.68
N LEU HB 160 30.58 17.80 60.45
CA LEU HB 160 29.20 17.59 60.87
C LEU HB 160 28.54 16.46 60.09
N SER HB 161 28.72 16.44 58.77
CA SER HB 161 28.09 15.43 57.94
C SER HB 161 28.85 14.11 57.97
N SER IB 2 1.90 24.92 84.91
CA SER IB 2 0.64 25.07 85.63
C SER IB 2 0.89 25.09 87.13
N VAL IB 3 -0.19 25.18 87.91
CA VAL IB 3 -0.06 25.19 89.35
C VAL IB 3 0.47 23.86 89.85
N LEU IB 4 0.08 22.76 89.20
CA LEU IB 4 0.54 21.44 89.62
C LEU IB 4 2.05 21.31 89.47
N THR IB 5 2.60 21.79 88.36
CA THR IB 5 4.04 21.72 88.15
C THR IB 5 4.83 22.51 89.19
N LYS IB 6 4.39 23.73 89.48
CA LYS IB 6 5.07 24.53 90.49
C LYS IB 6 4.90 23.98 91.90
N ALA IB 7 3.76 23.36 92.20
CA ALA IB 7 3.52 22.77 93.52
C ALA IB 7 4.23 21.43 93.68
N ILE IB 8 4.58 20.77 92.59
CA ILE IB 8 5.25 19.48 92.64
C ILE IB 8 6.76 19.63 92.56
N VAL IB 9 7.25 20.65 91.86
CA VAL IB 9 8.70 20.84 91.76
C VAL IB 9 9.29 21.19 93.11
N ASN IB 10 8.58 22.01 93.90
CA ASN IB 10 9.04 22.31 95.24
C ASN IB 10 9.09 21.06 96.12
N ALA IB 11 8.06 20.22 96.04
CA ALA IB 11 8.04 19.00 96.82
C ALA IB 11 9.18 18.06 96.40
N ASP IB 12 9.46 17.98 95.11
CA ASP IB 12 10.55 17.13 94.63
C ASP IB 12 11.87 17.71 95.10
N ALA IB 13 12.00 19.03 95.11
CA ALA IB 13 13.26 19.64 95.53
C ALA IB 13 13.52 19.43 97.01
N GLU IB 14 12.47 19.49 97.84
CA GLU IB 14 12.62 19.30 99.27
C GLU IB 14 12.51 17.83 99.68
N ALA IB 15 12.20 16.93 98.73
CA ALA IB 15 12.14 15.50 98.99
C ALA IB 15 11.09 15.16 100.05
N ARG IB 16 9.90 15.74 99.91
CA ARG IB 16 8.84 15.54 100.88
C ARG IB 16 7.50 15.49 100.16
N TYR IB 17 6.52 14.92 100.83
CA TYR IB 17 5.16 14.94 100.31
C TYR IB 17 4.58 16.34 100.40
N LEU IB 18 3.48 16.55 99.68
CA LEU IB 18 2.94 17.90 99.51
C LEU IB 18 2.38 18.44 100.81
N SER IB 19 2.67 19.72 101.06
CA SER IB 19 2.20 20.41 102.26
C SER IB 19 0.77 20.89 102.10
N PRO IB 20 0.04 21.03 103.21
CA PRO IB 20 -1.38 21.40 103.14
C PRO IB 20 -1.66 22.72 102.44
N GLY IB 21 -0.74 23.68 102.53
CA GLY IB 21 -0.87 24.89 101.73
C GLY IB 21 -0.86 24.57 100.24
N GLU IB 22 -0.02 23.63 99.84
CA GLU IB 22 -0.04 23.19 98.45
C GLU IB 22 -1.37 22.52 98.10
N LEU IB 23 -1.91 21.70 99.02
CA LEU IB 23 -3.17 21.04 98.72
C LEU IB 23 -4.32 22.04 98.55
N ASP IB 24 -4.46 23.00 99.46
CA ASP IB 24 -5.63 23.86 99.36
C ASP IB 24 -5.42 24.95 98.30
N ARG IB 25 -4.16 25.26 97.95
CA ARG IB 25 -3.97 26.08 96.75
C ARG IB 25 -4.38 25.32 95.49
N ILE IB 26 -4.11 24.01 95.45
CA ILE IB 26 -4.63 23.20 94.36
C ILE IB 26 -6.16 23.19 94.37
N LYS IB 27 -6.77 23.35 95.55
CA LYS IB 27 -8.24 23.36 95.61
C LYS IB 27 -8.83 24.67 95.12
N SER IB 28 -8.17 25.79 95.40
CA SER IB 28 -8.57 27.03 94.75
C SER IB 28 -8.45 26.91 93.23
N PHE IB 29 -7.33 26.34 92.76
CA PHE IB 29 -7.10 26.18 91.32
C PHE IB 29 -8.14 25.28 90.67
N VAL IB 30 -8.37 24.10 91.24
CA VAL IB 30 -9.30 23.15 90.63
C VAL IB 30 -10.74 23.62 90.76
N ALA IB 31 -11.07 24.34 91.84
CA ALA IB 31 -12.42 24.87 91.96
C ALA IB 31 -12.68 25.97 90.95
N SER IB 32 -11.65 26.76 90.60
CA SER IB 32 -11.81 27.80 89.61
C SER IB 32 -11.66 27.30 88.17
N GLY IB 33 -11.68 25.99 87.96
CA GLY IB 33 -11.39 25.42 86.66
C GLY IB 33 -12.37 25.74 85.54
N GLU IB 34 -13.67 25.52 85.78
CA GLU IB 34 -14.64 25.79 84.73
C GLU IB 34 -14.76 27.29 84.46
N ARG IB 35 -14.59 28.10 85.51
CA ARG IB 35 -14.57 29.55 85.33
C ARG IB 35 -13.37 29.97 84.49
N ARG IB 36 -12.22 29.35 84.72
CA ARG IB 36 -11.05 29.63 83.90
C ARG IB 36 -11.28 29.24 82.45
N LEU IB 37 -11.94 28.10 82.23
CA LEU IB 37 -12.28 27.68 80.87
C LEU IB 37 -13.20 28.68 80.18
N ARG IB 38 -14.22 29.15 80.90
CA ARG IB 38 -15.14 30.12 80.31
C ARG IB 38 -14.46 31.44 80.04
N ILE IB 39 -13.49 31.82 80.90
CA ILE IB 39 -12.74 33.04 80.66
C ILE IB 39 -11.91 32.92 79.38
N ALA IB 40 -11.24 31.80 79.19
CA ALA IB 40 -10.37 31.60 78.03
C ALA IB 40 -11.15 31.39 76.74
N GLN IB 41 -12.38 30.87 76.82
CA GLN IB 41 -13.17 30.68 75.62
C GLN IB 41 -13.55 31.99 74.94
N THR IB 42 -13.85 33.03 75.71
CA THR IB 42 -14.21 34.32 75.11
C THR IB 42 -13.03 34.91 74.34
N LEU IB 43 -11.82 34.82 74.90
CA LEU IB 43 -10.65 35.34 74.21
C LEU IB 43 -10.35 34.58 72.93
N THR IB 44 -10.62 33.28 72.89
CA THR IB 44 -10.51 32.52 71.66
C THR IB 44 -11.59 32.88 70.65
N GLU IB 45 -12.80 33.20 71.14
CA GLU IB 45 -13.85 33.70 70.25
C GLU IB 45 -13.42 35.01 69.60
N ALA IB 46 -12.80 35.89 70.38
CA ALA IB 46 -12.37 37.20 69.90
C ALA IB 46 -10.89 37.22 69.53
N ARG IB 47 -10.38 36.13 68.96
CA ARG IB 47 -8.96 36.02 68.67
C ARG IB 47 -8.51 37.05 67.64
N GLU IB 48 -9.03 36.97 66.42
CA GLU IB 48 -8.63 37.86 65.34
C GLU IB 48 -9.29 39.23 65.43
N ARG IB 49 -10.17 39.43 66.41
CA ARG IB 49 -10.80 40.72 66.61
C ARG IB 49 -10.10 41.58 67.65
N ILE IB 50 -9.44 40.97 68.64
CA ILE IB 50 -8.67 41.73 69.61
C ILE IB 50 -7.35 42.21 69.00
N VAL IB 51 -6.73 41.37 68.16
CA VAL IB 51 -5.41 41.67 67.63
C VAL IB 51 -5.46 42.90 66.72
N LYS IB 52 -6.52 43.02 65.92
CA LYS IB 52 -6.65 44.16 65.02
C LYS IB 52 -6.74 45.47 65.80
N GLN IB 53 -7.56 45.50 66.85
CA GLN IB 53 -7.65 46.72 67.66
C GLN IB 53 -6.36 46.98 68.42
N ALA IB 54 -5.66 45.93 68.84
CA ALA IB 54 -4.40 46.12 69.54
C ALA IB 54 -3.36 46.75 68.61
N GLY IB 55 -3.31 46.31 67.35
CA GLY IB 55 -2.35 46.86 66.42
C GLY IB 55 -2.56 48.35 66.16
N ASP IB 56 -3.83 48.77 66.04
CA ASP IB 56 -4.11 50.18 65.82
C ASP IB 56 -3.66 51.03 67.00
N GLN IB 57 -3.92 50.58 68.23
CA GLN IB 57 -3.49 51.34 69.39
C GLN IB 57 -1.96 51.38 69.49
N LEU IB 58 -1.30 50.26 69.17
CA LEU IB 58 0.17 50.24 69.21
C LEU IB 58 0.75 51.21 68.19
N PHE IB 59 0.22 51.22 66.97
CA PHE IB 59 0.74 52.09 65.94
C PHE IB 59 0.37 53.54 66.18
N GLN IB 60 -0.76 53.81 66.84
CA GLN IB 60 -1.08 55.18 67.21
C GLN IB 60 -0.13 55.68 68.28
N ILE IB 61 0.16 54.83 69.28
CA ILE IB 61 1.10 55.21 70.32
C ILE IB 61 2.49 55.43 69.79
N ARG IB 62 2.99 54.55 68.91
CA ARG IB 62 4.28 54.80 68.30
C ARG IB 62 4.26 54.37 66.83
N PRO IB 63 4.14 55.32 65.91
CA PRO IB 63 4.01 54.98 64.49
C PRO IB 63 5.34 54.76 63.80
N ASP IB 64 6.44 55.04 64.50
CA ASP IB 64 7.76 55.00 63.89
C ASP IB 64 8.17 53.58 63.48
N VAL IB 65 7.55 52.57 64.08
CA VAL IB 65 7.85 51.20 63.68
C VAL IB 65 7.24 50.88 62.32
N VAL IB 66 6.25 51.65 61.88
CA VAL IB 66 5.64 51.44 60.58
C VAL IB 66 6.16 52.51 59.63
N SER IB 67 7.23 53.17 60.02
CA SER IB 67 7.89 54.19 59.22
C SER IB 67 8.95 53.50 58.37
N PRO IB 68 9.49 54.19 57.36
CA PRO IB 68 10.48 53.55 56.48
C PRO IB 68 11.74 53.08 57.20
N GLY IB 69 12.09 53.73 58.30
CA GLY IB 69 13.22 53.28 59.08
C GLY IB 69 12.80 52.33 60.19
N GLY IB 70 11.53 51.95 60.22
CA GLY IB 70 10.97 51.13 61.27
C GLY IB 70 11.16 49.65 60.96
N ASN IB 71 11.06 48.83 62.01
CA ASN IB 71 11.24 47.39 61.83
C ASN IB 71 10.05 46.75 61.16
N ALA IB 72 8.86 47.35 61.29
CA ALA IB 72 7.63 46.77 60.78
C ALA IB 72 7.17 47.43 59.48
N TYR IB 73 8.08 48.09 58.76
CA TYR IB 73 7.70 48.77 57.54
C TYR IB 73 7.44 47.74 56.45
N GLY IB 74 6.32 47.88 55.75
CA GLY IB 74 5.89 46.94 54.75
C GLY IB 74 4.72 46.10 55.24
N GLU IB 75 3.91 45.68 54.26
CA GLU IB 75 2.69 44.94 54.59
C GLU IB 75 3.02 43.59 55.23
N LYS IB 76 4.03 42.89 54.72
CA LYS IB 76 4.38 41.60 55.30
C LYS IB 76 5.10 41.73 56.62
N MET IB 77 5.90 42.79 56.81
CA MET IB 77 6.47 43.06 58.12
C MET IB 77 5.40 43.38 59.15
N THR IB 78 4.38 44.16 58.79
CA THR IB 78 3.28 44.41 59.70
C THR IB 78 2.50 43.13 60.00
N ALA IB 79 2.31 42.28 58.98
CA ALA IB 79 1.63 41.01 59.19
C ALA IB 79 2.40 40.12 60.16
N LEU IB 80 3.73 40.12 60.08
CA LEU IB 80 4.53 39.35 61.02
C LEU IB 80 4.35 39.85 62.45
N CYS IB 81 4.32 41.18 62.63
CA CYS IB 81 4.11 41.73 63.97
C CYS IB 81 2.74 41.37 64.51
N LEU IB 82 1.71 41.46 63.67
CA LEU IB 82 0.38 41.04 64.08
C LEU IB 82 0.34 39.55 64.42
N ARG IB 83 1.07 38.73 63.69
CA ARG IB 83 1.14 37.31 64.02
C ARG IB 83 1.83 37.08 65.36
N ASP IB 84 2.87 37.86 65.66
CA ASP IB 84 3.51 37.75 66.97
C ASP IB 84 2.54 38.14 68.09
N LEU IB 85 1.76 39.19 67.87
CA LEU IB 85 0.75 39.56 68.86
C LEU IB 85 -0.29 38.46 69.04
N ASP IB 86 -0.69 37.81 67.95
CA ASP IB 86 -1.59 36.67 68.05
C ASP IB 86 -0.95 35.52 68.81
N TYR IB 87 0.34 35.29 68.60
CA TYR IB 87 1.08 34.29 69.36
C TYR IB 87 1.02 34.57 70.85
N TYR IB 88 1.24 35.83 71.23
CA TYR IB 88 1.23 36.15 72.65
C TYR IB 88 -0.17 36.09 73.24
N LEU IB 89 -1.20 36.40 72.44
CA LEU IB 89 -2.57 36.21 72.92
C LEU IB 89 -2.86 34.74 73.17
N ARG IB 90 -2.39 33.87 72.26
CA ARG IB 90 -2.55 32.42 72.45
C ARG IB 90 -1.84 31.96 73.72
N LEU IB 91 -0.62 32.48 73.95
CA LEU IB 91 0.11 32.12 75.16
C LEU IB 91 -0.60 32.63 76.40
N VAL IB 92 -1.23 33.80 76.32
CA VAL IB 92 -2.01 34.31 77.45
C VAL IB 92 -3.17 33.40 77.76
N THR IB 93 -3.88 32.92 76.73
CA THR IB 93 -4.97 31.97 76.97
C THR IB 93 -4.45 30.67 77.59
N TYR IB 94 -3.30 30.19 77.11
CA TYR IB 94 -2.68 29.00 77.68
C TYR IB 94 -2.38 29.20 79.16
N GLY IB 95 -1.80 30.35 79.51
CA GLY IB 95 -1.49 30.63 80.90
C GLY IB 95 -2.73 30.75 81.77
N ILE IB 96 -3.78 31.36 81.23
CA ILE IB 96 -5.03 31.50 81.98
C ILE IB 96 -5.64 30.14 82.28
N VAL IB 97 -5.66 29.25 81.28
CA VAL IB 97 -6.22 27.93 81.56
C VAL IB 97 -5.31 27.12 82.47
N ALA IB 98 -4.00 27.27 82.35
CA ALA IB 98 -3.07 26.49 83.17
C ALA IB 98 -3.02 26.96 84.61
N GLY IB 99 -3.35 28.22 84.89
CA GLY IB 99 -3.33 28.73 86.24
C GLY IB 99 -1.98 29.23 86.71
N ASP IB 100 -0.94 29.11 85.90
CA ASP IB 100 0.38 29.63 86.22
C ASP IB 100 1.04 30.04 84.93
N VAL IB 101 2.35 30.32 84.98
CA VAL IB 101 3.06 30.86 83.83
C VAL IB 101 4.11 29.91 83.28
N THR IB 102 4.04 28.63 83.60
CA THR IB 102 4.98 27.65 83.07
C THR IB 102 4.94 27.56 81.54
N PRO IB 103 3.77 27.39 80.92
CA PRO IB 103 3.74 27.33 79.45
C PRO IB 103 4.20 28.61 78.78
N ILE IB 104 3.74 29.78 79.28
CA ILE IB 104 4.15 31.06 78.72
C ILE IB 104 5.65 31.25 78.83
N GLU IB 105 6.20 30.93 80.00
CA GLU IB 105 7.63 31.07 80.24
C GLU IB 105 8.44 30.15 79.33
N GLU IB 106 8.04 28.89 79.20
CA GLU IB 106 8.84 27.97 78.42
C GLU IB 106 8.66 28.16 76.92
N ILE IB 107 7.58 28.82 76.50
CA ILE IB 107 7.35 28.99 75.08
C ILE IB 107 7.88 30.32 74.56
N GLY IB 108 7.64 31.43 75.26
CA GLY IB 108 7.87 32.70 74.60
C GLY IB 108 8.45 33.85 75.41
N ILE IB 109 9.16 33.58 76.51
CA ILE IB 109 9.84 34.63 77.26
C ILE IB 109 11.29 34.29 77.54
N ILE IB 110 11.66 33.01 77.47
CA ILE IB 110 13.05 32.62 77.73
C ILE IB 110 13.82 32.71 76.43
N GLY IB 111 14.84 33.56 76.40
CA GLY IB 111 15.60 33.83 75.20
C GLY IB 111 14.95 34.84 74.28
N VAL IB 112 13.79 35.36 74.65
CA VAL IB 112 13.09 36.33 73.80
C VAL IB 112 13.89 37.61 73.67
N LYS IB 113 14.61 38.01 74.72
CA LYS IB 113 15.44 39.20 74.64
C LYS IB 113 16.56 39.02 73.63
N GLU IB 114 17.23 37.86 73.68
CA GLU IB 114 18.31 37.59 72.74
C GLU IB 114 17.80 37.53 71.31
N MET IB 115 16.66 36.88 71.10
CA MET IB 115 16.13 36.72 69.75
C MET IB 115 15.65 38.04 69.18
N TYR IB 116 14.93 38.84 69.99
CA TYR IB 116 14.49 40.14 69.51
C TYR IB 116 15.66 41.10 69.34
N ASN IB 117 16.75 40.92 70.08
CA ASN IB 117 17.93 41.73 69.84
C ASN IB 117 18.59 41.33 68.52
N SER IB 118 18.59 40.04 68.20
CA SER IB 118 19.09 39.61 66.90
C SER IB 118 18.25 40.18 65.76
N LEU IB 119 16.93 40.20 65.93
CA LEU IB 119 16.06 40.77 64.91
C LEU IB 119 16.03 42.29 64.96
N GLN IB 120 16.61 42.90 65.99
CA GLN IB 120 16.64 44.35 66.15
C GLN IB 120 15.25 44.94 66.29
N THR IB 121 14.34 44.21 66.92
CA THR IB 121 12.98 44.72 67.11
C THR IB 121 12.87 45.42 68.46
N PRO IB 122 12.15 46.54 68.53
CA PRO IB 122 12.00 47.27 69.80
C PRO IB 122 11.19 46.47 70.82
N ILE IB 123 11.88 45.96 71.83
CA ILE IB 123 11.19 45.28 72.94
C ILE IB 123 10.24 46.20 73.69
N PRO IB 124 10.60 47.45 74.01
CA PRO IB 124 9.60 48.37 74.57
C PRO IB 124 8.39 48.59 73.67
N ALA IB 125 8.57 48.57 72.35
CA ALA IB 125 7.42 48.63 71.46
C ALA IB 125 6.56 47.39 71.59
N VAL IB 126 7.19 46.22 71.70
CA VAL IB 126 6.43 44.98 71.86
C VAL IB 126 5.65 44.99 73.16
N ALA IB 127 6.22 45.59 74.21
CA ALA IB 127 5.51 45.69 75.49
C ALA IB 127 4.24 46.51 75.36
N GLU IB 128 4.31 47.66 74.67
CA GLU IB 128 3.12 48.47 74.46
C GLU IB 128 2.11 47.73 73.58
N GLY IB 129 2.60 46.99 72.59
CA GLY IB 129 1.70 46.18 71.78
C GLY IB 129 0.97 45.13 72.59
N VAL IB 130 1.65 44.54 73.58
CA VAL IB 130 0.99 43.57 74.45
C VAL IB 130 -0.03 44.26 75.34
N ARG IB 131 0.32 45.44 75.86
CA ARG IB 131 -0.58 46.17 76.74
C ARG IB 131 -1.86 46.59 76.02
N ALA IB 132 -1.74 46.93 74.74
CA ALA IB 132 -2.94 47.22 73.94
C ALA IB 132 -3.84 45.99 73.86
N MET IB 133 -3.24 44.80 73.70
CA MET IB 133 -4.01 43.57 73.72
C MET IB 133 -4.70 43.38 75.06
N LYS IB 134 -4.02 43.73 76.15
CA LYS IB 134 -4.63 43.63 77.47
C LYS IB 134 -5.85 44.53 77.59
N ASN IB 135 -5.73 45.76 77.11
CA ASN IB 135 -6.87 46.68 77.18
C ASN IB 135 -8.05 46.19 76.34
N VAL IB 136 -7.75 45.70 75.13
CA VAL IB 136 -8.81 45.21 74.24
C VAL IB 136 -9.49 43.98 74.85
N ALA IB 137 -8.69 43.11 75.47
CA ALA IB 137 -9.26 41.92 76.11
C ALA IB 137 -10.11 42.30 77.31
N THR IB 138 -9.63 43.25 78.13
CA THR IB 138 -10.39 43.64 79.31
C THR IB 138 -11.66 44.39 78.94
N SER IB 139 -11.72 44.95 77.74
CA SER IB 139 -12.96 45.56 77.26
C SER IB 139 -14.04 44.53 76.94
N LEU IB 140 -13.71 43.24 76.86
CA LEU IB 140 -14.66 42.22 76.45
C LEU IB 140 -14.99 41.21 77.55
N LEU IB 141 -14.70 41.53 78.81
CA LEU IB 141 -14.91 40.60 79.90
C LEU IB 141 -15.52 41.31 81.09
N SER IB 142 -16.17 40.51 81.95
CA SER IB 142 -16.65 41.03 83.23
C SER IB 142 -15.46 41.43 84.10
N GLY IB 143 -15.74 42.27 85.09
CA GLY IB 143 -14.70 42.89 85.90
C GLY IB 143 -13.76 41.94 86.61
N ASP IB 144 -14.31 40.92 87.28
CA ASP IB 144 -13.46 39.95 87.96
C ASP IB 144 -12.67 39.12 86.95
N ASP IB 145 -13.34 38.61 85.92
CA ASP IB 145 -12.65 37.89 84.85
C ASP IB 145 -11.67 38.78 84.11
N ALA IB 146 -12.03 40.05 83.90
CA ALA IB 146 -11.12 40.98 83.26
C ALA IB 146 -9.84 41.17 84.08
N ALA IB 147 -9.98 41.30 85.40
CA ALA IB 147 -8.81 41.41 86.26
C ALA IB 147 -7.99 40.13 86.23
N GLU IB 148 -8.68 38.98 86.20
CA GLU IB 148 -7.99 37.69 86.15
C GLU IB 148 -7.12 37.56 84.90
N ALA IB 149 -7.67 37.93 83.75
CA ALA IB 149 -6.88 37.89 82.51
C ALA IB 149 -5.82 38.99 82.51
N GLY IB 150 -6.13 40.12 83.13
CA GLY IB 150 -5.17 41.21 83.20
C GLY IB 150 -3.95 40.85 84.02
N PHE IB 151 -4.10 39.94 84.98
CA PHE IB 151 -2.92 39.46 85.70
C PHE IB 151 -1.92 38.78 84.77
N TYR IB 152 -2.42 37.94 83.86
CA TYR IB 152 -1.51 37.26 82.94
C TYR IB 152 -0.95 38.21 81.89
N PHE IB 153 -1.77 39.15 81.41
CA PHE IB 153 -1.25 40.16 80.49
C PHE IB 153 -0.18 41.02 81.17
N ASP IB 154 -0.41 41.34 82.44
CA ASP IB 154 0.56 42.06 83.25
C ASP IB 154 1.86 41.27 83.38
N TYR IB 155 1.76 39.96 83.61
CA TYR IB 155 2.97 39.15 83.71
C TYR IB 155 3.74 39.15 82.40
N LEU IB 156 3.04 39.04 81.27
CA LEU IB 156 3.70 39.07 79.97
C LEU IB 156 4.40 40.41 79.75
N VAL IB 157 3.73 41.50 80.09
CA VAL IB 157 4.32 42.82 79.91
C VAL IB 157 5.55 42.98 80.79
N GLY IB 158 5.49 42.49 82.02
CA GLY IB 158 6.64 42.58 82.91
C GLY IB 158 7.81 41.75 82.44
N ALA IB 159 7.54 40.53 81.96
CA ALA IB 159 8.62 39.65 81.54
C ALA IB 159 9.22 40.09 80.21
N MET IB 160 8.42 40.76 79.37
CA MET IB 160 8.91 41.17 78.06
C MET IB 160 10.02 42.21 78.17
N GLN IB 161 9.81 43.21 79.02
CA GLN IB 161 10.80 44.28 79.19
C GLN IB 161 12.06 43.74 79.86
N MET JB 1 9.23 16.79 82.93
CA MET JB 1 8.00 16.35 83.60
C MET JB 1 6.85 17.25 83.18
N GLN JB 2 5.63 16.73 83.32
CA GLN JB 2 4.43 17.47 82.94
C GLN JB 2 3.23 16.88 83.65
N ASP JB 3 2.26 17.74 83.94
CA ASP JB 3 0.98 17.33 84.48
C ASP JB 3 -0.04 17.31 83.35
N ALA JB 4 -1.31 17.09 83.69
CA ALA JB 4 -2.34 16.99 82.66
C ALA JB 4 -2.57 18.31 81.95
N ILE JB 5 -2.64 19.41 82.71
CA ILE JB 5 -2.91 20.72 82.13
C ILE JB 5 -1.77 21.14 81.21
N THR JB 6 -0.54 21.06 81.71
CA THR JB 6 0.61 21.41 80.90
C THR JB 6 0.79 20.44 79.74
N ALA JB 7 0.39 19.19 79.91
CA ALA JB 7 0.48 18.21 78.83
C ALA JB 7 -0.45 18.58 77.69
N VAL JB 8 -1.70 18.95 78.00
CA VAL JB 8 -2.63 19.34 76.95
C VAL JB 8 -2.18 20.65 76.30
N ILE JB 9 -1.68 21.60 77.10
CA ILE JB 9 -1.24 22.88 76.57
C ILE JB 9 -0.06 22.68 75.63
N ASN JB 10 0.89 21.84 76.02
CA ASN JB 10 2.06 21.54 75.20
C ASN JB 10 1.62 20.79 73.95
N ASN JB 11 0.65 19.89 74.07
CA ASN JB 11 0.19 19.12 72.93
C ASN JB 11 -0.50 20.00 71.90
N TYR JB 12 -1.12 21.09 72.34
CA TYR JB 12 -1.69 22.03 71.38
C TYR JB 12 -0.66 23.04 70.87
N ASP JB 13 0.33 23.36 71.70
CA ASP JB 13 1.43 24.23 71.26
C ASP JB 13 2.21 23.60 70.12
N VAL JB 14 2.47 22.30 70.21
CA VAL JB 14 3.21 21.63 69.14
C VAL JB 14 2.46 21.67 67.82
N GLN JB 15 1.14 21.74 67.85
CA GLN JB 15 0.32 21.88 66.66
C GLN JB 15 0.06 23.33 66.29
N GLY JB 16 0.40 24.27 67.17
CA GLY JB 16 0.13 25.67 66.86
C GLY JB 16 -1.33 25.99 66.80
N LYS JB 17 -2.10 25.49 67.75
CA LYS JB 17 -3.55 25.60 67.74
C LYS JB 17 -4.04 26.30 69.00
N TYR JB 18 -5.06 27.14 68.84
CA TYR JB 18 -5.78 27.63 70.00
C TYR JB 18 -6.53 26.49 70.66
N LEU JB 19 -6.61 26.54 71.99
CA LEU JB 19 -7.31 25.50 72.73
C LEU JB 19 -8.80 25.55 72.43
N ASP JB 20 -9.39 24.39 72.19
CA ASP JB 20 -10.77 24.25 71.75
C ASP JB 20 -11.57 23.44 72.77
N GLY JB 21 -12.77 23.01 72.33
CA GLY JB 21 -13.67 22.30 73.22
C GLY JB 21 -13.09 21.00 73.76
N ALA JB 22 -12.38 20.24 72.91
CA ALA JB 22 -11.79 18.99 73.37
C ALA JB 22 -10.72 19.24 74.42
N ALA JB 23 -9.85 20.23 74.20
CA ALA JB 23 -8.81 20.54 75.17
C ALA JB 23 -9.42 21.02 76.49
N LEU JB 24 -10.43 21.88 76.42
CA LEU JB 24 -11.06 22.35 77.64
C LEU JB 24 -11.82 21.22 78.35
N ASP JB 25 -12.36 20.27 77.59
CA ASP JB 25 -12.99 19.11 78.20
C ASP JB 25 -11.98 18.27 78.95
N LYS JB 26 -10.79 18.07 78.37
CA LYS JB 26 -9.73 17.36 79.07
C LYS JB 26 -9.34 18.10 80.36
N LEU JB 27 -9.24 19.43 80.27
CA LEU JB 27 -8.88 20.22 81.43
C LEU JB 27 -9.92 20.10 82.54
N LYS JB 28 -11.20 20.21 82.19
CA LYS JB 28 -12.25 20.10 83.20
C LYS JB 28 -12.33 18.68 83.75
N ALA JB 29 -12.01 17.68 82.92
CA ALA JB 29 -11.93 16.32 83.43
C ALA JB 29 -10.85 16.20 84.49
N TYR JB 30 -9.73 16.88 84.30
CA TYR JB 30 -8.75 16.91 85.38
C TYR JB 30 -9.27 17.66 86.60
N PHE JB 31 -9.96 18.79 86.39
CA PHE JB 31 -10.38 19.61 87.53
C PHE JB 31 -11.42 18.90 88.38
N THR JB 32 -12.32 18.13 87.76
CA THR JB 32 -13.38 17.48 88.54
C THR JB 32 -12.84 16.43 89.51
N THR JB 33 -11.78 15.72 89.15
CA THR JB 33 -11.19 14.70 90.01
C THR JB 33 -10.14 15.27 90.95
N GLY JB 34 -10.23 16.55 91.31
CA GLY JB 34 -9.15 17.18 92.04
C GLY JB 34 -9.05 16.70 93.48
N ALA JB 35 -10.14 16.80 94.23
CA ALA JB 35 -10.05 16.67 95.69
C ALA JB 35 -9.67 15.26 96.12
N VAL JB 36 -10.08 14.25 95.36
CA VAL JB 36 -9.73 12.87 95.72
C VAL JB 36 -8.22 12.67 95.69
N ARG JB 37 -7.53 13.35 94.78
CA ARG JB 37 -6.08 13.20 94.69
C ARG JB 37 -5.38 13.75 95.91
N VAL JB 38 -5.83 14.90 96.41
CA VAL JB 38 -5.16 15.48 97.57
C VAL JB 38 -5.49 14.69 98.82
N ARG JB 39 -6.74 14.20 98.93
CA ARG JB 39 -7.05 13.41 100.11
C ARG JB 39 -6.29 12.10 100.13
N ALA JB 40 -6.11 11.48 98.95
CA ALA JB 40 -5.24 10.33 98.86
C ALA JB 40 -3.79 10.70 99.22
N ALA JB 41 -3.30 11.83 98.73
CA ALA JB 41 -1.93 12.26 99.01
C ALA JB 41 -1.72 12.57 100.50
N ALA JB 42 -2.66 13.25 101.14
CA ALA JB 42 -2.55 13.57 102.55
C ALA JB 42 -2.60 12.31 103.41
N VAL JB 43 -3.51 11.38 103.10
CA VAL JB 43 -3.57 10.12 103.83
C VAL JB 43 -2.28 9.33 103.62
N ILE JB 44 -1.74 9.36 102.40
CA ILE JB 44 -0.52 8.64 102.10
C ILE JB 44 0.66 9.25 102.85
N SER JB 45 0.74 10.57 102.90
CA SER JB 45 1.82 11.24 103.61
C SER JB 45 1.73 10.97 105.10
N SER JB 46 0.51 10.96 105.63
CA SER JB 46 0.33 10.63 107.04
C SER JB 46 0.63 9.16 107.34
N ASN JB 47 0.41 8.26 106.39
CA ASN JB 47 0.58 6.83 106.61
C ASN JB 47 1.73 6.22 105.83
N ALA JB 48 2.75 7.00 105.48
CA ALA JB 48 3.86 6.52 104.66
C ALA JB 48 4.62 5.36 105.31
N THR JB 49 5.05 5.55 106.55
CA THR JB 49 5.88 4.52 107.19
C THR JB 49 5.09 3.26 107.47
N THR JB 50 3.80 3.41 107.80
CA THR JB 50 2.94 2.24 107.98
C THR JB 50 2.80 1.45 106.69
N ILE JB 51 2.67 2.16 105.56
CA ILE JB 51 2.58 1.51 104.26
C ILE JB 51 3.84 0.72 103.97
N ILE JB 52 5.00 1.31 104.23
CA ILE JB 52 6.27 0.62 103.97
C ILE JB 52 6.42 -0.59 104.88
N LYS JB 53 6.03 -0.44 106.15
CA LYS JB 53 6.10 -1.55 107.09
C LYS JB 53 5.22 -2.71 106.64
N GLU JB 54 3.98 -2.41 106.26
CA GLU JB 54 3.05 -3.47 105.86
C GLU JB 54 3.52 -4.11 104.56
N ALA JB 55 4.02 -3.30 103.63
CA ALA JB 55 4.50 -3.85 102.35
C ALA JB 55 5.70 -4.75 102.55
N ALA JB 56 6.66 -4.33 103.39
CA ALA JB 56 7.81 -5.18 103.66
C ALA JB 56 7.39 -6.47 104.36
N ALA JB 57 6.54 -6.38 105.39
CA ALA JB 57 6.14 -7.56 106.13
C ALA JB 57 5.34 -8.53 105.27
N LYS JB 58 4.59 -8.03 104.30
CA LYS JB 58 3.75 -8.92 103.51
C LYS JB 58 4.30 -9.21 102.12
N ALA JB 59 5.46 -8.67 101.76
CA ALA JB 59 6.02 -8.96 100.45
C ALA JB 59 7.50 -9.31 100.44
N LEU JB 60 8.29 -8.89 101.42
CA LEU JB 60 9.73 -9.13 101.36
C LEU JB 60 10.25 -9.93 102.56
N ILE JB 61 9.84 -9.53 103.75
CA ILE JB 61 10.45 -10.02 104.99
C ILE JB 61 9.95 -11.44 105.28
N TYR JB 62 10.61 -12.11 106.24
CA TYR JB 62 10.30 -13.49 106.58
C TYR JB 62 10.48 -14.42 105.39
N SER JB 63 11.58 -14.23 104.67
CA SER JB 63 11.88 -15.04 103.49
C SER JB 63 13.39 -15.22 103.40
N ASP JB 64 13.84 -15.81 102.28
CA ASP JB 64 15.25 -16.01 102.07
C ASP JB 64 15.97 -14.71 101.71
N LEU JB 65 15.21 -13.68 101.34
CA LEU JB 65 15.82 -12.40 101.03
C LEU JB 65 16.50 -11.79 102.24
N THR JB 66 15.84 -11.85 103.40
CA THR JB 66 16.39 -11.30 104.63
C THR JB 66 17.40 -12.22 105.29
N ARG JB 67 17.42 -13.50 104.92
CA ARG JB 67 18.38 -14.44 105.46
C ARG JB 67 19.73 -14.25 104.78
N PRO JB 68 20.80 -14.77 105.38
CA PRO JB 68 22.16 -14.51 104.89
C PRO JB 68 22.37 -15.00 103.46
N GLY JB 69 23.13 -14.22 102.70
CA GLY JB 69 23.34 -14.47 101.29
C GLY JB 69 22.30 -13.86 100.38
N GLY JB 70 21.17 -13.43 100.92
CA GLY JB 70 20.14 -12.78 100.14
C GLY JB 70 20.51 -11.33 99.87
N MEN JB 71 19.70 -10.66 99.07
CA MEN JB 71 19.99 -9.30 98.71
C MEN JB 71 19.75 -8.37 99.87
O MEN JB 71 20.54 -7.49 100.23
CB MEN JB 71 19.16 -8.73 97.54
CG MEN JB 71 19.84 -7.47 97.04
OD1 MEN JB 71 19.18 -6.54 96.56
ND2 MEN JB 71 21.21 -7.43 97.13
CE2 MEN JB 71 22.01 -6.33 96.70
N MET JB 72 18.61 -8.57 100.52
CA MET JB 72 18.19 -7.72 101.62
C MET JB 72 18.89 -8.03 102.94
N TYR JB 73 19.80 -9.01 102.92
CA TYR JB 73 20.57 -9.36 104.10
C TYR JB 73 21.45 -8.17 104.49
N THR JB 74 21.70 -8.04 105.79
CA THR JB 74 22.49 -6.98 106.44
C THR JB 74 21.69 -5.69 106.57
N THR JB 75 21.99 -4.95 107.64
CA THR JB 75 21.26 -3.72 107.94
C THR JB 75 21.43 -2.68 106.83
N ARG JB 76 22.62 -2.62 106.23
CA ARG JB 76 22.88 -1.70 105.13
C ARG JB 76 21.92 -1.93 103.96
N ARG JB 77 21.85 -3.18 103.49
CA ARG JB 77 20.95 -3.48 102.39
C ARG JB 77 19.49 -3.33 102.78
N TYR JB 78 19.14 -3.65 104.02
CA TYR JB 78 17.75 -3.46 104.44
C TYR JB 78 17.37 -1.99 104.42
N ALA JB 79 18.25 -1.12 104.91
CA ALA JB 79 17.98 0.31 104.88
C ALA JB 79 17.91 0.81 103.45
N ALA JB 80 18.77 0.30 102.57
CA ALA JB 80 18.71 0.69 101.16
C ALA JB 80 17.37 0.30 100.54
N CYS JB 81 16.90 -0.92 100.81
CA CYS JB 81 15.65 -1.35 100.22
C CYS JB 81 14.47 -0.58 100.77
N ILE JB 82 14.46 -0.28 102.07
CA ILE JB 82 13.34 0.50 102.61
C ILE JB 82 13.37 1.93 102.10
N ARG JB 83 14.56 2.52 101.91
CA ARG JB 83 14.65 3.84 101.32
C ARG JB 83 14.11 3.84 99.89
N ASP JB 84 14.44 2.80 99.12
CA ASP JB 84 13.93 2.70 97.75
C ASP JB 84 12.41 2.56 97.76
N MET JB 85 11.87 1.79 98.72
CA MET JB 85 10.43 1.63 98.86
C MET JB 85 9.75 2.98 99.11
N ASP JB 86 10.31 3.75 100.05
CA ASP JB 86 9.75 5.06 100.37
C ASP JB 86 9.87 6.01 99.18
N TYR JB 87 10.97 5.93 98.44
CA TYR JB 87 11.17 6.72 97.24
C TYR JB 87 10.09 6.43 96.20
N PHE JB 88 9.84 5.15 95.96
CA PHE JB 88 8.84 4.74 94.98
C PHE JB 88 7.46 5.23 95.41
N LEU JB 89 7.16 5.11 96.70
CA LEU JB 89 5.87 5.57 97.22
C LEU JB 89 5.70 7.07 97.03
N ARG JB 90 6.74 7.85 97.36
CA ARG JB 90 6.65 9.30 97.24
C ARG JB 90 6.49 9.73 95.79
N TYR JB 91 7.23 9.10 94.88
CA TYR JB 91 7.13 9.53 93.49
C TYR JB 91 5.83 9.06 92.85
N ALA JB 92 5.29 7.92 93.30
CA ALA JB 92 3.96 7.53 92.85
C ALA JB 92 2.91 8.50 93.36
N THR JB 93 3.08 9.01 94.58
CA THR JB 93 2.19 10.05 95.08
C THR JB 93 2.28 11.31 94.22
N TYR JB 94 3.50 11.69 93.82
CA TYR JB 94 3.68 12.84 92.92
C TYR JB 94 2.97 12.61 91.60
N ALA JB 95 3.13 11.42 91.02
CA ALA JB 95 2.51 11.12 89.74
C ALA JB 95 0.99 11.12 89.84
N MET JB 96 0.47 10.59 90.94
CA MET JB 96 -0.98 10.61 91.15
C MET JB 96 -1.49 12.05 91.29
N LEU JB 97 -0.76 12.89 92.01
CA LEU JB 97 -1.17 14.28 92.17
C LEU JB 97 -1.14 15.02 90.83
N ALA JB 98 -0.12 14.76 90.02
CA ALA JB 98 0.03 15.47 88.76
C ALA JB 98 -0.84 14.88 87.65
N GLY JB 99 -1.35 13.67 87.82
CA GLY JB 99 -2.10 13.04 86.76
C GLY JB 99 -1.30 12.73 85.52
N ASP JB 100 -0.07 12.26 85.69
CA ASP JB 100 0.80 11.97 84.56
C ASP JB 100 1.92 11.03 84.96
N PRO JB 101 2.32 10.09 84.09
CA PRO JB 101 3.42 9.18 84.41
C PRO JB 101 4.80 9.70 84.02
N SER JB 102 4.87 10.95 83.53
CA SER JB 102 6.14 11.47 83.04
C SER JB 102 7.15 11.64 84.17
N ILE JB 103 6.69 11.99 85.37
CA ILE JB 103 7.60 12.17 86.50
C ILE JB 103 8.29 10.86 86.82
N LEU JB 104 7.51 9.76 86.84
CA LEU JB 104 8.10 8.44 87.03
C LEU JB 104 9.03 8.08 85.88
N ASP JB 105 8.67 8.44 84.65
CA ASP JB 105 9.50 8.08 83.51
C ASP JB 105 10.86 8.78 83.54
N GLU JB 106 10.91 10.04 83.95
CA GLU JB 106 12.20 10.73 83.98
C GLU JB 106 12.97 10.43 85.26
N ARG JB 107 12.37 10.67 86.43
CA ARG JB 107 13.15 10.68 87.66
C ARG JB 107 13.22 9.36 88.39
N VAL JB 108 12.51 8.32 87.94
CA VAL JB 108 12.55 7.05 88.66
C VAL JB 108 13.03 5.92 87.75
N LEU JB 109 12.29 5.68 86.66
CA LEU JB 109 12.53 4.48 85.88
C LEU JB 109 13.78 4.57 85.01
N ASN JB 110 14.41 5.74 84.94
CA ASN JB 110 15.54 5.96 84.05
C ASN JB 110 16.81 5.28 84.55
N GLY JB 111 17.21 4.18 83.91
CA GLY JB 111 18.42 3.46 84.27
C GLY JB 111 18.28 2.55 85.47
N LEU JB 112 17.12 2.56 86.12
CA LEU JB 112 16.94 1.77 87.34
C LEU JB 112 17.02 0.27 87.05
N LYS JB 113 16.46 -0.16 85.92
CA LYS JB 113 16.48 -1.58 85.59
C LYS JB 113 17.90 -2.08 85.39
N GLU JB 114 18.70 -1.33 84.64
CA GLU JB 114 20.09 -1.74 84.42
C GLU JB 114 20.90 -1.65 85.71
N THR JB 115 20.68 -0.63 86.52
CA THR JB 115 21.44 -0.49 87.76
C THR JB 115 21.10 -1.62 88.73
N TYR JB 116 19.83 -1.98 88.83
CA TYR JB 116 19.44 -3.11 89.67
C TYR JB 116 19.99 -4.41 89.11
N ASN JB 117 20.06 -4.54 87.79
CA ASN JB 117 20.65 -5.73 87.18
C ASN JB 117 22.12 -5.81 87.55
N SER JB 118 22.80 -4.67 87.58
CA SER JB 118 24.23 -4.66 87.93
C SER JB 118 24.45 -4.91 89.41
N LEU JB 119 23.54 -4.47 90.26
CA LEU JB 119 23.72 -4.62 91.70
C LEU JB 119 23.10 -5.89 92.28
N GLY JB 120 22.34 -6.64 91.48
CA GLY JB 120 21.76 -7.88 91.97
C GLY JB 120 20.44 -7.76 92.67
N VAL JB 121 19.76 -6.62 92.55
CA VAL JB 121 18.49 -6.41 93.24
C VAL JB 121 17.42 -7.31 92.63
N PRO JB 122 16.56 -7.92 93.44
CA PRO JB 122 15.49 -8.76 92.89
C PRO JB 122 14.36 -7.94 92.29
N ILE JB 123 14.23 -7.99 90.96
CA ILE JB 123 13.20 -7.22 90.29
C ILE JB 123 11.81 -7.76 90.63
N ALA JB 124 11.68 -9.08 90.72
CA ALA JB 124 10.40 -9.68 91.09
C ALA JB 124 10.00 -9.27 92.51
N ALA JB 125 10.95 -9.29 93.44
CA ALA JB 125 10.68 -8.83 94.80
C ALA JB 125 10.31 -7.35 94.81
N THR JB 126 10.98 -6.54 94.00
CA THR JB 126 10.65 -5.12 93.91
C THR JB 126 9.22 -4.93 93.42
N VAL JB 127 8.82 -5.67 92.39
CA VAL JB 127 7.46 -5.56 91.86
C VAL JB 127 6.45 -6.02 92.89
N GLY JB 128 6.78 -7.08 93.64
CA GLY JB 128 5.91 -7.53 94.71
C GLY JB 128 5.71 -6.49 95.79
N GLY JB 129 6.80 -5.84 96.21
CA GLY JB 129 6.69 -4.76 97.17
C GLY JB 129 5.88 -3.58 96.65
N ILE JB 130 6.04 -3.27 95.35
CA ILE JB 130 5.25 -2.21 94.74
C ILE JB 130 3.77 -2.54 94.79
N GLN JB 131 3.41 -3.76 94.43
CA GLN JB 131 2.02 -4.19 94.51
C GLN JB 131 1.52 -4.20 95.94
N ALA JB 132 2.38 -4.55 96.90
CA ALA JB 132 1.99 -4.51 98.31
C ALA JB 132 1.64 -3.10 98.75
N MET JB 133 2.48 -2.11 98.43
CA MET JB 133 2.15 -0.76 98.82
C MET JB 133 0.94 -0.25 98.05
N LYS JB 134 0.74 -0.74 96.82
CA LYS JB 134 -0.46 -0.38 96.08
C LYS JB 134 -1.71 -0.89 96.78
N GLU JB 135 -1.66 -2.13 97.29
CA GLU JB 135 -2.79 -2.69 98.02
C GLU JB 135 -3.07 -1.90 99.29
N VAL JB 136 -2.02 -1.58 100.05
CA VAL JB 136 -2.21 -0.83 101.28
C VAL JB 136 -2.70 0.58 100.98
N VAL JB 137 -2.28 1.15 99.85
CA VAL JB 137 -2.72 2.48 99.46
C VAL JB 137 -4.19 2.47 99.09
N GLY JB 138 -4.60 1.47 98.32
CA GLY JB 138 -6.01 1.32 97.99
C GLY JB 138 -6.87 1.12 99.22
N GLY JB 139 -6.37 0.38 100.20
CA GLY JB 139 -7.07 0.25 101.45
C GLY JB 139 -7.19 1.56 102.22
N LEU JB 140 -6.09 2.30 102.32
CA LEU JB 140 -6.08 3.50 103.15
C LEU JB 140 -6.90 4.63 102.52
N VAL JB 141 -6.69 4.89 101.23
CA VAL JB 141 -7.29 6.06 100.60
C VAL JB 141 -8.81 5.98 100.51
N GLY JB 142 -9.37 4.78 100.46
CA GLY JB 142 -10.79 4.61 100.33
C GLY JB 142 -11.22 4.51 98.88
N PRO JB 143 -12.53 4.59 98.64
CA PRO JB 143 -13.05 4.42 97.27
C PRO JB 143 -12.80 5.64 96.39
N ASP JB 144 -12.53 6.79 97.00
CA ASP JB 144 -12.39 8.03 96.24
C ASP JB 144 -11.20 8.00 95.28
N ALA JB 145 -10.03 7.62 95.80
CA ALA JB 145 -8.79 7.72 95.03
C ALA JB 145 -8.01 6.42 94.90
N ALA JB 146 -8.60 5.28 95.30
CA ALA JB 146 -7.87 4.02 95.28
C ALA JB 146 -7.45 3.63 93.86
N LYS JB 147 -8.36 3.77 92.90
CA LYS JB 147 -8.06 3.39 91.52
C LYS JB 147 -6.99 4.30 90.93
N GLU JB 148 -7.14 5.61 91.14
CA GLU JB 148 -6.18 6.58 90.62
C GLU JB 148 -4.80 6.37 91.22
N ALA JB 149 -4.72 6.10 92.52
CA ALA JB 149 -3.43 5.77 93.13
C ALA JB 149 -2.89 4.46 92.56
N SER JB 150 -3.79 3.53 92.23
CA SER JB 150 -3.35 2.21 91.78
C SER JB 150 -2.73 2.25 90.41
N ILE JB 151 -3.20 3.15 89.53
CA ILE JB 151 -2.70 3.14 88.15
C ILE JB 151 -1.21 3.44 88.09
N TYR JB 152 -0.72 4.37 88.89
CA TYR JB 152 0.69 4.72 88.82
C TYR JB 152 1.59 3.69 89.50
N PHE JB 153 1.11 3.02 90.55
CA PHE JB 153 1.84 1.88 91.09
C PHE JB 153 1.95 0.79 90.04
N ASP JB 154 0.87 0.51 89.32
CA ASP JB 154 0.92 -0.44 88.21
C ASP JB 154 1.88 0.03 87.13
N TYR JB 155 1.94 1.35 86.89
CA TYR JB 155 2.88 1.87 85.90
C TYR JB 155 4.32 1.63 86.31
N LEU JB 156 4.65 1.88 87.58
CA LEU JB 156 6.00 1.63 88.05
C LEU JB 156 6.36 0.15 87.97
N SER JB 157 5.43 -0.72 88.38
CA SER JB 157 5.67 -2.15 88.30
C SER JB 157 5.88 -2.62 86.86
N SER JB 158 5.04 -2.14 85.94
CA SER JB 158 5.20 -2.47 84.53
C SER JB 158 6.48 -1.92 83.93
N GLY JB 159 6.88 -0.70 84.28
CA GLY JB 159 8.13 -0.17 83.78
C GLY JB 159 9.33 -0.93 84.27
N LEU JB 160 9.34 -1.32 85.55
CA LEU JB 160 10.43 -2.16 86.04
C LEU JB 160 10.44 -3.53 85.39
N SER JB 161 9.27 -4.15 85.25
CA SER JB 161 9.18 -5.49 84.67
C SER JB 161 9.24 -5.43 83.14
N SER KB 2 17.46 -55.99 49.21
CA SER KB 2 18.28 -55.94 50.42
C SER KB 2 19.76 -55.98 50.06
N ARG KB 3 20.07 -56.50 48.88
CA ARG KB 3 21.43 -56.51 48.39
C ARG KB 3 21.70 -55.27 47.54
N TYR KB 4 22.89 -54.70 47.72
CA TYR KB 4 23.25 -53.45 47.06
C TYR KB 4 24.54 -53.65 46.28
N PHE KB 5 24.49 -53.36 44.99
CA PHE KB 5 25.66 -53.41 44.13
C PHE KB 5 26.39 -52.08 44.19
N LYS KB 6 27.72 -52.14 44.34
CA LYS KB 6 28.56 -50.96 44.27
C LYS KB 6 29.23 -50.96 42.90
N VAL KB 7 28.81 -50.04 42.03
CA VAL KB 7 29.22 -50.06 40.63
C VAL KB 7 29.91 -48.76 40.27
N THR KB 8 30.99 -48.88 39.51
CA THR KB 8 31.73 -47.76 38.95
C THR KB 8 31.58 -47.79 37.44
N ALA KB 9 31.19 -46.66 36.86
CA ALA KB 9 30.92 -46.56 35.44
C ALA KB 9 31.37 -45.21 34.90
N CYS KB 10 31.61 -45.16 33.60
CA CYS KB 10 32.07 -43.95 32.90
C CYS KB 10 31.20 -43.78 31.64
N ILE KB 11 30.46 -42.67 31.58
CA ILE KB 11 29.54 -42.39 30.49
C ILE KB 11 30.01 -41.12 29.79
N PRO KB 12 30.62 -41.22 28.60
CA PRO KB 12 31.05 -40.02 27.88
C PRO KB 12 29.85 -39.29 27.28
N SER KB 13 30.11 -38.06 26.84
CA SER KB 13 29.10 -37.24 26.18
C SER KB 13 29.36 -37.26 24.68
N LEU KB 14 28.40 -37.75 23.91
CA LEU KB 14 28.54 -37.87 22.47
C LEU KB 14 27.72 -36.84 21.70
N LYS KB 15 27.40 -35.71 22.31
CA LYS KB 15 26.67 -34.63 21.64
C LYS KB 15 26.65 -33.41 22.55
N ARG KB 16 26.85 -32.23 21.97
CA ARG KB 16 26.61 -30.93 22.56
C ARG KB 16 27.70 -30.55 23.57
N VAL KB 17 28.65 -31.45 23.86
CA VAL KB 17 29.90 -31.28 24.64
C VAL KB 17 29.68 -30.84 26.09
N ARG KB 18 28.79 -29.87 26.33
CA ARG KB 18 28.37 -29.41 27.65
C ARG KB 18 29.44 -28.48 28.23
N THR KB 19 29.06 -27.60 29.16
CA THR KB 19 29.94 -26.51 29.54
C THR KB 19 30.28 -26.41 31.04
N GLY KB 20 29.35 -26.70 31.95
CA GLY KB 20 29.71 -26.42 33.33
C GLY KB 20 30.12 -27.60 34.19
N ARG KB 21 31.42 -27.88 34.20
CA ARG KB 21 32.18 -28.62 35.20
C ARG KB 21 31.86 -30.11 35.35
N GLU KB 22 30.61 -30.52 35.08
CA GLU KB 22 30.14 -31.81 34.59
C GLU KB 22 31.00 -33.03 34.90
N LEU KB 23 31.44 -33.19 36.15
CA LEU KB 23 32.38 -34.26 36.47
C LEU KB 23 31.74 -35.48 37.11
N GLN KB 24 30.71 -35.29 37.94
CA GLN KB 24 29.99 -36.40 38.52
C GLN KB 24 28.97 -37.01 37.56
N ASN KB 25 28.80 -36.40 36.38
CA ASN KB 25 27.84 -36.87 35.40
C ASN KB 25 28.45 -37.81 34.38
N THR KB 26 29.76 -38.02 34.40
CA THR KB 26 30.40 -38.90 33.43
C THR KB 26 31.16 -40.06 34.04
N PHE KB 27 31.91 -39.84 35.12
CA PHE KB 27 32.60 -40.93 35.82
C PHE KB 27 32.09 -40.94 37.24
N PHE KB 28 31.52 -42.07 37.66
CA PHE KB 28 30.90 -42.14 38.98
C PHE KB 28 31.03 -43.54 39.55
N THR KB 29 30.91 -43.62 40.87
CA THR KB 29 30.79 -44.86 41.61
C THR KB 29 29.67 -44.71 42.63
N LYS KB 30 28.77 -45.68 42.67
CA LYS KB 30 27.61 -45.53 43.52
C LYS KB 30 27.02 -46.90 43.84
N LEU KB 31 26.30 -46.96 44.95
CA LEU KB 31 25.57 -48.17 45.31
C LEU KB 31 24.26 -48.23 44.54
N VAL KB 32 23.91 -49.41 44.07
CA VAL KB 32 22.65 -49.60 43.35
C VAL KB 32 21.93 -50.83 43.91
N PRO KB 33 20.61 -50.80 44.04
CA PRO KB 33 19.89 -51.97 44.54
C PRO KB 33 19.97 -53.13 43.57
N TYR KB 34 19.72 -54.33 44.09
CA TYR KB 34 19.73 -55.53 43.26
C TYR KB 34 18.64 -55.48 42.21
N GLU KB 35 17.43 -55.04 42.59
CA GLU KB 35 16.30 -55.11 41.67
C GLU KB 35 16.44 -54.10 40.53
N ASN KB 36 17.08 -52.97 40.79
CA ASN KB 36 17.17 -51.89 39.80
C ASN KB 36 18.52 -51.90 39.11
N TRP KB 37 19.47 -52.71 39.57
CA TRP KB 37 20.78 -52.76 38.95
C TRP KB 37 20.67 -53.35 37.55
N PHE KB 38 19.73 -54.29 37.37
CA PHE KB 38 19.56 -54.93 36.07
C PHE KB 38 19.15 -53.92 34.99
N THR KB 39 18.10 -53.14 35.23
CA THR KB 39 17.62 -52.20 34.25
C THR KB 39 18.52 -50.97 34.13
N GLU KB 40 19.41 -50.75 35.09
CA GLU KB 40 20.36 -49.65 35.01
C GLU KB 40 21.64 -50.02 34.29
N GLN KB 41 22.09 -51.27 34.41
CA GLN KB 41 23.23 -51.74 33.64
C GLN KB 41 22.92 -51.72 32.15
N GLN KB 42 21.68 -52.07 31.78
CA GLN KB 42 21.28 -51.97 30.38
C GLN KB 42 21.28 -50.52 29.91
N ARG KB 43 20.80 -49.61 30.75
CA ARG KB 43 20.78 -48.19 30.37
C ARG KB 43 22.19 -47.64 30.19
N ILE KB 44 23.11 -48.03 31.06
CA ILE KB 44 24.49 -47.54 30.99
C ILE KB 44 25.15 -47.98 29.70
N GLN KB 45 24.98 -49.23 29.32
CA GLN KB 45 25.59 -49.72 28.09
C GLN KB 45 24.80 -49.36 26.84
N LYS KB 46 23.54 -48.97 26.96
CA LYS KB 46 22.80 -48.43 25.84
C LYS KB 46 23.10 -46.97 25.59
N ALA KB 47 23.55 -46.24 26.62
CA ALA KB 47 23.98 -44.85 26.48
C ALA KB 47 25.45 -44.76 26.11
N GLY KB 48 26.02 -45.85 25.60
CA GLY KB 48 27.41 -45.87 25.18
C GLY KB 48 28.38 -45.65 26.32
N GLY KB 49 28.07 -46.19 27.49
CA GLY KB 49 28.91 -46.01 28.67
C GLY KB 49 29.56 -47.31 29.08
N LYS KB 50 30.79 -47.23 29.57
CA LYS KB 50 31.49 -48.41 30.01
C LYS KB 50 31.24 -48.66 31.49
N VAL KB 51 31.13 -49.93 31.86
CA VAL KB 51 30.95 -50.34 33.25
C VAL KB 51 32.29 -50.85 33.77
N LEU KB 52 33.02 -49.98 34.46
CA LEU KB 52 34.38 -50.31 34.88
C LEU KB 52 34.40 -51.39 35.95
N SER KB 53 33.56 -51.27 36.97
CA SER KB 53 33.68 -52.21 38.07
C SER KB 53 32.32 -52.49 38.71
N VAL KB 54 32.15 -53.72 39.19
CA VAL KB 54 30.95 -54.13 39.92
C VAL KB 54 31.39 -54.90 41.16
N LYS KB 55 30.79 -54.57 42.30
CA LYS KB 55 31.06 -55.25 43.56
C LYS KB 55 29.74 -55.63 44.22
N LEU KB 56 29.70 -56.86 44.76
CA LEU KB 56 28.48 -57.37 45.36
C LEU KB 56 28.11 -56.60 46.63
N PHE KB 57 29.12 -56.25 47.44
CA PHE KB 57 28.93 -55.42 48.60
C PHE KB 57 28.05 -56.06 49.68
N THR KB 58 26.77 -55.67 49.70
CA THR KB 58 25.93 -55.96 50.87
C THR KB 58 25.57 -57.44 50.95
N GLY KB 59 25.16 -58.04 49.85
CA GLY KB 59 24.51 -59.33 49.88
C GLY KB 59 25.43 -60.49 50.23
N VAL KB 60 24.84 -61.68 50.23
CA VAL KB 60 25.56 -62.93 50.43
C VAL KB 60 25.44 -63.76 49.15
N GLN KB 61 26.52 -64.44 48.78
CA GLN KB 61 26.53 -65.18 47.53
C GLN KB 61 25.54 -66.35 47.55
N GLY KB 62 25.52 -67.10 48.65
CA GLY KB 62 24.61 -68.24 48.73
C GLY KB 62 23.15 -67.86 48.74
N ALA KB 63 22.80 -66.84 49.53
CA ALA KB 63 21.44 -66.29 49.57
C ALA KB 63 20.44 -67.33 50.07
N ASN KB 64 19.42 -67.59 49.23
CA ASN KB 64 18.36 -68.58 49.46
C ASN KB 64 17.33 -68.14 50.51
N THR KB 65 17.57 -67.02 51.19
CA THR KB 65 16.63 -66.49 52.17
C THR KB 65 17.11 -65.13 52.64
N GLY KB 66 16.16 -64.20 52.81
CA GLY KB 66 16.46 -62.86 53.22
C GLY KB 66 16.86 -61.93 52.09
N VAL KB 67 17.00 -62.46 50.87
CA VAL KB 67 17.35 -61.63 49.72
C VAL KB 67 16.19 -60.72 49.36
N GLY KB 68 14.97 -61.26 49.39
CA GLY KB 68 13.83 -60.53 48.87
C GLY KB 68 13.36 -59.40 49.77
N ALA KB 69 13.89 -59.33 50.98
CA ALA KB 69 13.52 -58.27 51.92
C ALA KB 69 13.97 -56.91 51.42
N SER LB 2 -60.92 -20.41 41.70
CA SER LB 2 -62.15 -21.08 41.31
C SER LB 2 -63.02 -20.17 40.45
N ARG LB 3 -63.13 -18.90 40.86
CA ARG LB 3 -63.89 -17.92 40.09
C ARG LB 3 -63.12 -17.52 38.84
N TYR LB 4 -63.87 -17.04 37.85
CA TYR LB 4 -63.29 -16.57 36.60
C TYR LB 4 -63.93 -15.23 36.25
N PHE LB 5 -63.22 -14.43 35.47
CA PHE LB 5 -63.74 -13.16 34.99
C PHE LB 5 -63.88 -13.21 33.48
N LYS LB 6 -65.01 -12.75 32.97
CA LYS LB 6 -65.23 -12.65 31.53
C LYS LB 6 -64.98 -11.20 31.16
N VAL LB 7 -63.84 -10.92 30.52
CA VAL LB 7 -63.42 -9.54 30.29
C VAL LB 7 -63.25 -9.31 28.80
N THR LB 8 -63.71 -8.14 28.37
CA THR LB 8 -63.54 -7.66 27.00
C THR LB 8 -62.68 -6.40 27.06
N ALA LB 9 -61.61 -6.38 26.26
CA ALA LB 9 -60.65 -5.29 26.26
C ALA LB 9 -60.16 -5.02 24.85
N CYS LB 10 -59.68 -3.79 24.64
CA CYS LB 10 -59.16 -3.33 23.35
C CYS LB 10 -57.81 -2.68 23.57
N ILE LB 11 -56.76 -3.25 22.99
CA ILE LB 11 -55.39 -2.79 23.16
C ILE LB 11 -54.89 -2.29 21.80
N PRO LB 12 -54.80 -0.98 21.59
CA PRO LB 12 -54.26 -0.47 20.32
C PRO LB 12 -52.75 -0.64 20.27
N SER LB 13 -52.22 -0.50 19.05
CA SER LB 13 -50.78 -0.58 18.81
C SER LB 13 -50.24 0.82 18.58
N LEU LB 14 -49.37 1.27 19.48
CA LEU LB 14 -48.83 2.62 19.43
C LEU LB 14 -47.41 2.67 18.88
N LYS LB 15 -46.95 1.63 18.19
CA LYS LB 15 -45.63 1.62 17.60
C LYS LB 15 -45.55 0.50 16.57
N ARG LB 16 -44.98 0.80 15.42
CA ARG LB 16 -44.57 -0.14 14.37
C ARG LB 16 -45.75 -0.66 13.54
N VAL LB 17 -47.00 -0.35 13.92
CA VAL LB 17 -48.23 -0.56 13.15
C VAL LB 17 -48.57 -2.03 12.89
N ARG LB 18 -47.58 -2.87 12.55
CA ARG LB 18 -47.71 -4.31 12.34
C ARG LB 18 -48.40 -4.61 11.01
N THR LB 19 -48.23 -5.83 10.49
CA THR LB 19 -48.64 -6.14 9.13
C THR LB 19 -49.66 -7.25 8.99
N GLY LB 20 -49.51 -8.38 9.69
CA GLY LB 20 -50.37 -9.50 9.33
C GLY LB 20 -51.57 -9.78 10.20
N ARG LB 21 -52.71 -9.23 9.80
CA ARG LB 21 -54.07 -9.64 10.13
C ARG LB 21 -54.51 -9.42 11.58
N GLU LB 22 -53.56 -9.35 12.53
CA GLU LB 22 -53.58 -8.59 13.79
C GLU LB 22 -54.94 -8.22 14.37
N LEU LB 23 -55.86 -9.17 14.46
CA LEU LB 23 -57.21 -8.85 14.91
C LEU LB 23 -57.55 -9.42 16.28
N GLN LB 24 -57.00 -10.58 16.63
CA GLN LB 24 -57.13 -11.11 17.97
C GLN LB 24 -56.09 -10.53 18.92
N ASN LB 25 -55.23 -9.64 18.44
CA ASN LB 25 -54.19 -9.03 19.25
C ASN LB 25 -54.63 -7.70 19.86
N THR LB 26 -55.70 -7.10 19.33
CA THR LB 26 -56.12 -5.77 19.76
C THR LB 26 -57.47 -5.73 20.43
N PHE LB 27 -58.50 -6.34 19.86
CA PHE LB 27 -59.82 -6.40 20.49
C PHE LB 27 -60.10 -7.85 20.81
N PHE LB 28 -60.36 -8.16 22.09
CA PHE LB 28 -60.55 -9.53 22.49
C PHE LB 28 -61.50 -9.60 23.67
N THR LB 29 -62.08 -10.79 23.86
CA THR LB 29 -62.87 -11.14 25.02
C THR LB 29 -62.48 -12.54 25.47
N LYS LB 30 -62.32 -12.72 26.78
CA LYS LB 30 -61.82 -14.00 27.27
C LYS LB 30 -62.11 -14.13 28.75
N LEU LB 31 -62.16 -15.38 29.21
CA LEU LB 31 -62.24 -15.65 30.63
C LEU LB 31 -60.87 -15.51 31.27
N VAL LB 32 -60.83 -14.92 32.46
CA VAL LB 32 -59.58 -14.78 33.20
C VAL LB 32 -59.81 -15.18 34.64
N PRO LB 33 -58.87 -15.86 35.29
CA PRO LB 33 -59.05 -16.25 36.68
C PRO LB 33 -59.09 -15.04 37.60
N TYR LB 34 -59.74 -15.22 38.75
CA TYR LB 34 -59.82 -14.16 39.73
C TYR LB 34 -58.44 -13.79 40.26
N GLU LB 35 -57.59 -14.79 40.48
CA GLU LB 35 -56.28 -14.54 41.08
C GLU LB 35 -55.39 -13.73 40.14
N ASN LB 36 -55.48 -13.99 38.84
CA ASN LB 36 -54.60 -13.34 37.86
C ASN LB 36 -55.28 -12.16 37.19
N TRP LB 37 -56.58 -11.97 37.40
CA TRP LB 37 -57.29 -10.88 36.74
C TRP LB 37 -56.80 -9.54 37.23
N PHE LB 38 -56.53 -9.42 38.52
CA PHE LB 38 -56.14 -8.12 39.07
C PHE LB 38 -54.80 -7.65 38.51
N THR LB 39 -53.83 -8.54 38.43
CA THR LB 39 -52.52 -8.18 37.90
C THR LB 39 -52.52 -8.06 36.38
N GLU LB 40 -53.49 -8.67 35.70
CA GLU LB 40 -53.63 -8.52 34.26
C GLU LB 40 -54.37 -7.26 33.86
N GLN LB 41 -55.36 -6.83 34.64
CA GLN LB 41 -56.04 -5.58 34.39
C GLN LB 41 -55.09 -4.40 34.55
N GLN LB 42 -54.13 -4.52 35.47
CA GLN LB 42 -53.10 -3.50 35.57
C GLN LB 42 -52.24 -3.46 34.30
N ARG LB 43 -51.88 -4.62 33.77
CA ARG LB 43 -51.08 -4.65 32.55
C ARG LB 43 -51.84 -4.07 31.36
N ILE LB 44 -53.14 -4.36 31.28
CA ILE LB 44 -53.93 -3.88 30.15
C ILE LB 44 -53.99 -2.36 30.12
N GLN LB 45 -54.21 -1.74 31.28
CA GLN LB 45 -54.25 -0.28 31.34
C GLN LB 45 -52.88 0.36 31.40
N LYS LB 46 -51.84 -0.40 31.74
CA LYS LB 46 -50.46 0.06 31.67
C LYS LB 46 -49.94 0.07 30.25
N ALA LB 47 -50.44 -0.81 29.39
CA ALA LB 47 -50.08 -0.84 27.98
C ALA LB 47 -50.99 0.05 27.15
N GLY LB 48 -51.68 0.99 27.80
CA GLY LB 48 -52.54 1.92 27.09
C GLY LB 48 -53.73 1.27 26.42
N GLY LB 49 -54.35 0.30 27.08
CA GLY LB 49 -55.50 -0.40 26.53
C GLY LB 49 -56.73 -0.14 27.36
N LYS LB 50 -57.89 -0.09 26.70
CA LYS LB 50 -59.14 0.13 27.40
C LYS LB 50 -59.77 -1.19 27.81
N VAL LB 51 -60.42 -1.19 28.97
CA VAL LB 51 -61.17 -2.34 29.45
C VAL LB 51 -62.65 -2.07 29.22
N LEU LB 52 -63.18 -2.60 28.11
CA LEU LB 52 -64.55 -2.29 27.74
C LEU LB 52 -65.56 -2.92 28.69
N SER LB 53 -65.38 -4.18 29.07
CA SER LB 53 -66.41 -4.82 29.88
C SER LB 53 -65.79 -5.85 30.82
N VAL LB 54 -66.40 -5.99 32.00
CA VAL LB 54 -66.04 -7.02 32.96
C VAL LB 54 -67.31 -7.67 33.47
N LYS LB 55 -67.33 -9.00 33.50
CA LYS LB 55 -68.46 -9.77 33.98
C LYS LB 55 -67.99 -10.82 34.97
N LEU LB 56 -68.75 -10.99 36.05
CA LEU LB 56 -68.36 -11.91 37.10
C LEU LB 56 -68.40 -13.35 36.62
N PHE LB 57 -69.43 -13.71 35.83
CA PHE LB 57 -69.49 -15.00 35.18
C PHE LB 57 -69.59 -16.17 36.14
N THR LB 58 -68.44 -16.63 36.68
CA THR LB 58 -68.39 -17.91 37.36
C THR LB 58 -68.90 -17.82 38.80
N GLY LB 59 -68.25 -17.00 39.63
CA GLY LB 59 -68.41 -17.10 41.07
C GLY LB 59 -69.77 -16.64 41.58
N VAL LB 60 -69.87 -16.62 42.91
CA VAL LB 60 -71.04 -16.10 43.63
C VAL LB 60 -70.63 -14.83 44.35
N GLN LB 61 -71.56 -13.89 44.45
CA GLN LB 61 -71.21 -12.58 45.01
C GLN LB 61 -70.91 -12.65 46.50
N GLY LB 62 -71.71 -13.43 47.25
CA GLY LB 62 -71.46 -13.54 48.68
C GLY LB 62 -70.16 -14.24 49.01
N ALA LB 63 -69.89 -15.36 48.32
CA ALA LB 63 -68.64 -16.10 48.50
C ALA LB 63 -68.53 -16.65 49.91
N ASN LB 64 -67.43 -16.28 50.60
CA ASN LB 64 -67.16 -16.61 52.00
C ASN LB 64 -66.74 -18.07 52.21
N THR LB 65 -66.79 -18.89 51.17
CA THR LB 65 -66.34 -20.27 51.25
C THR LB 65 -66.36 -20.89 49.87
N GLY LB 66 -65.36 -21.72 49.59
CA GLY LB 66 -65.22 -22.37 48.31
C GLY LB 66 -64.63 -21.51 47.22
N VAL LB 67 -64.35 -20.24 47.50
CA VAL LB 67 -63.78 -19.34 46.51
C VAL LB 67 -62.34 -19.72 46.21
N GLY LB 68 -61.58 -20.06 47.25
CA GLY LB 68 -60.15 -20.27 47.08
C GLY LB 68 -59.80 -21.56 46.37
N ALA LB 69 -60.77 -22.46 46.22
CA ALA LB 69 -60.54 -23.74 45.56
C ALA LB 69 -60.21 -23.55 44.08
N SER MB 2 -81.07 -84.24 -38.39
CA SER MB 2 -81.05 -85.70 -38.24
C SER MB 2 -80.48 -86.36 -39.48
N ARG MB 3 -79.99 -85.55 -40.41
CA ARG MB 3 -79.42 -86.02 -41.66
C ARG MB 3 -77.92 -85.76 -41.66
N TYR MB 4 -77.15 -86.80 -41.99
CA TYR MB 4 -75.69 -86.70 -42.02
C TYR MB 4 -75.20 -87.22 -43.37
N PHE MB 5 -74.56 -86.36 -44.14
CA PHE MB 5 -73.91 -86.78 -45.37
C PHE MB 5 -72.59 -87.48 -45.06
N LYS MB 6 -72.24 -88.44 -45.90
CA LYS MB 6 -70.96 -89.14 -45.82
C LYS MB 6 -70.12 -88.72 -47.02
N VAL MB 7 -69.21 -87.78 -46.80
CA VAL MB 7 -68.50 -87.12 -47.88
C VAL MB 7 -67.02 -87.45 -47.86
N THR MB 8 -66.38 -87.32 -49.02
CA THR MB 8 -64.96 -87.59 -49.18
C THR MB 8 -64.39 -86.58 -50.17
N ALA MB 9 -63.31 -85.90 -49.77
CA ALA MB 9 -62.74 -84.85 -50.59
C ALA MB 9 -61.22 -84.90 -50.50
N CYS MB 10 -60.58 -84.27 -51.49
CA CYS MB 10 -59.12 -84.17 -51.54
C CYS MB 10 -58.76 -82.70 -51.78
N ILE MB 11 -58.39 -82.01 -50.72
CA ILE MB 11 -58.12 -80.57 -50.76
C ILE MB 11 -56.62 -80.39 -50.87
N PRO MB 12 -56.11 -79.82 -51.96
CA PRO MB 12 -54.66 -79.59 -52.06
C PRO MB 12 -54.27 -78.22 -51.54
N SER MB 13 -53.29 -78.17 -50.63
CA SER MB 13 -52.80 -76.90 -50.14
C SER MB 13 -51.87 -76.27 -51.17
N LEU MB 14 -52.23 -75.09 -51.64
CA LEU MB 14 -51.52 -74.44 -52.74
C LEU MB 14 -51.17 -73.00 -52.38
N LYS MB 15 -50.89 -72.74 -51.10
CA LYS MB 15 -50.52 -71.39 -50.69
C LYS MB 15 -49.35 -71.32 -49.71
N ARG MB 16 -49.07 -72.37 -48.95
CA ARG MB 16 -48.11 -72.23 -47.86
C ARG MB 16 -47.02 -73.28 -47.87
N VAL MB 17 -47.32 -74.48 -48.37
CA VAL MB 17 -46.40 -75.61 -48.30
C VAL MB 17 -46.10 -75.93 -46.84
N ARG MB 18 -47.12 -76.39 -46.12
CA ARG MB 18 -46.98 -76.69 -44.70
C ARG MB 18 -45.98 -77.82 -44.49
N THR MB 19 -45.18 -77.70 -43.43
CA THR MB 19 -44.03 -78.57 -43.22
C THR MB 19 -44.29 -79.72 -42.25
N GLY MB 20 -45.50 -79.88 -41.75
CA GLY MB 20 -45.78 -80.91 -40.77
C GLY MB 20 -47.03 -81.70 -41.11
N ARG MB 21 -46.83 -82.99 -41.39
CA ARG MB 21 -47.90 -83.94 -41.64
C ARG MB 21 -48.83 -83.52 -42.76
N GLU MB 22 -50.09 -83.25 -42.41
CA GLU MB 22 -51.13 -82.75 -43.31
C GLU MB 22 -51.62 -83.80 -44.30
N LEU MB 23 -51.54 -85.09 -43.95
CA LEU MB 23 -52.11 -86.11 -44.83
C LEU MB 23 -53.61 -86.26 -44.59
N GLN MB 24 -54.01 -86.49 -43.35
CA GLN MB 24 -55.42 -86.54 -42.98
C GLN MB 24 -56.13 -85.21 -43.24
N ASN MB 25 -55.43 -84.10 -43.11
CA ASN MB 25 -56.03 -82.80 -43.41
C ASN MB 25 -56.33 -82.67 -44.89
N THR MB 26 -55.53 -83.30 -45.75
CA THR MB 26 -55.69 -83.21 -47.19
C THR MB 26 -56.69 -84.21 -47.75
N PHE MB 27 -56.59 -85.48 -47.36
CA PHE MB 27 -57.53 -86.50 -47.81
C PHE MB 27 -58.27 -87.05 -46.59
N PHE MB 28 -59.60 -87.03 -46.64
CA PHE MB 28 -60.40 -87.42 -45.50
C PHE MB 28 -61.80 -87.80 -45.97
N THR MB 29 -62.40 -88.75 -45.28
CA THR MB 29 -63.81 -89.08 -45.41
C THR MB 29 -64.47 -88.86 -44.06
N LYS MB 30 -65.55 -88.10 -44.04
CA LYS MB 30 -66.14 -87.73 -42.75
C LYS MB 30 -67.64 -87.50 -42.88
N LEU MB 31 -68.37 -87.79 -41.80
CA LEU MB 31 -69.78 -87.46 -41.74
C LEU MB 31 -69.97 -86.01 -41.37
N VAL MB 32 -70.88 -85.34 -42.07
CA VAL MB 32 -71.17 -83.93 -41.82
C VAL MB 32 -72.69 -83.73 -41.70
N PRO MB 33 -73.16 -82.99 -40.70
CA PRO MB 33 -74.61 -82.76 -40.58
C PRO MB 33 -75.13 -81.92 -41.73
N TYR MB 34 -76.44 -82.01 -41.97
CA TYR MB 34 -77.06 -81.34 -43.10
C TYR MB 34 -76.94 -79.82 -42.99
N GLU MB 35 -77.02 -79.29 -41.77
CA GLU MB 35 -77.06 -77.84 -41.60
C GLU MB 35 -75.71 -77.21 -41.94
N ASN MB 36 -74.65 -78.00 -41.95
CA ASN MB 36 -73.31 -77.48 -42.22
C ASN MB 36 -72.69 -78.02 -43.50
N TRP MB 37 -73.35 -78.96 -44.19
CA TRP MB 37 -72.73 -79.58 -45.36
C TRP MB 37 -72.57 -78.58 -46.51
N PHE MB 38 -73.53 -77.68 -46.68
CA PHE MB 38 -73.41 -76.64 -47.70
C PHE MB 38 -72.16 -75.78 -47.49
N THR MB 39 -71.98 -75.28 -46.27
CA THR MB 39 -70.80 -74.45 -45.98
C THR MB 39 -69.52 -75.26 -46.12
N GLU MB 40 -69.53 -76.52 -45.65
CA GLU MB 40 -68.34 -77.35 -45.76
C GLU MB 40 -67.97 -77.61 -47.22
N GLN MB 41 -68.96 -77.93 -48.05
CA GLN MB 41 -68.70 -78.21 -49.45
C GLN MB 41 -68.13 -77.01 -50.19
N GLN MB 42 -68.75 -75.84 -50.02
CA GLN MB 42 -68.25 -74.71 -50.80
C GLN MB 42 -67.03 -74.05 -50.14
N ARG MB 43 -66.78 -74.35 -48.86
CA ARG MB 43 -65.46 -74.07 -48.30
C ARG MB 43 -64.40 -74.94 -48.96
N ILE MB 44 -64.72 -76.20 -49.22
CA ILE MB 44 -63.80 -77.06 -49.96
C ILE MB 44 -63.58 -76.51 -51.36
N GLN MB 45 -64.65 -76.05 -52.00
CA GLN MB 45 -64.53 -75.56 -53.36
C GLN MB 45 -63.72 -74.25 -53.43
N LYS MB 46 -63.80 -73.40 -52.41
CA LYS MB 46 -62.99 -72.20 -52.37
C LYS MB 46 -61.54 -72.47 -51.97
N ALA MB 47 -61.21 -73.70 -51.58
CA ALA MB 47 -59.84 -74.11 -51.33
C ALA MB 47 -59.28 -74.95 -52.48
N GLY MB 48 -59.96 -74.94 -53.62
CA GLY MB 48 -59.52 -75.74 -54.75
C GLY MB 48 -59.64 -77.23 -54.50
N GLY MB 49 -60.54 -77.64 -53.62
CA GLY MB 49 -60.69 -79.04 -53.30
C GLY MB 49 -61.47 -79.80 -54.35
N LYS MB 50 -61.51 -81.12 -54.17
CA LYS MB 50 -62.23 -82.01 -55.06
C LYS MB 50 -63.22 -82.83 -54.23
N VAL MB 51 -64.51 -82.72 -54.58
CA VAL MB 51 -65.56 -83.45 -53.86
C VAL MB 51 -65.75 -84.76 -54.61
N LEU MB 52 -65.04 -85.80 -54.16
CA LEU MB 52 -65.08 -87.07 -54.88
C LEU MB 52 -66.43 -87.77 -54.71
N SER MB 53 -66.94 -87.86 -53.48
CA SER MB 53 -68.16 -88.61 -53.23
C SER MB 53 -68.89 -88.04 -52.03
N VAL MB 54 -70.23 -88.05 -52.12
CA VAL MB 54 -71.11 -87.69 -51.02
C VAL MB 54 -72.23 -88.71 -50.95
N LYS MB 55 -72.61 -89.07 -49.73
CA LYS MB 55 -73.67 -90.04 -49.50
C LYS MB 55 -74.68 -89.42 -48.55
N LEU MB 56 -75.92 -89.87 -48.64
CA LEU MB 56 -76.95 -89.38 -47.75
C LEU MB 56 -76.94 -90.11 -46.41
N PHE MB 57 -76.64 -91.41 -46.43
CA PHE MB 57 -76.32 -92.16 -45.23
C PHE MB 57 -77.48 -92.32 -44.27
N THR MB 58 -77.84 -91.25 -43.56
CA THR MB 58 -78.74 -91.38 -42.42
C THR MB 58 -80.21 -91.17 -42.77
N GLY MB 59 -80.54 -89.99 -43.27
CA GLY MB 59 -81.94 -89.62 -43.40
C GLY MB 59 -82.66 -90.36 -44.50
N VAL MB 60 -83.94 -90.05 -44.63
CA VAL MB 60 -84.74 -90.53 -45.75
C VAL MB 60 -84.70 -89.49 -46.86
N GLN MB 61 -84.95 -89.93 -48.09
CA GLN MB 61 -84.87 -89.06 -49.25
C GLN MB 61 -86.20 -88.36 -49.54
N GLY MB 62 -87.27 -88.76 -48.87
CA GLY MB 62 -88.56 -88.12 -49.03
C GLY MB 62 -88.72 -86.85 -48.22
N ALA MB 63 -88.48 -86.96 -46.91
CA ALA MB 63 -88.33 -85.80 -46.02
C ALA MB 63 -89.65 -85.11 -45.69
N ASN MB 64 -89.57 -83.79 -45.50
CA ASN MB 64 -90.63 -82.80 -45.25
C ASN MB 64 -91.35 -82.96 -43.90
N THR MB 65 -91.00 -83.97 -43.11
CA THR MB 65 -91.48 -84.11 -41.75
C THR MB 65 -90.50 -84.95 -40.96
N GLY MB 66 -90.21 -84.55 -39.72
CA GLY MB 66 -89.23 -85.24 -38.91
C GLY MB 66 -87.82 -85.14 -39.41
N VAL MB 67 -87.52 -84.17 -40.28
CA VAL MB 67 -86.24 -84.07 -40.95
C VAL MB 67 -85.48 -82.86 -40.41
N GLY MB 68 -86.14 -81.72 -40.37
CA GLY MB 68 -85.52 -80.50 -39.86
C GLY MB 68 -85.53 -80.41 -38.35
N ALA MB 69 -84.98 -81.41 -37.69
CA ALA MB 69 -84.95 -81.46 -36.23
C ALA MB 69 -83.74 -80.69 -35.70
N SER NB 2 45.32 22.23 112.09
CA SER NB 2 44.72 22.52 113.40
C SER NB 2 44.63 24.01 113.65
N ARG NB 3 45.07 24.79 112.67
CA ARG NB 3 45.08 26.24 112.75
C ARG NB 3 44.04 26.80 111.77
N TYR NB 4 43.16 27.66 112.28
CA TYR NB 4 42.12 28.28 111.46
C TYR NB 4 42.19 29.79 111.62
N PHE NB 5 42.52 30.48 110.54
CA PHE NB 5 42.48 31.93 110.53
C PHE NB 5 41.03 32.41 110.51
N LYS NB 6 40.80 33.58 111.09
CA LYS NB 6 39.50 34.23 111.07
C LYS NB 6 39.64 35.51 110.23
N VAL NB 7 39.23 35.43 108.97
CA VAL NB 7 39.51 36.50 108.02
C VAL NB 7 38.22 37.20 107.60
N THR NB 8 38.37 38.43 107.10
CA THR NB 8 37.26 39.25 106.66
C THR NB 8 37.72 40.03 105.43
N ALA NB 9 36.97 39.91 104.34
CA ALA NB 9 37.36 40.52 103.08
C ALA NB 9 36.14 41.11 102.39
N CYS NB 10 36.39 42.07 101.51
CA CYS NB 10 35.34 42.71 100.70
C CYS NB 10 35.78 42.64 99.24
N ILE NB 11 35.15 41.75 98.48
CA ILE NB 11 35.55 41.47 97.10
C ILE NB 11 34.60 42.23 96.18
N PRO NB 12 35.08 43.21 95.42
CA PRO NB 12 34.20 43.89 94.47
C PRO NB 12 34.19 43.22 93.11
N SER NB 13 33.01 42.94 92.58
CA SER NB 13 32.91 42.35 91.25
C SER NB 13 32.99 43.43 90.18
N LEU NB 14 33.99 43.33 89.33
CA LEU NB 14 34.28 44.35 88.34
C LEU NB 14 34.45 43.75 86.95
N LYS NB 15 33.69 42.70 86.65
CA LYS NB 15 33.76 42.10 85.33
C LYS NB 15 32.41 41.75 84.72
N ARG NB 16 31.37 41.52 85.52
CA ARG NB 16 30.14 40.98 84.94
C ARG NB 16 28.89 41.77 85.30
N VAL NB 17 28.89 42.42 86.47
CA VAL NB 17 27.68 43.08 86.98
C VAL NB 17 26.58 42.04 87.15
N ARG NB 18 26.79 41.10 88.06
CA ARG NB 18 25.85 40.00 88.26
C ARG NB 18 24.51 40.51 88.77
N THR NB 19 23.42 39.91 88.27
CA THR NB 19 22.08 40.42 88.48
C THR NB 19 21.35 39.78 89.65
N GLY NB 20 21.98 38.87 90.39
CA GLY NB 20 21.28 38.15 91.44
C GLY NB 20 22.08 38.11 92.72
N ARG NB 21 21.51 38.72 93.75
CA ARG NB 21 22.00 38.63 95.12
C ARG NB 21 23.43 39.16 95.23
N GLU NB 22 24.38 38.30 95.59
CA GLU NB 22 25.80 38.59 95.64
C GLU NB 22 26.18 39.57 96.73
N LEU NB 23 25.52 39.53 97.88
CA LEU NB 23 25.91 40.40 98.99
C LEU NB 23 26.86 39.66 99.94
N GLN NB 24 26.45 38.49 100.41
CA GLN NB 24 27.32 37.63 101.20
C GLN NB 24 28.54 37.16 100.44
N ASN NB 25 28.43 37.03 99.12
CA ASN NB 25 29.58 36.65 98.31
C ASN NB 25 30.64 37.75 98.31
N THR NB 26 30.22 39.01 98.45
CA THR NB 26 31.13 40.13 98.43
C THR NB 26 31.66 40.51 99.80
N PHE NB 27 30.80 40.64 100.80
CA PHE NB 27 31.22 40.97 102.16
C PHE NB 27 30.97 39.76 103.06
N PHE NB 28 32.04 39.17 103.58
CA PHE NB 28 31.92 37.96 104.37
C PHE NB 28 33.08 37.87 105.35
N THR NB 29 32.80 37.29 106.51
CA THR NB 29 33.81 36.90 107.48
C THR NB 29 33.74 35.39 107.65
N LYS NB 30 34.89 34.72 107.61
CA LYS NB 30 34.85 33.27 107.63
C LYS NB 30 36.15 32.69 108.17
N LEU NB 31 36.04 31.55 108.86
CA LEU NB 31 37.21 30.79 109.27
C LEU NB 31 37.74 29.99 108.09
N VAL NB 32 39.06 30.02 107.91
CA VAL NB 32 39.70 29.27 106.84
C VAL NB 32 40.89 28.50 107.41
N PRO NB 33 41.10 27.24 107.03
CA PRO NB 33 42.25 26.50 107.55
C PRO NB 33 43.56 27.08 107.04
N TYR NB 34 44.64 26.78 107.78
CA TYR NB 34 45.96 27.29 107.42
C TYR NB 34 46.41 26.76 106.07
N GLU NB 35 45.97 25.55 105.72
CA GLU NB 35 46.45 24.92 104.49
C GLU NB 35 45.93 25.66 103.26
N ASN NB 36 44.73 26.22 103.34
CA ASN NB 36 44.11 26.83 102.18
C ASN NB 36 44.03 28.35 102.28
N TRP NB 37 44.41 28.94 103.42
CA TRP NB 37 44.35 30.39 103.56
C TRP NB 37 45.28 31.10 102.58
N PHE NB 38 46.40 30.45 102.23
CA PHE NB 38 47.28 31.02 101.23
C PHE NB 38 46.58 31.23 99.90
N THR NB 39 45.95 30.18 99.38
CA THR NB 39 45.26 30.28 98.10
C THR NB 39 44.05 31.19 98.22
N GLU NB 40 43.37 31.18 99.38
CA GLU NB 40 42.21 32.05 99.56
C GLU NB 40 42.60 33.52 99.53
N GLN NB 41 43.62 33.90 100.30
CA GLN NB 41 44.10 35.27 100.26
C GLN NB 41 44.60 35.66 98.89
N GLN NB 42 45.26 34.74 98.20
CA GLN NB 42 45.90 35.15 96.96
C GLN NB 42 44.84 35.27 95.85
N ARG NB 43 43.81 34.42 95.90
CA ARG NB 43 42.63 34.61 95.06
C ARG NB 43 41.95 35.94 95.36
N ILE NB 44 41.88 36.32 96.65
CA ILE NB 44 41.25 37.59 97.02
C ILE NB 44 41.99 38.76 96.40
N GLN NB 45 43.32 38.76 96.48
CA GLN NB 45 44.07 39.87 95.91
C GLN NB 45 44.17 39.79 94.39
N LYS NB 46 44.00 38.61 93.79
CA LYS NB 46 43.90 38.51 92.35
C LYS NB 46 42.57 38.97 91.80
N ALA NB 47 41.57 39.18 92.67
CA ALA NB 47 40.26 39.66 92.26
C ALA NB 47 40.03 41.11 92.66
N GLY NB 48 41.09 41.84 92.98
CA GLY NB 48 40.95 43.21 93.43
C GLY NB 48 40.20 43.32 94.74
N GLY NB 49 40.31 42.31 95.60
CA GLY NB 49 39.63 42.34 96.86
C GLY NB 49 40.38 43.12 97.93
N LYS NB 50 39.74 43.26 99.08
CA LYS NB 50 40.30 43.97 100.22
C LYS NB 50 40.34 43.02 101.41
N VAL NB 51 41.54 42.81 101.95
CA VAL NB 51 41.72 41.95 103.13
C VAL NB 51 41.64 42.88 104.34
N LEU NB 52 40.44 43.06 104.88
CA LEU NB 52 40.25 44.01 105.96
C LEU NB 52 40.89 43.52 107.25
N SER NB 53 40.65 42.27 107.64
CA SER NB 53 41.11 41.78 108.93
C SER NB 53 41.36 40.28 108.86
N VAL NB 54 42.32 39.83 109.68
CA VAL NB 54 42.63 38.42 109.84
C VAL NB 54 42.76 38.15 111.33
N LYS NB 55 42.68 36.88 111.71
CA LYS NB 55 42.91 36.48 113.09
C LYS NB 55 43.49 35.07 113.08
N LEU NB 56 44.23 34.73 114.13
CA LEU NB 56 44.78 33.39 114.24
C LEU NB 56 43.79 32.45 114.90
N PHE NB 57 43.04 32.95 115.88
CA PHE NB 57 41.88 32.25 116.42
C PHE NB 57 42.22 30.95 117.15
N THR NB 58 42.57 29.91 116.40
CA THR NB 58 42.66 28.57 116.98
C THR NB 58 44.06 28.23 117.48
N GLY NB 59 45.03 28.23 116.58
CA GLY NB 59 46.33 27.69 116.91
C GLY NB 59 47.09 28.56 117.91
N VAL NB 60 48.27 28.08 118.28
CA VAL NB 60 49.18 28.86 119.12
C VAL NB 60 50.21 29.51 118.22
N GLN NB 61 50.78 30.62 118.70
CA GLN NB 61 51.72 31.41 117.91
C GLN NB 61 53.15 30.89 118.04
N GLY NB 62 53.39 29.97 118.96
CA GLY NB 62 54.70 29.35 119.11
C GLY NB 62 54.95 28.30 118.04
N ALA NB 63 54.03 27.34 117.92
CA ALA NB 63 53.99 26.41 116.80
C ALA NB 63 55.09 25.36 116.86
N ASN NB 64 55.47 24.85 115.68
CA ASN NB 64 56.53 23.89 115.37
C ASN NB 64 56.38 22.51 116.01
N THR NB 65 55.28 22.28 116.75
CA THR NB 65 54.92 20.96 117.25
C THR NB 65 53.43 20.93 117.50
N GLY NB 66 52.78 19.83 117.13
CA GLY NB 66 51.34 19.75 117.20
C GLY NB 66 50.63 20.71 116.27
N VAL NB 67 51.28 21.15 115.21
CA VAL NB 67 50.76 22.22 114.36
C VAL NB 67 50.39 21.66 112.99
N GLY NB 68 51.35 21.00 112.34
CA GLY NB 68 51.11 20.44 111.03
C GLY NB 68 50.37 19.12 111.05
N ALA NB 69 49.17 19.12 111.63
CA ALA NB 69 48.36 17.92 111.72
C ALA NB 69 47.47 17.76 110.49
N SER OB 2 -15.02 52.75 33.44
CA SER OB 2 -15.23 51.36 33.80
C SER OB 2 -14.78 50.43 32.68
N VAL OB 3 -14.80 49.12 32.96
CA VAL OB 3 -14.44 48.15 31.95
C VAL OB 3 -15.40 48.19 30.77
N LEU OB 4 -16.70 48.36 31.04
CA LEU OB 4 -17.68 48.51 29.97
C LEU OB 4 -17.38 49.73 29.12
N THR OB 5 -17.06 50.85 29.77
CA THR OB 5 -16.76 52.08 29.04
C THR OB 5 -15.53 51.90 28.16
N LYS OB 6 -14.50 51.27 28.70
CA LYS OB 6 -13.27 51.09 27.93
C LYS OB 6 -13.49 50.17 26.74
N ALA OB 7 -14.21 49.06 26.95
CA ALA OB 7 -14.48 48.13 25.86
C ALA OB 7 -15.36 48.78 24.79
N ILE OB 8 -16.36 49.56 25.22
CA ILE OB 8 -17.25 50.22 24.29
C ILE OB 8 -16.49 51.26 23.47
N VAL OB 9 -15.64 52.03 24.13
CA VAL OB 9 -14.90 53.07 23.43
C VAL OB 9 -13.91 52.44 22.45
N ASN OB 10 -13.32 51.30 22.82
CA ASN OB 10 -12.42 50.63 21.90
C ASN OB 10 -13.15 50.10 20.68
N ALA OB 11 -14.29 49.45 20.88
CA ALA OB 11 -15.06 48.93 19.75
C ALA OB 11 -15.59 50.06 18.87
N ASP OB 12 -15.94 51.20 19.48
CA ASP OB 12 -16.42 52.33 18.68
C ASP OB 12 -15.28 52.89 17.86
N ALA OB 13 -14.09 53.03 18.47
CA ALA OB 13 -12.96 53.56 17.72
C ALA OB 13 -12.53 52.64 16.60
N GLU OB 14 -12.73 51.33 16.77
CA GLU OB 14 -12.40 50.38 15.71
C GLU OB 14 -13.53 50.23 14.69
N ALA OB 15 -14.75 50.66 15.03
CA ALA OB 15 -15.92 50.50 14.18
C ALA OB 15 -16.24 49.01 13.95
N ARG OB 16 -16.53 48.31 15.04
CA ARG OB 16 -16.95 46.92 14.98
C ARG OB 16 -17.75 46.62 16.23
N TYR OB 17 -18.32 45.41 16.27
CA TYR OB 17 -19.04 44.98 17.45
C TYR OB 17 -18.08 44.40 18.47
N LEU OB 18 -18.61 43.87 19.59
CA LEU OB 18 -17.74 43.39 20.71
C LEU OB 18 -17.35 41.90 20.60
N SER OB 19 -18.17 41.17 19.88
CA SER OB 19 -17.82 39.74 19.69
C SER OB 19 -17.80 39.03 21.04
N PRO OB 20 -17.69 37.70 21.03
CA PRO OB 20 -17.59 37.00 22.30
C PRO OB 20 -16.59 37.66 23.19
N GLY OB 21 -15.65 38.44 22.62
CA GLY OB 21 -14.58 38.87 23.53
C GLY OB 21 -15.13 39.80 24.56
N GLU OB 22 -15.58 40.92 24.05
CA GLU OB 22 -16.05 41.92 25.02
C GLU OB 22 -17.27 41.29 25.71
N LEU OB 23 -18.01 40.45 24.99
CA LEU OB 23 -19.24 39.99 25.66
C LEU OB 23 -18.88 39.27 26.99
N ASP OB 24 -17.93 38.34 26.97
CA ASP OB 24 -17.62 37.59 28.21
C ASP OB 24 -16.81 38.46 29.17
N ARG OB 25 -15.95 39.31 28.63
CA ARG OB 25 -15.21 40.10 29.63
C ARG OB 25 -16.25 40.90 30.42
N ILE OB 26 -17.35 41.29 29.79
CA ILE OB 26 -18.42 42.09 30.45
C ILE OB 26 -19.17 41.16 31.42
N LYS OB 27 -19.58 39.98 30.95
CA LYS OB 27 -20.22 38.99 31.86
C LYS OB 27 -19.31 38.69 33.05
N SER OB 28 -18.06 39.18 33.04
CA SER OB 28 -17.23 39.01 34.27
C SER OB 28 -17.05 40.31 35.07
N PHE OB 29 -16.70 41.44 34.43
CA PHE OB 29 -16.54 42.76 35.12
C PHE OB 29 -17.76 42.93 35.93
N VAL OB 30 -18.58 41.92 35.86
CA VAL OB 30 -19.88 41.90 36.53
C VAL OB 30 -19.92 40.83 37.61
N ALA OB 31 -19.21 39.71 37.42
CA ALA OB 31 -19.16 38.69 38.45
C ALA OB 31 -18.42 39.18 39.69
N SER OB 32 -17.38 39.99 39.52
CA SER OB 32 -16.59 40.51 40.63
C SER OB 32 -17.24 41.72 41.30
N GLY OB 33 -18.43 42.12 40.85
CA GLY OB 33 -19.08 43.30 41.36
C GLY OB 33 -19.38 43.26 42.85
N GLU OB 34 -19.84 42.11 43.34
CA GLU OB 34 -20.15 41.99 44.76
C GLU OB 34 -18.90 42.12 45.62
N ARG OB 35 -17.81 41.48 45.20
CA ARG OB 35 -16.56 41.58 45.96
C ARG OB 35 -16.03 43.01 45.95
N ARG OB 36 -16.12 43.68 44.80
CA ARG OB 36 -15.67 45.06 44.74
C ARG OB 36 -16.51 45.97 45.62
N LEU OB 37 -17.83 45.75 45.64
CA LEU OB 37 -18.70 46.53 46.51
C LEU OB 37 -18.39 46.26 47.97
N ARG OB 38 -18.10 45.01 48.34
CA ARG OB 38 -17.76 44.70 49.72
C ARG OB 38 -16.47 45.38 50.14
N ILE OB 39 -15.45 45.37 49.26
CA ILE OB 39 -14.18 46.02 49.59
C ILE OB 39 -14.38 47.52 49.74
N ALA OB 40 -15.16 48.13 48.84
CA ALA OB 40 -15.46 49.55 48.95
C ALA OB 40 -16.21 49.88 50.23
N GLN OB 41 -17.16 49.03 50.62
CA GLN OB 41 -17.91 49.26 51.85
C GLN OB 41 -16.98 49.18 53.07
N THR OB 42 -16.05 48.22 53.06
CA THR OB 42 -15.11 48.09 54.17
C THR OB 42 -14.23 49.34 54.27
N LEU OB 43 -13.70 49.80 53.15
CA LEU OB 43 -12.86 51.00 53.17
C LEU OB 43 -13.65 52.23 53.60
N THR OB 44 -14.90 52.35 53.14
CA THR OB 44 -15.73 53.48 53.55
C THR OB 44 -16.00 53.45 55.05
N GLU OB 45 -16.26 52.27 55.60
CA GLU OB 45 -16.47 52.16 57.04
C GLU OB 45 -15.21 52.50 57.82
N ALA OB 46 -14.03 52.16 57.29
CA ALA OB 46 -12.77 52.43 57.97
C ALA OB 46 -12.06 53.65 57.41
N ARG OB 47 -12.81 54.60 56.84
CA ARG OB 47 -12.19 55.76 56.21
C ARG OB 47 -11.44 56.65 57.19
N GLU OB 48 -11.95 56.81 58.42
CA GLU OB 48 -11.34 57.76 59.33
C GLU OB 48 -10.02 57.23 59.88
N ARG OB 49 -9.99 55.96 60.28
CA ARG OB 49 -8.81 55.36 60.87
C ARG OB 49 -7.64 55.36 59.89
N ILE OB 50 -7.91 55.01 58.63
CA ILE OB 50 -6.87 54.95 57.62
C ILE OB 50 -6.27 56.32 57.38
N VAL OB 51 -7.11 57.35 57.28
CA VAL OB 51 -6.62 58.70 57.03
C VAL OB 51 -5.77 59.20 58.20
N LYS OB 52 -6.25 58.98 59.43
CA LYS OB 52 -5.50 59.46 60.60
C LYS OB 52 -4.16 58.74 60.72
N GLN OB 53 -4.15 57.42 60.56
CA GLN OB 53 -2.90 56.67 60.69
C GLN OB 53 -1.93 57.03 59.56
N ALA OB 54 -2.45 57.23 58.34
CA ALA OB 54 -1.57 57.60 57.23
C ALA OB 54 -0.96 58.97 57.46
N GLY OB 55 -1.73 59.93 57.97
CA GLY OB 55 -1.17 61.22 58.30
C GLY OB 55 -0.10 61.13 59.36
N ASP OB 56 -0.34 60.31 60.40
CA ASP OB 56 0.65 60.14 61.45
C ASP OB 56 1.93 59.52 60.92
N GLN OB 57 1.83 58.49 60.08
CA GLN OB 57 3.04 57.88 59.55
C GLN OB 57 3.76 58.79 58.56
N LEU OB 58 3.01 59.56 57.77
CA LEU OB 58 3.64 60.48 56.84
C LEU OB 58 4.41 61.58 57.57
N PHE OB 59 3.87 62.07 58.67
CA PHE OB 59 4.59 63.08 59.45
C PHE OB 59 5.82 62.53 60.16
N GLN OB 60 5.92 61.21 60.30
CA GLN OB 60 7.15 60.61 60.82
C GLN OB 60 8.26 60.55 59.79
N ILE OB 61 7.94 60.26 58.53
CA ILE OB 61 8.95 60.23 57.48
C ILE OB 61 9.31 61.62 56.97
N ARG OB 62 8.37 62.56 56.98
CA ARG OB 62 8.61 63.92 56.51
C ARG OB 62 8.24 64.90 57.61
N PRO OB 63 9.05 64.98 58.66
CA PRO OB 63 8.73 65.92 59.75
C PRO OB 63 8.78 67.38 59.33
N ASP OB 64 9.52 67.70 58.27
CA ASP OB 64 9.69 69.10 57.90
C ASP OB 64 8.43 69.71 57.32
N VAL OB 65 7.49 68.90 56.81
CA VAL OB 65 6.25 69.47 56.29
C VAL OB 65 5.44 70.07 57.41
N VAL OB 66 5.45 69.44 58.58
CA VAL OB 66 4.92 70.07 59.79
C VAL OB 66 6.06 70.78 60.49
N SER OB 67 6.41 71.97 60.01
CA SER OB 67 7.55 72.73 60.48
C SER OB 67 7.43 74.14 59.92
N PRO OB 68 8.25 75.08 60.42
CA PRO OB 68 8.11 76.50 60.03
C PRO OB 68 8.19 76.78 58.53
N GLY OB 69 9.00 76.02 57.80
CA GLY OB 69 9.12 76.24 56.37
C GLY OB 69 8.34 75.24 55.54
N GLY OB 70 7.28 74.68 56.11
CA GLY OB 70 6.55 73.59 55.48
C GLY OB 70 5.20 74.02 54.92
N ASN OB 71 4.71 73.25 53.95
CA ASN OB 71 3.40 73.51 53.38
C ASN OB 71 2.29 73.37 54.42
N ALA OB 72 2.34 72.32 55.24
CA ALA OB 72 1.27 72.01 56.18
C ALA OB 72 1.58 72.45 57.59
N TYR OB 73 2.23 73.60 57.77
CA TYR OB 73 2.58 74.07 59.10
C TYR OB 73 1.36 74.72 59.74
N GLY OB 74 0.88 74.12 60.83
CA GLY OB 74 -0.28 74.63 61.53
C GLY OB 74 -1.42 73.64 61.54
N GLU OB 75 -2.33 73.85 62.49
CA GLU OB 75 -3.45 72.94 62.68
C GLU OB 75 -4.38 72.93 61.47
N LYS OB 76 -4.68 74.10 60.91
CA LYS OB 76 -5.59 74.17 59.77
C LYS OB 76 -4.95 73.63 58.50
N MET OB 77 -3.66 73.91 58.27
CA MET OB 77 -2.98 73.33 57.13
C MET OB 77 -2.82 71.82 57.25
N THR OB 78 -2.66 71.30 58.47
CA THR OB 78 -2.69 69.86 58.66
C THR OB 78 -4.07 69.29 58.40
N ALA OB 79 -5.12 70.00 58.81
CA ALA OB 79 -6.48 69.57 58.51
C ALA OB 79 -6.72 69.52 57.01
N LEU OB 80 -6.17 70.49 56.27
CA LEU OB 80 -6.29 70.47 54.82
C LEU OB 80 -5.59 69.27 54.21
N CYS OB 81 -4.41 68.92 54.74
CA CYS OB 81 -3.71 67.73 54.26
C CYS OB 81 -4.51 66.47 54.53
N LEU OB 82 -5.12 66.36 55.72
CA LEU OB 82 -5.95 65.21 56.02
C LEU OB 82 -7.19 65.17 55.12
N ARG OB 83 -7.76 66.32 54.80
CA ARG OB 83 -8.89 66.36 53.89
C ARG OB 83 -8.48 65.91 52.49
N ASP OB 84 -7.28 66.28 52.06
CA ASP OB 84 -6.76 65.78 50.78
C ASP OB 84 -6.62 64.27 50.80
N LEU OB 85 -6.11 63.72 51.91
CA LEU OB 85 -5.96 62.27 52.01
C LEU OB 85 -7.33 61.59 51.98
N ASP OB 86 -8.32 62.20 52.63
CA ASP OB 86 -9.69 61.67 52.56
C ASP OB 86 -10.23 61.71 51.14
N TYR OB 87 -9.95 62.79 50.40
CA TYR OB 87 -10.36 62.90 49.02
C TYR OB 87 -9.77 61.76 48.19
N TYR OB 88 -8.48 61.50 48.38
CA TYR OB 88 -7.84 60.43 47.61
C TYR OB 88 -8.35 59.06 48.02
N LEU OB 89 -8.70 58.87 49.30
CA LEU OB 89 -9.29 57.60 49.72
C LEU OB 89 -10.65 57.40 49.06
N ARG OB 90 -11.45 58.47 48.97
CA ARG OB 90 -12.74 58.37 48.29
C ARG OB 90 -12.54 58.05 46.81
N LEU OB 91 -11.54 58.66 46.19
CA LEU OB 91 -11.24 58.35 44.80
C LEU OB 91 -10.82 56.90 44.62
N VAL OB 92 -10.05 56.37 45.57
CA VAL OB 92 -9.66 54.97 45.50
C VAL OB 92 -10.87 54.05 45.64
N THR OB 93 -11.82 54.42 46.50
CA THR OB 93 -13.06 53.65 46.60
C THR OB 93 -13.83 53.68 45.29
N TYR OB 94 -13.87 54.85 44.65
CA TYR OB 94 -14.51 54.96 43.34
C TYR OB 94 -13.84 54.07 42.31
N GLY OB 95 -12.51 54.05 42.32
CA GLY OB 95 -11.78 53.21 41.38
C GLY OB 95 -12.03 51.73 41.62
N ILE OB 96 -12.10 51.33 42.90
CA ILE OB 96 -12.37 49.94 43.23
C ILE OB 96 -13.77 49.54 42.76
N VAL OB 97 -14.77 50.40 42.99
CA VAL OB 97 -16.12 50.05 42.56
C VAL OB 97 -16.24 50.06 41.03
N ALA OB 98 -15.54 50.96 40.35
CA ALA OB 98 -15.65 51.07 38.90
C ALA OB 98 -14.85 50.01 38.17
N GLY OB 99 -13.83 49.44 38.80
CA GLY OB 99 -13.05 48.40 38.15
C GLY OB 99 -11.90 48.90 37.32
N ASP OB 100 -11.73 50.21 37.18
CA ASP OB 100 -10.57 50.77 36.49
C ASP OB 100 -10.26 52.12 37.12
N VAL OB 101 -9.38 52.88 36.47
CA VAL OB 101 -8.84 54.08 37.06
C VAL OB 101 -9.26 55.35 36.34
N THR OB 102 -10.26 55.29 35.48
CA THR OB 102 -10.78 56.47 34.79
C THR OB 102 -11.27 57.55 35.75
N PRO OB 103 -12.14 57.22 36.73
CA PRO OB 103 -12.56 58.26 37.68
C PRO OB 103 -11.43 58.85 38.50
N ILE OB 104 -10.48 58.03 38.95
CA ILE OB 104 -9.34 58.55 39.71
C ILE OB 104 -8.51 59.49 38.85
N GLU OB 105 -8.20 59.07 37.63
CA GLU OB 105 -7.37 59.85 36.73
C GLU OB 105 -8.01 61.19 36.39
N GLU OB 106 -9.31 61.19 36.10
CA GLU OB 106 -9.95 62.46 35.80
C GLU OB 106 -10.11 63.33 37.04
N ILE OB 107 -10.53 62.75 38.16
CA ILE OB 107 -10.85 63.55 39.32
C ILE OB 107 -9.61 64.18 39.96
N GLY OB 108 -8.55 63.41 40.16
CA GLY OB 108 -7.47 63.94 40.97
C GLY OB 108 -6.06 63.65 40.51
N ILE OB 109 -5.87 63.41 39.22
CA ILE OB 109 -4.55 63.14 38.66
C ILE OB 109 -4.17 64.11 37.56
N ILE OB 110 -5.08 64.34 36.61
CA ILE OB 110 -4.79 65.28 35.53
C ILE OB 110 -4.74 66.68 36.11
N GLY OB 111 -3.54 67.26 36.13
CA GLY OB 111 -3.33 68.60 36.64
C GLY OB 111 -2.98 68.68 38.11
N VAL OB 112 -2.80 67.55 38.79
CA VAL OB 112 -2.42 67.59 40.20
C VAL OB 112 -1.02 68.17 40.36
N LYS OB 113 -0.15 67.98 39.37
CA LYS OB 113 1.17 68.59 39.42
C LYS OB 113 1.07 70.11 39.40
N GLU OB 114 0.23 70.65 38.51
CA GLU OB 114 0.00 72.09 38.46
C GLU OB 114 -0.64 72.58 39.76
N MET OB 115 -1.59 71.80 40.29
CA MET OB 115 -2.15 71.98 41.63
C MET OB 115 -1.06 72.27 42.65
N TYR OB 116 -0.17 71.31 42.83
CA TYR OB 116 0.69 71.37 44.00
C TYR OB 116 1.89 72.27 43.74
N ASN OB 117 2.22 72.50 42.46
CA ASN OB 117 3.20 73.52 42.13
C ASN OB 117 2.68 74.90 42.43
N SER OB 118 1.42 75.18 42.09
CA SER OB 118 0.84 76.47 42.43
C SER OB 118 0.75 76.65 43.94
N LEU OB 119 0.36 75.58 44.64
CA LEU OB 119 0.22 75.66 46.08
C LEU OB 119 1.54 75.53 46.84
N GLN OB 120 2.64 75.27 46.13
CA GLN OB 120 3.94 75.05 46.77
C GLN OB 120 3.91 73.85 47.71
N THR OB 121 3.24 72.80 47.28
CA THR OB 121 3.03 71.62 48.11
C THR OB 121 4.00 70.51 47.70
N PRO OB 122 4.65 69.85 48.66
CA PRO OB 122 5.43 68.66 48.29
C PRO OB 122 4.55 67.50 47.84
N ILE OB 123 4.63 67.28 46.52
CA ILE OB 123 4.02 66.10 45.90
C ILE OB 123 4.65 64.79 46.38
N PRO OB 124 5.98 64.68 46.54
CA PRO OB 124 6.52 63.46 47.16
C PRO OB 124 5.96 63.19 48.55
N ALA OB 125 5.68 64.24 49.34
CA ALA OB 125 4.97 64.01 50.58
C ALA OB 125 3.52 63.59 50.35
N VAL OB 126 2.86 64.06 49.29
CA VAL OB 126 1.55 63.51 48.96
C VAL OB 126 1.66 62.02 48.65
N ALA OB 127 2.70 61.63 47.92
CA ALA OB 127 2.89 60.22 47.57
C ALA OB 127 3.16 59.39 48.82
N GLU OB 128 3.94 59.93 49.76
CA GLU OB 128 4.18 59.21 51.00
C GLU OB 128 2.91 59.05 51.82
N GLY OB 129 2.08 60.10 51.87
CA GLY OB 129 0.78 59.96 52.51
C GLY OB 129 -0.10 58.93 51.86
N VAL OB 130 -0.08 58.87 50.52
CA VAL OB 130 -0.87 57.87 49.81
C VAL OB 130 -0.35 56.47 50.13
N ARG OB 131 0.97 56.30 50.22
CA ARG OB 131 1.53 55.01 50.61
C ARG OB 131 1.11 54.62 52.03
N ALA OB 132 1.08 55.59 52.94
CA ALA OB 132 0.63 55.32 54.29
C ALA OB 132 -0.82 54.88 54.31
N MET OB 133 -1.67 55.54 53.52
CA MET OB 133 -3.06 55.11 53.40
C MET OB 133 -3.14 53.71 52.81
N LYS OB 134 -2.26 53.39 51.86
CA LYS OB 134 -2.23 52.05 51.28
C LYS OB 134 -1.92 51.00 52.34
N ASN OB 135 -0.92 51.27 53.18
CA ASN OB 135 -0.55 50.31 54.21
C ASN OB 135 -1.67 50.13 55.24
N VAL OB 136 -2.28 51.24 55.67
CA VAL OB 136 -3.34 51.18 56.66
C VAL OB 136 -4.55 50.45 56.09
N ALA OB 137 -4.91 50.73 54.84
CA ALA OB 137 -6.04 50.06 54.22
C ALA OB 137 -5.77 48.58 54.02
N THR OB 138 -4.55 48.23 53.59
CA THR OB 138 -4.22 46.83 53.39
C THR OB 138 -4.18 46.07 54.70
N SER OB 139 -3.94 46.75 55.81
CA SER OB 139 -4.00 46.09 57.12
C SER OB 139 -5.41 45.66 57.52
N LEU OB 140 -6.46 46.17 56.86
CA LEU OB 140 -7.84 45.89 57.24
C LEU OB 140 -8.53 44.93 56.27
N LEU OB 141 -7.78 44.28 55.38
CA LEU OB 141 -8.40 43.47 54.35
C LEU OB 141 -7.73 42.11 54.27
N SER OB 142 -8.47 41.13 53.76
CA SER OB 142 -7.90 39.83 53.45
C SER OB 142 -6.92 39.97 52.30
N GLY OB 143 -6.13 38.91 52.07
CA GLY OB 143 -5.04 38.95 51.13
C GLY OB 143 -5.40 39.29 49.69
N ASP OB 144 -6.43 38.64 49.15
CA ASP OB 144 -6.83 38.91 47.78
C ASP OB 144 -7.39 40.33 47.64
N ASP OB 145 -8.30 40.71 48.53
CA ASP OB 145 -8.83 42.07 48.50
C ASP OB 145 -7.75 43.09 48.83
N ALA OB 146 -6.79 42.73 49.68
CA ALA OB 146 -5.67 43.62 49.96
C ALA OB 146 -4.86 43.89 48.71
N ALA OB 147 -4.57 42.84 47.93
CA ALA OB 147 -3.85 43.04 46.67
C ALA OB 147 -4.68 43.84 45.68
N GLU OB 148 -5.99 43.59 45.64
CA GLU OB 148 -6.87 44.30 44.72
C GLU OB 148 -6.91 45.79 45.02
N ALA OB 149 -6.99 46.17 46.30
CA ALA OB 149 -6.98 47.59 46.64
C ALA OB 149 -5.58 48.18 46.49
N GLY OB 150 -4.55 47.39 46.79
CA GLY OB 150 -3.19 47.88 46.64
C GLY OB 150 -2.82 48.16 45.20
N PHE OB 151 -3.47 47.48 44.26
CA PHE OB 151 -3.28 47.81 42.85
C PHE OB 151 -3.66 49.26 42.56
N TYR OB 152 -4.85 49.67 43.03
CA TYR OB 152 -5.28 51.04 42.79
C TYR OB 152 -4.46 52.05 43.59
N PHE OB 153 -4.08 51.69 44.82
CA PHE OB 153 -3.22 52.59 45.60
C PHE OB 153 -1.87 52.77 44.93
N ASP OB 154 -1.30 51.69 44.40
CA ASP OB 154 -0.04 51.78 43.69
C ASP OB 154 -0.18 52.59 42.41
N TYR OB 155 -1.30 52.46 41.71
CA TYR OB 155 -1.53 53.29 40.53
C TYR OB 155 -1.56 54.77 40.89
N LEU OB 156 -2.24 55.09 42.00
CA LEU OB 156 -2.28 56.48 42.45
C LEU OB 156 -0.88 56.99 42.78
N VAL OB 157 -0.09 56.16 43.47
CA VAL OB 157 1.27 56.55 43.84
C VAL OB 157 2.12 56.79 42.60
N GLY OB 158 2.03 55.90 41.62
CA GLY OB 158 2.80 56.06 40.40
C GLY OB 158 2.37 57.26 39.59
N ALA OB 159 1.05 57.48 39.46
CA ALA OB 159 0.56 58.59 38.65
C ALA OB 159 0.83 59.93 39.31
N MET OB 160 1.02 59.95 40.63
CA MET OB 160 1.34 61.20 41.33
C MET OB 160 2.86 61.41 41.36
N GLN OB 161 3.47 61.27 40.19
CA GLN OB 161 4.91 61.38 39.96
C GLN OB 161 5.21 62.03 38.61
N MET PB 1 -18.66 59.98 26.91
CA MET PB 1 -19.95 59.38 27.18
C MET PB 1 -20.12 59.08 28.66
N GLN PB 2 -20.79 57.97 28.96
CA GLN PB 2 -20.88 57.40 30.30
C GLN PB 2 -21.78 56.17 30.26
N ASP PB 3 -21.63 55.32 31.26
CA ASP PB 3 -22.54 54.21 31.49
C ASP PB 3 -23.32 54.50 32.77
N ALA PB 4 -24.12 53.51 33.20
CA ALA PB 4 -24.89 53.68 34.43
C ALA PB 4 -23.98 53.84 35.64
N ILE PB 5 -22.94 53.02 35.71
CA ILE PB 5 -22.02 53.05 36.85
C ILE PB 5 -21.28 54.38 36.90
N THR PB 6 -20.76 54.84 35.75
CA THR PB 6 -20.09 56.12 35.70
C THR PB 6 -21.03 57.28 35.98
N ALA PB 7 -22.27 57.21 35.53
CA ALA PB 7 -23.23 58.26 35.82
C ALA PB 7 -23.50 58.35 37.32
N VAL PB 8 -23.68 57.20 37.98
CA VAL PB 8 -23.88 57.21 39.42
C VAL PB 8 -22.64 57.75 40.13
N ILE PB 9 -21.46 57.32 39.69
CA ILE PB 9 -20.22 57.69 40.36
C ILE PB 9 -19.98 59.19 40.26
N ASN PB 10 -20.17 59.76 39.08
CA ASN PB 10 -19.93 61.20 38.96
C ASN PB 10 -21.07 62.01 39.56
N ASN PB 11 -22.28 61.46 39.60
CA ASN PB 11 -23.37 62.15 40.29
C ASN PB 11 -23.14 62.18 41.80
N TYR PB 12 -22.42 61.20 42.34
CA TYR PB 12 -22.00 61.30 43.73
C TYR PB 12 -20.73 62.13 43.89
N ASP PB 13 -19.90 62.19 42.84
CA ASP PB 13 -18.72 63.02 42.85
C ASP PB 13 -19.09 64.49 43.00
N VAL PB 14 -20.11 64.93 42.25
CA VAL PB 14 -20.48 66.34 42.26
C VAL PB 14 -20.93 66.79 43.63
N GLN PB 15 -21.52 65.90 44.42
CA GLN PB 15 -21.83 66.18 45.82
C GLN PB 15 -20.67 65.84 46.76
N GLY PB 16 -19.63 65.18 46.26
CA GLY PB 16 -18.51 64.84 47.13
C GLY PB 16 -18.88 63.86 48.21
N LYS PB 17 -19.67 62.85 47.87
CA LYS PB 17 -20.21 61.89 48.83
C LYS PB 17 -19.70 60.50 48.53
N TYR PB 18 -19.48 59.72 49.58
CA TYR PB 18 -19.20 58.30 49.39
C TYR PB 18 -20.44 57.60 48.87
N LEU PB 19 -20.24 56.39 48.35
CA LEU PB 19 -21.36 55.64 47.78
C LEU PB 19 -22.35 55.24 48.87
N ASP PB 20 -23.59 55.67 48.71
CA ASP PB 20 -24.64 55.49 49.71
C ASP PB 20 -25.61 54.41 49.23
N GLY PB 21 -26.67 54.20 50.02
CA GLY PB 21 -27.64 53.16 49.70
C GLY PB 21 -28.37 53.42 48.40
N ALA PB 22 -28.64 54.69 48.10
CA ALA PB 22 -29.35 55.04 46.86
C ALA PB 22 -28.52 54.68 45.63
N ALA PB 23 -27.25 55.08 45.63
CA ALA PB 23 -26.34 54.68 44.56
C ALA PB 23 -26.20 53.16 44.53
N LEU PB 24 -26.30 52.52 45.71
CA LEU PB 24 -26.27 51.07 45.77
C LEU PB 24 -27.43 50.44 45.01
N ASP PB 25 -28.66 50.92 45.21
CA ASP PB 25 -29.74 50.23 44.50
C ASP PB 25 -29.79 50.64 43.04
N LYS PB 26 -29.32 51.83 42.67
CA LYS PB 26 -29.17 52.10 41.23
C LYS PB 26 -28.15 51.16 40.59
N LEU PB 27 -27.03 50.93 41.26
CA LEU PB 27 -26.03 50.01 40.73
C LEU PB 27 -26.57 48.59 40.66
N LYS PB 28 -27.33 48.18 41.67
CA LYS PB 28 -27.92 46.84 41.65
C LYS PB 28 -28.95 46.70 40.54
N ALA PB 29 -29.73 47.76 40.30
CA ALA PB 29 -30.68 47.74 39.20
C ALA PB 29 -29.99 47.63 37.85
N TYR PB 30 -28.84 48.29 37.70
CA TYR PB 30 -28.08 48.08 36.48
C TYR PB 30 -27.52 46.66 36.39
N PHE PB 31 -27.03 46.14 37.51
CA PHE PB 31 -26.35 44.85 37.49
C PHE PB 31 -27.31 43.71 37.21
N THR PB 32 -28.54 43.80 37.71
CA THR PB 32 -29.47 42.68 37.60
C THR PB 32 -29.88 42.37 36.17
N THR PB 33 -29.77 43.33 35.26
CA THR PB 33 -30.14 43.12 33.87
C THR PB 33 -28.93 42.96 32.96
N GLY PB 34 -27.79 42.53 33.49
CA GLY PB 34 -26.59 42.43 32.67
C GLY PB 34 -26.69 41.36 31.61
N ALA PB 35 -27.21 40.18 31.98
CA ALA PB 35 -27.20 39.04 31.06
C ALA PB 35 -28.13 39.26 29.87
N VAL PB 36 -29.29 39.86 30.11
CA VAL PB 36 -30.24 40.09 29.02
C VAL PB 36 -29.66 41.05 28.00
N ARG PB 37 -28.98 42.10 28.47
CA ARG PB 37 -28.33 43.04 27.57
C ARG PB 37 -27.27 42.36 26.72
N VAL PB 38 -26.47 41.49 27.34
CA VAL PB 38 -25.42 40.79 26.60
C VAL PB 38 -26.02 39.87 25.55
N ARG PB 39 -27.08 39.14 25.91
CA ARG PB 39 -27.68 38.21 24.95
C ARG PB 39 -28.32 38.96 23.78
N ALA PB 40 -28.98 40.09 24.06
CA ALA PB 40 -29.61 40.83 22.98
C ALA PB 40 -28.56 41.50 22.10
N ALA PB 41 -27.47 41.98 22.69
CA ALA PB 41 -26.39 42.54 21.90
C ALA PB 41 -25.75 41.48 21.01
N ALA PB 42 -25.55 40.27 21.53
CA ALA PB 42 -25.00 39.20 20.71
C ALA PB 42 -25.94 38.85 19.56
N VAL PB 43 -27.25 38.79 19.81
CA VAL PB 43 -28.21 38.48 18.75
C VAL PB 43 -28.19 39.57 17.69
N ILE PB 44 -28.15 40.83 18.10
CA ILE PB 44 -28.14 41.93 17.14
C ILE PB 44 -26.86 41.91 16.31
N SER PB 45 -25.73 41.64 16.95
CA SER PB 45 -24.47 41.59 16.22
C SER PB 45 -24.46 40.44 15.22
N SER PB 46 -25.02 39.30 15.61
CA SER PB 46 -25.08 38.18 14.67
C SER PB 46 -26.05 38.42 13.53
N ASN PB 47 -27.13 39.18 13.75
CA ASN PB 47 -28.11 39.43 12.70
C ASN PB 47 -28.10 40.86 12.17
N ALA PB 48 -26.97 41.55 12.24
CA ALA PB 48 -26.89 42.96 11.85
C ALA PB 48 -27.27 43.21 10.40
N THR PB 49 -26.76 42.39 9.47
CA THR PB 49 -27.01 42.64 8.05
C THR PB 49 -28.47 42.38 7.69
N THR PB 50 -29.05 41.32 8.23
CA THR PB 50 -30.44 40.99 7.90
C THR PB 50 -31.41 42.05 8.42
N ILE PB 51 -31.14 42.61 9.60
CA ILE PB 51 -31.99 43.65 10.13
C ILE PB 51 -31.98 44.87 9.23
N ILE PB 52 -30.79 45.28 8.76
CA ILE PB 52 -30.69 46.45 7.89
C ILE PB 52 -31.38 46.18 6.56
N LYS PB 53 -31.19 44.97 6.01
CA LYS PB 53 -31.83 44.64 4.74
C LYS PB 53 -33.35 44.66 4.86
N GLU PB 54 -33.89 44.07 5.93
CA GLU PB 54 -35.33 44.07 6.11
C GLU PB 54 -35.88 45.46 6.35
N ALA PB 55 -35.18 46.29 7.14
CA ALA PB 55 -35.63 47.65 7.37
C ALA PB 55 -35.63 48.46 6.10
N ALA PB 56 -34.59 48.32 5.28
CA ALA PB 56 -34.53 49.03 4.00
C ALA PB 56 -35.65 48.57 3.07
N ALA PB 57 -35.90 47.26 3.01
CA ALA PB 57 -36.98 46.76 2.17
C ALA PB 57 -38.34 47.26 2.65
N LYS PB 58 -38.53 47.36 3.96
CA LYS PB 58 -39.81 47.80 4.49
C LYS PB 58 -40.04 49.30 4.36
N ALA PB 59 -39.00 50.12 4.49
CA ALA PB 59 -39.22 51.55 4.61
C ALA PB 59 -38.61 52.42 3.52
N LEU PB 60 -37.59 51.95 2.79
CA LEU PB 60 -36.88 52.86 1.90
C LEU PB 60 -37.00 52.48 0.43
N ILE PB 61 -36.60 51.26 0.07
CA ILE PB 61 -36.50 50.87 -1.32
C ILE PB 61 -37.87 50.63 -1.91
N TYR PB 62 -37.93 50.43 -3.23
CA TYR PB 62 -39.19 50.33 -3.97
C TYR PB 62 -39.99 51.62 -3.83
N SER PB 63 -39.30 52.75 -3.90
CA SER PB 63 -39.94 54.05 -3.76
C SER PB 63 -39.27 55.03 -4.70
N ASP PB 64 -39.58 56.32 -4.51
CA ASP PB 64 -38.94 57.35 -5.30
C ASP PB 64 -37.50 57.60 -4.85
N LEU PB 65 -37.14 57.10 -3.66
CA LEU PB 65 -35.78 57.29 -3.15
C LEU PB 65 -34.76 56.59 -4.03
N THR PB 66 -35.07 55.37 -4.48
CA THR PB 66 -34.15 54.59 -5.29
C THR PB 66 -34.21 54.96 -6.77
N ARG PB 67 -35.18 55.75 -7.18
CA ARG PB 67 -35.29 56.18 -8.56
C ARG PB 67 -34.45 57.41 -8.80
N PRO PB 68 -34.24 57.78 -10.06
CA PRO PB 68 -33.48 59.00 -10.37
C PRO PB 68 -34.13 60.24 -9.77
N GLY PB 69 -33.30 61.14 -9.26
CA GLY PB 69 -33.75 62.27 -8.49
C GLY PB 69 -33.93 61.97 -7.02
N GLY PB 70 -33.88 60.71 -6.62
CA GLY PB 70 -33.97 60.34 -5.22
C GLY PB 70 -32.62 60.44 -4.55
N MEN PB 71 -32.63 60.74 -3.25
CA MEN PB 71 -31.41 60.92 -2.51
C MEN PB 71 -30.63 59.63 -2.36
O MEN PB 71 -29.41 59.58 -2.17
CB MEN PB 71 -31.63 61.48 -1.10
CG MEN PB 71 -30.33 61.98 -0.52
OD1 MEN PB 71 -29.64 61.25 0.21
ND2 MEN PB 71 -29.94 63.27 -0.83
CE2 MEN PB 71 -28.73 63.86 -0.32
N MET PB 72 -31.36 58.53 -2.44
CA MET PB 72 -30.77 57.21 -2.27
C MET PB 72 -30.37 56.63 -3.64
N TYR PB 73 -30.58 57.42 -4.69
CA TYR PB 73 -30.28 56.98 -6.04
C TYR PB 73 -28.76 56.85 -6.22
N THR PB 74 -28.35 55.89 -7.06
CA THR PB 74 -26.98 55.53 -7.39
C THR PB 74 -26.36 54.65 -6.32
N THR PB 75 -25.42 53.80 -6.73
CA THR PB 75 -24.79 52.85 -5.81
C THR PB 75 -24.06 53.54 -4.68
N ARG PB 76 -23.38 54.64 -4.98
CA ARG PB 76 -22.66 55.39 -3.96
C ARG PB 76 -23.59 55.87 -2.86
N ARG PB 77 -24.69 56.52 -3.25
CA ARG PB 77 -25.63 57.03 -2.27
C ARG PB 77 -26.36 55.92 -1.53
N TYR PB 78 -26.71 54.83 -2.20
CA TYR PB 78 -27.36 53.73 -1.51
C TYR PB 78 -26.42 53.10 -0.48
N ALA PB 79 -25.15 52.90 -0.84
CA ALA PB 79 -24.19 52.34 0.09
C ALA PB 79 -23.97 53.29 1.27
N ALA PB 80 -23.95 54.60 1.01
CA ALA PB 80 -23.87 55.56 2.10
C ALA PB 80 -25.08 55.46 3.02
N CYS PB 81 -26.28 55.29 2.44
CA CYS PB 81 -27.49 55.19 3.25
C CYS PB 81 -27.47 53.93 4.13
N ILE PB 82 -27.08 52.80 3.54
CA ILE PB 82 -26.99 51.59 4.35
C ILE PB 82 -25.86 51.67 5.38
N ARG PB 83 -24.79 52.41 5.09
CA ARG PB 83 -23.75 52.62 6.09
C ARG PB 83 -24.28 53.44 7.25
N ASP PB 84 -25.09 54.45 6.96
CA ASP PB 84 -25.74 55.21 8.02
C ASP PB 84 -26.67 54.31 8.84
N MET PB 85 -27.36 53.40 8.16
CA MET PB 85 -28.22 52.43 8.82
C MET PB 85 -27.42 51.58 9.80
N ASP PB 86 -26.27 51.08 9.35
CA ASP PB 86 -25.38 50.31 10.20
C ASP PB 86 -24.84 51.15 11.36
N TYR PB 87 -24.57 52.42 11.09
CA TYR PB 87 -24.14 53.35 12.15
C TYR PB 87 -25.17 53.41 13.26
N PHE PB 88 -26.43 53.64 12.89
CA PHE PB 88 -27.50 53.75 13.87
C PHE PB 88 -27.65 52.45 14.65
N LEU PB 89 -27.61 51.31 13.95
CA LEU PB 89 -27.76 50.03 14.63
C LEU PB 89 -26.63 49.76 15.62
N ARG PB 90 -25.39 49.98 15.18
CA ARG PB 90 -24.24 49.69 16.04
C ARG PB 90 -24.20 50.63 17.24
N TYR PB 91 -24.49 51.91 17.05
CA TYR PB 91 -24.45 52.82 18.18
C TYR PB 91 -25.62 52.59 19.12
N ALA PB 92 -26.77 52.15 18.60
CA ALA PB 92 -27.87 51.73 19.46
C ALA PB 92 -27.46 50.54 20.31
N THR PB 93 -26.74 49.59 19.72
CA THR PB 93 -26.23 48.46 20.49
C THR PB 93 -25.27 48.91 21.59
N TYR PB 94 -24.37 49.84 21.27
CA TYR PB 94 -23.45 50.36 22.28
C TYR PB 94 -24.19 51.05 23.41
N ALA PB 95 -25.15 51.89 23.07
CA ALA PB 95 -25.92 52.61 24.10
C ALA PB 95 -26.72 51.64 24.96
N MET PB 96 -27.28 50.61 24.34
CA MET PB 96 -28.01 49.60 25.10
C MET PB 96 -27.10 48.85 26.07
N LEU PB 97 -25.90 48.49 25.62
CA LEU PB 97 -24.98 47.79 26.50
C LEU PB 97 -24.54 48.69 27.65
N ALA PB 98 -24.29 49.96 27.37
CA ALA PB 98 -23.83 50.85 28.42
C ALA PB 98 -24.95 51.34 29.34
N GLY PB 99 -26.21 51.18 28.91
CA GLY PB 99 -27.31 51.69 29.71
C GLY PB 99 -27.34 53.18 29.85
N ASP PB 100 -27.03 53.91 28.77
CA ASP PB 100 -27.03 55.37 28.79
C ASP PB 100 -26.95 55.88 27.36
N PRO PB 101 -27.78 56.85 26.97
CA PRO PB 101 -27.73 57.38 25.61
C PRO PB 101 -26.70 58.49 25.41
N SER PB 102 -25.79 58.69 26.35
CA SER PB 102 -24.80 59.75 26.20
C SER PB 102 -23.88 59.49 25.01
N ILE PB 103 -23.54 58.22 24.77
CA ILE PB 103 -22.73 57.89 23.60
C ILE PB 103 -23.47 58.22 22.32
N LEU PB 104 -24.79 57.95 22.28
CA LEU PB 104 -25.59 58.32 21.13
C LEU PB 104 -25.61 59.83 20.94
N ASP PB 105 -25.74 60.58 22.02
CA ASP PB 105 -25.77 62.03 21.92
C ASP PB 105 -24.45 62.60 21.41
N GLU PB 106 -23.33 62.07 21.91
CA GLU PB 106 -22.03 62.65 21.59
C GLU PB 106 -21.54 62.19 20.22
N ARG PB 107 -21.51 60.89 19.98
CA ARG PB 107 -20.86 60.37 18.77
C ARG PB 107 -21.83 60.17 17.61
N VAL PB 108 -23.10 60.49 17.77
CA VAL PB 108 -24.05 60.26 16.69
C VAL PB 108 -24.83 61.53 16.34
N LEU PB 109 -25.52 62.09 17.33
CA LEU PB 109 -26.52 63.10 17.02
C LEU PB 109 -25.93 64.49 16.82
N ASN PB 110 -24.77 64.78 17.40
CA ASN PB 110 -24.22 66.14 17.35
C ASN PB 110 -23.84 66.55 15.94
N GLY PB 111 -24.54 67.54 15.40
CA GLY PB 111 -24.27 68.04 14.07
C GLY PB 111 -24.87 67.23 12.95
N LEU PB 112 -25.48 66.08 13.25
CA LEU PB 112 -26.04 65.24 12.20
C LEU PB 112 -27.21 65.93 11.51
N LYS PB 113 -28.03 66.66 12.27
CA LYS PB 113 -29.18 67.33 11.69
C LYS PB 113 -28.77 68.40 10.69
N GLU PB 114 -27.81 69.25 11.07
CA GLU PB 114 -27.33 70.28 10.16
C GLU PB 114 -26.58 69.67 8.98
N THR PB 115 -25.83 68.59 9.21
CA THR PB 115 -25.12 67.94 8.12
C THR PB 115 -26.11 67.36 7.10
N TYR PB 116 -27.17 66.71 7.58
CA TYR PB 116 -28.19 66.19 6.67
C TYR PB 116 -28.91 67.32 5.95
N ASN PB 117 -29.15 68.44 6.64
CA ASN PB 117 -29.78 69.58 5.98
C ASN PB 117 -28.90 70.13 4.87
N SER PB 118 -27.59 70.20 5.10
CA SER PB 118 -26.68 70.71 4.07
C SER PB 118 -26.54 69.72 2.91
N LEU PB 119 -26.55 68.42 3.20
CA LEU PB 119 -26.35 67.42 2.16
C LEU PB 119 -27.62 67.10 1.39
N GLY PB 120 -28.79 67.40 1.93
CA GLY PB 120 -30.03 67.10 1.26
C GLY PB 120 -30.65 65.76 1.60
N VAL PB 121 -30.16 65.09 2.64
CA VAL PB 121 -30.68 63.77 3.02
C VAL PB 121 -32.07 63.92 3.62
N PRO PB 122 -32.98 62.99 3.37
CA PRO PB 122 -34.32 63.08 3.97
C PRO PB 122 -34.37 62.61 5.42
N ILE PB 123 -34.56 63.54 6.34
CA ILE PB 123 -34.57 63.22 7.76
C ILE PB 123 -35.76 62.33 8.11
N ALA PB 124 -36.92 62.60 7.50
CA ALA PB 124 -38.10 61.78 7.76
C ALA PB 124 -37.89 60.35 7.30
N ALA PB 125 -37.30 60.17 6.12
CA ALA PB 125 -37.00 58.82 5.64
C ALA PB 125 -35.99 58.13 6.54
N THR PB 126 -34.98 58.86 7.02
CA THR PB 126 -34.02 58.26 7.95
C THR PB 126 -34.69 57.81 9.24
N VAL PB 127 -35.62 58.63 9.76
CA VAL PB 127 -36.33 58.26 10.97
C VAL PB 127 -37.19 57.03 10.73
N GLY PB 128 -37.82 56.96 9.56
CA GLY PB 128 -38.59 55.76 9.22
C GLY PB 128 -37.73 54.52 9.14
N GLY PB 129 -36.54 54.64 8.57
CA GLY PB 129 -35.62 53.51 8.55
C GLY PB 129 -35.18 53.09 9.94
N ILE PB 130 -34.92 54.06 10.81
CA ILE PB 130 -34.55 53.75 12.19
C ILE PB 130 -35.68 53.02 12.89
N GLN PB 131 -36.92 53.47 12.69
CA GLN PB 131 -38.06 52.79 13.30
C GLN PB 131 -38.26 51.38 12.75
N ALA PB 132 -38.02 51.17 11.45
CA ALA PB 132 -38.07 49.81 10.90
C ALA PB 132 -37.01 48.93 11.56
N MET PB 133 -35.82 49.49 11.78
CA MET PB 133 -34.78 48.78 12.50
C MET PB 133 -35.25 48.42 13.91
N LYS PB 134 -35.97 49.33 14.56
CA LYS PB 134 -36.43 49.09 15.92
C LYS PB 134 -37.46 47.96 15.96
N GLU PB 135 -38.39 47.95 15.00
CA GLU PB 135 -39.36 46.86 14.94
C GLU PB 135 -38.69 45.51 14.71
N VAL PB 136 -37.74 45.46 13.77
CA VAL PB 136 -37.07 44.19 13.49
C VAL PB 136 -36.26 43.73 14.70
N VAL PB 137 -35.61 44.68 15.37
CA VAL PB 137 -34.77 44.34 16.53
C VAL PB 137 -35.64 43.85 17.68
N GLY PB 138 -36.77 44.52 17.91
CA GLY PB 138 -37.70 44.06 18.93
C GLY PB 138 -38.26 42.68 18.64
N GLY PB 139 -38.49 42.38 17.36
CA GLY PB 139 -38.89 41.03 17.01
C GLY PB 139 -37.81 40.01 17.29
N LEU PB 140 -36.56 40.33 16.93
CA LEU PB 140 -35.49 39.34 17.07
C LEU PB 140 -35.13 39.09 18.52
N VAL PB 141 -34.93 40.16 19.31
CA VAL PB 141 -34.39 40.00 20.66
C VAL PB 141 -35.39 39.35 21.62
N GLY PB 142 -36.69 39.56 21.44
CA GLY PB 142 -37.67 38.99 22.32
C GLY PB 142 -38.10 39.93 23.43
N PRO PB 143 -39.08 39.48 24.23
CA PRO PB 143 -39.63 40.34 25.30
C PRO PB 143 -38.62 40.78 26.36
N ASP PB 144 -37.57 39.97 26.57
CA ASP PB 144 -36.63 40.24 27.66
C ASP PB 144 -35.90 41.57 27.49
N ALA PB 145 -35.42 41.84 26.28
CA ALA PB 145 -34.71 43.08 25.98
C ALA PB 145 -35.40 43.95 24.95
N ALA PB 146 -36.68 43.71 24.65
CA ALA PB 146 -37.36 44.48 23.62
C ALA PB 146 -37.46 45.95 24.01
N LYS PB 147 -37.90 46.23 25.23
CA LYS PB 147 -38.05 47.63 25.64
C LYS PB 147 -36.69 48.30 25.79
N GLU PB 148 -35.69 47.58 26.31
CA GLU PB 148 -34.36 48.16 26.47
C GLU PB 148 -33.72 48.48 25.13
N ALA PB 149 -33.96 47.65 24.12
CA ALA PB 149 -33.48 47.97 22.78
C ALA PB 149 -34.26 49.14 22.20
N SER PB 150 -35.58 49.15 22.39
CA SER PB 150 -36.43 50.11 21.68
C SER PB 150 -36.26 51.53 22.22
N ILE PB 151 -35.88 51.66 23.50
CA ILE PB 151 -35.76 53.00 24.08
C ILE PB 151 -34.67 53.81 23.38
N TYR PB 152 -33.54 53.19 23.06
CA TYR PB 152 -32.48 53.93 22.40
C TYR PB 152 -32.77 54.23 20.94
N PHE PB 153 -33.48 53.33 20.23
CA PHE PB 153 -33.94 53.67 18.89
C PHE PB 153 -34.90 54.85 18.93
N ASP PB 154 -35.79 54.87 19.93
CA ASP PB 154 -36.67 56.03 20.09
C ASP PB 154 -35.89 57.29 20.41
N TYR PB 155 -34.82 57.16 21.19
CA TYR PB 155 -33.96 58.31 21.48
C TYR PB 155 -33.32 58.84 20.21
N LEU PB 156 -32.82 57.95 19.35
CA LEU PB 156 -32.22 58.38 18.09
C LEU PB 156 -33.24 59.06 17.19
N SER PB 157 -34.43 58.48 17.08
CA SER PB 157 -35.49 59.08 16.27
C SER PB 157 -35.90 60.45 16.79
N SER PB 158 -36.06 60.59 18.10
CA SER PB 158 -36.38 61.88 18.69
C SER PB 158 -35.29 62.91 18.48
N GLY PB 159 -34.02 62.51 18.61
CA GLY PB 159 -32.93 63.45 18.36
C GLY PB 159 -32.88 63.91 16.92
N LEU PB 160 -33.05 62.98 15.97
CA LEU PB 160 -33.07 63.36 14.57
C LEU PB 160 -34.26 64.26 14.24
N SER PB 161 -35.44 63.93 14.76
CA SER PB 161 -36.63 64.73 14.50
C SER PB 161 -36.63 66.00 15.35
N SER QB 2 -14.94 62.21 -18.62
CA SER QB 2 -14.59 62.64 -19.96
C SER QB 2 -13.12 63.05 -20.05
N VAL QB 3 -12.60 63.12 -21.27
CA VAL QB 3 -11.22 63.56 -21.46
C VAL QB 3 -11.10 65.05 -21.11
N LEU QB 4 -12.17 65.81 -21.33
CA LEU QB 4 -12.14 67.23 -21.00
C LEU QB 4 -12.00 67.45 -19.50
N THR QB 5 -12.80 66.74 -18.70
CA THR QB 5 -12.81 66.98 -17.26
C THR QB 5 -11.51 66.54 -16.61
N LYS QB 6 -10.97 65.38 -16.99
CA LYS QB 6 -9.69 64.95 -16.45
C LYS QB 6 -8.51 65.39 -17.32
N ALA QB 7 -8.55 66.64 -17.76
CA ALA QB 7 -7.37 67.35 -18.26
C ALA QB 7 -7.28 68.77 -17.75
N ILE QB 8 -8.40 69.44 -17.49
CA ILE QB 8 -8.40 70.68 -16.73
C ILE QB 8 -8.10 70.43 -15.26
N VAL QB 9 -8.58 69.31 -14.70
CA VAL QB 9 -8.31 68.97 -13.31
C VAL QB 9 -6.82 68.77 -13.04
N ASN QB 10 -6.10 68.06 -13.91
CA ASN QB 10 -4.66 67.92 -13.76
C ASN QB 10 -3.92 69.25 -13.86
N ALA QB 11 -4.32 70.12 -14.78
CA ALA QB 11 -3.69 71.43 -14.88
C ALA QB 11 -3.96 72.26 -13.63
N ASP QB 12 -5.18 72.23 -13.11
CA ASP QB 12 -5.50 72.96 -11.90
C ASP QB 12 -4.79 72.40 -10.67
N ALA QB 13 -4.48 71.11 -10.66
CA ALA QB 13 -3.78 70.52 -9.52
C ALA QB 13 -2.39 71.10 -9.36
N GLU QB 14 -1.77 71.52 -10.47
CA GLU QB 14 -0.47 72.20 -10.43
C GLU QB 14 -0.65 73.71 -10.47
N ALA QB 15 -1.85 74.18 -10.81
CA ALA QB 15 -2.15 75.60 -10.95
C ALA QB 15 -1.33 76.22 -12.09
N ARG QB 16 -1.48 75.65 -13.28
CA ARG QB 16 -0.89 76.23 -14.48
C ARG QB 16 -1.94 76.27 -15.58
N TYR QB 17 -1.55 76.74 -16.77
CA TYR QB 17 -2.41 76.67 -17.94
C TYR QB 17 -2.21 75.34 -18.64
N LEU QB 18 -3.13 75.00 -19.52
CA LEU QB 18 -3.02 73.74 -20.26
C LEU QB 18 -1.79 73.77 -21.16
N SER QB 19 -1.09 72.69 -21.17
CA SER QB 19 0.21 72.61 -21.81
C SER QB 19 0.06 72.39 -23.32
N PRO QB 20 1.15 72.63 -24.05
CA PRO QB 20 1.18 72.31 -25.48
C PRO QB 20 0.87 70.85 -25.75
N GLY QB 21 1.36 69.98 -24.88
CA GLY QB 21 1.12 68.55 -25.02
C GLY QB 21 -0.23 68.13 -24.50
N GLU QB 22 -0.96 69.08 -23.90
CA GLU QB 22 -2.32 68.84 -23.44
C GLU QB 22 -3.39 69.39 -24.37
N LEU QB 23 -3.08 70.44 -25.14
CA LEU QB 23 -4.05 71.02 -26.05
C LEU QB 23 -4.17 70.28 -27.37
N ASP QB 24 -3.30 69.30 -27.62
CA ASP QB 24 -3.40 68.48 -28.83
C ASP QB 24 -4.12 67.17 -28.55
N ARG QB 25 -4.05 66.69 -27.31
CA ARG QB 25 -4.78 65.49 -26.90
C ARG QB 25 -6.23 65.84 -26.65
N ILE QB 26 -6.53 67.13 -26.56
CA ILE QB 26 -7.87 67.64 -26.32
C ILE QB 26 -8.53 67.93 -27.66
N LYS QB 27 -7.92 67.45 -28.74
CA LYS QB 27 -8.44 67.66 -30.08
C LYS QB 27 -8.82 66.35 -30.74
N SER QB 28 -8.10 65.28 -30.42
CA SER QB 28 -8.43 63.96 -30.93
C SER QB 28 -9.78 63.51 -30.40
N PHE QB 29 -10.07 63.84 -29.13
CA PHE QB 29 -11.33 63.44 -28.53
C PHE QB 29 -12.51 64.12 -29.21
N VAL QB 30 -12.39 65.42 -29.51
CA VAL QB 30 -13.47 66.12 -30.18
C VAL QB 30 -13.64 65.61 -31.61
N ALA QB 31 -12.55 65.17 -32.23
CA ALA QB 31 -12.65 64.56 -33.55
C ALA QB 31 -13.40 63.23 -33.48
N SER QB 32 -13.14 62.42 -32.46
CA SER QB 32 -13.80 61.13 -32.34
C SER QB 32 -15.18 61.27 -31.71
N GLY QB 33 -15.55 62.48 -31.30
CA GLY QB 33 -16.86 62.70 -30.71
C GLY QB 33 -18.00 62.38 -31.65
N GLU QB 34 -17.81 62.63 -32.95
CA GLU QB 34 -18.85 62.31 -33.93
C GLU QB 34 -19.09 60.81 -33.96
N ARG QB 35 -18.02 60.02 -34.03
CA ARG QB 35 -18.14 58.57 -34.04
C ARG QB 35 -18.75 58.06 -32.75
N ARG QB 36 -18.35 58.64 -31.60
CA ARG QB 36 -18.91 58.21 -30.33
C ARG QB 36 -20.40 58.50 -30.24
N LEU QB 37 -20.81 59.68 -30.70
CA LEU QB 37 -22.23 60.02 -30.70
C LEU QB 37 -23.02 59.08 -31.60
N ARG QB 38 -22.48 58.77 -32.79
CA ARG QB 38 -23.18 57.87 -33.69
C ARG QB 38 -23.30 56.47 -33.10
N ILE QB 39 -22.24 55.99 -32.45
CA ILE QB 39 -22.28 54.66 -31.83
C ILE QB 39 -23.29 54.63 -30.70
N ALA QB 40 -23.33 55.69 -29.88
CA ALA QB 40 -24.29 55.73 -28.78
C ALA QB 40 -25.72 55.78 -29.29
N GLN QB 41 -25.96 56.54 -30.35
CA GLN QB 41 -27.30 56.56 -30.95
C GLN QB 41 -27.68 55.20 -31.50
N THR QB 42 -26.74 54.52 -32.15
CA THR QB 42 -27.00 53.18 -32.68
C THR QB 42 -27.35 52.20 -31.56
N LEU QB 43 -26.61 52.26 -30.45
CA LEU QB 43 -26.94 51.37 -29.33
C LEU QB 43 -28.27 51.74 -28.70
N THR QB 44 -28.59 53.04 -28.64
CA THR QB 44 -29.84 53.48 -28.05
C THR QB 44 -31.03 53.02 -28.88
N GLU QB 45 -30.86 52.95 -30.21
CA GLU QB 45 -31.96 52.52 -31.06
C GLU QB 45 -32.38 51.08 -30.78
N ALA QB 46 -31.41 50.20 -30.50
CA ALA QB 46 -31.68 48.79 -30.25
C ALA QB 46 -31.60 48.43 -28.77
N ARG QB 47 -32.08 49.32 -27.89
CA ARG QB 47 -31.89 49.10 -26.46
C ARG QB 47 -32.75 47.94 -25.95
N GLU QB 48 -33.96 47.78 -26.49
CA GLU QB 48 -34.85 46.77 -25.93
C GLU QB 48 -34.49 45.37 -26.40
N ARG QB 49 -34.07 45.24 -27.66
CA ARG QB 49 -33.66 43.94 -28.18
C ARG QB 49 -32.41 43.44 -27.47
N ILE QB 50 -31.46 44.33 -27.24
CA ILE QB 50 -30.23 43.96 -26.54
C ILE QB 50 -30.55 43.50 -25.13
N VAL QB 51 -31.44 44.23 -24.45
CA VAL QB 51 -31.80 43.88 -23.08
C VAL QB 51 -32.48 42.52 -23.01
N LYS QB 52 -33.44 42.29 -23.91
CA LYS QB 52 -34.19 41.03 -23.90
C LYS QB 52 -33.29 39.84 -24.23
N GLN QB 53 -32.44 39.99 -25.26
CA GLN QB 53 -31.57 38.89 -25.63
C GLN QB 53 -30.51 38.64 -24.57
N ALA QB 54 -29.98 39.71 -23.95
CA ALA QB 54 -29.01 39.55 -22.88
C ALA QB 54 -29.63 38.81 -21.70
N GLY QB 55 -30.89 39.14 -21.37
CA GLY QB 55 -31.59 38.40 -20.34
C GLY QB 55 -31.77 36.94 -20.69
N ASP QB 56 -32.05 36.66 -21.96
CA ASP QB 56 -32.25 35.27 -22.38
C ASP QB 56 -30.96 34.46 -22.25
N GLN QB 57 -29.85 34.97 -22.79
CA GLN QB 57 -28.58 34.26 -22.62
C GLN QB 57 -28.16 34.18 -21.16
N LEU QB 58 -28.45 35.22 -20.37
CA LEU QB 58 -28.09 35.19 -18.95
C LEU QB 58 -28.84 34.08 -18.23
N PHE QB 59 -30.14 33.96 -18.48
CA PHE QB 59 -30.91 32.91 -17.83
C PHE QB 59 -30.52 31.53 -18.32
N GLN QB 60 -30.17 31.39 -19.60
CA GLN QB 60 -29.69 30.09 -20.08
C GLN QB 60 -28.36 29.72 -19.44
N ILE QB 61 -27.45 30.69 -19.32
CA ILE QB 61 -26.14 30.38 -18.76
C ILE QB 61 -26.24 30.10 -17.26
N ARG QB 62 -27.02 30.87 -16.53
CA ARG QB 62 -27.13 30.76 -15.07
C ARG QB 62 -28.60 30.64 -14.70
N PRO QB 63 -29.19 29.46 -14.89
CA PRO QB 63 -30.61 29.30 -14.54
C PRO QB 63 -30.88 29.29 -13.04
N ASP QB 64 -29.83 29.22 -12.21
CA ASP QB 64 -30.04 29.20 -10.76
C ASP QB 64 -30.67 30.50 -10.26
N VAL QB 65 -30.42 31.61 -10.94
CA VAL QB 65 -30.98 32.88 -10.50
C VAL QB 65 -32.48 32.91 -10.67
N VAL QB 66 -33.03 32.10 -11.58
CA VAL QB 66 -34.47 32.04 -11.78
C VAL QB 66 -34.96 30.71 -11.21
N SER QB 67 -34.15 30.10 -10.38
CA SER QB 67 -34.54 28.93 -9.60
C SER QB 67 -35.20 29.43 -8.32
N PRO QB 68 -35.94 28.58 -7.62
CA PRO QB 68 -36.57 28.98 -6.36
C PRO QB 68 -35.58 29.53 -5.33
N GLY QB 69 -34.38 28.97 -5.30
CA GLY QB 69 -33.32 29.50 -4.47
C GLY QB 69 -32.50 30.54 -5.20
N GLY QB 70 -33.17 31.45 -5.91
CA GLY QB 70 -32.51 32.48 -6.69
C GLY QB 70 -32.99 33.87 -6.29
N ASN QB 71 -32.11 34.84 -6.45
CA ASN QB 71 -32.46 36.23 -6.14
C ASN QB 71 -33.58 36.74 -7.05
N ALA QB 72 -33.53 36.42 -8.34
CA ALA QB 72 -34.49 36.92 -9.31
C ALA QB 72 -35.60 35.92 -9.61
N TYR QB 73 -36.00 35.14 -8.62
CA TYR QB 73 -37.08 34.17 -8.81
C TYR QB 73 -38.43 34.90 -8.78
N GLY QB 74 -39.20 34.76 -9.84
CA GLY QB 74 -40.46 35.45 -9.98
C GLY QB 74 -40.42 36.48 -11.10
N GLU QB 75 -41.63 36.78 -11.59
CA GLU QB 75 -41.74 37.70 -12.74
C GLU QB 75 -41.30 39.11 -12.36
N LYS QB 76 -41.65 39.58 -11.17
CA LYS QB 76 -41.20 40.90 -10.76
C LYS QB 76 -39.70 40.95 -10.48
N MET QB 77 -39.15 39.88 -9.91
CA MET QB 77 -37.71 39.83 -9.69
C MET QB 77 -36.93 39.79 -11.00
N THR QB 78 -37.42 39.10 -12.02
CA THR QB 78 -36.73 39.15 -13.30
C THR QB 78 -36.98 40.48 -14.02
N ALA QB 79 -38.12 41.12 -13.77
CA ALA QB 79 -38.34 42.46 -14.29
C ALA QB 79 -37.34 43.44 -13.71
N LEU QB 80 -37.06 43.34 -12.41
CA LEU QB 80 -36.07 44.20 -11.79
C LEU QB 80 -34.68 43.91 -12.32
N CYS QB 81 -34.37 42.64 -12.59
CA CYS QB 81 -33.09 42.29 -13.19
C CYS QB 81 -32.95 42.92 -14.58
N LEU QB 82 -34.02 42.87 -15.38
CA LEU QB 82 -33.98 43.52 -16.69
C LEU QB 82 -33.87 45.03 -16.56
N ARG QB 83 -34.49 45.62 -15.54
CA ARG QB 83 -34.35 47.06 -15.34
C ARG QB 83 -32.92 47.43 -14.99
N ASP QB 84 -32.27 46.63 -14.14
CA ASP QB 84 -30.85 46.85 -13.86
C ASP QB 84 -30.02 46.71 -15.12
N LEU QB 85 -30.38 45.76 -15.98
CA LEU QB 85 -29.70 45.61 -17.26
C LEU QB 85 -29.84 46.87 -18.12
N ASP QB 86 -31.05 47.41 -18.19
CA ASP QB 86 -31.26 48.65 -18.93
C ASP QB 86 -30.45 49.80 -18.34
N TYR QB 87 -30.37 49.85 -17.01
CA TYR QB 87 -29.54 50.86 -16.34
C TYR QB 87 -28.09 50.76 -16.77
N TYR QB 88 -27.55 49.55 -16.78
CA TYR QB 88 -26.15 49.39 -17.14
C TYR QB 88 -25.90 49.67 -18.62
N LEU QB 89 -26.86 49.35 -19.48
CA LEU QB 89 -26.70 49.70 -20.90
C LEU QB 89 -26.70 51.21 -21.08
N ARG QB 90 -27.57 51.91 -20.34
CA ARG QB 90 -27.57 53.37 -20.37
C ARG QB 90 -26.23 53.93 -19.91
N LEU QB 91 -25.66 53.35 -18.86
CA LEU QB 91 -24.37 53.81 -18.37
C LEU QB 91 -23.26 53.55 -19.39
N VAL QB 92 -23.33 52.43 -20.09
CA VAL QB 92 -22.33 52.16 -21.12
C VAL QB 92 -22.43 53.16 -22.26
N THR QB 93 -23.66 53.51 -22.67
CA THR QB 93 -23.83 54.53 -23.69
C THR QB 93 -23.29 55.88 -23.20
N TYR QB 94 -23.52 56.19 -21.92
CA TYR QB 94 -22.99 57.43 -21.34
C TYR QB 94 -21.47 57.45 -21.39
N GLY QB 95 -20.85 56.32 -21.05
CA GLY QB 95 -19.40 56.24 -21.12
C GLY QB 95 -18.88 56.40 -22.53
N ILE QB 96 -19.59 55.82 -23.49
CA ILE QB 96 -19.17 55.91 -24.90
C ILE QB 96 -19.23 57.34 -25.39
N VAL QB 97 -20.32 58.06 -25.05
CA VAL QB 97 -20.41 59.45 -25.50
C VAL QB 97 -19.38 60.31 -24.78
N ALA QB 98 -19.17 60.08 -23.48
CA ALA QB 98 -18.24 60.90 -22.73
C ALA QB 98 -16.80 60.66 -23.18
N GLY QB 99 -16.51 59.47 -23.68
CA GLY QB 99 -15.16 59.12 -24.10
C GLY QB 99 -14.31 58.55 -23.00
N ASP QB 100 -14.74 58.66 -21.74
CA ASP QB 100 -14.07 58.06 -20.61
C ASP QB 100 -15.10 57.31 -19.78
N VAL QB 101 -14.64 56.61 -18.76
CA VAL QB 101 -15.55 55.82 -17.94
C VAL QB 101 -16.03 56.62 -16.74
N THR QB 102 -15.66 57.90 -16.69
CA THR QB 102 -15.85 58.79 -15.54
C THR QB 102 -17.28 58.86 -15.02
N PRO QB 103 -18.30 59.09 -15.86
CA PRO QB 103 -19.66 59.14 -15.31
C PRO QB 103 -20.16 57.80 -14.79
N ILE QB 104 -19.77 56.70 -15.42
CA ILE QB 104 -20.33 55.40 -15.05
C ILE QB 104 -19.79 54.94 -13.71
N GLU QB 105 -18.55 55.33 -13.36
CA GLU QB 105 -18.02 54.99 -12.04
C GLU QB 105 -18.83 55.64 -10.95
N GLU QB 106 -19.14 56.93 -11.10
CA GLU QB 106 -19.97 57.61 -10.12
C GLU QB 106 -21.38 57.03 -10.08
N ILE QB 107 -21.97 56.77 -11.24
CA ILE QB 107 -23.37 56.40 -11.25
C ILE QB 107 -23.62 54.98 -10.75
N GLY QB 108 -22.82 54.00 -11.22
CA GLY QB 108 -23.22 52.63 -10.97
C GLY QB 108 -22.14 51.60 -10.70
N ILE QB 109 -20.97 52.01 -10.20
CA ILE QB 109 -19.90 51.08 -9.87
C ILE QB 109 -19.41 51.26 -8.44
N ILE QB 110 -19.22 52.50 -8.00
CA ILE QB 110 -18.65 52.76 -6.69
C ILE QB 110 -19.67 52.38 -5.62
N GLY QB 111 -19.44 51.27 -4.93
CA GLY QB 111 -20.34 50.78 -3.91
C GLY QB 111 -21.27 49.68 -4.37
N VAL QB 112 -21.14 49.20 -5.60
CA VAL QB 112 -22.02 48.16 -6.12
C VAL QB 112 -21.85 46.86 -5.35
N LYS QB 113 -20.68 46.65 -4.75
CA LYS QB 113 -20.47 45.46 -3.93
C LYS QB 113 -21.40 45.48 -2.73
N GLU QB 114 -21.45 46.60 -2.01
CA GLU QB 114 -22.38 46.72 -0.89
C GLU QB 114 -23.82 46.73 -1.38
N MET QB 115 -24.06 47.32 -2.56
CA MET QB 115 -25.34 47.23 -3.26
C MET QB 115 -25.87 45.81 -3.28
N TYR QB 116 -25.15 44.93 -3.97
CA TYR QB 116 -25.70 43.61 -4.22
C TYR QB 116 -25.43 42.66 -3.06
N ASN QB 117 -24.58 43.05 -2.11
CA ASN QB 117 -24.47 42.26 -0.88
C ASN QB 117 -25.67 42.52 0.02
N SER QB 118 -26.09 43.78 0.15
CA SER QB 118 -27.31 44.06 0.90
C SER QB 118 -28.52 43.46 0.22
N LEU QB 119 -28.59 43.55 -1.11
CA LEU QB 119 -29.72 42.97 -1.81
C LEU QB 119 -29.59 41.47 -2.01
N GLN QB 120 -28.45 40.87 -1.67
CA GLN QB 120 -28.21 39.44 -1.83
C GLN QB 120 -28.28 39.00 -3.29
N THR QB 121 -27.62 39.74 -4.17
CA THR QB 121 -27.67 39.43 -5.60
C THR QB 121 -26.33 38.86 -6.05
N PRO QB 122 -26.32 37.89 -6.97
CA PRO QB 122 -25.04 37.33 -7.43
C PRO QB 122 -24.28 38.26 -8.38
N ILE QB 123 -23.13 38.72 -7.89
CA ILE QB 123 -22.23 39.51 -8.73
C ILE QB 123 -21.80 38.77 -9.99
N PRO QB 124 -21.36 37.51 -9.93
CA PRO QB 124 -21.05 36.80 -11.18
C PRO QB 124 -22.21 36.67 -12.12
N ALA QB 125 -23.44 36.50 -11.62
CA ALA QB 125 -24.61 36.52 -12.49
C ALA QB 125 -24.80 37.85 -13.19
N VAL QB 126 -24.67 38.96 -12.47
CA VAL QB 126 -24.82 40.26 -13.13
C VAL QB 126 -23.69 40.48 -14.13
N ALA QB 127 -22.48 40.00 -13.81
CA ALA QB 127 -21.37 40.12 -14.75
C ALA QB 127 -21.63 39.32 -16.02
N GLU QB 128 -22.19 38.12 -15.88
CA GLU QB 128 -22.50 37.32 -17.05
C GLU QB 128 -23.59 37.99 -17.88
N GLY QB 129 -24.57 38.61 -17.23
CA GLY QB 129 -25.55 39.40 -17.95
C GLY QB 129 -24.92 40.54 -18.74
N VAL QB 130 -23.96 41.24 -18.14
CA VAL QB 130 -23.27 42.31 -18.84
C VAL QB 130 -22.48 41.75 -20.02
N ARG QB 131 -21.88 40.57 -19.88
CA ARG QB 131 -21.14 39.99 -20.99
C ARG QB 131 -22.06 39.58 -22.12
N ALA QB 132 -23.25 39.07 -21.79
CA ALA QB 132 -24.25 38.78 -22.82
C ALA QB 132 -24.66 40.06 -23.54
N MET QB 133 -24.80 41.15 -22.79
CA MET QB 133 -25.02 42.45 -23.42
C MET QB 133 -23.89 42.83 -24.35
N LYS QB 134 -22.64 42.56 -23.96
CA LYS QB 134 -21.50 42.88 -24.82
C LYS QB 134 -21.58 42.11 -26.13
N ASN QB 135 -21.93 40.83 -26.06
CA ASN QB 135 -22.08 40.04 -27.28
C ASN QB 135 -23.20 40.58 -28.16
N VAL QB 136 -24.35 40.88 -27.56
CA VAL QB 136 -25.48 41.37 -28.35
C VAL QB 136 -25.17 42.72 -28.97
N ALA QB 137 -24.45 43.58 -28.23
CA ALA QB 137 -24.13 44.91 -28.74
C ALA QB 137 -23.13 44.85 -29.87
N THR QB 138 -22.07 44.06 -29.71
CA THR QB 138 -21.09 43.94 -30.80
C THR QB 138 -21.65 43.17 -31.98
N SER QB 139 -22.75 42.44 -31.80
CA SER QB 139 -23.46 41.89 -32.94
C SER QB 139 -24.10 42.96 -33.81
N LEU QB 140 -24.29 44.18 -33.31
CA LEU QB 140 -24.98 45.24 -34.03
C LEU QB 140 -24.08 46.43 -34.34
N LEU QB 141 -22.78 46.21 -34.54
CA LEU QB 141 -21.86 47.30 -34.78
C LEU QB 141 -20.74 46.86 -35.71
N SER QB 142 -20.13 47.83 -36.38
CA SER QB 142 -18.95 47.56 -37.18
C SER QB 142 -17.76 47.23 -36.27
N GLY QB 143 -16.71 46.70 -36.88
CA GLY QB 143 -15.57 46.17 -36.13
C GLY QB 143 -14.86 47.16 -35.24
N ASP QB 144 -14.52 48.34 -35.77
CA ASP QB 144 -13.87 49.36 -34.95
C ASP QB 144 -14.81 49.87 -33.87
N ASP QB 145 -16.05 50.17 -34.25
CA ASP QB 145 -17.06 50.58 -33.27
C ASP QB 145 -17.35 49.46 -32.28
N ALA QB 146 -17.34 48.21 -32.74
CA ALA QB 146 -17.53 47.08 -31.83
C ALA QB 146 -16.42 47.03 -30.80
N ALA QB 147 -15.17 47.24 -31.22
CA ALA QB 147 -14.06 47.25 -30.27
C ALA QB 147 -14.18 48.42 -29.29
N GLU QB 148 -14.59 49.59 -29.80
CA GLU QB 148 -14.71 50.76 -28.94
C GLU QB 148 -15.79 50.57 -27.88
N ALA QB 149 -16.90 49.93 -28.24
CA ALA QB 149 -17.93 49.65 -27.24
C ALA QB 149 -17.52 48.51 -26.32
N GLY QB 150 -16.80 47.52 -26.86
CA GLY QB 150 -16.36 46.41 -26.06
C GLY QB 150 -15.35 46.80 -25.00
N PHE QB 151 -14.61 47.88 -25.24
CA PHE QB 151 -13.75 48.43 -24.20
C PHE QB 151 -14.55 48.80 -22.95
N TYR QB 152 -15.64 49.55 -23.13
CA TYR QB 152 -16.43 49.97 -21.98
C TYR QB 152 -17.18 48.80 -21.36
N PHE QB 153 -17.65 47.87 -22.19
CA PHE QB 153 -18.31 46.67 -21.65
C PHE QB 153 -17.34 45.86 -20.79
N ASP QB 154 -16.10 45.70 -21.27
CA ASP QB 154 -15.10 44.98 -20.51
C ASP QB 154 -14.72 45.71 -19.25
N TYR QB 155 -14.69 47.06 -19.29
CA TYR QB 155 -14.42 47.81 -18.07
C TYR QB 155 -15.50 47.57 -17.03
N LEU QB 156 -16.76 47.56 -17.47
CA LEU QB 156 -17.86 47.30 -16.53
C LEU QB 156 -17.74 45.90 -15.94
N VAL QB 157 -17.42 44.92 -16.78
CA VAL QB 157 -17.28 43.55 -16.29
C VAL QB 157 -16.13 43.44 -15.29
N GLY QB 158 -15.00 44.08 -15.58
CA GLY QB 158 -13.87 44.04 -14.67
C GLY QB 158 -14.15 44.77 -13.37
N ALA QB 159 -14.83 45.91 -13.44
CA ALA QB 159 -15.13 46.67 -12.24
C ALA QB 159 -16.12 45.94 -11.35
N MET QB 160 -17.05 45.19 -11.93
CA MET QB 160 -17.94 44.34 -11.14
C MET QB 160 -17.21 43.03 -10.80
N GLN QB 161 -16.22 43.16 -9.93
CA GLN QB 161 -15.36 42.05 -9.58
C GLN QB 161 -14.55 42.34 -8.32
N MET RB 1 -17.28 69.25 -10.56
CA MET RB 1 -17.25 70.00 -11.80
C MET RB 1 -17.56 69.10 -12.99
N GLN RB 2 -18.01 69.69 -14.09
CA GLN RB 2 -18.35 68.96 -15.29
C GLN RB 2 -18.14 69.85 -16.51
N ASP RB 3 -17.89 69.21 -17.65
CA ASP RB 3 -17.75 69.93 -18.91
C ASP RB 3 -19.07 70.00 -19.63
N ALA RB 4 -19.06 70.48 -20.88
CA ALA RB 4 -20.26 70.53 -21.70
C ALA RB 4 -20.78 69.17 -22.09
N ILE RB 5 -19.93 68.14 -22.09
CA ILE RB 5 -20.37 66.80 -22.45
C ILE RB 5 -20.92 66.03 -21.26
N THR RB 6 -20.37 66.23 -20.06
CA THR RB 6 -20.86 65.56 -18.87
C THR RB 6 -21.94 66.36 -18.17
N ALA RB 7 -22.29 67.53 -18.71
CA ALA RB 7 -23.42 68.29 -18.18
C ALA RB 7 -24.76 67.81 -18.74
N VAL RB 8 -24.80 67.48 -20.03
CA VAL RB 8 -25.99 66.85 -20.60
C VAL RB 8 -26.17 65.44 -20.06
N ILE RB 9 -25.06 64.75 -19.83
CA ILE RB 9 -25.12 63.41 -19.26
C ILE RB 9 -25.73 63.43 -17.88
N ASN RB 10 -25.34 64.40 -17.04
CA ASN RB 10 -25.94 64.54 -15.73
C ASN RB 10 -27.40 64.99 -15.79
N ASN RB 11 -27.79 65.73 -16.83
CA ASN RB 11 -29.20 66.07 -16.98
C ASN RB 11 -30.04 64.86 -17.35
N TYR RB 12 -29.52 63.99 -18.21
CA TYR RB 12 -30.24 62.80 -18.63
C TYR RB 12 -30.11 61.65 -17.66
N ASP RB 13 -29.18 61.72 -16.72
CA ASP RB 13 -28.99 60.68 -15.72
C ASP RB 13 -29.90 60.85 -14.51
N VAL RB 14 -30.38 62.06 -14.26
CA VAL RB 14 -31.26 62.30 -13.11
C VAL RB 14 -32.71 62.14 -13.57
N GLN RB 15 -32.91 61.58 -14.75
CA GLN RB 15 -34.24 61.33 -15.28
C GLN RB 15 -34.35 59.88 -15.73
N GLY RB 16 -33.21 59.18 -15.78
CA GLY RB 16 -33.18 57.82 -16.28
C GLY RB 16 -33.30 57.70 -17.77
N LYS RB 17 -33.27 58.80 -18.50
CA LYS RB 17 -33.46 58.80 -19.94
C LYS RB 17 -32.16 58.46 -20.66
N TYR RB 18 -32.31 57.93 -21.86
CA TYR RB 18 -31.19 57.69 -22.74
C TYR RB 18 -30.82 59.00 -23.43
N LEU RB 19 -29.88 58.94 -24.38
CA LEU RB 19 -29.46 60.11 -25.13
C LEU RB 19 -30.33 60.21 -26.39
N ASP RB 20 -31.41 60.96 -26.31
CA ASP RB 20 -32.32 61.17 -27.43
C ASP RB 20 -31.69 62.16 -28.40
N GLY RB 21 -32.45 62.52 -29.44
CA GLY RB 21 -31.95 63.39 -30.49
C GLY RB 21 -31.50 64.76 -30.04
N ALA RB 22 -32.20 65.34 -29.07
CA ALA RB 22 -31.84 66.68 -28.59
C ALA RB 22 -30.47 66.68 -27.93
N ALA RB 23 -30.15 65.63 -27.18
CA ALA RB 23 -28.82 65.50 -26.58
C ALA RB 23 -27.74 65.44 -27.64
N LEU RB 24 -28.00 64.67 -28.70
CA LEU RB 24 -27.04 64.58 -29.80
C LEU RB 24 -26.86 65.92 -30.49
N ASP RB 25 -27.95 66.68 -30.67
CA ASP RB 25 -27.82 68.01 -31.27
C ASP RB 25 -27.04 68.95 -30.38
N LYS RB 26 -27.26 68.90 -29.06
CA LYS RB 26 -26.52 69.74 -28.13
C LYS RB 26 -25.03 69.42 -28.16
N LEU RB 27 -24.71 68.12 -28.15
CA LEU RB 27 -23.31 67.72 -28.20
C LEU RB 27 -22.68 68.08 -29.54
N LYS RB 28 -23.45 68.02 -30.62
CA LYS RB 28 -22.96 68.46 -31.93
C LYS RB 28 -22.66 69.95 -31.92
N ALA RB 29 -23.54 70.74 -31.29
CA ALA RB 29 -23.30 72.17 -31.18
C ALA RB 29 -22.04 72.47 -30.39
N TYR RB 30 -21.77 71.70 -29.34
CA TYR RB 30 -20.51 71.88 -28.62
C TYR RB 30 -19.33 71.45 -29.48
N PHE RB 31 -19.43 70.30 -30.15
CA PHE RB 31 -18.29 69.75 -30.87
C PHE RB 31 -17.89 70.64 -32.05
N THR RB 32 -18.87 71.29 -32.68
CA THR RB 32 -18.57 72.11 -33.85
C THR RB 32 -17.70 73.32 -33.51
N THR RB 33 -17.66 73.74 -32.25
CA THR RB 33 -16.86 74.88 -31.83
C THR RB 33 -15.60 74.47 -31.07
N GLY RB 34 -15.10 73.26 -31.29
CA GLY RB 34 -13.98 72.78 -30.48
C GLY RB 34 -12.69 73.53 -30.76
N ALA RB 35 -12.35 73.73 -32.03
CA ALA RB 35 -11.04 74.28 -32.37
C ALA RB 35 -10.91 75.74 -31.96
N VAL RB 36 -11.98 76.51 -32.12
CA VAL RB 36 -11.93 77.93 -31.79
C VAL RB 36 -11.69 78.13 -30.30
N ARG RB 37 -12.31 77.28 -29.47
CA ARG RB 37 -12.08 77.35 -28.04
C ARG RB 37 -10.63 77.09 -27.69
N VAL RB 38 -10.02 76.10 -28.34
CA VAL RB 38 -8.62 75.76 -28.06
C VAL RB 38 -7.71 76.91 -28.48
N ARG RB 39 -7.97 77.50 -29.65
CA ARG RB 39 -7.14 78.59 -30.12
C ARG RB 39 -7.25 79.81 -29.21
N ALA RB 40 -8.46 80.12 -28.76
CA ALA RB 40 -8.66 81.23 -27.84
C ALA RB 40 -7.96 80.96 -26.51
N ALA RB 41 -8.03 79.72 -26.02
CA ALA RB 41 -7.34 79.37 -24.79
C ALA RB 41 -5.83 79.54 -24.92
N ALA RB 42 -5.26 79.11 -26.05
CA ALA RB 42 -3.84 79.30 -26.28
C ALA RB 42 -3.47 80.78 -26.35
N VAL RB 43 -4.31 81.60 -26.99
CA VAL RB 43 -4.03 83.03 -27.10
C VAL RB 43 -4.03 83.68 -25.72
N ILE RB 44 -5.04 83.39 -24.90
CA ILE RB 44 -5.09 83.97 -23.56
C ILE RB 44 -3.92 83.47 -22.71
N SER RB 45 -3.55 82.19 -22.86
CA SER RB 45 -2.43 81.66 -22.10
C SER RB 45 -1.12 82.35 -22.47
N SER RB 46 -0.92 82.60 -23.77
CA SER RB 46 0.30 83.28 -24.20
C SER RB 46 0.30 84.76 -23.86
N ASN RB 47 -0.88 85.39 -23.76
CA ASN RB 47 -0.94 86.83 -23.50
C ASN RB 47 -1.51 87.17 -22.12
N ALA RB 48 -1.41 86.27 -21.15
CA ALA RB 48 -2.03 86.43 -19.84
C ALA RB 48 -1.64 87.70 -19.11
N THR RB 49 -0.34 87.86 -18.79
CA THR RB 49 0.09 88.95 -17.91
C THR RB 49 -0.17 90.32 -18.52
N THR RB 50 -0.01 90.43 -19.84
CA THR RB 50 -0.34 91.69 -20.52
C THR RB 50 -1.82 92.01 -20.37
N ILE RB 51 -2.67 90.98 -20.38
CA ILE RB 51 -4.10 91.19 -20.19
C ILE RB 51 -4.38 91.79 -18.82
N ILE RB 52 -3.75 91.25 -17.78
CA ILE RB 52 -3.93 91.79 -16.43
C ILE RB 52 -3.39 93.21 -16.35
N LYS RB 53 -2.28 93.49 -17.05
CA LYS RB 53 -1.71 94.83 -17.03
C LYS RB 53 -2.67 95.84 -17.63
N GLU RB 54 -3.22 95.54 -18.82
CA GLU RB 54 -4.17 96.46 -19.44
C GLU RB 54 -5.45 96.58 -18.62
N ALA RB 55 -5.94 95.47 -18.04
CA ALA RB 55 -7.15 95.53 -17.26
C ALA RB 55 -6.96 96.42 -16.02
N ALA RB 56 -5.84 96.25 -15.32
CA ALA RB 56 -5.55 97.11 -14.17
C ALA RB 56 -5.40 98.56 -14.59
N ALA RB 57 -4.74 98.81 -15.72
CA ALA RB 57 -4.54 100.17 -16.19
C ALA RB 57 -5.87 100.84 -16.53
N LYS RB 58 -6.81 100.09 -17.12
CA LYS RB 58 -8.08 100.68 -17.50
C LYS RB 58 -9.08 100.76 -16.36
N ALA RB 59 -8.96 99.91 -15.32
CA ALA RB 59 -10.00 99.82 -14.33
C ALA RB 59 -9.61 100.23 -12.92
N LEU RB 60 -8.39 99.95 -12.47
CA LEU RB 60 -8.11 100.05 -11.04
C LEU RB 60 -7.13 101.17 -10.70
N ILE RB 61 -5.95 101.14 -11.30
CA ILE RB 61 -4.88 102.06 -10.94
C ILE RB 61 -5.24 103.48 -11.40
N TYR RB 62 -4.44 104.45 -10.96
CA TYR RB 62 -4.70 105.86 -11.24
C TYR RB 62 -6.03 106.31 -10.62
N SER RB 63 -6.23 105.96 -9.36
CA SER RB 63 -7.46 106.31 -8.65
C SER RB 63 -7.18 106.35 -7.16
N ASP RB 64 -8.25 106.45 -6.37
CA ASP RB 64 -8.11 106.43 -4.93
C ASP RB 64 -7.90 105.02 -4.39
N LEU RB 65 -8.15 104.01 -5.23
CA LEU RB 65 -7.90 102.62 -4.81
C LEU RB 65 -6.43 102.40 -4.52
N THR RB 66 -5.55 102.94 -5.36
CA THR RB 66 -4.12 102.81 -5.18
C THR RB 66 -3.53 103.88 -4.28
N ARG RB 67 -4.35 104.79 -3.78
CA ARG RB 67 -3.90 105.84 -2.88
C ARG RB 67 -4.13 105.44 -1.43
N PRO RB 68 -3.65 106.24 -0.48
CA PRO RB 68 -3.94 105.97 0.93
C PRO RB 68 -5.43 105.97 1.20
N GLY RB 69 -5.87 105.04 2.05
CA GLY RB 69 -7.27 104.83 2.30
C GLY RB 69 -7.95 103.90 1.32
N GLY RB 70 -7.25 103.47 0.28
CA GLY RB 70 -7.82 102.57 -0.70
C GLY RB 70 -7.58 101.11 -0.33
N MEN RB 71 -8.17 100.21 -1.11
CA MEN RB 71 -8.05 98.80 -0.84
C MEN RB 71 -7.05 98.18 -1.79
O MEN RB 71 -6.86 96.97 -1.90
CB MEN RB 71 -9.39 98.04 -0.97
CG MEN RB 71 -9.35 96.74 -0.19
OD1 MEN RB 71 -8.95 95.69 -0.73
ND2 MEN RB 71 -9.76 96.76 1.12
CE2 MEN RB 71 -9.79 95.61 1.97
N MET RB 72 -6.39 99.06 -2.54
CA MET RB 72 -5.30 98.65 -3.41
C MET RB 72 -4.00 99.29 -2.98
N TYR RB 73 -4.10 100.13 -1.94
CA TYR RB 73 -2.92 100.75 -1.38
C TYR RB 73 -2.05 99.67 -0.75
N THR RB 74 -0.74 99.92 -0.72
CA THR RB 74 0.29 99.01 -0.21
C THR RB 74 0.55 97.86 -1.17
N THR RB 75 1.83 97.47 -1.24
CA THR RB 75 2.26 96.47 -2.20
C THR RB 75 1.62 95.12 -1.95
N ARG RB 76 1.37 94.77 -0.69
CA ARG RB 76 0.76 93.47 -0.39
C ARG RB 76 -0.65 93.38 -0.96
N ARG RB 77 -1.43 94.45 -0.81
CA ARG RB 77 -2.79 94.44 -1.32
C ARG RB 77 -2.80 94.51 -2.84
N TYR RB 78 -1.85 95.26 -3.42
CA TYR RB 78 -1.76 95.29 -4.88
C TYR RB 78 -1.42 93.91 -5.43
N ALA RB 79 -0.46 93.22 -4.81
CA ALA RB 79 -0.08 91.89 -5.27
C ALA RB 79 -1.23 90.91 -5.09
N ALA RB 80 -1.97 91.02 -3.99
CA ALA RB 80 -3.13 90.17 -3.79
C ALA RB 80 -4.19 90.39 -4.87
N CYS RB 81 -4.46 91.65 -5.20
CA CYS RB 81 -5.46 91.93 -6.22
C CYS RB 81 -5.02 91.42 -7.59
N ILE RB 82 -3.76 91.63 -7.95
CA ILE RB 82 -3.30 91.11 -9.24
C ILE RB 82 -3.30 89.57 -9.27
N ARG RB 83 -3.00 88.92 -8.15
CA ARG RB 83 -3.09 87.46 -8.11
C ARG RB 83 -4.54 87.01 -8.30
N ASP RB 84 -5.48 87.74 -7.70
CA ASP RB 84 -6.90 87.42 -7.89
C ASP RB 84 -7.31 87.58 -9.34
N MET RB 85 -6.81 88.63 -10.00
CA MET RB 85 -7.06 88.81 -11.43
C MET RB 85 -6.48 87.66 -12.26
N ASP RB 86 -5.27 87.21 -11.90
CA ASP RB 86 -4.69 86.06 -12.60
C ASP RB 86 -5.54 84.82 -12.43
N TYR RB 87 -6.03 84.58 -11.21
CA TYR RB 87 -6.88 83.42 -10.96
C TYR RB 87 -8.19 83.50 -11.74
N PHE RB 88 -8.79 84.70 -11.78
CA PHE RB 88 -10.02 84.89 -12.53
C PHE RB 88 -9.81 84.64 -14.00
N LEU RB 89 -8.69 85.12 -14.55
CA LEU RB 89 -8.39 84.88 -15.96
C LEU RB 89 -8.22 83.40 -16.25
N ARG RB 90 -7.48 82.70 -15.39
CA ARG RB 90 -7.23 81.28 -15.64
C ARG RB 90 -8.51 80.46 -15.54
N TYR RB 91 -9.34 80.76 -14.55
CA TYR RB 91 -10.58 79.99 -14.41
C TYR RB 91 -11.58 80.37 -15.50
N ALA RB 92 -11.54 81.60 -15.99
CA ALA RB 92 -12.36 81.94 -17.15
C ALA RB 92 -11.93 81.14 -18.36
N THR RB 93 -10.62 80.97 -18.55
CA THR RB 93 -10.14 80.14 -19.64
C THR RB 93 -10.58 78.69 -19.49
N TYR RB 94 -10.51 78.16 -18.26
CA TYR RB 94 -10.98 76.79 -18.02
C TYR RB 94 -12.45 76.65 -18.32
N ALA RB 95 -13.27 77.60 -17.87
CA ALA RB 95 -14.71 77.53 -18.11
C ALA RB 95 -15.02 77.62 -19.61
N MET RB 96 -14.30 78.48 -20.32
CA MET RB 96 -14.53 78.61 -21.75
C MET RB 96 -14.13 77.34 -22.49
N LEU RB 97 -13.05 76.69 -22.04
CA LEU RB 97 -12.68 75.41 -22.66
C LEU RB 97 -13.71 74.34 -22.37
N ALA RB 98 -14.23 74.30 -21.14
CA ALA RB 98 -15.16 73.24 -20.78
C ALA RB 98 -16.57 73.49 -21.29
N GLY RB 99 -16.89 74.72 -21.70
CA GLY RB 99 -18.24 75.02 -22.14
C GLY RB 99 -19.27 74.91 -21.04
N ASP RB 100 -18.92 75.28 -19.81
CA ASP RB 100 -19.84 75.17 -18.69
C ASP RB 100 -19.34 76.02 -17.52
N PRO RB 101 -20.22 76.82 -16.90
CA PRO RB 101 -19.82 77.58 -15.72
C PRO RB 101 -19.86 76.79 -14.42
N SER RB 102 -19.95 75.45 -14.50
CA SER RB 102 -19.98 74.63 -13.29
C SER RB 102 -18.68 74.76 -12.51
N ILE RB 103 -17.54 74.76 -13.21
CA ILE RB 103 -16.26 74.94 -12.52
C ILE RB 103 -16.16 76.32 -11.90
N LEU RB 104 -16.69 77.35 -12.58
CA LEU RB 104 -16.69 78.69 -12.01
C LEU RB 104 -17.51 78.75 -10.73
N ASP RB 105 -18.70 78.14 -10.73
CA ASP RB 105 -19.52 78.13 -9.52
C ASP RB 105 -18.86 77.31 -8.42
N GLU RB 106 -18.23 76.20 -8.78
CA GLU RB 106 -17.70 75.28 -7.78
C GLU RB 106 -16.42 75.81 -7.13
N ARG RB 107 -15.50 76.36 -7.92
CA ARG RB 107 -14.16 76.65 -7.43
C ARG RB 107 -13.82 78.14 -7.34
N VAL RB 108 -14.74 79.04 -7.69
CA VAL RB 108 -14.43 80.45 -7.58
C VAL RB 108 -15.49 81.16 -6.75
N LEU RB 109 -16.76 80.96 -7.12
CA LEU RB 109 -17.81 81.80 -6.56
C LEU RB 109 -18.28 81.34 -5.18
N ASN RB 110 -17.88 80.14 -4.74
CA ASN RB 110 -18.32 79.68 -3.44
C ASN RB 110 -17.61 80.41 -2.30
N GLY RB 111 -18.37 81.16 -1.51
CA GLY RB 111 -17.85 81.89 -0.38
C GLY RB 111 -17.05 83.13 -0.74
N LEU RB 112 -16.90 83.45 -2.01
CA LEU RB 112 -16.04 84.55 -2.41
C LEU RB 112 -16.64 85.89 -2.03
N LYS RB 113 -17.96 86.06 -2.21
CA LYS RB 113 -18.58 87.34 -1.88
C LYS RB 113 -18.50 87.63 -0.39
N GLU RB 114 -18.75 86.62 0.43
CA GLU RB 114 -18.68 86.83 1.87
C GLU RB 114 -17.24 86.98 2.35
N THR RB 115 -16.29 86.28 1.72
CA THR RB 115 -14.89 86.53 2.03
C THR RB 115 -14.50 87.96 1.70
N TYR RB 116 -14.97 88.47 0.55
CA TYR RB 116 -14.66 89.83 0.16
C TYR RB 116 -15.30 90.84 1.09
N ASN RB 117 -16.52 90.59 1.55
CA ASN RB 117 -17.15 91.54 2.46
C ASN RB 117 -16.56 91.45 3.86
N SER RB 118 -16.06 90.27 4.24
CA SER RB 118 -15.38 90.13 5.52
C SER RB 118 -14.00 90.75 5.50
N LEU RB 119 -13.43 90.92 4.31
CA LEU RB 119 -12.15 91.61 4.19
C LEU RB 119 -12.28 93.07 3.82
N GLY RB 120 -13.45 93.51 3.37
CA GLY RB 120 -13.62 94.89 2.92
C GLY RB 120 -13.33 95.13 1.45
N VAL RB 121 -13.17 94.07 0.66
CA VAL RB 121 -12.81 94.21 -0.76
C VAL RB 121 -13.96 94.84 -1.53
N PRO RB 122 -13.69 95.86 -2.35
CA PRO RB 122 -14.77 96.45 -3.17
C PRO RB 122 -15.20 95.56 -4.32
N ILE RB 123 -16.39 94.98 -4.18
CA ILE RB 123 -16.92 94.06 -5.18
C ILE RB 123 -17.17 94.79 -6.50
N ALA RB 124 -17.59 96.06 -6.41
CA ALA RB 124 -17.81 96.84 -7.63
C ALA RB 124 -16.52 97.03 -8.41
N ALA RB 125 -15.42 97.34 -7.72
CA ALA RB 125 -14.13 97.46 -8.38
C ALA RB 125 -13.68 96.12 -8.95
N THR RB 126 -13.94 95.02 -8.25
CA THR RB 126 -13.62 93.71 -8.78
C THR RB 126 -14.37 93.42 -10.07
N VAL RB 127 -15.67 93.75 -10.09
CA VAL RB 127 -16.48 93.52 -11.27
C VAL RB 127 -16.00 94.38 -12.43
N GLY RB 128 -15.62 95.64 -12.14
CA GLY RB 128 -15.07 96.49 -13.18
C GLY RB 128 -13.78 95.96 -13.76
N GLY RB 129 -12.89 95.44 -12.90
CA GLY RB 129 -11.68 94.81 -13.39
C GLY RB 129 -11.95 93.58 -14.24
N ILE RB 130 -12.91 92.76 -13.84
CA ILE RB 130 -13.26 91.58 -14.63
C ILE RB 130 -13.82 91.98 -15.98
N GLN RB 131 -14.65 93.04 -16.01
CA GLN RB 131 -15.14 93.55 -17.29
C GLN RB 131 -14.03 94.09 -18.18
N ALA RB 132 -13.05 94.79 -17.61
CA ALA RB 132 -11.92 95.25 -18.41
C ALA RB 132 -11.13 94.08 -18.98
N MET RB 133 -10.95 93.02 -18.18
CA MET RB 133 -10.32 91.81 -18.68
C MET RB 133 -11.12 91.20 -19.82
N LYS RB 134 -12.44 91.19 -19.69
CA LYS RB 134 -13.30 90.65 -20.74
C LYS RB 134 -13.15 91.44 -22.03
N GLU RB 135 -13.08 92.77 -21.91
CA GLU RB 135 -12.88 93.62 -23.09
C GLU RB 135 -11.55 93.32 -23.76
N VAL RB 136 -10.48 93.20 -22.97
CA VAL RB 136 -9.16 92.93 -23.54
C VAL RB 136 -9.13 91.55 -24.20
N VAL RB 137 -9.75 90.57 -23.56
CA VAL RB 137 -9.76 89.21 -24.09
C VAL RB 137 -10.55 89.15 -25.40
N GLY RB 138 -11.70 89.84 -25.43
CA GLY RB 138 -12.47 89.91 -26.66
C GLY RB 138 -11.72 90.62 -27.78
N GLY RB 139 -10.94 91.64 -27.44
CA GLY RB 139 -10.10 92.29 -28.42
C GLY RB 139 -9.04 91.37 -28.97
N LEU RB 140 -8.40 90.58 -28.10
CA LEU RB 140 -7.30 89.73 -28.54
C LEU RB 140 -7.79 88.53 -29.33
N VAL RB 141 -8.87 87.88 -28.87
CA VAL RB 141 -9.32 86.66 -29.50
C VAL RB 141 -9.89 86.87 -30.91
N GLY RB 142 -10.56 87.98 -31.15
CA GLY RB 142 -11.21 88.21 -32.42
C GLY RB 142 -12.69 87.85 -32.39
N PRO RB 143 -13.36 87.99 -33.53
CA PRO RB 143 -14.79 87.69 -33.62
C PRO RB 143 -15.14 86.25 -33.25
N ASP RB 144 -14.24 85.31 -33.56
CA ASP RB 144 -14.53 83.89 -33.41
C ASP RB 144 -14.74 83.50 -31.95
N ALA RB 145 -13.93 84.04 -31.04
CA ALA RB 145 -13.98 83.65 -29.64
C ALA RB 145 -14.49 84.73 -28.71
N ALA RB 146 -14.90 85.88 -29.23
CA ALA RB 146 -15.26 87.01 -28.38
C ALA RB 146 -16.49 86.73 -27.52
N LYS RB 147 -17.56 86.23 -28.13
CA LYS RB 147 -18.82 86.12 -27.41
C LYS RB 147 -18.77 85.03 -26.34
N GLU RB 148 -18.32 83.82 -26.71
CA GLU RB 148 -18.24 82.75 -25.71
C GLU RB 148 -17.12 83.01 -24.72
N ALA RB 149 -16.11 83.80 -25.10
CA ALA RB 149 -15.14 84.23 -24.10
C ALA RB 149 -15.79 85.16 -23.09
N SER RB 150 -16.62 86.09 -23.56
CA SER RB 150 -17.17 87.12 -22.69
C SER RB 150 -18.31 86.60 -21.83
N ILE RB 151 -18.93 85.49 -22.24
CA ILE RB 151 -20.06 84.97 -21.46
C ILE RB 151 -19.62 84.50 -20.09
N TYR RB 152 -18.45 83.87 -19.99
CA TYR RB 152 -18.01 83.42 -18.67
C TYR RB 152 -17.51 84.57 -17.80
N PHE RB 153 -16.91 85.61 -18.40
CA PHE RB 153 -16.58 86.79 -17.63
C PHE RB 153 -17.83 87.47 -17.09
N ASP RB 154 -18.89 87.59 -17.91
CA ASP RB 154 -20.11 88.18 -17.40
C ASP RB 154 -20.78 87.26 -16.37
N TYR RB 155 -20.60 85.95 -16.51
CA TYR RB 155 -21.06 85.02 -15.49
C TYR RB 155 -20.37 85.29 -14.15
N LEU RB 156 -19.04 85.47 -14.18
CA LEU RB 156 -18.32 85.76 -12.94
C LEU RB 156 -18.76 87.09 -12.34
N SER RB 157 -18.91 88.12 -13.18
CA SER RB 157 -19.33 89.42 -12.67
C SER RB 157 -20.74 89.38 -12.09
N SER RB 158 -21.65 88.65 -12.73
CA SER RB 158 -23.00 88.46 -12.21
C SER RB 158 -23.03 87.65 -10.93
N GLY RB 159 -22.19 86.62 -10.82
CA GLY RB 159 -22.12 85.87 -9.57
C GLY RB 159 -21.58 86.69 -8.43
N LEU RB 160 -20.58 87.54 -8.70
CA LEU RB 160 -20.07 88.42 -7.65
C LEU RB 160 -21.09 89.48 -7.25
N SER RB 161 -21.70 90.14 -8.23
CA SER RB 161 -22.64 91.23 -7.94
C SER RB 161 -24.02 90.69 -7.59
N SER SB 2 7.55 97.67 15.64
CA SER SB 2 8.67 98.36 16.26
C SER SB 2 9.54 97.38 17.04
N VAL SB 3 10.50 97.93 17.80
CA VAL SB 3 11.32 97.10 18.66
C VAL SB 3 10.46 96.39 19.69
N LEU SB 4 9.48 97.10 20.25
CA LEU SB 4 8.57 96.49 21.22
C LEU SB 4 7.77 95.37 20.58
N THR SB 5 7.31 95.57 19.34
CA THR SB 5 6.56 94.54 18.65
C THR SB 5 7.41 93.30 18.40
N LYS SB 6 8.65 93.51 17.95
CA LYS SB 6 9.53 92.37 17.69
C LYS SB 6 9.86 91.61 18.96
N ALA SB 7 10.09 92.33 20.06
CA ALA SB 7 10.37 91.65 21.32
C ALA SB 7 9.15 90.89 21.83
N ILE SB 8 7.97 91.51 21.75
CA ILE SB 8 6.77 90.91 22.31
C ILE SB 8 6.34 89.71 21.50
N VAL SB 9 6.61 89.73 20.18
CA VAL SB 9 6.28 88.57 19.35
C VAL SB 9 7.10 87.35 19.78
N ASN SB 10 8.39 87.54 20.02
CA ASN SB 10 9.23 86.45 20.51
C ASN SB 10 8.79 85.97 21.89
N ALA SB 11 8.47 86.92 22.78
CA ALA SB 11 8.04 86.54 24.11
C ALA SB 11 6.75 85.74 24.07
N ASP SB 12 5.80 86.15 23.22
CA ASP SB 12 4.55 85.41 23.10
C ASP SB 12 4.77 84.06 22.43
N ALA SB 13 5.71 83.98 21.50
CA ALA SB 13 6.00 82.71 20.85
C ALA SB 13 6.58 81.71 21.83
N GLU SB 14 7.45 82.15 22.73
CA GLU SB 14 7.98 81.28 23.77
C GLU SB 14 7.04 81.11 24.95
N ALA SB 15 5.97 81.91 25.02
CA ALA SB 15 5.04 81.86 26.14
C ALA SB 15 5.75 82.19 27.45
N ARG SB 16 6.47 83.31 27.44
CA ARG SB 16 7.30 83.70 28.57
C ARG SB 16 7.39 85.23 28.61
N TYR SB 17 7.71 85.74 29.79
CA TYR SB 17 7.91 87.17 29.94
C TYR SB 17 9.20 87.60 29.23
N LEU SB 18 9.36 88.91 29.10
CA LEU SB 18 10.47 89.46 28.33
C LEU SB 18 11.80 89.14 28.99
N SER SB 19 12.77 88.79 28.16
CA SER SB 19 14.12 88.49 28.62
C SER SB 19 14.86 89.77 29.00
N PRO SB 20 15.84 89.65 29.89
CA PRO SB 20 16.59 90.84 30.33
C PRO SB 20 17.27 91.59 29.19
N GLY SB 21 17.77 90.87 28.18
CA GLY SB 21 18.27 91.53 26.99
C GLY SB 21 17.20 92.31 26.28
N GLU SB 22 15.98 91.77 26.24
CA GLU SB 22 14.87 92.47 25.60
C GLU SB 22 14.50 93.74 26.35
N LEU SB 23 14.46 93.68 27.69
CA LEU SB 23 14.18 94.89 28.45
C LEU SB 23 15.29 95.93 28.29
N ASP SB 24 16.55 95.48 28.24
CA ASP SB 24 17.65 96.41 28.01
C ASP SB 24 17.53 97.08 26.65
N ARG SB 25 17.19 96.29 25.63
CA ARG SB 25 17.03 96.84 24.29
C ARG SB 25 15.88 97.84 24.22
N ILE SB 26 14.76 97.54 24.88
CA ILE SB 26 13.65 98.48 24.91
C ILE SB 26 14.04 99.76 25.66
N LYS SB 27 14.80 99.62 26.74
CA LYS SB 27 15.26 100.79 27.49
C LYS SB 27 16.14 101.68 26.63
N SER SB 28 17.08 101.08 25.90
CA SER SB 28 17.93 101.86 25.00
C SER SB 28 17.11 102.52 23.89
N PHE SB 29 16.12 101.81 23.36
CA PHE SB 29 15.31 102.36 22.28
C PHE SB 29 14.50 103.57 22.76
N VAL SB 30 13.92 103.47 23.96
CA VAL SB 30 13.17 104.61 24.50
C VAL SB 30 14.12 105.75 24.84
N ALA SB 31 15.37 105.43 25.21
CA ALA SB 31 16.36 106.49 25.41
C ALA SB 31 16.66 107.23 24.12
N SER SB 32 16.75 106.52 23.00
CA SER SB 32 17.11 107.11 21.72
C SER SB 32 15.93 107.77 21.01
N GLY SB 33 14.74 107.73 21.61
CA GLY SB 33 13.52 108.21 21.00
C GLY SB 33 13.52 109.67 20.61
N GLU SB 34 14.11 110.52 21.46
CA GLU SB 34 14.14 111.95 21.15
C GLU SB 34 14.99 112.23 19.92
N ARG SB 35 16.15 111.57 19.81
CA ARG SB 35 16.99 111.74 18.63
C ARG SB 35 16.29 111.22 17.39
N ARG SB 36 15.60 110.09 17.51
CA ARG SB 36 14.85 109.58 16.35
C ARG SB 36 13.74 110.54 15.93
N LEU SB 37 13.05 111.14 16.91
CA LEU SB 37 12.00 112.10 16.60
C LEU SB 37 12.58 113.34 15.93
N ARG SB 38 13.74 113.81 16.40
CA ARG SB 38 14.38 114.96 15.77
C ARG SB 38 14.75 114.66 14.31
N ILE SB 39 15.29 113.47 14.06
CA ILE SB 39 15.67 113.09 12.70
C ILE SB 39 14.44 113.03 11.81
N ALA SB 40 13.36 112.42 12.30
CA ALA SB 40 12.13 112.33 11.52
C ALA SB 40 11.54 113.71 11.25
N GLN SB 41 11.58 114.61 12.23
CA GLN SB 41 11.09 115.97 12.04
C GLN SB 41 11.90 116.70 10.98
N THR SB 42 13.23 116.55 11.01
CA THR SB 42 14.08 117.21 10.03
C THR SB 42 13.80 116.71 8.62
N LEU SB 43 13.67 115.38 8.46
CA LEU SB 43 13.38 114.85 7.13
C LEU SB 43 11.99 115.28 6.64
N THR SB 44 10.99 115.25 7.53
CA THR SB 44 9.65 115.68 7.13
C THR SB 44 9.64 117.15 6.75
N GLU SB 45 10.45 117.98 7.43
CA GLU SB 45 10.52 119.39 7.05
C GLU SB 45 11.23 119.59 5.72
N ALA SB 46 12.29 118.83 5.45
CA ALA SB 46 13.01 118.93 4.20
C ALA SB 46 12.55 117.88 3.19
N ARG SB 47 11.27 117.50 3.27
CA ARG SB 47 10.71 116.46 2.41
C ARG SB 47 10.83 116.81 0.93
N GLU SB 48 10.20 117.90 0.49
CA GLU SB 48 10.03 118.14 -0.95
C GLU SB 48 11.36 118.43 -1.64
N ARG SB 49 12.27 119.14 -0.97
CA ARG SB 49 13.57 119.44 -1.55
C ARG SB 49 14.37 118.16 -1.78
N ILE SB 50 14.30 117.23 -0.81
CA ILE SB 50 14.97 115.95 -0.94
C ILE SB 50 14.42 115.17 -2.13
N VAL SB 51 13.10 115.17 -2.29
CA VAL SB 51 12.48 114.45 -3.39
C VAL SB 51 12.89 115.04 -4.73
N LYS SB 52 12.90 116.37 -4.81
CA LYS SB 52 13.24 117.03 -6.07
C LYS SB 52 14.70 116.74 -6.45
N GLN SB 53 15.60 116.86 -5.48
CA GLN SB 53 17.01 116.62 -5.77
C GLN SB 53 17.28 115.16 -6.10
N ALA SB 54 16.61 114.23 -5.41
CA ALA SB 54 16.76 112.83 -5.76
C ALA SB 54 16.21 112.56 -7.16
N GLY SB 55 15.13 113.22 -7.51
CA GLY SB 55 14.55 113.03 -8.83
C GLY SB 55 15.47 113.47 -9.95
N ASP SB 56 16.05 114.67 -9.83
CA ASP SB 56 16.91 115.12 -10.94
C ASP SB 56 18.29 114.49 -10.83
N GLN SB 57 18.61 113.89 -9.68
CA GLN SB 57 19.85 113.12 -9.57
C GLN SB 57 19.73 111.77 -10.25
N LEU SB 58 18.57 111.11 -10.08
CA LEU SB 58 18.39 109.75 -10.60
C LEU SB 58 18.39 109.70 -12.11
N PHE SB 59 17.88 110.73 -12.79
CA PHE SB 59 17.76 110.73 -14.23
C PHE SB 59 19.08 111.01 -14.93
N GLN SB 60 20.12 111.37 -14.17
CA GLN SB 60 21.45 111.57 -14.71
C GLN SB 60 22.25 110.28 -14.75
N ILE SB 61 22.11 109.44 -13.72
CA ILE SB 61 22.78 108.15 -13.72
C ILE SB 61 22.25 107.24 -14.82
N ARG SB 62 20.95 107.30 -15.09
CA ARG SB 62 20.33 106.48 -16.12
C ARG SB 62 19.14 107.21 -16.73
N PRO SB 63 19.37 107.98 -17.79
CA PRO SB 63 18.28 108.77 -18.39
C PRO SB 63 17.36 107.94 -19.27
N ASP SB 64 17.68 106.67 -19.47
CA ASP SB 64 16.93 105.80 -20.37
C ASP SB 64 15.50 105.61 -19.92
N VAL SB 65 15.25 105.73 -18.61
CA VAL SB 65 13.88 105.55 -18.10
C VAL SB 65 12.98 106.68 -18.56
N VAL SB 66 13.55 107.83 -18.92
CA VAL SB 66 12.77 108.96 -19.40
C VAL SB 66 12.89 109.02 -20.92
N SER SB 67 13.28 107.91 -21.52
CA SER SB 67 13.42 107.80 -22.96
C SER SB 67 12.10 107.28 -23.52
N PRO SB 68 11.94 107.30 -24.86
CA PRO SB 68 10.71 106.79 -25.49
C PRO SB 68 10.41 105.34 -25.14
N GLY SB 69 11.44 104.52 -24.98
CA GLY SB 69 11.23 103.14 -24.60
C GLY SB 69 11.34 102.93 -23.10
N GLY SB 70 11.19 104.00 -22.33
CA GLY SB 70 11.34 103.96 -20.90
C GLY SB 70 10.01 103.87 -20.19
N ASN SB 71 10.02 103.32 -18.98
CA ASN SB 71 8.79 103.18 -18.21
C ASN SB 71 8.24 104.54 -17.77
N ALA SB 72 9.12 105.48 -17.42
CA ALA SB 72 8.71 106.78 -16.91
C ALA SB 72 8.69 107.85 -17.98
N TYR SB 73 8.38 107.48 -19.22
CA TYR SB 73 8.32 108.45 -20.32
C TYR SB 73 6.99 109.20 -20.27
N GLY SB 74 7.06 110.50 -20.12
CA GLY SB 74 5.88 111.35 -20.02
C GLY SB 74 5.84 112.12 -18.71
N GLU SB 75 5.15 113.26 -18.77
CA GLU SB 75 5.07 114.13 -17.61
C GLU SB 75 4.33 113.47 -16.45
N LYS SB 76 3.20 112.83 -16.72
CA LYS SB 76 2.48 112.12 -15.68
C LYS SB 76 3.21 110.86 -15.24
N MET SB 77 3.92 110.20 -16.15
CA MET SB 77 4.75 109.06 -15.79
C MET SB 77 5.85 109.44 -14.82
N THR SB 78 6.50 110.58 -15.02
CA THR SB 78 7.52 111.06 -14.08
C THR SB 78 6.90 111.60 -12.79
N ALA SB 79 5.71 112.19 -12.88
CA ALA SB 79 5.01 112.61 -11.67
C ALA SB 79 4.70 111.41 -10.78
N LEU SB 80 4.29 110.29 -11.38
CA LEU SB 80 4.09 109.07 -10.62
C LEU SB 80 5.36 108.56 -9.95
N CYS SB 81 6.50 108.61 -10.65
CA CYS SB 81 7.77 108.20 -10.08
C CYS SB 81 8.18 109.08 -8.91
N LEU SB 82 8.03 110.40 -9.05
CA LEU SB 82 8.30 111.30 -7.92
C LEU SB 82 7.36 111.04 -6.76
N ARG SB 83 6.09 110.71 -7.06
CA ARG SB 83 5.17 110.36 -5.99
C ARG SB 83 5.60 109.09 -5.28
N ASP SB 84 6.12 108.11 -6.02
CA ASP SB 84 6.64 106.90 -5.39
C ASP SB 84 7.84 107.21 -4.50
N LEU SB 85 8.71 108.12 -4.96
CA LEU SB 85 9.84 108.51 -4.13
C LEU SB 85 9.38 109.20 -2.85
N ASP SB 86 8.35 110.05 -2.95
CA ASP SB 86 7.78 110.67 -1.76
C ASP SB 86 7.19 109.61 -0.83
N TYR SB 87 6.53 108.61 -1.39
CA TYR SB 87 5.97 107.52 -0.58
C TYR SB 87 7.07 106.80 0.19
N TYR SB 88 8.17 106.50 -0.47
CA TYR SB 88 9.25 105.79 0.19
C TYR SB 88 9.95 106.66 1.23
N LEU SB 89 10.04 107.97 0.98
CA LEU SB 89 10.55 108.87 2.01
C LEU SB 89 9.65 108.87 3.23
N ARG SB 90 8.34 108.87 3.02
CA ARG SB 90 7.41 108.79 4.13
C ARG SB 90 7.57 107.49 4.90
N LEU SB 91 7.76 106.39 4.18
CA LEU SB 91 7.96 105.10 4.84
C LEU SB 91 9.26 105.09 5.66
N VAL SB 92 10.32 105.71 5.13
CA VAL SB 92 11.57 105.81 5.87
C VAL SB 92 11.38 106.64 7.14
N THR SB 93 10.68 107.77 7.06
CA THR SB 93 10.35 108.53 8.25
C THR SB 93 9.51 107.75 9.26
N TYR SB 94 8.57 106.94 8.79
CA TYR SB 94 7.81 106.09 9.70
C TYR SB 94 8.71 105.10 10.41
N GLY SB 95 9.60 104.45 9.66
CA GLY SB 95 10.48 103.45 10.24
C GLY SB 95 11.47 104.04 11.22
N ILE SB 96 11.90 105.28 10.97
CA ILE SB 96 12.85 105.94 11.87
C ILE SB 96 12.23 106.11 13.25
N VAL SB 97 10.98 106.57 13.30
CA VAL SB 97 10.29 106.71 14.57
C VAL SB 97 9.98 105.35 15.17
N ALA SB 98 9.59 104.38 14.34
CA ALA SB 98 9.24 103.06 14.86
C ALA SB 98 10.43 102.34 15.48
N GLY SB 99 11.64 102.57 14.98
CA GLY SB 99 12.81 101.90 15.52
C GLY SB 99 13.14 100.58 14.86
N ASP SB 100 12.28 100.08 13.97
CA ASP SB 100 12.55 98.85 13.25
C ASP SB 100 11.92 98.98 11.86
N VAL SB 101 11.76 97.85 11.18
CA VAL SB 101 11.31 97.87 9.79
C VAL SB 101 10.01 97.12 9.58
N THR SB 102 9.35 96.68 10.65
CA THR SB 102 8.06 96.01 10.49
C THR SB 102 6.95 96.88 9.90
N PRO SB 103 6.70 98.11 10.37
CA PRO SB 103 5.66 98.91 9.70
C PRO SB 103 6.02 99.29 8.28
N ILE SB 104 7.30 99.48 7.99
CA ILE SB 104 7.72 99.74 6.62
C ILE SB 104 7.44 98.53 5.75
N GLU SB 105 7.74 97.33 6.27
CA GLU SB 105 7.52 96.10 5.52
C GLU SB 105 6.05 95.87 5.26
N GLU SB 106 5.20 96.11 6.26
CA GLU SB 106 3.78 95.82 6.10
C GLU SB 106 3.12 96.76 5.09
N ILE SB 107 3.73 97.92 4.84
CA ILE SB 107 3.12 98.91 3.95
C ILE SB 107 3.74 98.95 2.56
N GLY SB 108 5.06 98.74 2.43
CA GLY SB 108 5.69 98.99 1.15
C GLY SB 108 6.65 97.95 0.62
N ILE SB 109 6.96 96.91 1.41
CA ILE SB 109 7.98 95.95 1.02
C ILE SB 109 7.39 94.59 0.68
N ILE SB 110 6.40 94.13 1.43
CA ILE SB 110 5.81 92.81 1.21
C ILE SB 110 5.10 92.82 -0.14
N GLY SB 111 5.47 91.89 -1.01
CA GLY SB 111 4.89 91.80 -2.34
C GLY SB 111 5.19 93.02 -3.19
N VAL SB 112 6.34 93.64 -2.98
CA VAL SB 112 6.75 94.80 -3.77
C VAL SB 112 7.34 94.41 -5.11
N LYS SB 113 7.84 93.19 -5.23
CA LYS SB 113 8.42 92.73 -6.49
C LYS SB 113 7.37 92.22 -7.46
N GLU SB 114 6.12 92.09 -7.03
CA GLU SB 114 5.03 91.68 -7.90
C GLU SB 114 4.34 92.85 -8.59
N MET SB 115 4.04 93.91 -7.85
CA MET SB 115 3.38 95.05 -8.47
C MET SB 115 4.31 95.75 -9.45
N TYR SB 116 5.60 95.82 -9.13
CA TYR SB 116 6.54 96.46 -10.04
C TYR SB 116 6.79 95.58 -11.26
N ASN SB 117 6.76 94.26 -11.09
CA ASN SB 117 6.85 93.38 -12.25
C ASN SB 117 5.63 93.52 -13.14
N SER SB 118 4.44 93.65 -12.54
CA SER SB 118 3.24 93.84 -13.33
C SER SB 118 3.27 95.16 -14.08
N LEU SB 119 3.76 96.22 -13.43
CA LEU SB 119 3.89 97.51 -14.09
C LEU SB 119 5.08 97.56 -15.04
N GLN SB 120 5.95 96.54 -15.00
CA GLN SB 120 7.15 96.49 -15.84
C GLN SB 120 8.08 97.66 -15.56
N THR SB 121 8.14 98.09 -14.31
CA THR SB 121 9.06 99.15 -13.94
C THR SB 121 10.39 98.55 -13.48
N PRO SB 122 11.49 99.26 -13.66
CA PRO SB 122 12.81 98.75 -13.23
C PRO SB 122 12.99 98.88 -11.72
N ILE SB 123 12.91 97.74 -11.03
CA ILE SB 123 13.19 97.72 -9.59
C ILE SB 123 14.62 98.17 -9.27
N PRO SB 124 15.65 97.75 -10.00
CA PRO SB 124 16.98 98.35 -9.79
C PRO SB 124 16.99 99.85 -10.00
N ALA SB 125 16.19 100.38 -10.92
CA ALA SB 125 16.08 101.83 -11.06
C ALA SB 125 15.47 102.45 -9.81
N VAL SB 126 14.45 101.81 -9.25
CA VAL SB 126 13.83 102.33 -8.04
C VAL SB 126 14.83 102.31 -6.88
N ALA SB 127 15.68 101.28 -6.86
CA ALA SB 127 16.69 101.21 -5.80
C ALA SB 127 17.67 102.37 -5.89
N GLU SB 128 18.13 102.70 -7.10
CA GLU SB 128 19.02 103.85 -7.25
C GLU SB 128 18.30 105.15 -6.94
N GLY SB 129 17.00 105.22 -7.25
CA GLY SB 129 16.22 106.39 -6.87
C GLY SB 129 16.17 106.59 -5.36
N VAL SB 130 15.97 105.50 -4.62
CA VAL SB 130 15.97 105.59 -3.16
C VAL SB 130 17.37 105.96 -2.67
N ARG SB 131 18.41 105.45 -3.33
CA ARG SB 131 19.77 105.80 -2.97
C ARG SB 131 20.04 107.29 -3.13
N ALA SB 132 19.52 107.91 -4.18
CA ALA SB 132 19.67 109.35 -4.38
C ALA SB 132 19.01 110.13 -3.24
N MET SB 133 17.83 109.69 -2.83
CA MET SB 133 17.14 110.27 -1.68
C MET SB 133 18.01 110.14 -0.44
N LYS SB 134 18.71 109.00 -0.34
CA LYS SB 134 19.61 108.78 0.80
C LYS SB 134 20.69 109.85 0.85
N ASN SB 135 21.33 110.15 -0.27
CA ASN SB 135 22.37 111.17 -0.29
C ASN SB 135 21.81 112.54 0.02
N VAL SB 136 20.65 112.88 -0.55
CA VAL SB 136 20.06 114.19 -0.32
C VAL SB 136 19.69 114.37 1.14
N ALA SB 137 19.13 113.32 1.75
CA ALA SB 137 18.78 113.38 3.16
C ALA SB 137 20.01 113.45 4.04
N THR SB 138 21.06 112.71 3.68
CA THR SB 138 22.30 112.74 4.45
C THR SB 138 22.95 114.11 4.41
N SER SB 139 22.77 114.84 3.31
CA SER SB 139 23.35 116.18 3.18
C SER SB 139 22.77 117.19 4.18
N LEU SB 140 21.62 116.90 4.80
CA LEU SB 140 20.96 117.85 5.69
C LEU SB 140 21.02 117.44 7.16
N LEU SB 141 21.86 116.47 7.51
CA LEU SB 141 21.87 115.94 8.86
C LEU SB 141 23.29 115.89 9.39
N SER SB 142 23.41 115.87 10.71
CA SER SB 142 24.69 115.60 11.36
C SER SB 142 25.13 114.17 11.05
N GLY SB 143 26.40 113.89 11.32
CA GLY SB 143 27.00 112.63 10.96
C GLY SB 143 26.35 111.41 11.57
N ASP SB 144 26.09 111.46 12.88
CA ASP SB 144 25.45 110.33 13.55
C ASP SB 144 24.03 110.13 13.04
N ASP SB 145 23.25 111.20 12.98
CA ASP SB 145 21.89 111.10 12.45
C ASP SB 145 21.89 110.77 10.96
N ALA SB 146 22.89 111.25 10.22
CA ALA SB 146 23.00 110.88 8.81
C ALA SB 146 23.21 109.38 8.66
N ALA SB 147 24.08 108.79 9.46
CA ALA SB 147 24.27 107.34 9.44
C ALA SB 147 23.01 106.62 9.86
N GLU SB 148 22.31 107.16 10.87
CA GLU SB 148 21.09 106.54 11.36
C GLU SB 148 20.02 106.47 10.28
N ALA SB 149 19.82 107.58 9.55
CA ALA SB 149 18.87 107.57 8.44
C ALA SB 149 19.37 106.68 7.30
N GLY SB 150 20.68 106.70 7.04
CA GLY SB 150 21.23 105.91 5.97
C GLY SB 150 21.05 104.42 6.19
N PHE SB 151 20.99 103.99 7.46
CA PHE SB 151 20.67 102.59 7.75
C PHE SB 151 19.33 102.19 7.16
N TYR SB 152 18.28 102.97 7.42
CA TYR SB 152 16.98 102.64 6.87
C TYR SB 152 16.96 102.79 5.36
N PHE SB 153 17.69 103.78 4.84
CA PHE SB 153 17.70 104.00 3.39
C PHE SB 153 18.33 102.80 2.66
N ASP SB 154 19.50 102.35 3.11
CA ASP SB 154 20.11 101.22 2.41
C ASP SB 154 19.41 99.92 2.78
N TYR SB 155 18.65 99.89 3.88
CA TYR SB 155 17.76 98.77 4.10
C TYR SB 155 16.70 98.69 3.01
N LEU SB 156 16.11 99.83 2.65
CA LEU SB 156 15.15 99.85 1.55
C LEU SB 156 15.82 99.46 0.24
N VAL SB 157 17.05 99.94 0.04
CA VAL SB 157 17.80 99.61 -1.19
C VAL SB 157 18.02 98.10 -1.28
N GLY SB 158 18.39 97.48 -0.17
CA GLY SB 158 18.52 96.03 -0.17
C GLY SB 158 17.20 95.31 -0.35
N ALA SB 159 16.11 95.89 0.20
CA ALA SB 159 14.81 95.26 0.09
C ALA SB 159 14.33 95.20 -1.35
N MET SB 160 14.39 96.33 -2.08
CA MET SB 160 14.14 96.28 -3.52
C MET SB 160 15.41 95.77 -4.22
N GLN SB 161 15.53 94.45 -4.25
CA GLN SB 161 16.69 93.81 -4.84
C GLN SB 161 16.45 92.32 -5.01
N MET TB 1 -1.49 92.81 16.32
CA MET TB 1 -1.18 93.61 17.50
C MET TB 1 -0.36 94.84 17.12
N GLN TB 2 -0.64 95.95 17.79
CA GLN TB 2 0.06 97.20 17.53
C GLN TB 2 0.43 97.87 18.85
N ASP TB 3 1.51 98.65 18.80
CA ASP TB 3 1.95 99.45 19.93
C ASP TB 3 1.35 100.85 19.79
N ALA TB 4 1.72 101.76 20.69
CA ALA TB 4 1.30 103.14 20.55
C ALA TB 4 1.89 103.76 19.30
N ILE TB 5 3.17 103.53 19.04
CA ILE TB 5 3.83 104.10 17.87
C ILE TB 5 3.26 103.53 16.59
N THR TB 6 3.07 102.21 16.56
CA THR TB 6 2.49 101.59 15.37
C THR TB 6 1.04 102.03 15.16
N ALA TB 7 0.29 102.22 16.24
CA ALA TB 7 -1.08 102.70 16.12
C ALA TB 7 -1.11 104.11 15.55
N VAL TB 8 -0.21 104.98 16.01
CA VAL TB 8 -0.13 106.34 15.47
C VAL TB 8 0.27 106.29 13.99
N ILE TB 9 1.21 105.41 13.65
CA ILE TB 9 1.67 105.29 12.27
C ILE TB 9 0.52 104.84 11.36
N ASN TB 10 -0.24 103.84 11.79
CA ASN TB 10 -1.36 103.37 11.00
C ASN TB 10 -2.45 104.43 10.88
N ASN TB 11 -2.71 105.15 11.97
CA ASN TB 11 -3.75 106.18 11.96
C ASN TB 11 -3.37 107.30 10.99
N TYR TB 12 -2.08 107.65 10.92
CA TYR TB 12 -1.69 108.67 9.96
C TYR TB 12 -1.58 108.13 8.54
N ASP TB 13 -1.21 106.86 8.38
CA ASP TB 13 -1.05 106.31 7.03
C ASP TB 13 -2.40 106.12 6.35
N VAL TB 14 -3.43 105.74 7.12
CA VAL TB 14 -4.75 105.56 6.53
C VAL TB 14 -5.29 106.86 5.94
N GLN TB 15 -4.96 107.99 6.55
CA GLN TB 15 -5.28 109.29 5.99
C GLN TB 15 -4.18 109.83 5.09
N GLY TB 16 -3.07 109.11 4.98
CA GLY TB 16 -2.00 109.54 4.07
C GLY TB 16 -1.32 110.81 4.51
N LYS TB 17 -1.11 110.98 5.80
CA LYS TB 17 -0.53 112.19 6.35
C LYS TB 17 0.83 111.89 6.96
N TYR TB 18 1.78 112.82 6.78
CA TYR TB 18 3.06 112.72 7.47
C TYR TB 18 2.90 113.00 8.95
N LEU TB 19 3.93 112.71 9.72
CA LEU TB 19 3.90 112.96 11.15
C LEU TB 19 3.96 114.45 11.43
N ASP TB 20 2.96 114.96 12.14
CA ASP TB 20 2.85 116.36 12.48
C ASP TB 20 3.09 116.56 13.97
N GLY TB 21 2.84 117.79 14.45
CA GLY TB 21 3.07 118.09 15.85
C GLY TB 21 2.23 117.27 16.80
N ALA TB 22 0.99 116.97 16.42
CA ALA TB 22 0.12 116.18 17.29
C ALA TB 22 0.63 114.76 17.44
N ALA TB 23 0.99 114.12 16.32
CA ALA TB 23 1.53 112.77 16.37
C ALA TB 23 2.85 112.73 17.12
N LEU TB 24 3.69 113.75 16.90
CA LEU TB 24 4.95 113.84 17.63
C LEU TB 24 4.72 114.00 19.13
N ASP TB 25 3.73 114.80 19.52
CA ASP TB 25 3.40 114.96 20.93
C ASP TB 25 2.91 113.65 21.54
N LYS TB 26 2.09 112.90 20.80
CA LYS TB 26 1.61 111.61 21.31
C LYS TB 26 2.77 110.63 21.47
N LEU TB 27 3.67 110.59 20.50
CA LEU TB 27 4.84 109.72 20.60
C LEU TB 27 5.74 110.13 21.76
N LYS TB 28 5.86 111.44 21.98
CA LYS TB 28 6.65 111.92 23.13
C LYS TB 28 6.01 111.50 24.44
N ALA TB 29 4.68 111.58 24.51
CA ALA TB 29 3.96 111.16 25.71
C ALA TB 29 4.16 109.68 25.97
N TYR TB 30 4.26 108.87 24.91
CA TYR TB 30 4.57 107.47 25.16
C TYR TB 30 6.03 107.30 25.59
N PHE TB 31 6.94 108.05 24.96
CA PHE TB 31 8.36 107.86 25.21
C PHE TB 31 8.74 108.26 26.63
N THR TB 32 8.08 109.28 27.17
CA THR TB 32 8.47 109.79 28.49
C THR TB 32 8.20 108.78 29.61
N THR TB 33 7.31 107.82 29.40
CA THR TB 33 6.99 106.83 30.41
C THR TB 33 7.50 105.43 30.07
N GLY TB 34 8.49 105.32 29.19
CA GLY TB 34 8.96 104.01 28.77
C GLY TB 34 9.65 103.23 29.89
N ALA TB 35 10.51 103.92 30.66
CA ALA TB 35 11.34 103.23 31.63
C ALA TB 35 10.52 102.63 32.76
N VAL TB 36 9.48 103.34 33.21
CA VAL TB 36 8.64 102.85 34.30
C VAL TB 36 7.92 101.59 33.88
N ARG TB 37 7.46 101.54 32.63
CA ARG TB 37 6.82 100.33 32.12
C ARG TB 37 7.77 99.15 32.13
N VAL TB 38 9.02 99.36 31.72
CA VAL TB 38 9.99 98.28 31.69
C VAL TB 38 10.29 97.78 33.11
N ARG TB 39 10.46 98.71 34.05
CA ARG TB 39 10.74 98.33 35.43
C ARG TB 39 9.58 97.54 36.04
N ALA TB 40 8.35 98.02 35.85
CA ALA TB 40 7.20 97.32 36.41
C ALA TB 40 7.00 95.97 35.75
N ALA TB 41 7.26 95.87 34.44
CA ALA TB 41 7.19 94.59 33.76
C ALA TB 41 8.22 93.60 34.29
N ALA TB 42 9.44 94.07 34.55
CA ALA TB 42 10.44 93.21 35.15
C ALA TB 42 10.03 92.73 36.54
N VAL TB 43 9.46 93.63 37.34
CA VAL TB 43 9.00 93.24 38.68
C VAL TB 43 7.90 92.19 38.59
N ILE TB 44 6.95 92.38 37.67
CA ILE TB 44 5.85 91.44 37.51
C ILE TB 44 6.37 90.09 37.05
N SER TB 45 7.32 90.10 36.10
CA SER TB 45 7.89 88.85 35.61
C SER TB 45 8.64 88.12 36.72
N SER TB 46 9.35 88.86 37.56
CA SER TB 46 10.03 88.26 38.70
C SER TB 46 9.05 87.67 39.72
N ASN TB 47 7.93 88.35 40.00
CA ASN TB 47 7.01 87.92 41.03
C ASN TB 47 5.71 87.35 40.50
N ALA TB 48 5.73 86.73 39.32
CA ALA TB 48 4.53 86.22 38.67
C ALA TB 48 3.76 85.20 39.50
N THR TB 49 4.45 84.16 39.99
CA THR TB 49 3.74 83.06 40.65
C THR TB 49 3.17 83.51 41.99
N THR TB 50 3.89 84.37 42.71
CA THR TB 50 3.37 84.89 43.97
C THR TB 50 2.12 85.72 43.77
N ILE TB 51 2.08 86.51 42.69
CA ILE TB 51 0.90 87.32 42.41
C ILE TB 51 -0.31 86.42 42.16
N ILE TB 52 -0.14 85.36 41.37
CA ILE TB 52 -1.26 84.47 41.08
C ILE TB 52 -1.70 83.75 42.35
N LYS TB 53 -0.73 83.33 43.17
CA LYS TB 53 -1.07 82.63 44.42
C LYS TB 53 -1.87 83.53 45.36
N GLU TB 54 -1.43 84.78 45.53
CA GLU TB 54 -2.15 85.70 46.39
C GLU TB 54 -3.53 86.05 45.82
N ALA TB 55 -3.63 86.22 44.50
CA ALA TB 55 -4.92 86.52 43.89
C ALA TB 55 -5.90 85.37 44.07
N ALA TB 56 -5.43 84.14 43.86
CA ALA TB 56 -6.29 82.98 44.07
C ALA TB 56 -6.72 82.86 45.52
N ALA TB 57 -5.79 83.11 46.46
CA ALA TB 57 -6.15 83.06 47.87
C ALA TB 57 -7.18 84.12 48.24
N LYS TB 58 -7.05 85.33 47.69
CA LYS TB 58 -7.97 86.40 48.03
C LYS TB 58 -9.31 86.30 47.32
N ALA TB 59 -9.38 85.63 46.18
CA ALA TB 59 -10.59 85.68 45.37
C ALA TB 59 -11.32 84.35 45.20
N LEU TB 60 -10.62 83.24 45.03
CA LEU TB 60 -11.30 82.01 44.59
C LEU TB 60 -11.33 80.94 45.66
N ILE TB 61 -10.16 80.51 46.13
CA ILE TB 61 -10.05 79.33 46.99
C ILE TB 61 -10.68 79.60 48.35
N TYR TB 62 -10.86 78.54 49.14
CA TYR TB 62 -11.57 78.60 50.40
C TYR TB 62 -13.01 79.06 50.19
N SER TB 63 -13.67 78.46 49.21
CA SER TB 63 -15.06 78.76 48.90
C SER TB 63 -15.69 77.53 48.26
N ASP TB 64 -16.91 77.69 47.75
CA ASP TB 64 -17.58 76.56 47.11
C ASP TB 64 -17.01 76.29 45.72
N LEU TB 65 -16.22 77.21 45.17
CA LEU TB 65 -15.62 76.99 43.86
C LEU TB 65 -14.66 75.82 43.89
N THR TB 66 -13.85 75.71 44.94
CA THR TB 66 -12.91 74.61 45.10
C THR TB 66 -13.55 73.38 45.72
N ARG TB 67 -14.74 73.50 46.29
CA ARG TB 67 -15.45 72.38 46.87
C ARG TB 67 -16.14 71.56 45.80
N PRO TB 68 -16.66 70.38 46.14
CA PRO TB 68 -17.42 69.59 45.17
C PRO TB 68 -18.62 70.35 44.64
N GLY TB 69 -18.87 70.21 43.34
CA GLY TB 69 -19.86 71.00 42.66
C GLY TB 69 -19.35 72.34 42.18
N GLY TB 70 -18.18 72.77 42.63
CA GLY TB 70 -17.59 74.03 42.19
C GLY TB 70 -16.96 73.88 40.83
N MEN TB 71 -16.90 74.99 40.08
CA MEN TB 71 -16.37 74.97 38.75
C MEN TB 71 -14.87 74.71 38.77
O MEN TB 71 -14.27 74.11 37.87
CB MEN TB 71 -16.59 76.27 37.95
CG MEN TB 71 -16.23 76.02 36.51
OD1 MEN TB 71 -15.24 76.58 36.00
ND2 MEN TB 71 -17.03 75.16 35.79
CE2 MEN TB 71 -16.82 74.83 34.42
N MET TB 72 -14.25 75.19 39.83
CA MET TB 72 -12.80 75.10 39.97
C MET TB 72 -12.45 73.81 40.71
N TYR TB 73 -13.47 73.06 41.09
CA TYR TB 73 -13.30 71.76 41.72
C TYR TB 73 -12.58 70.80 40.79
N THR TB 74 -11.80 69.89 41.38
CA THR TB 74 -10.95 68.90 40.72
C THR TB 74 -9.66 69.53 40.22
N THR TB 75 -8.60 68.71 40.17
CA THR TB 75 -7.28 69.20 39.82
C THR TB 75 -7.25 69.74 38.39
N ARG TB 76 -7.97 69.10 37.48
CA ARG TB 76 -7.99 69.55 36.09
C ARG TB 76 -8.57 70.95 35.97
N ARG TB 77 -9.73 71.18 36.58
CA ARG TB 77 -10.35 72.50 36.53
C ARG TB 77 -9.53 73.54 37.27
N TYR TB 78 -8.94 73.18 38.40
CA TYR TB 78 -8.06 74.13 39.09
C TYR TB 78 -6.85 74.49 38.26
N ALA TB 79 -6.22 73.50 37.62
CA ALA TB 79 -5.06 73.78 36.78
C ALA TB 79 -5.44 74.67 35.62
N ALA TB 80 -6.59 74.40 34.99
CA ALA TB 80 -7.05 75.22 33.87
C ALA TB 80 -7.33 76.65 34.32
N CYS TB 81 -7.95 76.82 35.49
CA CYS TB 81 -8.23 78.16 35.98
C CYS TB 81 -6.95 78.93 36.29
N ILE TB 82 -5.97 78.27 36.91
CA ILE TB 82 -4.72 78.98 37.18
C ILE TB 82 -3.94 79.26 35.90
N ARG TB 83 -4.01 78.39 34.91
CA ARG TB 83 -3.39 78.66 33.61
C ARG TB 83 -4.02 79.86 32.94
N ASP TB 84 -5.35 79.97 33.01
CA ASP TB 84 -6.03 81.15 32.49
C ASP TB 84 -5.58 82.40 33.24
N MET TB 85 -5.39 82.26 34.55
CA MET TB 85 -4.89 83.35 35.38
C MET TB 85 -3.54 83.86 34.89
N ASP TB 86 -2.60 82.95 34.69
CA ASP TB 86 -1.26 83.37 34.29
C ASP TB 86 -1.25 83.90 32.86
N TYR TB 87 -2.15 83.39 32.02
CA TYR TB 87 -2.31 83.97 30.68
C TYR TB 87 -2.77 85.42 30.77
N PHE TB 88 -3.75 85.68 31.66
CA PHE TB 88 -4.24 87.04 31.82
C PHE TB 88 -3.13 87.95 32.33
N LEU TB 89 -2.33 87.47 33.28
CA LEU TB 89 -1.24 88.28 33.82
C LEU TB 89 -0.19 88.58 32.75
N ARG TB 90 0.19 87.57 31.98
CA ARG TB 90 1.23 87.75 30.97
C ARG TB 90 0.77 88.71 29.89
N TYR TB 91 -0.47 88.56 29.42
CA TYR TB 91 -0.93 89.45 28.35
C TYR TB 91 -1.22 90.84 28.88
N ALA TB 92 -1.57 90.96 30.17
CA ALA TB 92 -1.65 92.28 30.77
C ALA TB 92 -0.29 92.96 30.79
N THR TB 93 0.77 92.21 31.11
CA THR TB 93 2.11 92.77 31.07
C THR TB 93 2.49 93.18 29.66
N TYR TB 94 2.14 92.35 28.67
CA TYR TB 94 2.44 92.70 27.28
C TYR TB 94 1.71 93.97 26.85
N ALA TB 95 0.43 94.08 27.21
CA ALA TB 95 -0.34 95.26 26.85
C ALA TB 95 0.20 96.50 27.54
N MET TB 96 0.62 96.37 28.79
CA MET TB 96 1.16 97.52 29.50
C MET TB 96 2.50 97.95 28.91
N LEU TB 97 3.32 96.98 28.47
CA LEU TB 97 4.56 97.33 27.80
C LEU TB 97 4.28 98.03 26.47
N ALA TB 98 3.31 97.53 25.70
CA ALA TB 98 3.05 98.08 24.38
C ALA TB 98 2.25 99.38 24.42
N GLY TB 99 1.64 99.70 25.57
CA GLY TB 99 0.81 100.89 25.63
C GLY TB 99 -0.42 100.83 24.76
N ASP TB 100 -1.01 99.65 24.61
CA ASP TB 100 -2.18 99.49 23.74
C ASP TB 100 -2.87 98.16 24.04
N PRO TB 101 -4.18 98.18 24.28
CA PRO TB 101 -4.90 96.92 24.53
C PRO TB 101 -5.27 96.14 23.27
N SER TB 102 -4.65 96.47 22.13
CA SER TB 102 -4.95 95.76 20.89
C SER TB 102 -4.59 94.29 21.01
N ILE TB 103 -3.45 93.97 21.61
CA ILE TB 103 -3.08 92.57 21.78
C ILE TB 103 -4.04 91.87 22.73
N LEU TB 104 -4.50 92.56 23.78
CA LEU TB 104 -5.47 91.97 24.70
C LEU TB 104 -6.78 91.62 23.99
N ASP TB 105 -7.27 92.54 23.15
CA ASP TB 105 -8.43 92.24 22.33
C ASP TB 105 -8.15 91.10 21.35
N GLU TB 106 -6.96 91.08 20.76
CA GLU TB 106 -6.70 90.19 19.63
C GLU TB 106 -6.49 88.76 20.10
N ARG TB 107 -5.81 88.56 21.22
CA ARG TB 107 -5.32 87.23 21.56
C ARG TB 107 -5.89 86.65 22.85
N VAL TB 108 -6.74 87.39 23.56
CA VAL TB 108 -7.37 86.84 24.75
C VAL TB 108 -8.88 86.95 24.64
N LEU TB 109 -9.37 88.16 24.39
CA LEU TB 109 -10.81 88.40 24.51
C LEU TB 109 -11.62 87.74 23.40
N ASN TB 110 -11.03 87.51 22.22
CA ASN TB 110 -11.79 86.93 21.13
C ASN TB 110 -12.18 85.49 21.42
N GLY TB 111 -13.48 85.22 21.50
CA GLY TB 111 -13.97 83.88 21.75
C GLY TB 111 -14.04 83.50 23.21
N LEU TB 112 -13.40 84.26 24.09
CA LEU TB 112 -13.33 83.88 25.50
C LEU TB 112 -14.71 83.90 26.15
N LYS TB 113 -15.53 84.90 25.82
CA LYS TB 113 -16.82 85.04 26.49
C LYS TB 113 -17.75 83.87 26.17
N GLU TB 114 -17.93 83.56 24.89
CA GLU TB 114 -18.82 82.46 24.55
C GLU TB 114 -18.20 81.11 24.89
N THR TB 115 -16.87 81.01 24.90
CA THR TB 115 -16.24 79.78 25.40
C THR TB 115 -16.58 79.57 26.87
N TYR TB 116 -16.47 80.62 27.68
CA TYR TB 116 -16.82 80.51 29.09
C TYR TB 116 -18.31 80.22 29.27
N ASN TB 117 -19.15 80.83 28.42
CA ASN TB 117 -20.59 80.57 28.51
C ASN TB 117 -20.91 79.12 28.19
N SER TB 118 -20.28 78.56 27.16
CA SER TB 118 -20.50 77.16 26.82
C SER TB 118 -19.97 76.23 27.90
N LEU TB 119 -18.84 76.57 28.52
CA LEU TB 119 -18.26 75.71 29.53
C LEU TB 119 -18.84 75.89 30.92
N GLY TB 120 -19.65 76.93 31.13
CA GLY TB 120 -20.20 77.19 32.45
C GLY TB 120 -19.27 77.89 33.41
N VAL TB 121 -18.19 78.48 32.91
CA VAL TB 121 -17.22 79.18 33.74
C VAL TB 121 -17.86 80.40 34.37
N PRO TB 122 -17.61 80.67 35.66
CA PRO TB 122 -18.19 81.87 36.29
C PRO TB 122 -17.48 83.15 35.89
N ILE TB 123 -18.16 83.96 35.09
CA ILE TB 123 -17.57 85.21 34.61
C ILE TB 123 -17.33 86.17 35.77
N ALA TB 124 -18.24 86.19 36.74
CA ALA TB 124 -18.05 87.05 37.91
C ALA TB 124 -16.82 86.64 38.70
N ALA TB 125 -16.62 85.34 38.89
CA ALA TB 125 -15.44 84.86 39.59
C ALA TB 125 -14.16 85.20 38.84
N THR TB 126 -14.18 85.05 37.50
CA THR TB 126 -13.00 85.39 36.71
C THR TB 126 -12.67 86.87 36.81
N VAL TB 127 -13.70 87.72 36.76
CA VAL TB 127 -13.49 89.17 36.89
C VAL TB 127 -12.91 89.49 38.25
N GLY TB 128 -13.41 88.83 39.30
CA GLY TB 128 -12.85 89.03 40.63
C GLY TB 128 -11.39 88.64 40.73
N GLY TB 129 -11.01 87.50 40.13
CA GLY TB 129 -9.61 87.12 40.13
C GLY TB 129 -8.72 88.09 39.39
N ILE TB 130 -9.21 88.60 38.25
CA ILE TB 130 -8.43 89.58 37.50
C ILE TB 130 -8.26 90.86 38.30
N GLN TB 131 -9.31 91.28 38.99
CA GLN TB 131 -9.19 92.43 39.88
C GLN TB 131 -8.21 92.17 41.02
N ALA TB 132 -8.21 90.96 41.57
CA ALA TB 132 -7.27 90.61 42.64
C ALA TB 132 -5.83 90.73 42.18
N MET TB 133 -5.52 90.21 40.98
CA MET TB 133 -4.22 90.51 40.39
C MET TB 133 -4.02 92.01 40.23
N LYS TB 134 -5.10 92.76 39.98
CA LYS TB 134 -4.94 94.20 39.81
C LYS TB 134 -4.40 94.85 41.08
N GLU TB 135 -5.00 94.60 42.25
CA GLU TB 135 -4.46 95.38 43.39
C GLU TB 135 -3.15 94.76 43.84
N VAL TB 136 -2.96 93.44 43.64
CA VAL TB 136 -1.67 92.84 44.01
C VAL TB 136 -0.54 93.44 43.16
N VAL TB 137 -0.75 93.54 41.85
CA VAL TB 137 0.28 94.09 40.97
C VAL TB 137 0.46 95.58 41.25
N GLY TB 138 -0.62 96.28 41.58
CA GLY TB 138 -0.50 97.68 41.95
C GLY TB 138 0.32 97.88 43.21
N GLY TB 139 0.16 97.00 44.20
CA GLY TB 139 0.99 97.07 45.39
C GLY TB 139 2.45 96.77 45.09
N LEU TB 140 2.70 95.77 44.23
CA LEU TB 140 4.09 95.42 43.92
C LEU TB 140 4.79 96.53 43.15
N VAL TB 141 4.17 97.02 42.07
CA VAL TB 141 4.87 97.93 41.16
C VAL TB 141 5.12 99.30 41.78
N GLY TB 142 4.19 99.84 42.56
CA GLY TB 142 4.37 101.13 43.16
C GLY TB 142 3.59 102.23 42.46
N PRO TB 143 3.72 103.46 42.97
CA PRO TB 143 2.98 104.59 42.41
C PRO TB 143 3.28 104.88 40.94
N ASP TB 144 4.51 104.58 40.50
CA ASP TB 144 4.95 104.98 39.17
C ASP TB 144 4.13 104.33 38.07
N ALA TB 145 3.95 103.01 38.12
CA ALA TB 145 3.24 102.29 37.09
C ALA TB 145 1.94 101.66 37.55
N ALA TB 146 1.41 102.07 38.71
CA ALA TB 146 0.22 101.43 39.26
C ALA TB 146 -1.00 101.68 38.36
N LYS TB 147 -1.24 102.94 38.00
CA LYS TB 147 -2.39 103.26 37.17
C LYS TB 147 -2.26 102.67 35.78
N GLU TB 148 -1.06 102.74 35.19
CA GLU TB 148 -0.85 102.19 33.85
C GLU TB 148 -1.05 100.69 33.84
N ALA TB 149 -0.60 99.99 34.88
CA ALA TB 149 -0.87 98.57 34.99
C ALA TB 149 -2.37 98.31 35.18
N SER TB 150 -3.02 99.16 35.97
CA SER TB 150 -4.40 98.92 36.35
C SER TB 150 -5.35 99.11 35.18
N ILE TB 151 -4.99 99.98 34.23
CA ILE TB 151 -5.91 100.25 33.11
C ILE TB 151 -6.12 99.02 32.25
N TYR TB 152 -5.08 98.20 32.04
CA TYR TB 152 -5.24 97.00 31.22
C TYR TB 152 -5.96 95.88 31.96
N PHE TB 153 -5.74 95.74 33.27
CA PHE TB 153 -6.55 94.80 34.03
C PHE TB 153 -8.02 95.20 34.02
N ASP TB 154 -8.30 96.50 34.14
CA ASP TB 154 -9.66 96.99 34.00
C ASP TB 154 -10.21 96.72 32.61
N TYR TB 155 -9.36 96.83 31.59
CA TYR TB 155 -9.77 96.51 30.23
C TYR TB 155 -10.19 95.05 30.11
N LEU TB 156 -9.39 94.15 30.68
CA LEU TB 156 -9.73 92.73 30.65
C LEU TB 156 -11.04 92.45 31.40
N SER TB 157 -11.19 93.06 32.58
CA SER TB 157 -12.40 92.85 33.36
C SER TB 157 -13.64 93.39 32.64
N SER TB 158 -13.55 94.58 32.04
CA SER TB 158 -14.65 95.12 31.27
C SER TB 158 -14.96 94.31 30.02
N GLY TB 159 -13.94 93.78 29.35
CA GLY TB 159 -14.20 92.93 28.20
C GLY TB 159 -14.89 91.64 28.57
N LEU TB 160 -14.47 91.01 29.67
CA LEU TB 160 -15.16 89.82 30.14
C LEU TB 160 -16.60 90.12 30.58
N SER TB 161 -16.79 91.21 31.31
CA SER TB 161 -18.12 91.57 31.78
C SER TB 161 -18.95 92.16 30.64
N SER UB 2 17.11 -49.62 -37.32
CA SER UB 2 16.29 -49.73 -36.13
C SER UB 2 16.06 -48.36 -35.49
N VAL UB 3 15.40 -48.36 -34.34
CA VAL UB 3 15.15 -47.13 -33.60
C VAL UB 3 16.46 -46.46 -33.20
N LEU UB 4 17.41 -47.25 -32.68
CA LEU UB 4 18.71 -46.71 -32.32
C LEU UB 4 19.45 -46.17 -33.54
N THR UB 5 19.36 -46.88 -34.67
CA THR UB 5 20.03 -46.43 -35.88
C THR UB 5 19.45 -45.11 -36.36
N LYS UB 6 18.12 -44.97 -36.30
CA LYS UB 6 17.49 -43.73 -36.75
C LYS UB 6 17.87 -42.57 -35.85
N ALA UB 7 17.87 -42.79 -34.53
CA ALA UB 7 18.26 -41.72 -33.60
C ALA UB 7 19.72 -41.32 -33.80
N ILE UB 8 20.60 -42.31 -33.99
CA ILE UB 8 22.02 -42.03 -34.16
C ILE UB 8 22.26 -41.27 -35.46
N VAL UB 9 21.58 -41.68 -36.54
CA VAL UB 9 21.79 -41.02 -37.82
C VAL UB 9 21.25 -39.60 -37.78
N ASN UB 10 20.15 -39.38 -37.07
CA ASN UB 10 19.63 -38.02 -36.95
C ASN UB 10 20.59 -37.13 -36.16
N ALA UB 11 21.11 -37.63 -35.03
CA ALA UB 11 22.03 -36.85 -34.23
C ALA UB 11 23.33 -36.58 -35.00
N ASP UB 12 23.79 -37.55 -35.80
CA ASP UB 12 25.01 -37.36 -36.57
C ASP UB 12 24.77 -36.31 -37.64
N ALA UB 13 23.62 -36.38 -38.33
CA ALA UB 13 23.35 -35.41 -39.38
C ALA UB 13 23.18 -34.00 -38.81
N GLU UB 14 22.71 -33.89 -37.57
CA GLU UB 14 22.59 -32.59 -36.93
C GLU UB 14 23.91 -32.12 -36.31
N ALA UB 15 24.84 -33.04 -36.06
CA ALA UB 15 26.11 -32.74 -35.37
C ALA UB 15 25.85 -32.27 -33.93
N ARG UB 16 25.25 -33.15 -33.14
CA ARG UB 16 25.02 -32.91 -31.73
C ARG UB 16 24.89 -34.25 -31.02
N TYR UB 17 24.88 -34.21 -29.69
CA TYR UB 17 24.66 -35.41 -28.92
C TYR UB 17 23.18 -35.76 -28.87
N LEU UB 18 22.89 -36.94 -28.32
CA LEU UB 18 21.52 -37.46 -28.35
C LEU UB 18 20.60 -36.63 -27.45
N SER UB 19 19.40 -36.36 -27.96
CA SER UB 19 18.41 -35.62 -27.22
C SER UB 19 17.81 -36.50 -26.12
N PRO UB 20 17.44 -35.90 -24.98
CA PRO UB 20 16.72 -36.66 -23.95
C PRO UB 20 15.45 -37.35 -24.43
N GLY UB 21 14.69 -36.74 -25.33
CA GLY UB 21 13.55 -37.42 -25.91
C GLY UB 21 13.97 -38.62 -26.74
N GLU UB 22 15.12 -38.50 -27.41
CA GLU UB 22 15.68 -39.64 -28.14
C GLU UB 22 16.07 -40.75 -27.17
N LEU UB 23 16.64 -40.40 -26.03
CA LEU UB 23 16.93 -41.41 -25.01
C LEU UB 23 15.65 -42.02 -24.46
N ASP UB 24 14.58 -41.21 -24.39
CA ASP UB 24 13.28 -41.73 -23.98
C ASP UB 24 12.78 -42.80 -24.94
N ARG UB 25 12.85 -42.52 -26.25
CA ARG UB 25 12.42 -43.54 -27.20
C ARG UB 25 13.35 -44.74 -27.18
N ILE UB 26 14.63 -44.52 -26.87
CA ILE UB 26 15.57 -45.62 -26.70
C ILE UB 26 15.14 -46.54 -25.57
N LYS UB 27 14.82 -45.94 -24.41
CA LYS UB 27 14.42 -46.73 -23.25
C LYS UB 27 13.11 -47.46 -23.51
N SER UB 28 12.15 -46.79 -24.15
CA SER UB 28 10.90 -47.45 -24.49
C SER UB 28 11.14 -48.61 -25.46
N PHE UB 29 12.03 -48.41 -26.43
CA PHE UB 29 12.30 -49.44 -27.43
C PHE UB 29 12.96 -50.65 -26.79
N VAL UB 30 13.90 -50.42 -25.87
CA VAL UB 30 14.54 -51.55 -25.20
C VAL UB 30 13.58 -52.24 -24.24
N ALA UB 31 12.69 -51.48 -23.60
CA ALA UB 31 11.71 -52.09 -22.71
C ALA UB 31 10.69 -52.92 -23.48
N SER UB 32 10.39 -52.55 -24.72
CA SER UB 32 9.45 -53.30 -25.54
C SER UB 32 10.09 -54.50 -26.24
N GLY UB 33 11.37 -54.74 -25.98
CA GLY UB 33 12.11 -55.80 -26.64
C GLY UB 33 11.54 -57.18 -26.40
N GLU UB 34 11.13 -57.47 -25.16
CA GLU UB 34 10.60 -58.79 -24.85
C GLU UB 34 9.28 -59.04 -25.57
N ARG UB 35 8.39 -58.04 -25.58
CA ARG UB 35 7.10 -58.23 -26.25
C ARG UB 35 7.30 -58.36 -27.75
N ARG UB 36 8.22 -57.58 -28.32
CA ARG UB 36 8.49 -57.70 -29.75
C ARG UB 36 9.08 -59.06 -30.10
N LEU UB 37 9.97 -59.58 -29.24
CA LEU UB 37 10.51 -60.91 -29.45
C LEU UB 37 9.43 -61.98 -29.35
N ARG UB 38 8.48 -61.82 -28.42
CA ARG UB 38 7.39 -62.78 -28.31
C ARG UB 38 6.53 -62.77 -29.57
N ILE UB 39 6.22 -61.58 -30.10
CA ILE UB 39 5.42 -61.49 -31.31
C ILE UB 39 6.15 -62.13 -32.49
N ALA UB 40 7.46 -61.86 -32.59
CA ALA UB 40 8.25 -62.49 -33.65
C ALA UB 40 8.27 -64.00 -33.51
N GLN UB 41 8.41 -64.51 -32.29
CA GLN UB 41 8.42 -65.95 -32.07
C GLN UB 41 7.09 -66.58 -32.48
N THR UB 42 5.98 -65.92 -32.12
CA THR UB 42 4.66 -66.44 -32.47
C THR UB 42 4.48 -66.50 -33.98
N LEU UB 43 4.86 -65.42 -34.68
CA LEU UB 43 4.72 -65.41 -36.13
C LEU UB 43 5.63 -66.44 -36.79
N THR UB 44 6.86 -66.60 -36.26
CA THR UB 44 7.77 -67.60 -36.81
C THR UB 44 7.21 -69.01 -36.63
N GLU UB 45 6.62 -69.30 -35.47
CA GLU UB 45 6.05 -70.61 -35.25
C GLU UB 45 4.82 -70.84 -36.12
N ALA UB 46 4.07 -69.79 -36.43
CA ALA UB 46 2.87 -69.92 -37.26
C ALA UB 46 3.12 -69.47 -38.70
N ARG UB 47 4.37 -69.52 -39.16
CA ARG UB 47 4.70 -69.02 -40.49
C ARG UB 47 4.04 -69.81 -41.60
N GLU UB 48 3.86 -71.12 -41.44
CA GLU UB 48 3.32 -71.93 -42.53
C GLU UB 48 1.82 -71.67 -42.72
N ARG UB 49 1.08 -71.65 -41.61
CA ARG UB 49 -0.37 -71.50 -41.65
C ARG UB 49 -0.77 -70.17 -42.27
N ILE UB 50 -0.09 -69.09 -41.87
CA ILE UB 50 -0.40 -67.76 -42.36
C ILE UB 50 -0.18 -67.68 -43.86
N VAL UB 51 0.95 -68.21 -44.34
CA VAL UB 51 1.26 -68.15 -45.76
C VAL UB 51 0.26 -68.96 -46.57
N LYS UB 52 -0.05 -70.18 -46.12
CA LYS UB 52 -0.96 -71.03 -46.88
C LYS UB 52 -2.36 -70.41 -46.94
N GLN UB 53 -2.87 -69.95 -45.79
CA GLN UB 53 -4.20 -69.35 -45.76
C GLN UB 53 -4.27 -68.07 -46.56
N ALA UB 54 -3.21 -67.24 -46.50
CA ALA UB 54 -3.19 -66.03 -47.30
C ALA UB 54 -3.19 -66.35 -48.79
N GLY UB 55 -2.49 -67.41 -49.18
CA GLY UB 55 -2.54 -67.84 -50.56
C GLY UB 55 -3.94 -68.24 -51.00
N ASP UB 56 -4.63 -69.03 -50.18
CA ASP UB 56 -5.99 -69.42 -50.54
C ASP UB 56 -6.93 -68.22 -50.63
N GLN UB 57 -6.83 -67.29 -49.67
CA GLN UB 57 -7.72 -66.13 -49.73
C GLN UB 57 -7.40 -65.22 -50.90
N LEU UB 58 -6.11 -65.06 -51.23
CA LEU UB 58 -5.74 -64.23 -52.38
C LEU UB 58 -6.23 -64.84 -53.68
N PHE UB 59 -6.14 -66.17 -53.82
CA PHE UB 59 -6.62 -66.82 -55.04
C PHE UB 59 -8.13 -66.76 -55.18
N GLN UB 60 -8.87 -66.54 -54.09
CA GLN UB 60 -10.31 -66.34 -54.17
C GLN UB 60 -10.69 -64.96 -54.70
N ILE UB 61 -9.97 -63.92 -54.30
CA ILE UB 61 -10.24 -62.58 -54.81
C ILE UB 61 -9.66 -62.35 -56.19
N ARG UB 62 -8.56 -63.02 -56.53
CA ARG UB 62 -7.93 -62.90 -57.85
C ARG UB 62 -7.79 -64.30 -58.46
N PRO UB 63 -8.89 -64.90 -58.88
CA PRO UB 63 -8.80 -66.24 -59.48
C PRO UB 63 -8.04 -66.27 -60.79
N ASP UB 64 -7.92 -65.13 -61.47
CA ASP UB 64 -7.29 -65.11 -62.78
C ASP UB 64 -5.77 -65.27 -62.71
N VAL UB 65 -5.15 -64.99 -61.57
CA VAL UB 65 -3.70 -65.19 -61.47
C VAL UB 65 -3.36 -66.67 -61.57
N VAL UB 66 -4.20 -67.53 -61.00
CA VAL UB 66 -4.11 -68.95 -61.25
C VAL UB 66 -5.05 -69.28 -62.40
N SER UB 67 -4.60 -69.03 -63.62
CA SER UB 67 -5.40 -69.17 -64.82
C SER UB 67 -4.46 -69.10 -66.02
N PRO UB 68 -4.96 -69.45 -67.22
CA PRO UB 68 -4.10 -69.57 -68.40
C PRO UB 68 -3.26 -68.33 -68.76
N GLY UB 69 -3.80 -67.14 -68.56
CA GLY UB 69 -3.05 -65.94 -68.87
C GLY UB 69 -2.49 -65.24 -67.66
N GLY UB 70 -2.18 -65.98 -66.61
CA GLY UB 70 -1.78 -65.41 -65.33
C GLY UB 70 -0.32 -65.63 -65.03
N ASN UB 71 0.21 -64.79 -64.14
CA ASN UB 71 1.60 -64.93 -63.70
C ASN UB 71 1.84 -66.24 -62.97
N ALA UB 72 0.91 -66.63 -62.08
CA ALA UB 72 1.09 -67.78 -61.22
C ALA UB 72 0.36 -69.01 -61.72
N TYR UB 73 0.31 -69.22 -63.03
CA TYR UB 73 -0.36 -70.38 -63.60
C TYR UB 73 0.56 -71.59 -63.54
N GLY UB 74 0.19 -72.59 -62.77
CA GLY UB 74 0.98 -73.79 -62.60
C GLY UB 74 1.37 -74.03 -61.15
N GLU UB 75 1.70 -75.29 -60.87
CA GLU UB 75 2.01 -75.69 -59.49
C GLU UB 75 3.29 -75.02 -58.99
N LYS UB 76 4.34 -75.01 -59.79
CA LYS UB 76 5.57 -74.38 -59.36
C LYS UB 76 5.50 -72.86 -59.43
N MET UB 77 4.73 -72.30 -60.35
CA MET UB 77 4.48 -70.87 -60.32
C MET UB 77 3.73 -70.44 -59.07
N THR UB 78 2.76 -71.24 -58.61
CA THR UB 78 2.11 -70.95 -57.34
C THR UB 78 3.06 -71.16 -56.17
N ALA UB 79 3.94 -72.16 -56.26
CA ALA UB 79 4.94 -72.36 -55.22
C ALA UB 79 5.86 -71.14 -55.10
N LEU UB 80 6.22 -70.54 -56.23
CA LEU UB 80 7.04 -69.33 -56.19
C LEU UB 80 6.30 -68.19 -55.51
N CYS UB 81 5.00 -68.04 -55.78
CA CYS UB 81 4.21 -67.01 -55.11
C CYS UB 81 4.16 -67.25 -53.60
N LEU UB 82 3.97 -68.50 -53.19
CA LEU UB 82 3.96 -68.80 -51.76
C LEU UB 82 5.32 -68.56 -51.14
N ARG UB 83 6.41 -68.85 -51.85
CA ARG UB 83 7.74 -68.54 -51.33
C ARG UB 83 7.94 -67.04 -51.18
N ASP UB 84 7.41 -66.25 -52.12
CA ASP UB 84 7.44 -64.80 -51.98
C ASP UB 84 6.69 -64.34 -50.75
N LEU UB 85 5.53 -64.92 -50.50
CA LEU UB 85 4.76 -64.55 -49.32
C LEU UB 85 5.51 -64.93 -48.04
N ASP UB 86 6.20 -66.07 -48.07
CA ASP UB 86 7.04 -66.45 -46.94
C ASP UB 86 8.18 -65.45 -46.73
N TYR UB 87 8.79 -64.99 -47.83
CA TYR UB 87 9.83 -63.97 -47.76
C TYR UB 87 9.31 -62.71 -47.09
N TYR UB 88 8.12 -62.27 -47.50
CA TYR UB 88 7.57 -61.06 -46.91
C TYR UB 88 7.17 -61.27 -45.46
N LEU UB 89 6.74 -62.48 -45.10
CA LEU UB 89 6.47 -62.76 -43.69
C LEU UB 89 7.75 -62.67 -42.87
N ARG UB 90 8.85 -63.21 -43.39
CA ARG UB 90 10.13 -63.11 -42.70
C ARG UB 90 10.56 -61.66 -42.55
N LEU UB 91 10.35 -60.86 -43.60
CA LEU UB 91 10.69 -59.44 -43.54
C LEU UB 91 9.84 -58.71 -42.51
N VAL UB 92 8.56 -59.08 -42.39
CA VAL UB 92 7.72 -58.45 -41.38
C VAL UB 92 8.19 -58.83 -39.98
N THR UB 93 8.64 -60.08 -39.80
CA THR UB 93 9.22 -60.47 -38.51
C THR UB 93 10.47 -59.67 -38.21
N TYR UB 94 11.30 -59.44 -39.23
CA TYR UB 94 12.50 -58.61 -39.07
C TYR UB 94 12.12 -57.20 -38.65
N GLY UB 95 11.11 -56.62 -39.29
CA GLY UB 95 10.69 -55.27 -38.94
C GLY UB 95 10.14 -55.20 -37.52
N ILE UB 96 9.38 -56.22 -37.12
CA ILE UB 96 8.84 -56.25 -35.76
C ILE UB 96 9.96 -56.33 -34.73
N VAL UB 97 10.95 -57.18 -34.97
CA VAL UB 97 12.05 -57.28 -34.01
C VAL UB 97 12.91 -56.02 -34.01
N ALA UB 98 13.09 -55.37 -35.16
CA ALA UB 98 13.95 -54.20 -35.24
C ALA UB 98 13.31 -52.96 -34.67
N GLY UB 99 11.98 -52.85 -34.74
CA GLY UB 99 11.32 -51.67 -34.22
C GLY UB 99 10.94 -50.64 -35.25
N ASP UB 100 11.47 -50.73 -36.47
CA ASP UB 100 11.02 -49.90 -37.57
C ASP UB 100 11.16 -50.70 -38.85
N VAL UB 101 11.09 -49.99 -39.99
CA VAL UB 101 10.99 -50.65 -41.28
C VAL UB 101 12.24 -50.50 -42.14
N THR UB 102 13.39 -50.27 -41.53
CA THR UB 102 14.64 -50.20 -42.29
C THR UB 102 14.97 -51.49 -43.02
N PRO UB 103 14.96 -52.65 -42.36
CA PRO UB 103 15.24 -53.90 -43.09
C PRO UB 103 14.20 -54.21 -44.16
N ILE UB 104 12.92 -53.98 -43.86
CA ILE UB 104 11.86 -54.21 -44.84
C ILE UB 104 12.06 -53.33 -46.06
N GLU UB 105 12.38 -52.05 -45.84
CA GLU UB 105 12.62 -51.12 -46.94
C GLU UB 105 13.82 -51.54 -47.77
N GLU UB 106 14.95 -51.84 -47.12
CA GLU UB 106 16.16 -52.12 -47.88
C GLU UB 106 16.13 -53.50 -48.51
N ILE UB 107 15.20 -54.36 -48.10
CA ILE UB 107 15.18 -55.71 -48.66
C ILE UB 107 14.06 -55.91 -49.69
N GLY UB 108 12.87 -55.36 -49.46
CA GLY UB 108 11.74 -55.85 -50.24
C GLY UB 108 10.86 -54.86 -50.98
N ILE UB 109 11.06 -53.55 -50.81
CA ILE UB 109 10.23 -52.56 -51.48
C ILE UB 109 11.04 -51.68 -52.42
N ILE UB 110 12.34 -51.51 -52.17
CA ILE UB 110 13.16 -50.71 -53.07
C ILE UB 110 13.44 -51.52 -54.33
N GLY UB 111 12.83 -51.13 -55.44
CA GLY UB 111 12.99 -51.82 -56.70
C GLY UB 111 12.05 -52.99 -56.90
N VAL UB 112 11.16 -53.26 -55.93
CA VAL UB 112 10.21 -54.34 -56.08
C VAL UB 112 9.28 -54.08 -57.27
N LYS UB 113 8.93 -52.81 -57.50
CA LYS UB 113 8.13 -52.46 -58.66
C LYS UB 113 8.85 -52.82 -59.95
N GLU UB 114 10.15 -52.52 -60.03
CA GLU UB 114 10.92 -52.85 -61.22
C GLU UB 114 11.02 -54.35 -61.42
N MET UB 115 11.28 -55.10 -60.33
CA MET UB 115 11.44 -56.54 -60.46
C MET UB 115 10.13 -57.20 -60.91
N TYR UB 116 9.02 -56.79 -60.31
CA TYR UB 116 7.75 -57.41 -60.67
C TYR UB 116 7.28 -56.94 -62.04
N ASN UB 117 7.66 -55.72 -62.45
CA ASN UB 117 7.36 -55.29 -63.81
C ASN UB 117 8.13 -56.11 -64.82
N SER UB 118 9.40 -56.42 -64.52
CA SER UB 118 10.19 -57.27 -65.40
C SER UB 118 9.60 -58.68 -65.45
N LEU UB 119 9.16 -59.19 -64.30
CA LEU UB 119 8.59 -60.53 -64.26
C LEU UB 119 7.15 -60.58 -64.76
N GLN UB 120 6.54 -59.43 -65.05
CA GLN UB 120 5.14 -59.37 -65.46
C GLN UB 120 4.21 -59.90 -64.38
N THR UB 121 4.42 -59.45 -63.16
CA THR UB 121 3.69 -59.95 -62.00
C THR UB 121 2.69 -58.91 -61.52
N PRO UB 122 1.44 -59.28 -61.28
CA PRO UB 122 0.50 -58.33 -60.67
C PRO UB 122 0.89 -57.97 -59.23
N ILE UB 123 1.34 -56.72 -59.13
CA ILE UB 123 1.64 -56.11 -57.83
C ILE UB 123 0.40 -55.92 -56.98
N PRO UB 124 -0.75 -55.47 -57.50
CA PRO UB 124 -1.97 -55.47 -56.68
C PRO UB 124 -2.32 -56.85 -56.14
N ALA UB 125 -2.06 -57.91 -56.90
CA ALA UB 125 -2.20 -59.24 -56.33
C ALA UB 125 -1.16 -59.52 -55.24
N VAL UB 126 0.07 -59.01 -55.36
CA VAL UB 126 1.00 -59.12 -54.24
C VAL UB 126 0.44 -58.41 -53.01
N ALA UB 127 -0.14 -57.23 -53.20
CA ALA UB 127 -0.70 -56.47 -52.10
C ALA UB 127 -1.87 -57.22 -51.45
N GLU UB 128 -2.71 -57.86 -52.27
CA GLU UB 128 -3.80 -58.66 -51.72
C GLU UB 128 -3.27 -59.85 -50.94
N GLY UB 129 -2.22 -60.51 -51.44
CA GLY UB 129 -1.60 -61.57 -50.66
C GLY UB 129 -1.04 -61.08 -49.34
N VAL UB 130 -0.44 -59.89 -49.34
CA VAL UB 130 0.09 -59.32 -48.11
C VAL UB 130 -1.05 -59.01 -47.13
N ARG UB 131 -2.17 -58.52 -47.64
CA ARG UB 131 -3.33 -58.27 -46.78
C ARG UB 131 -3.87 -59.57 -46.19
N ALA UB 132 -3.89 -60.64 -47.00
CA ALA UB 132 -4.33 -61.93 -46.50
C ALA UB 132 -3.41 -62.43 -45.39
N MET UB 133 -2.10 -62.28 -45.58
CA MET UB 133 -1.16 -62.64 -44.52
C MET UB 133 -1.39 -61.79 -43.28
N LYS UB 134 -1.73 -60.51 -43.47
CA LYS UB 134 -2.03 -59.64 -42.34
C LYS UB 134 -3.22 -60.16 -41.54
N ASN UB 135 -4.29 -60.53 -42.25
CA ASN UB 135 -5.48 -61.03 -41.55
C ASN UB 135 -5.20 -62.33 -40.83
N VAL UB 136 -4.50 -63.26 -41.48
CA VAL UB 136 -4.20 -64.55 -40.86
C VAL UB 136 -3.30 -64.36 -39.64
N ALA UB 137 -2.30 -63.49 -39.76
CA ALA UB 137 -1.42 -63.23 -38.63
C ALA UB 137 -2.15 -62.57 -37.47
N THR UB 138 -3.02 -61.61 -37.78
CA THR UB 138 -3.78 -60.93 -36.74
C THR UB 138 -4.77 -61.86 -36.06
N SER UB 139 -5.21 -62.91 -36.75
CA SER UB 139 -6.06 -63.91 -36.12
C SER UB 139 -5.36 -64.71 -35.04
N LEU UB 140 -4.03 -64.70 -35.00
CA LEU UB 140 -3.25 -65.50 -34.05
C LEU UB 140 -2.65 -64.68 -32.92
N LEU UB 141 -3.06 -63.42 -32.76
CA LEU UB 141 -2.41 -62.54 -31.81
C LEU UB 141 -3.45 -61.83 -30.95
N SER UB 142 -3.02 -61.47 -29.74
CA SER UB 142 -3.84 -60.60 -28.89
C SER UB 142 -3.94 -59.23 -29.52
N GLY UB 143 -4.91 -58.45 -29.04
CA GLY UB 143 -5.28 -57.18 -29.65
C GLY UB 143 -4.17 -56.15 -29.79
N ASP UB 144 -3.40 -55.92 -28.71
CA ASP UB 144 -2.32 -54.96 -28.77
C ASP UB 144 -1.21 -55.42 -29.72
N ASP UB 145 -0.75 -56.66 -29.56
CA ASP UB 145 0.23 -57.21 -30.48
C ASP UB 145 -0.33 -57.34 -31.89
N ALA UB 146 -1.64 -57.57 -32.01
CA ALA UB 146 -2.27 -57.60 -33.32
C ALA UB 146 -2.15 -56.26 -34.02
N ALA UB 147 -2.43 -55.16 -33.30
CA ALA UB 147 -2.28 -53.83 -33.88
C ALA UB 147 -0.81 -53.54 -34.19
N GLU UB 148 0.09 -53.98 -33.32
CA GLU UB 148 1.51 -53.72 -33.52
C GLU UB 148 2.03 -54.41 -34.78
N ALA UB 149 1.62 -55.65 -35.02
CA ALA UB 149 2.03 -56.34 -36.25
C ALA UB 149 1.28 -55.80 -37.46
N GLY UB 150 0.02 -55.41 -37.28
CA GLY UB 150 -0.74 -54.85 -38.38
C GLY UB 150 -0.19 -53.53 -38.87
N PHE UB 151 0.49 -52.78 -37.98
CA PHE UB 151 1.20 -51.59 -38.42
C PHE UB 151 2.23 -51.91 -39.50
N TYR UB 152 3.07 -52.92 -39.26
CA TYR UB 152 4.09 -53.27 -40.24
C TYR UB 152 3.48 -53.90 -41.49
N PHE UB 153 2.43 -54.71 -41.32
CA PHE UB 153 1.77 -55.28 -42.50
C PHE UB 153 1.15 -54.19 -43.37
N ASP UB 154 0.51 -53.21 -42.73
CA ASP UB 154 -0.06 -52.08 -43.45
C ASP UB 154 1.01 -51.25 -44.13
N TYR UB 155 2.16 -51.07 -43.48
CA TYR UB 155 3.25 -50.35 -44.11
C TYR UB 155 3.74 -51.08 -45.35
N LEU UB 156 3.85 -52.41 -45.26
CA LEU UB 156 4.26 -53.19 -46.43
C LEU UB 156 3.26 -53.03 -47.56
N VAL UB 157 1.97 -53.08 -47.24
CA VAL UB 157 0.92 -52.91 -48.24
C VAL UB 157 1.02 -51.55 -48.90
N GLY UB 158 1.21 -50.50 -48.09
CA GLY UB 158 1.30 -49.16 -48.65
C GLY UB 158 2.54 -48.96 -49.50
N ALA UB 159 3.68 -49.46 -49.05
CA ALA UB 159 4.91 -49.30 -49.80
C ALA UB 159 4.89 -50.10 -51.09
N MET UB 160 4.10 -51.18 -51.16
CA MET UB 160 3.97 -51.96 -52.39
C MET UB 160 2.86 -51.37 -53.27
N GLN UB 161 3.01 -50.09 -53.57
CA GLN UB 161 2.02 -49.37 -54.37
C GLN UB 161 2.69 -48.26 -55.18
N MET VB 1 26.10 -47.66 -41.85
CA MET VB 1 26.71 -48.33 -40.71
C MET VB 1 25.85 -49.49 -40.24
N GLN VB 2 25.69 -49.62 -38.92
CA GLN VB 2 24.81 -50.60 -38.30
C GLN VB 2 24.94 -50.52 -36.79
N ASP VB 3 23.96 -51.06 -36.11
CA ASP VB 3 24.05 -51.36 -34.68
C ASP VB 3 24.14 -52.87 -34.53
N ALA VB 4 24.12 -53.35 -33.28
CA ALA VB 4 24.21 -54.78 -33.02
C ALA VB 4 22.99 -55.50 -33.57
N ILE VB 5 21.80 -54.94 -33.36
CA ILE VB 5 20.57 -55.57 -33.80
C ILE VB 5 20.52 -55.63 -35.32
N THR VB 6 20.84 -54.53 -35.99
CA THR VB 6 20.90 -54.53 -37.44
C THR VB 6 21.97 -55.46 -37.97
N ALA VB 7 23.12 -55.56 -37.29
CA ALA VB 7 24.16 -56.49 -37.73
C ALA VB 7 23.68 -57.93 -37.66
N VAL VB 8 23.01 -58.30 -36.57
CA VAL VB 8 22.47 -59.66 -36.46
C VAL VB 8 21.41 -59.91 -37.53
N ILE VB 9 20.51 -58.94 -37.72
CA ILE VB 9 19.41 -59.10 -38.67
C ILE VB 9 19.95 -59.25 -40.08
N ASN VB 10 20.95 -58.43 -40.44
CA ASN VB 10 21.55 -58.52 -41.77
C ASN VB 10 22.32 -59.82 -41.94
N ASN VB 11 23.04 -60.25 -40.91
CA ASN VB 11 23.81 -61.49 -41.00
C ASN VB 11 22.90 -62.71 -41.09
N TYR VB 12 21.65 -62.59 -40.62
CA TYR VB 12 20.70 -63.67 -40.82
C TYR VB 12 19.95 -63.56 -42.13
N ASP VB 13 19.70 -62.34 -42.60
CA ASP VB 13 18.98 -62.16 -43.86
C ASP VB 13 19.87 -62.64 -45.01
N VAL VB 14 21.18 -62.46 -44.89
CA VAL VB 14 22.09 -62.94 -45.93
C VAL VB 14 22.03 -64.45 -46.07
N GLN VB 15 21.73 -65.17 -44.99
CA GLN VB 15 21.48 -66.60 -45.07
C GLN VB 15 20.02 -66.94 -45.31
N GLY VB 16 19.12 -65.96 -45.27
CA GLY VB 16 17.72 -66.24 -45.50
C GLY VB 16 17.10 -67.09 -44.42
N LYS VB 17 17.40 -66.77 -43.16
CA LYS VB 17 16.98 -67.59 -42.02
C LYS VB 17 16.18 -66.76 -41.04
N TYR VB 18 15.18 -67.38 -40.42
CA TYR VB 18 14.49 -66.72 -39.32
C TYR VB 18 15.40 -66.67 -38.09
N LEU VB 19 15.02 -65.85 -37.12
CA LEU VB 19 15.83 -65.71 -35.92
C LEU VB 19 15.67 -66.93 -35.02
N ASP VB 20 16.79 -67.53 -34.64
CA ASP VB 20 16.82 -68.71 -33.80
C ASP VB 20 17.42 -68.35 -32.44
N GLY VB 21 17.67 -69.38 -31.64
CA GLY VB 21 18.23 -69.16 -30.31
C GLY VB 21 19.59 -68.49 -30.34
N ALA VB 22 20.39 -68.75 -31.39
CA ALA VB 22 21.71 -68.15 -31.47
C ALA VB 22 21.64 -66.63 -31.59
N ALA VB 23 20.93 -66.14 -32.62
CA ALA VB 23 20.73 -64.71 -32.77
C ALA VB 23 19.98 -64.13 -31.57
N LEU VB 24 19.14 -64.95 -30.95
CA LEU VB 24 18.50 -64.54 -29.70
C LEU VB 24 19.52 -64.26 -28.60
N ASP VB 25 20.56 -65.09 -28.46
CA ASP VB 25 21.49 -64.80 -27.37
C ASP VB 25 22.40 -63.63 -27.71
N LYS VB 26 22.75 -63.42 -29.00
CA LYS VB 26 23.48 -62.18 -29.30
C LYS VB 26 22.62 -60.94 -29.01
N LEU VB 27 21.34 -61.00 -29.38
CA LEU VB 27 20.45 -59.86 -29.11
C LEU VB 27 20.29 -59.65 -27.60
N LYS VB 28 20.18 -60.74 -26.84
CA LYS VB 28 20.05 -60.63 -25.39
C LYS VB 28 21.33 -60.05 -24.78
N ALA VB 29 22.49 -60.47 -25.29
CA ALA VB 29 23.75 -59.93 -24.81
C ALA VB 29 23.84 -58.43 -25.08
N TYR VB 30 23.37 -57.99 -26.24
CA TYR VB 30 23.35 -56.55 -26.49
C TYR VB 30 22.36 -55.85 -25.57
N PHE VB 31 21.18 -56.44 -25.36
CA PHE VB 31 20.14 -55.79 -24.57
C PHE VB 31 20.55 -55.67 -23.11
N THR VB 32 21.33 -56.62 -22.61
CA THR VB 32 21.67 -56.66 -21.18
C THR VB 32 22.51 -55.47 -20.75
N THR VB 33 23.24 -54.85 -21.65
CA THR VB 33 24.10 -53.72 -21.32
C THR VB 33 23.57 -52.38 -21.82
N GLY VB 34 22.25 -52.27 -22.01
CA GLY VB 34 21.70 -51.03 -22.56
C GLY VB 34 21.85 -49.85 -21.62
N ALA VB 35 21.55 -50.06 -20.34
CA ALA VB 35 21.50 -48.95 -19.40
C ALA VB 35 22.89 -48.36 -19.14
N VAL VB 36 23.90 -49.22 -19.07
CA VAL VB 36 25.26 -48.73 -18.82
C VAL VB 36 25.74 -47.85 -19.96
N ARG VB 37 25.45 -48.26 -21.20
CA ARG VB 37 25.83 -47.46 -22.36
C ARG VB 37 25.16 -46.10 -22.32
N VAL VB 38 23.87 -46.07 -21.98
CA VAL VB 38 23.14 -44.80 -21.94
C VAL VB 38 23.70 -43.89 -20.86
N ARG VB 39 23.99 -44.45 -19.69
CA ARG VB 39 24.54 -43.65 -18.60
C ARG VB 39 25.91 -43.08 -18.95
N ALA VB 40 26.79 -43.91 -19.51
CA ALA VB 40 28.12 -43.43 -19.86
C ALA VB 40 28.05 -42.40 -20.99
N ALA VB 41 27.14 -42.60 -21.96
CA ALA VB 41 26.97 -41.61 -23.01
C ALA VB 41 26.47 -40.28 -22.45
N ALA VB 42 25.53 -40.31 -21.51
CA ALA VB 42 25.07 -39.08 -20.88
C ALA VB 42 26.19 -38.38 -20.14
N VAL VB 43 27.03 -39.13 -19.42
CA VAL VB 43 28.15 -38.53 -18.70
C VAL VB 43 29.12 -37.89 -19.68
N ILE VB 44 29.43 -38.57 -20.77
CA ILE VB 44 30.36 -38.05 -21.76
C ILE VB 44 29.81 -36.78 -22.39
N SER VB 45 28.52 -36.79 -22.72
CA SER VB 45 27.90 -35.61 -23.32
C SER VB 45 27.91 -34.43 -22.35
N SER VB 46 27.65 -34.70 -21.07
CA SER VB 46 27.68 -33.62 -20.08
C SER VB 46 29.08 -33.07 -19.86
N ASN VB 47 30.11 -33.92 -19.94
CA ASN VB 47 31.47 -33.46 -19.70
C ASN VB 47 32.34 -33.40 -20.95
N ALA VB 48 31.74 -33.21 -22.12
CA ALA VB 48 32.47 -33.22 -23.39
C ALA VB 48 33.59 -32.20 -23.48
N THR VB 49 33.30 -30.94 -23.10
CA THR VB 49 34.30 -29.88 -23.26
C THR VB 49 35.49 -30.08 -22.33
N THR VB 50 35.24 -30.49 -21.09
CA THR VB 50 36.32 -30.67 -20.14
C THR VB 50 37.22 -31.82 -20.54
N ILE VB 51 36.66 -32.88 -21.13
CA ILE VB 51 37.47 -33.99 -21.61
C ILE VB 51 38.44 -33.52 -22.69
N ILE VB 52 37.94 -32.74 -23.64
CA ILE VB 52 38.79 -32.24 -24.72
C ILE VB 52 39.87 -31.32 -24.17
N LYS VB 53 39.49 -30.45 -23.23
CA LYS VB 53 40.46 -29.53 -22.65
C LYS VB 53 41.57 -30.28 -21.91
N GLU VB 54 41.20 -31.28 -21.10
CA GLU VB 54 42.21 -32.05 -20.38
C GLU VB 54 43.08 -32.86 -21.32
N ALA VB 55 42.49 -33.47 -22.36
CA ALA VB 55 43.29 -34.24 -23.31
C ALA VB 55 44.27 -33.35 -24.06
N ALA VB 56 43.82 -32.16 -24.48
CA ALA VB 56 44.72 -31.24 -25.16
C ALA VB 56 45.83 -30.77 -24.23
N ALA VB 57 45.50 -30.48 -22.97
CA ALA VB 57 46.54 -30.07 -22.02
C ALA VB 57 47.54 -31.19 -21.78
N LYS VB 58 47.07 -32.44 -21.74
CA LYS VB 58 47.96 -33.55 -21.45
C LYS VB 58 48.83 -33.95 -22.64
N ALA VB 59 48.33 -33.81 -23.87
CA ALA VB 59 49.02 -34.39 -25.01
C ALA VB 59 49.48 -33.42 -26.09
N LEU VB 60 48.87 -32.23 -26.21
CA LEU VB 60 49.14 -31.40 -27.37
C LEU VB 60 49.79 -30.07 -27.02
N ILE VB 61 49.13 -29.27 -26.20
CA ILE VB 61 49.57 -27.90 -25.95
C ILE VB 61 50.82 -27.90 -25.08
N TYR VB 62 51.43 -26.73 -24.92
CA TYR VB 62 52.72 -26.60 -24.23
C TYR VB 62 53.80 -27.41 -24.94
N SER VB 63 53.79 -27.39 -26.26
CA SER VB 63 54.74 -28.14 -27.05
C SER VB 63 55.13 -27.31 -28.27
N ASP VB 64 55.79 -27.95 -29.22
CA ASP VB 64 56.15 -27.28 -30.46
C ASP VB 64 54.95 -27.11 -31.38
N LEU VB 65 53.87 -27.85 -31.11
CA LEU VB 65 52.68 -27.75 -31.95
C LEU VB 65 52.05 -26.37 -31.86
N THR VB 66 51.97 -25.81 -30.66
CA THR VB 66 51.37 -24.50 -30.45
C THR VB 66 52.30 -23.35 -30.80
N ARG VB 67 53.57 -23.62 -31.00
CA ARG VB 67 54.53 -22.59 -31.36
C ARG VB 67 54.53 -22.36 -32.87
N PRO VB 68 55.14 -21.28 -33.33
CA PRO VB 68 55.21 -21.00 -34.77
C PRO VB 68 55.91 -22.13 -35.52
N GLY VB 69 55.38 -22.45 -36.70
CA GLY VB 69 55.80 -23.62 -37.44
C GLY VB 69 55.09 -24.89 -37.05
N GLY VB 70 54.30 -24.86 -35.98
CA GLY VB 70 53.53 -26.02 -35.58
C GLY VB 70 52.21 -26.09 -36.31
N MEN VB 71 51.71 -27.29 -36.51
CA MEN VB 71 50.49 -27.49 -37.25
C MEN VB 71 49.28 -26.97 -36.50
O MEN VB 71 48.24 -26.61 -37.04
CB MEN VB 71 50.19 -28.97 -37.58
CG MEN VB 71 49.14 -29.05 -38.67
OD1 MEN VB 71 47.95 -29.29 -38.38
ND2 MEN VB 71 49.55 -28.85 -39.96
CE2 MEN VB 71 48.68 -28.89 -41.09
N MET VB 72 49.44 -26.92 -35.18
CA MET VB 72 48.38 -26.44 -34.30
C MET VB 72 48.53 -24.94 -34.04
N TYR VB 73 49.53 -24.32 -34.67
CA TYR VB 73 49.79 -22.90 -34.48
C TYR VB 73 48.67 -22.08 -35.10
N THR VB 74 48.38 -20.91 -34.49
CA THR VB 74 47.35 -19.96 -34.88
C THR VB 74 45.97 -20.39 -34.41
N THR VB 75 45.08 -19.41 -34.19
CA THR VB 75 43.75 -19.70 -33.67
C THR VB 75 42.93 -20.56 -34.61
N ARG VB 76 43.04 -20.32 -35.92
CA ARG VB 76 42.33 -21.12 -36.91
C ARG VB 76 42.70 -22.59 -36.79
N ARG VB 77 44.00 -22.87 -36.78
CA ARG VB 77 44.45 -24.26 -36.70
C ARG VB 77 44.14 -24.89 -35.35
N TYR VB 78 44.29 -24.14 -34.25
CA TYR VB 78 43.94 -24.72 -32.95
C TYR VB 78 42.44 -25.04 -32.87
N ALA VB 79 41.59 -24.14 -33.37
CA ALA VB 79 40.17 -24.41 -33.36
C ALA VB 79 39.82 -25.60 -34.24
N ALA VB 80 40.50 -25.73 -35.38
CA ALA VB 80 40.30 -26.91 -36.21
C ALA VB 80 40.71 -28.18 -35.48
N CYS VB 81 41.83 -28.13 -34.74
CA CYS VB 81 42.28 -29.31 -34.02
C CYS VB 81 41.30 -29.70 -32.91
N ILE VB 82 40.80 -28.73 -32.15
CA ILE VB 82 39.83 -29.05 -31.12
C ILE VB 82 38.50 -29.50 -31.72
N ARG VB 83 38.14 -29.00 -32.89
CA ARG VB 83 36.94 -29.49 -33.57
C ARG VB 83 37.13 -30.94 -33.99
N ASP VB 84 38.33 -31.30 -34.46
CA ASP VB 84 38.62 -32.69 -34.76
C ASP VB 84 38.53 -33.56 -33.52
N MET VB 85 39.00 -33.04 -32.39
CA MET VB 85 38.92 -33.75 -31.13
C MET VB 85 37.46 -34.00 -30.75
N ASP VB 86 36.61 -32.98 -30.93
CA ASP VB 86 35.18 -33.12 -30.69
C ASP VB 86 34.56 -34.12 -31.65
N TYR VB 87 35.02 -34.14 -32.89
CA TYR VB 87 34.57 -35.13 -33.88
C TYR VB 87 34.81 -36.53 -33.36
N PHE VB 88 36.04 -36.80 -32.93
CA PHE VB 88 36.42 -38.13 -32.46
C PHE VB 88 35.60 -38.52 -31.23
N LEU VB 89 35.43 -37.58 -30.30
CA LEU VB 89 34.66 -37.87 -29.09
C LEU VB 89 33.21 -38.18 -29.40
N ARG VB 90 32.58 -37.35 -30.24
CA ARG VB 90 31.16 -37.53 -30.55
C ARG VB 90 30.93 -38.83 -31.32
N TYR VB 91 31.81 -39.15 -32.27
CA TYR VB 91 31.60 -40.37 -33.04
C TYR VB 91 31.93 -41.61 -32.21
N ALA VB 92 32.87 -41.49 -31.26
CA ALA VB 92 33.09 -42.58 -30.33
C ALA VB 92 31.85 -42.82 -29.46
N THR VB 93 31.20 -41.74 -29.04
CA THR VB 93 29.95 -41.88 -28.30
C THR VB 93 28.88 -42.56 -29.13
N TYR VB 94 28.75 -42.18 -30.40
CA TYR VB 94 27.77 -42.81 -31.29
C TYR VB 94 28.05 -44.30 -31.46
N ALA VB 95 29.33 -44.64 -31.69
CA ALA VB 95 29.69 -46.04 -31.89
C ALA VB 95 29.45 -46.86 -30.62
N MET VB 96 29.76 -46.28 -29.47
CA MET VB 96 29.52 -46.98 -28.21
C MET VB 96 28.04 -47.20 -27.97
N LEU VB 97 27.21 -46.21 -28.29
CA LEU VB 97 25.76 -46.38 -28.14
C LEU VB 97 25.23 -47.45 -29.08
N ALA VB 98 25.72 -47.46 -30.32
CA ALA VB 98 25.21 -48.41 -31.29
C ALA VB 98 25.79 -49.81 -31.14
N GLY VB 99 26.89 -49.95 -30.39
CA GLY VB 99 27.52 -51.25 -30.27
C GLY VB 99 28.12 -51.76 -31.57
N ASP VB 100 28.74 -50.88 -32.35
CA ASP VB 100 29.35 -51.28 -33.61
C ASP VB 100 30.24 -50.19 -34.15
N PRO VB 101 31.46 -50.52 -34.61
CA PRO VB 101 32.36 -49.51 -35.16
C PRO VB 101 32.12 -49.18 -36.63
N SER VB 102 31.03 -49.66 -37.20
CA SER VB 102 30.74 -49.40 -38.61
C SER VB 102 30.52 -47.92 -38.86
N ILE VB 103 29.85 -47.23 -37.94
CA ILE VB 103 29.66 -45.79 -38.09
C ILE VB 103 31.00 -45.06 -38.03
N LEU VB 104 31.91 -45.52 -37.17
CA LEU VB 104 33.24 -44.93 -37.10
C LEU VB 104 34.00 -45.12 -38.41
N ASP VB 105 33.89 -46.30 -39.01
CA ASP VB 105 34.55 -46.50 -40.28
C ASP VB 105 33.91 -45.66 -41.39
N GLU VB 106 32.58 -45.56 -41.39
CA GLU VB 106 31.87 -44.93 -42.50
C GLU VB 106 32.01 -43.41 -42.48
N ARG VB 107 31.83 -42.78 -41.33
CA ARG VB 107 31.76 -41.34 -41.28
C ARG VB 107 33.00 -40.66 -40.70
N VAL VB 108 34.03 -41.43 -40.32
CA VAL VB 108 35.21 -40.80 -39.73
C VAL VB 108 36.48 -41.21 -40.46
N LEU VB 109 36.74 -42.51 -40.54
CA LEU VB 109 38.06 -42.97 -40.94
C LEU VB 109 38.28 -42.96 -42.44
N ASN VB 110 37.20 -43.00 -43.23
CA ASN VB 110 37.34 -43.10 -44.68
C ASN VB 110 37.96 -41.83 -45.27
N GLY VB 111 39.17 -41.95 -45.80
CA GLY VB 111 39.86 -40.84 -46.41
C GLY VB 111 40.55 -39.90 -45.45
N LEU VB 112 40.37 -40.10 -44.14
CA LEU VB 112 40.96 -39.19 -43.16
C LEU VB 112 42.48 -39.25 -43.20
N LYS VB 113 43.06 -40.44 -43.38
CA LYS VB 113 44.51 -40.57 -43.40
C LYS VB 113 45.11 -39.83 -44.58
N GLU VB 114 44.55 -40.00 -45.76
CA GLU VB 114 45.06 -39.29 -46.94
C GLU VB 114 44.82 -37.80 -46.84
N THR VB 115 43.69 -37.39 -46.28
CA THR VB 115 43.43 -35.96 -46.10
C THR VB 115 44.44 -35.33 -45.15
N TYR VB 116 44.74 -36.01 -44.04
CA TYR VB 116 45.74 -35.51 -43.11
C TYR VB 116 47.12 -35.49 -43.75
N ASN VB 117 47.44 -36.49 -44.57
CA ASN VB 117 48.72 -36.50 -45.27
C ASN VB 117 48.83 -35.31 -46.22
N SER VB 118 47.75 -35.00 -46.94
CA SER VB 118 47.78 -33.87 -47.85
C SER VB 118 47.85 -32.54 -47.11
N LEU VB 119 47.14 -32.42 -45.99
CA LEU VB 119 47.10 -31.16 -45.26
C LEU VB 119 48.31 -30.94 -44.37
N GLY VB 120 49.07 -31.99 -44.06
CA GLY VB 120 50.24 -31.86 -43.21
C GLY VB 120 49.98 -32.04 -41.73
N VAL VB 121 48.84 -32.57 -41.35
CA VAL VB 121 48.49 -32.75 -39.94
C VAL VB 121 49.30 -33.89 -39.34
N PRO VB 122 49.69 -33.82 -38.07
CA PRO VB 122 50.44 -34.92 -37.45
C PRO VB 122 49.54 -36.07 -36.99
N ILE VB 123 49.63 -37.20 -37.68
CA ILE VB 123 48.81 -38.35 -37.36
C ILE VB 123 49.17 -38.91 -35.98
N ALA VB 124 50.47 -38.94 -35.67
CA ALA VB 124 50.90 -39.43 -34.36
C ALA VB 124 50.38 -38.55 -33.24
N ALA VB 125 50.43 -37.23 -33.42
CA ALA VB 125 49.88 -36.31 -32.42
C ALA VB 125 48.38 -36.50 -32.27
N THR VB 126 47.66 -36.71 -33.39
CA THR VB 126 46.23 -36.94 -33.31
C THR VB 126 45.93 -38.24 -32.55
N VAL VB 127 46.72 -39.28 -32.78
CA VAL VB 127 46.51 -40.54 -32.06
C VAL VB 127 46.79 -40.36 -30.57
N GLY VB 128 47.82 -39.57 -30.24
CA GLY VB 128 48.09 -39.29 -28.84
C GLY VB 128 46.96 -38.53 -28.17
N GLY VB 129 46.38 -37.55 -28.88
CA GLY VB 129 45.23 -36.85 -28.36
C GLY VB 129 44.04 -37.76 -28.15
N ILE VB 130 43.79 -38.67 -29.09
CA ILE VB 130 42.69 -39.61 -28.97
C ILE VB 130 42.90 -40.50 -27.75
N GLN VB 131 44.13 -40.97 -27.54
CA GLN VB 131 44.42 -41.78 -26.36
C GLN VB 131 44.26 -40.98 -25.07
N ALA VB 132 44.63 -39.71 -25.05
CA ALA VB 132 44.39 -38.88 -23.87
C ALA VB 132 42.91 -38.77 -23.57
N MET VB 133 42.09 -38.54 -24.60
CA MET VB 133 40.65 -38.53 -24.38
C MET VB 133 40.15 -39.88 -23.89
N LYS VB 134 40.76 -40.96 -24.36
CA LYS VB 134 40.34 -42.29 -23.93
C LYS VB 134 40.60 -42.49 -22.44
N GLU VB 135 41.78 -42.07 -21.97
CA GLU VB 135 42.06 -42.16 -20.54
C GLU VB 135 41.09 -41.30 -19.73
N VAL VB 136 40.82 -40.08 -20.19
CA VAL VB 136 39.94 -39.19 -19.45
C VAL VB 136 38.52 -39.75 -19.39
N VAL VB 137 38.03 -40.27 -20.52
CA VAL VB 137 36.66 -40.80 -20.55
C VAL VB 137 36.57 -42.08 -19.73
N GLY VB 138 37.64 -42.89 -19.75
CA GLY VB 138 37.66 -44.07 -18.91
C GLY VB 138 37.65 -43.72 -17.44
N GLY VB 139 38.34 -42.65 -17.05
CA GLY VB 139 38.25 -42.19 -15.68
C GLY VB 139 36.86 -41.71 -15.32
N LEU VB 140 36.22 -40.99 -16.24
CA LEU VB 140 34.91 -40.41 -15.94
C LEU VB 140 33.82 -41.48 -15.85
N VAL VB 141 33.76 -42.38 -16.83
CA VAL VB 141 32.63 -43.31 -16.91
C VAL VB 141 32.61 -44.33 -15.79
N GLY VB 142 33.77 -44.83 -15.37
CA GLY VB 142 33.81 -45.83 -14.32
C GLY VB 142 33.94 -47.24 -14.87
N PRO VB 143 34.05 -48.21 -13.96
CA PRO VB 143 34.26 -49.61 -14.38
C PRO VB 143 33.16 -50.19 -15.26
N ASP VB 144 31.94 -49.69 -15.12
CA ASP VB 144 30.80 -50.27 -15.83
C ASP VB 144 30.94 -50.19 -17.35
N ALA VB 145 31.23 -49.00 -17.86
CA ALA VB 145 31.36 -48.79 -19.30
C ALA VB 145 32.78 -48.43 -19.73
N ALA VB 146 33.78 -48.67 -18.89
CA ALA VB 146 35.15 -48.27 -19.20
C ALA VB 146 35.67 -48.97 -20.45
N LYS VB 147 35.59 -50.31 -20.47
CA LYS VB 147 36.11 -51.04 -21.62
C LYS VB 147 35.25 -50.83 -22.86
N GLU VB 148 33.95 -50.63 -22.69
CA GLU VB 148 33.08 -50.37 -23.82
C GLU VB 148 33.41 -49.04 -24.47
N ALA VB 149 33.70 -48.02 -23.66
CA ALA VB 149 34.16 -46.76 -24.23
C ALA VB 149 35.55 -46.92 -24.85
N SER VB 150 36.43 -47.67 -24.19
CA SER VB 150 37.83 -47.69 -24.59
C SER VB 150 38.04 -48.44 -25.89
N ILE VB 151 37.19 -49.44 -26.18
CA ILE VB 151 37.39 -50.25 -27.39
C ILE VB 151 37.23 -49.41 -28.65
N TYR VB 152 36.27 -48.49 -28.68
CA TYR VB 152 36.08 -47.67 -29.86
C TYR VB 152 37.16 -46.60 -30.02
N PHE VB 153 37.66 -46.04 -28.91
CA PHE VB 153 38.82 -45.16 -29.02
C PHE VB 153 40.03 -45.90 -29.56
N ASP VB 154 40.24 -47.14 -29.10
CA ASP VB 154 41.31 -47.95 -29.66
C ASP VB 154 41.08 -48.25 -31.13
N TYR VB 155 39.82 -48.46 -31.53
CA TYR VB 155 39.50 -48.65 -32.94
C TYR VB 155 39.89 -47.43 -33.76
N LEU VB 156 39.55 -46.24 -33.27
CA LEU VB 156 39.90 -45.01 -33.98
C LEU VB 156 41.41 -44.83 -34.09
N SER VB 157 42.13 -45.09 -32.98
CA SER VB 157 43.57 -44.96 -33.00
C SER VB 157 44.22 -45.97 -33.95
N SER VB 158 43.75 -47.21 -33.95
CA SER VB 158 44.24 -48.21 -34.89
C SER VB 158 43.95 -47.86 -36.34
N GLY VB 159 42.74 -47.35 -36.63
CA GLY VB 159 42.43 -46.95 -37.99
C GLY VB 159 43.27 -45.80 -38.49
N LEU VB 160 43.48 -44.79 -37.64
CA LEU VB 160 44.36 -43.69 -38.01
C LEU VB 160 45.80 -44.15 -38.19
N SER VB 161 46.28 -45.00 -37.29
CA SER VB 161 47.65 -45.50 -37.38
C SER VB 161 47.76 -46.59 -38.44
N SER WB 2 46.56 -7.42 -47.12
CA SER WB 2 47.10 -6.12 -47.54
C SER WB 2 46.18 -5.46 -48.56
N VAL WB 3 46.40 -4.16 -48.79
CA VAL WB 3 45.64 -3.46 -49.81
C VAL WB 3 45.98 -3.99 -51.20
N LEU WB 4 47.24 -4.36 -51.41
CA LEU WB 4 47.66 -4.86 -52.71
C LEU WB 4 46.97 -6.18 -53.05
N THR WB 5 46.88 -7.08 -52.07
CA THR WB 5 46.30 -8.40 -52.34
C THR WB 5 44.79 -8.32 -52.53
N LYS WB 6 44.16 -7.29 -51.96
CA LYS WB 6 42.71 -7.17 -52.03
C LYS WB 6 42.29 -6.21 -53.13
N ALA WB 7 43.19 -6.04 -54.09
CA ALA WB 7 42.90 -5.33 -55.33
C ALA WB 7 43.17 -6.18 -56.57
N ILE WB 8 43.94 -7.26 -56.45
CA ILE WB 8 44.04 -8.25 -57.51
C ILE WB 8 43.02 -9.38 -57.33
N VAL WB 9 42.71 -9.75 -56.09
CA VAL WB 9 41.74 -10.81 -55.85
C VAL WB 9 40.34 -10.44 -56.30
N ASN WB 10 40.01 -9.15 -56.37
CA ASN WB 10 38.72 -8.72 -56.88
C ASN WB 10 38.73 -8.50 -58.39
N ALA WB 11 39.88 -8.15 -58.97
CA ALA WB 11 39.97 -8.08 -60.41
C ALA WB 11 39.92 -9.46 -61.05
N ASP WB 12 40.62 -10.42 -60.46
CA ASP WB 12 40.58 -11.79 -60.94
C ASP WB 12 39.19 -12.41 -60.81
N ALA WB 13 38.42 -12.01 -59.81
CA ALA WB 13 37.08 -12.57 -59.64
C ALA WB 13 36.17 -12.22 -60.81
N GLU WB 14 36.33 -11.02 -61.38
CA GLU WB 14 35.59 -10.62 -62.57
C GLU WB 14 36.38 -10.91 -63.84
N ALA WB 15 37.60 -11.41 -63.72
CA ALA WB 15 38.39 -11.87 -64.85
C ALA WB 15 38.71 -10.73 -65.81
N ARG WB 16 39.18 -9.62 -65.25
CA ARG WB 16 39.57 -8.48 -66.07
C ARG WB 16 40.90 -7.93 -65.59
N TYR WB 17 41.39 -6.88 -66.24
CA TYR WB 17 42.60 -6.20 -65.82
C TYR WB 17 42.26 -5.17 -64.75
N LEU WB 18 43.28 -4.67 -64.06
CA LEU WB 18 43.05 -3.68 -63.02
C LEU WB 18 42.49 -2.40 -63.61
N SER WB 19 41.50 -1.88 -62.98
CA SER WB 19 40.80 -0.75 -63.55
C SER WB 19 41.58 0.54 -63.34
N PRO WB 20 41.23 1.56 -64.13
CA PRO WB 20 41.86 2.88 -63.98
C PRO WB 20 41.73 3.46 -62.58
N GLY WB 21 40.58 3.28 -61.95
CA GLY WB 21 40.37 3.79 -60.62
C GLY WB 21 41.02 2.90 -59.58
N GLU WB 22 41.39 1.69 -59.99
CA GLU WB 22 42.06 0.74 -59.12
C GLU WB 22 43.57 0.88 -59.11
N LEU WB 23 44.17 1.35 -60.20
CA LEU WB 23 45.60 1.56 -60.26
C LEU WB 23 46.02 2.88 -59.61
N ASP WB 24 45.07 3.70 -59.20
CA ASP WB 24 45.37 4.97 -58.52
C ASP WB 24 45.17 4.85 -57.02
N ARG WB 25 44.33 3.91 -56.58
CA ARG WB 25 44.16 3.63 -55.17
C ARG WB 25 45.20 2.61 -54.72
N ILE WB 26 46.02 2.16 -55.66
CA ILE WB 26 47.11 1.23 -55.39
C ILE WB 26 48.41 2.03 -55.35
N LYS WB 27 48.29 3.35 -55.31
CA LYS WB 27 49.46 4.22 -55.28
C LYS WB 27 49.54 4.99 -53.98
N SER WB 28 48.38 5.33 -53.41
CA SER WB 28 48.34 5.97 -52.11
C SER WB 28 48.89 5.01 -51.06
N PHE WB 29 48.63 3.72 -51.24
CA PHE WB 29 49.12 2.72 -50.29
C PHE WB 29 50.64 2.67 -50.28
N VAL WB 30 51.27 2.69 -51.46
CA VAL WB 30 52.73 2.66 -51.51
C VAL WB 30 53.31 3.96 -50.97
N ALA WB 31 52.59 5.06 -51.13
CA ALA WB 31 53.04 6.32 -50.54
C ALA WB 31 53.00 6.26 -49.02
N SER WB 32 51.96 5.66 -48.46
CA SER WB 32 51.85 5.57 -47.00
C SER WB 32 52.67 4.41 -46.46
N GLY WB 33 53.24 3.60 -47.34
CA GLY WB 33 54.02 2.45 -46.90
C GLY WB 33 55.24 2.83 -46.09
N GLU WB 34 55.93 3.90 -46.49
CA GLU WB 34 57.11 4.34 -45.75
C GLU WB 34 56.75 4.79 -44.34
N ARG WB 35 55.69 5.59 -44.23
CA ARG WB 35 55.23 6.04 -42.91
C ARG WB 35 54.79 4.86 -42.06
N ARG WB 36 54.10 3.89 -42.66
CA ARG WB 36 53.67 2.71 -41.92
C ARG WB 36 54.86 1.90 -41.43
N LEU WB 37 55.89 1.77 -42.28
CA LEU WB 37 57.10 1.07 -41.87
C LEU WB 37 57.79 1.77 -40.71
N ARG WB 38 57.84 3.11 -40.76
CA ARG WB 38 58.43 3.87 -39.67
C ARG WB 38 57.65 3.67 -38.38
N ILE WB 39 56.31 3.69 -38.46
CA ILE WB 39 55.49 3.49 -37.27
C ILE WB 39 55.69 2.09 -36.71
N ALA WB 40 55.76 1.08 -37.58
CA ALA WB 40 55.96 -0.28 -37.11
C ALA WB 40 57.32 -0.45 -36.45
N GLN WB 41 58.35 0.19 -37.01
CA GLN WB 41 59.67 0.13 -36.38
C GLN WB 41 59.65 0.82 -35.02
N THR WB 42 58.95 1.95 -34.92
CA THR WB 42 58.85 2.65 -33.64
C THR WB 42 58.15 1.79 -32.59
N LEU WB 43 57.08 1.11 -32.97
CA LEU WB 43 56.40 0.23 -32.02
C LEU WB 43 57.25 -0.98 -31.68
N THR WB 44 58.00 -1.51 -32.65
CA THR WB 44 58.83 -2.68 -32.41
C THR WB 44 59.96 -2.37 -31.45
N GLU WB 45 60.49 -1.13 -31.51
CA GLU WB 45 61.58 -0.76 -30.62
C GLU WB 45 61.17 -0.79 -29.16
N ALA WB 46 59.94 -0.36 -28.85
CA ALA WB 46 59.45 -0.29 -27.49
C ALA WB 46 58.49 -1.42 -27.16
N ARG WB 47 58.74 -2.64 -27.66
CA ARG WB 47 57.78 -3.72 -27.48
C ARG WB 47 57.75 -4.21 -26.05
N GLU WB 48 58.89 -4.22 -25.36
CA GLU WB 48 58.92 -4.78 -24.01
C GLU WB 48 58.27 -3.85 -23.01
N ARG WB 49 58.54 -2.55 -23.11
CA ARG WB 49 57.92 -1.58 -22.21
C ARG WB 49 56.41 -1.54 -22.39
N ILE WB 50 55.95 -1.58 -23.64
CA ILE WB 50 54.52 -1.57 -23.92
C ILE WB 50 53.86 -2.80 -23.34
N VAL WB 51 54.48 -3.97 -23.52
CA VAL WB 51 53.92 -5.22 -23.01
C VAL WB 51 53.84 -5.18 -21.49
N LYS WB 52 54.93 -4.73 -20.84
CA LYS WB 52 54.96 -4.70 -19.38
C LYS WB 52 53.91 -3.74 -18.82
N GLN WB 53 53.85 -2.53 -19.38
CA GLN WB 53 52.92 -1.55 -18.84
C GLN WB 53 51.48 -1.95 -19.11
N ALA WB 54 51.21 -2.56 -20.28
CA ALA WB 54 49.91 -3.15 -20.53
C ALA WB 54 49.58 -4.21 -19.49
N GLY WB 55 50.58 -5.00 -19.09
CA GLY WB 55 50.35 -5.98 -18.05
C GLY WB 55 49.93 -5.36 -16.73
N ASP WB 56 50.62 -4.31 -16.29
CA ASP WB 56 50.24 -3.65 -15.03
C ASP WB 56 48.87 -2.98 -15.10
N GLN WB 57 48.57 -2.26 -16.18
CA GLN WB 57 47.23 -1.67 -16.28
C GLN WB 57 46.13 -2.73 -16.35
N LEU WB 58 46.38 -3.83 -17.07
CA LEU WB 58 45.38 -4.89 -17.15
C LEU WB 58 45.15 -5.50 -15.77
N PHE WB 59 46.22 -5.77 -15.02
CA PHE WB 59 46.04 -6.35 -13.70
C PHE WB 59 45.41 -5.38 -12.72
N GLN WB 60 45.65 -4.08 -12.86
CA GLN WB 60 45.00 -3.12 -11.98
C GLN WB 60 43.50 -3.04 -12.28
N ILE WB 61 43.14 -3.03 -13.56
CA ILE WB 61 41.71 -2.94 -13.88
C ILE WB 61 40.98 -4.24 -13.51
N ARG WB 62 41.57 -5.39 -13.79
CA ARG WB 62 40.91 -6.68 -13.58
C ARG WB 62 41.81 -7.57 -12.74
N PRO WB 63 41.86 -7.35 -11.43
CA PRO WB 63 42.71 -8.18 -10.57
C PRO WB 63 42.20 -9.61 -10.41
N ASP WB 64 40.97 -9.89 -10.80
CA ASP WB 64 40.42 -11.25 -10.64
C ASP WB 64 41.17 -12.28 -11.48
N VAL WB 65 41.80 -11.85 -12.57
CA VAL WB 65 42.54 -12.79 -13.40
C VAL WB 65 43.79 -13.29 -12.68
N VAL WB 66 44.30 -12.52 -11.72
CA VAL WB 66 45.46 -12.94 -10.95
C VAL WB 66 45.00 -13.26 -9.53
N SER WB 67 43.71 -13.46 -9.37
CA SER WB 67 43.13 -13.97 -8.14
C SER WB 67 43.14 -15.48 -8.22
N PRO WB 68 43.00 -16.18 -7.08
CA PRO WB 68 42.98 -17.64 -7.10
C PRO WB 68 41.92 -18.25 -8.00
N GLY WB 69 40.76 -17.58 -8.10
CA GLY WB 69 39.74 -17.98 -9.04
C GLY WB 69 39.91 -17.29 -10.38
N GLY WB 70 41.14 -17.25 -10.89
CA GLY WB 70 41.44 -16.59 -12.13
C GLY WB 70 42.23 -17.51 -13.07
N ASN WB 71 42.05 -17.28 -14.37
CA ASN WB 71 42.77 -18.07 -15.37
C ASN WB 71 44.28 -17.88 -15.27
N ALA WB 72 44.73 -16.65 -15.08
CA ALA WB 72 46.15 -16.32 -15.07
C ALA WB 72 46.72 -16.25 -13.65
N TYR WB 73 46.21 -17.07 -12.74
CA TYR WB 73 46.73 -17.12 -11.37
C TYR WB 73 48.04 -17.90 -11.36
N GLY WB 74 49.09 -17.28 -10.87
CA GLY WB 74 50.41 -17.89 -10.85
C GLY WB 74 51.37 -17.19 -11.79
N GLU WB 75 52.66 -17.38 -11.48
CA GLU WB 75 53.70 -16.71 -12.25
C GLU WB 75 53.75 -17.20 -13.69
N LYS WB 76 53.61 -18.50 -13.90
CA LYS WB 76 53.63 -19.01 -15.27
C LYS WB 76 52.35 -18.69 -16.02
N MET WB 77 51.21 -18.67 -15.34
CA MET WB 77 49.98 -18.22 -15.96
C MET WB 77 50.05 -16.77 -16.40
N THR WB 78 50.64 -15.88 -15.59
CA THR WB 78 50.78 -14.50 -16.04
C THR WB 78 51.88 -14.35 -17.08
N ALA WB 79 52.89 -15.23 -17.06
CA ALA WB 79 53.89 -15.24 -18.12
C ALA WB 79 53.26 -15.57 -19.46
N LEU WB 80 52.36 -16.56 -19.48
CA LEU WB 80 51.68 -16.90 -20.73
C LEU WB 80 50.76 -15.77 -21.18
N CYS WB 81 50.13 -15.08 -20.23
CA CYS WB 81 49.31 -13.92 -20.57
C CYS WB 81 50.15 -12.83 -21.22
N LEU WB 82 51.33 -12.56 -20.66
CA LEU WB 82 52.23 -11.57 -21.26
C LEU WB 82 52.74 -12.03 -22.62
N ARG WB 83 52.96 -13.33 -22.80
CA ARG WB 83 53.37 -13.82 -24.12
C ARG WB 83 52.27 -13.63 -25.15
N ASP WB 84 51.01 -13.88 -24.76
CA ASP WB 84 49.89 -13.58 -25.65
C ASP WB 84 49.82 -12.09 -25.96
N LEU WB 85 50.12 -11.27 -24.97
CA LEU WB 85 50.19 -9.82 -25.19
C LEU WB 85 51.25 -9.47 -26.24
N ASP WB 86 52.42 -10.07 -26.14
CA ASP WB 86 53.46 -9.84 -27.15
C ASP WB 86 53.02 -10.32 -28.52
N TYR WB 87 52.32 -11.45 -28.57
CA TYR WB 87 51.80 -11.98 -29.83
C TYR WB 87 50.86 -10.97 -30.48
N TYR WB 88 49.94 -10.40 -29.70
CA TYR WB 88 48.99 -9.47 -30.27
C TYR WB 88 49.63 -8.16 -30.67
N LEU WB 89 50.66 -7.72 -29.93
CA LEU WB 89 51.39 -6.53 -30.36
C LEU WB 89 52.11 -6.77 -31.68
N ARG WB 90 52.69 -7.97 -31.85
CA ARG WB 90 53.32 -8.32 -33.11
C ARG WB 90 52.30 -8.33 -34.25
N LEU WB 91 51.11 -8.86 -33.99
CA LEU WB 91 50.06 -8.87 -35.00
C LEU WB 91 49.63 -7.46 -35.37
N VAL WB 92 49.55 -6.56 -34.38
CA VAL WB 92 49.19 -5.19 -34.68
C VAL WB 92 50.25 -4.51 -35.53
N THR WB 93 51.53 -4.77 -35.25
CA THR WB 93 52.59 -4.22 -36.10
C THR WB 93 52.50 -4.78 -37.51
N TYR WB 94 52.17 -6.06 -37.64
CA TYR WB 94 51.99 -6.68 -38.96
C TYR WB 94 50.85 -6.00 -39.71
N GLY WB 95 49.75 -5.74 -39.02
CA GLY WB 95 48.64 -5.04 -39.65
C GLY WB 95 49.01 -3.64 -40.08
N ILE WB 96 49.80 -2.95 -39.26
CA ILE WB 96 50.21 -1.59 -39.58
C ILE WB 96 51.07 -1.56 -40.83
N VAL WB 97 52.04 -2.49 -40.92
CA VAL WB 97 52.89 -2.51 -42.11
C VAL WB 97 52.09 -2.92 -43.35
N ALA WB 98 51.22 -3.92 -43.22
CA ALA WB 98 50.48 -4.39 -44.38
C ALA WB 98 49.46 -3.37 -44.86
N GLY WB 99 48.96 -2.54 -43.94
CA GLY WB 99 47.94 -1.57 -44.27
C GLY WB 99 46.54 -2.13 -44.28
N ASP WB 100 46.36 -3.41 -43.99
CA ASP WB 100 45.07 -4.06 -43.99
C ASP WB 100 45.07 -5.02 -42.80
N VAL WB 101 43.88 -5.39 -42.34
CA VAL WB 101 43.77 -6.25 -41.16
C VAL WB 101 43.82 -7.73 -41.56
N THR WB 102 44.03 -8.00 -42.84
CA THR WB 102 44.04 -9.36 -43.40
C THR WB 102 45.01 -10.32 -42.70
N PRO WB 103 46.28 -9.96 -42.49
CA PRO WB 103 47.18 -10.92 -41.83
C PRO WB 103 46.83 -11.18 -40.38
N ILE WB 104 46.47 -10.15 -39.63
CA ILE WB 104 46.15 -10.34 -38.22
C ILE WB 104 44.85 -11.12 -38.07
N GLU WB 105 43.94 -10.97 -39.02
CA GLU WB 105 42.69 -11.73 -38.98
C GLU WB 105 42.96 -13.21 -39.16
N GLU WB 106 43.77 -13.56 -40.15
CA GLU WB 106 44.09 -14.97 -40.36
C GLU WB 106 44.93 -15.54 -39.22
N ILE WB 107 45.79 -14.71 -38.62
CA ILE WB 107 46.70 -15.24 -37.63
C ILE WB 107 46.05 -15.42 -36.26
N GLY WB 108 45.31 -14.42 -35.78
CA GLY WB 108 44.90 -14.47 -34.39
C GLY WB 108 43.52 -13.99 -34.04
N ILE WB 109 42.54 -14.09 -34.95
CA ILE WB 109 41.20 -13.62 -34.67
C ILE WB 109 40.14 -14.68 -34.91
N ILE WB 110 40.06 -15.22 -36.12
CA ILE WB 110 39.02 -16.19 -36.44
C ILE WB 110 39.32 -17.49 -35.70
N GLY WB 111 38.37 -17.91 -34.87
CA GLY WB 111 38.54 -19.05 -34.00
C GLY WB 111 39.03 -18.71 -32.60
N VAL WB 112 39.29 -17.42 -32.31
CA VAL WB 112 39.79 -17.04 -31.00
C VAL WB 112 38.73 -17.27 -29.92
N LYS WB 113 37.46 -17.27 -30.31
CA LYS WB 113 36.41 -17.59 -29.36
C LYS WB 113 36.56 -19.02 -28.86
N GLU WB 114 36.79 -19.96 -29.78
CA GLU WB 114 37.03 -21.34 -29.36
C GLU WB 114 38.37 -21.48 -28.64
N MET WB 115 39.37 -20.71 -29.06
CA MET WB 115 40.63 -20.53 -28.34
C MET WB 115 40.38 -20.33 -26.84
N TYR WB 116 39.75 -19.22 -26.49
CA TYR WB 116 39.69 -18.86 -25.09
C TYR WB 116 38.53 -19.54 -24.38
N ASN WB 117 37.60 -20.13 -25.12
CA ASN WB 117 36.59 -20.97 -24.47
C ASN WB 117 37.18 -22.30 -24.04
N SER WB 118 38.00 -22.91 -24.90
CA SER WB 118 38.67 -24.14 -24.50
C SER WB 118 39.67 -23.87 -23.39
N LEU WB 119 40.39 -22.75 -23.47
CA LEU WB 119 41.37 -22.46 -22.42
C LEU WB 119 40.74 -21.83 -21.19
N GLN WB 120 39.45 -21.52 -21.21
CA GLN WB 120 38.75 -20.89 -20.09
C GLN WB 120 39.36 -19.54 -19.71
N THR WB 121 39.71 -18.74 -20.70
CA THR WB 121 40.33 -17.45 -20.43
C THR WB 121 39.31 -16.33 -20.60
N PRO WB 122 39.34 -15.30 -19.77
CA PRO WB 122 38.41 -14.18 -19.95
C PRO WB 122 38.74 -13.32 -21.17
N ILE WB 123 37.92 -13.49 -22.21
CA ILE WB 123 38.07 -12.67 -23.41
C ILE WB 123 37.89 -11.18 -23.12
N PRO WB 124 36.92 -10.74 -22.31
CA PRO WB 124 36.90 -9.33 -21.92
C PRO WB 124 38.17 -8.86 -21.22
N ALA WB 125 38.80 -9.71 -20.40
CA ALA WB 125 40.09 -9.37 -19.83
C ALA WB 125 41.17 -9.20 -20.89
N VAL WB 126 41.22 -10.07 -21.89
CA VAL WB 126 42.20 -9.91 -22.96
C VAL WB 126 41.92 -8.64 -23.76
N ALA WB 127 40.65 -8.32 -23.95
CA ALA WB 127 40.30 -7.07 -24.65
C ALA WB 127 40.75 -5.86 -23.87
N GLU WB 128 40.60 -5.89 -22.54
CA GLU WB 128 41.08 -4.80 -21.71
C GLU WB 128 42.59 -4.68 -21.78
N GLY WB 129 43.29 -5.81 -21.81
CA GLY WB 129 44.72 -5.78 -22.03
C GLY WB 129 45.11 -5.14 -23.35
N VAL WB 130 44.36 -5.45 -24.42
CA VAL WB 130 44.64 -4.84 -25.70
C VAL WB 130 44.38 -3.34 -25.67
N ARG WB 131 43.35 -2.92 -24.93
CA ARG WB 131 43.09 -1.48 -24.80
C ARG WB 131 44.20 -0.78 -24.03
N ALA WB 132 44.74 -1.44 -23.01
CA ALA WB 132 45.91 -0.91 -22.30
C ALA WB 132 47.11 -0.80 -23.25
N MET WB 133 47.26 -1.79 -24.14
CA MET WB 133 48.26 -1.69 -25.20
C MET WB 133 48.04 -0.45 -26.05
N LYS WB 134 46.78 -0.18 -26.41
CA LYS WB 134 46.47 0.96 -27.26
C LYS WB 134 46.87 2.26 -26.56
N ASN WB 135 46.57 2.37 -25.26
CA ASN WB 135 46.96 3.56 -24.51
C ASN WB 135 48.47 3.72 -24.47
N VAL WB 136 49.19 2.63 -24.14
CA VAL WB 136 50.65 2.71 -24.00
C VAL WB 136 51.29 3.05 -25.34
N ALA WB 137 50.83 2.43 -26.42
CA ALA WB 137 51.41 2.66 -27.72
C ALA WB 137 51.11 4.06 -28.24
N THR WB 138 49.88 4.53 -28.05
CA THR WB 138 49.54 5.88 -28.48
C THR WB 138 50.25 6.93 -27.65
N SER WB 139 50.68 6.59 -26.43
CA SER WB 139 51.52 7.48 -25.68
C SER WB 139 52.90 7.70 -26.30
N LEU WB 140 53.35 6.81 -27.18
CA LEU WB 140 54.70 6.88 -27.76
C LEU WB 140 54.68 7.25 -29.23
N LEU WB 141 53.62 7.90 -29.71
CA LEU WB 141 53.51 8.23 -31.12
C LEU WB 141 52.92 9.62 -31.31
N SER WB 142 53.21 10.21 -32.46
CA SER WB 142 52.57 11.46 -32.84
C SER WB 142 51.08 11.24 -33.07
N GLY WB 143 50.34 12.35 -33.15
CA GLY WB 143 48.89 12.29 -33.23
C GLY WB 143 48.33 11.54 -34.43
N ASP WB 144 48.83 11.83 -35.62
CA ASP WB 144 48.36 11.12 -36.80
C ASP WB 144 48.77 9.65 -36.75
N ASP WB 145 50.03 9.38 -36.40
CA ASP WB 145 50.47 8.01 -36.22
C ASP WB 145 49.75 7.33 -35.06
N ALA WB 146 49.42 8.10 -34.01
CA ALA WB 146 48.63 7.53 -32.92
C ALA WB 146 47.26 7.09 -33.39
N ALA WB 147 46.60 7.89 -34.22
CA ALA WB 147 45.31 7.50 -34.77
C ALA WB 147 45.47 6.29 -35.69
N GLU WB 148 46.54 6.27 -36.48
CA GLU WB 148 46.77 5.16 -37.41
C GLU WB 148 46.95 3.84 -36.67
N ALA WB 149 47.67 3.85 -35.56
CA ALA WB 149 47.83 2.63 -34.77
C ALA WB 149 46.56 2.31 -33.97
N GLY WB 150 45.87 3.34 -33.51
CA GLY WB 150 44.65 3.13 -32.76
C GLY WB 150 43.56 2.51 -33.58
N PHE WB 151 43.57 2.74 -34.90
CA PHE WB 151 42.64 2.04 -35.78
C PHE WB 151 42.80 0.53 -35.68
N TYR WB 152 44.03 0.04 -35.77
CA TYR WB 152 44.24 -1.41 -35.70
C TYR WB 152 44.01 -1.95 -34.30
N PHE WB 153 44.38 -1.17 -33.27
CA PHE WB 153 44.10 -1.60 -31.90
C PHE WB 153 42.60 -1.72 -31.67
N ASP WB 154 41.83 -0.74 -32.15
CA ASP WB 154 40.39 -0.81 -32.02
C ASP WB 154 39.80 -1.94 -32.84
N TYR WB 155 40.41 -2.26 -33.99
CA TYR WB 155 39.94 -3.42 -34.75
C TYR WB 155 40.12 -4.70 -33.96
N LEU WB 156 41.28 -4.85 -33.30
CA LEU WB 156 41.49 -6.05 -32.47
C LEU WB 156 40.49 -6.09 -31.32
N VAL WB 157 40.23 -4.95 -30.69
CA VAL WB 157 39.29 -4.91 -29.58
C VAL WB 157 37.89 -5.29 -30.04
N GLY WB 158 37.46 -4.75 -31.19
CA GLY WB 158 36.15 -5.09 -31.70
C GLY WB 158 36.04 -6.53 -32.15
N ALA WB 159 37.09 -7.06 -32.77
CA ALA WB 159 37.08 -8.44 -33.22
C ALA WB 159 37.02 -9.42 -32.06
N MET WB 160 37.70 -9.11 -30.95
CA MET WB 160 37.60 -9.95 -29.75
C MET WB 160 36.33 -9.57 -28.99
N GLN WB 161 35.20 -9.95 -29.58
CA GLN WB 161 33.89 -9.56 -29.06
C GLN WB 161 32.78 -10.35 -29.73
N MET XB 1 47.29 -16.95 -51.79
CA MET XB 1 48.17 -16.03 -52.49
C MET XB 1 48.61 -14.90 -51.58
N GLN XB 2 49.77 -14.30 -51.89
CA GLN XB 2 50.30 -13.19 -51.11
C GLN XB 2 51.13 -12.29 -52.01
N ASP XB 3 51.23 -11.02 -51.62
CA ASP XB 3 52.04 -10.06 -52.34
C ASP XB 3 53.43 -9.95 -51.72
N ALA XB 4 54.21 -8.97 -52.16
CA ALA XB 4 55.54 -8.76 -51.62
C ALA XB 4 55.53 -8.26 -50.18
N ILE XB 5 54.44 -7.62 -49.74
CA ILE XB 5 54.35 -7.16 -48.36
C ILE XB 5 53.95 -8.28 -47.42
N THR XB 6 52.96 -9.09 -47.80
CA THR XB 6 52.50 -10.19 -46.96
C THR XB 6 53.35 -11.43 -47.13
N ALA XB 7 54.34 -11.39 -48.02
CA ALA XB 7 55.30 -12.47 -48.13
C ALA XB 7 56.34 -12.45 -47.04
N VAL XB 8 56.88 -11.27 -46.71
CA VAL XB 8 57.81 -11.16 -45.59
C VAL XB 8 57.07 -11.25 -44.26
N ILE XB 9 55.81 -10.81 -44.23
CA ILE XB 9 55.00 -10.96 -43.04
C ILE XB 9 54.78 -12.43 -42.73
N ASN XB 10 54.46 -13.23 -43.75
CA ASN XB 10 54.32 -14.67 -43.56
C ASN XB 10 55.66 -15.35 -43.29
N ASN XB 11 56.77 -14.74 -43.71
CA ASN XB 11 58.08 -15.29 -43.36
C ASN XB 11 58.42 -15.07 -41.89
N TYR XB 12 58.10 -13.89 -41.36
CA TYR XB 12 58.40 -13.57 -39.97
C TYR XB 12 57.34 -14.07 -39.02
N ASP XB 13 56.15 -14.44 -39.51
CA ASP XB 13 55.09 -14.96 -38.66
C ASP XB 13 55.27 -16.43 -38.31
N VAL XB 14 56.01 -17.18 -39.12
CA VAL XB 14 56.23 -18.59 -38.85
C VAL XB 14 57.48 -18.77 -37.99
N GLN XB 15 57.99 -17.66 -37.47
CA GLN XB 15 59.16 -17.69 -36.61
C GLN XB 15 58.87 -16.94 -35.32
N GLY XB 16 57.77 -16.19 -35.31
CA GLY XB 16 57.42 -15.37 -34.18
C GLY XB 16 58.21 -14.08 -34.06
N LYS XB 17 59.07 -13.79 -35.03
CA LYS XB 17 59.90 -12.60 -35.00
C LYS XB 17 59.08 -11.35 -35.31
N TYR XB 18 59.55 -10.22 -34.82
CA TYR XB 18 59.02 -8.93 -35.21
C TYR XB 18 59.62 -8.54 -36.55
N LEU XB 19 59.34 -7.32 -37.00
CA LEU XB 19 59.90 -6.82 -38.24
C LEU XB 19 61.21 -6.09 -37.93
N ASP XB 20 62.32 -6.80 -38.10
CA ASP XB 20 63.65 -6.26 -37.83
C ASP XB 20 64.09 -5.40 -39.01
N GLY XB 21 65.35 -4.96 -38.98
CA GLY XB 21 65.89 -4.10 -40.02
C GLY XB 21 65.86 -4.69 -41.41
N ALA XB 22 66.12 -5.99 -41.52
CA ALA XB 22 66.13 -6.64 -42.83
C ALA XB 22 64.75 -6.62 -43.47
N ALA XB 23 63.71 -6.83 -42.67
CA ALA XB 23 62.34 -6.78 -43.18
C ALA XB 23 62.00 -5.39 -43.70
N LEU XB 24 62.38 -4.36 -42.94
CA LEU XB 24 62.14 -2.99 -43.38
C LEU XB 24 62.92 -2.69 -44.65
N ASP XB 25 64.15 -3.19 -44.75
CA ASP XB 25 64.94 -2.99 -45.97
C ASP XB 25 64.28 -3.65 -47.17
N LYS XB 26 63.78 -4.87 -47.00
CA LYS XB 26 63.11 -5.57 -48.10
C LYS XB 26 61.85 -4.83 -48.53
N LEU XB 27 61.07 -4.37 -47.55
CA LEU XB 27 59.83 -3.67 -47.86
C LEU XB 27 60.11 -2.34 -48.56
N LYS XB 28 61.14 -1.61 -48.11
CA LYS XB 28 61.51 -0.37 -48.78
C LYS XB 28 62.01 -0.63 -50.19
N ALA XB 29 62.75 -1.72 -50.38
CA ALA XB 29 63.21 -2.09 -51.72
C ALA XB 29 62.03 -2.36 -52.65
N TYR XB 30 60.99 -3.03 -52.14
CA TYR XB 30 59.80 -3.19 -52.97
C TYR XB 30 59.11 -1.85 -53.23
N PHE XB 31 59.01 -1.02 -52.19
CA PHE XB 31 58.25 0.23 -52.30
C PHE XB 31 58.88 1.18 -53.29
N THR XB 32 60.21 1.19 -53.39
CA THR XB 32 60.89 2.10 -54.30
C THR XB 32 60.59 1.81 -55.76
N THR XB 33 60.16 0.59 -56.09
CA THR XB 33 59.83 0.22 -57.46
C THR XB 33 58.33 0.14 -57.71
N GLY XB 34 57.52 0.80 -56.89
CA GLY XB 34 56.07 0.65 -57.01
C GLY XB 34 55.52 1.24 -58.30
N ALA XB 35 55.97 2.44 -58.67
CA ALA XB 35 55.35 3.15 -59.77
C ALA XB 35 55.65 2.51 -61.12
N VAL XB 36 56.88 2.02 -61.30
CA VAL XB 36 57.28 1.43 -62.57
C VAL XB 36 56.46 0.18 -62.86
N ARG XB 37 56.18 -0.61 -61.83
CA ARG XB 37 55.31 -1.77 -61.98
C ARG XB 37 53.92 -1.35 -62.46
N VAL XB 38 53.40 -0.25 -61.90
CA VAL XB 38 52.08 0.21 -62.29
C VAL XB 38 52.05 0.64 -63.76
N ARG XB 39 53.07 1.39 -64.18
CA ARG XB 39 53.10 1.84 -65.57
C ARG XB 39 53.25 0.67 -66.53
N ALA XB 40 54.10 -0.30 -66.18
CA ALA XB 40 54.28 -1.47 -67.03
C ALA XB 40 53.01 -2.29 -67.12
N ALA XB 41 52.30 -2.44 -65.99
CA ALA XB 41 51.03 -3.15 -66.00
C ALA XB 41 49.99 -2.45 -66.86
N ALA XB 42 49.93 -1.11 -66.78
CA ALA XB 42 48.99 -0.36 -67.62
C ALA XB 42 49.32 -0.52 -69.10
N VAL XB 43 50.60 -0.48 -69.46
CA VAL XB 43 50.99 -0.64 -70.85
C VAL XB 43 50.64 -2.03 -71.35
N ILE XB 44 50.90 -3.05 -70.53
CA ILE XB 44 50.60 -4.42 -70.93
C ILE XB 44 49.10 -4.61 -71.09
N SER XB 45 48.31 -4.02 -70.20
CA SER XB 45 46.86 -4.11 -70.30
C SER XB 45 46.36 -3.44 -71.58
N SER XB 46 46.91 -2.26 -71.90
CA SER XB 46 46.49 -1.58 -73.12
C SER XB 46 46.94 -2.31 -74.37
N ASN XB 47 48.03 -3.07 -74.32
CA ASN XB 47 48.54 -3.75 -75.51
C ASN XB 47 48.44 -5.26 -75.45
N ALA XB 48 47.52 -5.82 -74.66
CA ALA XB 48 47.41 -7.26 -74.44
C ALA XB 48 47.21 -8.07 -75.72
N THR XB 49 46.22 -7.71 -76.54
CA THR XB 49 45.92 -8.51 -77.73
C THR XB 49 47.05 -8.47 -78.75
N THR XB 50 47.67 -7.30 -78.92
CA THR XB 50 48.79 -7.18 -79.85
C THR XB 50 49.97 -8.04 -79.41
N ILE XB 51 50.22 -8.10 -78.10
CA ILE XB 51 51.29 -8.95 -77.58
C ILE XB 51 51.03 -10.40 -77.91
N ILE XB 52 49.79 -10.87 -77.73
CA ILE XB 52 49.46 -12.25 -78.03
C ILE XB 52 49.61 -12.53 -79.52
N LYS XB 53 49.16 -11.59 -80.35
CA LYS XB 53 49.27 -11.76 -81.79
C LYS XB 53 50.72 -11.86 -82.24
N GLU XB 54 51.58 -10.97 -81.74
CA GLU XB 54 52.99 -11.01 -82.11
C GLU XB 54 53.67 -12.27 -81.58
N ALA XB 55 53.38 -12.67 -80.35
CA ALA XB 55 53.99 -13.88 -79.80
C ALA XB 55 53.58 -15.11 -80.57
N ALA XB 56 52.29 -15.22 -80.92
CA ALA XB 56 51.83 -16.33 -81.73
C ALA XB 56 52.49 -16.33 -83.10
N ALA XB 57 52.58 -15.15 -83.73
CA ALA XB 57 53.20 -15.07 -85.06
C ALA XB 57 54.67 -15.45 -85.02
N LYS XB 58 55.35 -15.14 -83.92
CA LYS XB 58 56.77 -15.45 -83.83
C LYS XB 58 57.05 -16.89 -83.40
N ALA XB 59 56.14 -17.53 -82.65
CA ALA XB 59 56.46 -18.81 -82.06
C ALA XB 59 55.61 -19.99 -82.54
N LEU XB 60 54.34 -19.78 -82.87
CA LEU XB 60 53.44 -20.92 -83.05
C LEU XB 60 52.96 -21.10 -84.48
N ILE XB 61 52.34 -20.07 -85.04
CA ILE XB 61 51.72 -20.18 -86.36
C ILE XB 61 52.78 -20.31 -87.43
N TYR XB 62 52.35 -20.63 -88.66
CA TYR XB 62 53.25 -20.91 -89.78
C TYR XB 62 54.15 -22.10 -89.46
N SER XB 63 53.54 -23.20 -89.03
CA SER XB 63 54.27 -24.40 -88.68
C SER XB 63 53.32 -25.60 -88.75
N ASP XB 64 53.83 -26.76 -88.33
CA ASP XB 64 53.01 -27.96 -88.33
C ASP XB 64 52.01 -27.98 -87.19
N LEU XB 65 52.18 -27.09 -86.20
CA LEU XB 65 51.21 -27.00 -85.12
C LEU XB 65 49.86 -26.56 -85.64
N THR XB 66 49.84 -25.61 -86.56
CA THR XB 66 48.60 -25.11 -87.16
C THR XB 66 48.14 -25.95 -88.34
N ARG XB 67 48.91 -26.96 -88.73
CA ARG XB 67 48.56 -27.84 -89.84
C ARG XB 67 47.87 -29.09 -89.33
N PRO XB 68 47.36 -29.93 -90.24
CA PRO XB 68 46.78 -31.21 -89.82
C PRO XB 68 47.80 -32.08 -89.09
N GLY XB 69 47.34 -32.76 -88.05
CA GLY XB 69 48.21 -33.50 -87.17
C GLY XB 69 48.80 -32.68 -86.05
N GLY XB 70 48.58 -31.38 -86.03
CA GLY XB 70 49.12 -30.52 -84.98
C GLY XB 70 48.15 -30.38 -83.82
N MEN XB 71 48.62 -29.71 -82.77
CA MEN XB 71 47.82 -29.51 -81.58
C MEN XB 71 47.28 -28.09 -81.54
O MEN XB 71 46.81 -27.55 -80.54
CB MEN XB 71 48.58 -29.76 -80.27
CG MEN XB 71 47.62 -30.11 -79.15
OD1 MEN XB 71 47.16 -29.21 -78.42
ND2 MEN XB 71 47.27 -31.43 -78.99
CE2 MEN XB 71 46.37 -31.91 -77.99
N MET XB 72 47.37 -27.45 -82.70
CA MET XB 72 46.89 -26.09 -82.85
C MET XB 72 45.91 -26.06 -84.02
N TYR XB 73 45.87 -27.19 -84.73
CA TYR XB 73 44.96 -27.33 -85.86
C TYR XB 73 43.52 -27.28 -85.36
N THR XB 74 42.61 -26.82 -86.23
CA THR XB 74 41.20 -26.60 -85.95
C THR XB 74 40.98 -25.35 -85.11
N THR XB 75 39.88 -24.65 -85.40
CA THR XB 75 39.58 -23.37 -84.77
C THR XB 75 39.41 -23.49 -83.28
N ARG XB 76 38.83 -24.61 -82.81
CA ARG XB 76 38.60 -24.78 -81.38
C ARG XB 76 39.93 -24.84 -80.61
N ARG XB 77 40.88 -25.62 -81.12
CA ARG XB 77 42.18 -25.71 -80.45
C ARG XB 77 42.95 -24.40 -80.57
N TYR XB 78 42.81 -23.73 -81.71
CA TYR XB 78 43.45 -22.42 -81.88
C TYR XB 78 42.92 -21.42 -80.85
N ALA XB 79 41.60 -21.32 -80.73
CA ALA XB 79 40.99 -20.40 -79.78
C ALA XB 79 41.35 -20.77 -78.34
N ALA XB 80 41.41 -22.07 -78.04
CA ALA XB 80 41.82 -22.50 -76.71
C ALA XB 80 43.25 -22.08 -76.41
N CYS XB 81 44.15 -22.20 -77.39
CA CYS XB 81 45.53 -21.85 -77.14
C CYS XB 81 45.70 -20.35 -76.91
N ILE XB 82 45.03 -19.52 -77.70
CA ILE XB 82 45.08 -18.08 -77.40
C ILE XB 82 44.35 -17.71 -76.12
N ARG XB 83 43.30 -18.43 -75.71
CA ARG XB 83 42.71 -18.14 -74.40
C ARG XB 83 43.70 -18.44 -73.27
N ASP XB 84 44.41 -19.57 -73.39
CA ASP XB 84 45.44 -19.89 -72.41
C ASP XB 84 46.55 -18.84 -72.42
N MET XB 85 46.91 -18.37 -73.61
CA MET XB 85 47.97 -17.37 -73.72
C MET XB 85 47.55 -16.06 -73.05
N ASP XB 86 46.28 -15.69 -73.23
CA ASP XB 86 45.74 -14.51 -72.56
C ASP XB 86 45.78 -14.66 -71.05
N TYR XB 87 45.43 -15.85 -70.55
CA TYR XB 87 45.49 -16.09 -69.11
C TYR XB 87 46.92 -16.00 -68.60
N PHE XB 88 47.87 -16.52 -69.37
CA PHE XB 88 49.27 -16.42 -68.99
C PHE XB 88 49.72 -14.96 -68.90
N LEU XB 89 49.34 -14.17 -69.89
CA LEU XB 89 49.69 -12.75 -69.87
C LEU XB 89 49.09 -12.02 -68.67
N ARG XB 90 47.81 -12.26 -68.41
CA ARG XB 90 47.15 -11.55 -67.31
C ARG XB 90 47.71 -11.96 -65.96
N TYR XB 91 47.98 -13.25 -65.76
CA TYR XB 91 48.54 -13.66 -64.47
C TYR XB 91 49.99 -13.22 -64.34
N ALA XB 92 50.73 -13.13 -65.45
CA ALA XB 92 52.06 -12.56 -65.39
C ALA XB 92 52.02 -11.11 -64.95
N THR XB 93 51.05 -10.35 -65.46
CA THR XB 93 50.89 -8.97 -65.03
C THR XB 93 50.53 -8.89 -63.55
N TYR XB 94 49.64 -9.78 -63.09
CA TYR XB 94 49.29 -9.79 -61.67
C TYR XB 94 50.51 -10.10 -60.80
N ALA XB 95 51.31 -11.10 -61.21
CA ALA XB 95 52.49 -11.46 -60.43
C ALA XB 95 53.49 -10.33 -60.40
N MET XB 96 53.67 -9.65 -61.54
CA MET XB 96 54.61 -8.53 -61.60
C MET XB 96 54.14 -7.39 -60.71
N LEU XB 97 52.84 -7.14 -60.67
CA LEU XB 97 52.33 -6.10 -59.77
C LEU XB 97 52.52 -6.49 -58.32
N ALA XB 98 52.26 -7.74 -57.97
CA ALA XB 98 52.33 -8.16 -56.59
C ALA XB 98 53.76 -8.36 -56.11
N GLY XB 99 54.72 -8.49 -57.02
CA GLY XB 99 56.08 -8.78 -56.62
C GLY XB 99 56.25 -10.12 -55.95
N ASP XB 100 55.55 -11.14 -56.43
CA ASP XB 100 55.63 -12.47 -55.84
C ASP XB 100 55.04 -13.51 -56.76
N PRO XB 101 55.73 -14.63 -56.99
CA PRO XB 101 55.18 -15.69 -57.83
C PRO XB 101 54.22 -16.63 -57.10
N SER XB 102 53.76 -16.25 -55.91
CA SER XB 102 52.82 -17.09 -55.17
C SER XB 102 51.51 -17.24 -55.92
N ILE XB 103 51.02 -16.14 -56.51
CA ILE XB 103 49.79 -16.23 -57.30
C ILE XB 103 49.99 -17.10 -58.52
N LEU XB 104 51.17 -17.04 -59.15
CA LEU XB 104 51.45 -17.90 -60.29
C LEU XB 104 51.46 -19.37 -59.88
N ASP XB 105 52.07 -19.70 -58.74
CA ASP XB 105 52.08 -21.08 -58.28
C ASP XB 105 50.69 -21.56 -57.90
N GLU XB 106 49.90 -20.70 -57.24
CA GLU XB 106 48.63 -21.14 -56.69
C GLU XB 106 47.54 -21.21 -57.75
N ARG XB 107 47.59 -20.33 -58.76
CA ARG XB 107 46.48 -20.21 -59.70
C ARG XB 107 46.83 -20.52 -61.14
N VAL XB 108 48.06 -20.93 -61.44
CA VAL XB 108 48.40 -21.30 -62.81
C VAL XB 108 49.02 -22.68 -62.84
N LEU XB 109 50.09 -22.88 -62.07
CA LEU XB 109 50.96 -24.03 -62.27
C LEU XB 109 50.41 -25.31 -61.64
N ASN XB 110 49.46 -25.21 -60.72
CA ASN XB 110 48.96 -26.41 -60.06
C ASN XB 110 48.12 -27.25 -61.01
N GLY XB 111 48.60 -28.45 -61.34
CA GLY XB 111 47.86 -29.36 -62.20
C GLY XB 111 47.92 -29.03 -63.67
N LEU XB 112 48.53 -27.92 -64.05
CA LEU XB 112 48.56 -27.52 -65.45
C LEU XB 112 49.39 -28.48 -66.28
N LYS XB 113 50.54 -28.91 -65.76
CA LYS XB 113 51.39 -29.83 -66.51
C LYS XB 113 50.71 -31.18 -66.72
N GLU XB 114 50.08 -31.71 -65.67
CA GLU XB 114 49.42 -33.00 -65.82
C GLU XB 114 48.19 -32.90 -66.70
N THR XB 115 47.45 -31.78 -66.63
CA THR XB 115 46.36 -31.56 -67.57
C THR XB 115 46.87 -31.50 -69.00
N TYR XB 116 48.01 -30.84 -69.21
CA TYR XB 116 48.56 -30.72 -70.55
C TYR XB 116 49.01 -32.07 -71.10
N ASN XB 117 49.65 -32.90 -70.28
CA ASN XB 117 50.08 -34.19 -70.81
C ASN XB 117 48.90 -35.14 -70.96
N SER XB 118 47.84 -34.95 -70.16
CA SER XB 118 46.63 -35.71 -70.39
C SER XB 118 45.99 -35.35 -71.72
N LEU XB 119 45.93 -34.06 -72.05
CA LEU XB 119 45.33 -33.63 -73.31
C LEU XB 119 46.25 -33.83 -74.51
N GLY XB 120 47.56 -33.97 -74.29
CA GLY XB 120 48.51 -34.04 -75.37
C GLY XB 120 49.12 -32.71 -75.78
N VAL XB 121 48.98 -31.67 -74.96
CA VAL XB 121 49.44 -30.33 -75.30
C VAL XB 121 50.97 -30.29 -75.34
N PRO XB 122 51.56 -29.61 -76.32
CA PRO XB 122 53.03 -29.48 -76.36
C PRO XB 122 53.56 -28.46 -75.37
N ILE XB 123 54.18 -28.95 -74.30
CA ILE XB 123 54.71 -28.06 -73.27
C ILE XB 123 55.85 -27.22 -73.81
N ALA XB 124 56.66 -27.80 -74.72
CA ALA XB 124 57.74 -27.04 -75.32
C ALA XB 124 57.23 -25.86 -76.14
N ALA XB 125 56.18 -26.09 -76.94
CA ALA XB 125 55.56 -25.00 -77.68
C ALA XB 125 54.94 -23.97 -76.75
N THR XB 126 54.35 -24.42 -75.65
CA THR XB 126 53.81 -23.48 -74.66
C THR XB 126 54.90 -22.59 -74.08
N VAL XB 127 56.04 -23.19 -73.74
CA VAL XB 127 57.15 -22.41 -73.19
C VAL XB 127 57.69 -21.45 -74.23
N GLY XB 128 57.76 -21.88 -75.49
CA GLY XB 128 58.17 -20.98 -76.55
C GLY XB 128 57.26 -19.79 -76.72
N GLY XB 129 55.95 -20.02 -76.68
CA GLY XB 129 55.01 -18.91 -76.73
C GLY XB 129 55.13 -17.97 -75.54
N ILE XB 130 55.32 -18.53 -74.35
CA ILE XB 130 55.49 -17.69 -73.16
C ILE XB 130 56.75 -16.84 -73.28
N GLN XB 131 57.84 -17.42 -73.77
CA GLN XB 131 59.05 -16.65 -73.99
C GLN XB 131 58.89 -15.58 -75.07
N ALA XB 132 58.12 -15.86 -76.11
CA ALA XB 132 57.83 -14.82 -77.11
C ALA XB 132 57.06 -13.66 -76.49
N MET XB 133 56.08 -13.96 -75.65
CA MET XB 133 55.37 -12.91 -74.94
C MET XB 133 56.31 -12.14 -74.03
N LYS XB 134 57.24 -12.84 -73.37
CA LYS XB 134 58.22 -12.15 -72.52
C LYS XB 134 59.07 -11.18 -73.33
N GLU XB 135 59.50 -11.61 -74.52
CA GLU XB 135 60.28 -10.74 -75.39
C GLU XB 135 59.48 -9.50 -75.80
N VAL XB 136 58.23 -9.70 -76.22
CA VAL XB 136 57.42 -8.59 -76.69
C VAL XB 136 57.11 -7.63 -75.55
N VAL XB 137 56.86 -8.17 -74.35
CA VAL XB 137 56.55 -7.33 -73.20
C VAL XB 137 57.78 -6.53 -72.79
N GLY XB 138 58.95 -7.17 -72.81
CA GLY XB 138 60.18 -6.44 -72.53
C GLY XB 138 60.47 -5.35 -73.53
N GLY XB 139 60.13 -5.59 -74.79
CA GLY XB 139 60.24 -4.55 -75.80
C GLY XB 139 59.32 -3.39 -75.54
N LEU XB 140 58.06 -3.68 -75.19
CA LEU XB 140 57.07 -2.62 -75.04
C LEU XB 140 57.29 -1.80 -73.78
N VAL XB 141 57.55 -2.46 -72.64
CA VAL XB 141 57.61 -1.75 -71.37
C VAL XB 141 58.82 -0.84 -71.25
N GLY XB 142 59.97 -1.24 -71.78
CA GLY XB 142 61.17 -0.45 -71.68
C GLY XB 142 62.16 -1.01 -70.67
N PRO XB 143 63.32 -0.35 -70.56
CA PRO XB 143 64.37 -0.82 -69.64
C PRO XB 143 63.95 -0.89 -68.19
N ASP XB 144 63.06 0.02 -67.77
CA ASP XB 144 62.74 0.20 -66.36
C ASP XB 144 62.11 -1.04 -65.74
N ALA XB 145 61.17 -1.68 -66.44
CA ALA XB 145 60.48 -2.84 -65.92
C ALA XB 145 60.68 -4.10 -66.75
N ALA XB 146 61.64 -4.10 -67.69
CA ALA XB 146 61.82 -5.24 -68.57
C ALA XB 146 62.21 -6.49 -67.80
N LYS XB 147 63.25 -6.40 -66.97
CA LYS XB 147 63.70 -7.57 -66.22
C LYS XB 147 62.68 -7.98 -65.18
N GLU XB 148 62.00 -7.01 -64.57
CA GLU XB 148 60.98 -7.33 -63.57
C GLU XB 148 59.82 -8.09 -64.19
N ALA XB 149 59.40 -7.70 -65.38
CA ALA XB 149 58.39 -8.48 -66.09
C ALA XB 149 58.95 -9.83 -66.50
N SER XB 150 60.20 -9.87 -66.96
CA SER XB 150 60.75 -11.08 -67.56
C SER XB 150 60.95 -12.18 -66.54
N ILE XB 151 61.21 -11.82 -65.27
CA ILE XB 151 61.45 -12.84 -64.26
C ILE XB 151 60.23 -13.71 -64.03
N TYR XB 152 59.03 -13.12 -64.10
CA TYR XB 152 57.83 -13.92 -63.89
C TYR XB 152 57.47 -14.79 -65.10
N PHE XB 153 57.72 -14.30 -66.31
CA PHE XB 153 57.56 -15.17 -67.48
C PHE XB 153 58.55 -16.33 -67.42
N ASP XB 154 59.79 -16.07 -67.00
CA ASP XB 154 60.75 -17.15 -66.81
C ASP XB 154 60.31 -18.10 -65.71
N TYR XB 155 59.67 -17.56 -64.66
CA TYR XB 155 59.11 -18.41 -63.60
C TYR XB 155 58.05 -19.35 -64.15
N LEU XB 156 57.15 -18.82 -64.99
CA LEU XB 156 56.11 -19.65 -65.58
C LEU XB 156 56.72 -20.72 -66.49
N SER XB 157 57.70 -20.34 -67.32
CA SER XB 157 58.34 -21.31 -68.20
C SER XB 157 59.07 -22.39 -67.42
N SER XB 158 59.77 -22.02 -66.34
CA SER XB 158 60.43 -22.99 -65.49
C SER XB 158 59.44 -23.90 -64.77
N GLY XB 159 58.31 -23.37 -64.31
CA GLY XB 159 57.31 -24.22 -63.69
C GLY XB 159 56.69 -25.21 -64.67
N LEU XB 160 56.42 -24.77 -65.89
CA LEU XB 160 55.89 -25.68 -66.91
C LEU XB 160 56.90 -26.75 -67.30
N SER XB 161 58.14 -26.36 -67.55
CA SER XB 161 59.16 -27.29 -68.02
C SER XB 161 59.83 -28.01 -66.86
N SER YB 2 27.20 -36.96 -87.86
CA SER YB 2 26.30 -37.15 -88.99
C SER YB 2 24.85 -37.18 -88.54
N VAL YB 3 23.96 -37.57 -89.45
CA VAL YB 3 22.56 -37.78 -89.08
C VAL YB 3 22.45 -38.87 -88.03
N LEU YB 4 23.25 -39.92 -88.16
CA LEU YB 4 23.25 -41.00 -87.17
C LEU YB 4 23.70 -40.48 -85.81
N THR YB 5 24.75 -39.65 -85.80
CA THR YB 5 25.23 -39.09 -84.54
C THR YB 5 24.18 -38.19 -83.90
N LYS YB 6 23.51 -37.35 -84.70
CA LYS YB 6 22.50 -36.45 -84.16
C LYS YB 6 21.31 -37.23 -83.60
N ALA YB 7 20.87 -38.26 -84.31
CA ALA YB 7 19.76 -39.06 -83.81
C ALA YB 7 20.14 -39.84 -82.55
N ILE YB 8 21.35 -40.41 -82.54
CA ILE YB 8 21.76 -41.23 -81.41
C ILE YB 8 21.98 -40.37 -80.18
N VAL YB 9 22.41 -39.12 -80.37
CA VAL YB 9 22.59 -38.21 -79.24
C VAL YB 9 21.25 -37.94 -78.56
N ASN YB 10 20.22 -37.66 -79.36
CA ASN YB 10 18.90 -37.44 -78.77
C ASN YB 10 18.35 -38.70 -78.10
N ALA YB 11 18.54 -39.86 -78.74
CA ALA YB 11 18.05 -41.11 -78.15
C ALA YB 11 18.74 -41.39 -76.83
N ASP YB 12 20.05 -41.17 -76.75
CA ASP YB 12 20.76 -41.38 -75.49
C ASP YB 12 20.39 -40.34 -74.46
N ALA YB 13 20.14 -39.10 -74.89
CA ALA YB 13 19.75 -38.06 -73.95
C ALA YB 13 18.41 -38.35 -73.31
N GLU YB 14 17.46 -38.89 -74.08
CA GLU YB 14 16.17 -39.26 -73.53
C GLU YB 14 16.15 -40.67 -72.95
N ALA YB 15 17.24 -41.42 -73.10
CA ALA YB 15 17.34 -42.77 -72.55
C ALA YB 15 16.29 -43.69 -73.17
N ARG YB 16 16.06 -43.50 -74.46
CA ARG YB 16 15.05 -44.26 -75.18
C ARG YB 16 15.61 -44.68 -76.53
N TYR YB 17 15.06 -45.77 -77.06
CA TYR YB 17 15.50 -46.25 -78.36
C TYR YB 17 15.00 -45.30 -79.44
N LEU YB 18 15.50 -45.51 -80.66
CA LEU YB 18 15.25 -44.56 -81.74
C LEU YB 18 13.78 -44.53 -82.13
N SER YB 19 13.28 -43.33 -82.38
CA SER YB 19 11.91 -43.11 -82.80
C SER YB 19 11.75 -43.39 -84.29
N PRO YB 20 10.52 -43.70 -84.73
CA PRO YB 20 10.30 -44.03 -86.15
C PRO YB 20 10.70 -42.91 -87.10
N GLY YB 21 10.56 -41.64 -86.68
CA GLY YB 21 11.09 -40.56 -87.49
C GLY YB 21 12.59 -40.66 -87.66
N GLU YB 22 13.30 -40.98 -86.58
CA GLU YB 22 14.74 -41.15 -86.65
C GLU YB 22 15.12 -42.31 -87.57
N LEU YB 23 14.40 -43.44 -87.47
CA LEU YB 23 14.71 -44.57 -88.36
C LEU YB 23 14.43 -44.24 -89.83
N ASP YB 24 13.30 -43.59 -90.13
CA ASP YB 24 13.02 -43.30 -91.54
C ASP YB 24 13.97 -42.25 -92.10
N ARG YB 25 14.36 -41.28 -91.27
CA ARG YB 25 15.39 -40.33 -91.69
C ARG YB 25 16.72 -41.02 -91.98
N ILE YB 26 17.13 -41.97 -91.14
CA ILE YB 26 18.36 -42.71 -91.40
C ILE YB 26 18.24 -43.53 -92.67
N LYS YB 27 17.09 -44.16 -92.89
CA LYS YB 27 16.89 -44.94 -94.11
C LYS YB 27 16.98 -44.08 -95.36
N SER YB 28 16.35 -42.90 -95.34
CA SER YB 28 16.43 -41.99 -96.47
C SER YB 28 17.86 -41.51 -96.69
N PHE YB 29 18.59 -41.24 -95.61
CA PHE YB 29 19.96 -40.77 -95.73
C PHE YB 29 20.85 -41.84 -96.35
N VAL YB 30 20.70 -43.09 -95.91
CA VAL YB 30 21.50 -44.17 -96.50
C VAL YB 30 21.09 -44.41 -97.94
N ALA YB 31 19.82 -44.16 -98.28
CA ALA YB 31 19.42 -44.23 -99.68
C ALA YB 31 20.12 -43.15 -100.52
N SER YB 32 20.27 -41.94 -99.97
CA SER YB 32 20.87 -40.83 -100.69
C SER YB 32 22.40 -40.87 -100.66
N GLY YB 33 22.99 -41.87 -100.00
CA GLY YB 33 24.42 -41.95 -99.81
C GLY YB 33 25.23 -42.03 -101.09
N GLU YB 34 24.73 -42.76 -102.08
CA GLU YB 34 25.46 -42.88 -103.34
C GLU YB 34 25.54 -41.54 -104.07
N ARG YB 35 24.43 -40.79 -104.08
CA ARG YB 35 24.43 -39.47 -104.70
C ARG YB 35 25.37 -38.53 -103.95
N ARG YB 36 25.35 -38.60 -102.62
CA ARG YB 36 26.25 -37.76 -101.83
C ARG YB 36 27.72 -38.10 -102.12
N LEU YB 37 28.03 -39.40 -102.22
CA LEU YB 37 29.40 -39.81 -102.52
C LEU YB 37 29.83 -39.35 -103.91
N ARG YB 38 28.93 -39.44 -104.90
CA ARG YB 38 29.27 -38.98 -106.24
C ARG YB 38 29.52 -37.47 -106.26
N ILE YB 39 28.70 -36.71 -105.52
CA ILE YB 39 28.91 -35.26 -105.46
C ILE YB 39 30.25 -34.94 -104.81
N ALA YB 40 30.56 -35.62 -103.71
CA ALA YB 40 31.85 -35.40 -103.05
C ALA YB 40 33.01 -35.77 -103.95
N GLN YB 41 32.87 -36.86 -104.71
CA GLN YB 41 33.93 -37.27 -105.64
C GLN YB 41 34.14 -36.22 -106.72
N THR YB 42 33.06 -35.69 -107.27
CA THR YB 42 33.17 -34.67 -108.30
C THR YB 42 33.84 -33.41 -107.77
N LEU YB 43 33.46 -32.99 -106.56
CA LEU YB 43 34.11 -31.82 -105.96
C LEU YB 43 35.59 -32.07 -105.69
N THR YB 44 35.93 -33.24 -105.16
CA THR YB 44 37.33 -33.52 -104.84
C THR YB 44 38.16 -33.68 -106.11
N GLU YB 45 37.53 -34.08 -107.21
CA GLU YB 45 38.25 -34.12 -108.48
C GLU YB 45 38.44 -32.73 -109.05
N ALA YB 46 37.43 -31.88 -108.96
CA ALA YB 46 37.53 -30.51 -109.46
C ALA YB 46 37.94 -29.54 -108.36
N ARG YB 47 38.71 -30.01 -107.38
CA ARG YB 47 39.19 -29.15 -106.30
C ARG YB 47 39.92 -27.90 -106.78
N GLU YB 48 41.04 -28.07 -107.48
CA GLU YB 48 42.01 -26.99 -107.56
C GLU YB 48 41.55 -25.90 -108.51
N ARG YB 49 40.86 -26.27 -109.58
CA ARG YB 49 40.23 -25.27 -110.45
C ARG YB 49 39.21 -24.45 -109.68
N ILE YB 50 38.44 -25.11 -108.80
CA ILE YB 50 37.47 -24.41 -107.98
C ILE YB 50 38.15 -23.40 -107.07
N VAL YB 51 39.23 -23.82 -106.41
CA VAL YB 51 39.94 -22.94 -105.48
C VAL YB 51 40.55 -21.75 -106.23
N LYS YB 52 41.13 -22.02 -107.40
CA LYS YB 52 41.75 -20.95 -108.18
C LYS YB 52 40.70 -19.97 -108.65
N GLN YB 53 39.56 -20.47 -109.14
CA GLN YB 53 38.54 -19.59 -109.66
C GLN YB 53 37.88 -18.78 -108.55
N ALA YB 54 37.66 -19.40 -107.39
CA ALA YB 54 37.17 -18.64 -106.25
C ALA YB 54 38.18 -17.58 -105.83
N GLY YB 55 39.48 -17.90 -105.90
CA GLY YB 55 40.49 -16.94 -105.54
C GLY YB 55 40.50 -15.71 -106.42
N ASP YB 56 40.43 -15.91 -107.74
CA ASP YB 56 40.49 -14.75 -108.63
C ASP YB 56 39.10 -14.18 -108.86
N GLN YB 57 38.08 -14.78 -108.24
CA GLN YB 57 36.77 -14.14 -108.22
C GLN YB 57 36.61 -13.25 -106.99
N LEU YB 58 37.19 -13.67 -105.87
CA LEU YB 58 37.02 -12.96 -104.61
C LEU YB 58 37.65 -11.57 -104.63
N PHE YB 59 38.82 -11.41 -105.23
CA PHE YB 59 39.61 -10.18 -105.13
C PHE YB 59 39.04 -9.06 -105.99
N GLN YB 60 38.09 -9.35 -106.86
CA GLN YB 60 37.41 -8.35 -107.68
C GLN YB 60 36.22 -7.74 -106.96
N ILE YB 61 35.52 -8.53 -106.14
CA ILE YB 61 34.46 -7.97 -105.32
C ILE YB 61 35.03 -7.01 -104.29
N ARG YB 62 36.19 -7.30 -103.74
CA ARG YB 62 36.84 -6.43 -102.77
C ARG YB 62 38.37 -6.59 -102.86
N PRO YB 63 39.02 -5.76 -103.66
CA PRO YB 63 40.47 -5.90 -103.84
C PRO YB 63 41.29 -5.28 -102.71
N ASP YB 64 40.61 -4.64 -101.75
CA ASP YB 64 41.29 -3.93 -100.69
C ASP YB 64 42.08 -4.88 -99.79
N VAL YB 65 41.66 -6.15 -99.72
CA VAL YB 65 42.35 -7.11 -98.87
C VAL YB 65 43.74 -7.42 -99.41
N VAL YB 66 43.96 -7.21 -100.70
CA VAL YB 66 45.26 -7.44 -101.31
C VAL YB 66 45.95 -6.10 -101.51
N SER YB 67 45.49 -5.09 -100.78
CA SER YB 67 46.06 -3.76 -100.81
C SER YB 67 47.11 -3.66 -99.71
N PRO YB 68 47.92 -2.60 -99.71
CA PRO YB 68 48.95 -2.43 -98.67
C PRO YB 68 48.40 -2.44 -97.24
N GLY YB 69 47.19 -1.92 -97.05
CA GLY YB 69 46.56 -1.95 -95.75
C GLY YB 69 45.67 -3.15 -95.56
N GLY YB 70 45.86 -4.17 -96.39
CA GLY YB 70 45.03 -5.36 -96.38
C GLY YB 70 45.67 -6.49 -95.61
N ASN YB 71 44.84 -7.39 -95.07
CA ASN YB 71 45.35 -8.52 -94.31
C ASN YB 71 46.13 -9.48 -95.20
N ALA YB 72 45.66 -9.69 -96.43
CA ALA YB 72 46.27 -10.64 -97.35
C ALA YB 72 47.27 -9.98 -98.29
N TYR YB 73 47.95 -8.93 -97.83
CA TYR YB 73 48.93 -8.25 -98.67
C TYR YB 73 50.25 -9.03 -98.65
N GLY YB 74 50.66 -9.52 -99.80
CA GLY YB 74 51.86 -10.33 -99.93
C GLY YB 74 51.55 -11.68 -100.55
N GLU YB 75 52.59 -12.22 -101.20
CA GLU YB 75 52.43 -13.49 -101.91
C GLU YB 75 52.11 -14.64 -100.95
N LYS YB 76 52.79 -14.69 -99.81
CA LYS YB 76 52.50 -15.74 -98.84
C LYS YB 76 51.24 -15.46 -98.03
N MET YB 77 50.90 -14.19 -97.81
CA MET YB 77 49.58 -13.84 -97.30
C MET YB 77 48.45 -14.35 -98.19
N THR YB 78 48.62 -14.29 -99.51
CA THR YB 78 47.61 -14.82 -100.42
C THR YB 78 47.66 -16.34 -100.54
N ALA YB 79 48.86 -16.92 -100.44
CA ALA YB 79 48.98 -18.37 -100.42
C ALA YB 79 48.27 -18.96 -99.22
N LEU YB 80 48.38 -18.32 -98.05
CA LEU YB 80 47.64 -18.76 -96.88
C LEU YB 80 46.13 -18.66 -97.08
N CYS YB 81 45.64 -17.59 -97.70
CA CYS YB 81 44.22 -17.44 -97.97
C CYS YB 81 43.70 -18.52 -98.90
N LEU YB 82 44.46 -18.84 -99.96
CA LEU YB 82 44.06 -19.93 -100.83
C LEU YB 82 44.11 -21.27 -100.11
N ARG YB 83 45.07 -21.45 -99.21
CA ARG YB 83 45.11 -22.66 -98.39
C ARG YB 83 43.89 -22.75 -97.48
N ASP YB 84 43.46 -21.62 -96.91
CA ASP YB 84 42.25 -21.60 -96.11
C ASP YB 84 41.03 -21.97 -96.93
N LEU YB 85 40.97 -21.47 -98.17
CA LEU YB 85 39.88 -21.84 -99.07
C LEU YB 85 39.88 -23.35 -99.35
N ASP YB 86 41.07 -23.91 -99.57
CA ASP YB 86 41.17 -25.36 -99.76
C ASP YB 86 40.71 -26.11 -98.52
N TYR YB 87 41.05 -25.60 -97.34
CA TYR YB 87 40.62 -26.21 -96.08
C TYR YB 87 39.10 -26.22 -95.98
N TYR YB 88 38.47 -25.10 -96.33
CA TYR YB 88 37.01 -25.02 -96.22
C TYR YB 88 36.34 -25.88 -97.29
N LEU YB 89 36.96 -26.03 -98.45
CA LEU YB 89 36.46 -26.99 -99.42
C LEU YB 89 36.55 -28.42 -98.89
N ARG YB 90 37.64 -28.73 -98.18
CA ARG YB 90 37.77 -30.04 -97.55
C ARG YB 90 36.66 -30.27 -96.54
N LEU YB 91 36.36 -29.26 -95.73
CA LEU YB 91 35.28 -29.38 -94.76
C LEU YB 91 33.93 -29.55 -95.44
N VAL YB 92 33.69 -28.83 -96.55
CA VAL YB 92 32.43 -28.98 -97.27
C VAL YB 92 32.27 -30.39 -97.82
N THR YB 93 33.33 -30.94 -98.44
CA THR YB 93 33.30 -32.31 -98.89
C THR YB 93 33.13 -33.32 -97.78
N TYR YB 94 33.72 -33.08 -96.61
CA TYR YB 94 33.49 -33.96 -95.47
C TYR YB 94 32.02 -33.93 -95.06
N GLY YB 95 31.45 -32.72 -94.97
CA GLY YB 95 30.07 -32.59 -94.54
C GLY YB 95 29.08 -33.20 -95.51
N ILE YB 96 29.38 -33.15 -96.81
CA ILE YB 96 28.47 -33.71 -97.80
C ILE YB 96 28.34 -35.22 -97.60
N VAL YB 97 29.47 -35.90 -97.40
CA VAL YB 97 29.42 -37.34 -97.15
C VAL YB 97 28.82 -37.64 -95.79
N ALA YB 98 29.09 -36.78 -94.80
CA ALA YB 98 28.56 -37.02 -93.46
C ALA YB 98 27.04 -36.88 -93.40
N GLY YB 99 26.46 -35.99 -94.20
CA GLY YB 99 25.04 -35.77 -94.17
C GLY YB 99 24.58 -34.69 -93.22
N ASP YB 100 25.46 -34.15 -92.40
CA ASP YB 100 25.13 -33.07 -91.49
C ASP YB 100 26.37 -32.17 -91.35
N VAL YB 101 26.38 -31.33 -90.31
CA VAL YB 101 27.45 -30.35 -90.17
C VAL YB 101 28.21 -30.52 -88.85
N THR YB 102 28.00 -31.60 -88.13
CA THR YB 102 28.76 -31.81 -86.89
C THR YB 102 30.26 -32.00 -87.12
N PRO YB 103 30.75 -32.84 -88.04
CA PRO YB 103 32.21 -32.90 -88.25
C PRO YB 103 32.77 -31.61 -88.79
N ILE YB 104 31.99 -30.87 -89.60
CA ILE YB 104 32.45 -29.56 -90.08
C ILE YB 104 32.61 -28.61 -88.90
N GLU YB 105 31.63 -28.61 -88.00
CA GLU YB 105 31.66 -27.72 -86.84
C GLU YB 105 32.83 -28.04 -85.93
N GLU YB 106 33.07 -29.33 -85.68
CA GLU YB 106 34.10 -29.72 -84.72
C GLU YB 106 35.50 -29.41 -85.24
N ILE YB 107 35.65 -29.20 -86.55
CA ILE YB 107 36.96 -28.91 -87.13
C ILE YB 107 37.18 -27.45 -87.48
N GLY YB 108 36.16 -26.75 -87.98
CA GLY YB 108 36.40 -25.44 -88.55
C GLY YB 108 35.47 -24.32 -88.15
N ILE YB 109 34.43 -24.60 -87.37
CA ILE YB 109 33.45 -23.58 -87.04
C ILE YB 109 33.47 -23.19 -85.56
N ILE YB 110 33.66 -24.14 -84.67
CA ILE YB 110 33.68 -23.87 -83.24
C ILE YB 110 34.90 -23.00 -82.92
N GLY YB 111 34.65 -21.83 -82.36
CA GLY YB 111 35.71 -20.90 -82.05
C GLY YB 111 36.45 -20.40 -83.27
N VAL YB 112 35.72 -20.24 -84.38
CA VAL YB 112 36.31 -19.71 -85.60
C VAL YB 112 36.37 -18.19 -85.60
N LYS YB 113 35.51 -17.53 -84.84
CA LYS YB 113 35.50 -16.08 -84.75
C LYS YB 113 36.60 -15.55 -83.83
N GLU YB 114 37.28 -16.42 -83.09
CA GLU YB 114 38.38 -16.01 -82.23
C GLU YB 114 39.72 -16.04 -82.94
N MET YB 115 40.00 -17.08 -83.71
CA MET YB 115 41.26 -17.14 -84.45
C MET YB 115 41.35 -16.01 -85.47
N TYR YB 116 40.26 -15.78 -86.21
CA TYR YB 116 40.27 -14.74 -87.23
C TYR YB 116 40.32 -13.36 -86.60
N ASN YB 117 39.69 -13.20 -85.44
CA ASN YB 117 39.78 -11.92 -84.74
C ASN YB 117 41.20 -11.67 -84.24
N SER YB 118 41.87 -12.72 -83.74
CA SER YB 118 43.24 -12.57 -83.30
C SER YB 118 44.15 -12.24 -84.48
N LEU YB 119 43.91 -12.87 -85.63
CA LEU YB 119 44.70 -12.59 -86.82
C LEU YB 119 44.28 -11.29 -87.49
N GLN YB 120 43.18 -10.68 -87.05
CA GLN YB 120 42.67 -9.45 -87.64
C GLN YB 120 42.30 -9.62 -89.11
N THR YB 121 41.83 -10.81 -89.47
CA THR YB 121 41.39 -11.05 -90.83
C THR YB 121 39.89 -10.73 -90.96
N PRO YB 122 39.44 -10.31 -92.14
CA PRO YB 122 38.02 -10.00 -92.33
C PRO YB 122 37.18 -11.26 -92.48
N ILE YB 123 36.42 -11.58 -91.44
CA ILE YB 123 35.48 -12.71 -91.50
C ILE YB 123 34.43 -12.52 -92.59
N PRO YB 124 33.82 -11.34 -92.77
CA PRO YB 124 32.97 -11.14 -93.95
C PRO YB 124 33.69 -11.36 -95.27
N ALA YB 125 34.98 -11.04 -95.34
CA ALA YB 125 35.74 -11.36 -96.55
C ALA YB 125 35.85 -12.87 -96.75
N VAL YB 126 36.09 -13.61 -95.67
CA VAL YB 126 36.17 -15.07 -95.78
C VAL YB 126 34.83 -15.64 -96.20
N ALA YB 127 33.73 -15.04 -95.74
CA ALA YB 127 32.41 -15.50 -96.13
C ALA YB 127 32.19 -15.32 -97.64
N GLU YB 128 32.59 -14.17 -98.18
CA GLU YB 128 32.46 -13.97 -99.62
C GLU YB 128 33.39 -14.90 -100.39
N GLY YB 129 34.56 -15.20 -99.83
CA GLY YB 129 35.45 -16.17 -100.46
C GLY YB 129 34.80 -17.54 -100.54
N VAL YB 130 34.13 -17.97 -99.47
CA VAL YB 130 33.41 -19.24 -99.52
C VAL YB 130 32.26 -19.17 -100.52
N ARG YB 131 31.61 -18.01 -100.62
CA ARG YB 131 30.52 -17.85 -101.58
C ARG YB 131 30.99 -17.99 -103.02
N ALA YB 132 32.16 -17.44 -103.34
CA ALA YB 132 32.73 -17.59 -104.68
C ALA YB 132 33.01 -19.05 -105.00
N MET YB 133 33.54 -19.77 -104.01
CA MET YB 133 33.72 -21.21 -104.09
C MET YB 133 32.40 -21.90 -104.39
N LYS YB 134 31.33 -21.41 -103.77
CA LYS YB 134 30.00 -21.98 -103.98
C LYS YB 134 29.60 -21.90 -105.46
N ASN YB 135 29.78 -20.73 -106.07
CA ASN YB 135 29.43 -20.57 -107.48
C ASN YB 135 30.30 -21.45 -108.37
N VAL YB 136 31.60 -21.50 -108.08
CA VAL YB 136 32.51 -22.30 -108.89
C VAL YB 136 32.16 -23.78 -108.78
N ALA YB 137 31.70 -24.20 -107.61
CA ALA YB 137 31.31 -25.59 -107.41
C ALA YB 137 29.99 -25.90 -108.12
N THR YB 138 29.01 -25.01 -108.01
CA THR YB 138 27.72 -25.28 -108.63
C THR YB 138 27.81 -25.20 -110.15
N SER YB 139 28.84 -24.53 -110.68
CA SER YB 139 29.07 -24.51 -112.12
C SER YB 139 29.45 -25.88 -112.69
N LEU YB 140 29.82 -26.85 -111.85
CA LEU YB 140 30.29 -28.15 -112.32
C LEU YB 140 29.36 -29.30 -111.93
N LEU YB 141 28.13 -29.00 -111.53
CA LEU YB 141 27.22 -30.02 -111.05
C LEU YB 141 25.85 -29.86 -111.69
N SER YB 142 25.12 -30.97 -111.74
CA SER YB 142 23.72 -30.90 -112.14
C SER YB 142 22.91 -30.15 -111.09
N GLY YB 143 21.68 -29.79 -111.45
CA GLY YB 143 20.86 -28.91 -110.64
C GLY YB 143 20.56 -29.39 -109.23
N ASP YB 144 20.14 -30.65 -109.08
CA ASP YB 144 19.87 -31.18 -107.75
C ASP YB 144 21.13 -31.29 -106.92
N ASP YB 145 22.20 -31.86 -107.48
CA ASP YB 145 23.45 -31.94 -106.75
C ASP YB 145 24.06 -30.57 -106.50
N ALA YB 146 23.91 -29.65 -107.46
CA ALA YB 146 24.38 -28.28 -107.24
C ALA YB 146 23.65 -27.64 -106.07
N ALA YB 147 22.33 -27.82 -105.99
CA ALA YB 147 21.58 -27.29 -104.86
C ALA YB 147 22.01 -27.95 -103.55
N GLU YB 148 22.26 -29.26 -103.59
CA GLU YB 148 22.65 -29.97 -102.37
C GLU YB 148 24.00 -29.48 -101.84
N ALA YB 149 24.98 -29.29 -102.73
CA ALA YB 149 26.26 -28.76 -102.31
C ALA YB 149 26.14 -27.29 -101.91
N GLY YB 150 25.25 -26.56 -102.59
CA GLY YB 150 25.00 -25.19 -102.23
C GLY YB 150 24.40 -25.06 -100.84
N PHE YB 151 23.70 -26.09 -100.38
CA PHE YB 151 23.21 -26.07 -99.00
C PHE YB 151 24.37 -26.02 -98.01
N TYR YB 152 25.42 -26.80 -98.24
CA TYR YB 152 26.54 -26.80 -97.30
C TYR YB 152 27.38 -25.53 -97.44
N PHE YB 153 27.58 -25.04 -98.67
CA PHE YB 153 28.24 -23.75 -98.84
C PHE YB 153 27.42 -22.64 -98.19
N ASP YB 154 26.11 -22.76 -98.27
CA ASP YB 154 25.16 -21.85 -97.63
C ASP YB 154 25.35 -21.87 -96.12
N TYR YB 155 25.46 -23.06 -95.55
CA TYR YB 155 25.66 -23.19 -94.11
C TYR YB 155 26.98 -22.56 -93.68
N LEU YB 156 28.03 -22.74 -94.49
CA LEU YB 156 29.31 -22.10 -94.16
C LEU YB 156 29.20 -20.58 -94.21
N VAL YB 157 28.52 -20.05 -95.23
CA VAL YB 157 28.38 -18.60 -95.35
C VAL YB 157 27.60 -18.05 -94.18
N GLY YB 158 26.63 -18.82 -93.69
CA GLY YB 158 25.97 -18.44 -92.45
C GLY YB 158 26.88 -18.55 -91.24
N ALA YB 159 27.73 -19.58 -91.20
CA ALA YB 159 28.54 -19.85 -90.01
C ALA YB 159 29.58 -18.77 -89.77
N MET YB 160 30.38 -18.43 -90.79
CA MET YB 160 31.17 -17.19 -90.70
C MET YB 160 30.25 -16.00 -90.97
N GLN YB 161 29.70 -15.49 -89.88
CA GLN YB 161 28.80 -14.35 -89.90
C GLN YB 161 28.53 -13.89 -88.48
N MET ZB 1 31.74 -39.85 -79.18
CA MET ZB 1 31.28 -40.99 -79.95
C MET ZB 1 31.35 -40.70 -81.45
N GLN ZB 2 31.71 -41.72 -82.23
CA GLN ZB 2 31.78 -41.59 -83.68
C GLN ZB 2 31.16 -42.81 -84.34
N ASP ZB 3 30.63 -42.59 -85.54
CA ASP ZB 3 30.15 -43.66 -86.38
C ASP ZB 3 31.25 -44.04 -87.37
N ALA ZB 4 30.94 -44.93 -88.32
CA ALA ZB 4 31.92 -45.31 -89.32
C ALA ZB 4 32.33 -44.14 -90.20
N ILE ZB 5 31.36 -43.32 -90.62
CA ILE ZB 5 31.66 -42.21 -91.51
C ILE ZB 5 32.50 -41.16 -90.80
N THR ZB 6 32.12 -40.80 -89.57
CA THR ZB 6 32.92 -39.84 -88.81
C THR ZB 6 34.29 -40.40 -88.47
N ALA ZB 7 34.37 -41.72 -88.24
CA ALA ZB 7 35.67 -42.33 -87.97
C ALA ZB 7 36.58 -42.23 -89.19
N VAL ZB 8 36.05 -42.49 -90.38
CA VAL ZB 8 36.83 -42.34 -91.60
C VAL ZB 8 37.23 -40.89 -91.80
N ILE ZB 9 36.32 -39.97 -91.54
CA ILE ZB 9 36.60 -38.54 -91.71
C ILE ZB 9 37.72 -38.10 -90.77
N ASN ZB 10 37.68 -38.53 -89.51
CA ASN ZB 10 38.74 -38.18 -88.57
C ASN ZB 10 40.06 -38.83 -88.95
N ASN ZB 11 40.01 -40.09 -89.41
CA ASN ZB 11 41.21 -40.81 -89.79
C ASN ZB 11 41.90 -40.11 -90.96
N TYR ZB 12 41.13 -39.55 -91.88
CA TYR ZB 12 41.76 -38.82 -92.98
C TYR ZB 12 42.13 -37.40 -92.61
N ASP ZB 13 41.40 -36.78 -91.67
CA ASP ZB 13 41.70 -35.40 -91.32
C ASP ZB 13 42.96 -35.31 -90.47
N VAL ZB 14 43.21 -36.32 -89.63
CA VAL ZB 14 44.43 -36.32 -88.83
C VAL ZB 14 45.67 -36.36 -89.71
N GLN ZB 15 45.61 -37.09 -90.83
CA GLN ZB 15 46.69 -37.07 -91.81
C GLN ZB 15 46.51 -35.95 -92.83
N GLY ZB 16 45.43 -35.19 -92.74
CA GLY ZB 16 45.23 -34.08 -93.66
C GLY ZB 16 45.00 -34.52 -95.09
N LYS ZB 17 44.30 -35.64 -95.26
CA LYS ZB 17 44.09 -36.22 -96.59
C LYS ZB 17 42.62 -36.25 -96.96
N TYR ZB 18 42.34 -35.97 -98.23
CA TYR ZB 18 40.97 -35.97 -98.76
C TYR ZB 18 40.47 -37.39 -98.96
N LEU ZB 19 39.16 -37.51 -99.17
CA LEU ZB 19 38.56 -38.83 -99.35
C LEU ZB 19 38.97 -39.42 -100.69
N ASP ZB 20 39.65 -40.56 -100.64
CA ASP ZB 20 40.16 -41.26 -101.80
C ASP ZB 20 39.33 -42.52 -102.07
N GLY ZB 21 39.81 -43.35 -103.00
CA GLY ZB 21 39.09 -44.57 -103.36
C GLY ZB 21 38.92 -45.51 -102.18
N ALA ZB 22 39.92 -45.62 -101.32
CA ALA ZB 22 39.82 -46.49 -100.16
C ALA ZB 22 38.75 -46.01 -99.18
N ALA ZB 23 38.75 -44.71 -98.87
CA ALA ZB 23 37.75 -44.16 -97.95
C ALA ZB 23 36.36 -44.28 -98.55
N LEU ZB 24 36.23 -44.04 -99.86
CA LEU ZB 24 34.95 -44.20 -100.52
C LEU ZB 24 34.49 -45.65 -100.51
N ASP ZB 25 35.42 -46.60 -100.65
CA ASP ZB 25 35.07 -48.00 -100.55
C ASP ZB 25 34.56 -48.36 -99.16
N LYS ZB 26 35.23 -47.86 -98.12
CA LYS ZB 26 34.77 -48.11 -96.76
C LYS ZB 26 33.39 -47.50 -96.52
N LEU ZB 27 33.17 -46.30 -97.02
CA LEU ZB 27 31.87 -45.65 -96.86
C LEU ZB 27 30.78 -46.42 -97.60
N LYS ZB 28 31.09 -46.92 -98.80
CA LYS ZB 28 30.13 -47.71 -99.55
C LYS ZB 28 29.83 -49.01 -98.81
N ALA ZB 29 30.86 -49.61 -98.21
CA ALA ZB 29 30.68 -50.84 -97.45
C ALA ZB 29 29.76 -50.60 -96.26
N TYR ZB 30 29.86 -49.44 -95.61
CA TYR ZB 30 28.90 -49.15 -94.56
C TYR ZB 30 27.51 -48.88 -95.12
N PHE ZB 31 27.44 -48.15 -96.25
CA PHE ZB 31 26.15 -47.72 -96.79
C PHE ZB 31 25.32 -48.91 -97.26
N THR ZB 32 25.97 -49.93 -97.81
CA THR ZB 32 25.22 -51.04 -98.39
C THR ZB 32 24.47 -51.86 -97.34
N THR ZB 33 24.84 -51.77 -96.07
CA THR ZB 33 24.18 -52.50 -95.00
C THR ZB 33 23.35 -51.61 -94.09
N GLY ZB 34 23.00 -50.41 -94.53
CA GLY ZB 34 22.28 -49.48 -93.66
C GLY ZB 34 20.89 -49.96 -93.31
N ALA ZB 35 20.15 -50.46 -94.30
CA ALA ZB 35 18.74 -50.78 -94.10
C ALA ZB 35 18.56 -51.94 -93.13
N VAL ZB 36 19.44 -52.95 -93.22
CA VAL ZB 36 19.33 -54.10 -92.33
C VAL ZB 36 19.55 -53.68 -90.88
N ARG ZB 37 20.48 -52.75 -90.66
CA ARG ZB 37 20.72 -52.24 -89.30
C ARG ZB 37 19.47 -51.54 -88.76
N VAL ZB 38 18.81 -50.74 -89.60
CA VAL ZB 38 17.61 -50.03 -89.16
C VAL ZB 38 16.49 -51.02 -88.83
N ARG ZB 39 16.33 -52.04 -89.68
CA ARG ZB 39 15.29 -53.03 -89.44
C ARG ZB 39 15.53 -53.81 -88.15
N ALA ZB 40 16.78 -54.24 -87.93
CA ALA ZB 40 17.08 -54.98 -86.71
C ALA ZB 40 16.96 -54.11 -85.47
N ALA ZB 41 17.34 -52.82 -85.59
CA ALA ZB 41 17.15 -51.91 -84.48
C ALA ZB 41 15.68 -51.71 -84.14
N ALA ZB 42 14.82 -51.60 -85.16
CA ALA ZB 42 13.40 -51.51 -84.92
C ALA ZB 42 12.85 -52.77 -84.25
N VAL ZB 43 13.32 -53.94 -84.69
CA VAL ZB 43 12.88 -55.19 -84.07
C VAL ZB 43 13.29 -55.26 -82.61
N ILE ZB 44 14.53 -54.85 -82.31
CA ILE ZB 44 15.01 -54.87 -80.93
C ILE ZB 44 14.22 -53.88 -80.09
N SER ZB 45 13.91 -52.71 -80.66
CA SER ZB 45 13.13 -51.71 -79.93
C SER ZB 45 11.73 -52.23 -79.62
N SER ZB 46 11.11 -52.93 -80.57
CA SER ZB 46 9.81 -53.53 -80.31
C SER ZB 46 9.88 -54.64 -79.28
N ASN ZB 47 10.95 -55.44 -79.27
CA ASN ZB 47 11.04 -56.59 -78.38
C ASN ZB 47 12.06 -56.44 -77.26
N ALA ZB 48 12.27 -55.22 -76.75
CA ALA ZB 48 13.27 -54.97 -75.73
C ALA ZB 48 13.05 -55.75 -74.44
N THR ZB 49 11.85 -55.68 -73.87
CA THR ZB 49 11.65 -56.28 -72.55
C THR ZB 49 11.64 -57.80 -72.62
N THR ZB 50 11.12 -58.37 -73.71
CA THR ZB 50 11.09 -59.81 -73.85
C THR ZB 50 12.49 -60.39 -73.96
N ILE ZB 51 13.39 -59.69 -74.65
CA ILE ZB 51 14.78 -60.14 -74.75
C ILE ZB 51 15.43 -60.20 -73.38
N ILE ZB 52 15.23 -59.17 -72.57
CA ILE ZB 52 15.83 -59.14 -71.24
C ILE ZB 52 15.23 -60.22 -70.36
N LYS ZB 53 13.91 -60.42 -70.47
CA LYS ZB 53 13.24 -61.46 -69.67
C LYS ZB 53 13.78 -62.84 -70.01
N GLU ZB 54 13.89 -63.14 -71.31
CA GLU ZB 54 14.42 -64.44 -71.71
C GLU ZB 54 15.89 -64.60 -71.33
N ALA ZB 55 16.68 -63.53 -71.46
CA ALA ZB 55 18.09 -63.63 -71.09
C ALA ZB 55 18.25 -63.88 -69.59
N ALA ZB 56 17.46 -63.19 -68.77
CA ALA ZB 56 17.51 -63.43 -67.33
C ALA ZB 56 17.07 -64.84 -67.00
N ALA ZB 57 16.02 -65.33 -67.67
CA ALA ZB 57 15.56 -66.70 -67.42
C ALA ZB 57 16.62 -67.72 -67.79
N LYS ZB 58 17.32 -67.51 -68.90
CA LYS ZB 58 18.31 -68.48 -69.33
C LYS ZB 58 19.61 -68.38 -68.57
N ALA ZB 59 19.95 -67.23 -68.02
CA ALA ZB 59 21.30 -67.06 -67.48
C ALA ZB 59 21.38 -66.75 -65.99
N LEU ZB 60 20.45 -66.01 -65.40
CA LEU ZB 60 20.67 -65.51 -64.04
C LEU ZB 60 19.72 -66.13 -63.03
N ILE ZB 61 18.42 -65.97 -63.23
CA ILE ZB 61 17.43 -66.38 -62.23
C ILE ZB 61 17.37 -67.90 -62.13
N TYR ZB 62 16.69 -68.40 -61.09
CA TYR ZB 62 16.65 -69.83 -60.78
C TYR ZB 62 18.05 -70.36 -60.47
N SER ZB 63 18.80 -69.62 -59.68
CA SER ZB 63 20.12 -70.04 -59.23
C SER ZB 63 20.38 -69.44 -57.87
N ASP ZB 64 21.63 -69.55 -57.40
CA ASP ZB 64 21.98 -68.98 -56.11
C ASP ZB 64 22.12 -67.47 -56.17
N LEU ZB 65 22.18 -66.90 -57.38
CA LEU ZB 65 22.28 -65.46 -57.51
C LEU ZB 65 21.04 -64.76 -56.98
N THR ZB 66 19.87 -65.33 -57.22
CA THR ZB 66 18.61 -64.77 -56.74
C THR ZB 66 18.26 -65.23 -55.34
N ARG ZB 67 18.98 -66.21 -54.81
CA ARG ZB 67 18.72 -66.72 -53.47
C ARG ZB 67 19.42 -65.86 -52.44
N PRO ZB 68 19.15 -66.09 -51.15
CA PRO ZB 68 19.86 -65.36 -50.09
C PRO ZB 68 21.36 -65.60 -50.17
N GLY ZB 69 22.13 -64.52 -49.98
CA GLY ZB 69 23.55 -64.55 -50.17
C GLY ZB 69 24.00 -64.34 -51.60
N GLY ZB 70 23.07 -64.30 -52.55
CA GLY ZB 70 23.41 -64.07 -53.94
C GLY ZB 70 23.49 -62.58 -54.24
N MEN ZB 71 24.27 -62.22 -55.24
CA MEN ZB 71 24.46 -60.84 -55.59
C MEN ZB 71 23.18 -60.23 -56.15
O MEN ZB 71 22.87 -59.05 -56.04
CB MEN ZB 71 25.56 -60.58 -56.63
CG MEN ZB 71 25.90 -59.10 -56.64
OD1 MEN ZB 71 25.74 -58.43 -57.68
ND2 MEN ZB 71 26.36 -58.55 -55.48
CE2 MEN ZB 71 26.72 -57.17 -55.33
N MET ZB 72 22.39 -61.10 -56.79
CA MET ZB 72 21.14 -60.67 -57.40
C MET ZB 72 19.99 -60.74 -56.39
N TYR ZB 73 20.32 -61.13 -55.16
CA TYR ZB 73 19.31 -61.21 -54.11
C TYR ZB 73 18.82 -59.82 -53.76
N THR ZB 74 17.57 -59.75 -53.29
CA THR ZB 74 16.86 -58.54 -52.86
C THR ZB 74 16.34 -57.74 -54.06
N THR ZB 75 15.24 -57.02 -53.82
CA THR ZB 75 14.56 -56.27 -54.87
C THR ZB 75 15.47 -55.22 -55.48
N ARG ZB 76 16.23 -54.52 -54.63
CA ARG ZB 76 17.13 -53.47 -55.09
C ARG ZB 76 18.19 -54.00 -56.04
N ARG ZB 77 18.84 -55.11 -55.67
CA ARG ZB 77 19.87 -55.67 -56.52
C ARG ZB 77 19.29 -56.28 -57.79
N TYR ZB 78 18.11 -56.89 -57.70
CA TYR ZB 78 17.47 -57.40 -58.91
C TYR ZB 78 17.16 -56.26 -59.88
N ALA ZB 79 16.61 -55.16 -59.37
CA ALA ZB 79 16.30 -54.02 -60.21
C ALA ZB 79 17.56 -53.43 -60.82
N ALA ZB 80 18.64 -53.33 -60.04
CA ALA ZB 80 19.88 -52.81 -60.56
C ALA ZB 80 20.45 -53.70 -61.65
N CYS ZB 81 20.40 -55.02 -61.45
CA CYS ZB 81 20.95 -55.92 -62.47
C CYS ZB 81 20.15 -55.85 -63.76
N ILE ZB 82 18.81 -55.83 -63.67
CA ILE ZB 82 18.03 -55.70 -64.89
C ILE ZB 82 18.23 -54.32 -65.55
N ARG ZB 83 18.41 -53.26 -64.76
CA ARG ZB 83 18.69 -51.95 -65.34
C ARG ZB 83 19.99 -51.94 -66.11
N ASP ZB 84 21.04 -52.54 -65.52
CA ASP ZB 84 22.30 -52.69 -66.24
C ASP ZB 84 22.12 -53.52 -67.50
N MET ZB 85 21.25 -54.53 -67.41
CA MET ZB 85 21.04 -55.45 -68.53
C MET ZB 85 20.47 -54.68 -69.72
N ASP ZB 86 19.44 -53.86 -69.47
CA ASP ZB 86 18.84 -53.08 -70.55
C ASP ZB 86 19.75 -51.96 -71.01
N TYR ZB 87 20.60 -51.44 -70.13
CA TYR ZB 87 21.60 -50.45 -70.56
C TYR ZB 87 22.53 -51.08 -71.60
N PHE ZB 88 22.98 -52.31 -71.33
CA PHE ZB 88 23.81 -53.02 -72.30
C PHE ZB 88 23.06 -53.21 -73.61
N LEU ZB 89 21.78 -53.57 -73.52
CA LEU ZB 89 21.00 -53.76 -74.75
C LEU ZB 89 20.87 -52.47 -75.56
N ARG ZB 90 20.57 -51.36 -74.88
CA ARG ZB 90 20.40 -50.08 -75.56
C ARG ZB 90 21.69 -49.63 -76.23
N TYR ZB 91 22.80 -49.71 -75.52
CA TYR ZB 91 24.04 -49.23 -76.12
C TYR ZB 91 24.56 -50.19 -77.17
N ALA ZB 92 24.22 -51.48 -77.07
CA ALA ZB 92 24.53 -52.41 -78.14
C ALA ZB 92 23.76 -52.04 -79.40
N THR ZB 93 22.49 -51.67 -79.25
CA THR ZB 93 21.71 -51.22 -80.40
C THR ZB 93 22.28 -49.95 -81.00
N TYR ZB 94 22.71 -49.01 -80.16
CA TYR ZB 94 23.32 -47.77 -80.66
C TYR ZB 94 24.60 -48.07 -81.43
N ALA ZB 95 25.46 -48.94 -80.87
CA ALA ZB 95 26.72 -49.27 -81.53
C ALA ZB 95 26.47 -49.99 -82.85
N MET ZB 96 25.46 -50.85 -82.89
CA MET ZB 96 25.15 -51.56 -84.13
C MET ZB 96 24.62 -50.59 -85.19
N LEU ZB 97 23.80 -49.62 -84.78
CA LEU ZB 97 23.34 -48.61 -85.72
C LEU ZB 97 24.49 -47.77 -86.25
N ALA ZB 98 25.41 -47.37 -85.36
CA ALA ZB 98 26.50 -46.51 -85.78
C ALA ZB 98 27.60 -47.27 -86.52
N GLY ZB 99 27.60 -48.60 -86.44
CA GLY ZB 99 28.66 -49.37 -87.06
C GLY ZB 99 30.02 -49.14 -86.45
N ASP ZB 100 30.08 -48.92 -85.14
CA ASP ZB 100 31.35 -48.61 -84.49
C ASP ZB 100 31.19 -48.69 -82.97
N PRO ZB 101 32.13 -49.33 -82.27
CA PRO ZB 101 32.00 -49.54 -80.82
C PRO ZB 101 32.57 -48.43 -79.95
N SER ZB 102 32.90 -47.27 -80.53
CA SER ZB 102 33.47 -46.20 -79.72
C SER ZB 102 32.48 -45.69 -78.68
N ILE ZB 103 31.19 -45.68 -79.02
CA ILE ZB 103 30.19 -45.29 -78.03
C ILE ZB 103 30.14 -46.30 -76.89
N LEU ZB 104 30.29 -47.60 -77.20
CA LEU ZB 104 30.34 -48.61 -76.16
C LEU ZB 104 31.53 -48.43 -75.25
N ASP ZB 105 32.70 -48.11 -75.82
CA ASP ZB 105 33.86 -47.83 -74.98
C ASP ZB 105 33.65 -46.57 -74.15
N GLU ZB 106 33.02 -45.55 -74.74
CA GLU ZB 106 32.98 -44.23 -74.12
C GLU ZB 106 31.96 -44.18 -72.99
N ARG ZB 107 30.81 -44.80 -73.15
CA ARG ZB 107 29.69 -44.57 -72.23
C ARG ZB 107 29.33 -45.77 -71.37
N VAL ZB 108 29.91 -46.95 -71.60
CA VAL ZB 108 29.55 -48.11 -70.79
C VAL ZB 108 30.78 -48.71 -70.15
N LEU ZB 109 31.78 -49.05 -70.95
CA LEU ZB 109 32.90 -49.83 -70.44
C LEU ZB 109 33.80 -49.05 -69.50
N ASN ZB 110 33.85 -47.73 -69.65
CA ASN ZB 110 34.78 -46.92 -68.85
C ASN ZB 110 34.36 -46.91 -67.38
N GLY ZB 111 35.21 -47.47 -66.51
CA GLY ZB 111 34.91 -47.53 -65.10
C GLY ZB 111 34.08 -48.72 -64.68
N LEU ZB 112 33.48 -49.43 -65.62
CA LEU ZB 112 32.55 -50.50 -65.27
C LEU ZB 112 33.27 -51.65 -64.57
N LYS ZB 113 34.47 -52.01 -65.03
CA LYS ZB 113 35.16 -53.16 -64.45
C LYS ZB 113 35.53 -52.91 -62.99
N GLU ZB 114 36.16 -51.78 -62.71
CA GLU ZB 114 36.55 -51.51 -61.34
C GLU ZB 114 35.34 -51.23 -60.46
N THR ZB 115 34.27 -50.66 -61.02
CA THR ZB 115 33.04 -50.50 -60.25
C THR ZB 115 32.48 -51.86 -59.85
N TYR ZB 116 32.44 -52.80 -60.79
CA TYR ZB 116 31.95 -54.14 -60.48
C TYR ZB 116 32.85 -54.84 -59.48
N ASN ZB 117 34.17 -54.64 -59.60
CA ASN ZB 117 35.10 -55.26 -58.65
C ASN ZB 117 34.90 -54.70 -57.25
N SER ZB 118 34.69 -53.38 -57.14
CA SER ZB 118 34.45 -52.79 -55.82
C SER ZB 118 33.11 -53.24 -55.24
N LEU ZB 119 32.10 -53.43 -56.09
CA LEU ZB 119 30.79 -53.83 -55.59
C LEU ZB 119 30.62 -55.33 -55.44
N GLY ZB 120 31.58 -56.12 -55.90
CA GLY ZB 120 31.47 -57.57 -55.81
C GLY ZB 120 30.60 -58.20 -56.88
N VAL ZB 121 30.28 -57.48 -57.94
CA VAL ZB 121 29.40 -57.99 -58.99
C VAL ZB 121 30.08 -59.13 -59.74
N PRO ZB 122 29.37 -60.21 -60.05
CA PRO ZB 122 29.98 -61.31 -60.81
C PRO ZB 122 30.15 -61.01 -62.28
N ILE ZB 123 31.41 -60.81 -62.69
CA ILE ZB 123 31.71 -60.51 -64.09
C ILE ZB 123 31.34 -61.68 -64.99
N ALA ZB 124 31.57 -62.90 -64.51
CA ALA ZB 124 31.21 -64.08 -65.31
C ALA ZB 124 29.71 -64.15 -65.52
N ALA ZB 125 28.92 -63.87 -64.49
CA ALA ZB 125 27.48 -63.85 -64.64
C ALA ZB 125 27.03 -62.77 -65.60
N THR ZB 126 27.64 -61.58 -65.53
CA THR ZB 126 27.29 -60.52 -66.46
C THR ZB 126 27.61 -60.90 -67.90
N VAL ZB 127 28.75 -61.55 -68.11
CA VAL ZB 127 29.12 -62.00 -69.46
C VAL ZB 127 28.13 -63.04 -69.95
N GLY ZB 128 27.71 -63.94 -69.06
CA GLY ZB 128 26.70 -64.92 -69.43
C GLY ZB 128 25.39 -64.29 -69.84
N GLY ZB 129 24.95 -63.26 -69.10
CA GLY ZB 129 23.74 -62.56 -69.48
C GLY ZB 129 23.86 -61.83 -70.81
N ILE ZB 130 25.01 -61.23 -71.07
CA ILE ZB 130 25.22 -60.54 -72.34
C ILE ZB 130 25.20 -61.53 -73.50
N GLN ZB 131 25.84 -62.69 -73.32
CA GLN ZB 131 25.74 -63.74 -74.32
C GLN ZB 131 24.31 -64.26 -74.47
N ALA ZB 132 23.53 -64.28 -73.38
CA ALA ZB 132 22.14 -64.68 -73.48
C ALA ZB 132 21.35 -63.74 -74.38
N MET ZB 133 21.49 -62.41 -74.18
CA MET ZB 133 20.87 -61.50 -75.13
C MET ZB 133 21.43 -61.63 -76.52
N LYS ZB 134 22.71 -61.99 -76.66
CA LYS ZB 134 23.26 -62.15 -78.01
C LYS ZB 134 22.56 -63.28 -78.75
N GLU ZB 135 22.36 -64.41 -78.07
CA GLU ZB 135 21.61 -65.52 -78.66
C GLU ZB 135 20.17 -65.11 -78.99
N VAL ZB 136 19.50 -64.44 -78.05
CA VAL ZB 136 18.10 -64.10 -78.26
C VAL ZB 136 17.95 -63.10 -79.40
N VAL ZB 137 18.83 -62.11 -79.45
CA VAL ZB 137 18.76 -61.08 -80.48
C VAL ZB 137 19.11 -61.68 -81.85
N GLY ZB 138 20.08 -62.58 -81.87
CA GLY ZB 138 20.37 -63.29 -83.11
C GLY ZB 138 19.20 -64.12 -83.59
N GLY ZB 139 18.44 -64.69 -82.66
CA GLY ZB 139 17.22 -65.39 -83.05
C GLY ZB 139 16.18 -64.44 -83.63
N LEU ZB 140 15.98 -63.30 -82.96
CA LEU ZB 140 14.92 -62.38 -83.39
C LEU ZB 140 15.24 -61.71 -84.73
N VAL ZB 141 16.44 -61.14 -84.85
CA VAL ZB 141 16.74 -60.31 -86.01
C VAL ZB 141 16.83 -61.10 -87.31
N GLY ZB 142 17.32 -62.34 -87.26
CA GLY ZB 142 17.45 -63.14 -88.44
C GLY ZB 142 18.87 -63.17 -88.98
N PRO ZB 143 19.07 -63.92 -90.08
CA PRO ZB 143 20.40 -64.03 -90.70
C PRO ZB 143 20.97 -62.71 -91.16
N ASP ZB 144 20.10 -61.77 -91.54
CA ASP ZB 144 20.54 -60.51 -92.12
C ASP ZB 144 21.39 -59.68 -91.17
N ALA ZB 145 20.93 -59.55 -89.92
CA ALA ZB 145 21.62 -58.71 -88.95
C ALA ZB 145 22.24 -59.48 -87.80
N ALA ZB 146 22.29 -60.81 -87.87
CA ALA ZB 146 22.73 -61.61 -86.73
C ALA ZB 146 24.20 -61.37 -86.41
N LYS ZB 147 25.06 -61.39 -87.43
CA LYS ZB 147 26.49 -61.33 -87.18
C LYS ZB 147 26.93 -59.96 -86.69
N GLU ZB 148 26.53 -58.89 -87.39
CA GLU ZB 148 26.92 -57.56 -86.93
C GLU ZB 148 26.17 -57.16 -85.66
N ALA ZB 149 25.02 -57.78 -85.40
CA ALA ZB 149 24.40 -57.63 -84.09
C ALA ZB 149 25.27 -58.27 -83.02
N SER ZB 150 25.81 -59.45 -83.31
CA SER ZB 150 26.55 -60.21 -82.31
C SER ZB 150 27.92 -59.63 -82.02
N ILE ZB 151 28.50 -58.91 -82.99
CA ILE ZB 151 29.87 -58.43 -82.82
C ILE ZB 151 29.96 -57.42 -81.67
N TYR ZB 152 28.95 -56.57 -81.51
CA TYR ZB 152 29.01 -55.60 -80.42
C TYR ZB 152 28.71 -56.21 -79.06
N PHE ZB 153 27.84 -57.22 -78.99
CA PHE ZB 153 27.68 -57.96 -77.74
C PHE ZB 153 28.98 -58.66 -77.36
N ASP ZB 154 29.66 -59.25 -78.35
CA ASP ZB 154 30.97 -59.84 -78.08
C ASP ZB 154 31.97 -58.79 -77.65
N TYR ZB 155 31.89 -57.58 -78.22
CA TYR ZB 155 32.75 -56.48 -77.79
C TYR ZB 155 32.51 -56.14 -76.32
N LEU ZB 156 31.24 -56.05 -75.91
CA LEU ZB 156 30.93 -55.77 -74.52
C LEU ZB 156 31.43 -56.89 -73.60
N SER ZB 157 31.23 -58.14 -74.00
CA SER ZB 157 31.69 -59.27 -73.20
C SER ZB 157 33.21 -59.28 -73.06
N SER ZB 158 33.94 -59.07 -74.15
CA SER ZB 158 35.39 -59.01 -74.09
C SER ZB 158 35.90 -57.81 -73.30
N GLY ZB 159 35.23 -56.66 -73.39
CA GLY ZB 159 35.64 -55.52 -72.58
C GLY ZB 159 35.43 -55.74 -71.10
N LEU ZB 160 34.30 -56.35 -70.72
CA LEU ZB 160 34.09 -56.68 -69.32
C LEU ZB 160 35.08 -57.72 -68.83
N SER ZB 161 35.31 -58.77 -69.61
CA SER ZB 161 36.24 -59.82 -69.22
C SER ZB 161 37.68 -59.36 -69.38
N SER AC 2 -0.35 39.03 18.78
CA SER AC 2 -1.23 38.56 19.85
C SER AC 2 -1.73 39.74 20.68
N VAL AC 3 -2.42 39.42 21.77
CA VAL AC 3 -2.93 40.46 22.65
C VAL AC 3 -1.78 41.21 23.32
N LEU AC 4 -0.74 40.50 23.74
CA LEU AC 4 0.42 41.16 24.33
C LEU AC 4 1.09 42.09 23.33
N THR AC 5 1.26 41.63 22.10
CA THR AC 5 1.88 42.47 21.08
C THR AC 5 1.06 43.70 20.81
N LYS AC 6 -0.27 43.54 20.75
CA LYS AC 6 -1.14 44.68 20.49
C LYS AC 6 -1.08 45.69 21.62
N ALA AC 7 -1.18 45.22 22.86
CA ALA AC 7 -1.16 46.12 24.02
C ALA AC 7 0.18 46.83 24.15
N ILE AC 8 1.28 46.08 23.99
CA ILE AC 8 2.60 46.68 24.13
C ILE AC 8 2.86 47.66 22.99
N VAL AC 9 2.39 47.34 21.79
CA VAL AC 9 2.57 48.24 20.65
C VAL AC 9 1.82 49.54 20.88
N ASN AC 10 0.59 49.45 21.38
CA ASN AC 10 -0.20 50.65 21.65
C ASN AC 10 0.48 51.50 22.73
N ALA AC 11 0.93 50.86 23.82
CA ALA AC 11 1.57 51.61 24.89
C ALA AC 11 2.86 52.26 24.42
N ASP AC 12 3.67 51.54 23.63
CA ASP AC 12 4.92 52.09 23.14
C ASP AC 12 4.67 53.25 22.18
N ALA AC 13 3.68 53.11 21.30
CA ALA AC 13 3.38 54.19 20.37
C ALA AC 13 2.88 55.42 21.11
N GLU AC 14 2.20 55.23 22.24
CA GLU AC 14 1.79 56.34 23.07
C GLU AC 14 2.91 56.86 23.96
N ALA AC 15 4.01 56.11 24.08
CA ALA AC 15 5.13 56.47 24.95
C ALA AC 15 4.69 56.53 26.41
N ARG AC 16 4.19 55.40 26.90
CA ARG AC 16 3.55 55.34 28.20
C ARG AC 16 3.68 53.92 28.75
N TYR AC 17 3.52 53.79 30.06
CA TYR AC 17 3.38 52.47 30.64
C TYR AC 17 1.99 51.92 30.34
N LEU AC 18 1.84 50.61 30.50
CA LEU AC 18 0.59 49.96 30.18
C LEU AC 18 -0.51 50.39 31.13
N SER AC 19 -1.70 50.61 30.58
CA SER AC 19 -2.85 50.96 31.37
C SER AC 19 -3.35 49.77 32.17
N PRO AC 20 -4.00 50.02 33.30
CA PRO AC 20 -4.59 48.91 34.08
C PRO AC 20 -5.61 48.10 33.30
N GLY AC 21 -6.34 48.71 32.36
CA GLY AC 21 -7.22 47.94 31.51
C GLY AC 21 -6.46 46.96 30.63
N GLU AC 22 -5.33 47.42 30.08
CA GLU AC 22 -4.48 46.54 29.28
C GLU AC 22 -3.91 45.41 30.15
N LEU AC 23 -3.54 45.73 31.40
CA LEU AC 23 -3.08 44.68 32.30
C LEU AC 23 -4.18 43.67 32.60
N ASP AC 24 -5.42 44.15 32.77
CA ASP AC 24 -6.53 43.23 33.00
C ASP AC 24 -6.77 42.33 31.80
N ARG AC 25 -6.69 42.88 30.59
CA ARG AC 25 -6.89 42.01 29.43
C ARG AC 25 -5.74 41.03 29.27
N ILE AC 26 -4.51 41.43 29.64
CA ILE AC 26 -3.39 40.49 29.64
C ILE AC 26 -3.63 39.37 30.65
N LYS AC 27 -4.14 39.72 31.84
CA LYS AC 27 -4.46 38.72 32.85
C LYS AC 27 -5.52 37.74 32.35
N SER AC 28 -6.56 38.27 31.70
CA SER AC 28 -7.60 37.40 31.16
C SER AC 28 -7.04 36.47 30.09
N PHE AC 29 -6.17 37.00 29.22
CA PHE AC 29 -5.60 36.17 28.17
C PHE AC 29 -4.73 35.07 28.74
N VAL AC 30 -3.90 35.39 29.75
CA VAL AC 30 -3.06 34.37 30.34
C VAL AC 30 -3.89 33.36 31.11
N ALA AC 31 -5.01 33.79 31.69
CA ALA AC 31 -5.89 32.84 32.37
C ALA AC 31 -6.53 31.86 31.39
N SER AC 32 -6.94 32.34 30.21
CA SER AC 32 -7.62 31.51 29.24
C SER AC 32 -6.67 30.63 28.42
N GLY AC 33 -5.38 30.67 28.72
CA GLY AC 33 -4.37 30.00 27.94
C GLY AC 33 -4.53 28.49 27.85
N GLU AC 34 -4.85 27.84 28.96
CA GLU AC 34 -5.02 26.39 28.95
C GLU AC 34 -6.20 25.98 28.08
N ARG AC 35 -7.31 26.72 28.16
CA ARG AC 35 -8.47 26.41 27.34
C ARG AC 35 -8.17 26.61 25.85
N ARG AC 36 -7.46 27.70 25.52
CA ARG AC 36 -7.07 27.92 24.12
C ARG AC 36 -6.15 26.82 23.61
N LEU AC 37 -5.21 26.40 24.45
CA LEU AC 37 -4.31 25.31 24.07
C LEU AC 37 -5.07 24.01 23.88
N ARG AC 38 -6.07 23.75 24.72
CA ARG AC 38 -6.87 22.54 24.54
C ARG AC 38 -7.65 22.56 23.24
N ILE AC 39 -8.22 23.72 22.90
CA ILE AC 39 -8.95 23.83 21.62
C ILE AC 39 -8.01 23.61 20.45
N ALA AC 40 -6.81 24.20 20.51
CA ALA AC 40 -5.83 24.01 19.45
C ALA AC 40 -5.41 22.55 19.33
N GLN AC 41 -5.22 21.87 20.47
CA GLN AC 41 -4.89 20.44 20.44
C GLN AC 41 -6.01 19.64 19.77
N THR AC 42 -7.26 19.95 20.10
CA THR AC 42 -8.38 19.23 19.50
C THR AC 42 -8.41 19.40 17.99
N LEU AC 43 -8.27 20.64 17.53
CA LEU AC 43 -8.27 20.89 16.09
C LEU AC 43 -7.10 20.23 15.40
N THR AC 44 -5.90 20.30 16.01
CA THR AC 44 -4.73 19.70 15.41
C THR AC 44 -4.86 18.19 15.30
N GLU AC 45 -5.41 17.55 16.33
CA GLU AC 45 -5.60 16.10 16.27
C GLU AC 45 -6.66 15.71 15.26
N ALA AC 46 -7.69 16.54 15.07
CA ALA AC 46 -8.75 16.25 14.12
C ALA AC 46 -8.56 16.99 12.81
N ARG AC 47 -7.32 17.35 12.47
CA ARG AC 47 -7.07 18.17 11.28
C ARG AC 47 -7.41 17.42 9.99
N GLU AC 48 -7.12 16.12 9.90
CA GLU AC 48 -7.24 15.45 8.61
C GLU AC 48 -8.69 15.18 8.25
N ARG AC 49 -9.49 14.72 9.21
CA ARG AC 49 -10.90 14.48 8.98
C ARG AC 49 -11.63 15.76 8.62
N ILE AC 50 -11.25 16.86 9.27
CA ILE AC 50 -11.85 18.16 9.00
C ILE AC 50 -11.60 18.57 7.55
N VAL AC 51 -10.35 18.41 7.09
CA VAL AC 51 -10.01 18.78 5.73
C VAL AC 51 -10.73 17.90 4.72
N LYS AC 52 -10.80 16.58 4.98
CA LYS AC 52 -11.49 15.68 4.06
C LYS AC 52 -12.98 16.01 3.95
N GLN AC 53 -13.64 16.23 5.08
CA GLN AC 53 -15.06 16.58 5.04
C GLN AC 53 -15.30 17.95 4.42
N ALA AC 54 -14.39 18.91 4.67
CA ALA AC 54 -14.51 20.21 4.03
C ALA AC 54 -14.42 20.06 2.52
N GLY AC 55 -13.51 19.21 2.05
CA GLY AC 55 -13.44 18.93 0.63
C GLY AC 55 -14.71 18.31 0.08
N ASP AC 56 -15.31 17.39 0.84
CA ASP AC 56 -16.52 16.72 0.35
C ASP AC 56 -17.70 17.69 0.23
N GLN AC 57 -18.03 18.43 1.30
CA GLN AC 57 -19.09 19.44 1.16
C GLN AC 57 -18.75 20.55 0.18
N LEU AC 58 -17.48 20.91 0.03
CA LEU AC 58 -17.13 21.94 -0.95
C LEU AC 58 -17.41 21.46 -2.37
N PHE AC 59 -16.99 20.23 -2.68
CA PHE AC 59 -17.21 19.71 -4.01
C PHE AC 59 -18.68 19.41 -4.26
N GLN AC 60 -19.44 19.12 -3.21
CA GLN AC 60 -20.89 18.96 -3.38
C GLN AC 60 -21.56 20.31 -3.65
N ILE AC 61 -21.19 21.33 -2.88
CA ILE AC 61 -21.86 22.62 -3.02
C ILE AC 61 -21.51 23.29 -4.33
N ARG AC 62 -20.26 23.23 -4.77
CA ARG AC 62 -19.82 23.90 -5.99
C ARG AC 62 -19.13 22.88 -6.89
N PRO AC 63 -19.91 22.00 -7.53
CA PRO AC 63 -19.29 20.98 -8.40
C PRO AC 63 -18.60 21.56 -9.62
N ASP AC 64 -18.92 22.79 -10.01
CA ASP AC 64 -18.29 23.39 -11.18
C ASP AC 64 -16.81 23.64 -10.94
N VAL AC 65 -16.41 23.80 -9.66
CA VAL AC 65 -15.01 24.01 -9.34
C VAL AC 65 -14.17 22.80 -9.74
N VAL AC 66 -14.61 21.60 -9.38
CA VAL AC 66 -13.95 20.41 -9.90
C VAL AC 66 -14.70 19.96 -11.16
N SER AC 67 -14.42 20.65 -12.25
CA SER AC 67 -15.01 20.42 -13.56
C SER AC 67 -13.96 20.82 -14.56
N PRO AC 68 -14.08 20.36 -15.82
CA PRO AC 68 -12.98 20.50 -16.79
C PRO AC 68 -12.45 21.91 -17.00
N GLY AC 69 -13.30 22.92 -16.98
CA GLY AC 69 -12.79 24.28 -17.03
C GLY AC 69 -12.63 24.89 -15.66
N GLY AC 70 -12.41 24.04 -14.68
CA GLY AC 70 -12.37 24.43 -13.28
C GLY AC 70 -10.94 24.55 -12.81
N ASN AC 71 -10.72 25.44 -11.83
CA ASN AC 71 -9.36 25.72 -11.36
C ASN AC 71 -8.71 24.49 -10.75
N ALA AC 72 -9.51 23.61 -10.14
CA ALA AC 72 -8.98 22.45 -9.44
C ALA AC 72 -9.43 21.13 -10.05
N TYR AC 73 -9.64 21.06 -11.36
CA TYR AC 73 -9.89 19.78 -12.00
C TYR AC 73 -8.59 19.00 -12.05
N GLY AC 74 -8.69 17.69 -11.91
CA GLY AC 74 -7.54 16.82 -11.88
C GLY AC 74 -7.13 16.49 -10.45
N GLU AC 75 -6.55 15.31 -10.31
CA GLU AC 75 -6.22 14.80 -8.97
C GLU AC 75 -5.21 15.68 -8.23
N LYS AC 76 -4.18 16.18 -8.92
CA LYS AC 76 -3.24 17.08 -8.28
C LYS AC 76 -3.79 18.47 -8.05
N MET AC 77 -4.68 18.95 -8.92
CA MET AC 77 -5.31 20.23 -8.64
C MET AC 77 -6.25 20.15 -7.44
N THR AC 78 -6.90 19.02 -7.20
CA THR AC 78 -7.66 18.88 -5.97
C THR AC 78 -6.75 18.66 -4.78
N ALA AC 79 -5.59 18.02 -4.99
CA ALA AC 79 -4.61 17.91 -3.92
C ALA AC 79 -4.15 19.27 -3.45
N LEU AC 80 -3.90 20.18 -4.39
CA LEU AC 80 -3.51 21.54 -4.02
C LEU AC 80 -4.63 22.28 -3.30
N CYS AC 81 -5.88 22.07 -3.71
CA CYS AC 81 -6.99 22.70 -3.01
C CYS AC 81 -7.09 22.21 -1.58
N LEU AC 82 -6.96 20.91 -1.37
CA LEU AC 82 -6.98 20.39 -0.01
C LEU AC 82 -5.78 20.85 0.79
N ARG AC 83 -4.63 21.03 0.13
CA ARG AC 83 -3.46 21.57 0.82
C ARG AC 83 -3.70 23.01 1.26
N ASP AC 84 -4.36 23.81 0.43
CA ASP AC 84 -4.71 25.18 0.84
C ASP AC 84 -5.68 25.16 2.01
N LEU AC 85 -6.64 24.24 2.00
CA LEU AC 85 -7.57 24.13 3.13
C LEU AC 85 -6.82 23.75 4.40
N ASP AC 86 -5.85 22.84 4.30
CA ASP AC 86 -5.02 22.49 5.45
C ASP AC 86 -4.22 23.69 5.94
N TYR AC 87 -3.71 24.50 5.01
CA TYR AC 87 -2.98 25.72 5.38
C TYR AC 87 -3.87 26.66 6.19
N TYR AC 88 -5.10 26.84 5.74
CA TYR AC 88 -5.99 27.75 6.44
C TYR AC 88 -6.42 27.20 7.80
N LEU AC 89 -6.57 25.88 7.91
CA LEU AC 89 -6.84 25.30 9.22
C LEU AC 89 -5.66 25.51 10.17
N ARG AC 90 -4.44 25.38 9.65
CA ARG AC 90 -3.26 25.63 10.46
C ARG AC 90 -3.22 27.07 10.94
N LEU AC 91 -3.54 28.02 10.05
CA LEU AC 91 -3.55 29.42 10.46
C LEU AC 91 -4.65 29.69 11.47
N VAL AC 92 -5.79 29.00 11.35
CA VAL AC 92 -6.85 29.17 12.34
C VAL AC 92 -6.40 28.68 13.70
N THR AC 93 -5.69 27.55 13.76
CA THR AC 93 -5.15 27.09 15.04
C THR AC 93 -4.15 28.07 15.61
N TYR AC 94 -3.30 28.64 14.74
CA TYR AC 94 -2.36 29.66 15.20
C TYR AC 94 -3.09 30.87 15.77
N GLY AC 95 -4.16 31.30 15.12
CA GLY AC 95 -4.92 32.43 15.62
C GLY AC 95 -5.59 32.14 16.94
N ILE AC 96 -6.11 30.92 17.10
CA ILE AC 96 -6.74 30.52 18.36
C ILE AC 96 -5.71 30.53 19.47
N VAL AC 97 -4.52 30.01 19.21
CA VAL AC 97 -3.50 30.01 20.25
C VAL AC 97 -3.03 31.42 20.58
N ALA AC 98 -2.88 32.29 19.57
CA ALA AC 98 -2.39 33.62 19.81
C ALA AC 98 -3.45 34.54 20.42
N GLY AC 99 -4.72 34.17 20.33
CA GLY AC 99 -5.75 34.96 20.97
C GLY AC 99 -6.28 36.10 20.14
N ASP AC 100 -5.89 36.20 18.88
CA ASP AC 100 -6.36 37.28 18.01
C ASP AC 100 -6.15 36.84 16.56
N VAL AC 101 -6.30 37.79 15.63
CA VAL AC 101 -6.22 37.47 14.20
C VAL AC 101 -4.93 37.95 13.55
N THR AC 102 -3.94 38.34 14.33
CA THR AC 102 -2.68 38.83 13.79
C THR AC 102 -1.93 37.79 12.95
N PRO AC 103 -1.70 36.56 13.45
CA PRO AC 103 -1.00 35.57 12.62
C PRO AC 103 -1.73 35.22 11.35
N ILE AC 104 -3.07 35.14 11.41
CA ILE AC 104 -3.85 34.87 10.20
C ILE AC 104 -3.69 35.99 9.19
N GLU AC 105 -3.72 37.25 9.68
CA GLU AC 105 -3.58 38.39 8.77
C GLU AC 105 -2.20 38.44 8.13
N GLU AC 106 -1.13 38.21 8.90
CA GLU AC 106 0.20 38.25 8.30
C GLU AC 106 0.43 37.09 7.35
N ILE AC 107 -0.09 35.90 7.67
CA ILE AC 107 0.34 34.74 6.91
C ILE AC 107 -0.56 34.44 5.71
N GLY AC 108 -1.87 34.67 5.82
CA GLY AC 108 -2.75 34.14 4.79
C GLY AC 108 -3.92 34.97 4.34
N ILE AC 109 -3.93 36.28 4.60
CA ILE AC 109 -5.01 37.15 4.17
C ILE AC 109 -4.51 38.33 3.36
N ILE AC 110 -3.42 38.96 3.78
CA ILE AC 110 -2.91 40.13 3.07
C ILE AC 110 -2.37 39.68 1.72
N GLY AC 111 -3.00 40.17 0.64
CA GLY AC 111 -2.59 39.82 -0.70
C GLY AC 111 -3.22 38.57 -1.26
N VAL AC 112 -4.12 37.93 -0.50
CA VAL AC 112 -4.78 36.72 -0.98
C VAL AC 112 -5.60 37.02 -2.22
N LYS AC 113 -6.18 38.22 -2.30
CA LYS AC 113 -6.93 38.61 -3.48
C LYS AC 113 -6.05 38.63 -4.71
N GLU AC 114 -4.86 39.22 -4.60
CA GLU AC 114 -3.93 39.29 -5.73
C GLU AC 114 -3.45 37.90 -6.12
N MET AC 115 -3.09 37.08 -5.13
CA MET AC 115 -2.58 35.74 -5.45
C MET AC 115 -3.63 34.89 -6.13
N TYR AC 116 -4.86 34.92 -5.63
CA TYR AC 116 -5.89 34.06 -6.20
C TYR AC 116 -6.39 34.61 -7.53
N ASN AC 117 -6.34 35.93 -7.73
CA ASN AC 117 -6.65 36.47 -9.04
C ASN AC 117 -5.59 36.06 -10.06
N SER AC 118 -4.32 36.06 -9.66
CA SER AC 118 -3.26 35.62 -10.56
C SER AC 118 -3.41 34.14 -10.89
N LEU AC 119 -3.74 33.32 -9.88
CA LEU AC 119 -3.90 31.90 -10.13
C LEU AC 119 -5.23 31.54 -10.78
N GLN AC 120 -6.16 32.49 -10.87
CA GLN AC 120 -7.47 32.26 -11.48
C GLN AC 120 -8.28 31.24 -10.70
N THR AC 121 -8.41 31.43 -9.40
CA THR AC 121 -9.17 30.51 -8.57
C THR AC 121 -10.39 31.22 -7.98
N PRO AC 122 -11.51 30.54 -7.82
CA PRO AC 122 -12.68 31.18 -7.21
C PRO AC 122 -12.51 31.44 -5.72
N ILE AC 123 -12.29 32.70 -5.39
CA ILE AC 123 -12.23 33.12 -3.98
C ILE AC 123 -13.52 32.81 -3.23
N PRO AC 124 -14.71 33.05 -3.78
CA PRO AC 124 -15.93 32.57 -3.12
C PRO AC 124 -15.94 31.06 -2.90
N ALA AC 125 -15.41 30.28 -3.83
CA ALA AC 125 -15.28 28.84 -3.59
C ALA AC 125 -14.37 28.52 -2.43
N VAL AC 126 -13.24 29.21 -2.31
CA VAL AC 126 -12.37 28.98 -1.16
C VAL AC 126 -13.04 29.40 0.14
N ALA AC 127 -13.84 30.47 0.08
CA ALA AC 127 -14.59 30.89 1.27
C ALA AC 127 -15.61 29.82 1.68
N GLU AC 128 -16.28 29.23 0.70
CA GLU AC 128 -17.22 28.15 1.01
C GLU AC 128 -16.50 26.94 1.60
N GLY AC 129 -15.32 26.63 1.08
CA GLY AC 129 -14.52 25.58 1.68
C GLY AC 129 -14.14 25.86 3.12
N VAL AC 130 -13.78 27.12 3.41
CA VAL AC 130 -13.45 27.50 4.78
C VAL AC 130 -14.68 27.37 5.67
N ARG AC 131 -15.86 27.74 5.16
CA ARG AC 131 -17.08 27.60 5.95
C ARG AC 131 -17.38 26.13 6.24
N ALA AC 132 -17.15 25.24 5.26
CA ALA AC 132 -17.33 23.82 5.49
C ALA AC 132 -16.37 23.32 6.56
N MET AC 133 -15.12 23.78 6.52
CA MET AC 133 -14.17 23.48 7.59
C MET AC 133 -14.69 23.96 8.94
N LYS AC 134 -15.30 25.14 8.96
CA LYS AC 134 -15.88 25.67 10.20
C LYS AC 134 -16.96 24.76 10.75
N ASN AC 135 -17.86 24.29 9.88
CA ASN AC 135 -18.93 23.40 10.33
C ASN AC 135 -18.38 22.10 10.88
N VAL AC 136 -17.43 21.50 10.16
CA VAL AC 136 -16.88 20.22 10.59
C VAL AC 136 -16.11 20.38 11.90
N ALA AC 137 -15.43 21.51 12.07
CA ALA AC 137 -14.69 21.75 13.31
C ALA AC 137 -15.64 21.99 14.47
N THR AC 138 -16.72 22.75 14.24
CA THR AC 138 -17.65 23.05 15.33
C THR AC 138 -18.45 21.83 15.74
N SER AC 139 -18.58 20.84 14.85
CA SER AC 139 -19.26 19.61 15.24
C SER AC 139 -18.41 18.74 16.17
N LEU AC 140 -17.13 19.07 16.39
CA LEU AC 140 -16.25 18.29 17.25
C LEU AC 140 -15.91 18.99 18.56
N LEU AC 141 -16.59 20.09 18.89
CA LEU AC 141 -16.24 20.87 20.06
C LEU AC 141 -17.47 21.12 20.91
N SER AC 142 -17.22 21.39 22.20
CA SER AC 142 -18.26 21.88 23.08
C SER AC 142 -18.69 23.27 22.65
N GLY AC 143 -19.80 23.73 23.22
CA GLY AC 143 -20.42 24.97 22.81
C GLY AC 143 -19.56 26.22 22.95
N ASP AC 144 -18.93 26.41 24.11
CA ASP AC 144 -18.07 27.57 24.30
C ASP AC 144 -16.86 27.50 23.37
N ASP AC 145 -16.20 26.34 23.33
CA ASP AC 145 -15.07 26.16 22.43
C ASP AC 145 -15.49 26.24 20.97
N ALA AC 146 -16.69 25.74 20.64
CA ALA AC 146 -17.19 25.84 19.27
C ALA AC 146 -17.38 27.29 18.86
N ALA AC 147 -17.94 28.11 19.75
CA ALA AC 147 -18.09 29.54 19.44
C ALA AC 147 -16.73 30.22 19.33
N GLU AC 148 -15.79 29.84 20.21
CA GLU AC 148 -14.47 30.45 20.20
C GLU AC 148 -13.74 30.18 18.89
N ALA AC 149 -13.82 28.95 18.38
CA ALA AC 149 -13.20 28.65 17.09
C ALA AC 149 -14.00 29.23 15.93
N GLY AC 150 -15.33 29.29 16.08
CA GLY AC 150 -16.15 29.83 15.03
C GLY AC 150 -15.92 31.31 14.80
N PHE AC 151 -15.49 32.03 15.84
CA PHE AC 151 -15.13 33.44 15.65
C PHE AC 151 -13.99 33.58 14.65
N TYR AC 152 -12.93 32.79 14.80
CA TYR AC 152 -11.80 32.88 13.89
C TYR AC 152 -12.16 32.37 12.51
N PHE AC 153 -12.96 31.30 12.42
CA PHE AC 153 -13.41 30.82 11.12
C PHE AC 153 -14.25 31.87 10.40
N ASP AC 154 -15.14 32.53 11.12
CA ASP AC 154 -15.96 33.58 10.54
C ASP AC 154 -15.11 34.77 10.10
N TYR AC 155 -14.07 35.12 10.86
CA TYR AC 155 -13.21 36.21 10.43
C TYR AC 155 -12.51 35.82 9.13
N LEU AC 156 -12.05 34.56 9.03
CA LEU AC 156 -11.38 34.13 7.80
C LEU AC 156 -12.32 34.24 6.61
N VAL AC 157 -13.57 33.77 6.77
CA VAL AC 157 -14.54 33.84 5.69
C VAL AC 157 -14.84 35.29 5.32
N GLY AC 158 -15.00 36.16 6.32
CA GLY AC 158 -15.28 37.55 6.03
C GLY AC 158 -14.12 38.26 5.35
N ALA AC 159 -12.90 37.99 5.81
CA ALA AC 159 -11.73 38.63 5.22
C ALA AC 159 -11.51 38.17 3.79
N MET AC 160 -11.87 36.93 3.47
CA MET AC 160 -11.80 36.47 2.09
C MET AC 160 -13.04 36.95 1.33
N GLN AC 161 -13.08 38.26 1.11
CA GLN AC 161 -14.25 38.92 0.55
C GLN AC 161 -13.93 40.36 0.15
N MET BC 1 7.82 43.53 16.43
CA MET BC 1 8.27 42.87 17.65
C MET BC 1 7.60 41.51 17.81
N GLN BC 2 8.09 40.73 18.76
CA GLN BC 2 7.52 39.42 19.05
C GLN BC 2 7.51 39.17 20.55
N ASP BC 3 6.54 38.40 20.99
CA ASP BC 3 6.52 37.83 22.32
C ASP BC 3 6.85 36.35 22.22
N ALA BC 4 6.73 35.64 23.35
CA ALA BC 4 6.99 34.20 23.33
C ALA BC 4 6.01 33.47 22.43
N ILE BC 5 4.73 33.83 22.52
CA ILE BC 5 3.71 33.12 21.76
C ILE BC 5 3.87 33.35 20.27
N THR BC 6 4.04 34.61 19.85
CA THR BC 6 4.26 34.89 18.44
C THR BC 6 5.59 34.32 17.95
N ALA BC 7 6.60 34.28 18.82
CA ALA BC 7 7.87 33.67 18.42
C ALA BC 7 7.70 32.19 18.12
N VAL BC 8 6.97 31.47 18.98
CA VAL BC 8 6.74 30.04 18.74
C VAL BC 8 5.89 29.86 17.48
N ILE BC 9 4.88 30.71 17.30
CA ILE BC 9 4.01 30.60 16.14
C ILE BC 9 4.78 30.81 14.85
N ASN BC 10 5.65 31.82 14.82
CA ASN BC 10 6.47 32.04 13.63
C ASN BC 10 7.47 30.92 13.41
N ASN BC 11 8.07 30.42 14.50
CA ASN BC 11 9.05 29.35 14.38
C ASN BC 11 8.42 28.07 13.83
N TYR BC 12 7.14 27.84 14.10
CA TYR BC 12 6.49 26.69 13.49
C TYR BC 12 5.90 27.02 12.13
N ASP BC 13 5.52 28.26 11.89
CA ASP BC 13 4.94 28.63 10.60
C ASP BC 13 5.99 28.58 9.50
N VAL BC 14 7.23 28.92 9.82
CA VAL BC 14 8.29 28.83 8.82
C VAL BC 14 8.52 27.39 8.37
N GLN BC 15 8.29 26.42 9.26
CA GLN BC 15 8.38 25.01 8.91
C GLN BC 15 7.05 24.46 8.40
N GLY BC 16 5.97 25.21 8.51
CA GLY BC 16 4.67 24.70 8.08
C GLY BC 16 4.18 23.53 8.89
N LYS BC 17 4.32 23.61 10.21
CA LYS BC 17 3.97 22.52 11.10
C LYS BC 17 2.86 22.95 12.05
N TYR BC 18 1.98 22.02 12.36
CA TYR BC 18 0.99 22.26 13.41
C TYR BC 18 1.69 22.25 14.76
N LEU BC 19 1.07 22.90 15.74
CA LEU BC 19 1.65 22.95 17.08
C LEU BC 19 1.67 21.55 17.70
N ASP BC 20 2.85 21.13 18.13
CA ASP BC 20 3.06 19.81 18.70
C ASP BC 20 3.36 19.91 20.19
N GLY BC 21 3.81 18.78 20.76
CA GLY BC 21 4.02 18.72 22.19
C GLY BC 21 5.08 19.70 22.69
N ALA BC 22 6.17 19.86 21.95
CA ALA BC 22 7.22 20.77 22.38
C ALA BC 22 6.76 22.22 22.36
N ALA BC 23 6.07 22.63 21.30
CA ALA BC 23 5.57 23.99 21.22
C ALA BC 23 4.53 24.25 22.30
N LEU BC 24 3.67 23.27 22.55
CA LEU BC 24 2.69 23.42 23.61
C LEU BC 24 3.34 23.48 24.98
N ASP BC 25 4.44 22.75 25.17
CA ASP BC 25 5.18 22.84 26.42
C ASP BC 25 5.77 24.22 26.61
N LYS BC 26 6.34 24.80 25.56
CA LYS BC 26 6.89 26.15 25.65
C LYS BC 26 5.79 27.17 25.95
N LEU BC 27 4.64 27.02 25.30
CA LEU BC 27 3.54 27.95 25.55
C LEU BC 27 3.03 27.82 26.97
N LYS BC 28 2.91 26.59 27.48
CA LYS BC 28 2.50 26.39 28.86
C LYS BC 28 3.52 26.98 29.83
N ALA BC 29 4.80 26.82 29.51
CA ALA BC 29 5.85 27.39 30.34
C ALA BC 29 5.75 28.91 30.39
N TYR BC 30 5.36 29.53 29.29
CA TYR BC 30 5.14 30.98 29.36
C TYR BC 30 3.88 31.30 30.17
N PHE BC 31 2.79 30.59 29.91
CA PHE BC 31 1.51 30.93 30.53
C PHE BC 31 1.54 30.74 32.04
N THR BC 32 2.35 29.80 32.52
CA THR BC 32 2.47 29.58 33.95
C THR BC 32 3.01 30.80 34.68
N THR BC 33 3.94 31.53 34.07
CA THR BC 33 4.54 32.72 34.69
C THR BC 33 3.88 34.00 34.24
N GLY BC 34 2.60 33.96 33.84
CA GLY BC 34 1.96 35.16 33.33
C GLY BC 34 1.72 36.22 34.39
N ALA BC 35 1.19 35.80 35.54
CA ALA BC 35 0.76 36.77 36.54
C ALA BC 35 1.95 37.43 37.23
N VAL BC 36 3.05 36.69 37.37
CA VAL BC 36 4.24 37.24 38.02
C VAL BC 36 4.80 38.40 37.21
N ARG BC 37 4.81 38.25 35.88
CA ARG BC 37 5.29 39.32 35.01
C ARG BC 37 4.41 40.57 35.14
N VAL BC 38 3.10 40.38 35.21
CA VAL BC 38 2.19 41.52 35.32
C VAL BC 38 2.39 42.23 36.66
N ARG BC 39 2.55 41.46 37.73
CA ARG BC 39 2.78 42.08 39.04
C ARG BC 39 4.10 42.84 39.07
N ALA BC 40 5.15 42.27 38.48
CA ALA BC 40 6.43 42.95 38.43
C ALA BC 40 6.35 44.22 37.61
N ALA BC 41 5.62 44.17 36.48
CA ALA BC 41 5.43 45.37 35.67
C ALA BC 41 4.67 46.45 36.42
N ALA BC 42 3.64 46.07 37.18
CA ALA BC 42 2.91 47.04 37.98
C ALA BC 42 3.80 47.67 39.05
N VAL BC 43 4.63 46.86 39.71
CA VAL BC 43 5.53 47.39 40.74
C VAL BC 43 6.54 48.36 40.12
N ILE BC 44 7.11 47.99 38.97
CA ILE BC 44 8.10 48.85 38.33
C ILE BC 44 7.45 50.15 37.87
N SER BC 45 6.24 50.07 37.31
CA SER BC 45 5.54 51.27 36.86
C SER BC 45 5.23 52.19 38.03
N SER BC 46 4.83 51.62 39.17
CA SER BC 46 4.57 52.42 40.34
C SER BC 46 5.84 53.07 40.90
N ASN BC 47 6.98 52.37 40.86
CA ASN BC 47 8.21 52.89 41.43
C ASN BC 47 9.18 53.41 40.39
N ALA BC 48 8.71 53.82 39.21
CA ALA BC 48 9.56 54.26 38.11
C ALA BC 48 10.51 55.39 38.47
N THR BC 49 10.00 56.48 39.03
CA THR BC 49 10.85 57.63 39.31
C THR BC 49 11.84 57.34 40.45
N THR BC 50 11.39 56.61 41.47
CA THR BC 50 12.28 56.26 42.57
C THR BC 50 13.42 55.37 42.12
N ILE BC 51 13.14 54.43 41.21
CA ILE BC 51 14.19 53.56 40.70
C ILE BC 51 15.28 54.37 39.99
N ILE BC 52 14.87 55.33 39.17
CA ILE BC 52 15.82 56.19 38.49
C ILE BC 52 16.60 57.02 39.50
N LYS BC 53 15.93 57.47 40.56
CA LYS BC 53 16.61 58.29 41.56
C LYS BC 53 17.71 57.54 42.29
N GLU BC 54 17.40 56.34 42.80
CA GLU BC 54 18.47 55.56 43.44
C GLU BC 54 19.54 55.11 42.45
N ALA BC 55 19.16 54.76 41.22
CA ALA BC 55 20.16 54.34 40.25
C ALA BC 55 21.14 55.47 39.93
N ALA BC 56 20.62 56.68 39.71
CA ALA BC 56 21.50 57.81 39.47
C ALA BC 56 22.35 58.13 40.69
N ALA BC 57 21.75 58.06 41.88
CA ALA BC 57 22.50 58.38 43.10
C ALA BC 57 23.63 57.39 43.34
N LYS BC 58 23.43 56.12 43.01
CA LYS BC 58 24.45 55.12 43.30
C LYS BC 58 25.47 54.98 42.18
N ALA BC 59 25.12 55.32 40.93
CA ALA BC 59 26.02 55.06 39.82
C ALA BC 59 26.58 56.29 39.12
N LEU BC 60 25.85 57.41 39.07
CA LEU BC 60 26.27 58.49 38.19
C LEU BC 60 26.71 59.75 38.94
N ILE BC 61 25.82 60.29 39.77
CA ILE BC 61 26.04 61.61 40.37
C ILE BC 61 27.09 61.53 41.46
N TYR BC 62 27.52 62.69 41.96
CA TYR BC 62 28.61 62.79 42.93
C TYR BC 62 29.92 62.27 42.34
N SER BC 63 30.20 62.63 41.09
CA SER BC 63 31.40 62.14 40.43
C SER BC 63 31.87 63.20 39.45
N ASP BC 64 32.76 62.80 38.55
CA ASP BC 64 33.23 63.70 37.52
C ASP BC 64 32.18 63.91 36.43
N LEU BC 65 31.18 63.04 36.38
CA LEU BC 65 30.14 63.16 35.37
C LEU BC 65 29.32 64.43 35.56
N THR BC 66 28.98 64.77 36.80
CA THR BC 66 28.17 65.93 37.09
C THR BC 66 28.96 67.23 37.20
N ARG BC 67 30.27 67.15 37.23
CA ARG BC 67 31.08 68.35 37.35
C ARG BC 67 31.35 68.94 35.97
N PRO BC 68 31.94 70.13 35.91
CA PRO BC 68 32.35 70.69 34.62
C PRO BC 68 33.33 69.77 33.91
N GLY BC 69 33.16 69.66 32.59
CA GLY BC 69 33.90 68.71 31.81
C GLY BC 69 33.27 67.33 31.74
N GLY BC 70 32.32 67.04 32.63
CA GLY BC 70 31.63 65.77 32.61
C GLY BC 70 30.51 65.78 31.59
N MEN BC 71 30.19 64.62 31.06
CA MEN BC 71 29.21 64.53 30.00
C MEN BC 71 27.81 64.83 30.52
O MEN BC 71 26.92 65.27 29.82
CB MEN BC 71 29.13 63.15 29.32
CG MEN BC 71 28.34 63.32 28.04
OD1 MEN BC 71 27.15 62.96 27.98
ND2 MEN BC 71 28.99 63.89 26.96
CE2 MEN BC 71 28.37 64.11 25.70
N MET BC 72 27.61 64.57 31.81
CA MET BC 72 26.30 64.75 32.41
C MET BC 72 26.20 66.11 33.08
N TYR BC 73 27.16 66.98 32.79
CA TYR BC 73 27.15 68.34 33.29
C TYR BC 73 26.07 69.15 32.57
N THR BC 74 25.55 70.17 33.26
CA THR BC 74 24.51 71.09 32.79
C THR BC 74 23.12 70.45 32.88
N THR BC 75 22.11 71.29 33.07
CA THR BC 75 20.74 70.82 33.26
C THR BC 75 20.22 70.08 32.03
N ARG BC 76 20.58 70.56 30.83
CA ARG BC 76 20.15 69.89 29.60
C ARG BC 76 20.66 68.45 29.56
N ARG BC 77 21.94 68.26 29.81
CA ARG BC 77 22.51 66.91 29.77
C ARG BC 77 22.00 66.06 30.92
N TYR BC 78 21.76 66.64 32.09
CA TYR BC 78 21.20 65.86 33.20
C TYR BC 78 19.80 65.35 32.85
N ALA BC 79 18.96 66.23 32.30
CA ALA BC 79 17.63 65.82 31.88
C ALA BC 79 17.69 64.77 30.78
N ALA BC 80 18.65 64.94 29.86
CA ALA BC 80 18.81 63.95 28.80
C ALA BC 80 19.20 62.58 29.35
N CYS BC 81 20.13 62.55 30.30
CA CYS BC 81 20.57 61.28 30.85
C CYS BC 81 19.45 60.60 31.62
N ILE BC 82 18.70 61.36 32.41
CA ILE BC 82 17.57 60.75 33.11
C ILE BC 82 16.49 60.29 32.15
N ARG BC 83 16.25 61.00 31.05
CA ARG BC 83 15.26 60.56 30.08
C ARG BC 83 15.68 59.26 29.41
N ASP BC 84 16.97 59.15 29.07
CA ASP BC 84 17.48 57.90 28.50
C ASP BC 84 17.35 56.76 29.50
N MET BC 85 17.61 57.05 30.77
CA MET BC 85 17.51 56.04 31.81
C MET BC 85 16.07 55.56 31.94
N ASP BC 86 15.12 56.50 31.84
CA ASP BC 86 13.70 56.14 31.85
C ASP BC 86 13.33 55.30 30.64
N TYR BC 87 13.88 55.63 29.47
CA TYR BC 87 13.60 54.85 28.27
C TYR BC 87 14.07 53.41 28.43
N PHE BC 88 15.27 53.25 29.00
CA PHE BC 88 15.79 51.91 29.24
C PHE BC 88 14.90 51.14 30.21
N LEU BC 89 14.45 51.80 31.28
CA LEU BC 89 13.58 51.13 32.25
C LEU BC 89 12.26 50.71 31.62
N ARG BC 90 11.66 51.61 30.84
CA ARG BC 90 10.37 51.31 30.22
C ARG BC 90 10.47 50.16 29.23
N TYR BC 91 11.52 50.16 28.41
CA TYR BC 91 11.63 49.09 27.42
C TYR BC 91 12.04 47.78 28.09
N ALA BC 92 12.76 47.84 29.21
CA ALA BC 92 13.01 46.64 29.98
C ALA BC 92 11.71 46.06 30.51
N THR BC 93 10.81 46.93 30.98
CA THR BC 93 9.50 46.46 31.41
C THR BC 93 8.71 45.83 30.27
N TYR BC 94 8.75 46.46 29.09
CA TYR BC 94 8.05 45.89 27.93
C TYR BC 94 8.60 44.52 27.57
N ALA BC 95 9.92 44.39 27.53
CA ALA BC 95 10.53 43.10 27.18
C ALA BC 95 10.22 42.04 28.23
N MET BC 96 10.20 42.44 29.51
CA MET BC 96 9.87 41.48 30.56
C MET BC 96 8.43 41.02 30.43
N LEU BC 97 7.51 41.92 30.10
CA LEU BC 97 6.12 41.54 29.91
C LEU BC 97 5.96 40.61 28.72
N ALA BC 98 6.66 40.91 27.63
CA ALA BC 98 6.48 40.11 26.41
C ALA BC 98 7.27 38.82 26.45
N GLY BC 99 8.21 38.68 27.37
CA GLY BC 99 9.03 37.47 27.43
C GLY BC 99 9.89 37.26 26.21
N ASP BC 100 10.36 38.33 25.59
CA ASP BC 100 11.19 38.22 24.40
C ASP BC 100 11.85 39.56 24.11
N PRO BC 101 13.15 39.57 23.80
CA PRO BC 101 13.88 40.84 23.64
C PRO BC 101 13.83 41.44 22.24
N SER BC 102 12.92 40.99 21.38
CA SER BC 102 12.87 41.52 20.02
C SER BC 102 12.52 43.00 20.01
N ILE BC 103 11.69 43.44 20.97
CA ILE BC 103 11.38 44.86 21.03
C ILE BC 103 12.61 45.66 21.44
N LEU BC 104 13.44 45.11 22.33
CA LEU BC 104 14.70 45.77 22.64
C LEU BC 104 15.61 45.84 21.42
N ASP BC 105 15.68 44.78 20.64
CA ASP BC 105 16.52 44.79 19.44
C ASP BC 105 16.00 45.79 18.41
N GLU BC 106 14.68 45.94 18.30
CA GLU BC 106 14.12 46.67 17.18
C GLU BC 106 13.92 48.14 17.50
N ARG BC 107 13.64 48.47 18.75
CA ARG BC 107 13.19 49.82 19.10
C ARG BC 107 14.19 50.61 19.94
N VAL BC 108 15.21 49.96 20.50
CA VAL BC 108 16.14 50.69 21.36
C VAL BC 108 17.57 50.53 20.86
N LEU BC 109 18.04 49.30 20.75
CA LEU BC 109 19.46 49.07 20.52
C LEU BC 109 19.90 49.42 19.10
N ASN BC 110 18.96 49.61 18.17
CA ASN BC 110 19.35 49.85 16.79
C ASN BC 110 20.07 51.18 16.61
N GLY BC 111 21.37 51.12 16.34
CA GLY BC 111 22.15 52.32 16.15
C GLY BC 111 22.48 53.09 17.41
N LEU BC 112 22.11 52.56 18.58
CA LEU BC 112 22.35 53.26 19.83
C LEU BC 112 23.85 53.39 20.11
N LYS BC 113 24.61 52.34 19.81
CA LYS BC 113 26.05 52.37 20.04
C LYS BC 113 26.72 53.44 19.18
N GLU BC 114 26.32 53.52 17.90
CA GLU BC 114 26.91 54.50 17.00
C GLU BC 114 26.47 55.90 17.41
N THR BC 115 25.22 56.03 17.88
CA THR BC 115 24.74 57.33 18.37
C THR BC 115 25.53 57.80 19.59
N TYR BC 116 25.75 56.92 20.55
CA TYR BC 116 26.48 57.31 21.75
C TYR BC 116 27.94 57.61 21.42
N ASN BC 117 28.53 56.85 20.49
CA ASN BC 117 29.89 57.16 20.05
C ASN BC 117 29.95 58.52 19.38
N SER BC 118 28.95 58.85 18.57
CA SER BC 118 28.95 60.15 17.90
C SER BC 118 28.76 61.30 18.87
N LEU BC 119 27.88 61.13 19.87
CA LEU BC 119 27.62 62.20 20.82
C LEU BC 119 28.67 62.28 21.93
N GLY BC 120 29.51 61.27 22.08
CA GLY BC 120 30.49 61.27 23.15
C GLY BC 120 29.97 60.77 24.47
N VAL BC 121 28.79 60.16 24.50
CA VAL BC 121 28.19 59.63 25.72
C VAL BC 121 29.01 58.45 26.22
N PRO BC 122 29.40 58.42 27.48
CA PRO BC 122 30.15 57.26 27.99
C PRO BC 122 29.31 55.99 28.10
N ILE BC 123 29.61 55.03 27.24
CA ILE BC 123 28.86 53.77 27.23
C ILE BC 123 29.09 53.00 28.52
N ALA BC 124 30.31 53.08 29.07
CA ALA BC 124 30.58 52.41 30.34
C ALA BC 124 29.73 52.97 31.47
N ALA BC 125 29.61 54.29 31.55
CA ALA BC 125 28.76 54.89 32.55
C ALA BC 125 27.29 54.54 32.32
N THR BC 126 26.85 54.49 31.07
CA THR BC 126 25.48 54.08 30.79
C THR BC 126 25.20 52.66 31.24
N VAL BC 127 26.16 51.75 30.98
CA VAL BC 127 26.00 50.37 31.42
C VAL BC 127 25.97 50.29 32.94
N GLY BC 128 26.80 51.09 33.60
CA GLY BC 128 26.76 51.13 35.05
C GLY BC 128 25.42 51.60 35.60
N GLY BC 129 24.85 52.63 34.99
CA GLY BC 129 23.52 53.07 35.38
C GLY BC 129 22.45 52.02 35.16
N ILE BC 130 22.53 51.30 34.02
CA ILE BC 130 21.57 50.25 33.76
C ILE BC 130 21.67 49.13 34.78
N GLN BC 131 22.90 48.74 35.14
CA GLN BC 131 23.05 47.75 36.19
C GLN BC 131 22.56 48.25 37.54
N ALA BC 132 22.73 49.53 37.84
CA ALA BC 132 22.18 50.08 39.08
C ALA BC 132 20.67 49.96 39.14
N MET BC 133 19.99 50.30 38.03
CA MET BC 133 18.56 50.06 37.98
C MET BC 133 18.23 48.58 38.09
N LYS BC 134 19.11 47.72 37.58
CA LYS BC 134 18.88 46.28 37.69
C LYS BC 134 18.87 45.84 39.16
N GLU BC 135 19.83 46.32 39.94
CA GLU BC 135 19.87 45.98 41.37
C GLU BC 135 18.64 46.53 42.09
N VAL BC 136 18.26 47.78 41.78
CA VAL BC 136 17.11 48.38 42.47
C VAL BC 136 15.82 47.63 42.13
N VAL BC 137 15.64 47.27 40.86
CA VAL BC 137 14.44 46.57 40.44
C VAL BC 137 14.41 45.17 41.05
N GLY BC 138 15.57 44.51 41.11
CA GLY BC 138 15.63 43.21 41.76
C GLY BC 138 15.28 43.28 43.23
N GLY BC 139 15.68 44.36 43.89
CA GLY BC 139 15.27 44.57 45.26
C GLY BC 139 13.77 44.78 45.40
N LEU BC 140 13.18 45.56 44.49
CA LEU BC 140 11.77 45.90 44.62
C LEU BC 140 10.86 44.72 44.30
N VAL BC 141 11.11 44.03 43.19
CA VAL BC 141 10.16 43.01 42.74
C VAL BC 141 10.19 41.75 43.57
N GLY BC 142 11.34 41.41 44.17
CA GLY BC 142 11.45 40.21 44.97
C GLY BC 142 11.93 39.02 44.17
N PRO BC 143 12.26 37.92 44.88
CA PRO BC 143 12.75 36.70 44.24
C PRO BC 143 11.92 36.15 43.09
N ASP BC 144 10.61 36.40 43.09
CA ASP BC 144 9.71 35.79 42.11
C ASP BC 144 10.06 36.18 40.67
N ALA BC 145 10.19 37.47 40.40
CA ALA BC 145 10.51 37.95 39.07
C ALA BC 145 11.82 38.71 39.00
N ALA BC 146 12.68 38.61 40.01
CA ALA BC 146 13.94 39.35 40.01
C ALA BC 146 14.84 38.91 38.88
N LYS BC 147 15.05 37.60 38.74
CA LYS BC 147 15.91 37.11 37.67
C LYS BC 147 15.30 37.35 36.30
N GLU BC 148 13.97 37.22 36.19
CA GLU BC 148 13.31 37.43 34.91
C GLU BC 148 13.45 38.88 34.45
N ALA BC 149 13.29 39.83 35.37
CA ALA BC 149 13.54 41.22 35.00
C ALA BC 149 15.01 41.47 34.75
N SER BC 150 15.88 40.77 35.49
CA SER BC 150 17.30 41.04 35.43
C SER BC 150 17.90 40.61 34.10
N ILE BC 151 17.35 39.56 33.49
CA ILE BC 151 17.95 39.06 32.25
C ILE BC 151 17.83 40.09 31.13
N TYR BC 152 16.74 40.86 31.10
CA TYR BC 152 16.59 41.88 30.07
C TYR BC 152 17.47 43.11 30.32
N PHE BC 153 17.69 43.49 31.57
CA PHE BC 153 18.68 44.52 31.85
C PHE BC 153 20.07 44.07 31.44
N ASP BC 154 20.41 42.80 31.70
CA ASP BC 154 21.67 42.27 31.21
C ASP BC 154 21.72 42.25 29.69
N TYR BC 155 20.58 42.00 29.04
CA TYR BC 155 20.51 42.06 27.58
C TYR BC 155 20.84 43.46 27.08
N LEU BC 156 20.25 44.49 27.69
CA LEU BC 156 20.54 45.86 27.28
C LEU BC 156 22.00 46.22 27.52
N SER BC 157 22.53 45.86 28.69
CA SER BC 157 23.92 46.17 29.00
C SER BC 157 24.89 45.47 28.05
N SER BC 158 24.64 44.20 27.73
CA SER BC 158 25.49 43.49 26.77
C SER BC 158 25.33 44.02 25.36
N GLY BC 159 24.14 44.47 24.98
CA GLY BC 159 23.97 45.08 23.66
C GLY BC 159 24.71 46.39 23.53
N LEU BC 160 24.75 47.19 24.60
CA LEU BC 160 25.51 48.43 24.56
C LEU BC 160 27.01 48.17 24.63
N SER BC 161 27.44 47.24 25.46
CA SER BC 161 28.87 46.98 25.61
C SER BC 161 29.35 45.96 24.60
N SER CC 2 24.18 85.12 23.14
CA SER CC 2 24.26 86.54 23.45
C SER CC 2 23.36 87.35 22.52
N VAL CC 3 23.54 88.67 22.56
CA VAL CC 3 22.78 89.55 21.68
C VAL CC 3 23.10 89.25 20.22
N LEU CC 4 24.38 89.07 19.90
CA LEU CC 4 24.79 88.77 18.54
C LEU CC 4 24.20 87.45 18.07
N THR CC 5 24.27 86.42 18.92
CA THR CC 5 23.73 85.12 18.54
C THR CC 5 22.23 85.18 18.34
N LYS CC 6 21.52 85.89 19.21
CA LYS CC 6 20.07 85.99 19.08
C LYS CC 6 19.69 86.73 17.80
N ALA CC 7 20.35 87.84 17.52
CA ALA CC 7 20.05 88.60 16.31
C ALA CC 7 20.36 87.79 15.05
N ILE CC 8 21.50 87.09 15.06
CA ILE CC 8 21.90 86.32 13.88
C ILE CC 8 20.96 85.16 13.66
N VAL CC 9 20.51 84.50 14.73
CA VAL CC 9 19.59 83.37 14.58
C VAL CC 9 18.24 83.86 14.08
N ASN CC 10 17.77 85.00 14.60
CA ASN CC 10 16.50 85.55 14.11
C ASN CC 10 16.59 85.92 12.64
N ALA CC 11 17.71 86.52 12.21
CA ALA CC 11 17.88 86.85 10.81
C ALA CC 11 17.95 85.59 9.95
N ASP CC 12 18.65 84.57 10.44
CA ASP CC 12 18.82 83.34 9.66
C ASP CC 12 17.49 82.60 9.51
N ALA CC 13 16.62 82.72 10.51
CA ALA CC 13 15.31 82.07 10.40
C ALA CC 13 14.50 82.64 9.25
N GLU CC 14 14.59 83.95 9.03
CA GLU CC 14 13.90 84.59 7.92
C GLU CC 14 14.71 84.58 6.62
N ALA CC 15 15.98 84.19 6.68
CA ALA CC 15 16.83 84.13 5.49
C ALA CC 15 17.03 85.51 4.89
N ARG CC 16 17.49 86.46 5.71
CA ARG CC 16 17.68 87.83 5.29
C ARG CC 16 18.80 88.46 6.11
N TYR CC 17 19.35 89.55 5.59
CA TYR CC 17 20.39 90.29 6.29
C TYR CC 17 19.77 91.05 7.47
N LEU CC 18 20.60 91.53 8.38
CA LEU CC 18 20.11 92.07 9.63
C LEU CC 18 19.41 93.42 9.43
N SER CC 19 18.35 93.63 10.19
CA SER CC 19 17.58 94.86 10.13
C SER CC 19 18.30 95.98 10.89
N PRO CC 20 17.95 97.24 10.61
CA PRO CC 20 18.59 98.36 11.32
C PRO CC 20 18.42 98.33 12.84
N GLY CC 21 17.29 97.83 13.32
CA GLY CC 21 17.07 97.73 14.76
C GLY CC 21 18.06 96.80 15.42
N GLU CC 22 18.36 95.68 14.75
CA GLU CC 22 19.34 94.74 15.26
C GLU CC 22 20.74 95.37 15.29
N LEU CC 23 21.07 96.16 14.28
CA LEU CC 23 22.36 96.84 14.27
C LEU CC 23 22.44 97.86 15.41
N ASP CC 24 21.33 98.57 15.66
CA ASP CC 24 21.30 99.53 16.75
C ASP CC 24 21.46 98.84 18.10
N ARG CC 25 20.79 97.70 18.30
CA ARG CC 25 20.92 97.00 19.57
C ARG CC 25 22.32 96.43 19.73
N ILE CC 26 22.96 96.02 18.63
CA ILE CC 26 24.34 95.57 18.69
C ILE CC 26 25.26 96.72 19.10
N LYS CC 27 25.02 97.92 18.55
CA LYS CC 27 25.84 99.07 18.94
C LYS CC 27 25.66 99.40 20.41
N SER CC 28 24.42 99.34 20.91
CA SER CC 28 24.19 99.57 22.33
C SER CC 28 24.89 98.53 23.18
N PHE CC 29 24.86 97.27 22.74
CA PHE CC 29 25.54 96.21 23.48
C PHE CC 29 27.04 96.42 23.52
N VAL CC 30 27.65 96.78 22.37
CA VAL CC 30 29.09 96.96 22.35
C VAL CC 30 29.48 98.19 23.16
N ALA CC 31 28.61 99.20 23.21
CA ALA CC 31 28.87 100.33 24.10
C ALA CC 31 28.82 99.92 25.56
N SER CC 32 27.86 99.07 25.93
CA SER CC 32 27.69 98.72 27.34
C SER CC 32 28.58 97.54 27.74
N GLY CC 33 29.36 97.02 26.78
CA GLY CC 33 30.18 95.85 27.07
C GLY CC 33 31.23 96.07 28.15
N GLU CC 34 31.87 97.24 28.15
CA GLU CC 34 32.89 97.51 29.16
C GLU CC 34 32.29 97.56 30.56
N ARG CC 35 31.15 98.26 30.70
CA ARG CC 35 30.47 98.31 31.99
C ARG CC 35 30.01 96.92 32.41
N ARG CC 36 29.53 96.12 31.45
CA ARG CC 36 29.07 94.77 31.79
C ARG CC 36 30.22 93.92 32.30
N LEU CC 37 31.38 93.99 31.65
CA LEU CC 37 32.52 93.21 32.12
C LEU CC 37 33.03 93.71 33.47
N ARG CC 38 32.96 95.03 33.69
CA ARG CC 38 33.33 95.58 34.99
C ARG CC 38 32.41 95.05 36.09
N ILE CC 39 31.10 95.02 35.83
CA ILE CC 39 30.16 94.51 36.81
C ILE CC 39 30.40 93.03 37.06
N ALA CC 40 30.72 92.28 36.00
CA ALA CC 40 31.00 90.86 36.15
C ALA CC 40 32.23 90.63 37.02
N GLN CC 41 33.29 91.41 36.81
CA GLN CC 41 34.49 91.24 37.63
C GLN CC 41 34.23 91.66 39.06
N THR CC 42 33.38 92.69 39.27
CA THR CC 42 33.03 93.11 40.62
C THR CC 42 32.27 92.01 41.35
N LEU CC 43 31.35 91.35 40.67
CA LEU CC 43 30.65 90.22 41.28
C LEU CC 43 31.59 89.06 41.53
N THR CC 44 32.52 88.81 40.61
CA THR CC 44 33.40 87.65 40.73
C THR CC 44 34.38 87.81 41.88
N GLU CC 45 34.80 89.05 42.16
CA GLU CC 45 35.77 89.26 43.23
C GLU CC 45 35.21 88.89 44.60
N ALA CC 46 33.90 89.03 44.78
CA ALA CC 46 33.25 88.77 46.06
C ALA CC 46 32.30 87.58 46.01
N ARG CC 47 32.71 86.50 45.33
CA ARG CC 47 31.79 85.40 45.10
C ARG CC 47 31.54 84.59 46.38
N GLU CC 48 32.55 84.48 47.24
CA GLU CC 48 32.38 83.63 48.42
C GLU CC 48 31.52 84.32 49.48
N ARG CC 49 31.70 85.63 49.66
CA ARG CC 49 30.91 86.37 50.63
C ARG CC 49 29.44 86.39 50.24
N ILE CC 50 29.17 86.61 48.94
CA ILE CC 50 27.80 86.63 48.46
C ILE CC 50 27.13 85.28 48.67
N VAL CC 51 27.85 84.20 48.35
CA VAL CC 51 27.30 82.86 48.49
C VAL CC 51 27.00 82.54 49.94
N LYS CC 52 27.95 82.85 50.84
CA LYS CC 52 27.76 82.55 52.25
C LYS CC 52 26.61 83.35 52.85
N GLN CC 53 26.53 84.64 52.52
CA GLN CC 53 25.45 85.46 53.07
C GLN CC 53 24.10 85.05 52.50
N ALA CC 54 24.03 84.74 51.21
CA ALA CC 54 22.78 84.27 50.63
C ALA CC 54 22.35 82.94 51.24
N GLY CC 55 23.32 82.06 51.52
CA GLY CC 55 22.99 80.79 52.14
C GLY CC 55 22.45 80.95 53.54
N ASP CC 56 23.08 81.81 54.35
CA ASP CC 56 22.58 82.03 55.71
C ASP CC 56 21.19 82.68 55.69
N GLN CC 57 20.98 83.64 54.78
CA GLN CC 57 19.67 84.26 54.63
C GLN CC 57 18.61 83.23 54.24
N LEU CC 58 18.92 82.38 53.25
CA LEU CC 58 17.95 81.38 52.79
C LEU CC 58 17.63 80.38 53.89
N PHE CC 59 18.64 79.94 54.63
CA PHE CC 59 18.39 78.98 55.69
C PHE CC 59 17.63 79.60 56.85
N GLN CC 60 17.83 80.90 57.12
CA GLN CC 60 17.02 81.57 58.12
C GLN CC 60 15.58 81.66 57.65
N ILE CC 61 15.37 81.91 56.35
CA ILE CC 61 14.01 82.04 55.84
C ILE CC 61 13.28 80.70 55.82
N ARG CC 62 13.97 79.63 55.43
CA ARG CC 62 13.36 78.31 55.27
C ARG CC 62 14.15 77.29 56.07
N PRO CC 63 13.95 77.24 57.39
CA PRO CC 63 14.72 76.30 58.21
C PRO CC 63 14.36 74.84 57.97
N ASP CC 64 13.24 74.55 57.30
CA ASP CC 64 12.82 73.17 57.11
C ASP CC 64 13.78 72.40 56.21
N VAL CC 65 14.44 73.08 55.26
CA VAL CC 65 15.34 72.39 54.35
C VAL CC 65 16.58 71.89 55.09
N VAL CC 66 16.91 72.49 56.22
CA VAL CC 66 18.05 72.05 57.02
C VAL CC 66 17.52 71.25 58.21
N SER CC 67 16.30 70.78 58.11
CA SER CC 67 15.67 70.00 59.16
C SER CC 67 15.93 68.53 58.89
N PRO CC 68 15.58 67.65 59.85
CA PRO CC 68 15.79 66.21 59.68
C PRO CC 68 15.16 65.61 58.44
N GLY CC 69 13.95 66.06 58.08
CA GLY CC 69 13.29 65.53 56.91
C GLY CC 69 13.49 66.36 55.68
N GLY CC 70 14.37 67.36 55.76
CA GLY CC 70 14.60 68.30 54.68
C GLY CC 70 15.51 67.72 53.62
N ASN CC 71 15.52 68.36 52.44
CA ASN CC 71 16.38 67.91 51.37
C ASN CC 71 17.84 68.28 51.62
N ALA CC 72 18.08 69.41 52.27
CA ALA CC 72 19.43 69.89 52.53
C ALA CC 72 19.90 69.56 53.95
N TYR CC 73 19.52 68.41 54.48
CA TYR CC 73 19.91 68.04 55.83
C TYR CC 73 21.30 67.43 55.82
N GLY CC 74 22.20 67.99 56.61
CA GLY CC 74 23.56 67.50 56.71
C GLY CC 74 24.56 68.52 56.18
N GLU CC 75 25.79 68.37 56.66
CA GLU CC 75 26.87 69.26 56.23
C GLU CC 75 27.14 69.12 54.74
N LYS CC 76 27.17 67.87 54.24
CA LYS CC 76 27.40 67.66 52.81
C LYS CC 76 26.25 68.19 51.97
N MET CC 77 25.02 68.00 52.43
CA MET CC 77 23.85 68.47 51.69
C MET CC 77 23.83 69.99 51.63
N THR CC 78 24.18 70.64 52.74
CA THR CC 78 24.29 72.10 52.73
C THR CC 78 25.41 72.57 51.83
N ALA CC 79 26.53 71.83 51.80
CA ALA CC 79 27.62 72.18 50.91
C ALA CC 79 27.18 72.09 49.45
N LEU CC 80 26.39 71.09 49.11
CA LEU CC 80 25.89 70.97 47.73
C LEU CC 80 24.96 72.12 47.38
N CYS CC 81 24.11 72.54 48.31
CA CYS CC 81 23.25 73.69 48.05
C CYS CC 81 24.06 74.96 47.83
N LEU CC 82 25.10 75.16 48.66
CA LEU CC 82 25.96 76.32 48.46
C LEU CC 82 26.70 76.24 47.12
N ARG CC 83 27.10 75.04 46.70
CA ARG CC 83 27.75 74.88 45.41
C ARG CC 83 26.80 75.22 44.27
N ASP CC 84 25.54 74.82 44.39
CA ASP CC 84 24.55 75.18 43.38
C ASP CC 84 24.35 76.69 43.33
N LEU CC 85 24.33 77.35 44.50
CA LEU CC 85 24.22 78.79 44.52
C LEU CC 85 25.41 79.46 43.85
N ASP CC 86 26.61 78.93 44.09
CA ASP CC 86 27.79 79.46 43.42
C ASP CC 86 27.72 79.24 41.90
N TYR CC 87 27.18 78.09 41.48
CA TYR CC 87 26.96 77.82 40.07
C TYR CC 87 26.06 78.88 39.45
N TYR CC 88 24.95 79.19 40.13
CA TYR CC 88 24.04 80.18 39.57
C TYR CC 88 24.62 81.58 39.59
N LEU CC 89 25.47 81.89 40.58
CA LEU CC 89 26.16 83.18 40.57
C LEU CC 89 27.11 83.29 39.37
N ARG CC 90 27.85 82.21 39.09
CA ARG CC 90 28.71 82.20 37.92
C ARG CC 90 27.92 82.35 36.64
N LEU CC 91 26.76 81.69 36.58
CA LEU CC 91 25.89 81.83 35.41
C LEU CC 91 25.39 83.25 35.26
N VAL CC 92 25.08 83.91 36.37
CA VAL CC 92 24.66 85.31 36.31
C VAL CC 92 25.78 86.20 35.79
N THR CC 93 27.01 85.96 36.23
CA THR CC 93 28.13 86.75 35.70
C THR CC 93 28.32 86.51 34.20
N TYR CC 94 28.17 85.26 33.76
CA TYR CC 94 28.25 84.95 32.33
C TYR CC 94 27.17 85.69 31.55
N GLY CC 95 25.95 85.70 32.07
CA GLY CC 95 24.88 86.42 31.40
C GLY CC 95 25.14 87.92 31.35
N ILE CC 96 25.71 88.46 32.43
CA ILE CC 96 25.98 89.90 32.49
C ILE CC 96 27.01 90.28 31.43
N VAL CC 97 28.06 89.49 31.28
CA VAL CC 97 29.06 89.82 30.27
C VAL CC 97 28.49 89.60 28.87
N ALA CC 98 27.72 88.53 28.68
CA ALA CC 98 27.22 88.21 27.35
C ALA CC 98 26.19 89.23 26.87
N GLY CC 99 25.43 89.80 27.78
CA GLY CC 99 24.39 90.75 27.43
C GLY CC 99 23.05 90.13 27.10
N ASP CC 100 22.96 88.80 27.08
CA ASP CC 100 21.71 88.10 26.86
C ASP CC 100 21.73 86.78 27.63
N VAL CC 101 20.62 86.04 27.56
CA VAL CC 101 20.46 84.88 28.43
C VAL CC 101 20.75 83.60 27.66
N THR CC 102 21.30 83.72 26.45
CA THR CC 102 21.48 82.58 25.55
C THR CC 102 22.36 81.47 26.13
N PRO CC 103 23.58 81.75 26.61
CA PRO CC 103 24.41 80.66 27.13
C PRO CC 103 23.90 80.10 28.45
N ILE CC 104 23.46 80.96 29.36
CA ILE CC 104 23.02 80.49 30.67
C ILE CC 104 21.72 79.71 30.54
N GLU CC 105 20.92 80.00 29.50
CA GLU CC 105 19.69 79.25 29.27
C GLU CC 105 19.99 77.79 29.00
N GLU CC 106 20.94 77.51 28.10
CA GLU CC 106 21.33 76.13 27.85
C GLU CC 106 22.09 75.54 29.02
N ILE CC 107 22.86 76.35 29.74
CA ILE CC 107 23.67 75.81 30.82
C ILE CC 107 22.83 75.36 32.01
N GLY CC 108 21.86 76.15 32.46
CA GLY CC 108 21.31 75.87 33.77
C GLY CC 108 19.82 76.00 34.03
N ILE CC 109 18.98 76.29 33.03
CA ILE CC 109 17.56 76.46 33.26
C ILE CC 109 16.71 75.42 32.51
N ILE CC 110 17.08 75.06 31.29
CA ILE CC 110 16.31 74.06 30.57
C ILE CC 110 16.64 72.69 31.14
N GLY CC 111 15.62 71.96 31.58
CA GLY CC 111 15.80 70.71 32.28
C GLY CC 111 16.08 70.85 33.76
N VAL CC 112 16.16 72.09 34.25
CA VAL CC 112 16.41 72.29 35.68
C VAL CC 112 15.24 71.74 36.50
N LYS CC 113 14.02 71.84 35.97
CA LYS CC 113 12.87 71.28 36.67
C LYS CC 113 12.99 69.77 36.77
N GLU CC 114 13.41 69.12 35.69
CA GLU CC 114 13.56 67.66 35.72
C GLU CC 114 14.67 67.24 36.67
N MET CC 115 15.81 67.94 36.65
CA MET CC 115 16.90 67.55 37.55
C MET CC 115 16.51 67.77 39.01
N TYR CC 116 15.80 68.86 39.30
CA TYR CC 116 15.44 69.12 40.68
C TYR CC 116 14.29 68.24 41.14
N ASN CC 117 13.42 67.81 40.22
CA ASN CC 117 12.40 66.84 40.58
C ASN CC 117 13.00 65.48 40.86
N SER CC 118 14.00 65.08 40.06
CA SER CC 118 14.69 63.83 40.31
C SER CC 118 15.46 63.90 41.63
N LEU CC 119 16.03 65.07 41.94
CA LEU CC 119 16.75 65.23 43.19
C LEU CC 119 15.84 65.51 44.37
N GLN CC 120 14.54 65.68 44.14
CA GLN CC 120 13.56 65.87 45.21
C GLN CC 120 13.79 67.18 45.96
N THR CC 121 14.09 68.26 45.24
CA THR CC 121 14.50 69.49 45.90
C THR CC 121 13.41 70.55 45.80
N PRO CC 122 13.35 71.49 46.73
CA PRO CC 122 12.38 72.59 46.61
C PRO CC 122 12.85 73.68 45.64
N ILE CC 123 12.23 73.72 44.47
CA ILE CC 123 12.52 74.76 43.50
C ILE CC 123 12.21 76.16 44.04
N PRO CC 124 11.07 76.40 44.71
CA PRO CC 124 10.89 77.71 45.36
C PRO CC 124 11.96 78.05 46.38
N ALA CC 125 12.48 77.07 47.12
CA ALA CC 125 13.60 77.32 48.00
C ALA CC 125 14.85 77.74 47.24
N VAL CC 126 15.14 77.10 46.10
CA VAL CC 126 16.26 77.52 45.27
C VAL CC 126 16.05 78.94 44.76
N ALA CC 127 14.81 79.27 44.40
CA ALA CC 127 14.50 80.63 43.95
C ALA CC 127 14.73 81.65 45.06
N GLU CC 128 14.34 81.30 46.29
CA GLU CC 128 14.59 82.19 47.43
C GLU CC 128 16.08 82.37 47.67
N GLY CC 129 16.86 81.29 47.52
CA GLY CC 129 18.30 81.42 47.60
C GLY CC 129 18.88 82.34 46.54
N VAL CC 130 18.36 82.25 45.32
CA VAL CC 130 18.80 83.14 44.25
C VAL CC 130 18.44 84.58 44.58
N ARG CC 131 17.27 84.80 45.19
CA ARG CC 131 16.89 86.15 45.59
C ARG CC 131 17.81 86.70 46.67
N ALA CC 132 18.20 85.85 47.63
CA ALA CC 132 19.15 86.28 48.66
C ALA CC 132 20.49 86.64 48.04
N MET CC 133 20.94 85.83 47.07
CA MET CC 133 22.17 86.16 46.35
C MET CC 133 22.03 87.49 45.62
N LYS CC 134 20.86 87.75 45.05
CA LYS CC 134 20.61 89.02 44.37
C LYS CC 134 20.72 90.19 45.34
N ASN CC 135 20.15 90.05 46.55
CA ASN CC 135 20.22 91.12 47.52
C ASN CC 135 21.66 91.39 47.96
N VAL CC 136 22.40 90.31 48.24
CA VAL CC 136 23.79 90.48 48.69
C VAL CC 136 24.64 91.08 47.57
N ALA CC 137 24.36 90.70 46.32
CA ALA CC 137 25.12 91.25 45.20
C ALA CC 137 24.80 92.71 44.97
N THR CC 138 23.51 93.08 45.00
CA THR CC 138 23.13 94.47 44.77
C THR CC 138 23.58 95.36 45.91
N SER CC 139 23.82 94.80 47.10
CA SER CC 139 24.41 95.58 48.18
C SER CC 139 25.84 96.02 47.89
N LEU CC 140 26.53 95.38 46.94
CA LEU CC 140 27.92 95.70 46.64
C LEU CC 140 28.08 96.47 45.34
N LEU CC 141 26.99 96.99 44.78
CA LEU CC 141 27.05 97.63 43.47
C LEU CC 141 26.31 98.97 43.52
N SER CC 142 26.70 99.86 42.61
CA SER CC 142 25.97 101.11 42.43
C SER CC 142 24.59 100.83 41.87
N GLY CC 143 23.72 101.83 41.94
CA GLY CC 143 22.32 101.66 41.63
C GLY CC 143 21.99 101.20 40.23
N ASP CC 144 22.58 101.85 39.22
CA ASP CC 144 22.36 101.42 37.84
C ASP CC 144 22.90 100.02 37.59
N ASP CC 145 24.14 99.77 38.02
CA ASP CC 145 24.71 98.43 37.91
C ASP CC 145 23.96 97.44 38.78
N ALA CC 146 23.43 97.90 39.92
CA ALA CC 146 22.60 97.02 40.75
C ALA CC 146 21.36 96.57 40.00
N ALA CC 147 20.68 97.49 39.31
CA ALA CC 147 19.51 97.12 38.52
C ALA CC 147 19.90 96.20 37.37
N GLU CC 148 21.04 96.48 36.74
CA GLU CC 148 21.50 95.65 35.63
C GLU CC 148 21.77 94.21 36.06
N ALA CC 149 22.43 94.02 37.20
CA ALA CC 149 22.62 92.68 37.71
C ALA CC 149 21.30 92.06 38.15
N GLY CC 150 20.44 92.87 38.78
CA GLY CC 150 19.18 92.34 39.29
C GLY CC 150 18.27 91.85 38.19
N PHE CC 151 18.39 92.42 36.98
CA PHE CC 151 17.64 91.90 35.84
C PHE CC 151 17.94 90.44 35.58
N TYR CC 152 19.22 90.08 35.48
CA TYR CC 152 19.57 88.68 35.28
C TYR CC 152 19.22 87.86 36.50
N PHE CC 153 19.32 88.44 37.70
CA PHE CC 153 18.96 87.70 38.91
C PHE CC 153 17.49 87.27 38.91
N ASP CC 154 16.56 88.21 38.65
CA ASP CC 154 15.17 87.76 38.68
C ASP CC 154 14.80 87.08 37.38
N TYR CC 155 15.63 87.18 36.34
CA TYR CC 155 15.47 86.28 35.20
C TYR CC 155 15.66 84.84 35.63
N LEU CC 156 16.74 84.56 36.38
CA LEU CC 156 16.93 83.23 36.93
C LEU CC 156 15.80 82.85 37.88
N VAL CC 157 15.33 83.82 38.67
CA VAL CC 157 14.25 83.57 39.62
C VAL CC 157 12.98 83.16 38.89
N GLY CC 158 12.64 83.87 37.80
CA GLY CC 158 11.47 83.50 37.02
C GLY CC 158 11.64 82.18 36.30
N ALA CC 159 12.85 81.92 35.79
CA ALA CC 159 13.09 80.67 35.09
C ALA CC 159 12.94 79.46 36.01
N MET CC 160 13.44 79.55 37.25
CA MET CC 160 13.27 78.47 38.22
C MET CC 160 11.90 78.62 38.90
N GLN CC 161 10.85 78.39 38.10
CA GLN CC 161 9.48 78.54 38.57
C GLN CC 161 8.54 77.65 37.76
N MET DC 1 25.66 77.41 17.10
CA MET DC 1 26.72 78.33 16.68
C MET DC 1 27.28 79.09 17.88
N GLN DC 2 28.35 79.85 17.66
CA GLN DC 2 28.96 80.61 18.73
C GLN DC 2 29.73 81.80 18.15
N ASP DC 3 29.66 82.91 18.86
CA ASP DC 3 30.45 84.11 18.57
C ASP DC 3 31.69 84.09 19.45
N ALA DC 4 32.44 85.19 19.44
CA ALA DC 4 33.62 85.28 20.28
C ALA DC 4 33.26 85.23 21.76
N ILE DC 5 32.21 85.96 22.14
CA ILE DC 5 31.82 86.02 23.54
C ILE DC 5 31.31 84.67 24.02
N THR DC 6 30.44 84.04 23.24
CA THR DC 6 29.96 82.71 23.60
C THR DC 6 31.07 81.68 23.59
N ALA DC 7 32.05 81.81 22.68
CA ALA DC 7 33.17 80.88 22.67
C ALA DC 7 33.98 81.01 23.95
N VAL DC 8 34.27 82.23 24.39
CA VAL DC 8 35.02 82.43 25.62
C VAL DC 8 34.22 81.90 26.82
N ILE DC 9 32.90 82.15 26.81
CA ILE DC 9 32.05 81.72 27.92
C ILE DC 9 32.03 80.19 28.00
N ASN DC 10 31.94 79.52 26.85
CA ASN DC 10 31.98 78.07 26.86
C ASN DC 10 33.34 77.53 27.29
N ASN DC 11 34.42 78.16 26.82
CA ASN DC 11 35.76 77.72 27.20
C ASN DC 11 35.99 77.86 28.70
N TYR DC 12 35.34 78.84 29.34
CA TYR DC 12 35.49 78.95 30.78
C TYR DC 12 34.49 78.06 31.53
N ASP DC 13 33.31 77.83 30.97
CA ASP DC 13 32.33 76.98 31.63
C ASP DC 13 32.77 75.53 31.63
N VAL DC 14 33.45 75.08 30.58
CA VAL DC 14 33.93 73.70 30.56
C VAL DC 14 34.95 73.46 31.66
N GLN DC 15 35.73 74.48 32.03
CA GLN DC 15 36.62 74.40 33.17
C GLN DC 15 35.93 74.75 34.47
N GLY DC 16 34.70 75.27 34.41
CA GLY DC 16 34.02 75.67 35.63
C GLY DC 16 34.70 76.83 36.33
N LYS DC 17 35.20 77.78 35.56
CA LYS DC 17 36.01 78.86 36.07
C LYS DC 17 35.32 80.21 35.87
N TYR DC 18 35.41 81.08 36.86
CA TYR DC 18 34.94 82.44 36.71
C TYR DC 18 35.81 83.19 35.71
N LEU DC 19 35.28 84.27 35.15
CA LEU DC 19 36.03 85.03 34.17
C LEU DC 19 37.19 85.75 34.83
N ASP DC 20 38.37 85.62 34.23
CA ASP DC 20 39.61 86.20 34.73
C ASP DC 20 40.11 87.29 33.78
N GLY DC 21 41.33 87.76 34.04
CA GLY DC 21 41.87 88.86 33.26
C GLY DC 21 42.06 88.53 31.79
N ALA DC 22 42.47 87.30 31.49
CA ALA DC 22 42.67 86.92 30.09
C ALA DC 22 41.35 86.91 29.32
N ALA DC 23 40.30 86.35 29.93
CA ALA DC 23 38.99 86.34 29.28
C ALA DC 23 38.46 87.76 29.12
N LEU DC 24 38.67 88.60 30.13
CA LEU DC 24 38.25 89.99 30.03
C LEU DC 24 39.00 90.71 28.92
N ASP DC 25 40.29 90.42 28.76
CA ASP DC 25 41.06 91.04 27.69
C ASP DC 25 40.56 90.59 26.32
N LYS DC 26 40.24 89.31 26.17
CA LYS DC 26 39.71 88.82 24.90
C LYS DC 26 38.37 89.46 24.57
N LEU DC 27 37.49 89.57 25.58
CA LEU DC 27 36.20 90.20 25.36
C LEU DC 27 36.36 91.67 25.02
N LYS DC 28 37.29 92.36 25.67
CA LYS DC 28 37.56 93.76 25.37
C LYS DC 28 38.08 93.92 23.95
N ALA DC 29 38.95 92.99 23.53
CA ALA DC 29 39.46 93.02 22.16
C ALA DC 29 38.35 92.85 21.15
N TYR DC 30 37.36 92.00 21.43
CA TYR DC 30 36.22 91.94 20.53
C TYR DC 30 35.39 93.21 20.60
N PHE DC 31 35.21 93.77 21.80
CA PHE DC 31 34.32 94.91 21.97
C PHE DC 31 34.84 96.14 21.23
N THR DC 32 36.16 96.33 21.22
CA THR DC 32 36.71 97.55 20.63
C THR DC 32 36.51 97.61 19.11
N THR DC 33 36.21 96.48 18.45
CA THR DC 33 35.99 96.47 17.02
C THR DC 33 34.54 96.17 16.66
N GLY DC 34 33.59 96.40 17.56
CA GLY DC 34 32.21 96.05 17.29
C GLY DC 34 31.58 96.90 16.19
N ALA DC 35 31.83 98.21 16.24
CA ALA DC 35 31.11 99.13 15.35
C ALA DC 35 31.50 98.95 13.90
N VAL DC 36 32.78 98.67 13.64
CA VAL DC 36 33.25 98.53 12.27
C VAL DC 36 32.60 97.32 11.61
N ARG DC 37 32.41 96.24 12.36
CA ARG DC 37 31.72 95.07 11.83
C ARG DC 37 30.28 95.39 11.45
N VAL DC 38 29.59 96.18 12.28
CA VAL DC 38 28.21 96.54 11.99
C VAL DC 38 28.14 97.40 10.74
N ARG DC 39 29.06 98.36 10.61
CA ARG DC 39 29.09 99.22 9.44
C ARG DC 39 29.35 98.43 8.16
N ALA DC 40 30.31 97.50 8.22
CA ALA DC 40 30.61 96.67 7.06
C ALA DC 40 29.43 95.77 6.71
N ALA DC 41 28.78 95.19 7.71
CA ALA DC 41 27.63 94.34 7.46
C ALA DC 41 26.50 95.12 6.81
N ALA DC 42 26.27 96.36 7.25
CA ALA DC 42 25.28 97.21 6.59
C ALA DC 42 25.66 97.48 5.15
N VAL DC 43 26.96 97.71 4.87
CA VAL DC 43 27.40 97.98 3.51
C VAL DC 43 27.13 96.80 2.59
N ILE DC 44 27.52 95.58 3.03
CA ILE DC 44 27.28 94.40 2.21
C ILE DC 44 25.79 94.13 2.05
N SER DC 45 25.00 94.33 3.12
CA SER DC 45 23.57 94.10 3.04
C SER DC 45 22.92 95.05 2.03
N SER DC 46 23.35 96.31 2.02
CA SER DC 46 22.86 97.26 1.03
C SER DC 46 23.28 96.91 -0.38
N ASN DC 47 24.53 96.49 -0.59
CA ASN DC 47 25.05 96.24 -1.93
C ASN DC 47 25.17 94.76 -2.28
N ALA DC 48 24.28 93.92 -1.76
CA ALA DC 48 24.36 92.47 -1.95
C ALA DC 48 24.39 92.02 -3.41
N THR DC 49 23.44 92.48 -4.22
CA THR DC 49 23.35 91.94 -5.59
C THR DC 49 24.48 92.46 -6.46
N THR DC 50 24.96 93.69 -6.20
CA THR DC 50 26.07 94.22 -6.99
C THR DC 50 27.35 93.44 -6.75
N ILE DC 51 27.58 93.00 -5.51
CA ILE DC 51 28.76 92.21 -5.20
C ILE DC 51 28.74 90.90 -5.98
N ILE DC 52 27.59 90.23 -6.01
CA ILE DC 52 27.47 88.97 -6.75
C ILE DC 52 27.66 89.22 -8.24
N LYS DC 53 27.09 90.31 -8.75
CA LYS DC 53 27.20 90.61 -10.18
C LYS DC 53 28.65 90.86 -10.59
N GLU DC 54 29.37 91.70 -9.83
CA GLU DC 54 30.77 91.94 -10.13
C GLU DC 54 31.63 90.69 -9.94
N ALA DC 55 31.36 89.88 -8.91
CA ALA DC 55 32.13 88.66 -8.73
C ALA DC 55 31.92 87.70 -9.90
N ALA DC 56 30.68 87.55 -10.35
CA ALA DC 56 30.40 86.68 -11.49
C ALA DC 56 31.06 87.22 -12.75
N ALA DC 57 31.02 88.54 -12.96
CA ALA DC 57 31.65 89.13 -14.14
C ALA DC 57 33.16 88.94 -14.11
N LYS DC 58 33.79 89.07 -12.94
CA LYS DC 58 35.23 88.96 -12.86
C LYS DC 58 35.73 87.53 -12.93
N ALA DC 59 35.00 86.56 -12.37
CA ALA DC 59 35.55 85.22 -12.23
C ALA DC 59 34.80 84.13 -12.97
N LEU DC 60 33.51 84.28 -13.26
CA LEU DC 60 32.74 83.14 -13.73
C LEU DC 60 32.26 83.29 -15.17
N ILE DC 61 31.50 84.35 -15.45
CA ILE DC 61 30.82 84.48 -16.73
C ILE DC 61 31.81 84.88 -17.81
N TYR DC 62 31.36 84.85 -19.07
CA TYR DC 62 32.21 85.09 -20.23
C TYR DC 62 33.31 84.04 -20.33
N SER DC 63 32.98 82.81 -19.99
CA SER DC 63 33.95 81.72 -20.02
C SER DC 63 33.26 80.48 -20.53
N ASP DC 64 33.93 79.34 -20.35
CA ASP DC 64 33.35 78.06 -20.77
C ASP DC 64 32.35 77.56 -19.75
N LEU DC 65 32.30 78.17 -18.57
CA LEU DC 65 31.28 77.80 -17.59
C LEU DC 65 29.89 78.14 -18.08
N THR DC 66 29.74 79.29 -18.73
CA THR DC 66 28.45 79.74 -19.24
C THR DC 66 28.17 79.28 -20.66
N ARG DC 67 29.13 78.67 -21.33
CA ARG DC 67 28.92 78.13 -22.65
C ARG DC 67 28.40 76.70 -22.56
N PRO DC 68 27.98 76.11 -23.67
CA PRO DC 68 27.54 74.71 -23.65
C PRO DC 68 28.63 73.77 -23.18
N GLY DC 69 28.23 72.77 -22.40
CA GLY DC 69 29.17 71.89 -21.74
C GLY DC 69 29.69 72.41 -20.42
N GLY DC 70 29.46 73.67 -20.11
CA GLY DC 70 29.87 74.24 -18.83
C GLY DC 70 28.90 73.89 -17.74
N MEN DC 71 29.33 74.01 -16.49
CA MEN DC 71 28.52 73.65 -15.36
C MEN DC 71 27.55 74.75 -15.00
O MEN DC 71 26.61 74.62 -14.22
CB MEN DC 71 29.31 73.32 -14.09
CG MEN DC 71 28.44 72.46 -13.18
OD1 MEN DC 71 28.21 72.80 -12.02
ND2 MEN DC 71 27.92 71.31 -13.73
CE2 MEN DC 71 27.08 70.40 -13.00
N MET DC 72 27.78 75.92 -15.59
CA MET DC 72 26.97 77.09 -15.31
C MET DC 72 26.04 77.35 -16.49
N TYR DC 73 26.20 76.55 -17.55
CA TYR DC 73 25.35 76.67 -18.72
C TYR DC 73 23.91 76.32 -18.36
N THR DC 74 22.96 76.91 -19.10
CA THR DC 74 21.51 76.79 -18.92
C THR DC 74 21.03 77.66 -17.76
N THR DC 75 19.78 78.11 -17.87
CA THR DC 75 19.21 79.03 -16.88
C THR DC 75 19.15 78.41 -15.50
N ARG DC 76 18.82 77.12 -15.41
CA ARG DC 76 18.73 76.45 -14.13
C ARG DC 76 20.06 76.46 -13.39
N ARG DC 77 21.14 76.09 -14.09
CA ARG DC 77 22.45 76.08 -13.46
C ARG DC 77 22.95 77.48 -13.17
N TYR DC 78 22.63 78.46 -14.03
CA TYR DC 78 23.01 79.84 -13.72
C TYR DC 78 22.32 80.32 -12.44
N ALA DC 79 21.03 80.04 -12.30
CA ALA DC 79 20.32 80.43 -11.09
C ALA DC 79 20.87 79.72 -9.88
N ALA DC 80 21.21 78.44 -10.01
CA ALA DC 80 21.77 77.70 -8.90
C ALA DC 80 23.11 78.28 -8.46
N CYS DC 81 23.98 78.62 -9.43
CA CYS DC 81 25.28 79.17 -9.08
C CYS DC 81 25.13 80.53 -8.40
N ILE DC 82 24.25 81.39 -8.92
CA ILE DC 82 24.07 82.68 -8.26
C ILE DC 82 23.44 82.53 -6.87
N ARG DC 83 22.55 81.55 -6.67
CA ARG DC 83 21.97 81.37 -5.34
C ARG DC 83 23.01 80.84 -4.36
N ASP DC 84 23.90 79.96 -4.82
CA ASP DC 84 25.01 79.53 -3.99
C ASP DC 84 25.91 80.71 -3.62
N MET DC 85 26.16 81.58 -4.59
CA MET DC 85 26.99 82.76 -4.37
C MET DC 85 26.36 83.65 -3.30
N ASP DC 86 25.03 83.81 -3.38
CA ASP DC 86 24.32 84.61 -2.39
C ASP DC 86 24.38 83.97 -1.00
N TYR DC 87 24.27 82.65 -0.93
CA TYR DC 87 24.41 81.95 0.34
C TYR DC 87 25.78 82.21 0.96
N PHE DC 88 26.82 82.12 0.14
CA PHE DC 88 28.18 82.36 0.64
C PHE DC 88 28.34 83.78 1.14
N LEU DC 89 27.78 84.75 0.41
CA LEU DC 89 27.88 86.15 0.84
C LEU DC 89 27.15 86.39 2.15
N ARG DC 90 25.94 85.85 2.28
CA ARG DC 90 25.15 86.07 3.50
C ARG DC 90 25.81 85.43 4.71
N TYR DC 91 26.29 84.19 4.57
CA TYR DC 91 26.90 83.54 5.72
C TYR DC 91 28.27 84.14 6.03
N ALA DC 92 28.95 84.68 5.02
CA ALA DC 92 30.17 85.44 5.30
C ALA DC 92 29.86 86.68 6.12
N THR DC 93 28.75 87.36 5.80
CA THR DC 93 28.35 88.50 6.61
C THR DC 93 28.02 88.09 8.04
N TYR DC 94 27.31 86.98 8.21
CA TYR DC 94 27.01 86.49 9.56
C TYR DC 94 28.29 86.17 10.33
N ALA DC 95 29.23 85.49 9.68
CA ALA DC 95 30.48 85.13 10.34
C ALA DC 95 31.29 86.38 10.71
N MET DC 96 31.28 87.38 9.82
CA MET DC 96 32.02 88.60 10.11
C MET DC 96 31.40 89.36 11.27
N LEU DC 97 30.06 89.32 11.37
CA LEU DC 97 29.40 89.96 12.51
C LEU DC 97 29.70 89.21 13.80
N ALA DC 98 29.69 87.87 13.75
CA ALA DC 98 29.83 87.10 14.97
C ALA DC 98 31.29 86.94 15.41
N GLY DC 99 32.25 87.22 14.52
CA GLY DC 99 33.64 87.07 14.90
C GLY DC 99 34.07 85.63 15.11
N ASP DC 100 33.36 84.68 14.51
CA ASP DC 100 33.69 83.27 14.71
C ASP DC 100 33.18 82.43 13.55
N PRO DC 101 34.04 81.66 12.90
CA PRO DC 101 33.62 80.82 11.76
C PRO DC 101 32.80 79.59 12.13
N SER DC 102 32.35 79.46 13.38
CA SER DC 102 31.61 78.27 13.79
C SER DC 102 30.30 78.14 13.03
N ILE DC 103 29.66 79.27 12.69
CA ILE DC 103 28.45 79.21 11.89
C ILE DC 103 28.76 78.70 10.48
N LEU DC 104 29.89 79.11 9.92
CA LEU DC 104 30.31 78.59 8.62
C LEU DC 104 30.58 77.10 8.68
N ASP DC 105 31.20 76.62 9.76
CA ASP DC 105 31.41 75.19 9.91
C ASP DC 105 30.09 74.44 10.01
N GLU DC 106 29.15 74.96 10.80
CA GLU DC 106 27.93 74.22 11.08
C GLU DC 106 26.98 74.20 9.90
N ARG DC 107 26.81 75.34 9.22
CA ARG DC 107 25.68 75.47 8.31
C ARG DC 107 26.08 75.50 6.83
N VAL DC 108 27.36 75.62 6.50
CA VAL DC 108 27.73 75.71 5.10
C VAL DC 108 28.71 74.61 4.71
N LEU DC 109 29.88 74.60 5.34
CA LEU DC 109 30.96 73.75 4.88
C LEU DC 109 30.71 72.28 5.16
N ASN DC 110 29.83 71.96 6.10
CA ASN DC 110 29.60 70.57 6.48
C ASN DC 110 28.88 69.80 5.37
N GLY DC 111 29.61 68.99 4.62
CA GLY DC 111 29.03 68.21 3.56
C GLY DC 111 28.92 68.93 2.23
N LEU DC 112 29.27 70.21 2.18
CA LEU DC 112 29.21 70.94 0.91
C LEU DC 112 30.16 70.36 -0.11
N LYS DC 113 31.36 69.98 0.32
CA LYS DC 113 32.35 69.42 -0.59
C LYS DC 113 31.87 68.12 -1.22
N GLU DC 114 31.27 67.25 -0.39
CA GLU DC 114 30.83 65.96 -0.91
C GLU DC 114 29.55 66.11 -1.74
N THR DC 115 28.72 67.10 -1.41
CA THR DC 115 27.58 67.42 -2.28
C THR DC 115 28.06 67.91 -3.64
N TYR DC 116 29.08 68.76 -3.67
CA TYR DC 116 29.60 69.24 -4.95
C TYR DC 116 30.24 68.11 -5.74
N ASN DC 117 30.92 67.19 -5.05
CA ASN DC 117 31.47 66.03 -5.75
C ASN DC 117 30.38 65.17 -6.36
N SER DC 118 29.27 64.98 -5.63
CA SER DC 118 28.16 64.22 -6.18
C SER DC 118 27.52 64.93 -7.37
N LEU DC 119 27.38 66.25 -7.30
CA LEU DC 119 26.70 66.99 -8.35
C LEU DC 119 27.59 67.30 -9.55
N GLY DC 120 28.91 67.15 -9.41
CA GLY DC 120 29.82 67.46 -10.49
C GLY DC 120 30.22 68.91 -10.60
N VAL DC 121 29.88 69.74 -9.62
CA VAL DC 121 30.19 71.17 -9.65
C VAL DC 121 31.70 71.38 -9.57
N PRO DC 122 32.27 72.36 -10.26
CA PRO DC 122 33.70 72.61 -10.15
C PRO DC 122 34.09 73.38 -8.90
N ILE DC 123 34.80 72.70 -8.00
CA ILE DC 123 35.20 73.32 -6.74
C ILE DC 123 36.20 74.44 -6.99
N ALA DC 124 37.06 74.28 -8.00
CA ALA DC 124 38.01 75.33 -8.33
C ALA DC 124 37.30 76.61 -8.76
N ALA DC 125 36.29 76.48 -9.63
CA ALA DC 125 35.52 77.64 -10.04
C ALA DC 125 34.76 78.25 -8.87
N THR DC 126 34.23 77.41 -7.97
CA THR DC 126 33.55 77.95 -6.79
C THR DC 126 34.51 78.74 -5.91
N VAL DC 127 35.73 78.25 -5.74
CA VAL DC 127 36.73 78.96 -4.95
C VAL DC 127 37.07 80.28 -5.61
N GLY DC 128 37.19 80.29 -6.94
CA GLY DC 128 37.43 81.53 -7.65
C GLY DC 128 36.33 82.55 -7.46
N GLY DC 129 35.07 82.11 -7.53
CA GLY DC 129 33.97 83.02 -7.25
C GLY DC 129 33.99 83.57 -5.85
N ILE DC 130 34.32 82.72 -4.87
CA ILE DC 130 34.37 83.16 -3.49
C ILE DC 130 35.45 84.22 -3.29
N GLN DC 131 36.64 83.97 -3.87
CA GLN DC 131 37.68 85.00 -3.81
C GLN DC 131 37.27 86.29 -4.53
N ALA DC 132 36.54 86.19 -5.66
CA ALA DC 132 36.11 87.39 -6.36
C ALA DC 132 35.18 88.24 -5.51
N MET DC 133 34.21 87.59 -4.85
CA MET DC 133 33.40 88.30 -3.86
C MET DC 133 34.27 88.87 -2.75
N LYS DC 134 35.36 88.18 -2.41
CA LYS DC 134 36.25 88.67 -1.37
C LYS DC 134 36.88 90.01 -1.76
N GLU DC 135 37.45 90.12 -2.96
CA GLU DC 135 38.07 91.40 -3.32
C GLU DC 135 37.01 92.48 -3.50
N VAL DC 136 35.83 92.12 -4.02
CA VAL DC 136 34.78 93.12 -4.21
C VAL DC 136 34.34 93.70 -2.86
N VAL DC 137 34.16 92.83 -1.86
CA VAL DC 137 33.76 93.28 -0.54
C VAL DC 137 34.88 94.08 0.11
N GLY DC 138 36.13 93.66 -0.10
CA GLY DC 138 37.25 94.40 0.44
C GLY DC 138 37.37 95.79 -0.14
N GLY DC 139 37.08 95.94 -1.43
CA GLY DC 139 37.04 97.27 -2.03
C GLY DC 139 35.91 98.10 -1.48
N LEU DC 140 34.73 97.50 -1.30
CA LEU DC 140 33.58 98.28 -0.83
C LEU DC 140 33.74 98.73 0.61
N VAL DC 141 34.12 97.83 1.51
CA VAL DC 141 34.12 98.15 2.93
C VAL DC 141 35.20 99.15 3.34
N GLY DC 142 36.39 99.08 2.76
CA GLY DC 142 37.47 99.96 3.12
C GLY DC 142 38.47 99.33 4.06
N PRO DC 143 39.56 100.06 4.34
CA PRO DC 143 40.61 99.55 5.23
C PRO DC 143 40.15 99.12 6.61
N ASP DC 144 39.10 99.76 7.13
CA ASP DC 144 38.66 99.51 8.50
C ASP DC 144 38.24 98.07 8.74
N ALA DC 145 37.44 97.52 7.82
CA ALA DC 145 36.96 96.15 7.94
C ALA DC 145 37.41 95.25 6.81
N ALA DC 146 38.42 95.64 6.03
CA ALA DC 146 38.84 94.85 4.89
C ALA DC 146 39.39 93.49 5.32
N LYS DC 147 40.36 93.49 6.24
CA LYS DC 147 40.94 92.24 6.69
C LYS DC 147 39.93 91.40 7.46
N GLU DC 148 39.10 92.04 8.29
CA GLU DC 148 38.11 91.32 9.06
C GLU DC 148 37.09 90.63 8.16
N ALA DC 149 36.69 91.29 7.07
CA ALA DC 149 35.83 90.65 6.10
C ALA DC 149 36.57 89.55 5.34
N SER DC 150 37.83 89.81 4.99
CA SER DC 150 38.55 88.91 4.10
C SER DC 150 38.89 87.59 4.76
N ILE DC 151 39.06 87.59 6.09
CA ILE DC 151 39.45 86.37 6.79
C ILE DC 151 38.39 85.29 6.65
N TYR DC 152 37.11 85.65 6.68
CA TYR DC 152 36.06 84.65 6.57
C TYR DC 152 35.88 84.14 5.15
N PHE DC 153 36.06 85.00 4.13
CA PHE DC 153 36.06 84.51 2.76
C PHE DC 153 37.22 83.54 2.54
N ASP DC 154 38.39 83.87 3.08
CA ASP DC 154 39.52 82.94 3.01
C ASP DC 154 39.21 81.64 3.74
N TYR DC 155 38.50 81.73 4.87
CA TYR DC 155 38.13 80.52 5.60
C TYR DC 155 37.21 79.64 4.76
N LEU DC 156 36.23 80.24 4.09
CA LEU DC 156 35.34 79.47 3.21
C LEU DC 156 36.11 78.85 2.06
N SER DC 157 37.01 79.60 1.43
CA SER DC 157 37.79 79.07 0.33
C SER DC 157 38.68 77.91 0.76
N SER DC 158 39.34 78.05 1.91
CA SER DC 158 40.15 76.95 2.43
C SER DC 158 39.32 75.74 2.84
N GLY DC 159 38.12 75.96 3.38
CA GLY DC 159 37.26 74.83 3.70
C GLY DC 159 36.79 74.07 2.47
N LEU DC 160 36.45 74.79 1.41
CA LEU DC 160 36.07 74.13 0.17
C LEU DC 160 37.26 73.41 -0.46
N SER DC 161 38.43 74.04 -0.48
CA SER DC 161 39.60 73.43 -1.10
C SER DC 161 40.15 72.33 -0.21
N SER EC 2 10.16 64.72 -25.02
CA SER EC 2 9.23 64.68 -26.15
C SER EC 2 7.90 64.07 -25.75
N VAL EC 3 7.07 63.80 -26.76
CA VAL EC 3 5.77 63.18 -26.50
C VAL EC 3 5.94 61.81 -25.90
N LEU EC 4 6.98 61.07 -26.32
CA LEU EC 4 7.29 59.78 -25.73
C LEU EC 4 7.57 59.92 -24.24
N THR EC 5 8.39 60.90 -23.87
CA THR EC 5 8.73 61.10 -22.46
C THR EC 5 7.51 61.50 -21.65
N LYS EC 6 6.68 62.39 -22.20
CA LYS EC 6 5.49 62.82 -21.47
C LYS EC 6 4.50 61.68 -21.27
N ALA EC 7 4.32 60.84 -22.30
CA ALA EC 7 3.44 59.67 -22.14
C ALA EC 7 4.01 58.69 -21.13
N ILE EC 8 5.32 58.43 -21.20
CA ILE EC 8 5.94 57.46 -20.31
C ILE EC 8 5.89 57.94 -18.87
N VAL EC 9 6.04 59.25 -18.66
CA VAL EC 9 6.02 59.78 -17.30
C VAL EC 9 4.66 59.59 -16.66
N ASN EC 10 3.59 59.90 -17.40
CA ASN EC 10 2.24 59.69 -16.87
C ASN EC 10 1.95 58.21 -16.64
N ALA EC 11 2.38 57.35 -17.56
CA ALA EC 11 2.17 55.92 -17.38
C ALA EC 11 2.89 55.41 -16.14
N ASP EC 12 4.13 55.86 -15.93
CA ASP EC 12 4.86 55.45 -14.74
C ASP EC 12 4.22 56.02 -13.48
N ALA EC 13 3.70 57.24 -13.55
CA ALA EC 13 3.05 57.84 -12.40
C ALA EC 13 1.81 57.07 -11.99
N GLU EC 14 1.01 56.62 -12.95
CA GLU EC 14 -0.17 55.82 -12.64
C GLU EC 14 0.12 54.34 -12.48
N ALA EC 15 1.35 53.91 -12.72
CA ALA EC 15 1.75 52.51 -12.55
C ALA EC 15 0.97 51.61 -13.50
N ARG EC 16 0.95 51.99 -14.78
CA ARG EC 16 0.21 51.26 -15.78
C ARG EC 16 0.88 51.43 -17.12
N TYR EC 17 0.74 50.42 -17.97
CA TYR EC 17 1.27 50.51 -19.32
C TYR EC 17 0.52 51.57 -20.12
N LEU EC 18 1.11 51.94 -21.25
CA LEU EC 18 0.56 53.04 -22.04
C LEU EC 18 -0.80 52.67 -22.60
N SER EC 19 -1.71 53.63 -22.55
CA SER EC 19 -3.07 53.43 -23.01
C SER EC 19 -3.12 53.40 -24.53
N PRO EC 20 -4.19 52.84 -25.10
CA PRO EC 20 -4.35 52.90 -26.57
C PRO EC 20 -4.40 54.32 -27.12
N GLY EC 21 -4.99 55.26 -26.38
CA GLY EC 21 -4.97 56.63 -26.82
C GLY EC 21 -3.56 57.21 -26.85
N GLU EC 22 -2.76 56.87 -25.85
CA GLU EC 22 -1.38 57.33 -25.83
C GLU EC 22 -0.58 56.71 -26.97
N LEU EC 23 -0.83 55.44 -27.27
CA LEU EC 23 -0.15 54.81 -28.40
C LEU EC 23 -0.55 55.46 -29.72
N ASP EC 24 -1.84 55.80 -29.87
CA ASP EC 24 -2.29 56.51 -31.06
C ASP EC 24 -1.63 57.88 -31.16
N ARG EC 25 -1.48 58.57 -30.02
CA ARG EC 25 -0.79 59.85 -30.02
C ARG EC 25 0.66 59.71 -30.46
N ILE EC 26 1.34 58.67 -29.99
CA ILE EC 26 2.72 58.42 -30.41
C ILE EC 26 2.79 58.12 -31.90
N LYS EC 27 1.84 57.35 -32.41
CA LYS EC 27 1.80 57.06 -33.84
C LYS EC 27 1.62 58.32 -34.67
N SER EC 28 0.72 59.20 -34.24
CA SER EC 28 0.52 60.47 -34.94
C SER EC 28 1.78 61.33 -34.88
N PHE EC 29 2.45 61.34 -33.73
CA PHE EC 29 3.66 62.14 -33.58
C PHE EC 29 4.76 61.64 -34.51
N VAL EC 30 4.94 60.33 -34.60
CA VAL EC 30 5.96 59.80 -35.50
C VAL EC 30 5.55 60.01 -36.95
N ALA EC 31 4.25 60.06 -37.23
CA ALA EC 31 3.81 60.43 -38.57
C ALA EC 31 4.20 61.87 -38.91
N SER EC 32 4.07 62.79 -37.95
CA SER EC 32 4.38 64.19 -38.18
C SER EC 32 5.86 64.51 -38.11
N GLY EC 33 6.70 63.49 -37.90
CA GLY EC 33 8.13 63.69 -37.73
C GLY EC 33 8.82 64.31 -38.92
N GLU EC 34 8.45 63.91 -40.14
CA GLU EC 34 9.10 64.45 -41.32
C GLU EC 34 8.77 65.92 -41.50
N ARG EC 35 7.51 66.30 -41.28
CA ARG EC 35 7.15 67.71 -41.32
C ARG EC 35 7.92 68.50 -40.28
N ARG EC 36 8.03 67.95 -39.06
CA ARG EC 36 8.74 68.65 -38.00
C ARG EC 36 10.21 68.85 -38.36
N LEU EC 37 10.82 67.82 -38.95
CA LEU EC 37 12.20 67.94 -39.42
C LEU EC 37 12.32 68.99 -40.52
N ARG EC 38 11.35 69.06 -41.41
CA ARG EC 38 11.40 70.06 -42.48
C ARG EC 38 11.35 71.48 -41.91
N ILE EC 39 10.44 71.74 -40.96
CA ILE EC 39 10.36 73.07 -40.37
C ILE EC 39 11.65 73.41 -39.63
N ALA EC 40 12.19 72.45 -38.87
CA ALA EC 40 13.44 72.71 -38.16
C ALA EC 40 14.58 73.00 -39.11
N GLN EC 41 14.67 72.26 -40.23
CA GLN EC 41 15.73 72.49 -41.19
C GLN EC 41 15.61 73.87 -41.83
N THR EC 42 14.39 74.28 -42.16
CA THR EC 42 14.18 75.60 -42.77
C THR EC 42 14.60 76.72 -41.81
N LEU EC 43 14.17 76.62 -40.55
CA LEU EC 43 14.55 77.63 -39.57
C LEU EC 43 16.06 77.65 -39.33
N THR EC 44 16.68 76.46 -39.27
CA THR EC 44 18.12 76.39 -39.09
C THR EC 44 18.86 77.02 -40.26
N GLU EC 45 18.38 76.82 -41.47
CA GLU EC 45 19.04 77.39 -42.63
C GLU EC 45 18.87 78.91 -42.68
N ALA EC 46 17.72 79.42 -42.22
CA ALA EC 46 17.45 80.86 -42.29
C ALA EC 46 17.57 81.56 -40.94
N ARG EC 47 18.34 80.99 -40.00
CA ARG EC 47 18.37 81.54 -38.65
C ARG EC 47 19.02 82.92 -38.58
N GLU EC 48 20.13 83.12 -39.30
CA GLU EC 48 20.92 84.35 -39.13
C GLU EC 48 20.12 85.59 -39.53
N ARG EC 49 19.45 85.54 -40.69
CA ARG EC 49 18.61 86.64 -41.13
C ARG EC 49 17.47 86.88 -40.15
N ILE EC 50 16.89 85.80 -39.63
CA ILE EC 50 15.81 85.90 -38.64
C ILE EC 50 16.31 86.63 -37.40
N VAL EC 51 17.51 86.27 -36.94
CA VAL EC 51 18.08 86.89 -35.75
C VAL EC 51 18.30 88.38 -35.98
N LYS EC 52 18.86 88.73 -37.14
CA LYS EC 52 19.19 90.13 -37.43
C LYS EC 52 17.91 90.96 -37.51
N GLN EC 53 16.88 90.44 -38.18
CA GLN EC 53 15.63 91.19 -38.30
C GLN EC 53 14.91 91.30 -36.97
N ALA EC 54 14.90 90.24 -36.17
CA ALA EC 54 14.26 90.31 -34.86
C ALA EC 54 14.96 91.30 -33.96
N GLY EC 55 16.30 91.35 -34.05
CA GLY EC 55 17.04 92.34 -33.30
C GLY EC 55 16.70 93.76 -33.71
N ASP EC 56 16.62 94.01 -35.03
CA ASP EC 56 16.24 95.34 -35.50
C ASP EC 56 14.84 95.72 -35.05
N GLN EC 57 13.90 94.77 -35.12
CA GLN EC 57 12.54 95.05 -34.70
C GLN EC 57 12.46 95.36 -33.21
N LEU EC 58 13.15 94.58 -32.38
CA LEU EC 58 13.15 94.83 -30.95
C LEU EC 58 13.80 96.18 -30.64
N PHE EC 59 14.89 96.51 -31.32
CA PHE EC 59 15.56 97.78 -31.06
C PHE EC 59 14.72 98.97 -31.47
N GLN EC 60 13.99 98.91 -32.58
CA GLN EC 60 13.20 100.09 -32.96
C GLN EC 60 11.85 100.10 -32.26
N ILE EC 61 11.45 98.98 -31.65
CA ILE EC 61 10.35 99.03 -30.69
C ILE EC 61 10.77 99.69 -29.40
N ARG EC 62 11.92 99.33 -28.84
CA ARG EC 62 12.45 100.02 -27.67
C ARG EC 62 13.92 100.33 -27.85
N PRO EC 63 14.26 101.55 -28.27
CA PRO EC 63 15.66 101.90 -28.49
C PRO EC 63 16.41 102.21 -27.20
N ASP EC 64 15.69 102.26 -26.09
CA ASP EC 64 16.27 102.64 -24.81
C ASP EC 64 17.31 101.63 -24.34
N VAL EC 65 17.18 100.38 -24.78
CA VAL EC 65 18.14 99.35 -24.38
C VAL EC 65 19.51 99.59 -24.99
N VAL EC 66 19.58 100.37 -26.07
CA VAL EC 66 20.85 100.70 -26.70
C VAL EC 66 21.21 102.12 -26.34
N SER EC 67 20.66 102.62 -25.25
CA SER EC 67 20.91 103.96 -24.75
C SER EC 67 22.02 103.91 -23.72
N PRO EC 68 22.53 105.06 -23.29
CA PRO EC 68 23.59 105.09 -22.27
C PRO EC 68 23.23 104.40 -20.97
N GLY EC 69 21.97 104.51 -20.56
CA GLY EC 69 21.53 103.86 -19.35
C GLY EC 69 20.85 102.53 -19.59
N GLY EC 70 21.08 101.95 -20.77
CA GLY EC 70 20.44 100.71 -21.18
C GLY EC 70 21.35 99.52 -20.92
N ASN EC 71 20.74 98.34 -20.81
CA ASN EC 71 21.50 97.13 -20.53
C ASN EC 71 22.38 96.73 -21.69
N ALA EC 72 21.91 96.95 -22.93
CA ALA EC 72 22.60 96.48 -24.13
C ALA EC 72 23.35 97.60 -24.85
N TYR EC 73 23.94 98.53 -24.11
CA TYR EC 73 24.65 99.65 -24.72
C TYR EC 73 26.06 99.23 -25.10
N GLY EC 74 26.37 99.30 -26.38
CA GLY EC 74 27.69 98.98 -26.89
C GLY EC 74 27.66 97.80 -27.84
N GLU EC 75 28.75 97.69 -28.61
CA GLU EC 75 28.86 96.62 -29.60
C GLU EC 75 28.87 95.24 -28.94
N LYS EC 76 29.75 95.03 -27.98
CA LYS EC 76 29.82 93.75 -27.29
C LYS EC 76 28.66 93.55 -26.34
N MET EC 77 28.01 94.63 -25.91
CA MET EC 77 26.80 94.51 -25.11
C MET EC 77 25.60 94.07 -25.94
N THR EC 78 25.56 94.46 -27.21
CA THR EC 78 24.47 94.07 -28.10
C THR EC 78 24.71 92.72 -28.74
N ALA EC 79 25.98 92.36 -28.97
CA ALA EC 79 26.31 91.04 -29.48
C ALA EC 79 25.82 89.94 -28.54
N LEU EC 80 25.89 90.17 -27.23
CA LEU EC 80 25.35 89.22 -26.26
C LEU EC 80 23.84 89.07 -26.36
N CYS EC 81 23.11 90.17 -26.57
CA CYS EC 81 21.66 90.07 -26.76
C CYS EC 81 21.33 89.29 -28.02
N LEU EC 82 22.07 89.55 -29.11
CA LEU EC 82 21.86 88.79 -30.34
C LEU EC 82 22.18 87.30 -30.15
N ARG EC 83 23.24 87.00 -29.41
CA ARG EC 83 23.57 85.61 -29.12
C ARG EC 83 22.48 84.94 -28.30
N ASP EC 84 21.89 85.67 -27.34
CA ASP EC 84 20.79 85.12 -26.57
C ASP EC 84 19.59 84.82 -27.47
N LEU EC 85 19.28 85.73 -28.40
CA LEU EC 85 18.19 85.49 -29.33
C LEU EC 85 18.47 84.26 -30.20
N ASP EC 86 19.71 84.09 -30.62
CA ASP EC 86 20.11 82.88 -31.33
C ASP EC 86 19.90 81.64 -30.46
N TYR EC 87 20.21 81.76 -29.17
CA TYR EC 87 20.00 80.65 -28.24
C TYR EC 87 18.54 80.22 -28.19
N TYR EC 88 17.64 81.19 -28.02
CA TYR EC 88 16.22 80.82 -27.97
C TYR EC 88 15.71 80.32 -29.32
N LEU EC 89 16.29 80.80 -30.43
CA LEU EC 89 15.89 80.24 -31.72
C LEU EC 89 16.30 78.78 -31.83
N ARG EC 90 17.51 78.44 -31.38
CA ARG EC 90 17.94 77.05 -31.36
C ARG EC 90 17.04 76.22 -30.45
N LEU EC 91 16.65 76.78 -29.31
CA LEU EC 91 15.77 76.05 -28.39
C LEU EC 91 14.41 75.79 -29.00
N VAL EC 92 13.85 76.78 -29.71
CA VAL EC 92 12.53 76.56 -30.30
C VAL EC 92 12.62 75.56 -31.46
N THR EC 93 13.75 75.54 -32.18
CA THR EC 93 13.95 74.48 -33.17
C THR EC 93 13.98 73.10 -32.52
N TYR EC 94 14.66 72.99 -31.37
CA TYR EC 94 14.69 71.73 -30.62
C TYR EC 94 13.28 71.34 -30.18
N GLY EC 95 12.50 72.31 -29.70
CA GLY EC 95 11.14 72.01 -29.28
C GLY EC 95 10.27 71.58 -30.45
N ILE EC 96 10.50 72.17 -31.62
CA ILE EC 96 9.75 71.77 -32.81
C ILE EC 96 10.06 70.33 -33.17
N VAL EC 97 11.34 69.95 -33.14
CA VAL EC 97 11.66 68.56 -33.47
C VAL EC 97 11.17 67.59 -32.38
N ALA EC 98 11.17 68.03 -31.11
CA ALA EC 98 10.77 67.15 -30.03
C ALA EC 98 9.27 66.94 -29.95
N GLY EC 99 8.48 67.96 -30.27
CA GLY EC 99 7.03 67.83 -30.24
C GLY EC 99 6.35 68.39 -29.03
N ASP EC 100 7.09 68.70 -27.97
CA ASP EC 100 6.53 69.39 -26.80
C ASP EC 100 7.72 70.00 -26.08
N VAL EC 101 7.47 70.80 -25.04
CA VAL EC 101 8.41 71.81 -24.58
C VAL EC 101 9.28 71.35 -23.41
N THR EC 102 9.56 70.07 -23.27
CA THR EC 102 10.48 69.63 -22.23
C THR EC 102 11.89 70.17 -22.40
N PRO EC 103 12.52 70.04 -23.58
CA PRO EC 103 13.88 70.60 -23.74
C PRO EC 103 13.93 72.11 -23.56
N ILE EC 104 12.96 72.83 -24.10
CA ILE EC 104 12.91 74.28 -23.91
C ILE EC 104 12.74 74.63 -22.45
N GLU EC 105 11.86 73.91 -21.74
CA GLU EC 105 11.63 74.14 -20.33
C GLU EC 105 12.89 73.89 -19.51
N GLU EC 106 13.62 72.81 -19.82
CA GLU EC 106 14.77 72.46 -19.01
C GLU EC 106 16.00 73.26 -19.39
N ILE EC 107 15.99 73.92 -20.54
CA ILE EC 107 17.19 74.62 -20.98
C ILE EC 107 17.08 76.13 -20.83
N GLY EC 108 15.91 76.73 -21.04
CA GLY EC 108 15.90 78.17 -21.19
C GLY EC 108 14.82 78.99 -20.53
N ILE EC 109 13.99 78.42 -19.66
CA ILE EC 109 12.94 79.19 -18.99
C ILE EC 109 12.95 78.99 -17.48
N ILE EC 110 13.45 77.86 -16.99
CA ILE EC 110 13.47 77.63 -15.56
C ILE EC 110 14.68 78.34 -14.97
N GLY EC 111 14.43 79.25 -14.03
CA GLY EC 111 15.47 80.08 -13.46
C GLY EC 111 15.84 81.28 -14.31
N VAL EC 112 15.19 81.44 -15.47
CA VAL EC 112 15.51 82.56 -16.35
C VAL EC 112 15.14 83.88 -15.69
N LYS EC 113 14.07 83.88 -14.88
CA LYS EC 113 13.70 85.08 -14.13
C LYS EC 113 14.82 85.48 -13.17
N GLU EC 114 15.36 84.51 -12.42
CA GLU EC 114 16.43 84.81 -11.48
C GLU EC 114 17.69 85.26 -12.21
N MET EC 115 18.03 84.61 -13.32
CA MET EC 115 19.24 84.96 -14.05
C MET EC 115 19.13 86.38 -14.63
N TYR EC 116 17.98 86.71 -15.21
CA TYR EC 116 17.84 88.03 -15.81
C TYR EC 116 17.68 89.10 -14.75
N ASN EC 117 17.10 88.78 -13.59
CA ASN EC 117 17.09 89.72 -12.49
C ASN EC 117 18.50 89.99 -11.99
N SER EC 118 19.33 88.95 -11.92
CA SER EC 118 20.73 89.14 -11.53
C SER EC 118 21.48 89.99 -12.54
N LEU EC 119 21.24 89.75 -13.83
CA LEU EC 119 21.93 90.51 -14.86
C LEU EC 119 21.32 91.89 -15.07
N GLN EC 120 20.17 92.18 -14.46
CA GLN EC 120 19.49 93.46 -14.63
C GLN EC 120 19.10 93.70 -16.09
N THR EC 121 18.63 92.66 -16.76
CA THR EC 121 18.19 92.79 -18.14
C THR EC 121 16.67 92.79 -18.22
N PRO EC 122 16.08 93.61 -19.08
CA PRO EC 122 14.61 93.70 -19.16
C PRO EC 122 13.99 92.44 -19.75
N ILE EC 123 13.34 91.66 -18.88
CA ILE EC 123 12.66 90.45 -19.35
C ILE EC 123 11.53 90.75 -20.32
N PRO EC 124 10.65 91.72 -20.08
CA PRO EC 124 9.67 92.09 -21.11
C PRO EC 124 10.29 92.53 -22.42
N ALA EC 125 11.43 93.20 -22.39
CA ALA EC 125 12.12 93.53 -23.63
C ALA EC 125 12.60 92.28 -24.34
N VAL EC 126 13.09 91.30 -23.59
CA VAL EC 126 13.49 90.03 -24.19
C VAL EC 126 12.29 89.33 -24.81
N ALA EC 127 11.12 89.44 -24.17
CA ALA EC 127 9.92 88.83 -24.72
C ALA EC 127 9.54 89.47 -26.05
N GLU EC 128 9.62 90.80 -26.15
CA GLU EC 128 9.34 91.46 -27.41
C GLU EC 128 10.37 91.09 -28.47
N GLY EC 129 11.63 90.95 -28.07
CA GLY EC 129 12.63 90.47 -29.00
C GLY EC 129 12.33 89.07 -29.52
N VAL EC 130 11.80 88.22 -28.66
CA VAL EC 130 11.38 86.89 -29.09
C VAL EC 130 10.22 86.98 -30.07
N ARG EC 131 9.26 87.86 -29.79
CA ARG EC 131 8.12 88.03 -30.68
C ARG EC 131 8.55 88.54 -32.06
N ALA EC 132 9.60 89.36 -32.09
CA ALA EC 132 10.17 89.76 -33.38
C ALA EC 132 10.70 88.55 -34.14
N MET EC 133 11.37 87.64 -33.43
CA MET EC 133 11.80 86.38 -34.04
C MET EC 133 10.59 85.57 -34.51
N LYS EC 134 9.51 85.61 -33.74
CA LYS EC 134 8.24 84.99 -34.14
C LYS EC 134 7.79 85.50 -35.51
N ASN EC 135 7.74 86.82 -35.67
CA ASN EC 135 7.28 87.41 -36.92
C ASN EC 135 8.20 87.04 -38.07
N VAL EC 136 9.51 87.17 -37.86
CA VAL EC 136 10.47 86.91 -38.94
C VAL EC 136 10.44 85.45 -39.35
N ALA EC 137 10.29 84.55 -38.38
CA ALA EC 137 10.26 83.12 -38.68
C ALA EC 137 8.96 82.73 -39.37
N THR EC 138 7.83 83.27 -38.92
CA THR EC 138 6.57 82.93 -39.56
C THR EC 138 6.47 83.53 -40.96
N SER EC 139 7.26 84.57 -41.23
CA SER EC 139 7.32 85.10 -42.60
C SER EC 139 8.02 84.16 -43.58
N LEU EC 140 8.73 83.14 -43.10
CA LEU EC 140 9.49 82.25 -43.98
C LEU EC 140 8.91 80.84 -44.04
N LEU EC 141 7.64 80.67 -43.69
CA LEU EC 141 7.02 79.36 -43.67
C LEU EC 141 5.62 79.44 -44.26
N SER EC 142 5.13 78.28 -44.71
CA SER EC 142 3.75 78.17 -45.13
C SER EC 142 2.82 78.34 -43.93
N GLY EC 143 1.52 78.43 -44.20
CA GLY EC 143 0.56 78.77 -43.18
C GLY EC 143 0.48 77.83 -41.99
N ASP EC 144 0.38 76.52 -42.25
CA ASP EC 144 0.27 75.58 -41.14
C ASP EC 144 1.63 75.33 -40.47
N ASP EC 145 2.71 75.33 -41.27
CA ASP EC 145 4.04 75.37 -40.67
C ASP EC 145 4.25 76.65 -39.85
N ALA EC 146 3.76 77.78 -40.34
CA ALA EC 146 3.86 79.02 -39.57
C ALA EC 146 3.10 78.90 -38.26
N ALA EC 147 1.91 78.31 -38.28
CA ALA EC 147 1.16 78.08 -37.05
C ALA EC 147 1.91 77.16 -36.10
N GLU EC 148 2.52 76.11 -36.65
CA GLU EC 148 3.24 75.14 -35.82
C GLU EC 148 4.42 75.78 -35.12
N ALA EC 149 5.25 76.52 -35.86
CA ALA EC 149 6.40 77.19 -35.24
C ALA EC 149 5.93 78.30 -34.29
N GLY EC 150 4.90 79.04 -34.67
CA GLY EC 150 4.45 80.13 -33.86
C GLY EC 150 3.82 79.68 -32.56
N PHE EC 151 3.32 78.45 -32.52
CA PHE EC 151 2.81 77.94 -31.25
C PHE EC 151 3.93 77.81 -30.23
N TYR EC 152 5.08 77.27 -30.64
CA TYR EC 152 6.23 77.20 -29.75
C TYR EC 152 6.77 78.59 -29.41
N PHE EC 153 6.76 79.51 -30.38
CA PHE EC 153 7.20 80.87 -30.11
C PHE EC 153 6.30 81.53 -29.07
N ASP EC 154 4.99 81.35 -29.19
CA ASP EC 154 4.07 81.88 -28.20
C ASP EC 154 4.24 81.19 -26.85
N TYR EC 155 4.63 79.92 -26.85
CA TYR EC 155 4.94 79.25 -25.60
C TYR EC 155 6.12 79.93 -24.91
N LEU EC 156 7.16 80.24 -25.66
CA LEU EC 156 8.32 80.94 -25.09
C LEU EC 156 7.92 82.31 -24.58
N VAL EC 157 7.07 83.01 -25.33
CA VAL EC 157 6.61 84.34 -24.92
C VAL EC 157 5.85 84.26 -23.60
N GLY EC 158 4.98 83.25 -23.47
CA GLY EC 158 4.27 83.08 -22.22
C GLY EC 158 5.17 82.68 -21.08
N ALA EC 159 6.16 81.81 -21.36
CA ALA EC 159 7.03 81.32 -20.29
C ALA EC 159 7.96 82.40 -19.79
N MET EC 160 8.29 83.39 -20.64
CA MET EC 160 9.11 84.50 -20.19
C MET EC 160 8.43 85.29 -19.08
N GLN EC 161 7.12 85.52 -19.21
CA GLN EC 161 6.37 86.21 -18.16
C GLN EC 161 5.11 85.45 -17.79
N MET FC 1 14.66 60.80 -17.10
CA MET FC 1 14.74 59.80 -18.17
C MET FC 1 14.94 60.47 -19.52
N GLN FC 2 15.48 59.71 -20.47
CA GLN FC 2 15.71 60.22 -21.82
C GLN FC 2 15.51 59.11 -22.82
N ASP FC 3 15.10 59.50 -24.02
CA ASP FC 3 14.78 58.59 -25.11
C ASP FC 3 15.77 58.83 -26.25
N ALA FC 4 15.48 58.23 -27.41
CA ALA FC 4 16.37 58.40 -28.56
C ALA FC 4 16.44 59.86 -29.00
N ILE FC 5 15.29 60.49 -29.20
CA ILE FC 5 15.25 61.86 -29.72
C ILE FC 5 15.85 62.84 -28.72
N THR FC 6 15.42 62.75 -27.46
CA THR FC 6 15.95 63.64 -26.44
C THR FC 6 17.42 63.37 -26.19
N ALA FC 7 17.85 62.11 -26.32
CA ALA FC 7 19.26 61.80 -26.16
C ALA FC 7 20.10 62.46 -27.24
N VAL FC 8 19.63 62.41 -28.49
CA VAL FC 8 20.34 63.07 -29.58
C VAL FC 8 20.38 64.58 -29.35
N ILE FC 9 19.25 65.15 -28.94
CA ILE FC 9 19.17 66.59 -28.74
C ILE FC 9 20.09 67.02 -27.62
N ASN FC 10 20.10 66.29 -26.51
CA ASN FC 10 20.96 66.64 -25.39
C ASN FC 10 22.43 66.46 -25.74
N ASN FC 11 22.79 65.38 -26.44
CA ASN FC 11 24.21 65.15 -26.72
C ASN FC 11 24.68 66.06 -27.85
N TYR FC 12 23.77 66.75 -28.54
CA TYR FC 12 24.21 67.84 -29.39
C TYR FC 12 24.23 69.18 -28.67
N ASP FC 13 23.33 69.38 -27.71
CA ASP FC 13 23.27 70.66 -27.02
C ASP FC 13 24.44 70.86 -26.07
N VAL FC 14 24.84 69.79 -25.35
CA VAL FC 14 25.95 69.93 -24.42
C VAL FC 14 27.26 70.25 -25.13
N GLN FC 15 27.39 69.89 -26.40
CA GLN FC 15 28.50 70.34 -27.22
C GLN FC 15 28.15 71.55 -28.05
N GLY FC 16 26.91 72.04 -27.94
CA GLY FC 16 26.57 73.34 -28.52
C GLY FC 16 26.53 73.35 -30.03
N LYS FC 17 26.37 72.18 -30.65
CA LYS FC 17 26.32 72.07 -32.10
C LYS FC 17 24.87 72.04 -32.56
N TYR FC 18 24.67 72.21 -33.87
CA TYR FC 18 23.34 72.03 -34.43
C TYR FC 18 23.15 70.61 -34.94
N LEU FC 19 21.91 70.30 -35.29
CA LEU FC 19 21.58 68.96 -35.77
C LEU FC 19 22.25 68.70 -37.11
N ASP FC 20 23.24 67.80 -37.10
CA ASP FC 20 24.05 67.46 -38.25
C ASP FC 20 23.54 66.17 -38.88
N GLY FC 21 24.27 65.69 -39.90
CA GLY FC 21 23.84 64.50 -40.60
C GLY FC 21 23.84 63.26 -39.74
N ALA FC 22 24.82 63.14 -38.83
CA ALA FC 22 24.88 61.97 -37.96
C ALA FC 22 23.67 61.89 -37.04
N ALA FC 23 23.35 63.00 -36.36
CA ALA FC 23 22.19 63.01 -35.48
C ALA FC 23 20.89 62.84 -36.26
N LEU FC 24 20.83 63.45 -37.45
CA LEU FC 24 19.66 63.26 -38.30
C LEU FC 24 19.49 61.79 -38.67
N ASP FC 25 20.56 61.12 -39.06
CA ASP FC 25 20.46 59.71 -39.41
C ASP FC 25 20.07 58.86 -38.21
N LYS FC 26 20.57 59.23 -37.02
CA LYS FC 26 20.15 58.55 -35.80
C LYS FC 26 18.66 58.72 -35.57
N LEU FC 27 18.15 59.93 -35.80
CA LEU FC 27 16.74 60.19 -35.50
C LEU FC 27 15.82 59.50 -36.51
N LYS FC 28 16.17 59.50 -37.80
CA LYS FC 28 15.38 58.67 -38.73
C LYS FC 28 15.56 57.18 -38.45
N ALA FC 29 16.71 56.79 -37.89
CA ALA FC 29 16.87 55.40 -37.49
C ALA FC 29 15.89 55.04 -36.39
N TYR FC 30 15.63 55.97 -35.47
CA TYR FC 30 14.57 55.72 -34.50
C TYR FC 30 13.19 55.81 -35.15
N PHE FC 31 12.99 56.77 -36.06
CA PHE FC 31 11.67 57.02 -36.63
C PHE FC 31 11.17 55.85 -37.45
N THR FC 32 12.09 55.19 -38.17
CA THR FC 32 11.70 54.07 -39.03
C THR FC 32 11.09 52.91 -38.24
N THR FC 33 11.51 52.73 -36.99
CA THR FC 33 11.03 51.63 -36.17
C THR FC 33 9.93 52.05 -35.19
N GLY FC 34 9.24 53.15 -35.45
CA GLY FC 34 8.24 53.62 -34.52
C GLY FC 34 7.04 52.69 -34.43
N ALA FC 35 6.57 52.21 -35.57
CA ALA FC 35 5.34 51.41 -35.60
C ALA FC 35 5.54 50.07 -34.90
N VAL FC 36 6.70 49.44 -35.11
CA VAL FC 36 6.96 48.13 -34.51
C VAL FC 36 6.97 48.25 -32.99
N ARG FC 37 7.60 49.28 -32.45
CA ARG FC 37 7.68 49.47 -31.01
C ARG FC 37 6.29 49.67 -30.40
N VAL FC 38 5.45 50.50 -31.03
CA VAL FC 38 4.13 50.77 -30.47
C VAL FC 38 3.25 49.54 -30.57
N ARG FC 39 3.38 48.78 -31.66
CA ARG FC 39 2.61 47.54 -31.79
C ARG FC 39 3.00 46.54 -30.72
N ALA FC 40 4.31 46.38 -30.49
CA ALA FC 40 4.77 45.46 -29.46
C ALA FC 40 4.32 45.91 -28.08
N ALA FC 41 4.36 47.22 -27.82
CA ALA FC 41 3.91 47.74 -26.54
C ALA FC 41 2.42 47.48 -26.32
N ALA FC 42 1.61 47.67 -27.36
CA ALA FC 42 0.18 47.39 -27.25
C ALA FC 42 -0.07 45.91 -26.98
N VAL FC 43 0.67 45.03 -27.66
CA VAL FC 43 0.51 43.59 -27.42
C VAL FC 43 0.88 43.24 -25.99
N ILE FC 44 1.97 43.81 -25.49
CA ILE FC 44 2.41 43.51 -24.13
C ILE FC 44 1.39 44.02 -23.12
N SER FC 45 0.85 45.22 -23.34
CA SER FC 45 -0.14 45.76 -22.43
C SER FC 45 -1.40 44.91 -22.42
N SER FC 46 -1.83 44.44 -23.59
CA SER FC 46 -3.00 43.58 -23.63
C SER FC 46 -2.77 42.23 -22.98
N ASN FC 47 -1.55 41.68 -23.08
CA ASN FC 47 -1.25 40.38 -22.50
C ASN FC 47 -0.39 40.45 -21.25
N ALA FC 48 -0.48 41.53 -20.47
CA ALA FC 48 0.35 41.72 -19.29
C ALA FC 48 0.20 40.61 -18.25
N THR FC 49 -1.04 40.31 -17.85
CA THR FC 49 -1.23 39.37 -16.75
C THR FC 49 -0.89 37.94 -17.15
N THR FC 50 -1.20 37.57 -18.40
CA THR FC 50 -0.89 36.21 -18.86
C THR FC 50 0.62 35.97 -18.91
N ILE FC 51 1.39 36.98 -19.30
CA ILE FC 51 2.84 36.83 -19.36
C ILE FC 51 3.40 36.58 -17.96
N ILE FC 52 2.93 37.34 -16.96
CA ILE FC 52 3.39 37.16 -15.60
C ILE FC 52 2.99 35.79 -15.08
N LYS FC 53 1.76 35.36 -15.40
CA LYS FC 53 1.29 34.06 -14.95
C LYS FC 53 2.15 32.93 -15.52
N GLU FC 54 2.42 32.97 -16.83
CA GLU FC 54 3.23 31.93 -17.44
C GLU FC 54 4.67 31.96 -16.94
N ALA FC 55 5.25 33.16 -16.77
CA ALA FC 55 6.61 33.23 -16.27
C ALA FC 55 6.72 32.70 -14.85
N ALA FC 56 5.76 33.04 -13.99
CA ALA FC 56 5.76 32.50 -12.63
C ALA FC 56 5.59 31.00 -12.65
N ALA FC 57 4.71 30.48 -13.52
CA ALA FC 57 4.51 29.04 -13.60
C ALA FC 57 5.77 28.33 -14.05
N LYS FC 58 6.50 28.89 -15.01
CA LYS FC 58 7.71 28.25 -15.49
C LYS FC 58 8.89 28.36 -14.54
N ALA FC 59 9.02 29.46 -13.80
CA ALA FC 59 10.25 29.72 -13.08
C ALA FC 59 10.14 29.75 -11.56
N LEU FC 60 9.00 30.07 -10.98
CA LEU FC 60 8.97 30.32 -9.54
C LEU FC 60 8.12 29.30 -8.77
N ILE FC 61 6.83 29.19 -9.11
CA ILE FC 61 5.91 28.42 -8.30
C ILE FC 61 6.09 26.93 -8.55
N TYR FC 62 5.44 26.10 -7.74
CA TYR FC 62 5.63 24.64 -7.77
C TYR FC 62 7.07 24.28 -7.44
N SER FC 63 7.63 24.94 -6.43
CA SER FC 63 9.00 24.68 -6.02
C SER FC 63 9.12 24.94 -4.53
N ASP FC 64 10.36 25.04 -4.06
CA ASP FC 64 10.60 25.31 -2.65
C ASP FC 64 10.36 26.79 -2.33
N LEU FC 65 10.23 27.63 -3.35
CA LEU FC 65 9.97 29.03 -3.10
C LEU FC 65 8.60 29.23 -2.45
N THR FC 66 7.59 28.52 -2.93
CA THR FC 66 6.23 28.70 -2.44
C THR FC 66 5.91 27.81 -1.24
N ARG FC 67 6.79 26.90 -0.88
CA ARG FC 67 6.63 26.10 0.33
C ARG FC 67 7.14 26.90 1.52
N PRO FC 68 6.81 26.47 2.74
CA PRO FC 68 7.36 27.14 3.93
C PRO FC 68 8.87 27.11 3.95
N GLY FC 69 9.47 28.23 4.35
CA GLY FC 69 10.89 28.44 4.24
C GLY FC 69 11.32 29.11 2.97
N GLY FC 70 10.46 29.14 1.95
CA GLY FC 70 10.74 29.86 0.73
C GLY FC 70 10.34 31.31 0.88
N MEN FC 71 10.95 32.18 0.09
CA MEN FC 71 10.71 33.59 0.23
C MEN FC 71 9.35 34.00 -0.30
O MEN FC 71 8.74 35.00 0.06
CB MEN FC 71 11.75 34.48 -0.49
CG MEN FC 71 11.61 35.89 0.01
OD1 MEN FC 71 11.08 36.77 -0.70
ND2 MEN FC 71 12.06 36.17 1.28
CE2 MEN FC 71 11.98 37.47 1.87
N MET FC 72 8.85 33.17 -1.20
CA MET FC 72 7.60 33.47 -1.88
C MET FC 72 6.42 32.86 -1.14
N TYR FC 73 6.71 32.25 0.01
CA TYR FC 73 5.67 31.70 0.86
C TYR FC 73 4.89 32.85 1.49
N THR FC 74 3.61 32.59 1.81
CA THR FC 74 2.65 33.53 2.39
C THR FC 74 2.07 34.45 1.33
N THR FC 75 0.81 34.83 1.52
CA THR FC 75 0.09 35.61 0.53
C THR FC 75 0.71 36.98 0.32
N ARG FC 76 1.20 37.60 1.40
CA ARG FC 76 1.83 38.91 1.31
C ARG FC 76 3.05 38.87 0.41
N ARG FC 77 3.91 37.88 0.61
CA ARG FC 77 5.11 37.76 -0.20
C ARG FC 77 4.81 37.34 -1.62
N TYR FC 78 3.79 36.48 -1.83
CA TYR FC 78 3.40 36.13 -3.19
C TYR FC 78 2.92 37.36 -3.97
N ALA FC 79 2.07 38.17 -3.32
CA ALA FC 79 1.58 39.38 -3.98
C ALA FC 79 2.72 40.35 -4.26
N ALA FC 80 3.66 40.49 -3.32
CA ALA FC 80 4.80 41.36 -3.55
C ALA FC 80 5.67 40.88 -4.71
N CYS FC 81 5.86 39.56 -4.82
CA CYS FC 81 6.69 39.04 -5.90
C CYS FC 81 6.04 39.26 -7.26
N ILE FC 82 4.74 38.99 -7.37
CA ILE FC 82 4.09 39.25 -8.66
C ILE FC 82 4.03 40.75 -8.96
N ARG FC 83 3.96 41.59 -7.92
CA ARG FC 83 4.05 43.04 -8.14
C ARG FC 83 5.42 43.41 -8.70
N ASP FC 84 6.48 42.79 -8.18
CA ASP FC 84 7.82 43.05 -8.70
C ASP FC 84 7.94 42.62 -10.15
N MET FC 85 7.34 41.48 -10.50
CA MET FC 85 7.33 41.03 -11.88
C MET FC 85 6.63 42.05 -12.78
N ASP FC 86 5.50 42.58 -12.31
CA ASP FC 86 4.81 43.61 -13.07
C ASP FC 86 5.66 44.86 -13.23
N TYR FC 87 6.40 45.22 -12.17
CA TYR FC 87 7.35 46.34 -12.24
C TYR FC 87 8.34 46.15 -13.38
N PHE FC 88 8.97 44.98 -13.41
CA PHE FC 88 10.00 44.71 -14.40
C PHE FC 88 9.42 44.73 -15.81
N LEU FC 89 8.24 44.13 -15.98
CA LEU FC 89 7.61 44.10 -17.30
C LEU FC 89 7.25 45.49 -17.78
N ARG FC 90 6.65 46.30 -16.91
CA ARG FC 90 6.21 47.63 -17.33
C ARG FC 90 7.41 48.53 -17.65
N TYR FC 91 8.48 48.44 -16.85
CA TYR FC 91 9.63 49.29 -17.14
C TYR FC 91 10.37 48.81 -18.39
N ALA FC 92 10.38 47.49 -18.64
CA ALA FC 92 10.94 47.00 -19.90
C ALA FC 92 10.13 47.50 -21.09
N THR FC 93 8.81 47.56 -20.94
CA THR FC 93 7.98 48.14 -22.00
C THR FC 93 8.29 49.61 -22.24
N TYR FC 94 8.47 50.38 -21.17
CA TYR FC 94 8.82 51.79 -21.33
C TYR FC 94 10.17 51.94 -22.03
N ALA FC 95 11.15 51.13 -21.63
CA ALA FC 95 12.47 51.20 -22.24
C ALA FC 95 12.41 50.80 -23.72
N MET FC 96 11.60 49.80 -24.05
CA MET FC 96 11.45 49.41 -25.45
C MET FC 96 10.80 50.52 -26.26
N LEU FC 97 9.79 51.19 -25.70
CA LEU FC 97 9.16 52.29 -26.41
C LEU FC 97 10.14 53.44 -26.64
N ALA FC 98 10.93 53.78 -25.62
CA ALA FC 98 11.80 54.94 -25.73
C ALA FC 98 13.11 54.64 -26.44
N GLY FC 99 13.45 53.37 -26.62
CA GLY FC 99 14.72 53.02 -27.23
C GLY FC 99 15.92 53.46 -26.42
N ASP FC 100 15.87 53.29 -25.10
CA ASP FC 100 16.95 53.76 -24.24
C ASP FC 100 16.83 53.12 -22.86
N PRO FC 101 17.89 52.52 -22.34
CA PRO FC 101 17.85 51.95 -20.98
C PRO FC 101 18.10 52.96 -19.88
N SER FC 102 18.08 54.26 -20.17
CA SER FC 102 18.30 55.26 -19.14
C SER FC 102 17.21 55.23 -18.10
N ILE FC 103 15.96 54.96 -18.52
CA ILE FC 103 14.88 54.83 -17.54
C ILE FC 103 15.11 53.62 -16.66
N LEU FC 104 15.65 52.53 -17.21
CA LEU FC 104 15.98 51.38 -16.39
C LEU FC 104 17.06 51.70 -15.38
N ASP FC 105 18.08 52.46 -15.78
CA ASP FC 105 19.13 52.83 -14.84
C ASP FC 105 18.62 53.77 -13.75
N GLU FC 106 17.76 54.71 -14.11
CA GLU FC 106 17.37 55.72 -13.13
C GLU FC 106 16.28 55.23 -12.19
N ARG FC 107 15.32 54.44 -12.71
CA ARG FC 107 14.15 54.13 -11.92
C ARG FC 107 13.95 52.64 -11.62
N VAL FC 108 14.90 51.78 -11.97
CA VAL FC 108 14.74 50.37 -11.66
C VAL FC 108 15.92 49.83 -10.87
N LEU FC 109 17.14 50.01 -11.40
CA LEU FC 109 18.28 49.31 -10.84
C LEU FC 109 19.01 50.10 -9.77
N ASN FC 110 18.65 51.37 -9.56
CA ASN FC 110 19.37 52.17 -8.57
C ASN FC 110 19.04 51.72 -7.15
N GLY FC 111 19.99 51.05 -6.49
CA GLY FC 111 19.78 50.60 -5.14
C GLY FC 111 18.94 49.35 -5.02
N LEU FC 112 18.49 48.78 -6.13
CA LEU FC 112 17.67 47.57 -6.08
C LEU FC 112 18.45 46.40 -5.49
N LYS FC 113 19.74 46.30 -5.83
CA LYS FC 113 20.56 45.22 -5.33
C LYS FC 113 20.66 45.25 -3.81
N GLU FC 114 20.94 46.43 -3.26
CA GLU FC 114 21.04 46.57 -1.81
C GLU FC 114 19.69 46.41 -1.13
N THR FC 115 18.61 46.87 -1.76
CA THR FC 115 17.29 46.67 -1.19
C THR FC 115 16.92 45.20 -1.11
N TYR FC 116 17.19 44.45 -2.18
CA TYR FC 116 16.92 43.02 -2.18
C TYR FC 116 17.78 42.29 -1.16
N ASN FC 117 19.05 42.70 -1.03
CA ASN FC 117 19.91 42.08 -0.03
C ASN FC 117 19.42 42.36 1.38
N SER FC 118 18.91 43.57 1.63
CA SER FC 118 18.36 43.89 2.93
C SER FC 118 17.09 43.10 3.22
N LEU FC 119 16.23 42.93 2.23
CA LEU FC 119 14.97 42.21 2.44
C LEU FC 119 15.12 40.70 2.42
N GLY FC 120 16.23 40.18 1.91
CA GLY FC 120 16.41 38.75 1.81
C GLY FC 120 15.82 38.13 0.56
N VAL FC 121 15.46 38.92 -0.44
CA VAL FC 121 14.87 38.42 -1.67
C VAL FC 121 15.93 37.65 -2.47
N PRO FC 122 15.58 36.52 -3.05
CA PRO FC 122 16.52 35.79 -3.91
C PRO FC 122 16.76 36.45 -5.25
N ILE FC 123 17.94 37.05 -5.43
CA ILE FC 123 18.22 37.79 -6.65
C ILE FC 123 18.34 36.87 -7.85
N ALA FC 124 18.91 35.68 -7.64
CA ALA FC 124 19.01 34.70 -8.73
C ALA FC 124 17.63 34.26 -9.20
N ALA FC 125 16.72 34.02 -8.25
CA ALA FC 125 15.35 33.68 -8.62
C ALA FC 125 14.68 34.83 -9.34
N THR FC 126 14.94 36.08 -8.93
CA THR FC 126 14.37 37.21 -9.62
C THR FC 126 14.87 37.30 -11.06
N VAL FC 127 16.16 37.04 -11.27
CA VAL FC 127 16.72 37.09 -12.62
C VAL FC 127 16.12 35.97 -13.47
N GLY FC 128 15.93 34.79 -12.88
CA GLY FC 128 15.27 33.72 -13.60
C GLY FC 128 13.85 34.06 -14.01
N GLY FC 129 13.10 34.69 -13.11
CA GLY FC 129 11.77 35.15 -13.46
C GLY FC 129 11.77 36.18 -14.57
N ILE FC 130 12.74 37.11 -14.54
CA ILE FC 130 12.84 38.13 -15.58
C ILE FC 130 13.13 37.47 -16.92
N GLN FC 131 14.01 36.47 -16.93
CA GLN FC 131 14.28 35.77 -18.19
C GLN FC 131 13.08 34.97 -18.69
N ALA FC 132 12.29 34.37 -17.79
CA ALA FC 132 11.09 33.70 -18.24
C ALA FC 132 10.11 34.68 -18.86
N MET FC 133 9.95 35.86 -18.24
CA MET FC 133 9.11 36.89 -18.82
C MET FC 133 9.63 37.34 -20.18
N LYS FC 134 10.97 37.42 -20.32
CA LYS FC 134 11.55 37.79 -21.60
C LYS FC 134 11.24 36.75 -22.67
N GLU FC 135 11.32 35.47 -22.32
CA GLU FC 135 11.00 34.41 -23.26
C GLU FC 135 9.55 34.48 -23.71
N VAL FC 136 8.64 34.70 -22.76
CA VAL FC 136 7.22 34.77 -23.10
C VAL FC 136 6.93 35.99 -23.97
N VAL FC 137 7.57 37.11 -23.65
CA VAL FC 137 7.35 38.34 -24.43
C VAL FC 137 7.89 38.18 -25.84
N GLY FC 138 9.05 37.55 -25.97
CA GLY FC 138 9.59 37.27 -27.29
C GLY FC 138 8.72 36.34 -28.09
N GLY FC 139 8.07 35.39 -27.42
CA GLY FC 139 7.10 34.56 -28.10
C GLY FC 139 5.91 35.34 -28.60
N LEU FC 140 5.37 36.21 -27.74
CA LEU FC 140 4.15 36.94 -28.10
C LEU FC 140 4.40 37.97 -29.21
N VAL FC 141 5.43 38.80 -29.05
CA VAL FC 141 5.61 39.92 -29.97
C VAL FC 141 6.03 39.47 -31.37
N GLY FC 142 6.83 38.41 -31.49
CA GLY FC 142 7.29 37.96 -32.78
C GLY FC 142 8.65 38.54 -33.12
N PRO FC 143 9.28 37.99 -34.18
CA PRO FC 143 10.58 38.47 -34.65
C PRO FC 143 10.72 39.97 -34.89
N ASP FC 144 9.60 40.66 -35.19
CA ASP FC 144 9.61 42.09 -35.47
C ASP FC 144 10.22 42.89 -34.33
N ALA FC 145 9.72 42.69 -33.11
CA ALA FC 145 10.22 43.38 -31.94
C ALA FC 145 10.83 42.44 -30.91
N ALA FC 146 11.09 41.19 -31.27
CA ALA FC 146 11.64 40.24 -30.29
C ALA FC 146 13.01 40.67 -29.80
N LYS FC 147 13.89 41.08 -30.72
CA LYS FC 147 15.24 41.45 -30.33
C LYS FC 147 15.26 42.74 -29.52
N GLU FC 148 14.50 43.75 -29.96
CA GLU FC 148 14.43 45.01 -29.24
C GLU FC 148 13.85 44.82 -27.85
N ALA FC 149 12.82 44.00 -27.73
CA ALA FC 149 12.28 43.68 -26.42
C ALA FC 149 13.31 42.94 -25.57
N SER FC 150 14.06 42.01 -26.18
CA SER FC 150 14.95 41.16 -25.41
C SER FC 150 16.15 41.92 -24.88
N ILE FC 151 16.60 42.95 -25.60
CA ILE FC 151 17.79 43.67 -25.16
C ILE FC 151 17.57 44.37 -23.82
N TYR FC 152 16.39 44.93 -23.58
CA TYR FC 152 16.16 45.59 -22.31
C TYR FC 152 15.91 44.62 -21.16
N PHE FC 153 15.27 43.48 -21.41
CA PHE FC 153 15.21 42.44 -20.39
C PHE FC 153 16.61 41.94 -20.04
N ASP FC 154 17.46 41.78 -21.04
CA ASP FC 154 18.84 41.38 -20.79
C ASP FC 154 19.60 42.46 -20.01
N TYR FC 155 19.33 43.74 -20.30
CA TYR FC 155 19.94 44.81 -19.53
C TYR FC 155 19.51 44.76 -18.07
N LEU FC 156 18.22 44.52 -17.82
CA LEU FC 156 17.74 44.40 -16.44
C LEU FC 156 18.40 43.22 -15.73
N SER FC 157 18.49 42.07 -16.41
CA SER FC 157 19.11 40.91 -15.81
C SER FC 157 20.58 41.13 -15.51
N SER FC 158 21.32 41.71 -16.45
CA SER FC 158 22.73 42.01 -16.21
C SER FC 158 22.93 43.03 -15.10
N GLY FC 159 22.06 44.03 -14.99
CA GLY FC 159 22.17 44.96 -13.88
C GLY FC 159 21.92 44.31 -12.54
N LEU FC 160 20.88 43.48 -12.44
CA LEU FC 160 20.58 42.80 -11.19
C LEU FC 160 21.68 41.81 -10.79
N SER FC 161 22.20 41.05 -11.74
CA SER FC 161 23.20 40.04 -11.42
C SER FC 161 24.62 40.59 -11.52
N SER GC 2 7.03 -26.98 -33.22
CA SER GC 2 7.01 -28.14 -32.34
C SER GC 2 7.51 -29.37 -33.08
N VAL GC 3 7.46 -30.52 -32.38
CA VAL GC 3 7.89 -31.78 -32.97
C VAL GC 3 7.01 -32.14 -34.14
N LEU GC 4 5.70 -31.93 -34.02
CA LEU GC 4 4.79 -32.11 -35.14
C LEU GC 4 5.19 -31.23 -36.30
N THR GC 5 5.57 -29.99 -36.00
CA THR GC 5 5.93 -29.04 -37.06
C THR GC 5 7.16 -29.53 -37.82
N LYS GC 6 8.20 -29.97 -37.12
CA LYS GC 6 9.40 -30.41 -37.84
C LYS GC 6 9.16 -31.72 -38.58
N ALA GC 7 8.38 -32.63 -37.99
CA ALA GC 7 8.08 -33.89 -38.69
C ALA GC 7 7.32 -33.63 -39.98
N ILE GC 8 6.25 -32.83 -39.91
CA ILE GC 8 5.48 -32.51 -41.11
C ILE GC 8 6.33 -31.72 -42.08
N VAL GC 9 7.20 -30.84 -41.57
CA VAL GC 9 7.98 -29.96 -42.43
C VAL GC 9 8.98 -30.76 -43.24
N ASN GC 10 9.73 -31.65 -42.60
CA ASN GC 10 10.72 -32.40 -43.38
C ASN GC 10 10.06 -33.46 -44.25
N ALA GC 11 8.93 -34.03 -43.81
CA ALA GC 11 8.19 -34.95 -44.69
C ALA GC 11 7.70 -34.24 -45.94
N ASP GC 12 7.16 -33.03 -45.79
CA ASP GC 12 6.73 -32.27 -46.95
C ASP GC 12 7.91 -31.86 -47.82
N ALA GC 13 9.04 -31.51 -47.20
CA ALA GC 13 10.20 -31.07 -47.95
C ALA GC 13 10.74 -32.19 -48.83
N GLU GC 14 10.75 -33.41 -48.32
CA GLU GC 14 11.11 -34.56 -49.14
C GLU GC 14 9.93 -35.09 -49.96
N ALA GC 15 8.74 -34.49 -49.81
CA ALA GC 15 7.59 -34.82 -50.64
C ALA GC 15 7.15 -36.27 -50.44
N ARG GC 16 6.76 -36.59 -49.21
CA ARG GC 16 6.53 -37.96 -48.80
C ARG GC 16 5.61 -37.98 -47.59
N TYR GC 17 4.99 -39.13 -47.35
CA TYR GC 17 4.27 -39.32 -46.11
C TYR GC 17 5.26 -39.48 -44.96
N LEU GC 18 4.73 -39.39 -43.74
CA LEU GC 18 5.60 -39.44 -42.57
C LEU GC 18 6.16 -40.85 -42.37
N SER GC 19 7.42 -40.91 -41.98
CA SER GC 19 8.08 -42.16 -41.69
C SER GC 19 7.59 -42.71 -40.35
N PRO GC 20 7.66 -44.04 -40.18
CA PRO GC 20 7.30 -44.62 -38.88
C PRO GC 20 8.15 -44.12 -37.73
N GLY GC 21 9.41 -43.75 -37.98
CA GLY GC 21 10.20 -43.12 -36.93
C GLY GC 21 9.62 -41.79 -36.49
N GLU GC 22 9.16 -40.99 -37.46
CA GLU GC 22 8.52 -39.73 -37.12
C GLU GC 22 7.18 -39.96 -36.42
N LEU GC 23 6.48 -41.03 -36.80
CA LEU GC 23 5.26 -41.37 -36.07
C LEU GC 23 5.57 -41.78 -34.64
N ASP GC 24 6.69 -42.48 -34.42
CA ASP GC 24 7.10 -42.82 -33.07
C ASP GC 24 7.43 -41.58 -32.25
N ARG GC 25 8.13 -40.62 -32.87
CA ARG GC 25 8.34 -39.32 -32.23
C ARG GC 25 7.02 -38.65 -31.86
N ILE GC 26 6.04 -38.66 -32.77
CA ILE GC 26 4.75 -38.03 -32.48
C ILE GC 26 4.05 -38.75 -31.33
N LYS GC 27 4.10 -40.09 -31.32
CA LYS GC 27 3.46 -40.85 -30.26
C LYS GC 27 4.10 -40.56 -28.91
N SER GC 28 5.43 -40.53 -28.85
CA SER GC 28 6.11 -40.21 -27.59
C SER GC 28 5.79 -38.80 -27.14
N PHE GC 29 5.74 -37.86 -28.09
CA PHE GC 29 5.47 -36.47 -27.75
C PHE GC 29 4.06 -36.30 -27.20
N VAL GC 30 3.08 -36.99 -27.81
CA VAL GC 30 1.72 -36.90 -27.28
C VAL GC 30 1.59 -37.61 -25.96
N ALA GC 31 2.34 -38.70 -25.76
CA ALA GC 31 2.29 -39.40 -24.47
C ALA GC 31 2.85 -38.55 -23.35
N SER GC 32 3.93 -37.82 -23.59
CA SER GC 32 4.59 -37.03 -22.55
C SER GC 32 3.90 -35.70 -22.28
N GLY GC 33 2.80 -35.42 -22.97
CA GLY GC 33 2.13 -34.13 -22.91
C GLY GC 33 1.67 -33.71 -21.54
N GLU GC 34 1.11 -34.64 -20.77
CA GLU GC 34 0.63 -34.31 -19.42
C GLU GC 34 1.80 -33.93 -18.52
N ARG GC 35 2.92 -34.65 -18.61
CA ARG GC 35 4.08 -34.31 -17.79
C ARG GC 35 4.64 -32.95 -18.19
N ARG GC 36 4.70 -32.67 -19.50
CA ARG GC 36 5.18 -31.36 -19.92
C ARG GC 36 4.25 -30.25 -19.44
N LEU GC 37 2.94 -30.49 -19.48
CA LEU GC 37 1.99 -29.50 -18.98
C LEU GC 37 2.15 -29.29 -17.48
N ARG GC 38 2.42 -30.36 -16.73
CA ARG GC 38 2.67 -30.21 -15.30
C ARG GC 38 3.91 -29.36 -15.02
N ILE GC 39 4.99 -29.60 -15.76
CA ILE GC 39 6.21 -28.83 -15.57
C ILE GC 39 5.97 -27.37 -15.90
N ALA GC 40 5.29 -27.11 -17.03
CA ALA GC 40 4.99 -25.73 -17.41
C ALA GC 40 4.11 -25.05 -16.38
N GLN GC 41 3.12 -25.77 -15.84
CA GLN GC 41 2.26 -25.21 -14.80
C GLN GC 41 3.08 -24.82 -13.58
N THR GC 42 3.97 -25.71 -13.14
CA THR GC 42 4.75 -25.46 -11.92
C THR GC 42 5.64 -24.24 -12.09
N LEU GC 43 6.33 -24.13 -13.23
CA LEU GC 43 7.12 -22.93 -13.49
C LEU GC 43 6.23 -21.70 -13.57
N THR GC 44 5.01 -21.85 -14.09
CA THR GC 44 4.11 -20.71 -14.21
C THR GC 44 3.72 -20.16 -12.85
N GLU GC 45 3.39 -21.03 -11.89
CA GLU GC 45 3.05 -20.46 -10.58
C GLU GC 45 4.30 -20.04 -9.80
N ALA GC 46 5.47 -20.59 -10.13
CA ALA GC 46 6.69 -20.20 -9.45
C ALA GC 46 7.46 -19.13 -10.22
N ARG GC 47 6.81 -18.44 -11.15
CA ARG GC 47 7.51 -17.50 -12.02
C ARG GC 47 8.09 -16.32 -11.26
N GLU GC 48 7.40 -15.83 -10.22
CA GLU GC 48 7.85 -14.59 -9.59
C GLU GC 48 8.96 -14.85 -8.60
N ARG GC 49 8.86 -15.94 -7.83
CA ARG GC 49 9.94 -16.32 -6.92
C ARG GC 49 11.22 -16.61 -7.69
N ILE GC 50 11.10 -17.30 -8.82
CA ILE GC 50 12.27 -17.63 -9.64
C ILE GC 50 12.94 -16.35 -10.14
N VAL GC 51 12.13 -15.40 -10.61
CA VAL GC 51 12.68 -14.15 -11.13
C VAL GC 51 13.37 -13.35 -10.02
N LYS GC 52 12.74 -13.25 -8.85
CA LYS GC 52 13.34 -12.50 -7.75
C LYS GC 52 14.66 -13.14 -7.29
N GLN GC 53 14.67 -14.46 -7.10
CA GLN GC 53 15.89 -15.10 -6.63
C GLN GC 53 16.98 -15.07 -7.69
N ALA GC 54 16.63 -15.20 -8.97
CA ALA GC 54 17.62 -15.08 -10.03
C ALA GC 54 18.20 -13.68 -10.07
N GLY GC 55 17.35 -12.66 -9.86
CA GLY GC 55 17.85 -11.30 -9.81
C GLY GC 55 18.82 -11.09 -8.66
N ASP GC 56 18.50 -11.63 -7.49
CA ASP GC 56 19.41 -11.52 -6.34
C ASP GC 56 20.74 -12.21 -6.63
N GLN GC 57 20.70 -13.43 -7.17
CA GLN GC 57 21.92 -14.15 -7.48
C GLN GC 57 22.76 -13.43 -8.53
N LEU GC 58 22.11 -12.89 -9.57
CA LEU GC 58 22.82 -12.17 -10.61
C LEU GC 58 23.48 -10.91 -10.05
N PHE GC 59 22.76 -10.16 -9.21
CA PHE GC 59 23.34 -8.94 -8.67
C PHE GC 59 24.44 -9.23 -7.68
N GLN GC 60 24.42 -10.38 -7.01
CA GLN GC 60 25.53 -10.75 -6.15
C GLN GC 60 26.74 -11.19 -6.96
N ILE GC 61 26.51 -11.98 -8.03
CA ILE GC 61 27.63 -12.50 -8.80
C ILE GC 61 28.31 -11.39 -9.59
N ARG GC 62 27.53 -10.50 -10.22
CA ARG GC 62 28.08 -9.42 -11.04
C ARG GC 62 27.53 -8.10 -10.54
N PRO GC 63 28.07 -7.58 -9.45
CA PRO GC 63 27.56 -6.30 -8.91
C PRO GC 63 27.83 -5.11 -9.82
N ASP GC 64 28.75 -5.24 -10.78
CA ASP GC 64 29.11 -4.09 -11.61
C ASP GC 64 27.97 -3.67 -12.52
N VAL GC 65 27.08 -4.61 -12.90
CA VAL GC 65 25.96 -4.25 -13.77
C VAL GC 65 25.01 -3.31 -13.05
N VAL GC 66 24.71 -3.58 -11.77
CA VAL GC 66 23.96 -2.61 -10.99
C VAL GC 66 24.95 -1.72 -10.25
N SER GC 67 25.49 -0.75 -10.97
CA SER GC 67 26.47 0.21 -10.50
C SER GC 67 26.39 1.37 -11.47
N PRO GC 68 26.90 2.55 -11.10
CA PRO GC 68 26.60 3.78 -11.83
C PRO GC 68 26.84 3.77 -13.33
N GLY GC 69 27.91 3.12 -13.79
CA GLY GC 69 28.10 2.98 -15.22
C GLY GC 69 27.46 1.72 -15.77
N GLY GC 70 26.69 1.04 -14.94
CA GLY GC 70 26.11 -0.24 -15.28
C GLY GC 70 24.90 -0.06 -16.18
N ASN GC 71 24.67 -1.05 -17.04
CA ASN GC 71 23.54 -0.99 -17.96
C ASN GC 71 22.21 -0.96 -17.21
N ALA GC 72 22.14 -1.63 -16.07
CA ALA GC 72 20.91 -1.71 -15.29
C ALA GC 72 21.00 -0.94 -13.97
N TYR GC 73 21.74 0.18 -13.95
CA TYR GC 73 21.83 0.98 -12.74
C TYR GC 73 20.53 1.74 -12.56
N GLY GC 74 20.03 1.80 -11.34
CA GLY GC 74 18.81 2.52 -11.04
C GLY GC 74 17.61 1.58 -11.05
N GLU GC 75 16.58 2.01 -10.33
CA GLU GC 75 15.42 1.16 -10.09
C GLU GC 75 14.69 0.79 -11.37
N LYS GC 76 14.54 1.72 -12.30
CA LYS GC 76 13.91 1.41 -13.58
C LYS GC 76 14.75 0.49 -14.44
N MET GC 77 16.06 0.68 -14.48
CA MET GC 77 16.90 -0.21 -15.27
C MET GC 77 16.98 -1.61 -14.67
N THR GC 78 16.83 -1.77 -13.35
CA THR GC 78 16.70 -3.11 -12.81
C THR GC 78 15.31 -3.69 -13.02
N ALA GC 79 14.28 -2.84 -13.05
CA ALA GC 79 12.94 -3.32 -13.38
C ALA GC 79 12.91 -3.89 -14.80
N LEU GC 80 13.58 -3.21 -15.73
CA LEU GC 80 13.66 -3.72 -17.09
C LEU GC 80 14.44 -5.02 -17.16
N CYS GC 81 15.51 -5.14 -16.36
CA CYS GC 81 16.28 -6.38 -16.34
C CYS GC 81 15.44 -7.55 -15.83
N LEU GC 82 14.70 -7.32 -14.75
CA LEU GC 82 13.83 -8.37 -14.24
C LEU GC 82 12.71 -8.68 -15.21
N ARG GC 83 12.22 -7.69 -15.94
CA ARG GC 83 11.22 -7.94 -16.98
C ARG GC 83 11.78 -8.82 -18.09
N ASP GC 84 13.04 -8.58 -18.48
CA ASP GC 84 13.68 -9.44 -19.47
C ASP GC 84 13.81 -10.86 -18.95
N LEU GC 85 14.18 -11.01 -17.68
CA LEU GC 85 14.25 -12.35 -17.09
C LEU GC 85 12.89 -13.04 -17.10
N ASP GC 86 11.83 -12.29 -16.81
CA ASP GC 86 10.48 -12.82 -16.89
C ASP GC 86 10.14 -13.27 -18.32
N TYR GC 87 10.56 -12.46 -19.31
CA TYR GC 87 10.33 -12.82 -20.70
C TYR GC 87 11.01 -14.14 -21.04
N TYR GC 88 12.25 -14.32 -20.58
CA TYR GC 88 12.95 -15.54 -20.91
C TYR GC 88 12.38 -16.74 -20.18
N LEU GC 89 11.88 -16.55 -18.95
CA LEU GC 89 11.20 -17.66 -18.26
C LEU GC 89 9.94 -18.06 -19.00
N ARG GC 90 9.18 -17.07 -19.49
CA ARG GC 90 7.99 -17.37 -20.28
C ARG GC 90 8.35 -18.14 -21.55
N LEU GC 91 9.43 -17.73 -22.22
CA LEU GC 91 9.87 -18.44 -23.41
C LEU GC 91 10.28 -19.87 -23.08
N VAL GC 92 10.92 -20.08 -21.93
CA VAL GC 92 11.31 -21.43 -21.54
C VAL GC 92 10.08 -22.29 -21.28
N THR GC 93 9.05 -21.75 -20.65
CA THR GC 93 7.83 -22.52 -20.46
C THR GC 93 7.17 -22.86 -21.80
N TYR GC 94 7.19 -21.91 -22.73
CA TYR GC 94 6.67 -22.18 -24.08
C TYR GC 94 7.44 -23.31 -24.74
N GLY GC 95 8.78 -23.29 -24.60
CA GLY GC 95 9.58 -24.35 -25.19
C GLY GC 95 9.31 -25.71 -24.57
N ILE GC 96 9.11 -25.72 -23.24
CA ILE GC 96 8.81 -26.97 -22.55
C ILE GC 96 7.48 -27.54 -23.03
N VAL GC 97 6.48 -26.69 -23.19
CA VAL GC 97 5.20 -27.19 -23.68
C VAL GC 97 5.30 -27.64 -25.13
N ALA GC 98 6.04 -26.92 -25.98
CA ALA GC 98 6.12 -27.27 -27.39
C ALA GC 98 6.93 -28.53 -27.62
N GLY GC 99 7.91 -28.82 -26.76
CA GLY GC 99 8.69 -30.03 -26.92
C GLY GC 99 10.06 -29.84 -27.50
N ASP GC 100 10.40 -28.64 -27.95
CA ASP GC 100 11.74 -28.36 -28.48
C ASP GC 100 11.84 -26.83 -28.47
N VAL GC 101 13.02 -26.28 -28.76
CA VAL GC 101 13.32 -24.87 -28.52
C VAL GC 101 12.98 -23.97 -29.69
N THR GC 102 12.11 -24.42 -30.60
CA THR GC 102 11.66 -23.60 -31.71
C THR GC 102 11.03 -22.27 -31.26
N PRO GC 103 10.05 -22.27 -30.34
CA PRO GC 103 9.51 -20.99 -29.89
C PRO GC 103 10.54 -20.10 -29.21
N ILE GC 104 11.47 -20.69 -28.47
CA ILE GC 104 12.53 -19.92 -27.84
C ILE GC 104 13.40 -19.25 -28.89
N GLU GC 105 13.72 -19.98 -29.96
CA GLU GC 105 14.50 -19.41 -31.06
C GLU GC 105 13.77 -18.25 -31.72
N GLU GC 106 12.51 -18.48 -32.12
CA GLU GC 106 11.79 -17.42 -32.84
C GLU GC 106 11.55 -16.19 -31.99
N ILE GC 107 11.41 -16.35 -30.68
CA ILE GC 107 10.99 -15.22 -29.87
C ILE GC 107 12.16 -14.50 -29.20
N GLY GC 108 13.23 -15.20 -28.86
CA GLY GC 108 14.24 -14.55 -28.04
C GLY GC 108 15.70 -14.89 -28.27
N ILE GC 109 16.06 -15.46 -29.42
CA ILE GC 109 17.45 -15.79 -29.70
C ILE GC 109 17.94 -15.17 -31.00
N ILE GC 110 17.15 -15.26 -32.07
CA ILE GC 110 17.57 -14.67 -33.34
C ILE GC 110 17.60 -13.15 -33.17
N GLY GC 111 18.76 -12.55 -33.40
CA GLY GC 111 18.93 -11.12 -33.31
C GLY GC 111 19.18 -10.60 -31.91
N VAL GC 112 19.28 -11.48 -30.92
CA VAL GC 112 19.51 -11.04 -29.55
C VAL GC 112 20.85 -10.36 -29.42
N LYS GC 113 21.86 -10.84 -30.17
CA LYS GC 113 23.17 -10.21 -30.16
C LYS GC 113 23.09 -8.78 -30.67
N GLU GC 114 22.37 -8.57 -31.79
CA GLU GC 114 22.24 -7.23 -32.34
C GLU GC 114 21.49 -6.30 -31.41
N MET GC 115 20.38 -6.78 -30.84
CA MET GC 115 19.57 -5.91 -29.98
C MET GC 115 20.32 -5.53 -28.72
N TYR GC 116 21.01 -6.50 -28.11
CA TYR GC 116 21.72 -6.18 -26.88
C TYR GC 116 22.99 -5.39 -27.14
N ASN GC 117 23.62 -5.56 -28.30
CA ASN GC 117 24.74 -4.70 -28.64
C ASN GC 117 24.28 -3.27 -28.86
N SER GC 118 23.10 -3.10 -29.47
CA SER GC 118 22.55 -1.76 -29.64
C SER GC 118 22.22 -1.14 -28.28
N LEU GC 119 21.65 -1.93 -27.37
CA LEU GC 119 21.31 -1.41 -26.05
C LEU GC 119 22.51 -1.31 -25.12
N GLN GC 120 23.67 -1.85 -25.51
CA GLN GC 120 24.87 -1.83 -24.68
C GLN GC 120 24.67 -2.59 -23.38
N THR GC 121 24.18 -3.82 -23.48
CA THR GC 121 23.94 -4.64 -22.29
C THR GC 121 24.85 -5.87 -22.32
N PRO GC 122 25.35 -6.31 -21.17
CA PRO GC 122 26.25 -7.48 -21.17
C PRO GC 122 25.56 -8.82 -21.41
N ILE GC 123 25.88 -9.41 -22.56
CA ILE GC 123 25.41 -10.77 -22.86
C ILE GC 123 25.84 -11.78 -21.80
N PRO GC 124 27.11 -11.81 -21.35
CA PRO GC 124 27.45 -12.72 -20.25
C PRO GC 124 26.67 -12.47 -18.98
N ALA GC 125 26.36 -11.22 -18.65
CA ALA GC 125 25.50 -10.94 -17.51
C ALA GC 125 24.10 -11.51 -17.68
N VAL GC 126 23.50 -11.37 -18.86
CA VAL GC 126 22.17 -11.93 -19.06
C VAL GC 126 22.21 -13.45 -19.02
N ALA GC 127 23.29 -14.04 -19.54
CA ALA GC 127 23.45 -15.49 -19.47
C ALA GC 127 23.57 -15.97 -18.03
N GLU GC 128 24.31 -15.21 -17.20
CA GLU GC 128 24.41 -15.55 -15.79
C GLU GC 128 23.06 -15.46 -15.10
N GLY GC 129 22.28 -14.43 -15.44
CA GLY GC 129 20.92 -14.35 -14.91
C GLY GC 129 20.06 -15.52 -15.29
N VAL GC 130 20.17 -15.96 -16.55
CA VAL GC 130 19.39 -17.12 -16.99
C VAL GC 130 19.85 -18.38 -16.24
N ARG GC 131 21.14 -18.51 -15.99
CA ARG GC 131 21.63 -19.67 -15.23
C ARG GC 131 21.11 -19.65 -13.81
N ALA GC 132 21.06 -18.47 -13.18
CA ALA GC 132 20.50 -18.35 -11.84
C ALA GC 132 19.02 -18.74 -11.83
N MET GC 133 18.28 -18.31 -12.85
CA MET GC 133 16.90 -18.74 -13.01
C MET GC 133 16.81 -20.25 -13.14
N LYS GC 134 17.75 -20.86 -13.87
CA LYS GC 134 17.77 -22.31 -14.02
C LYS GC 134 17.96 -23.00 -12.67
N ASN GC 135 18.88 -22.49 -11.86
CA ASN GC 135 19.13 -23.09 -10.55
C ASN GC 135 17.90 -22.99 -9.65
N VAL GC 136 17.28 -21.81 -9.61
CA VAL GC 136 16.12 -21.60 -8.74
C VAL GC 136 14.96 -22.47 -9.21
N ALA GC 137 14.78 -22.59 -10.54
CA ALA GC 137 13.70 -23.41 -11.06
C ALA GC 137 13.94 -24.89 -10.77
N THR GC 138 15.20 -25.34 -10.91
CA THR GC 138 15.49 -26.75 -10.69
C THR GC 138 15.40 -27.11 -9.21
N SER GC 139 15.53 -26.13 -8.33
CA SER GC 139 15.32 -26.42 -6.91
C SER GC 139 13.86 -26.64 -6.54
N LEU GC 140 12.91 -26.36 -7.44
CA LEU GC 140 11.48 -26.53 -7.17
C LEU GC 140 10.87 -27.71 -7.91
N LEU GC 141 11.68 -28.56 -8.51
CA LEU GC 141 11.16 -29.65 -9.33
C LEU GC 141 11.79 -30.97 -8.91
N SER GC 142 11.10 -32.05 -9.24
CA SER GC 142 11.66 -33.38 -9.09
C SER GC 142 12.80 -33.57 -10.08
N GLY GC 143 13.54 -34.67 -9.90
CA GLY GC 143 14.75 -34.91 -10.68
C GLY GC 143 14.56 -35.00 -12.18
N ASP GC 144 13.59 -35.79 -12.63
CA ASP GC 144 13.35 -35.92 -14.07
C ASP GC 144 12.83 -34.60 -14.63
N ASP GC 145 11.89 -33.98 -13.93
CA ASP GC 145 11.39 -32.68 -14.37
C ASP GC 145 12.48 -31.62 -14.29
N ALA GC 146 13.35 -31.69 -13.28
CA ALA GC 146 14.46 -30.75 -13.20
C ALA GC 146 15.39 -30.88 -14.39
N ALA GC 147 15.70 -32.12 -14.79
CA ALA GC 147 16.54 -32.33 -15.97
C ALA GC 147 15.84 -31.83 -17.23
N GLU GC 148 14.54 -32.08 -17.34
CA GLU GC 148 13.80 -31.66 -18.53
C GLU GC 148 13.78 -30.15 -18.68
N ALA GC 149 13.58 -29.42 -17.58
CA ALA GC 149 13.64 -27.96 -17.65
C ALA GC 149 15.07 -27.47 -17.84
N GLY GC 150 16.05 -28.15 -17.23
CA GLY GC 150 17.42 -27.73 -17.36
C GLY GC 150 17.94 -27.87 -18.77
N PHE GC 151 17.38 -28.79 -19.55
CA PHE GC 151 17.75 -28.87 -20.96
C PHE GC 151 17.44 -27.56 -21.70
N TYR GC 152 16.23 -27.04 -21.53
CA TYR GC 152 15.89 -25.79 -22.20
C TYR GC 152 16.65 -24.61 -21.62
N PHE GC 153 16.87 -24.59 -20.31
CA PHE GC 153 17.63 -23.50 -19.70
C PHE GC 153 19.07 -23.48 -20.22
N ASP GC 154 19.69 -24.66 -20.33
CA ASP GC 154 21.05 -24.72 -20.83
C ASP GC 154 21.11 -24.43 -22.32
N TYR GC 155 20.06 -24.74 -23.06
CA TYR GC 155 20.01 -24.30 -24.45
C TYR GC 155 20.00 -22.78 -24.54
N LEU GC 156 19.20 -22.13 -23.70
CA LEU GC 156 19.15 -20.67 -23.71
C LEU GC 156 20.51 -20.09 -23.37
N VAL GC 157 21.18 -20.65 -22.36
CA VAL GC 157 22.51 -20.17 -21.96
C VAL GC 157 23.50 -20.36 -23.09
N GLY GC 158 23.47 -21.52 -23.76
CA GLY GC 158 24.38 -21.74 -24.86
C GLY GC 158 24.12 -20.83 -26.04
N ALA GC 159 22.85 -20.61 -26.37
CA ALA GC 159 22.50 -19.76 -27.50
C ALA GC 159 22.90 -18.31 -27.26
N MET GC 160 22.79 -17.84 -26.01
CA MET GC 160 23.26 -16.49 -25.67
C MET GC 160 24.77 -16.53 -25.50
N GLN GC 161 25.46 -16.63 -26.63
CA GLN GC 161 26.91 -16.83 -26.63
C GLN GC 161 27.47 -16.77 -28.05
N MET HC 1 4.02 -22.63 -41.29
CA MET HC 1 2.86 -23.38 -40.83
C MET HC 1 2.84 -23.44 -39.30
N GLN HC 2 1.73 -23.93 -38.76
CA GLN HC 2 1.58 -24.07 -37.32
C GLN HC 2 0.54 -25.14 -37.02
N ASP HC 3 0.76 -25.86 -35.92
CA ASP HC 3 -0.18 -26.84 -35.41
C ASP HC 3 -1.00 -26.20 -34.29
N ALA HC 4 -1.78 -27.02 -33.59
CA ALA HC 4 -2.59 -26.51 -32.48
C ALA HC 4 -1.71 -25.96 -31.37
N ILE HC 5 -0.63 -26.67 -31.03
CA ILE HC 5 0.22 -26.27 -29.92
C ILE HC 5 0.94 -24.97 -30.23
N THR HC 6 1.56 -24.88 -31.40
CA THR HC 6 2.22 -23.64 -31.79
C THR HC 6 1.22 -22.52 -31.99
N ALA HC 7 0.00 -22.83 -32.43
CA ALA HC 7 -1.02 -21.79 -32.54
C ALA HC 7 -1.37 -21.19 -31.19
N VAL HC 8 -1.54 -22.05 -30.18
CA VAL HC 8 -1.83 -21.54 -28.84
C VAL HC 8 -0.65 -20.75 -28.29
N ILE HC 9 0.56 -21.26 -28.55
CA ILE HC 9 1.76 -20.58 -28.05
C ILE HC 9 1.89 -19.19 -28.66
N ASN HC 10 1.66 -19.08 -29.98
CA ASN HC 10 1.71 -17.77 -30.61
C ASN HC 10 0.58 -16.86 -30.13
N ASN HC 11 -0.61 -17.42 -29.94
CA ASN HC 11 -1.75 -16.63 -29.48
C ASN HC 11 -1.49 -16.04 -28.10
N TYR HC 12 -0.80 -16.77 -27.23
CA TYR HC 12 -0.45 -16.20 -25.94
C TYR HC 12 0.80 -15.34 -25.99
N ASP HC 13 1.71 -15.63 -26.94
CA ASP HC 13 2.92 -14.83 -27.07
C ASP HC 13 2.59 -13.41 -27.51
N VAL HC 14 1.65 -13.26 -28.43
CA VAL HC 14 1.28 -11.92 -28.90
C VAL HC 14 0.70 -11.08 -27.78
N GLN HC 15 0.09 -11.70 -26.79
CA GLN HC 15 -0.38 -10.99 -25.60
C GLN HC 15 0.66 -10.94 -24.49
N GLY HC 16 1.75 -11.67 -24.63
CA GLY HC 16 2.76 -11.66 -23.57
C GLY HC 16 2.27 -12.27 -22.28
N LYS HC 17 1.60 -13.42 -22.38
CA LYS HC 17 0.95 -14.04 -21.24
C LYS HC 17 1.48 -15.47 -21.04
N TYR HC 18 1.65 -15.85 -19.77
CA TYR HC 18 1.95 -17.24 -19.48
C TYR HC 18 0.73 -18.10 -19.77
N LEU HC 19 0.97 -19.39 -19.95
CA LEU HC 19 -0.12 -20.32 -20.23
C LEU HC 19 -1.02 -20.45 -19.01
N ASP HC 20 -2.31 -20.23 -19.23
CA ASP HC 20 -3.33 -20.25 -18.19
C ASP HC 20 -4.26 -21.46 -18.37
N GLY HC 21 -5.34 -21.48 -17.60
CA GLY HC 21 -6.24 -22.63 -17.60
C GLY HC 21 -6.87 -22.89 -18.95
N ALA HC 22 -7.26 -21.84 -19.67
CA ALA HC 22 -7.89 -22.02 -20.98
C ALA HC 22 -6.91 -22.59 -22.00
N ALA HC 23 -5.69 -22.07 -22.03
CA ALA HC 23 -4.69 -22.59 -22.97
C ALA HC 23 -4.33 -24.03 -22.62
N LEU HC 24 -4.23 -24.33 -21.33
CA LEU HC 24 -3.97 -25.70 -20.91
C LEU HC 24 -5.11 -26.61 -21.29
N ASP HC 25 -6.35 -26.13 -21.23
CA ASP HC 25 -7.50 -26.92 -21.64
C ASP HC 25 -7.44 -27.23 -23.14
N LYS HC 26 -7.08 -26.22 -23.95
CA LYS HC 26 -6.96 -26.45 -25.39
C LYS HC 26 -5.85 -27.45 -25.69
N LEU HC 27 -4.72 -27.32 -25.01
CA LEU HC 27 -3.61 -28.25 -25.24
C LEU HC 27 -3.98 -29.66 -24.81
N LYS HC 28 -4.68 -29.80 -23.68
CA LYS HC 28 -5.13 -31.12 -23.24
C LYS HC 28 -6.13 -31.71 -24.23
N ALA HC 29 -7.01 -30.87 -24.76
CA ALA HC 29 -7.97 -31.33 -25.76
C ALA HC 29 -7.28 -31.83 -27.01
N TYR HC 30 -6.17 -31.20 -27.40
CA TYR HC 30 -5.43 -31.75 -28.52
C TYR HC 30 -4.73 -33.05 -28.14
N PHE HC 31 -4.08 -33.08 -26.98
CA PHE HC 31 -3.27 -34.23 -26.61
C PHE HC 31 -4.11 -35.47 -26.39
N THR HC 32 -5.37 -35.29 -25.99
CA THR HC 32 -6.27 -36.42 -25.80
C THR HC 32 -6.52 -37.18 -27.09
N THR HC 33 -6.61 -36.49 -28.22
CA THR HC 33 -6.89 -37.12 -29.50
C THR HC 33 -5.63 -37.35 -30.34
N GLY HC 34 -4.46 -37.44 -29.71
CA GLY HC 34 -3.24 -37.61 -30.48
C GLY HC 34 -3.15 -38.94 -31.19
N ALA HC 35 -3.50 -40.02 -30.50
CA ALA HC 35 -3.30 -41.35 -31.06
C ALA HC 35 -4.26 -41.64 -32.21
N VAL HC 36 -5.48 -41.12 -32.13
CA VAL HC 36 -6.47 -41.33 -33.17
C VAL HC 36 -6.00 -40.70 -34.48
N ARG HC 37 -5.43 -39.51 -34.40
CA ARG HC 37 -4.91 -38.84 -35.59
C ARG HC 37 -3.78 -39.65 -36.22
N VAL HC 38 -2.89 -40.19 -35.40
CA VAL HC 38 -1.77 -40.97 -35.92
C VAL HC 38 -2.27 -42.23 -36.60
N ARG HC 39 -3.24 -42.91 -35.98
CA ARG HC 39 -3.80 -44.12 -36.57
C ARG HC 39 -4.50 -43.81 -37.90
N ALA HC 40 -5.26 -42.72 -37.95
CA ALA HC 40 -5.92 -42.34 -39.19
C ALA HC 40 -4.92 -41.99 -40.27
N ALA HC 41 -3.85 -41.27 -39.91
CA ALA HC 41 -2.82 -40.94 -40.88
C ALA HC 41 -2.14 -42.19 -41.42
N ALA HC 42 -1.86 -43.17 -40.56
CA ALA HC 42 -1.29 -44.42 -41.03
C ALA HC 42 -2.23 -45.16 -41.97
N VAL HC 43 -3.52 -45.17 -41.65
CA VAL HC 43 -4.49 -45.86 -42.51
C VAL HC 43 -4.56 -45.18 -43.88
N ILE HC 44 -4.60 -43.84 -43.89
CA ILE HC 44 -4.70 -43.12 -45.16
C ILE HC 44 -3.43 -43.32 -45.98
N SER HC 45 -2.27 -43.31 -45.31
CA SER HC 45 -1.01 -43.52 -46.01
C SER HC 45 -0.95 -44.90 -46.63
N SER HC 46 -1.42 -45.91 -45.89
CA SER HC 46 -1.43 -47.27 -46.44
C SER HC 46 -2.44 -47.43 -47.57
N ASN HC 47 -3.56 -46.70 -47.54
CA ASN HC 47 -4.58 -46.84 -48.57
C ASN HC 47 -4.62 -45.69 -49.56
N ALA HC 48 -3.52 -44.95 -49.73
CA ALA HC 48 -3.48 -43.75 -50.57
C ALA HC 48 -3.91 -43.98 -52.01
N THR HC 49 -3.33 -44.98 -52.69
CA THR HC 49 -3.63 -45.17 -54.10
C THR HC 49 -5.06 -45.68 -54.30
N THR HC 50 -5.53 -46.55 -53.41
CA THR HC 50 -6.90 -47.08 -53.53
C THR HC 50 -7.93 -45.98 -53.35
N ILE HC 51 -7.68 -45.05 -52.43
CA ILE HC 51 -8.61 -43.94 -52.23
C ILE HC 51 -8.73 -43.10 -53.48
N ILE HC 52 -7.60 -42.78 -54.12
CA ILE HC 52 -7.62 -42.00 -55.35
C ILE HC 52 -8.34 -42.76 -56.45
N LYS HC 53 -8.14 -44.08 -56.51
CA LYS HC 53 -8.81 -44.86 -57.55
C LYS HC 53 -10.32 -44.84 -57.38
N GLU HC 54 -10.81 -45.09 -56.17
CA GLU HC 54 -12.26 -45.05 -55.98
C GLU HC 54 -12.83 -43.65 -56.15
N ALA HC 55 -12.11 -42.61 -55.70
CA ALA HC 55 -12.62 -41.25 -55.87
C ALA HC 55 -12.71 -40.87 -57.35
N ALA HC 56 -11.70 -41.22 -58.14
CA ALA HC 56 -11.76 -40.96 -59.58
C ALA HC 56 -12.88 -41.75 -60.23
N ALA HC 57 -13.04 -43.03 -59.86
CA ALA HC 57 -14.07 -43.85 -60.46
C ALA HC 57 -15.47 -43.35 -60.09
N LYS HC 58 -15.61 -42.73 -58.92
CA LYS HC 58 -16.92 -42.26 -58.49
C LYS HC 58 -17.26 -40.87 -58.99
N ALA HC 59 -16.27 -40.00 -59.21
CA ALA HC 59 -16.57 -38.61 -59.50
C ALA HC 59 -16.06 -38.09 -60.84
N LEU HC 60 -15.04 -38.70 -61.44
CA LEU HC 60 -14.43 -38.08 -62.60
C LEU HC 60 -14.59 -38.89 -63.88
N ILE HC 61 -14.10 -40.12 -63.87
CA ILE HC 61 -14.02 -40.92 -65.10
C ILE HC 61 -15.40 -41.40 -65.51
N TYR HC 62 -15.50 -41.99 -66.70
CA TYR HC 62 -16.77 -42.41 -67.29
C TYR HC 62 -17.69 -41.21 -67.52
N SER HC 63 -17.12 -40.11 -67.99
CA SER HC 63 -17.91 -38.91 -68.21
C SER HC 63 -17.32 -38.15 -69.39
N ASP HC 64 -17.73 -36.88 -69.52
CA ASP HC 64 -17.19 -36.05 -70.58
C ASP HC 64 -15.79 -35.56 -70.25
N LEU HC 65 -15.38 -35.68 -68.98
CA LEU HC 65 -14.05 -35.23 -68.59
C LEU HC 65 -12.97 -36.07 -69.26
N THR HC 66 -13.18 -37.38 -69.38
CA THR HC 66 -12.19 -38.28 -69.93
C THR HC 66 -12.34 -38.50 -71.44
N ARG HC 67 -13.30 -37.87 -72.06
CA ARG HC 67 -13.49 -37.98 -73.49
C ARG HC 67 -12.81 -36.83 -74.21
N PRO HC 68 -12.77 -36.85 -75.54
CA PRO HC 68 -12.23 -35.71 -76.29
C PRO HC 68 -13.01 -34.43 -75.98
N GLY HC 69 -12.26 -33.34 -75.81
CA GLY HC 69 -12.82 -32.10 -75.34
C GLY HC 69 -12.84 -31.96 -73.84
N GLY HC 70 -12.69 -33.06 -73.10
CA GLY HC 70 -12.66 -33.02 -71.66
C GLY HC 70 -11.30 -32.57 -71.17
N MEN HC 71 -11.28 -31.94 -70.01
CA MEN HC 71 -10.07 -31.37 -69.48
C MEN HC 71 -9.07 -32.42 -69.05
O MEN HC 71 -7.86 -32.23 -69.02
CB MEN HC 71 -10.29 -30.44 -68.28
CG MEN HC 71 -9.03 -29.62 -68.09
OD1 MEN HC 71 -8.27 -29.84 -67.12
ND2 MEN HC 71 -8.75 -28.65 -69.02
CE2 MEN HC 71 -7.61 -27.80 -68.97
N MET HC 72 -9.58 -33.59 -68.71
CA MET HC 72 -8.74 -34.65 -68.16
C MET HC 72 -8.46 -35.65 -69.29
N TYR HC 73 -8.88 -35.29 -70.50
CA TYR HC 73 -8.56 -36.09 -71.68
C TYR HC 73 -7.05 -36.08 -71.93
N THR HC 74 -6.56 -37.15 -72.54
CA THR HC 74 -5.15 -37.41 -72.84
C THR HC 74 -4.40 -37.89 -71.60
N THR HC 75 -3.38 -38.71 -71.81
CA THR HC 75 -2.67 -39.35 -70.71
C THR HC 75 -1.98 -38.35 -69.81
N ARG HC 76 -1.40 -37.29 -70.40
CA ARG HC 76 -0.73 -36.28 -69.59
C ARG HC 76 -1.70 -35.60 -68.65
N ARG HC 77 -2.88 -35.23 -69.15
CA ARG HC 77 -3.86 -34.59 -68.29
C ARG HC 77 -4.44 -35.54 -67.26
N TYR HC 78 -4.61 -36.82 -67.61
CA TYR HC 78 -5.08 -37.79 -66.61
C TYR HC 78 -4.06 -37.94 -65.48
N ALA HC 79 -2.78 -38.06 -65.83
CA ALA HC 79 -1.74 -38.16 -64.82
C ALA HC 79 -1.67 -36.89 -63.98
N ALA HC 80 -1.87 -35.73 -64.62
CA ALA HC 80 -1.88 -34.48 -63.88
C ALA HC 80 -3.02 -34.43 -62.87
N CYS HC 81 -4.22 -34.86 -63.28
CA CYS HC 81 -5.36 -34.82 -62.38
C CYS HC 81 -5.15 -35.78 -61.20
N ILE HC 82 -4.63 -36.98 -61.47
CA ILE HC 82 -4.38 -37.89 -60.37
C ILE HC 82 -3.26 -37.39 -59.46
N ARG HC 83 -2.25 -36.71 -59.99
CA ARG HC 83 -1.20 -36.15 -59.13
C ARG HC 83 -1.75 -35.04 -58.25
N ASP HC 84 -2.64 -34.20 -58.81
CA ASP HC 84 -3.28 -33.17 -57.99
C ASP HC 84 -4.12 -33.79 -56.89
N MET HC 85 -4.84 -34.87 -57.21
CA MET HC 85 -5.63 -35.57 -56.22
C MET HC 85 -4.74 -36.12 -55.10
N ASP HC 86 -3.58 -36.67 -55.47
CA ASP HC 86 -2.64 -37.17 -54.48
C ASP HC 86 -2.13 -36.03 -53.59
N TYR HC 87 -1.85 -34.88 -54.19
CA TYR HC 87 -1.38 -33.74 -53.41
C TYR HC 87 -2.44 -33.30 -52.39
N PHE HC 88 -3.70 -33.25 -52.83
CA PHE HC 88 -4.78 -32.87 -51.94
C PHE HC 88 -4.91 -33.86 -50.79
N LEU HC 89 -4.84 -35.16 -51.09
CA LEU HC 89 -4.94 -36.18 -50.05
C LEU HC 89 -3.79 -36.07 -49.04
N ARG HC 90 -2.57 -35.90 -49.55
CA ARG HC 90 -1.41 -35.82 -48.67
C ARG HC 90 -1.47 -34.60 -47.77
N TYR HC 91 -1.86 -33.45 -48.31
CA TYR HC 91 -1.90 -32.26 -47.48
C TYR HC 91 -3.08 -32.29 -46.53
N ALA HC 92 -4.17 -32.99 -46.91
CA ALA HC 92 -5.24 -33.21 -45.96
C ALA HC 92 -4.77 -34.06 -44.79
N THR HC 93 -3.96 -35.08 -45.06
CA THR HC 93 -3.39 -35.87 -43.97
C THR HC 93 -2.47 -35.05 -43.09
N TYR HC 94 -1.64 -34.19 -43.69
CA TYR HC 94 -0.77 -33.32 -42.90
C TYR HC 94 -1.57 -32.39 -42.01
N ALA HC 95 -2.61 -31.77 -42.56
CA ALA HC 95 -3.42 -30.85 -41.78
C ALA HC 95 -4.16 -31.58 -40.66
N MET HC 96 -4.63 -32.80 -40.93
CA MET HC 96 -5.30 -33.56 -39.89
C MET HC 96 -4.33 -33.92 -38.76
N LEU HC 97 -3.10 -34.29 -39.11
CA LEU HC 97 -2.12 -34.61 -38.08
C LEU HC 97 -1.77 -33.37 -37.26
N ALA HC 98 -1.62 -32.22 -37.92
CA ALA HC 98 -1.21 -31.02 -37.21
C ALA HC 98 -2.38 -30.36 -36.47
N GLY HC 99 -3.61 -30.75 -36.78
CA GLY HC 99 -4.76 -30.11 -36.16
C GLY HC 99 -4.90 -28.65 -36.49
N ASP HC 100 -4.49 -28.24 -37.68
CA ASP HC 100 -4.57 -26.83 -38.09
C ASP HC 100 -4.47 -26.72 -39.60
N PRO HC 101 -5.34 -25.91 -40.23
CA PRO HC 101 -5.29 -25.76 -41.69
C PRO HC 101 -4.27 -24.75 -42.18
N SER HC 102 -3.33 -24.33 -41.34
CA SER HC 102 -2.35 -23.34 -41.74
C SER HC 102 -1.47 -23.85 -42.87
N ILE HC 103 -1.09 -25.13 -42.82
CA ILE HC 103 -0.29 -25.68 -43.90
C ILE HC 103 -1.08 -25.72 -45.20
N LEU HC 104 -2.38 -25.96 -45.13
CA LEU HC 104 -3.22 -25.87 -46.32
C LEU HC 104 -3.24 -24.45 -46.88
N ASP HC 105 -3.33 -23.46 -46.00
CA ASP HC 105 -3.30 -22.07 -46.46
C ASP HC 105 -1.97 -21.71 -47.10
N GLU HC 106 -0.87 -22.23 -46.56
CA GLU HC 106 0.44 -21.75 -46.98
C GLU HC 106 0.95 -22.50 -48.21
N ARG HC 107 0.73 -23.80 -48.29
CA ARG HC 107 1.41 -24.61 -49.31
C ARG HC 107 0.49 -25.15 -50.39
N VAL HC 108 -0.82 -25.00 -50.27
CA VAL HC 108 -1.71 -25.56 -51.29
C VAL HC 108 -2.61 -24.49 -51.88
N LEU HC 109 -3.39 -23.81 -51.04
CA LEU HC 109 -4.44 -22.95 -51.55
C LEU HC 109 -3.91 -21.63 -52.11
N ASN HC 110 -2.65 -21.29 -51.84
CA ASN HC 110 -2.13 -19.99 -52.27
C ASN HC 110 -2.05 -19.89 -53.79
N GLY HC 111 -2.94 -19.11 -54.38
CA GLY HC 111 -2.95 -18.93 -55.82
C GLY HC 111 -3.49 -20.11 -56.59
N LEU HC 112 -4.01 -21.15 -55.91
CA LEU HC 112 -4.50 -22.32 -56.62
C LEU HC 112 -5.73 -22.00 -57.45
N LYS HC 113 -6.63 -21.17 -56.91
CA LYS HC 113 -7.83 -20.78 -57.64
C LYS HC 113 -7.48 -20.04 -58.93
N GLU HC 114 -6.55 -19.10 -58.84
CA GLU HC 114 -6.14 -18.35 -60.02
C GLU HC 114 -5.38 -19.24 -61.00
N THR HC 115 -4.58 -20.18 -60.50
CA THR HC 115 -3.86 -21.11 -61.38
C THR HC 115 -4.84 -21.98 -62.16
N TYR HC 116 -5.86 -22.49 -61.48
CA TYR HC 116 -6.85 -23.31 -62.17
C TYR HC 116 -7.66 -22.50 -63.17
N ASN HC 117 -7.98 -21.25 -62.82
CA ASN HC 117 -8.67 -20.38 -63.77
C ASN HC 117 -7.82 -20.12 -65.00
N SER HC 118 -6.52 -19.91 -64.81
CA SER HC 118 -5.63 -19.70 -65.95
C SER HC 118 -5.52 -20.95 -66.82
N LEU HC 119 -5.42 -22.12 -66.21
CA LEU HC 119 -5.25 -23.36 -66.97
C LEU HC 119 -6.55 -23.90 -67.55
N GLY HC 120 -7.69 -23.42 -67.09
CA GLY HC 120 -8.97 -23.94 -67.54
C GLY HC 120 -9.45 -25.16 -66.81
N VAL HC 121 -8.84 -25.52 -65.69
CA VAL HC 121 -9.24 -26.68 -64.90
C VAL HC 121 -10.60 -26.44 -64.27
N PRO HC 122 -11.54 -27.38 -64.40
CA PRO HC 122 -12.86 -27.19 -63.77
C PRO HC 122 -12.80 -27.31 -62.25
N ILE HC 123 -13.02 -26.18 -61.58
CA ILE HC 123 -12.96 -26.14 -60.12
C ILE HC 123 -14.10 -26.96 -59.53
N ALA HC 124 -15.27 -26.96 -60.18
CA ALA HC 124 -16.38 -27.77 -59.70
C ALA HC 124 -16.06 -29.24 -59.74
N ALA HC 125 -15.44 -29.71 -60.82
CA ALA HC 125 -15.02 -31.10 -60.90
C ALA HC 125 -13.95 -31.42 -59.86
N THR HC 126 -13.03 -30.49 -59.63
CA THR HC 126 -12.01 -30.71 -58.60
C THR HC 126 -12.64 -30.84 -57.22
N VAL HC 127 -13.63 -30.00 -56.92
CA VAL HC 127 -14.31 -30.07 -55.64
C VAL HC 127 -15.07 -31.39 -55.51
N GLY HC 128 -15.69 -31.84 -56.59
CA GLY HC 128 -16.36 -33.13 -56.57
C GLY HC 128 -15.41 -34.27 -56.30
N GLY HC 129 -14.22 -34.26 -56.93
CA GLY HC 129 -13.22 -35.26 -56.63
C GLY HC 129 -12.75 -35.22 -55.20
N ILE HC 130 -12.56 -34.02 -54.64
CA ILE HC 130 -12.13 -33.89 -53.26
C ILE HC 130 -13.18 -34.47 -52.31
N GLN HC 131 -14.46 -34.17 -52.58
CA GLN HC 131 -15.51 -34.74 -51.74
C GLN HC 131 -15.61 -36.25 -51.88
N ALA HC 132 -15.39 -36.80 -53.08
CA ALA HC 132 -15.36 -38.26 -53.22
C ALA HC 132 -14.24 -38.88 -52.40
N MET HC 133 -13.06 -38.27 -52.43
CA MET HC 133 -11.97 -38.73 -51.58
C MET HC 133 -12.34 -38.61 -50.10
N LYS HC 134 -13.08 -37.56 -49.74
CA LYS HC 134 -13.51 -37.40 -48.35
C LYS HC 134 -14.44 -38.54 -47.93
N GLU HC 135 -15.37 -38.90 -48.81
CA GLU HC 135 -16.28 -40.02 -48.51
C GLU HC 135 -15.52 -41.32 -48.33
N VAL HC 136 -14.56 -41.59 -49.22
CA VAL HC 136 -13.79 -42.83 -49.13
C VAL HC 136 -12.94 -42.85 -47.86
N VAL HC 137 -12.34 -41.72 -47.52
CA VAL HC 137 -11.51 -41.64 -46.32
C VAL HC 137 -12.36 -41.82 -45.07
N GLY HC 138 -13.55 -41.22 -45.06
CA GLY HC 138 -14.46 -41.43 -43.94
C GLY HC 138 -14.89 -42.88 -43.81
N GLY HC 139 -15.07 -43.56 -44.93
CA GLY HC 139 -15.36 -44.98 -44.89
C GLY HC 139 -14.22 -45.79 -44.31
N LEU HC 140 -12.99 -45.43 -44.67
CA LEU HC 140 -11.84 -46.22 -44.24
C LEU HC 140 -11.49 -45.98 -42.77
N VAL HC 141 -11.30 -44.72 -42.37
CA VAL HC 141 -10.78 -44.43 -41.04
C VAL HC 141 -11.74 -44.81 -39.92
N GLY HC 142 -13.05 -44.73 -40.16
CA GLY HC 142 -14.01 -45.08 -39.15
C GLY HC 142 -14.48 -43.88 -38.35
N PRO HC 143 -15.50 -44.09 -37.51
CA PRO HC 143 -16.08 -43.01 -36.69
C PRO HC 143 -15.10 -42.21 -35.84
N ASP HC 144 -13.99 -42.82 -35.43
CA ASP HC 144 -13.06 -42.19 -34.51
C ASP HC 144 -12.47 -40.90 -35.07
N ALA HC 145 -11.91 -40.96 -36.27
CA ALA HC 145 -11.30 -39.80 -36.90
C ALA HC 145 -11.99 -39.36 -38.17
N ALA HC 146 -13.23 -39.82 -38.42
CA ALA HC 146 -13.90 -39.49 -39.66
C ALA HC 146 -14.19 -38.01 -39.77
N LYS HC 147 -14.80 -37.43 -38.72
CA LYS HC 147 -15.11 -36.01 -38.76
C LYS HC 147 -13.84 -35.16 -38.75
N GLU HC 148 -12.81 -35.63 -38.03
CA GLU HC 148 -11.56 -34.89 -37.96
C GLU HC 148 -10.87 -34.84 -39.32
N ALA HC 149 -10.88 -35.94 -40.07
CA ALA HC 149 -10.34 -35.90 -41.42
C ALA HC 149 -11.25 -35.10 -42.33
N SER HC 150 -12.56 -35.17 -42.11
CA SER HC 150 -13.51 -34.60 -43.04
C SER HC 150 -13.51 -33.07 -43.00
N ILE HC 151 -13.20 -32.49 -41.84
CA ILE HC 151 -13.22 -31.04 -41.74
C ILE HC 151 -12.16 -30.41 -42.63
N TYR HC 152 -11.00 -31.05 -42.78
CA TYR HC 152 -9.96 -30.48 -43.64
C TYR HC 152 -10.24 -30.70 -45.13
N PHE HC 153 -10.88 -31.81 -45.50
CA PHE HC 153 -11.34 -31.95 -46.88
C PHE HC 153 -12.38 -30.88 -47.20
N ASP HC 154 -13.29 -30.61 -46.25
CA ASP HC 154 -14.24 -29.52 -46.44
C ASP HC 154 -13.53 -28.18 -46.53
N TYR HC 155 -12.46 -28.00 -45.76
CA TYR HC 155 -11.65 -26.78 -45.84
C TYR HC 155 -11.07 -26.59 -47.24
N LEU HC 156 -10.48 -27.66 -47.80
CA LEU HC 156 -9.92 -27.58 -49.14
C LEU HC 156 -11.00 -27.28 -50.18
N SER HC 157 -12.14 -27.97 -50.08
CA SER HC 157 -13.22 -27.74 -51.04
C SER HC 157 -13.77 -26.32 -50.96
N SER HC 158 -13.96 -25.79 -49.76
CA SER HC 158 -14.42 -24.42 -49.62
C SER HC 158 -13.38 -23.40 -50.06
N GLY HC 159 -12.09 -23.68 -49.83
CA GLY HC 159 -11.06 -22.78 -50.33
C GLY HC 159 -11.00 -22.73 -51.84
N LEU HC 160 -11.19 -23.88 -52.49
CA LEU HC 160 -11.22 -23.89 -53.95
C LEU HC 160 -12.48 -23.23 -54.50
N SER HC 161 -13.64 -23.55 -53.94
CA SER HC 161 -14.90 -23.02 -54.45
C SER HC 161 -15.19 -21.65 -53.88
N SER IC 2 5.90 -33.14 -85.11
CA SER IC 2 6.27 -33.77 -86.36
C SER IC 2 7.74 -33.52 -86.68
N VAL IC 3 8.12 -33.82 -87.92
CA VAL IC 3 9.50 -33.58 -88.35
C VAL IC 3 9.83 -32.10 -88.29
N LEU IC 4 8.92 -31.25 -88.75
CA LEU IC 4 9.15 -29.81 -88.73
C LEU IC 4 9.29 -29.31 -87.29
N THR IC 5 8.41 -29.78 -86.40
CA THR IC 5 8.47 -29.34 -85.01
C THR IC 5 9.76 -29.79 -84.34
N LYS IC 6 10.17 -31.03 -84.60
CA LYS IC 6 11.41 -31.54 -84.01
C LYS IC 6 12.61 -30.75 -84.49
N ALA IC 7 12.69 -30.50 -85.80
CA ALA IC 7 13.81 -29.74 -86.35
C ALA IC 7 13.83 -28.32 -85.81
N ILE IC 8 12.65 -27.69 -85.74
CA ILE IC 8 12.58 -26.30 -85.30
C ILE IC 8 12.96 -26.19 -83.83
N VAL IC 9 12.49 -27.12 -83.00
CA VAL IC 9 12.80 -27.07 -81.58
C VAL IC 9 14.28 -27.32 -81.35
N ASN IC 10 14.86 -28.29 -82.06
CA ASN IC 10 16.30 -28.54 -81.93
C ASN IC 10 17.12 -27.34 -82.37
N ALA IC 11 16.74 -26.69 -83.46
CA ALA IC 11 17.46 -25.51 -83.90
C ALA IC 11 17.32 -24.36 -82.90
N ASP IC 12 16.11 -24.18 -82.36
CA ASP IC 12 15.86 -23.07 -81.46
C ASP IC 12 16.58 -23.26 -80.13
N ALA IC 13 16.78 -24.51 -79.72
CA ALA IC 13 17.50 -24.77 -78.47
C ALA IC 13 18.94 -24.27 -78.57
N GLU IC 14 19.58 -24.46 -79.72
CA GLU IC 14 20.92 -23.93 -79.95
C GLU IC 14 20.91 -22.49 -80.42
N ALA IC 15 19.75 -21.94 -80.76
CA ALA IC 15 19.63 -20.56 -81.22
C ALA IC 15 20.38 -20.34 -82.53
N ARG IC 16 20.11 -21.19 -83.51
CA ARG IC 16 20.72 -21.06 -84.82
C ARG IC 16 19.73 -21.49 -85.90
N TYR IC 17 19.97 -21.05 -87.12
CA TYR IC 17 19.15 -21.45 -88.25
C TYR IC 17 19.34 -22.92 -88.54
N LEU IC 18 18.45 -23.50 -89.35
CA LEU IC 18 18.47 -24.94 -89.58
C LEU IC 18 19.68 -25.35 -90.40
N SER IC 19 20.27 -26.48 -90.02
CA SER IC 19 21.42 -27.03 -90.73
C SER IC 19 20.98 -27.70 -92.03
N PRO IC 20 21.93 -27.99 -92.92
CA PRO IC 20 21.56 -28.67 -94.18
C PRO IC 20 20.90 -30.04 -93.99
N GLY IC 21 21.29 -30.77 -92.95
CA GLY IC 21 20.71 -32.08 -92.70
C GLY IC 21 19.24 -32.01 -92.38
N GLU IC 22 18.84 -31.03 -91.58
CA GLU IC 22 17.43 -30.86 -91.24
C GLU IC 22 16.62 -30.43 -92.45
N LEU IC 23 17.21 -29.59 -93.31
CA LEU IC 23 16.51 -29.24 -94.55
C LEU IC 23 16.34 -30.46 -95.45
N ASP IC 24 17.36 -31.31 -95.51
CA ASP IC 24 17.26 -32.53 -96.31
C ASP IC 24 16.18 -33.46 -95.76
N ARG IC 25 16.11 -33.60 -94.44
CA ARG IC 25 15.10 -34.49 -93.87
C ARG IC 25 13.70 -33.90 -94.06
N ILE IC 26 13.58 -32.58 -94.04
CA ILE IC 26 12.29 -31.96 -94.34
C ILE IC 26 11.89 -32.21 -95.79
N LYS IC 27 12.85 -32.14 -96.71
CA LYS IC 27 12.55 -32.44 -98.11
C LYS IC 27 12.11 -33.88 -98.29
N SER IC 28 12.79 -34.81 -97.62
CA SER IC 28 12.37 -36.21 -97.68
C SER IC 28 10.97 -36.39 -97.09
N PHE IC 29 10.67 -35.68 -96.01
CA PHE IC 29 9.36 -35.76 -95.40
C PHE IC 29 8.28 -35.25 -96.34
N VAL IC 30 8.50 -34.11 -96.99
CA VAL IC 30 7.48 -33.57 -97.90
C VAL IC 30 7.34 -34.47 -99.12
N ALA IC 31 8.43 -35.13 -99.53
CA ALA IC 31 8.31 -36.10 -100.61
C ALA IC 31 7.45 -37.30 -100.20
N SER IC 32 7.62 -37.78 -98.96
CA SER IC 32 6.90 -38.97 -98.54
C SER IC 32 5.54 -38.63 -97.93
N GLY IC 33 5.19 -37.34 -97.91
CA GLY IC 33 3.93 -36.93 -97.29
C GLY IC 33 2.70 -37.51 -97.97
N GLU IC 34 2.71 -37.57 -99.30
CA GLU IC 34 1.56 -38.13 -100.02
C GLU IC 34 1.36 -39.60 -99.67
N ARG IC 35 2.44 -40.37 -99.68
CA ARG IC 35 2.37 -41.78 -99.29
C ARG IC 35 1.89 -41.93 -97.85
N ARG IC 36 2.36 -41.05 -96.97
CA ARG IC 36 1.95 -41.11 -95.57
C ARG IC 36 0.45 -40.86 -95.42
N LEU IC 37 -0.07 -39.84 -96.11
CA LEU IC 37 -1.49 -39.55 -96.02
C LEU IC 37 -2.33 -40.67 -96.62
N ARG IC 38 -1.86 -41.26 -97.73
CA ARG IC 38 -2.57 -42.38 -98.33
C ARG IC 38 -2.61 -43.58 -97.38
N ILE IC 39 -1.49 -43.88 -96.74
CA ILE IC 39 -1.44 -45.00 -95.79
C ILE IC 39 -2.36 -44.73 -94.61
N ALA IC 40 -2.37 -43.49 -94.12
CA ALA IC 40 -3.26 -43.14 -93.01
C ALA IC 40 -4.73 -43.29 -93.42
N GLN IC 41 -5.08 -42.86 -94.63
CA GLN IC 41 -6.46 -43.01 -95.09
C GLN IC 41 -6.83 -44.48 -95.22
N THR IC 42 -5.92 -45.31 -95.73
CA THR IC 42 -6.19 -46.74 -95.83
C THR IC 42 -6.39 -47.38 -94.46
N LEU IC 43 -5.57 -47.01 -93.48
CA LEU IC 43 -5.77 -47.53 -92.14
C LEU IC 43 -7.08 -47.05 -91.54
N THR IC 44 -7.44 -45.79 -91.78
CA THR IC 44 -8.66 -45.23 -91.21
C THR IC 44 -9.90 -45.89 -91.81
N GLU IC 45 -9.81 -46.34 -93.06
CA GLU IC 45 -10.97 -46.93 -93.73
C GLU IC 45 -11.41 -48.22 -93.03
N ALA IC 46 -10.47 -49.05 -92.60
CA ALA IC 46 -10.76 -50.35 -92.01
C ALA IC 46 -10.58 -50.36 -90.49
N ARG IC 47 -10.97 -49.27 -89.82
CA ARG IC 47 -10.68 -49.14 -88.40
C ARG IC 47 -11.49 -50.13 -87.57
N GLU IC 48 -12.71 -50.46 -88.00
CA GLU IC 48 -13.54 -51.35 -87.20
C GLU IC 48 -13.08 -52.80 -87.32
N ARG IC 49 -12.72 -53.25 -88.52
CA ARG IC 49 -12.24 -54.60 -88.71
C ARG IC 49 -10.93 -54.83 -87.97
N ILE IC 50 -10.02 -53.85 -88.05
CA ILE IC 50 -8.73 -53.96 -87.38
C ILE IC 50 -8.92 -54.07 -85.88
N VAL IC 51 -9.78 -53.22 -85.32
CA VAL IC 51 -10.01 -53.22 -83.88
C VAL IC 51 -10.64 -54.53 -83.44
N LYS IC 52 -11.65 -55.02 -84.18
CA LYS IC 52 -12.32 -56.24 -83.77
C LYS IC 52 -11.40 -57.45 -83.86
N GLN IC 53 -10.64 -57.56 -84.95
CA GLN IC 53 -9.73 -58.70 -85.09
C GLN IC 53 -8.59 -58.63 -84.07
N ALA IC 54 -8.08 -57.43 -83.79
CA ALA IC 54 -7.05 -57.29 -82.77
C ALA IC 54 -7.58 -57.67 -81.40
N GLY IC 55 -8.83 -57.29 -81.10
CA GLY IC 55 -9.43 -57.69 -79.84
C GLY IC 55 -9.60 -59.19 -79.72
N ASP IC 56 -10.02 -59.83 -80.81
CA ASP IC 56 -10.16 -61.29 -80.80
C ASP IC 56 -8.82 -61.97 -80.57
N GLN IC 57 -7.78 -61.51 -81.27
CA GLN IC 57 -6.45 -62.10 -81.09
C GLN IC 57 -5.92 -61.86 -79.68
N LEU IC 58 -6.13 -60.65 -79.14
CA LEU IC 58 -5.66 -60.35 -77.80
C LEU IC 58 -6.36 -61.22 -76.76
N PHE IC 59 -7.68 -61.37 -76.87
CA PHE IC 59 -8.39 -62.18 -75.90
C PHE IC 59 -8.08 -63.66 -76.05
N GLN IC 60 -7.75 -64.12 -77.25
CA GLN IC 60 -7.30 -65.49 -77.40
C GLN IC 60 -5.94 -65.68 -76.73
N ILE IC 61 -5.03 -64.72 -76.94
CA ILE IC 61 -3.68 -64.89 -76.41
C ILE IC 61 -3.65 -64.76 -74.90
N ARG IC 62 -4.43 -63.83 -74.34
CA ARG IC 62 -4.44 -63.58 -72.89
C ARG IC 62 -5.88 -63.59 -72.39
N PRO IC 63 -6.44 -64.76 -72.15
CA PRO IC 63 -7.82 -64.84 -71.63
C PRO IC 63 -7.94 -64.46 -70.16
N ASP IC 64 -6.83 -64.13 -69.49
CA ASP IC 64 -6.88 -63.74 -68.09
C ASP IC 64 -7.68 -62.45 -67.95
N VAL IC 65 -7.53 -61.52 -68.89
CA VAL IC 65 -8.14 -60.20 -68.72
C VAL IC 65 -9.66 -60.26 -68.84
N VAL IC 66 -10.19 -61.32 -69.46
CA VAL IC 66 -11.64 -61.44 -69.59
C VAL IC 66 -12.14 -62.45 -68.58
N SER IC 67 -11.27 -62.85 -67.66
CA SER IC 67 -11.60 -63.79 -66.60
C SER IC 67 -12.32 -63.03 -65.50
N PRO IC 68 -12.97 -63.74 -64.57
CA PRO IC 68 -13.74 -63.09 -63.51
C PRO IC 68 -12.95 -62.09 -62.67
N GLY IC 69 -11.69 -62.38 -62.40
CA GLY IC 69 -10.88 -61.46 -61.62
C GLY IC 69 -10.06 -60.52 -62.47
N GLY IC 70 -10.40 -60.42 -63.76
CA GLY IC 70 -9.61 -59.66 -64.72
C GLY IC 70 -10.05 -58.21 -64.77
N ASN IC 71 -9.14 -57.36 -65.26
CA ASN IC 71 -9.46 -55.94 -65.39
C ASN IC 71 -10.57 -55.69 -66.41
N ALA IC 72 -10.57 -56.45 -67.50
CA ALA IC 72 -11.53 -56.27 -68.58
C ALA IC 72 -12.68 -57.26 -68.53
N TYR IC 73 -13.13 -57.63 -67.33
CA TYR IC 73 -14.21 -58.60 -67.19
C TYR IC 73 -15.55 -57.87 -67.26
N GLY IC 74 -16.42 -58.35 -68.14
CA GLY IC 74 -17.71 -57.73 -68.38
C GLY IC 74 -17.79 -57.10 -69.76
N GLU IC 75 -19.03 -56.96 -70.23
CA GLU IC 75 -19.26 -56.40 -71.55
C GLU IC 75 -18.82 -54.95 -71.61
N LYS IC 76 -19.11 -54.16 -70.58
CA LYS IC 76 -18.71 -52.76 -70.57
C LYS IC 76 -17.19 -52.62 -70.49
N MET IC 77 -16.53 -53.45 -69.69
CA MET IC 77 -15.09 -53.41 -69.57
C MET IC 77 -14.43 -53.80 -70.90
N THR IC 78 -14.99 -54.81 -71.57
CA THR IC 78 -14.48 -55.17 -72.88
C THR IC 78 -14.69 -54.05 -73.89
N ALA IC 79 -15.82 -53.35 -73.81
CA ALA IC 79 -16.06 -52.20 -74.68
C ALA IC 79 -15.02 -51.11 -74.44
N LEU IC 80 -14.67 -50.88 -73.18
CA LEU IC 80 -13.66 -49.87 -72.88
C LEU IC 80 -12.29 -50.27 -73.42
N CYS IC 81 -11.95 -51.55 -73.33
CA CYS IC 81 -10.68 -52.02 -73.91
C CYS IC 81 -10.67 -51.83 -75.42
N LEU IC 82 -11.78 -52.15 -76.09
CA LEU IC 82 -11.85 -51.90 -77.52
C LEU IC 82 -11.77 -50.42 -77.85
N ARG IC 83 -12.36 -49.57 -77.02
CA ARG IC 83 -12.26 -48.13 -77.25
C ARG IC 83 -10.84 -47.63 -77.11
N ASP IC 84 -10.10 -48.14 -76.12
CA ASP IC 84 -8.69 -47.79 -75.98
C ASP IC 84 -7.89 -48.25 -77.20
N LEU IC 85 -8.22 -49.45 -77.70
CA LEU IC 85 -7.56 -49.94 -78.91
C LEU IC 85 -7.83 -49.03 -80.10
N ASP IC 86 -9.07 -48.56 -80.22
CA ASP IC 86 -9.41 -47.61 -81.29
C ASP IC 86 -8.65 -46.30 -81.13
N TYR IC 87 -8.52 -45.83 -79.88
CA TYR IC 87 -7.75 -44.62 -79.60
C TYR IC 87 -6.31 -44.77 -80.09
N TYR IC 88 -5.69 -45.91 -79.79
CA TYR IC 88 -4.30 -46.08 -80.18
C TYR IC 88 -4.16 -46.26 -81.69
N LEU IC 89 -5.15 -46.86 -82.35
CA LEU IC 89 -5.11 -46.93 -83.81
C LEU IC 89 -5.20 -45.53 -84.42
N ARG IC 90 -6.07 -44.68 -83.86
CA ARG IC 90 -6.18 -43.31 -84.34
C ARG IC 90 -4.86 -42.55 -84.13
N LEU IC 91 -4.23 -42.77 -82.98
CA LEU IC 91 -2.92 -42.15 -82.73
C LEU IC 91 -1.88 -42.64 -83.73
N VAL IC 92 -1.95 -43.92 -84.10
CA VAL IC 92 -1.03 -44.45 -85.12
C VAL IC 92 -1.24 -43.75 -86.45
N THR IC 93 -2.50 -43.52 -86.84
CA THR IC 93 -2.76 -42.79 -88.08
C THR IC 93 -2.24 -41.36 -88.01
N TYR IC 94 -2.42 -40.70 -86.86
CA TYR IC 94 -1.90 -39.35 -86.68
C TYR IC 94 -0.38 -39.32 -86.82
N GLY IC 95 0.29 -40.31 -86.23
CA GLY IC 95 1.73 -40.37 -86.35
C GLY IC 95 2.17 -40.62 -87.77
N ILE IC 96 1.43 -41.46 -88.50
CA ILE IC 96 1.77 -41.77 -89.88
C ILE IC 96 1.68 -40.53 -90.75
N VAL IC 97 0.63 -39.72 -90.55
CA VAL IC 97 0.52 -38.50 -91.35
C VAL IC 97 1.57 -37.48 -90.92
N ALA IC 98 1.83 -37.37 -89.61
CA ALA IC 98 2.74 -36.35 -89.12
C ALA IC 98 4.18 -36.62 -89.55
N GLY IC 99 4.57 -37.89 -89.59
CA GLY IC 99 5.93 -38.25 -89.93
C GLY IC 99 6.86 -38.39 -88.75
N ASP IC 100 6.42 -37.98 -87.56
CA ASP IC 100 7.18 -38.17 -86.33
C ASP IC 100 6.22 -38.48 -85.20
N VAL IC 101 6.77 -38.72 -84.00
CA VAL IC 101 5.95 -39.16 -82.89
C VAL IC 101 5.72 -38.02 -81.91
N THR IC 102 5.79 -36.78 -82.38
CA THR IC 102 5.64 -35.64 -81.48
C THR IC 102 4.23 -35.55 -80.88
N PRO IC 103 3.17 -35.41 -81.69
CA PRO IC 103 1.83 -35.32 -81.08
C PRO IC 103 1.39 -36.62 -80.44
N ILE IC 104 1.85 -37.75 -80.96
CA ILE IC 104 1.48 -39.04 -80.40
C ILE IC 104 2.01 -39.19 -78.98
N GLU IC 105 3.26 -38.77 -78.75
CA GLU IC 105 3.84 -38.87 -77.42
C GLU IC 105 3.13 -37.95 -76.46
N GLU IC 106 2.73 -36.77 -76.92
CA GLU IC 106 1.98 -35.85 -76.08
C GLU IC 106 0.61 -36.43 -75.72
N ILE IC 107 -0.04 -37.10 -76.67
CA ILE IC 107 -1.42 -37.51 -76.46
C ILE IC 107 -1.53 -38.84 -75.68
N GLY IC 108 -0.67 -39.81 -75.96
CA GLY IC 108 -1.00 -41.15 -75.53
C GLY IC 108 -0.01 -41.99 -74.76
N ILE IC 109 1.23 -41.52 -74.54
CA ILE IC 109 2.22 -42.32 -73.86
C ILE IC 109 2.74 -41.67 -72.58
N ILE IC 110 2.98 -40.36 -72.60
CA ILE IC 110 3.48 -39.71 -71.39
C ILE IC 110 2.36 -39.67 -70.36
N GLY IC 111 2.60 -40.29 -69.21
CA GLY IC 111 1.59 -40.45 -68.19
C GLY IC 111 0.75 -41.70 -68.33
N VAL IC 112 0.96 -42.47 -69.41
CA VAL IC 112 0.16 -43.68 -69.61
C VAL IC 112 0.46 -44.70 -68.53
N LYS IC 113 1.70 -44.73 -68.03
CA LYS IC 113 2.04 -45.64 -66.94
C LYS IC 113 1.25 -45.31 -65.69
N GLU IC 114 1.19 -44.03 -65.33
CA GLU IC 114 0.44 -43.63 -64.14
C GLU IC 114 -1.05 -43.88 -64.32
N MET IC 115 -1.59 -43.59 -65.50
CA MET IC 115 -3.02 -43.80 -65.73
C MET IC 115 -3.37 -45.27 -65.63
N TYR IC 116 -2.57 -46.14 -66.26
CA TYR IC 116 -2.89 -47.55 -66.24
C TYR IC 116 -2.58 -48.19 -64.88
N ASN IC 117 -1.62 -47.63 -64.14
CA ASN IC 117 -1.39 -48.11 -62.78
C ASN IC 117 -2.55 -47.75 -61.87
N SER IC 118 -3.10 -46.54 -62.05
CA SER IC 118 -4.28 -46.16 -61.29
C SER IC 118 -5.48 -47.02 -61.66
N LEU IC 119 -5.60 -47.36 -62.95
CA LEU IC 119 -6.72 -48.18 -63.38
C LEU IC 119 -6.49 -49.67 -63.16
N GLN IC 120 -5.30 -50.07 -62.70
CA GLN IC 120 -4.97 -51.47 -62.47
C GLN IC 120 -5.05 -52.30 -63.76
N THR IC 121 -4.58 -51.74 -64.86
CA THR IC 121 -4.71 -52.43 -66.14
C THR IC 121 -3.37 -53.03 -66.56
N PRO IC 122 -3.36 -54.20 -67.18
CA PRO IC 122 -2.10 -54.79 -67.63
C PRO IC 122 -1.52 -54.09 -68.86
N ILE IC 123 -0.46 -53.32 -68.61
CA ILE IC 123 0.27 -52.69 -69.73
C ILE IC 123 0.83 -53.70 -70.71
N PRO IC 124 1.43 -54.82 -70.29
CA PRO IC 124 1.79 -55.86 -71.27
C PRO IC 124 0.63 -56.39 -72.09
N ALA IC 125 -0.56 -56.52 -71.49
CA ALA IC 125 -1.74 -56.88 -72.27
C ALA IC 125 -2.10 -55.82 -73.29
N VAL IC 126 -2.01 -54.54 -72.93
CA VAL IC 126 -2.25 -53.48 -73.90
C VAL IC 126 -1.24 -53.53 -75.03
N ALA IC 127 0.03 -53.80 -74.70
CA ALA IC 127 1.05 -53.93 -75.74
C ALA IC 127 0.77 -55.10 -76.67
N GLU IC 128 0.30 -56.22 -76.10
CA GLU IC 128 -0.07 -57.36 -76.93
C GLU IC 128 -1.23 -57.02 -77.86
N GLY IC 129 -2.21 -56.27 -77.35
CA GLY IC 129 -3.29 -55.80 -78.20
C GLY IC 129 -2.80 -54.91 -79.32
N VAL IC 130 -1.86 -54.02 -79.03
CA VAL IC 130 -1.29 -53.17 -80.07
C VAL IC 130 -0.54 -54.01 -81.09
N ARG IC 131 0.12 -55.07 -80.65
CA ARG IC 131 0.80 -55.97 -81.60
C ARG IC 131 -0.21 -56.68 -82.49
N ALA IC 132 -1.35 -57.09 -81.91
CA ALA IC 132 -2.40 -57.70 -82.73
C ALA IC 132 -2.92 -56.71 -83.77
N MET IC 133 -3.09 -55.45 -83.37
CA MET IC 133 -3.45 -54.41 -84.32
C MET IC 133 -2.38 -54.26 -85.40
N LYS IC 134 -1.12 -54.36 -85.00
CA LYS IC 134 0.01 -54.35 -85.92
C LYS IC 134 -0.15 -55.41 -87.00
N ASN IC 135 -0.41 -56.64 -86.58
CA ASN IC 135 -0.56 -57.73 -87.55
C ASN IC 135 -1.74 -57.51 -88.46
N VAL IC 136 -2.89 -57.14 -87.89
CA VAL IC 136 -4.11 -56.99 -88.69
C VAL IC 136 -3.95 -55.86 -89.71
N ALA IC 137 -3.38 -54.73 -89.28
CA ALA IC 137 -3.18 -53.60 -90.18
C ALA IC 137 -2.15 -53.92 -91.25
N THR IC 138 -1.06 -54.59 -90.87
CA THR IC 138 -0.02 -54.91 -91.85
C THR IC 138 -0.49 -55.95 -92.84
N SER IC 139 -1.53 -56.72 -92.51
CA SER IC 139 -2.13 -57.62 -93.48
C SER IC 139 -2.84 -56.90 -94.62
N LEU IC 140 -3.14 -55.61 -94.48
CA LEU IC 140 -3.90 -54.87 -95.48
C LEU IC 140 -3.06 -53.86 -96.25
N LEU IC 141 -1.74 -53.98 -96.20
CA LEU IC 141 -0.88 -52.99 -96.81
C LEU IC 141 0.23 -53.65 -97.60
N SER IC 142 0.75 -52.93 -98.60
CA SER IC 142 1.93 -53.37 -99.30
C SER IC 142 3.12 -53.38 -98.35
N GLY IC 143 4.19 -54.09 -98.75
CA GLY IC 143 5.33 -54.33 -97.89
C GLY IC 143 6.04 -53.10 -97.36
N ASP IC 144 6.31 -52.14 -98.25
CA ASP IC 144 6.96 -50.91 -97.82
C ASP IC 144 6.08 -50.11 -96.87
N ASP IC 145 4.82 -49.88 -97.25
CA ASP IC 145 3.89 -49.19 -96.38
C ASP IC 145 3.60 -49.99 -95.12
N ALA IC 146 3.61 -51.32 -95.22
CA ALA IC 146 3.44 -52.15 -94.03
C ALA IC 146 4.57 -51.92 -93.04
N ALA IC 147 5.81 -51.88 -93.52
CA ALA IC 147 6.94 -51.61 -92.64
C ALA IC 147 6.86 -50.20 -92.08
N GLU IC 148 6.43 -49.24 -92.90
CA GLU IC 148 6.34 -47.85 -92.46
C GLU IC 148 5.34 -47.69 -91.33
N ALA IC 149 4.17 -48.31 -91.45
CA ALA IC 149 3.19 -48.25 -90.37
C ALA IC 149 3.66 -49.08 -89.17
N GLY IC 150 4.34 -50.19 -89.44
CA GLY IC 150 4.87 -51.01 -88.38
C GLY IC 150 5.90 -50.29 -87.53
N PHE IC 151 6.62 -49.33 -88.11
CA PHE IC 151 7.54 -48.53 -87.31
C PHE IC 151 6.80 -47.80 -86.19
N TYR IC 152 5.67 -47.16 -86.51
CA TYR IC 152 4.90 -46.51 -85.47
C TYR IC 152 4.25 -47.52 -84.53
N PHE IC 153 3.84 -48.67 -85.05
CA PHE IC 153 3.25 -49.70 -84.18
C PHE IC 153 4.25 -50.20 -83.15
N ASP IC 154 5.47 -50.54 -83.57
CA ASP IC 154 6.47 -50.94 -82.60
C ASP IC 154 6.93 -49.76 -81.74
N TYR IC 155 6.79 -48.53 -82.22
CA TYR IC 155 7.04 -47.39 -81.35
C TYR IC 155 6.07 -47.36 -80.18
N LEU IC 156 4.78 -47.57 -80.47
CA LEU IC 156 3.78 -47.63 -79.40
C LEU IC 156 4.04 -48.81 -78.48
N VAL IC 157 4.42 -49.96 -79.06
CA VAL IC 157 4.72 -51.15 -78.26
C VAL IC 157 5.88 -50.89 -77.32
N GLY IC 158 6.91 -50.21 -77.80
CA GLY IC 158 8.02 -49.85 -76.93
C GLY IC 158 7.63 -48.84 -75.88
N ALA IC 159 6.75 -47.90 -76.24
CA ALA IC 159 6.33 -46.87 -75.29
C ALA IC 159 5.56 -47.47 -74.11
N MET IC 160 4.59 -48.34 -74.38
CA MET IC 160 3.99 -49.14 -73.30
C MET IC 160 4.93 -50.28 -72.95
N GLN IC 161 5.87 -49.98 -72.06
CA GLN IC 161 6.85 -50.96 -71.63
C GLN IC 161 7.68 -50.42 -70.46
N MET JC 1 4.53 -25.15 -79.45
CA MET JC 1 4.35 -24.58 -80.78
C MET JC 1 3.69 -25.59 -81.71
N GLN JC 2 3.06 -25.09 -82.78
CA GLN JC 2 2.40 -25.95 -83.74
C GLN JC 2 2.74 -25.51 -85.15
N ASP JC 3 2.84 -26.48 -86.04
CA ASP JC 3 2.92 -26.26 -87.48
C ASP JC 3 1.54 -26.50 -88.07
N ALA JC 4 1.44 -26.51 -89.40
CA ALA JC 4 0.17 -26.77 -90.05
C ALA JC 4 -0.32 -28.18 -89.77
N ILE JC 5 0.58 -29.16 -89.90
CA ILE JC 5 0.20 -30.55 -89.71
C ILE JC 5 -0.21 -30.81 -88.26
N THR JC 6 0.59 -30.33 -87.31
CA THR JC 6 0.23 -30.49 -85.91
C THR JC 6 -1.02 -29.73 -85.54
N ALA JC 7 -1.26 -28.56 -86.14
CA ALA JC 7 -2.48 -27.83 -85.88
C ALA JC 7 -3.71 -28.60 -86.35
N VAL JC 8 -3.65 -29.17 -87.55
CA VAL JC 8 -4.78 -29.97 -88.03
C VAL JC 8 -4.97 -31.21 -87.18
N ILE JC 9 -3.85 -31.83 -86.76
CA ILE JC 9 -3.95 -33.04 -85.94
C ILE JC 9 -4.59 -32.74 -84.60
N ASN JC 10 -4.20 -31.63 -83.98
CA ASN JC 10 -4.84 -31.25 -82.72
C ASN JC 10 -6.31 -30.88 -82.92
N ASN JC 11 -6.62 -30.19 -84.02
CA ASN JC 11 -8.00 -29.80 -84.30
C ASN JC 11 -8.88 -31.01 -84.47
N TYR JC 12 -8.35 -32.10 -85.02
CA TYR JC 12 -9.15 -33.32 -85.12
C TYR JC 12 -9.13 -34.15 -83.84
N ASP JC 13 -8.03 -34.09 -83.09
CA ASP JC 13 -7.96 -34.85 -81.85
C ASP JC 13 -8.91 -34.32 -80.80
N VAL JC 14 -9.11 -32.99 -80.77
CA VAL JC 14 -10.06 -32.43 -79.81
C VAL JC 14 -11.47 -32.90 -80.08
N GLN JC 15 -11.82 -33.16 -81.33
CA GLN JC 15 -13.10 -33.74 -81.67
C GLN JC 15 -13.09 -35.26 -81.64
N GLY JC 16 -11.92 -35.88 -81.51
CA GLY JC 16 -11.86 -37.34 -81.52
C GLY JC 16 -12.25 -37.93 -82.85
N LYS JC 17 -11.81 -37.32 -83.94
CA LYS JC 17 -12.20 -37.72 -85.28
C LYS JC 17 -10.99 -38.22 -86.06
N TYR JC 18 -11.21 -39.27 -86.86
CA TYR JC 18 -10.18 -39.69 -87.80
C TYR JC 18 -10.04 -38.66 -88.91
N LEU JC 19 -8.89 -38.69 -89.58
CA LEU JC 19 -8.64 -37.72 -90.65
C LEU JC 19 -9.56 -38.00 -91.83
N ASP JC 20 -10.23 -36.96 -92.30
CA ASP JC 20 -11.17 -37.04 -93.41
C ASP JC 20 -10.62 -36.29 -94.63
N GLY JC 21 -11.47 -36.14 -95.64
CA GLY JC 21 -11.04 -35.51 -96.88
C GLY JC 21 -10.59 -34.07 -96.71
N ALA JC 22 -11.26 -33.32 -95.84
CA ALA JC 22 -10.87 -31.92 -95.63
C ALA JC 22 -9.49 -31.82 -94.99
N ALA JC 23 -9.24 -32.62 -93.96
CA ALA JC 23 -7.93 -32.61 -93.32
C ALA JC 23 -6.85 -33.07 -94.29
N LEU JC 24 -7.16 -34.09 -95.09
CA LEU JC 24 -6.21 -34.55 -96.09
C LEU JC 24 -5.92 -33.46 -97.12
N ASP JC 25 -6.94 -32.71 -97.52
CA ASP JC 25 -6.73 -31.62 -98.47
C ASP JC 25 -5.86 -30.52 -97.88
N LYS JC 26 -6.07 -30.18 -96.60
CA LYS JC 26 -5.23 -29.18 -95.96
C LYS JC 26 -3.78 -29.64 -95.87
N LEU JC 27 -3.58 -30.91 -95.49
CA LEU JC 27 -2.22 -31.43 -95.40
C LEU JC 27 -1.56 -31.47 -96.77
N LYS JC 28 -2.31 -31.83 -97.81
CA LYS JC 28 -1.76 -31.83 -99.16
C LYS JC 28 -1.39 -30.41 -99.60
N ALA JC 29 -2.24 -29.44 -99.23
CA ALA JC 29 -1.96 -28.05 -99.57
C ALA JC 29 -0.69 -27.57 -98.89
N TYR JC 30 -0.40 -28.05 -97.68
CA TYR JC 30 0.89 -27.71 -97.09
C TYR JC 30 2.02 -28.47 -97.77
N PHE JC 31 1.79 -29.74 -98.12
CA PHE JC 31 2.85 -30.58 -98.66
C PHE JC 31 3.34 -30.07 -100.01
N THR JC 32 2.42 -29.50 -100.81
CA THR JC 32 2.80 -29.08 -102.15
C THR JC 32 3.75 -27.88 -102.15
N THR JC 33 3.90 -27.18 -101.03
CA THR JC 33 4.79 -26.02 -100.96
C THR JC 33 5.96 -26.21 -100.01
N GLY JC 34 6.37 -27.45 -99.75
CA GLY JC 34 7.45 -27.68 -98.80
C GLY JC 34 8.79 -27.17 -99.27
N ALA JC 35 9.12 -27.43 -100.54
CA ALA JC 35 10.48 -27.19 -101.02
C ALA JC 35 10.79 -25.70 -101.09
N VAL JC 36 9.81 -24.89 -101.48
CA VAL JC 36 10.03 -23.46 -101.63
C VAL JC 36 10.36 -22.83 -100.29
N ARG JC 37 9.69 -23.27 -99.23
CA ARG JC 37 9.99 -22.77 -97.89
C ARG JC 37 11.41 -23.12 -97.48
N VAL JC 38 11.86 -24.34 -97.80
CA VAL JC 38 13.21 -24.75 -97.43
C VAL JC 38 14.24 -23.91 -98.16
N ARG JC 39 14.03 -23.69 -99.46
CA ARG JC 39 14.98 -22.90 -100.24
C ARG JC 39 15.05 -21.46 -99.73
N ALA JC 40 13.89 -20.86 -99.46
CA ALA JC 40 13.88 -19.48 -98.96
C ALA JC 40 14.51 -19.40 -97.57
N ALA JC 41 14.31 -20.45 -96.75
CA ALA JC 41 14.93 -20.46 -95.43
C ALA JC 41 16.45 -20.53 -95.53
N ALA JC 42 16.97 -21.36 -96.44
CA ALA JC 42 18.41 -21.40 -96.64
C ALA JC 42 18.95 -20.05 -97.12
N VAL JC 43 18.22 -19.40 -98.03
CA VAL JC 43 18.67 -18.09 -98.53
C VAL JC 43 18.70 -17.07 -97.39
N ILE JC 44 17.67 -17.08 -96.55
CA ILE JC 44 17.61 -16.15 -95.43
C ILE JC 44 18.73 -16.43 -94.44
N SER JC 45 19.00 -17.71 -94.18
CA SER JC 45 20.06 -18.09 -93.25
C SER JC 45 21.42 -17.62 -93.75
N SER JC 46 21.65 -17.71 -95.06
CA SER JC 46 22.86 -17.10 -95.60
C SER JC 46 22.89 -15.59 -95.43
N ASN JC 47 21.85 -14.89 -95.87
CA ASN JC 47 21.87 -13.44 -95.93
C ASN JC 47 21.35 -12.78 -94.67
N ALA JC 48 21.43 -13.46 -93.52
CA ALA JC 48 20.96 -12.93 -92.24
C ALA JC 48 21.57 -11.59 -91.88
N THR JC 49 22.91 -11.49 -91.90
CA THR JC 49 23.54 -10.23 -91.52
C THR JC 49 23.34 -9.17 -92.61
N THR JC 50 23.33 -9.58 -93.88
CA THR JC 50 23.08 -8.63 -94.95
C THR JC 50 21.67 -8.08 -94.90
N ILE JC 51 20.69 -8.92 -94.60
CA ILE JC 51 19.31 -8.46 -94.50
C ILE JC 51 19.17 -7.43 -93.38
N ILE JC 52 19.80 -7.70 -92.23
CA ILE JC 52 19.73 -6.76 -91.12
C ILE JC 52 20.44 -5.46 -91.46
N LYS JC 53 21.57 -5.55 -92.17
CA LYS JC 53 22.32 -4.32 -92.47
C LYS JC 53 21.58 -3.43 -93.45
N GLU JC 54 21.03 -4.02 -94.53
CA GLU JC 54 20.19 -3.23 -95.43
C GLU JC 54 18.93 -2.71 -94.75
N ALA JC 55 18.31 -3.50 -93.88
CA ALA JC 55 17.11 -3.03 -93.19
C ALA JC 55 17.42 -1.84 -92.30
N ALA JC 56 18.53 -1.92 -91.56
CA ALA JC 56 18.93 -0.80 -90.71
C ALA JC 56 19.27 0.43 -91.54
N ALA JC 57 19.96 0.23 -92.68
CA ALA JC 57 20.27 1.35 -93.54
C ALA JC 57 19.02 2.01 -94.10
N LYS JC 58 18.02 1.21 -94.47
CA LYS JC 58 16.81 1.75 -95.07
C LYS JC 58 15.86 2.38 -94.05
N ALA JC 59 15.83 1.90 -92.82
CA ALA JC 59 14.81 2.32 -91.88
C ALA JC 59 15.30 3.00 -90.61
N LEU JC 60 16.48 2.68 -90.11
CA LEU JC 60 16.85 3.13 -88.77
C LEU JC 60 18.00 4.13 -88.77
N ILE JC 61 19.14 3.75 -89.31
CA ILE JC 61 20.36 4.53 -89.17
C ILE JC 61 20.29 5.79 -90.03
N TYR JC 62 21.24 6.70 -89.82
CA TYR JC 62 21.25 8.01 -90.49
C TYR JC 62 20.00 8.80 -90.14
N SER JC 63 19.56 8.70 -88.89
CA SER JC 63 18.37 9.40 -88.45
C SER JC 63 18.61 9.90 -87.03
N ASP JC 64 17.53 10.37 -86.40
CA ASP JC 64 17.64 10.84 -85.02
C ASP JC 64 17.71 9.69 -84.04
N LEU JC 65 17.41 8.47 -84.50
CA LEU JC 65 17.55 7.30 -83.63
C LEU JC 65 19.01 7.07 -83.26
N THR JC 66 19.92 7.25 -84.21
CA THR JC 66 21.34 7.04 -83.99
C THR JC 66 22.06 8.29 -83.50
N ARG JC 67 21.38 9.41 -83.42
CA ARG JC 67 21.96 10.63 -82.89
C ARG JC 67 21.75 10.71 -81.39
N PRO JC 68 22.35 11.69 -80.72
CA PRO JC 68 22.08 11.88 -79.29
C PRO JC 68 20.61 12.12 -79.00
N GLY JC 69 20.12 11.51 -77.92
CA GLY JC 69 18.71 11.53 -77.61
C GLY JC 69 17.90 10.46 -78.29
N GLY JC 70 18.47 9.79 -79.29
CA GLY JC 70 17.79 8.71 -79.97
C GLY JC 70 17.83 7.43 -79.15
N MEN JC 71 16.85 6.56 -79.37
CA MEN JC 71 16.76 5.36 -78.58
C MEN JC 71 17.90 4.40 -78.87
O MEN JC 71 18.42 3.69 -78.01
CB MEN JC 71 15.47 4.56 -78.81
CG MEN JC 71 15.26 3.69 -77.59
OD1 MEN JC 71 14.92 2.50 -77.70
ND2 MEN JC 71 15.46 4.29 -76.36
CE2 MEN JC 71 15.31 3.61 -75.11
N MET JC 72 18.32 4.39 -80.12
CA MET JC 72 19.37 3.48 -80.55
C MET JC 72 20.74 4.16 -80.56
N TYR JC 73 20.79 5.33 -79.93
CA TYR JC 73 22.07 5.99 -79.69
C TYR JC 73 22.87 5.20 -78.66
N THR JC 74 24.19 5.28 -78.74
CA THR JC 74 25.17 4.57 -77.90
C THR JC 74 25.31 3.13 -78.33
N THR JC 75 26.49 2.56 -78.08
CA THR JC 75 26.83 1.22 -78.57
C THR JC 75 25.91 0.15 -77.98
N ARG JC 76 25.57 0.25 -76.70
CA ARG JC 76 24.71 -0.75 -76.07
C ARG JC 76 23.34 -0.79 -76.73
N ARG JC 77 22.75 0.38 -76.96
CA ARG JC 77 21.44 0.42 -77.59
C ARG JC 77 21.48 0.01 -79.05
N TYR JC 78 22.55 0.36 -79.76
CA TYR JC 78 22.70 -0.12 -81.13
C TYR JC 78 22.78 -1.64 -81.18
N ALA JC 79 23.57 -2.23 -80.28
CA ALA JC 79 23.67 -3.69 -80.22
C ALA JC 79 22.33 -4.32 -79.84
N ALA JC 80 21.61 -3.70 -78.91
CA ALA JC 80 20.31 -4.23 -78.52
C ALA JC 80 19.33 -4.21 -79.68
N CYS JC 81 19.31 -3.10 -80.44
CA CYS JC 81 18.40 -3.03 -81.58
C CYS JC 81 18.75 -4.05 -82.64
N ILE JC 82 20.05 -4.22 -82.95
CA ILE JC 82 20.39 -5.22 -83.96
C ILE JC 82 20.13 -6.63 -83.46
N ARG JC 83 20.29 -6.90 -82.16
CA ARG JC 83 19.99 -8.23 -81.64
C ARG JC 83 18.49 -8.53 -81.71
N ASP JC 84 17.67 -7.53 -81.39
CA ASP JC 84 16.22 -7.68 -81.55
C ASP JC 84 15.86 -7.92 -83.01
N MET JC 85 16.57 -7.23 -83.91
CA MET JC 85 16.34 -7.38 -85.34
C MET JC 85 16.63 -8.82 -85.76
N ASP JC 86 17.73 -9.37 -85.25
CA ASP JC 86 18.09 -10.74 -85.54
C ASP JC 86 17.09 -11.73 -84.97
N TYR JC 87 16.57 -11.46 -83.76
CA TYR JC 87 15.53 -12.30 -83.19
C TYR JC 87 14.30 -12.35 -84.08
N PHE JC 88 13.87 -11.18 -84.56
CA PHE JC 88 12.71 -11.12 -85.43
C PHE JC 88 12.95 -11.90 -86.73
N LEU JC 89 14.15 -11.76 -87.31
CA LEU JC 89 14.45 -12.48 -88.53
C LEU JC 89 14.45 -13.99 -88.32
N ARG JC 90 15.07 -14.44 -87.23
CA ARG JC 90 15.15 -15.88 -86.96
C ARG JC 90 13.78 -16.48 -86.73
N TYR JC 91 12.95 -15.83 -85.91
CA TYR JC 91 11.64 -16.40 -85.64
C TYR JC 91 10.71 -16.27 -86.84
N ALA JC 92 10.93 -15.26 -87.68
CA ALA JC 92 10.19 -15.21 -88.94
C ALA JC 92 10.55 -16.39 -89.83
N THR JC 93 11.83 -16.74 -89.88
CA THR JC 93 12.24 -17.92 -90.65
C THR JC 93 11.62 -19.20 -90.09
N TYR JC 94 11.60 -19.34 -88.76
CA TYR JC 94 10.98 -20.50 -88.14
C TYR JC 94 9.50 -20.58 -88.47
N ALA JC 95 8.80 -19.46 -88.35
CA ALA JC 95 7.36 -19.44 -88.62
C ALA JC 95 7.07 -19.73 -90.08
N MET JC 96 7.90 -19.21 -90.99
CA MET JC 96 7.70 -19.48 -92.41
C MET JC 96 7.95 -20.94 -92.74
N LEU JC 97 8.93 -21.56 -92.10
CA LEU JC 97 9.16 -22.99 -92.29
C LEU JC 97 7.97 -23.79 -91.75
N ALA JC 98 7.47 -23.41 -90.58
CA ALA JC 98 6.43 -24.21 -89.94
C ALA JC 98 5.05 -23.96 -90.52
N GLY JC 99 4.87 -22.89 -91.28
CA GLY JC 99 3.55 -22.58 -91.81
C GLY JC 99 2.52 -22.23 -90.75
N ASP JC 100 2.94 -21.61 -89.66
CA ASP JC 100 2.03 -21.26 -88.59
C ASP JC 100 2.67 -20.23 -87.66
N PRO JC 101 1.99 -19.14 -87.33
CA PRO JC 101 2.56 -18.12 -86.45
C PRO JC 101 2.43 -18.42 -84.97
N SER JC 102 2.11 -19.66 -84.59
CA SER JC 102 1.95 -20.02 -83.19
C SER JC 102 3.26 -19.84 -82.43
N ILE JC 103 4.39 -20.15 -83.08
CA ILE JC 103 5.69 -19.93 -82.45
C ILE JC 103 5.93 -18.44 -82.22
N LEU JC 104 5.51 -17.60 -83.18
CA LEU JC 104 5.63 -16.16 -83.00
C LEU JC 104 4.78 -15.67 -81.84
N ASP JC 105 3.56 -16.19 -81.69
CA ASP JC 105 2.72 -15.81 -80.57
C ASP JC 105 3.33 -16.25 -79.24
N GLU JC 106 3.86 -17.48 -79.20
CA GLU JC 106 4.32 -18.04 -77.94
C GLU JC 106 5.62 -17.39 -77.47
N ARG JC 107 6.59 -17.23 -78.37
CA ARG JC 107 7.95 -16.92 -77.95
C ARG JC 107 8.39 -15.49 -78.25
N VAL JC 108 7.62 -14.71 -78.98
CA VAL JC 108 8.07 -13.36 -79.32
C VAL JC 108 7.06 -12.32 -78.86
N LEU JC 109 5.85 -12.38 -79.41
CA LEU JC 109 4.90 -11.29 -79.23
C LEU JC 109 4.34 -11.23 -77.81
N ASN JC 110 4.41 -12.32 -77.06
CA ASN JC 110 3.81 -12.35 -75.73
C ASN JC 110 4.59 -11.51 -74.74
N GLY JC 111 4.06 -10.33 -74.40
CA GLY JC 111 4.71 -9.44 -73.46
C GLY JC 111 5.74 -8.52 -74.06
N LEU JC 112 6.05 -8.67 -75.36
CA LEU JC 112 7.00 -7.78 -76.00
C LEU JC 112 6.50 -6.34 -76.00
N LYS JC 113 5.20 -6.15 -76.19
CA LYS JC 113 4.61 -4.82 -76.21
C LYS JC 113 4.82 -4.10 -74.87
N GLU JC 114 4.52 -4.79 -73.78
CA GLU JC 114 4.65 -4.15 -72.47
C GLU JC 114 6.11 -4.02 -72.06
N THR JC 115 6.97 -4.94 -72.51
CA THR JC 115 8.40 -4.77 -72.29
C THR JC 115 8.92 -3.53 -72.98
N TYR JC 116 8.51 -3.30 -74.23
CA TYR JC 116 8.95 -2.11 -74.94
C TYR JC 116 8.37 -0.85 -74.32
N ASN JC 117 7.14 -0.92 -73.82
CA ASN JC 117 6.57 0.23 -73.13
C ASN JC 117 7.35 0.56 -71.86
N SER JC 118 7.77 -0.47 -71.11
CA SER JC 118 8.57 -0.21 -69.91
C SER JC 118 9.94 0.34 -70.27
N LEU JC 119 10.57 -0.16 -71.32
CA LEU JC 119 11.90 0.31 -71.68
C LEU JC 119 11.92 1.63 -72.43
N GLY JC 120 10.78 2.06 -72.97
CA GLY JC 120 10.74 3.28 -73.74
C GLY JC 120 11.10 3.15 -75.20
N VAL JC 121 11.19 1.94 -75.72
CA VAL JC 121 11.59 1.70 -77.11
C VAL JC 121 10.49 2.19 -78.05
N PRO JC 122 10.82 2.78 -79.20
CA PRO JC 122 9.78 3.21 -80.15
C PRO JC 122 9.20 2.08 -80.96
N ILE JC 123 7.93 1.76 -80.69
CA ILE JC 123 7.26 0.67 -81.38
C ILE JC 123 7.08 1.00 -82.86
N ALA JC 124 6.86 2.28 -83.18
CA ALA JC 124 6.74 2.67 -84.58
C ALA JC 124 8.03 2.42 -85.33
N ALA JC 125 9.16 2.77 -84.73
CA ALA JC 125 10.45 2.48 -85.36
C ALA JC 125 10.70 0.99 -85.48
N THR JC 126 10.28 0.21 -84.49
CA THR JC 126 10.43 -1.25 -84.58
C THR JC 126 9.62 -1.81 -85.74
N VAL JC 127 8.38 -1.32 -85.91
CA VAL JC 127 7.54 -1.77 -87.01
C VAL JC 127 8.17 -1.38 -88.35
N GLY JC 128 8.73 -0.17 -88.43
CA GLY JC 128 9.41 0.23 -89.64
C GLY JC 128 10.58 -0.65 -89.98
N GLY JC 129 11.39 -1.02 -88.98
CA GLY JC 129 12.49 -1.93 -89.23
C GLY JC 129 12.04 -3.31 -89.66
N ILE JC 130 10.95 -3.80 -89.06
CA ILE JC 130 10.43 -5.12 -89.44
C ILE JC 130 9.95 -5.10 -90.88
N GLN JC 131 9.24 -4.03 -91.29
CA GLN JC 131 8.85 -3.93 -92.68
C GLN JC 131 10.04 -3.78 -93.61
N ALA JC 132 11.11 -3.12 -93.17
CA ALA JC 132 12.32 -3.05 -93.98
C ALA JC 132 12.91 -4.44 -94.21
N MET JC 133 12.99 -5.26 -93.17
CA MET JC 133 13.46 -6.63 -93.36
C MET JC 133 12.51 -7.40 -94.25
N LYS JC 134 11.22 -7.12 -94.17
CA LYS JC 134 10.25 -7.79 -95.04
C LYS JC 134 10.54 -7.48 -96.51
N GLU JC 135 10.80 -6.21 -96.81
CA GLU JC 135 11.13 -5.82 -98.18
C GLU JC 135 12.41 -6.48 -98.65
N VAL JC 136 13.44 -6.50 -97.79
CA VAL JC 136 14.72 -7.09 -98.18
C VAL JC 136 14.57 -8.59 -98.43
N VAL JC 137 13.85 -9.28 -97.55
CA VAL JC 137 13.68 -10.73 -97.70
C VAL JC 137 12.84 -11.04 -98.92
N GLY JC 138 11.82 -10.22 -99.19
CA GLY JC 138 11.05 -10.40 -100.40
C GLY JC 138 11.86 -10.21 -101.66
N GLY JC 139 12.79 -9.25 -101.63
CA GLY JC 139 13.71 -9.10 -102.74
C GLY JC 139 14.62 -10.29 -102.92
N LEU JC 140 15.15 -10.82 -101.81
CA LEU JC 140 16.12 -11.90 -101.91
C LEU JC 140 15.48 -13.22 -102.33
N VAL JC 141 14.37 -13.60 -101.71
CA VAL JC 141 13.80 -14.92 -101.94
C VAL JC 141 13.21 -15.09 -103.33
N GLY JC 142 12.59 -14.06 -103.90
CA GLY JC 142 11.99 -14.15 -105.20
C GLY JC 142 10.50 -14.41 -105.15
N PRO JC 143 9.86 -14.45 -106.33
CA PRO JC 143 8.41 -14.66 -106.41
C PRO JC 143 7.89 -15.93 -105.74
N ASP JC 144 8.72 -16.98 -105.71
CA ASP JC 144 8.27 -18.29 -105.24
C ASP JC 144 7.81 -18.26 -103.79
N ALA JC 145 8.60 -17.63 -102.91
CA ALA JC 145 8.28 -17.58 -101.49
C ALA JC 145 8.12 -16.17 -100.96
N ALA JC 146 7.93 -15.17 -101.84
CA ALA JC 146 7.85 -13.79 -101.38
C ALA JC 146 6.62 -13.56 -100.50
N LYS JC 147 5.44 -13.98 -100.97
CA LYS JC 147 4.22 -13.77 -100.20
C LYS JC 147 4.23 -14.59 -98.91
N GLU JC 148 4.69 -15.84 -98.98
CA GLU JC 148 4.71 -16.68 -97.79
C GLU JC 148 5.68 -16.13 -96.75
N ALA JC 149 6.82 -15.59 -97.18
CA ALA JC 149 7.70 -14.92 -96.25
C ALA JC 149 7.04 -13.67 -95.68
N SER JC 150 6.38 -12.89 -96.54
CA SER JC 150 5.90 -11.57 -96.14
C SER JC 150 4.75 -11.65 -95.15
N ILE JC 151 3.96 -12.72 -95.21
CA ILE JC 151 2.80 -12.83 -94.33
C ILE JC 151 3.21 -12.88 -92.86
N TYR JC 152 4.31 -13.55 -92.55
CA TYR JC 152 4.73 -13.63 -91.16
C TYR JC 152 5.39 -12.34 -90.67
N PHE JC 153 6.10 -11.62 -91.53
CA PHE JC 153 6.59 -10.30 -91.15
C PHE JC 153 5.42 -9.35 -90.90
N ASP JC 154 4.39 -9.42 -91.73
CA ASP JC 154 3.18 -8.65 -91.47
C ASP JC 154 2.52 -9.06 -90.17
N TYR JC 155 2.55 -10.36 -89.85
CA TYR JC 155 1.98 -10.83 -88.59
C TYR JC 155 2.73 -10.23 -87.40
N LEU JC 156 4.07 -10.22 -87.47
CA LEU JC 156 4.87 -9.63 -86.40
C LEU JC 156 4.59 -8.14 -86.27
N SER JC 157 4.54 -7.42 -87.39
CA SER JC 157 4.28 -5.99 -87.35
C SER JC 157 2.91 -5.68 -86.78
N SER JC 158 1.88 -6.41 -87.19
CA SER JC 158 0.55 -6.20 -86.62
C SER JC 158 0.46 -6.60 -85.16
N GLY JC 159 1.20 -7.62 -84.74
CA GLY JC 159 1.22 -7.96 -83.33
C GLY JC 159 1.86 -6.89 -82.47
N LEU JC 160 2.97 -6.32 -82.93
CA LEU JC 160 3.59 -5.21 -82.22
C LEU JC 160 2.71 -3.97 -82.21
N SER JC 161 2.11 -3.64 -83.35
CA SER JC 161 1.29 -2.44 -83.43
C SER JC 161 -0.06 -2.65 -82.77
N SER KC 2 31.68 8.37 -62.00
CA SER KC 2 32.87 9.07 -61.52
C SER KC 2 33.52 8.33 -60.37
N VAL KC 3 34.53 8.94 -59.78
CA VAL KC 3 35.18 8.37 -58.61
C VAL KC 3 34.19 8.27 -57.45
N LEU KC 4 33.30 9.26 -57.33
CA LEU KC 4 32.25 9.21 -56.32
C LEU KC 4 31.35 7.99 -56.54
N THR KC 5 30.93 7.75 -57.78
CA THR KC 5 30.06 6.63 -58.08
C THR KC 5 30.75 5.31 -57.81
N LYS KC 6 32.03 5.20 -58.19
CA LYS KC 6 32.76 3.95 -57.97
C LYS KC 6 32.96 3.68 -56.49
N ALA KC 7 33.26 4.71 -55.70
CA ALA KC 7 33.39 4.50 -54.26
C ALA KC 7 32.06 4.14 -53.63
N ILE KC 8 30.99 4.83 -54.02
CA ILE KC 8 29.68 4.60 -53.42
C ILE KC 8 29.17 3.21 -53.76
N VAL KC 9 29.47 2.73 -54.98
CA VAL KC 9 29.00 1.41 -55.38
C VAL KC 9 29.65 0.33 -54.54
N ASN KC 10 30.95 0.42 -54.31
CA ASN KC 10 31.63 -0.56 -53.46
C ASN KC 10 31.16 -0.48 -52.01
N ALA KC 11 30.96 0.74 -51.50
CA ALA KC 11 30.47 0.88 -50.14
C ALA KC 11 29.08 0.27 -49.99
N ASP KC 12 28.21 0.49 -50.97
CA ASP KC 12 26.87 -0.09 -50.92
C ASP KC 12 26.94 -1.61 -51.06
N ALA KC 13 27.84 -2.10 -51.89
CA ALA KC 13 27.97 -3.54 -52.08
C ALA KC 13 28.42 -4.23 -50.80
N GLU KC 14 29.32 -3.62 -50.05
CA GLU KC 14 29.76 -4.18 -48.78
C GLU KC 14 28.86 -3.80 -47.62
N ALA KC 15 27.86 -2.94 -47.84
CA ALA KC 15 26.92 -2.54 -46.80
C ALA KC 15 27.64 -1.81 -45.66
N ARG KC 16 28.45 -0.83 -46.04
CA ARG KC 16 29.22 -0.07 -45.08
C ARG KC 16 29.42 1.34 -45.59
N TYR KC 17 29.50 2.29 -44.67
CA TYR KC 17 29.80 3.66 -45.05
C TYR KC 17 31.21 3.76 -45.61
N LEU KC 18 31.47 4.87 -46.29
CA LEU KC 18 32.74 5.05 -46.99
C LEU KC 18 33.91 5.09 -46.02
N SER KC 19 34.97 4.38 -46.38
CA SER KC 19 36.15 4.29 -45.55
C SER KC 19 36.94 5.59 -45.58
N PRO KC 20 37.81 5.80 -44.59
CA PRO KC 20 38.67 6.99 -44.62
C PRO KC 20 39.56 7.07 -45.85
N GLY KC 21 40.02 5.92 -46.35
CA GLY KC 21 40.80 5.95 -47.59
C GLY KC 21 39.98 6.40 -48.77
N GLU KC 22 38.73 5.95 -48.85
CA GLU KC 22 37.84 6.38 -49.92
C GLU KC 22 37.55 7.87 -49.80
N LEU KC 23 37.36 8.37 -48.58
CA LEU KC 23 37.15 9.80 -48.40
C LEU KC 23 38.39 10.59 -48.81
N ASP KC 24 39.58 10.06 -48.50
CA ASP KC 24 40.83 10.73 -48.89
C ASP KC 24 40.95 10.79 -50.41
N ARG KC 25 40.60 9.69 -51.09
CA ARG KC 25 40.69 9.71 -52.54
C ARG KC 25 39.65 10.64 -53.15
N ILE KC 26 38.48 10.75 -52.54
CA ILE KC 26 37.49 11.72 -52.99
C ILE KC 26 38.01 13.14 -52.84
N LYS KC 27 38.67 13.43 -51.71
CA LYS KC 27 39.25 14.75 -51.50
C LYS KC 27 40.33 15.05 -52.53
N SER KC 28 41.18 14.07 -52.83
CA SER KC 28 42.20 14.26 -53.85
C SER KC 28 41.59 14.50 -55.22
N PHE KC 29 40.52 13.77 -55.54
CA PHE KC 29 39.86 13.94 -56.83
C PHE KC 29 39.25 15.33 -56.96
N VAL KC 30 38.61 15.81 -55.89
CA VAL KC 30 38.02 17.15 -55.96
C VAL KC 30 39.11 18.21 -56.00
N ALA KC 31 40.27 17.92 -55.41
CA ALA KC 31 41.39 18.84 -55.56
C ALA KC 31 41.88 18.91 -57.00
N SER KC 32 41.90 17.77 -57.70
CA SER KC 32 42.39 17.69 -59.07
C SER KC 32 41.38 18.17 -60.10
N GLY KC 33 40.20 18.61 -59.65
CA GLY KC 33 39.13 19.00 -60.54
C GLY KC 33 39.45 20.16 -61.46
N GLU KC 34 40.14 21.18 -60.95
CA GLU KC 34 40.47 22.33 -61.77
C GLU KC 34 41.44 21.97 -62.89
N ARG KC 35 42.45 21.16 -62.58
CA ARG KC 35 43.38 20.71 -63.61
C ARG KC 35 42.66 19.87 -64.65
N ARG KC 36 41.76 18.98 -64.20
CA ARG KC 36 40.99 18.16 -65.12
C ARG KC 36 40.13 19.03 -66.04
N LEU KC 37 39.53 20.06 -65.47
CA LEU KC 37 38.73 21.00 -66.25
C LEU KC 37 39.57 21.72 -67.28
N ARG KC 38 40.80 22.10 -66.91
CA ARG KC 38 41.65 22.81 -67.85
C ARG KC 38 42.05 21.92 -69.02
N ILE KC 39 42.38 20.65 -68.75
CA ILE KC 39 42.71 19.73 -69.84
C ILE KC 39 41.51 19.52 -70.75
N ALA KC 40 40.32 19.36 -70.17
CA ALA KC 40 39.13 19.18 -70.98
C ALA KC 40 38.86 20.40 -71.85
N GLN KC 41 39.02 21.61 -71.30
CA GLN KC 41 38.82 22.81 -72.08
C GLN KC 41 39.82 22.92 -73.22
N THR KC 42 41.08 22.57 -72.95
CA THR KC 42 42.12 22.65 -73.98
C THR KC 42 41.81 21.70 -75.14
N LEU KC 43 41.45 20.45 -74.82
CA LEU KC 43 41.12 19.49 -75.87
C LEU KC 43 39.87 19.93 -76.64
N THR KC 44 38.87 20.45 -75.92
CA THR KC 44 37.64 20.90 -76.59
C THR KC 44 37.92 22.04 -77.55
N GLU KC 45 38.80 22.96 -77.16
CA GLU KC 45 39.13 24.06 -78.05
C GLU KC 45 39.97 23.61 -79.24
N ALA KC 46 40.85 22.62 -79.05
CA ALA KC 46 41.69 22.12 -80.13
C ALA KC 46 41.12 20.85 -80.77
N ARG KC 47 39.80 20.67 -80.68
CA ARG KC 47 39.18 19.43 -81.15
C ARG KC 47 39.32 19.20 -82.65
N GLU KC 48 38.96 20.18 -83.47
CA GLU KC 48 38.82 19.94 -84.91
C GLU KC 48 40.17 19.61 -85.56
N ARG KC 49 41.23 20.31 -85.14
CA ARG KC 49 42.57 20.02 -85.65
C ARG KC 49 42.96 18.59 -85.31
N ILE KC 50 42.64 18.15 -84.09
CA ILE KC 50 42.96 16.81 -83.64
C ILE KC 50 42.24 15.78 -84.51
N VAL KC 51 40.95 16.00 -84.76
CA VAL KC 51 40.15 15.05 -85.52
C VAL KC 51 40.69 14.93 -86.94
N LYS KC 52 40.92 16.07 -87.60
CA LYS KC 52 41.39 16.04 -88.98
C LYS KC 52 42.78 15.42 -89.09
N GLN KC 53 43.67 15.77 -88.15
CA GLN KC 53 45.04 15.30 -88.22
C GLN KC 53 45.09 13.80 -87.96
N ALA KC 54 44.36 13.32 -86.94
CA ALA KC 54 44.33 11.90 -86.64
C ALA KC 54 43.69 11.11 -87.77
N GLY KC 55 42.68 11.68 -88.43
CA GLY KC 55 42.11 11.02 -89.60
C GLY KC 55 43.10 10.86 -90.73
N ASP KC 56 43.88 11.92 -91.00
CA ASP KC 56 44.93 11.84 -92.01
C ASP KC 56 45.96 10.79 -91.64
N GLN KC 57 46.34 10.72 -90.36
CA GLN KC 57 47.32 9.73 -89.94
C GLN KC 57 46.81 8.31 -90.11
N LEU KC 58 45.56 8.06 -89.73
CA LEU KC 58 44.98 6.72 -89.91
C LEU KC 58 44.89 6.36 -91.38
N PHE KC 59 44.52 7.33 -92.22
CA PHE KC 59 44.47 7.06 -93.66
C PHE KC 59 45.85 6.78 -94.24
N GLN KC 60 46.90 7.47 -93.79
CA GLN KC 60 48.20 7.24 -94.38
C GLN KC 60 48.81 5.93 -93.89
N ILE KC 61 48.49 5.54 -92.65
CA ILE KC 61 48.94 4.25 -92.17
C ILE KC 61 48.19 3.10 -92.83
N ARG KC 62 46.87 3.22 -93.02
CA ARG KC 62 46.18 2.20 -93.80
C ARG KC 62 45.25 2.86 -94.80
N PRO KC 63 45.70 3.06 -96.03
CA PRO KC 63 44.87 3.73 -97.04
C PRO KC 63 43.80 2.83 -97.63
N ASP KC 64 43.84 1.55 -97.27
CA ASP KC 64 42.92 0.56 -97.83
C ASP KC 64 41.47 0.87 -97.47
N VAL KC 65 41.26 1.54 -96.34
CA VAL KC 65 39.89 1.87 -95.92
C VAL KC 65 39.27 2.90 -96.85
N VAL KC 66 40.08 3.66 -97.59
CA VAL KC 66 39.58 4.65 -98.53
C VAL KC 66 39.74 4.10 -99.94
N SER KC 67 39.86 2.79 -100.05
CA SER KC 67 40.01 2.10 -101.33
C SER KC 67 38.64 1.71 -101.83
N PRO KC 68 38.54 1.24 -103.08
CA PRO KC 68 37.24 0.81 -103.62
C PRO KC 68 36.55 -0.26 -102.79
N GLY KC 69 37.31 -1.21 -102.24
CA GLY KC 69 36.73 -2.26 -101.44
C GLY KC 69 36.78 -1.95 -99.95
N GLY KC 70 37.04 -0.70 -99.61
CA GLY KC 70 37.19 -0.29 -98.23
C GLY KC 70 35.87 0.11 -97.61
N ASN KC 71 35.82 0.12 -96.28
CA ASN KC 71 34.60 0.49 -95.58
C ASN KC 71 34.27 1.96 -95.74
N ALA KC 72 35.29 2.83 -95.74
CA ALA KC 72 35.09 4.27 -95.73
C ALA KC 72 35.38 4.90 -97.09
N TYR KC 73 35.02 4.23 -98.18
CA TYR KC 73 35.25 4.77 -99.51
C TYR KC 73 34.17 5.78 -99.86
N GLY KC 74 34.56 7.02 -100.08
CA GLY KC 74 33.65 8.09 -100.44
C GLY KC 74 33.68 9.24 -99.46
N GLU KC 75 33.17 10.38 -99.93
CA GLU KC 75 33.16 11.58 -99.10
C GLU KC 75 32.27 11.39 -97.87
N LYS KC 76 31.01 11.00 -98.08
CA LYS KC 76 30.10 10.78 -96.97
C LYS KC 76 30.45 9.53 -96.18
N MET KC 77 31.21 8.62 -96.77
CA MET KC 77 31.70 7.46 -96.03
C MET KC 77 32.83 7.82 -95.09
N THR KC 78 33.73 8.71 -95.51
CA THR KC 78 34.84 9.16 -94.67
C THR KC 78 34.37 10.16 -93.62
N ALA KC 79 33.35 10.96 -93.94
CA ALA KC 79 32.79 11.88 -92.96
C ALA KC 79 32.26 11.16 -91.74
N LEU KC 80 31.66 9.99 -91.91
CA LEU KC 80 31.21 9.17 -90.79
C LEU KC 80 32.36 8.68 -89.93
N CYS KC 81 33.47 8.27 -90.54
CA CYS KC 81 34.65 7.87 -89.76
C CYS KC 81 35.18 9.03 -88.95
N LEU KC 82 35.25 10.21 -89.56
CA LEU KC 82 35.69 11.39 -88.82
C LEU KC 82 34.73 11.74 -87.69
N ARG KC 83 33.42 11.59 -87.93
CA ARG KC 83 32.45 11.84 -86.88
C ARG KC 83 32.59 10.85 -85.74
N ASP KC 84 32.89 9.59 -86.05
CA ASP KC 84 33.14 8.60 -85.00
C ASP KC 84 34.36 8.98 -84.18
N LEU KC 85 35.42 9.45 -84.84
CA LEU KC 85 36.60 9.90 -84.12
C LEU KC 85 36.26 11.09 -83.22
N ASP KC 86 35.42 12.00 -83.71
CA ASP KC 86 34.96 13.13 -82.89
C ASP KC 86 34.18 12.63 -81.67
N TYR KC 87 33.32 11.63 -81.87
CA TYR KC 87 32.54 11.07 -80.78
C TYR KC 87 33.47 10.48 -79.71
N TYR KC 88 34.49 9.75 -80.13
CA TYR KC 88 35.39 9.15 -79.17
C TYR KC 88 36.25 10.19 -78.46
N LEU KC 89 36.62 11.27 -79.16
CA LEU KC 89 37.32 12.35 -78.47
C LEU KC 89 36.43 13.00 -77.42
N ARG KC 90 35.14 13.16 -77.73
CA ARG KC 90 34.20 13.72 -76.76
C ARG KC 90 34.07 12.81 -75.55
N LEU KC 91 34.01 11.50 -75.78
CA LEU KC 91 33.97 10.55 -74.68
C LEU KC 91 35.25 10.63 -73.84
N VAL KC 92 36.39 10.83 -74.50
CA VAL KC 92 37.64 10.98 -73.77
C VAL KC 92 37.62 12.22 -72.88
N THR KC 93 37.08 13.33 -73.38
CA THR KC 93 36.98 14.53 -72.57
C THR KC 93 36.05 14.30 -71.37
N TYR KC 94 34.94 13.60 -71.60
CA TYR KC 94 34.02 13.27 -70.51
C TYR KC 94 34.71 12.42 -69.45
N GLY KC 95 35.49 11.43 -69.89
CA GLY KC 95 36.22 10.61 -68.94
C GLY KC 95 37.25 11.38 -68.16
N ILE KC 96 37.91 12.33 -68.84
CA ILE KC 96 38.90 13.18 -68.17
C ILE KC 96 38.25 14.01 -67.08
N VAL KC 97 37.09 14.62 -67.38
CA VAL KC 97 36.44 15.42 -66.36
C VAL KC 97 35.86 14.55 -65.25
N ALA KC 98 35.45 13.32 -65.56
CA ALA KC 98 34.84 12.46 -64.54
C ALA KC 98 35.88 11.79 -63.65
N GLY KC 99 37.10 11.61 -64.13
CA GLY KC 99 38.13 11.00 -63.31
C GLY KC 99 38.20 9.49 -63.38
N ASP KC 100 37.29 8.84 -64.10
CA ASP KC 100 37.36 7.40 -64.30
C ASP KC 100 36.76 7.10 -65.66
N VAL KC 101 36.44 5.83 -65.90
CA VAL KC 101 36.01 5.38 -67.22
C VAL KC 101 34.56 4.94 -67.26
N THR KC 102 33.75 5.30 -66.27
CA THR KC 102 32.35 4.91 -66.26
C THR KC 102 31.56 5.48 -67.44
N PRO KC 103 31.60 6.80 -67.69
CA PRO KC 103 30.86 7.32 -68.85
C PRO KC 103 31.35 6.77 -70.19
N ILE KC 104 32.66 6.64 -70.36
CA ILE KC 104 33.21 6.09 -71.59
C ILE KC 104 32.77 4.65 -71.77
N GLU KC 105 32.80 3.86 -70.70
CA GLU KC 105 32.36 2.47 -70.75
C GLU KC 105 30.89 2.37 -71.12
N GLU KC 106 30.04 3.21 -70.52
CA GLU KC 106 28.61 3.09 -70.77
C GLU KC 106 28.21 3.71 -72.10
N ILE KC 107 29.06 4.55 -72.69
CA ILE KC 107 28.64 5.22 -73.91
C ILE KC 107 29.26 4.63 -75.18
N GLY KC 108 30.50 4.18 -75.12
CA GLY KC 108 31.19 3.92 -76.38
C GLY KC 108 32.03 2.68 -76.54
N ILE KC 109 31.98 1.72 -75.62
CA ILE KC 109 32.78 0.50 -75.74
C ILE KC 109 31.95 -0.76 -75.53
N ILE KC 110 30.86 -0.68 -74.76
CA ILE KC 110 30.06 -1.87 -74.52
C ILE KC 110 29.10 -2.06 -75.70
N GLY KC 111 29.20 -3.21 -76.36
CA GLY KC 111 28.46 -3.48 -77.56
C GLY KC 111 29.09 -2.90 -78.81
N VAL KC 112 30.20 -2.18 -78.68
CA VAL KC 112 30.85 -1.59 -79.84
C VAL KC 112 31.40 -2.69 -80.75
N LYS KC 113 31.82 -3.82 -80.17
CA LYS KC 113 32.26 -4.95 -80.98
C LYS KC 113 31.13 -5.44 -81.87
N GLU KC 114 29.94 -5.63 -81.29
CA GLU KC 114 28.80 -6.10 -82.08
C GLU KC 114 28.38 -5.06 -83.13
N MET KC 115 28.36 -3.79 -82.75
CA MET KC 115 27.95 -2.75 -83.70
C MET KC 115 28.91 -2.67 -84.89
N TYR KC 116 30.21 -2.71 -84.61
CA TYR KC 116 31.17 -2.60 -85.69
C TYR KC 116 31.25 -3.89 -86.51
N ASN KC 117 30.98 -5.03 -85.88
CA ASN KC 117 30.87 -6.27 -86.66
C ASN KC 117 29.68 -6.21 -87.61
N SER KC 118 28.56 -5.66 -87.13
CA SER KC 118 27.39 -5.50 -87.99
C SER KC 118 27.69 -4.53 -89.13
N LEU KC 119 28.37 -3.43 -88.83
CA LEU KC 119 28.69 -2.45 -89.87
C LEU KC 119 29.83 -2.88 -90.77
N GLN KC 120 30.54 -3.95 -90.41
CA GLN KC 120 31.64 -4.49 -91.22
C GLN KC 120 32.77 -3.47 -91.35
N THR KC 121 33.08 -2.77 -90.28
CA THR KC 121 34.19 -1.82 -90.30
C THR KC 121 35.38 -2.38 -89.53
N PRO KC 122 36.60 -2.01 -89.89
CA PRO KC 122 37.80 -2.56 -89.24
C PRO KC 122 37.99 -1.98 -87.85
N ILE KC 123 37.71 -2.79 -86.83
CA ILE KC 123 37.91 -2.35 -85.44
C ILE KC 123 39.38 -2.07 -85.14
N PRO KC 124 40.34 -2.91 -85.53
CA PRO KC 124 41.75 -2.52 -85.36
C PRO KC 124 42.12 -1.24 -86.09
N ALA KC 125 41.51 -0.96 -87.24
CA ALA KC 125 41.74 0.33 -87.89
C ALA KC 125 41.20 1.47 -87.05
N VAL KC 126 40.04 1.26 -86.42
CA VAL KC 126 39.49 2.29 -85.52
C VAL KC 126 40.43 2.50 -84.33
N ALA KC 127 41.05 1.42 -83.85
CA ALA KC 127 41.99 1.55 -82.74
C ALA KC 127 43.19 2.41 -83.13
N GLU KC 128 43.74 2.19 -84.33
CA GLU KC 128 44.85 3.01 -84.80
C GLU KC 128 44.42 4.46 -84.99
N GLY KC 129 43.20 4.67 -85.48
CA GLY KC 129 42.67 6.03 -85.58
C GLY KC 129 42.58 6.70 -84.22
N VAL KC 130 42.20 5.94 -83.19
CA VAL KC 130 42.14 6.48 -81.84
C VAL KC 130 43.54 6.84 -81.36
N ARG KC 131 44.52 5.97 -81.64
CA ARG KC 131 45.90 6.23 -81.23
C ARG KC 131 46.45 7.48 -81.91
N ALA KC 132 46.05 7.73 -83.15
CA ALA KC 132 46.43 8.98 -83.80
C ALA KC 132 45.86 10.18 -83.06
N MET KC 133 44.61 10.08 -82.61
CA MET KC 133 44.04 11.14 -81.79
C MET KC 133 44.79 11.28 -80.47
N LYS KC 134 45.26 10.15 -79.92
CA LYS KC 134 46.14 10.17 -78.75
C LYS KC 134 47.37 11.03 -79.00
N ASN KC 135 48.07 10.77 -80.10
CA ASN KC 135 49.29 11.51 -80.40
C ASN KC 135 49.00 12.99 -80.61
N VAL KC 136 47.93 13.31 -81.33
CA VAL KC 136 47.60 14.70 -81.61
C VAL KC 136 47.25 15.44 -80.32
N ALA KC 137 46.47 14.79 -79.44
CA ALA KC 137 46.12 15.42 -78.18
C ALA KC 137 47.33 15.60 -77.28
N THR KC 138 48.23 14.61 -77.26
CA THR KC 138 49.44 14.74 -76.47
C THR KC 138 50.33 15.85 -76.98
N SER KC 139 50.29 16.12 -78.29
CA SER KC 139 51.08 17.19 -78.86
C SER KC 139 50.61 18.59 -78.45
N LEU KC 140 49.43 18.72 -77.86
CA LEU KC 140 48.88 20.02 -77.49
C LEU KC 140 48.76 20.20 -75.98
N LEU KC 141 49.52 19.45 -75.19
CA LEU KC 141 49.42 19.52 -73.74
C LEU KC 141 50.79 19.42 -73.11
N SER KC 142 50.89 19.89 -71.87
CA SER KC 142 52.10 19.71 -71.09
C SER KC 142 52.31 18.23 -70.77
N GLY KC 143 53.51 17.91 -70.28
CA GLY KC 143 53.90 16.53 -70.07
C GLY KC 143 53.03 15.75 -69.10
N ASP KC 144 52.76 16.32 -67.93
CA ASP KC 144 51.88 15.66 -66.98
C ASP KC 144 50.45 15.58 -67.51
N ASP KC 145 49.95 16.68 -68.06
CA ASP KC 145 48.62 16.69 -68.65
C ASP KC 145 48.53 15.77 -69.86
N ALA KC 146 49.59 15.72 -70.67
CA ALA KC 146 49.62 14.79 -71.79
C ALA KC 146 49.56 13.35 -71.30
N ALA KC 147 50.28 13.05 -70.22
CA ALA KC 147 50.20 11.71 -69.64
C ALA KC 147 48.80 11.40 -69.12
N GLU KC 148 48.17 12.39 -68.49
CA GLU KC 148 46.84 12.22 -67.92
C GLU KC 148 45.82 11.91 -69.01
N ALA KC 149 45.84 12.66 -70.12
CA ALA KC 149 44.91 12.41 -71.20
C ALA KC 149 45.26 11.12 -71.95
N GLY KC 150 46.55 10.86 -72.16
CA GLY KC 150 46.95 9.68 -72.89
C GLY KC 150 46.66 8.40 -72.15
N PHE KC 151 46.55 8.47 -70.82
CA PHE KC 151 46.15 7.27 -70.10
C PHE KC 151 44.71 6.89 -70.43
N TYR KC 152 43.81 7.86 -70.50
CA TYR KC 152 42.45 7.57 -70.96
C TYR KC 152 42.43 7.11 -72.42
N PHE KC 153 43.27 7.70 -73.25
CA PHE KC 153 43.35 7.27 -74.65
C PHE KC 153 43.81 5.82 -74.75
N ASP KC 154 44.79 5.44 -73.94
CA ASP KC 154 45.23 4.05 -73.89
C ASP KC 154 44.14 3.14 -73.36
N TYR KC 155 43.33 3.63 -72.42
CA TYR KC 155 42.20 2.84 -71.96
C TYR KC 155 41.23 2.55 -73.10
N LEU KC 156 40.93 3.57 -73.90
CA LEU KC 156 40.05 3.37 -75.05
C LEU KC 156 40.67 2.39 -76.05
N VAL KC 157 41.97 2.52 -76.28
CA VAL KC 157 42.66 1.64 -77.21
C VAL KC 157 42.59 0.19 -76.74
N GLY KC 158 42.79 -0.03 -75.44
CA GLY KC 158 42.66 -1.37 -74.91
C GLY KC 158 41.24 -1.88 -74.96
N ALA KC 159 40.26 -1.02 -74.68
CA ALA KC 159 38.87 -1.45 -74.64
C ALA KC 159 38.35 -1.81 -76.03
N MET KC 160 38.87 -1.15 -77.07
CA MET KC 160 38.45 -1.46 -78.43
C MET KC 160 38.79 -2.89 -78.82
N GLN KC 161 39.99 -3.36 -78.45
CA GLN KC 161 40.35 -4.74 -78.73
C GLN KC 161 41.06 -5.37 -77.53
N MET LC 1 22.29 4.59 -60.64
CA MET LC 1 22.36 5.83 -59.88
C MET LC 1 23.20 6.86 -60.62
N GLN LC 2 23.25 8.08 -60.09
CA GLN LC 2 24.07 9.13 -60.66
C GLN LC 2 24.31 10.21 -59.62
N ASP LC 3 25.38 10.98 -59.85
CA ASP LC 3 25.81 12.04 -58.95
C ASP LC 3 25.71 13.37 -59.69
N ALA LC 4 26.25 14.43 -59.08
CA ALA LC 4 26.20 15.73 -59.72
C ALA LC 4 26.99 15.76 -61.03
N ILE LC 5 28.22 15.25 -61.00
CA ILE LC 5 29.08 15.32 -62.19
C ILE LC 5 28.53 14.45 -63.31
N THR LC 6 28.19 13.20 -62.99
CA THR LC 6 27.65 12.32 -64.01
C THR LC 6 26.27 12.80 -64.48
N ALA LC 7 25.52 13.44 -63.59
CA ALA LC 7 24.23 13.99 -63.99
C ALA LC 7 24.41 15.09 -65.02
N VAL LC 8 25.36 16.00 -64.79
CA VAL LC 8 25.64 17.06 -65.76
C VAL LC 8 26.13 16.46 -67.07
N ILE LC 9 27.01 15.47 -66.99
CA ILE LC 9 27.59 14.87 -68.18
C ILE LC 9 26.52 14.18 -69.02
N ASN LC 10 25.65 13.39 -68.37
CA ASN LC 10 24.57 12.74 -69.11
C ASN LC 10 23.56 13.74 -69.64
N ASN LC 11 23.29 14.80 -68.88
CA ASN LC 11 22.30 15.80 -69.31
C ASN LC 11 22.82 16.51 -70.56
N TYR LC 12 24.13 16.71 -70.66
CA TYR LC 12 24.65 17.27 -71.90
C TYR LC 12 24.82 16.23 -73.00
N ASP LC 13 25.01 14.96 -72.64
CA ASP LC 13 25.21 13.94 -73.65
C ASP LC 13 23.92 13.62 -74.40
N VAL LC 14 22.80 13.51 -73.67
CA VAL LC 14 21.54 13.15 -74.32
C VAL LC 14 21.08 14.20 -75.31
N GLN LC 15 21.47 15.46 -75.12
CA GLN LC 15 21.25 16.48 -76.13
C GLN LC 15 22.48 16.73 -76.99
N GLY LC 16 23.57 16.02 -76.75
CA GLY LC 16 24.69 16.04 -77.68
C GLY LC 16 25.47 17.34 -77.70
N LYS LC 17 25.26 18.20 -76.72
CA LYS LC 17 25.91 19.49 -76.66
C LYS LC 17 27.16 19.41 -75.80
N TYR LC 18 28.12 20.27 -76.09
CA TYR LC 18 29.35 20.30 -75.31
C TYR LC 18 29.16 21.03 -73.99
N LEU LC 19 30.13 20.83 -73.09
CA LEU LC 19 30.11 21.49 -71.80
C LEU LC 19 30.22 22.99 -71.97
N ASP LC 20 29.12 23.69 -71.65
CA ASP LC 20 29.01 25.12 -71.82
C ASP LC 20 29.26 25.80 -70.49
N GLY LC 21 29.14 27.13 -70.49
CA GLY LC 21 29.33 27.89 -69.26
C GLY LC 21 28.33 27.53 -68.19
N ALA LC 22 27.09 27.24 -68.58
CA ALA LC 22 26.07 26.90 -67.58
C ALA LC 22 26.41 25.60 -66.85
N ALA LC 23 26.74 24.54 -67.61
CA ALA LC 23 27.12 23.28 -67.00
C ALA LC 23 28.40 23.43 -66.20
N LEU LC 24 29.31 24.28 -66.67
CA LEU LC 24 30.48 24.62 -65.88
C LEU LC 24 30.09 25.27 -64.56
N ASP LC 25 29.09 26.15 -64.56
CA ASP LC 25 28.72 26.77 -63.29
C ASP LC 25 28.12 25.75 -62.33
N LYS LC 26 27.32 24.82 -62.84
CA LYS LC 26 26.86 23.74 -61.98
C LYS LC 26 28.02 22.88 -61.48
N LEU LC 27 29.03 22.68 -62.34
CA LEU LC 27 30.13 21.79 -61.98
C LEU LC 27 30.99 22.39 -60.87
N LYS LC 28 31.45 23.64 -61.02
CA LYS LC 28 32.14 24.29 -59.90
C LYS LC 28 31.22 24.51 -58.70
N ALA LC 29 29.91 24.62 -58.93
CA ALA LC 29 28.99 24.73 -57.81
C ALA LC 29 29.01 23.46 -56.96
N TYR LC 30 29.10 22.30 -57.58
CA TYR LC 30 29.32 21.08 -56.80
C TYR LC 30 30.74 21.03 -56.21
N PHE LC 31 31.73 21.47 -56.98
CA PHE LC 31 33.12 21.34 -56.56
C PHE LC 31 33.43 22.17 -55.33
N THR LC 32 32.79 23.33 -55.20
CA THR LC 32 33.03 24.21 -54.06
C THR LC 32 32.64 23.58 -52.74
N THR LC 33 31.58 22.77 -52.72
CA THR LC 33 31.06 22.17 -51.49
C THR LC 33 31.55 20.75 -51.28
N GLY LC 34 32.64 20.35 -51.93
CA GLY LC 34 33.10 18.97 -51.82
C GLY LC 34 33.59 18.62 -50.43
N ALA LC 35 34.35 19.53 -49.82
CA ALA LC 35 35.00 19.23 -48.55
C ALA LC 35 33.98 19.07 -47.42
N VAL LC 36 32.94 19.91 -47.41
CA VAL LC 36 31.94 19.86 -46.35
C VAL LC 36 31.20 18.53 -46.37
N ARG LC 37 30.85 18.06 -47.57
CA ARG LC 37 30.16 16.78 -47.69
C ARG LC 37 31.03 15.64 -47.18
N VAL LC 38 32.33 15.67 -47.50
CA VAL LC 38 33.23 14.61 -47.08
C VAL LC 38 33.38 14.61 -45.56
N ARG LC 39 33.51 15.80 -44.97
CA ARG LC 39 33.62 15.89 -43.52
C ARG LC 39 32.36 15.39 -42.83
N ALA LC 40 31.19 15.77 -43.35
CA ALA LC 40 29.94 15.31 -42.77
C ALA LC 40 29.79 13.79 -42.89
N ALA LC 41 30.16 13.24 -44.04
CA ALA LC 41 30.09 11.79 -44.22
C ALA LC 41 31.03 11.06 -43.27
N ALA LC 42 32.25 11.59 -43.07
CA ALA LC 42 33.17 10.97 -42.13
C ALA LC 42 32.62 11.01 -40.70
N VAL LC 43 32.02 12.13 -40.31
CA VAL LC 43 31.45 12.24 -38.97
C VAL LC 43 30.30 11.25 -38.79
N ILE LC 44 29.45 11.13 -39.82
CA ILE LC 44 28.31 10.21 -39.75
C ILE LC 44 28.80 8.77 -39.65
N SER LC 45 29.81 8.41 -40.45
CA SER LC 45 30.33 7.05 -40.41
C SER LC 45 30.95 6.75 -39.04
N SER LC 46 31.67 7.72 -38.48
CA SER LC 46 32.24 7.53 -37.15
C SER LC 46 31.17 7.39 -36.08
N ASN LC 47 30.07 8.14 -36.16
CA ASN LC 47 29.04 8.09 -35.14
C ASN LC 47 27.78 7.34 -35.57
N ALA LC 48 27.90 6.36 -36.47
CA ALA LC 48 26.75 5.63 -37.00
C ALA LC 48 25.90 4.96 -35.93
N THR LC 49 26.52 4.16 -35.06
CA THR LC 49 25.73 3.37 -34.12
C THR LC 49 25.05 4.23 -33.06
N THR LC 50 25.73 5.29 -32.60
CA THR LC 50 25.14 6.15 -31.60
C THR LC 50 23.92 6.90 -32.14
N ILE LC 51 23.96 7.29 -33.41
CA ILE LC 51 22.82 7.97 -34.02
C ILE LC 51 21.61 7.06 -34.03
N ILE LC 52 21.78 5.80 -34.42
CA ILE LC 52 20.68 4.85 -34.45
C ILE LC 52 20.16 4.60 -33.03
N LYS LC 53 21.08 4.49 -32.07
CA LYS LC 53 20.68 4.26 -30.69
C LYS LC 53 19.83 5.41 -30.16
N GLU LC 54 20.27 6.65 -30.36
CA GLU LC 54 19.52 7.79 -29.87
C GLU LC 54 18.20 7.96 -30.61
N ALA LC 55 18.18 7.72 -31.92
CA ALA LC 55 16.93 7.82 -32.67
C ALA LC 55 15.92 6.79 -32.21
N ALA LC 56 16.37 5.55 -31.99
CA ALA LC 56 15.47 4.53 -31.48
C ALA LC 56 14.97 4.87 -30.08
N ALA LC 57 15.85 5.40 -29.23
CA ALA LC 57 15.44 5.79 -27.89
C ALA LC 57 14.41 6.92 -27.92
N LYS LC 58 14.57 7.88 -28.82
CA LYS LC 58 13.64 9.00 -28.90
C LYS LC 58 12.30 8.63 -29.53
N ALA LC 59 12.29 7.73 -30.53
CA ALA LC 59 11.09 7.54 -31.33
C ALA LC 59 10.44 6.18 -31.24
N LEU LC 60 11.17 5.11 -30.95
CA LEU LC 60 10.57 3.78 -31.10
C LEU LC 60 10.41 3.04 -29.78
N ILE LC 61 11.52 2.79 -29.08
CA ILE LC 61 11.50 1.93 -27.90
C ILE LC 61 10.84 2.65 -26.74
N TYR LC 62 10.60 1.92 -25.65
CA TYR LC 62 9.92 2.45 -24.47
C TYR LC 62 8.48 2.83 -24.82
N SER LC 63 7.81 1.98 -25.59
CA SER LC 63 6.45 2.26 -26.02
C SER LC 63 5.73 0.95 -26.26
N ASP LC 64 4.56 1.03 -26.89
CA ASP LC 64 3.82 -0.17 -27.23
C ASP LC 64 4.45 -0.90 -28.41
N LEU LC 65 5.37 -0.25 -29.12
CA LEU LC 65 6.02 -0.89 -30.24
C LEU LC 65 6.89 -2.07 -29.78
N THR LC 66 7.58 -1.91 -28.66
CA THR LC 66 8.45 -2.95 -28.14
C THR LC 66 7.75 -3.89 -27.19
N ARG LC 67 6.49 -3.66 -26.90
CA ARG LC 67 5.69 -4.55 -26.07
C ARG LC 67 5.09 -5.64 -26.93
N PRO LC 68 4.52 -6.69 -26.33
CA PRO LC 68 3.80 -7.68 -27.12
C PRO LC 68 2.65 -7.05 -27.88
N GLY LC 69 2.46 -7.49 -29.12
CA GLY LC 69 1.54 -6.86 -30.02
C GLY LC 69 2.15 -5.76 -30.89
N GLY LC 70 3.32 -5.26 -30.53
CA GLY LC 70 4.00 -4.27 -31.33
C GLY LC 70 4.88 -4.95 -32.36
N MEN LC 71 5.16 -4.23 -33.45
CA MEN LC 71 5.92 -4.82 -34.54
C MEN LC 71 7.38 -4.97 -34.16
O MEN LC 71 8.13 -5.79 -34.68
CB MEN LC 71 5.87 -4.01 -35.84
CG MEN LC 71 6.27 -4.93 -36.98
OD1 MEN LC 71 7.39 -4.84 -37.51
ND2 MEN LC 71 5.35 -5.84 -37.43
CE2 MEN LC 71 5.61 -6.75 -38.50
N MET LC 72 7.80 -4.15 -33.22
CA MET LC 72 9.18 -4.18 -32.76
C MET LC 72 9.41 -5.26 -31.73
N TYR LC 73 8.35 -5.94 -31.32
CA TYR LC 73 8.47 -6.99 -30.32
C TYR LC 73 9.24 -8.17 -30.89
N THR LC 74 9.97 -8.88 -30.02
CA THR LC 74 10.82 -10.02 -30.30
C THR LC 74 12.18 -9.59 -30.84
N THR LC 75 13.20 -10.39 -30.56
CA THR LC 75 14.57 -10.05 -30.92
C THR LC 75 14.73 -9.98 -32.43
N ARG LC 76 14.07 -10.89 -33.15
CA ARG LC 76 14.13 -10.91 -34.61
C ARG LC 76 13.67 -9.58 -35.20
N ARG LC 77 12.51 -9.10 -34.77
CA ARG LC 77 12.00 -7.85 -35.30
C ARG LC 77 12.77 -6.64 -34.80
N TYR LC 78 13.29 -6.67 -33.56
CA TYR LC 78 14.14 -5.57 -33.11
C TYR LC 78 15.39 -5.45 -33.96
N ALA LC 79 16.06 -6.58 -34.23
CA ALA LC 79 17.26 -6.55 -35.05
C ALA LC 79 16.94 -6.10 -36.48
N ALA LC 80 15.81 -6.57 -37.02
CA ALA LC 80 15.42 -6.14 -38.36
C ALA LC 80 15.15 -4.64 -38.42
N CYS LC 81 14.50 -4.09 -37.40
CA CYS LC 81 14.18 -2.66 -37.45
C CYS LC 81 15.42 -1.81 -37.32
N ILE LC 82 16.33 -2.17 -36.42
CA ILE LC 82 17.58 -1.40 -36.35
C ILE LC 82 18.42 -1.58 -37.62
N ARG LC 83 18.33 -2.73 -38.28
CA ARG LC 83 18.97 -2.89 -39.58
C ARG LC 83 18.37 -1.93 -40.60
N ASP LC 84 17.05 -1.77 -40.57
CA ASP LC 84 16.40 -0.82 -41.49
C ASP LC 84 16.86 0.60 -41.22
N MET LC 85 17.01 0.96 -39.95
CA MET LC 85 17.51 2.28 -39.60
C MET LC 85 18.92 2.49 -40.14
N ASP LC 86 19.76 1.46 -40.03
CA ASP LC 86 21.10 1.53 -40.59
C ASP LC 86 21.06 1.69 -42.10
N TYR LC 87 20.13 1.00 -42.76
CA TYR LC 87 19.92 1.16 -44.20
C TYR LC 87 19.65 2.61 -44.56
N PHE LC 88 18.68 3.22 -43.86
CA PHE LC 88 18.29 4.58 -44.17
C PHE LC 88 19.44 5.55 -43.94
N LEU LC 89 20.17 5.37 -42.83
CA LEU LC 89 21.30 6.25 -42.56
C LEU LC 89 22.40 6.13 -43.61
N ARG LC 90 22.72 4.89 -44.00
CA ARG LC 90 23.78 4.67 -44.97
C ARG LC 90 23.42 5.24 -46.34
N TYR LC 91 22.17 5.04 -46.77
CA TYR LC 91 21.80 5.57 -48.08
C TYR LC 91 21.67 7.09 -48.05
N ALA LC 92 21.25 7.66 -46.91
CA ALA LC 92 21.26 9.10 -46.79
C ALA LC 92 22.67 9.65 -46.89
N THR LC 93 23.64 8.94 -46.29
CA THR LC 93 25.04 9.34 -46.42
C THR LC 93 25.51 9.30 -47.86
N TYR LC 94 25.16 8.23 -48.60
CA TYR LC 94 25.55 8.15 -50.01
C TYR LC 94 24.92 9.28 -50.81
N ALA LC 95 23.65 9.56 -50.57
CA ALA LC 95 22.96 10.62 -51.31
C ALA LC 95 23.57 11.98 -50.99
N MET LC 96 23.96 12.21 -49.73
CA MET LC 96 24.59 13.47 -49.37
C MET LC 96 25.95 13.60 -50.04
N LEU LC 97 26.72 12.51 -50.09
CA LEU LC 97 28.01 12.56 -50.77
C LEU LC 97 27.86 12.86 -52.25
N ALA LC 98 26.88 12.21 -52.90
CA ALA LC 98 26.75 12.37 -54.34
C ALA LC 98 25.99 13.63 -54.75
N GLY LC 99 25.29 14.26 -53.80
CA GLY LC 99 24.50 15.43 -54.14
C GLY LC 99 23.36 15.15 -55.09
N ASP LC 100 22.67 14.03 -54.90
CA ASP LC 100 21.58 13.65 -55.80
C ASP LC 100 20.76 12.54 -55.17
N PRO LC 101 19.44 12.67 -55.11
CA PRO LC 101 18.60 11.60 -54.57
C PRO LC 101 18.28 10.48 -55.55
N SER LC 102 18.99 10.41 -56.68
CA SER LC 102 18.74 9.35 -57.64
C SER LC 102 19.05 7.98 -57.05
N ILE LC 103 20.08 7.89 -56.21
CA ILE LC 103 20.37 6.63 -55.55
C ILE LC 103 19.25 6.25 -54.59
N LEU LC 104 18.65 7.24 -53.92
CA LEU LC 104 17.52 6.97 -53.06
C LEU LC 104 16.33 6.45 -53.85
N ASP LC 105 16.06 7.03 -55.02
CA ASP LC 105 14.97 6.54 -55.84
C ASP LC 105 15.25 5.14 -56.38
N GLU LC 106 16.48 4.88 -56.80
CA GLU LC 106 16.78 3.62 -57.47
C GLU LC 106 16.88 2.46 -56.47
N ARG LC 107 17.47 2.69 -55.30
CA ARG LC 107 17.81 1.59 -54.42
C ARG LC 107 17.16 1.62 -53.05
N VAL LC 108 16.31 2.59 -52.75
CA VAL LC 108 15.69 2.63 -51.44
C VAL LC 108 14.17 2.61 -51.54
N LEU LC 109 13.60 3.61 -52.21
CA LEU LC 109 12.15 3.79 -52.14
C LEU LC 109 11.39 2.93 -53.14
N ASN LC 110 12.07 2.29 -54.10
CA ASN LC 110 11.33 1.50 -55.08
C ASN LC 110 10.78 0.23 -54.43
N GLY LC 111 9.46 0.08 -54.47
CA GLY LC 111 8.82 -1.09 -53.91
C GLY LC 111 8.79 -1.15 -52.40
N LEU LC 112 9.39 -0.18 -51.71
CA LEU LC 112 9.47 -0.24 -50.26
C LEU LC 112 8.11 -0.10 -49.61
N LYS LC 113 7.26 0.75 -50.18
CA LYS LC 113 5.93 0.97 -49.62
C LYS LC 113 5.10 -0.31 -49.66
N GLU LC 114 5.12 -1.00 -50.80
CA GLU LC 114 4.38 -2.24 -50.92
C GLU LC 114 4.99 -3.36 -50.09
N THR LC 115 6.33 -3.40 -49.98
CA THR LC 115 6.97 -4.39 -49.13
C THR LC 115 6.59 -4.21 -47.67
N TYR LC 116 6.62 -2.96 -47.19
CA TYR LC 116 6.24 -2.70 -45.81
C TYR LC 116 4.76 -3.00 -45.57
N ASN LC 117 3.91 -2.68 -46.55
CA ASN LC 117 2.49 -3.00 -46.40
C ASN LC 117 2.26 -4.51 -46.34
N SER LC 118 3.00 -5.27 -47.16
CA SER LC 118 2.88 -6.71 -47.12
C SER LC 118 3.38 -7.29 -45.79
N LEU LC 119 4.49 -6.77 -45.27
CA LEU LC 119 5.04 -7.31 -44.03
C LEU LC 119 4.28 -6.86 -42.79
N GLY LC 120 3.56 -5.74 -42.86
CA GLY LC 120 2.87 -5.22 -41.70
C GLY LC 120 3.63 -4.19 -40.91
N VAL LC 121 4.73 -3.67 -41.44
CA VAL LC 121 5.57 -2.69 -40.75
C VAL LC 121 4.84 -1.37 -40.64
N PRO LC 122 4.92 -0.66 -39.51
CA PRO LC 122 4.31 0.67 -39.42
C PRO LC 122 5.10 1.74 -40.17
N ILE LC 123 4.56 2.20 -41.29
CA ILE LC 123 5.25 3.19 -42.11
C ILE LC 123 5.36 4.52 -41.37
N ALA LC 124 4.32 4.87 -40.61
CA ALA LC 124 4.37 6.10 -39.84
C ALA LC 124 5.47 6.06 -38.78
N ALA LC 125 5.60 4.93 -38.08
CA ALA LC 125 6.69 4.77 -37.13
C ALA LC 125 8.04 4.81 -37.81
N THR LC 126 8.16 4.22 -39.01
CA THR LC 126 9.42 4.28 -39.74
C THR LC 126 9.77 5.72 -40.11
N VAL LC 127 8.78 6.51 -40.54
CA VAL LC 127 9.04 7.90 -40.89
C VAL LC 127 9.44 8.69 -39.66
N GLY LC 128 8.81 8.41 -38.52
CA GLY LC 128 9.21 9.05 -37.28
C GLY LC 128 10.65 8.72 -36.90
N GLY LC 129 11.05 7.46 -37.05
CA GLY LC 129 12.43 7.09 -36.79
C GLY LC 129 13.40 7.78 -37.74
N ILE LC 130 13.04 7.89 -39.02
CA ILE LC 130 13.90 8.58 -39.98
C ILE LC 130 14.04 10.04 -39.60
N GLN LC 131 12.96 10.68 -39.17
CA GLN LC 131 13.04 12.06 -38.73
C GLN LC 131 13.90 12.23 -37.49
N ALA LC 132 13.82 11.31 -36.53
CA ALA LC 132 14.69 11.39 -35.37
C ALA LC 132 16.16 11.24 -35.76
N MET LC 133 16.45 10.32 -36.68
CA MET LC 133 17.82 10.18 -37.17
C MET LC 133 18.28 11.44 -37.88
N LYS LC 134 17.40 12.08 -38.64
CA LYS LC 134 17.75 13.32 -39.31
C LYS LC 134 18.07 14.42 -38.31
N GLU LC 135 17.27 14.49 -37.23
CA GLU LC 135 17.51 15.51 -36.21
C GLU LC 135 18.87 15.28 -35.54
N VAL LC 136 19.18 14.03 -35.22
CA VAL LC 136 20.46 13.72 -34.56
C VAL LC 136 21.62 14.02 -35.50
N VAL LC 137 21.47 13.68 -36.78
CA VAL LC 137 22.55 13.91 -37.74
C VAL LC 137 22.77 15.40 -37.94
N GLY LC 138 21.68 16.17 -38.01
CA GLY LC 138 21.82 17.61 -38.10
C GLY LC 138 22.47 18.21 -36.87
N GLY LC 139 22.21 17.64 -35.70
CA GLY LC 139 22.91 18.08 -34.51
C GLY LC 139 24.40 17.79 -34.59
N LEU LC 140 24.76 16.60 -35.06
CA LEU LC 140 26.17 16.21 -35.08
C LEU LC 140 26.97 16.99 -36.12
N VAL LC 141 26.48 17.07 -37.36
CA VAL LC 141 27.27 17.66 -38.43
C VAL LC 141 27.43 19.17 -38.30
N GLY LC 142 26.40 19.88 -37.85
CA GLY LC 142 26.45 21.32 -37.75
C GLY LC 142 25.87 22.01 -38.97
N PRO LC 143 25.69 23.34 -38.87
CA PRO LC 143 25.14 24.13 -39.98
C PRO LC 143 25.81 23.97 -41.34
N ASP LC 144 27.11 23.62 -41.36
CA ASP LC 144 27.84 23.51 -42.62
C ASP LC 144 27.23 22.45 -43.53
N ALA LC 145 26.87 21.30 -42.97
CA ALA LC 145 26.23 20.25 -43.72
C ALA LC 145 24.85 19.88 -43.20
N ALA LC 146 24.27 20.68 -42.31
CA ALA LC 146 22.97 20.34 -41.74
C ALA LC 146 21.87 20.34 -42.80
N LYS LC 147 21.81 21.41 -43.60
CA LYS LC 147 20.76 21.50 -44.61
C LYS LC 147 20.93 20.45 -45.69
N GLU LC 148 22.18 20.25 -46.15
CA GLU LC 148 22.43 19.25 -47.19
C GLU LC 148 22.10 17.85 -46.70
N ALA LC 149 22.42 17.53 -45.45
CA ALA LC 149 22.05 16.24 -44.91
C ALA LC 149 20.53 16.13 -44.77
N SER LC 150 19.88 17.22 -44.35
CA SER LC 150 18.46 17.15 -44.02
C SER LC 150 17.60 17.01 -45.26
N ILE LC 151 18.05 17.54 -46.40
CA ILE LC 151 17.22 17.46 -47.60
C ILE LC 151 17.01 16.02 -48.05
N TYR LC 152 18.02 15.16 -47.92
CA TYR LC 152 17.84 13.78 -48.33
C TYR LC 152 17.04 12.95 -47.32
N PHE LC 153 17.17 13.23 -46.03
CA PHE LC 153 16.28 12.61 -45.06
C PHE LC 153 14.83 13.02 -45.33
N ASP LC 154 14.62 14.29 -45.66
CA ASP LC 154 13.28 14.74 -46.01
C ASP LC 154 12.77 14.06 -47.28
N TYR LC 155 13.66 13.85 -48.26
CA TYR LC 155 13.27 13.12 -49.46
C TYR LC 155 12.85 11.70 -49.13
N LEU LC 156 13.60 11.02 -48.26
CA LEU LC 156 13.23 9.67 -47.86
C LEU LC 156 11.89 9.63 -47.15
N SER LC 157 11.68 10.56 -46.22
CA SER LC 157 10.41 10.63 -45.50
C SER LC 157 9.24 10.91 -46.41
N SER LC 158 9.37 11.87 -47.32
CA SER LC 158 8.32 12.17 -48.27
C SER LC 158 8.04 11.01 -49.23
N GLY LC 159 9.07 10.29 -49.66
CA GLY LC 159 8.83 9.12 -50.48
C GLY LC 159 8.08 8.03 -49.75
N LEU LC 160 8.48 7.74 -48.51
CA LEU LC 160 7.78 6.72 -47.73
C LEU LC 160 6.34 7.10 -47.42
N SER LC 161 6.10 8.34 -47.03
CA SER LC 161 4.76 8.76 -46.65
C SER LC 161 3.96 9.32 -47.83
N SER MC 2 49.92 44.52 27.65
CA SER MC 2 50.08 43.35 28.50
C SER MC 2 50.48 42.13 27.69
N VAL MC 3 50.59 40.99 28.37
CA VAL MC 3 50.96 39.75 27.69
C VAL MC 3 49.91 39.33 26.69
N LEU MC 4 48.63 39.46 27.06
CA LEU MC 4 47.54 39.11 26.15
C LEU MC 4 47.57 39.98 24.90
N THR MC 5 47.73 41.29 25.09
CA THR MC 5 47.77 42.20 23.95
C THR MC 5 48.97 41.91 23.06
N LYS MC 6 50.13 41.62 23.67
CA LYS MC 6 51.33 41.36 22.89
C LYS MC 6 51.19 40.09 22.07
N ALA MC 7 50.71 39.01 22.70
CA ALA MC 7 50.55 37.74 21.99
C ALA MC 7 49.52 37.85 20.88
N ILE MC 8 48.38 38.51 21.16
CA ILE MC 8 47.33 38.63 20.16
C ILE MC 8 47.80 39.51 19.01
N VAL MC 9 48.56 40.56 19.33
CA VAL MC 9 49.06 41.46 18.29
C VAL MC 9 50.03 40.73 17.38
N ASN MC 10 50.95 39.95 17.95
CA ASN MC 10 51.88 39.19 17.11
C ASN MC 10 51.16 38.16 16.25
N ALA MC 11 50.19 37.45 16.83
CA ALA MC 11 49.44 36.46 16.06
C ALA MC 11 48.68 37.12 14.93
N ASP MC 12 48.06 38.27 15.19
CA ASP MC 12 47.35 38.98 14.14
C ASP MC 12 48.29 39.50 13.07
N ALA MC 13 49.48 39.98 13.47
CA ALA MC 13 50.44 40.49 12.50
C ALA MC 13 50.93 39.39 11.58
N GLU MC 14 51.15 38.19 12.10
CA GLU MC 14 51.54 37.07 11.26
C GLU MC 14 50.33 36.38 10.63
N ALA MC 15 49.12 36.80 10.97
CA ALA MC 15 47.90 36.27 10.38
C ALA MC 15 47.72 34.79 10.67
N ARG MC 16 47.79 34.44 11.94
CA ARG MC 16 47.71 33.04 12.34
C ARG MC 16 47.10 32.95 13.73
N TYR MC 17 46.65 31.75 14.08
CA TYR MC 17 46.17 31.50 15.43
C TYR MC 17 47.34 31.50 16.41
N LEU MC 18 47.01 31.58 17.69
CA LEU MC 18 48.04 31.66 18.72
C LEU MC 18 48.82 30.37 18.83
N SER MC 19 50.12 30.52 19.04
CA SER MC 19 51.00 29.36 19.19
C SER MC 19 50.83 28.73 20.57
N PRO MC 20 51.20 27.45 20.70
CA PRO MC 20 51.15 26.81 22.03
C PRO MC 20 52.04 27.49 23.06
N GLY MC 21 53.20 28.01 22.65
CA GLY MC 21 54.04 28.75 23.58
C GLY MC 21 53.36 30.01 24.06
N GLU MC 22 52.69 30.72 23.15
CA GLU MC 22 51.94 31.91 23.54
C GLU MC 22 50.80 31.56 24.48
N LEU MC 23 50.11 30.44 24.21
CA LEU MC 23 49.06 30.00 25.12
C LEU MC 23 49.63 29.65 26.50
N ASP MC 24 50.80 29.03 26.54
CA ASP MC 24 51.43 28.71 27.82
C ASP MC 24 51.80 29.97 28.58
N ARG MC 25 52.33 30.98 27.89
CA ARG MC 25 52.66 32.22 28.58
C ARG MC 25 51.41 32.92 29.07
N ILE MC 26 50.30 32.81 28.33
CA ILE MC 26 49.04 33.37 28.80
C ILE MC 26 48.57 32.65 30.05
N LYS MC 27 48.71 31.32 30.08
CA LYS MC 27 48.31 30.55 31.26
C LYS MC 27 49.15 30.93 32.47
N SER MC 28 50.46 31.10 32.29
CA SER MC 28 51.31 31.51 33.40
C SER MC 28 50.93 32.91 33.88
N PHE MC 29 50.65 33.82 32.95
CA PHE MC 29 50.28 35.18 33.31
C PHE MC 29 48.98 35.21 34.10
N VAL MC 30 47.99 34.42 33.68
CA VAL MC 30 46.72 34.40 34.41
C VAL MC 30 46.90 33.70 35.75
N ALA MC 31 47.84 32.76 35.83
CA ALA MC 31 48.11 32.13 37.12
C ALA MC 31 48.72 33.12 38.11
N SER MC 32 49.62 34.00 37.65
CA SER MC 32 50.30 34.94 38.52
C SER MC 32 49.48 36.18 38.83
N GLY MC 33 48.21 36.21 38.40
CA GLY MC 33 47.39 37.40 38.50
C GLY MC 33 47.11 37.90 39.90
N GLU MC 34 46.71 37.01 40.80
CA GLU MC 34 46.38 37.43 42.15
C GLU MC 34 47.62 37.90 42.90
N ARG MC 35 48.76 37.25 42.66
CA ARG MC 35 50.01 37.70 43.27
C ARG MC 35 50.39 39.10 42.77
N ARG MC 36 50.23 39.32 41.46
CA ARG MC 36 50.51 40.65 40.91
C ARG MC 36 49.57 41.69 41.50
N LEU MC 37 48.30 41.33 41.66
CA LEU MC 37 47.32 42.26 42.23
C LEU MC 37 47.66 42.58 43.68
N ARG MC 38 48.13 41.60 44.45
CA ARG MC 38 48.51 41.85 45.83
C ARG MC 38 49.71 42.79 45.90
N ILE MC 39 50.70 42.59 45.02
CA ILE MC 39 51.86 43.49 44.99
C ILE MC 39 51.42 44.91 44.65
N ALA MC 40 50.56 45.05 43.65
CA ALA MC 40 50.07 46.37 43.27
C ALA MC 40 49.28 47.02 44.39
N GLN MC 41 48.46 46.23 45.11
CA GLN MC 41 47.69 46.77 46.22
C GLN MC 41 48.61 47.28 47.32
N THR MC 42 49.67 46.52 47.62
CA THR MC 42 50.63 46.96 48.63
C THR MC 42 51.31 48.26 48.23
N LEU MC 43 51.73 48.36 46.97
CA LEU MC 43 52.38 49.59 46.51
C LEU MC 43 51.42 50.77 46.53
N THR MC 44 50.16 50.54 46.12
CA THR MC 44 49.17 51.61 46.15
C THR MC 44 48.91 52.10 47.57
N GLU MC 45 48.84 51.18 48.52
CA GLU MC 45 48.64 51.59 49.91
C GLU MC 45 49.87 52.30 50.47
N ALA MC 46 51.05 51.99 49.96
CA ALA MC 46 52.28 52.66 50.40
C ALA MC 46 52.76 53.71 49.41
N ARG MC 47 51.83 54.29 48.64
CA ARG MC 47 52.21 55.22 47.58
C ARG MC 47 52.87 56.50 48.12
N GLU MC 48 52.42 57.00 49.27
CA GLU MC 48 52.90 58.30 49.70
C GLU MC 48 54.24 58.21 50.44
N ARG MC 49 54.41 57.18 51.27
CA ARG MC 49 55.68 56.99 51.96
C ARG MC 49 56.79 56.72 50.96
N ILE MC 50 56.49 55.93 49.92
CA ILE MC 50 57.49 55.61 48.91
C ILE MC 50 57.93 56.87 48.18
N VAL MC 51 56.97 57.72 47.82
CA VAL MC 51 57.29 58.97 47.14
C VAL MC 51 58.13 59.87 48.03
N LYS MC 52 57.77 59.99 49.31
CA LYS MC 52 58.52 60.85 50.21
C LYS MC 52 59.95 60.37 50.40
N GLN MC 53 60.12 59.07 50.67
CA GLN MC 53 61.48 58.54 50.85
C GLN MC 53 62.31 58.65 49.59
N ALA MC 54 61.70 58.40 48.42
CA ALA MC 54 62.43 58.58 47.16
C ALA MC 54 62.84 60.02 46.99
N GLY MC 55 61.99 60.96 47.43
CA GLY MC 55 62.37 62.36 47.40
C GLY MC 55 63.57 62.66 48.28
N ASP MC 56 63.59 62.12 49.50
CA ASP MC 56 64.73 62.37 50.39
C ASP MC 56 66.00 61.77 49.80
N GLN MC 57 65.92 60.55 49.28
CA GLN MC 57 67.10 59.92 48.67
C GLN MC 57 67.60 60.70 47.47
N LEU MC 58 66.68 61.16 46.62
CA LEU MC 58 67.07 61.91 45.43
C LEU MC 58 67.72 63.23 45.81
N PHE MC 59 67.15 63.93 46.79
CA PHE MC 59 67.73 65.20 47.20
C PHE MC 59 69.07 65.01 47.91
N GLN MC 60 69.24 63.91 48.65
CA GLN MC 60 70.54 63.65 49.26
C GLN MC 60 71.59 63.35 48.20
N ILE MC 61 71.25 62.52 47.21
CA ILE MC 61 72.22 62.15 46.18
C ILE MC 61 72.54 63.35 45.29
N ARG MC 62 71.54 64.14 44.93
CA ARG MC 62 71.72 65.30 44.05
C ARG MC 62 71.07 66.51 44.69
N PRO MC 63 71.70 67.07 45.72
CA PRO MC 63 71.19 68.34 46.28
C PRO MC 63 71.33 69.51 45.32
N ASP MC 64 72.15 69.37 44.28
CA ASP MC 64 72.34 70.44 43.31
C ASP MC 64 71.05 70.79 42.58
N VAL MC 65 70.15 69.82 42.40
CA VAL MC 65 68.90 70.09 41.70
C VAL MC 65 68.02 71.04 42.51
N VAL MC 66 68.19 71.05 43.82
CA VAL MC 66 67.44 71.95 44.69
C VAL MC 66 68.32 73.16 45.00
N SER MC 67 69.34 73.38 44.19
CA SER MC 67 70.20 74.55 44.29
C SER MC 67 69.70 75.59 43.33
N PRO MC 68 70.21 76.83 43.42
CA PRO MC 68 69.73 77.93 42.55
C PRO MC 68 69.81 77.65 41.06
N GLY MC 69 70.83 76.91 40.64
CA GLY MC 69 70.93 76.51 39.24
C GLY MC 69 70.29 75.15 39.00
N GLY MC 70 69.23 74.85 39.73
CA GLY MC 70 68.58 73.55 39.66
C GLY MC 70 67.22 73.64 38.99
N ASN MC 71 66.83 72.55 38.32
CA ASN MC 71 65.54 72.50 37.66
C ASN MC 71 64.39 72.59 38.65
N ALA MC 72 64.51 71.91 39.79
CA ALA MC 72 63.46 71.86 40.79
C ALA MC 72 63.71 72.82 41.96
N TYR MC 73 64.41 73.93 41.71
CA TYR MC 73 64.67 74.90 42.75
C TYR MC 73 63.38 75.60 43.14
N GLY MC 74 63.06 75.57 44.42
CA GLY MC 74 61.81 76.10 44.94
C GLY MC 74 60.87 75.00 45.40
N GLU MC 75 60.02 75.37 46.36
CA GLU MC 75 59.07 74.41 46.92
C GLU MC 75 58.08 73.94 45.86
N LYS MC 76 57.63 74.84 44.98
CA LYS MC 76 56.70 74.47 43.93
C LYS MC 76 57.33 73.59 42.86
N MET MC 77 58.57 73.86 42.47
CA MET MC 77 59.26 72.94 41.57
C MET MC 77 59.50 71.58 42.20
N THR MC 78 59.86 71.53 43.50
CA THR MC 78 59.99 70.25 44.18
C THR MC 78 58.66 69.51 44.26
N ALA MC 79 57.56 70.25 44.46
CA ALA MC 79 56.24 69.63 44.43
C ALA MC 79 55.94 69.03 43.06
N LEU MC 80 56.35 69.73 41.99
CA LEU MC 80 56.21 69.16 40.67
C LEU MC 80 57.05 67.91 40.48
N CYS MC 81 58.27 67.91 41.04
CA CYS MC 81 59.11 66.72 40.96
C CYS MC 81 58.47 65.54 41.69
N LEU MC 82 57.91 65.80 42.87
CA LEU MC 82 57.21 64.75 43.60
C LEU MC 82 55.96 64.29 42.86
N ARG MC 83 55.29 65.19 42.15
CA ARG MC 83 54.11 64.79 41.38
C ARG MC 83 54.51 63.89 40.22
N ASP MC 84 55.61 64.21 39.53
CA ASP MC 84 56.13 63.31 38.51
C ASP MC 84 56.52 61.97 39.12
N LEU MC 85 57.05 62.00 40.33
CA LEU MC 85 57.40 60.77 41.04
C LEU MC 85 56.16 59.91 41.29
N ASP MC 86 55.07 60.54 41.76
CA ASP MC 86 53.83 59.81 41.97
C ASP MC 86 53.29 59.26 40.65
N TYR MC 87 53.44 60.03 39.56
CA TYR MC 87 53.03 59.56 38.24
C TYR MC 87 53.77 58.30 37.86
N TYR MC 88 55.09 58.29 38.08
CA TYR MC 88 55.87 57.11 37.70
C TYR MC 88 55.59 55.93 38.61
N LEU MC 89 55.29 56.17 39.89
CA LEU MC 89 54.87 55.08 40.76
C LEU MC 89 53.55 54.47 40.30
N ARG MC 90 52.61 55.32 39.90
CA ARG MC 90 51.33 54.82 39.37
C ARG MC 90 51.55 54.01 38.10
N LEU MC 91 52.45 54.49 37.23
CA LEU MC 91 52.76 53.74 36.01
C LEU MC 91 53.40 52.39 36.34
N VAL MC 92 54.24 52.36 37.38
CA VAL MC 92 54.85 51.10 37.80
C VAL MC 92 53.80 50.12 38.29
N THR MC 93 52.83 50.60 39.07
CA THR MC 93 51.75 49.72 39.52
C THR MC 93 50.92 49.21 38.34
N TYR MC 94 50.67 50.09 37.36
CA TYR MC 94 49.96 49.67 36.15
C TYR MC 94 50.72 48.58 35.42
N GLY MC 95 52.04 48.75 35.28
CA GLY MC 95 52.83 47.72 34.64
C GLY MC 95 52.84 46.42 35.42
N ILE MC 96 52.84 46.51 36.75
CA ILE MC 96 52.83 45.32 37.59
C ILE MC 96 51.55 44.53 37.37
N VAL MC 97 50.41 45.21 37.37
CA VAL MC 97 49.16 44.49 37.14
C VAL MC 97 49.08 43.98 35.70
N ALA MC 98 49.60 44.74 34.74
CA ALA MC 98 49.51 44.33 33.34
C ALA MC 98 50.40 43.15 33.01
N GLY MC 99 51.54 43.02 33.67
CA GLY MC 99 52.46 41.95 33.34
C GLY MC 99 53.42 42.26 32.22
N ASP MC 100 53.38 43.45 31.67
CA ASP MC 100 54.30 43.86 30.61
C ASP MC 100 54.47 45.37 30.69
N VAL MC 101 55.00 45.97 29.63
CA VAL MC 101 55.28 47.39 29.64
C VAL MC 101 54.57 48.16 28.52
N THR MC 102 53.54 47.59 27.91
CA THR MC 102 52.78 48.34 26.93
C THR MC 102 52.13 49.60 27.53
N PRO MC 103 51.42 49.53 28.67
CA PRO MC 103 50.84 50.78 29.20
C PRO MC 103 51.91 51.75 29.69
N ILE MC 104 52.95 51.26 30.34
CA ILE MC 104 54.03 52.12 30.82
C ILE MC 104 54.71 52.82 29.67
N GLU MC 105 54.99 52.09 28.59
CA GLU MC 105 55.61 52.67 27.41
C GLU MC 105 54.70 53.72 26.77
N GLU MC 106 53.43 53.39 26.57
CA GLU MC 106 52.54 54.32 25.90
C GLU MC 106 52.23 55.53 26.76
N ILE MC 107 52.44 55.44 28.06
CA ILE MC 107 52.07 56.56 28.93
C ILE MC 107 53.25 57.43 29.32
N GLY MC 108 54.45 56.88 29.52
CA GLY MC 108 55.45 57.68 30.18
C GLY MC 108 56.90 57.63 29.74
N ILE MC 109 57.23 56.98 28.63
CA ILE MC 109 58.60 56.97 28.12
C ILE MC 109 58.69 57.49 26.70
N ILE MC 110 57.75 57.13 25.83
CA ILE MC 110 57.78 57.62 24.46
C ILE MC 110 57.58 59.13 24.47
N GLY MC 111 58.62 59.85 24.08
CA GLY MC 111 58.62 61.30 24.13
C GLY MC 111 59.06 61.89 25.45
N VAL MC 112 59.39 61.06 26.43
CA VAL MC 112 59.80 61.58 27.73
C VAL MC 112 61.11 62.34 27.62
N LYS MC 113 62.00 61.89 26.74
CA LYS MC 113 63.25 62.61 26.51
C LYS MC 113 62.98 64.00 25.95
N GLU MC 114 62.08 64.09 24.98
CA GLU MC 114 61.75 65.38 24.38
C GLU MC 114 61.08 66.29 25.40
N MET MC 115 60.18 65.75 26.21
CA MET MC 115 59.48 66.59 27.20
C MET MC 115 60.45 67.09 28.26
N TYR MC 116 61.34 66.23 28.73
CA TYR MC 116 62.26 66.66 29.77
C TYR MC 116 63.36 67.56 29.23
N ASN MC 117 63.72 67.41 27.96
CA ASN MC 117 64.57 68.41 27.33
C ASN MC 117 63.83 69.72 27.20
N SER MC 118 62.52 69.66 26.95
CA SER MC 118 61.72 70.88 26.87
C SER MC 118 61.72 71.59 28.21
N LEU MC 119 61.59 70.83 29.29
CA LEU MC 119 61.53 71.41 30.62
C LEU MC 119 62.91 71.64 31.22
N GLN MC 120 63.98 71.24 30.53
CA GLN MC 120 65.35 71.43 31.01
C GLN MC 120 65.60 70.69 32.32
N THR MC 121 65.04 69.48 32.43
CA THR MC 121 65.14 68.73 33.67
C THR MC 121 66.16 67.61 33.50
N PRO MC 122 66.93 67.27 34.54
CA PRO MC 122 67.91 66.18 34.43
C PRO MC 122 67.27 64.81 34.37
N ILE MC 123 67.33 64.19 33.19
CA ILE MC 123 66.88 62.81 33.04
C ILE MC 123 67.64 61.85 33.96
N PRO MC 124 68.98 61.92 34.08
CA PRO MC 124 69.65 61.08 35.08
C PRO MC 124 69.20 61.33 36.50
N ALA MC 125 68.87 62.58 36.86
CA ALA MC 125 68.30 62.83 38.18
C ALA MC 125 66.94 62.16 38.37
N VAL MC 126 66.08 62.21 37.36
CA VAL MC 126 64.79 61.53 37.47
C VAL MC 126 64.99 60.02 37.58
N ALA MC 127 65.96 59.47 36.85
CA ALA MC 127 66.28 58.06 36.97
C ALA MC 127 66.78 57.72 38.36
N GLU MC 128 67.58 58.61 38.95
CA GLU MC 128 68.04 58.41 40.33
C GLU MC 128 66.86 58.39 41.29
N GLY MC 129 65.92 59.30 41.11
CA GLY MC 129 64.71 59.28 41.93
C GLY MC 129 63.91 58.00 41.76
N VAL MC 130 63.83 57.48 40.54
CA VAL MC 130 63.13 56.23 40.31
C VAL MC 130 63.83 55.07 40.99
N ARG MC 131 65.17 55.08 40.99
CA ARG MC 131 65.90 54.03 41.69
C ARG MC 131 65.70 54.11 43.20
N ALA MC 132 65.63 55.33 43.73
CA ALA MC 132 65.30 55.50 45.14
C ALA MC 132 63.91 54.94 45.45
N MET MC 133 62.97 55.19 44.54
CA MET MC 133 61.65 54.57 44.65
C MET MC 133 61.74 53.05 44.66
N LYS MC 134 62.61 52.50 43.81
CA LYS MC 134 62.76 51.06 43.73
C LYS MC 134 63.26 50.49 45.05
N ASN MC 135 64.24 51.17 45.66
CA ASN MC 135 64.74 50.74 46.96
C ASN MC 135 63.65 50.80 48.04
N VAL MC 136 62.93 51.92 48.09
CA VAL MC 136 61.90 52.08 49.12
C VAL MC 136 60.77 51.08 48.93
N ALA MC 137 60.45 50.78 47.67
CA ALA MC 137 59.36 49.84 47.40
C ALA MC 137 59.78 48.41 47.70
N THR MC 138 61.01 48.03 47.33
CA THR MC 138 61.47 46.68 47.63
C THR MC 138 61.69 46.48 49.12
N SER MC 139 61.85 47.57 49.87
CA SER MC 139 61.91 47.47 51.32
C SER MC 139 60.59 47.05 51.97
N LEU MC 140 59.48 47.07 51.24
CA LEU MC 140 58.18 46.76 51.82
C LEU MC 140 57.58 45.47 51.25
N LEU MC 141 58.36 44.68 50.53
CA LEU MC 141 57.83 43.50 49.84
C LEU MC 141 58.72 42.29 50.10
N SER MC 142 58.13 41.11 49.99
CA SER MC 142 58.89 39.87 50.05
C SER MC 142 59.82 39.77 48.83
N GLY MC 143 60.76 38.84 48.92
CA GLY MC 143 61.85 38.75 47.96
C GLY MC 143 61.45 38.54 46.51
N ASP MC 144 60.58 37.56 46.25
CA ASP MC 144 60.11 37.38 44.88
C ASP MC 144 59.28 38.57 44.41
N ASP MC 145 58.38 39.06 45.27
CA ASP MC 145 57.62 40.26 44.94
C ASP MC 145 58.51 41.49 44.85
N ALA MC 146 59.53 41.57 45.70
CA ALA MC 146 60.48 42.68 45.61
C ALA MC 146 61.18 42.68 44.27
N ALA MC 147 61.65 41.51 43.82
CA ALA MC 147 62.29 41.41 42.51
C ALA MC 147 61.31 41.75 41.39
N GLU MC 148 60.05 41.33 41.55
CA GLU MC 148 59.04 41.60 40.52
C GLU MC 148 58.78 43.10 40.36
N ALA MC 149 58.55 43.81 41.46
CA ALA MC 149 58.35 45.26 41.36
C ALA MC 149 59.62 45.97 40.91
N GLY MC 150 60.76 45.60 41.49
CA GLY MC 150 61.98 46.32 41.23
C GLY MC 150 62.45 46.17 39.80
N PHE MC 151 62.09 45.05 39.17
CA PHE MC 151 62.59 44.85 37.83
C PHE MC 151 61.78 45.67 36.82
N TYR MC 152 60.50 45.91 37.11
CA TYR MC 152 59.81 47.00 36.43
C TYR MC 152 60.44 48.35 36.71
N PHE MC 153 60.88 48.59 37.94
CA PHE MC 153 61.51 49.88 38.26
C PHE MC 153 62.77 50.10 37.42
N ASP MC 154 63.57 49.05 37.24
CA ASP MC 154 64.75 49.22 36.40
C ASP MC 154 64.38 49.21 34.93
N TYR MC 155 63.21 48.70 34.56
CA TYR MC 155 62.74 48.94 33.20
C TYR MC 155 62.52 50.43 32.98
N LEU MC 156 61.89 51.10 33.95
CA LEU MC 156 61.70 52.55 33.85
C LEU MC 156 63.05 53.26 33.79
N VAL MC 157 63.99 52.83 34.63
CA VAL MC 157 65.31 53.46 34.67
C VAL MC 157 66.03 53.28 33.34
N GLY MC 158 65.99 52.08 32.78
CA GLY MC 158 66.64 51.85 31.49
C GLY MC 158 65.97 52.60 30.36
N ALA MC 159 64.63 52.70 30.40
CA ALA MC 159 63.92 53.46 29.38
C ALA MC 159 64.30 54.93 29.43
N MET MC 160 64.44 55.50 30.63
CA MET MC 160 64.91 56.88 30.77
C MET MC 160 66.44 56.91 30.65
N GLN MC 161 66.90 56.69 29.42
CA GLN MC 161 68.32 56.57 29.17
C GLN MC 161 68.65 56.74 27.69
N MET NC 1 44.57 48.42 20.08
CA MET NC 1 43.63 47.45 20.65
C MET NC 1 43.81 47.39 22.16
N GLN NC 2 42.90 46.70 22.84
CA GLN NC 2 42.95 46.61 24.29
C GLN NC 2 42.19 45.37 24.76
N ASP NC 3 42.70 44.77 25.83
CA ASP NC 3 42.03 43.68 26.53
C ASP NC 3 41.36 44.22 27.78
N ALA NC 4 40.86 43.31 28.64
CA ALA NC 4 40.17 43.75 29.85
C ALA NC 4 41.12 44.48 30.79
N ILE NC 5 42.31 43.93 31.00
CA ILE NC 5 43.26 44.51 31.94
C ILE NC 5 43.72 45.88 31.46
N THR NC 6 44.11 45.97 30.19
CA THR NC 6 44.51 47.26 29.63
C THR NC 6 43.34 48.23 29.58
N ALA NC 7 42.12 47.75 29.38
CA ALA NC 7 40.96 48.63 29.38
C ALA NC 7 40.76 49.26 30.74
N VAL NC 8 40.87 48.47 31.80
CA VAL NC 8 40.79 49.01 33.15
C VAL NC 8 41.92 50.00 33.40
N ILE NC 9 43.12 49.68 32.90
CA ILE NC 9 44.28 50.54 33.13
C ILE NC 9 44.08 51.89 32.47
N ASN NC 10 43.62 51.90 31.21
CA ASN NC 10 43.36 53.17 30.55
C ASN NC 10 42.20 53.91 31.20
N ASN NC 11 41.16 53.19 31.64
CA ASN NC 11 40.02 53.83 32.28
C ASN NC 11 40.42 54.52 33.58
N TYR NC 12 41.44 54.00 34.26
CA TYR NC 12 41.92 54.70 35.44
C TYR NC 12 42.95 55.78 35.09
N ASP NC 13 43.76 55.57 34.06
CA ASP NC 13 44.78 56.54 33.72
C ASP NC 13 44.18 57.82 33.16
N VAL NC 14 43.02 57.72 32.48
CA VAL NC 14 42.35 58.92 32.01
C VAL NC 14 41.88 59.78 33.17
N GLN NC 15 41.57 59.18 34.30
CA GLN NC 15 41.23 59.92 35.51
C GLN NC 15 42.45 60.23 36.38
N GLY NC 16 43.61 59.67 36.05
CA GLY NC 16 44.79 59.92 36.86
C GLY NC 16 44.67 59.35 38.24
N LYS NC 17 44.13 58.15 38.35
CA LYS NC 17 43.82 57.53 39.63
C LYS NC 17 44.58 56.22 39.78
N TYR NC 18 45.13 56.01 40.98
CA TYR NC 18 45.65 54.69 41.31
C TYR NC 18 44.53 53.67 41.28
N LEU NC 19 44.85 52.47 40.79
CA LEU NC 19 43.84 51.44 40.64
C LEU NC 19 43.33 51.01 42.01
N ASP NC 20 42.02 50.96 42.16
CA ASP NC 20 41.35 50.79 43.44
C ASP NC 20 40.69 49.41 43.54
N GLY NC 21 39.92 49.21 44.61
CA GLY NC 21 39.33 47.91 44.88
C GLY NC 21 38.41 47.43 43.76
N ALA NC 22 37.61 48.32 43.18
CA ALA NC 22 36.71 47.94 42.10
C ALA NC 22 37.48 47.47 40.87
N ALA NC 23 38.56 48.18 40.53
CA ALA NC 23 39.42 47.73 39.45
C ALA NC 23 40.03 46.38 39.78
N LEU NC 24 40.32 46.16 41.06
CA LEU NC 24 40.82 44.85 41.48
C LEU NC 24 39.77 43.76 41.27
N ASP NC 25 38.49 44.04 41.57
CA ASP NC 25 37.48 43.03 41.32
C ASP NC 25 37.34 42.74 39.84
N LYS NC 26 37.41 43.78 38.99
CA LYS NC 26 37.32 43.56 37.55
C LYS NC 26 38.48 42.69 37.06
N LEU NC 27 39.70 43.00 37.51
CA LEU NC 27 40.85 42.20 37.11
C LEU NC 27 40.75 40.77 37.61
N LYS NC 28 40.28 40.59 38.85
CA LYS NC 28 40.11 39.24 39.39
C LYS NC 28 39.06 38.47 38.62
N ALA NC 29 37.98 39.15 38.23
CA ALA NC 29 36.93 38.51 37.45
C ALA NC 29 37.45 38.04 36.11
N TYR NC 30 38.31 38.84 35.47
CA TYR NC 30 38.94 38.32 34.25
C TYR NC 30 39.87 37.14 34.56
N PHE NC 31 40.67 37.26 35.62
CA PHE NC 31 41.70 36.26 35.89
C PHE NC 31 41.09 34.92 36.24
N THR NC 32 39.89 34.93 36.81
CA THR NC 32 39.22 33.68 37.18
C THR NC 32 38.92 32.79 35.98
N THR NC 33 38.56 33.38 34.84
CA THR NC 33 38.22 32.62 33.64
C THR NC 33 39.36 32.57 32.64
N GLY NC 34 40.61 32.67 33.07
CA GLY NC 34 41.72 32.69 32.13
C GLY NC 34 41.90 31.37 31.41
N ALA NC 35 41.83 30.26 32.13
CA ALA NC 35 42.17 28.96 31.55
C ALA NC 35 41.11 28.50 30.55
N VAL NC 36 39.84 28.79 30.83
CA VAL NC 36 38.76 28.35 29.95
C VAL NC 36 38.87 29.00 28.60
N ARG NC 37 39.25 30.28 28.57
CA ARG NC 37 39.45 30.98 27.31
C ARG NC 37 40.57 30.35 26.50
N VAL NC 38 41.67 29.97 27.16
CA VAL NC 38 42.79 29.36 26.45
C VAL NC 38 42.40 28.00 25.89
N ARG NC 39 41.67 27.20 26.67
CA ARG NC 39 41.22 25.90 26.18
C ARG NC 39 40.28 26.06 24.99
N ALA NC 40 39.35 27.01 25.06
CA ALA NC 40 38.43 27.24 23.95
C ALA NC 40 39.17 27.71 22.71
N ALA NC 41 40.17 28.59 22.89
CA ALA NC 41 40.96 29.05 21.74
C ALA NC 41 41.73 27.91 21.10
N ALA NC 42 42.31 27.02 21.92
CA ALA NC 42 43.00 25.86 21.36
C ALA NC 42 42.06 24.95 20.60
N VAL NC 43 40.85 24.72 21.15
CA VAL NC 43 39.89 23.86 20.46
C VAL NC 43 39.46 24.46 19.13
N ILE NC 44 39.20 25.78 19.12
CA ILE NC 44 38.77 26.43 17.89
C ILE NC 44 39.88 26.41 16.85
N SER NC 45 41.12 26.66 17.29
CA SER NC 45 42.24 26.63 16.35
C SER NC 45 42.45 25.24 15.77
N SER NC 46 42.25 24.21 16.59
CA SER NC 46 42.36 22.85 16.09
C SER NC 46 41.23 22.50 15.13
N ASN NC 47 40.01 22.99 15.36
CA ASN NC 47 38.87 22.64 14.53
C ASN NC 47 38.41 23.76 13.61
N ALA NC 48 39.31 24.65 13.19
CA ALA NC 48 38.95 25.78 12.34
C ALA NC 48 38.26 25.40 11.03
N THR NC 49 38.84 24.45 10.28
CA THR NC 49 38.29 24.14 8.97
C THR NC 49 36.94 23.44 9.08
N THR NC 50 36.78 22.54 10.06
CA THR NC 50 35.53 21.83 10.23
C THR NC 50 34.39 22.76 10.60
N ILE NC 51 34.65 23.75 11.45
CA ILE NC 51 33.62 24.71 11.82
C ILE NC 51 33.14 25.49 10.61
N ILE NC 52 34.07 25.95 9.78
CA ILE NC 52 33.71 26.71 8.59
C ILE NC 52 32.93 25.84 7.63
N LYS NC 53 33.36 24.59 7.44
CA LYS NC 53 32.66 23.69 6.52
C LYS NC 53 31.24 23.41 6.98
N GLU NC 54 31.06 23.14 8.28
CA GLU NC 54 29.72 22.86 8.78
C GLU NC 54 28.83 24.10 8.72
N ALA NC 55 29.37 25.27 9.06
CA ALA NC 55 28.57 26.49 8.99
C ALA NC 55 28.17 26.81 7.56
N ALA NC 56 29.09 26.64 6.61
CA ALA NC 56 28.75 26.86 5.21
C ALA NC 56 27.69 25.88 4.73
N ALA NC 57 27.83 24.61 5.10
CA ALA NC 57 26.84 23.61 4.70
C ALA NC 57 25.48 23.90 5.30
N LYS NC 58 25.44 24.45 6.51
CA LYS NC 58 24.16 24.73 7.15
C LYS NC 58 23.51 26.02 6.64
N ALA NC 59 24.28 27.05 6.33
CA ALA NC 59 23.70 28.37 6.09
C ALA NC 59 23.92 28.96 4.70
N LEU NC 60 24.89 28.49 3.93
CA LEU NC 60 25.18 29.17 2.67
C LEU NC 60 24.91 28.30 1.44
N ILE NC 61 25.56 27.14 1.35
CA ILE NC 61 25.51 26.33 0.14
C ILE NC 61 24.15 25.65 0.02
N TYR NC 62 23.91 25.02 -1.13
CA TYR NC 62 22.59 24.47 -1.48
C TYR NC 62 21.54 25.57 -1.50
N SER NC 63 21.93 26.74 -1.99
CA SER NC 63 21.05 27.90 -2.05
C SER NC 63 21.17 28.52 -3.44
N ASP NC 64 20.55 29.68 -3.61
CA ASP NC 64 20.74 30.41 -4.85
C ASP NC 64 22.02 31.22 -4.82
N LEU NC 65 22.65 31.32 -3.65
CA LEU NC 65 23.94 31.97 -3.57
C LEU NC 65 24.98 31.23 -4.42
N THR NC 66 24.89 29.91 -4.45
CA THR NC 66 25.82 29.09 -5.21
C THR NC 66 25.38 28.85 -6.64
N ARG NC 67 24.18 29.24 -7.01
CA ARG NC 67 23.74 29.03 -8.38
C ARG NC 67 24.13 30.23 -9.23
N PRO NC 68 24.04 30.10 -10.57
CA PRO NC 68 24.46 31.20 -11.44
C PRO NC 68 23.66 32.48 -11.20
N GLY NC 69 24.38 33.59 -11.14
CA GLY NC 69 23.81 34.84 -10.73
C GLY NC 69 23.90 35.11 -9.24
N GLY NC 70 24.17 34.08 -8.44
CA GLY NC 70 24.34 34.26 -7.01
C GLY NC 70 25.61 35.02 -6.71
N MEN NC 71 25.78 35.42 -5.45
CA MEN NC 71 26.91 36.23 -5.09
C MEN NC 71 28.16 35.38 -4.90
O MEN NC 71 29.30 35.81 -5.07
CB MEN NC 71 26.74 37.04 -3.81
CG MEN NC 71 27.82 38.10 -3.78
OD1 MEN NC 71 28.56 38.23 -2.78
ND2 MEN NC 71 27.96 38.91 -4.88
CE2 MEN NC 71 28.94 39.94 -4.98
N MET NC 72 27.94 34.13 -4.51
CA MET NC 72 29.07 33.24 -4.26
C MET NC 72 29.22 32.23 -5.39
N TYR NC 73 28.67 32.56 -6.55
CA TYR NC 73 28.90 31.78 -7.75
C TYR NC 73 30.36 31.95 -8.17
N THR NC 74 30.90 30.94 -8.85
CA THR NC 74 32.28 30.88 -9.34
C THR NC 74 33.26 30.56 -8.21
N THR NC 75 34.34 29.87 -8.57
CA THR NC 75 35.31 29.40 -7.58
C THR NC 75 35.97 30.55 -6.86
N ARG NC 76 36.24 31.66 -7.56
CA ARG NC 76 36.85 32.82 -6.93
C ARG NC 76 35.97 33.37 -5.82
N ARG NC 77 34.68 33.52 -6.09
CA ARG NC 77 33.78 34.05 -5.07
C ARG NC 77 33.55 33.07 -3.94
N TYR NC 78 33.51 31.76 -4.23
CA TYR NC 78 33.40 30.78 -3.16
C TYR NC 78 34.62 30.85 -2.24
N ALA NC 79 35.81 30.91 -2.82
CA ALA NC 79 37.02 31.01 -2.02
C ALA NC 79 37.04 32.30 -1.21
N ALA NC 80 36.58 33.40 -1.81
CA ALA NC 80 36.52 34.67 -1.08
C ALA NC 80 35.56 34.60 0.10
N CYS NC 81 34.40 33.97 -0.09
CA CYS NC 81 33.44 33.88 1.02
C CYS NC 81 33.97 33.01 2.15
N ILE NC 82 34.56 31.86 1.83
CA ILE NC 82 35.13 31.06 2.91
C ILE NC 82 36.32 31.75 3.56
N ARG NC 83 37.07 32.56 2.82
CA ARG NC 83 38.15 33.34 3.41
C ARG NC 83 37.60 34.38 4.39
N ASP NC 84 36.48 35.02 4.03
CA ASP NC 84 35.84 35.95 4.95
C ASP NC 84 35.35 35.24 6.21
N MET NC 85 34.81 34.03 6.04
CA MET NC 85 34.37 33.26 7.20
C MET NC 85 35.54 32.93 8.11
N ASP NC 86 36.68 32.56 7.53
CA ASP NC 86 37.86 32.29 8.34
C ASP NC 86 38.35 33.55 9.05
N TYR NC 87 38.28 34.70 8.38
CA TYR NC 87 38.59 35.98 9.00
C TYR NC 87 37.74 36.21 10.24
N PHE NC 88 36.44 36.01 10.11
CA PHE NC 88 35.51 36.23 11.22
C PHE NC 88 35.80 35.28 12.37
N LEU NC 89 36.06 34.01 12.06
CA LEU NC 89 36.34 33.03 13.11
C LEU NC 89 37.62 33.37 13.86
N ARG NC 90 38.68 33.74 13.12
CA ARG NC 90 39.94 34.07 13.75
C ARG NC 90 39.82 35.29 14.65
N TYR NC 91 39.13 36.33 14.18
CA TYR NC 91 39.04 37.53 15.00
C TYR NC 91 38.09 37.33 16.18
N ALA NC 92 37.09 36.45 16.03
CA ALA NC 92 36.27 36.10 17.17
C ALA NC 92 37.09 35.39 18.24
N THR NC 93 37.99 34.51 17.80
CA THR NC 93 38.87 33.83 18.76
C THR NC 93 39.80 34.83 19.46
N TYR NC 94 40.33 35.80 18.71
CA TYR NC 94 41.17 36.83 19.32
C TYR NC 94 40.38 37.62 20.35
N ALA NC 95 39.13 37.96 20.03
CA ALA NC 95 38.30 38.72 20.95
C ALA NC 95 37.98 37.92 22.20
N MET NC 96 37.73 36.61 22.04
CA MET NC 96 37.55 35.74 23.20
C MET NC 96 38.78 35.73 24.08
N LEU NC 97 39.96 35.64 23.48
CA LEU NC 97 41.20 35.58 24.26
C LEU NC 97 41.48 36.90 24.97
N ALA NC 98 41.24 38.03 24.31
CA ALA NC 98 41.50 39.32 24.94
C ALA NC 98 40.40 39.73 25.90
N GLY NC 99 39.21 39.14 25.80
CA GLY NC 99 38.10 39.57 26.62
C GLY NC 99 37.63 40.98 26.36
N ASP NC 100 37.68 41.42 25.10
CA ASP NC 100 37.28 42.78 24.75
C ASP NC 100 37.06 42.89 23.24
N PRO NC 101 35.97 43.52 22.80
CA PRO NC 101 35.70 43.64 21.37
C PRO NC 101 36.42 44.80 20.68
N SER NC 102 37.41 45.40 21.33
CA SER NC 102 38.13 46.51 20.73
C SER NC 102 38.86 46.08 19.47
N ILE NC 103 39.43 44.87 19.47
CA ILE NC 103 40.08 44.38 18.26
C ILE NC 103 39.06 44.15 17.16
N LEU NC 104 37.85 43.72 17.52
CA LEU NC 104 36.81 43.58 16.51
C LEU NC 104 36.43 44.93 15.91
N ASP NC 105 36.30 45.97 16.72
CA ASP NC 105 36.02 47.29 16.18
C ASP NC 105 37.14 47.81 15.31
N GLU NC 106 38.39 47.61 15.74
CA GLU NC 106 39.51 48.21 15.03
C GLU NC 106 39.79 47.48 13.72
N ARG NC 107 39.73 46.16 13.73
CA ARG NC 107 40.27 45.37 12.64
C ARG NC 107 39.22 44.64 11.81
N VAL NC 108 37.93 44.78 12.15
CA VAL NC 108 36.91 44.10 11.38
C VAL NC 108 35.82 45.06 10.91
N LEU NC 109 35.18 45.76 11.85
CA LEU NC 109 33.91 46.41 11.54
C LEU NC 109 34.07 47.78 10.90
N ASN NC 110 35.22 48.43 11.06
CA ASN NC 110 35.36 49.79 10.54
C ASN NC 110 35.41 49.80 9.02
N GLY NC 111 34.28 50.12 8.38
CA GLY NC 111 34.21 50.22 6.94
C GLY NC 111 33.84 48.95 6.22
N LEU NC 112 33.74 47.82 6.92
CA LEU NC 112 33.35 46.58 6.28
C LEU NC 112 31.94 46.65 5.73
N LYS NC 113 31.04 47.35 6.43
CA LYS NC 113 29.68 47.50 5.95
C LYS NC 113 29.63 48.25 4.63
N GLU NC 114 30.39 49.34 4.53
CA GLU NC 114 30.41 50.11 3.29
C GLU NC 114 31.12 49.35 2.17
N THR NC 115 32.16 48.58 2.50
CA THR NC 115 32.80 47.75 1.48
C THR NC 115 31.85 46.70 0.95
N TYR NC 116 31.08 46.06 1.83
CA TYR NC 116 30.09 45.08 1.39
C TYR NC 116 28.98 45.74 0.58
N ASN NC 117 28.57 46.94 0.97
CA ASN NC 117 27.56 47.66 0.19
C ASN NC 117 28.06 47.97 -1.22
N SER NC 118 29.32 48.40 -1.33
CA SER NC 118 29.88 48.67 -2.65
C SER NC 118 30.02 47.40 -3.48
N LEU NC 119 30.41 46.30 -2.85
CA LEU NC 119 30.63 45.06 -3.59
C LEU NC 119 29.36 44.29 -3.87
N GLY NC 120 28.25 44.63 -3.22
CA GLY NC 120 27.03 43.89 -3.38
C GLY NC 120 26.93 42.62 -2.58
N VAL NC 121 27.78 42.42 -1.60
CA VAL NC 121 27.77 41.22 -0.76
C VAL NC 121 26.53 41.21 0.12
N PRO NC 122 25.83 40.09 0.24
CA PRO NC 122 24.67 40.05 1.13
C PRO NC 122 25.06 40.00 2.60
N ILE NC 123 24.89 41.13 3.29
CA ILE NC 123 25.28 41.23 4.69
C ILE NC 123 24.40 40.34 5.56
N ALA NC 124 23.12 40.21 5.21
CA ALA NC 124 22.24 39.34 5.98
C ALA NC 124 22.68 37.89 5.90
N ALA NC 125 23.03 37.42 4.69
CA ALA NC 125 23.55 36.06 4.56
C ALA NC 125 24.87 35.89 5.28
N THR NC 126 25.74 36.91 5.25
CA THR NC 126 26.99 36.83 5.98
C THR NC 126 26.76 36.69 7.48
N VAL NC 127 25.82 37.46 8.02
CA VAL NC 127 25.54 37.37 9.45
C VAL NC 127 24.91 36.03 9.79
N GLY NC 128 24.11 35.49 8.88
CA GLY NC 128 23.59 34.14 9.08
C GLY NC 128 24.69 33.11 9.13
N GLY NC 129 25.69 33.23 8.25
CA GLY NC 129 26.84 32.34 8.33
C GLY NC 129 27.61 32.50 9.62
N ILE NC 130 27.76 33.72 10.10
CA ILE NC 130 28.45 33.95 11.38
C ILE NC 130 27.68 33.28 12.52
N GLN NC 131 26.36 33.40 12.50
CA GLN NC 131 25.55 32.74 13.53
C GLN NC 131 25.65 31.22 13.47
N ALA NC 132 25.70 30.64 12.27
CA ALA NC 132 25.90 29.20 12.16
C ALA NC 132 27.25 28.79 12.72
N MET NC 133 28.30 29.56 12.42
CA MET NC 133 29.61 29.31 13.02
C MET NC 133 29.55 29.42 14.53
N LYS NC 134 28.76 30.36 15.04
CA LYS NC 134 28.59 30.50 16.48
C LYS NC 134 27.97 29.26 17.10
N GLU NC 135 26.93 28.73 16.45
CA GLU NC 135 26.29 27.51 16.94
C GLU NC 135 27.26 26.34 16.97
N VAL NC 136 28.04 26.19 15.89
CA VAL NC 136 28.98 25.07 15.81
C VAL NC 136 30.07 25.22 16.87
N VAL NC 137 30.57 26.44 17.07
CA VAL NC 137 31.63 26.66 18.05
C VAL NC 137 31.13 26.43 19.46
N GLY NC 138 29.90 26.88 19.73
CA GLY NC 138 29.30 26.61 21.03
C GLY NC 138 29.09 25.13 21.27
N GLY NC 139 28.77 24.37 20.23
CA GLY NC 139 28.71 22.94 20.36
C GLY NC 139 30.06 22.33 20.69
N LEU NC 140 31.11 22.77 20.00
CA LEU NC 140 32.42 22.16 20.18
C LEU NC 140 33.02 22.49 21.54
N VAL NC 141 33.02 23.77 21.94
CA VAL NC 141 33.78 24.17 23.11
C VAL NC 141 33.13 23.75 24.43
N GLY NC 142 31.82 23.53 24.45
CA GLY NC 142 31.15 23.11 25.65
C GLY NC 142 30.58 24.27 26.44
N PRO NC 143 29.75 23.95 27.44
CA PRO NC 143 29.08 24.99 28.23
C PRO NC 143 30.00 25.97 28.94
N ASP NC 144 31.23 25.55 29.24
CA ASP NC 144 32.15 26.37 30.01
C ASP NC 144 32.48 27.68 29.32
N ALA NC 145 32.76 27.64 28.03
CA ALA NC 145 33.08 28.84 27.27
C ALA NC 145 32.12 29.10 26.12
N ALA NC 146 30.99 28.39 26.05
CA ALA NC 146 30.05 28.59 24.96
C ALA NC 146 29.47 29.99 24.98
N LYS NC 147 29.05 30.45 26.16
CA LYS NC 147 28.49 31.80 26.25
C LYS NC 147 29.52 32.86 25.94
N GLU NC 148 30.75 32.68 26.45
CA GLU NC 148 31.81 33.66 26.19
C GLU NC 148 32.16 33.70 24.72
N ALA NC 149 32.13 32.56 24.03
CA ALA NC 149 32.33 32.57 22.59
C ALA NC 149 31.16 33.25 21.89
N SER NC 150 29.94 32.99 22.36
CA SER NC 150 28.75 33.46 21.65
C SER NC 150 28.61 34.98 21.73
N ILE NC 151 29.10 35.58 22.81
CA ILE NC 151 28.93 37.04 22.95
C ILE NC 151 29.68 37.79 21.86
N TYR NC 152 30.87 37.33 21.46
CA TYR NC 152 31.61 38.03 20.43
C TYR NC 152 31.10 37.75 19.02
N PHE NC 153 30.56 36.55 18.75
CA PHE NC 153 29.87 36.35 17.49
C PHE NC 153 28.64 37.24 17.38
N ASP NC 154 27.90 37.39 18.48
CA ASP NC 154 26.80 38.34 18.49
C ASP NC 154 27.27 39.77 18.27
N TYR NC 155 28.43 40.12 18.83
CA TYR NC 155 29.00 41.45 18.61
C TYR NC 155 29.30 41.67 17.13
N LEU NC 156 29.92 40.68 16.49
CA LEU NC 156 30.24 40.81 15.07
C LEU NC 156 28.97 40.94 14.23
N SER NC 157 27.96 40.12 14.53
CA SER NC 157 26.70 40.19 13.77
C SER NC 157 26.02 41.53 13.95
N SER NC 158 25.91 42.03 15.19
CA SER NC 158 25.30 43.33 15.43
C SER NC 158 26.07 44.46 14.77
N GLY NC 159 27.40 44.41 14.79
CA GLY NC 159 28.18 45.45 14.13
C GLY NC 159 28.00 45.43 12.62
N LEU NC 160 27.97 44.24 12.01
CA LEU NC 160 27.77 44.16 10.58
C LEU NC 160 26.39 44.64 10.16
N SER NC 161 25.34 44.18 10.83
CA SER NC 161 24.00 44.64 10.48
C SER NC 161 23.72 45.98 11.15
N SER OC 2 39.95 36.68 -23.89
CA SER OC 2 40.12 36.26 -25.28
C SER OC 2 41.47 36.73 -25.81
N VAL OC 3 41.77 36.30 -27.05
CA VAL OC 3 43.02 36.72 -27.67
C VAL OC 3 43.01 38.22 -27.92
N LEU OC 4 41.85 38.80 -28.25
CA LEU OC 4 41.75 40.24 -28.42
C LEU OC 4 42.07 40.97 -27.12
N THR OC 5 41.56 40.47 -26.00
CA THR OC 5 41.89 41.04 -24.70
C THR OC 5 43.37 40.92 -24.41
N LYS OC 6 43.94 39.73 -24.63
CA LYS OC 6 45.35 39.51 -24.31
C LYS OC 6 46.27 40.28 -25.24
N ALA OC 7 45.82 40.67 -26.43
CA ALA OC 7 46.63 41.42 -27.37
C ALA OC 7 46.51 42.92 -27.22
N ILE OC 8 45.30 43.46 -27.14
CA ILE OC 8 45.13 44.90 -27.00
C ILE OC 8 45.69 45.42 -25.69
N VAL OC 9 45.40 44.77 -24.57
CA VAL OC 9 45.92 45.25 -23.29
C VAL OC 9 47.42 45.07 -23.19
N ASN OC 10 47.99 44.10 -23.89
CA ASN OC 10 49.44 43.94 -23.92
C ASN OC 10 50.13 45.08 -24.64
N ALA OC 11 49.47 45.69 -25.62
CA ALA OC 11 50.04 46.82 -26.35
C ALA OC 11 49.55 48.13 -25.76
N ASP OC 12 49.01 48.07 -24.53
CA ASP OC 12 48.51 49.26 -23.87
C ASP OC 12 49.36 49.55 -22.65
N ALA OC 13 50.12 48.55 -22.21
CA ALA OC 13 51.04 48.72 -21.10
C ALA OC 13 52.35 49.38 -21.52
N GLU OC 14 52.52 49.66 -22.80
CA GLU OC 14 53.72 50.32 -23.31
C GLU OC 14 53.41 51.66 -23.95
N ALA OC 15 52.14 52.04 -24.00
CA ALA OC 15 51.71 53.32 -24.56
C ALA OC 15 52.05 53.42 -26.04
N ARG OC 16 51.61 52.42 -26.79
CA ARG OC 16 51.79 52.37 -28.22
C ARG OC 16 50.52 51.82 -28.85
N TYR OC 17 50.40 51.99 -30.16
CA TYR OC 17 49.32 51.36 -30.90
C TYR OC 17 49.57 49.86 -31.01
N LEU OC 18 48.62 49.16 -31.63
CA LEU OC 18 48.75 47.73 -31.82
C LEU OC 18 49.95 47.43 -32.70
N SER OC 19 50.80 46.51 -32.25
CA SER OC 19 52.03 46.23 -32.96
C SER OC 19 51.73 45.55 -34.30
N PRO OC 20 52.59 45.71 -35.29
CA PRO OC 20 52.44 44.92 -36.52
C PRO OC 20 52.57 43.43 -36.27
N GLY OC 21 53.29 43.04 -35.22
CA GLY OC 21 53.30 41.67 -34.80
C GLY OC 21 51.99 41.24 -34.17
N GLU OC 22 51.17 42.20 -33.75
CA GLU OC 22 49.84 41.89 -33.24
C GLU OC 22 48.73 42.18 -34.24
N LEU OC 23 49.07 42.71 -35.43
CA LEU OC 23 48.12 42.76 -36.54
C LEU OC 23 48.31 41.52 -37.43
N ASP OC 24 48.32 40.41 -36.72
CA ASP OC 24 48.45 39.00 -37.09
C ASP OC 24 47.58 38.38 -36.03
N ARG OC 25 47.99 37.24 -35.44
CA ARG OC 25 47.18 36.19 -34.80
C ARG OC 25 45.76 36.54 -34.33
N ILE OC 26 45.49 37.79 -33.93
CA ILE OC 26 44.13 38.32 -34.02
C ILE OC 26 43.49 37.98 -35.36
N LYS OC 27 44.23 38.19 -36.46
CA LYS OC 27 43.71 37.86 -37.78
C LYS OC 27 43.47 36.36 -37.92
N SER OC 28 44.39 35.54 -37.40
CA SER OC 28 44.18 34.09 -37.45
C SER OC 28 42.98 33.70 -36.63
N PHE OC 29 42.75 34.38 -35.51
CA PHE OC 29 41.61 34.10 -34.66
C PHE OC 29 40.30 34.44 -35.37
N VAL OC 30 40.24 35.59 -36.03
CA VAL OC 30 39.03 35.96 -36.74
C VAL OC 30 38.83 35.05 -37.95
N ALA OC 31 39.91 34.54 -38.53
CA ALA OC 31 39.79 33.56 -39.60
C ALA OC 31 39.22 32.24 -39.09
N SER OC 32 39.68 31.80 -37.92
CA SER OC 32 39.26 30.50 -37.40
C SER OC 32 38.02 30.63 -36.51
N GLY OC 33 37.45 31.82 -36.45
CA GLY OC 33 36.27 32.03 -35.63
C GLY OC 33 35.09 31.17 -36.04
N GLU OC 34 34.90 30.98 -37.35
CA GLU OC 34 33.80 30.14 -37.81
C GLU OC 34 33.98 28.71 -37.37
N ARG OC 35 35.21 28.18 -37.50
CA ARG OC 35 35.48 26.82 -37.05
C ARG OC 35 35.30 26.68 -35.54
N ARG OC 36 35.75 27.67 -34.79
CA ARG OC 36 35.59 27.61 -33.34
C ARG OC 36 34.12 27.65 -32.95
N LEU OC 37 33.33 28.49 -33.61
CA LEU OC 37 31.90 28.54 -33.33
C LEU OC 37 31.21 27.23 -33.66
N ARG OC 38 31.59 26.63 -34.80
CA ARG OC 38 31.00 25.35 -35.17
C ARG OC 38 31.35 24.25 -34.18
N ILE OC 39 32.61 24.22 -33.71
CA ILE OC 39 33.01 23.22 -32.73
C ILE OC 39 32.26 23.42 -31.42
N ALA OC 40 32.12 24.68 -30.99
CA ALA OC 40 31.40 24.96 -29.75
C ALA OC 40 29.94 24.55 -29.86
N GLN OC 41 29.32 24.81 -31.00
CA GLN OC 41 27.93 24.41 -31.19
C GLN OC 41 27.79 22.89 -31.21
N THR OC 42 28.75 22.20 -31.83
CA THR OC 42 28.70 20.74 -31.85
C THR OC 42 28.84 20.16 -30.45
N LEU OC 43 29.72 20.74 -29.63
CA LEU OC 43 29.83 20.28 -28.24
C LEU OC 43 28.57 20.60 -27.45
N THR OC 44 27.98 21.78 -27.69
CA THR OC 44 26.80 22.17 -26.93
C THR OC 44 25.60 21.29 -27.25
N GLU OC 45 25.49 20.85 -28.51
CA GLU OC 45 24.35 20.03 -28.90
C GLU OC 45 24.37 18.68 -28.19
N ALA OC 46 25.56 18.13 -27.97
CA ALA OC 46 25.72 16.82 -27.34
C ALA OC 46 26.17 16.93 -25.89
N ARG OC 47 25.65 17.93 -25.16
CA ARG OC 47 26.12 18.14 -23.79
C ARG OC 47 25.63 17.06 -22.85
N GLU OC 48 24.40 16.57 -23.04
CA GLU OC 48 23.85 15.58 -22.10
C GLU OC 48 24.48 14.22 -22.31
N ARG OC 49 24.69 13.81 -23.56
CA ARG OC 49 25.33 12.52 -23.83
C ARG OC 49 26.76 12.49 -23.30
N ILE OC 50 27.51 13.57 -23.52
CA ILE OC 50 28.90 13.65 -23.07
C ILE OC 50 28.97 13.57 -21.56
N VAL OC 51 28.11 14.33 -20.87
CA VAL OC 51 28.11 14.35 -19.42
C VAL OC 51 27.74 12.99 -18.86
N LYS OC 52 26.71 12.37 -19.42
CA LYS OC 52 26.26 11.07 -18.92
C LYS OC 52 27.33 9.99 -19.10
N GLN OC 53 27.90 9.90 -20.31
CA GLN OC 53 28.91 8.88 -20.54
C GLN OC 53 30.19 9.14 -19.74
N ALA OC 54 30.59 10.41 -19.59
CA ALA OC 54 31.78 10.71 -18.82
C ALA OC 54 31.58 10.39 -17.35
N GLY OC 55 30.40 10.70 -16.80
CA GLY OC 55 30.11 10.30 -15.44
C GLY OC 55 30.09 8.81 -15.26
N ASP OC 56 29.61 8.08 -16.27
CA ASP OC 56 29.61 6.63 -16.22
C ASP OC 56 31.04 6.08 -16.14
N GLN OC 57 31.90 6.57 -17.03
CA GLN OC 57 33.29 6.13 -17.05
C GLN OC 57 34.00 6.51 -15.75
N LEU OC 58 33.73 7.70 -15.23
CA LEU OC 58 34.35 8.12 -13.98
C LEU OC 58 33.91 7.24 -12.82
N PHE OC 59 32.63 6.89 -12.75
CA PHE OC 59 32.17 6.06 -11.65
C PHE OC 59 32.66 4.62 -11.76
N GLN OC 60 32.93 4.15 -12.97
CA GLN OC 60 33.60 2.85 -13.07
C GLN OC 60 35.07 2.94 -12.67
N ILE OC 61 35.77 3.98 -13.11
CA ILE OC 61 37.19 4.07 -12.81
C ILE OC 61 37.45 4.30 -11.33
N ARG OC 62 36.62 5.11 -10.67
CA ARG OC 62 36.81 5.47 -9.26
C ARG OC 62 35.52 5.18 -8.51
N PRO OC 63 35.23 3.90 -8.25
CA PRO OC 63 33.98 3.55 -7.56
C PRO OC 63 33.96 3.94 -6.10
N ASP OC 64 35.09 4.34 -5.51
CA ASP OC 64 35.10 4.67 -4.09
C ASP OC 64 34.30 5.95 -3.81
N VAL OC 65 34.21 6.85 -4.78
CA VAL OC 65 33.50 8.11 -4.54
C VAL OC 65 32.00 7.87 -4.43
N VAL OC 66 31.49 6.80 -5.05
CA VAL OC 66 30.06 6.54 -5.05
C VAL OC 66 29.74 5.46 -4.03
N SER OC 67 30.70 5.17 -3.16
CA SER OC 67 30.53 4.22 -2.08
C SER OC 67 29.98 4.98 -0.87
N PRO OC 68 29.61 4.27 0.19
CA PRO OC 68 29.09 4.93 1.40
C PRO OC 68 30.05 5.95 2.02
N GLY OC 69 31.35 5.71 1.92
CA GLY OC 69 32.30 6.67 2.47
C GLY OC 69 32.76 7.67 1.43
N GLY OC 70 32.01 7.80 0.34
CA GLY OC 70 32.39 8.64 -0.77
C GLY OC 70 31.73 10.00 -0.68
N ASN OC 71 32.39 11.00 -1.27
CA ASN OC 71 31.84 12.35 -1.27
C ASN OC 71 30.55 12.43 -2.05
N ALA OC 72 30.43 11.67 -3.14
CA ALA OC 72 29.28 11.71 -4.02
C ALA OC 72 28.31 10.56 -3.80
N TYR OC 73 28.18 10.10 -2.56
CA TYR OC 73 27.26 9.00 -2.25
C TYR OC 73 25.84 9.51 -2.15
N GLY OC 74 24.91 8.83 -2.78
CA GLY OC 74 23.52 9.22 -2.79
C GLY OC 74 23.10 9.77 -4.14
N GLU OC 75 21.78 9.74 -4.37
CA GLU OC 75 21.26 10.13 -5.68
C GLU OC 75 21.47 11.63 -5.93
N LYS OC 76 21.24 12.47 -4.93
CA LYS OC 76 21.43 13.90 -5.14
C LYS OC 76 22.89 14.32 -5.06
N MET OC 77 23.70 13.63 -4.27
CA MET OC 77 25.14 13.87 -4.33
C MET OC 77 25.71 13.49 -5.69
N THR OC 78 25.19 12.44 -6.31
CA THR OC 78 25.60 12.12 -7.68
C THR OC 78 25.08 13.15 -8.68
N ALA OC 79 23.87 13.67 -8.45
CA ALA OC 79 23.34 14.72 -9.29
C ALA OC 79 24.23 15.96 -9.25
N LEU OC 80 24.73 16.30 -8.06
CA LEU OC 80 25.63 17.44 -7.94
C LEU OC 80 26.95 17.20 -8.69
N CYS OC 81 27.47 15.97 -8.63
CA CYS OC 81 28.69 15.66 -9.38
C CYS OC 81 28.47 15.82 -10.88
N LEU OC 82 27.35 15.30 -11.38
CA LEU OC 82 27.06 15.47 -12.80
C LEU OC 82 26.84 16.94 -13.17
N ARG OC 83 26.26 17.72 -12.25
CA ARG OC 83 26.09 19.14 -12.49
C ARG OC 83 27.44 19.84 -12.59
N ASP OC 84 28.40 19.46 -11.74
CA ASP OC 84 29.74 20.03 -11.83
C ASP OC 84 30.40 19.67 -13.16
N LEU OC 85 30.21 18.44 -13.61
CA LEU OC 85 30.76 18.05 -14.91
C LEU OC 85 30.14 18.88 -16.04
N ASP OC 86 28.83 19.12 -15.97
CA ASP OC 86 28.18 19.96 -16.97
C ASP OC 86 28.72 21.38 -16.93
N TYR OC 87 28.98 21.89 -15.71
CA TYR OC 87 29.58 23.21 -15.57
C TYR OC 87 30.92 23.30 -16.27
N TYR OC 88 31.74 22.27 -16.09
CA TYR OC 88 33.06 22.30 -16.72
C TYR OC 88 32.98 22.14 -18.23
N LEU OC 89 31.99 21.39 -18.72
CA LEU OC 89 31.78 21.34 -20.17
C LEU OC 89 31.39 22.71 -20.72
N ARG OC 90 30.53 23.42 -19.99
CA ARG OC 90 30.14 24.77 -20.40
C ARG OC 90 31.35 25.69 -20.42
N LEU OC 91 32.22 25.59 -19.41
CA LEU OC 91 33.42 26.42 -19.39
C LEU OC 91 34.35 26.07 -20.54
N VAL OC 92 34.44 24.80 -20.90
CA VAL OC 92 35.27 24.41 -22.04
C VAL OC 92 34.72 24.99 -23.33
N THR OC 93 33.40 24.99 -23.51
CA THR OC 93 32.83 25.62 -24.71
C THR OC 93 33.11 27.12 -24.73
N TYR OC 94 33.03 27.77 -23.57
CA TYR OC 94 33.36 29.19 -23.48
C TYR OC 94 34.81 29.43 -23.89
N GLY OC 95 35.72 28.59 -23.42
CA GLY OC 95 37.11 28.73 -23.80
C GLY OC 95 37.33 28.52 -25.28
N ILE OC 96 36.60 27.56 -25.86
CA ILE OC 96 36.75 27.28 -27.29
C ILE OC 96 36.29 28.47 -28.12
N VAL OC 97 35.15 29.07 -27.76
CA VAL OC 97 34.66 30.21 -28.52
C VAL OC 97 35.57 31.41 -28.33
N ALA OC 98 36.07 31.62 -27.09
CA ALA OC 98 36.91 32.78 -26.83
C ALA OC 98 38.27 32.65 -27.50
N GLY OC 99 38.74 31.43 -27.71
CA GLY OC 99 40.05 31.19 -28.27
C GLY OC 99 41.18 31.25 -27.27
N ASP OC 100 40.88 31.35 -25.98
CA ASP OC 100 41.88 31.46 -24.93
C ASP OC 100 41.21 30.92 -23.68
N VAL OC 101 42.01 30.53 -22.68
CA VAL OC 101 41.47 29.97 -21.45
C VAL OC 101 41.28 31.06 -20.41
N THR OC 102 41.30 32.32 -20.82
CA THR OC 102 41.02 33.44 -19.95
C THR OC 102 39.66 33.35 -19.24
N PRO OC 103 38.55 33.10 -19.94
CA PRO OC 103 37.26 33.07 -19.23
C PRO OC 103 37.11 31.89 -18.29
N ILE OC 104 37.53 30.70 -18.71
CA ILE OC 104 37.37 29.52 -17.87
C ILE OC 104 38.27 29.62 -16.64
N GLU OC 105 39.39 30.32 -16.77
CA GLU OC 105 40.30 30.51 -15.65
C GLU OC 105 39.63 31.33 -14.55
N GLU OC 106 39.05 32.47 -14.92
CA GLU OC 106 38.39 33.30 -13.91
C GLU OC 106 37.10 32.68 -13.41
N ILE OC 107 36.43 31.88 -14.24
CA ILE OC 107 35.13 31.37 -13.83
C ILE OC 107 35.23 30.13 -12.96
N GLY OC 108 36.14 29.20 -13.25
CA GLY OC 108 36.07 27.94 -12.54
C GLY OC 108 37.38 27.29 -12.17
N ILE OC 109 38.47 28.05 -12.07
CA ILE OC 109 39.76 27.50 -11.72
C ILE OC 109 40.40 28.20 -10.52
N ILE OC 110 40.35 29.53 -10.49
CA ILE OC 110 40.93 30.27 -9.37
C ILE OC 110 40.10 30.01 -8.13
N GLY OC 111 40.72 29.42 -7.11
CA GLY OC 111 40.05 29.10 -5.86
C GLY OC 111 39.39 27.74 -5.84
N VAL OC 112 39.47 26.99 -6.93
CA VAL OC 112 38.84 25.67 -6.99
C VAL OC 112 39.45 24.73 -5.97
N LYS OC 113 40.75 24.88 -5.70
CA LYS OC 113 41.40 24.06 -4.69
C LYS OC 113 40.80 24.31 -3.32
N GLU OC 114 40.62 25.59 -2.98
CA GLU OC 114 40.01 25.93 -1.69
C GLU OC 114 38.57 25.44 -1.59
N MET OC 115 37.79 25.62 -2.67
CA MET OC 115 36.40 25.20 -2.65
C MET OC 115 36.29 23.68 -2.47
N TYR OC 116 37.06 22.92 -3.25
CA TYR OC 116 36.94 21.47 -3.18
C TYR OC 116 37.54 20.91 -1.91
N ASN OC 117 38.55 21.57 -1.36
CA ASN OC 117 39.07 21.14 -0.06
C ASN OC 117 38.07 21.40 1.05
N SER OC 118 37.36 22.53 0.98
CA SER OC 118 36.33 22.82 1.96
C SER OC 118 35.20 21.80 1.85
N LEU OC 119 34.78 21.47 0.63
CA LEU OC 119 33.71 20.49 0.46
C LEU OC 119 34.20 19.06 0.64
N GLN OC 120 35.50 18.84 0.78
CA GLN OC 120 36.07 17.50 0.95
C GLN OC 120 35.84 16.62 -0.26
N THR OC 121 36.11 17.14 -1.45
CA THR OC 121 35.90 16.38 -2.67
C THR OC 121 37.24 15.96 -3.26
N PRO OC 122 37.34 14.78 -3.86
CA PRO OC 122 38.61 14.36 -4.48
C PRO OC 122 38.90 15.10 -5.78
N ILE OC 123 39.86 16.01 -5.71
CA ILE OC 123 40.29 16.73 -6.92
C ILE OC 123 40.83 15.80 -8.00
N PRO OC 124 41.64 14.78 -7.69
CA PRO OC 124 41.98 13.79 -8.73
C PRO OC 124 40.79 13.10 -9.35
N ALA OC 125 39.74 12.80 -8.57
CA ALA OC 125 38.52 12.27 -9.15
C ALA OC 125 37.85 13.24 -10.10
N VAL OC 126 37.81 14.53 -9.75
CA VAL OC 126 37.24 15.52 -10.67
C VAL OC 126 38.08 15.62 -11.94
N ALA OC 127 39.41 15.53 -11.80
CA ALA OC 127 40.27 15.57 -12.97
C ALA OC 127 40.04 14.38 -13.88
N GLU OC 128 39.84 13.19 -13.29
CA GLU OC 128 39.54 12.02 -14.10
C GLU OC 128 38.19 12.15 -14.78
N GLY OC 129 37.22 12.77 -14.11
CA GLY OC 129 35.96 13.05 -14.76
C GLY OC 129 36.10 13.97 -15.94
N VAL OC 130 36.95 15.00 -15.82
CA VAL OC 130 37.20 15.89 -16.95
C VAL OC 130 37.88 15.13 -18.08
N ARG OC 131 38.78 14.21 -17.75
CA ARG OC 131 39.43 13.39 -18.78
C ARG OC 131 38.42 12.52 -19.52
N ALA OC 132 37.48 11.93 -18.77
CA ALA OC 132 36.43 11.12 -19.42
C ALA OC 132 35.58 11.98 -20.33
N MET OC 133 35.24 13.20 -19.89
CA MET OC 133 34.52 14.13 -20.75
C MET OC 133 35.32 14.44 -22.01
N LYS OC 134 36.63 14.59 -21.87
CA LYS OC 134 37.49 14.83 -23.03
C LYS OC 134 37.43 13.68 -24.01
N ASN OC 135 37.50 12.45 -23.51
CA ASN OC 135 37.44 11.29 -24.39
C ASN OC 135 36.11 11.21 -25.13
N VAL OC 136 35.00 11.42 -24.41
CA VAL OC 136 33.69 11.35 -25.03
C VAL OC 136 33.52 12.46 -26.06
N ALA OC 137 34.02 13.66 -25.76
CA ALA OC 137 33.93 14.76 -26.70
C ALA OC 137 34.77 14.52 -27.93
N THR OC 138 35.98 13.97 -27.76
CA THR OC 138 36.84 13.70 -28.91
C THR OC 138 36.29 12.57 -29.76
N SER OC 139 35.46 11.70 -29.19
CA SER OC 139 34.81 10.67 -29.98
C SER OC 139 33.78 11.21 -30.96
N LEU OC 140 33.31 12.44 -30.80
CA LEU OC 140 32.24 13.00 -31.62
C LEU OC 140 32.75 13.99 -32.66
N LEU OC 141 34.07 14.16 -32.79
CA LEU OC 141 34.61 15.22 -33.61
C LEU OC 141 35.65 14.68 -34.57
N SER OC 142 35.85 15.40 -35.67
CA SER OC 142 36.94 15.10 -36.57
C SER OC 142 38.27 15.37 -35.88
N GLY OC 143 39.35 14.87 -36.47
CA GLY OC 143 40.67 14.90 -35.86
C GLY OC 143 41.19 16.27 -35.48
N ASP OC 144 41.09 17.23 -36.40
CA ASP OC 144 41.56 18.58 -36.11
C ASP OC 144 40.71 19.23 -35.02
N ASP OC 145 39.39 19.18 -35.17
CA ASP OC 145 38.50 19.73 -34.15
C ASP OC 145 38.61 18.97 -32.84
N ALA OC 146 38.81 17.65 -32.90
CA ALA OC 146 39.01 16.87 -31.68
C ALA OC 146 40.26 17.34 -30.94
N ALA OC 147 41.35 17.56 -31.66
CA ALA OC 147 42.57 18.06 -31.03
C ALA OC 147 42.34 19.46 -30.45
N GLU OC 148 41.62 20.30 -31.19
CA GLU OC 148 41.37 21.67 -30.75
C GLU OC 148 40.59 21.73 -29.45
N ALA OC 149 39.53 20.92 -29.34
CA ALA OC 149 38.78 20.88 -28.09
C ALA OC 149 39.56 20.17 -26.98
N GLY OC 150 40.25 19.09 -27.35
CA GLY OC 150 40.96 18.32 -26.35
C GLY OC 150 42.08 19.10 -25.70
N PHE OC 151 42.66 20.07 -26.42
CA PHE OC 151 43.77 20.85 -25.86
C PHE OC 151 43.26 21.69 -24.68
N TYR OC 152 42.08 22.30 -24.83
CA TYR OC 152 41.45 22.96 -23.69
C TYR OC 152 41.09 21.98 -22.59
N PHE OC 153 40.67 20.77 -22.96
CA PHE OC 153 40.38 19.75 -21.95
C PHE OC 153 41.62 19.43 -21.12
N ASP OC 154 42.78 19.29 -21.78
CA ASP OC 154 44.00 19.03 -21.03
C ASP OC 154 44.41 20.25 -20.21
N TYR OC 155 44.03 21.45 -20.66
CA TYR OC 155 44.27 22.63 -19.83
C TYR OC 155 43.50 22.52 -18.52
N LEU OC 156 42.23 22.15 -18.58
CA LEU OC 156 41.44 21.99 -17.37
C LEU OC 156 42.04 20.90 -16.48
N VAL OC 157 42.45 19.78 -17.08
CA VAL OC 157 43.01 18.68 -16.32
C VAL OC 157 44.30 19.11 -15.61
N GLY OC 158 45.16 19.84 -16.32
CA GLY OC 158 46.39 20.31 -15.71
C GLY OC 158 46.16 21.36 -14.64
N ALA OC 159 45.20 22.26 -14.86
CA ALA OC 159 44.92 23.29 -13.87
C ALA OC 159 44.35 22.71 -12.59
N MET OC 160 43.49 21.70 -12.68
CA MET OC 160 43.01 21.01 -11.49
C MET OC 160 44.06 20.00 -11.04
N GLN OC 161 45.12 20.55 -10.44
CA GLN OC 161 46.29 19.75 -10.11
C GLN OC 161 47.27 20.52 -9.24
N MET PC 1 52.76 76.30 -4.13
CA MET PC 1 53.05 77.49 -3.35
C MET PC 1 53.44 78.66 -4.25
N GLN PC 2 53.39 79.86 -3.70
CA GLN PC 2 53.78 81.05 -4.42
C GLN PC 2 54.22 82.11 -3.41
N ASP PC 3 54.97 83.09 -3.91
CA ASP PC 3 55.44 84.20 -3.10
C ASP PC 3 55.02 85.49 -3.78
N ALA PC 4 55.58 86.61 -3.30
CA ALA PC 4 55.22 87.91 -3.86
C ALA PC 4 55.57 88.00 -5.34
N ILE PC 5 56.81 87.66 -5.70
CA ILE PC 5 57.26 87.83 -7.08
C ILE PC 5 56.51 86.88 -8.00
N THR PC 6 56.41 85.60 -7.62
CA THR PC 6 55.72 84.63 -8.45
C THR PC 6 54.24 84.95 -8.58
N ALA PC 7 53.62 85.42 -7.50
CA ALA PC 7 52.21 85.80 -7.54
C ALA PC 7 52.00 86.97 -8.49
N VAL PC 8 52.88 87.98 -8.43
CA VAL PC 8 52.73 89.13 -9.31
C VAL PC 8 52.93 88.73 -10.77
N ILE PC 9 53.95 87.90 -11.04
CA ILE PC 9 54.26 87.56 -12.42
C ILE PC 9 53.13 86.71 -13.00
N ASN PC 10 52.61 85.76 -12.23
CA ASN PC 10 51.49 84.97 -12.74
C ASN PC 10 50.24 85.80 -12.89
N ASN PC 11 50.01 86.76 -11.99
CA ASN PC 11 48.85 87.64 -12.08
C ASN PC 11 48.90 88.50 -13.34
N TYR PC 12 50.09 88.88 -13.77
CA TYR PC 12 50.16 89.63 -15.03
C TYR PC 12 50.20 88.72 -16.25
N ASP PC 13 50.74 87.52 -16.11
CA ASP PC 13 50.73 86.56 -17.21
C ASP PC 13 49.32 86.13 -17.57
N VAL PC 14 48.47 85.88 -16.57
CA VAL PC 14 47.11 85.39 -16.82
C VAL PC 14 46.31 86.38 -17.65
N GLN PC 15 46.52 87.67 -17.43
CA GLN PC 15 46.02 88.74 -18.28
C GLN PC 15 46.76 88.79 -19.62
N GLY PC 16 48.07 88.55 -19.63
CA GLY PC 16 48.85 88.76 -20.87
C GLY PC 16 49.46 90.14 -20.97
N LYS PC 17 50.00 90.64 -19.87
CA LYS PC 17 50.47 92.02 -19.77
C LYS PC 17 51.96 92.09 -19.51
N TYR PC 18 52.59 93.18 -19.95
CA TYR PC 18 53.95 93.50 -19.52
C TYR PC 18 53.94 94.02 -18.10
N LEU PC 19 55.03 93.75 -17.37
CA LEU PC 19 55.15 94.21 -16.00
C LEU PC 19 55.22 95.73 -15.96
N ASP PC 20 54.14 96.37 -15.54
CA ASP PC 20 54.00 97.81 -15.60
C ASP PC 20 54.50 98.45 -14.31
N GLY PC 21 54.30 99.77 -14.21
CA GLY PC 21 54.88 100.52 -13.10
C GLY PC 21 54.35 100.10 -11.74
N ALA PC 22 53.06 99.77 -11.65
CA ALA PC 22 52.51 99.31 -10.38
C ALA PC 22 53.13 97.99 -9.94
N ALA PC 23 53.32 97.07 -10.88
CA ALA PC 23 53.96 95.80 -10.55
C ALA PC 23 55.41 96.01 -10.13
N LEU PC 24 56.13 96.86 -10.85
CA LEU PC 24 57.51 97.16 -10.46
C LEU PC 24 57.57 97.87 -9.10
N ASP PC 25 56.52 98.61 -8.74
CA ASP PC 25 56.51 99.27 -7.44
C ASP PC 25 56.19 98.29 -6.32
N LYS PC 26 55.35 97.28 -6.59
CA LYS PC 26 55.16 96.23 -5.60
C LYS PC 26 56.44 95.43 -5.40
N LEU PC 27 57.17 95.16 -6.49
CA LEU PC 27 58.46 94.50 -6.35
C LEU PC 27 59.47 95.41 -5.67
N LYS PC 28 59.34 96.72 -5.88
CA LYS PC 28 60.06 97.73 -5.09
C LYS PC 28 59.85 97.49 -3.61
N ALA PC 29 58.59 97.42 -3.18
CA ALA PC 29 58.27 97.27 -1.76
C ALA PC 29 58.77 95.94 -1.22
N TYR PC 30 58.62 94.86 -1.98
CA TYR PC 30 59.12 93.57 -1.52
C TYR PC 30 60.64 93.56 -1.39
N PHE PC 31 61.34 94.12 -2.38
CA PHE PC 31 62.79 94.01 -2.40
C PHE PC 31 63.44 94.91 -1.37
N THR PC 32 62.86 96.08 -1.11
CA THR PC 32 63.46 96.99 -0.13
C THR PC 32 63.44 96.43 1.29
N THR PC 33 62.54 95.50 1.61
CA THR PC 33 62.43 94.94 2.93
C THR PC 33 63.11 93.58 3.06
N GLY PC 34 63.93 93.20 2.09
CA GLY PC 34 64.37 91.81 2.00
C GLY PC 34 65.27 91.39 3.15
N ALA PC 35 66.30 92.19 3.46
CA ALA PC 35 67.31 91.76 4.42
C ALA PC 35 66.74 91.63 5.82
N VAL PC 36 65.71 92.43 6.13
CA VAL PC 36 65.07 92.35 7.44
C VAL PC 36 64.43 90.99 7.63
N ARG PC 37 63.74 90.49 6.60
CA ARG PC 37 63.14 89.16 6.67
C ARG PC 37 64.20 88.08 6.83
N VAL PC 38 65.33 88.23 6.14
CA VAL PC 38 66.38 87.21 6.20
C VAL PC 38 66.97 87.16 7.60
N ARG PC 39 67.27 88.32 8.19
CA ARG PC 39 67.81 88.32 9.54
C ARG PC 39 66.79 87.83 10.55
N ALA PC 40 65.50 88.17 10.35
CA ALA PC 40 64.47 87.66 11.24
C ALA PC 40 64.36 86.14 11.15
N ALA PC 41 64.42 85.59 9.94
CA ALA PC 41 64.39 84.14 9.78
C ALA PC 41 65.61 83.48 10.40
N ALA PC 42 66.79 84.10 10.27
CA ALA PC 42 67.97 83.56 10.92
C ALA PC 42 67.83 83.56 12.43
N VAL PC 43 67.30 84.64 13.00
CA VAL PC 43 67.10 84.70 14.45
C VAL PC 43 66.10 83.64 14.90
N ILE PC 44 65.02 83.46 14.13
CA ILE PC 44 64.01 82.46 14.48
C ILE PC 44 64.60 81.06 14.41
N SER PC 45 65.38 80.78 13.38
CA SER PC 45 66.00 79.47 13.24
C SER PC 45 66.99 79.20 14.37
N SER PC 46 67.73 80.24 14.76
CA SER PC 46 68.68 80.08 15.86
C SER PC 46 68.01 79.93 17.21
N ASN PC 47 66.85 80.54 17.42
CA ASN PC 47 66.18 80.51 18.71
C ASN PC 47 64.88 79.73 18.71
N ALA PC 48 64.69 78.80 17.77
CA ALA PC 48 63.44 78.09 17.60
C ALA PC 48 62.99 77.32 18.84
N THR PC 49 63.91 76.58 19.47
CA THR PC 49 63.53 75.78 20.62
C THR PC 49 63.14 76.66 21.81
N THR PC 50 63.82 77.80 21.97
CA THR PC 50 63.51 78.68 23.09
C THR PC 50 62.21 79.46 22.87
N ILE PC 51 61.88 79.76 21.61
CA ILE PC 51 60.60 80.39 21.33
C ILE PC 51 59.45 79.47 21.71
N ILE PC 52 59.55 78.20 21.32
CA ILE PC 52 58.59 77.19 21.76
C ILE PC 52 58.65 77.04 23.27
N LYS PC 53 59.83 77.25 23.85
CA LYS PC 53 60.06 77.10 25.28
C LYS PC 53 59.15 78.05 26.04
N GLU PC 54 59.33 79.35 25.79
CA GLU PC 54 58.51 80.35 26.47
C GLU PC 54 57.05 80.29 26.04
N ALA PC 55 56.78 79.94 24.77
CA ALA PC 55 55.39 79.86 24.33
C ALA PC 55 54.62 78.80 25.10
N ALA PC 56 55.19 77.61 25.24
CA ALA PC 56 54.56 76.56 26.03
C ALA PC 56 54.46 76.98 27.49
N ALA PC 57 55.53 77.55 28.05
CA ALA PC 57 55.51 77.92 29.47
C ALA PC 57 54.48 79.00 29.76
N LYS PC 58 54.15 79.84 28.76
CA LYS PC 58 53.21 80.92 29.01
C LYS PC 58 51.78 80.58 28.60
N ALA PC 59 51.57 79.58 27.75
CA ALA PC 59 50.24 79.34 27.24
C ALA PC 59 49.67 77.96 27.55
N LEU PC 60 50.48 76.92 27.70
CA LEU PC 60 49.91 75.58 27.74
C LEU PC 60 50.12 74.87 29.09
N ILE PC 61 51.37 74.76 29.52
CA ILE PC 61 51.70 73.96 30.69
C ILE PC 61 51.20 74.65 31.96
N TYR PC 62 51.24 73.94 33.09
CA TYR PC 62 50.71 74.43 34.35
C TYR PC 62 49.22 74.72 34.25
N SER PC 63 48.50 73.88 33.53
CA SER PC 63 47.07 74.06 33.35
C SER PC 63 46.40 72.68 33.34
N ASP PC 64 45.12 72.67 32.97
CA ASP PC 64 44.39 71.42 32.93
C ASP PC 64 44.75 70.60 31.71
N LEU PC 65 45.45 71.20 30.74
CA LEU PC 65 45.84 70.48 29.54
C LEU PC 65 46.83 69.36 29.86
N THR PC 66 47.80 69.64 30.72
CA THR PC 66 48.85 68.67 31.05
C THR PC 66 48.43 67.69 32.13
N ARG PC 67 47.45 68.02 32.94
CA ARG PC 67 46.99 67.07 33.94
C ARG PC 67 46.22 65.95 33.26
N PRO PC 68 45.98 64.84 33.96
CA PRO PC 68 45.21 63.73 33.38
C PRO PC 68 43.83 64.16 32.95
N GLY PC 69 43.39 63.61 31.83
CA GLY PC 69 42.18 64.06 31.17
C GLY PC 69 42.41 65.18 30.18
N GLY PC 70 43.51 65.92 30.30
CA GLY PC 70 43.83 66.97 29.35
C GLY PC 70 44.24 66.35 28.03
N MEN PC 71 44.31 67.17 26.99
CA MEN PC 71 44.66 66.66 25.70
C MEN PC 71 46.15 66.41 25.61
O MEN PC 71 46.64 65.45 25.02
CB MEN PC 71 44.30 67.57 24.51
CG MEN PC 71 44.51 66.75 23.25
OD1 MEN PC 71 45.10 67.25 22.28
ND2 MEN PC 71 44.03 65.46 23.25
CE2 MEN PC 71 44.15 64.56 22.14
N MET PC 72 46.90 67.32 26.23
CA MET PC 72 48.36 67.27 26.14
C MET PC 72 48.98 66.44 27.25
N TYR PC 73 48.14 65.70 27.97
CA TYR PC 73 48.61 64.76 28.98
C TYR PC 73 49.34 63.61 28.30
N THR PC 74 50.31 63.02 29.02
CA THR PC 74 51.17 61.91 28.60
C THR PC 74 52.30 62.39 27.70
N THR PC 75 53.42 61.66 27.74
CA THR PC 75 54.63 62.05 27.03
C THR PC 75 54.40 62.08 25.52
N ARG PC 76 53.62 61.11 25.00
CA ARG PC 76 53.31 61.08 23.57
C ARG PC 76 52.60 62.35 23.13
N ARG PC 77 51.55 62.74 23.84
CA ARG PC 77 50.81 63.94 23.48
C ARG PC 77 51.66 65.19 23.68
N TYR PC 78 52.51 65.22 24.72
CA TYR PC 78 53.37 66.38 24.91
C TYR PC 78 54.35 66.54 23.74
N ALA PC 79 54.97 65.44 23.33
CA ALA PC 79 55.90 65.49 22.21
C ALA PC 79 55.19 65.88 20.92
N ALA PC 80 53.98 65.34 20.71
CA ALA PC 80 53.22 65.69 19.52
C ALA PC 80 52.85 67.17 19.51
N CYS PC 81 52.44 67.71 20.66
CA CYS PC 81 52.08 69.12 20.73
C CYS PC 81 53.28 70.01 20.45
N ILE PC 82 54.43 69.68 21.03
CA ILE PC 82 55.62 70.49 20.75
C ILE PC 82 56.06 70.37 19.29
N ARG PC 83 55.92 69.18 18.68
CA ARG PC 83 56.27 69.05 17.27
C ARG PC 83 55.34 69.86 16.39
N ASP PC 84 54.05 69.88 16.73
CA ASP PC 84 53.10 70.72 16.00
C ASP PC 84 53.45 72.18 16.14
N MET PC 85 53.85 72.59 17.34
CA MET PC 85 54.09 73.99 17.61
C MET PC 85 55.32 74.42 16.80
N ASP PC 86 56.31 73.53 16.72
CA ASP PC 86 57.48 73.76 15.88
C ASP PC 86 57.11 73.80 14.40
N TYR PC 87 56.17 72.94 13.97
CA TYR PC 87 55.69 72.98 12.59
C TYR PC 87 55.13 74.36 12.26
N PHE PC 88 54.31 74.89 13.16
CA PHE PC 88 53.72 76.21 12.95
C PHE PC 88 54.79 77.27 12.87
N LEU PC 89 55.79 77.20 13.76
CA LEU PC 89 56.86 78.19 13.74
C LEU PC 89 57.66 78.14 12.44
N ARG PC 90 58.00 76.93 11.99
CA ARG PC 90 58.79 76.80 10.77
C ARG PC 90 58.02 77.25 9.54
N TYR PC 91 56.73 76.92 9.46
CA TYR PC 91 55.97 77.33 8.28
C TYR PC 91 55.68 78.82 8.31
N ALA PC 92 55.55 79.41 9.50
CA ALA PC 92 55.47 80.87 9.58
C ALA PC 92 56.76 81.50 9.11
N THR PC 93 57.89 80.89 9.43
CA THR PC 93 59.17 81.38 8.90
C THR PC 93 59.22 81.31 7.39
N TYR PC 94 58.74 80.20 6.81
CA TYR PC 94 58.70 80.06 5.35
C TYR PC 94 57.81 81.13 4.72
N ALA PC 95 56.64 81.37 5.32
CA ALA PC 95 55.73 82.37 4.80
C ALA PC 95 56.33 83.77 4.90
N MET PC 96 57.03 84.06 6.00
CA MET PC 96 57.68 85.35 6.14
C MET PC 96 58.77 85.54 5.10
N LEU PC 97 59.55 84.49 4.84
CA LEU PC 97 60.60 84.59 3.83
C LEU PC 97 59.99 84.79 2.44
N ALA PC 98 58.92 84.06 2.12
CA ALA PC 98 58.33 84.16 0.80
C ALA PC 98 57.53 85.44 0.60
N GLY PC 99 57.03 86.04 1.67
CA GLY PC 99 56.11 87.15 1.53
C GLY PC 99 54.77 86.76 0.94
N ASP PC 100 54.24 85.60 1.35
CA ASP PC 100 52.94 85.14 0.86
C ASP PC 100 52.39 84.03 1.74
N PRO PC 101 51.06 83.97 1.95
CA PRO PC 101 50.48 82.90 2.76
C PRO PC 101 50.09 81.66 1.97
N SER PC 102 50.47 81.56 0.70
CA SER PC 102 50.06 80.45 -0.14
C SER PC 102 50.62 79.13 0.38
N ILE PC 103 51.88 79.13 0.83
CA ILE PC 103 52.48 77.91 1.38
C ILE PC 103 51.76 77.47 2.64
N LEU PC 104 51.43 78.41 3.53
CA LEU PC 104 50.68 78.08 4.73
C LEU PC 104 49.32 77.49 4.41
N ASP PC 105 48.62 78.08 3.45
CA ASP PC 105 47.32 77.55 3.05
C ASP PC 105 47.47 76.17 2.43
N GLU PC 106 48.51 75.97 1.62
CA GLU PC 106 48.63 74.74 0.85
C GLU PC 106 49.04 73.56 1.71
N ARG PC 107 50.03 73.73 2.58
CA ARG PC 107 50.64 72.59 3.25
C ARG PC 107 50.39 72.53 4.74
N VAL PC 108 49.70 73.49 5.34
CA VAL PC 108 49.44 73.44 6.77
C VAL PC 108 47.94 73.54 7.02
N LEU PC 109 47.31 74.59 6.49
CA LEU PC 109 45.95 74.90 6.87
C LEU PC 109 44.94 73.88 6.35
N ASN PC 110 45.17 73.32 5.16
CA ASN PC 110 44.23 72.31 4.69
C ASN PC 110 44.40 71.02 5.48
N GLY PC 111 43.28 70.38 5.82
CA GLY PC 111 43.31 69.18 6.64
C GLY PC 111 43.59 69.39 8.10
N LEU PC 112 44.02 70.59 8.51
CA LEU PC 112 44.42 70.80 9.90
C LEU PC 112 43.21 70.89 10.82
N LYS PC 113 42.23 71.73 10.48
CA LYS PC 113 41.06 71.88 11.34
C LYS PC 113 40.27 70.59 11.39
N GLU PC 114 40.17 69.90 10.25
CA GLU PC 114 39.48 68.62 10.20
C GLU PC 114 40.22 67.56 11.00
N THR PC 115 41.55 67.51 10.90
CA THR PC 115 42.31 66.54 11.69
C THR PC 115 42.20 66.80 13.18
N TYR PC 116 42.26 68.07 13.59
CA TYR PC 116 42.14 68.40 14.99
C TYR PC 116 40.74 68.10 15.51
N ASN PC 117 39.71 68.33 14.69
CA ASN PC 117 38.37 67.93 15.07
C ASN PC 117 38.27 66.42 15.22
N SER PC 118 38.94 65.69 14.34
CA SER PC 118 38.92 64.23 14.43
C SER PC 118 39.61 63.72 15.69
N LEU PC 119 40.73 64.32 16.07
CA LEU PC 119 41.51 63.82 17.19
C LEU PC 119 41.16 64.46 18.54
N GLY PC 120 40.33 65.49 18.55
CA GLY PC 120 39.96 66.14 19.79
C GLY PC 120 40.92 67.19 20.30
N VAL PC 121 41.82 67.69 19.45
CA VAL PC 121 42.80 68.69 19.86
C VAL PC 121 42.11 70.03 20.10
N PRO PC 122 42.38 70.72 21.20
CA PRO PC 122 41.76 72.03 21.43
C PRO PC 122 42.29 73.12 20.51
N ILE PC 123 41.43 73.56 19.59
CA ILE PC 123 41.84 74.57 18.62
C ILE PC 123 42.09 75.91 19.31
N ALA PC 124 41.31 76.21 20.34
CA ALA PC 124 41.55 77.45 21.10
C ALA PC 124 42.92 77.43 21.76
N ALA PC 125 43.30 76.29 22.36
CA ALA PC 125 44.62 76.16 22.94
C ALA PC 125 45.72 76.28 21.88
N THR PC 126 45.50 75.70 20.70
CA THR PC 126 46.49 75.83 19.63
C THR PC 126 46.65 77.28 19.20
N VAL PC 127 45.54 78.02 19.09
CA VAL PC 127 45.62 79.42 18.72
C VAL PC 127 46.34 80.22 19.80
N GLY PC 128 46.10 79.88 21.07
CA GLY PC 128 46.83 80.51 22.15
C GLY PC 128 48.33 80.27 22.07
N GLY PC 129 48.73 79.04 21.77
CA GLY PC 129 50.15 78.75 21.60
C GLY PC 129 50.77 79.50 20.43
N ILE PC 130 50.03 79.61 19.32
CA ILE PC 130 50.54 80.34 18.17
C ILE PC 130 50.72 81.81 18.53
N GLN PC 131 49.75 82.39 19.25
CA GLN PC 131 49.92 83.75 19.73
C GLN PC 131 51.08 83.89 20.70
N ALA PC 132 51.34 82.85 21.49
CA ALA PC 132 52.50 82.85 22.38
C ALA PC 132 53.81 82.97 21.59
N MET PC 133 54.01 82.12 20.59
CA MET PC 133 55.21 82.26 19.76
C MET PC 133 55.20 83.56 18.96
N LYS PC 134 54.03 84.11 18.65
CA LYS PC 134 54.01 85.41 17.98
C LYS PC 134 54.59 86.48 18.89
N GLU PC 135 54.20 86.49 20.16
CA GLU PC 135 54.76 87.43 21.12
C GLU PC 135 56.25 87.21 21.31
N VAL PC 136 56.66 85.95 21.43
CA VAL PC 136 58.08 85.66 21.65
C VAL PC 136 58.91 86.08 20.45
N VAL PC 137 58.40 85.83 19.24
CA VAL PC 137 59.12 86.19 18.03
C VAL PC 137 59.19 87.70 17.88
N GLY PC 138 58.11 88.40 18.24
CA GLY PC 138 58.15 89.85 18.24
C GLY PC 138 59.16 90.40 19.22
N GLY PC 139 59.30 89.75 20.38
CA GLY PC 139 60.33 90.16 21.32
C GLY PC 139 61.74 89.92 20.78
N LEU PC 140 61.95 88.77 20.14
CA LEU PC 140 63.29 88.42 19.69
C LEU PC 140 63.73 89.25 18.49
N VAL PC 141 62.91 89.28 17.43
CA VAL PC 141 63.34 89.91 16.18
C VAL PC 141 63.50 91.42 16.31
N GLY PC 142 62.65 92.09 17.08
CA GLY PC 142 62.76 93.52 17.28
C GLY PC 142 61.98 94.31 16.25
N PRO PC 143 61.97 95.65 16.41
CA PRO PC 143 61.27 96.56 15.51
C PRO PC 143 61.35 96.31 14.00
N ASP PC 144 62.49 95.81 13.51
CA ASP PC 144 62.69 95.69 12.07
C ASP PC 144 61.70 94.74 11.42
N ALA PC 145 61.55 93.55 11.98
CA ALA PC 145 60.72 92.51 11.37
C ALA PC 145 59.58 92.03 12.25
N ALA PC 146 59.23 92.76 13.31
CA ALA PC 146 58.22 92.30 14.26
C ALA PC 146 56.86 92.14 13.59
N LYS PC 147 56.42 93.18 12.88
CA LYS PC 147 55.12 93.15 12.23
C LYS PC 147 55.10 92.13 11.10
N GLU PC 148 56.17 92.07 10.31
CA GLU PC 148 56.21 91.13 9.18
C GLU PC 148 56.18 89.69 9.66
N ALA PC 149 56.83 89.40 10.78
CA ALA PC 149 56.72 88.07 11.36
C ALA PC 149 55.32 87.83 11.90
N SER PC 150 54.76 88.81 12.62
CA SER PC 150 53.52 88.60 13.34
C SER PC 150 52.33 88.44 12.41
N ILE PC 151 52.41 88.99 11.20
CA ILE PC 151 51.26 88.91 10.29
C ILE PC 151 50.97 87.47 9.88
N TYR PC 152 51.99 86.66 9.65
CA TYR PC 152 51.74 85.27 9.27
C TYR PC 152 51.28 84.41 10.43
N PHE PC 153 51.78 84.66 11.65
CA PHE PC 153 51.23 83.99 12.81
C PHE PC 153 49.77 84.35 13.02
N ASP PC 154 49.43 85.63 12.82
CA ASP PC 154 48.03 86.04 12.91
C ASP PC 154 47.18 85.38 11.83
N TYR PC 155 47.73 85.23 10.62
CA TYR PC 155 47.03 84.53 9.55
C TYR PC 155 46.77 83.08 9.94
N LEU PC 156 47.77 82.39 10.50
CA LEU PC 156 47.60 81.01 10.91
C LEU PC 156 46.55 80.89 12.01
N SER PC 157 46.61 81.79 13.00
CA SER PC 157 45.63 81.78 14.08
C SER PC 157 44.22 82.04 13.58
N SER PC 158 44.04 83.00 12.68
CA SER PC 158 42.74 83.27 12.11
C SER PC 158 42.23 82.13 11.24
N GLY PC 159 43.11 81.47 10.48
CA GLY PC 159 42.69 80.33 9.70
C GLY PC 159 42.24 79.16 10.56
N LEU PC 160 42.95 78.91 11.65
CA LEU PC 160 42.52 77.85 12.56
C LEU PC 160 41.23 78.20 13.29
N SER PC 161 41.15 79.40 13.85
CA SER PC 161 39.98 79.79 14.64
C SER PC 161 38.81 80.17 13.75
N SER QC 2 -33.01 -15.32 -62.44
CA SER QC 2 -34.06 -15.64 -61.47
C SER QC 2 -34.45 -14.41 -60.67
N VAL QC 3 -35.41 -14.60 -59.75
CA VAL QC 3 -35.89 -13.50 -58.93
C VAL QC 3 -34.78 -12.94 -58.06
N LEU QC 4 -33.93 -13.81 -57.51
CA LEU QC 4 -32.78 -13.36 -56.73
C LEU QC 4 -31.86 -12.49 -57.56
N THR QC 5 -31.57 -12.93 -58.79
CA THR QC 5 -30.70 -12.16 -59.66
C THR QC 5 -31.30 -10.81 -60.00
N LYS QC 6 -32.61 -10.76 -60.27
CA LYS QC 6 -33.26 -9.50 -60.59
C LYS QC 6 -33.21 -8.54 -59.41
N ALA QC 7 -33.57 -9.02 -58.22
CA ALA QC 7 -33.59 -8.16 -57.05
C ALA QC 7 -32.20 -7.65 -56.71
N ILE QC 8 -31.21 -8.54 -56.74
CA ILE QC 8 -29.85 -8.16 -56.39
C ILE QC 8 -29.29 -7.20 -57.42
N VAL QC 9 -29.60 -7.43 -58.70
CA VAL QC 9 -29.10 -6.57 -59.77
C VAL QC 9 -29.68 -5.17 -59.65
N ASN QC 10 -30.99 -5.06 -59.40
CA ASN QC 10 -31.58 -3.73 -59.24
C ASN QC 10 -31.05 -3.03 -58.00
N ALA QC 11 -30.90 -3.75 -56.89
CA ALA QC 11 -30.37 -3.14 -55.68
C ALA QC 11 -28.94 -2.65 -55.89
N ASP QC 12 -28.12 -3.44 -56.60
CA ASP QC 12 -26.76 -3.02 -56.88
C ASP QC 12 -26.73 -1.83 -57.84
N ALA QC 13 -27.63 -1.81 -58.82
CA ALA QC 13 -27.66 -0.71 -59.79
C ALA QC 13 -28.03 0.59 -59.11
N GLU QC 14 -28.97 0.57 -58.18
CA GLU QC 14 -29.30 1.76 -57.42
C GLU QC 14 -28.37 1.96 -56.22
N ALA QC 15 -27.46 1.03 -55.98
CA ALA QC 15 -26.44 1.17 -54.94
C ALA QC 15 -27.07 1.23 -53.55
N ARG QC 16 -27.93 0.27 -53.26
CA ARG QC 16 -28.65 0.26 -51.99
C ARG QC 16 -28.92 -1.17 -51.57
N TYR QC 17 -29.23 -1.34 -50.29
CA TYR QC 17 -29.65 -2.64 -49.79
C TYR QC 17 -31.01 -3.01 -50.35
N LEU QC 18 -31.36 -4.29 -50.25
CA LEU QC 18 -32.62 -4.76 -50.79
C LEU QC 18 -33.79 -4.19 -50.02
N SER QC 19 -34.85 -3.83 -50.76
CA SER QC 19 -36.04 -3.27 -50.17
C SER QC 19 -36.89 -4.37 -49.52
N PRO QC 20 -37.77 -4.00 -48.59
CA PRO QC 20 -38.68 -5.00 -48.00
C PRO QC 20 -39.57 -5.68 -49.01
N GLY QC 21 -40.02 -4.97 -50.05
CA GLY QC 21 -40.79 -5.61 -51.10
C GLY QC 21 -40.00 -6.66 -51.85
N GLU QC 22 -38.74 -6.35 -52.13
CA GLU QC 22 -37.87 -7.32 -52.78
C GLU QC 22 -37.62 -8.53 -51.88
N LEU QC 23 -37.44 -8.30 -50.58
CA LEU QC 23 -37.30 -9.40 -49.65
C LEU QC 23 -38.56 -10.25 -49.61
N ASP QC 24 -39.73 -9.61 -49.66
CA ASP QC 24 -40.98 -10.37 -49.67
C ASP QC 24 -41.12 -11.21 -50.93
N ARG QC 25 -40.72 -10.65 -52.08
CA ARG QC 25 -40.78 -11.44 -53.30
C ARG QC 25 -39.80 -12.61 -53.24
N ILE QC 26 -38.64 -12.41 -52.60
CA ILE QC 26 -37.70 -13.51 -52.42
C ILE QC 26 -38.29 -14.59 -51.52
N LYS QC 27 -38.98 -14.18 -50.46
CA LYS QC 27 -39.61 -15.13 -49.56
C LYS QC 27 -40.69 -15.94 -50.28
N SER QC 28 -41.51 -15.28 -51.09
CA SER QC 28 -42.52 -16.01 -51.86
C SER QC 28 -41.87 -16.96 -52.86
N PHE QC 29 -40.79 -16.53 -53.50
CA PHE QC 29 -40.11 -17.37 -54.48
C PHE QC 29 -39.53 -18.62 -53.82
N VAL QC 30 -38.91 -18.46 -52.65
CA VAL QC 30 -38.35 -19.62 -51.96
C VAL QC 30 -39.47 -20.51 -51.42
N ALA QC 31 -40.63 -19.91 -51.09
CA ALA QC 31 -41.76 -20.73 -50.68
C ALA QC 31 -42.29 -21.59 -51.81
N SER QC 32 -42.33 -21.06 -53.03
CA SER QC 32 -42.88 -21.79 -54.17
C SER QC 32 -41.88 -22.75 -54.81
N GLY QC 33 -40.71 -22.94 -54.20
CA GLY QC 33 -39.64 -23.70 -54.80
C GLY QC 33 -39.94 -25.17 -55.04
N GLU QC 34 -40.51 -25.85 -54.04
CA GLU QC 34 -40.79 -27.27 -54.20
C GLU QC 34 -41.89 -27.51 -55.24
N ARG QC 35 -42.88 -26.61 -55.29
CA ARG QC 35 -43.93 -26.72 -56.29
C ARG QC 35 -43.36 -26.53 -57.69
N ARG QC 36 -42.47 -25.55 -57.85
CA ARG QC 36 -41.82 -25.33 -59.13
C ARG QC 36 -40.98 -26.54 -59.53
N LEU QC 37 -40.26 -27.11 -58.56
CA LEU QC 37 -39.45 -28.29 -58.84
C LEU QC 37 -40.31 -29.48 -59.27
N ARG QC 38 -41.45 -29.67 -58.62
CA ARG QC 38 -42.35 -30.76 -58.99
C ARG QC 38 -42.89 -30.58 -60.39
N ILE QC 39 -43.28 -29.34 -60.75
CA ILE QC 39 -43.77 -29.07 -62.10
C ILE QC 39 -42.68 -29.35 -63.13
N ALA QC 40 -41.46 -28.90 -62.86
CA ALA QC 40 -40.36 -29.14 -63.79
C ALA QC 40 -40.04 -30.63 -63.91
N GLN QC 41 -40.12 -31.37 -62.80
CA GLN QC 41 -39.89 -32.81 -62.84
C GLN QC 41 -40.94 -33.50 -63.70
N THR QC 42 -42.21 -33.09 -63.58
CA THR QC 42 -43.26 -33.66 -64.40
C THR QC 42 -43.02 -33.40 -65.88
N LEU QC 43 -42.64 -32.15 -66.21
CA LEU QC 43 -42.40 -31.81 -67.61
C LEU QC 43 -41.19 -32.58 -68.17
N THR QC 44 -40.10 -32.67 -67.41
CA THR QC 44 -38.93 -33.37 -67.91
C THR QC 44 -39.19 -34.86 -68.03
N GLU QC 45 -40.05 -35.40 -67.17
CA GLU QC 45 -40.43 -36.81 -67.34
C GLU QC 45 -41.28 -37.01 -68.60
N ALA QC 46 -42.15 -36.05 -68.92
CA ALA QC 46 -42.99 -36.14 -70.10
C ALA QC 46 -42.41 -35.35 -71.27
N ARG QC 47 -41.09 -35.21 -71.34
CA ARG QC 47 -40.48 -34.37 -72.37
C ARG QC 47 -40.72 -34.91 -73.79
N GLU QC 48 -40.66 -36.23 -73.98
CA GLU QC 48 -40.71 -36.76 -75.34
C GLU QC 48 -42.12 -36.75 -75.90
N ARG QC 49 -43.12 -37.10 -75.09
CA ARG QC 49 -44.50 -37.10 -75.55
C ARG QC 49 -44.97 -35.69 -75.88
N ILE QC 50 -44.57 -34.71 -75.05
CA ILE QC 50 -44.90 -33.33 -75.31
C ILE QC 50 -44.36 -32.90 -76.67
N VAL QC 51 -43.10 -33.26 -76.95
CA VAL QC 51 -42.47 -32.92 -78.23
C VAL QC 51 -43.18 -33.59 -79.38
N LYS QC 52 -43.54 -34.88 -79.24
CA LYS QC 52 -44.15 -35.61 -80.35
C LYS QC 52 -45.53 -35.05 -80.72
N GLN QC 53 -46.44 -34.93 -79.75
CA GLN QC 53 -47.74 -34.33 -80.08
C GLN QC 53 -47.65 -32.85 -80.41
N ALA QC 54 -46.65 -32.14 -79.89
CA ALA QC 54 -46.42 -30.77 -80.34
C ALA QC 54 -46.08 -30.74 -81.82
N GLY QC 55 -45.23 -31.66 -82.26
CA GLY QC 55 -44.93 -31.76 -83.68
C GLY QC 55 -46.13 -32.12 -84.51
N ASP QC 56 -46.97 -33.04 -84.00
CA ASP QC 56 -48.18 -33.41 -84.74
C ASP QC 56 -49.12 -32.22 -84.90
N GLN QC 57 -49.35 -31.47 -83.82
CA GLN QC 57 -50.22 -30.30 -83.90
C GLN QC 57 -49.65 -29.26 -84.86
N LEU QC 58 -48.33 -29.03 -84.79
CA LEU QC 58 -47.72 -28.04 -85.67
C LEU QC 58 -47.83 -28.45 -87.13
N PHE QC 59 -47.61 -29.74 -87.42
CA PHE QC 59 -47.73 -30.21 -88.80
C PHE QC 59 -49.17 -30.18 -89.29
N GLN QC 60 -50.14 -30.48 -88.43
CA GLN QC 60 -51.54 -30.35 -88.83
C GLN QC 60 -51.90 -28.90 -89.14
N ILE QC 61 -51.44 -27.98 -88.29
CA ILE QC 61 -51.80 -26.58 -88.50
C ILE QC 61 -51.11 -26.00 -89.73
N ARG QC 62 -49.84 -26.32 -89.95
CA ARG QC 62 -49.06 -25.75 -91.04
C ARG QC 62 -48.41 -26.87 -91.84
N PRO QC 63 -49.18 -27.54 -92.70
CA PRO QC 63 -48.57 -28.54 -93.59
C PRO QC 63 -47.64 -27.95 -94.63
N ASP QC 64 -47.70 -26.63 -94.86
CA ASP QC 64 -46.83 -26.01 -95.86
C ASP QC 64 -45.36 -26.11 -95.46
N VAL QC 65 -45.07 -26.15 -94.16
CA VAL QC 65 -43.67 -26.23 -93.72
C VAL QC 65 -43.07 -27.57 -94.08
N VAL QC 66 -43.90 -28.61 -94.17
CA VAL QC 66 -43.42 -29.93 -94.56
C VAL QC 66 -43.75 -30.14 -96.03
N SER QC 67 -44.02 -29.06 -96.74
CA SER QC 67 -44.27 -29.08 -98.16
C SER QC 67 -42.95 -28.81 -98.87
N PRO QC 68 -42.91 -29.01 -100.20
CA PRO QC 68 -41.64 -28.84 -100.96
C PRO QC 68 -40.97 -27.48 -100.79
N GLY QC 69 -41.77 -26.43 -100.64
CA GLY QC 69 -41.21 -25.12 -100.40
C GLY QC 69 -41.10 -24.80 -98.92
N GLY QC 70 -41.14 -25.83 -98.08
CA GLY QC 70 -41.14 -25.67 -96.64
C GLY QC 70 -39.74 -25.70 -96.07
N ASN QC 71 -39.55 -24.98 -94.96
CA ASN QC 71 -38.25 -24.94 -94.31
C ASN QC 71 -37.85 -26.30 -93.75
N ALA QC 72 -38.80 -27.06 -93.22
CA ALA QC 72 -38.54 -28.36 -92.63
C ALA QC 72 -38.92 -29.50 -93.56
N TYR QC 73 -38.83 -29.29 -94.87
CA TYR QC 73 -39.16 -30.34 -95.83
C TYR QC 73 -38.05 -31.38 -95.83
N GLY QC 74 -38.42 -32.61 -95.54
CA GLY QC 74 -37.47 -33.70 -95.39
C GLY QC 74 -37.44 -34.23 -93.96
N GLU QC 75 -37.10 -35.51 -93.85
CA GLU QC 75 -37.10 -36.16 -92.54
C GLU QC 75 -36.05 -35.53 -91.62
N LYS QC 76 -34.85 -35.23 -92.13
CA LYS QC 76 -33.84 -34.60 -91.28
C LYS QC 76 -34.16 -33.15 -90.97
N MET QC 77 -34.81 -32.43 -91.88
CA MET QC 77 -35.30 -31.10 -91.56
C MET QC 77 -36.36 -31.13 -90.47
N THR QC 78 -37.29 -32.08 -90.51
CA THR QC 78 -38.25 -32.22 -89.41
C THR QC 78 -37.59 -32.65 -88.12
N ALA QC 79 -36.54 -33.47 -88.21
CA ALA QC 79 -35.78 -33.85 -87.02
C ALA QC 79 -35.15 -32.62 -86.38
N LEU QC 80 -34.63 -31.70 -87.21
CA LEU QC 80 -34.09 -30.46 -86.66
C LEU QC 80 -35.18 -29.61 -86.02
N CYS QC 81 -36.36 -29.58 -86.62
CA CYS QC 81 -37.47 -28.84 -86.02
C CYS QC 81 -37.84 -29.43 -84.66
N LEU QC 82 -37.90 -30.75 -84.56
CA LEU QC 82 -38.18 -31.39 -83.28
C LEU QC 82 -37.06 -31.16 -82.28
N ARG QC 83 -35.82 -31.06 -82.75
CA ARG QC 83 -34.71 -30.79 -81.83
C ARG QC 83 -34.78 -29.38 -81.29
N ASP QC 84 -35.12 -28.40 -82.13
CA ASP QC 84 -35.39 -27.05 -81.65
C ASP QC 84 -36.55 -27.05 -80.66
N LEU QC 85 -37.55 -27.89 -80.93
CA LEU QC 85 -38.68 -28.03 -80.02
C LEU QC 85 -38.24 -28.52 -78.65
N ASP QC 86 -37.38 -29.55 -78.62
CA ASP QC 86 -36.84 -30.06 -77.37
C ASP QC 86 -36.01 -29.01 -76.66
N TYR QC 87 -35.24 -28.23 -77.42
CA TYR QC 87 -34.46 -27.13 -76.85
C TYR QC 87 -35.36 -26.13 -76.14
N TYR QC 88 -36.46 -25.75 -76.78
CA TYR QC 88 -37.35 -24.77 -76.18
C TYR QC 88 -38.10 -25.35 -74.99
N LEU QC 89 -38.41 -26.65 -75.01
CA LEU QC 89 -39.02 -27.26 -73.84
C LEU QC 89 -38.05 -27.26 -72.66
N ARG QC 90 -36.78 -27.56 -72.92
CA ARG QC 90 -35.77 -27.50 -71.86
C ARG QC 90 -35.63 -26.08 -71.31
N LEU QC 91 -35.67 -25.09 -72.20
CA LEU QC 91 -35.62 -23.71 -71.76
C LEU QC 91 -36.83 -23.35 -70.90
N VAL QC 92 -38.00 -23.87 -71.26
CA VAL QC 92 -39.21 -23.63 -70.46
C VAL QC 92 -39.05 -24.23 -69.07
N THR QC 93 -38.50 -25.44 -68.98
CA THR QC 93 -38.25 -26.04 -67.67
C THR QC 93 -37.26 -25.22 -66.86
N TYR QC 94 -36.22 -24.71 -67.51
CA TYR QC 94 -35.26 -23.82 -66.85
C TYR QC 94 -35.95 -22.59 -66.29
N GLY QC 95 -36.80 -21.96 -67.10
CA GLY QC 95 -37.50 -20.78 -66.64
C GLY QC 95 -38.45 -21.07 -65.49
N ILE QC 96 -39.11 -22.22 -65.54
CA ILE QC 96 -40.04 -22.59 -64.48
C ILE QC 96 -39.31 -22.80 -63.17
N VAL QC 97 -38.16 -23.48 -63.19
CA VAL QC 97 -37.41 -23.65 -61.95
C VAL QC 97 -36.81 -22.33 -61.49
N ALA QC 98 -36.39 -21.47 -62.42
CA ALA QC 98 -35.77 -20.21 -62.03
C ALA QC 98 -36.76 -19.21 -61.47
N GLY QC 99 -38.02 -19.27 -61.88
CA GLY QC 99 -39.00 -18.32 -61.40
C GLY QC 99 -39.10 -17.05 -62.20
N ASP QC 100 -38.26 -16.88 -63.22
CA ASP QC 100 -38.34 -15.73 -64.12
C ASP QC 100 -37.68 -16.11 -65.44
N VAL QC 101 -37.38 -15.12 -66.27
CA VAL QC 101 -37.08 -15.38 -67.68
C VAL QC 101 -35.67 -14.94 -68.10
N THR QC 102 -34.78 -14.63 -67.17
CA THR QC 102 -33.40 -14.36 -67.59
C THR QC 102 -32.70 -15.54 -68.26
N PRO QC 103 -32.78 -16.78 -67.74
CA PRO QC 103 -32.12 -17.88 -68.46
C PRO QC 103 -32.72 -18.14 -69.83
N ILE QC 104 -34.04 -18.13 -69.94
CA ILE QC 104 -34.71 -18.31 -71.23
C ILE QC 104 -34.32 -17.20 -72.18
N GLU QC 105 -34.22 -15.96 -71.68
CA GLU QC 105 -33.85 -14.84 -72.52
C GLU QC 105 -32.43 -14.98 -73.04
N GLU QC 106 -31.48 -15.24 -72.14
CA GLU QC 106 -30.09 -15.31 -72.56
C GLU QC 106 -29.81 -16.54 -73.41
N ILE QC 107 -30.68 -17.55 -73.34
CA ILE QC 107 -30.41 -18.76 -74.11
C ILE QC 107 -31.12 -18.79 -75.46
N GLY QC 108 -32.36 -18.34 -75.54
CA GLY QC 108 -33.12 -18.68 -76.74
C GLY QC 108 -34.02 -17.65 -77.42
N ILE QC 109 -33.97 -16.37 -77.04
CA ILE QC 109 -34.76 -15.36 -77.71
C ILE QC 109 -33.90 -14.23 -78.26
N ILE QC 110 -32.90 -13.78 -77.51
CA ILE QC 110 -32.02 -12.72 -77.99
C ILE QC 110 -31.26 -13.22 -79.21
N GLY QC 111 -31.53 -12.62 -80.35
CA GLY QC 111 -30.94 -13.02 -81.61
C GLY QC 111 -31.68 -14.13 -82.32
N VAL QC 112 -32.76 -14.65 -81.73
CA VAL QC 112 -33.49 -15.75 -82.37
C VAL QC 112 -34.14 -15.28 -83.67
N LYS QC 113 -34.53 -14.01 -83.74
CA LYS QC 113 -35.10 -13.46 -84.97
C LYS QC 113 -34.07 -13.52 -86.10
N GLU QC 114 -32.86 -13.05 -85.82
CA GLU QC 114 -31.83 -13.04 -86.85
C GLU QC 114 -31.39 -14.46 -87.20
N MET QC 115 -31.37 -15.36 -86.21
CA MET QC 115 -30.96 -16.73 -86.49
C MET QC 115 -31.97 -17.44 -87.37
N TYR QC 116 -33.27 -17.29 -87.05
CA TYR QC 116 -34.28 -17.94 -87.87
C TYR QC 116 -34.46 -17.25 -89.21
N ASN QC 117 -34.11 -15.96 -89.31
CA ASN QC 117 -34.02 -15.34 -90.62
C ASN QC 117 -32.86 -15.93 -91.41
N SER QC 118 -31.75 -16.22 -90.73
CA SER QC 118 -30.62 -16.85 -91.38
C SER QC 118 -31.01 -18.22 -91.91
N LEU QC 119 -31.77 -18.96 -91.12
CA LEU QC 119 -32.18 -20.30 -91.54
C LEU QC 119 -33.42 -20.29 -92.42
N GLN QC 120 -34.04 -19.14 -92.64
CA GLN QC 120 -35.23 -19.02 -93.49
C GLN QC 120 -36.39 -19.83 -92.94
N THR QC 121 -36.57 -19.80 -91.62
CA THR QC 121 -37.59 -20.62 -90.99
C THR QC 121 -38.75 -19.74 -90.53
N PRO QC 122 -39.99 -20.22 -90.60
CA PRO QC 122 -41.12 -19.41 -90.13
C PRO QC 122 -41.19 -19.25 -88.62
N ILE QC 123 -40.90 -18.04 -88.16
CA ILE QC 123 -41.06 -17.72 -86.74
C ILE QC 123 -42.50 -17.92 -86.26
N PRO QC 124 -43.53 -17.48 -86.98
CA PRO QC 124 -44.90 -17.83 -86.57
C PRO QC 124 -45.15 -19.33 -86.49
N ALA QC 125 -44.57 -20.13 -87.38
CA ALA QC 125 -44.68 -21.58 -87.26
C ALA QC 125 -44.03 -22.10 -85.99
N VAL QC 126 -42.85 -21.58 -85.63
CA VAL QC 126 -42.21 -21.98 -84.37
C VAL QC 126 -43.08 -21.58 -83.19
N ALA QC 127 -43.69 -20.40 -83.24
CA ALA QC 127 -44.57 -19.97 -82.15
C ALA QC 127 -45.79 -20.88 -82.04
N GLU QC 128 -46.33 -21.32 -83.19
CA GLU QC 128 -47.45 -22.24 -83.15
C GLU QC 128 -47.05 -23.59 -82.57
N GLY QC 129 -45.85 -24.06 -82.89
CA GLY QC 129 -45.34 -25.26 -82.25
C GLY QC 129 -45.20 -25.11 -80.76
N VAL QC 130 -44.74 -23.94 -80.31
CA VAL QC 130 -44.65 -23.69 -78.87
C VAL QC 130 -46.02 -23.68 -78.23
N ARG QC 131 -47.02 -23.15 -78.93
CA ARG QC 131 -48.39 -23.18 -78.42
C ARG QC 131 -48.91 -24.61 -78.31
N ALA QC 132 -48.58 -25.46 -79.29
CA ALA QC 132 -48.94 -26.87 -79.22
C ALA QC 132 -48.28 -27.53 -78.01
N MET QC 133 -47.03 -27.20 -77.74
CA MET QC 133 -46.38 -27.67 -76.52
C MET QC 133 -47.11 -27.18 -75.29
N LYS QC 134 -47.58 -25.93 -75.29
CA LYS QC 134 -48.30 -25.38 -74.16
C LYS QC 134 -49.56 -26.20 -73.89
N ASN QC 135 -50.29 -26.53 -74.94
CA ASN QC 135 -51.49 -27.35 -74.80
C ASN QC 135 -51.16 -28.73 -74.24
N VAL QC 136 -50.14 -29.39 -74.82
CA VAL QC 136 -49.80 -30.75 -74.40
C VAL QC 136 -49.30 -30.76 -72.96
N ALA QC 137 -48.53 -29.74 -72.58
CA ALA QC 137 -47.99 -29.69 -71.22
C ALA QC 137 -49.07 -29.39 -70.21
N THR QC 138 -49.99 -28.46 -70.53
CA THR QC 138 -51.07 -28.17 -69.60
C THR QC 138 -52.06 -29.33 -69.51
N SER QC 139 -52.07 -30.20 -70.52
CA SER QC 139 -52.89 -31.41 -70.45
C SER QC 139 -52.38 -32.42 -69.43
N LEU QC 140 -51.17 -32.27 -68.88
CA LEU QC 140 -50.62 -33.21 -67.93
C LEU QC 140 -50.49 -32.64 -66.53
N LEU QC 141 -51.02 -31.44 -66.29
CA LEU QC 141 -50.79 -30.75 -65.02
C LEU QC 141 -52.11 -30.25 -64.46
N SER QC 142 -52.14 -30.13 -63.13
CA SER QC 142 -53.29 -29.51 -62.47
C SER QC 142 -53.38 -28.04 -62.86
N GLY QC 143 -54.53 -27.44 -62.55
CA GLY QC 143 -54.86 -26.10 -63.02
C GLY QC 143 -53.89 -25.00 -62.64
N ASP QC 144 -53.49 -24.95 -61.36
CA ASP QC 144 -52.55 -23.91 -60.94
C ASP QC 144 -51.18 -24.10 -61.58
N ASP QC 145 -50.64 -25.32 -61.50
CA ASP QC 145 -49.36 -25.61 -62.13
C ASP QC 145 -49.44 -25.51 -63.65
N ALA QC 146 -50.58 -25.88 -64.24
CA ALA QC 146 -50.77 -25.69 -65.67
C ALA QC 146 -50.71 -24.22 -66.04
N ALA QC 147 -51.33 -23.36 -65.24
CA ALA QC 147 -51.26 -21.92 -65.49
C ALA QC 147 -49.84 -21.41 -65.32
N GLU QC 148 -49.12 -21.93 -64.31
CA GLU QC 148 -47.75 -21.50 -64.08
C GLU QC 148 -46.85 -21.84 -65.26
N ALA QC 149 -46.99 -23.05 -65.81
CA ALA QC 149 -46.23 -23.40 -67.01
C ALA QC 149 -46.70 -22.58 -68.21
N GLY QC 150 -48.02 -22.31 -68.27
CA GLY QC 150 -48.55 -21.54 -69.37
C GLY QC 150 -48.01 -20.13 -69.43
N PHE QC 151 -47.69 -19.54 -68.27
CA PHE QC 151 -47.09 -18.21 -68.27
C PHE QC 151 -45.76 -18.20 -69.01
N TYR QC 152 -44.90 -19.18 -68.76
CA TYR QC 152 -43.62 -19.24 -69.45
C TYR QC 152 -43.79 -19.60 -70.92
N PHE QC 153 -44.74 -20.47 -71.24
CA PHE QC 153 -44.98 -20.80 -72.65
C PHE QC 153 -45.47 -19.57 -73.42
N ASP QC 154 -46.38 -18.81 -72.82
CA ASP QC 154 -46.85 -17.58 -73.45
C ASP QC 154 -45.75 -16.54 -73.53
N TYR QC 155 -44.83 -16.52 -72.55
CA TYR QC 155 -43.69 -15.62 -72.65
C TYR QC 155 -42.82 -15.98 -73.84
N LEU QC 156 -42.58 -17.27 -74.06
CA LEU QC 156 -41.81 -17.69 -75.23
C LEU QC 156 -42.50 -17.29 -76.52
N VAL QC 157 -43.82 -17.49 -76.58
CA VAL QC 157 -44.57 -17.12 -77.78
C VAL QC 157 -44.52 -15.62 -78.02
N GLY QC 158 -44.66 -14.82 -76.96
CA GLY QC 158 -44.58 -13.38 -77.12
C GLY QC 158 -43.19 -12.90 -77.49
N ALA QC 159 -42.16 -13.55 -76.96
CA ALA QC 159 -40.80 -13.18 -77.31
C ALA QC 159 -40.50 -13.48 -78.77
N MET QC 160 -40.95 -14.63 -79.28
CA MET QC 160 -40.81 -14.94 -80.70
C MET QC 160 -41.91 -14.20 -81.47
N GLN QC 161 -41.69 -12.90 -81.63
CA GLN QC 161 -42.71 -12.03 -82.20
C GLN QC 161 -42.14 -10.71 -82.70
N MET RC 1 -23.85 -11.95 -63.50
CA MET RC 1 -23.70 -12.68 -62.25
C MET RC 1 -24.58 -13.92 -62.24
N GLN RC 2 -24.56 -14.65 -61.13
CA GLN RC 2 -25.38 -15.84 -60.98
C GLN RC 2 -25.54 -16.18 -59.52
N ASP RC 3 -26.72 -16.67 -59.16
CA ASP RC 3 -26.99 -17.24 -57.86
C ASP RC 3 -26.85 -18.76 -57.96
N ALA RC 4 -27.24 -19.46 -56.91
CA ALA RC 4 -27.12 -20.92 -56.90
C ALA RC 4 -27.99 -21.56 -57.97
N ILE RC 5 -29.24 -21.09 -58.08
CA ILE RC 5 -30.20 -21.66 -59.02
C ILE RC 5 -29.72 -21.44 -60.46
N THR RC 6 -29.37 -20.19 -60.78
CA THR RC 6 -28.91 -19.90 -62.13
C THR RC 6 -27.57 -20.57 -62.43
N ALA RC 7 -26.74 -20.76 -61.40
CA ALA RC 7 -25.49 -21.50 -61.61
C ALA RC 7 -25.78 -22.94 -62.01
N VAL RC 8 -26.75 -23.58 -61.36
CA VAL RC 8 -27.14 -24.94 -61.74
C VAL RC 8 -27.70 -24.95 -63.15
N ILE RC 9 -28.51 -23.94 -63.49
CA ILE RC 9 -29.10 -23.88 -64.83
C ILE RC 9 -28.03 -23.75 -65.90
N ASN RC 10 -27.05 -22.88 -65.70
CA ASN RC 10 -25.97 -22.78 -66.67
C ASN RC 10 -25.13 -24.05 -66.71
N ASN RC 11 -24.89 -24.68 -65.56
CA ASN RC 11 -24.09 -25.90 -65.52
C ASN RC 11 -24.77 -27.03 -66.27
N TYR RC 12 -26.10 -27.04 -66.32
CA TYR RC 12 -26.76 -28.06 -67.14
C TYR RC 12 -26.96 -27.62 -68.58
N ASP RC 13 -27.11 -26.31 -68.82
CA ASP RC 13 -27.28 -25.82 -70.17
C ASP RC 13 -26.02 -26.04 -71.00
N VAL RC 14 -24.85 -25.89 -70.37
CA VAL RC 14 -23.60 -26.10 -71.10
C VAL RC 14 -23.48 -27.54 -71.59
N GLN RC 15 -24.03 -28.50 -70.86
CA GLN RC 15 -24.08 -29.89 -71.28
C GLN RC 15 -25.33 -30.23 -72.09
N GLY RC 16 -26.29 -29.30 -72.18
CA GLY RC 16 -27.50 -29.59 -72.93
C GLY RC 16 -28.35 -30.67 -72.30
N LYS RC 17 -28.55 -30.59 -70.99
CA LYS RC 17 -29.26 -31.62 -70.24
C LYS RC 17 -30.48 -31.03 -69.55
N TYR RC 18 -31.53 -31.83 -69.43
CA TYR RC 18 -32.63 -31.49 -68.54
C TYR RC 18 -32.19 -31.63 -67.09
N LEU RC 19 -32.91 -30.97 -66.19
CA LEU RC 19 -32.59 -31.07 -64.78
C LEU RC 19 -32.81 -32.49 -64.28
N ASP RC 20 -31.80 -33.05 -63.63
CA ASP RC 20 -31.86 -34.40 -63.11
C ASP RC 20 -32.04 -34.38 -61.59
N GLY RC 21 -31.97 -35.57 -61.00
CA GLY RC 21 -32.17 -35.68 -59.56
C GLY RC 21 -31.18 -34.87 -58.74
N ALA RC 22 -29.89 -34.94 -59.09
CA ALA RC 22 -28.86 -34.23 -58.34
C ALA RC 22 -29.05 -32.72 -58.42
N ALA RC 23 -29.39 -32.21 -59.60
CA ALA RC 23 -29.73 -30.79 -59.73
C ALA RC 23 -30.93 -30.45 -58.86
N LEU RC 24 -31.87 -31.38 -58.75
CA LEU RC 24 -33.00 -31.18 -57.86
C LEU RC 24 -32.56 -31.09 -56.40
N ASP RC 25 -31.62 -31.94 -55.97
CA ASP RC 25 -31.17 -31.82 -54.58
C ASP RC 25 -30.43 -30.52 -54.35
N LYS RC 26 -29.65 -30.07 -55.34
CA LYS RC 26 -28.95 -28.78 -55.19
C LYS RC 26 -29.94 -27.63 -55.03
N LEU RC 27 -30.96 -27.61 -55.89
CA LEU RC 27 -31.97 -26.55 -55.80
C LEU RC 27 -32.74 -26.63 -54.48
N LYS RC 28 -33.09 -27.84 -54.05
CA LYS RC 28 -33.79 -28.01 -52.79
C LYS RC 28 -32.93 -27.58 -51.61
N ALA RC 29 -31.63 -27.88 -51.68
CA ALA RC 29 -30.72 -27.47 -50.62
C ALA RC 29 -30.63 -25.95 -50.53
N TYR RC 30 -30.62 -25.26 -51.67
CA TYR RC 30 -30.69 -23.81 -51.57
C TYR RC 30 -32.03 -23.35 -51.02
N PHE RC 31 -33.13 -23.96 -51.48
CA PHE RC 31 -34.46 -23.49 -51.09
C PHE RC 31 -34.71 -23.68 -49.61
N THR RC 32 -34.08 -24.68 -49.01
CA THR RC 32 -34.29 -24.97 -47.59
C THR RC 32 -33.81 -23.83 -46.69
N THR RC 33 -32.82 -23.05 -47.13
CA THR RC 33 -32.28 -21.97 -46.32
C THR RC 33 -32.65 -20.58 -46.85
N GLY RC 34 -33.79 -20.46 -47.54
CA GLY RC 34 -34.16 -19.17 -48.10
C GLY RC 34 -34.49 -18.13 -47.03
N ALA RC 35 -35.24 -18.55 -46.00
CA ALA RC 35 -35.75 -17.59 -45.03
C ALA RC 35 -34.63 -17.04 -44.15
N VAL RC 36 -33.68 -17.89 -43.76
CA VAL RC 36 -32.61 -17.47 -42.87
C VAL RC 36 -31.74 -16.41 -43.53
N ARG RC 37 -31.48 -16.58 -44.83
CA ARG RC 37 -30.69 -15.58 -45.56
C ARG RC 37 -31.41 -14.24 -45.60
N VAL RC 38 -32.73 -14.25 -45.83
CA VAL RC 38 -33.47 -12.99 -45.91
C VAL RC 38 -33.49 -12.31 -44.55
N ARG RC 39 -33.68 -13.08 -43.48
CA ARG RC 39 -33.71 -12.50 -42.14
C ARG RC 39 -32.36 -11.89 -41.79
N ALA RC 40 -31.27 -12.60 -42.07
CA ALA RC 40 -29.95 -12.08 -41.74
C ALA RC 40 -29.61 -10.88 -42.61
N ALA RC 41 -30.04 -10.87 -43.88
CA ALA RC 41 -29.82 -9.71 -44.73
C ALA RC 41 -30.57 -8.50 -44.21
N ALA RC 42 -31.81 -8.68 -43.75
CA ALA RC 42 -32.54 -7.56 -43.15
C ALA RC 42 -31.84 -7.05 -41.90
N VAL RC 43 -31.31 -7.96 -41.07
CA VAL RC 43 -30.61 -7.56 -39.86
C VAL RC 43 -29.37 -6.74 -40.22
N ILE RC 44 -28.61 -7.20 -41.21
CA ILE RC 44 -27.39 -6.47 -41.61
C ILE RC 44 -27.74 -5.11 -42.17
N SER RC 45 -28.78 -5.04 -43.01
CA SER RC 45 -29.18 -3.77 -43.59
C SER RC 45 -29.65 -2.79 -42.52
N SER RC 46 -30.32 -3.30 -41.49
CA SER RC 46 -30.73 -2.43 -40.39
C SER RC 46 -29.57 -1.99 -39.51
N ASN RC 47 -28.55 -2.83 -39.33
CA ASN RC 47 -27.41 -2.49 -38.49
C ASN RC 47 -26.13 -2.20 -39.26
N ALA RC 48 -26.23 -1.68 -40.49
CA ALA RC 48 -25.06 -1.44 -41.32
C ALA RC 48 -24.03 -0.51 -40.69
N THR RC 49 -24.45 0.66 -40.22
CA THR RC 49 -23.47 1.66 -39.75
C THR RC 49 -22.82 1.22 -38.45
N THR RC 50 -23.58 0.57 -37.57
CA THR RC 50 -23.01 0.11 -36.30
C THR RC 50 -21.94 -0.95 -36.51
N ILE RC 51 -22.16 -1.87 -37.47
CA ILE RC 51 -21.17 -2.90 -37.76
C ILE RC 51 -19.87 -2.27 -38.24
N ILE RC 52 -19.97 -1.30 -39.14
CA ILE RC 52 -18.77 -0.64 -39.65
C ILE RC 52 -18.06 0.12 -38.54
N LYS RC 53 -18.83 0.80 -37.69
CA LYS RC 53 -18.22 1.56 -36.60
C LYS RC 53 -17.48 0.65 -35.64
N GLU RC 54 -18.10 -0.48 -35.25
CA GLU RC 54 -17.44 -1.39 -34.32
C GLU RC 54 -16.23 -2.06 -34.97
N ALA RC 55 -16.33 -2.44 -36.24
CA ALA RC 55 -15.19 -3.05 -36.91
C ALA RC 55 -14.01 -2.08 -37.02
N ALA RC 56 -14.29 -0.82 -37.37
CA ALA RC 56 -13.24 0.18 -37.44
C ALA RC 56 -12.62 0.42 -36.08
N ALA RC 57 -13.44 0.51 -35.03
CA ALA RC 57 -12.92 0.72 -33.68
C ALA RC 57 -12.05 -0.44 -33.24
N LYS RC 58 -12.42 -1.67 -33.61
CA LYS RC 58 -11.64 -2.83 -33.20
C LYS RC 58 -10.37 -3.02 -34.00
N ALA RC 59 -10.36 -2.71 -35.29
CA ALA RC 59 -9.26 -3.13 -36.14
C ALA RC 59 -8.48 -2.01 -36.83
N LEU RC 60 -9.01 -0.79 -36.94
CA LEU RC 60 -8.32 0.21 -37.74
C LEU RC 60 -7.84 1.41 -36.92
N ILE RC 61 -8.76 2.10 -36.25
CA ILE RC 61 -8.43 3.37 -35.60
C ILE RC 61 -7.60 3.12 -34.34
N TYR RC 62 -7.06 4.19 -33.76
CA TYR RC 62 -6.06 4.11 -32.70
C TYR RC 62 -4.84 3.34 -33.17
N SER RC 63 -4.28 3.75 -34.31
CA SER RC 63 -3.22 3.01 -34.95
C SER RC 63 -2.32 3.97 -35.70
N ASP RC 64 -1.39 3.43 -36.48
CA ASP RC 64 -0.63 4.32 -37.37
C ASP RC 64 -1.50 4.84 -38.49
N LEU RC 65 -2.56 4.12 -38.80
CA LEU RC 65 -3.37 4.43 -39.97
C LEU RC 65 -4.07 5.77 -39.78
N THR RC 66 -4.43 6.10 -38.55
CA THR RC 66 -5.07 7.36 -38.19
C THR RC 66 -4.09 8.43 -37.77
N ARG RC 67 -2.81 8.11 -37.63
CA ARG RC 67 -1.83 9.10 -37.24
C ARG RC 67 -1.19 9.70 -38.49
N PRO RC 68 -0.64 10.91 -38.38
CA PRO RC 68 -0.07 11.59 -39.54
C PRO RC 68 1.03 10.79 -40.22
N GLY RC 69 0.96 10.71 -41.54
CA GLY RC 69 1.74 9.78 -42.31
C GLY RC 69 1.07 8.45 -42.55
N GLY RC 70 -0.02 8.16 -41.84
CA GLY RC 70 -0.75 6.92 -42.04
C GLY RC 70 -1.53 6.98 -43.32
N MEN RC 71 -2.19 5.88 -43.67
CA MEN RC 71 -2.89 5.82 -44.93
C MEN RC 71 -4.28 6.44 -44.83
O MEN RC 71 -4.78 7.04 -45.77
CB MEN RC 71 -3.11 4.40 -45.47
CG MEN RC 71 -3.46 4.51 -46.93
OD1 MEN RC 71 -4.44 3.90 -47.41
ND2 MEN RC 71 -2.68 5.33 -47.73
CE2 MEN RC 71 -2.91 5.52 -49.12
N MET RC 72 -4.92 6.28 -43.68
CA MET RC 72 -6.22 6.89 -43.48
C MET RC 72 -6.11 8.14 -42.62
N TYR RC 73 -5.00 8.85 -42.74
CA TYR RC 73 -4.88 10.18 -42.20
C TYR RC 73 -5.69 11.13 -43.07
N THR RC 74 -6.19 12.22 -42.47
CA THR RC 74 -7.03 13.23 -43.09
C THR RC 74 -8.46 12.75 -43.27
N THR RC 75 -9.40 13.68 -43.21
CA THR RC 75 -10.82 13.34 -43.24
C THR RC 75 -11.21 12.68 -44.55
N ARG RC 76 -10.62 13.11 -45.66
CA ARG RC 76 -10.92 12.52 -46.96
C ARG RC 76 -10.56 11.05 -46.99
N ARG RC 77 -9.38 10.71 -46.50
CA ARG RC 77 -8.97 9.31 -46.49
C ARG RC 77 -9.75 8.49 -45.48
N TYR RC 78 -10.12 9.07 -44.34
CA TYR RC 78 -10.97 8.36 -43.40
C TYR RC 78 -12.33 8.04 -44.02
N ALA RC 79 -12.92 9.03 -44.70
CA ALA RC 79 -14.20 8.80 -45.37
C ALA RC 79 -14.07 7.74 -46.46
N ALA RC 80 -12.96 7.77 -47.20
CA ALA RC 80 -12.74 6.76 -48.24
C ALA RC 80 -12.63 5.36 -47.64
N CYS RC 81 -11.92 5.23 -46.52
CA CYS RC 81 -11.77 3.92 -45.90
C CYS RC 81 -13.10 3.38 -45.39
N ILE RC 82 -13.89 4.23 -44.72
CA ILE RC 82 -15.20 3.77 -44.26
C ILE RC 82 -16.12 3.47 -45.44
N ARG RC 83 -16.00 4.22 -46.54
CA ARG RC 83 -16.77 3.91 -47.74
C ARG RC 83 -16.40 2.55 -48.31
N ASP RC 84 -15.10 2.23 -48.32
CA ASP RC 84 -14.67 0.91 -48.79
C ASP RC 84 -15.23 -0.19 -47.89
N MET RC 85 -15.24 0.04 -46.58
CA MET RC 85 -15.81 -0.93 -45.66
C MET RC 85 -17.30 -1.14 -45.95
N ASP RC 86 -18.02 -0.05 -46.20
CA ASP RC 86 -19.44 -0.18 -46.53
C ASP RC 86 -19.64 -0.93 -47.84
N TYR RC 87 -18.76 -0.69 -48.83
CA TYR RC 87 -18.79 -1.43 -50.08
C TYR RC 87 -18.67 -2.93 -49.83
N PHE RC 88 -17.68 -3.31 -49.01
CA PHE RC 88 -17.46 -4.73 -48.72
C PHE RC 88 -18.64 -5.34 -48.00
N LEU RC 89 -19.22 -4.61 -47.04
CA LEU RC 89 -20.37 -5.13 -46.31
C LEU RC 89 -21.57 -5.33 -47.21
N ARG RC 90 -21.85 -4.34 -48.08
CA ARG RC 90 -23.00 -4.46 -48.98
C ARG RC 90 -22.82 -5.61 -49.95
N TYR RC 91 -21.63 -5.77 -50.52
CA TYR RC 91 -21.45 -6.84 -51.49
C TYR RC 91 -21.41 -8.21 -50.81
N ALA RC 92 -20.94 -8.27 -49.56
CA ALA RC 92 -21.03 -9.50 -48.80
C ALA RC 92 -22.49 -9.88 -48.57
N THR RC 93 -23.34 -8.89 -48.26
CA THR RC 93 -24.77 -9.17 -48.10
C THR RC 93 -25.39 -9.66 -49.40
N TYR RC 94 -25.02 -9.04 -50.53
CA TYR RC 94 -25.55 -9.49 -51.82
C TYR RC 94 -25.12 -10.93 -52.11
N ALA RC 95 -23.85 -11.25 -51.87
CA ALA RC 95 -23.36 -12.60 -52.14
C ALA RC 95 -24.04 -13.62 -51.23
N MET RC 96 -24.26 -13.25 -49.97
CA MET RC 96 -24.94 -14.14 -49.05
C MET RC 96 -26.39 -14.39 -49.49
N LEU RC 97 -27.07 -13.35 -49.95
CA LEU RC 97 -28.44 -13.53 -50.44
C LEU RC 97 -28.47 -14.41 -51.68
N ALA RC 98 -27.53 -14.19 -52.60
CA ALA RC 98 -27.54 -14.96 -53.85
C ALA RC 98 -27.01 -16.37 -53.68
N GLY RC 99 -26.29 -16.64 -52.59
CA GLY RC 99 -25.69 -17.95 -52.42
C GLY RC 99 -24.61 -18.27 -53.43
N ASP RC 100 -23.83 -17.26 -53.85
CA ASP RC 100 -22.78 -17.48 -54.83
C ASP RC 100 -21.82 -16.30 -54.86
N PRO RC 101 -20.52 -16.54 -54.91
CA PRO RC 101 -19.54 -15.45 -54.93
C PRO RC 101 -19.26 -14.87 -56.31
N SER RC 102 -20.09 -15.17 -57.31
CA SER RC 102 -19.88 -14.66 -58.65
C SER RC 102 -19.97 -13.14 -58.68
N ILE RC 103 -20.91 -12.56 -57.93
CA ILE RC 103 -21.00 -11.11 -57.85
C ILE RC 103 -19.76 -10.53 -57.18
N LEU RC 104 -19.19 -11.23 -56.20
CA LEU RC 104 -17.97 -10.77 -55.59
C LEU RC 104 -16.81 -10.77 -56.58
N ASP RC 105 -16.68 -11.81 -57.39
CA ASP RC 105 -15.64 -11.84 -58.41
C ASP RC 105 -15.84 -10.74 -59.45
N GLU RC 106 -17.08 -10.55 -59.89
CA GLU RC 106 -17.32 -9.62 -61.00
C GLU RC 106 -17.19 -8.17 -60.56
N ARG RC 107 -17.73 -7.83 -59.40
CA ARG RC 107 -17.92 -6.44 -59.03
C ARG RC 107 -16.99 -5.95 -57.94
N VAL RC 108 -16.17 -6.81 -57.35
CA VAL RC 108 -15.30 -6.37 -56.27
C VAL RC 108 -13.85 -6.74 -56.51
N LEU RC 109 -13.57 -8.03 -56.70
CA LEU RC 109 -12.19 -8.49 -56.65
C LEU RC 109 -11.41 -8.17 -57.91
N ASN RC 110 -12.07 -8.07 -59.07
CA ASN RC 110 -11.35 -7.88 -60.32
C ASN RC 110 -10.66 -6.51 -60.38
N GLY RC 111 -9.34 -6.51 -60.22
CA GLY RC 111 -8.56 -5.29 -60.32
C GLY RC 111 -8.46 -4.48 -59.05
N LEU RC 112 -9.18 -4.86 -57.99
CA LEU RC 112 -9.07 -4.14 -56.73
C LEU RC 112 -7.69 -4.28 -56.13
N LYS RC 113 -7.06 -5.44 -56.29
CA LYS RC 113 -5.72 -5.65 -55.76
C LYS RC 113 -4.72 -4.72 -56.43
N GLU RC 114 -4.79 -4.61 -57.76
CA GLU RC 114 -3.88 -3.73 -58.47
C GLU RC 114 -4.16 -2.27 -58.19
N THR RC 115 -5.45 -1.90 -58.03
CA THR RC 115 -5.77 -0.52 -57.65
C THR RC 115 -5.20 -0.18 -56.29
N TYR RC 116 -5.32 -1.10 -55.32
CA TYR RC 116 -4.76 -0.87 -54.00
C TYR RC 116 -3.25 -0.81 -54.04
N ASN RC 117 -2.62 -1.64 -54.88
CA ASN RC 117 -1.16 -1.57 -55.02
C ASN RC 117 -0.72 -0.24 -55.58
N SER RC 118 -1.44 0.27 -56.59
CA SER RC 118 -1.09 1.58 -57.14
C SER RC 118 -1.32 2.70 -56.14
N LEU RC 119 -2.39 2.62 -55.36
CA LEU RC 119 -2.69 3.70 -54.42
C LEU RC 119 -1.90 3.61 -53.12
N GLY RC 120 -1.27 2.49 -52.84
CA GLY RC 120 -0.56 2.33 -51.59
C GLY RC 120 -1.41 1.94 -50.41
N VAL RC 121 -2.64 1.48 -50.64
CA VAL RC 121 -3.54 1.08 -49.56
C VAL RC 121 -3.05 -0.20 -48.92
N PRO RC 122 -3.03 -0.30 -47.60
CA PRO RC 122 -2.61 -1.54 -46.94
C PRO RC 122 -3.66 -2.65 -47.05
N ILE RC 123 -3.38 -3.63 -47.91
CA ILE RC 123 -4.33 -4.71 -48.14
C ILE RC 123 -4.48 -5.57 -46.89
N ALA RC 124 -3.39 -5.75 -46.14
CA ALA RC 124 -3.46 -6.53 -44.91
C ALA RC 124 -4.38 -5.87 -43.90
N ALA RC 125 -4.26 -4.54 -43.72
CA ALA RC 125 -5.16 -3.84 -42.82
C ALA RC 125 -6.59 -3.88 -43.32
N THR RC 126 -6.80 -3.79 -44.63
CA THR RC 126 -8.16 -3.90 -45.17
C THR RC 126 -8.76 -5.26 -44.88
N VAL RC 127 -7.99 -6.33 -45.04
CA VAL RC 127 -8.50 -7.66 -44.77
C VAL RC 127 -8.77 -7.84 -43.28
N GLY RC 128 -7.94 -7.23 -42.43
CA GLY RC 128 -8.22 -7.24 -41.01
C GLY RC 128 -9.52 -6.55 -40.67
N GLY RC 129 -9.80 -5.42 -41.31
CA GLY RC 129 -11.08 -4.76 -41.14
C GLY RC 129 -12.24 -5.62 -41.60
N ILE RC 130 -12.07 -6.32 -42.73
CA ILE RC 130 -13.12 -7.22 -43.21
C ILE RC 130 -13.37 -8.34 -42.21
N GLN RC 131 -12.31 -8.88 -41.63
CA GLN RC 131 -12.48 -9.92 -40.62
C GLN RC 131 -13.18 -9.42 -39.37
N ALA RC 132 -12.87 -8.20 -38.93
CA ALA RC 132 -13.58 -7.64 -37.78
C ALA RC 132 -15.06 -7.44 -38.10
N MET RC 133 -15.37 -6.97 -39.31
CA MET RC 133 -16.76 -6.86 -39.73
C MET RC 133 -17.43 -8.23 -39.75
N LYS RC 134 -16.69 -9.25 -40.15
CA LYS RC 134 -17.23 -10.62 -40.15
C LYS RC 134 -17.57 -11.06 -38.74
N GLU RC 135 -16.69 -10.77 -37.78
CA GLU RC 135 -16.96 -11.13 -36.39
C GLU RC 135 -18.20 -10.43 -35.87
N VAL RC 136 -18.34 -9.13 -36.16
CA VAL RC 136 -19.48 -8.38 -35.67
C VAL RC 136 -20.77 -8.89 -36.31
N VAL RC 137 -20.72 -9.19 -37.61
CA VAL RC 137 -21.91 -9.67 -38.31
C VAL RC 137 -22.33 -11.04 -37.78
N GLY RC 138 -21.34 -11.91 -37.54
CA GLY RC 138 -21.65 -13.20 -36.94
C GLY RC 138 -22.23 -13.09 -35.56
N GLY RC 139 -21.80 -12.09 -34.79
CA GLY RC 139 -22.43 -11.82 -33.52
C GLY RC 139 -23.87 -11.39 -33.67
N LEU RC 140 -24.13 -10.49 -34.61
CA LEU RC 140 -25.49 -9.93 -34.74
C LEU RC 140 -26.48 -10.96 -35.28
N VAL RC 141 -26.12 -11.65 -36.37
CA VAL RC 141 -27.11 -12.48 -37.05
C VAL RC 141 -27.44 -13.77 -36.31
N GLY RC 142 -26.54 -14.27 -35.48
CA GLY RC 142 -26.80 -15.46 -34.72
C GLY RC 142 -26.33 -16.72 -35.42
N PRO RC 143 -26.35 -17.85 -34.69
CA PRO RC 143 -25.83 -19.11 -35.24
C PRO RC 143 -26.49 -19.59 -36.52
N ASP RC 144 -27.74 -19.18 -36.75
CA ASP RC 144 -28.50 -19.65 -37.90
C ASP RC 144 -27.83 -19.31 -39.22
N ALA RC 145 -27.45 -18.05 -39.40
CA ALA RC 145 -26.79 -17.60 -40.61
C ALA RC 145 -25.37 -17.09 -40.39
N ALA RC 146 -24.76 -17.37 -39.24
CA ALA RC 146 -23.42 -16.87 -38.95
C ALA RC 146 -22.39 -17.45 -39.91
N LYS RC 147 -22.39 -18.78 -40.06
CA LYS RC 147 -21.44 -19.42 -40.96
C LYS RC 147 -21.70 -19.02 -42.40
N GLU RC 148 -22.97 -18.95 -42.81
CA GLU RC 148 -23.28 -18.62 -44.20
C GLU RC 148 -22.88 -17.20 -44.52
N ALA RC 149 -23.00 -16.29 -43.55
CA ALA RC 149 -22.47 -14.95 -43.74
C ALA RC 149 -20.95 -14.96 -43.76
N SER RC 150 -20.34 -15.82 -42.95
CA SER RC 150 -18.90 -15.78 -42.76
C SER RC 150 -18.14 -16.31 -43.96
N ILE RC 151 -18.75 -17.22 -44.72
CA ILE RC 151 -18.04 -17.77 -45.90
C ILE RC 151 -17.73 -16.69 -46.91
N TYR RC 152 -18.64 -15.75 -47.14
CA TYR RC 152 -18.39 -14.73 -48.13
C TYR RC 152 -17.41 -13.67 -47.66
N PHE RC 153 -17.39 -13.36 -46.36
CA PHE RC 153 -16.32 -12.51 -45.84
C PHE RC 153 -14.96 -13.18 -46.00
N ASP RC 154 -14.88 -14.48 -45.72
CA ASP RC 154 -13.63 -15.20 -45.95
C ASP RC 154 -13.26 -15.22 -47.42
N TYR RC 155 -14.25 -15.34 -48.31
CA TYR RC 155 -14.00 -15.28 -49.74
C TYR RC 155 -13.41 -13.94 -50.14
N LEU RC 156 -13.99 -12.84 -49.64
CA LEU RC 156 -13.47 -11.52 -49.96
C LEU RC 156 -12.05 -11.35 -49.45
N SER RC 157 -11.77 -11.79 -48.22
CA SER RC 157 -10.43 -11.67 -47.67
C SER RC 157 -9.42 -12.48 -48.46
N SER RC 158 -9.73 -13.73 -48.79
CA SER RC 158 -8.83 -14.55 -49.59
C SER RC 158 -8.61 -13.99 -50.97
N GLY RC 159 -9.65 -13.45 -51.62
CA GLY RC 159 -9.46 -12.85 -52.92
C GLY RC 159 -8.60 -11.61 -52.89
N LEU RC 160 -8.80 -10.75 -51.90
CA LEU RC 160 -7.97 -9.56 -51.76
C LEU RC 160 -6.51 -9.91 -51.49
N SER RC 161 -6.26 -10.83 -50.58
CA SER RC 161 -4.88 -11.21 -50.31
C SER RC 161 -4.38 -12.20 -51.36
N SER SC 2 -3.29 27.51 -52.39
CA SER SC 2 -2.78 28.84 -52.15
C SER SC 2 -3.27 29.81 -53.22
N VAL SC 3 -2.97 31.10 -53.04
CA VAL SC 3 -3.35 32.09 -54.03
C VAL SC 3 -2.66 31.84 -55.35
N LEU SC 4 -1.38 31.46 -55.30
CA LEU SC 4 -0.64 31.19 -56.54
C LEU SC 4 -1.25 30.03 -57.30
N THR SC 5 -1.60 28.95 -56.59
CA THR SC 5 -2.21 27.80 -57.25
C THR SC 5 -3.58 28.17 -57.81
N LYS SC 6 -4.38 28.89 -57.03
CA LYS SC 6 -5.71 29.27 -57.49
C LYS SC 6 -5.67 30.25 -58.65
N ALA SC 7 -4.61 31.04 -58.79
CA ALA SC 7 -4.49 31.99 -59.88
C ALA SC 7 -3.87 31.39 -61.14
N ILE SC 8 -2.77 30.65 -61.02
CA ILE SC 8 -2.13 30.08 -62.19
C ILE SC 8 -2.99 29.02 -62.87
N VAL SC 9 -3.58 28.10 -62.11
CA VAL SC 9 -4.41 27.07 -62.73
C VAL SC 9 -5.69 27.63 -63.34
N ASN SC 10 -6.18 28.75 -62.83
CA ASN SC 10 -7.33 29.41 -63.43
C ASN SC 10 -7.00 30.03 -64.79
N ALA SC 11 -5.76 30.49 -64.98
CA ALA SC 11 -5.34 31.05 -66.25
C ALA SC 11 -4.67 29.98 -67.10
N ASP SC 12 -4.92 28.71 -66.77
CA ASP SC 12 -4.37 27.60 -67.54
C ASP SC 12 -5.52 26.83 -68.18
N ALA SC 13 -6.74 27.06 -67.69
CA ALA SC 13 -7.92 26.43 -68.25
C ALA SC 13 -8.43 27.17 -69.48
N GLU SC 14 -7.79 28.27 -69.88
CA GLU SC 14 -8.18 29.02 -71.06
C GLU SC 14 -7.07 29.05 -72.11
N ALA SC 15 -5.93 28.45 -71.81
CA ALA SC 15 -4.79 28.40 -72.72
C ALA SC 15 -4.28 29.80 -73.04
N ARG SC 16 -4.05 30.57 -71.98
CA ARG SC 16 -3.51 31.91 -72.08
C ARG SC 16 -2.45 32.07 -71.00
N TYR SC 17 -1.66 33.13 -71.13
CA TYR SC 17 -0.70 33.46 -70.09
C TYR SC 17 -1.43 34.04 -68.88
N LEU SC 18 -0.66 34.36 -67.85
CA LEU SC 18 -1.24 34.95 -66.65
C LEU SC 18 -1.88 36.28 -66.97
N SER SC 19 -3.08 36.49 -66.44
CA SER SC 19 -3.86 37.66 -66.78
C SER SC 19 -3.20 38.91 -66.22
N PRO SC 20 -3.30 40.04 -66.92
CA PRO SC 20 -2.90 41.31 -66.32
C PRO SC 20 -3.71 41.67 -65.10
N GLY SC 21 -4.92 41.13 -64.96
CA GLY SC 21 -5.62 41.21 -63.70
C GLY SC 21 -5.06 40.28 -62.65
N GLU SC 22 -4.37 39.22 -63.07
CA GLU SC 22 -3.75 38.31 -62.12
C GLU SC 22 -2.29 38.64 -61.82
N LEU SC 23 -1.69 39.63 -62.49
CA LEU SC 23 -0.39 40.16 -62.07
C LEU SC 23 -0.59 41.35 -61.12
N ASP SC 24 -1.44 41.06 -60.14
CA ASP SC 24 -1.99 41.81 -59.03
C ASP SC 24 -2.15 40.69 -58.01
N ARG SC 25 -3.27 40.66 -57.28
CA ARG SC 25 -3.48 40.05 -55.95
C ARG SC 25 -2.52 38.94 -55.52
N ILE SC 26 -1.98 38.13 -56.44
CA ILE SC 26 -0.67 37.51 -56.22
C ILE SC 26 0.34 38.53 -55.67
N LYS SC 27 0.37 39.73 -56.25
CA LYS SC 27 1.26 40.78 -55.76
C LYS SC 27 0.95 41.17 -54.32
N SER SC 28 -0.33 41.37 -54.00
CA SER SC 28 -0.68 41.70 -52.61
C SER SC 28 -0.39 40.53 -51.69
N PHE SC 29 -0.52 39.31 -52.19
CA PHE SC 29 -0.20 38.13 -51.40
C PHE SC 29 1.28 38.08 -51.05
N VAL SC 30 2.15 38.33 -52.03
CA VAL SC 30 3.58 38.32 -51.73
C VAL SC 30 3.96 39.52 -50.87
N ALA SC 31 3.22 40.62 -51.00
CA ALA SC 31 3.46 41.76 -50.14
C ALA SC 31 3.07 41.46 -48.69
N SER SC 32 1.95 40.78 -48.49
CA SER SC 32 1.46 40.53 -47.14
C SER SC 32 1.96 39.20 -46.60
N GLY SC 33 2.82 38.52 -47.35
CA GLY SC 33 3.37 37.27 -46.89
C GLY SC 33 4.18 37.41 -45.61
N GLU SC 34 4.84 38.55 -45.44
CA GLU SC 34 5.63 38.79 -44.23
C GLU SC 34 4.71 38.83 -43.01
N ARG SC 35 3.63 39.59 -43.11
CA ARG SC 35 2.66 39.66 -42.02
C ARG SC 35 2.00 38.30 -41.79
N ARG SC 36 1.71 37.57 -42.86
CA ARG SC 36 1.10 36.25 -42.72
C ARG SC 36 2.02 35.29 -41.98
N LEU SC 37 3.31 35.31 -42.33
CA LEU SC 37 4.27 34.45 -41.65
C LEU SC 37 4.40 34.85 -40.18
N ARG SC 38 4.42 36.14 -39.89
CA ARG SC 38 4.51 36.58 -38.49
C ARG SC 38 3.29 36.15 -37.69
N ILE SC 39 2.09 36.27 -38.27
CA ILE SC 39 0.88 35.86 -37.57
C ILE SC 39 0.89 34.35 -37.33
N ALA SC 40 1.31 33.58 -38.34
CA ALA SC 40 1.36 32.14 -38.17
C ALA SC 40 2.36 31.74 -37.09
N GLN SC 41 3.51 32.42 -37.04
CA GLN SC 41 4.48 32.13 -35.99
C GLN SC 41 3.94 32.48 -34.61
N THR SC 42 3.24 33.60 -34.50
CA THR SC 42 2.65 33.99 -33.22
C THR SC 42 1.62 32.98 -32.76
N LEU SC 43 0.79 32.48 -33.67
CA LEU SC 43 -0.16 31.45 -33.31
C LEU SC 43 0.54 30.15 -32.93
N THR SC 44 1.63 29.83 -33.64
CA THR SC 44 2.32 28.57 -33.39
C THR SC 44 2.99 28.55 -32.02
N GLU SC 45 3.54 29.69 -31.59
CA GLU SC 45 4.20 29.75 -30.29
C GLU SC 45 3.24 29.49 -29.15
N ALA SC 46 2.00 29.97 -29.27
CA ALA SC 46 1.00 29.84 -28.22
C ALA SC 46 -0.01 28.74 -28.50
N ARG SC 47 0.43 27.63 -29.10
CA ARG SC 47 -0.50 26.58 -29.47
C ARG SC 47 -1.04 25.84 -28.25
N GLU SC 48 -0.19 25.62 -27.24
CA GLU SC 48 -0.64 24.83 -26.09
C GLU SC 48 -1.61 25.63 -25.22
N ARG SC 49 -1.31 26.90 -24.97
CA ARG SC 49 -2.20 27.71 -24.15
C ARG SC 49 -3.55 27.90 -24.83
N ILE SC 50 -3.54 28.16 -26.14
CA ILE SC 50 -4.79 28.35 -26.88
C ILE SC 50 -5.65 27.10 -26.82
N VAL SC 51 -5.03 25.94 -27.04
CA VAL SC 51 -5.76 24.68 -27.03
C VAL SC 51 -6.34 24.41 -25.65
N LYS SC 52 -5.53 24.64 -24.61
CA LYS SC 52 -5.99 24.37 -23.25
C LYS SC 52 -7.16 25.25 -22.86
N GLN SC 53 -7.04 26.57 -23.12
CA GLN SC 53 -8.14 27.47 -22.77
C GLN SC 53 -9.37 27.22 -23.61
N ALA SC 54 -9.21 26.91 -24.90
CA ALA SC 54 -10.36 26.61 -25.74
C ALA SC 54 -11.08 25.36 -25.26
N GLY SC 55 -10.33 24.32 -24.89
CA GLY SC 55 -10.95 23.14 -24.34
C GLY SC 55 -11.67 23.41 -23.03
N ASP SC 56 -11.10 24.29 -22.20
CA ASP SC 56 -11.76 24.65 -20.95
C ASP SC 56 -13.09 25.33 -21.19
N GLN SC 57 -13.10 26.32 -22.09
CA GLN SC 57 -14.33 27.04 -22.41
C GLN SC 57 -15.36 26.09 -23.03
N LEU SC 58 -14.91 25.20 -23.91
CA LEU SC 58 -15.82 24.26 -24.54
C LEU SC 58 -16.43 23.31 -23.52
N PHE SC 59 -15.64 22.83 -22.57
CA PHE SC 59 -16.18 21.91 -21.58
C PHE SC 59 -17.12 22.59 -20.60
N GLN SC 60 -16.92 23.87 -20.32
CA GLN SC 60 -17.95 24.58 -19.56
C GLN SC 60 -19.23 24.76 -20.38
N ILE SC 61 -19.11 25.22 -21.62
CA ILE SC 61 -20.32 25.58 -22.36
C ILE SC 61 -21.11 24.34 -22.77
N ARG SC 62 -20.45 23.23 -23.06
CA ARG SC 62 -21.12 21.99 -23.43
C ARG SC 62 -20.64 20.87 -22.50
N PRO SC 63 -21.10 20.87 -21.24
CA PRO SC 63 -20.63 19.85 -20.29
C PRO SC 63 -21.18 18.46 -20.55
N ASP SC 64 -22.14 18.31 -21.47
CA ASP SC 64 -22.72 16.98 -21.70
C ASP SC 64 -21.74 16.04 -22.36
N VAL SC 65 -20.77 16.58 -23.12
CA VAL SC 65 -19.83 15.73 -23.83
C VAL SC 65 -18.88 15.03 -22.86
N VAL SC 66 -18.60 15.64 -21.71
CA VAL SC 66 -17.64 15.09 -20.76
C VAL SC 66 -18.38 14.39 -19.63
N SER SC 67 -19.65 14.10 -19.85
CA SER SC 67 -20.46 13.34 -18.92
C SER SC 67 -20.36 11.88 -19.30
N PRO SC 68 -20.87 10.97 -18.46
CA PRO SC 68 -20.80 9.53 -18.76
C PRO SC 68 -21.43 9.14 -20.09
N GLY SC 69 -22.47 9.84 -20.52
CA GLY SC 69 -23.08 9.55 -21.80
C GLY SC 69 -22.49 10.39 -22.92
N GLY SC 70 -21.30 10.92 -22.68
CA GLY SC 70 -20.66 11.83 -23.62
C GLY SC 70 -19.64 11.12 -24.47
N ASN SC 71 -19.43 11.63 -25.68
CA ASN SC 71 -18.45 11.04 -26.58
C ASN SC 71 -17.04 11.14 -26.02
N ALA SC 72 -16.73 12.26 -25.35
CA ALA SC 72 -15.39 12.51 -24.83
C ALA SC 72 -15.28 12.22 -23.34
N TYR SC 73 -16.01 11.23 -22.84
CA TYR SC 73 -15.95 10.89 -21.43
C TYR SC 73 -14.72 10.04 -21.13
N GLY SC 74 -13.92 10.47 -20.18
CA GLY SC 74 -12.69 9.79 -19.82
C GLY SC 74 -11.47 10.63 -20.12
N GLU SC 75 -10.37 10.29 -19.43
CA GLU SC 75 -9.16 11.07 -19.56
C GLU SC 75 -8.57 10.98 -20.96
N LYS SC 76 -8.55 9.79 -21.55
CA LYS SC 76 -7.97 9.65 -22.89
C LYS SC 76 -8.93 10.06 -24.00
N MET SC 77 -10.23 9.86 -23.83
CA MET SC 77 -11.17 10.46 -24.77
C MET SC 77 -11.15 11.99 -24.72
N THR SC 78 -10.83 12.57 -23.57
CA THR SC 78 -10.62 14.01 -23.51
C THR SC 78 -9.31 14.42 -24.16
N ALA SC 79 -8.27 13.59 -24.00
CA ALA SC 79 -7.01 13.84 -24.67
C ALA SC 79 -7.18 13.82 -26.18
N LEU SC 80 -8.01 12.91 -26.69
CA LEU SC 80 -8.28 12.87 -28.11
C LEU SC 80 -9.01 14.12 -28.59
N CYS SC 81 -9.95 14.63 -27.78
CA CYS SC 81 -10.64 15.87 -28.14
C CYS SC 81 -9.67 17.04 -28.22
N LEU SC 82 -8.78 17.15 -27.22
CA LEU SC 82 -7.78 18.21 -27.27
C LEU SC 82 -6.82 18.02 -28.44
N ARG SC 83 -6.51 16.79 -28.80
CA ARG SC 83 -5.67 16.54 -29.97
C ARG SC 83 -6.35 17.00 -31.25
N ASP SC 84 -7.66 16.77 -31.36
CA ASP SC 84 -8.40 17.26 -32.52
C ASP SC 84 -8.38 18.78 -32.58
N LEU SC 85 -8.53 19.43 -31.42
CA LEU SC 85 -8.46 20.89 -31.40
C LEU SC 85 -7.08 21.39 -31.84
N ASP SC 86 -6.02 20.70 -31.41
CA ASP SC 86 -4.67 21.06 -31.85
C ASP SC 86 -4.51 20.86 -33.36
N TYR SC 87 -5.11 19.79 -33.89
CA TYR SC 87 -5.08 19.54 -35.33
C TYR SC 87 -5.72 20.70 -36.09
N TYR SC 88 -6.86 21.17 -35.60
CA TYR SC 88 -7.53 22.25 -36.31
C TYR SC 88 -6.79 23.56 -36.17
N LEU SC 89 -6.12 23.80 -35.04
CA LEU SC 89 -5.27 24.98 -34.93
C LEU SC 89 -4.11 24.92 -35.93
N ARG SC 90 -3.51 23.74 -36.10
CA ARG SC 90 -2.45 23.56 -37.08
C ARG SC 90 -2.96 23.84 -38.48
N LEU SC 91 -4.16 23.35 -38.81
CA LEU SC 91 -4.73 23.60 -40.13
C LEU SC 91 -5.01 25.07 -40.34
N VAL SC 92 -5.43 25.77 -39.28
CA VAL SC 92 -5.65 27.21 -39.39
C VAL SC 92 -4.36 27.94 -39.67
N THR SC 93 -3.27 27.55 -39.01
CA THR SC 93 -1.98 28.18 -39.30
C THR SC 93 -1.55 27.91 -40.75
N TYR SC 94 -1.79 26.69 -41.23
CA TYR SC 94 -1.50 26.37 -42.63
C TYR SC 94 -2.29 27.26 -43.57
N GLY SC 95 -3.57 27.47 -43.27
CA GLY SC 95 -4.38 28.34 -44.10
C GLY SC 95 -3.89 29.77 -44.08
N ILE SC 96 -3.45 30.24 -42.91
CA ILE SC 96 -2.96 31.61 -42.78
C ILE SC 96 -1.70 31.80 -43.62
N VAL SC 97 -0.78 30.85 -43.56
CA VAL SC 97 0.46 31.00 -44.33
C VAL SC 97 0.17 30.88 -45.82
N ALA SC 98 -0.74 29.98 -46.20
CA ALA SC 98 -1.01 29.78 -47.62
C ALA SC 98 -1.79 30.94 -48.21
N GLY SC 99 -2.55 31.66 -47.39
CA GLY SC 99 -3.38 32.74 -47.86
C GLY SC 99 -4.71 32.29 -48.44
N ASP SC 100 -5.01 31.01 -48.39
CA ASP SC 100 -6.25 30.46 -48.93
C ASP SC 100 -6.60 29.24 -48.09
N VAL SC 101 -7.88 28.87 -48.09
CA VAL SC 101 -8.32 27.73 -47.29
C VAL SC 101 -8.28 26.44 -48.10
N THR SC 102 -7.59 26.46 -49.23
CA THR SC 102 -7.38 25.26 -50.04
C THR SC 102 -6.70 24.12 -49.28
N PRO SC 103 -5.57 24.36 -48.58
CA PRO SC 103 -4.94 23.23 -47.87
C PRO SC 103 -5.75 22.71 -46.71
N ILE SC 104 -6.34 23.60 -45.91
CA ILE SC 104 -7.14 23.16 -44.77
C ILE SC 104 -8.38 22.42 -45.24
N GLU SC 105 -8.93 22.83 -46.38
CA GLU SC 105 -10.11 22.16 -46.94
C GLU SC 105 -9.82 20.70 -47.26
N GLU SC 106 -8.71 20.44 -47.98
CA GLU SC 106 -8.39 19.06 -48.32
C GLU SC 106 -7.93 18.27 -47.11
N ILE SC 107 -7.25 18.93 -46.17
CA ILE SC 107 -6.69 18.19 -45.05
C ILE SC 107 -7.73 17.80 -44.01
N GLY SC 108 -8.65 18.69 -43.66
CA GLY SC 108 -9.49 18.39 -42.51
C GLY SC 108 -10.95 18.79 -42.58
N ILE SC 109 -11.51 18.95 -43.78
CA ILE SC 109 -12.90 19.34 -43.94
C ILE SC 109 -13.67 18.37 -44.83
N ILE SC 110 -13.08 17.94 -45.94
CA ILE SC 110 -13.77 17.04 -46.85
C ILE SC 110 -13.92 15.68 -46.19
N GLY SC 111 -15.16 15.24 -45.99
CA GLY SC 111 -15.45 13.98 -45.34
C GLY SC 111 -15.50 14.03 -43.83
N VAL SC 112 -15.32 15.22 -43.24
CA VAL SC 112 -15.35 15.35 -41.79
C VAL SC 112 -16.71 14.98 -41.24
N LYS SC 113 -17.78 15.25 -41.99
CA LYS SC 113 -19.12 14.87 -41.57
C LYS SC 113 -19.23 13.36 -41.46
N GLU SC 114 -18.73 12.65 -42.46
CA GLU SC 114 -18.77 11.18 -42.43
C GLU SC 114 -17.93 10.63 -41.29
N MET SC 115 -16.73 11.18 -41.08
CA MET SC 115 -15.86 10.70 -40.02
C MET SC 115 -16.50 10.89 -38.65
N TYR SC 116 -17.03 12.10 -38.40
CA TYR SC 116 -17.57 12.37 -37.08
C TYR SC 116 -18.92 11.67 -36.87
N ASN SC 117 -19.67 11.43 -37.94
CA ASN SC 117 -20.89 10.64 -37.80
C ASN SC 117 -20.57 9.19 -37.49
N SER SC 118 -19.51 8.65 -38.12
CA SER SC 118 -19.09 7.29 -37.80
C SER SC 118 -18.62 7.18 -36.36
N LEU SC 119 -17.84 8.16 -35.90
CA LEU SC 119 -17.37 8.12 -34.52
C LEU SC 119 -18.43 8.54 -33.52
N GLN SC 120 -19.57 9.05 -33.98
CA GLN SC 120 -20.65 9.50 -33.11
C GLN SC 120 -20.25 10.69 -32.25
N THR SC 121 -19.62 11.69 -32.86
CA THR SC 121 -19.17 12.86 -32.13
C THR SC 121 -20.06 14.05 -32.45
N PRO SC 122 -20.34 14.93 -31.50
CA PRO SC 122 -21.15 16.12 -31.79
C PRO SC 122 -20.41 17.17 -32.61
N ILE SC 123 -20.77 17.25 -33.89
CA ILE SC 123 -20.20 18.26 -34.78
C ILE SC 123 -20.48 19.69 -34.29
N PRO SC 124 -21.68 20.02 -33.82
CA PRO SC 124 -21.85 21.35 -33.18
C PRO SC 124 -20.92 21.59 -32.00
N ALA SC 125 -20.65 20.58 -31.19
CA ALA SC 125 -19.67 20.72 -30.13
C ALA SC 125 -18.27 20.99 -30.67
N VAL SC 126 -17.85 20.31 -31.73
CA VAL SC 126 -16.55 20.59 -32.32
C VAL SC 126 -16.50 22.01 -32.89
N ALA SC 127 -17.59 22.45 -33.52
CA ALA SC 127 -17.64 23.82 -34.03
C ALA SC 127 -17.53 24.83 -32.91
N GLU SC 128 -18.18 24.56 -31.78
CA GLU SC 128 -18.07 25.47 -30.65
C GLU SC 128 -16.65 25.48 -30.09
N GLY SC 129 -16.00 24.31 -30.07
CA GLY SC 129 -14.60 24.29 -29.68
C GLY SC 129 -13.72 25.13 -30.58
N VAL SC 130 -13.99 25.09 -31.89
CA VAL SC 130 -13.24 25.94 -32.81
C VAL SC 130 -13.53 27.42 -32.55
N ARG SC 131 -14.77 27.74 -32.19
CA ARG SC 131 -15.09 29.14 -31.84
C ARG SC 131 -14.33 29.60 -30.60
N ALA SC 132 -14.25 28.73 -29.59
CA ALA SC 132 -13.49 29.08 -28.39
C ALA SC 132 -12.02 29.27 -28.72
N MET SC 133 -11.48 28.42 -29.59
CA MET SC 133 -10.11 28.61 -30.06
C MET SC 133 -9.94 29.93 -30.77
N LYS SC 134 -10.95 30.34 -31.55
CA LYS SC 134 -10.90 31.64 -32.21
C LYS SC 134 -10.85 32.78 -31.21
N ASN SC 135 -11.66 32.69 -30.16
CA ASN SC 135 -11.65 33.74 -29.13
C ASN SC 135 -10.31 33.82 -28.43
N VAL SC 136 -9.75 32.66 -28.06
CA VAL SC 136 -8.46 32.65 -27.37
C VAL SC 136 -7.36 33.16 -28.28
N ALA SC 137 -7.44 32.85 -29.57
CA ALA SC 137 -6.42 33.32 -30.51
C ALA SC 137 -6.52 34.81 -30.74
N THR SC 138 -7.74 35.34 -30.90
CA THR SC 138 -7.89 36.77 -31.12
C THR SC 138 -7.58 37.57 -29.86
N SER SC 139 -7.61 36.93 -28.69
CA SER SC 139 -7.15 37.60 -27.48
C SER SC 139 -5.66 37.86 -27.44
N LEU SC 140 -4.86 37.20 -28.30
CA LEU SC 140 -3.41 37.33 -28.27
C LEU SC 140 -2.85 38.16 -29.42
N LEU SC 141 -3.71 38.80 -30.20
CA LEU SC 141 -3.27 39.45 -31.43
C LEU SC 141 -3.80 40.87 -31.48
N SER SC 142 -3.11 41.72 -32.25
CA SER SC 142 -3.63 43.03 -32.56
C SER SC 142 -4.88 42.91 -33.43
N GLY SC 143 -5.59 44.03 -33.56
CA GLY SC 143 -6.88 44.03 -34.22
C GLY SC 143 -6.91 43.54 -35.66
N ASP SC 144 -5.97 44.03 -36.48
CA ASP SC 144 -5.92 43.60 -37.87
C ASP SC 144 -5.54 42.12 -37.98
N ASP SC 145 -4.49 41.72 -37.28
CA ASP SC 145 -4.10 40.31 -37.29
C ASP SC 145 -5.14 39.42 -36.63
N ALA SC 146 -5.80 39.92 -35.58
CA ALA SC 146 -6.88 39.16 -34.98
C ALA SC 146 -8.01 38.92 -35.96
N ALA SC 147 -8.37 39.96 -36.73
CA ALA SC 147 -9.41 39.81 -37.74
C ALA SC 147 -8.98 38.82 -38.82
N GLU SC 148 -7.71 38.89 -39.23
CA GLU SC 148 -7.23 38.01 -40.29
C GLU SC 148 -7.25 36.54 -39.86
N ALA SC 149 -6.80 36.25 -38.63
CA ALA SC 149 -6.87 34.88 -38.15
C ALA SC 149 -8.31 34.44 -37.92
N GLY SC 150 -9.14 35.31 -37.35
CA GLY SC 150 -10.50 34.94 -37.05
C GLY SC 150 -11.33 34.70 -38.30
N PHE SC 151 -10.91 35.27 -39.43
CA PHE SC 151 -11.67 35.08 -40.66
C PHE SC 151 -11.53 33.61 -41.10
N TYR SC 152 -10.32 33.07 -41.01
CA TYR SC 152 -10.13 31.63 -41.25
C TYR SC 152 -10.83 30.78 -40.19
N PHE SC 153 -10.80 31.22 -38.93
CA PHE SC 153 -11.51 30.48 -37.88
C PHE SC 153 -13.00 30.40 -38.18
N ASP SC 154 -13.58 31.51 -38.66
CA ASP SC 154 -14.98 31.50 -39.05
C ASP SC 154 -15.21 30.64 -40.28
N TYR SC 155 -14.23 30.53 -41.16
CA TYR SC 155 -14.36 29.57 -42.25
C TYR SC 155 -14.49 28.15 -41.74
N LEU SC 156 -13.64 27.78 -40.77
CA LEU SC 156 -13.74 26.44 -40.19
C LEU SC 156 -15.10 26.22 -39.53
N VAL SC 157 -15.57 27.23 -38.79
CA VAL SC 157 -16.86 27.11 -38.10
C VAL SC 157 -17.99 26.94 -39.11
N GLY SC 158 -17.96 27.71 -40.20
CA GLY SC 158 -18.98 27.58 -41.22
C GLY SC 158 -18.92 26.26 -41.97
N ALA SC 159 -17.72 25.79 -42.28
CA ALA SC 159 -17.58 24.54 -43.01
C ALA SC 159 -18.04 23.35 -42.18
N MET SC 160 -17.73 23.34 -40.88
CA MET SC 160 -18.24 22.29 -39.99
C MET SC 160 -19.69 22.60 -39.63
N GLN SC 161 -20.56 22.36 -40.60
CA GLN SC 161 -21.96 22.77 -40.47
C GLN SC 161 -22.82 22.17 -41.58
N MET TC 1 -6.22 4.95 -92.54
CA MET TC 1 -6.24 4.04 -93.67
C MET TC 1 -5.61 4.69 -94.90
N GLN TC 2 -5.41 3.89 -95.94
CA GLN TC 2 -4.85 4.39 -97.19
C GLN TC 2 -5.31 3.50 -98.33
N ASP TC 3 -5.25 4.04 -99.54
CA ASP TC 3 -5.59 3.33 -100.76
C ASP TC 3 -4.34 3.27 -101.64
N ALA TC 4 -4.54 2.82 -102.88
CA ALA TC 4 -3.42 2.71 -103.81
C ALA TC 4 -2.81 4.09 -104.10
N ILE TC 5 -3.64 5.05 -104.49
CA ILE TC 5 -3.12 6.36 -104.87
C ILE TC 5 -2.55 7.09 -103.66
N THR TC 6 -3.21 6.97 -102.50
CA THR TC 6 -2.71 7.59 -101.28
C THR TC 6 -1.37 6.98 -100.87
N ALA TC 7 -1.26 5.65 -100.96
CA ALA TC 7 0.00 5.00 -100.60
C ALA TC 7 1.11 5.43 -101.53
N VAL TC 8 0.84 5.49 -102.84
CA VAL TC 8 1.87 5.89 -103.80
C VAL TC 8 2.29 7.33 -103.57
N ILE TC 9 1.32 8.22 -103.36
CA ILE TC 9 1.64 9.63 -103.19
C ILE TC 9 2.42 9.86 -101.90
N ASN TC 10 2.06 9.14 -100.82
CA ASN TC 10 2.82 9.29 -99.59
C ASN TC 10 4.21 8.69 -99.72
N ASN TC 11 4.33 7.57 -100.44
CA ASN TC 11 5.62 6.94 -100.64
C ASN TC 11 6.56 7.83 -101.43
N TYR TC 12 6.03 8.62 -102.35
CA TYR TC 12 6.92 9.54 -103.07
C TYR TC 12 7.10 10.87 -102.33
N ASP TC 13 6.12 11.27 -101.52
CA ASP TC 13 6.27 12.51 -100.76
C ASP TC 13 7.29 12.37 -99.65
N VAL TC 14 7.36 11.20 -99.01
CA VAL TC 14 8.30 10.98 -97.93
C VAL TC 14 9.74 11.11 -98.41
N GLN TC 15 10.01 10.70 -99.64
CA GLN TC 15 11.31 10.88 -100.27
C GLN TC 15 11.45 12.26 -100.90
N GLY TC 16 10.35 12.91 -101.25
CA GLY TC 16 10.44 14.23 -101.87
C GLY TC 16 10.68 14.18 -103.37
N LYS TC 17 9.88 13.39 -104.08
CA LYS TC 17 10.05 13.20 -105.51
C LYS TC 17 8.78 13.56 -106.28
N TYR TC 18 8.94 13.86 -107.56
CA TYR TC 18 7.79 13.99 -108.45
C TYR TC 18 7.29 12.60 -108.84
N LEU TC 19 6.01 12.51 -109.18
CA LEU TC 19 5.46 11.25 -109.68
C LEU TC 19 6.11 10.91 -111.00
N ASP TC 20 6.91 9.85 -111.00
CA ASP TC 20 7.67 9.43 -112.16
C ASP TC 20 6.91 8.35 -112.95
N GLY TC 21 7.61 7.76 -113.92
CA GLY TC 21 6.97 6.78 -114.78
C GLY TC 21 6.51 5.53 -114.05
N ALA TC 22 7.31 5.06 -113.10
CA ALA TC 22 6.94 3.85 -112.36
C ALA TC 22 5.69 4.08 -111.50
N ALA TC 23 5.65 5.21 -110.78
CA ALA TC 23 4.47 5.52 -109.97
C ALA TC 23 3.25 5.72 -110.85
N LEU TC 24 3.45 6.38 -112.00
CA LEU TC 24 2.34 6.56 -112.94
C LEU TC 24 1.84 5.22 -113.47
N ASP TC 25 2.75 4.28 -113.73
CA ASP TC 25 2.33 2.97 -114.21
C ASP TC 25 1.59 2.18 -113.12
N LYS TC 26 2.04 2.30 -111.87
CA LYS TC 26 1.33 1.64 -110.78
C LYS TC 26 -0.07 2.20 -110.62
N LEU TC 27 -0.20 3.52 -110.67
CA LEU TC 27 -1.52 4.14 -110.62
C LEU TC 27 -2.35 3.74 -111.83
N LYS TC 28 -1.71 3.55 -112.98
CA LYS TC 28 -2.42 3.14 -114.18
C LYS TC 28 -2.99 1.74 -114.00
N ALA TC 29 -2.20 0.84 -113.43
CA ALA TC 29 -2.68 -0.52 -113.16
C ALA TC 29 -3.82 -0.50 -112.16
N TYR TC 30 -3.75 0.38 -111.15
CA TYR TC 30 -4.87 0.51 -110.23
C TYR TC 30 -6.11 1.04 -110.93
N PHE TC 31 -5.96 2.01 -111.84
CA PHE TC 31 -7.12 2.67 -112.41
C PHE TC 31 -7.80 1.80 -113.47
N THR TC 32 -7.02 1.05 -114.25
CA THR TC 32 -7.61 0.26 -115.33
C THR TC 32 -8.51 -0.86 -114.83
N THR TC 33 -8.31 -1.32 -113.58
CA THR TC 33 -9.16 -2.36 -113.01
C THR TC 33 -10.27 -1.80 -112.14
N GLY TC 34 -10.53 -0.49 -112.24
CA GLY TC 34 -11.45 0.14 -111.31
C GLY TC 34 -12.89 -0.32 -111.47
N ALA TC 35 -13.37 -0.40 -112.71
CA ALA TC 35 -14.79 -0.67 -112.95
C ALA TC 35 -15.18 -2.07 -112.49
N VAL TC 36 -14.29 -3.04 -112.68
CA VAL TC 36 -14.53 -4.39 -112.18
C VAL TC 36 -14.65 -4.38 -110.68
N ARG TC 37 -13.85 -3.56 -110.00
CA ARG TC 37 -13.95 -3.42 -108.55
C ARG TC 37 -15.32 -2.88 -108.15
N VAL TC 38 -15.82 -1.87 -108.87
CA VAL TC 38 -17.11 -1.27 -108.50
C VAL TC 38 -18.24 -2.26 -108.71
N ARG TC 39 -18.21 -2.99 -109.84
CA ARG TC 39 -19.26 -3.97 -110.07
C ARG TC 39 -19.20 -5.11 -109.07
N ALA TC 40 -17.99 -5.54 -108.71
CA ALA TC 40 -17.85 -6.58 -107.69
C ALA TC 40 -18.39 -6.11 -106.34
N ALA TC 41 -18.08 -4.86 -105.97
CA ALA TC 41 -18.60 -4.32 -104.73
C ALA TC 41 -20.12 -4.22 -104.74
N ALA TC 42 -20.70 -3.81 -105.87
CA ALA TC 42 -22.15 -3.75 -105.97
C ALA TC 42 -22.78 -5.14 -105.84
N VAL TC 43 -22.19 -6.14 -106.50
CA VAL TC 43 -22.70 -7.50 -106.41
C VAL TC 43 -22.61 -8.01 -104.98
N ILE TC 44 -21.49 -7.74 -104.30
CA ILE TC 44 -21.31 -8.20 -102.93
C ILE TC 44 -22.32 -7.52 -102.01
N SER TC 45 -22.54 -6.22 -102.19
CA SER TC 45 -23.49 -5.50 -101.37
C SER TC 45 -24.92 -6.02 -101.60
N SER TC 46 -25.24 -6.34 -102.84
CA SER TC 46 -26.55 -6.90 -103.15
C SER TC 46 -26.74 -8.30 -102.58
N ASN TC 47 -25.71 -9.13 -102.59
CA ASN TC 47 -25.84 -10.53 -102.18
C ASN TC 47 -25.23 -10.83 -100.82
N ALA TC 48 -24.99 -9.82 -99.98
CA ALA TC 48 -24.29 -9.99 -98.71
C ALA TC 48 -24.96 -11.00 -97.78
N THR TC 49 -26.28 -10.96 -97.69
CA THR TC 49 -26.98 -11.90 -96.81
C THR TC 49 -26.84 -13.34 -97.31
N THR TC 50 -26.95 -13.55 -98.63
CA THR TC 50 -26.89 -14.90 -99.15
C THR TC 50 -25.46 -15.45 -99.18
N ILE TC 51 -24.46 -14.58 -99.31
CA ILE TC 51 -23.08 -15.04 -99.21
C ILE TC 51 -22.82 -15.57 -97.81
N ILE TC 52 -23.25 -14.82 -96.79
CA ILE TC 52 -23.15 -15.29 -95.41
C ILE TC 52 -23.96 -16.56 -95.24
N LYS TC 53 -25.11 -16.62 -95.94
CA LYS TC 53 -26.03 -17.74 -95.87
C LYS TC 53 -25.31 -19.03 -96.23
N GLU TC 54 -24.75 -19.06 -97.43
CA GLU TC 54 -24.08 -20.25 -97.93
C GLU TC 54 -22.79 -20.52 -97.17
N ALA TC 55 -22.05 -19.46 -96.77
CA ALA TC 55 -20.80 -19.67 -96.04
C ALA TC 55 -21.07 -20.35 -94.71
N ALA TC 56 -22.08 -19.89 -93.97
CA ALA TC 56 -22.44 -20.54 -92.72
C ALA TC 56 -22.92 -21.97 -92.96
N ALA TC 57 -23.77 -22.16 -93.96
CA ALA TC 57 -24.30 -23.50 -94.24
C ALA TC 57 -23.21 -24.48 -94.64
N LYS TC 58 -22.12 -23.99 -95.24
CA LYS TC 58 -21.07 -24.89 -95.70
C LYS TC 58 -19.93 -25.05 -94.71
N ALA TC 59 -19.77 -24.12 -93.75
CA ALA TC 59 -18.61 -24.18 -92.88
C ALA TC 59 -18.91 -24.26 -91.40
N LEU TC 60 -20.05 -23.77 -90.92
CA LEU TC 60 -20.23 -23.65 -89.47
C LEU TC 60 -21.32 -24.54 -88.92
N ILE TC 61 -22.53 -24.40 -89.45
CA ILE TC 61 -23.69 -25.09 -88.88
C ILE TC 61 -23.65 -26.57 -89.22
N TYR TC 62 -24.54 -27.34 -88.59
CA TYR TC 62 -24.55 -28.80 -88.71
C TYR TC 62 -23.24 -29.41 -88.22
N SER TC 63 -22.72 -28.88 -87.12
CA SER TC 63 -21.48 -29.37 -86.54
C SER TC 63 -21.57 -29.30 -85.03
N ASP TC 64 -20.43 -29.49 -84.37
CA ASP TC 64 -20.40 -29.41 -82.92
C ASP TC 64 -20.37 -27.96 -82.43
N LEU TC 65 -20.16 -27.01 -83.34
CA LEU TC 65 -20.14 -25.61 -82.96
C LEU TC 65 -21.51 -25.15 -82.47
N THR TC 66 -22.57 -25.55 -83.17
CA THR TC 66 -23.91 -25.08 -82.86
C THR TC 66 -24.59 -25.88 -81.75
N ARG TC 67 -24.08 -27.04 -81.41
CA ARG TC 67 -24.69 -27.81 -80.35
C ARG TC 67 -24.26 -27.29 -78.99
N PRO TC 68 -24.84 -27.79 -77.91
CA PRO TC 68 -24.41 -27.35 -76.57
C PRO TC 68 -22.94 -27.67 -76.32
N GLY TC 69 -22.27 -26.75 -75.64
CA GLY TC 69 -20.84 -26.81 -75.48
C GLY TC 69 -20.06 -26.19 -76.61
N GLY TC 70 -20.69 -25.93 -77.74
CA GLY TC 70 -20.03 -25.28 -78.86
C GLY TC 70 -20.00 -23.79 -78.63
N MEN TC 71 -19.18 -23.09 -79.42
CA MEN TC 71 -19.03 -21.67 -79.24
C MEN TC 71 -20.21 -20.92 -79.83
O MEN TC 71 -20.62 -19.84 -79.38
CB MEN TC 71 -17.77 -21.07 -79.88
CG MEN TC 71 -17.59 -19.69 -79.30
OD1 MEN TC 71 -17.39 -18.71 -80.05
ND2 MEN TC 71 -17.64 -19.57 -77.94
CE2 MEN TC 71 -17.49 -18.34 -77.22
N MET TC 72 -20.79 -21.49 -80.87
CA MET TC 72 -21.83 -20.81 -81.62
C MET TC 72 -23.19 -21.20 -81.05
N TYR TC 73 -23.18 -22.01 -79.99
CA TYR TC 73 -24.40 -22.41 -79.32
C TYR TC 73 -25.07 -21.19 -78.68
N THR TC 74 -26.40 -21.23 -78.62
CA THR TC 74 -27.29 -20.17 -78.13
C THR TC 74 -27.47 -19.09 -79.17
N THR TC 75 -28.66 -18.46 -79.16
CA THR TC 75 -29.01 -17.47 -80.18
C THR TC 75 -28.10 -16.25 -80.11
N ARG TC 76 -27.69 -15.86 -78.90
CA ARG TC 76 -26.80 -14.72 -78.77
C ARG TC 76 -25.47 -14.96 -79.48
N ARG TC 77 -24.88 -16.13 -79.24
CA ARG TC 77 -23.63 -16.46 -79.92
C ARG TC 77 -23.82 -16.61 -81.42
N TYR TC 78 -24.96 -17.17 -81.85
CA TYR TC 78 -25.22 -17.29 -83.28
C TYR TC 78 -25.30 -15.92 -83.94
N ALA TC 79 -26.03 -14.99 -83.33
CA ALA TC 79 -26.15 -13.65 -83.89
C ALA TC 79 -24.81 -12.94 -83.88
N ALA TC 80 -24.02 -13.13 -82.82
CA ALA TC 80 -22.70 -12.51 -82.76
C ALA TC 80 -21.79 -13.05 -83.86
N CYS TC 81 -21.84 -14.36 -84.10
CA CYS TC 81 -20.99 -14.95 -85.13
C CYS TC 81 -21.40 -14.45 -86.52
N ILE TC 82 -22.70 -14.36 -86.80
CA ILE TC 82 -23.11 -13.84 -88.09
C ILE TC 82 -22.77 -12.35 -88.25
N ARG TC 83 -22.85 -11.57 -87.17
CA ARG TC 83 -22.48 -10.16 -87.26
C ARG TC 83 -20.98 -10.02 -87.54
N ASP TC 84 -20.16 -10.86 -86.90
CA ASP TC 84 -18.74 -10.87 -87.19
C ASP TC 84 -18.47 -11.25 -88.63
N MET TC 85 -19.22 -12.22 -89.14
CA MET TC 85 -19.02 -12.72 -90.48
C MET TC 85 -19.30 -11.58 -91.47
N ASP TC 86 -20.38 -10.82 -91.19
CA ASP TC 86 -20.73 -9.67 -92.03
C ASP TC 86 -19.70 -8.55 -91.90
N TYR TC 87 -19.13 -8.36 -90.71
CA TYR TC 87 -18.04 -7.40 -90.54
C TYR TC 87 -16.89 -7.73 -91.47
N PHE TC 88 -16.49 -9.01 -91.49
CA PHE TC 88 -15.39 -9.43 -92.35
C PHE TC 88 -15.72 -9.20 -93.81
N LEU TC 89 -16.96 -9.52 -94.20
CA LEU TC 89 -17.36 -9.35 -95.60
C LEU TC 89 -17.30 -7.88 -96.02
N ARG TC 90 -17.86 -6.99 -95.19
CA ARG TC 90 -17.89 -5.58 -95.55
C ARG TC 90 -16.51 -4.96 -95.54
N TYR TC 91 -15.66 -5.35 -94.60
CA TYR TC 91 -14.31 -4.77 -94.59
C TYR TC 91 -13.47 -5.33 -95.74
N ALA TC 92 -13.72 -6.57 -96.15
CA ALA TC 92 -13.09 -7.07 -97.37
C ALA TC 92 -13.55 -6.27 -98.58
N THR TC 93 -14.84 -5.89 -98.61
CA THR TC 93 -15.32 -5.04 -99.69
C THR TC 93 -14.62 -3.69 -99.69
N TYR TC 94 -14.44 -3.08 -98.50
CA TYR TC 94 -13.74 -1.81 -98.41
C TYR TC 94 -12.29 -1.94 -98.88
N ALA TC 95 -11.62 -3.02 -98.49
CA ALA TC 95 -10.24 -3.22 -98.90
C ALA TC 95 -10.15 -3.42 -100.42
N MET TC 96 -11.10 -4.15 -100.99
CA MET TC 96 -11.10 -4.35 -102.43
C MET TC 96 -11.32 -3.03 -103.16
N LEU TC 97 -12.23 -2.20 -102.65
CA LEU TC 97 -12.48 -0.91 -103.28
C LEU TC 97 -11.26 0.00 -103.18
N ALA TC 98 -10.61 0.03 -102.02
CA ALA TC 98 -9.51 0.94 -101.83
C ALA TC 98 -8.20 0.42 -102.41
N GLY TC 99 -8.14 -0.86 -102.77
CA GLY TC 99 -6.92 -1.42 -103.29
C GLY TC 99 -5.78 -1.47 -102.30
N ASP TC 100 -6.08 -1.73 -101.03
CA ASP TC 100 -5.04 -1.76 -100.00
C ASP TC 100 -5.53 -2.45 -98.74
N PRO TC 101 -4.69 -3.26 -98.09
CA PRO TC 101 -5.07 -3.90 -96.83
C PRO TC 101 -4.85 -3.04 -95.60
N SER TC 102 -4.56 -1.75 -95.78
CA SER TC 102 -4.26 -0.88 -94.64
C SER TC 102 -5.46 -0.75 -93.71
N ILE TC 103 -6.66 -0.57 -94.28
CA ILE TC 103 -7.84 -0.45 -93.43
C ILE TC 103 -8.14 -1.77 -92.72
N LEU TC 104 -7.89 -2.90 -93.38
CA LEU TC 104 -8.05 -4.19 -92.73
C LEU TC 104 -7.12 -4.34 -91.54
N ASP TC 105 -5.85 -3.97 -91.71
CA ASP TC 105 -4.90 -4.06 -90.60
C ASP TC 105 -5.22 -3.05 -89.51
N GLU TC 106 -5.83 -1.92 -89.89
CA GLU TC 106 -6.02 -0.83 -88.94
C GLU TC 106 -7.27 -1.03 -88.08
N ARG TC 107 -8.38 -1.41 -88.69
CA ARG TC 107 -9.66 -1.40 -88.00
C ARG TC 107 -10.26 -2.78 -87.75
N VAL TC 108 -9.63 -3.85 -88.22
CA VAL TC 108 -10.18 -5.18 -88.00
C VAL TC 108 -9.15 -6.06 -87.30
N LEU TC 109 -7.97 -6.20 -87.91
CA LEU TC 109 -7.02 -7.19 -87.41
C LEU TC 109 -6.43 -6.82 -86.06
N ASN TC 110 -6.25 -5.53 -85.76
CA ASN TC 110 -5.69 -5.20 -84.46
C ASN TC 110 -6.73 -5.45 -83.38
N GLY TC 111 -6.32 -6.12 -82.31
CA GLY TC 111 -7.23 -6.50 -81.25
C GLY TC 111 -8.12 -7.68 -81.55
N LEU TC 112 -8.18 -8.14 -82.80
CA LEU TC 112 -9.10 -9.23 -83.14
C LEU TC 112 -8.62 -10.56 -82.58
N LYS TC 113 -7.36 -10.92 -82.82
CA LYS TC 113 -6.86 -12.21 -82.36
C LYS TC 113 -6.82 -12.26 -80.84
N GLU TC 114 -6.43 -11.14 -80.22
CA GLU TC 114 -6.41 -11.08 -78.77
C GLU TC 114 -7.81 -11.13 -78.17
N THR TC 115 -8.79 -10.47 -78.81
CA THR TC 115 -10.16 -10.55 -78.33
C THR TC 115 -10.73 -11.95 -78.46
N TYR TC 116 -10.45 -12.62 -79.59
CA TYR TC 116 -10.94 -13.98 -79.77
C TYR TC 116 -10.28 -14.93 -78.78
N ASN TC 117 -8.99 -14.73 -78.51
CA ASN TC 117 -8.33 -15.53 -77.47
C ASN TC 117 -8.96 -15.28 -76.11
N SER TC 118 -9.34 -14.04 -75.84
CA SER TC 118 -9.98 -13.71 -74.57
C SER TC 118 -11.35 -14.37 -74.43
N LEU TC 119 -12.13 -14.39 -75.50
CA LEU TC 119 -13.50 -14.89 -75.42
C LEU TC 119 -13.63 -16.37 -75.76
N GLY TC 120 -12.57 -17.02 -76.23
CA GLY TC 120 -12.64 -18.42 -76.56
C GLY TC 120 -13.15 -18.75 -77.95
N VAL TC 121 -13.21 -17.77 -78.84
CA VAL TC 121 -13.72 -17.99 -80.19
C VAL TC 121 -12.75 -18.85 -81.00
N PRO TC 122 -13.22 -19.87 -81.70
CA PRO TC 122 -12.32 -20.70 -82.50
C PRO TC 122 -11.81 -19.98 -83.75
N ILE TC 123 -10.52 -19.67 -83.74
CA ILE TC 123 -9.91 -18.94 -84.85
C ILE TC 123 -9.89 -19.80 -86.11
N ALA TC 124 -9.69 -21.11 -85.95
CA ALA TC 124 -9.73 -22.00 -87.11
C ALA TC 124 -11.12 -22.00 -87.75
N ALA TC 125 -12.17 -22.03 -86.93
CA ALA TC 125 -13.52 -21.95 -87.47
C ALA TC 125 -13.77 -20.62 -88.16
N THR TC 126 -13.26 -19.53 -87.59
CA THR TC 126 -13.41 -18.23 -88.24
C THR TC 126 -12.71 -18.18 -89.59
N VAL TC 127 -11.51 -18.76 -89.67
CA VAL TC 127 -10.79 -18.79 -90.94
C VAL TC 127 -11.54 -19.64 -91.96
N GLY TC 128 -12.13 -20.75 -91.50
CA GLY TC 128 -12.96 -21.55 -92.39
C GLY TC 128 -14.16 -20.80 -92.92
N GLY TC 129 -14.82 -20.02 -92.06
CA GLY TC 129 -15.93 -19.20 -92.52
C GLY TC 129 -15.51 -18.13 -93.52
N ILE TC 130 -14.35 -17.51 -93.30
CA ILE TC 130 -13.86 -16.50 -94.23
C ILE TC 130 -13.54 -17.15 -95.58
N GLN TC 131 -12.96 -18.35 -95.55
CA GLN TC 131 -12.72 -19.06 -96.80
C GLN TC 131 -14.03 -19.45 -97.49
N ALA TC 132 -15.06 -19.76 -96.72
CA ALA TC 132 -16.38 -20.01 -97.31
C ALA TC 132 -16.91 -18.78 -98.04
N MET TC 133 -16.81 -17.59 -97.41
CA MET TC 133 -17.21 -16.38 -98.12
C MET TC 133 -16.34 -16.12 -99.34
N LYS TC 134 -15.06 -16.46 -99.28
CA LYS TC 134 -14.22 -16.25 -100.46
C LYS TC 134 -14.68 -17.13 -101.61
N GLU TC 135 -15.02 -18.40 -101.31
CA GLU TC 135 -15.54 -19.29 -102.35
C GLU TC 135 -16.85 -18.76 -102.93
N VAL TC 136 -17.77 -18.32 -102.05
CA VAL TC 136 -19.07 -17.86 -102.52
C VAL TC 136 -18.91 -16.58 -103.34
N VAL TC 137 -18.04 -15.68 -102.89
CA VAL TC 137 -17.85 -14.42 -103.61
C VAL TC 137 -17.19 -14.67 -104.96
N GLY TC 138 -16.25 -15.61 -105.01
CA GLY TC 138 -15.68 -15.99 -106.29
C GLY TC 138 -16.71 -16.58 -107.23
N GLY TC 139 -17.65 -17.36 -106.68
CA GLY TC 139 -18.72 -17.88 -107.51
C GLY TC 139 -19.64 -16.78 -108.03
N LEU TC 140 -19.91 -15.78 -107.20
CA LEU TC 140 -20.84 -14.73 -107.61
C LEU TC 140 -20.21 -13.75 -108.60
N VAL TC 141 -19.10 -13.11 -108.21
CA VAL TC 141 -18.54 -12.04 -109.03
C VAL TC 141 -18.02 -12.54 -110.38
N GLY TC 142 -17.48 -13.74 -110.45
CA GLY TC 142 -17.00 -14.29 -111.70
C GLY TC 142 -15.54 -13.96 -111.96
N PRO TC 143 -14.99 -14.50 -113.07
CA PRO TC 143 -13.63 -14.20 -113.52
C PRO TC 143 -13.13 -12.77 -113.40
N ASP TC 144 -14.00 -11.78 -113.63
CA ASP TC 144 -13.56 -10.39 -113.70
C ASP TC 144 -12.99 -9.92 -112.37
N ALA TC 145 -13.65 -10.25 -111.27
CA ALA TC 145 -13.25 -9.76 -109.96
C ALA TC 145 -12.99 -10.86 -108.94
N ALA TC 146 -12.93 -12.12 -109.36
CA ALA TC 146 -12.79 -13.22 -108.40
C ALA TC 146 -11.45 -13.16 -107.69
N LYS TC 147 -10.36 -12.97 -108.43
CA LYS TC 147 -9.03 -12.99 -107.81
C LYS TC 147 -8.80 -11.77 -106.92
N GLU TC 148 -9.10 -10.56 -107.41
CA GLU TC 148 -8.91 -9.38 -106.58
C GLU TC 148 -9.87 -9.36 -105.40
N ALA TC 149 -11.02 -10.01 -105.53
CA ALA TC 149 -11.89 -10.18 -104.37
C ALA TC 149 -11.26 -11.13 -103.36
N SER TC 150 -10.71 -12.25 -103.84
CA SER TC 150 -10.26 -13.30 -102.94
C SER TC 150 -8.96 -12.93 -102.25
N ILE TC 151 -8.19 -11.98 -102.81
CA ILE TC 151 -6.90 -11.64 -102.23
C ILE TC 151 -7.06 -11.04 -100.83
N TYR TC 152 -8.05 -10.17 -100.63
CA TYR TC 152 -8.24 -9.57 -99.32
C TYR TC 152 -8.84 -10.56 -98.32
N PHE TC 153 -9.70 -11.48 -98.77
CA PHE TC 153 -10.16 -12.53 -97.87
C PHE TC 153 -9.00 -13.41 -97.44
N ASP TC 154 -8.09 -13.74 -98.37
CA ASP TC 154 -6.90 -14.49 -98.00
C ASP TC 154 -6.02 -13.71 -97.04
N TYR TC 155 -5.92 -12.40 -97.23
CA TYR TC 155 -5.17 -11.56 -96.31
C TYR TC 155 -5.76 -11.61 -94.91
N LEU TC 156 -7.09 -11.50 -94.81
CA LEU TC 156 -7.74 -11.57 -93.51
C LEU TC 156 -7.53 -12.93 -92.85
N SER TC 157 -7.68 -14.01 -93.63
CA SER TC 157 -7.48 -15.35 -93.10
C SER TC 157 -6.05 -15.57 -92.63
N SER TC 158 -5.06 -15.11 -93.39
CA SER TC 158 -3.68 -15.22 -92.97
C SER TC 158 -3.36 -14.36 -91.75
N GLY TC 159 -3.95 -13.17 -91.64
CA GLY TC 159 -3.74 -12.36 -90.47
C GLY TC 159 -4.33 -12.98 -89.22
N LEU TC 160 -5.51 -13.58 -89.33
CA LEU TC 160 -6.10 -14.26 -88.18
C LEU TC 160 -5.33 -15.52 -87.81
N SER TC 161 -5.02 -16.36 -88.79
CA SER TC 161 -4.34 -17.63 -88.52
C SER TC 161 -2.87 -17.41 -88.20
N MET UC 1 38.39 45.15 -19.02
CA MET UC 1 38.01 45.52 -20.38
C MET UC 1 37.40 44.31 -21.08
N GLN UC 2 36.42 44.56 -21.95
CA GLN UC 2 35.75 43.48 -22.65
C GLN UC 2 35.66 43.81 -24.13
N ASP UC 3 35.71 42.75 -24.95
CA ASP UC 3 35.39 42.80 -26.36
C ASP UC 3 34.03 42.15 -26.55
N ALA UC 4 33.62 42.00 -27.81
CA ALA UC 4 32.34 41.35 -28.09
C ALA UC 4 32.36 39.89 -27.64
N ILE UC 5 33.47 39.20 -27.91
CA ILE UC 5 33.62 37.79 -27.61
C ILE UC 5 33.54 37.55 -26.11
N THR UC 6 34.21 38.40 -25.34
CA THR UC 6 34.19 38.26 -23.89
C THR UC 6 32.87 38.73 -23.32
N ALA UC 7 32.26 39.74 -23.92
CA ALA UC 7 31.01 40.31 -23.43
C ALA UC 7 29.88 39.31 -23.53
N VAL UC 8 29.79 38.61 -24.66
CA VAL UC 8 28.74 37.61 -24.85
C VAL UC 8 28.92 36.48 -23.85
N ILE UC 9 30.16 36.04 -23.65
CA ILE UC 9 30.43 34.95 -22.71
C ILE UC 9 30.07 35.36 -21.29
N ASN UC 10 30.48 36.57 -20.90
CA ASN UC 10 30.15 37.06 -19.56
C ASN UC 10 28.66 37.22 -19.35
N ASN UC 11 27.92 37.71 -20.35
CA ASN UC 11 26.48 37.81 -20.25
C ASN UC 11 25.79 36.46 -20.20
N TYR UC 12 26.30 35.47 -20.91
CA TYR UC 12 25.69 34.14 -20.91
C TYR UC 12 26.13 33.29 -19.73
N ASP UC 13 27.18 33.69 -19.02
CA ASP UC 13 27.65 32.94 -17.88
C ASP UC 13 26.91 33.24 -16.59
N VAL UC 14 26.52 34.49 -16.33
CA VAL UC 14 25.85 34.82 -15.09
C VAL UC 14 24.49 34.14 -14.99
N GLN UC 15 23.85 33.86 -16.13
CA GLN UC 15 22.61 33.12 -16.17
C GLN UC 15 22.82 31.64 -16.48
N GLY UC 16 24.06 31.18 -16.61
CA GLY UC 16 24.35 29.77 -16.70
C GLY UC 16 23.76 29.01 -17.87
N LYS UC 17 23.88 29.55 -19.07
CA LYS UC 17 23.35 28.90 -20.26
C LYS UC 17 24.45 28.68 -21.27
N TYR UC 18 24.28 27.66 -22.10
CA TYR UC 18 25.21 27.42 -23.19
C TYR UC 18 24.97 28.44 -24.29
N LEU UC 19 25.96 28.59 -25.17
CA LEU UC 19 25.86 29.57 -26.25
C LEU UC 19 24.80 29.12 -27.24
N ASP UC 20 23.71 29.89 -27.33
CA ASP UC 20 22.59 29.56 -28.20
C ASP UC 20 22.72 30.31 -29.53
N GLY UC 21 21.63 30.29 -30.32
CA GLY UC 21 21.67 30.88 -31.65
C GLY UC 21 21.92 32.37 -31.65
N ALA UC 22 21.33 33.08 -30.68
CA ALA UC 22 21.53 34.53 -30.62
C ALA UC 22 22.98 34.89 -30.32
N ALA UC 23 23.59 34.17 -29.38
CA ALA UC 23 24.99 34.40 -29.06
C ALA UC 23 25.88 34.07 -30.26
N LEU UC 24 25.58 32.97 -30.95
CA LEU UC 24 26.35 32.61 -32.12
C LEU UC 24 26.14 33.59 -33.27
N ASP UC 25 24.99 34.26 -33.33
CA ASP UC 25 24.78 35.31 -34.32
C ASP UC 25 25.59 36.56 -34.00
N LYS UC 26 25.64 36.95 -32.73
CA LYS UC 26 26.43 38.12 -32.35
C LYS UC 26 27.91 37.87 -32.59
N LEU UC 27 28.41 36.70 -32.18
CA LEU UC 27 29.81 36.37 -32.41
C LEU UC 27 30.09 36.25 -33.91
N LYS UC 28 29.14 35.71 -34.67
CA LYS UC 28 29.32 35.60 -36.11
C LYS UC 28 29.39 36.97 -36.76
N ALA UC 29 28.55 37.91 -36.30
CA ALA UC 29 28.59 39.26 -36.83
C ALA UC 29 29.93 39.93 -36.56
N TYR UC 30 30.45 39.77 -35.34
CA TYR UC 30 31.76 40.35 -35.04
C TYR UC 30 32.85 39.70 -35.89
N PHE UC 31 32.78 38.38 -36.07
CA PHE UC 31 33.80 37.70 -36.87
C PHE UC 31 33.73 38.11 -38.32
N THR UC 32 32.54 38.38 -38.84
CA THR UC 32 32.41 38.87 -40.21
C THR UC 32 32.91 40.31 -40.34
N THR UC 33 32.77 41.12 -39.30
CA THR UC 33 33.28 42.49 -39.33
C THR UC 33 34.67 42.59 -38.70
N GLY UC 34 35.48 41.55 -38.85
CA GLY UC 34 36.78 41.48 -38.21
C GLY UC 34 37.97 41.88 -39.04
N ALA UC 35 37.78 42.16 -40.33
CA ALA UC 35 38.89 42.57 -41.19
C ALA UC 35 38.96 44.06 -41.43
N VAL UC 36 37.81 44.70 -41.64
CA VAL UC 36 37.78 46.15 -41.80
C VAL UC 36 38.28 46.84 -40.54
N ARG UC 37 37.97 46.28 -39.36
CA ARG UC 37 38.48 46.82 -38.12
C ARG UC 37 40.00 46.80 -38.08
N VAL UC 38 40.59 45.67 -38.47
CA VAL UC 38 42.04 45.54 -38.45
C VAL UC 38 42.69 46.49 -39.44
N ARG UC 39 42.10 46.62 -40.63
CA ARG UC 39 42.66 47.51 -41.64
C ARG UC 39 42.56 48.96 -41.19
N ALA UC 40 41.42 49.36 -40.64
CA ALA UC 40 41.24 50.75 -40.23
C ALA UC 40 42.08 51.09 -39.02
N ALA UC 41 42.40 50.09 -38.18
CA ALA UC 41 43.33 50.35 -37.08
C ALA UC 41 44.71 50.74 -37.60
N ALA UC 42 45.21 50.02 -38.59
CA ALA UC 42 46.50 50.37 -39.19
C ALA UC 42 46.43 51.69 -39.91
N VAL UC 43 45.29 52.00 -40.53
CA VAL UC 43 45.15 53.29 -41.21
C VAL UC 43 45.16 54.43 -40.20
N ILE UC 44 44.51 54.25 -39.05
CA ILE UC 44 44.53 55.26 -38.00
C ILE UC 44 45.95 55.44 -37.47
N SER UC 45 46.64 54.32 -37.25
CA SER UC 45 48.07 54.36 -36.99
C SER UC 45 48.78 54.86 -38.25
N SER UC 46 50.08 55.15 -38.13
CA SER UC 46 50.86 55.81 -39.18
C SER UC 46 50.41 57.26 -39.38
N ASN UC 47 49.18 57.45 -39.88
CA ASN UC 47 48.62 58.78 -40.06
C ASN UC 47 48.02 59.36 -38.79
N ALA UC 48 48.34 58.80 -37.62
CA ALA UC 48 47.89 59.33 -36.34
C ALA UC 48 48.27 60.80 -36.14
N THR UC 49 49.55 61.13 -36.31
CA THR UC 49 50.01 62.48 -35.98
C THR UC 49 49.39 63.55 -36.88
N THR UC 50 49.28 63.27 -38.18
CA THR UC 50 48.64 64.22 -39.08
C THR UC 50 47.17 64.36 -38.76
N ILE UC 51 46.55 63.27 -38.30
CA ILE UC 51 45.15 63.33 -37.87
C ILE UC 51 45.00 64.28 -36.70
N ILE UC 52 45.90 64.16 -35.70
CA ILE UC 52 45.84 65.03 -34.53
C ILE UC 52 46.07 66.48 -34.92
N LYS UC 53 47.05 66.72 -35.80
CA LYS UC 53 47.35 68.09 -36.22
C LYS UC 53 46.17 68.71 -36.96
N GLU UC 54 45.56 67.95 -37.86
CA GLU UC 54 44.41 68.47 -38.61
C GLU UC 54 43.23 68.72 -37.69
N ALA UC 55 42.99 67.82 -36.73
CA ALA UC 55 41.89 68.00 -35.80
C ALA UC 55 42.11 69.22 -34.92
N ALA UC 56 43.35 69.42 -34.48
CA ALA UC 56 43.68 70.58 -33.65
C ALA UC 56 43.46 71.87 -34.42
N ALA UC 57 43.92 71.91 -35.68
CA ALA UC 57 43.72 73.08 -36.51
C ALA UC 57 42.24 73.33 -36.76
N LYS UC 58 41.47 72.28 -37.00
CA LYS UC 58 40.05 72.40 -37.29
C LYS UC 58 39.23 72.85 -36.10
N ALA UC 59 39.53 72.40 -34.89
CA ALA UC 59 38.67 72.70 -33.75
C ALA UC 59 39.35 73.59 -32.71
N LEU UC 60 40.52 73.16 -32.21
CA LEU UC 60 41.09 73.79 -31.03
C LEU UC 60 41.70 75.15 -31.35
N ILE UC 61 42.70 75.16 -32.23
CA ILE UC 61 43.43 76.38 -32.57
C ILE UC 61 42.47 77.32 -33.31
N TYR UC 62 42.86 78.60 -33.44
CA TYR UC 62 42.02 79.62 -34.06
C TYR UC 62 40.77 79.86 -33.23
N SER UC 63 40.98 80.09 -31.94
CA SER UC 63 39.91 80.36 -31.00
C SER UC 63 40.45 81.02 -29.75
N ASP UC 64 39.64 81.10 -28.70
CA ASP UC 64 40.08 81.68 -27.43
C ASP UC 64 41.07 80.79 -26.70
N LEU UC 65 41.19 79.52 -27.07
CA LEU UC 65 42.09 78.61 -26.39
C LEU UC 65 43.56 78.95 -26.59
N THR UC 66 43.89 79.75 -27.60
CA THR UC 66 45.28 80.12 -27.88
C THR UC 66 45.62 81.53 -27.41
N ARG UC 67 44.63 82.41 -27.30
CA ARG UC 67 44.89 83.76 -26.84
C ARG UC 67 45.20 83.75 -25.34
N PRO UC 68 45.72 84.87 -24.81
CA PRO UC 68 46.03 84.94 -23.37
C PRO UC 68 44.83 84.67 -22.46
N GLY UC 69 44.97 83.67 -21.61
CA GLY UC 69 43.88 83.27 -20.74
C GLY UC 69 43.37 81.88 -21.04
N GLY UC 70 43.49 81.46 -22.30
CA GLY UC 70 43.05 80.15 -22.71
C GLY UC 70 43.80 79.03 -22.02
N MEN UC 71 43.32 77.80 -22.18
CA MEN UC 71 43.93 76.66 -21.54
C MEN UC 71 44.88 75.94 -22.47
O MEN UC 71 45.22 74.77 -22.34
CB MEN UC 71 42.94 75.60 -21.01
CG MEN UC 71 43.49 75.03 -19.73
OD1 MEN UC 71 43.13 73.91 -19.33
ND2 MEN UC 71 44.41 75.78 -19.03
CE2 MEN UC 71 45.01 75.35 -17.80
N MET UC 72 45.32 76.69 -23.48
CA MET UC 72 46.29 76.21 -24.45
C MET UC 72 47.04 77.44 -24.91
N TYR UC 73 47.10 78.43 -24.01
CA TYR UC 73 47.67 79.72 -24.35
C TYR UC 73 49.15 79.60 -24.68
N THR UC 74 49.92 79.00 -23.79
CA THR UC 74 51.34 78.83 -24.00
C THR UC 74 51.63 77.40 -24.42
N THR UC 75 52.87 77.15 -24.78
CA THR UC 75 53.31 75.77 -24.90
C THR UC 75 53.45 75.19 -23.48
N ARG UC 76 53.50 73.86 -23.44
CA ARG UC 76 53.28 72.98 -22.29
C ARG UC 76 51.80 72.88 -21.90
N ARG UC 77 51.01 73.92 -22.17
CA ARG UC 77 49.57 73.77 -22.22
C ARG UC 77 49.15 73.29 -23.59
N TYR UC 78 49.80 73.81 -24.62
CA TYR UC 78 49.70 73.25 -25.95
C TYR UC 78 50.25 71.82 -25.97
N ALA UC 79 51.34 71.59 -25.24
CA ALA UC 79 51.96 70.27 -25.17
C ALA UC 79 51.12 69.26 -24.41
N ALA UC 80 50.34 69.70 -23.41
CA ALA UC 80 49.40 68.78 -22.77
C ALA UC 80 48.30 68.34 -23.74
N CYS UC 81 48.04 69.15 -24.77
CA CYS UC 81 47.31 68.71 -25.96
C CYS UC 81 48.30 68.10 -26.96
N ILE UC 82 47.79 67.34 -27.93
CA ILE UC 82 48.53 66.37 -28.77
C ILE UC 82 48.70 65.09 -27.95
N ARG UC 83 49.28 65.24 -26.76
CA ARG UC 83 48.89 64.50 -25.56
C ARG UC 83 47.48 65.00 -25.16
N ASP UC 84 46.91 64.52 -24.07
CA ASP UC 84 45.45 64.46 -23.92
C ASP UC 84 44.79 63.76 -25.11
N MET UC 85 44.82 64.37 -26.29
CA MET UC 85 44.82 63.62 -27.54
C MET UC 85 46.05 62.69 -27.61
N ASP UC 86 46.12 61.93 -28.69
CA ASP UC 86 46.83 60.64 -28.86
C ASP UC 86 46.29 59.50 -27.99
N TYR UC 87 45.73 59.85 -26.82
CA TYR UC 87 44.57 59.23 -26.22
C TYR UC 87 43.38 59.85 -26.92
N PHE UC 88 42.25 59.14 -26.94
CA PHE UC 88 41.02 59.38 -27.71
C PHE UC 88 41.21 58.99 -29.18
N LEU UC 89 42.46 59.00 -29.63
CA LEU UC 89 43.09 58.04 -30.51
C LEU UC 89 43.74 57.08 -29.51
N ARG UC 90 44.70 56.28 -29.93
CA ARG UC 90 45.11 55.08 -29.20
C ARG UC 90 43.92 54.28 -28.66
N TYR UC 91 43.31 54.76 -27.58
CA TYR UC 91 41.99 54.30 -27.21
C TYR UC 91 40.99 54.74 -28.27
N ALA UC 92 39.97 53.89 -28.45
CA ALA UC 92 38.98 53.88 -29.53
C ALA UC 92 39.55 53.36 -30.84
N THR UC 93 40.87 53.36 -30.99
CA THR UC 93 41.50 52.44 -31.93
C THR UC 93 41.55 51.05 -31.32
N TYR UC 94 41.78 51.00 -30.01
CA TYR UC 94 41.58 49.75 -29.27
C TYR UC 94 40.12 49.33 -29.32
N ALA UC 95 39.21 50.30 -29.20
CA ALA UC 95 37.79 49.99 -29.25
C ALA UC 95 37.38 49.44 -30.60
N MET UC 96 37.85 50.05 -31.69
CA MET UC 96 37.56 49.52 -33.01
C MET UC 96 38.69 48.56 -33.41
N LEU UC 97 39.10 47.75 -32.46
CA LEU UC 97 39.81 46.50 -32.72
C LEU UC 97 39.28 45.38 -31.85
N ALA UC 98 38.66 45.71 -30.72
CA ALA UC 98 38.06 44.75 -29.82
C ALA UC 98 36.66 45.25 -29.48
N GLY UC 99 35.91 45.61 -30.53
CA GLY UC 99 34.78 46.51 -30.46
C GLY UC 99 33.73 46.30 -29.40
N ASP UC 100 33.77 47.21 -28.44
CA ASP UC 100 32.89 47.35 -27.30
C ASP UC 100 33.29 48.64 -26.61
N PRO UC 101 32.35 49.40 -26.03
CA PRO UC 101 32.73 50.62 -25.32
C PRO UC 101 33.71 50.38 -24.18
N SER UC 102 33.32 49.54 -23.22
CA SER UC 102 34.09 48.94 -22.13
C SER UC 102 35.44 49.56 -21.79
N ILE UC 103 36.40 49.41 -22.71
CA ILE UC 103 37.74 49.96 -22.54
C ILE UC 103 37.66 51.48 -22.44
N LEU UC 104 36.84 52.09 -23.29
CA LEU UC 104 36.67 53.54 -23.29
C LEU UC 104 36.06 54.05 -22.01
N ASP UC 105 35.29 53.23 -21.30
CA ASP UC 105 34.72 53.64 -20.03
C ASP UC 105 35.62 53.34 -18.84
N GLU UC 106 36.42 52.28 -18.93
CA GLU UC 106 37.25 51.86 -17.82
C GLU UC 106 38.61 52.54 -17.76
N ARG UC 107 39.20 52.88 -18.91
CA ARG UC 107 40.54 53.44 -18.89
C ARG UC 107 40.57 54.93 -19.20
N VAL UC 108 39.83 55.39 -20.20
CA VAL UC 108 39.93 56.79 -20.59
C VAL UC 108 38.81 57.60 -19.95
N LEU UC 109 37.56 57.23 -20.22
CA LEU UC 109 36.44 58.07 -19.81
C LEU UC 109 35.90 57.61 -18.46
N ASN UC 110 36.61 57.93 -17.39
CA ASN UC 110 36.17 57.56 -16.05
C ASN UC 110 36.85 58.44 -15.02
N GLY UC 111 36.16 59.44 -14.50
CA GLY UC 111 36.77 60.45 -13.67
C GLY UC 111 37.49 61.52 -14.45
N LEU UC 112 37.48 61.44 -15.78
CA LEU UC 112 38.11 62.44 -16.61
C LEU UC 112 37.45 63.80 -16.42
N LYS UC 113 36.13 63.80 -16.24
CA LYS UC 113 35.42 65.05 -15.96
C LYS UC 113 35.89 65.65 -14.64
N GLU UC 114 36.10 64.81 -13.63
CA GLU UC 114 36.60 65.31 -12.35
C GLU UC 114 37.99 65.89 -12.48
N THR UC 115 38.87 65.20 -13.20
CA THR UC 115 40.24 65.69 -13.39
C THR UC 115 40.23 67.01 -14.16
N TYR UC 116 39.41 67.09 -15.20
CA TYR UC 116 39.34 68.32 -15.98
C TYR UC 116 38.75 69.46 -15.15
N ASN UC 117 37.74 69.16 -14.33
CA ASN UC 117 37.17 70.19 -13.46
C ASN UC 117 38.17 70.68 -12.44
N SER UC 118 39.07 69.81 -11.98
CA SER UC 118 40.11 70.24 -11.04
C SER UC 118 41.31 70.88 -11.73
N LEU UC 119 41.45 70.74 -13.05
CA LEU UC 119 42.60 71.28 -13.75
C LEU UC 119 42.26 72.38 -14.76
N GLY UC 120 41.01 72.80 -14.83
CA GLY UC 120 40.60 73.76 -15.85
C GLY UC 120 40.04 73.07 -17.08
N VAL UC 121 40.79 73.09 -18.17
CA VAL UC 121 40.66 72.19 -19.33
C VAL UC 121 39.24 72.16 -19.88
N PRO UC 122 38.86 73.12 -20.74
CA PRO UC 122 37.49 73.23 -21.25
C PRO UC 122 36.98 71.94 -21.88
N ILE UC 123 35.94 71.37 -21.26
CA ILE UC 123 35.40 70.09 -21.70
C ILE UC 123 34.71 70.23 -23.06
N ALA UC 124 34.02 71.34 -23.29
CA ALA UC 124 33.40 71.56 -24.59
C ALA UC 124 34.44 71.63 -25.70
N ALA UC 125 35.56 72.30 -25.42
CA ALA UC 125 36.65 72.36 -26.39
C ALA UC 125 37.24 70.98 -26.65
N THR UC 126 37.42 70.19 -25.59
CA THR UC 126 38.05 68.89 -25.80
C THR UC 126 37.07 67.88 -26.40
N VAL UC 127 35.78 68.19 -26.42
CA VAL UC 127 34.80 67.39 -27.13
C VAL UC 127 34.70 67.81 -28.59
N GLY UC 128 34.83 69.11 -28.87
CA GLY UC 128 34.93 69.55 -30.27
C GLY UC 128 36.17 69.00 -30.93
N GLY UC 129 37.29 68.96 -30.21
CA GLY UC 129 38.48 68.30 -30.71
C GLY UC 129 38.27 66.83 -31.01
N ILE UC 130 37.47 66.14 -30.20
CA ILE UC 130 37.15 64.74 -30.47
C ILE UC 130 36.35 64.60 -31.75
N GLN UC 131 35.35 65.46 -31.94
CA GLN UC 131 34.55 65.38 -33.16
C GLN UC 131 35.37 65.72 -34.40
N ALA UC 132 36.34 66.62 -34.27
CA ALA UC 132 37.22 66.91 -35.40
C ALA UC 132 38.01 65.67 -35.82
N MET UC 133 38.57 64.94 -34.85
CA MET UC 133 39.26 63.71 -35.18
C MET UC 133 38.30 62.67 -35.73
N LYS UC 134 37.05 62.68 -35.27
CA LYS UC 134 36.04 61.79 -35.85
C LYS UC 134 35.88 62.05 -37.34
N GLU UC 135 35.77 63.33 -37.71
CA GLU UC 135 35.64 63.69 -39.12
C GLU UC 135 36.89 63.27 -39.91
N VAL UC 136 38.07 63.54 -39.36
CA VAL UC 136 39.30 63.26 -40.12
C VAL UC 136 39.52 61.76 -40.29
N VAL UC 137 39.21 60.97 -39.24
CA VAL UC 137 39.35 59.53 -39.36
C VAL UC 137 38.28 58.95 -40.27
N GLY UC 138 37.06 59.50 -40.26
CA GLY UC 138 36.07 59.05 -41.23
C GLY UC 138 36.50 59.33 -42.65
N GLY UC 139 37.16 60.46 -42.87
CA GLY UC 139 37.70 60.76 -44.18
C GLY UC 139 38.80 59.81 -44.60
N LEU UC 140 39.73 59.53 -43.68
CA LEU UC 140 40.90 58.73 -44.05
C LEU UC 140 40.58 57.25 -44.17
N VAL UC 141 39.73 56.73 -43.30
CA VAL UC 141 39.59 55.28 -43.17
C VAL UC 141 38.84 54.66 -44.35
N GLY UC 142 37.74 55.27 -44.79
CA GLY UC 142 36.98 54.71 -45.88
C GLY UC 142 35.48 54.88 -45.70
N PRO UC 143 34.71 54.40 -46.68
CA PRO UC 143 33.26 54.62 -46.63
C PRO UC 143 32.56 53.78 -45.56
N ASP UC 144 32.81 52.47 -45.57
CA ASP UC 144 32.10 51.58 -44.66
C ASP UC 144 32.73 51.61 -43.27
N ALA UC 145 34.06 51.71 -43.21
CA ALA UC 145 34.73 51.73 -41.92
C ALA UC 145 34.73 53.11 -41.29
N ALA UC 146 34.18 54.12 -41.99
CA ALA UC 146 33.90 55.40 -41.33
C ALA UC 146 32.95 55.20 -40.18
N LYS UC 147 31.91 54.39 -40.38
CA LYS UC 147 31.10 53.94 -39.27
C LYS UC 147 31.85 52.87 -38.48
N GLU UC 148 31.38 52.70 -37.24
CA GLU UC 148 31.85 52.05 -36.00
C GLU UC 148 33.05 52.80 -35.42
N ALA UC 149 33.82 53.49 -36.27
CA ALA UC 149 34.77 54.46 -35.73
C ALA UC 149 34.02 55.70 -35.31
N SER UC 150 33.06 56.13 -36.13
CA SER UC 150 32.16 57.19 -35.72
C SER UC 150 31.38 56.80 -34.48
N ILE UC 151 31.04 55.51 -34.35
CA ILE UC 151 30.32 55.04 -33.17
C ILE UC 151 31.16 55.20 -31.91
N TYR UC 152 32.41 54.72 -31.94
CA TYR UC 152 33.23 54.80 -30.75
C TYR UC 152 33.62 56.23 -30.41
N PHE UC 153 33.88 57.07 -31.43
CA PHE UC 153 34.17 58.46 -31.16
C PHE UC 153 32.96 59.18 -30.58
N ASP UC 154 31.76 58.89 -31.10
CA ASP UC 154 30.55 59.50 -30.55
C ASP UC 154 30.32 59.04 -29.12
N TYR UC 155 30.59 57.77 -28.83
CA TYR UC 155 30.47 57.27 -27.46
C TYR UC 155 31.42 58.02 -26.54
N LEU UC 156 32.67 58.21 -26.97
CA LEU UC 156 33.64 58.94 -26.16
C LEU UC 156 33.19 60.37 -25.90
N SER UC 157 32.76 61.07 -26.94
CA SER UC 157 32.34 62.46 -26.79
C SER UC 157 31.11 62.57 -25.90
N SER UC 158 30.12 61.71 -26.11
CA SER UC 158 28.89 61.74 -25.33
C SER UC 158 29.15 61.42 -23.87
N GLY UC 159 29.99 60.43 -23.60
CA GLY UC 159 30.34 60.08 -22.24
C GLY UC 159 31.08 61.19 -21.54
N LEU UC 160 32.00 61.84 -22.24
CA LEU UC 160 32.73 62.95 -21.64
C LEU UC 160 31.78 64.11 -21.34
N SER UC 161 30.85 64.38 -22.25
CA SER UC 161 29.87 65.43 -22.04
C SER UC 161 28.51 64.84 -21.71
N SER VC 2 -0.99 89.56 12.37
CA SER VC 2 -1.45 88.25 12.80
C SER VC 2 -2.97 88.19 12.81
N ARG VC 3 -3.54 87.68 11.73
CA ARG VC 3 -4.98 87.54 11.60
C ARG VC 3 -5.34 86.07 11.46
N TYR VC 4 -6.60 85.75 11.73
CA TYR VC 4 -7.08 84.39 11.60
C TYR VC 4 -8.39 84.40 10.83
N PHE VC 5 -8.95 83.21 10.64
CA PHE VC 5 -10.22 83.04 9.97
C PHE VC 5 -11.04 81.97 10.67
N LYS VC 6 -12.31 82.30 10.94
CA LYS VC 6 -13.27 81.36 11.46
C LYS VC 6 -14.07 80.79 10.30
N VAL VC 7 -13.81 79.54 9.95
CA VAL VC 7 -14.37 78.97 8.73
C VAL VC 7 -15.23 77.77 9.07
N THR VC 8 -16.42 77.74 8.49
CA THR VC 8 -17.31 76.59 8.56
C THR VC 8 -17.46 76.04 7.16
N ALA VC 9 -17.20 74.73 7.00
CA ALA VC 9 -17.22 74.10 5.70
C ALA VC 9 -17.72 72.67 5.83
N CYS VC 10 -18.25 72.15 4.72
CA CYS VC 10 -18.76 70.79 4.64
C CYS VC 10 -18.12 70.09 3.44
N ILE VC 11 -17.35 69.05 3.71
CA ILE VC 11 -16.62 68.32 2.69
C ILE VC 11 -17.25 66.94 2.56
N PRO VC 12 -17.93 66.63 1.46
CA PRO VC 12 -18.43 65.27 1.26
C PRO VC 12 -17.43 64.41 0.50
N SER VC 13 -17.20 63.19 0.99
CA SER VC 13 -16.30 62.24 0.32
C SER VC 13 -17.17 61.26 -0.46
N LEU VC 14 -17.17 61.40 -1.78
CA LEU VC 14 -18.08 60.63 -2.60
C LEU VC 14 -17.59 59.21 -2.84
N LYS VC 15 -16.40 59.05 -3.42
CA LYS VC 15 -15.95 57.76 -3.92
C LYS VC 15 -15.25 56.89 -2.89
N ARG VC 16 -14.99 57.38 -1.69
CA ARG VC 16 -14.26 56.58 -0.72
C ARG VC 16 -15.18 55.59 0.00
N VAL VC 17 -16.29 56.08 0.56
CA VAL VC 17 -17.17 55.30 1.43
C VAL VC 17 -16.38 54.84 2.64
N ARG VC 18 -16.39 55.62 3.71
CA ARG VC 18 -15.60 55.37 4.91
C ARG VC 18 -16.47 54.63 5.92
N THR VC 19 -15.88 53.64 6.59
CA THR VC 19 -16.69 52.72 7.40
C THR VC 19 -17.06 53.32 8.75
N GLY VC 20 -16.21 54.18 9.32
CA GLY VC 20 -16.43 54.59 10.69
C GLY VC 20 -16.34 56.06 11.04
N ARG VC 21 -17.46 56.64 11.48
CA ARG VC 21 -17.56 57.97 12.07
C ARG VC 21 -16.84 59.11 11.35
N GLU VC 22 -17.38 59.56 10.23
CA GLU VC 22 -16.85 60.75 9.57
C GLU VC 22 -17.77 61.99 9.66
N LEU VC 23 -18.61 62.10 10.71
CA LEU VC 23 -19.09 63.46 11.04
C LEU VC 23 -17.95 64.45 11.23
N GLN VC 24 -16.96 64.16 12.09
CA GLN VC 24 -15.93 65.15 12.40
C GLN VC 24 -15.05 65.51 11.22
N ASN VC 25 -15.05 64.67 10.17
CA ASN VC 25 -14.26 64.95 8.98
C ASN VC 25 -15.07 65.66 7.90
N THR VC 26 -16.36 65.32 7.77
CA THR VC 26 -17.14 65.91 6.68
C THR VC 26 -17.49 67.36 6.96
N PHE VC 27 -18.22 67.63 8.05
CA PHE VC 27 -18.70 68.96 8.37
C PHE VC 27 -17.94 69.48 9.58
N PHE VC 28 -17.32 70.64 9.45
CA PHE VC 28 -16.51 71.14 10.56
C PHE VC 28 -16.35 72.64 10.47
N THR VC 29 -16.09 73.25 11.62
CA THR VC 29 -15.71 74.65 11.75
C THR VC 29 -14.35 74.70 12.42
N LYS VC 30 -13.46 75.56 11.91
CA LYS VC 30 -12.11 75.60 12.45
C LYS VC 30 -11.54 77.00 12.25
N LEU VC 31 -10.54 77.31 13.08
CA LEU VC 31 -9.77 78.54 12.95
C LEU VC 31 -8.59 78.30 12.02
N VAL VC 32 -8.35 79.23 11.11
CA VAL VC 32 -7.22 79.11 10.19
C VAL VC 32 -6.49 80.44 10.14
N PRO VC 33 -5.17 80.46 10.06
CA PRO VC 33 -4.44 81.72 9.91
C PRO VC 33 -4.74 82.37 8.57
N TYR VC 34 -4.48 83.68 8.51
CA TYR VC 34 -4.73 84.41 7.27
C TYR VC 34 -3.86 83.90 6.13
N GLU VC 35 -2.59 83.63 6.40
CA GLU VC 35 -1.66 83.23 5.36
C GLU VC 35 -1.92 81.82 4.82
N ASN VC 36 -2.76 81.03 5.49
CA ASN VC 36 -3.08 79.69 5.04
C ASN VC 36 -4.53 79.56 4.58
N TRP VC 37 -5.32 80.63 4.66
CA TRP VC 37 -6.72 80.54 4.27
C TRP VC 37 -6.86 80.27 2.77
N PHE VC 38 -5.94 80.80 1.96
CA PHE VC 38 -5.99 80.54 0.53
C PHE VC 38 -5.83 79.05 0.24
N THR VC 39 -4.80 78.43 0.80
CA THR VC 39 -4.58 77.01 0.58
C THR VC 39 -5.70 76.16 1.16
N GLU VC 40 -6.20 76.54 2.35
CA GLU VC 40 -7.30 75.77 2.95
C GLU VC 40 -8.57 75.87 2.12
N GLN VC 41 -8.88 77.06 1.61
CA GLN VC 41 -10.06 77.23 0.76
C GLN VC 41 -9.91 76.43 -0.53
N GLN VC 42 -8.73 76.47 -1.14
CA GLN VC 42 -8.54 75.72 -2.37
C GLN VC 42 -8.57 74.21 -2.12
N ARG VC 43 -8.12 73.75 -0.95
CA ARG VC 43 -8.26 72.35 -0.60
C ARG VC 43 -9.73 71.95 -0.50
N ILE VC 44 -10.55 72.83 0.09
CA ILE VC 44 -11.98 72.53 0.23
C ILE VC 44 -12.65 72.52 -1.14
N GLN VC 45 -12.29 73.46 -2.01
CA GLN VC 45 -12.94 73.55 -3.31
C GLN VC 45 -12.63 72.33 -4.18
N LYS VC 46 -11.36 71.91 -4.21
CA LYS VC 46 -10.97 70.82 -5.09
C LYS VC 46 -11.52 69.47 -4.66
N ALA VC 47 -12.02 69.35 -3.43
CA ALA VC 47 -12.63 68.10 -2.96
C ALA VC 47 -14.14 68.13 -3.08
N GLY VC 48 -14.69 69.14 -3.75
CA GLY VC 48 -16.13 69.25 -3.89
C GLY VC 48 -16.85 69.80 -2.69
N GLY VC 49 -16.13 70.31 -1.70
CA GLY VC 49 -16.77 70.82 -0.50
C GLY VC 49 -17.45 72.15 -0.73
N LYS VC 50 -18.24 72.54 0.26
CA LYS VC 50 -18.94 73.82 0.25
C LYS VC 50 -18.48 74.63 1.46
N VAL VC 51 -18.11 75.88 1.22
CA VAL VC 51 -17.67 76.79 2.27
C VAL VC 51 -18.89 77.52 2.79
N LEU VC 52 -19.45 77.05 3.91
CA LEU VC 52 -20.67 77.66 4.42
C LEU VC 52 -20.42 79.08 4.93
N SER VC 53 -19.38 79.29 5.74
CA SER VC 53 -19.23 80.62 6.31
C SER VC 53 -17.78 80.95 6.58
N VAL VC 54 -17.46 82.25 6.53
CA VAL VC 54 -16.14 82.77 6.80
C VAL VC 54 -16.28 84.02 7.65
N LYS VC 55 -15.49 84.12 8.72
CA LYS VC 55 -15.48 85.27 9.62
C LYS VC 55 -14.05 85.70 9.86
N LEU VC 56 -13.84 86.99 10.09
CA LEU VC 56 -12.49 87.47 10.35
C LEU VC 56 -11.99 86.99 11.71
N PHE VC 57 -12.67 87.40 12.78
CA PHE VC 57 -12.51 86.86 14.13
C PHE VC 57 -11.20 87.28 14.83
N THR VC 58 -10.27 87.89 14.13
CA THR VC 58 -9.01 88.27 14.77
C THR VC 58 -8.54 89.67 14.45
N GLY VC 59 -8.70 90.14 13.22
CA GLY VC 59 -8.07 91.36 12.76
C GLY VC 59 -9.02 92.54 12.64
N VAL VC 60 -8.56 93.55 11.92
CA VAL VC 60 -9.32 94.75 11.65
C VAL VC 60 -9.39 94.92 10.14
N GLN VC 61 -10.48 95.54 9.66
CA GLN VC 61 -10.85 95.48 8.25
C GLN VC 61 -9.79 96.12 7.35
N GLY VC 62 -9.27 97.28 7.72
CA GLY VC 62 -8.40 98.01 6.83
C GLY VC 62 -7.04 98.37 7.39
N ALA VC 63 -6.44 97.47 8.16
CA ALA VC 63 -5.17 97.75 8.83
C ALA VC 63 -4.04 97.80 7.81
N ASN VC 64 -3.39 98.96 7.71
CA ASN VC 64 -2.16 99.04 6.92
C ASN VC 64 -0.98 98.46 7.68
N THR VC 65 -0.93 98.66 9.00
CA THR VC 65 0.15 98.17 9.82
C THR VC 65 -0.40 97.34 10.97
N GLY VC 66 0.50 96.67 11.69
CA GLY VC 66 0.12 95.82 12.79
C GLY VC 66 -0.45 94.48 12.37
N VAL VC 67 -0.31 94.12 11.09
CA VAL VC 67 -0.91 92.89 10.60
C VAL VC 67 0.17 91.88 10.24
N GLY VC 68 1.42 92.15 10.62
CA GLY VC 68 2.54 91.30 10.28
C GLY VC 68 2.43 89.86 10.76
N ALA VC 69 2.91 88.93 9.94
CA ALA VC 69 2.85 87.51 10.28
C ALA VC 69 3.76 87.21 11.48
N SER WC 2 31.96 -35.45 -76.86
CA SER WC 2 31.59 -35.75 -75.48
C SER WC 2 32.76 -36.31 -74.69
N ARG WC 3 33.47 -35.43 -73.99
CA ARG WC 3 34.60 -35.81 -73.17
C ARG WC 3 34.33 -35.43 -71.71
N TYR WC 4 34.95 -36.17 -70.81
CA TYR WC 4 34.82 -35.91 -69.39
C TYR WC 4 36.19 -35.79 -68.76
N PHE WC 5 36.22 -35.47 -67.48
CA PHE WC 5 37.45 -35.38 -66.72
C PHE WC 5 37.25 -36.03 -65.36
N LYS WC 6 38.20 -36.88 -64.99
CA LYS WC 6 38.22 -37.53 -63.69
C LYS WC 6 39.23 -36.82 -62.82
N VAL WC 7 38.73 -36.02 -61.87
CA VAL WC 7 39.59 -35.08 -61.15
C VAL WC 7 39.54 -35.38 -59.67
N THR WC 8 40.71 -35.36 -59.05
CA THR WC 8 40.86 -35.44 -57.60
C THR WC 8 41.44 -34.13 -57.11
N ALA WC 9 40.79 -33.53 -56.11
CA ALA WC 9 41.21 -32.24 -55.59
C ALA WC 9 40.92 -32.16 -54.11
N CYS WC 10 41.65 -31.28 -53.43
CA CYS WC 10 41.51 -31.05 -52.00
C CYS WC 10 41.29 -29.57 -51.76
N ILE WC 11 40.16 -29.22 -51.18
CA ILE WC 11 39.75 -27.84 -50.98
C ILE WC 11 39.70 -27.56 -49.48
N PRO WC 12 40.67 -26.87 -48.92
CA PRO WC 12 40.60 -26.53 -47.49
C PRO WC 12 39.90 -25.21 -47.25
N SER WC 13 39.03 -25.15 -46.24
CA SER WC 13 38.33 -23.93 -45.86
C SER WC 13 39.01 -23.37 -44.62
N LEU WC 14 39.56 -22.16 -44.73
CA LEU WC 14 40.36 -21.63 -43.65
C LEU WC 14 39.52 -20.87 -42.63
N LYS WC 15 38.84 -19.79 -43.06
CA LYS WC 15 38.16 -18.90 -42.12
C LYS WC 15 36.74 -19.33 -41.79
N ARG WC 16 36.22 -20.40 -42.39
CA ARG WC 16 34.85 -20.78 -42.11
C ARG WC 16 34.74 -21.49 -40.76
N VAL WC 17 35.51 -22.55 -40.55
CA VAL WC 17 35.39 -23.42 -39.39
C VAL WC 17 33.99 -24.02 -39.35
N ARG WC 18 33.82 -25.19 -39.96
CA ARG WC 18 32.52 -25.84 -40.11
C ARG WC 18 32.37 -26.87 -39.01
N THR WC 19 31.17 -26.95 -38.43
CA THR WC 19 30.99 -27.74 -37.21
C THR WC 19 30.92 -29.24 -37.51
N GLY WC 20 30.27 -29.63 -38.61
CA GLY WC 20 30.02 -31.05 -38.79
C GLY WC 20 30.30 -31.66 -40.15
N ARG WC 21 31.27 -32.57 -40.19
CA ARG WC 21 31.59 -33.43 -41.34
C ARG WC 21 31.69 -32.72 -42.69
N GLU WC 22 32.70 -31.89 -42.88
CA GLU WC 22 33.03 -31.39 -44.21
C GLU WC 22 34.17 -32.18 -44.85
N LEU WC 23 34.36 -33.43 -44.42
CA LEU WC 23 35.40 -34.27 -45.00
C LEU WC 23 35.09 -34.60 -46.45
N GLN WC 24 33.83 -34.87 -46.77
CA GLN WC 24 33.40 -35.10 -48.14
C GLN WC 24 33.42 -33.82 -48.98
N ASN WC 25 33.51 -32.66 -48.34
CA ASN WC 25 33.56 -31.40 -49.06
C ASN WC 25 34.99 -30.96 -49.33
N THR WC 26 35.91 -31.29 -48.42
CA THR WC 26 37.28 -30.81 -48.56
C THR WC 26 38.05 -31.62 -49.60
N PHE WC 27 38.20 -32.91 -49.40
CA PHE WC 27 38.95 -33.78 -50.29
C PHE WC 27 37.96 -34.65 -51.07
N PHE WC 28 37.99 -34.57 -52.39
CA PHE WC 28 37.03 -35.32 -53.17
C PHE WC 28 37.55 -35.59 -54.58
N THR WC 29 37.03 -36.66 -55.16
CA THR WC 29 37.25 -36.99 -56.57
C THR WC 29 35.91 -37.04 -57.27
N LYS WC 30 35.85 -36.47 -58.47
CA LYS WC 30 34.58 -36.38 -59.17
C LYS WC 30 34.81 -36.34 -60.66
N LEU WC 31 33.77 -36.74 -61.40
CA LEU WC 31 33.77 -36.65 -62.85
C LEU WC 31 33.23 -35.29 -63.25
N VAL WC 32 33.88 -34.65 -64.21
CA VAL WC 32 33.42 -33.34 -64.70
C VAL WC 32 33.46 -33.36 -66.23
N PRO WC 33 32.50 -32.72 -66.89
CA PRO WC 33 32.55 -32.65 -68.35
C PRO WC 33 33.71 -31.77 -68.81
N TYR WC 34 34.09 -31.98 -70.08
CA TYR WC 34 35.20 -31.20 -70.63
C TYR WC 34 34.88 -29.71 -70.66
N GLU WC 35 33.67 -29.35 -71.08
CA GLU WC 35 33.33 -27.94 -71.24
C GLU WC 35 33.20 -27.20 -69.91
N ASN WC 36 33.09 -27.92 -68.79
CA ASN WC 36 33.01 -27.29 -67.49
C ASN WC 36 34.28 -27.46 -66.67
N TRP WC 37 35.29 -28.16 -67.21
CA TRP WC 37 36.51 -28.39 -66.45
C TRP WC 37 37.25 -27.10 -66.17
N PHE WC 38 37.19 -26.14 -67.10
CA PHE WC 38 37.87 -24.86 -66.90
C PHE WC 38 37.30 -24.12 -65.69
N THR WC 39 35.97 -23.97 -65.66
CA THR WC 39 35.34 -23.29 -64.53
C THR WC 39 35.51 -24.09 -63.24
N GLU WC 40 35.44 -25.42 -63.30
CA GLU WC 40 35.63 -26.23 -62.10
C GLU WC 40 37.03 -26.08 -61.55
N GLN WC 41 38.04 -26.07 -62.42
CA GLN WC 41 39.41 -25.88 -61.98
C GLN WC 41 39.60 -24.50 -61.37
N GLN WC 42 39.13 -23.46 -62.06
CA GLN WC 42 39.31 -22.11 -61.56
C GLN WC 42 38.54 -21.88 -60.26
N ARG WC 43 37.44 -22.60 -60.04
CA ARG WC 43 36.76 -22.54 -58.76
C ARG WC 43 37.65 -23.10 -57.65
N ILE WC 44 38.35 -24.19 -57.94
CA ILE WC 44 39.24 -24.80 -56.94
C ILE WC 44 40.42 -23.88 -56.66
N GLN WC 45 40.95 -23.22 -57.69
CA GLN WC 45 42.12 -22.36 -57.51
C GLN WC 45 41.80 -21.17 -56.61
N LYS WC 46 40.66 -20.52 -56.84
CA LYS WC 46 40.34 -19.29 -56.12
C LYS WC 46 39.98 -19.55 -54.66
N ALA WC 47 39.76 -20.80 -54.26
CA ALA WC 47 39.46 -21.14 -52.88
C ALA WC 47 40.69 -21.68 -52.15
N GLY WC 48 41.86 -21.60 -52.77
CA GLY WC 48 43.07 -22.10 -52.15
C GLY WC 48 43.24 -23.59 -52.21
N GLY WC 49 42.47 -24.29 -53.03
CA GLY WC 49 42.58 -25.73 -53.11
C GLY WC 49 43.79 -26.17 -53.92
N LYS WC 50 43.96 -27.49 -53.96
CA LYS WC 50 45.04 -28.12 -54.71
C LYS WC 50 44.46 -29.21 -55.59
N VAL WC 51 44.85 -29.21 -56.86
CA VAL WC 51 44.38 -30.18 -57.84
C VAL WC 51 45.36 -31.35 -57.84
N LEU WC 52 45.01 -32.43 -57.14
CA LEU WC 52 45.93 -33.55 -57.02
C LEU WC 52 46.07 -34.30 -58.34
N SER WC 53 44.96 -34.60 -59.01
CA SER WC 53 45.12 -35.43 -60.20
C SER WC 53 44.01 -35.13 -61.21
N VAL WC 54 44.33 -35.36 -62.49
CA VAL WC 54 43.42 -35.17 -63.61
C VAL WC 54 43.59 -36.32 -64.57
N LYS WC 55 42.48 -36.88 -65.05
CA LYS WC 55 42.48 -37.98 -66.00
C LYS WC 55 41.45 -37.70 -67.09
N LEU WC 56 41.68 -38.25 -68.28
CA LEU WC 56 40.71 -38.08 -69.36
C LEU WC 56 39.46 -38.90 -69.11
N PHE WC 57 39.59 -40.22 -69.10
CA PHE WC 57 38.55 -41.15 -68.65
C PHE WC 57 37.39 -41.31 -69.64
N THR WC 58 37.31 -40.46 -70.67
CA THR WC 58 36.23 -40.59 -71.63
C THR WC 58 36.64 -40.52 -73.09
N GLY WC 59 37.58 -39.64 -73.44
CA GLY WC 59 37.87 -39.32 -74.82
C GLY WC 59 39.21 -39.81 -75.31
N VAL WC 60 39.60 -39.32 -76.48
CA VAL WC 60 40.86 -39.63 -77.12
C VAL WC 60 41.64 -38.33 -77.28
N GLN WC 61 42.95 -38.41 -77.10
CA GLN WC 61 43.78 -37.22 -76.96
C GLN WC 61 43.78 -36.36 -78.21
N GLY WC 62 43.85 -36.98 -79.39
CA GLY WC 62 44.00 -36.22 -80.61
C GLY WC 62 42.83 -36.29 -81.56
N ALA WC 63 41.61 -36.21 -81.03
CA ALA WC 63 40.41 -36.33 -81.84
C ALA WC 63 40.09 -34.99 -82.50
N ASN WC 64 39.93 -34.99 -83.82
CA ASN WC 64 39.47 -33.80 -84.51
C ASN WC 64 37.95 -33.77 -84.63
N THR WC 65 37.34 -34.94 -84.83
CA THR WC 65 35.90 -35.07 -84.96
C THR WC 65 35.37 -36.06 -83.95
N GLY WC 66 34.05 -36.11 -83.82
CA GLY WC 66 33.41 -37.00 -82.87
C GLY WC 66 33.54 -36.57 -81.43
N VAL WC 67 33.88 -35.31 -81.18
CA VAL WC 67 34.11 -34.86 -79.82
C VAL WC 67 33.11 -33.77 -79.43
N GLY WC 68 32.10 -33.56 -80.27
CA GLY WC 68 31.13 -32.50 -80.05
C GLY WC 68 30.35 -32.62 -78.76
N ALA WC 69 29.92 -31.49 -78.21
CA ALA WC 69 29.17 -31.47 -76.96
C ALA WC 69 27.82 -32.13 -77.13
N SER XC 2 12.98 11.54 -62.64
CA SER XC 2 11.76 12.07 -63.21
C SER XC 2 11.02 11.03 -64.04
N ILE XC 3 9.72 11.21 -64.18
CA ILE XC 3 8.84 10.26 -64.87
C ILE XC 3 8.79 8.99 -64.04
N ARG XC 4 7.67 8.79 -63.35
CA ARG XC 4 7.52 7.65 -62.45
C ARG XC 4 6.55 6.61 -62.96
N GLY XC 5 5.76 6.93 -63.99
CA GLY XC 5 4.86 5.96 -64.57
C GLY XC 5 4.71 6.22 -66.06
N THR XC 6 4.36 5.15 -66.78
CA THR XC 6 4.17 5.24 -68.21
C THR XC 6 2.92 4.48 -68.61
N SER XC 7 2.20 5.02 -69.58
CA SER XC 7 1.07 4.33 -70.20
C SER XC 7 1.48 3.66 -71.50
N GLY XC 8 2.75 3.72 -71.87
CA GLY XC 8 3.21 3.14 -73.11
C GLY XC 8 2.98 4.06 -74.29
N SER XC 9 3.37 3.56 -75.47
CA SER XC 9 3.20 4.28 -76.72
C SER XC 9 2.31 3.44 -77.63
N THR XC 10 1.96 4.02 -78.77
CA THR XC 10 1.12 3.35 -79.76
C THR XC 10 1.74 3.56 -81.14
N VAL XC 11 1.09 3.01 -82.15
CA VAL XC 11 1.49 3.25 -83.53
C VAL XC 11 0.43 4.13 -84.17
N ALA XC 12 0.63 5.44 -84.10
CA ALA XC 12 -0.36 6.37 -84.63
C ALA XC 12 -0.11 6.63 -86.11
N ARG XC 13 -1.18 6.80 -86.86
CA ARG XC 13 -1.12 7.08 -88.29
C ARG XC 13 -1.88 8.37 -88.57
N PRO XC 14 -1.23 9.52 -88.44
CA PRO XC 14 -1.94 10.78 -88.70
C PRO XC 14 -2.22 10.97 -90.19
N ARG XC 15 -3.26 11.72 -90.51
CA ARG XC 15 -3.66 11.92 -91.90
C ARG XC 15 -2.95 13.15 -92.46
N LEU XC 16 -2.54 13.07 -93.73
CA LEU XC 16 -1.87 14.20 -94.37
C LEU XC 16 -2.80 14.94 -95.31
N PHE XC 17 -3.62 14.19 -96.06
CA PHE XC 17 -4.54 14.78 -97.02
C PHE XC 17 -5.69 13.82 -97.27
N ARG XC 18 -6.76 14.34 -97.86
CA ARG XC 18 -7.99 13.57 -97.99
C ARG XC 18 -7.99 12.72 -99.25
N THR XC 19 -7.93 13.35 -100.41
CA THR XC 19 -7.87 12.68 -101.71
C THR XC 19 -9.05 11.75 -101.94
N VAL XC 20 -10.26 12.35 -101.96
CA VAL XC 20 -11.56 11.77 -102.30
C VAL XC 20 -11.83 10.30 -101.95
N MET XC 21 -10.90 9.38 -102.24
CA MET XC 21 -11.12 7.97 -101.95
C MET XC 21 -11.23 7.72 -100.45
N THR XC 22 -10.30 8.27 -99.69
CA THR XC 22 -10.35 8.12 -98.24
C THR XC 22 -11.59 8.80 -97.66
N GLU XC 23 -11.96 9.95 -98.21
CA GLU XC 23 -13.15 10.65 -97.72
C GLU XC 23 -14.41 9.82 -97.95
N THR XC 24 -14.56 9.26 -99.15
CA THR XC 24 -15.74 8.45 -99.45
C THR XC 24 -15.77 7.18 -98.61
N ILE XC 25 -14.61 6.52 -98.46
CA ILE XC 25 -14.59 5.28 -97.68
C ILE XC 25 -14.87 5.57 -96.21
N ASN XC 26 -14.34 6.67 -95.67
CA ASN XC 26 -14.61 6.99 -94.27
C ASN XC 26 -16.06 7.41 -94.06
N GLY XC 27 -16.64 8.14 -95.02
CA GLY XC 27 -18.05 8.47 -94.92
C GLY XC 27 -18.93 7.24 -94.97
N ILE XC 28 -18.56 6.26 -95.80
CA ILE XC 28 -19.29 5.01 -95.83
C ILE XC 28 -19.13 4.27 -94.51
N ASN XC 29 -17.92 4.26 -93.96
CA ASN XC 29 -17.66 3.51 -92.74
C ASN XC 29 -18.40 4.11 -91.55
N ALA XC 30 -18.52 5.43 -91.49
CA ALA XC 30 -19.15 6.08 -90.36
C ALA XC 30 -20.62 5.70 -90.21
N GLU XC 31 -21.32 5.49 -91.32
CA GLU XC 31 -22.69 4.99 -91.28
C GLU XC 31 -22.75 3.47 -91.33
N ASP XC 32 -21.68 2.81 -91.76
CA ASP XC 32 -21.51 1.37 -91.63
C ASP XC 32 -22.57 0.62 -92.44
N ARG XC 33 -22.61 0.90 -93.74
CA ARG XC 33 -23.79 0.54 -94.52
C ARG XC 33 -23.53 -0.09 -95.89
N TYR XC 34 -22.24 -0.14 -96.31
CA TYR XC 34 -21.77 -0.51 -97.65
C TYR XC 34 -21.91 0.69 -98.58
N PRO XC 35 -21.28 0.67 -99.75
CA PRO XC 35 -21.45 1.77 -100.70
C PRO XC 35 -22.90 1.90 -101.17
N ASN XC 36 -23.31 3.14 -101.41
CA ASN XC 36 -24.66 3.41 -101.90
C ASN XC 36 -24.74 3.17 -103.41
N SER XC 37 -25.98 3.05 -103.89
CA SER XC 37 -26.21 2.88 -105.32
C SER XC 37 -25.74 4.12 -106.09
N GLY XC 38 -26.10 5.31 -105.60
CA GLY XC 38 -25.56 6.51 -106.19
C GLY XC 38 -24.10 6.72 -105.84
N GLU XC 39 -23.65 6.12 -104.74
CA GLU XC 39 -22.24 6.16 -104.37
C GLU XC 39 -21.38 5.38 -105.37
N VAL XC 40 -21.97 4.39 -106.04
CA VAL XC 40 -21.25 3.57 -106.99
C VAL XC 40 -20.75 4.41 -108.16
N SER XC 41 -21.55 5.39 -108.58
CA SER XC 41 -21.18 6.20 -109.74
C SER XC 41 -19.96 7.07 -109.46
N GLN XC 42 -19.77 7.46 -108.20
CA GLN XC 42 -18.60 8.25 -107.82
C GLN XC 42 -17.31 7.50 -108.10
N LEU XC 43 -17.28 6.21 -107.71
CA LEU XC 43 -16.09 5.40 -107.94
C LEU XC 43 -15.82 5.23 -109.43
N ASP XC 44 -16.89 5.01 -110.21
CA ASP XC 44 -16.73 4.87 -111.65
C ASP XC 44 -16.17 6.14 -112.27
N GLN XC 45 -16.65 7.30 -111.83
CA GLN XC 45 -16.14 8.56 -112.35
C GLN XC 45 -14.68 8.75 -111.99
N PHE XC 46 -14.34 8.55 -110.71
CA PHE XC 46 -12.98 8.82 -110.27
C PHE XC 46 -12.00 7.84 -110.90
N PHE XC 47 -12.47 6.64 -111.22
CA PHE XC 47 -11.60 5.65 -111.87
C PHE XC 47 -11.50 5.91 -113.37
N GLY XC 48 -12.57 6.43 -113.98
CA GLY XC 48 -12.50 6.76 -115.40
C GLY XC 48 -11.73 8.04 -115.65
N ASP XC 49 -11.56 8.87 -114.62
CA ASP XC 49 -10.73 10.05 -114.76
C ASP XC 49 -9.30 9.68 -115.10
N GLY XC 50 -8.78 8.61 -114.48
CA GLY XC 50 -7.92 7.65 -115.14
C GLY XC 50 -6.86 8.13 -116.11
N GLN XC 51 -7.12 7.79 -117.38
CA GLN XC 51 -6.25 8.16 -118.49
C GLN XC 51 -5.99 9.65 -118.52
N ARG XC 52 -7.05 10.46 -118.38
CA ARG XC 52 -6.90 11.91 -118.43
C ARG XC 52 -5.98 12.39 -117.32
N ARG XC 53 -6.22 11.96 -116.09
CA ARG XC 53 -5.48 12.49 -114.95
C ARG XC 53 -4.01 12.06 -115.02
N ILE XC 54 -3.75 10.80 -115.39
CA ILE XC 54 -2.37 10.35 -115.49
C ILE XC 54 -1.64 11.08 -116.62
N ALA XC 55 -2.32 11.30 -117.75
CA ALA XC 55 -1.70 12.06 -118.82
C ALA XC 55 -1.43 13.50 -118.40
N ILE XC 56 -2.36 14.10 -117.65
CA ILE XC 56 -2.19 15.48 -117.20
C ILE XC 56 -0.98 15.61 -116.29
N VAL XC 57 -0.86 14.72 -115.31
CA VAL XC 57 0.28 14.80 -114.41
C VAL XC 57 1.59 14.48 -115.13
N ALA XC 58 1.57 13.53 -116.07
CA ALA XC 58 2.78 13.22 -116.82
C ALA XC 58 3.22 14.41 -117.67
N LYS XC 59 2.25 15.11 -118.28
CA LYS XC 59 2.58 16.27 -119.11
C LYS XC 59 3.22 17.38 -118.28
N LEU XC 60 2.68 17.62 -117.08
CA LEU XC 60 3.26 18.63 -116.20
C LEU XC 60 4.66 18.22 -115.75
N THR XC 61 4.84 16.94 -115.40
CA THR XC 61 6.13 16.50 -114.91
C THR XC 61 7.17 16.47 -116.03
N GLU XC 62 6.72 16.34 -117.28
CA GLU XC 62 7.65 16.28 -118.41
C GLU XC 62 8.42 17.58 -118.57
N ASN XC 63 7.72 18.71 -118.45
CA ASN XC 63 8.35 20.03 -118.60
C ASN XC 63 7.92 20.93 -117.45
N ALA XC 64 8.08 20.43 -116.23
CA ALA XC 64 7.87 21.27 -115.05
C ALA XC 64 8.96 22.34 -114.91
N GLU XC 65 10.07 22.17 -115.63
CA GLU XC 65 11.17 23.13 -115.55
C GLU XC 65 10.76 24.51 -116.02
N MET XC 66 10.21 24.61 -117.23
CA MET XC 66 9.95 25.92 -117.83
C MET XC 66 8.83 26.64 -117.09
N ILE XC 67 7.92 25.88 -116.47
CA ILE XC 67 6.83 26.49 -115.70
C ILE XC 67 7.39 27.32 -114.55
N VAL XC 68 8.34 26.75 -113.80
CA VAL XC 68 9.01 27.51 -112.75
C VAL XC 68 9.90 28.59 -113.36
N SER XC 69 10.53 28.28 -114.51
CA SER XC 69 11.51 29.18 -115.10
C SER XC 69 10.89 30.50 -115.51
N ARG XC 70 9.72 30.47 -116.15
CA ARG XC 70 9.09 31.68 -116.61
C ARG XC 70 8.71 32.60 -115.45
N ALA XC 71 8.09 32.04 -114.42
CA ALA XC 71 7.69 32.84 -113.27
C ALA XC 71 8.90 33.41 -112.54
N ALA XC 72 9.94 32.58 -112.37
CA ALA XC 72 11.14 33.04 -111.67
C ALA XC 72 11.85 34.16 -112.44
N ASN XC 73 11.98 34.00 -113.76
CA ASN XC 73 12.57 35.06 -114.58
C ASN XC 73 11.70 36.30 -114.59
N ARG XC 74 10.39 36.13 -114.49
CA ARG XC 74 9.49 37.27 -114.55
C ARG XC 74 9.47 38.08 -113.27
N ILE XC 75 9.60 37.45 -112.11
CA ILE XC 75 9.62 38.19 -110.85
C ILE XC 75 11.02 38.57 -110.41
N PHE XC 76 12.05 37.85 -110.83
CA PHE XC 76 13.41 38.06 -110.32
C PHE XC 76 14.26 38.63 -111.44
N VAL XC 77 14.82 39.82 -111.22
CA VAL XC 77 15.67 40.49 -112.20
C VAL XC 77 17.00 40.79 -111.55
N GLY XC 78 18.04 40.85 -112.37
CA GLY XC 78 19.39 41.11 -111.88
C GLY XC 78 20.21 39.83 -111.81
N GLY XC 79 19.88 38.87 -112.66
CA GLY XC 79 20.59 37.61 -112.70
C GLY XC 79 19.66 36.51 -113.16
N SER XC 80 20.21 35.29 -113.18
CA SER XC 80 19.46 34.12 -113.59
C SER XC 80 19.08 33.31 -112.37
N PRO XC 81 17.81 33.31 -111.95
CA PRO XC 81 17.45 32.51 -110.76
C PRO XC 81 17.62 31.02 -110.96
N MET XC 82 17.62 30.55 -112.21
CA MET XC 82 17.68 29.12 -112.50
C MET XC 82 18.96 28.47 -111.98
N ALA XC 83 20.05 29.22 -111.89
CA ALA XC 83 21.30 28.63 -111.43
C ALA XC 83 21.25 28.26 -109.96
N TYR XC 84 20.34 28.87 -109.20
CA TYR XC 84 20.23 28.56 -107.79
C TYR XC 84 19.37 27.31 -107.56
N SER XC 85 18.63 26.90 -108.58
CA SER XC 85 17.76 25.73 -108.47
C SER XC 85 18.60 24.47 -108.32
N GLU XC 86 18.20 23.59 -107.40
CA GLU XC 86 18.97 22.40 -107.10
C GLU XC 86 18.68 21.30 -108.10
N ARG XC 87 17.64 21.47 -108.92
CA ARG XC 87 17.38 20.51 -109.99
C ARG XC 87 18.50 20.52 -111.01
N GLN XC 88 19.05 21.70 -111.31
CA GLN XC 88 20.24 21.82 -112.14
C GLN XC 88 21.45 21.50 -111.26
N LYS XC 89 21.72 20.21 -111.12
CA LYS XC 89 22.79 19.73 -110.25
C LYS XC 89 23.01 18.23 -110.44
N VAL XC 136 -3.02 43.89 -108.93
CA VAL XC 136 -2.01 44.18 -107.92
C VAL XC 136 -0.87 44.96 -108.55
N PRO XC 137 -0.08 45.64 -107.71
CA PRO XC 137 1.23 46.13 -108.15
C PRO XC 137 2.23 44.99 -108.19
N PRO XC 138 2.32 44.29 -109.34
CA PRO XC 138 2.83 42.90 -109.31
C PRO XC 138 4.28 42.78 -108.88
N ASP XC 139 5.20 43.45 -109.57
CA ASP XC 139 6.62 43.25 -109.34
C ASP XC 139 7.30 44.53 -108.89
N PHE XC 140 7.96 44.44 -107.74
CA PHE XC 140 8.99 45.37 -107.31
C PHE XC 140 10.23 44.48 -107.20
N GLU XC 141 10.88 44.26 -108.35
CA GLU XC 141 11.77 43.14 -108.60
C GLU XC 141 12.96 43.08 -107.65
N PRO XC 142 12.95 42.16 -106.69
CA PRO XC 142 14.14 41.95 -105.85
C PRO XC 142 15.32 41.48 -106.70
N ILE XC 143 16.49 42.01 -106.40
CA ILE XC 143 17.70 41.63 -107.14
C ILE XC 143 18.23 40.34 -106.55
N ASN XC 144 18.70 39.45 -107.42
CA ASN XC 144 19.10 38.10 -107.03
C ASN XC 144 20.27 38.08 -106.05
N ILE XC 145 21.04 39.16 -105.92
CA ILE XC 145 22.16 39.18 -105.00
C ILE XC 145 22.03 40.33 -104.01
N ALA XC 146 21.32 41.39 -104.42
CA ALA XC 146 21.30 42.60 -103.61
C ALA XC 146 20.33 42.49 -102.45
N ARG XC 147 19.04 42.27 -102.75
CA ARG XC 147 18.01 42.33 -101.74
C ARG XC 147 17.81 41.03 -100.98
N TYR XC 148 17.87 39.88 -101.66
CA TYR XC 148 17.59 38.61 -101.03
C TYR XC 148 18.85 37.89 -100.56
N GLY XC 149 19.79 37.64 -101.45
CA GLY XC 149 20.97 36.88 -101.12
C GLY XC 149 20.81 35.42 -101.46
N PRO XC 150 21.85 34.62 -101.22
CA PRO XC 150 21.85 33.23 -101.71
C PRO XC 150 20.93 32.29 -100.96
N GLU XC 151 20.92 32.40 -99.62
CA GLU XC 151 20.09 31.50 -98.83
C GLU XC 151 18.60 31.78 -99.04
N ARG XC 152 18.25 33.06 -99.17
CA ARG XC 152 16.87 33.40 -99.52
C ARG XC 152 16.55 32.99 -100.95
N MET XC 153 17.54 33.12 -101.84
CA MET XC 153 17.37 32.75 -103.24
C MET XC 153 17.04 31.26 -103.37
N GLN XC 154 17.76 30.42 -102.63
CA GLN XC 154 17.52 28.98 -102.70
C GLN XC 154 16.13 28.61 -102.20
N LYS XC 155 15.68 29.25 -101.11
CA LYS XC 155 14.33 29.00 -100.61
C LYS XC 155 13.30 29.44 -101.63
N SER XC 156 13.52 30.59 -102.26
CA SER XC 156 12.57 31.09 -103.25
C SER XC 156 12.48 30.17 -104.46
N ILE XC 157 13.62 29.68 -104.95
CA ILE XC 157 13.57 28.79 -106.10
C ILE XC 157 12.96 27.46 -105.73
N ARG XC 158 13.26 26.96 -104.51
CA ARG XC 158 12.71 25.67 -104.09
C ARG XC 158 11.20 25.71 -103.94
N ASP XC 159 10.66 26.81 -103.38
CA ASP XC 159 9.24 26.83 -103.02
C ASP XC 159 8.35 26.80 -104.26
N LEU XC 160 8.81 27.38 -105.37
CA LEU XC 160 8.01 27.35 -106.59
C LEU XC 160 7.88 25.95 -107.15
N ASP XC 161 9.01 25.21 -107.21
CA ASP XC 161 8.97 23.83 -107.65
C ASP XC 161 8.14 22.98 -106.70
N TRP XC 162 8.22 23.27 -105.40
CA TRP XC 162 7.40 22.57 -104.43
C TRP XC 162 5.91 22.80 -104.67
N PHE XC 163 5.55 24.06 -104.97
CA PHE XC 163 4.16 24.39 -105.29
C PHE XC 163 3.70 23.62 -106.52
N LEU XC 164 4.55 23.55 -107.54
CA LEU XC 164 4.18 22.84 -108.76
C LEU XC 164 4.04 21.35 -108.48
N ARG XC 165 4.90 20.79 -107.63
CA ARG XC 165 4.80 19.37 -107.29
C ARG XC 165 3.50 19.07 -106.55
N TYR XC 166 3.14 19.93 -105.59
CA TYR XC 166 1.91 19.68 -104.85
C TYR XC 166 0.68 19.83 -105.74
N THR XC 167 0.76 20.66 -106.79
CA THR XC 167 -0.34 20.73 -107.75
C THR XC 167 -0.54 19.40 -108.45
N THR XC 168 0.55 18.74 -108.87
CA THR XC 168 0.44 17.42 -109.46
C THR XC 168 -0.09 16.41 -108.46
N TYR XC 169 0.32 16.54 -107.19
CA TYR XC 169 -0.18 15.65 -106.15
C TYR XC 169 -1.68 15.78 -106.00
N ALA XC 170 -2.19 17.01 -105.93
CA ALA XC 170 -3.62 17.23 -105.80
C ALA XC 170 -4.37 16.82 -107.08
N ILE XC 171 -3.71 16.94 -108.23
CA ILE XC 171 -4.30 16.50 -109.48
C ILE XC 171 -4.53 15.00 -109.46
N LEU XC 172 -3.53 14.24 -109.00
CA LEU XC 172 -3.72 12.80 -108.86
C LEU XC 172 -4.76 12.50 -107.81
N ALA XC 173 -4.76 13.25 -106.70
CA ALA XC 173 -5.80 13.12 -105.71
C ALA XC 173 -7.13 13.65 -106.25
N GLY XC 174 -8.20 13.38 -105.50
CA GLY XC 174 -9.50 13.83 -105.95
C GLY XC 174 -9.74 15.31 -105.68
N ASP XC 175 -9.11 15.85 -104.65
CA ASP XC 175 -9.36 17.23 -104.26
C ASP XC 175 -8.06 17.95 -103.91
N PRO XC 176 -8.08 19.28 -103.85
CA PRO XC 176 -6.85 20.04 -103.53
C PRO XC 176 -6.53 20.11 -102.05
N SER XC 177 -7.12 19.23 -101.22
CA SER XC 177 -6.99 19.33 -99.77
C SER XC 177 -5.54 19.35 -99.32
N ILE XC 178 -4.69 18.55 -99.97
CA ILE XC 178 -3.25 18.65 -99.76
C ILE XC 178 -2.73 20.05 -100.05
N LEU XC 179 -3.29 20.74 -101.04
CA LEU XC 179 -2.91 22.13 -101.28
C LEU XC 179 -3.36 23.05 -100.15
N GLU XC 180 -4.68 23.18 -99.93
CA GLU XC 180 -5.14 24.24 -99.02
C GLU XC 180 -4.70 23.98 -97.59
N ALA XC 181 -4.61 22.71 -97.16
CA ALA XC 181 -4.20 22.43 -95.79
C ALA XC 181 -2.75 22.83 -95.55
N ASN XC 182 -1.96 22.96 -96.62
CA ASN XC 182 -0.57 23.37 -96.48
C ASN XC 182 -0.33 24.85 -96.77
N CYS XC 183 -1.14 25.48 -97.63
CA CYS XC 183 -0.94 26.91 -97.86
C CYS XC 183 -1.97 27.78 -97.14
N LEU XC 184 -2.75 27.21 -96.22
CA LEU XC 184 -3.71 28.04 -95.49
C LEU XC 184 -3.02 29.01 -94.55
N GLY XC 185 -1.94 28.60 -93.92
CA GLY XC 185 -1.26 29.47 -92.97
C GLY XC 185 0.15 29.85 -93.41
N LEU XC 186 0.41 29.74 -94.71
CA LEU XC 186 1.75 29.96 -95.23
C LEU XC 186 2.21 31.41 -95.10
N ARG XC 187 1.29 32.37 -95.22
CA ARG XC 187 1.71 33.75 -95.40
C ARG XC 187 2.23 34.36 -94.11
N GLU XC 188 1.71 33.92 -92.97
CA GLU XC 188 2.26 34.38 -91.70
C GLU XC 188 3.71 33.94 -91.55
N ILE XC 189 4.03 32.73 -92.00
CA ILE XC 189 5.42 32.28 -92.00
C ILE XC 189 6.24 33.11 -92.97
N LEU XC 190 5.71 33.35 -94.16
CA LEU XC 190 6.54 33.87 -95.24
C LEU XC 190 6.78 35.38 -95.11
N GLU XC 191 5.79 36.13 -94.64
CA GLU XC 191 5.72 37.58 -94.90
C GLU XC 191 6.89 38.37 -94.33
N LYS XC 192 7.59 37.84 -93.32
CA LYS XC 192 8.76 38.55 -92.81
C LYS XC 192 9.86 38.62 -93.86
N SER XC 193 9.96 37.61 -94.72
CA SER XC 193 10.92 37.62 -95.81
C SER XC 193 10.25 37.31 -97.15
N CYS XC 194 8.98 37.67 -97.30
CA CYS XC 194 8.22 37.38 -98.50
C CYS XC 194 7.66 38.65 -99.11
N SER XC 195 7.73 38.74 -100.43
CA SER XC 195 6.90 39.68 -101.17
C SER XC 195 5.66 38.94 -101.63
N ILE XC 196 4.56 39.11 -100.88
CA ILE XC 196 3.35 38.34 -101.14
C ILE XC 196 2.78 38.67 -102.52
N SER XC 197 2.77 39.96 -102.86
CA SER XC 197 2.31 40.35 -104.18
C SER XC 197 3.24 39.84 -105.27
N ALA XC 198 4.54 39.76 -104.98
CA ALA XC 198 5.48 39.19 -105.95
C ALA XC 198 5.21 37.70 -106.16
N THR XC 199 4.87 36.98 -105.08
CA THR XC 199 4.64 35.55 -105.19
C THR XC 199 3.31 35.25 -105.85
N ILE XC 200 2.29 36.07 -105.61
CA ILE XC 200 0.97 35.81 -106.19
C ILE XC 200 1.01 35.99 -107.70
N VAL XC 201 1.75 36.98 -108.18
CA VAL XC 201 1.88 37.16 -109.62
C VAL XC 201 2.67 36.02 -110.24
N ALA XC 202 3.67 35.49 -109.52
CA ALA XC 202 4.40 34.33 -110.00
C ALA XC 202 3.49 33.11 -110.08
N LEU XC 203 2.61 32.95 -109.09
CA LEU XC 203 1.63 31.88 -109.13
C LEU XC 203 0.67 32.05 -110.31
N LEU XC 204 0.27 33.28 -110.59
CA LEU XC 204 -0.59 33.54 -111.75
C LEU XC 204 0.12 33.18 -113.04
N GLU XC 205 1.41 33.53 -113.15
CA GLU XC 205 2.18 33.17 -114.34
C GLU XC 205 2.29 31.66 -114.48
N MET XC 206 2.51 30.95 -113.36
CA MET XC 206 2.59 29.50 -113.40
C MET XC 206 1.26 28.90 -113.86
N ARG XC 207 0.15 29.43 -113.35
CA ARG XC 207 -1.17 28.93 -113.74
C ARG XC 207 -1.41 29.13 -115.23
N LYS XC 208 -1.15 30.34 -115.72
CA LYS XC 208 -1.39 30.62 -117.14
C LYS XC 208 -0.47 29.77 -118.02
N ASN XC 209 0.80 29.64 -117.63
CA ASN XC 209 1.73 28.87 -118.44
C ASN XC 209 1.39 27.39 -118.43
N ALA XC 210 0.90 26.87 -117.31
CA ALA XC 210 0.36 25.51 -117.32
C ALA XC 210 -0.85 25.42 -118.23
N ALA XC 211 -1.63 26.49 -118.31
CA ALA XC 211 -2.75 26.52 -119.26
C ALA XC 211 -2.27 26.42 -120.70
N ARG XC 212 -1.17 27.10 -121.05
CA ARG XC 212 -0.69 27.08 -122.43
C ARG XC 212 -0.29 25.69 -122.90
N LEU XC 213 0.19 24.83 -121.99
CA LEU XC 213 0.57 23.48 -122.39
C LEU XC 213 -0.63 22.67 -122.87
N PHE XC 214 -1.78 22.84 -122.23
CA PHE XC 214 -2.89 21.93 -122.45
C PHE XC 214 -3.90 22.52 -123.40
N LYS XC 215 -4.69 21.65 -124.03
CA LYS XC 215 -5.58 22.03 -125.12
C LYS XC 215 -7.00 22.33 -124.65
N ASP XC 216 -7.21 22.45 -123.34
CA ASP XC 216 -8.45 22.98 -122.78
C ASP XC 216 -9.64 22.06 -123.04
N GLU XC 217 -9.39 20.76 -123.17
CA GLU XC 217 -10.50 19.82 -123.24
C GLU XC 217 -11.30 19.84 -121.95
N ALA XC 218 -10.71 19.35 -120.85
CA ALA XC 218 -11.11 19.71 -119.50
C ALA XC 218 -9.84 19.86 -118.68
N ASP XC 219 -8.74 19.35 -119.25
CA ASP XC 219 -7.48 19.24 -118.54
C ASP XC 219 -6.76 20.57 -118.34
N SER XC 220 -6.88 21.50 -119.29
CA SER XC 220 -6.34 22.83 -119.08
C SER XC 220 -7.16 23.62 -118.06
N LYS XC 221 -8.47 23.37 -118.01
CA LYS XC 221 -9.30 23.97 -116.97
C LYS XC 221 -8.93 23.41 -115.60
N LEU XC 222 -8.62 22.11 -115.53
CA LEU XC 222 -8.31 21.48 -114.26
C LEU XC 222 -7.07 22.10 -113.60
N VAL XC 223 -6.01 22.29 -114.39
CA VAL XC 223 -4.78 22.86 -113.85
C VAL XC 223 -5.01 24.29 -113.39
N SER XC 224 -5.75 25.07 -114.19
CA SER XC 224 -6.06 26.44 -113.81
C SER XC 224 -6.85 26.48 -112.51
N SER XC 225 -7.84 25.60 -112.38
CA SER XC 225 -8.65 25.56 -111.16
C SER XC 225 -7.81 25.18 -109.95
N TYR XC 226 -6.92 24.20 -110.11
CA TYR XC 226 -6.14 23.74 -108.96
C TYR XC 226 -5.13 24.80 -108.52
N ILE XC 227 -4.37 25.38 -109.46
CA ILE XC 227 -3.43 26.42 -109.08
C ILE XC 227 -4.14 27.68 -108.59
N SER XC 228 -5.37 27.94 -109.06
CA SER XC 228 -6.13 29.07 -108.53
C SER XC 228 -6.48 28.88 -107.06
N VAL XC 229 -6.58 27.62 -106.62
CA VAL XC 229 -6.87 27.33 -105.22
C VAL XC 229 -5.79 27.89 -104.32
N VAL XC 230 -4.53 27.75 -104.73
CA VAL XC 230 -3.41 28.23 -103.92
C VAL XC 230 -3.48 29.74 -103.75
N ILE XC 231 -3.67 30.46 -104.85
CA ILE XC 231 -3.71 31.92 -104.78
C ILE XC 231 -4.92 32.40 -103.99
N ARG XC 232 -6.07 31.76 -104.21
CA ARG XC 232 -7.30 32.21 -103.55
C ARG XC 232 -7.24 31.93 -102.06
N ALA XC 233 -6.75 30.75 -101.66
CA ALA XC 233 -6.61 30.44 -100.25
C ALA XC 233 -5.36 31.05 -99.64
N LEU XC 234 -4.54 31.73 -100.45
CA LEU XC 234 -3.44 32.52 -99.90
C LEU XC 234 -3.90 33.94 -99.60
N ASP XC 235 -4.44 34.62 -100.60
CA ASP XC 235 -4.81 36.02 -100.44
C ASP XC 235 -6.03 36.17 -99.53
N ALA XC 236 -6.08 37.34 -98.86
CA ALA XC 236 -7.00 37.83 -97.83
C ALA XC 236 -6.18 38.26 -96.62
N ASP XC 237 -5.19 37.44 -96.28
CA ASP XC 237 -4.28 37.57 -95.15
C ASP XC 237 -4.92 37.18 -93.81
N ARG XC 238 -6.23 37.11 -93.75
CA ARG XC 238 -6.94 37.00 -92.46
C ARG XC 238 -7.92 35.85 -92.43
N SER XC 239 -8.54 35.52 -93.56
CA SER XC 239 -9.23 34.24 -93.67
C SER XC 239 -8.25 33.10 -93.50
N ASP XC 240 -7.02 33.30 -93.94
CA ASP XC 240 -5.90 32.42 -93.63
C ASP XC 240 -5.64 32.44 -92.12
N ALA XC 241 -5.24 31.28 -91.61
CA ALA XC 241 -4.98 31.10 -90.19
C ALA XC 241 -6.23 31.41 -89.36
N PRO XC 242 -7.30 30.64 -89.51
CA PRO XC 242 -8.57 30.96 -88.82
C PRO XC 242 -8.54 30.58 -87.34
N ALA XC 243 -7.65 31.23 -86.60
CA ALA XC 243 -7.50 31.02 -85.17
C ALA XC 243 -7.07 29.59 -84.84
N ASP XC 244 -6.87 29.31 -83.56
CA ASP XC 244 -6.58 27.97 -83.10
C ASP XC 244 -7.80 27.46 -82.34
N ILE XC 245 -8.28 26.26 -82.72
CA ILE XC 245 -9.40 25.66 -82.02
C ILE XC 245 -9.00 25.38 -80.58
N VAL XC 246 -9.61 26.10 -79.65
CA VAL XC 246 -9.25 26.05 -78.24
C VAL XC 246 -10.19 25.07 -77.55
N ARG XC 247 -9.61 24.07 -76.89
CA ARG XC 247 -10.37 23.14 -76.07
C ARG XC 247 -10.31 23.61 -74.63
N PRO XC 248 -11.40 24.13 -74.08
CA PRO XC 248 -11.36 24.65 -72.71
C PRO XC 248 -11.40 23.52 -71.69
N SER XC 249 -10.64 23.70 -70.62
CA SER XC 249 -10.42 22.64 -69.65
C SER XC 249 -10.97 23.10 -68.28
N SER XC 250 -10.73 22.39 -67.19
CA SER XC 250 -11.20 22.77 -65.87
C SER XC 250 -9.99 23.01 -64.97
N GLU XC 251 -10.26 23.18 -63.69
CA GLU XC 251 -9.20 23.53 -62.75
C GLU XC 251 -8.25 22.37 -62.47
N ASP XC 252 -8.56 21.16 -62.92
CA ASP XC 252 -7.69 20.02 -62.64
C ASP XC 252 -6.79 19.66 -63.81
N ARG XC 253 -7.13 20.05 -65.02
CA ARG XC 253 -6.33 19.68 -66.19
C ARG XC 253 -6.10 20.90 -67.07
N PRO XC 254 -5.01 20.91 -67.83
CA PRO XC 254 -4.70 22.06 -68.68
C PRO XC 254 -5.66 22.18 -69.86
N GLY XC 255 -5.83 23.41 -70.32
CA GLY XC 255 -6.60 23.68 -71.53
C GLY XC 255 -5.71 23.65 -72.75
N LEU XC 256 -6.26 23.19 -73.87
CA LEU XC 256 -5.43 22.87 -75.03
C LEU XC 256 -5.82 23.74 -76.21
N THR XC 257 -4.95 23.72 -77.23
CA THR XC 257 -5.18 24.42 -78.48
C THR XC 257 -4.75 23.54 -79.64
N LEU XC 258 -5.40 23.73 -80.78
CA LEU XC 258 -5.05 22.99 -81.98
C LEU XC 258 -5.00 23.91 -83.18
N PRO XC 259 -3.96 23.81 -84.01
CA PRO XC 259 -3.93 24.59 -85.24
C PRO XC 259 -5.09 24.20 -86.16
N TYR XC 260 -5.64 25.20 -86.83
CA TYR XC 260 -6.80 24.95 -87.69
C TYR XC 260 -6.45 24.04 -88.86
N ILE XC 261 -5.28 24.27 -89.48
CA ILE XC 261 -4.86 23.45 -90.62
C ILE XC 261 -4.65 21.99 -90.25
N TYR XC 262 -4.33 21.70 -88.99
CA TYR XC 262 -4.11 20.32 -88.58
C TYR XC 262 -5.37 19.48 -88.68
N LYS XC 263 -6.51 20.00 -88.23
CA LYS XC 263 -7.77 19.27 -88.35
C LYS XC 263 -8.44 19.44 -89.69
N LEU XC 264 -7.96 20.39 -90.50
CA LEU XC 264 -8.48 20.56 -91.85
C LEU XC 264 -7.99 19.49 -92.80
N SER XC 265 -6.91 18.80 -92.45
CA SER XC 265 -6.38 17.69 -93.24
C SER XC 265 -6.76 16.34 -92.65
N ALA XC 266 -7.84 16.30 -91.86
CA ALA XC 266 -8.30 15.08 -91.22
C ALA XC 266 -9.46 14.49 -92.00
N ASP XC 267 -10.14 13.53 -91.37
CA ASP XC 267 -11.22 12.80 -92.02
C ASP XC 267 -12.55 13.54 -91.93
N SER XC 268 -12.53 14.73 -91.32
CA SER XC 268 -13.60 15.73 -91.44
C SER XC 268 -14.82 15.45 -90.58
N LEU XC 269 -14.74 14.50 -89.64
CA LEU XC 269 -15.68 14.42 -88.52
C LEU XC 269 -17.15 14.27 -88.90
N THR XC 270 -17.53 13.12 -89.45
CA THR XC 270 -18.95 12.84 -89.69
C THR XC 270 -19.74 12.89 -88.39
N THR XC 271 -20.87 13.59 -88.43
CA THR XC 271 -21.71 13.79 -87.26
C THR XC 271 -23.14 13.45 -87.60
N PHE XC 272 -23.94 13.21 -86.56
CA PHE XC 272 -25.35 12.87 -86.71
C PHE XC 272 -26.17 13.86 -85.90
N LYS XC 273 -27.09 14.57 -86.54
CA LYS XC 273 -27.92 15.56 -85.83
C LYS XC 273 -29.37 15.41 -86.30
N MET XC 274 -30.33 15.39 -85.38
CA MET XC 274 -31.74 15.18 -85.79
C MET XC 274 -32.55 16.42 -85.39
N THR XC 275 -33.29 16.98 -86.36
CA THR XC 275 -34.00 18.26 -86.20
C THR XC 275 -35.47 18.00 -86.04
N ALA XC 276 -36.01 18.25 -84.84
CA ALA XC 276 -37.44 17.91 -84.63
C ALA XC 276 -38.01 18.64 -83.41
N ILE XC 277 -37.61 19.88 -83.16
CA ILE XC 277 -38.26 20.66 -82.07
C ILE XC 277 -39.25 21.63 -82.75
N TYR XC 278 -39.02 21.89 -84.04
CA TYR XC 278 -39.98 22.71 -84.80
C TYR XC 278 -41.31 22.60 -84.11
N GLY XC 279 -41.76 21.36 -83.92
CA GLY XC 279 -43.04 21.13 -83.21
C GLY XC 279 -43.07 19.73 -82.62
N ALA XC 280 -43.22 19.63 -81.30
CA ALA XC 280 -44.07 18.58 -80.70
C ALA XC 280 -45.51 18.83 -81.17
N ASP XC 281 -45.98 20.07 -81.02
CA ASP XC 281 -47.36 20.43 -81.45
C ASP XC 281 -47.36 21.86 -81.99
N GLY XC 282 -47.41 22.02 -83.32
CA GLY XC 282 -46.17 22.22 -84.09
C GLY XC 282 -46.32 23.35 -85.08
N ARG XC 283 -47.07 23.15 -86.18
CA ARG XC 283 -47.23 24.13 -87.27
C ARG XC 283 -46.34 23.99 -88.51
N PRO XC 284 -45.01 23.76 -88.38
CA PRO XC 284 -44.16 23.80 -89.58
C PRO XC 284 -44.39 22.66 -90.55
N LYS XC 285 -43.51 22.55 -91.54
CA LYS XC 285 -43.56 21.59 -92.63
C LYS XC 285 -43.73 20.15 -92.16
N VAL XC 286 -43.24 19.83 -90.95
CA VAL XC 286 -43.21 18.52 -90.32
C VAL XC 286 -42.80 17.42 -91.31
N ASN XC 287 -43.70 16.48 -91.58
CA ASN XC 287 -43.42 15.33 -92.43
C ASN XC 287 -42.42 14.43 -91.72
N LEU XC 288 -41.93 13.39 -92.39
CA LEU XC 288 -41.10 12.44 -91.67
C LEU XC 288 -39.63 12.82 -91.76
N SER XC 289 -39.24 13.51 -92.85
CA SER XC 289 -37.82 13.74 -93.14
C SER XC 289 -37.08 12.41 -93.21
N SER XC 290 -37.56 11.52 -94.06
CA SER XC 290 -37.43 10.09 -93.81
C SER XC 290 -36.01 9.61 -94.02
N ASP XC 291 -35.69 8.53 -93.28
CA ASP XC 291 -34.45 7.77 -93.35
C ASP XC 291 -33.29 8.48 -92.66
N GLU XC 292 -33.49 9.73 -92.23
CA GLU XC 292 -32.50 10.38 -91.40
C GLU XC 292 -32.74 10.07 -89.92
N LYS XC 293 -34.00 9.85 -89.54
CA LYS XC 293 -34.30 9.50 -88.16
C LYS XC 293 -33.65 8.17 -87.78
N GLU XC 294 -33.79 7.16 -88.64
CA GLU XC 294 -33.16 5.88 -88.36
C GLU XC 294 -31.64 5.95 -88.48
N ARG XC 295 -31.12 6.80 -89.36
CA ARG XC 295 -29.68 6.96 -89.44
C ARG XC 295 -29.12 7.56 -88.16
N VAL XC 296 -29.79 8.55 -87.60
CA VAL XC 296 -29.32 9.15 -86.35
C VAL XC 296 -29.51 8.18 -85.19
N VAL XC 297 -30.65 7.50 -85.13
CA VAL XC 297 -30.94 6.61 -84.01
C VAL XC 297 -29.99 5.43 -83.98
N ARG XC 298 -29.62 4.87 -85.13
CA ARG XC 298 -28.69 3.76 -85.13
C ARG XC 298 -27.26 4.20 -84.85
N ALA XC 299 -26.91 5.44 -85.19
CA ALA XC 299 -25.61 5.96 -84.78
C ALA XC 299 -25.56 6.17 -83.27
N ALA XC 300 -26.70 6.53 -82.67
CA ALA XC 300 -26.76 6.66 -81.22
C ALA XC 300 -26.49 5.33 -80.53
N TYR XC 301 -27.05 4.24 -81.06
CA TYR XC 301 -26.79 2.92 -80.49
C TYR XC 301 -25.32 2.55 -80.60
N ARG XC 302 -24.70 2.82 -81.74
CA ARG XC 302 -23.29 2.52 -81.91
C ARG XC 302 -22.42 3.33 -80.95
N GLN XC 303 -22.74 4.61 -80.76
CA GLN XC 303 -21.94 5.42 -79.85
C GLN XC 303 -22.12 4.97 -78.40
N VAL XC 304 -23.34 4.61 -77.99
CA VAL XC 304 -23.56 4.31 -76.58
C VAL XC 304 -23.09 2.91 -76.24
N PHE XC 305 -23.52 1.91 -77.00
CA PHE XC 305 -23.21 0.51 -76.68
C PHE XC 305 -21.99 -0.02 -77.42
N GLU XC 306 -21.29 0.82 -78.19
CA GLU XC 306 -20.10 0.49 -78.98
C GLU XC 306 -20.40 -0.34 -80.20
N ARG XC 307 -21.66 -0.75 -80.43
CA ARG XC 307 -22.04 -1.42 -81.66
C ARG XC 307 -23.56 -1.50 -81.74
N ASP XC 308 -24.08 -1.63 -82.96
CA ASP XC 308 -25.51 -1.64 -83.16
C ASP XC 308 -26.14 -2.88 -82.52
N LEU XC 309 -27.27 -2.69 -81.84
CA LEU XC 309 -27.98 -3.77 -81.20
C LEU XC 309 -29.04 -4.40 -82.10
N LYS XC 310 -29.18 -3.91 -83.34
CA LYS XC 310 -30.12 -4.54 -84.26
C LYS XC 310 -29.68 -5.94 -84.64
N ALA XC 311 -28.37 -6.20 -84.63
CA ALA XC 311 -27.87 -7.52 -84.96
C ALA XC 311 -28.32 -8.55 -83.94
N TYR XC 312 -28.34 -8.17 -82.65
CA TYR XC 312 -28.81 -9.09 -81.63
C TYR XC 312 -30.33 -9.06 -81.52
N GLY XC 313 -30.95 -7.98 -81.95
CA GLY XC 313 -32.39 -7.84 -81.91
C GLY XC 313 -32.93 -7.07 -80.72
N GLN XC 314 -32.08 -6.50 -79.87
CA GLN XC 314 -32.55 -5.73 -78.73
C GLN XC 314 -32.69 -4.25 -79.09
N SER XC 315 -33.49 -3.54 -78.31
CA SER XC 315 -33.69 -2.12 -78.52
C SER XC 315 -34.53 -1.57 -77.38
N VAL XC 316 -34.34 -0.28 -77.09
CA VAL XC 316 -35.16 0.42 -76.10
C VAL XC 316 -36.32 1.03 -76.88
N SER XC 317 -37.38 0.23 -77.05
CA SER XC 317 -38.46 0.58 -77.97
C SER XC 317 -39.22 1.82 -77.50
N GLU XC 318 -39.52 1.90 -76.21
CA GLU XC 318 -40.35 3.00 -75.71
C GLU XC 318 -39.66 4.35 -75.86
N ALA XC 319 -38.35 4.40 -75.58
CA ALA XC 319 -37.64 5.66 -75.71
C ALA XC 319 -37.21 5.90 -77.15
N GLU XC 320 -37.24 4.86 -77.98
CA GLU XC 320 -36.83 5.02 -79.37
C GLU XC 320 -37.87 5.81 -80.16
N SER XC 321 -39.15 5.58 -79.88
CA SER XC 321 -40.20 6.25 -80.65
C SER XC 321 -40.23 7.75 -80.38
N LYS XC 322 -40.02 8.15 -79.12
CA LYS XC 322 -40.16 9.56 -78.76
C LYS XC 322 -39.08 10.42 -79.40
N VAL XC 323 -37.87 9.89 -79.55
CA VAL XC 323 -36.81 10.68 -80.18
C VAL XC 323 -37.11 10.91 -81.64
N LYS XC 324 -37.73 9.94 -82.32
CA LYS XC 324 -38.18 10.15 -83.68
C LYS XC 324 -39.34 11.13 -83.72
N ASN XC 325 -40.21 11.08 -82.71
CA ASN XC 325 -41.47 11.80 -82.70
C ASN XC 325 -41.32 13.24 -82.24
N GLY XC 326 -40.18 13.59 -81.64
CA GLY XC 326 -39.91 14.97 -81.27
C GLY XC 326 -40.17 15.33 -79.82
N GLU XC 327 -40.62 14.39 -79.00
CA GLU XC 327 -40.90 14.71 -77.59
C GLU XC 327 -39.61 15.06 -76.86
N ILE XC 328 -38.65 14.13 -76.85
CA ILE XC 328 -37.38 14.32 -76.16
C ILE XC 328 -36.28 14.50 -77.18
N SER XC 329 -35.25 15.26 -76.80
CA SER XC 329 -34.14 15.50 -77.71
C SER XC 329 -33.21 14.30 -77.77
N VAL XC 330 -32.17 14.43 -78.57
CA VAL XC 330 -31.15 13.39 -78.65
C VAL XC 330 -30.46 13.23 -77.32
N ARG XC 331 -30.29 14.32 -76.57
CA ARG XC 331 -29.67 14.24 -75.25
C ARG XC 331 -30.53 13.41 -74.29
N GLU XC 332 -31.83 13.65 -74.27
CA GLU XC 332 -32.72 12.84 -73.43
C GLU XC 332 -32.75 11.39 -73.91
N PHE XC 333 -32.70 11.17 -75.22
CA PHE XC 333 -32.67 9.81 -75.74
C PHE XC 333 -31.41 9.08 -75.29
N VAL XC 334 -30.26 9.77 -75.33
CA VAL XC 334 -29.01 9.16 -74.88
C VAL XC 334 -29.06 8.90 -73.38
N ARG XC 335 -29.64 9.80 -72.59
CA ARG XC 335 -29.75 9.57 -71.16
C ARG XC 335 -30.64 8.36 -70.85
N ARG XC 336 -31.76 8.23 -71.56
CA ARG XC 336 -32.61 7.06 -71.37
C ARG XC 336 -31.90 5.78 -71.81
N LEU XC 337 -31.13 5.84 -72.89
CA LEU XC 337 -30.33 4.68 -73.28
C LEU XC 337 -29.32 4.32 -72.21
N GLY XC 338 -28.67 5.31 -71.62
CA GLY XC 338 -27.69 5.04 -70.58
C GLY XC 338 -28.30 4.40 -69.35
N LYS XC 339 -29.42 4.93 -68.88
CA LYS XC 339 -30.04 4.40 -67.68
C LYS XC 339 -31.00 3.23 -67.97
N SER XC 340 -31.08 2.80 -69.22
CA SER XC 340 -31.88 1.65 -69.57
C SER XC 340 -31.26 0.38 -68.99
N GLU XC 341 -32.06 -0.69 -68.97
CA GLU XC 341 -31.56 -1.96 -68.46
C GLU XC 341 -30.55 -2.59 -69.40
N LEU XC 342 -30.65 -2.31 -70.70
CA LEU XC 342 -29.72 -2.88 -71.67
C LEU XC 342 -28.29 -2.41 -71.40
N TYR XC 343 -28.11 -1.14 -71.10
CA TYR XC 343 -26.78 -0.65 -70.75
C TYR XC 343 -26.33 -1.13 -69.39
N ARG XC 344 -27.24 -1.25 -68.43
CA ARG XC 344 -26.87 -1.72 -67.10
C ARG XC 344 -26.35 -3.15 -67.14
N ARG XC 345 -27.01 -4.01 -67.92
CA ARG XC 345 -26.55 -5.40 -67.99
C ARG XC 345 -25.24 -5.52 -68.74
N GLU XC 346 -24.94 -4.58 -69.63
CA GLU XC 346 -23.82 -4.73 -70.55
C GLU XC 346 -22.55 -4.03 -70.09
N PHE XC 347 -22.65 -2.84 -69.51
CA PHE XC 347 -21.47 -2.07 -69.12
C PHE XC 347 -21.49 -1.65 -67.66
N TYR XC 348 -22.32 -2.27 -66.84
CA TYR XC 348 -22.31 -2.04 -65.40
C TYR XC 348 -22.17 -3.32 -64.61
N GLN XC 349 -22.74 -4.42 -65.09
CA GLN XC 349 -22.64 -5.68 -64.38
C GLN XC 349 -21.23 -6.27 -64.39
N PRO XC 350 -20.60 -6.53 -65.53
CA PRO XC 350 -19.32 -7.26 -65.52
C PRO XC 350 -18.14 -6.48 -64.96
N PHE XC 351 -18.27 -5.18 -64.76
CA PHE XC 351 -17.13 -4.35 -64.38
C PHE XC 351 -17.33 -3.80 -62.97
N ILE XC 352 -16.21 -3.52 -62.31
CA ILE XC 352 -16.22 -2.83 -61.05
C ILE XC 352 -16.40 -1.34 -61.32
N ASN XC 353 -16.64 -0.57 -60.26
CA ASN XC 353 -17.05 0.82 -60.42
C ASN XC 353 -15.96 1.67 -61.04
N SER XC 354 -14.70 1.44 -60.65
CA SER XC 354 -13.62 2.27 -61.18
C SER XC 354 -13.34 1.99 -62.64
N ARG XC 355 -13.81 0.85 -63.17
CA ARG XC 355 -13.78 0.61 -64.60
C ARG XC 355 -15.05 1.09 -65.28
N VAL XC 356 -16.18 1.06 -64.58
CA VAL XC 356 -17.42 1.60 -65.13
C VAL XC 356 -17.28 3.09 -65.40
N LEU XC 357 -16.57 3.82 -64.53
CA LEU XC 357 -16.33 5.23 -64.78
C LEU XC 357 -15.55 5.44 -66.08
N GLU XC 358 -14.49 4.66 -66.29
CA GLU XC 358 -13.66 4.85 -67.46
C GLU XC 358 -14.40 4.45 -68.74
N LEU XC 359 -15.29 3.47 -68.64
CA LEU XC 359 -16.10 3.14 -69.82
C LEU XC 359 -17.17 4.19 -70.09
N ALA XC 360 -17.81 4.71 -69.05
CA ALA XC 360 -18.82 5.75 -69.24
C ALA XC 360 -18.20 7.03 -69.80
N PHE XC 361 -16.95 7.34 -69.42
CA PHE XC 361 -16.28 8.50 -69.99
C PHE XC 361 -16.11 8.39 -71.49
N LYS XC 362 -15.71 7.21 -71.97
CA LYS XC 362 -15.56 6.98 -73.39
C LYS XC 362 -16.90 6.90 -74.11
N HIS XC 363 -17.96 6.45 -73.44
CA HIS XC 363 -19.25 6.31 -74.08
C HIS XC 363 -20.05 7.60 -74.17
N PHE XC 364 -20.07 8.42 -73.12
CA PHE XC 364 -20.88 9.63 -73.11
C PHE XC 364 -20.08 10.91 -73.29
N LEU XC 365 -18.77 10.83 -73.46
CA LEU XC 365 -17.98 12.05 -73.64
C LEU XC 365 -16.97 11.97 -74.76
N GLY XC 366 -16.75 10.80 -75.36
CA GLY XC 366 -15.79 10.71 -76.45
C GLY XC 366 -14.37 10.98 -76.05
N ARG XC 367 -14.03 10.74 -74.79
CA ARG XC 367 -12.65 10.93 -74.33
C ARG XC 367 -12.47 10.17 -73.03
N ALA XC 368 -11.22 10.07 -72.61
CA ALA XC 368 -10.87 9.38 -71.38
C ALA XC 368 -10.80 10.36 -70.21
N PRO XC 369 -10.85 9.85 -68.98
CA PRO XC 369 -10.63 10.72 -67.81
C PRO XC 369 -9.23 11.31 -67.84
N GLU XC 370 -9.12 12.60 -67.54
CA GLU XC 370 -7.89 13.34 -67.74
C GLU XC 370 -7.17 13.72 -66.47
N SER XC 371 -7.78 13.49 -65.31
CA SER XC 371 -7.14 13.92 -64.06
C SER XC 371 -7.56 13.02 -62.93
N ARG XC 372 -6.73 13.00 -61.89
CA ARG XC 372 -7.06 12.24 -60.68
C ARG XC 372 -8.25 12.83 -59.95
N ALA XC 373 -8.40 14.15 -59.94
CA ALA XC 373 -9.52 14.77 -59.25
C ALA XC 373 -10.84 14.44 -59.94
N GLU XC 374 -10.83 14.32 -61.26
CA GLU XC 374 -12.03 13.92 -62.00
C GLU XC 374 -12.49 12.52 -61.60
N VAL XC 375 -11.55 11.59 -61.46
CA VAL XC 375 -11.88 10.22 -61.11
C VAL XC 375 -12.46 10.16 -59.69
N GLN XC 376 -11.88 10.93 -58.76
CA GLN XC 376 -12.45 10.97 -57.40
C GLN XC 376 -13.88 11.49 -57.40
N LYS XC 377 -14.13 12.56 -58.15
CA LYS XC 377 -15.47 13.15 -58.19
C LYS XC 377 -16.49 12.16 -58.75
N TYR XC 378 -16.16 11.53 -59.88
CA TYR XC 378 -17.14 10.63 -60.48
C TYR XC 378 -17.27 9.33 -59.70
N PHE XC 379 -16.20 8.89 -59.04
CA PHE XC 379 -16.31 7.69 -58.23
C PHE XC 379 -17.15 7.93 -56.99
N SER XC 380 -16.97 9.07 -56.32
CA SER XC 380 -17.82 9.43 -55.20
C SER XC 380 -19.25 9.67 -55.64
N ILE XC 381 -19.47 10.09 -56.87
CA ILE XC 381 -20.81 10.18 -57.43
C ILE XC 381 -21.44 8.79 -57.58
N ILE XC 382 -20.72 7.85 -58.17
CA ILE XC 382 -21.23 6.50 -58.35
C ILE XC 382 -21.44 5.76 -57.04
N SER XC 383 -20.50 5.86 -56.11
CA SER XC 383 -20.45 4.99 -54.94
C SER XC 383 -21.62 5.16 -53.98
N SER XC 384 -22.15 6.37 -53.84
CA SER XC 384 -23.09 6.66 -52.77
C SER XC 384 -24.48 6.18 -53.15
N PRO XC 385 -25.30 5.76 -52.19
CA PRO XC 385 -26.65 5.30 -52.51
C PRO XC 385 -27.53 6.47 -52.90
N ILE XC 386 -27.46 7.54 -52.12
CA ILE XC 386 -28.12 8.79 -52.49
C ILE XC 386 -27.12 9.94 -52.52
N VAL XC 387 -27.11 10.68 -53.61
CA VAL XC 387 -26.29 11.88 -53.72
C VAL XC 387 -27.22 13.08 -53.78
N ARG XC 388 -28.29 12.93 -54.58
CA ARG XC 388 -29.19 13.98 -55.04
C ARG XC 388 -28.55 15.25 -55.57
N GLY XC 389 -29.26 15.91 -56.46
CA GLY XC 389 -28.87 17.22 -56.93
C GLY XC 389 -29.80 18.24 -56.34
N GLN XC 390 -30.83 18.54 -57.12
CA GLN XC 390 -31.93 19.39 -56.68
C GLN XC 390 -33.18 18.54 -56.51
N SER XC 391 -33.78 18.64 -55.32
CA SER XC 391 -35.03 17.97 -54.98
C SER XC 391 -34.97 16.45 -54.98
N SER XC 392 -35.38 15.82 -56.08
CA SER XC 392 -35.66 14.39 -56.10
C SER XC 392 -34.39 13.57 -55.91
N MET XC 393 -34.60 12.33 -55.46
CA MET XC 393 -33.52 11.38 -55.23
C MET XC 393 -33.61 10.03 -55.99
N PRO XC 394 -33.95 10.00 -57.30
CA PRO XC 394 -33.62 8.80 -58.09
C PRO XC 394 -32.16 8.74 -58.53
N SER XC 395 -31.23 9.00 -57.63
CA SER XC 395 -29.81 9.08 -57.93
C SER XC 395 -29.08 8.06 -57.08
N GLY XC 396 -28.85 6.88 -57.63
CA GLY XC 396 -28.10 5.87 -56.92
C GLY XC 396 -26.71 5.70 -57.46
N GLY XC 397 -26.51 4.65 -58.25
CA GLY XC 397 -25.21 4.34 -58.81
C GLY XC 397 -25.13 4.78 -60.25
N LEU XC 398 -25.38 3.85 -61.16
CA LEU XC 398 -25.31 4.11 -62.59
C LEU XC 398 -26.23 5.27 -62.99
N TYR XC 399 -27.42 5.34 -62.39
CA TYR XC 399 -28.34 6.41 -62.73
C TYR XC 399 -27.79 7.78 -62.35
N ALA XC 400 -27.20 7.88 -61.15
CA ALA XC 400 -26.62 9.15 -60.74
C ALA XC 400 -25.41 9.51 -61.60
N LEU XC 401 -24.56 8.52 -61.89
CA LEU XC 401 -23.36 8.79 -62.68
C LEU XC 401 -23.72 9.25 -64.09
N ILE XC 402 -24.72 8.63 -64.71
CA ILE XC 402 -25.08 9.00 -66.07
C ILE XC 402 -25.71 10.38 -66.10
N ASP XC 403 -26.50 10.71 -65.09
CA ASP XC 403 -27.05 12.07 -64.99
C ASP XC 403 -25.93 13.09 -64.84
N ALA XC 404 -24.95 12.80 -63.98
CA ALA XC 404 -23.86 13.73 -63.77
C ALA XC 404 -23.03 13.90 -65.04
N LEU XC 405 -22.80 12.82 -65.77
CA LEU XC 405 -22.04 12.90 -67.02
C LEU XC 405 -22.81 13.70 -68.07
N ILE XC 406 -24.11 13.43 -68.21
CA ILE XC 406 -24.88 14.08 -69.27
C ILE XC 406 -25.10 15.54 -68.96
N ASP XC 407 -25.26 15.92 -67.69
CA ASP XC 407 -25.54 17.29 -67.31
C ASP XC 407 -24.27 18.12 -67.16
N SER XC 408 -23.11 17.55 -67.48
CA SER XC 408 -21.85 18.25 -67.29
C SER XC 408 -21.74 19.45 -68.22
N GLU XC 409 -20.89 20.40 -67.84
CA GLU XC 409 -20.66 21.58 -68.66
C GLU XC 409 -20.04 21.19 -70.00
N GLU XC 410 -19.16 20.20 -70.00
CA GLU XC 410 -18.45 19.83 -71.22
C GLU XC 410 -19.39 19.22 -72.25
N TYR XC 411 -20.36 18.40 -71.80
CA TYR XC 411 -21.24 17.73 -72.74
C TYR XC 411 -22.12 18.72 -73.49
N THR XC 412 -22.61 19.75 -72.79
CA THR XC 412 -23.61 20.66 -73.33
C THR XC 412 -22.92 21.82 -74.05
N SER XC 413 -21.62 21.66 -74.25
CA SER XC 413 -20.83 22.61 -75.03
C SER XC 413 -20.36 21.95 -76.31
N ILE XC 414 -20.17 20.63 -76.27
CA ILE XC 414 -19.70 19.94 -77.47
C ILE XC 414 -20.87 19.29 -78.20
N PHE XC 415 -21.60 18.39 -77.52
CA PHE XC 415 -22.71 17.68 -78.14
C PHE XC 415 -24.06 18.24 -77.72
N GLY XC 416 -24.16 19.57 -77.61
CA GLY XC 416 -25.31 20.19 -76.98
C GLY XC 416 -26.65 19.94 -77.61
N GLU XC 417 -27.44 19.07 -76.98
CA GLU XC 417 -28.88 18.98 -77.16
C GLU XC 417 -29.36 18.34 -78.46
N ASP XC 418 -28.48 18.13 -79.43
CA ASP XC 418 -28.89 17.45 -80.65
C ASP XC 418 -27.87 16.46 -81.22
N THR XC 419 -26.60 16.61 -80.90
CA THR XC 419 -25.55 15.82 -81.53
C THR XC 419 -25.26 14.57 -80.72
N VAL XC 420 -25.26 13.43 -81.40
CA VAL XC 420 -24.84 12.18 -80.78
C VAL XC 420 -23.36 12.31 -80.49
N PRO XC 421 -22.90 11.87 -79.31
CA PRO XC 421 -21.48 12.01 -78.98
C PRO XC 421 -20.59 11.22 -79.93
N TYR XC 422 -19.41 11.78 -80.21
CA TYR XC 422 -18.48 11.18 -81.15
C TYR XC 422 -17.08 11.21 -80.55
N LEU XC 423 -16.24 10.32 -81.06
CA LEU XC 423 -14.88 10.19 -80.54
C LEU XC 423 -14.08 11.45 -80.85
N ARG XC 424 -13.51 12.05 -79.80
CA ARG XC 424 -12.65 13.23 -79.97
C ARG XC 424 -11.20 12.78 -79.94
N ASN XC 425 -10.85 11.97 -80.94
CA ASN XC 425 -9.51 11.42 -81.06
C ASN XC 425 -8.58 12.42 -81.76
N LEU XC 426 -7.46 11.92 -82.28
CA LEU XC 426 -6.38 12.77 -82.80
C LEU XC 426 -6.86 13.77 -83.84
N GLY XC 427 -7.71 13.32 -84.76
CA GLY XC 427 -8.16 14.22 -85.83
C GLY XC 427 -9.03 15.35 -85.34
N VAL XC 428 -9.89 15.08 -84.35
CA VAL XC 428 -10.97 16.01 -84.06
C VAL XC 428 -10.48 17.20 -83.23
N GLU XC 429 -9.81 16.94 -82.11
CA GLU XC 429 -9.50 17.98 -81.15
C GLU XC 429 -8.02 17.97 -80.83
N ALA XC 430 -7.63 18.81 -79.87
CA ALA XC 430 -6.26 18.84 -79.38
C ALA XC 430 -6.02 17.64 -78.47
N GLN XC 431 -5.00 16.85 -78.79
CA GLN XC 431 -4.92 15.65 -77.97
C GLN XC 431 -3.98 15.87 -76.78
N PRO XC 432 -4.48 15.63 -75.58
CA PRO XC 432 -3.61 15.60 -74.40
C PRO XC 432 -2.59 14.47 -74.51
N SER XC 433 -1.43 14.69 -73.90
CA SER XC 433 -0.33 13.74 -73.99
C SER XC 433 -0.04 13.00 -72.70
N TRP XC 434 -0.61 13.42 -71.57
CA TRP XC 434 -0.24 12.79 -70.31
C TRP XC 434 -0.95 11.46 -70.10
N ASN XC 435 -1.90 11.11 -70.96
CA ASN XC 435 -2.50 9.78 -70.95
C ASN XC 435 -2.67 9.24 -72.37
N TRP XC 436 -1.62 9.37 -73.18
CA TRP XC 436 -1.73 9.00 -74.59
C TRP XC 436 -1.95 7.50 -74.76
N GLY XC 437 -1.04 6.69 -74.20
CA GLY XC 437 -1.14 5.25 -74.36
C GLY XC 437 -2.36 4.67 -73.67
N ALA XC 438 -2.69 5.17 -72.49
CA ALA XC 438 -3.87 4.69 -71.80
C ALA XC 438 -5.14 5.05 -72.55
N ALA XC 439 -5.23 6.27 -73.07
CA ALA XC 439 -6.45 6.70 -73.74
C ALA XC 439 -6.63 6.00 -75.07
N TYR XC 440 -5.54 5.73 -75.79
CA TYR XC 440 -5.68 5.08 -77.08
C TYR XC 440 -5.92 3.59 -76.95
N ASP XC 441 -5.68 3.03 -75.76
CA ASP XC 441 -6.14 1.68 -75.49
C ASP XC 441 -7.64 1.68 -75.21
N LEU XC 442 -8.12 2.71 -74.52
CA LEU XC 442 -9.55 2.81 -74.23
C LEU XC 442 -10.35 3.04 -75.50
N TYR XC 443 -9.83 3.85 -76.43
CA TYR XC 443 -10.54 4.14 -77.66
C TYR XC 443 -10.72 2.91 -78.55
N ASN XC 444 -9.87 1.90 -78.40
CA ASN XC 444 -9.99 0.70 -79.20
C ASN XC 444 -11.28 -0.05 -78.84
N TYR XC 445 -11.67 -0.98 -79.72
CA TYR XC 445 -12.87 -1.76 -79.49
C TYR XC 445 -12.63 -2.98 -78.61
N ALA XC 446 -11.39 -3.19 -78.17
CA ALA XC 446 -11.07 -4.23 -77.19
C ALA XC 446 -11.08 -3.69 -75.77
N ALA XC 447 -11.44 -2.43 -75.59
CA ALA XC 447 -11.50 -1.75 -74.30
C ALA XC 447 -12.38 -2.46 -73.28
N PRO XC 448 -13.59 -2.89 -73.62
CA PRO XC 448 -14.41 -3.63 -72.64
C PRO XC 448 -13.81 -4.96 -72.20
N ARG XC 449 -12.85 -5.52 -72.93
CA ARG XC 449 -12.23 -6.77 -72.55
C ARG XC 449 -11.22 -6.63 -71.42
N ARG XC 450 -10.90 -5.41 -71.01
CA ARG XC 450 -9.99 -5.16 -69.90
C ARG XC 450 -10.79 -4.84 -68.65
N LYS XC 451 -10.67 -5.70 -67.64
CA LYS XC 451 -11.40 -5.50 -66.39
C LYS XC 451 -10.62 -4.77 -65.34
N VAL XC 452 -9.29 -4.86 -65.35
CA VAL XC 452 -8.45 -4.14 -64.39
C VAL XC 452 -8.50 -2.65 -64.73
N PRO XC 453 -8.83 -1.79 -63.77
CA PRO XC 453 -8.83 -0.35 -64.05
C PRO XC 453 -7.44 0.14 -64.43
N GLN XC 454 -7.40 1.08 -65.36
CA GLN XC 454 -6.13 1.58 -65.86
C GLN XC 454 -5.88 3.05 -65.57
N PHE XC 455 -6.88 3.90 -65.65
CA PHE XC 455 -6.66 5.33 -65.50
C PHE XC 455 -6.41 5.74 -64.05
N ILE XC 456 -7.15 5.18 -63.09
CA ILE XC 456 -6.89 5.48 -61.69
C ILE XC 456 -5.53 4.94 -61.28
N THR XC 457 -5.16 3.78 -61.80
CA THR XC 457 -3.84 3.23 -61.52
C THR XC 457 -2.75 4.10 -62.13
N LEU XC 458 -2.95 4.59 -63.35
CA LEU XC 458 -1.94 5.42 -64.00
C LEU XC 458 -1.77 6.75 -63.29
N PHE XC 459 -2.88 7.39 -62.90
CA PHE XC 459 -2.77 8.67 -62.22
C PHE XC 459 -2.20 8.51 -60.82
N ALA XC 460 -2.36 7.34 -60.21
CA ALA XC 460 -1.73 7.09 -58.92
C ALA XC 460 -0.24 6.81 -59.09
N ASP XC 461 0.14 6.12 -60.17
CA ASP XC 461 1.55 5.80 -60.37
C ASP XC 461 2.37 7.03 -60.68
N TYR XC 462 1.75 8.08 -61.23
CA TYR XC 462 2.50 9.29 -61.57
C TYR XC 462 3.05 9.98 -60.34
N THR XC 463 2.39 9.83 -59.20
CA THR XC 463 2.72 10.58 -57.99
C THR XC 463 3.30 9.70 -56.90
N GLN XC 464 3.85 8.54 -57.24
CA GLN XC 464 4.41 7.61 -56.27
C GLN XC 464 5.68 6.99 -56.81
N PRO XC 465 6.52 6.43 -55.93
CA PRO XC 465 7.76 5.81 -56.38
C PRO XC 465 7.49 4.58 -57.24
N LEU XC 466 8.58 4.00 -57.73
CA LEU XC 466 8.49 2.84 -58.61
C LEU XC 466 7.90 1.65 -57.84
N PRO XC 467 6.91 0.97 -58.41
CA PRO XC 467 6.47 -0.29 -57.82
C PRO XC 467 7.55 -1.34 -58.02
N ASN XC 468 7.60 -2.31 -57.12
CA ASN XC 468 8.58 -3.37 -57.24
C ASN XC 468 7.95 -4.54 -57.99
N GLN XC 469 8.51 -4.82 -59.15
CA GLN XC 469 8.08 -5.91 -60.01
C GLN XC 469 9.31 -6.34 -60.81
N HIS XC 470 9.07 -7.08 -61.88
CA HIS XC 470 10.15 -7.33 -62.81
C HIS XC 470 10.58 -6.01 -63.44
N PRO XC 471 11.85 -5.89 -63.82
CA PRO XC 471 12.28 -4.68 -64.56
C PRO XC 471 11.51 -4.47 -65.85
N TYR XC 472 11.08 -5.55 -66.49
CA TYR XC 472 10.18 -5.48 -67.64
C TYR XC 472 8.76 -5.39 -67.11
N GLY XC 473 7.77 -5.62 -67.96
CA GLY XC 473 6.38 -5.46 -67.58
C GLY XC 473 5.97 -6.34 -66.41
N ALA XC 474 4.87 -5.95 -65.78
CA ALA XC 474 4.44 -6.60 -64.53
C ALA XC 474 3.97 -8.03 -64.74
N GLY XC 475 3.70 -8.43 -65.97
CA GLY XC 475 3.34 -9.80 -66.24
C GLY XC 475 4.49 -10.74 -66.42
N ASN XC 476 5.71 -10.28 -66.19
CA ASN XC 476 6.91 -11.07 -66.45
C ASN XC 476 7.37 -11.87 -65.24
N ASP XC 477 6.75 -11.72 -64.08
CA ASP XC 477 7.13 -12.49 -62.91
C ASP XC 477 6.08 -13.55 -62.64
N PRO XC 478 6.45 -14.82 -62.63
CA PRO XC 478 5.46 -15.89 -62.51
C PRO XC 478 4.87 -15.95 -61.11
N LEU XC 479 3.73 -16.63 -61.02
CA LEU XC 479 3.11 -16.90 -59.73
C LEU XC 479 4.04 -17.77 -58.89
N GLU XC 480 4.11 -17.46 -57.59
CA GLU XC 480 5.04 -18.17 -56.71
C GLU XC 480 4.29 -19.29 -56.00
N ILE XC 481 4.14 -20.40 -56.71
CA ILE XC 481 3.59 -21.64 -56.17
C ILE XC 481 4.67 -22.70 -56.28
N GLN XC 482 4.35 -23.94 -55.90
CA GLN XC 482 5.37 -24.98 -55.84
C GLN XC 482 5.95 -25.29 -57.22
N PHE XC 483 5.10 -25.48 -58.22
CA PHE XC 483 5.59 -25.84 -59.55
C PHE XC 483 4.80 -25.23 -60.70
N GLY XC 484 4.17 -24.07 -60.51
CA GLY XC 484 3.27 -23.57 -61.53
C GLY XC 484 3.96 -23.07 -62.78
N ALA XC 485 4.72 -21.97 -62.67
CA ALA XC 485 5.17 -21.19 -63.82
C ALA XC 485 3.96 -20.67 -64.61
N ILE XC 486 3.19 -19.79 -63.98
CA ILE XC 486 1.90 -19.39 -64.54
C ILE XC 486 2.08 -18.38 -65.67
N PHE XC 487 2.62 -17.20 -65.37
CA PHE XC 487 2.90 -16.20 -66.40
C PHE XC 487 1.64 -15.73 -67.13
N LYS XC 488 0.81 -14.92 -66.47
CA LYS XC 488 -0.40 -14.35 -67.04
C LYS XC 488 -0.19 -13.80 -68.45
N ASN XC 489 -1.20 -14.01 -69.31
CA ASN XC 489 -0.96 -14.11 -70.75
C ASN XC 489 -0.75 -12.75 -71.40
N SER XC 490 -1.47 -11.73 -70.94
CA SER XC 490 -1.51 -10.40 -71.57
C SER XC 490 -2.22 -10.42 -72.92
N THR XC 491 -2.93 -11.50 -73.21
CA THR XC 491 -3.85 -11.56 -74.34
C THR XC 491 -5.18 -12.17 -73.95
N ILE XC 492 -5.18 -13.12 -73.01
CA ILE XC 492 -6.42 -13.70 -72.52
C ILE XC 492 -7.24 -12.64 -71.80
N ASN XC 493 -6.59 -11.80 -71.01
CA ASN XC 493 -7.26 -10.72 -70.30
C ASN XC 493 -6.22 -9.64 -70.02
N PRO XC 494 -6.23 -8.58 -70.83
CA PRO XC 494 -5.16 -7.58 -70.72
C PRO XC 494 -5.19 -6.84 -69.40
N ALA XC 495 -4.08 -6.91 -68.68
CA ALA XC 495 -3.88 -6.16 -67.44
C ALA XC 495 -2.45 -5.61 -67.48
N GLU XC 496 -2.08 -5.10 -68.65
CA GLU XC 496 -0.71 -4.65 -68.88
C GLU XC 496 -0.36 -3.47 -67.98
N ARG XC 497 0.78 -3.58 -67.31
CA ARG XC 497 1.30 -2.52 -66.48
C ARG XC 497 2.78 -2.37 -66.74
N ALA XC 498 3.21 -1.15 -67.02
CA ALA XC 498 4.60 -0.85 -67.28
C ALA XC 498 5.07 0.27 -66.36
N ALA XC 499 6.39 0.33 -66.16
CA ALA XC 499 6.97 1.36 -65.33
C ALA XC 499 8.40 1.56 -65.77
N PRO XC 500 8.86 2.80 -65.90
CA PRO XC 500 10.23 3.05 -66.31
C PRO XC 500 11.18 2.63 -65.20
N ILE XC 501 11.87 1.51 -65.41
CA ILE XC 501 12.62 0.85 -64.34
C ILE XC 501 14.10 1.21 -64.39
N GLY XC 502 14.51 2.00 -65.38
CA GLY XC 502 15.91 2.38 -65.48
C GLY XC 502 16.79 1.17 -65.77
N LYS XC 503 18.02 1.25 -65.26
CA LYS XC 503 18.94 0.14 -65.38
C LYS XC 503 19.63 -0.22 -64.09
N ASP XC 504 19.82 0.71 -63.15
CA ASP XC 504 20.48 0.45 -61.89
C ASP XC 504 19.51 0.27 -60.74
N VAL XC 505 18.21 0.19 -61.01
CA VAL XC 505 17.23 -0.02 -59.96
C VAL XC 505 17.34 -1.44 -59.46
N LYS XC 506 17.70 -1.59 -58.18
CA LYS XC 506 17.92 -2.88 -57.57
C LYS XC 506 16.67 -3.28 -56.80
N ARG XC 507 16.11 -4.43 -57.15
CA ARG XC 507 14.83 -4.86 -56.61
C ARG XC 507 14.93 -5.15 -55.12
N ILE XC 508 13.81 -5.02 -54.42
CA ILE XC 508 13.73 -5.33 -53.00
C ILE XC 508 13.06 -6.69 -52.84
N LEU XC 509 13.79 -7.63 -52.27
CA LEU XC 509 13.30 -8.99 -52.09
C LEU XC 509 13.22 -9.32 -50.61
N ILE XC 510 12.18 -10.05 -50.23
CA ILE XC 510 12.01 -10.47 -48.85
C ILE XC 510 12.82 -11.73 -48.61
N ARG XC 511 13.44 -11.81 -47.44
CA ARG XC 511 14.28 -12.93 -47.06
C ARG XC 511 13.41 -14.05 -46.53
N ASN XC 512 13.53 -15.23 -47.15
CA ASN XC 512 12.74 -16.40 -46.75
C ASN XC 512 13.45 -17.09 -45.61
N GLY XC 513 13.46 -16.44 -44.46
CA GLY XC 513 14.19 -16.93 -43.31
C GLY XC 513 14.40 -15.80 -42.32
N SER XC 514 15.52 -15.85 -41.62
CA SER XC 514 15.82 -14.83 -40.65
C SER XC 514 16.02 -13.47 -41.32
N PRO XC 515 15.34 -12.45 -40.81
CA PRO XC 515 15.40 -11.13 -41.46
C PRO XC 515 16.79 -10.52 -41.51
N THR XC 516 17.66 -10.82 -40.55
CA THR XC 516 18.97 -10.20 -40.49
C THR XC 516 19.99 -10.89 -41.39
N SER XC 517 19.55 -11.75 -42.29
CA SER XC 517 20.43 -12.37 -43.29
C SER XC 517 20.01 -12.03 -44.70
N ASN XC 518 19.63 -10.78 -44.95
CA ASN XC 518 19.06 -10.42 -46.25
C ASN XC 518 20.11 -10.37 -47.35
N GLU XC 519 21.40 -10.39 -47.01
CA GLU XC 519 22.54 -10.29 -47.91
C GLU XC 519 22.73 -8.89 -48.48
N ARG XC 520 21.86 -7.94 -48.15
CA ARG XC 520 22.05 -6.55 -48.57
C ARG XC 520 22.61 -5.69 -47.45
N GLY XC 521 22.37 -6.07 -46.20
CA GLY XC 521 23.00 -5.41 -45.08
C GLY XC 521 23.91 -6.37 -44.33
N ASN XC 522 23.92 -7.61 -44.77
CA ASN XC 522 24.77 -8.66 -44.19
C ASN XC 522 25.41 -9.40 -45.36
N PRO XC 523 26.63 -9.02 -45.74
CA PRO XC 523 27.25 -9.62 -46.94
C PRO XC 523 27.47 -11.11 -46.85
N THR XC 524 27.65 -11.66 -45.65
CA THR XC 524 27.77 -13.09 -45.45
C THR XC 524 26.61 -13.54 -44.56
N GLY XC 525 25.47 -13.79 -45.19
CA GLY XC 525 24.29 -14.23 -44.49
C GLY XC 525 23.81 -15.61 -44.89
N MET XC 526 24.23 -16.10 -46.05
CA MET XC 526 23.91 -17.45 -46.49
C MET XC 526 24.79 -18.50 -45.84
N SER XC 527 25.81 -18.09 -45.09
CA SER XC 527 26.73 -19.03 -44.46
C SER XC 527 26.53 -19.12 -42.95
N GLU XC 528 25.66 -18.30 -42.37
CA GLU XC 528 25.42 -18.31 -40.94
C GLU XC 528 24.17 -19.12 -40.63
N GLY XC 529 24.35 -20.25 -39.97
CA GLY XC 529 23.34 -21.13 -39.43
C GLY XC 529 22.25 -21.50 -40.41
N ALA XC 530 21.17 -22.05 -39.87
CA ALA XC 530 19.96 -22.33 -40.64
C ALA XC 530 18.78 -22.43 -39.68
N THR XC 531 17.94 -21.42 -39.65
CA THR XC 531 16.88 -21.34 -38.67
C THR XC 531 15.65 -22.10 -39.17
N THR XC 532 14.65 -22.22 -38.29
CA THR XC 532 13.39 -22.88 -38.62
C THR XC 532 12.45 -21.96 -39.37
N LEU XC 533 12.81 -20.69 -39.54
CA LEU XC 533 11.99 -19.74 -40.28
C LEU XC 533 12.01 -19.98 -41.78
N GLY XC 534 12.98 -20.75 -42.28
CA GLY XC 534 13.12 -20.97 -43.70
C GLY XC 534 12.88 -22.41 -44.09
N PRO XC 535 13.19 -22.75 -45.34
CA PRO XC 535 12.98 -24.12 -45.80
C PRO XC 535 14.12 -25.03 -45.36
N LYS XC 536 13.84 -26.33 -45.41
CA LYS XC 536 14.86 -27.32 -45.09
C LYS XC 536 15.96 -27.31 -46.13
N ILE XC 537 17.20 -27.45 -45.67
CA ILE XC 537 18.38 -27.40 -46.51
C ILE XC 537 18.95 -28.82 -46.62
N PHE XC 538 19.04 -29.32 -47.85
CA PHE XC 538 19.54 -30.66 -48.10
C PHE XC 538 20.99 -30.58 -48.53
N LYS XC 539 21.88 -31.15 -47.73
CA LYS XC 539 23.29 -31.29 -48.10
C LYS XC 539 23.70 -32.74 -47.85
N LEU XC 540 24.41 -33.32 -48.81
CA LEU XC 540 24.71 -34.75 -48.78
C LEU XC 540 25.97 -34.99 -47.98
N THR XC 541 25.83 -34.87 -46.66
CA THR XC 541 26.94 -35.14 -45.75
C THR XC 541 27.25 -36.62 -45.63
N GLN XC 542 26.29 -37.49 -45.93
CA GLN XC 542 26.50 -38.93 -45.85
C GLN XC 542 27.52 -39.32 -46.92
N ASN XC 543 28.29 -40.36 -46.63
CA ASN XC 543 29.49 -40.71 -47.37
C ASN XC 543 29.21 -41.03 -48.83
N VAL XC 544 28.09 -41.73 -49.06
CA VAL XC 544 27.61 -42.24 -50.35
C VAL XC 544 28.78 -43.04 -50.94
N GLY XC 545 29.11 -42.83 -52.21
CA GLY XC 545 30.33 -43.40 -52.77
C GLY XC 545 30.39 -44.92 -52.90
N PHE XC 546 29.48 -45.66 -52.28
CA PHE XC 546 29.55 -47.12 -52.24
C PHE XC 546 30.89 -47.57 -51.66
N ARG XC 547 31.17 -47.10 -50.45
CA ARG XC 547 32.44 -47.44 -49.80
C ARG XC 547 32.48 -48.91 -49.42
N SER XC 548 31.32 -49.52 -49.17
CA SER XC 548 31.21 -50.84 -48.54
C SER XC 548 31.82 -50.79 -47.14
N LYS XC 549 32.09 -51.95 -46.55
CA LYS XC 549 32.55 -52.04 -45.17
C LYS XC 549 33.12 -53.41 -44.85
N GLY XC 550 33.37 -53.67 -43.56
CA GLY XC 550 33.69 -55.01 -43.09
C GLY XC 550 32.44 -55.75 -42.67
N MET XC 551 31.38 -55.60 -43.45
CA MET XC 551 30.11 -56.26 -43.23
C MET XC 551 30.11 -57.61 -43.94
N VAL XC 552 28.93 -58.22 -44.00
CA VAL XC 552 28.75 -59.37 -44.87
C VAL XC 552 28.94 -58.91 -46.31
N GLN XC 553 29.47 -59.81 -47.15
CA GLN XC 553 29.80 -59.44 -48.52
C GLN XC 553 28.55 -59.06 -49.31
N ASN XC 554 27.45 -59.78 -49.09
CA ASN XC 554 26.20 -59.48 -49.78
C ASN XC 554 25.16 -59.03 -48.78
N ALA XC 555 25.57 -58.15 -47.86
CA ALA XC 555 24.69 -57.70 -46.79
C ALA XC 555 23.45 -57.01 -47.34
N GLY XC 556 22.29 -57.39 -46.80
CA GLY XC 556 21.04 -56.91 -47.37
C GLY XC 556 20.66 -55.52 -46.87
N VAL XC 557 20.74 -55.30 -45.56
CA VAL XC 557 20.16 -54.09 -44.99
C VAL XC 557 20.98 -52.86 -45.36
N VAL XC 558 22.22 -52.79 -44.90
CA VAL XC 558 23.23 -51.75 -45.13
C VAL XC 558 22.83 -50.39 -44.52
N THR XC 559 21.69 -50.35 -43.83
CA THR XC 559 21.10 -49.15 -43.20
C THR XC 559 21.05 -47.96 -44.17
N VAL XC 560 21.78 -46.88 -43.94
CA VAL XC 560 21.49 -45.60 -44.56
C VAL XC 560 22.11 -45.56 -45.95
N GLU XC 561 21.36 -46.08 -46.93
CA GLU XC 561 21.35 -45.50 -48.25
C GLU XC 561 19.86 -45.31 -48.56
N GLY XC 562 19.31 -44.28 -47.95
CA GLY XC 562 17.98 -43.77 -48.24
C GLY XC 562 18.06 -42.28 -48.06
N SER XC 563 19.24 -41.82 -47.64
CA SER XC 563 19.56 -40.41 -47.63
C SER XC 563 20.03 -39.93 -48.98
N VAL XC 564 20.77 -40.79 -49.71
CA VAL XC 564 21.01 -40.54 -51.12
C VAL XC 564 19.71 -40.53 -51.89
N GLN XC 565 18.83 -41.50 -51.60
CA GLN XC 565 17.51 -41.50 -52.22
C GLN XC 565 16.67 -40.32 -51.76
N ALA XC 566 16.77 -39.93 -50.50
CA ALA XC 566 16.07 -38.74 -50.03
C ALA XC 566 16.59 -37.46 -50.65
N LEU XC 567 17.89 -37.41 -50.97
CA LEU XC 567 18.44 -36.24 -51.63
C LEU XC 567 18.07 -36.22 -53.11
N ILE XC 568 17.99 -37.39 -53.75
CA ILE XC 568 17.68 -37.44 -55.17
C ILE XC 568 16.26 -36.96 -55.43
N THR XC 569 15.29 -37.40 -54.62
CA THR XC 569 13.92 -36.93 -54.80
C THR XC 569 13.74 -35.49 -54.37
N ALA XC 570 14.60 -34.97 -53.49
CA ALA XC 570 14.56 -33.57 -53.13
C ALA XC 570 15.15 -32.68 -54.21
N ALA XC 571 16.12 -33.19 -54.99
CA ALA XC 571 16.67 -32.42 -56.09
C ALA XC 571 15.60 -32.13 -57.14
N TYR XC 572 14.78 -33.13 -57.46
CA TYR XC 572 13.66 -32.91 -58.38
C TYR XC 572 12.66 -31.92 -57.80
N GLN XC 573 12.37 -32.02 -56.52
CA GLN XC 573 11.43 -31.14 -55.85
C GLN XC 573 11.83 -29.67 -55.91
N GLN XC 574 13.12 -29.38 -56.07
CA GLN XC 574 13.59 -28.01 -56.24
C GLN XC 574 13.71 -27.61 -57.70
N ILE XC 575 14.37 -28.43 -58.52
CA ILE XC 575 14.65 -28.02 -59.89
C ILE XC 575 13.37 -28.00 -60.72
N PHE XC 576 12.55 -29.04 -60.60
CA PHE XC 576 11.30 -29.11 -61.35
C PHE XC 576 10.08 -28.71 -60.55
N GLY XC 577 10.19 -28.64 -59.22
CA GLY XC 577 9.06 -28.31 -58.38
C GLY XC 577 8.17 -29.49 -58.06
N ARG XC 578 8.35 -30.62 -58.71
CA ARG XC 578 7.56 -31.81 -58.46
C ARG XC 578 8.32 -33.00 -59.02
N GLN XC 579 7.95 -34.19 -58.57
CA GLN XC 579 8.51 -35.40 -59.12
C GLN XC 579 8.05 -35.58 -60.56
N LEU XC 580 8.88 -36.23 -61.35
CA LEU XC 580 8.56 -36.49 -62.74
C LEU XC 580 7.83 -37.83 -62.88
N TYR XC 581 7.38 -38.13 -64.09
CA TYR XC 581 6.70 -39.38 -64.36
C TYR XC 581 7.74 -40.50 -64.48
N GLN XC 582 7.27 -41.71 -64.78
CA GLN XC 582 8.15 -42.87 -64.72
C GLN XC 582 9.21 -42.83 -65.82
N GLY XC 583 8.81 -42.54 -67.04
CA GLY XC 583 9.78 -42.53 -68.13
C GLY XC 583 10.66 -41.30 -68.13
N GLN XC 584 10.20 -40.23 -67.47
CA GLN XC 584 10.89 -38.94 -67.58
C GLN XC 584 12.05 -38.83 -66.59
N ARG XC 585 12.14 -39.76 -65.64
CA ARG XC 585 13.20 -39.68 -64.64
C ARG XC 585 14.55 -39.91 -65.29
N LEU XC 586 15.52 -39.06 -64.96
CA LEU XC 586 16.86 -39.16 -65.53
C LEU XC 586 17.66 -40.16 -64.73
N LYS XC 587 17.74 -41.39 -65.24
CA LYS XC 587 18.71 -42.31 -64.69
C LYS XC 587 20.09 -42.00 -65.29
N VAL XC 588 21.07 -42.84 -64.92
CA VAL XC 588 22.49 -42.79 -65.31
C VAL XC 588 23.12 -41.44 -64.98
N ALA XC 589 22.50 -40.68 -64.08
CA ALA XC 589 23.07 -39.59 -63.31
C ALA XC 589 22.81 -39.78 -61.83
N GLU XC 590 21.60 -40.24 -61.47
CA GLU XC 590 21.36 -40.71 -60.12
C GLU XC 590 22.23 -41.92 -59.81
N ILE XC 591 22.51 -42.74 -60.82
CA ILE XC 591 23.41 -43.88 -60.64
C ILE XC 591 24.80 -43.41 -60.26
N LYS XC 592 25.32 -42.39 -60.95
CA LYS XC 592 26.63 -41.87 -60.62
C LYS XC 592 26.64 -41.20 -59.25
N LEU XC 593 25.57 -40.46 -58.92
CA LEU XC 593 25.49 -39.84 -57.61
C LEU XC 593 25.48 -40.88 -56.50
N GLU XC 594 24.72 -41.96 -56.69
CA GLU XC 594 24.69 -43.03 -55.69
C GLU XC 594 26.03 -43.74 -55.58
N ASN XC 595 26.71 -43.97 -56.71
CA ASN XC 595 28.01 -44.61 -56.73
C ASN XC 595 29.13 -43.71 -56.24
N GLY XC 596 28.89 -42.41 -56.12
CA GLY XC 596 29.89 -41.49 -55.64
C GLY XC 596 30.86 -40.99 -56.69
N GLU XC 597 30.60 -41.26 -57.96
CA GLU XC 597 31.50 -40.78 -59.01
C GLU XC 597 31.38 -39.26 -59.20
N THR XC 598 30.20 -38.70 -58.95
CA THR XC 598 29.97 -37.28 -59.10
C THR XC 598 29.33 -36.73 -57.83
N THR XC 599 29.49 -35.43 -57.62
CA THR XC 599 28.95 -34.78 -56.44
C THR XC 599 27.58 -34.19 -56.74
N VAL XC 600 26.97 -33.53 -55.76
CA VAL XC 600 25.63 -32.97 -55.93
C VAL XC 600 25.65 -31.84 -56.95
N LYS XC 601 26.73 -31.08 -57.01
CA LYS XC 601 26.81 -29.97 -57.95
C LYS XC 601 26.80 -30.46 -59.39
N GLU XC 602 27.38 -31.63 -59.63
CA GLU XC 602 27.34 -32.22 -60.96
C GLU XC 602 26.00 -32.86 -61.29
N PHE XC 603 25.32 -33.45 -60.31
CA PHE XC 603 23.99 -34.00 -60.56
C PHE XC 603 22.97 -32.89 -60.83
N VAL XC 604 23.08 -31.78 -60.12
CA VAL XC 604 22.19 -30.65 -60.39
C VAL XC 604 22.44 -30.10 -61.79
N ARG XC 605 23.69 -30.07 -62.22
CA ARG XC 605 23.99 -29.63 -63.59
C ARG XC 605 23.38 -30.59 -64.62
N ALA XC 606 23.42 -31.88 -64.35
CA ALA XC 606 22.81 -32.84 -65.25
C ALA XC 606 21.30 -32.65 -65.32
N LEU XC 607 20.67 -32.39 -64.17
CA LEU XC 607 19.22 -32.15 -64.17
C LEU XC 607 18.85 -30.87 -64.91
N GLY XC 608 19.57 -29.77 -64.63
CA GLY XC 608 19.21 -28.50 -65.22
C GLY XC 608 19.42 -28.45 -66.72
N ARG XC 609 20.39 -29.21 -67.23
CA ARG XC 609 20.69 -29.25 -68.66
C ARG XC 609 19.89 -30.32 -69.38
N SER XC 610 18.94 -30.95 -68.69
CA SER XC 610 18.23 -32.11 -69.20
C SER XC 610 17.24 -31.70 -70.29
N GLU XC 611 16.76 -32.70 -71.03
CA GLU XC 611 15.78 -32.43 -72.08
C GLU XC 611 14.42 -32.06 -71.51
N ILE XC 612 14.02 -32.73 -70.42
CA ILE XC 612 12.71 -32.46 -69.85
C ILE XC 612 12.61 -31.06 -69.25
N PHE XC 613 13.68 -30.57 -68.62
CA PHE XC 613 13.65 -29.23 -68.05
C PHE XC 613 13.47 -28.18 -69.14
N ARG XC 614 14.18 -28.31 -70.25
CA ARG XC 614 13.98 -27.41 -71.37
C ARG XC 614 12.57 -27.52 -71.94
N LYS XC 615 12.07 -28.75 -72.04
CA LYS XC 615 10.75 -28.97 -72.61
C LYS XC 615 9.66 -28.35 -71.75
N LEU XC 616 9.85 -28.35 -70.44
CA LEU XC 616 8.83 -27.82 -69.54
C LEU XC 616 8.93 -26.32 -69.41
N TYR XC 617 10.13 -25.79 -69.11
CA TYR XC 617 10.26 -24.41 -68.67
C TYR XC 617 11.02 -23.52 -69.65
N TRP XC 618 11.36 -24.00 -70.83
CA TRP XC 618 11.98 -23.14 -71.83
C TRP XC 618 11.15 -23.03 -73.10
N GLU XC 619 10.71 -24.16 -73.64
CA GLU XC 619 10.04 -24.15 -74.94
C GLU XC 619 8.74 -23.37 -74.96
N PRO XC 620 7.77 -23.61 -74.09
CA PRO XC 620 6.45 -22.98 -74.23
C PRO XC 620 6.32 -21.57 -73.69
N PHE XC 621 7.40 -20.86 -73.40
CA PHE XC 621 7.29 -19.55 -72.79
C PHE XC 621 8.05 -18.50 -73.59
N TYR XC 622 7.62 -17.25 -73.41
CA TYR XC 622 8.34 -16.10 -73.93
C TYR XC 622 9.75 -16.09 -73.37
N VAL XC 623 10.70 -15.56 -74.15
CA VAL XC 623 12.12 -15.78 -73.87
C VAL XC 623 12.55 -15.17 -72.55
N CYS XC 624 12.15 -13.93 -72.28
CA CYS XC 624 12.52 -13.30 -71.01
C CYS XC 624 11.68 -13.79 -69.84
N LYS XC 625 10.54 -14.43 -70.10
CA LYS XC 625 9.80 -15.09 -69.03
C LYS XC 625 10.48 -16.39 -68.63
N ALA XC 626 10.99 -17.14 -69.61
CA ALA XC 626 11.66 -18.40 -69.33
C ALA XC 626 12.92 -18.18 -68.52
N ILE XC 627 13.67 -17.12 -68.83
CA ILE XC 627 14.88 -16.81 -68.08
C ILE XC 627 14.54 -16.49 -66.63
N GLU XC 628 13.51 -15.67 -66.42
CA GLU XC 628 13.14 -15.30 -65.05
C GLU XC 628 12.65 -16.49 -64.26
N TYR XC 629 11.89 -17.40 -64.89
CA TYR XC 629 11.45 -18.56 -64.15
C TYR XC 629 12.58 -19.54 -63.88
N ILE XC 630 13.48 -19.72 -64.85
CA ILE XC 630 14.60 -20.63 -64.66
C ILE XC 630 15.55 -20.10 -63.59
N HIS XC 631 15.63 -18.78 -63.45
CA HIS XC 631 16.48 -18.20 -62.41
C HIS XC 631 16.01 -18.60 -61.03
N ARG XC 632 14.69 -18.59 -60.81
CA ARG XC 632 14.16 -18.97 -59.50
C ARG XC 632 14.40 -20.45 -59.22
N ARG XC 633 14.35 -21.30 -60.24
CA ARG XC 633 14.56 -22.72 -60.01
C ARG XC 633 16.02 -23.03 -59.74
N LEU XC 634 16.94 -22.50 -60.55
CA LEU XC 634 18.35 -22.81 -60.38
C LEU XC 634 19.00 -22.10 -59.21
N LEU XC 635 18.58 -20.86 -58.92
CA LEU XC 635 19.06 -20.12 -57.75
C LEU XC 635 17.84 -19.71 -56.96
N GLY XC 636 17.96 -19.66 -55.65
CA GLY XC 636 16.78 -19.51 -54.81
C GLY XC 636 16.08 -18.17 -54.81
N ARG XC 637 16.42 -17.26 -55.71
CA ARG XC 637 15.89 -15.91 -55.67
C ARG XC 637 15.52 -15.44 -57.07
N PRO XC 638 14.55 -14.53 -57.19
CA PRO XC 638 14.31 -13.87 -58.47
C PRO XC 638 15.46 -12.92 -58.81
N THR XC 639 15.41 -12.40 -60.02
CA THR XC 639 16.48 -11.51 -60.49
C THR XC 639 16.42 -10.18 -59.77
N TYR XC 640 17.60 -9.58 -59.58
CA TYR XC 640 17.74 -8.28 -58.94
C TYR XC 640 17.67 -7.12 -59.90
N ASP XC 641 18.41 -7.16 -60.99
CA ASP XC 641 18.72 -5.96 -61.76
C ASP XC 641 18.46 -6.21 -63.23
N ARG XC 642 18.24 -5.12 -63.96
CA ARG XC 642 18.26 -5.20 -65.42
C ARG XC 642 19.61 -5.64 -65.95
N VAL XC 643 20.71 -5.31 -65.27
CA VAL XC 643 22.01 -5.83 -65.65
C VAL XC 643 22.02 -7.36 -65.53
N GLU XC 644 21.47 -7.87 -64.44
CA GLU XC 644 21.42 -9.31 -64.23
C GLU XC 644 20.56 -9.99 -65.29
N ASN XC 645 19.42 -9.38 -65.64
CA ASN XC 645 18.58 -9.96 -66.69
C ASN XC 645 19.25 -9.88 -68.05
N ASN XC 646 19.89 -8.75 -68.36
CA ASN XC 646 20.53 -8.56 -69.66
C ASN XC 646 21.72 -9.48 -69.86
N ARG XC 647 22.45 -9.81 -68.79
CA ARG XC 647 23.60 -10.70 -68.94
C ARG XC 647 23.16 -12.07 -69.42
N TYR XC 648 22.04 -12.57 -68.91
CA TYR XC 648 21.52 -13.86 -69.39
C TYR XC 648 20.82 -13.70 -70.73
N PHE XC 649 20.20 -12.56 -70.99
CA PHE XC 649 19.53 -12.38 -72.28
C PHE XC 649 20.53 -12.35 -73.43
N ASP XC 650 21.64 -11.64 -73.27
CA ASP XC 650 22.65 -11.57 -74.31
C ASP XC 650 23.38 -12.88 -74.51
N ILE XC 651 23.31 -13.78 -73.53
CA ILE XC 651 23.83 -15.14 -73.71
C ILE XC 651 22.80 -16.04 -74.39
N ALA XC 652 21.52 -15.89 -74.08
CA ALA XC 652 20.47 -16.67 -74.72
C ALA XC 652 20.33 -16.36 -76.20
N SER XC 653 20.73 -15.17 -76.64
CA SER XC 653 20.66 -14.81 -78.04
C SER XC 653 21.84 -15.33 -78.85
N LYS XC 654 22.86 -15.88 -78.19
CA LYS XC 654 24.01 -16.45 -78.88
C LYS XC 654 24.15 -17.94 -78.71
N LYS XC 655 23.75 -18.50 -77.57
CA LYS XC 655 23.93 -19.92 -77.31
C LYS XC 655 22.64 -20.65 -77.01
N GLY XC 656 21.55 -19.95 -76.75
CA GLY XC 656 20.27 -20.62 -76.52
C GLY XC 656 20.08 -21.10 -75.09
N PHE XC 657 19.30 -22.16 -74.94
CA PHE XC 657 18.95 -22.65 -73.60
C PHE XC 657 20.17 -23.16 -72.86
N TYR XC 658 21.07 -23.86 -73.56
CA TYR XC 658 22.27 -24.38 -72.92
C TYR XC 658 23.19 -23.25 -72.48
N GLY XC 659 23.22 -22.16 -73.25
CA GLY XC 659 23.99 -21.01 -72.83
C GLY XC 659 23.46 -20.38 -71.56
N VAL XC 660 22.13 -20.26 -71.44
CA VAL XC 660 21.54 -19.67 -70.25
C VAL XC 660 21.79 -20.55 -69.04
N VAL XC 661 21.51 -21.85 -69.16
CA VAL XC 661 21.60 -22.74 -67.99
C VAL XC 661 23.06 -22.89 -67.57
N ASP XC 662 23.96 -23.07 -68.53
CA ASP XC 662 25.38 -23.17 -68.21
C ASP XC 662 25.94 -21.90 -67.62
N ALA XC 663 25.58 -20.73 -68.15
CA ALA XC 663 26.05 -19.47 -67.59
C ALA XC 663 25.48 -19.24 -66.19
N MET XC 664 24.28 -19.75 -65.94
CA MET XC 664 23.66 -19.59 -64.62
C MET XC 664 24.32 -20.50 -63.59
N LEU XC 665 24.60 -21.75 -63.98
CA LEU XC 665 25.17 -22.69 -63.04
C LEU XC 665 26.64 -22.42 -62.76
N ASN XC 666 27.30 -21.64 -63.62
CA ASN XC 666 28.72 -21.38 -63.48
C ASN XC 666 29.00 -20.03 -62.82
N SER XC 667 28.00 -19.43 -62.20
CA SER XC 667 28.18 -18.13 -61.57
C SER XC 667 28.96 -18.27 -60.26
N ASN XC 668 29.58 -17.16 -59.86
CA ASN XC 668 30.26 -17.11 -58.57
C ASN XC 668 29.28 -17.27 -57.42
N GLU XC 669 28.07 -16.73 -57.59
CA GLU XC 669 27.06 -16.78 -56.53
C GLU XC 669 26.67 -18.20 -56.19
N TYR XC 670 26.55 -19.06 -57.21
CA TYR XC 670 26.19 -20.45 -56.96
C TYR XC 670 27.25 -21.14 -56.11
N GLN XC 671 28.52 -20.94 -56.44
CA GLN XC 671 29.59 -21.59 -55.68
C GLN XC 671 29.68 -21.02 -54.27
N GLU XC 672 29.47 -19.72 -54.10
CA GLU XC 672 29.56 -19.13 -52.77
C GLU XC 672 28.41 -19.60 -51.89
N VAL XC 673 27.19 -19.65 -52.42
CA VAL XC 673 26.04 -19.96 -51.59
C VAL XC 673 25.86 -21.46 -51.44
N PHE XC 674 25.62 -22.16 -52.54
CA PHE XC 674 25.30 -23.57 -52.49
C PHE XC 674 26.52 -24.47 -52.43
N GLY XC 675 27.71 -23.93 -52.70
CA GLY XC 675 28.93 -24.71 -52.58
C GLY XC 675 28.95 -25.88 -53.54
N GLU XC 676 29.33 -27.05 -53.01
CA GLU XC 676 29.41 -28.25 -53.84
C GLU XC 676 28.68 -29.42 -53.22
N ASP XC 677 27.98 -29.24 -52.11
CA ASP XC 677 27.24 -30.32 -51.48
C ASP XC 677 25.77 -29.96 -51.31
N VAL XC 678 25.50 -28.69 -51.06
CA VAL XC 678 24.15 -28.25 -50.74
C VAL XC 678 23.31 -28.18 -52.01
N LEU XC 679 22.10 -28.67 -51.93
CA LEU XC 679 21.15 -28.50 -53.01
C LEU XC 679 20.62 -27.07 -53.03
N PRO XC 680 20.31 -26.54 -54.21
CA PRO XC 680 19.69 -25.22 -54.28
C PRO XC 680 18.35 -25.21 -53.57
N TYR XC 681 18.05 -24.09 -52.92
CA TYR XC 681 16.82 -23.94 -52.16
C TYR XC 681 16.32 -22.51 -52.31
N GLU XC 682 15.03 -22.32 -52.06
CA GLU XC 682 14.42 -21.01 -52.17
C GLU XC 682 14.98 -20.08 -51.11
N ARG XC 683 15.53 -18.94 -51.53
CA ARG XC 683 16.16 -18.02 -50.61
C ARG XC 683 15.38 -16.73 -50.40
N TYR XC 684 14.75 -16.19 -51.44
CA TYR XC 684 14.09 -14.90 -51.35
C TYR XC 684 12.70 -15.00 -51.93
N LEU XC 685 11.84 -14.09 -51.50
CA LEU XC 685 10.49 -13.97 -52.01
C LEU XC 685 10.20 -12.52 -52.37
N THR XC 686 9.38 -12.32 -53.38
CA THR XC 686 8.79 -11.02 -53.64
C THR XC 686 7.63 -10.80 -52.69
N PRO XC 687 7.32 -9.54 -52.37
CA PRO XC 687 6.17 -9.29 -51.48
C PRO XC 687 4.85 -9.76 -52.03
N ALA XC 688 4.68 -9.75 -53.35
CA ALA XC 688 3.46 -10.28 -53.95
C ALA XC 688 3.31 -11.76 -53.66
N GLY XC 689 4.38 -12.53 -53.79
CA GLY XC 689 4.33 -13.93 -53.43
C GLY XC 689 4.17 -14.15 -51.94
N LEU XC 690 4.85 -13.33 -51.13
CA LEU XC 690 4.76 -13.48 -49.69
C LEU XC 690 3.36 -13.17 -49.17
N SER XC 691 2.62 -12.27 -49.83
CA SER XC 691 1.26 -11.96 -49.44
C SER XC 691 0.28 -13.04 -49.86
N LEU XC 692 0.71 -13.99 -50.68
CA LEU XC 692 -0.12 -15.14 -51.05
C LEU XC 692 -0.05 -16.26 -50.03
N ARG XC 693 1.14 -16.59 -49.55
CA ARG XC 693 1.28 -17.65 -48.56
C ARG XC 693 0.65 -17.24 -47.24
N LYS XC 694 1.17 -16.20 -46.61
CA LYS XC 694 0.50 -15.54 -45.51
C LYS XC 694 -0.55 -14.60 -46.10
N GLY XC 695 -1.10 -13.73 -45.25
CA GLY XC 695 -1.98 -12.70 -45.73
C GLY XC 695 -3.45 -13.09 -45.81
N ARG XC 696 -3.75 -14.35 -46.11
CA ARG XC 696 -5.12 -14.81 -46.00
C ARG XC 696 -5.60 -14.66 -44.56
N PHE XC 697 -6.79 -14.09 -44.40
CA PHE XC 697 -7.33 -13.58 -43.14
C PHE XC 697 -6.55 -12.37 -42.65
N GLY XC 698 -5.78 -11.72 -43.52
CA GLY XC 698 -5.17 -10.44 -43.25
C GLY XC 698 -4.16 -10.47 -42.13
N SER XC 699 -4.03 -9.34 -41.45
CA SER XC 699 -3.13 -9.20 -40.32
C SER XC 699 -3.95 -8.98 -39.06
N SER XC 700 -3.71 -9.79 -38.04
CA SER XC 700 -4.49 -9.69 -36.81
C SER XC 700 -3.78 -8.85 -35.76
N ASP XC 701 -2.61 -8.31 -36.07
CA ASP XC 701 -1.78 -7.69 -35.04
C ASP XC 701 -2.33 -6.34 -34.62
N VAL XC 702 -2.85 -5.56 -35.58
CA VAL XC 702 -3.25 -4.17 -35.39
C VAL XC 702 -2.00 -3.32 -35.21
N LEU XC 703 -1.88 -2.26 -36.00
CA LEU XC 703 -0.70 -1.41 -36.01
C LEU XC 703 -0.77 -0.52 -34.79
N THR XC 704 0.36 -0.38 -34.08
CA THR XC 704 0.31 -0.05 -32.66
C THR XC 704 0.68 1.40 -32.38
N THR XC 705 1.66 1.95 -33.10
CA THR XC 705 2.26 3.27 -32.87
C THR XC 705 3.08 3.31 -31.60
N PRO XC 706 4.15 4.07 -31.59
CA PRO XC 706 4.78 4.41 -30.31
C PRO XC 706 4.18 5.67 -29.75
N GLY XC 707 3.68 5.62 -28.51
CA GLY XC 707 3.12 6.79 -27.89
C GLY XC 707 1.72 7.15 -28.32
N GLY XC 708 1.05 6.28 -29.06
CA GLY XC 708 -0.32 6.54 -29.43
C GLY XC 708 -1.27 6.42 -28.26
N ILE XC 709 -2.42 7.07 -28.40
CA ILE XC 709 -3.46 7.04 -27.38
C ILE XC 709 -4.49 6.00 -27.82
N THR XC 710 -4.64 4.95 -27.02
CA THR XC 710 -5.52 3.86 -27.40
C THR XC 710 -6.28 3.33 -26.19
N PRO XC 711 -7.59 3.18 -26.29
CA PRO XC 711 -8.38 2.58 -25.20
C PRO XC 711 -8.46 1.05 -25.24
N ARG XC 712 -7.64 0.39 -26.05
CA ARG XC 712 -7.74 -1.06 -26.18
C ARG XC 712 -7.22 -1.75 -24.94
N GLY XC 713 -7.98 -2.71 -24.43
CA GLY XC 713 -7.58 -3.48 -23.27
C GLY XC 713 -8.00 -2.90 -21.95
N ASP XC 714 -8.39 -1.63 -21.91
CA ASP XC 714 -8.82 -1.01 -20.66
C ASP XC 714 -10.09 -1.63 -20.11
N ALA XC 715 -11.06 -1.94 -20.96
CA ALA XC 715 -12.28 -2.59 -20.49
C ALA XC 715 -11.98 -3.97 -19.94
N ALA XC 716 -11.10 -4.73 -20.60
CA ALA XC 716 -10.73 -6.04 -20.10
C ALA XC 716 -10.00 -5.95 -18.77
N ARG XC 717 -9.12 -4.96 -18.62
CA ARG XC 717 -8.42 -4.78 -17.34
C ARG XC 717 -9.39 -4.39 -16.23
N MET XC 718 -10.35 -3.52 -16.53
CA MET XC 718 -11.35 -3.15 -15.53
C MET XC 718 -12.19 -4.35 -15.14
N MET XC 719 -12.56 -5.19 -16.11
CA MET XC 719 -13.35 -6.37 -15.81
C MET XC 719 -12.57 -7.32 -14.89
N ASP XC 720 -11.28 -7.51 -15.16
CA ASP XC 720 -10.48 -8.38 -14.29
C ASP XC 720 -10.31 -7.79 -12.91
N LYS XC 721 -10.16 -6.46 -12.81
CA LYS XC 721 -10.03 -5.82 -11.50
C LYS XC 721 -11.31 -5.99 -10.70
N ILE XC 722 -12.46 -5.83 -11.34
CA ILE XC 722 -13.72 -6.11 -10.69
C ILE XC 722 -13.82 -7.58 -10.34
N GLN XC 723 -13.29 -8.43 -11.21
CA GLN XC 723 -13.53 -9.86 -11.12
C GLN XC 723 -12.79 -10.47 -9.93
N GLU XC 724 -11.52 -10.14 -9.79
CA GLU XC 724 -10.67 -10.67 -8.74
C GLU XC 724 -10.88 -9.96 -7.42
N LEU XC 725 -11.60 -8.85 -7.41
CA LEU XC 725 -11.86 -8.10 -6.20
C LEU XC 725 -13.09 -8.64 -5.46
N GLY XC 726 -13.76 -9.63 -6.03
CA GLY XC 726 -14.86 -10.30 -5.37
C GLY XC 726 -14.61 -11.79 -5.21
N THR XC 727 -13.38 -12.22 -5.42
CA THR XC 727 -12.99 -13.60 -5.21
C THR XC 727 -12.35 -13.75 -3.84
N PRO XC 728 -12.46 -14.93 -3.22
CA PRO XC 728 -12.37 -15.01 -1.74
C PRO XC 728 -11.05 -14.62 -1.12
N ILE XC 729 -9.90 -14.91 -1.75
CA ILE XC 729 -8.58 -14.75 -1.14
C ILE XC 729 -8.42 -15.75 0.01
N ASN XC 730 -7.31 -16.50 0.02
CA ASN XC 730 -7.21 -17.67 0.88
C ASN XC 730 -8.34 -18.63 0.56
N GLU XC 731 -8.24 -19.23 -0.64
CA GLU XC 731 -9.27 -20.09 -1.23
C GLU XC 731 -9.88 -21.08 -0.24
N ARG XC 732 -11.21 -21.11 -0.20
CA ARG XC 732 -11.95 -21.96 0.73
C ARG XC 732 -11.82 -23.39 0.23
N SER XC 733 -10.69 -24.03 0.57
CA SER XC 733 -10.38 -25.36 0.07
C SER XC 733 -11.38 -26.41 0.53
N ILE XC 734 -12.04 -26.19 1.66
CA ILE XC 734 -13.11 -27.08 2.12
C ILE XC 734 -14.38 -26.25 2.27
N PRO XC 735 -15.22 -26.18 1.24
CA PRO XC 735 -16.52 -25.51 1.42
C PRO XC 735 -17.38 -26.28 2.40
N GLU XC 736 -18.44 -25.62 2.87
CA GLU XC 736 -19.38 -26.02 3.92
C GLU XC 736 -18.72 -26.23 5.29
N MET XC 737 -17.44 -25.94 5.42
CA MET XC 737 -16.83 -25.62 6.70
C MET XC 737 -17.06 -24.16 7.06
N TYR XC 738 -17.36 -23.33 6.07
CA TYR XC 738 -17.70 -21.92 6.26
C TYR XC 738 -19.18 -21.64 6.12
N VAL XC 739 -19.96 -22.63 5.71
CA VAL XC 739 -21.41 -22.43 5.56
C VAL XC 739 -22.07 -22.29 6.92
N ASN XC 740 -21.63 -23.07 7.90
CA ASN XC 740 -22.33 -23.19 9.17
C ASN XC 740 -21.95 -22.11 10.17
N GLN XC 741 -21.02 -21.23 9.85
CA GLN XC 741 -20.58 -20.24 10.81
C GLN XC 741 -21.67 -19.21 11.06
N GLY XC 742 -21.57 -18.53 12.20
CA GLY XC 742 -22.55 -17.53 12.57
C GLY XC 742 -23.63 -18.11 13.46
N VAL XC 743 -24.77 -17.42 13.60
CA VAL XC 743 -25.86 -17.98 14.39
C VAL XC 743 -26.43 -19.23 13.74
N PRO XC 744 -26.99 -20.19 14.47
CA PRO XC 744 -27.52 -21.41 13.85
C PRO XC 744 -28.67 -21.12 12.90
N ALA XC 745 -28.90 -22.03 11.94
CA ALA XC 745 -30.00 -21.84 11.00
C ALA XC 745 -31.35 -21.94 11.67
N LEU XC 746 -31.41 -22.58 12.85
CA LEU XC 746 -32.66 -22.73 13.58
C LEU XC 746 -33.26 -21.40 14.00
N LYS XC 747 -32.47 -20.33 14.06
CA LYS XC 747 -33.01 -19.02 14.42
C LYS XC 747 -34.01 -18.54 13.39
N ARG XC 748 -33.83 -18.91 12.13
CA ARG XC 748 -34.71 -18.44 11.05
C ARG XC 748 -35.37 -19.58 10.29
N GLN XC 749 -35.17 -20.83 10.72
CA GLN XC 749 -35.72 -21.99 10.01
C GLN XC 749 -36.80 -22.63 10.88
N ARG XC 750 -37.66 -21.79 11.45
CA ARG XC 750 -38.80 -22.30 12.21
C ARG XC 750 -39.93 -21.29 12.09
N LYS XC 751 -41.14 -21.75 12.43
CA LYS XC 751 -42.37 -21.01 12.18
C LYS XC 751 -42.95 -20.49 13.48
N VAL XC 752 -43.62 -19.35 13.41
CA VAL XC 752 -44.30 -18.74 14.54
C VAL XC 752 -45.81 -18.82 14.29
N PHE XC 753 -46.56 -19.08 15.35
CA PHE XC 753 -47.99 -19.32 15.25
C PHE XC 753 -48.77 -18.23 15.96
N LYS XC 754 -49.78 -17.69 15.28
CA LYS XC 754 -50.61 -16.63 15.82
C LYS XC 754 -52.08 -16.97 15.63
N GLN XC 755 -52.86 -16.82 16.71
CA GLN XC 755 -54.29 -17.11 16.64
C GLN XC 755 -55.02 -16.20 15.67
N SER XC 756 -54.59 -14.94 15.56
CA SER XC 756 -55.25 -13.99 14.66
C SER XC 756 -55.18 -14.41 13.20
N GLN XC 757 -54.17 -15.17 12.81
CA GLN XC 757 -54.07 -15.71 11.46
C GLN XC 757 -54.10 -17.23 11.48
N ALA XC 758 -54.64 -17.81 12.55
CA ALA XC 758 -54.79 -19.26 12.67
C ALA XC 758 -56.25 -19.67 12.58
N THR XC 759 -57.09 -18.80 12.02
CA THR XC 759 -58.49 -19.14 11.85
C THR XC 759 -58.65 -20.28 10.85
N ASP XC 760 -59.75 -21.03 11.01
CA ASP XC 760 -60.18 -22.26 10.34
C ASP XC 760 -59.63 -23.50 11.04
N ARG XC 761 -60.33 -24.62 10.86
CA ARG XC 761 -60.06 -25.82 11.64
C ARG XC 761 -58.68 -26.40 11.34
N GLU XC 762 -58.27 -26.37 10.07
CA GLU XC 762 -56.99 -26.95 9.71
C GLU XC 762 -55.83 -26.20 10.34
N SER XC 763 -55.85 -24.87 10.28
CA SER XC 763 -54.76 -24.10 10.84
C SER XC 763 -54.82 -24.05 12.36
N PHE XC 764 -56.02 -24.18 12.93
CA PHE XC 764 -56.13 -24.14 14.39
C PHE XC 764 -55.44 -25.33 15.05
N ASP XC 765 -55.52 -26.51 14.44
CA ASP XC 765 -54.87 -27.68 14.99
C ASP XC 765 -53.35 -27.52 15.02
N ALA XC 766 -52.78 -26.88 14.01
CA ALA XC 766 -51.35 -26.61 14.02
C ALA XC 766 -50.96 -25.69 15.18
N LEU XC 767 -51.78 -24.67 15.43
CA LEU XC 767 -51.53 -23.78 16.56
C LEU XC 767 -51.60 -24.55 17.88
N VAL XC 768 -52.60 -25.42 18.01
CA VAL XC 768 -52.75 -26.19 19.24
C VAL XC 768 -51.57 -27.12 19.46
N THR XC 769 -51.17 -27.84 18.40
CA THR XC 769 -50.04 -28.76 18.55
C THR XC 769 -48.72 -28.03 18.74
N ALA XC 770 -48.58 -26.82 18.23
CA ALA XC 770 -47.40 -26.02 18.51
C ALA XC 770 -47.37 -25.49 19.93
N ALA XC 771 -48.52 -25.13 20.50
CA ALA XC 771 -48.58 -24.72 21.88
C ALA XC 771 -48.17 -25.84 22.84
N TYR XC 772 -48.38 -27.09 22.47
CA TYR XC 772 -47.94 -28.21 23.28
C TYR XC 772 -46.46 -28.51 23.12
N VAL XC 773 -45.78 -27.85 22.20
CA VAL XC 773 -44.35 -28.09 21.99
C VAL XC 773 -43.48 -26.99 22.56
N GLN XC 774 -43.95 -25.75 22.55
CA GLN XC 774 -43.24 -24.66 23.25
C GLN XC 774 -43.18 -24.99 24.73
N VAL XC 775 -44.34 -25.14 25.36
CA VAL XC 775 -44.41 -25.81 26.64
C VAL XC 775 -44.19 -27.30 26.42
N PHE XC 776 -43.68 -27.99 27.45
CA PHE XC 776 -43.48 -29.44 27.44
C PHE XC 776 -42.31 -29.91 26.58
N ASP XC 777 -41.73 -29.03 25.77
CA ASP XC 777 -40.42 -29.20 25.14
C ASP XC 777 -40.36 -30.44 24.24
N LYS XC 778 -41.46 -30.70 23.54
CA LYS XC 778 -41.46 -31.54 22.34
C LYS XC 778 -41.28 -33.04 22.59
N ASP XC 779 -40.95 -33.45 23.81
CA ASP XC 779 -40.65 -34.86 24.02
C ASP XC 779 -41.83 -35.57 24.67
N ILE XC 780 -42.27 -35.08 25.83
CA ILE XC 780 -43.50 -35.57 26.44
C ILE XC 780 -44.74 -34.86 25.92
N ALA XC 781 -44.59 -34.02 24.89
CA ALA XC 781 -45.71 -33.45 24.17
C ALA XC 781 -46.37 -34.45 23.22
N SER XC 782 -45.60 -35.40 22.70
CA SER XC 782 -46.17 -36.39 21.80
C SER XC 782 -47.03 -37.40 22.54
N TYR XC 783 -46.86 -37.51 23.86
CA TYR XC 783 -47.71 -38.40 24.65
C TYR XC 783 -49.10 -37.83 24.89
N ILE XC 784 -49.28 -36.51 24.74
CA ILE XC 784 -50.58 -35.91 25.01
C ILE XC 784 -51.59 -36.36 23.96
N ARG XC 785 -52.70 -36.94 24.42
CA ARG XC 785 -53.73 -37.42 23.52
C ARG XC 785 -55.02 -36.63 23.66
N SER XC 786 -55.64 -36.60 24.84
CA SER XC 786 -56.91 -35.89 24.98
C SER XC 786 -57.09 -35.25 26.35
N GLU XC 787 -56.05 -35.17 27.17
CA GLU XC 787 -56.21 -34.68 28.54
C GLU XC 787 -56.60 -33.20 28.56
N PHE XC 788 -56.00 -32.40 27.69
CA PHE XC 788 -56.35 -30.99 27.56
C PHE XC 788 -57.36 -30.86 26.43
N SER XC 789 -58.59 -31.30 26.68
CA SER XC 789 -59.65 -31.20 25.70
C SER XC 789 -60.66 -30.12 26.01
N ALA XC 790 -60.88 -29.78 27.27
CA ALA XC 790 -61.75 -28.65 27.60
C ALA XC 790 -61.07 -27.32 27.29
N LEU XC 791 -59.76 -27.23 27.49
CA LEU XC 791 -59.03 -26.01 27.17
C LEU XC 791 -59.06 -25.74 25.67
N GLU XC 792 -58.84 -26.77 24.87
CA GLU XC 792 -58.85 -26.61 23.41
C GLU XC 792 -60.23 -26.19 22.92
N SER XC 793 -61.29 -26.70 23.54
CA SER XC 793 -62.63 -26.33 23.12
C SER XC 793 -62.91 -24.86 23.38
N ARG XC 794 -62.53 -24.35 24.55
CA ARG XC 794 -62.70 -22.93 24.84
C ARG XC 794 -61.84 -22.08 23.93
N LEU XC 795 -60.61 -22.52 23.65
CA LEU XC 795 -59.74 -21.78 22.75
C LEU XC 795 -60.33 -21.71 21.35
N ARG XC 796 -60.89 -22.82 20.86
CA ARG XC 796 -61.50 -22.85 19.55
C ARG XC 796 -62.76 -22.00 19.50
N ASN XC 797 -63.51 -21.96 20.59
CA ASN XC 797 -64.73 -21.16 20.66
C ASN XC 797 -64.43 -19.70 21.00
N ARG XC 798 -63.16 -19.37 21.22
CA ARG XC 798 -62.73 -18.00 21.49
C ARG XC 798 -63.25 -17.52 22.84
N GLU XC 799 -63.29 -18.44 23.79
CA GLU XC 799 -63.58 -18.09 25.18
C GLU XC 799 -62.33 -17.73 25.96
N THR XC 800 -61.18 -18.27 25.58
CA THR XC 800 -59.91 -17.93 26.17
C THR XC 800 -58.89 -17.68 25.06
N SER XC 801 -57.98 -16.75 25.31
CA SER XC 801 -56.95 -16.42 24.34
C SER XC 801 -55.81 -17.44 24.43
N VAL XC 802 -54.84 -17.31 23.51
CA VAL XC 802 -53.69 -18.20 23.53
C VAL XC 802 -52.86 -17.98 24.78
N LYS XC 803 -52.84 -16.75 25.31
CA LYS XC 803 -52.19 -16.50 26.58
C LYS XC 803 -52.84 -17.29 27.71
N GLU XC 804 -54.16 -17.31 27.75
CA GLU XC 804 -54.86 -18.09 28.78
C GLU XC 804 -54.62 -19.58 28.59
N PHE XC 805 -54.57 -20.03 27.34
CA PHE XC 805 -54.29 -21.44 27.06
C PHE XC 805 -52.90 -21.82 27.55
N VAL XC 806 -51.91 -20.98 27.27
CA VAL XC 806 -50.54 -21.26 27.69
C VAL XC 806 -50.42 -21.21 29.21
N ARG XC 807 -51.14 -20.29 29.85
CA ARG XC 807 -51.11 -20.22 31.30
C ARG XC 807 -51.72 -21.46 31.93
N LEU XC 808 -52.89 -21.88 31.44
CA LEU XC 808 -53.54 -23.06 31.98
C LEU XC 808 -52.76 -24.33 31.68
N LEU XC 809 -51.98 -24.37 30.61
CA LEU XC 809 -51.08 -25.49 30.37
C LEU XC 809 -49.99 -25.61 31.42
N GLY XC 810 -49.59 -24.50 32.04
CA GLY XC 810 -48.55 -24.55 33.06
C GLY XC 810 -49.11 -24.86 34.42
N PHE XC 811 -50.42 -24.74 34.57
CA PHE XC 811 -51.09 -25.06 35.82
C PHE XC 811 -51.42 -26.54 35.96
N SER XC 812 -51.35 -27.30 34.87
CA SER XC 812 -51.78 -28.69 34.87
C SER XC 812 -50.81 -29.57 35.66
N ALA XC 813 -51.32 -30.72 36.08
CA ALA XC 813 -50.50 -31.67 36.83
C ALA XC 813 -49.40 -32.27 35.97
N LEU XC 814 -49.60 -32.37 34.66
CA LEU XC 814 -48.58 -32.94 33.79
C LEU XC 814 -47.32 -32.07 33.77
N TYR XC 815 -47.49 -30.76 33.67
CA TYR XC 815 -46.34 -29.87 33.70
C TYR XC 815 -45.65 -29.91 35.06
N ARG XC 816 -46.43 -29.92 36.14
CA ARG XC 816 -45.84 -29.99 37.47
C ARG XC 816 -45.13 -31.32 37.67
N LYS XC 817 -45.71 -32.41 37.18
CA LYS XC 817 -45.07 -33.71 37.31
C LYS XC 817 -43.77 -33.77 36.52
N GLN XC 818 -43.74 -33.19 35.33
CA GLN XC 818 -42.60 -33.38 34.45
C GLN XC 818 -41.46 -32.42 34.77
N PHE XC 819 -41.77 -31.15 35.05
CA PHE XC 819 -40.74 -30.12 35.09
C PHE XC 819 -40.61 -29.48 36.47
N HIS XC 820 -41.23 -30.05 37.50
CA HIS XC 820 -41.04 -29.51 38.84
C HIS XC 820 -40.77 -30.60 39.88
N ASP XC 821 -41.29 -31.81 39.63
CA ASP XC 821 -41.27 -32.85 40.65
C ASP XC 821 -39.95 -33.60 40.73
N ARG XC 822 -39.01 -33.37 39.81
CA ARG XC 822 -37.76 -34.11 39.79
C ARG XC 822 -36.54 -33.22 39.83
N TYR XC 823 -36.71 -31.92 40.03
CA TYR XC 823 -35.60 -30.99 39.96
C TYR XC 823 -35.59 -30.06 41.16
N PRO XC 824 -34.42 -29.51 41.50
CA PRO XC 824 -34.36 -28.52 42.57
C PRO XC 824 -35.20 -27.29 42.25
N ASN XC 825 -35.45 -26.47 43.28
CA ASN XC 825 -36.35 -25.34 43.12
C ASN XC 825 -35.81 -24.28 42.18
N THR XC 826 -34.50 -24.23 41.96
CA THR XC 826 -33.93 -23.26 41.03
C THR XC 826 -33.95 -23.73 39.59
N LYS XC 827 -33.80 -25.02 39.34
CA LYS XC 827 -33.94 -25.51 37.98
C LYS XC 827 -35.38 -25.44 37.48
N VAL XC 828 -36.35 -25.43 38.39
CA VAL XC 828 -37.73 -25.21 37.98
C VAL XC 828 -37.90 -23.79 37.44
N VAL XC 829 -37.19 -22.82 38.03
CA VAL XC 829 -37.24 -21.46 37.51
C VAL XC 829 -36.64 -21.40 36.12
N GLU XC 830 -35.52 -22.10 35.90
CA GLU XC 830 -34.90 -22.10 34.57
C GLU XC 830 -35.80 -22.79 33.55
N PHE XC 831 -36.41 -23.91 33.93
CA PHE XC 831 -37.33 -24.59 33.02
C PHE XC 831 -38.55 -23.72 32.74
N ALA XC 832 -39.07 -23.04 33.76
CA ALA XC 832 -40.20 -22.15 33.56
C ALA XC 832 -39.86 -20.98 32.65
N PHE XC 833 -38.66 -20.43 32.77
CA PHE XC 833 -38.29 -19.31 31.91
C PHE XC 833 -38.17 -19.73 30.45
N LYS XC 834 -37.48 -20.84 30.19
CA LYS XC 834 -37.25 -21.28 28.83
C LYS XC 834 -38.52 -21.73 28.13
N HIS XC 835 -39.55 -22.12 28.88
CA HIS XC 835 -40.80 -22.58 28.30
C HIS XC 835 -41.82 -21.49 28.09
N PHE XC 836 -41.85 -20.47 28.95
CA PHE XC 836 -42.87 -19.44 28.88
C PHE XC 836 -42.35 -18.09 28.43
N LEU XC 837 -41.05 -17.92 28.29
CA LEU XC 837 -40.48 -16.70 27.75
C LEU XC 837 -39.52 -16.94 26.60
N GLY XC 838 -38.84 -18.07 26.54
CA GLY XC 838 -38.01 -18.44 25.43
C GLY XC 838 -36.53 -18.26 25.68
N ARG XC 839 -36.13 -17.71 26.82
CA ARG XC 839 -34.73 -17.45 27.12
C ARG XC 839 -34.37 -18.13 28.44
N ALA XC 840 -33.14 -17.91 28.89
CA ALA XC 840 -32.72 -18.29 30.24
C ALA XC 840 -32.83 -17.08 31.15
N VAL XC 841 -32.34 -17.24 32.38
CA VAL XC 841 -32.43 -16.15 33.34
C VAL XC 841 -31.48 -15.04 32.95
N LYS XC 842 -31.96 -13.79 33.02
CA LYS XC 842 -31.16 -12.64 32.65
C LYS XC 842 -29.95 -12.48 33.56
N ASN XC 843 -30.18 -12.19 34.84
CA ASN XC 843 -29.12 -11.83 35.76
C ASN XC 843 -29.48 -12.39 37.14
N GLN XC 844 -28.66 -12.06 38.13
CA GLN XC 844 -28.88 -12.52 39.49
C GLN XC 844 -30.03 -11.79 40.17
N ALA XC 845 -30.34 -10.58 39.75
CA ALA XC 845 -31.45 -9.82 40.33
C ALA XC 845 -32.81 -10.31 39.85
N GLU XC 846 -32.83 -11.15 38.82
CA GLU XC 846 -34.05 -11.78 38.35
C GLU XC 846 -34.25 -13.17 38.96
N LEU XC 847 -33.15 -13.90 39.15
CA LEU XC 847 -33.20 -15.16 39.90
C LEU XC 847 -33.74 -14.93 41.29
N ILE XC 848 -33.26 -13.88 41.96
CA ILE XC 848 -33.69 -13.59 43.31
C ILE XC 848 -35.18 -13.26 43.34
N LYS XC 849 -35.68 -12.55 42.33
CA LYS XC 849 -37.08 -12.19 42.33
C LYS XC 849 -37.97 -13.39 42.05
N TYR XC 850 -37.60 -14.22 41.06
CA TYR XC 850 -38.51 -15.27 40.60
C TYR XC 850 -38.32 -16.59 41.32
N HIS XC 851 -37.22 -16.79 42.05
CA HIS XC 851 -37.06 -17.97 42.86
C HIS XC 851 -37.54 -17.74 44.29
N GLY XC 852 -37.49 -16.50 44.78
CA GLY XC 852 -38.01 -16.17 46.09
C GLY XC 852 -39.51 -16.02 46.10
N LEU XC 853 -40.13 -16.13 44.92
CA LEU XC 853 -41.58 -16.19 44.81
C LEU XC 853 -42.10 -17.60 44.57
N LEU XC 854 -41.38 -18.42 43.80
CA LEU XC 854 -41.75 -19.81 43.62
C LEU XC 854 -41.73 -20.58 44.93
N GLY XC 855 -40.71 -20.36 45.75
CA GLY XC 855 -40.65 -21.03 47.04
C GLY XC 855 -41.65 -20.47 48.02
N ARG XC 856 -42.09 -19.23 47.81
CA ARG XC 856 -43.08 -18.64 48.69
C ARG XC 856 -44.48 -19.15 48.37
N LYS XC 857 -44.79 -19.35 47.09
CA LYS XC 857 -46.16 -19.67 46.70
C LYS XC 857 -46.28 -20.75 45.63
N GLY XC 858 -45.20 -21.44 45.29
CA GLY XC 858 -45.30 -22.57 44.39
C GLY XC 858 -45.43 -22.17 42.93
N ILE XC 859 -45.79 -23.17 42.12
CA ILE XC 859 -45.79 -23.02 40.67
C ILE XC 859 -46.88 -22.06 40.20
N LYS XC 860 -48.03 -22.08 40.87
CA LYS XC 860 -49.17 -21.31 40.37
C LYS XC 860 -48.99 -19.80 40.54
N ALA XC 861 -48.00 -19.37 41.32
CA ALA XC 861 -47.62 -17.96 41.35
C ALA XC 861 -46.48 -17.63 40.41
N LEU XC 862 -45.49 -18.53 40.30
CA LEU XC 862 -44.38 -18.31 39.39
C LEU XC 862 -44.85 -18.24 37.94
N ILE XC 863 -45.75 -19.14 37.54
CA ILE XC 863 -46.25 -19.13 36.17
C ILE XC 863 -47.08 -17.88 35.91
N GLY XC 864 -47.89 -17.47 36.87
CA GLY XC 864 -48.68 -16.26 36.71
C GLY XC 864 -47.81 -15.02 36.60
N ALA XC 865 -46.70 -15.00 37.34
CA ALA XC 865 -45.78 -13.86 37.24
C ALA XC 865 -45.13 -13.80 35.87
N LEU XC 866 -44.72 -14.95 35.32
CA LEU XC 866 -44.08 -14.96 34.01
C LEU XC 866 -45.06 -14.57 32.92
N VAL XC 867 -46.24 -15.19 32.92
CA VAL XC 867 -47.22 -14.94 31.86
C VAL XC 867 -47.75 -13.51 31.87
N ASP XC 868 -47.90 -12.92 33.04
CA ASP XC 868 -48.46 -11.57 33.16
C ASP XC 868 -47.40 -10.50 33.21
N GLY XC 869 -46.13 -10.86 33.00
CA GLY XC 869 -45.07 -9.88 33.07
C GLY XC 869 -45.08 -8.93 31.89
N GLU XC 870 -44.24 -7.90 31.99
CA GLU XC 870 -44.16 -6.92 30.92
C GLU XC 870 -43.46 -7.50 29.70
N GLU XC 871 -42.46 -8.37 29.91
CA GLU XC 871 -41.73 -8.95 28.79
C GLU XC 871 -42.63 -9.83 27.93
N TYR XC 872 -43.48 -10.63 28.57
CA TYR XC 872 -44.42 -11.47 27.81
C TYR XC 872 -45.40 -10.61 27.03
N GLY XC 873 -45.93 -9.56 27.65
CA GLY XC 873 -46.86 -8.69 26.95
C GLY XC 873 -46.22 -7.99 25.77
N ARG XC 874 -44.97 -7.57 25.91
CA ARG XC 874 -44.26 -6.96 24.79
C ARG XC 874 -44.04 -7.96 23.67
N LEU XC 875 -43.48 -9.12 23.99
CA LEU XC 875 -43.04 -10.04 22.94
C LEU XC 875 -44.22 -10.70 22.25
N TYR XC 876 -45.18 -11.23 23.01
CA TYR XC 876 -46.20 -12.07 22.41
C TYR XC 876 -47.62 -11.52 22.50
N GLY XC 877 -47.91 -10.69 23.49
CA GLY XC 877 -49.24 -10.12 23.56
C GLY XC 877 -50.29 -11.19 23.86
N GLU XC 878 -51.48 -10.98 23.29
CA GLU XC 878 -52.60 -11.86 23.60
C GLU XC 878 -52.45 -13.23 22.95
N ASP XC 879 -52.47 -13.28 21.62
CA ASP XC 879 -52.48 -14.54 20.88
C ASP XC 879 -51.16 -14.73 20.14
N THR XC 880 -50.24 -15.45 20.77
CA THR XC 880 -49.01 -15.86 20.09
C THR XC 880 -48.34 -16.95 20.92
N VAL XC 881 -47.98 -18.05 20.29
CA VAL XC 881 -47.24 -19.08 21.02
C VAL XC 881 -45.88 -18.50 21.41
N PRO XC 882 -45.36 -18.83 22.60
CA PRO XC 882 -44.11 -18.20 23.06
C PRO XC 882 -42.92 -18.38 22.13
N SER XC 883 -42.53 -19.61 21.84
CA SER XC 883 -41.43 -19.92 20.92
C SER XC 883 -40.08 -19.46 21.44
N TRP XC 884 -39.02 -20.12 21.00
CA TRP XC 884 -37.66 -19.81 21.42
C TRP XC 884 -37.27 -18.46 20.83
N GLN XC 885 -36.58 -17.65 21.62
CA GLN XC 885 -35.98 -16.42 21.14
C GLN XC 885 -34.47 -16.49 21.38
N PHE XC 886 -33.70 -16.03 20.43
CA PHE XC 886 -32.25 -16.06 20.59
C PHE XC 886 -31.80 -14.66 21.01
N PRO XC 887 -31.72 -14.38 22.33
CA PRO XC 887 -31.48 -13.01 22.76
C PRO XC 887 -30.09 -12.56 22.43
N THR XC 888 -29.93 -11.25 22.21
CA THR XC 888 -28.61 -10.69 21.97
C THR XC 888 -28.14 -10.13 23.28
N LEU XC 889 -28.99 -9.35 23.94
CA LEU XC 889 -28.63 -8.74 25.25
C LEU XC 889 -29.61 -9.26 26.31
N PRO XC 890 -29.22 -9.45 27.59
CA PRO XC 890 -28.00 -8.86 28.13
C PRO XC 890 -26.88 -9.82 27.91
N ALA XC 891 -25.78 -9.63 28.64
CA ALA XC 891 -24.59 -10.47 28.39
C ALA XC 891 -24.87 -11.90 28.81
N ALA XC 892 -24.16 -12.84 28.20
CA ALA XC 892 -24.30 -14.24 28.59
C ALA XC 892 -25.77 -14.65 28.63
N ASN XC 893 -26.60 -14.10 27.75
CA ASN XC 893 -28.00 -14.61 27.71
C ASN XC 893 -28.10 -15.37 26.40
N TYR XC 894 -27.24 -15.06 25.43
CA TYR XC 894 -27.30 -15.87 24.22
C TYR XC 894 -26.74 -17.26 24.42
N PRO XC 895 -25.50 -17.45 24.91
CA PRO XC 895 -25.02 -18.81 25.13
C PRO XC 895 -25.81 -19.57 26.17
N ASN XC 896 -26.28 -18.91 27.23
CA ASN XC 896 -27.10 -19.58 28.23
C ASN XC 896 -28.40 -20.08 27.63
N SER XC 897 -29.03 -19.26 26.77
CA SER XC 897 -30.26 -19.68 26.13
C SER XC 897 -30.00 -20.81 25.14
N VAL XC 898 -28.94 -20.71 24.36
CA VAL XC 898 -28.68 -21.71 23.32
C VAL XC 898 -28.34 -23.06 23.93
N GLU XC 899 -27.62 -23.06 25.06
CA GLU XC 899 -27.34 -24.32 25.74
C GLU XC 899 -28.61 -25.01 26.20
N LEU XC 900 -29.58 -24.23 26.69
CA LEU XC 900 -30.88 -24.79 27.02
C LEU XC 900 -31.59 -25.28 25.77
N TYR XC 901 -31.46 -24.55 24.67
CA TYR XC 901 -32.14 -24.90 23.43
C TYR XC 901 -31.70 -26.25 22.89
N ASN XC 902 -30.40 -26.51 22.86
CA ASN XC 902 -29.88 -27.71 22.20
C ASN XC 902 -29.75 -28.87 23.17
N ARG XC 903 -30.64 -28.94 24.16
CA ARG XC 903 -30.68 -30.03 25.12
C ARG XC 903 -31.99 -30.79 24.96
N PHE XC 904 -31.89 -32.09 24.72
CA PHE XC 904 -33.07 -32.93 24.71
C PHE XC 904 -33.61 -33.08 26.14
N THR XC 905 -34.86 -33.51 26.24
CA THR XC 905 -35.46 -33.72 27.55
C THR XC 905 -34.76 -34.86 28.27
N ARG XC 906 -34.29 -34.58 29.48
CA ARG XC 906 -33.49 -35.49 30.30
C ARG XC 906 -32.10 -35.74 29.74
N GLN XC 907 -31.70 -35.00 28.70
CA GLN XC 907 -30.35 -35.14 28.16
C GLN XC 907 -29.31 -34.72 29.19
N ASP XC 908 -29.50 -33.56 29.81
CA ASP XC 908 -28.63 -33.07 30.86
C ASP XC 908 -29.48 -32.27 31.83
N ASP XC 909 -29.23 -32.45 33.12
CA ASP XC 909 -30.05 -31.80 34.14
C ASP XC 909 -29.26 -30.82 34.99
N SER XC 910 -28.03 -30.50 34.61
CA SER XC 910 -27.32 -29.40 35.24
C SER XC 910 -28.06 -28.11 34.98
N LEU XC 911 -28.04 -27.21 35.97
CA LEU XC 911 -28.94 -26.07 35.92
C LEU XC 911 -28.41 -24.93 35.06
N VAL XC 912 -27.22 -25.07 34.47
CA VAL XC 912 -26.69 -24.11 33.50
C VAL XC 912 -26.38 -22.77 34.15
N VAL XC 913 -27.41 -22.06 34.61
CA VAL XC 913 -27.23 -20.78 35.29
C VAL XC 913 -27.59 -20.97 36.75
N PRO XC 914 -26.71 -21.57 37.56
CA PRO XC 914 -27.03 -21.70 39.00
C PRO XC 914 -27.10 -20.35 39.69
N SER XC 915 -26.07 -19.54 39.54
CA SER XC 915 -26.07 -18.19 40.08
C SER XC 915 -24.90 -17.43 39.46
N PHE XC 916 -25.02 -16.12 39.45
CA PHE XC 916 -24.03 -15.27 38.80
C PHE XC 916 -22.96 -14.88 39.81
N LYS XC 917 -21.71 -15.20 39.49
CA LYS XC 917 -20.63 -14.98 40.42
C LYS XC 917 -20.40 -13.49 40.62
N PRO XC 918 -19.96 -13.05 41.80
CA PRO XC 918 -19.55 -11.66 41.97
C PRO XC 918 -18.28 -11.39 41.17
N ILE XC 919 -18.36 -10.36 40.33
CA ILE XC 919 -17.33 -10.16 39.31
C ILE XC 919 -16.06 -9.56 39.92
N ARG XC 920 -16.17 -8.99 41.13
CA ARG XC 920 -15.10 -8.34 41.88
C ARG XC 920 -14.55 -7.15 41.10
N SER XC 921 -13.45 -6.57 41.57
CA SER XC 921 -12.85 -5.42 40.90
C SER XC 921 -11.37 -5.36 41.24
N LYS XC 922 -10.52 -5.52 40.23
CA LYS XC 922 -9.09 -5.58 40.43
C LYS XC 922 -8.33 -4.33 39.98
N MET XC 923 -9.04 -3.26 39.66
CA MET XC 923 -8.42 -2.00 39.25
C MET XC 923 -8.91 -0.90 40.17
N ASP XC 924 -8.02 -0.38 41.01
CA ASP XC 924 -8.41 0.62 42.00
C ASP XC 924 -8.83 1.92 41.33
N ILE XC 925 -9.93 2.50 41.82
CA ILE XC 925 -10.47 3.73 41.24
C ILE XC 925 -9.55 4.92 41.40
N ALA XC 926 -8.63 4.89 42.36
CA ALA XC 926 -7.67 5.96 42.55
C ALA XC 926 -6.49 5.84 41.62
N SER XC 927 -6.42 4.79 40.82
CA SER XC 927 -5.36 4.60 39.84
C SER XC 927 -5.73 5.13 38.47
N MET XC 928 -6.93 5.68 38.31
CA MET XC 928 -7.30 6.27 37.04
C MET XC 928 -6.54 7.58 36.82
N PRO XC 929 -6.26 7.93 35.55
CA PRO XC 929 -5.50 9.17 35.30
C PRO XC 929 -6.22 10.43 35.78
N LEU XC 930 -7.55 10.49 35.64
CA LEU XC 930 -8.25 11.70 36.04
C LEU XC 930 -8.30 11.83 37.57
N VAL XC 931 -8.61 10.75 38.26
CA VAL XC 931 -8.68 10.80 39.72
C VAL XC 931 -7.29 10.94 40.33
N GLN XC 932 -6.33 10.18 39.81
CA GLN XC 932 -4.96 10.25 40.35
C GLN XC 932 -4.34 11.61 40.10
N ALA XC 933 -4.56 12.21 38.94
CA ALA XC 933 -4.05 13.54 38.67
C ALA XC 933 -4.72 14.61 39.51
N ALA XC 934 -5.96 14.40 39.93
CA ALA XC 934 -6.65 15.34 40.79
C ALA XC 934 -6.27 15.20 42.25
N LEU XC 935 -5.88 14.01 42.68
CA LEU XC 935 -5.45 13.81 44.05
C LEU XC 935 -4.16 14.55 44.38
N LYS XC 936 -3.19 14.54 43.45
CA LYS XC 936 -1.93 15.21 43.70
C LYS XC 936 -2.11 16.71 43.83
N GLU XC 937 -2.96 17.31 42.98
CA GLU XC 937 -3.26 18.72 43.11
C GLU XC 937 -3.96 19.02 44.43
N GLN XC 938 -4.84 18.10 44.87
CA GLN XC 938 -5.51 18.25 46.15
C GLN XC 938 -4.52 18.29 47.29
N GLN XC 939 -3.47 17.47 47.20
CA GLN XC 939 -2.43 17.49 48.22
C GLN XC 939 -1.72 18.83 48.26
N ALA XC 940 -1.25 19.30 47.10
CA ALA XC 940 -0.43 20.51 47.05
C ALA XC 940 -1.22 21.73 47.47
N THR XC 941 -2.48 21.83 47.04
CA THR XC 941 -3.28 23.01 47.37
C THR XC 941 -3.58 23.05 48.87
N LYS XC 942 -3.75 21.89 49.49
CA LYS XC 942 -4.06 21.89 50.92
C LYS XC 942 -2.82 22.16 51.76
N THR XC 943 -1.65 21.69 51.32
CA THR XC 943 -0.46 21.85 52.14
C THR XC 943 0.20 23.21 51.92
N ALA XC 944 0.53 23.53 50.67
CA ALA XC 944 1.50 24.59 50.42
C ALA XC 944 0.93 25.99 50.68
N LEU XC 945 -0.11 26.36 49.95
CA LEU XC 945 -0.49 27.76 49.83
C LEU XC 945 -1.48 28.16 50.91
N ASP XC 946 -1.62 29.47 51.07
CA ASP XC 946 -2.55 30.06 52.02
C ASP XC 946 -3.92 30.22 51.36
N MET XC 947 -4.78 31.02 51.98
CA MET XC 947 -6.05 31.36 51.35
C MET XC 947 -6.56 32.73 51.80
N SER XC 948 -7.86 32.97 51.66
CA SER XC 948 -8.43 34.32 51.67
C SER XC 948 -8.70 34.87 53.06
N ARG XC 949 -8.01 34.38 54.08
CA ARG XC 949 -8.09 34.97 55.41
C ARG XC 949 -6.91 35.92 55.63
N PRO XC 950 -6.93 36.71 56.70
CA PRO XC 950 -5.88 37.72 56.91
C PRO XC 950 -4.48 37.12 57.03
N MET XC 951 -3.50 37.87 56.53
CA MET XC 951 -2.14 37.36 56.42
C MET XC 951 -1.52 37.11 57.79
N PHE XC 952 -1.85 37.91 58.79
CA PHE XC 952 -1.30 37.65 60.12
C PHE XC 952 -1.84 36.35 60.68
N LEU XC 953 -3.06 35.98 60.32
CA LEU XC 953 -3.57 34.66 60.69
C LEU XC 953 -2.92 33.56 59.88
N GLU XC 954 -2.69 33.79 58.59
CA GLU XC 954 -2.15 32.76 57.72
C GLU XC 954 -0.66 32.52 57.91
N LEU XC 955 0.07 33.47 58.50
CA LEU XC 955 1.50 33.32 58.69
C LEU XC 955 1.86 32.60 59.98
N GLY XC 956 0.89 32.33 60.85
CA GLY XC 956 1.16 31.62 62.08
C GLY XC 956 0.60 30.23 62.06
N ARG XC 957 0.72 29.55 60.93
CA ARG XC 957 0.15 28.24 60.72
C ARG XC 957 1.25 27.20 60.60
N SER XC 958 1.01 26.04 61.21
CA SER XC 958 1.90 24.89 61.08
C SER XC 958 1.24 23.87 60.16
N PHE XC 959 1.91 23.58 59.04
CA PHE XC 959 1.32 22.70 58.04
C PHE XC 959 1.20 21.27 58.56
N LYS XC 960 2.21 20.80 59.27
CA LYS XC 960 2.11 19.50 59.92
C LYS XC 960 1.19 19.60 61.14
N GLY XC 961 0.54 18.48 61.46
CA GLY XC 961 -0.46 18.49 62.51
C GLY XC 961 -0.01 17.88 63.81
N ALA XC 962 0.75 16.79 63.75
CA ALA XC 962 1.23 16.12 64.95
C ALA XC 962 2.66 15.63 64.87
N ASP XC 963 3.35 15.85 63.75
CA ASP XC 963 4.72 15.40 63.58
C ASP XC 963 5.73 16.38 64.20
N GLY XC 964 5.31 17.61 64.48
CA GLY XC 964 6.24 18.62 64.94
C GLY XC 964 6.77 18.33 66.34
N GLN XC 965 7.85 19.01 66.68
CA GLN XC 965 8.50 18.80 67.96
C GLN XC 965 7.99 19.80 68.99
N SER XC 966 7.63 19.30 70.16
CA SER XC 966 7.08 20.12 71.21
C SER XC 966 8.20 20.72 72.06
N VAL XC 967 7.80 21.31 73.19
CA VAL XC 967 8.78 21.93 74.09
C VAL XC 967 9.71 20.89 74.70
N GLU XC 968 9.16 19.74 75.12
CA GLU XC 968 9.98 18.71 75.73
C GLU XC 968 10.97 18.09 74.76
N VAL XC 969 10.71 18.18 73.46
CA VAL XC 969 11.62 17.60 72.48
C VAL XC 969 12.94 18.37 72.41
N GLY XC 970 12.99 19.58 72.93
CA GLY XC 970 14.22 20.34 72.97
C GLY XC 970 15.15 19.84 74.04
N VAL XC 971 15.77 20.76 74.78
CA VAL XC 971 16.70 20.34 75.82
C VAL XC 971 15.91 20.24 77.13
N GLY XC 972 15.08 19.21 77.23
CA GLY XC 972 14.13 19.10 78.32
C GLY XC 972 13.25 20.33 78.47
N THR XC 973 12.47 20.34 79.55
CA THR XC 973 11.86 21.56 80.09
C THR XC 973 11.92 21.45 81.60
N LEU XC 974 12.55 20.38 82.07
CA LEU XC 974 12.54 20.00 83.47
C LEU XC 974 13.87 20.24 84.16
N ARG XC 975 14.95 20.38 83.41
CA ARG XC 975 16.27 20.55 84.01
C ARG XC 975 16.53 21.94 84.53
N ARG XC 976 15.87 22.97 84.00
CA ARG XC 976 16.00 24.29 84.58
C ARG XC 976 15.05 24.50 85.75
N GLN XC 977 13.86 23.92 85.70
CA GLN XC 977 12.98 23.94 86.87
C GLN XC 977 13.58 23.16 88.02
N LEU XC 978 14.19 22.01 87.72
CA LEU XC 978 14.69 21.11 88.75
C LEU XC 978 15.92 21.64 89.46
N GLU XC 979 16.56 22.68 88.94
CA GLU XC 979 17.76 23.25 89.54
C GLU XC 979 17.37 24.52 90.29
N HIS XC 980 17.83 24.62 91.54
CA HIS XC 980 17.58 25.78 92.38
C HIS XC 980 18.89 26.34 92.86
N ILE XC 981 18.84 27.57 93.36
CA ILE XC 981 20.00 28.25 93.92
C ILE XC 981 19.71 28.55 95.38
N TYR XC 982 20.49 27.96 96.26
CA TYR XC 982 20.35 28.15 97.69
C TYR XC 982 21.52 28.99 98.21
N ARG XC 983 21.20 30.06 98.95
CA ARG XC 983 22.24 30.95 99.45
C ARG XC 983 22.60 30.66 100.90
N ILE XC 984 21.59 30.58 101.76
CA ILE XC 984 21.50 30.16 103.18
C ILE XC 984 20.78 31.27 103.95
N ALA XC 985 21.06 32.55 103.60
CA ALA XC 985 20.43 33.70 104.22
C ALA XC 985 20.56 33.67 105.74
N PRO XC 986 21.74 34.05 106.30
CA PRO XC 986 22.12 33.71 107.70
C PRO XC 986 21.09 33.89 108.80
N ASP XC 987 20.12 34.78 108.62
CA ASP XC 987 19.10 35.02 109.63
C ASP XC 987 17.71 34.71 109.06
N ALA XC 988 17.62 33.57 108.36
CA ALA XC 988 16.41 33.24 107.62
C ALA XC 988 15.90 31.84 107.95
N THR XC 989 15.79 31.55 109.25
CA THR XC 989 14.93 30.48 109.75
C THR XC 989 15.51 29.08 109.56
N ARG XC 990 15.30 28.24 110.58
CA ARG XC 990 15.87 26.90 110.62
C ARG XC 990 15.35 26.03 109.49
N SER XC 991 14.10 26.23 109.07
CA SER XC 991 13.55 25.39 108.01
C SER XC 991 14.28 25.61 106.68
N GLU XC 992 14.46 26.88 106.30
CA GLU XC 992 15.21 27.19 105.09
C GLU XC 992 16.67 26.76 105.23
N LYS XC 993 17.25 26.94 106.43
CA LYS XC 993 18.62 26.51 106.64
C LYS XC 993 18.75 24.99 106.47
N ASP XC 994 17.81 24.23 106.99
CA ASP XC 994 17.85 22.77 106.87
C ASP XC 994 17.67 22.34 105.43
N VAL XC 995 16.77 23.01 104.69
CA VAL XC 995 16.59 22.66 103.28
C VAL XC 995 17.85 22.93 102.49
N ALA XC 996 18.49 24.07 102.74
CA ALA XC 996 19.74 24.40 102.06
C ALA XC 996 20.84 23.39 102.40
N ILE XC 997 20.92 22.99 103.67
CA ILE XC 997 21.94 22.03 104.07
C ILE XC 997 21.69 20.66 103.45
N ASN XC 998 20.42 20.27 103.38
CA ASN XC 998 20.07 18.98 102.77
C ASN XC 998 20.41 18.98 101.29
N ALA XC 999 20.24 20.12 100.62
CA ALA XC 999 20.67 20.22 99.23
C ALA XC 999 22.17 19.99 99.06
N ILE XC 1000 22.98 20.46 100.03
CA ILE XC 1000 24.42 20.23 99.97
C ILE XC 1000 24.74 18.74 100.02
N TYR XC 1001 24.05 18.01 100.91
CA TYR XC 1001 24.27 16.57 100.99
C TYR XC 1001 23.85 15.89 99.70
N ARG XC 1002 22.69 16.28 99.17
CA ARG XC 1002 22.18 15.64 97.95
C ARG XC 1002 23.09 15.93 96.76
N GLN XC 1003 23.81 17.05 96.78
CA GLN XC 1003 24.74 17.32 95.70
C GLN XC 1003 26.06 16.58 95.89
N VAL XC 1004 26.66 16.69 97.07
CA VAL XC 1004 28.02 16.15 97.26
C VAL XC 1004 27.97 14.65 97.47
N LEU XC 1005 27.32 14.20 98.54
CA LEU XC 1005 27.24 12.78 98.88
C LEU XC 1005 25.83 12.30 98.54
N ASP XC 1006 25.71 11.63 97.38
CA ASP XC 1006 24.56 11.73 96.48
C ASP XC 1006 23.22 11.83 97.18
N VAL XC 1007 22.91 10.85 98.04
CA VAL XC 1007 21.73 10.78 98.92
C VAL XC 1007 20.45 11.22 98.21
N PHE XC 1008 20.12 10.55 97.10
CA PHE XC 1008 19.08 11.03 96.20
C PHE XC 1008 17.69 11.05 96.82
N ALA XC 1009 17.50 10.41 97.98
CA ALA XC 1009 16.34 10.73 98.81
C ALA XC 1009 16.43 12.11 99.43
N GLY XC 1010 17.60 12.74 99.41
CA GLY XC 1010 17.77 14.12 99.84
C GLY XC 1010 17.93 14.29 101.34
N ILE XC 1011 17.93 13.18 102.09
CA ILE XC 1011 18.06 13.25 103.54
C ILE XC 1011 18.93 12.09 104.03
N PRO XC 1012 20.00 12.36 104.77
CA PRO XC 1012 20.67 11.29 105.51
C PRO XC 1012 19.84 10.88 106.71
N PRO XC 1013 19.52 9.60 106.83
CA PRO XC 1013 18.52 9.18 107.84
C PRO XC 1013 19.07 9.19 109.26
N SER XC 1014 19.40 10.38 109.77
CA SER XC 1014 20.11 10.56 111.04
C SER XC 1014 21.54 10.01 110.99
N TYR XC 1015 22.01 9.83 109.75
CA TYR XC 1015 23.29 9.30 109.37
C TYR XC 1015 24.24 10.48 109.22
N LEU XC 1016 25.28 10.31 108.39
CA LEU XC 1016 26.61 10.92 108.42
C LEU XC 1016 26.66 12.33 108.98
N ARG XC 1017 25.89 13.23 108.40
CA ARG XC 1017 25.74 14.61 108.86
C ARG XC 1017 27.08 15.29 109.06
N LEU XC 1018 27.13 16.29 109.94
CA LEU XC 1018 28.40 16.87 110.36
C LEU XC 1018 28.26 17.58 111.69
N SER XC 1019 28.71 16.94 112.76
CA SER XC 1019 28.77 17.61 114.06
C SER XC 1019 29.81 18.72 114.01
N GLU XC 1020 29.50 19.84 114.67
CA GLU XC 1020 30.24 21.11 114.72
C GLU XC 1020 30.05 21.92 113.43
N ALA XC 1021 29.62 21.27 112.36
CA ALA XC 1021 29.65 21.91 111.04
C ALA XC 1021 28.31 22.57 110.72
N GLU XC 1022 27.21 21.92 111.09
CA GLU XC 1022 25.92 22.60 111.01
C GLU XC 1022 25.91 23.83 111.90
N SER XC 1023 26.52 23.74 113.08
CA SER XC 1023 26.63 24.90 113.94
C SER XC 1023 27.50 25.99 113.31
N LYS XC 1024 28.65 25.63 112.73
CA LYS XC 1024 29.50 26.65 112.11
C LYS XC 1024 28.82 27.28 110.90
N LEU XC 1025 28.01 26.51 110.17
CA LEU XC 1025 27.25 27.09 109.06
C LEU XC 1025 26.17 28.04 109.58
N LYS XC 1026 25.40 27.61 110.57
CA LYS XC 1026 24.26 28.40 111.04
C LYS XC 1026 24.73 29.67 111.73
N ASN XC 1027 25.93 29.64 112.32
CA ASN XC 1027 26.46 30.83 112.98
C ASN XC 1027 27.15 31.76 111.99
N ASN XC 1028 27.25 31.33 110.74
CA ASN XC 1028 27.96 32.05 109.67
C ASN XC 1028 29.46 32.11 109.91
N GLU XC 1029 29.98 31.32 110.85
CA GLU XC 1029 31.43 31.24 111.06
C GLU XC 1029 32.10 30.63 109.84
N ILE XC 1030 31.47 29.63 109.24
CA ILE XC 1030 31.99 28.95 108.07
C ILE XC 1030 31.08 29.28 106.89
N SER XC 1031 31.68 29.35 105.70
CA SER XC 1031 30.93 29.63 104.48
C SER XC 1031 30.43 28.34 103.87
N VAL XC 1032 29.54 28.46 102.90
CA VAL XC 1032 29.01 27.27 102.23
C VAL XC 1032 30.10 26.55 101.45
N ARG XC 1033 30.96 27.31 100.77
CA ARG XC 1033 32.08 26.69 100.07
C ARG XC 1033 33.03 26.00 101.03
N GLU XC 1034 33.28 26.62 102.18
CA GLU XC 1034 34.14 26.00 103.20
C GLU XC 1034 33.52 24.72 103.73
N PHE XC 1035 32.21 24.72 103.97
CA PHE XC 1035 31.55 23.50 104.44
C PHE XC 1035 31.58 22.42 103.38
N VAL XC 1036 31.45 22.80 102.10
CA VAL XC 1036 31.54 21.82 101.03
C VAL XC 1036 32.93 21.21 100.98
N ARG XC 1037 33.97 22.04 101.13
CA ARG XC 1037 35.32 21.51 101.15
C ARG XC 1037 35.55 20.60 102.35
N ARG XC 1038 34.98 20.95 103.51
CA ARG XC 1038 35.10 20.09 104.69
C ARG XC 1038 34.40 18.75 104.45
N LEU XC 1039 33.22 18.76 103.85
CA LEU XC 1039 32.52 17.52 103.56
C LEU XC 1039 33.28 16.70 102.54
N GLY XC 1040 33.98 17.36 101.62
CA GLY XC 1040 34.75 16.63 100.63
C GLY XC 1040 35.89 15.83 101.22
N ARG XC 1041 36.62 16.42 102.16
CA ARG XC 1041 37.77 15.77 102.78
C ARG XC 1041 37.34 15.22 104.14
N SER XC 1042 37.15 13.91 104.20
CA SER XC 1042 36.78 13.24 105.44
C SER XC 1042 36.78 11.74 105.18
N GLU XC 1043 36.66 10.97 106.26
CA GLU XC 1043 36.53 9.53 106.12
C GLU XC 1043 35.25 9.18 105.37
N ASN XC 1044 34.20 9.97 105.55
CA ASN XC 1044 32.88 9.58 105.09
C ASN XC 1044 32.73 9.72 103.58
N TYR XC 1045 33.46 10.66 102.96
CA TYR XC 1045 33.51 10.76 101.51
C TYR XC 1045 34.53 9.81 100.90
N ARG XC 1046 35.68 9.64 101.55
CA ARG XC 1046 36.70 8.74 101.03
C ARG XC 1046 36.21 7.32 100.99
N LYS XC 1047 35.52 6.88 102.04
CA LYS XC 1047 35.11 5.47 102.15
C LYS XC 1047 34.00 5.15 101.16
N ARG XC 1048 33.24 6.16 100.73
CA ARG XC 1048 32.08 5.91 99.88
C ARG XC 1048 32.32 6.26 98.42
N PHE XC 1049 33.24 7.16 98.11
CA PHE XC 1049 33.45 7.55 96.71
C PHE XC 1049 34.90 7.46 96.25
N PHE XC 1050 35.84 7.05 97.10
CA PHE XC 1050 37.22 6.85 96.69
C PHE XC 1050 37.67 5.41 96.82
N GLU XC 1051 37.11 4.65 97.77
CA GLU XC 1051 37.63 3.32 98.05
C GLU XC 1051 37.40 2.33 96.92
N PRO XC 1052 36.18 1.97 96.54
CA PRO XC 1052 36.00 0.90 95.56
C PRO XC 1052 36.04 1.39 94.13
N TYR XC 1053 37.03 2.20 93.79
CA TYR XC 1053 37.12 2.77 92.46
C TYR XC 1053 38.59 2.94 92.08
N SER XC 1054 38.89 2.70 90.80
CA SER XC 1054 40.23 2.91 90.29
C SER XC 1054 40.46 4.39 90.04
N SER XC 1055 41.52 4.77 89.34
CA SER XC 1055 41.78 6.19 89.28
C SER XC 1055 41.77 6.85 87.89
N PRO XC 1056 40.86 6.48 86.98
CA PRO XC 1056 40.33 7.49 86.06
C PRO XC 1056 38.92 7.91 86.45
N LYS XC 1057 38.32 7.18 87.39
CA LYS XC 1057 36.90 7.31 87.69
C LYS XC 1057 36.62 8.03 88.99
N VAL XC 1058 37.51 7.90 89.98
CA VAL XC 1058 37.37 8.69 91.19
C VAL XC 1058 37.48 10.17 90.86
N VAL XC 1059 38.34 10.53 89.90
CA VAL XC 1059 38.47 11.91 89.48
C VAL XC 1059 37.17 12.43 88.89
N GLU XC 1060 36.54 11.64 88.02
CA GLU XC 1060 35.30 12.13 87.42
C GLU XC 1060 34.16 12.15 88.42
N LEU XC 1061 34.10 11.22 89.36
CA LEU XC 1061 33.09 11.29 90.41
C LEU XC 1061 33.28 12.52 91.28
N LEU XC 1062 34.53 12.82 91.65
CA LEU XC 1062 34.80 14.02 92.43
C LEU XC 1062 34.44 15.28 91.65
N THR XC 1063 34.76 15.33 90.34
CA THR XC 1063 34.46 16.51 89.55
C THR XC 1063 32.95 16.65 89.35
N LYS XC 1064 32.23 15.53 89.33
CA LYS XC 1064 30.78 15.58 89.17
C LYS XC 1064 30.12 16.09 90.44
N HIS XC 1065 30.58 15.59 91.59
CA HIS XC 1065 29.97 15.97 92.85
C HIS XC 1065 30.20 17.44 93.19
N PHE XC 1066 31.39 17.96 92.87
CA PHE XC 1066 31.74 19.32 93.23
C PHE XC 1066 31.56 20.34 92.12
N LEU XC 1067 31.42 19.91 90.86
CA LEU XC 1067 31.25 20.82 89.75
C LEU XC 1067 30.02 20.50 88.91
N GLY XC 1068 29.40 19.35 89.12
CA GLY XC 1068 28.23 18.98 88.35
C GLY XC 1068 28.48 18.74 86.88
N ARG XC 1069 29.58 18.10 86.53
CA ARG XC 1069 29.86 17.80 85.14
C ARG XC 1069 30.88 16.67 85.07
N ALA XC 1070 31.11 16.15 83.88
CA ALA XC 1070 32.15 15.19 83.57
C ALA XC 1070 33.48 15.90 83.40
N PRO XC 1071 34.60 15.17 83.44
CA PRO XC 1071 35.89 15.80 83.19
C PRO XC 1071 35.96 16.34 81.76
N ILE XC 1072 36.71 17.43 81.59
CA ILE XC 1072 36.66 18.18 80.34
C ILE XC 1072 37.36 17.41 79.22
N SER XC 1073 38.66 17.16 79.39
CA SER XC 1073 39.47 16.57 78.33
C SER XC 1073 40.48 15.61 78.93
N GLN XC 1074 41.30 15.02 78.05
CA GLN XC 1074 42.28 14.04 78.48
C GLN XC 1074 43.36 14.66 79.36
N GLN XC 1075 43.69 15.94 79.12
CA GLN XC 1075 44.74 16.58 79.89
C GLN XC 1075 44.37 16.74 81.36
N GLU XC 1076 43.07 16.81 81.67
CA GLU XC 1076 42.62 16.88 83.05
C GLU XC 1076 42.89 15.59 83.82
N ILE XC 1077 42.98 14.47 83.10
CA ILE XC 1077 43.28 13.15 83.66
C ILE XC 1077 44.79 12.95 83.65
N SER XC 1078 45.50 14.04 83.46
CA SER XC 1078 46.88 14.23 83.91
C SER XC 1078 46.92 14.94 85.24
N THR XC 1079 46.32 16.14 85.33
CA THR XC 1079 46.43 16.95 86.53
C THR XC 1079 45.79 16.29 87.74
N TYR XC 1080 44.52 15.88 87.62
CA TYR XC 1080 43.87 15.31 88.79
C TYR XC 1080 44.38 13.92 89.14
N VAL XC 1081 44.76 13.13 88.13
CA VAL XC 1081 45.36 11.83 88.41
C VAL XC 1081 46.67 11.99 89.16
N GLN XC 1082 47.53 12.92 88.74
CA GLN XC 1082 48.76 13.14 89.47
C GLN XC 1082 48.52 13.70 90.86
N ILE XC 1083 47.52 14.58 91.02
CA ILE XC 1083 47.20 15.11 92.34
C ILE XC 1083 46.77 13.98 93.27
N LEU XC 1084 45.89 13.10 92.80
CA LEU XC 1084 45.49 11.94 93.59
C LEU XC 1084 46.66 11.02 93.91
N GLY XC 1085 47.52 10.74 92.93
CA GLY XC 1085 48.64 9.84 93.14
C GLY XC 1085 49.68 10.35 94.10
N THR XC 1086 49.97 11.65 94.07
CA THR XC 1086 51.03 12.21 94.90
C THR XC 1086 50.52 12.79 96.21
N LYS XC 1087 49.57 13.71 96.18
CA LYS XC 1087 49.16 14.42 97.39
C LYS XC 1087 47.88 13.87 98.01
N GLY XC 1088 47.28 12.86 97.42
CA GLY XC 1088 46.15 12.21 98.05
C GLY XC 1088 44.82 12.90 97.76
N LEU XC 1089 43.82 12.47 98.53
CA LEU XC 1089 42.45 12.89 98.27
C LEU XC 1089 42.20 14.32 98.74
N ALA XC 1090 42.83 14.72 99.85
CA ALA XC 1090 42.58 16.06 100.40
C ALA XC 1090 43.07 17.15 99.45
N ALA XC 1091 44.27 16.97 98.89
CA ALA XC 1091 44.79 17.96 97.95
C ALA XC 1091 43.93 18.04 96.69
N ALA XC 1092 43.45 16.88 96.20
CA ALA XC 1092 42.60 16.87 95.02
C ALA XC 1092 41.28 17.58 95.28
N VAL XC 1093 40.65 17.31 96.43
CA VAL XC 1093 39.37 17.95 96.72
C VAL XC 1093 39.55 19.45 96.95
N ASP XC 1094 40.68 19.84 97.53
CA ASP XC 1094 40.97 21.26 97.67
C ASP XC 1094 41.20 21.93 96.32
N ALA XC 1095 41.83 21.22 95.39
CA ALA XC 1095 42.10 21.78 94.07
C ALA XC 1095 40.81 22.07 93.32
N ILE XC 1096 39.83 21.17 93.42
CA ILE XC 1096 38.55 21.40 92.74
C ILE XC 1096 37.84 22.60 93.35
N VAL XC 1097 37.81 22.68 94.68
CA VAL XC 1097 37.15 23.78 95.36
C VAL XC 1097 37.80 25.12 95.10
N GLU XC 1098 39.13 25.15 94.96
CA GLU XC 1098 39.84 26.40 94.72
C GLU XC 1098 40.00 26.71 93.24
N SER XC 1099 39.45 25.88 92.36
CA SER XC 1099 39.57 26.11 90.93
C SER XC 1099 38.73 27.31 90.52
N PRO XC 1100 39.17 28.04 89.49
CA PRO XC 1100 38.38 29.17 89.00
C PRO XC 1100 37.00 28.79 88.50
N GLU XC 1101 36.86 27.60 87.91
CA GLU XC 1101 35.57 27.17 87.40
C GLU XC 1101 34.55 27.03 88.51
N TYR XC 1102 34.97 26.48 89.64
CA TYR XC 1102 34.08 26.45 90.81
C TYR XC 1102 33.77 27.85 91.29
N LEU XC 1103 34.76 28.74 91.26
CA LEU XC 1103 34.60 30.04 91.90
C LEU XC 1103 33.64 30.94 91.11
N THR XC 1104 33.77 30.96 89.78
CA THR XC 1104 32.90 31.83 88.99
C THR XC 1104 31.46 31.32 89.02
N ILE XC 1105 31.26 30.04 88.74
CA ILE XC 1105 29.91 29.50 88.66
C ILE XC 1105 29.24 29.48 90.03
N PHE XC 1106 29.95 28.98 91.04
CA PHE XC 1106 29.37 28.82 92.36
C PHE XC 1106 29.82 29.89 93.35
N ASN XC 1107 31.12 30.11 93.48
CA ASN XC 1107 31.66 31.07 94.43
C ASN XC 1107 31.34 30.68 95.87
N GLU XC 1108 31.34 31.65 96.77
CA GLU XC 1108 31.38 31.35 98.19
C GLU XC 1108 30.08 30.77 98.72
N ASP XC 1109 28.94 31.32 98.33
CA ASP XC 1109 27.74 31.19 99.17
C ASP XC 1109 26.52 30.70 98.40
N ILE XC 1110 26.66 29.67 97.56
CA ILE XC 1110 25.50 28.94 97.05
C ILE XC 1110 25.86 27.46 96.94
N VAL XC 1111 24.87 26.60 97.13
CA VAL XC 1111 25.10 25.15 97.10
C VAL XC 1111 25.33 24.72 95.65
N PRO XC 1112 26.23 23.79 95.39
CA PRO XC 1112 26.42 23.29 94.02
C PRO XC 1112 25.19 22.53 93.54
N TYR XC 1113 25.07 22.40 92.22
CA TYR XC 1113 23.94 21.73 91.61
C TYR XC 1113 24.37 21.11 90.30
N ARG XC 1114 23.45 20.36 89.70
CA ARG XC 1114 23.67 19.82 88.35
C ARG XC 1114 23.69 20.96 87.35
N ARG XC 1115 24.58 20.87 86.37
CA ARG XC 1115 24.75 21.99 85.45
C ARG XC 1115 24.46 21.66 84.00
N TYR XC 1116 25.02 20.58 83.45
CA TYR XC 1116 24.93 20.28 82.03
C TYR XC 1116 25.51 21.43 81.21
N PRO XC 1117 26.82 21.64 81.24
CA PRO XC 1117 27.40 22.77 80.50
C PRO XC 1117 27.31 22.57 79.00
N THR XC 1118 27.57 23.64 78.25
CA THR XC 1118 27.42 23.59 76.80
C THR XC 1118 28.76 23.80 76.10
N LEU XC 1119 29.53 24.79 76.56
CA LEU XC 1119 30.74 25.31 75.93
C LEU XC 1119 31.84 24.29 75.63
N PRO XC 1120 32.18 23.33 76.52
CA PRO XC 1120 33.39 22.52 76.28
C PRO XC 1120 33.30 21.49 75.14
N ALA XC 1121 32.32 21.58 74.23
CA ALA XC 1121 32.32 20.78 73.02
C ALA XC 1121 32.23 19.28 73.29
N GLY XC 1122 31.08 18.84 73.81
CA GLY XC 1122 30.89 17.47 74.25
C GLY XC 1122 30.66 17.32 75.74
N ASN XC 1123 30.98 18.36 76.51
CA ASN XC 1123 30.69 18.33 77.93
C ASN XC 1123 29.19 18.27 78.21
N TYR XC 1124 28.35 18.75 77.29
CA TYR XC 1124 26.92 18.63 77.51
C TYR XC 1124 26.48 17.17 77.55
N ARG XC 1125 26.86 16.39 76.55
CA ARG XC 1125 26.48 14.98 76.56
C ARG XC 1125 27.22 14.21 77.63
N ALA XC 1126 28.47 14.58 77.92
CA ALA XC 1126 29.20 13.93 79.00
C ALA XC 1126 28.50 14.17 80.35
N SER XC 1127 28.07 15.40 80.58
CA SER XC 1127 27.39 15.72 81.84
C SER XC 1127 26.03 15.07 81.93
N VAL XC 1128 25.28 15.05 80.82
CA VAL XC 1128 23.97 14.42 80.85
C VAL XC 1128 24.10 12.92 81.04
N ARG XC 1129 25.20 12.32 80.56
CA ARG XC 1129 25.41 10.90 80.77
C ARG XC 1129 25.85 10.59 82.20
N VAL XC 1130 26.81 11.37 82.73
CA VAL XC 1130 27.39 11.03 84.02
C VAL XC 1130 26.38 11.24 85.14
N ASN XC 1131 25.55 12.27 85.06
CA ASN XC 1131 24.49 12.51 86.02
C ASN XC 1131 23.15 12.51 85.32
N ASP XC 1132 22.17 11.86 85.95
CA ASP XC 1132 20.79 11.82 85.47
C ASP XC 1132 20.64 10.90 84.25
N GLU XC 1133 21.68 10.11 83.98
CA GLU XC 1133 21.58 9.06 82.98
C GLU XC 1133 22.22 7.77 83.46
N GLU XC 1134 23.15 7.87 84.41
CA GLU XC 1134 23.81 6.71 84.97
C GLU XC 1134 23.96 6.93 86.47
N LEU XC 1135 23.55 5.94 87.25
CA LEU XC 1135 23.53 6.05 88.70
C LEU XC 1135 24.80 5.43 89.27
N ILE XC 1136 24.83 5.27 90.59
CA ILE XC 1136 26.01 4.75 91.27
C ILE XC 1136 25.85 3.25 91.47
N SER XC 1137 26.72 2.47 90.84
CA SER XC 1137 26.82 1.04 91.09
C SER XC 1137 27.97 0.79 92.05
N GLN XC 1138 28.32 -0.49 92.26
CA GLN XC 1138 29.48 -0.85 93.07
C GLN XC 1138 29.38 -0.36 94.51
N SER XC 1139 28.48 -0.95 95.29
CA SER XC 1139 28.32 -0.61 96.71
C SER XC 1139 29.65 -0.68 97.45
N TRP XC 1140 29.86 0.28 98.35
CA TRP XC 1140 31.20 0.54 98.89
C TRP XC 1140 31.72 -0.61 99.73
N SER XC 1141 30.88 -1.21 100.56
CA SER XC 1141 31.37 -2.23 101.45
C SER XC 1141 31.70 -3.51 100.69
N SER XC 1142 32.73 -4.21 101.16
CA SER XC 1142 33.15 -5.48 100.58
C SER XC 1142 32.96 -6.63 101.56
N LEU XC 1143 31.93 -6.58 102.40
CA LEU XC 1143 31.81 -7.55 103.48
C LEU XC 1143 30.77 -8.61 103.17
N SER XC 1144 29.62 -8.21 102.65
CA SER XC 1144 28.57 -9.19 102.43
C SER XC 1144 28.13 -9.19 100.97
N PRO XC 1145 28.85 -9.90 100.10
CA PRO XC 1145 28.48 -9.95 98.69
C PRO XC 1145 27.11 -10.60 98.49
N THR XC 1146 26.36 -10.08 97.53
CA THR XC 1146 25.08 -10.64 97.17
C THR XC 1146 25.29 -11.82 96.23
N TYR XC 1147 24.66 -12.96 96.54
CA TYR XC 1147 24.94 -14.17 95.77
C TYR XC 1147 24.04 -14.26 94.54
N THR XC 1148 23.12 -13.31 94.39
CA THR XC 1148 22.27 -13.06 93.22
C THR XC 1148 21.38 -14.25 92.81
N GLY XC 1149 21.30 -15.31 93.60
CA GLY XC 1149 20.50 -16.46 93.23
C GLY XC 1149 19.08 -16.46 93.72
N TYR XC 1150 18.69 -15.46 94.50
CA TYR XC 1150 17.34 -15.38 95.09
C TYR XC 1150 16.72 -14.06 94.65
N GLN XC 1151 16.05 -14.08 93.50
CA GLN XC 1151 15.38 -12.88 93.03
C GLN XC 1151 13.93 -12.86 93.50
N TYR XC 1152 13.49 -13.95 94.12
CA TYR XC 1152 12.07 -14.21 94.32
C TYR XC 1152 11.73 -14.28 95.79
N VAL XC 1153 10.49 -13.90 96.12
CA VAL XC 1153 10.05 -13.88 97.50
C VAL XC 1153 8.79 -14.74 97.65
N THR XC 1154 8.71 -15.82 96.86
CA THR XC 1154 7.56 -16.71 96.95
C THR XC 1154 7.48 -17.37 98.32
N ARG XC 1155 6.27 -17.63 98.78
CA ARG XC 1155 6.05 -18.11 100.14
C ARG XC 1155 4.75 -18.89 100.26
N SER YC 2 26.04 56.65 -18.46
CA SER YC 2 27.48 56.51 -18.36
C SER YC 2 28.02 57.16 -17.10
N ILE YC 3 29.16 56.68 -16.62
CA ILE YC 3 29.78 57.14 -15.38
C ILE YC 3 28.89 56.72 -14.23
N ARG YC 4 29.32 55.72 -13.48
CA ARG YC 4 28.52 55.17 -12.39
C ARG YC 4 29.08 55.50 -11.01
N GLY YC 5 30.32 55.98 -10.94
CA GLY YC 5 30.90 56.36 -9.67
C GLY YC 5 31.85 57.52 -9.85
N THR YC 6 32.04 58.28 -8.79
CA THR YC 6 32.94 59.42 -8.80
C THR YC 6 33.73 59.47 -7.50
N SER YC 7 35.00 59.82 -7.63
CA SER YC 7 35.85 60.09 -6.48
C SER YC 7 35.92 61.56 -6.13
N GLY YC 8 35.20 62.40 -6.87
CA GLY YC 8 35.21 63.83 -6.63
C GLY YC 8 36.39 64.50 -7.30
N SER YC 9 36.40 65.83 -7.19
CA SER YC 9 37.46 66.65 -7.76
C SER YC 9 38.25 67.28 -6.63
N THR YC 10 39.31 67.99 -7.00
CA THR YC 10 40.16 68.67 -6.03
C THR YC 10 40.45 70.07 -6.54
N VAL YC 11 41.24 70.82 -5.79
CA VAL YC 11 41.73 72.12 -6.24
C VAL YC 11 43.23 72.00 -6.47
N ALA YC 12 43.61 71.66 -7.70
CA ALA YC 12 45.02 71.46 -7.99
C ALA YC 12 45.66 72.77 -8.42
N ARG YC 13 46.91 72.97 -8.03
CA ARG YC 13 47.67 74.16 -8.39
C ARG YC 13 48.92 73.73 -9.14
N PRO YC 14 48.85 73.60 -10.45
CA PRO YC 14 50.05 73.19 -11.20
C PRO YC 14 51.10 74.28 -11.23
N ARG YC 15 52.36 73.88 -11.40
CA ARG YC 15 53.46 74.85 -11.44
C ARG YC 15 53.73 75.25 -12.88
N LEU YC 16 53.88 76.55 -13.11
CA LEU YC 16 54.15 77.04 -14.46
C LEU YC 16 55.64 77.23 -14.69
N PHE YC 17 56.35 77.74 -13.69
CA PHE YC 17 57.77 78.05 -13.79
C PHE YC 17 58.39 78.09 -12.41
N ARG YC 18 59.73 78.04 -12.38
CA ARG YC 18 60.43 77.84 -11.11
C ARG YC 18 60.73 79.17 -10.42
N THR YC 19 61.61 79.97 -11.00
CA THR YC 19 62.02 81.27 -10.44
C THR YC 19 62.56 81.17 -9.01
N VAL YC 20 63.73 80.52 -8.90
CA VAL YC 20 64.64 80.46 -7.75
C VAL YC 20 64.04 80.50 -6.33
N MET YC 21 63.11 81.41 -6.03
CA MET YC 21 62.55 81.48 -4.69
C MET YC 21 61.74 80.23 -4.35
N THR YC 22 60.86 79.83 -5.27
CA THR YC 22 60.09 78.60 -5.05
C THR YC 22 60.99 77.39 -5.01
N GLU YC 23 62.04 77.38 -5.84
CA GLU YC 23 62.99 76.26 -5.82
C GLU YC 23 63.70 76.16 -4.49
N THR YC 24 64.18 77.29 -3.96
CA THR YC 24 64.88 77.29 -2.68
C THR YC 24 63.96 76.89 -1.54
N ILE YC 25 62.73 77.42 -1.53
CA ILE YC 25 61.80 77.10 -0.45
C ILE YC 25 61.41 75.62 -0.51
N ASN YC 26 61.21 75.09 -1.72
CA ASN YC 26 60.86 73.68 -1.84
C ASN YC 26 62.03 72.78 -1.48
N GLY YC 27 63.25 73.17 -1.83
CA GLY YC 27 64.40 72.39 -1.41
C GLY YC 27 64.59 72.40 0.09
N ILE YC 28 64.32 73.53 0.73
CA ILE YC 28 64.36 73.59 2.18
C ILE YC 28 63.27 72.72 2.79
N ASN YC 29 62.07 72.78 2.22
CA ASN YC 29 60.94 72.05 2.78
C ASN YC 29 61.11 70.54 2.63
N ALA YC 30 61.78 70.11 1.56
CA ALA YC 30 61.97 68.68 1.33
C ALA YC 30 62.81 68.04 2.44
N GLU YC 31 63.73 68.78 3.04
CA GLU YC 31 64.51 68.30 4.17
C GLU YC 31 63.93 68.72 5.50
N ASP YC 32 63.11 69.77 5.54
CA ASP YC 32 62.38 70.19 6.72
C ASP YC 32 63.34 70.59 7.84
N ARG YC 33 64.15 71.60 7.57
CA ARG YC 33 65.30 71.87 8.43
C ARG YC 33 65.53 73.34 8.76
N TYR YC 34 64.78 74.25 8.13
CA TYR YC 34 64.93 75.71 8.15
C TYR YC 34 66.01 76.10 7.15
N PRO YC 35 66.11 77.38 6.79
CA PRO YC 35 67.19 77.80 5.89
C PRO YC 35 68.57 77.57 6.47
N ASN YC 36 69.51 77.19 5.61
CA ASN YC 36 70.89 76.99 6.04
C ASN YC 36 71.58 78.34 6.22
N SER YC 37 72.73 78.30 6.90
CA SER YC 37 73.54 79.51 7.05
C SER YC 37 74.02 80.02 5.69
N GLY YC 38 74.47 79.12 4.83
CA GLY YC 38 74.84 79.51 3.48
C GLY YC 38 73.62 79.79 2.62
N GLU YC 39 72.49 79.14 2.94
CA GLU YC 39 71.26 79.41 2.21
C GLU YC 39 70.75 80.81 2.50
N VAL YC 40 71.10 81.37 3.66
CA VAL YC 40 70.61 82.69 4.05
C VAL YC 40 71.12 83.76 3.09
N SER YC 41 72.41 83.68 2.73
CA SER YC 41 73.00 84.72 1.90
C SER YC 41 72.45 84.69 0.48
N GLN YC 42 71.93 83.53 0.05
CA GLN YC 42 71.31 83.45 -1.27
C GLN YC 42 70.12 84.38 -1.38
N LEU YC 43 69.23 84.35 -0.38
CA LEU YC 43 68.10 85.27 -0.37
C LEU YC 43 68.58 86.71 -0.27
N ASP YC 44 69.69 86.93 0.45
CA ASP YC 44 70.22 88.28 0.61
C ASP YC 44 70.64 88.88 -0.72
N GLN YC 45 71.48 88.17 -1.49
CA GLN YC 45 71.93 88.78 -2.74
C GLN YC 45 70.84 88.71 -3.80
N PHE YC 46 69.89 87.77 -3.67
CA PHE YC 46 68.79 87.72 -4.61
C PHE YC 46 67.88 88.93 -4.44
N PHE YC 47 67.65 89.33 -3.18
CA PHE YC 47 66.87 90.54 -2.93
C PHE YC 47 67.69 91.78 -3.24
N GLY YC 48 69.02 91.69 -3.11
CA GLY YC 48 69.86 92.81 -3.51
C GLY YC 48 69.86 93.04 -5.01
N ASP YC 49 69.82 91.97 -5.80
CA ASP YC 49 69.79 92.09 -7.25
C ASP YC 49 68.55 92.86 -7.72
N GLY YC 50 67.41 92.58 -7.08
CA GLY YC 50 66.47 93.61 -6.67
C GLY YC 50 66.19 94.78 -7.57
N GLN YC 51 66.62 95.96 -7.09
CA GLN YC 51 66.26 97.20 -7.73
C GLN YC 51 66.91 97.31 -9.10
N ARG YC 52 68.10 96.72 -9.25
CA ARG YC 52 68.74 96.59 -10.55
C ARG YC 52 67.84 95.84 -11.53
N ARG YC 53 67.31 94.70 -11.09
CA ARG YC 53 66.44 93.90 -11.94
C ARG YC 53 65.17 94.65 -12.29
N ILE YC 54 64.62 95.40 -11.34
CA ILE YC 54 63.42 96.20 -11.59
C ILE YC 54 63.71 97.26 -12.65
N ALA YC 55 64.84 97.95 -12.52
CA ALA YC 55 65.21 98.96 -13.51
C ALA YC 55 65.45 98.34 -14.88
N ILE YC 56 66.07 97.15 -14.91
CA ILE YC 56 66.35 96.48 -16.17
C ILE YC 56 65.06 96.12 -16.89
N VAL YC 57 64.10 95.53 -16.17
CA VAL YC 57 62.84 95.18 -16.80
C VAL YC 57 62.05 96.43 -17.20
N ALA YC 58 62.11 97.49 -16.40
CA ALA YC 58 61.43 98.73 -16.77
C ALA YC 58 62.00 99.32 -18.05
N LYS YC 59 63.33 99.24 -18.21
CA LYS YC 59 63.97 99.78 -19.40
C LYS YC 59 63.58 98.98 -20.64
N LEU YC 60 63.42 97.66 -20.50
CA LEU YC 60 62.91 96.87 -21.61
C LEU YC 60 61.47 97.26 -21.94
N THR YC 61 60.64 97.42 -20.91
CA THR YC 61 59.23 97.69 -21.15
C THR YC 61 59.01 99.07 -21.76
N GLU YC 62 59.89 100.03 -21.44
CA GLU YC 62 59.66 101.42 -21.87
C GLU YC 62 59.78 101.56 -23.38
N ASN YC 63 60.70 100.83 -24.01
CA ASN YC 63 60.88 100.88 -25.46
C ASN YC 63 60.98 99.47 -26.02
N ALA YC 64 60.07 98.60 -25.58
CA ALA YC 64 59.99 97.26 -26.16
C ALA YC 64 59.56 97.32 -27.63
N GLU YC 65 58.86 98.37 -28.03
CA GLU YC 65 58.38 98.46 -29.41
C GLU YC 65 59.54 98.56 -30.40
N MET YC 66 60.55 99.36 -30.07
CA MET YC 66 61.69 99.52 -30.97
C MET YC 66 62.48 98.22 -31.12
N ILE YC 67 62.61 97.47 -30.03
CA ILE YC 67 63.36 96.21 -30.07
C ILE YC 67 62.70 95.22 -31.01
N VAL YC 68 61.38 95.08 -30.92
CA VAL YC 68 60.65 94.25 -31.87
C VAL YC 68 60.72 94.84 -33.27
N SER YC 69 60.73 96.17 -33.36
CA SER YC 69 60.67 96.84 -34.65
C SER YC 69 61.90 96.56 -35.49
N ARG YC 70 63.08 96.62 -34.87
CA ARG YC 70 64.30 96.35 -35.64
C ARG YC 70 64.33 94.93 -36.17
N ALA YC 71 63.99 93.95 -35.34
CA ALA YC 71 64.02 92.56 -35.79
C ALA YC 71 62.98 92.32 -36.88
N ALA YC 72 61.77 92.86 -36.70
CA ALA YC 72 60.72 92.66 -37.69
C ALA YC 72 61.10 93.31 -39.01
N ASN YC 73 61.67 94.51 -38.98
CA ASN YC 73 62.07 95.17 -40.21
C ASN YC 73 63.24 94.46 -40.89
N ARG YC 74 64.16 93.90 -40.10
CA ARG YC 74 65.27 93.17 -40.68
C ARG YC 74 64.84 91.87 -41.36
N ILE YC 75 64.02 91.05 -40.70
CA ILE YC 75 63.68 89.74 -41.28
C ILE YC 75 62.46 89.78 -42.18
N PHE YC 76 61.61 90.81 -42.11
CA PHE YC 76 60.42 90.89 -42.96
C PHE YC 76 60.62 92.04 -43.93
N VAL YC 77 60.52 91.74 -45.23
CA VAL YC 77 60.63 92.74 -46.29
C VAL YC 77 59.40 92.64 -47.16
N GLY YC 78 59.02 93.77 -47.77
CA GLY YC 78 57.84 93.80 -48.60
C GLY YC 78 56.70 94.55 -47.95
N GLY YC 79 57.02 95.44 -47.04
CA GLY YC 79 56.02 96.21 -46.33
C GLY YC 79 56.51 96.56 -44.94
N SER YC 80 55.59 97.05 -44.12
CA SER YC 80 55.89 97.41 -42.75
C SER YC 80 55.34 96.36 -41.81
N PRO YC 81 56.18 95.56 -41.14
CA PRO YC 81 55.64 94.50 -40.28
C PRO YC 81 54.85 95.02 -39.10
N MET YC 82 55.24 96.15 -38.53
CA MET YC 82 54.59 96.61 -37.30
C MET YC 82 53.27 97.32 -37.57
N ALA YC 83 52.88 97.49 -38.84
CA ALA YC 83 51.51 97.85 -39.13
C ALA YC 83 50.56 96.71 -38.79
N TYR YC 84 51.08 95.49 -38.79
CA TYR YC 84 50.26 94.32 -38.50
C TYR YC 84 50.19 94.03 -37.01
N SER YC 85 51.05 94.67 -36.22
CA SER YC 85 51.06 94.45 -34.77
C SER YC 85 49.80 95.05 -34.15
N GLU YC 86 49.19 94.31 -33.23
CA GLU YC 86 47.94 94.76 -32.62
C GLU YC 86 48.20 95.66 -31.43
N ARG YC 87 49.47 95.84 -31.05
CA ARG YC 87 49.80 96.87 -30.06
C ARG YC 87 49.46 98.25 -30.61
N GLN YC 88 49.76 98.49 -31.88
CA GLN YC 88 49.31 99.67 -32.60
C GLN YC 88 47.83 99.46 -32.93
N LYS YC 89 46.98 99.90 -32.02
CA LYS YC 89 45.53 99.70 -32.14
C LYS YC 89 44.79 100.47 -31.05
N VAL YC 136 74.92 80.93 -40.32
CA VAL YC 136 73.61 80.63 -40.88
C VAL YC 136 73.36 81.52 -42.09
N PRO YC 137 72.78 80.94 -43.14
CA PRO YC 137 72.25 81.74 -44.25
C PRO YC 137 70.98 82.44 -43.82
N PRO YC 138 71.07 83.64 -43.24
CA PRO YC 138 70.06 84.09 -42.29
C PRO YC 138 68.67 84.29 -42.87
N ASP YC 139 68.53 85.16 -43.87
CA ASP YC 139 67.21 85.56 -44.33
C ASP YC 139 66.98 85.15 -45.78
N PHE YC 140 65.86 84.48 -46.00
CA PHE YC 140 65.25 84.34 -47.32
C PHE YC 140 63.92 85.07 -47.17
N GLU YC 141 63.98 86.39 -47.35
CA GLU YC 141 63.01 87.35 -46.83
C GLU YC 141 61.59 87.08 -47.30
N PRO YC 142 60.73 86.61 -46.40
CA PRO YC 142 59.31 86.44 -46.74
C PRO YC 142 58.67 87.78 -47.07
N ILE YC 143 57.84 87.80 -48.09
CA ILE YC 143 57.08 88.98 -48.45
C ILE YC 143 55.84 89.05 -47.56
N ASN YC 144 55.56 90.24 -47.05
CA ASN YC 144 54.52 90.42 -46.04
C ASN YC 144 53.13 90.07 -46.54
N ILE YC 145 52.89 90.01 -47.85
CA ILE YC 145 51.56 89.72 -48.36
C ILE YC 145 51.58 88.51 -49.27
N ALA YC 146 52.71 88.24 -49.90
CA ALA YC 146 52.76 87.19 -50.91
C ALA YC 146 52.95 85.82 -50.28
N ARG YC 147 54.09 85.60 -49.62
CA ARG YC 147 54.40 84.29 -49.04
C ARG YC 147 53.55 83.96 -47.82
N TYR YC 148 53.41 84.87 -46.87
CA TYR YC 148 52.79 84.57 -45.59
C TYR YC 148 51.29 84.87 -45.55
N GLY YC 149 50.91 86.12 -45.79
CA GLY YC 149 49.53 86.51 -45.65
C GLY YC 149 49.26 87.13 -44.29
N PRO YC 150 48.04 87.61 -44.08
CA PRO YC 150 47.74 88.37 -42.86
C PRO YC 150 47.63 87.52 -41.61
N GLU YC 151 47.00 86.35 -41.72
CA GLU YC 151 46.83 85.51 -40.54
C GLU YC 151 48.16 84.96 -40.05
N ARG YC 152 49.06 84.60 -40.97
CA ARG YC 152 50.41 84.23 -40.57
C ARG YC 152 51.18 85.44 -40.07
N MET YC 153 50.91 86.60 -40.67
CA MET YC 153 51.62 87.83 -40.32
C MET YC 153 51.34 88.23 -38.88
N GLN YC 154 50.08 88.09 -38.44
CA GLN YC 154 49.71 88.47 -37.08
C GLN YC 154 50.40 87.57 -36.07
N LYS YC 155 50.45 86.26 -36.33
CA LYS YC 155 51.17 85.35 -35.46
C LYS YC 155 52.66 85.70 -35.43
N SER YC 156 53.21 86.04 -36.60
CA SER YC 156 54.62 86.39 -36.70
C SER YC 156 54.95 87.61 -35.85
N ILE YC 157 54.12 88.64 -35.92
CA ILE YC 157 54.39 89.85 -35.16
C ILE YC 157 54.12 89.62 -33.67
N ARG YC 158 53.10 88.81 -33.35
CA ARG YC 158 52.74 88.57 -31.95
C ARG YC 158 53.82 87.80 -31.21
N ASP YC 159 54.40 86.78 -31.85
CA ASP YC 159 55.30 85.88 -31.13
C ASP YC 159 56.59 86.57 -30.72
N LEU YC 160 57.03 87.57 -31.50
CA LEU YC 160 58.23 88.31 -31.13
C LEU YC 160 58.01 89.12 -29.86
N ASP YC 161 56.88 89.83 -29.78
CA ASP YC 161 56.56 90.58 -28.58
C ASP YC 161 56.34 89.65 -27.40
N TRP YC 162 55.77 88.47 -27.66
CA TRP YC 162 55.63 87.46 -26.60
C TRP YC 162 56.98 87.01 -26.07
N PHE YC 163 57.94 86.78 -26.99
CA PHE YC 163 59.30 86.42 -26.59
C PHE YC 163 59.93 87.52 -25.76
N LEU YC 164 59.74 88.78 -26.17
CA LEU YC 164 60.30 89.88 -25.40
C LEU YC 164 59.68 89.97 -24.01
N ARG YC 165 58.36 89.75 -23.92
CA ARG YC 165 57.69 89.81 -22.62
C ARG YC 165 58.19 88.71 -21.69
N TYR YC 166 58.36 87.49 -22.21
CA TYR YC 166 58.83 86.40 -21.36
C TYR YC 166 60.27 86.61 -20.90
N THR YC 167 61.06 87.34 -21.69
CA THR YC 167 62.41 87.69 -21.24
C THR YC 167 62.37 88.58 -20.01
N THR YC 168 61.48 89.58 -20.01
CA THR YC 168 61.32 90.42 -18.82
C THR YC 168 60.78 89.60 -17.65
N TYR YC 169 59.90 88.63 -17.96
CA TYR YC 169 59.38 87.74 -16.92
C TYR YC 169 60.51 86.98 -16.24
N ALA YC 170 61.40 86.36 -17.03
CA ALA YC 170 62.50 85.60 -16.45
C ALA YC 170 63.51 86.55 -15.79
N ILE YC 171 63.63 87.77 -16.29
CA ILE YC 171 64.53 88.74 -15.69
C ILE YC 171 64.08 89.08 -14.28
N LEU YC 172 62.77 89.30 -14.09
CA LEU YC 172 62.26 89.48 -12.74
C LEU YC 172 62.37 88.20 -11.93
N ALA YC 173 62.18 87.06 -12.57
CA ALA YC 173 62.40 85.77 -11.94
C ALA YC 173 63.90 85.54 -11.71
N GLY YC 174 64.21 84.47 -10.98
CA GLY YC 174 65.61 84.17 -10.70
C GLY YC 174 66.31 83.46 -11.84
N ASP YC 175 65.56 82.70 -12.64
CA ASP YC 175 66.20 81.87 -13.65
C ASP YC 175 65.42 81.89 -14.97
N PRO YC 176 66.01 81.36 -16.05
CA PRO YC 176 65.31 81.33 -17.34
C PRO YC 176 64.32 80.18 -17.49
N SER YC 177 63.85 79.59 -16.39
CA SER YC 177 62.99 78.41 -16.44
C SER YC 177 61.73 78.66 -17.26
N ILE YC 178 61.07 79.81 -17.04
CA ILE YC 178 59.91 80.18 -17.82
C ILE YC 178 60.19 80.26 -19.31
N LEU YC 179 61.39 80.73 -19.68
CA LEU YC 179 61.80 80.70 -21.08
C LEU YC 179 61.99 79.29 -21.60
N GLU YC 180 62.93 78.52 -21.03
CA GLU YC 180 63.33 77.27 -21.71
C GLU YC 180 62.22 76.23 -21.65
N ALA YC 181 61.38 76.26 -20.61
CA ALA YC 181 60.25 75.34 -20.57
C ALA YC 181 59.23 75.66 -21.67
N ASN YC 182 59.27 76.87 -22.21
CA ASN YC 182 58.36 77.26 -23.28
C ASN YC 182 59.00 77.29 -24.67
N CYS YC 183 60.33 77.32 -24.76
CA CYS YC 183 60.95 77.20 -26.07
C CYS YC 183 61.62 75.85 -26.28
N LEU YC 184 61.44 74.91 -25.36
CA LEU YC 184 62.08 73.61 -25.51
C LEU YC 184 61.53 72.83 -26.71
N GLY YC 185 60.21 72.83 -26.89
CA GLY YC 185 59.64 72.04 -27.97
C GLY YC 185 58.89 72.88 -28.99
N LEU YC 186 59.30 74.14 -29.12
CA LEU YC 186 58.52 75.10 -29.88
C LEU YC 186 58.72 74.93 -31.39
N ARG YC 187 59.91 74.50 -31.82
CA ARG YC 187 60.21 74.49 -33.25
C ARG YC 187 59.45 73.38 -33.97
N GLU YC 188 59.13 72.30 -33.26
CA GLU YC 188 58.30 71.26 -33.87
C GLU YC 188 56.91 71.80 -34.20
N ILE YC 189 56.36 72.64 -33.32
CA ILE YC 189 55.10 73.30 -33.63
C ILE YC 189 55.29 74.26 -34.79
N LEU YC 190 56.38 75.03 -34.78
CA LEU YC 190 56.50 76.15 -35.71
C LEU YC 190 56.84 75.71 -37.13
N GLU YC 191 57.70 74.70 -37.29
CA GLU YC 191 58.51 74.54 -38.49
C GLU YC 191 57.68 74.25 -39.75
N LYS YC 192 56.44 73.81 -39.61
CA LYS YC 192 55.60 73.63 -40.78
C LYS YC 192 55.32 74.96 -41.47
N SER YC 193 55.16 76.03 -40.69
CA SER YC 193 54.98 77.37 -41.24
C SER YC 193 56.04 78.34 -40.70
N CYS YC 194 57.21 77.83 -40.34
CA CYS YC 194 58.27 78.63 -39.76
C CYS YC 194 59.51 78.60 -40.62
N SER YC 195 60.12 79.77 -40.80
CA SER YC 195 61.51 79.85 -41.22
C SER YC 195 62.36 79.93 -39.96
N ILE YC 196 62.86 78.77 -39.51
CA ILE YC 196 63.59 78.71 -38.23
C ILE YC 196 64.85 79.55 -38.30
N SER YC 197 65.56 79.47 -39.43
CA SER YC 197 66.73 80.31 -39.62
C SER YC 197 66.36 81.78 -39.66
N ALA YC 198 65.19 82.12 -40.22
CA ALA YC 198 64.75 83.51 -40.20
C ALA YC 198 64.48 83.98 -38.77
N THR YC 199 63.87 83.12 -37.96
CA THR YC 199 63.50 83.52 -36.60
C THR YC 199 64.74 83.59 -35.69
N ILE YC 200 65.73 82.74 -35.92
CA ILE YC 200 66.91 82.77 -35.06
C ILE YC 200 67.70 84.05 -35.27
N VAL YC 201 67.77 84.53 -36.52
CA VAL YC 201 68.46 85.80 -36.77
C VAL YC 201 67.66 86.96 -36.19
N ALA YC 202 66.33 86.84 -36.17
CA ALA YC 202 65.51 87.84 -35.51
C ALA YC 202 65.80 87.87 -34.01
N LEU YC 203 65.93 86.71 -33.39
CA LEU YC 203 66.27 86.64 -31.98
C LEU YC 203 67.66 87.22 -31.72
N LEU YC 204 68.60 86.96 -32.64
CA LEU YC 204 69.94 87.52 -32.50
C LEU YC 204 69.91 89.03 -32.57
N GLU YC 205 69.14 89.58 -33.51
CA GLU YC 205 68.99 91.03 -33.62
C GLU YC 205 68.33 91.60 -32.38
N MET YC 206 67.33 90.89 -31.84
CA MET YC 206 66.67 91.32 -30.62
C MET YC 206 67.66 91.38 -29.46
N ARG YC 207 68.49 90.35 -29.32
CA ARG YC 207 69.49 90.32 -28.25
C ARG YC 207 70.49 91.46 -28.40
N LYS YC 208 71.00 91.66 -29.61
CA LYS YC 208 72.00 92.71 -29.83
C LYS YC 208 71.42 94.09 -29.60
N ASN YC 209 70.19 94.34 -30.11
CA ASN YC 209 69.53 95.61 -29.88
C ASN YC 209 69.25 95.86 -28.41
N ALA YC 210 68.80 94.84 -27.67
CA ALA YC 210 68.59 95.01 -26.23
C ALA YC 210 69.90 95.30 -25.52
N ALA YC 211 70.99 94.69 -25.98
CA ALA YC 211 72.30 95.04 -25.44
C ALA YC 211 72.67 96.48 -25.73
N ARG YC 212 72.21 97.02 -26.87
CA ARG YC 212 72.49 98.42 -27.20
C ARG YC 212 71.93 99.38 -26.17
N LEU YC 213 70.79 99.03 -25.55
CA LEU YC 213 70.16 99.95 -24.61
C LEU YC 213 71.01 100.18 -23.37
N PHE YC 214 71.66 99.13 -22.88
CA PHE YC 214 72.26 99.20 -21.56
C PHE YC 214 73.75 99.45 -21.64
N LYS YC 215 74.34 99.82 -20.49
CA LYS YC 215 75.73 100.24 -20.40
C LYS YC 215 76.67 99.10 -20.02
N ASP YC 216 76.15 97.87 -19.95
CA ASP YC 216 76.97 96.69 -19.71
C ASP YC 216 77.62 96.71 -18.33
N GLU YC 217 76.95 97.30 -17.35
CA GLU YC 217 77.39 97.13 -15.97
C GLU YC 217 77.31 95.67 -15.56
N ALA YC 218 76.09 95.13 -15.47
CA ALA YC 218 75.83 93.70 -15.52
C ALA YC 218 74.58 93.49 -16.36
N ASP YC 219 73.86 94.58 -16.59
CA ASP YC 219 72.58 94.59 -17.28
C ASP YC 219 72.67 94.15 -18.73
N SER YC 220 73.65 94.62 -19.50
CA SER YC 220 73.76 94.22 -20.89
C SER YC 220 74.11 92.74 -21.04
N LYS YC 221 74.91 92.20 -20.11
CA LYS YC 221 75.21 90.77 -20.16
C LYS YC 221 74.02 89.94 -19.70
N LEU YC 222 73.23 90.47 -18.76
CA LEU YC 222 72.09 89.72 -18.25
C LEU YC 222 71.05 89.46 -19.33
N VAL YC 223 70.62 90.50 -20.02
CA VAL YC 223 69.60 90.34 -21.05
C VAL YC 223 70.14 89.53 -22.21
N SER YC 224 71.44 89.68 -22.52
CA SER YC 224 72.05 88.88 -23.58
C SER YC 224 72.05 87.40 -23.22
N SER YC 225 72.41 87.07 -21.97
CA SER YC 225 72.41 85.68 -21.54
C SER YC 225 71.00 85.10 -21.54
N TYR YC 226 70.01 85.89 -21.09
CA TYR YC 226 68.64 85.39 -21.04
C TYR YC 226 68.09 85.15 -22.44
N ILE YC 227 68.31 86.09 -23.37
CA ILE YC 227 67.83 85.89 -24.73
C ILE YC 227 68.61 84.80 -25.45
N SER YC 228 69.87 84.58 -25.07
CA SER YC 228 70.63 83.49 -25.69
C SER YC 228 70.06 82.13 -25.32
N VAL YC 229 69.40 82.04 -24.17
CA VAL YC 229 68.78 80.78 -23.75
C VAL YC 229 67.73 80.34 -24.75
N VAL YC 230 66.94 81.30 -25.25
CA VAL YC 230 65.89 80.99 -26.21
C VAL YC 230 66.48 80.41 -27.49
N ILE YC 231 67.50 81.07 -28.04
CA ILE YC 231 68.10 80.61 -29.28
C ILE YC 231 68.78 79.26 -29.09
N ARG YC 232 69.48 79.10 -27.97
CA ARG YC 232 70.21 77.86 -27.71
C ARG YC 232 69.26 76.68 -27.54
N ALA YC 233 68.16 76.89 -26.81
CA ALA YC 233 67.19 75.82 -26.65
C ALA YC 233 66.33 75.62 -27.88
N LEU YC 234 66.29 76.60 -28.79
CA LEU YC 234 65.51 76.45 -30.00
C LEU YC 234 66.28 75.65 -31.05
N ASP YC 235 67.50 76.09 -31.38
CA ASP YC 235 68.25 75.42 -32.43
C ASP YC 235 68.71 74.05 -31.96
N ALA YC 236 68.81 73.13 -32.94
CA ALA YC 236 69.22 71.72 -32.95
C ALA YC 236 68.14 70.88 -33.61
N ASP YC 237 66.90 71.06 -33.17
CA ASP YC 237 65.71 70.36 -33.66
C ASP YC 237 65.63 68.92 -33.16
N ARG YC 238 66.69 68.42 -32.52
CA ARG YC 238 66.80 67.06 -32.03
C ARG YC 238 67.31 66.97 -30.59
N SER YC 239 68.11 67.93 -30.14
CA SER YC 239 68.42 68.00 -28.71
C SER YC 239 67.19 68.47 -27.94
N ASP YC 240 66.32 69.22 -28.60
CA ASP YC 240 65.08 69.71 -28.03
C ASP YC 240 63.99 68.63 -28.11
N ALA YC 241 62.99 68.77 -27.23
CA ALA YC 241 61.91 67.80 -27.09
C ALA YC 241 62.46 66.43 -26.71
N PRO YC 242 63.04 66.28 -25.52
CA PRO YC 242 63.71 65.00 -25.16
C PRO YC 242 62.72 63.90 -24.83
N ALA YC 243 61.93 63.49 -25.84
CA ALA YC 243 60.98 62.40 -25.72
C ALA YC 243 59.89 62.70 -24.71
N ASP YC 244 58.95 61.78 -24.55
CA ASP YC 244 57.96 61.84 -23.48
C ASP YC 244 58.31 60.79 -22.45
N ILE YC 245 58.34 61.20 -21.18
CA ILE YC 245 58.59 60.25 -20.10
C ILE YC 245 57.46 59.24 -20.07
N VAL YC 246 57.78 57.98 -20.40
CA VAL YC 246 56.80 56.92 -20.52
C VAL YC 246 56.74 56.18 -19.20
N ARG YC 247 55.56 56.12 -18.61
CA ARG YC 247 55.33 55.36 -17.40
C ARG YC 247 54.74 54.01 -17.80
N PRO YC 248 55.51 52.93 -17.68
CA PRO YC 248 55.01 51.62 -18.10
C PRO YC 248 54.07 51.03 -17.06
N SER YC 249 53.04 50.34 -17.55
CA SER YC 249 51.95 49.87 -16.72
C SER YC 249 51.90 48.34 -16.79
N SER YC 250 50.88 47.67 -16.26
CA SER YC 250 50.75 46.23 -16.32
C SER YC 250 49.48 45.90 -17.08
N GLU YC 251 49.11 44.62 -17.07
CA GLU YC 251 47.98 44.15 -17.87
C GLU YC 251 46.63 44.61 -17.33
N ASP YC 252 46.59 45.23 -16.14
CA ASP YC 252 45.31 45.65 -15.58
C ASP YC 252 45.04 47.14 -15.78
N ARG YC 253 46.08 47.96 -15.94
CA ARG YC 253 45.89 49.39 -16.06
C ARG YC 253 46.67 49.93 -17.25
N PRO YC 254 46.24 51.06 -17.81
CA PRO YC 254 46.93 51.61 -18.99
C PRO YC 254 48.27 52.22 -18.64
N GLY YC 255 49.16 52.23 -19.63
CA GLY YC 255 50.44 52.92 -19.49
C GLY YC 255 50.32 54.35 -19.98
N LEU YC 256 51.15 55.23 -19.42
CA LEU YC 256 50.96 56.66 -19.62
C LEU YC 256 52.22 57.30 -20.20
N THR YC 257 52.06 58.55 -20.63
CA THR YC 257 53.15 59.34 -21.17
C THR YC 257 53.02 60.77 -20.71
N LEU YC 258 54.16 61.41 -20.44
CA LEU YC 258 54.16 62.79 -20.01
C LEU YC 258 55.12 63.61 -20.86
N PRO YC 259 54.73 64.81 -21.28
CA PRO YC 259 55.66 65.67 -22.02
C PRO YC 259 56.84 66.06 -21.14
N TYR YC 260 58.03 66.13 -21.75
CA TYR YC 260 59.21 66.46 -20.97
C TYR YC 260 59.14 67.89 -20.43
N ILE YC 261 58.66 68.83 -21.25
CA ILE YC 261 58.55 70.23 -20.81
C ILE YC 261 57.57 70.40 -19.68
N TYR YC 262 56.55 69.54 -19.57
CA TYR YC 262 55.60 69.63 -18.48
C TYR YC 262 56.24 69.37 -17.13
N LYS YC 263 57.10 68.36 -17.02
CA LYS YC 263 57.81 68.09 -15.79
C LYS YC 263 59.07 68.93 -15.64
N LEU YC 264 59.48 69.63 -16.69
CA LEU YC 264 60.62 70.52 -16.63
C LEU YC 264 60.28 71.85 -15.97
N SER YC 265 58.99 72.17 -15.83
CA SER YC 265 58.53 73.37 -15.15
C SER YC 265 57.99 73.07 -13.76
N ALA YC 266 58.39 71.94 -13.18
CA ALA YC 266 57.90 71.52 -11.88
C ALA YC 266 58.92 71.89 -10.80
N ASP YC 267 58.72 71.33 -9.61
CA ASP YC 267 59.55 71.65 -8.46
C ASP YC 267 60.82 70.80 -8.43
N SER YC 268 60.98 69.92 -9.43
CA SER YC 268 62.26 69.32 -9.76
C SER YC 268 62.71 68.22 -8.81
N LEU YC 269 61.78 67.62 -8.05
CA LEU YC 269 61.94 66.27 -7.50
C LEU YC 269 63.18 66.04 -6.62
N THR YC 270 63.22 66.63 -5.44
CA THR YC 270 64.27 66.32 -4.47
C THR YC 270 64.28 64.83 -4.15
N THR YC 271 65.47 64.23 -4.18
CA THR YC 271 65.65 62.80 -3.96
C THR YC 271 66.78 62.57 -2.98
N PHE YC 272 66.79 61.39 -2.37
CA PHE YC 272 67.80 61.01 -1.39
C PHE YC 272 68.42 59.69 -1.82
N LYS YC 273 69.74 59.66 -1.95
CA LYS YC 273 70.44 58.43 -2.40
C LYS YC 273 71.63 58.17 -1.48
N MET YC 274 71.95 56.89 -1.22
CA MET YC 274 73.05 56.55 -0.30
C MET YC 274 74.18 55.90 -1.09
N THR YC 275 75.40 56.42 -0.96
CA THR YC 275 76.57 55.88 -1.69
C THR YC 275 77.42 55.09 -0.73
N ALA YC 276 77.29 53.76 -0.72
CA ALA YC 276 78.04 52.98 0.28
C ALA YC 276 78.17 51.51 -0.11
N ILE YC 277 78.40 51.21 -1.39
CA ILE YC 277 78.68 49.79 -1.79
C ILE YC 277 80.20 49.70 -1.96
N TYR YC 278 80.80 50.76 -2.50
CA TYR YC 278 82.28 50.81 -2.61
C TYR YC 278 82.81 49.38 -2.56
N GLY YC 279 83.06 48.86 -1.34
CA GLY YC 279 83.52 47.46 -1.18
C GLY YC 279 82.74 46.76 -0.09
N ALA YC 280 82.13 47.54 0.82
CA ALA YC 280 81.58 47.04 2.11
C ALA YC 280 82.72 46.52 2.99
N ASP YC 281 83.66 45.78 2.40
CA ASP YC 281 84.84 45.25 3.17
C ASP YC 281 86.13 45.77 2.53
N GLY YC 282 86.06 46.27 1.29
CA GLY YC 282 86.02 47.71 1.03
C GLY YC 282 87.15 48.15 0.11
N ARG YC 283 88.15 48.89 0.63
CA ARG YC 283 89.28 49.45 -0.13
C ARG YC 283 89.18 50.90 -0.62
N PRO YC 284 88.03 51.35 -1.17
CA PRO YC 284 87.97 52.73 -1.70
C PRO YC 284 88.13 53.82 -0.65
N LYS YC 285 87.94 55.08 -1.09
CA LYS YC 285 88.14 56.29 -0.29
C LYS YC 285 87.47 56.27 1.07
N VAL YC 286 86.36 55.53 1.19
CA VAL YC 286 85.50 55.39 2.36
C VAL YC 286 85.24 56.75 3.03
N ASN YC 287 85.49 56.83 4.33
CA ASN YC 287 85.13 57.94 5.20
C ASN YC 287 83.62 57.92 5.40
N LEU YC 288 83.09 58.77 6.26
CA LEU YC 288 81.69 58.58 6.58
C LEU YC 288 80.78 59.26 5.56
N SER YC 289 81.37 60.11 4.69
CA SER YC 289 80.60 60.89 3.72
C SER YC 289 79.57 61.73 4.45
N SER YC 290 80.08 62.55 5.37
CA SER YC 290 79.42 62.82 6.63
C SER YC 290 78.26 63.81 6.46
N ASP YC 291 77.24 63.62 7.32
CA ASP YC 291 76.00 64.39 7.39
C ASP YC 291 75.03 64.06 6.26
N GLU YC 292 75.43 63.17 5.34
CA GLU YC 292 74.51 62.77 4.28
C GLU YC 292 73.77 61.50 4.64
N LYS YC 293 74.41 60.60 5.40
CA LYS YC 293 73.73 59.41 5.87
C LYS YC 293 72.58 59.74 6.81
N GLU YC 294 72.78 60.73 7.69
CA GLU YC 294 71.67 61.18 8.53
C GLU YC 294 70.58 61.84 7.70
N ARG YC 295 70.94 62.60 6.67
CA ARG YC 295 69.94 63.21 5.81
C ARG YC 295 69.11 62.16 5.09
N VAL YC 296 69.76 61.10 4.59
CA VAL YC 296 69.03 60.04 3.90
C VAL YC 296 68.16 59.26 4.89
N VAL YC 297 68.69 58.96 6.07
CA VAL YC 297 67.94 58.17 7.03
C VAL YC 297 66.72 58.91 7.55
N ARG YC 298 66.84 60.21 7.83
CA ARG YC 298 65.68 60.98 8.26
C ARG YC 298 64.65 61.15 7.16
N ALA YC 299 65.06 61.16 5.89
CA ALA YC 299 64.09 61.16 4.81
C ALA YC 299 63.38 59.81 4.71
N ALA YC 300 64.10 58.73 5.02
CA ALA YC 300 63.48 57.40 5.01
C ALA YC 300 62.36 57.30 6.03
N TYR YC 301 62.58 57.83 7.23
CA TYR YC 301 61.53 57.83 8.26
C TYR YC 301 60.33 58.64 7.83
N ARG YC 302 60.56 59.81 7.22
CA ARG YC 302 59.46 60.63 6.76
C ARG YC 302 58.65 59.93 5.67
N GLN YC 303 59.33 59.27 4.74
CA GLN YC 303 58.61 58.59 3.67
C GLN YC 303 57.83 57.38 4.21
N VAL YC 304 58.41 56.63 5.13
CA VAL YC 304 57.76 55.39 5.54
C VAL YC 304 56.65 55.66 6.54
N PHE YC 305 56.92 56.43 7.59
CA PHE YC 305 55.94 56.67 8.66
C PHE YC 305 55.15 57.94 8.47
N GLU YC 306 55.35 58.67 7.36
CA GLU YC 306 54.70 59.93 7.03
C GLU YC 306 55.19 61.11 7.87
N ARG YC 307 56.08 60.88 8.84
CA ARG YC 307 56.71 61.96 9.56
C ARG YC 307 57.88 61.42 10.38
N ASP YC 308 58.81 62.27 10.75
CA ASP YC 308 60.00 61.83 11.47
C ASP YC 308 59.63 61.33 12.86
N LEU YC 309 60.17 60.17 13.21
CA LEU YC 309 59.96 59.60 14.55
C LEU YC 309 60.99 60.09 15.55
N LYS YC 310 62.00 60.84 15.10
CA LYS YC 310 62.97 61.39 16.05
C LYS YC 310 62.32 62.43 16.96
N ALA YC 311 61.25 63.08 16.49
CA ALA YC 311 60.54 64.04 17.32
C ALA YC 311 59.92 63.36 18.53
N TYR YC 312 59.35 62.17 18.33
CA TYR YC 312 58.84 61.42 19.47
C TYR YC 312 59.97 60.75 20.25
N GLY YC 313 61.03 60.37 19.57
CA GLY YC 313 62.15 59.70 20.21
C GLY YC 313 62.28 58.23 19.88
N GLN YC 314 61.46 57.68 19.00
CA GLN YC 314 61.58 56.29 18.61
C GLN YC 314 62.48 56.14 17.39
N SER YC 315 62.98 54.93 17.19
CA SER YC 315 63.81 54.63 16.03
C SER YC 315 64.09 53.13 16.03
N VAL YC 316 64.33 52.61 14.83
CA VAL YC 316 64.78 51.23 14.66
C VAL YC 316 66.30 51.27 14.68
N SER YC 317 66.86 51.23 15.90
CA SER YC 317 68.28 51.45 16.08
C SER YC 317 69.11 50.34 15.45
N GLU YC 318 68.63 49.10 15.52
CA GLU YC 318 69.41 47.98 15.02
C GLU YC 318 69.59 48.05 13.51
N ALA YC 319 68.48 48.24 12.78
CA ALA YC 319 68.59 48.30 11.32
C ALA YC 319 69.08 49.66 10.86
N GLU YC 320 69.06 50.66 11.76
CA GLU YC 320 69.51 51.99 11.39
C GLU YC 320 71.01 52.00 11.13
N SER YC 321 71.77 51.26 11.93
CA SER YC 321 73.23 51.34 11.87
C SER YC 321 73.77 50.73 10.58
N LYS YC 322 73.23 49.58 10.18
CA LYS YC 322 73.79 48.86 9.05
C LYS YC 322 73.60 49.62 7.73
N VAL YC 323 72.51 50.38 7.58
CA VAL YC 323 72.30 51.12 6.33
C VAL YC 323 73.30 52.27 6.20
N LYS YC 324 73.63 52.91 7.31
CA LYS YC 324 74.75 53.83 7.37
C LYS YC 324 76.04 53.05 7.11
N ASN YC 325 76.03 51.78 7.47
CA ASN YC 325 77.22 51.21 7.97
C ASN YC 325 77.84 50.38 6.79
N GLY YC 326 77.02 50.11 5.83
CA GLY YC 326 77.46 49.44 4.62
C GLY YC 326 76.95 48.03 4.34
N GLU YC 327 76.30 47.34 5.29
CA GLU YC 327 75.82 45.98 5.00
C GLU YC 327 74.61 45.96 4.08
N ILE YC 328 73.53 46.63 4.45
CA ILE YC 328 72.30 46.50 3.67
C ILE YC 328 71.98 47.83 2.99
N SER YC 329 71.37 47.74 1.82
CA SER YC 329 71.07 48.92 1.03
C SER YC 329 69.86 49.65 1.61
N VAL YC 330 69.50 50.74 0.93
CA VAL YC 330 68.31 51.49 1.32
C VAL YC 330 67.06 50.64 1.16
N ARG YC 331 67.04 49.76 0.16
CA ARG YC 331 65.89 48.88 -0.02
C ARG YC 331 65.72 47.94 1.17
N GLU YC 332 66.81 47.31 1.61
CA GLU YC 332 66.74 46.47 2.81
C GLU YC 332 66.40 47.27 4.05
N PHE YC 333 66.93 48.50 4.17
CA PHE YC 333 66.60 49.34 5.30
C PHE YC 333 65.11 49.68 5.33
N VAL YC 334 64.54 49.99 4.16
CA VAL YC 334 63.12 50.30 4.09
C VAL YC 334 62.28 49.06 4.38
N ARG YC 335 62.73 47.89 3.93
CA ARG YC 335 61.98 46.67 4.23
C ARG YC 335 61.99 46.37 5.72
N ARG YC 336 63.14 46.54 6.39
CA ARG YC 336 63.20 46.35 7.82
C ARG YC 336 62.35 47.38 8.56
N LEU YC 337 62.33 48.62 8.07
CA LEU YC 337 61.43 49.62 8.65
C LEU YC 337 59.97 49.21 8.51
N GLY YC 338 59.60 48.68 7.34
CA GLY YC 338 58.23 48.27 7.13
C GLY YC 338 57.81 47.13 8.03
N LYS YC 339 58.65 46.11 8.14
CA LYS YC 339 58.29 44.95 8.96
C LYS YC 339 58.68 45.12 10.42
N SER YC 340 59.19 46.29 10.80
CA SER YC 340 59.51 46.57 12.19
C SER YC 340 58.23 46.68 13.02
N GLU YC 341 58.41 46.61 14.33
CA GLU YC 341 57.26 46.72 15.24
C GLU YC 341 56.66 48.12 15.22
N LEU YC 342 57.49 49.14 14.99
CA LEU YC 342 57.01 50.52 14.97
C LEU YC 342 55.99 50.74 13.87
N TYR YC 343 56.24 50.22 12.68
CA TYR YC 343 55.26 50.33 11.60
C TYR YC 343 54.03 49.47 11.85
N ARG YC 344 54.20 48.29 12.46
CA ARG YC 344 53.05 47.44 12.72
C ARG YC 344 52.10 48.09 13.72
N ARG YC 345 52.63 48.73 14.76
CA ARG YC 345 51.75 49.36 15.74
C ARG YC 345 51.08 50.61 15.18
N GLU YC 346 51.65 51.22 14.15
CA GLU YC 346 51.19 52.52 13.69
C GLU YC 346 50.29 52.45 12.47
N PHE YC 347 50.59 51.58 11.50
CA PHE YC 347 49.84 51.51 10.26
C PHE YC 347 49.30 50.13 9.97
N TYR YC 348 49.25 49.23 10.95
CA TYR YC 348 48.63 47.93 10.77
C TYR YC 348 47.58 47.66 11.84
N GLN YC 349 47.80 48.12 13.06
CA GLN YC 349 46.82 47.89 14.12
C GLN YC 349 45.51 48.64 13.89
N PRO YC 350 45.50 49.97 13.75
CA PRO YC 350 44.22 50.69 13.76
C PRO YC 350 43.40 50.54 12.49
N PHE YC 351 43.91 49.91 11.45
CA PHE YC 351 43.24 49.91 10.17
C PHE YC 351 42.80 48.51 9.77
N ILE YC 352 41.82 48.48 8.88
CA ILE YC 352 41.36 47.29 8.19
C ILE YC 352 42.45 46.84 7.24
N ASN YC 353 42.44 45.56 6.86
CA ASN YC 353 43.38 45.07 5.86
C ASN YC 353 43.21 45.79 4.54
N SER YC 354 41.97 46.05 4.13
CA SER YC 354 41.75 46.72 2.85
C SER YC 354 42.17 48.18 2.91
N ARG YC 355 42.30 48.75 4.10
CA ARG YC 355 42.88 50.08 4.25
C ARG YC 355 44.39 50.04 4.41
N VAL YC 356 44.91 48.96 5.00
CA VAL YC 356 46.35 48.79 5.14
C VAL YC 356 46.99 48.65 3.77
N LEU YC 357 46.29 47.99 2.83
CA LEU YC 357 46.81 47.93 1.46
C LEU YC 357 46.94 49.32 0.86
N GLU YC 358 45.91 50.16 1.01
CA GLU YC 358 45.95 51.47 0.40
C GLU YC 358 46.99 52.37 1.06
N LEU YC 359 47.22 52.20 2.35
CA LEU YC 359 48.27 52.97 3.00
C LEU YC 359 49.67 52.48 2.62
N ALA YC 360 49.85 51.16 2.52
CA ALA YC 360 51.15 50.62 2.12
C ALA YC 360 51.49 51.02 0.69
N PHE YC 361 50.48 51.13 -0.18
CA PHE YC 361 50.73 51.58 -1.54
C PHE YC 361 51.29 53.01 -1.57
N LYS YC 362 50.73 53.88 -0.75
CA LYS YC 362 51.23 55.25 -0.65
C LYS YC 362 52.57 55.34 0.05
N HIS YC 363 52.87 54.41 0.95
CA HIS YC 363 54.12 54.47 1.70
C HIS YC 363 55.31 53.87 0.96
N PHE YC 364 55.16 52.72 0.32
CA PHE YC 364 56.27 52.04 -0.32
C PHE YC 364 56.29 52.20 -1.83
N LEU YC 365 55.34 52.92 -2.42
CA LEU YC 365 55.32 53.06 -3.86
C LEU YC 365 55.08 54.48 -4.33
N GLY YC 366 54.72 55.41 -3.45
CA GLY YC 366 54.48 56.77 -3.88
C GLY YC 366 53.33 56.94 -4.83
N ARG YC 367 52.30 56.12 -4.69
CA ARG YC 367 51.12 56.22 -5.54
C ARG YC 367 50.00 55.39 -4.93
N ALA YC 368 48.81 55.55 -5.48
CA ALA YC 368 47.65 54.82 -5.02
C ALA YC 368 47.43 53.56 -5.85
N PRO YC 369 46.65 52.61 -5.33
CA PRO YC 369 46.28 51.45 -6.14
C PRO YC 369 45.45 51.89 -7.35
N GLU YC 370 45.77 51.32 -8.51
CA GLU YC 370 45.24 51.83 -9.77
C GLU YC 370 44.23 50.91 -10.43
N SER YC 371 44.00 49.72 -9.89
CA SER YC 371 43.08 48.81 -10.54
C SER YC 371 42.47 47.87 -9.50
N ARG YC 372 41.29 47.34 -9.85
CA ARG YC 372 40.63 46.37 -8.99
C ARG YC 372 41.40 45.06 -8.91
N ALA YC 373 42.03 44.64 -10.00
CA ALA YC 373 42.81 43.40 -9.98
C ALA YC 373 44.02 43.52 -9.07
N GLU YC 374 44.62 44.70 -9.02
CA GLU YC 374 45.75 44.92 -8.11
C GLU YC 374 45.32 44.76 -6.65
N VAL YC 375 44.15 45.29 -6.30
CA VAL YC 375 43.67 45.21 -4.93
C VAL YC 375 43.38 43.76 -4.54
N GLN YC 376 42.80 42.97 -5.46
CA GLN YC 376 42.59 41.55 -5.17
C GLN YC 376 43.89 40.82 -4.91
N LYS YC 377 44.90 41.06 -5.74
CA LYS YC 377 46.18 40.39 -5.59
C LYS YC 377 46.82 40.73 -4.25
N TYR YC 378 46.88 42.02 -3.92
CA TYR YC 378 47.56 42.38 -2.68
C TYR YC 378 46.74 42.00 -1.45
N PHE YC 379 45.41 42.01 -1.55
CA PHE YC 379 44.61 41.59 -0.41
C PHE YC 379 44.73 40.09 -0.18
N SER YC 380 44.73 39.29 -1.25
CA SER YC 380 44.94 37.86 -1.12
C SER YC 380 46.35 37.54 -0.63
N ILE YC 381 47.32 38.39 -0.92
CA ILE YC 381 48.64 38.28 -0.33
C ILE YC 381 48.61 38.56 1.16
N ILE YC 382 47.91 39.61 1.59
CA ILE YC 382 47.86 39.94 3.01
C ILE YC 382 47.07 38.93 3.81
N SER YC 383 45.95 38.44 3.29
CA SER YC 383 44.94 37.80 4.12
C SER YC 383 45.32 36.41 4.60
N SER YC 384 46.17 35.69 3.86
CA SER YC 384 46.40 34.29 4.15
C SER YC 384 47.55 34.14 5.14
N PRO YC 385 47.55 33.09 5.96
CA PRO YC 385 48.58 32.94 6.99
C PRO YC 385 49.93 32.63 6.37
N ILE YC 386 49.94 31.74 5.39
CA ILE YC 386 51.16 31.47 4.64
C ILE YC 386 50.89 31.56 3.15
N VAL YC 387 51.72 32.31 2.44
CA VAL YC 387 51.64 32.38 0.99
C VAL YC 387 52.83 31.63 0.42
N ARG YC 388 53.99 31.82 1.07
CA ARG YC 388 55.33 31.54 0.56
C ARG YC 388 55.61 31.97 -0.87
N GLY YC 389 56.86 32.34 -1.11
CA GLY YC 389 57.32 32.60 -2.46
C GLY YC 389 58.17 31.43 -2.89
N GLN YC 390 59.46 31.59 -2.65
CA GLN YC 390 60.43 30.53 -2.80
C GLN YC 390 60.88 30.06 -1.42
N SER YC 391 60.85 28.74 -1.22
CA SER YC 391 61.31 28.09 0.01
C SER YC 391 60.62 28.56 1.29
N SER YC 392 61.24 29.51 1.99
CA SER YC 392 60.90 29.80 3.37
C SER YC 392 59.51 30.39 3.49
N MET YC 393 58.96 30.30 4.70
CA MET YC 393 57.62 30.80 5.01
C MET YC 393 57.52 31.84 6.14
N PRO YC 394 58.44 32.86 6.25
CA PRO YC 394 58.11 34.00 7.11
C PRO YC 394 57.19 35.02 6.45
N SER YC 395 56.12 34.55 5.82
CA SER YC 395 55.22 35.39 5.05
C SER YC 395 53.81 35.22 5.61
N GLY YC 396 53.45 36.07 6.56
CA GLY YC 396 52.11 36.02 7.11
C GLY YC 396 51.24 37.13 6.53
N GLY YC 397 51.06 38.18 7.31
CA GLY YC 397 50.23 39.29 6.90
C GLY YC 397 51.06 40.44 6.41
N LEU YC 398 51.32 41.40 7.31
CA LEU YC 398 52.08 42.60 6.98
C LEU YC 398 53.46 42.25 6.42
N TYR YC 399 54.10 41.21 6.96
CA TYR YC 399 55.42 40.82 6.48
C TYR YC 399 55.36 40.33 5.03
N ALA YC 400 54.37 39.52 4.70
CA ALA YC 400 54.24 39.05 3.32
C ALA YC 400 53.89 40.20 2.38
N LEU YC 401 52.99 41.09 2.80
CA LEU YC 401 52.59 42.20 1.95
C LEU YC 401 53.75 43.14 1.68
N ILE YC 402 54.56 43.43 2.69
CA ILE YC 402 55.66 44.35 2.51
C ILE YC 402 56.73 43.75 1.61
N ASP YC 403 56.98 42.44 1.75
CA ASP YC 403 57.89 41.76 0.84
C ASP YC 403 57.39 41.82 -0.59
N ALA YC 404 56.10 41.58 -0.79
CA ALA YC 404 55.53 41.62 -2.14
C ALA YC 404 55.62 43.01 -2.72
N LEU YC 405 55.37 44.04 -1.92
CA LEU YC 405 55.46 45.42 -2.40
C LEU YC 405 56.89 45.79 -2.75
N ILE YC 406 57.85 45.39 -1.91
CA ILE YC 406 59.23 45.82 -2.10
C ILE YC 406 59.88 45.07 -3.25
N ASP YC 407 59.51 43.81 -3.46
CA ASP YC 407 60.11 42.98 -4.50
C ASP YC 407 59.41 43.16 -5.84
N SER YC 408 58.45 44.08 -5.94
CA SER YC 408 57.70 44.25 -7.17
C SER YC 408 58.59 44.79 -8.28
N GLU YC 409 58.16 44.55 -9.52
CA GLU YC 409 58.90 45.05 -10.67
C GLU YC 409 58.92 46.57 -10.69
N GLU YC 410 57.83 47.20 -10.25
CA GLU YC 410 57.74 48.65 -10.32
C GLU YC 410 58.69 49.31 -9.32
N TYR YC 411 58.85 48.73 -8.13
CA TYR YC 411 59.67 49.36 -7.11
C TYR YC 411 61.14 49.38 -7.53
N THR YC 412 61.62 48.28 -8.12
CA THR YC 412 63.05 48.13 -8.43
C THR YC 412 63.33 48.64 -9.85
N SER YC 413 62.41 49.47 -10.33
CA SER YC 413 62.59 50.15 -11.61
C SER YC 413 62.56 51.65 -11.36
N ILE YC 414 61.95 52.08 -10.26
CA ILE YC 414 61.90 53.50 -9.95
C ILE YC 414 62.81 53.81 -8.76
N PHE YC 415 62.52 53.23 -7.60
CA PHE YC 415 63.29 53.50 -6.39
C PHE YC 415 64.31 52.40 -6.12
N GLY YC 416 64.95 51.89 -7.16
CA GLY YC 416 65.80 50.73 -7.03
C GLY YC 416 67.00 50.90 -6.13
N GLU YC 417 66.99 50.21 -4.98
CA GLU YC 417 68.19 49.80 -4.27
C GLU YC 417 68.98 50.91 -3.57
N ASP YC 418 68.69 52.18 -3.88
CA ASP YC 418 69.38 53.29 -3.26
C ASP YC 418 68.47 54.45 -2.87
N THR YC 419 67.35 54.62 -3.55
CA THR YC 419 66.53 55.82 -3.41
C THR YC 419 65.38 55.58 -2.46
N VAL YC 420 65.22 56.46 -1.50
CA VAL YC 420 64.04 56.46 -0.64
C VAL YC 420 62.85 56.79 -1.53
N PRO YC 421 61.76 56.04 -1.44
CA PRO YC 421 60.61 56.29 -2.32
C PRO YC 421 60.02 57.67 -2.10
N TYR YC 422 59.52 58.27 -3.17
CA TYR YC 422 59.01 59.63 -3.14
C TYR YC 422 57.66 59.68 -3.83
N LEU YC 423 56.90 60.72 -3.51
CA LEU YC 423 55.55 60.87 -4.05
C LEU YC 423 55.63 61.13 -5.55
N ARG YC 424 54.95 60.28 -6.32
CA ARG YC 424 54.87 60.48 -7.77
C ARG YC 424 53.55 61.18 -8.10
N ASN YC 425 53.44 62.41 -7.61
CA ASN YC 425 52.26 63.24 -7.81
C ASN YC 425 52.33 63.95 -9.16
N LEU YC 426 51.53 65.01 -9.31
CA LEU YC 426 51.33 65.67 -10.60
C LEU YC 426 52.64 66.13 -11.23
N GLY YC 427 53.55 66.68 -10.42
CA GLY YC 427 54.79 67.20 -10.98
C GLY YC 427 55.70 66.11 -11.54
N VAL YC 428 55.73 64.95 -10.90
CA VAL YC 428 56.79 63.99 -11.17
C VAL YC 428 56.49 63.16 -12.41
N GLU YC 429 55.34 62.48 -12.44
CA GLU YC 429 55.06 61.49 -13.47
C GLU YC 429 53.76 61.84 -14.18
N ALA YC 430 53.35 60.96 -15.09
CA ALA YC 430 52.09 61.12 -15.79
C ALA YC 430 50.95 60.76 -14.85
N GLN YC 431 50.00 61.66 -14.68
CA GLN YC 431 49.02 61.32 -13.66
C GLN YC 431 47.83 60.59 -14.27
N PRO YC 432 47.50 59.43 -13.72
CA PRO YC 432 46.23 58.78 -14.09
C PRO YC 432 45.05 59.61 -13.65
N SER YC 433 43.94 59.48 -14.39
CA SER YC 433 42.76 60.29 -14.13
C SER YC 433 41.58 59.47 -13.62
N TRP YC 434 41.66 58.14 -13.61
CA TRP YC 434 40.50 57.36 -13.23
C TRP YC 434 40.38 57.24 -11.71
N ASN YC 435 41.36 57.73 -10.95
CA ASN YC 435 41.25 57.83 -9.50
C ASN YC 435 41.85 59.14 -9.01
N TRP YC 436 41.53 60.25 -9.67
CA TRP YC 436 42.16 61.52 -9.33
C TRP YC 436 41.76 61.97 -7.93
N GLY YC 437 40.46 62.06 -7.66
CA GLY YC 437 40.00 62.56 -6.38
C GLY YC 437 40.36 61.63 -5.24
N ALA YC 438 40.24 60.32 -5.46
CA ALA YC 438 40.60 59.37 -4.42
C ALA YC 438 42.10 59.41 -4.13
N ALA YC 439 42.92 59.47 -5.17
CA ALA YC 439 44.36 59.44 -4.97
C ALA YC 439 44.86 60.72 -4.32
N TYR YC 440 44.28 61.86 -4.65
CA TYR YC 440 44.77 63.09 -4.05
C TYR YC 440 44.25 63.28 -2.63
N ASP YC 441 43.25 62.49 -2.24
CA ASP YC 441 42.90 62.43 -0.83
C ASP YC 441 43.90 61.57 -0.07
N LEU YC 442 44.36 60.48 -0.70
CA LEU YC 442 45.35 59.63 -0.06
C LEU YC 442 46.69 60.35 0.09
N TYR YC 443 47.08 61.14 -0.91
CA TYR YC 443 48.35 61.84 -0.85
C TYR YC 443 48.41 62.87 0.26
N ASN YC 444 47.28 63.37 0.73
CA ASN YC 444 47.26 64.32 1.83
C ASN YC 444 47.74 63.66 3.11
N TYR YC 445 48.10 64.50 4.08
CA TYR YC 445 48.58 63.98 5.37
C TYR YC 445 47.44 63.66 6.33
N ALA YC 446 46.19 63.85 5.92
CA ALA YC 446 45.03 63.42 6.69
C ALA YC 446 44.55 62.04 6.27
N ALA YC 447 45.29 61.38 5.38
CA ALA YC 447 44.97 60.06 4.86
C ALA YC 447 44.82 59.01 5.96
N PRO YC 448 45.73 58.92 6.94
CA PRO YC 448 45.54 57.95 8.02
C PRO YC 448 44.31 58.20 8.88
N ARG YC 449 43.70 59.38 8.83
CA ARG YC 449 42.51 59.65 9.62
C ARG YC 449 41.25 59.05 9.02
N ARG YC 450 41.32 58.48 7.82
CA ARG YC 450 40.18 57.84 7.18
C ARG YC 450 40.31 56.33 7.34
N LYS YC 451 39.36 55.73 8.07
CA LYS YC 451 39.38 54.31 8.31
C LYS YC 451 38.56 53.50 7.31
N VAL YC 452 37.52 54.09 6.74
CA VAL YC 452 36.71 53.42 5.73
C VAL YC 452 37.54 53.29 4.45
N PRO YC 453 37.70 52.09 3.90
CA PRO YC 453 38.45 51.94 2.65
C PRO YC 453 37.78 52.71 1.52
N GLN YC 454 38.60 53.30 0.66
CA GLN YC 454 38.07 54.11 -0.44
C GLN YC 454 38.35 53.55 -1.82
N PHE YC 455 39.51 52.97 -2.06
CA PHE YC 455 39.84 52.53 -3.41
C PHE YC 455 39.12 51.27 -3.83
N ILE YC 456 38.97 50.29 -2.94
CA ILE YC 456 38.21 49.10 -3.28
C ILE YC 456 36.74 49.45 -3.47
N THR YC 457 36.24 50.39 -2.68
CA THR YC 457 34.86 50.85 -2.85
C THR YC 457 34.70 51.58 -4.18
N LEU YC 458 35.67 52.43 -4.54
CA LEU YC 458 35.58 53.19 -5.78
C LEU YC 458 35.65 52.28 -7.00
N PHE YC 459 36.55 51.30 -6.99
CA PHE YC 459 36.67 50.41 -8.14
C PHE YC 459 35.48 49.46 -8.24
N ALA YC 460 34.80 49.21 -7.11
CA ALA YC 460 33.57 48.43 -7.16
C ALA YC 460 32.41 49.28 -7.67
N ASP YC 461 32.40 50.57 -7.33
CA ASP YC 461 31.31 51.44 -7.76
C ASP YC 461 31.34 51.66 -9.27
N TYR YC 462 32.52 51.59 -9.88
CA TYR YC 462 32.62 51.86 -11.32
C TYR YC 462 31.89 50.81 -12.15
N THR YC 463 31.71 49.60 -11.61
CA THR YC 463 31.17 48.48 -12.36
C THR YC 463 29.82 48.02 -11.84
N GLN YC 464 29.08 48.89 -11.15
CA GLN YC 464 27.79 48.54 -10.58
C GLN YC 464 26.83 49.72 -10.68
N PRO YC 465 25.53 49.46 -10.58
CA PRO YC 465 24.55 50.54 -10.67
C PRO YC 465 24.66 51.51 -9.51
N LEU YC 466 23.83 52.54 -9.56
CA LEU YC 466 23.86 53.58 -8.53
C LEU YC 466 23.44 53.00 -7.19
N PRO YC 467 24.19 53.26 -6.12
CA PRO YC 467 23.72 52.92 -4.79
C PRO YC 467 22.55 53.82 -4.42
N ASN YC 468 21.67 53.33 -3.58
CA ASN YC 468 20.52 54.13 -3.15
C ASN YC 468 20.89 54.85 -1.85
N GLN YC 469 20.86 56.17 -1.92
CA GLN YC 469 21.17 57.04 -0.81
C GLN YC 469 20.49 58.37 -1.11
N HIS YC 470 20.87 59.41 -0.38
CA HIS YC 470 20.41 60.73 -0.75
C HIS YC 470 20.96 61.09 -2.12
N PRO YC 471 20.24 61.89 -2.89
CA PRO YC 471 20.79 62.38 -4.16
C PRO YC 471 22.07 63.17 -4.00
N TYR YC 472 22.23 63.84 -2.87
CA TYR YC 472 23.48 64.48 -2.49
C TYR YC 472 24.37 63.43 -1.86
N GLY YC 473 25.42 63.84 -1.16
CA GLY YC 473 26.36 62.91 -0.60
C GLY YC 473 25.74 61.92 0.37
N ALA YC 474 26.44 60.79 0.53
CA ALA YC 474 25.89 59.67 1.31
C ALA YC 474 25.78 60.00 2.80
N GLY YC 475 26.44 61.03 3.28
CA GLY YC 475 26.30 61.43 4.66
C GLY YC 475 25.12 62.33 4.93
N ASN YC 476 24.25 62.54 3.93
CA ASN YC 476 23.15 63.47 4.06
C ASN YC 476 21.88 62.85 4.61
N ASP YC 477 21.81 61.52 4.75
CA ASP YC 477 20.63 60.89 5.27
C ASP YC 477 20.85 60.51 6.73
N PRO YC 478 20.03 61.01 7.64
CA PRO YC 478 20.28 60.79 9.07
C PRO YC 478 19.99 59.34 9.47
N LEU YC 479 20.52 58.98 10.63
CA LEU YC 479 20.24 57.68 11.21
C LEU YC 479 18.75 57.57 11.53
N GLU YC 480 18.18 56.39 11.27
CA GLU YC 480 16.74 56.20 11.44
C GLU YC 480 16.48 55.57 12.81
N ILE YC 481 16.50 56.44 13.82
CA ILE YC 481 16.15 56.08 15.19
C ILE YC 481 14.93 56.91 15.57
N GLN YC 482 14.48 56.78 16.82
CA GLN YC 482 13.25 57.44 17.25
C GLN YC 482 13.36 58.96 17.19
N PHE YC 483 14.40 59.53 17.78
CA PHE YC 483 14.55 60.98 17.81
C PHE YC 483 15.96 61.48 17.64
N GLY YC 484 16.81 60.77 16.88
CA GLY YC 484 18.23 61.12 16.87
C GLY YC 484 18.53 62.36 16.05
N ALA YC 485 18.35 62.27 14.73
CA ALA YC 485 18.91 63.25 13.79
C ALA YC 485 20.44 63.29 13.91
N ILE YC 486 21.08 62.19 13.53
CA ILE YC 486 22.50 62.02 13.80
C ILE YC 486 23.35 62.81 12.80
N PHE YC 487 23.27 62.45 11.51
CA PHE YC 487 23.99 63.18 10.47
C PHE YC 487 25.51 63.16 10.66
N LYS YC 488 26.14 62.01 10.39
CA LYS YC 488 27.59 61.84 10.48
C LYS YC 488 28.36 62.99 9.84
N ASN YC 489 29.47 63.36 10.49
CA ASN YC 489 29.98 64.73 10.40
C ASN YC 489 30.72 65.00 9.10
N SER YC 490 31.48 64.02 8.61
CA SER YC 490 32.38 64.17 7.46
C SER YC 490 33.57 65.07 7.78
N THR YC 491 33.80 65.34 9.06
CA THR YC 491 35.03 65.97 9.53
C THR YC 491 35.61 65.27 10.74
N ILE YC 492 34.75 64.71 11.59
CA ILE YC 492 35.22 63.93 12.74
C ILE YC 492 35.93 62.67 12.26
N ASN YC 493 35.38 62.03 11.23
CA ASN YC 493 35.98 60.84 10.65
C ASN YC 493 35.52 60.74 9.21
N PRO YC 494 36.37 61.14 8.26
CA PRO YC 494 35.93 61.23 6.87
C PRO YC 494 35.61 59.86 6.29
N ALA YC 495 34.38 59.72 5.79
CA ALA YC 495 33.93 58.54 5.08
C ALA YC 495 33.11 59.02 3.90
N GLU YC 496 33.64 60.05 3.23
CA GLU YC 496 32.91 60.70 2.15
C GLU YC 496 32.66 59.74 1.00
N ARG YC 497 31.42 59.72 0.52
CA ARG YC 497 31.00 58.85 -0.57
C ARG YC 497 30.05 59.62 -1.45
N ALA YC 498 30.40 59.77 -2.72
CA ALA YC 498 29.57 60.47 -3.68
C ALA YC 498 29.17 59.52 -4.80
N ALA YC 499 28.16 59.94 -5.57
CA ALA YC 499 27.70 59.15 -6.69
C ALA YC 499 26.94 60.08 -7.63
N PRO YC 500 27.20 60.01 -8.93
CA PRO YC 500 26.48 60.87 -9.88
C PRO YC 500 25.03 60.43 -9.96
N ILE YC 501 24.13 61.22 -9.37
CA ILE YC 501 22.75 60.83 -9.21
C ILE YC 501 21.86 61.49 -10.26
N GLY YC 502 22.24 62.66 -10.75
CA GLY YC 502 21.42 63.30 -11.74
C GLY YC 502 20.20 63.95 -11.12
N LYS YC 503 19.15 64.04 -11.93
CA LYS YC 503 17.94 64.72 -11.49
C LYS YC 503 16.67 63.89 -11.58
N ASP YC 504 16.59 62.91 -12.47
CA ASP YC 504 15.38 62.11 -12.64
C ASP YC 504 15.48 60.75 -11.98
N VAL YC 505 16.52 60.50 -11.19
CA VAL YC 505 16.66 59.22 -10.51
C VAL YC 505 15.75 59.21 -9.28
N LYS YC 506 14.77 58.31 -9.28
CA LYS YC 506 13.78 58.23 -8.23
C LYS YC 506 14.19 57.12 -7.27
N ARG YC 507 14.34 57.47 -6.00
CA ARG YC 507 14.86 56.54 -5.00
C ARG YC 507 13.91 55.39 -4.75
N ILE YC 508 14.46 54.28 -4.28
CA ILE YC 508 13.67 53.10 -3.92
C ILE YC 508 13.53 53.07 -2.40
N LEU YC 509 12.30 53.14 -1.91
CA LEU YC 509 12.03 53.16 -0.48
C LEU YC 509 11.21 51.93 -0.11
N ILE YC 510 11.51 51.37 1.05
CA ILE YC 510 10.77 50.22 1.55
C ILE YC 510 9.51 50.69 2.25
N ARG YC 511 8.42 49.97 2.03
CA ARG YC 511 7.12 50.29 2.60
C ARG YC 511 7.05 49.75 4.03
N ASN YC 512 6.81 50.66 4.98
CA ASN YC 512 6.72 50.30 6.40
C ASN YC 512 5.29 49.82 6.65
N GLY YC 513 4.99 48.64 6.17
CA GLY YC 513 3.65 48.09 6.25
C GLY YC 513 3.47 47.00 5.20
N SER YC 514 2.26 46.88 4.72
CA SER YC 514 1.97 45.86 3.72
C SER YC 514 2.72 46.16 2.42
N PRO YC 515 3.41 45.16 1.88
CA PRO YC 515 4.24 45.39 0.69
C PRO YC 515 3.46 45.85 -0.53
N THR YC 516 2.21 45.46 -0.68
CA THR YC 516 1.44 45.80 -1.87
C THR YC 516 0.81 47.19 -1.79
N SER YC 517 1.25 48.04 -0.86
CA SER YC 517 0.82 49.42 -0.79
C SER YC 517 1.98 50.39 -0.93
N ASN YC 518 2.91 50.11 -1.84
CA ASN YC 518 4.13 50.89 -1.92
C ASN YC 518 3.92 52.26 -2.53
N GLU YC 519 2.76 52.52 -3.13
CA GLU YC 519 2.38 53.75 -3.80
C GLU YC 519 3.10 53.93 -5.14
N ARG YC 520 4.00 53.04 -5.53
CA ARG YC 520 4.62 53.10 -6.84
C ARG YC 520 4.04 52.09 -7.81
N GLY YC 521 3.42 51.02 -7.30
CA GLY YC 521 2.68 50.09 -8.12
C GLY YC 521 1.22 50.10 -7.73
N ASN YC 522 0.89 50.90 -6.73
CA ASN YC 522 -0.47 51.04 -6.24
C ASN YC 522 -0.70 52.51 -5.94
N PRO YC 523 -1.28 53.27 -6.89
CA PRO YC 523 -1.42 54.72 -6.71
C PRO YC 523 -2.26 55.12 -5.51
N THR YC 524 -3.21 54.28 -5.10
CA THR YC 524 -4.01 54.54 -3.91
C THR YC 524 -3.73 53.42 -2.91
N GLY YC 525 -2.67 53.58 -2.14
CA GLY YC 525 -2.28 52.61 -1.15
C GLY YC 525 -2.32 53.11 0.27
N MET YC 526 -2.23 54.42 0.48
CA MET YC 526 -2.35 55.01 1.79
C MET YC 526 -3.79 55.08 2.27
N SER YC 527 -4.75 54.77 1.41
CA SER YC 527 -6.16 54.87 1.74
C SER YC 527 -6.82 53.52 1.95
N GLU YC 528 -6.09 52.42 1.74
CA GLU YC 528 -6.63 51.09 1.91
C GLU YC 528 -6.16 50.52 3.25
N GLY YC 529 -7.11 50.36 4.18
CA GLY YC 529 -6.98 49.71 5.46
C GLY YC 529 -5.80 50.20 6.29
N ALA YC 530 -5.48 49.43 7.32
CA ALA YC 530 -4.28 49.65 8.12
C ALA YC 530 -3.93 48.35 8.83
N THR YC 531 -2.88 47.68 8.36
CA THR YC 531 -2.54 46.36 8.85
C THR YC 531 -1.67 46.47 10.10
N THR YC 532 -1.39 45.33 10.72
CA THR YC 532 -0.56 45.26 11.91
C THR YC 532 0.92 45.29 11.58
N LEU YC 533 1.27 45.28 10.29
CA LEU YC 533 2.66 45.31 9.87
C LEU YC 533 3.29 46.68 10.01
N GLY YC 534 2.49 47.73 10.17
CA GLY YC 534 2.99 49.07 10.25
C GLY YC 534 2.76 49.70 11.60
N PRO YC 535 3.03 51.00 11.70
CA PRO YC 535 2.84 51.69 12.98
C PRO YC 535 1.39 52.04 13.22
N LYS YC 536 1.07 52.32 14.48
CA LYS YC 536 -0.27 52.73 14.85
C LYS YC 536 -0.61 54.09 14.26
N ILE YC 537 -1.84 54.23 13.79
CA ILE YC 537 -2.31 55.45 13.15
C ILE YC 537 -3.27 56.14 14.09
N PHE YC 538 -2.97 57.38 14.45
CA PHE YC 538 -3.81 58.17 15.34
C PHE YC 538 -4.70 59.08 14.51
N LYS YC 539 -6.01 58.92 14.66
CA LYS YC 539 -6.98 59.75 13.97
C LYS YC 539 -8.03 60.17 14.98
N LEU YC 540 -8.11 61.48 15.24
CA LEU YC 540 -8.95 62.00 16.32
C LEU YC 540 -10.41 61.93 15.89
N THR YC 541 -10.96 60.71 15.95
CA THR YC 541 -12.35 60.49 15.60
C THR YC 541 -13.30 60.83 16.74
N GLN YC 542 -12.81 60.90 17.96
CA GLN YC 542 -13.64 61.26 19.10
C GLN YC 542 -14.02 62.72 18.92
N ASN YC 543 -15.19 63.10 19.43
CA ASN YC 543 -15.83 64.37 19.11
C ASN YC 543 -14.98 65.58 19.47
N VAL YC 544 -14.38 65.56 20.66
CA VAL YC 544 -13.59 66.66 21.19
C VAL YC 544 -14.67 67.75 21.31
N GLY YC 545 -14.47 68.95 20.75
CA GLY YC 545 -15.48 69.98 20.64
C GLY YC 545 -15.91 70.64 21.93
N PHE YC 546 -15.55 70.08 23.09
CA PHE YC 546 -16.21 70.41 24.36
C PHE YC 546 -17.72 70.34 24.19
N ARG YC 547 -18.17 69.12 23.90
CA ARG YC 547 -19.57 68.88 23.55
C ARG YC 547 -20.52 69.27 24.66
N SER YC 548 -20.19 68.90 25.90
CA SER YC 548 -21.10 68.91 27.05
C SER YC 548 -22.25 67.93 26.82
N LYS YC 549 -23.19 67.87 27.74
CA LYS YC 549 -24.31 66.93 27.61
C LYS YC 549 -25.48 67.25 28.52
N GLY YC 550 -26.40 66.30 28.65
CA GLY YC 550 -27.45 66.37 29.64
C GLY YC 550 -27.05 65.69 30.93
N MET YC 551 -25.76 65.72 31.23
CA MET YC 551 -25.22 65.20 32.49
C MET YC 551 -25.14 66.33 33.50
N VAL YC 552 -24.45 66.06 34.61
CA VAL YC 552 -24.30 67.06 35.65
C VAL YC 552 -23.54 68.26 35.12
N GLN YC 553 -23.90 69.46 35.60
CA GLN YC 553 -23.30 70.69 35.10
C GLN YC 553 -21.81 70.74 35.40
N ASN YC 554 -21.41 70.28 36.57
CA ASN YC 554 -20.00 70.25 36.95
C ASN YC 554 -19.56 68.80 37.10
N ALA YC 555 -19.94 67.98 36.13
CA ALA YC 555 -19.72 66.54 36.19
C ALA YC 555 -18.24 66.21 36.32
N GLY YC 556 -17.92 65.31 37.26
CA GLY YC 556 -16.52 65.03 37.56
C GLY YC 556 -15.85 64.19 36.50
N VAL YC 557 -16.35 62.97 36.28
CA VAL YC 557 -15.58 61.97 35.55
C VAL YC 557 -15.51 62.33 34.07
N VAL YC 558 -16.67 62.35 33.39
CA VAL YC 558 -16.89 62.69 31.96
C VAL YC 558 -16.23 61.71 31.00
N THR YC 559 -15.60 60.65 31.53
CA THR YC 559 -14.91 59.57 30.79
C THR YC 559 -13.94 60.13 29.76
N VAL YC 560 -14.21 59.98 28.46
CA VAL YC 560 -13.18 60.09 27.45
C VAL YC 560 -12.97 61.56 27.10
N GLU YC 561 -12.12 62.22 27.87
CA GLU YC 561 -11.22 63.22 27.33
C GLU YC 561 -9.85 62.81 27.88
N GLY YC 562 -9.31 61.75 27.30
CA GLY YC 562 -7.95 61.30 27.50
C GLY YC 562 -7.49 60.73 26.18
N SER YC 563 -8.41 60.75 25.22
CA SER YC 563 -8.08 60.49 23.82
C SER YC 563 -7.59 61.73 23.13
N VAL YC 564 -8.14 62.89 23.49
CA VAL YC 564 -7.53 64.15 23.09
C VAL YC 564 -6.15 64.28 23.70
N GLN YC 565 -6.04 63.95 24.99
CA GLN YC 565 -4.73 63.92 25.62
C GLN YC 565 -3.84 62.83 25.04
N ALA YC 566 -4.41 61.69 24.65
CA ALA YC 566 -3.65 60.67 23.96
C ALA YC 566 -3.15 61.12 22.61
N LEU YC 567 -3.96 61.86 21.85
CA LEU YC 567 -3.52 62.34 20.56
C LEU YC 567 -2.49 63.47 20.70
N ILE YC 568 -2.62 64.28 21.74
CA ILE YC 568 -1.69 65.40 21.92
C ILE YC 568 -0.28 64.89 22.20
N THR YC 569 -0.12 63.93 23.09
CA THR YC 569 1.19 63.37 23.36
C THR YC 569 1.72 62.51 22.23
N ALA YC 570 0.84 61.98 21.38
CA ALA YC 570 1.29 61.27 20.19
C ALA YC 570 1.75 62.20 19.09
N ALA YC 571 1.21 63.40 19.02
CA ALA YC 571 1.66 64.38 18.03
C ALA YC 571 3.11 64.76 18.27
N TYR YC 572 3.49 64.96 19.53
CA TYR YC 572 4.88 65.21 19.86
C TYR YC 572 5.78 64.05 19.50
N GLN YC 573 5.32 62.82 19.74
CA GLN YC 573 6.07 61.61 19.43
C GLN YC 573 6.39 61.49 17.95
N GLN YC 574 5.60 62.09 17.07
CA GLN YC 574 5.88 62.10 15.64
C GLN YC 574 6.69 63.32 15.23
N ILE YC 575 6.26 64.52 15.62
CA ILE YC 575 6.91 65.72 15.10
C ILE YC 575 8.31 65.88 15.69
N PHE YC 576 8.46 65.70 17.00
CA PHE YC 576 9.74 65.84 17.65
C PHE YC 576 10.43 64.52 17.93
N GLY YC 577 9.72 63.40 17.87
CA GLY YC 577 10.28 62.11 18.17
C GLY YC 577 10.31 61.76 19.63
N ARG YC 578 10.04 62.71 20.52
CA ARG YC 578 10.01 62.48 21.94
C ARG YC 578 9.23 63.61 22.60
N GLN YC 579 8.81 63.38 23.83
CA GLN YC 579 8.14 64.42 24.59
C GLN YC 579 9.12 65.52 24.95
N LEU YC 580 8.62 66.74 25.02
CA LEU YC 580 9.45 67.88 25.38
C LEU YC 580 9.51 68.02 26.89
N TYR YC 581 10.29 69.00 27.35
CA TYR YC 581 10.41 69.27 28.76
C TYR YC 581 9.22 70.10 29.22
N GLN YC 582 9.22 70.51 30.50
CA GLN YC 582 8.04 71.14 31.07
C GLN YC 582 7.80 72.52 30.47
N GLY YC 583 8.83 73.36 30.39
CA GLY YC 583 8.64 74.69 29.86
C GLY YC 583 8.49 74.71 28.35
N GLN YC 584 8.96 73.67 27.68
CA GLN YC 584 9.03 73.68 26.23
C GLN YC 584 7.72 73.28 25.59
N ARG YC 585 6.79 72.73 26.37
CA ARG YC 585 5.52 72.28 25.81
C ARG YC 585 4.71 73.48 25.32
N LEU YC 586 4.15 73.35 24.12
CA LEU YC 586 3.38 74.43 23.52
C LEU YC 586 1.94 74.36 24.02
N LYS YC 587 1.63 75.19 25.01
CA LYS YC 587 0.24 75.38 25.34
C LYS YC 587 -0.38 76.37 24.37
N VAL YC 588 -1.66 76.70 24.61
CA VAL YC 588 -2.53 77.62 23.85
C VAL YC 588 -2.61 77.23 22.37
N ALA YC 589 -2.26 75.98 22.05
CA ALA YC 589 -2.62 75.26 20.85
C ALA YC 589 -3.22 73.91 21.20
N GLU YC 590 -2.68 73.23 22.20
CA GLU YC 590 -3.38 72.09 22.77
C GLU YC 590 -4.70 72.52 23.39
N ILE YC 591 -4.75 73.74 23.93
CA ILE YC 591 -5.99 74.26 24.49
C ILE YC 591 -7.04 74.40 23.40
N LYS YC 592 -6.65 74.95 22.24
CA LYS YC 592 -7.59 75.07 21.14
C LYS YC 592 -7.99 73.72 20.58
N LEU YC 593 -7.05 72.78 20.50
CA LEU YC 593 -7.39 71.43 20.04
C LEU YC 593 -8.39 70.77 20.99
N GLU YC 594 -8.17 70.89 22.30
CA GLU YC 594 -9.09 70.30 23.26
C GLU YC 594 -10.45 70.98 23.21
N ASN YC 595 -10.49 72.29 23.06
CA ASN YC 595 -11.75 73.03 22.97
C ASN YC 595 -12.46 72.79 21.64
N GLY YC 596 -11.77 72.25 20.64
CA GLY YC 596 -12.38 71.97 19.36
C GLY YC 596 -12.39 73.13 18.39
N GLU YC 597 -11.73 74.24 18.71
CA GLU YC 597 -11.70 75.38 17.80
C GLU YC 597 -10.90 75.07 16.55
N THR YC 598 -9.87 74.23 16.66
CA THR YC 598 -9.02 73.87 15.53
C THR YC 598 -8.93 72.36 15.42
N THR YC 599 -8.61 71.89 14.21
CA THR YC 599 -8.51 70.46 13.95
C THR YC 599 -7.07 70.00 14.12
N VAL YC 600 -6.81 68.71 13.89
CA VAL YC 600 -5.47 68.16 14.07
C VAL YC 600 -4.51 68.74 13.04
N LYS YC 601 -4.99 69.03 11.83
CA LYS YC 601 -4.14 69.59 10.80
C LYS YC 601 -3.59 70.95 11.21
N GLU YC 602 -4.40 71.74 11.91
CA GLU YC 602 -3.94 73.04 12.40
C GLU YC 602 -3.03 72.94 13.61
N PHE YC 603 -3.24 71.94 14.48
CA PHE YC 603 -2.34 71.75 15.60
C PHE YC 603 -0.97 71.27 15.14
N VAL YC 604 -0.93 70.38 14.14
CA VAL YC 604 0.35 69.95 13.60
C VAL YC 604 1.09 71.11 12.95
N ARG YC 605 0.36 72.02 12.30
CA ARG YC 605 1.00 73.20 11.73
C ARG YC 605 1.57 74.09 12.82
N ALA YC 606 0.86 74.22 13.94
CA ALA YC 606 1.38 75.01 15.05
C ALA YC 606 2.63 74.38 15.64
N LEU YC 607 2.65 73.05 15.76
CA LEU YC 607 3.85 72.38 16.27
C LEU YC 607 5.03 72.52 15.31
N GLY YC 608 4.81 72.30 14.01
CA GLY YC 608 5.90 72.34 13.07
C GLY YC 608 6.51 73.71 12.91
N ARG YC 609 5.70 74.75 12.97
CA ARG YC 609 6.17 76.13 12.82
C ARG YC 609 6.65 76.72 14.14
N SER YC 610 6.79 75.89 15.18
CA SER YC 610 7.09 76.35 16.52
C SER YC 610 8.56 76.75 16.63
N GLU YC 611 8.87 77.45 17.72
CA GLU YC 611 10.25 77.88 17.94
C GLU YC 611 11.14 76.71 18.32
N ILE YC 612 10.63 75.78 19.12
CA ILE YC 612 11.43 74.65 19.58
C ILE YC 612 11.81 73.72 18.45
N PHE YC 613 10.90 73.48 17.50
CA PHE YC 613 11.21 72.61 16.36
C PHE YC 613 12.34 73.19 15.52
N ARG YC 614 12.28 74.50 15.26
CA ARG YC 614 13.36 75.16 14.54
C ARG YC 614 14.66 75.09 15.32
N LYS YC 615 14.58 75.29 16.63
CA LYS YC 615 15.78 75.29 17.46
C LYS YC 615 16.44 73.93 17.48
N LEU YC 616 15.65 72.86 17.43
CA LEU YC 616 16.21 71.52 17.51
C LEU YC 616 16.69 71.04 16.15
N TYR YC 617 15.85 71.13 15.12
CA TYR YC 617 16.11 70.44 13.87
C TYR YC 617 16.40 71.37 12.70
N TRP YC 618 16.54 72.67 12.93
CA TRP YC 618 16.95 73.57 11.86
C TRP YC 618 18.22 74.32 12.18
N GLU YC 619 18.38 74.80 13.41
CA GLU YC 619 19.50 75.66 13.74
C GLU YC 619 20.86 74.98 13.64
N PRO YC 620 21.12 73.84 14.28
CA PRO YC 620 22.49 73.31 14.34
C PRO YC 620 22.91 72.42 13.17
N PHE YC 621 22.19 72.40 12.05
CA PHE YC 621 22.50 71.47 10.99
C PHE YC 621 22.77 72.19 9.68
N TYR YC 622 23.51 71.50 8.82
CA TYR YC 622 23.70 71.92 7.44
C TYR YC 622 22.35 72.03 6.75
N VAL YC 623 22.25 72.96 5.80
CA VAL YC 623 20.94 73.38 5.28
C VAL YC 623 20.20 72.25 4.59
N CYS YC 624 20.88 71.51 3.72
CA CYS YC 624 20.24 70.40 3.04
C CYS YC 624 20.07 69.18 3.92
N LYS YC 625 20.80 69.10 5.04
CA LYS YC 625 20.55 68.05 6.01
C LYS YC 625 19.28 68.33 6.81
N ALA YC 626 19.09 69.59 7.18
CA ALA YC 626 17.91 69.98 7.95
C ALA YC 626 16.64 69.75 7.15
N ILE YC 627 16.67 70.05 5.85
CA ILE YC 627 15.51 69.82 5.00
C ILE YC 627 15.18 68.34 4.94
N GLU YC 628 16.19 67.49 4.75
CA GLU YC 628 15.94 66.07 4.65
C GLU YC 628 15.42 65.49 5.96
N TYR YC 629 15.90 66.00 7.09
CA TYR YC 629 15.39 65.47 8.35
C TYR YC 629 13.99 65.98 8.63
N ILE YC 630 13.72 67.26 8.33
CA ILE YC 630 12.38 67.80 8.57
C ILE YC 630 11.35 67.15 7.67
N HIS YC 631 11.77 66.73 6.47
CA HIS YC 631 10.85 66.04 5.59
C HIS YC 631 10.37 64.73 6.20
N ARG YC 632 11.27 63.99 6.85
CA ARG YC 632 10.86 62.73 7.48
C ARG YC 632 9.92 62.97 8.64
N ARG YC 633 10.11 64.07 9.38
CA ARG YC 633 9.24 64.33 10.51
C ARG YC 633 7.86 64.77 10.05
N LEU YC 634 7.79 65.71 9.11
CA LEU YC 634 6.49 66.23 8.70
C LEU YC 634 5.73 65.28 7.79
N LEU YC 635 6.42 64.56 6.91
CA LEU YC 635 5.80 63.55 6.06
C LEU YC 635 6.51 62.24 6.36
N GLY YC 636 5.77 61.14 6.30
CA GLY YC 636 6.31 59.89 6.79
C GLY YC 636 7.40 59.21 5.98
N ARG YC 637 7.98 59.88 5.00
CA ARG YC 637 8.94 59.26 4.12
C ARG YC 637 10.11 60.19 3.85
N PRO YC 638 11.27 59.65 3.55
CA PRO YC 638 12.38 60.49 3.06
C PRO YC 638 12.08 61.00 1.66
N THR YC 639 12.94 61.90 1.19
CA THR YC 639 12.74 62.49 -0.12
C THR YC 639 12.97 61.47 -1.22
N TYR YC 640 12.24 61.64 -2.32
CA TYR YC 640 12.36 60.77 -3.49
C TYR YC 640 13.39 61.25 -4.50
N ASP YC 641 13.34 62.53 -4.88
CA ASP YC 641 13.99 62.98 -6.10
C ASP YC 641 14.84 64.21 -5.82
N ARG YC 642 15.82 64.41 -6.70
CA ARG YC 642 16.53 65.68 -6.75
C ARG YC 642 15.60 66.85 -7.00
N VAL YC 643 14.56 66.65 -7.81
CA VAL YC 643 13.54 67.69 -8.00
C VAL YC 643 12.84 68.01 -6.68
N GLU YC 644 12.47 66.97 -5.94
CA GLU YC 644 11.79 67.16 -4.67
C GLU YC 644 12.68 67.88 -3.67
N ASN YC 645 13.96 67.55 -3.64
CA ASN YC 645 14.87 68.25 -2.74
C ASN YC 645 15.09 69.70 -3.18
N ASN YC 646 15.26 69.93 -4.48
CA ASN YC 646 15.51 71.27 -4.98
C ASN YC 646 14.32 72.20 -4.80
N ARG YC 647 13.09 71.66 -4.86
CA ARG YC 647 11.93 72.52 -4.67
C ARG YC 647 11.92 73.13 -3.27
N TYR YC 648 12.29 72.35 -2.26
CA TYR YC 648 12.38 72.89 -0.91
C TYR YC 648 13.63 73.72 -0.72
N PHE YC 649 14.72 73.38 -1.41
CA PHE YC 649 15.95 74.15 -1.28
C PHE YC 649 15.77 75.57 -1.82
N ASP YC 650 15.18 75.72 -2.99
CA ASP YC 650 14.98 77.03 -3.57
C ASP YC 650 13.91 77.83 -2.85
N ILE YC 651 13.12 77.21 -1.99
CA ILE YC 651 12.24 77.94 -1.09
C ILE YC 651 12.97 78.35 0.19
N ALA YC 652 13.85 77.52 0.70
CA ALA YC 652 14.62 77.85 1.89
C ALA YC 652 15.58 79.02 1.66
N SER YC 653 16.03 79.23 0.43
CA SER YC 653 16.92 80.33 0.10
C SER YC 653 16.19 81.64 -0.09
N LYS YC 654 14.85 81.63 -0.10
CA LYS YC 654 14.07 82.85 -0.24
C LYS YC 654 13.24 83.19 0.99
N LYS YC 655 12.75 82.19 1.73
CA LYS YC 655 11.91 82.44 2.87
C LYS YC 655 12.42 81.84 4.17
N GLY YC 656 13.40 80.95 4.12
CA GLY YC 656 13.98 80.43 5.33
C GLY YC 656 13.25 79.22 5.89
N PHE YC 657 13.31 79.06 7.21
CA PHE YC 657 12.71 77.89 7.85
C PHE YC 657 11.19 77.88 7.69
N TYR YC 658 10.56 79.04 7.82
CA TYR YC 658 9.11 79.10 7.69
C TYR YC 658 8.67 78.81 6.28
N GLY YC 659 9.49 79.19 5.29
CA GLY YC 659 9.17 78.85 3.91
C GLY YC 659 9.22 77.34 3.66
N VAL YC 660 10.21 76.67 4.25
CA VAL YC 660 10.32 75.23 4.07
C VAL YC 660 9.17 74.51 4.76
N VAL YC 661 8.90 74.86 6.02
CA VAL YC 661 7.88 74.13 6.78
C VAL YC 661 6.51 74.39 6.20
N ASP YC 662 6.21 75.65 5.86
CA ASP YC 662 4.93 75.98 5.24
C ASP YC 662 4.76 75.32 3.88
N ALA YC 663 5.81 75.26 3.07
CA ALA YC 663 5.73 74.58 1.79
C ALA YC 663 5.51 73.08 1.95
N MET YC 664 6.12 72.49 2.99
CA MET YC 664 5.92 71.07 3.22
C MET YC 664 4.51 70.77 3.70
N LEU YC 665 3.98 71.60 4.60
CA LEU YC 665 2.67 71.33 5.18
C LEU YC 665 1.54 71.65 4.21
N ASN YC 666 1.82 72.41 3.16
CA ASN YC 666 0.79 72.83 2.21
C ASN YC 666 0.82 72.00 0.93
N SER YC 667 1.51 70.86 0.94
CA SER YC 667 1.60 70.03 -0.25
C SER YC 667 0.30 69.29 -0.50
N ASN YC 668 0.09 68.91 -1.76
CA ASN YC 668 -1.06 68.07 -2.10
C ASN YC 668 -0.93 66.69 -1.45
N GLU YC 669 0.30 66.20 -1.31
CA GLU YC 669 0.53 64.88 -0.72
C GLU YC 669 0.06 64.83 0.72
N TYR YC 670 0.30 65.89 1.50
CA TYR YC 670 -0.13 65.90 2.89
C TYR YC 670 -1.64 65.80 3.00
N GLN YC 671 -2.37 66.58 2.19
CA GLN YC 671 -3.82 66.54 2.25
C GLN YC 671 -4.36 65.21 1.75
N GLU YC 672 -3.72 64.63 0.73
CA GLU YC 672 -4.20 63.36 0.19
C GLU YC 672 -3.99 62.23 1.18
N VAL YC 673 -2.83 62.19 1.84
CA VAL YC 673 -2.51 61.05 2.70
C VAL YC 673 -3.09 61.25 4.09
N PHE YC 674 -2.65 62.30 4.79
CA PHE YC 674 -3.01 62.49 6.18
C PHE YC 674 -4.34 63.19 6.37
N GLY YC 675 -4.92 63.75 5.31
CA GLY YC 675 -6.24 64.36 5.40
C GLY YC 675 -6.25 65.54 6.34
N GLU YC 676 -7.25 65.57 7.23
CA GLU YC 676 -7.38 66.68 8.16
C GLU YC 676 -7.58 66.22 9.60
N ASP YC 677 -7.68 64.92 9.85
CA ASP YC 677 -7.83 64.45 11.23
C ASP YC 677 -6.70 63.51 11.61
N VAL YC 678 -6.10 62.86 10.63
CA VAL YC 678 -5.05 61.86 10.90
C VAL YC 678 -3.74 62.56 11.18
N LEU YC 679 -3.04 62.09 12.19
CA LEU YC 679 -1.70 62.56 12.49
C LEU YC 679 -0.70 61.96 11.50
N PRO YC 680 0.36 62.70 11.16
CA PRO YC 680 1.41 62.13 10.32
C PRO YC 680 2.07 60.93 11.01
N TYR YC 681 2.51 59.97 10.21
CA TYR YC 681 3.12 58.77 10.72
C TYR YC 681 4.18 58.30 9.73
N GLU YC 682 5.11 57.48 10.22
CA GLU YC 682 6.17 56.96 9.39
C GLU YC 682 5.61 56.02 8.33
N ARG YC 683 5.91 56.30 7.06
CA ARG YC 683 5.36 55.52 5.96
C ARG YC 683 6.38 54.67 5.24
N TYR YC 684 7.60 55.16 5.05
CA TYR YC 684 8.60 54.45 4.27
C TYR YC 684 9.91 54.41 5.03
N LEU YC 685 10.73 53.41 4.70
CA LEU YC 685 12.06 53.29 5.25
C LEU YC 685 13.06 53.05 4.14
N THR YC 686 14.27 53.55 4.32
CA THR YC 686 15.39 53.17 3.48
C THR YC 686 15.89 51.81 3.90
N PRO YC 687 16.48 51.05 2.98
CA PRO YC 687 17.00 49.72 3.35
C PRO YC 687 18.09 49.77 4.40
N ALA YC 688 18.89 50.84 4.44
CA ALA YC 688 19.89 50.98 5.48
C ALA YC 688 19.25 51.06 6.85
N GLY YC 689 18.18 51.84 6.98
CA GLY YC 689 17.46 51.87 8.24
C GLY YC 689 16.74 50.58 8.54
N LEU YC 690 16.17 49.94 7.53
CA LEU YC 690 15.45 48.70 7.73
C LEU YC 690 16.37 47.57 8.17
N SER YC 691 17.64 47.61 7.75
CA SER YC 691 18.61 46.61 8.17
C SER YC 691 19.13 46.87 9.58
N LEU YC 692 18.82 48.02 10.16
CA LEU YC 692 19.15 48.31 11.56
C LEU YC 692 18.12 47.78 12.53
N ARG YC 693 16.83 47.97 12.24
CA ARG YC 693 15.79 47.46 13.12
C ARG YC 693 15.78 45.93 13.13
N LYS YC 694 15.52 45.33 11.98
CA LYS YC 694 15.76 43.91 11.80
C LYS YC 694 17.24 43.74 11.47
N GLY YC 695 17.61 42.54 11.02
CA GLY YC 695 18.95 42.30 10.55
C GLY YC 695 19.95 41.87 11.59
N ARG YC 696 19.81 42.33 12.83
CA ARG YC 696 20.61 41.78 13.91
C ARG YC 696 20.31 40.29 14.05
N PHE YC 697 21.37 39.49 14.16
CA PHE YC 697 21.35 38.03 14.03
C PHE YC 697 21.02 37.61 12.61
N GLY YC 698 21.12 38.51 11.63
CA GLY YC 698 21.08 38.18 10.22
C GLY YC 698 19.73 37.64 9.79
N SER YC 699 19.77 36.80 8.78
CA SER YC 699 18.59 36.14 8.23
C SER YC 699 18.67 34.66 8.52
N SER YC 700 17.61 34.12 9.15
CA SER YC 700 17.62 32.71 9.52
C SER YC 700 16.93 31.84 8.48
N ASP YC 701 16.39 32.46 7.43
CA ASP YC 701 15.54 31.71 6.50
C ASP YC 701 16.34 30.76 5.63
N VAL YC 702 17.55 31.18 5.21
CA VAL YC 702 18.36 30.49 4.21
C VAL YC 702 17.67 30.63 2.86
N LEU YC 703 18.38 31.16 1.88
CA LEU YC 703 17.83 31.43 0.56
C LEU YC 703 17.55 30.09 -0.11
N THR YC 704 16.34 29.90 -0.62
CA THR YC 704 15.86 28.55 -0.88
C THR YC 704 16.04 28.15 -2.35
N THR YC 705 15.71 29.06 -3.27
CA THR YC 705 15.77 29.06 -4.75
C THR YC 705 14.94 27.92 -5.35
N PRO YC 706 14.28 28.16 -6.48
CA PRO YC 706 13.45 27.10 -7.07
C PRO YC 706 14.26 26.08 -7.84
N GLY YC 707 13.93 24.81 -7.68
CA GLY YC 707 14.55 23.75 -8.46
C GLY YC 707 15.94 23.37 -8.03
N GLY YC 708 16.45 23.94 -6.94
CA GLY YC 708 17.76 23.57 -6.48
C GLY YC 708 17.81 22.19 -5.86
N ILE YC 709 19.00 21.61 -5.86
CA ILE YC 709 19.24 20.31 -5.27
C ILE YC 709 19.77 20.52 -3.86
N THR YC 710 19.02 20.10 -2.86
CA THR YC 710 19.40 20.35 -1.49
C THR YC 710 19.16 19.12 -0.62
N PRO YC 711 20.14 18.76 0.22
CA PRO YC 711 19.97 17.64 1.16
C PRO YC 711 19.38 18.04 2.51
N ARG YC 712 18.92 19.27 2.66
CA ARG YC 712 18.45 19.73 3.96
C ARG YC 712 17.13 19.05 4.33
N GLY YC 713 17.04 18.56 5.56
CA GLY YC 713 15.84 17.93 6.05
C GLY YC 713 15.75 16.44 5.80
N ASP YC 714 16.57 15.90 4.89
CA ASP YC 714 16.53 14.48 4.61
C ASP YC 714 16.97 13.63 5.79
N ALA YC 715 18.00 14.05 6.52
CA ALA YC 715 18.41 13.33 7.71
C ALA YC 715 17.34 13.34 8.78
N ALA YC 716 16.67 14.49 8.96
CA ALA YC 716 15.59 14.56 9.93
C ALA YC 716 14.42 13.67 9.53
N ARG YC 717 14.09 13.65 8.24
CA ARG YC 717 13.01 12.77 7.77
C ARG YC 717 13.36 11.30 7.97
N MET YC 718 14.61 10.92 7.67
CA MET YC 718 15.04 9.55 7.91
C MET YC 718 14.98 9.19 9.37
N MET YC 719 15.39 10.11 10.25
CA MET YC 719 15.34 9.85 11.68
C MET YC 719 13.90 9.67 12.16
N ASP YC 720 12.97 10.48 11.64
CA ASP YC 720 11.57 10.32 12.02
C ASP YC 720 10.99 9.01 11.49
N LYS YC 721 11.38 8.62 10.28
CA LYS YC 721 10.90 7.35 9.73
C LYS YC 721 11.41 6.18 10.57
N ILE YC 722 12.66 6.24 11.01
CA ILE YC 722 13.20 5.22 11.90
C ILE YC 722 12.51 5.28 13.25
N GLN YC 723 12.18 6.49 13.71
CA GLN YC 723 11.62 6.70 15.04
C GLN YC 723 10.24 6.09 15.15
N GLU YC 724 9.36 6.42 14.19
CA GLU YC 724 7.96 6.01 14.24
C GLU YC 724 7.77 4.57 13.78
N LEU YC 725 8.80 3.96 13.21
CA LEU YC 725 8.71 2.58 12.74
C LEU YC 725 9.07 1.59 13.85
N GLY YC 726 9.43 2.10 15.02
CA GLY YC 726 9.67 1.27 16.19
C GLY YC 726 8.72 1.55 17.33
N THR YC 727 7.73 2.39 17.08
CA THR YC 727 6.68 2.68 18.05
C THR YC 727 5.57 1.64 17.93
N PRO YC 728 4.75 1.49 18.97
CA PRO YC 728 3.90 0.28 19.05
C PRO YC 728 2.78 0.21 18.02
N ILE YC 729 2.10 1.32 17.71
CA ILE YC 729 0.83 1.32 16.97
C ILE YC 729 -0.25 0.68 17.83
N ASN YC 730 -1.40 1.35 17.95
CA ASN YC 730 -2.39 0.96 18.96
C ASN YC 730 -1.74 1.04 20.32
N GLU YC 731 -1.45 2.27 20.76
CA GLU YC 731 -0.72 2.58 21.98
C GLU YC 731 -1.17 1.75 23.17
N ARG YC 732 -0.20 1.19 23.88
CA ARG YC 732 -0.44 0.30 25.01
C ARG YC 732 -0.89 1.17 26.17
N SER YC 733 -2.18 1.55 26.17
CA SER YC 733 -2.71 2.47 27.14
C SER YC 733 -2.63 1.96 28.57
N ILE YC 734 -2.66 0.65 28.77
CA ILE YC 734 -2.45 0.06 30.09
C ILE YC 734 -1.21 -0.82 30.02
N PRO YC 735 -0.04 -0.32 30.41
CA PRO YC 735 1.15 -1.17 30.46
C PRO YC 735 0.97 -2.27 31.51
N GLU YC 736 1.89 -3.24 31.48
CA GLU YC 736 1.90 -4.48 32.27
C GLU YC 736 0.62 -5.30 32.17
N MET YC 737 -0.23 -5.02 31.19
CA MET YC 737 -1.17 -5.99 30.67
C MET YC 737 -0.56 -6.81 29.55
N TYR YC 738 0.51 -6.29 28.95
CA TYR YC 738 1.27 -6.98 27.92
C TYR YC 738 2.59 -7.53 28.43
N VAL YC 739 2.94 -7.23 29.68
CA VAL YC 739 4.18 -7.75 30.24
C VAL YC 739 4.06 -9.25 30.50
N ASN YC 740 2.90 -9.70 30.95
CA ASN YC 740 2.72 -11.06 31.45
C ASN YC 740 2.37 -12.05 30.36
N GLN YC 741 2.21 -11.61 29.12
CA GLN YC 741 1.82 -12.53 28.06
C GLN YC 741 2.95 -13.50 27.74
N GLY YC 742 2.58 -14.64 27.15
CA GLY YC 742 3.56 -15.65 26.80
C GLY YC 742 3.71 -16.68 27.88
N VAL YC 743 4.80 -17.47 27.87
CA VAL YC 743 5.01 -18.45 28.93
C VAL YC 743 5.24 -17.77 30.27
N PRO YC 744 4.88 -18.35 31.41
CA PRO YC 744 5.10 -17.69 32.70
C PRO YC 744 6.56 -17.44 32.99
N ALA YC 745 6.84 -16.46 33.87
CA ALA YC 745 8.22 -16.15 34.21
C ALA YC 745 8.87 -17.27 35.00
N LEU YC 746 8.07 -18.13 35.63
CA LEU YC 746 8.58 -19.25 36.40
C LEU YC 746 9.37 -20.24 35.55
N LYS YC 747 9.17 -20.24 34.23
CA LYS YC 747 9.93 -21.14 33.36
C LYS YC 747 11.42 -20.82 33.41
N ARG YC 748 11.77 -19.55 33.60
CA ARG YC 748 13.17 -19.13 33.59
C ARG YC 748 13.59 -18.42 34.87
N GLN YC 749 12.72 -18.35 35.88
CA GLN YC 749 13.02 -17.64 37.11
C GLN YC 749 13.15 -18.66 38.25
N ARG YC 750 13.85 -19.76 37.98
CA ARG YC 750 14.13 -20.76 38.99
C ARG YC 750 15.46 -21.40 38.68
N LYS YC 751 16.02 -22.07 39.70
CA LYS YC 751 17.38 -22.58 39.66
C LYS YC 751 17.39 -24.09 39.52
N VAL YC 752 18.43 -24.61 38.86
CA VAL YC 752 18.63 -26.04 38.70
C VAL YC 752 19.87 -26.43 39.51
N PHE YC 753 19.80 -27.59 40.16
CA PHE YC 753 20.83 -28.02 41.09
C PHE YC 753 21.52 -29.27 40.56
N LYS YC 754 22.85 -29.23 40.52
CA LYS YC 754 23.65 -30.34 40.03
C LYS YC 754 24.69 -30.73 41.08
N GLN YC 755 24.84 -32.04 41.30
CA GLN YC 755 25.81 -32.51 42.27
C GLN YC 755 27.24 -32.17 41.86
N SER YC 756 27.54 -32.22 40.57
CA SER YC 756 28.88 -31.97 40.08
C SER YC 756 29.36 -30.54 40.37
N GLN YC 757 28.44 -29.60 40.51
CA GLN YC 757 28.79 -28.22 40.86
C GLN YC 757 28.18 -27.82 42.20
N ALA YC 758 27.82 -28.81 43.01
CA ALA YC 758 27.28 -28.57 44.35
C ALA YC 758 28.26 -29.04 45.42
N THR YC 759 29.54 -29.12 45.06
CA THR YC 759 30.55 -29.48 46.04
C THR YC 759 30.65 -28.40 47.11
N ASP YC 760 31.15 -28.81 48.29
CA ASP YC 760 31.29 -28.08 49.55
C ASP YC 760 29.99 -28.11 50.34
N ARG YC 761 30.09 -27.93 51.66
CA ARG YC 761 28.96 -28.15 52.56
C ARG YC 761 27.84 -27.17 52.28
N GLU YC 762 28.16 -25.91 52.01
CA GLU YC 762 27.12 -24.90 51.81
C GLU YC 762 26.29 -25.20 50.58
N SER YC 763 26.94 -25.59 49.48
CA SER YC 763 26.20 -25.91 48.27
C SER YC 763 25.49 -27.25 48.40
N PHE YC 764 26.04 -28.18 49.16
CA PHE YC 764 25.41 -29.49 49.29
C PHE YC 764 24.07 -29.41 50.01
N ASP YC 765 23.98 -28.57 51.03
CA ASP YC 765 22.72 -28.43 51.77
C ASP YC 765 21.62 -27.87 50.89
N ALA YC 766 21.95 -26.92 50.01
CA ALA YC 766 20.96 -26.39 49.08
C ALA YC 766 20.48 -27.47 48.13
N LEU YC 767 21.39 -28.31 47.63
CA LEU YC 767 20.99 -29.40 46.75
C LEU YC 767 20.08 -30.38 47.48
N VAL YC 768 20.41 -30.69 48.74
CA VAL YC 768 19.59 -31.62 49.50
C VAL YC 768 18.20 -31.04 49.75
N THR YC 769 18.13 -29.77 50.15
CA THR YC 769 16.82 -29.18 50.42
C THR YC 769 16.02 -28.97 49.15
N ALA YC 770 16.67 -28.82 48.00
CA ALA YC 770 15.96 -28.77 46.73
C ALA YC 770 15.45 -30.13 46.29
N ALA YC 771 16.20 -31.20 46.57
CA ALA YC 771 15.73 -32.54 46.28
C ALA YC 771 14.48 -32.91 47.07
N TYR YC 772 14.31 -32.35 48.26
CA TYR YC 772 13.09 -32.57 49.04
C TYR YC 772 11.93 -31.74 48.54
N VAL YC 773 12.15 -30.82 47.59
CA VAL YC 773 11.06 -29.98 47.09
C VAL YC 773 10.58 -30.42 45.71
N GLN YC 774 11.46 -30.94 44.86
CA GLN YC 774 11.03 -31.53 43.60
C GLN YC 774 10.12 -32.73 43.89
N VAL YC 775 10.61 -33.68 44.69
CA VAL YC 775 9.74 -34.65 45.31
C VAL YC 775 9.01 -33.95 46.46
N PHE YC 776 7.84 -34.46 46.82
CA PHE YC 776 7.06 -33.98 47.97
C PHE YC 776 6.38 -32.62 47.76
N ASP YC 777 6.73 -31.92 46.67
CA ASP YC 777 5.96 -30.78 46.16
C ASP YC 777 5.85 -29.64 47.18
N LYS YC 778 6.95 -29.42 47.91
CA LYS YC 778 7.18 -28.16 48.60
C LYS YC 778 6.32 -27.90 49.84
N ASP YC 779 5.29 -28.71 50.08
CA ASP YC 779 4.39 -28.41 51.18
C ASP YC 779 4.67 -29.26 52.40
N ILE YC 780 4.67 -30.59 52.24
CA ILE YC 780 5.10 -31.46 53.31
C ILE YC 780 6.60 -31.72 53.28
N ALA YC 781 7.32 -31.00 52.42
CA ALA YC 781 8.78 -30.98 52.45
C ALA YC 781 9.33 -30.15 53.59
N SER YC 782 8.59 -29.14 54.05
CA SER YC 782 9.06 -28.33 55.17
C SER YC 782 8.97 -29.08 56.49
N TYR YC 783 8.11 -30.11 56.56
CA TYR YC 783 8.00 -30.91 57.77
C TYR YC 783 9.18 -31.84 57.97
N ILE YC 784 9.95 -32.14 56.92
CA ILE YC 784 11.05 -33.08 57.05
C ILE YC 784 12.15 -32.48 57.91
N ARG YC 785 12.51 -33.18 58.98
CA ARG YC 785 13.53 -32.68 59.91
C ARG YC 785 14.77 -33.56 59.89
N SER YC 786 14.66 -34.86 60.19
CA SER YC 786 15.86 -35.70 60.21
C SER YC 786 15.57 -37.14 59.80
N GLU YC 787 14.40 -37.44 59.22
CA GLU YC 787 14.06 -38.82 58.91
C GLU YC 787 14.96 -39.40 57.84
N PHE YC 788 15.29 -38.61 56.82
CA PHE YC 788 16.22 -39.04 55.77
C PHE YC 788 17.60 -38.49 56.13
N SER YC 789 18.25 -39.12 57.09
CA SER YC 789 19.58 -38.74 57.49
C SER YC 789 20.66 -39.72 57.06
N ALA YC 790 20.35 -41.02 56.98
CA ALA YC 790 21.32 -41.96 56.43
C ALA YC 790 21.51 -41.76 54.93
N LEU YC 791 20.44 -41.42 54.21
CA LEU YC 791 20.54 -41.15 52.79
C LEU YC 791 21.41 -39.94 52.52
N GLU YC 792 21.21 -38.87 53.30
CA GLU YC 792 22.00 -37.65 53.11
C GLU YC 792 23.47 -37.90 53.40
N SER YC 793 23.77 -38.72 54.40
CA SER YC 793 25.16 -39.01 54.71
C SER YC 793 25.84 -39.76 53.58
N ARG YC 794 25.17 -40.76 53.01
CA ARG YC 794 25.73 -41.48 51.87
C ARG YC 794 25.90 -40.56 50.67
N LEU YC 795 24.92 -39.68 50.43
CA LEU YC 795 25.01 -38.74 49.32
C LEU YC 795 26.19 -37.79 49.50
N ARG YC 796 26.39 -37.31 50.73
CA ARG YC 796 27.51 -36.42 51.02
C ARG YC 796 28.84 -37.13 50.90
N ASN YC 797 28.89 -38.40 51.27
CA ASN YC 797 30.12 -39.19 51.17
C ASN YC 797 30.33 -39.75 49.77
N ARG YC 798 29.39 -39.52 48.87
CA ARG YC 798 29.50 -39.96 47.47
C ARG YC 798 29.45 -41.48 47.38
N GLU YC 799 28.59 -42.08 48.21
CA GLU YC 799 28.27 -43.49 48.09
C GLU YC 799 27.11 -43.74 47.14
N THR YC 800 26.18 -42.79 47.05
CA THR YC 800 25.06 -42.86 46.12
C THR YC 800 24.92 -41.53 45.40
N SER YC 801 24.51 -41.60 44.14
CA SER YC 801 24.34 -40.41 43.33
C SER YC 801 23.00 -39.75 43.63
N VAL YC 802 22.77 -38.58 43.02
CA VAL YC 802 21.51 -37.87 43.22
C VAL YC 802 20.36 -38.68 42.65
N LYS YC 803 20.59 -39.45 41.59
CA LYS YC 803 19.56 -40.35 41.09
C LYS YC 803 19.17 -41.39 42.13
N GLU YC 804 20.16 -41.98 42.81
CA GLU YC 804 19.86 -42.94 43.86
C GLU YC 804 19.14 -42.29 45.02
N PHE YC 805 19.54 -41.06 45.37
CA PHE YC 805 18.87 -40.32 46.43
C PHE YC 805 17.40 -40.07 46.09
N VAL YC 806 17.13 -39.64 44.86
CA VAL YC 806 15.77 -39.36 44.44
C VAL YC 806 14.95 -40.64 44.39
N ARG YC 807 15.57 -41.75 43.95
CA ARG YC 807 14.86 -43.02 43.92
C ARG YC 807 14.50 -43.49 45.32
N LEU YC 808 15.46 -43.45 46.24
CA LEU YC 808 15.19 -43.88 47.60
C LEU YC 808 14.21 -42.96 48.32
N LEU YC 809 14.13 -41.70 47.95
CA LEU YC 809 13.10 -40.82 48.47
C LEU YC 809 11.70 -41.25 48.06
N GLY YC 810 11.55 -41.88 46.89
CA GLY YC 810 10.26 -42.32 46.44
C GLY YC 810 9.87 -43.65 47.04
N PHE YC 811 10.84 -44.35 47.62
CA PHE YC 811 10.61 -45.62 48.28
C PHE YC 811 10.16 -45.48 49.72
N SER YC 812 10.29 -44.28 50.29
CA SER YC 812 10.04 -44.09 51.71
C SER YC 812 8.55 -44.17 52.01
N ALA YC 813 8.24 -44.43 53.29
CA ALA YC 813 6.86 -44.47 53.71
C ALA YC 813 6.19 -43.10 53.67
N LEU YC 814 6.96 -42.02 53.82
CA LEU YC 814 6.38 -40.69 53.78
C LEU YC 814 5.80 -40.38 52.41
N TYR YC 815 6.52 -40.71 51.34
CA TYR YC 815 5.99 -40.51 49.99
C TYR YC 815 4.78 -41.37 49.73
N ARG YC 816 4.83 -42.64 50.15
CA ARG YC 816 3.68 -43.52 49.98
C ARG YC 816 2.49 -43.05 50.79
N LYS YC 817 2.74 -42.56 52.00
CA LYS YC 817 1.64 -42.04 52.82
C LYS YC 817 1.02 -40.80 52.21
N GLN YC 818 1.85 -39.91 51.64
CA GLN YC 818 1.34 -38.61 51.22
C GLN YC 818 0.70 -38.67 49.83
N PHE YC 819 1.37 -39.31 48.87
CA PHE YC 819 1.01 -39.16 47.47
C PHE YC 819 0.48 -40.45 46.85
N HIS YC 820 0.24 -41.48 47.67
CA HIS YC 820 -0.33 -42.69 47.12
C HIS YC 820 -1.49 -43.22 47.97
N ASP YC 821 -1.42 -43.02 49.28
CA ASP YC 821 -2.38 -43.62 50.19
C ASP YC 821 -3.71 -42.86 50.23
N ARG YC 822 -3.81 -41.72 49.55
CA ARG YC 822 -5.04 -40.95 49.58
C ARG YC 822 -5.62 -40.69 48.20
N TYR YC 823 -5.09 -41.31 47.15
CA TYR YC 823 -5.54 -41.03 45.80
C TYR YC 823 -5.78 -42.32 45.04
N PRO YC 824 -6.65 -42.31 44.04
CA PRO YC 824 -6.87 -43.50 43.21
C PRO YC 824 -5.59 -43.91 42.50
N ASN YC 825 -5.56 -45.16 42.03
CA ASN YC 825 -4.36 -45.70 41.41
C ASN YC 825 -3.98 -44.97 40.14
N THR YC 826 -4.94 -44.40 39.42
CA THR YC 826 -4.62 -43.64 38.22
C THR YC 826 -4.02 -42.27 38.53
N LYS YC 827 -4.38 -41.65 39.65
CA LYS YC 827 -3.81 -40.37 40.02
C LYS YC 827 -2.42 -40.51 40.64
N VAL YC 828 -2.09 -41.67 41.20
CA VAL YC 828 -0.74 -41.89 41.71
C VAL YC 828 0.27 -41.86 40.58
N VAL YC 829 -0.12 -42.37 39.40
CA VAL YC 829 0.75 -42.31 38.24
C VAL YC 829 1.01 -40.86 37.85
N GLU YC 830 -0.03 -40.03 37.85
CA GLU YC 830 0.13 -38.62 37.53
C GLU YC 830 1.01 -37.91 38.55
N PHE YC 831 0.80 -38.19 39.84
CA PHE YC 831 1.64 -37.59 40.87
C PHE YC 831 3.07 -38.08 40.76
N ALA YC 832 3.26 -39.36 40.45
CA ALA YC 832 4.62 -39.88 40.26
C ALA YC 832 5.31 -39.26 39.07
N PHE YC 833 4.59 -39.01 37.98
CA PHE YC 833 5.20 -38.43 36.79
C PHE YC 833 5.67 -37.00 37.06
N LYS YC 834 4.81 -36.18 37.65
CA LYS YC 834 5.12 -34.77 37.87
C LYS YC 834 6.24 -34.58 38.88
N HIS YC 835 6.48 -35.55 39.76
CA HIS YC 835 7.53 -35.44 40.76
C HIS YC 835 8.88 -35.99 40.31
N PHE YC 836 8.89 -37.05 39.50
CA PHE YC 836 10.14 -37.70 39.11
C PHE YC 836 10.53 -37.46 37.67
N LEU YC 837 9.68 -36.82 36.87
CA LEU YC 837 10.03 -36.45 35.51
C LEU YC 837 9.78 -34.99 35.20
N GLY YC 838 8.81 -34.35 35.85
CA GLY YC 838 8.56 -32.94 35.72
C GLY YC 838 7.43 -32.57 34.80
N ARG YC 839 6.76 -33.55 34.19
CA ARG YC 839 5.66 -33.29 33.27
C ARG YC 839 4.44 -34.10 33.70
N ALA YC 840 3.39 -34.05 32.90
CA ALA YC 840 2.24 -34.93 33.06
C ALA YC 840 2.36 -36.09 32.08
N VAL YC 841 1.31 -36.91 32.03
CA VAL YC 841 1.34 -38.08 31.16
C VAL YC 841 1.26 -37.65 29.70
N LYS YC 842 2.12 -38.24 28.87
CA LYS YC 842 2.16 -37.88 27.46
C LYS YC 842 0.85 -38.23 26.75
N ASN YC 843 0.54 -39.52 26.67
CA ASN YC 843 -0.58 -39.99 25.86
C ASN YC 843 -1.21 -41.18 26.57
N GLN YC 844 -2.20 -41.79 25.92
CA GLN YC 844 -2.90 -42.93 26.47
C GLN YC 844 -2.07 -44.21 26.43
N ALA YC 845 -1.09 -44.29 25.52
CA ALA YC 845 -0.23 -45.46 25.43
C ALA YC 845 0.84 -45.49 26.50
N GLU YC 846 1.03 -44.39 27.22
CA GLU YC 846 1.92 -44.34 28.37
C GLU YC 846 1.18 -44.57 29.68
N LEU YC 847 -0.06 -44.09 29.77
CA LEU YC 847 -0.91 -44.40 30.90
C LEU YC 847 -1.12 -45.90 31.01
N ILE YC 848 -1.38 -46.56 29.88
CA ILE YC 848 -1.59 -48.00 29.88
C ILE YC 848 -0.34 -48.74 30.32
N LYS YC 849 0.83 -48.24 29.92
CA LYS YC 849 2.06 -48.91 30.30
C LYS YC 849 2.36 -48.75 31.78
N TYR YC 850 2.18 -47.55 32.32
CA TYR YC 850 2.64 -47.29 33.69
C TYR YC 850 1.59 -47.57 34.74
N HIS YC 851 0.31 -47.31 34.49
CA HIS YC 851 -0.73 -47.72 35.41
C HIS YC 851 -0.91 -49.24 35.43
N GLY YC 852 -0.60 -49.92 34.33
CA GLY YC 852 -0.70 -51.36 34.28
C GLY YC 852 0.48 -52.05 34.93
N LEU YC 853 1.46 -51.27 35.38
CA LEU YC 853 2.58 -51.78 36.14
C LEU YC 853 2.48 -51.43 37.62
N LEU YC 854 1.98 -50.25 37.97
CA LEU YC 854 1.76 -49.88 39.36
C LEU YC 854 0.75 -50.81 40.03
N GLY YC 855 -0.33 -51.15 39.34
CA GLY YC 855 -1.29 -52.08 39.90
C GLY YC 855 -0.76 -53.50 39.98
N ARG YC 856 0.15 -53.84 39.07
CA ARG YC 856 0.71 -55.19 39.08
C ARG YC 856 1.72 -55.39 40.20
N LYS YC 857 2.55 -54.38 40.47
CA LYS YC 857 3.66 -54.56 41.41
C LYS YC 857 3.83 -53.42 42.40
N GLY YC 858 2.91 -52.46 42.44
CA GLY YC 858 2.95 -51.44 43.46
C GLY YC 858 3.93 -50.32 43.17
N ILE YC 859 4.18 -49.52 44.22
CA ILE YC 859 4.89 -48.25 44.07
C ILE YC 859 6.36 -48.48 43.74
N LYS YC 860 6.97 -49.49 44.34
CA LYS YC 860 8.40 -49.69 44.21
C LYS YC 860 8.82 -50.14 42.81
N ALA YC 861 7.88 -50.62 41.99
CA ALA YC 861 8.14 -50.87 40.59
C ALA YC 861 7.88 -49.67 39.71
N LEU YC 862 6.81 -48.92 40.00
CA LEU YC 862 6.51 -47.72 39.22
C LEU YC 862 7.61 -46.67 39.36
N ILE YC 863 8.12 -46.49 40.58
CA ILE YC 863 9.18 -45.51 40.79
C ILE YC 863 10.47 -45.95 40.09
N GLY YC 864 10.78 -47.24 40.18
CA GLY YC 864 11.97 -47.74 39.50
C GLY YC 864 11.88 -47.61 38.00
N ALA YC 865 10.68 -47.80 37.44
CA ALA YC 865 10.50 -47.64 36.00
C ALA YC 865 10.70 -46.19 35.58
N LEU YC 866 10.17 -45.24 36.35
CA LEU YC 866 10.33 -43.84 36.01
C LEU YC 866 11.79 -43.41 36.13
N VAL YC 867 12.43 -43.72 37.26
CA VAL YC 867 13.80 -43.28 37.48
C VAL YC 867 14.79 -43.91 36.52
N ASP YC 868 14.57 -45.16 36.13
CA ASP YC 868 15.48 -45.87 35.25
C ASP YC 868 15.12 -45.73 33.78
N GLY YC 869 14.10 -44.93 33.47
CA GLY YC 869 13.66 -44.79 32.10
C GLY YC 869 14.65 -44.06 31.24
N GLU YC 870 14.42 -44.12 29.93
CA GLU YC 870 15.31 -43.45 28.99
C GLU YC 870 15.14 -41.93 29.07
N GLU YC 871 13.92 -41.47 29.30
CA GLU YC 871 13.67 -40.02 29.38
C GLU YC 871 14.41 -39.41 30.56
N TYR YC 872 14.39 -40.08 31.71
CA TYR YC 872 15.13 -39.58 32.88
C TYR YC 872 16.63 -39.55 32.60
N GLY YC 873 17.16 -40.60 31.98
CA GLY YC 873 18.58 -40.64 31.69
C GLY YC 873 19.00 -39.56 30.71
N ARG YC 874 18.16 -39.28 29.72
CA ARG YC 874 18.45 -38.18 28.80
C ARG YC 874 18.40 -36.84 29.53
N LEU YC 875 17.33 -36.61 30.29
CA LEU YC 875 17.07 -35.28 30.82
C LEU YC 875 18.04 -34.90 31.93
N TYR YC 876 18.24 -35.81 32.90
CA TYR YC 876 18.97 -35.44 34.10
C TYR YC 876 20.24 -36.24 34.33
N GLY YC 877 20.35 -37.44 33.78
CA GLY YC 877 21.57 -38.20 33.97
C GLY YC 877 21.76 -38.64 35.40
N GLU YC 878 23.02 -38.63 35.83
CA GLU YC 878 23.36 -39.15 37.15
C GLU YC 878 23.07 -38.13 38.25
N ASP YC 879 23.66 -36.94 38.15
CA ASP YC 879 23.60 -35.95 39.21
C ASP YC 879 22.81 -34.74 38.74
N THR YC 880 21.50 -34.76 38.98
CA THR YC 880 20.66 -33.59 38.74
C THR YC 880 19.31 -33.78 39.40
N VAL YC 881 18.86 -32.79 40.16
CA VAL YC 881 17.49 -32.82 40.68
C VAL YC 881 16.53 -32.76 39.51
N PRO YC 882 15.41 -33.49 39.55
CA PRO YC 882 14.50 -33.52 38.39
C PRO YC 882 13.98 -32.16 37.94
N SER YC 883 13.28 -31.45 38.82
CA SER YC 883 12.77 -30.10 38.53
C SER YC 883 11.69 -30.10 37.45
N TRP YC 884 10.83 -29.09 37.50
CA TRP YC 884 9.72 -28.96 36.57
C TRP YC 884 10.27 -28.66 35.18
N GLN YC 885 9.66 -29.24 34.16
CA GLN YC 885 9.93 -28.86 32.78
C GLN YC 885 8.63 -28.40 32.13
N PHE YC 886 8.72 -27.39 31.30
CA PHE YC 886 7.52 -26.93 30.61
C PHE YC 886 7.56 -27.49 29.20
N PRO YC 887 6.96 -28.65 28.96
CA PRO YC 887 7.10 -29.31 27.66
C PRO YC 887 6.42 -28.55 26.55
N THR YC 888 6.93 -28.70 25.33
CA THR YC 888 6.24 -28.10 24.17
C THR YC 888 5.44 -29.22 23.54
N LEU YC 889 6.13 -30.30 23.13
CA LEU YC 889 5.43 -31.48 22.56
C LEU YC 889 5.10 -32.44 23.73
N PRO YC 890 4.30 -33.51 23.52
CA PRO YC 890 3.27 -33.52 22.50
C PRO YC 890 2.16 -32.51 22.76
N ALA YC 891 1.10 -32.56 21.95
CA ALA YC 891 -0.02 -31.60 22.10
C ALA YC 891 -0.69 -31.78 23.46
N ALA YC 892 -1.16 -30.69 24.07
CA ALA YC 892 -1.89 -30.75 25.36
C ALA YC 892 -0.96 -31.13 26.52
N ASN YC 893 0.32 -31.42 26.25
CA ASN YC 893 1.24 -31.72 27.35
C ASN YC 893 1.60 -30.46 28.12
N TYR YC 894 1.78 -29.34 27.41
CA TYR YC 894 2.08 -28.09 28.10
C TYR YC 894 0.96 -27.65 29.04
N PRO YC 895 -0.29 -27.51 28.59
CA PRO YC 895 -1.35 -27.13 29.54
C PRO YC 895 -1.59 -28.16 30.63
N ASN YC 896 -1.48 -29.45 30.31
CA ASN YC 896 -1.65 -30.47 31.34
C ASN YC 896 -0.57 -30.36 32.40
N SER YC 897 0.67 -30.10 31.99
CA SER YC 897 1.75 -29.95 32.94
C SER YC 897 1.59 -28.68 33.76
N VAL YC 898 1.21 -27.58 33.13
CA VAL YC 898 1.12 -26.30 33.84
C VAL YC 898 -0.02 -26.33 34.85
N GLU YC 899 -1.11 -27.01 34.53
CA GLU YC 899 -2.20 -27.15 35.50
C GLU YC 899 -1.73 -27.89 36.75
N LEU YC 900 -0.91 -28.92 36.56
CA LEU YC 900 -0.31 -29.61 37.70
C LEU YC 900 0.65 -28.69 38.45
N TYR YC 901 1.41 -27.88 37.71
CA TYR YC 901 2.41 -27.02 38.32
C TYR YC 901 1.79 -25.99 39.25
N ASN YC 902 0.71 -25.36 38.83
CA ASN YC 902 0.13 -24.24 39.57
C ASN YC 902 -0.94 -24.70 40.56
N ARG YC 903 -0.78 -25.91 41.09
CA ARG YC 903 -1.68 -26.46 42.10
C ARG YC 903 -0.93 -26.65 43.40
N PHE YC 904 -1.43 -26.05 44.47
CA PHE YC 904 -0.88 -26.33 45.78
C PHE YC 904 -1.25 -27.74 46.21
N THR YC 905 -0.54 -28.26 47.21
CA THR YC 905 -0.84 -29.60 47.71
C THR YC 905 -2.21 -29.58 48.38
N ARG YC 906 -3.07 -30.49 47.95
CA ARG YC 906 -4.48 -30.60 48.37
C ARG YC 906 -5.34 -29.45 47.88
N GLN YC 907 -4.81 -28.58 47.01
CA GLN YC 907 -5.62 -27.52 46.42
C GLN YC 907 -6.73 -28.09 45.56
N ASP YC 908 -6.39 -29.05 44.70
CA ASP YC 908 -7.37 -29.74 43.87
C ASP YC 908 -6.87 -31.16 43.67
N ASP YC 909 -7.79 -32.12 43.73
CA ASP YC 909 -7.42 -33.53 43.61
C ASP YC 909 -8.03 -34.19 42.39
N SER YC 910 -8.64 -33.42 41.49
CA SER YC 910 -9.04 -33.96 40.20
C SER YC 910 -7.79 -34.40 39.44
N LEU YC 911 -7.94 -35.50 38.70
CA LEU YC 911 -6.76 -36.15 38.14
C LEU YC 911 -6.27 -35.49 36.86
N VAL YC 912 -6.94 -34.44 36.38
CA VAL YC 912 -6.48 -33.66 35.24
C VAL YC 912 -6.53 -34.46 33.95
N VAL YC 913 -5.68 -35.47 33.84
CA VAL YC 913 -5.66 -36.36 32.68
C VAL YC 913 -6.23 -37.70 33.10
N PRO YC 914 -7.56 -37.86 33.14
CA PRO YC 914 -8.11 -39.18 33.45
C PRO YC 914 -7.79 -40.20 32.37
N SER YC 915 -8.09 -39.87 31.13
CA SER YC 915 -7.73 -40.69 29.98
C SER YC 915 -7.94 -39.86 28.73
N PHE YC 916 -7.32 -40.29 27.65
CA PHE YC 916 -7.38 -39.57 26.39
C PHE YC 916 -8.52 -40.11 25.55
N LYS YC 917 -9.49 -39.25 25.26
CA LYS YC 917 -10.68 -39.66 24.52
C LYS YC 917 -10.30 -40.11 23.11
N PRO YC 918 -11.00 -41.09 22.55
CA PRO YC 918 -10.83 -41.36 21.12
C PRO YC 918 -11.29 -40.17 20.31
N ILE YC 919 -10.53 -39.86 19.25
CA ILE YC 919 -10.75 -38.60 18.54
C ILE YC 919 -11.63 -38.81 17.31
N ARG YC 920 -11.94 -40.06 16.97
CA ARG YC 920 -12.85 -40.47 15.90
C ARG YC 920 -12.42 -39.91 14.55
N SER YC 921 -13.29 -40.01 13.54
CA SER YC 921 -12.99 -39.50 12.22
C SER YC 921 -14.24 -38.82 11.65
N LYS YC 922 -14.08 -37.61 11.14
CA LYS YC 922 -15.19 -36.84 10.59
C LYS YC 922 -15.12 -36.69 9.08
N MET YC 923 -13.99 -37.04 8.47
CA MET YC 923 -13.80 -36.91 7.03
C MET YC 923 -13.52 -38.28 6.44
N ASP YC 924 -14.42 -38.76 5.59
CA ASP YC 924 -14.24 -40.06 4.96
C ASP YC 924 -13.05 -40.02 4.01
N ILE YC 925 -12.19 -41.03 4.10
CA ILE YC 925 -10.99 -41.09 3.28
C ILE YC 925 -11.30 -41.20 1.78
N ALA YC 926 -12.47 -41.72 1.42
CA ALA YC 926 -12.87 -41.84 0.03
C ALA YC 926 -13.37 -40.52 -0.54
N SER YC 927 -13.51 -39.49 0.31
CA SER YC 927 -13.94 -38.18 -0.14
C SER YC 927 -12.77 -37.23 -0.39
N MET YC 928 -11.54 -37.71 -0.25
CA MET YC 928 -10.38 -36.87 -0.55
C MET YC 928 -10.26 -36.66 -2.06
N PRO YC 929 -9.55 -35.60 -2.46
CA PRO YC 929 -9.46 -35.31 -3.91
C PRO YC 929 -8.74 -36.38 -4.70
N LEU YC 930 -7.61 -36.88 -4.20
CA LEU YC 930 -6.85 -37.85 -4.96
C LEU YC 930 -7.54 -39.21 -5.01
N VAL YC 931 -8.04 -39.69 -3.87
CA VAL YC 931 -8.68 -41.00 -3.83
C VAL YC 931 -9.99 -40.99 -4.60
N GLN YC 932 -10.79 -39.93 -4.44
CA GLN YC 932 -12.05 -39.83 -5.17
C GLN YC 932 -11.81 -39.69 -6.66
N ALA YC 933 -10.75 -39.00 -7.05
CA ALA YC 933 -10.41 -38.87 -8.45
C ALA YC 933 -9.91 -40.17 -9.07
N ALA YC 934 -9.36 -41.07 -8.26
CA ALA YC 934 -8.91 -42.36 -8.75
C ALA YC 934 -10.03 -43.39 -8.77
N LEU YC 935 -11.00 -43.28 -7.87
CA LEU YC 935 -12.12 -44.22 -7.86
C LEU YC 935 -12.97 -44.14 -9.13
N LYS YC 936 -13.23 -42.94 -9.63
CA LYS YC 936 -14.00 -42.79 -10.85
C LYS YC 936 -13.28 -43.39 -12.04
N GLU YC 937 -11.96 -43.18 -12.12
CA GLU YC 937 -11.17 -43.81 -13.18
C GLU YC 937 -11.19 -45.32 -13.06
N GLN YC 938 -11.13 -45.82 -11.82
CA GLN YC 938 -11.18 -47.26 -11.59
C GLN YC 938 -12.49 -47.85 -12.09
N GLN YC 939 -13.59 -47.14 -11.90
CA GLN YC 939 -14.88 -47.61 -12.39
C GLN YC 939 -14.88 -47.67 -13.93
N ALA YC 940 -14.43 -46.59 -14.57
CA ALA YC 940 -14.50 -46.52 -16.03
C ALA YC 940 -13.61 -47.56 -16.69
N THR YC 941 -12.40 -47.75 -16.15
CA THR YC 941 -11.48 -48.70 -16.77
C THR YC 941 -11.99 -50.13 -16.66
N LYS YC 942 -12.65 -50.46 -15.55
CA LYS YC 942 -13.13 -51.83 -15.38
C LYS YC 942 -14.39 -52.07 -16.20
N THR YC 943 -15.27 -51.07 -16.31
CA THR YC 943 -16.53 -51.31 -17.00
C THR YC 943 -16.36 -51.20 -18.51
N ALA YC 944 -15.84 -50.07 -18.98
CA ALA YC 944 -16.01 -49.73 -20.40
C ALA YC 944 -15.08 -50.53 -21.30
N LEU YC 945 -13.77 -50.38 -21.12
CA LEU YC 945 -12.80 -50.74 -22.14
C LEU YC 945 -12.36 -52.19 -22.01
N ASP YC 946 -11.86 -52.74 -23.12
CA ASP YC 946 -11.37 -54.11 -23.19
C ASP YC 946 -9.88 -54.17 -22.82
N MET YC 947 -9.26 -55.32 -23.09
CA MET YC 947 -7.82 -55.45 -22.83
C MET YC 947 -7.18 -56.62 -23.59
N SER YC 948 -6.00 -57.06 -23.13
CA SER YC 948 -5.03 -57.72 -23.99
C SER YC 948 -5.29 -59.21 -24.24
N ARG YC 949 -6.49 -59.70 -23.99
CA ARG YC 949 -6.86 -61.02 -24.47
C ARG YC 949 -7.43 -60.92 -25.87
N PRO YC 950 -7.63 -62.03 -26.57
CA PRO YC 950 -8.07 -61.96 -27.96
C PRO YC 950 -9.45 -61.33 -28.11
N MET YC 951 -9.65 -60.66 -29.25
CA MET YC 951 -10.87 -59.89 -29.47
C MET YC 951 -12.10 -60.79 -29.55
N PHE YC 952 -11.94 -62.05 -29.97
CA PHE YC 952 -13.09 -62.94 -30.01
C PHE YC 952 -13.56 -63.26 -28.60
N LEU YC 953 -12.64 -63.29 -27.63
CA LEU YC 953 -13.04 -63.44 -26.23
C LEU YC 953 -13.59 -62.15 -25.67
N GLU YC 954 -13.05 -61.01 -26.09
CA GLU YC 954 -13.49 -59.73 -25.52
C GLU YC 954 -14.78 -59.20 -26.13
N LEU YC 955 -15.23 -59.75 -27.25
CA LEU YC 955 -16.49 -59.32 -27.86
C LEU YC 955 -17.69 -60.11 -27.38
N GLY YC 956 -17.48 -61.15 -26.58
CA GLY YC 956 -18.57 -61.92 -26.03
C GLY YC 956 -18.66 -61.77 -24.52
N ARG YC 957 -18.49 -60.55 -24.03
CA ARG YC 957 -18.50 -60.27 -22.61
C ARG YC 957 -19.72 -59.43 -22.26
N SER YC 958 -20.34 -59.76 -21.12
CA SER YC 958 -21.45 -59.00 -20.57
C SER YC 958 -20.94 -58.18 -19.41
N PHE YC 959 -21.04 -56.85 -19.53
CA PHE YC 959 -20.45 -55.97 -18.52
C PHE YC 959 -21.20 -56.06 -17.20
N LYS YC 960 -22.52 -56.20 -17.26
CA LYS YC 960 -23.28 -56.42 -16.03
C LYS YC 960 -23.16 -57.88 -15.59
N GLY YC 961 -23.29 -58.09 -14.29
CA GLY YC 961 -23.06 -59.42 -13.75
C GLY YC 961 -24.31 -60.16 -13.36
N ALA YC 962 -25.32 -59.44 -12.85
CA ALA YC 962 -26.57 -60.06 -12.45
C ALA YC 962 -27.81 -59.28 -12.87
N ASP YC 963 -27.65 -58.13 -13.53
CA ASP YC 963 -28.78 -57.32 -13.97
C ASP YC 963 -29.34 -57.79 -15.31
N GLY YC 964 -28.64 -58.71 -15.98
CA GLY YC 964 -29.09 -59.15 -17.29
C GLY YC 964 -30.38 -59.94 -17.22
N GLN YC 965 -31.11 -59.93 -18.32
CA GLN YC 965 -32.39 -60.63 -18.39
C GLN YC 965 -32.17 -62.07 -18.82
N SER YC 966 -32.86 -62.98 -18.15
CA SER YC 966 -32.74 -64.40 -18.45
C SER YC 966 -33.60 -64.77 -19.65
N VAL YC 967 -33.55 -66.04 -20.02
CA VAL YC 967 -34.45 -66.54 -21.06
C VAL YC 967 -35.90 -66.48 -20.57
N GLU YC 968 -36.12 -66.75 -19.29
CA GLU YC 968 -37.45 -66.63 -18.71
C GLU YC 968 -37.96 -65.20 -18.74
N VAL YC 969 -37.07 -64.21 -18.73
CA VAL YC 969 -37.47 -62.82 -18.70
C VAL YC 969 -38.23 -62.41 -19.97
N GLY YC 970 -37.99 -63.11 -21.08
CA GLY YC 970 -38.65 -62.77 -22.32
C GLY YC 970 -40.08 -63.23 -22.34
N VAL YC 971 -40.53 -63.83 -23.44
CA VAL YC 971 -41.94 -64.22 -23.52
C VAL YC 971 -42.06 -65.63 -22.97
N GLY YC 972 -41.97 -65.75 -21.65
CA GLY YC 972 -41.85 -67.05 -21.01
C GLY YC 972 -40.74 -67.87 -21.63
N THR YC 973 -41.07 -69.13 -21.89
CA THR YC 973 -40.25 -70.17 -22.52
C THR YC 973 -40.93 -71.48 -22.16
N LEU YC 974 -41.90 -71.37 -21.26
CA LEU YC 974 -42.70 -72.49 -20.79
C LEU YC 974 -43.98 -72.67 -21.58
N ARG YC 975 -44.34 -71.70 -22.42
CA ARG YC 975 -45.58 -71.75 -23.17
C ARG YC 975 -45.48 -72.49 -24.48
N ARG YC 976 -44.32 -72.47 -25.14
CA ARG YC 976 -44.16 -73.31 -26.33
C ARG YC 976 -43.92 -74.76 -25.98
N GLN YC 977 -43.36 -75.04 -24.81
CA GLN YC 977 -43.25 -76.43 -24.35
C GLN YC 977 -44.62 -76.97 -23.96
N LEU YC 978 -45.42 -76.18 -23.28
CA LEU YC 978 -46.74 -76.60 -22.83
C LEU YC 978 -47.72 -76.83 -23.97
N GLU YC 979 -47.48 -76.25 -25.14
CA GLU YC 979 -48.37 -76.41 -26.29
C GLU YC 979 -47.91 -77.61 -27.10
N HIS YC 980 -48.84 -78.50 -27.40
CA HIS YC 980 -48.58 -79.68 -28.22
C HIS YC 980 -49.59 -79.73 -29.35
N ILE YC 981 -49.27 -80.53 -30.36
CA ILE YC 981 -50.13 -80.72 -31.52
C ILE YC 981 -50.53 -82.19 -31.57
N TYR YC 982 -51.82 -82.45 -31.50
CA TYR YC 982 -52.35 -83.80 -31.51
C TYR YC 982 -53.11 -84.05 -32.80
N ARG YC 983 -52.84 -85.20 -33.42
CA ARG YC 983 -53.42 -85.53 -34.72
C ARG YC 983 -54.48 -86.61 -34.65
N ILE YC 984 -54.16 -87.74 -34.02
CA ILE YC 984 -54.93 -88.95 -33.66
C ILE YC 984 -54.38 -90.12 -34.47
N ALA YC 985 -54.13 -89.91 -35.77
CA ALA YC 985 -53.53 -90.91 -36.65
C ALA YC 985 -54.30 -92.23 -36.62
N PRO YC 986 -55.46 -92.32 -37.32
CA PRO YC 986 -56.55 -93.27 -36.98
C PRO YC 986 -56.21 -94.66 -36.48
N ASP YC 987 -55.14 -95.27 -37.00
CA ASP YC 987 -54.72 -96.59 -36.55
C ASP YC 987 -53.51 -96.49 -35.61
N ALA YC 988 -53.66 -95.70 -34.55
CA ALA YC 988 -52.51 -95.44 -33.68
C ALA YC 988 -52.86 -95.57 -32.20
N THR YC 989 -53.52 -96.68 -31.83
CA THR YC 989 -53.45 -97.20 -30.47
C THR YC 989 -54.29 -96.42 -29.45
N ARG YC 990 -54.94 -97.17 -28.56
CA ARG YC 990 -55.91 -96.61 -27.64
C ARG YC 990 -55.30 -95.61 -26.67
N SER YC 991 -54.05 -95.82 -26.26
CA SER YC 991 -53.45 -94.92 -25.27
C SER YC 991 -53.25 -93.53 -25.84
N GLU YC 992 -52.62 -93.43 -27.02
CA GLU YC 992 -52.46 -92.12 -27.65
C GLU YC 992 -53.81 -91.54 -28.06
N LYS YC 993 -54.76 -92.40 -28.46
CA LYS YC 993 -56.10 -91.90 -28.77
C LYS YC 993 -56.75 -91.27 -27.53
N ASP YC 994 -56.61 -91.92 -26.37
CA ASP YC 994 -57.19 -91.39 -25.15
C ASP YC 994 -56.51 -90.09 -24.73
N VAL YC 995 -55.19 -90.01 -24.91
CA VAL YC 995 -54.49 -88.78 -24.57
C VAL YC 995 -54.95 -87.63 -25.45
N ALA YC 996 -55.09 -87.89 -26.76
CA ALA YC 996 -55.57 -86.86 -27.68
C ALA YC 996 -56.99 -86.44 -27.34
N ILE YC 997 -57.86 -87.40 -26.99
CA ILE YC 997 -59.25 -87.08 -26.68
C ILE YC 997 -59.33 -86.29 -25.38
N ASN YC 998 -58.49 -86.64 -24.40
CA ASN YC 998 -58.47 -85.92 -23.14
C ASN YC 998 -58.01 -84.47 -23.35
N ALA YC 999 -57.05 -84.27 -24.26
CA ALA YC 999 -56.65 -82.90 -24.61
C ALA YC 999 -57.81 -82.09 -25.18
N ILE YC 1000 -58.70 -82.73 -25.95
CA ILE YC 1000 -59.86 -82.01 -26.49
C ILE YC 1000 -60.75 -81.51 -25.37
N TYR YC 1001 -61.01 -82.35 -24.37
CA TYR YC 1001 -61.82 -81.92 -23.24
C TYR YC 1001 -61.12 -80.80 -22.47
N ARG YC 1002 -59.80 -80.95 -22.26
CA ARG YC 1002 -59.06 -79.96 -21.50
C ARG YC 1002 -59.02 -78.61 -22.21
N GLN YC 1003 -59.15 -78.62 -23.55
CA GLN YC 1003 -59.20 -77.35 -24.26
C GLN YC 1003 -60.61 -76.78 -24.27
N VAL YC 1004 -61.61 -77.58 -24.67
CA VAL YC 1004 -62.94 -77.05 -24.86
C VAL YC 1004 -63.64 -76.83 -23.53
N LEU YC 1005 -63.88 -77.91 -22.78
CA LEU YC 1005 -64.57 -77.84 -21.50
C LEU YC 1005 -63.53 -77.99 -20.39
N ASP YC 1006 -63.15 -76.85 -19.80
CA ASP YC 1006 -61.78 -76.57 -19.33
C ASP YC 1006 -61.08 -77.77 -18.74
N VAL YC 1007 -61.67 -78.36 -17.69
CA VAL YC 1007 -61.22 -79.58 -16.99
C VAL YC 1007 -59.70 -79.61 -16.78
N PHE YC 1008 -59.20 -78.61 -16.05
CA PHE YC 1008 -57.76 -78.40 -15.95
C PHE YC 1008 -57.02 -79.55 -15.28
N ALA YC 1009 -57.71 -80.44 -14.58
CA ALA YC 1009 -57.13 -81.73 -14.22
C ALA YC 1009 -56.87 -82.62 -15.42
N GLY YC 1010 -57.50 -82.33 -16.57
CA GLY YC 1010 -57.22 -83.03 -17.80
C GLY YC 1010 -58.01 -84.30 -18.02
N ILE YC 1011 -58.86 -84.67 -17.06
CA ILE YC 1011 -59.68 -85.87 -17.17
C ILE YC 1011 -61.08 -85.61 -16.62
N PRO YC 1012 -62.12 -85.85 -17.40
CA PRO YC 1012 -63.47 -85.89 -16.83
C PRO YC 1012 -63.64 -87.16 -16.00
N PRO YC 1013 -63.99 -87.02 -14.71
CA PRO YC 1013 -63.92 -88.17 -13.81
C PRO YC 1013 -65.01 -89.21 -14.05
N SER YC 1014 -64.96 -89.88 -15.19
CA SER YC 1014 -66.03 -90.77 -15.67
C SER YC 1014 -67.32 -89.99 -15.90
N TYR YC 1015 -67.15 -88.69 -16.15
CA TYR YC 1015 -68.16 -87.67 -16.26
C TYR YC 1015 -68.55 -87.52 -17.72
N LEU YC 1016 -69.08 -86.34 -18.08
CA LEU YC 1016 -69.84 -85.99 -19.27
C LEU YC 1016 -69.44 -86.74 -20.53
N ARG YC 1017 -68.16 -86.65 -20.91
CA ARG YC 1017 -67.59 -87.39 -22.02
C ARG YC 1017 -68.40 -87.17 -23.29
N LEU YC 1018 -68.50 -88.20 -24.13
CA LEU YC 1018 -69.46 -88.19 -25.23
C LEU YC 1018 -69.73 -89.60 -25.73
N SER YC 1019 -70.86 -90.19 -25.32
CA SER YC 1019 -71.21 -91.52 -25.78
C SER YC 1019 -71.53 -91.51 -27.26
N GLU YC 1020 -70.91 -92.45 -27.98
CA GLU YC 1020 -70.85 -92.56 -29.44
C GLU YC 1020 -69.92 -91.56 -30.11
N ALA YC 1021 -69.47 -90.52 -29.41
CA ALA YC 1021 -68.56 -89.59 -30.08
C ALA YC 1021 -67.13 -90.14 -30.03
N GLU YC 1022 -66.76 -90.78 -28.93
CA GLU YC 1022 -65.46 -91.45 -28.88
C GLU YC 1022 -65.39 -92.58 -29.90
N SER YC 1023 -66.46 -93.33 -30.05
CA SER YC 1023 -66.48 -94.38 -31.07
C SER YC 1023 -66.40 -93.81 -32.47
N LYS YC 1024 -67.14 -92.73 -32.77
CA LYS YC 1024 -67.07 -92.16 -34.10
C LYS YC 1024 -65.71 -91.54 -34.38
N LEU YC 1025 -65.04 -91.02 -33.34
CA LEU YC 1025 -63.66 -90.56 -33.53
C LEU YC 1025 -62.72 -91.72 -33.80
N LYS YC 1026 -62.80 -92.77 -33.00
CA LYS YC 1026 -61.85 -93.87 -33.10
C LYS YC 1026 -62.02 -94.64 -34.40
N ASN YC 1027 -63.25 -94.70 -34.92
CA ASN YC 1027 -63.46 -95.43 -36.16
C ASN YC 1027 -63.23 -94.53 -37.37
N ASN YC 1028 -62.86 -93.27 -37.12
CA ASN YC 1028 -62.55 -92.29 -38.15
C ASN YC 1028 -63.78 -91.87 -38.96
N GLU YC 1029 -64.97 -92.20 -38.49
CA GLU YC 1029 -66.18 -91.68 -39.14
C GLU YC 1029 -66.25 -90.17 -39.00
N ILE YC 1030 -65.84 -89.65 -37.85
CA ILE YC 1030 -65.90 -88.22 -37.56
C ILE YC 1030 -64.48 -87.69 -37.45
N SER YC 1031 -64.32 -86.42 -37.80
CA SER YC 1031 -63.05 -85.73 -37.71
C SER YC 1031 -62.92 -85.06 -36.34
N VAL YC 1032 -61.70 -84.60 -36.04
CA VAL YC 1032 -61.48 -83.91 -34.77
C VAL YC 1032 -62.23 -82.59 -34.73
N ARG YC 1033 -62.27 -81.87 -35.86
CA ARG YC 1033 -63.03 -80.64 -35.91
C ARG YC 1033 -64.52 -80.91 -35.73
N GLU YC 1034 -65.01 -81.99 -36.33
CA GLU YC 1034 -66.42 -82.35 -36.17
C GLU YC 1034 -66.74 -82.71 -34.72
N PHE YC 1035 -65.83 -83.44 -34.07
CA PHE YC 1035 -66.05 -83.77 -32.66
C PHE YC 1035 -66.03 -82.53 -31.80
N VAL YC 1036 -65.14 -81.58 -32.11
CA VAL YC 1036 -65.10 -80.33 -31.37
C VAL YC 1036 -66.40 -79.56 -31.55
N ARG YC 1037 -66.93 -79.51 -32.78
CA ARG YC 1037 -68.20 -78.83 -33.00
C ARG YC 1037 -69.34 -79.52 -32.27
N ARG YC 1038 -69.32 -80.86 -32.24
CA ARG YC 1038 -70.36 -81.59 -31.49
C ARG YC 1038 -70.28 -81.29 -30.00
N LEU YC 1039 -69.07 -81.26 -29.45
CA LEU YC 1039 -68.91 -80.95 -28.03
C LEU YC 1039 -69.33 -79.52 -27.75
N GLY YC 1040 -69.13 -78.62 -28.70
CA GLY YC 1040 -69.50 -77.22 -28.48
C GLY YC 1040 -71.00 -77.02 -28.33
N ARG YC 1041 -71.78 -77.68 -29.18
CA ARG YC 1041 -73.24 -77.55 -29.15
C ARG YC 1041 -73.81 -78.75 -28.41
N SER YC 1042 -74.12 -78.55 -27.14
CA SER YC 1042 -74.71 -79.61 -26.34
C SER YC 1042 -75.20 -79.01 -25.02
N GLU YC 1043 -76.03 -79.78 -24.33
CA GLU YC 1043 -76.49 -79.39 -23.00
C GLU YC 1043 -75.32 -79.24 -22.04
N ASN YC 1044 -74.31 -80.10 -22.18
CA ASN YC 1044 -73.23 -80.16 -21.21
C ASN YC 1044 -72.25 -79.00 -21.35
N TYR YC 1045 -72.25 -78.32 -22.50
CA TYR YC 1045 -71.52 -77.07 -22.66
C TYR YC 1045 -72.38 -75.87 -22.36
N ARG YC 1046 -73.66 -75.90 -22.75
CA ARG YC 1046 -74.55 -74.77 -22.53
C ARG YC 1046 -74.76 -74.52 -21.04
N LYS YC 1047 -74.94 -75.60 -20.26
CA LYS YC 1047 -75.21 -75.44 -18.83
C LYS YC 1047 -73.98 -74.93 -18.09
N ARG YC 1048 -72.79 -75.19 -18.62
CA ARG YC 1048 -71.57 -74.89 -17.89
C ARG YC 1048 -70.88 -73.62 -18.35
N PHE YC 1049 -71.14 -73.16 -19.57
CA PHE YC 1049 -70.49 -71.95 -20.07
C PHE YC 1049 -71.44 -70.95 -20.70
N PHE YC 1050 -72.76 -71.15 -20.61
CA PHE YC 1050 -73.73 -70.21 -21.15
C PHE YC 1050 -74.75 -69.73 -20.12
N GLU YC 1051 -75.12 -70.56 -19.15
CA GLU YC 1051 -76.13 -70.15 -18.18
C GLU YC 1051 -75.68 -69.03 -17.26
N PRO YC 1052 -74.67 -69.21 -16.39
CA PRO YC 1052 -74.40 -68.19 -15.39
C PRO YC 1052 -73.46 -67.12 -15.88
N TYR YC 1053 -73.76 -66.54 -17.05
CA TYR YC 1053 -72.87 -65.53 -17.62
C TYR YC 1053 -73.70 -64.53 -18.40
N SER YC 1054 -73.23 -63.28 -18.43
CA SER YC 1054 -73.88 -62.24 -19.20
C SER YC 1054 -73.58 -62.45 -20.68
N SER YC 1055 -73.97 -61.50 -21.52
CA SER YC 1055 -73.81 -61.81 -22.93
C SER YC 1055 -72.96 -60.84 -23.75
N PRO YC 1056 -71.86 -60.26 -23.19
CA PRO YC 1056 -70.66 -60.09 -24.02
C PRO YC 1056 -69.57 -61.10 -23.66
N LYS YC 1057 -69.78 -61.81 -22.54
CA LYS YC 1057 -68.74 -62.64 -21.95
C LYS YC 1057 -68.82 -64.09 -22.38
N VAL YC 1058 -70.02 -64.59 -22.66
CA VAL YC 1058 -70.15 -65.91 -23.25
C VAL YC 1058 -69.45 -65.97 -24.59
N VAL YC 1059 -69.48 -64.87 -25.35
CA VAL YC 1059 -68.79 -64.80 -26.63
C VAL YC 1059 -67.29 -64.98 -26.44
N GLU YC 1060 -66.70 -64.28 -25.48
CA GLU YC 1060 -65.26 -64.40 -25.30
C GLU YC 1060 -64.87 -65.74 -24.70
N LEU YC 1061 -65.70 -66.32 -23.83
CA LEU YC 1061 -65.41 -67.66 -23.34
C LEU YC 1061 -65.46 -68.68 -24.46
N LEU YC 1062 -66.46 -68.58 -25.34
CA LEU YC 1062 -66.52 -69.47 -26.49
C LEU YC 1062 -65.34 -69.26 -27.42
N THR YC 1063 -64.93 -68.02 -27.66
CA THR YC 1063 -63.81 -67.77 -28.55
C THR YC 1063 -62.50 -68.24 -27.93
N LYS YC 1064 -62.41 -68.23 -26.61
CA LYS YC 1064 -61.21 -68.71 -25.93
C LYS YC 1064 -61.14 -70.23 -26.00
N HIS YC 1065 -62.27 -70.89 -25.79
CA HIS YC 1065 -62.29 -72.34 -25.79
C HIS YC 1065 -62.01 -72.93 -27.17
N PHE YC 1066 -62.54 -72.28 -28.22
CA PHE YC 1066 -62.42 -72.82 -29.58
C PHE YC 1066 -61.33 -72.19 -30.42
N LEU YC 1067 -60.75 -71.06 -29.99
CA LEU YC 1067 -59.71 -70.39 -30.74
C LEU YC 1067 -58.49 -70.08 -29.89
N GLY YC 1068 -58.57 -70.22 -28.58
CA GLY YC 1068 -57.45 -69.93 -27.71
C GLY YC 1068 -57.03 -68.49 -27.67
N ARG YC 1069 -57.99 -67.56 -27.64
CA ARG YC 1069 -57.64 -66.15 -27.53
C ARG YC 1069 -58.86 -65.39 -27.02
N ALA YC 1070 -58.67 -64.10 -26.75
CA ALA YC 1070 -59.72 -63.15 -26.46
C ALA YC 1070 -60.36 -62.66 -27.74
N PRO YC 1071 -61.51 -62.01 -27.67
CA PRO YC 1071 -62.09 -61.42 -28.89
C PRO YC 1071 -61.20 -60.32 -29.44
N ILE YC 1072 -61.21 -60.19 -30.77
CA ILE YC 1072 -60.23 -59.35 -31.44
C ILE YC 1072 -60.50 -57.87 -31.15
N SER YC 1073 -61.67 -57.39 -31.56
CA SER YC 1073 -61.99 -55.98 -31.47
C SER YC 1073 -63.45 -55.81 -31.09
N GLN YC 1074 -63.88 -54.54 -31.00
CA GLN YC 1074 -65.27 -54.25 -30.64
C GLN YC 1074 -66.25 -54.70 -31.71
N GLN YC 1075 -65.82 -54.75 -32.97
CA GLN YC 1075 -66.71 -55.15 -34.04
C GLN YC 1075 -67.11 -56.61 -33.96
N GLU YC 1076 -66.30 -57.44 -33.30
CA GLU YC 1076 -66.63 -58.86 -33.13
C GLU YC 1076 -67.77 -59.07 -32.14
N ILE YC 1077 -68.02 -58.10 -31.26
CA ILE YC 1077 -69.09 -58.11 -30.27
C ILE YC 1077 -70.29 -57.39 -30.87
N SER YC 1078 -70.27 -57.26 -32.17
CA SER YC 1078 -71.44 -57.13 -33.03
C SER YC 1078 -71.80 -58.47 -33.68
N THR YC 1079 -70.85 -59.11 -34.35
CA THR YC 1079 -71.12 -60.32 -35.10
C THR YC 1079 -71.54 -61.48 -34.18
N TYR YC 1080 -70.66 -61.86 -33.25
CA TYR YC 1080 -71.00 -62.99 -32.40
C TYR YC 1080 -72.14 -62.69 -31.44
N VAL YC 1081 -72.26 -61.44 -31.00
CA VAL YC 1081 -73.39 -61.03 -30.17
C VAL YC 1081 -74.71 -61.21 -30.92
N GLN YC 1082 -74.79 -60.72 -32.16
CA GLN YC 1082 -76.02 -60.89 -32.92
C GLN YC 1082 -76.29 -62.35 -33.25
N ILE YC 1083 -75.23 -63.14 -33.50
CA ILE YC 1083 -75.42 -64.56 -33.77
C ILE YC 1083 -76.03 -65.24 -32.55
N LEU YC 1084 -75.50 -64.96 -31.36
CA LEU YC 1084 -76.06 -65.49 -30.13
C LEU YC 1084 -77.50 -65.03 -29.90
N GLY YC 1085 -77.79 -63.75 -30.15
CA GLY YC 1085 -79.11 -63.22 -29.92
C GLY YC 1085 -80.18 -63.76 -30.84
N THR YC 1086 -79.86 -63.94 -32.12
CA THR YC 1086 -80.85 -64.38 -33.09
C THR YC 1086 -80.89 -65.89 -33.29
N LYS YC 1087 -79.75 -66.52 -33.54
CA LYS YC 1087 -79.73 -67.94 -33.87
C LYS YC 1087 -79.28 -68.84 -32.74
N GLY YC 1088 -79.02 -68.28 -31.56
CA GLY YC 1088 -78.74 -69.09 -30.40
C GLY YC 1088 -77.32 -69.59 -30.34
N LEU YC 1089 -77.12 -70.52 -29.40
CA LEU YC 1089 -75.77 -70.99 -29.08
C LEU YC 1089 -75.21 -71.88 -30.18
N ALA YC 1090 -76.07 -72.68 -30.81
CA ALA YC 1090 -75.57 -73.65 -31.81
C ALA YC 1090 -75.01 -72.95 -33.04
N ALA YC 1091 -75.72 -71.94 -33.54
CA ALA YC 1091 -75.23 -71.22 -34.71
C ALA YC 1091 -73.94 -70.47 -34.40
N ALA YC 1092 -73.84 -69.90 -33.19
CA ALA YC 1092 -72.60 -69.24 -32.80
C ALA YC 1092 -71.44 -70.23 -32.72
N VAL YC 1093 -71.68 -71.42 -32.16
CA VAL YC 1093 -70.61 -72.41 -32.05
C VAL YC 1093 -70.23 -72.93 -33.43
N ASP YC 1094 -71.17 -72.94 -34.37
CA ASP YC 1094 -70.83 -73.35 -35.72
C ASP YC 1094 -70.06 -72.27 -36.47
N ALA YC 1095 -70.37 -71.00 -36.20
CA ALA YC 1095 -69.67 -69.90 -36.87
C ALA YC 1095 -68.19 -69.88 -36.49
N ILE YC 1096 -67.89 -70.13 -35.21
CA ILE YC 1096 -66.50 -70.17 -34.78
C ILE YC 1096 -65.76 -71.32 -35.44
N VAL YC 1097 -66.39 -72.50 -35.48
CA VAL YC 1097 -65.75 -73.67 -36.06
C VAL YC 1097 -65.55 -73.54 -37.57
N GLU YC 1098 -66.46 -72.86 -38.26
CA GLU YC 1098 -66.34 -72.69 -39.71
C GLU YC 1098 -65.61 -71.42 -40.09
N SER YC 1099 -65.10 -70.67 -39.11
CA SER YC 1099 -64.37 -69.44 -39.40
C SER YC 1099 -63.03 -69.76 -40.03
N PRO YC 1100 -62.55 -68.89 -40.91
CA PRO YC 1100 -61.22 -69.12 -41.52
C PRO YC 1100 -60.08 -69.16 -40.51
N GLU YC 1101 -60.18 -68.38 -39.43
CA GLU YC 1101 -59.11 -68.36 -38.43
C GLU YC 1101 -58.95 -69.72 -37.77
N TYR YC 1102 -60.06 -70.38 -37.47
CA TYR YC 1102 -59.99 -71.75 -36.98
C TYR YC 1102 -59.43 -72.68 -38.04
N LEU YC 1103 -59.84 -72.49 -39.30
CA LEU YC 1103 -59.52 -73.45 -40.35
C LEU YC 1103 -58.02 -73.44 -40.67
N THR YC 1104 -57.42 -72.27 -40.81
CA THR YC 1104 -56.00 -72.21 -41.14
C THR YC 1104 -55.15 -72.68 -39.96
N ILE YC 1105 -55.47 -72.22 -38.76
CA ILE YC 1105 -54.63 -72.52 -37.60
C ILE YC 1105 -54.74 -73.99 -37.22
N PHE YC 1106 -55.97 -74.50 -37.13
CA PHE YC 1106 -56.20 -75.88 -36.70
C PHE YC 1106 -56.62 -76.79 -37.83
N ASN YC 1107 -57.58 -76.38 -38.65
CA ASN YC 1107 -58.10 -77.21 -39.72
C ASN YC 1107 -58.75 -78.47 -39.16
N GLU YC 1108 -58.76 -79.54 -39.95
CA GLU YC 1108 -59.61 -80.69 -39.64
C GLU YC 1108 -59.11 -81.49 -38.44
N ASP YC 1109 -57.79 -81.67 -38.29
CA ASP YC 1109 -57.31 -82.78 -37.48
C ASP YC 1109 -56.18 -82.40 -36.52
N ILE YC 1110 -56.34 -81.29 -35.78
CA ILE YC 1110 -55.49 -81.03 -34.62
C ILE YC 1110 -56.36 -80.47 -33.50
N VAL YC 1111 -56.12 -80.93 -32.28
CA VAL YC 1111 -56.88 -80.45 -31.13
C VAL YC 1111 -56.51 -79.00 -30.86
N PRO YC 1112 -57.48 -78.13 -30.59
CA PRO YC 1112 -57.16 -76.73 -30.30
C PRO YC 1112 -56.37 -76.60 -29.01
N TYR YC 1113 -55.57 -75.53 -28.93
CA TYR YC 1113 -54.70 -75.30 -27.79
C TYR YC 1113 -54.60 -73.80 -27.52
N ARG YC 1114 -53.97 -73.46 -26.41
CA ARG YC 1114 -53.66 -72.07 -26.12
C ARG YC 1114 -52.68 -71.54 -27.15
N ARG YC 1115 -52.87 -70.30 -27.58
CA ARG YC 1115 -52.06 -69.76 -28.65
C ARG YC 1115 -51.26 -68.52 -28.28
N TYR YC 1116 -51.88 -67.53 -27.65
CA TYR YC 1116 -51.25 -66.23 -27.39
C TYR YC 1116 -50.78 -65.59 -28.69
N PRO YC 1117 -51.70 -65.16 -29.55
CA PRO YC 1117 -51.29 -64.60 -30.84
C PRO YC 1117 -50.59 -63.26 -30.67
N THR YC 1118 -50.00 -62.77 -31.77
CA THR YC 1118 -49.20 -61.56 -31.70
C THR YC 1118 -49.78 -60.45 -32.57
N LEU YC 1119 -50.23 -60.80 -33.78
CA LEU YC 1119 -50.58 -59.85 -34.83
C LEU YC 1119 -51.77 -58.91 -34.59
N PRO YC 1120 -52.83 -59.27 -33.84
CA PRO YC 1120 -53.96 -58.32 -33.70
C PRO YC 1120 -53.70 -57.07 -32.84
N ALA YC 1121 -52.44 -56.76 -32.48
CA ALA YC 1121 -52.12 -55.50 -31.82
C ALA YC 1121 -52.79 -55.35 -30.46
N GLY YC 1122 -52.38 -56.18 -29.49
CA GLY YC 1122 -53.02 -56.23 -28.19
C GLY YC 1122 -53.65 -57.56 -27.87
N ASN YC 1123 -53.91 -58.38 -28.88
CA ASN YC 1123 -54.42 -59.71 -28.66
C ASN YC 1123 -53.46 -60.58 -27.86
N TYR YC 1124 -52.15 -60.29 -27.91
CA TYR YC 1124 -51.21 -61.06 -27.10
C TYR YC 1124 -51.50 -60.88 -25.62
N ARG YC 1125 -51.56 -59.63 -25.15
CA ARG YC 1125 -51.82 -59.43 -23.74
C ARG YC 1125 -53.25 -59.80 -23.38
N ALA YC 1126 -54.20 -59.60 -24.29
CA ALA YC 1126 -55.57 -60.03 -24.03
C ALA YC 1126 -55.66 -61.53 -23.85
N SER YC 1127 -54.95 -62.29 -24.69
CA SER YC 1127 -54.97 -63.74 -24.58
C SER YC 1127 -54.22 -64.21 -23.34
N VAL YC 1128 -53.13 -63.52 -22.99
CA VAL YC 1128 -52.41 -63.86 -21.78
C VAL YC 1128 -53.29 -63.65 -20.56
N ARG YC 1129 -54.09 -62.59 -20.57
CA ARG YC 1129 -54.97 -62.33 -19.44
C ARG YC 1129 -56.14 -63.31 -19.40
N VAL YC 1130 -56.78 -63.57 -20.53
CA VAL YC 1130 -58.01 -64.36 -20.53
C VAL YC 1130 -57.73 -65.81 -20.17
N ASN YC 1131 -56.62 -66.36 -20.64
CA ASN YC 1131 -56.23 -67.72 -20.29
C ASN YC 1131 -54.86 -67.70 -19.63
N ASP YC 1132 -54.74 -68.49 -18.56
CA ASP YC 1132 -53.48 -68.64 -17.81
C ASP YC 1132 -53.12 -67.37 -17.04
N GLU YC 1133 -54.11 -66.49 -16.85
CA GLU YC 1133 -53.94 -65.38 -15.92
C GLU YC 1133 -55.20 -65.22 -15.07
N GLU YC 1134 -56.35 -65.66 -15.59
CA GLU YC 1134 -57.61 -65.59 -14.87
C GLU YC 1134 -58.38 -66.87 -15.12
N LEU YC 1135 -58.84 -67.50 -14.05
CA LEU YC 1135 -59.52 -68.77 -14.14
C LEU YC 1135 -61.04 -68.54 -14.14
N ILE YC 1136 -61.79 -69.63 -14.02
CA ILE YC 1136 -63.24 -69.56 -14.12
C ILE YC 1136 -63.82 -69.41 -12.71
N SER YC 1137 -64.48 -68.28 -12.46
CA SER YC 1137 -65.28 -68.07 -11.28
C SER YC 1137 -66.75 -68.34 -11.62
N GLN YC 1138 -67.65 -68.02 -10.69
CA GLN YC 1138 -69.09 -68.12 -10.96
C GLN YC 1138 -69.53 -69.54 -11.31
N SER YC 1139 -69.51 -70.43 -10.31
CA SER YC 1139 -69.95 -71.82 -10.50
C SER YC 1139 -71.32 -71.89 -11.14
N TRP YC 1140 -71.50 -72.86 -12.03
CA TRP YC 1140 -72.65 -72.85 -12.95
C TRP YC 1140 -73.96 -73.05 -12.21
N SER YC 1141 -73.97 -73.92 -11.20
CA SER YC 1141 -75.22 -74.22 -10.54
C SER YC 1141 -75.60 -73.10 -9.57
N SER YC 1142 -76.88 -72.77 -9.56
CA SER YC 1142 -77.44 -71.79 -8.64
C SER YC 1142 -78.23 -72.46 -7.53
N LEU YC 1143 -77.83 -73.67 -7.13
CA LEU YC 1143 -78.67 -74.48 -6.26
C LEU YC 1143 -78.28 -74.30 -4.80
N SER YC 1144 -77.01 -74.05 -4.51
CA SER YC 1144 -76.63 -73.78 -3.14
C SER YC 1144 -75.38 -72.92 -3.08
N PRO YC 1145 -75.48 -71.66 -2.66
CA PRO YC 1145 -74.27 -70.84 -2.50
C PRO YC 1145 -73.55 -71.18 -1.22
N THR YC 1146 -72.25 -70.86 -1.20
CA THR YC 1146 -71.48 -70.94 0.03
C THR YC 1146 -71.79 -69.72 0.89
N TYR YC 1147 -72.03 -69.95 2.19
CA TYR YC 1147 -72.41 -68.84 3.06
C TYR YC 1147 -71.20 -68.09 3.59
N THR YC 1148 -69.99 -68.50 3.18
CA THR YC 1148 -68.68 -67.86 3.43
C THR YC 1148 -68.44 -67.46 4.88
N GLY YC 1149 -69.06 -68.12 5.84
CA GLY YC 1149 -68.84 -67.82 7.25
C GLY YC 1149 -68.02 -68.84 7.99
N TYR YC 1150 -67.68 -69.95 7.35
CA TYR YC 1150 -66.91 -71.03 7.95
C TYR YC 1150 -65.65 -71.23 7.12
N GLN YC 1151 -64.61 -70.46 7.44
CA GLN YC 1151 -63.32 -70.64 6.77
C GLN YC 1151 -62.43 -71.61 7.50
N TYR YC 1152 -62.84 -72.06 8.69
CA TYR YC 1152 -61.99 -72.83 9.58
C TYR YC 1152 -62.51 -74.24 9.77
N VAL YC 1153 -61.60 -75.18 9.99
CA VAL YC 1153 -61.95 -76.58 10.19
C VAL YC 1153 -61.43 -77.03 11.55
N THR YC 1154 -61.37 -76.10 12.51
CA THR YC 1154 -60.87 -76.41 13.84
C THR YC 1154 -61.81 -77.37 14.55
N ARG YC 1155 -61.28 -78.08 15.54
CA ARG YC 1155 -62.07 -79.05 16.29
C ARG YC 1155 -61.30 -79.55 17.50
N MET ZC 1 -0.66 20.00 -58.89
CA MET ZC 1 0.41 20.98 -58.99
C MET ZC 1 0.72 21.58 -57.63
N GLN ZC 2 1.89 22.20 -57.50
CA GLN ZC 2 2.33 22.76 -56.24
C GLN ZC 2 3.25 23.94 -56.50
N ASP ZC 3 3.21 24.90 -55.58
CA ASP ZC 3 4.19 25.97 -55.49
C ASP ZC 3 5.04 25.75 -54.25
N ALA ZC 4 5.93 26.71 -53.96
CA ALA ZC 4 6.76 26.59 -52.76
C ALA ZC 4 5.90 26.62 -51.50
N ILE ZC 5 4.91 27.51 -51.48
CA ILE ZC 5 4.03 27.72 -50.34
C ILE ZC 5 3.26 26.45 -50.05
N THR ZC 6 2.75 25.82 -51.10
CA THR ZC 6 1.97 24.59 -50.92
C THR ZC 6 2.88 23.40 -50.62
N ALA ZC 7 4.07 23.38 -51.20
CA ALA ZC 7 4.99 22.27 -51.01
C ALA ZC 7 5.46 22.18 -49.56
N VAL ZC 8 5.80 23.33 -48.97
CA VAL ZC 8 6.23 23.36 -47.58
C VAL ZC 8 5.11 22.88 -46.67
N ILE ZC 9 3.89 23.34 -46.95
CA ILE ZC 9 2.75 22.94 -46.13
C ILE ZC 9 2.50 21.44 -46.27
N ASN ZC 10 2.60 20.92 -47.49
CA ASN ZC 10 2.34 19.50 -47.71
C ASN ZC 10 3.39 18.61 -47.06
N ASN ZC 11 4.68 18.95 -47.14
CA ASN ZC 11 5.66 18.09 -46.51
C ASN ZC 11 5.89 18.42 -45.04
N TYR ZC 12 5.21 19.43 -44.49
CA TYR ZC 12 5.15 19.62 -43.05
C TYR ZC 12 3.87 19.07 -42.44
N ASP ZC 13 2.84 18.83 -43.26
CA ASP ZC 13 1.61 18.21 -42.78
C ASP ZC 13 1.68 16.70 -42.72
N VAL ZC 14 2.39 16.05 -43.64
CA VAL ZC 14 2.51 14.60 -43.63
C VAL ZC 14 3.16 14.11 -42.35
N GLN ZC 15 4.14 14.85 -41.83
CA GLN ZC 15 4.75 14.52 -40.55
C GLN ZC 15 4.07 15.20 -39.38
N GLY ZC 16 3.04 16.01 -39.62
CA GLY ZC 16 2.26 16.58 -38.55
C GLY ZC 16 3.00 17.53 -37.63
N LYS ZC 17 3.77 18.46 -38.19
CA LYS ZC 17 4.47 19.46 -37.42
C LYS ZC 17 3.98 20.85 -37.77
N TYR ZC 18 4.08 21.76 -36.81
CA TYR ZC 18 3.85 23.16 -37.09
C TYR ZC 18 5.03 23.73 -37.88
N LEU ZC 19 4.81 24.87 -38.52
CA LEU ZC 19 5.86 25.46 -39.33
C LEU ZC 19 6.97 26.02 -38.44
N ASP ZC 20 8.16 25.45 -38.58
CA ASP ZC 20 9.31 25.83 -37.77
C ASP ZC 20 10.18 26.84 -38.51
N GLY ZC 21 11.38 27.09 -37.98
CA GLY ZC 21 12.26 28.11 -38.55
C GLY ZC 21 12.69 27.80 -39.96
N ALA ZC 22 12.94 26.53 -40.27
CA ALA ZC 22 13.37 26.16 -41.62
C ALA ZC 22 12.26 26.41 -42.64
N ALA ZC 23 11.03 26.03 -42.28
CA ALA ZC 23 9.89 26.26 -43.18
C ALA ZC 23 9.67 27.76 -43.36
N LEU ZC 24 9.79 28.52 -42.27
CA LEU ZC 24 9.67 29.98 -42.39
C LEU ZC 24 10.76 30.58 -43.25
N ASP ZC 25 11.98 30.06 -43.19
CA ASP ZC 25 13.07 30.54 -44.02
C ASP ZC 25 12.83 30.24 -45.49
N LYS ZC 26 12.30 29.05 -45.80
CA LYS ZC 26 11.99 28.73 -47.20
C LYS ZC 26 10.88 29.63 -47.74
N LEU ZC 27 9.82 29.81 -46.94
CA LEU ZC 27 8.75 30.72 -47.33
C LEU ZC 27 9.28 32.14 -47.43
N LYS ZC 28 10.19 32.52 -46.53
CA LYS ZC 28 10.81 33.85 -46.59
C LYS ZC 28 11.58 34.03 -47.89
N ALA ZC 29 12.33 33.02 -48.30
CA ALA ZC 29 13.11 33.11 -49.53
C ALA ZC 29 12.21 33.26 -50.74
N TYR ZC 30 11.12 32.49 -50.79
CA TYR ZC 30 10.20 32.62 -51.91
C TYR ZC 30 9.54 33.99 -51.93
N PHE ZC 31 9.14 34.50 -50.75
CA PHE ZC 31 8.50 35.80 -50.70
C PHE ZC 31 9.46 36.92 -51.10
N THR ZC 32 10.73 36.80 -50.72
CA THR ZC 32 11.72 37.78 -51.15
C THR ZC 32 12.01 37.71 -52.63
N THR ZC 33 11.90 36.54 -53.25
CA THR ZC 33 12.10 36.40 -54.69
C THR ZC 33 10.76 36.43 -55.43
N GLY ZC 34 9.80 37.21 -54.94
CA GLY ZC 34 8.46 37.24 -55.48
C GLY ZC 34 8.14 38.37 -56.42
N ALA ZC 35 9.06 39.30 -56.65
CA ALA ZC 35 8.82 40.42 -57.55
C ALA ZC 35 9.52 40.30 -58.89
N VAL ZC 36 10.78 39.87 -58.89
CA VAL ZC 36 11.49 39.63 -60.14
C VAL ZC 36 10.80 38.54 -60.94
N ARG ZC 37 10.24 37.55 -60.26
CA ARG ZC 37 9.49 36.50 -60.95
C ARG ZC 37 8.28 37.07 -61.68
N VAL ZC 38 7.54 37.97 -61.02
CA VAL ZC 38 6.37 38.57 -61.62
C VAL ZC 38 6.77 39.45 -62.81
N ARG ZC 39 7.84 40.21 -62.66
CA ARG ZC 39 8.30 41.06 -63.75
C ARG ZC 39 8.73 40.23 -64.95
N ALA ZC 40 9.49 39.16 -64.70
CA ALA ZC 40 9.98 38.34 -65.80
C ALA ZC 40 8.85 37.57 -66.48
N ALA ZC 41 7.78 37.27 -65.74
CA ALA ZC 41 6.62 36.64 -66.37
C ALA ZC 41 5.99 37.56 -67.40
N ALA ZC 42 5.81 38.84 -67.05
CA ALA ZC 42 5.27 39.79 -68.01
C ALA ZC 42 6.22 40.04 -69.16
N VAL ZC 43 7.53 40.01 -68.89
CA VAL ZC 43 8.51 40.18 -69.96
C VAL ZC 43 8.44 39.01 -70.94
N ILE ZC 44 8.30 37.79 -70.42
CA ILE ZC 44 8.15 36.62 -71.28
C ILE ZC 44 6.87 36.72 -72.10
N SER ZC 45 5.78 37.11 -71.46
CA SER ZC 45 4.55 37.41 -72.18
C SER ZC 45 4.79 38.62 -73.09
N SER ZC 46 3.88 38.86 -74.03
CA SER ZC 46 4.01 39.87 -75.07
C SER ZC 46 5.13 39.54 -76.05
N ASN ZC 47 6.38 39.50 -75.58
CA ASN ZC 47 7.51 39.11 -76.41
C ASN ZC 47 7.64 37.59 -76.58
N ALA ZC 48 6.61 36.82 -76.23
CA ALA ZC 48 6.61 35.38 -76.45
C ALA ZC 48 6.85 34.99 -77.91
N THR ZC 49 6.10 35.57 -78.84
CA THR ZC 49 6.14 35.11 -80.23
C THR ZC 49 7.50 35.36 -80.88
N THR ZC 50 8.10 36.52 -80.62
CA THR ZC 50 9.44 36.77 -81.13
C THR ZC 50 10.45 35.83 -80.50
N ILE ZC 51 10.22 35.46 -79.24
CA ILE ZC 51 11.06 34.48 -78.56
C ILE ZC 51 10.98 33.15 -79.30
N ILE ZC 52 9.77 32.72 -79.64
CA ILE ZC 52 9.58 31.45 -80.34
C ILE ZC 52 10.24 31.50 -81.71
N LYS ZC 53 10.07 32.61 -82.43
CA LYS ZC 53 10.65 32.73 -83.77
C LYS ZC 53 12.17 32.70 -83.71
N GLU ZC 54 12.76 33.41 -82.75
CA GLU ZC 54 14.21 33.41 -82.61
C GLU ZC 54 14.72 32.04 -82.23
N ALA ZC 55 14.03 31.35 -81.32
CA ALA ZC 55 14.45 30.01 -80.93
C ALA ZC 55 14.36 29.04 -82.10
N ALA ZC 56 13.30 29.13 -82.89
CA ALA ZC 56 13.12 28.27 -84.05
C ALA ZC 56 14.22 28.51 -85.06
N ALA ZC 57 14.51 29.78 -85.36
CA ALA ZC 57 15.56 30.09 -86.32
C ALA ZC 57 16.93 29.65 -85.81
N LYS ZC 58 17.17 29.78 -84.51
CA LYS ZC 58 18.46 29.42 -83.94
C LYS ZC 58 18.68 27.92 -83.86
N ALA ZC 59 17.65 27.13 -83.60
CA ALA ZC 59 17.86 25.70 -83.37
C ALA ZC 59 17.17 24.82 -84.41
N LEU ZC 60 15.88 25.01 -84.61
CA LEU ZC 60 15.09 24.06 -85.39
C LEU ZC 60 15.34 24.19 -86.89
N ILE ZC 61 15.06 25.37 -87.44
CA ILE ZC 61 15.16 25.61 -88.87
C ILE ZC 61 16.64 25.56 -89.26
N TYR ZC 62 16.92 25.47 -90.56
CA TYR ZC 62 18.29 25.37 -91.08
C TYR ZC 62 18.93 24.05 -90.63
N SER ZC 63 18.18 22.96 -90.84
CA SER ZC 63 18.64 21.64 -90.44
C SER ZC 63 17.86 20.56 -91.17
N ASP ZC 64 18.00 19.31 -90.70
CA ASP ZC 64 17.30 18.17 -91.27
C ASP ZC 64 15.78 18.31 -91.17
N LEU ZC 65 15.28 19.02 -90.17
CA LEU ZC 65 13.85 19.11 -89.92
C LEU ZC 65 13.06 19.80 -91.00
N THR ZC 66 13.72 20.53 -91.92
CA THR ZC 66 13.03 21.31 -92.94
C THR ZC 66 13.09 20.68 -94.32
N ARG ZC 67 14.12 19.92 -94.64
CA ARG ZC 67 14.18 19.28 -95.95
C ARG ZC 67 13.20 18.11 -96.00
N PRO ZC 68 12.93 17.56 -97.20
CA PRO ZC 68 12.00 16.43 -97.32
C PRO ZC 68 12.38 15.22 -96.48
N GLY ZC 69 11.45 14.75 -95.67
CA GLY ZC 69 11.71 13.68 -94.75
C GLY ZC 69 11.69 14.14 -93.31
N GLY ZC 70 11.97 15.41 -93.09
CA GLY ZC 70 11.98 15.97 -91.75
C GLY ZC 70 10.62 15.97 -91.09
N MEN ZC 71 10.58 16.29 -89.80
CA MEN ZC 71 9.35 16.27 -89.05
C MEN ZC 71 8.75 17.66 -88.94
O MEN ZC 71 7.92 17.98 -88.09
CB MEN ZC 71 9.50 15.74 -87.61
CG MEN ZC 71 8.22 15.04 -87.20
OD1 MEN ZC 71 7.88 14.99 -86.00
ND2 MEN ZC 71 7.46 14.47 -88.19
CE2 MEN ZC 71 6.23 13.78 -87.94
N MET ZC 72 9.21 18.52 -89.83
CA MET ZC 72 8.79 19.91 -89.85
C MET ZC 72 8.84 20.33 -91.34
N TYR ZC 73 8.85 19.30 -92.19
CA TYR ZC 73 9.10 19.46 -93.62
C TYR ZC 73 8.06 20.37 -94.28
N THR ZC 74 6.79 20.05 -94.11
CA THR ZC 74 5.74 20.83 -94.74
C THR ZC 74 5.09 21.76 -93.74
N THR ZC 75 4.21 22.62 -94.25
CA THR ZC 75 3.30 23.32 -93.38
C THR ZC 75 2.33 22.31 -92.77
N ARG ZC 76 1.80 22.69 -91.61
CA ARG ZC 76 1.05 21.92 -90.61
C ARG ZC 76 1.96 21.05 -89.76
N ARG ZC 77 3.15 20.74 -90.27
CA ARG ZC 77 4.19 20.20 -89.41
C ARG ZC 77 5.04 21.34 -88.87
N TYR ZC 78 5.24 22.37 -89.69
CA TYR ZC 78 5.74 23.63 -89.17
C TYR ZC 78 4.75 24.26 -88.21
N ALA ZC 79 3.45 24.03 -88.45
CA ALA ZC 79 2.40 24.57 -87.59
C ALA ZC 79 2.23 23.81 -86.28
N ALA ZC 80 2.49 22.49 -86.27
CA ALA ZC 80 2.48 21.76 -85.00
C ALA ZC 80 3.61 22.22 -84.08
N CYS ZC 81 4.68 22.78 -84.66
CA CYS ZC 81 5.64 23.59 -83.92
C CYS ZC 81 5.19 25.04 -83.96
N ILE ZC 82 5.73 25.88 -83.05
CA ILE ZC 82 5.20 27.19 -82.61
C ILE ZC 82 4.09 26.92 -81.59
N ARG ZC 83 3.13 26.09 -81.99
CA ARG ZC 83 2.48 25.10 -81.14
C ARG ZC 83 3.55 24.04 -80.82
N ASP ZC 84 3.22 22.98 -80.10
CA ASP ZC 84 4.23 22.27 -79.29
C ASP ZC 84 5.02 23.22 -78.38
N MET ZC 85 5.86 24.09 -78.95
CA MET ZC 85 6.17 25.37 -78.34
C MET ZC 85 4.90 26.21 -78.19
N ASP ZC 86 5.07 27.38 -77.58
CA ASP ZC 86 4.09 28.18 -76.82
C ASP ZC 86 3.62 27.50 -75.51
N TYR ZC 87 3.61 26.16 -75.51
CA TYR ZC 87 3.94 25.32 -74.38
C TYR ZC 87 5.46 25.24 -74.35
N PHE ZC 88 6.02 24.97 -73.17
CA PHE ZC 88 7.44 25.04 -72.79
C PHE ZC 88 7.89 26.49 -72.58
N LEU ZC 89 7.17 27.41 -73.21
CA LEU ZC 89 6.73 28.70 -72.71
C LEU ZC 89 5.34 28.37 -72.18
N ARG ZC 90 4.48 29.37 -71.98
CA ARG ZC 90 3.31 29.24 -71.12
C ARG ZC 90 3.60 28.46 -69.82
N TYR ZC 91 3.69 27.14 -69.92
CA TYR ZC 91 4.31 26.36 -68.86
C TYR ZC 91 5.80 26.72 -68.77
N ALA ZC 92 6.30 26.68 -67.53
CA ALA ZC 92 7.59 27.17 -67.07
C ALA ZC 92 7.62 28.68 -66.94
N THR ZC 93 6.69 29.39 -67.60
CA THR ZC 93 6.33 30.72 -67.12
C THR ZC 93 5.42 30.59 -65.92
N TYR ZC 94 4.55 29.59 -65.94
CA TYR ZC 94 3.81 29.22 -64.74
C TYR ZC 94 4.76 28.76 -63.64
N ALA ZC 95 5.79 27.99 -64.03
CA ALA ZC 95 6.77 27.51 -63.05
C ALA ZC 95 7.54 28.66 -62.44
N MET ZC 96 7.99 29.62 -63.26
CA MET ZC 96 8.63 30.82 -62.75
C MET ZC 96 7.56 31.89 -62.53
N LEU ZC 97 6.47 31.47 -61.90
CA LEU ZC 97 5.54 32.36 -61.21
C LEU ZC 97 5.04 31.72 -59.93
N ALA ZC 98 5.05 30.38 -59.85
CA ALA ZC 98 4.64 29.63 -58.68
C ALA ZC 98 5.73 28.61 -58.40
N GLY ZC 99 6.98 29.08 -58.40
CA GLY ZC 99 8.18 28.29 -58.59
C GLY ZC 99 8.32 26.97 -57.87
N ASP ZC 100 8.22 25.92 -58.66
CA ASP ZC 100 8.35 24.52 -58.30
C ASP ZC 100 8.30 23.74 -59.61
N PRO ZC 101 9.03 22.63 -59.73
CA PRO ZC 101 8.94 21.81 -60.95
C PRO ZC 101 7.52 21.34 -61.22
N SER ZC 102 6.96 20.58 -60.26
CA SER ZC 102 5.57 20.15 -60.10
C SER ZC 102 4.66 20.27 -61.32
N ILE ZC 103 4.34 21.49 -61.71
CA ILE ZC 103 3.47 21.76 -62.84
C ILE ZC 103 4.08 21.22 -64.12
N LEU ZC 104 5.39 21.43 -64.29
CA LEU ZC 104 6.09 20.94 -65.48
C LEU ZC 104 6.10 19.42 -65.56
N ASP ZC 105 6.07 18.73 -64.42
CA ASP ZC 105 6.04 17.27 -64.42
C ASP ZC 105 4.65 16.71 -64.54
N GLU ZC 106 3.64 17.43 -64.07
CA GLU ZC 106 2.26 16.93 -64.07
C GLU ZC 106 1.50 17.25 -65.33
N ARG ZC 107 1.74 18.41 -65.96
CA ARG ZC 107 0.93 18.81 -67.10
C ARG ZC 107 1.66 18.68 -68.43
N VAL ZC 108 2.91 19.12 -68.50
CA VAL ZC 108 3.61 19.12 -69.78
C VAL ZC 108 4.49 17.88 -69.91
N LEU ZC 109 5.43 17.69 -68.99
CA LEU ZC 109 6.42 16.64 -69.14
C LEU ZC 109 5.97 15.37 -68.42
N ASN ZC 110 5.02 14.66 -69.03
CA ASN ZC 110 4.54 13.41 -68.45
C ASN ZC 110 3.88 12.57 -69.54
N GLY ZC 111 4.56 11.55 -70.03
CA GLY ZC 111 4.11 10.82 -71.18
C GLY ZC 111 4.42 11.49 -72.50
N LEU ZC 112 5.08 12.66 -72.45
CA LEU ZC 112 5.43 13.37 -73.67
C LEU ZC 112 6.40 12.55 -74.51
N LYS ZC 113 7.32 11.83 -73.85
CA LYS ZC 113 8.22 10.96 -74.58
C LYS ZC 113 7.47 9.85 -75.30
N GLU ZC 114 6.44 9.29 -74.64
CA GLU ZC 114 5.63 8.26 -75.28
C GLU ZC 114 4.88 8.83 -76.49
N THR ZC 115 4.30 10.02 -76.34
CA THR ZC 115 3.57 10.64 -77.44
C THR ZC 115 4.50 10.93 -78.61
N TYR ZC 116 5.69 11.45 -78.32
CA TYR ZC 116 6.64 11.75 -79.40
C TYR ZC 116 7.13 10.47 -80.05
N ASN ZC 117 7.36 9.42 -79.26
CA ASN ZC 117 7.78 8.15 -79.83
C ASN ZC 117 6.71 7.55 -80.72
N SER ZC 118 5.44 7.76 -80.39
CA SER ZC 118 4.36 7.27 -81.23
C SER ZC 118 4.05 8.20 -82.40
N LEU ZC 119 4.55 9.44 -82.39
CA LEU ZC 119 4.24 10.38 -83.46
C LEU ZC 119 5.47 10.89 -84.21
N GLY ZC 120 6.62 10.21 -84.07
CA GLY ZC 120 7.82 10.69 -84.73
C GLY ZC 120 8.59 11.66 -83.84
N VAL ZC 121 8.51 12.96 -84.17
CA VAL ZC 121 8.83 14.07 -83.27
C VAL ZC 121 10.21 13.96 -82.62
N PRO ZC 122 11.28 14.30 -83.33
CA PRO ZC 122 12.66 14.17 -82.80
C PRO ZC 122 12.85 14.88 -81.46
N ILE ZC 123 13.11 14.07 -80.43
CA ILE ZC 123 13.24 14.60 -79.08
C ILE ZC 123 14.48 15.46 -78.92
N ALA ZC 124 15.59 15.07 -79.57
CA ALA ZC 124 16.80 15.88 -79.53
C ALA ZC 124 16.56 17.24 -80.15
N ALA ZC 125 15.82 17.28 -81.27
CA ALA ZC 125 15.48 18.55 -81.88
C ALA ZC 125 14.60 19.39 -80.95
N THR ZC 126 13.61 18.75 -80.32
CA THR ZC 126 12.68 19.55 -79.52
C THR ZC 126 13.28 19.96 -78.18
N VAL ZC 127 14.40 19.37 -77.79
CA VAL ZC 127 15.13 19.81 -76.60
C VAL ZC 127 16.17 20.88 -76.95
N GLY ZC 128 16.79 20.78 -78.13
CA GLY ZC 128 17.61 21.88 -78.60
C GLY ZC 128 16.79 23.15 -78.81
N GLY ZC 129 15.57 23.01 -79.32
CA GLY ZC 129 14.66 24.14 -79.36
C GLY ZC 129 14.34 24.71 -78.01
N ILE ZC 130 14.24 23.86 -76.99
CA ILE ZC 130 14.03 24.33 -75.62
C ILE ZC 130 15.23 25.15 -75.13
N GLN ZC 131 16.44 24.67 -75.39
CA GLN ZC 131 17.61 25.41 -74.96
C GLN ZC 131 17.77 26.73 -75.69
N ALA ZC 132 17.37 26.79 -76.96
CA ALA ZC 132 17.38 28.06 -77.69
C ALA ZC 132 16.43 29.06 -77.04
N MET ZC 133 15.23 28.60 -76.66
CA MET ZC 133 14.29 29.47 -75.95
C MET ZC 133 14.85 29.90 -74.61
N LYS ZC 134 15.55 29.00 -73.93
CA LYS ZC 134 16.22 29.33 -72.67
C LYS ZC 134 17.20 30.48 -72.86
N GLU ZC 135 18.03 30.38 -73.89
CA GLU ZC 135 19.02 31.43 -74.16
C GLU ZC 135 18.35 32.75 -74.47
N VAL ZC 136 17.30 32.72 -75.31
CA VAL ZC 136 16.66 33.96 -75.72
C VAL ZC 136 15.92 34.62 -74.54
N VAL ZC 137 15.30 33.81 -73.69
CA VAL ZC 137 14.61 34.38 -72.52
C VAL ZC 137 15.61 34.87 -71.49
N GLY ZC 138 16.75 34.20 -71.32
CA GLY ZC 138 17.78 34.74 -70.44
C GLY ZC 138 18.32 36.06 -70.95
N GLY ZC 139 18.42 36.21 -72.27
CA GLY ZC 139 18.81 37.48 -72.84
C GLY ZC 139 17.78 38.57 -72.59
N LEU ZC 140 16.50 38.24 -72.78
CA LEU ZC 140 15.47 39.27 -72.70
C LEU ZC 140 15.15 39.68 -71.27
N VAL ZC 141 15.20 38.73 -70.33
CA VAL ZC 141 14.64 39.00 -69.00
C VAL ZC 141 15.55 39.86 -68.13
N GLY ZC 142 16.85 39.57 -68.10
CA GLY ZC 142 17.76 40.33 -67.27
C GLY ZC 142 18.89 39.49 -66.71
N PRO ZC 143 19.75 40.10 -65.92
CA PRO ZC 143 20.92 39.37 -65.40
C PRO ZC 143 20.56 38.34 -64.34
N ASP ZC 144 19.83 38.78 -63.31
CA ASP ZC 144 19.55 37.91 -62.18
C ASP ZC 144 18.34 37.02 -62.45
N ALA ZC 145 17.33 37.57 -63.13
CA ALA ZC 145 16.14 36.79 -63.43
C ALA ZC 145 16.35 35.84 -64.61
N ALA ZC 146 17.49 35.95 -65.29
CA ALA ZC 146 17.85 34.92 -66.27
C ALA ZC 146 18.00 33.57 -65.58
N LYS ZC 147 18.59 33.57 -64.39
CA LYS ZC 147 18.54 32.38 -63.55
C LYS ZC 147 17.18 32.26 -62.89
N GLU ZC 148 16.84 31.01 -62.56
CA GLU ZC 148 15.60 30.35 -62.17
C GLU ZC 148 14.68 30.16 -63.37
N ALA ZC 149 14.81 31.02 -64.38
CA ALA ZC 149 14.21 30.71 -65.67
C ALA ZC 149 15.06 29.68 -66.37
N SER ZC 150 16.39 29.86 -66.29
CA SER ZC 150 17.29 28.81 -66.72
C SER ZC 150 17.07 27.53 -65.93
N ILE ZC 151 16.72 27.66 -64.64
CA ILE ZC 151 16.48 26.47 -63.82
C ILE ZC 151 15.28 25.68 -64.35
N TYR ZC 152 14.15 26.36 -64.57
CA TYR ZC 152 12.97 25.63 -65.03
C TYR ZC 152 13.12 25.13 -66.45
N PHE ZC 153 13.80 25.89 -67.32
CA PHE ZC 153 14.05 25.39 -68.67
C PHE ZC 153 14.98 24.18 -68.65
N ASP ZC 154 16.00 24.19 -67.80
CA ASP ZC 154 16.87 23.03 -67.67
C ASP ZC 154 16.11 21.84 -67.14
N TYR ZC 155 15.20 22.06 -66.19
CA TYR ZC 155 14.38 20.97 -65.68
C TYR ZC 155 13.53 20.36 -66.78
N LEU ZC 156 12.91 21.22 -67.61
CA LEU ZC 156 12.08 20.74 -68.72
C LEU ZC 156 12.91 19.92 -69.70
N SER ZC 157 14.07 20.46 -70.10
CA SER ZC 157 14.90 19.77 -71.09
C SER ZC 157 15.43 18.44 -70.54
N SER ZC 158 15.91 18.44 -69.30
CA SER ZC 158 16.44 17.24 -68.69
C SER ZC 158 15.37 16.17 -68.51
N GLY ZC 159 14.18 16.57 -68.06
CA GLY ZC 159 13.09 15.63 -67.92
C GLY ZC 159 12.65 15.04 -69.23
N LEU ZC 160 12.59 15.87 -70.27
CA LEU ZC 160 12.22 15.36 -71.59
C LEU ZC 160 13.27 14.38 -72.11
N SER ZC 161 14.54 14.70 -71.89
CA SER ZC 161 15.62 13.82 -72.33
C SER ZC 161 16.35 13.20 -71.13
CHA CYC AD . 56.76 9.00 2.26
NA CYC AD . 57.28 10.54 4.09
C1A CYC AD . 57.58 9.92 2.90
C2A CYC AD . 58.86 10.38 2.39
C3A CYC AD . 59.33 11.27 3.29
C4A CYC AD . 58.33 11.37 4.36
CMA CYC AD . 60.64 12.01 3.17
CAA CYC AD . 59.48 9.93 1.10
CBA CYC AD . 60.24 8.60 1.18
CGA CYC AD . 61.48 8.65 2.07
O1A CYC AD . 61.33 8.86 3.29
O2A CYC AD . 62.59 8.47 1.52
CHB CYC AD . 58.39 12.16 5.50
NB CYC AD . 60.37 13.66 5.74
C1B CYC AD . 59.15 13.10 6.12
C2B CYC AD . 58.76 13.66 7.36
C3B CYC AD . 59.70 14.57 7.73
C4B CYC AD . 60.76 14.57 6.69
CMB CYC AD . 57.53 13.35 8.16
CAB CYC AD . 59.74 15.45 8.95
CBB CYC AD . 60.47 14.79 10.11
OB CYC AD . 61.77 15.24 6.65
NC CYC AD . 50.33 7.54 4.06
C1C CYC AD . 49.06 7.43 4.54
C2C CYC AD . 48.99 8.13 5.89
C3C CYC AD . 50.45 8.42 6.23
C4C CYC AD . 51.20 8.16 4.95
CMC CYC AD . 48.06 9.33 5.90
CAC CYC AD . 50.97 7.60 7.42
CBC CYC AD . 50.16 7.82 8.68
OC CYC AD . 48.12 6.91 3.97
CHD CYC AD . 52.55 8.48 4.72
ND CYC AD . 54.75 8.92 3.68
C1D CYC AD . 53.54 8.27 3.70
C2D CYC AD . 53.56 7.36 2.59
C3D CYC AD . 54.76 7.53 1.93
C4D CYC AD . 55.50 8.53 2.61
CMD CYC AD . 52.48 6.40 2.21
CAD CYC AD . 55.21 6.79 0.69
CBD CYC AD . 54.69 7.42 -0.59
CGD CYC AD . 55.24 6.77 -1.85
O1D CYC AD . 56.10 5.88 -1.73
O2D CYC AD . 54.79 7.15 -2.95
CHA CYC BD . 84.98 65.25 30.39
NA CYC BD . 84.54 66.03 28.13
C1A CYC BD . 85.06 65.14 29.01
C2A CYC BD . 85.71 64.04 28.31
C3A CYC BD . 85.56 64.30 26.98
C4A CYC BD . 84.84 65.56 26.87
CMA CYC BD . 86.07 63.43 25.87
CAA CYC BD . 86.38 62.87 28.96
CBA CYC BD . 87.84 63.11 29.36
CGA CYC BD . 88.78 63.31 28.18
O1A CYC BD . 88.61 64.30 27.44
O2A CYC BD . 89.68 62.47 28.00
CHB CYC BD . 84.49 66.24 25.71
NB CYC BD . 85.09 65.15 23.55
C1B CYC BD . 84.56 66.16 24.36
C2B CYC BD . 84.06 67.20 23.53
C3B CYC BD . 84.28 66.86 22.23
C4B CYC BD . 84.95 65.52 22.23
CMB CYC BD . 83.42 68.47 23.96
CAB CYC BD . 83.95 67.60 20.98
CBB CYC BD . 85.09 68.53 20.56
OB CYC BD . 85.30 64.86 21.28
NC CYC BD . 81.28 70.05 33.63
C1C CYC BD . 80.44 71.05 34.04
C2C CYC BD . 80.09 71.92 32.86
C3C CYC BD . 80.99 71.40 31.73
C4C CYC BD . 81.59 70.13 32.27
CMC CYC BD . 78.60 71.95 32.55
CAC CYC BD . 82.01 72.44 31.25
CBC CYC BD . 81.38 73.73 30.81
OC CYC BD . 80.03 71.20 35.17
CHD CYC BD . 82.37 69.24 31.52
ND CYC BD . 83.65 67.30 30.69
C1D CYC BD . 83.13 68.04 31.73
C2D CYC BD . 83.57 67.39 32.95
C3D CYC BD . 84.30 66.29 32.58
C4D CYC BD . 84.35 66.22 31.16
CMD CYC BD . 83.29 67.84 34.34
CAD CYC BD . 84.95 65.30 33.52
CBD CYC BD . 84.03 64.17 33.94
CGD CYC BD . 84.69 63.14 34.85
O1D CYC BD . 85.88 63.30 35.14
O2D CYC BD . 83.99 62.19 35.26
CHA CYC CD . 67.96 26.38 -1.99
NA CYC CD . 67.93 26.70 -4.42
C1A CYC CD . 67.97 27.18 -3.14
C2A CYC CD . 68.06 28.63 -3.13
C3A CYC CD . 68.05 29.01 -4.43
C4A CYC CD . 67.91 27.80 -5.23
CMA CYC CD . 68.13 30.44 -4.90
CAA CYC CD . 68.13 29.49 -1.90
CBA CYC CD . 66.89 30.36 -1.69
CGA CYC CD . 65.61 29.58 -1.42
O1A CYC CD . 65.68 28.35 -1.27
O2A CYC CD . 64.53 30.23 -1.35
CHB CYC CD . 67.80 27.71 -6.60
NB CYC CD . 67.85 29.85 -7.89
C1B CYC CD . 67.74 28.47 -7.74
C2B CYC CD . 67.50 27.89 -9.01
C3B CYC CD . 67.40 28.87 -9.92
C4B CYC CD . 67.67 30.17 -9.22
CMB CYC CD . 67.35 26.43 -9.33
CAB CYC CD . 67.09 28.78 -11.39
CBB CYC CD . 66.15 29.88 -11.85
OB CYC CD . 67.71 31.28 -9.68
NC CYC CD . 68.35 19.51 -2.17
C1C CYC CD . 68.47 18.18 -2.45
C2C CYC CD . 68.48 17.98 -3.94
C3C CYC CD . 68.16 19.37 -4.51
C4C CYC CD . 68.20 20.29 -3.32
CMC CYC CD . 69.76 17.35 -4.47
CAC CYC CD . 66.84 19.44 -5.28
CBC CYC CD . 66.78 18.45 -6.42
OC CYC CD . 68.58 17.30 -1.63
CHD CYC CD . 68.09 21.68 -3.39
ND CYC CD . 68.03 24.11 -2.95
C1D CYC CD . 68.02 22.81 -2.50
C2D CYC CD . 67.91 22.88 -1.07
C3D CYC CD . 67.88 24.21 -0.71
C4D CYC CD . 67.96 24.98 -1.89
CMD CYC CD . 67.83 21.72 -0.13
CAD CYC CD . 67.76 24.75 0.68
CBD CYC CD . 69.11 24.80 1.40
CGD CYC CD . 69.02 25.13 2.88
O1D CYC CD . 68.34 24.39 3.61
O2D CYC CD . 69.64 26.13 3.29
CHA CYC DD . -40.35 19.37 -36.01
NA CYC DD . -41.02 17.60 -37.55
C1A CYC DD . -40.92 18.91 -37.19
C2A CYC DD . -41.49 19.76 -38.22
C3A CYC DD . -41.95 18.94 -39.20
C4A CYC DD . -41.64 17.57 -38.77
CMA CYC DD . -42.64 19.38 -40.45
CAA CYC DD . -41.55 21.26 -38.17
CBA CYC DD . -42.72 21.84 -37.37
CGA CYC DD . -44.08 21.56 -37.97
O1A CYC DD . -44.48 20.39 -38.05
O2A CYC DD . -44.75 22.54 -38.37
CHB CYC DD . -41.92 16.39 -39.45
NB CYC DD . -43.00 16.60 -41.69
C1B CYC DD . -42.45 15.91 -40.60
C2B CYC DD . -42.52 14.52 -40.87
C3B CYC DD . -43.05 14.33 -42.11
C4B CYC DD . -43.39 15.69 -42.65
CMB CYC DD . -42.08 13.39 -39.98
CAB CYC DD . -43.29 13.07 -42.86
CBB CYC DD . -44.68 12.50 -42.61
OB CYC DD . -43.89 15.97 -43.71
NC CYC DD . -37.04 15.51 -31.41
C1C CYC DD . -36.40 14.57 -30.64
C2C CYC DD . -36.73 13.20 -31.18
C3C CYC DD . -37.85 13.46 -32.20
C4C CYC DD . -37.85 14.96 -32.38
CMC CYC DD . -35.52 12.45 -31.72
CAC CYC DD . -39.20 12.89 -31.77
CBC CYC DD . -39.16 11.39 -31.54
OC CYC DD . -35.66 14.80 -29.71
CHD CYC DD . -38.60 15.65 -33.36
ND CYC DD . -39.58 17.33 -34.88
C1D CYC DD . -38.92 17.00 -33.72
C2D CYC DD . -38.69 18.23 -33.03
C3D CYC DD . -39.19 19.26 -33.80
C4D CYC DD . -39.75 18.69 -34.98
CMD CYC DD . -38.02 18.40 -31.70
CAD CYC DD . -39.17 20.72 -33.47
CBD CYC DD . -37.87 21.40 -33.88
CGD CYC DD . -37.84 22.90 -33.62
O1D CYC DD . -38.89 23.45 -33.24
O2D CYC DD . -36.78 23.50 -33.82
CHA CYC ED . -52.48 -8.58 -97.91
NA CYC ED . -50.68 -7.01 -98.46
C1A CYC ED . -51.89 -7.32 -97.91
C2A CYC ED . -52.48 -6.15 -97.29
C3A CYC ED . -51.59 -5.13 -97.48
C4A CYC ED . -50.47 -5.69 -98.23
CMA CYC ED . -51.78 -3.72 -97.00
CAA CYC ED . -53.80 -6.11 -96.57
CBA CYC ED . -55.00 -5.88 -97.48
CGA CYC ED . -55.06 -4.50 -98.12
O1A CYC ED . -54.15 -4.17 -98.91
O2A CYC ED . -56.01 -3.76 -97.83
CHB CYC ED . -49.34 -5.02 -98.68
NB CYC ED . -49.16 -2.60 -98.08
C1B CYC ED . -48.74 -3.79 -98.68
C2B CYC ED . -47.53 -3.56 -99.37
C3B CYC ED . -47.19 -2.25 -99.22
C4B CYC ED . -48.24 -1.61 -98.37
CMB CYC ED . -46.72 -4.56 -100.15
CAB CYC ED . -46.00 -1.52 -99.77
CBB CYC ED . -46.29 -0.90 -101.13
OB CYC ED . -48.29 -0.46 -98.00
NC CYC ED . -49.29 -14.27 -100.06
C1C CYC ED . -48.45 -15.26 -100.47
C2C CYC ED . -47.24 -14.63 -101.13
C3C CYC ED . -47.60 -13.15 -101.21
C4C CYC ED . -48.83 -13.00 -100.37
CMC CYC ED . -45.93 -14.97 -100.42
CAC CYC ED . -47.74 -12.63 -102.64
CBC CYC ED . -46.51 -12.84 -103.48
OC CYC ED . -48.64 -16.46 -100.33
CHD CYC ED . -49.41 -11.78 -100.03
ND CYC ED . -50.77 -9.97 -99.01
C1D CYC ED . -50.60 -11.30 -99.36
C2D CYC ED . -51.80 -11.98 -98.95
C3D CYC ED . -52.63 -11.06 -98.37
C4D CYC ED . -51.98 -9.79 -98.41
CMD CYC ED . -52.09 -13.43 -99.14
CAD CYC ED . -54.00 -11.32 -97.80
CBD CYC ED . -53.96 -11.73 -96.33
CGD CYC ED . -55.34 -12.03 -95.76
O1D CYC ED . -56.33 -11.89 -96.49
O2D CYC ED . -55.40 -12.40 -94.56
CHA CYC FD . -39.64 22.96 -56.73
NA CYC FD . -38.24 24.92 -57.05
C1A CYC FD . -38.76 23.73 -57.46
C2A CYC FD . -38.28 23.40 -58.80
C3A CYC FD . -37.45 24.41 -59.15
C4A CYC FD . -37.39 25.34 -58.04
CMA CYC FD . -36.73 24.50 -60.48
CAA CYC FD . -38.66 22.18 -59.58
CBA CYC FD . -37.61 21.07 -59.51
CGA CYC FD . -37.22 20.68 -58.09
O1A CYC FD . -38.12 20.26 -57.33
O2A CYC FD . -36.03 20.80 -57.75
CHB CYC FD . -36.63 26.49 -57.92
NB CYC FD . -35.17 27.06 -59.87
C1B CYC FD . -35.71 27.23 -58.59
C2B CYC FD . -35.12 28.37 -58.01
C3B CYC FD . -34.18 28.87 -58.86
C4B CYC FD . -34.24 28.05 -60.11
CMB CYC FD . -35.40 28.95 -56.65
CAB CYC FD . -33.26 30.04 -58.68
CBB CYC FD . -31.87 29.75 -59.24
OB CYC FD . -33.61 28.18 -61.13
NC CYC FD . -42.76 25.11 -50.99
C1C CYC FD . -43.30 25.75 -49.91
C2C CYC FD . -42.63 27.09 -49.75
C3C CYC FD . -41.48 27.06 -50.77
C4C CYC FD . -41.73 25.82 -51.60
CMC CYC FD . -43.58 28.27 -49.86
CAC CYC FD . -40.09 27.11 -50.13
CBC CYC FD . -39.86 28.39 -49.36
OC CYC FD . -44.20 25.31 -49.22
CHD CYC FD . -41.01 25.47 -52.74
ND CYC FD . -40.17 24.42 -54.82
C1D CYC FD . -40.92 24.37 -53.67
C2D CYC FD . -41.49 23.04 -53.62
C3D CYC FD . -41.09 22.37 -54.75
C4D CYC FD . -40.27 23.24 -55.52
CMD CYC FD . -42.35 22.50 -52.53
CAD CYC FD . -41.44 20.95 -55.12
CBD CYC FD . -42.76 20.84 -55.85
CGD CYC FD . -43.20 19.40 -56.10
O1D CYC FD . -43.38 18.67 -55.11
O2D CYC FD . -43.35 19.02 -57.28
CHA CYC GD . 75.09 59.88 -38.85
NA CYC GD . 73.66 58.03 -38.09
C1A CYC GD . 74.84 58.73 -38.09
C2A CYC GD . 75.79 58.14 -37.17
C3A CYC GD . 75.17 57.06 -36.62
C4A CYC GD . 73.85 56.97 -37.24
CMA CYC GD . 75.77 56.16 -35.59
CAA CYC GD . 77.17 58.66 -36.89
CBA CYC GD . 78.26 58.13 -37.84
CGA CYC GD . 78.51 56.64 -37.73
O1A CYC GD . 77.61 55.85 -38.06
O2A CYC GD . 79.63 56.27 -37.32
CHB CYC GD . 72.87 56.02 -37.01
NB CYC GD . 73.50 54.13 -35.51
C1B CYC GD . 72.64 54.86 -36.33
C2B CYC GD . 71.40 54.17 -36.42
C3B CYC GD . 71.47 53.04 -35.67
C4B CYC GD . 72.84 53.00 -35.06
CMB CYC GD . 70.18 54.59 -37.20
CAB CYC GD . 70.44 51.99 -35.45
CBB CYC GD . 70.57 50.84 -36.44
OB CYC GD . 73.29 52.16 -34.32
NC CYC GD . 70.35 63.26 -42.49
C1C CYC GD . 69.26 63.79 -43.11
C2C CYC GD . 68.19 62.73 -43.21
C3C CYC GD . 68.85 61.47 -42.63
C4C CYC GD . 70.20 61.92 -42.14
CMC CYC GD . 66.87 63.14 -42.57
CAC CYC GD . 68.88 60.30 -43.62
CBC CYC GD . 67.51 59.95 -44.17
OC CYC GD . 69.16 64.93 -43.52
CHD CYC GD . 71.10 61.11 -41.45
ND CYC GD . 72.97 60.25 -40.06
C1D CYC GD . 72.44 61.19 -40.91
C2D CYC GD . 73.47 62.17 -41.14
C3D CYC GD . 74.57 61.78 -40.40
C4D CYC GD . 74.25 60.58 -39.71
CMD CYC GD . 73.39 63.37 -42.01
CAD CYC GD . 75.89 62.50 -40.31
CBD CYC GD . 75.95 63.47 -39.13
CGD CYC GD . 77.30 64.16 -38.97
O1D CYC GD . 78.20 63.88 -39.77
O2D CYC GD . 77.43 64.97 -38.03
CHA CYC HD . -12.75 48.79 -90.63
NA CYC HD . -12.94 48.16 -88.27
C1A CYC HD . -13.46 48.39 -89.51
C2A CYC HD . -14.90 48.17 -89.52
C3A CYC HD . -15.24 47.87 -88.24
C4A CYC HD . -14.00 47.82 -87.47
CMA CYC HD . -16.64 47.63 -87.76
CAA CYC HD . -15.79 48.30 -90.72
CBA CYC HD . -16.35 49.71 -90.91
CGA CYC HD . -17.39 50.10 -89.87
O1A CYC HD . -17.11 51.02 -89.09
O2A CYC HD . -18.48 49.50 -89.88
CHB CYC HD . -13.85 47.53 -86.12
NB CYC HD . -15.91 46.76 -84.92
C1B CYC HD . -14.57 47.13 -85.03
C2B CYC HD . -13.98 47.04 -83.74
C3B CYC HD . -14.91 46.61 -82.86
C4B CYC HD . -16.19 46.42 -83.62
CMB CYC HD . -12.56 47.34 -83.38
CAB CYC HD . -14.79 46.34 -81.39
CBB CYC HD . -15.05 47.58 -80.56
OB CYC HD . -17.26 46.06 -83.20
NC CYC HD . -5.95 48.97 -91.29
C1C CYC HD . -4.58 48.94 -91.24
C2C CYC HD . -4.15 49.03 -89.80
C3C CYC HD . -5.45 48.94 -89.00
C4C CYC HD . -6.54 48.98 -90.03
CMC CYC HD . -3.08 48.01 -89.42
CAC CYC HD . -5.53 50.01 -87.93
CBC CYC HD . -4.26 50.12 -87.11
OC CYC HD . -3.84 48.91 -92.20
CHD CYC HD . -7.92 49.00 -89.74
ND CYC HD . -10.38 48.82 -89.91
C1D CYC HD . -9.16 49.09 -90.47
C2D CYC HD . -9.41 49.51 -91.83
C3D CYC HD . -10.76 49.44 -92.04
C4D CYC HD . -11.38 49.00 -90.83
CMD CYC HD . -8.39 49.94 -92.83
CAD CYC HD . -11.49 49.77 -93.31
CBD CYC HD . -11.62 48.57 -94.25
CGD CYC HD . -12.34 48.88 -95.55
O1D CYC HD . -12.76 50.05 -95.72
O2D CYC HD . -12.47 47.97 -96.38
CHA CYC ID . 76.31 51.74 -19.45
NA CYC ID . 77.20 53.46 -17.97
C1A CYC ID . 76.48 52.33 -18.20
C2A CYC ID . 75.95 51.79 -16.97
C3A CYC ID . 76.41 52.59 -15.98
C4A CYC ID . 77.07 53.72 -16.62
CMA CYC ID . 76.22 52.34 -14.52
CAA CYC ID . 75.14 50.53 -16.84
CBA CYC ID . 73.63 50.78 -16.73
CGA CYC ID . 73.04 51.48 -17.94
O1A CYC ID . 73.11 50.90 -19.04
O2A CYC ID . 72.51 52.60 -17.77
CHB CYC ID . 77.60 54.86 -16.03
NB CYC ID . 77.01 55.14 -13.62
C1B CYC ID . 77.62 55.51 -14.82
C2B CYC ID . 78.32 56.72 -14.63
C3B CYC ID . 78.13 57.14 -13.35
C4B CYC ID . 77.31 56.09 -12.66
CMB CYC ID . 79.13 57.47 -15.64
CAB CYC ID . 78.62 58.38 -12.68
CBB CYC ID . 77.60 58.97 -11.72
OB CYC ID . 76.95 56.05 -11.51
NC CYC ID . 80.17 53.11 -24.96
C1C CYC ID . 81.08 53.49 -25.91
C2C CYC ID . 81.89 54.63 -25.37
C3C CYC ID . 81.22 54.97 -24.03
C4C CYC ID . 80.21 53.88 -23.82
CMC CYC ID . 83.39 54.35 -25.29
CAC CYC ID . 80.64 56.39 -23.98
CBC CYC ID . 81.67 57.47 -24.22
OC CYC ID . 81.22 52.99 -27.00
CHD CYC ID . 79.46 53.72 -22.65
ND CYC ID . 77.98 52.90 -20.85
C1D CYC ID . 78.39 52.89 -22.16
C2D CYC ID . 77.53 51.96 -22.84
C3D CYC ID . 76.65 51.43 -21.93
C4D CYC ID . 76.95 52.01 -20.66
CMD CYC ID . 77.57 51.62 -24.30
CAD CYC ID . 75.58 50.42 -22.18
CBD CYC ID . 76.05 48.98 -21.97
CGD CYC ID . 74.95 47.94 -22.17
O1D CYC ID . 74.40 47.89 -23.29
O2D CYC ID . 74.66 47.21 -21.21
CHA CYC JD . -26.76 34.65 -83.40
NA CYC JD . -27.45 33.29 -85.32
C1A CYC JD . -27.29 33.49 -83.97
C2A CYC JD . -27.82 32.38 -83.22
C3A CYC JD . -28.40 31.56 -84.14
C4A CYC JD . -27.95 32.02 -85.44
CMA CYC JD . -29.28 30.39 -83.82
CAA CYC JD . -27.83 32.25 -81.73
CBA CYC JD . -26.72 31.33 -81.18
CGA CYC JD . -25.31 31.79 -81.54
O1A CYC JD . -24.93 32.89 -81.11
O2A CYC JD . -24.62 31.05 -82.25
CHB CYC JD . -28.13 31.40 -86.66
NB CYC JD . -28.65 28.98 -86.46
C1B CYC JD . -28.44 30.17 -87.15
C2B CYC JD . -28.57 29.92 -88.55
C3B CYC JD . -28.84 28.60 -88.72
C4B CYC JD . -28.94 27.98 -87.37
CMB CYC JD . -28.42 30.90 -89.68
CAB CYC JD . -29.05 27.85 -90.00
CBB CYC JD . -28.47 26.43 -89.95
OB CYC JD . -29.21 26.84 -87.08
NC CYC JD . -26.35 40.67 -86.65
C1C CYC JD . -26.43 41.77 -87.46
C2C CYC JD . -26.80 41.34 -88.85
C3C CYC JD . -26.82 39.81 -88.78
C4C CYC JD . -26.62 39.49 -87.33
CMC CYC JD . -28.09 41.98 -89.36
CAC CYC JD . -25.81 39.13 -89.71
CBC CYC JD . -26.02 39.49 -91.17
OC CYC JD . -26.22 42.92 -87.10
CHD CYC JD . -26.69 38.20 -86.77
ND CYC JD . -26.83 36.25 -85.26
C1D CYC JD . -26.48 37.55 -85.50
C2D CYC JD . -25.87 38.03 -84.30
C3D CYC JD . -25.90 37.02 -83.37
C4D CYC JD . -26.52 35.88 -83.99
CMD CYC JD . -25.29 39.40 -84.07
CAD CYC JD . -25.38 37.06 -81.96
CBD CYC JD . -26.43 37.49 -80.95
CGD CYC JD . -25.93 37.48 -79.51
O1D CYC JD . -24.96 38.20 -79.23
O2D CYC JD . -26.51 36.74 -78.70
CHA CYC KD . 0.30 -24.50 75.87
NA CYC KD . -0.11 -26.66 74.81
C1A CYC KD . -0.26 -25.30 74.90
C2A CYC KD . -1.07 -24.81 73.80
C3A CYC KD . -1.46 -25.91 73.09
C4A CYC KD . -0.86 -27.07 73.74
CMA CYC KD . -2.33 -25.87 71.88
CAA CYC KD . -1.39 -23.37 73.53
CBA CYC KD . -2.59 -22.83 74.31
CGA CYC KD . -3.93 -23.42 73.92
O1A CYC KD . -4.10 -24.65 74.07
O2A CYC KD . -4.79 -22.66 73.43
CHB CYC KD . -0.96 -28.38 73.36
NB CYC KD . -2.51 -28.90 71.48
C1B CYC KD . -1.59 -29.21 72.47
C2B CYC KD . -1.36 -30.60 72.46
C3B CYC KD . -2.11 -31.17 71.48
C4B CYC KD . -2.88 -30.06 70.83
CMB CYC KD . -0.46 -31.39 73.36
CAB CYC KD . -2.22 -32.59 71.06
CBB CYC KD . -3.35 -33.32 71.79
OB CYC KD . -3.67 -30.13 69.91
NC CYC KD . 4.79 -26.72 80.53
C1C CYC KD . 5.67 -27.35 81.37
C2C CYC KD . 5.43 -28.84 81.30
C3C CYC KD . 4.26 -28.99 80.32
C4C CYC KD . 3.95 -27.59 79.86
CMC CYC KD . 6.67 -29.64 80.96
CAC CYC KD . 3.05 -29.72 80.91
CBC CYC KD . 3.40 -31.08 81.47
OC CYC KD . 6.50 -26.81 82.07
CHD CYC KD . 2.97 -27.26 78.92
ND CYC KD . 1.55 -26.11 77.25
C1D CYC KD . 2.38 -26.08 78.36
C2D CYC KD . 2.43 -24.72 78.79
C3D CYC KD . 1.66 -23.97 77.92
C4D CYC KD . 1.13 -24.84 76.95
CMD CYC KD . 3.17 -24.18 79.98
CAD CYC KD . 1.44 -22.48 77.96
CBD CYC KD . 2.56 -21.72 77.28
CGD CYC KD . 2.32 -20.22 77.20
O1D CYC KD . 1.24 -19.77 77.60
O2D CYC KD . 3.24 -19.51 76.74
CHA CYC LD . -9.32 -49.05 31.28
NA CYC LD . -9.66 -49.00 33.71
C1A CYC LD . -9.04 -48.57 32.57
C2A CYC LD . -8.12 -47.49 32.87
C3A CYC LD . -8.16 -47.32 34.21
C4A CYC LD . -9.08 -48.32 34.74
CMA CYC LD . -7.38 -46.29 34.97
CAA CYC LD . -7.31 -46.74 31.86
CBA CYC LD . -5.87 -47.26 31.70
CGA CYC LD . -5.80 -48.72 31.29
O1A CYC LD . -6.34 -49.06 30.23
O2A CYC LD . -5.19 -49.50 32.04
CHB CYC LD . -9.41 -48.54 36.07
NB CYC LD . -8.03 -47.35 37.76
C1B CYC LD . -9.05 -48.19 37.33
C2B CYC LD . -9.75 -48.68 38.46
C3B CYC LD . -9.15 -48.21 39.58
C4B CYC LD . -8.05 -47.30 39.14
CMB CYC LD . -10.94 -49.59 38.47
CAB CYC LD . -9.48 -48.46 41.01
CBB CYC LD . -8.24 -48.59 41.89
OB CYC LD . -7.29 -46.65 39.82
NC CYC LD . -14.73 -53.01 29.82
C1C CYC LD . -15.89 -53.73 29.75
C2C CYC LD . -16.44 -53.90 31.16
C3C CYC LD . -15.26 -53.45 32.05
C4C CYC LD . -14.33 -52.73 31.10
CMC CYC LD . -17.75 -53.17 31.38
CAC CYC LD . -14.59 -54.60 32.81
CBC CYC LD . -15.54 -55.33 33.73
OC CYC LD . -16.43 -54.13 28.75
CHD CYC LD . -13.23 -51.97 31.53
ND CYC LD . -11.29 -50.47 31.66
C1D CYC LD . -12.11 -51.27 30.94
C2D CYC LD . -11.60 -51.28 29.60
C3D CYC LD . -10.50 -50.45 29.57
C4D CYC LD . -10.32 -49.93 30.87
CMD CYC LD . -12.16 -52.04 28.44
CAD CYC LD . -9.64 -50.15 28.38
CBD CYC LD . -10.20 -49.02 27.51
CGD CYC LD . -9.36 -48.71 26.29
O1D CYC LD . -9.13 -49.63 25.47
O2D CYC LD . -8.92 -47.55 26.16
CHA CYC MD . -13.38 -68.37 24.38
NA CYC MD . -12.08 -66.78 23.08
C1A CYC MD . -13.08 -67.09 23.94
C2A CYC MD . -13.77 -65.89 24.38
C3A CYC MD . -13.19 -64.87 23.73
C4A CYC MD . -12.14 -65.42 22.88
CMA CYC MD . -13.57 -63.42 23.90
CAA CYC MD . -14.90 -65.86 25.37
CBA CYC MD . -16.27 -66.18 24.77
CGA CYC MD . -16.81 -65.13 23.83
O1A CYC MD . -16.16 -64.87 22.79
O2A CYC MD . -17.88 -64.57 24.11
CHB CYC MD . -11.29 -64.74 22.03
NB CYC MD . -11.76 -62.32 21.70
C1B CYC MD . -11.05 -63.50 21.51
C2B CYC MD . -9.97 -63.26 20.63
C3B CYC MD . -10.00 -61.96 20.25
C4B CYC MD . -11.16 -61.31 20.95
CMB CYC MD . -8.94 -64.23 20.15
CAB CYC MD . -9.10 -61.21 19.32
CBB CYC MD . -9.63 -61.19 17.89
OB CYC MD . -11.53 -60.18 20.89
NC CYC MD . -9.53 -73.86 23.04
C1C CYC MD . -8.62 -74.81 22.67
C2C CYC MD . -7.79 -74.27 21.53
C3C CYC MD . -8.53 -73.00 21.11
C4C CYC MD . -9.47 -72.73 22.25
CMC CYC MD . -6.33 -74.10 21.91
CAC CYC MD . -9.27 -73.12 19.78
CBC CYC MD . -8.39 -73.59 18.65
OC CYC MD . -8.50 -75.91 23.18
CHD CYC MD . -10.21 -71.55 22.40
ND CYC MD . -11.68 -69.76 23.25
C1D CYC MD . -11.31 -71.07 23.21
C2D CYC MD . -12.25 -71.78 24.02
C3D CYC MD . -13.13 -70.87 24.54
C4D CYC MD . -12.76 -69.58 24.08
CMD CYC MD . -12.29 -73.27 24.24
CAD CYC MD . -14.28 -71.15 25.47
CBD CYC MD . -13.88 -71.12 26.94
CGD CYC MD . -15.05 -71.21 27.90
O1D CYC MD . -16.19 -71.29 27.42
O2D CYC MD . -14.80 -71.20 29.13
CHA CYC ND . 13.62 -6.91 10.05
NA CYC ND . 14.12 -7.04 12.43
C1A CYC ND . 13.28 -7.16 11.37
C2A CYC ND . 11.98 -7.63 11.80
C3A CYC ND . 12.05 -7.77 13.15
C4A CYC ND . 13.41 -7.38 13.54
CMA CYC ND . 10.93 -8.25 14.03
CAA CYC ND . 10.80 -7.91 10.90
CBA CYC ND . 9.99 -6.66 10.52
CGA CYC ND . 9.23 -6.04 11.68
O1A CYC ND . 9.87 -5.60 12.65
O2A CYC ND . 7.99 -5.98 11.61
CHB CYC ND . 13.93 -7.34 14.82
NB CYC ND . 12.39 -7.92 16.69
C1B CYC ND . 13.61 -7.54 16.12
C2B CYC ND . 14.54 -7.35 17.16
C3B CYC ND . 13.94 -7.61 18.36
C4B CYC ND . 12.53 -7.99 18.05
CMB CYC ND . 15.98 -6.93 17.04
CAB CYC ND . 14.50 -7.54 19.74
CBB CYC ND . 14.23 -6.21 20.41
OB CYC ND . 11.66 -8.30 18.83
NC CYC ND . 20.01 -6.03 7.96
C1C CYC ND . 21.34 -5.85 7.70
C2C CYC ND . 21.98 -5.19 8.91
C3C CYC ND . 20.87 -5.19 9.97
C4C CYC ND . 19.64 -5.66 9.24
CMC CYC ND . 23.29 -5.83 9.33
CAC CYC ND . 20.71 -3.85 10.67
CBC CYC ND . 21.99 -3.36 11.31
OC CYC ND . 21.91 -6.13 6.67
CHD CYC ND . 18.36 -5.74 9.80
ND CYC ND . 16.00 -6.33 10.21
C1D CYC ND . 17.03 -6.03 9.35
C2D CYC ND . 16.48 -5.99 8.03
C3D CYC ND . 15.14 -6.31 8.14
C4D CYC ND . 14.84 -6.54 9.51
CMD CYC ND . 17.20 -5.66 6.77
CAD CYC ND . 14.16 -6.43 7.01
CBD CYC ND . 14.10 -7.84 6.45
CGD CYC ND . 13.08 -8.04 5.34
O1D CYC ND . 12.41 -7.05 4.98
O2D CYC ND . 12.97 -9.17 4.84
CHA CYC OD . -2.54 -26.58 55.09
NA CYC OD . -1.54 -24.66 53.95
C1A CYC OD . -1.94 -25.97 54.00
C2A CYC OD . -1.71 -26.62 52.72
C3A CYC OD . -1.17 -25.67 51.91
C4A CYC OD . -0.94 -24.48 52.74
CMA CYC OD . -0.88 -25.85 50.45
CAA CYC OD . -2.07 -28.04 52.38
CBA CYC OD . -0.88 -28.99 52.49
CGA CYC OD . -0.24 -29.01 53.86
O1A CYC OD . -0.92 -29.40 54.82
O2A CYC OD . 0.94 -28.65 53.97
CHB CYC OD . -0.35 -23.30 52.36
NB CYC OD . 1.13 -23.54 50.38
C1B CYC OD . 0.47 -22.83 51.38
C2B CYC OD . 0.75 -21.46 51.22
C3B CYC OD . 1.62 -21.30 50.19
C4B CYC OD . 1.86 -22.66 49.61
CMB CYC OD . 0.24 -20.32 52.05
CAB CYC OD . 2.24 -20.05 49.65
CBB CYC OD . 3.67 -20.25 49.20
OB CYC OD . 2.55 -22.96 48.67
NC CYC OD . -5.09 -23.18 60.43
C1C CYC OD . -5.53 -22.31 61.39
C2C CYC OD . -4.85 -20.98 61.20
C3C CYC OD . -3.79 -21.25 60.12
C4C CYC OD . -4.13 -22.61 59.60
CMC CYC OD . -5.83 -19.85 60.89
CAC CYC OD . -2.36 -21.15 60.64
CBC CYC OD . -2.05 -19.81 61.26
OC CYC OD . -6.36 -22.57 62.24
CHD CYC OD . -3.52 -23.20 58.49
ND CYC OD . -2.92 -24.70 56.63
C1D CYC OD . -3.45 -24.49 57.88
C2D CYC OD . -3.82 -25.79 58.38
C3D CYC OD . -3.53 -26.72 57.41
C4D CYC OD . -2.96 -26.03 56.29
CMD CYC OD . -4.41 -26.09 59.71
CAD CYC OD . -3.75 -28.21 57.49
CBD CYC OD . -5.15 -28.63 57.07
CGD CYC OD . -5.38 -30.12 57.17
O1D CYC OD . -5.25 -30.67 58.28
O2D CYC OD . -5.69 -30.75 56.14
CHA CYC PD . -47.97 -59.12 23.43
NA CYC PD . -48.06 -57.75 25.45
C1A CYC PD . -47.40 -58.27 24.37
C2A CYC PD . -46.03 -57.80 24.33
C3A CYC PD . -45.87 -57.02 25.43
C4A CYC PD . -47.14 -57.01 26.14
CMA CYC PD . -44.59 -56.31 25.80
CAA CYC PD . -45.03 -58.12 23.26
CBA CYC PD . -44.24 -59.41 23.49
CGA CYC PD . -43.31 -59.38 24.69
O1A CYC PD . -43.82 -59.26 25.82
O2A CYC PD . -42.09 -59.45 24.48
CHB CYC PD . -47.44 -56.36 27.32
NB CYC PD . -45.56 -55.22 28.48
C1B CYC PD . -46.88 -55.62 28.31
C2B CYC PD . -47.64 -55.14 29.41
C3B CYC PD . -46.83 -54.44 30.23
C4B CYC PD . -45.46 -54.49 29.65
CMB CYC PD . -49.11 -55.34 29.66
CAB CYC PD . -47.15 -53.73 31.51
CBB CYC PD . -47.00 -54.63 32.72
OB CYC PD . -44.44 -53.99 30.08
NC CYC PD . -54.64 -60.64 23.24
C1C CYC PD . -55.98 -60.80 23.38
C2C CYC PD . -56.39 -60.43 24.78
C3C CYC PD . -55.07 -60.09 25.49
C4C CYC PD . -54.03 -60.18 24.41
CMC CYC PD . -57.47 -59.37 24.85
CAC CYC PD . -54.78 -60.96 26.70
CBC CYC PD . -55.90 -60.95 27.72
OC CYC PD . -56.74 -61.18 22.50
CHD CYC PD . -52.67 -59.87 24.59
ND CYC PD . -50.29 -59.35 24.23
C1D CYC PD . -51.45 -59.96 23.83
C2D CYC PD . -51.13 -60.68 22.64
C3D CYC PD . -49.81 -60.46 22.35
C4D CYC PD . -49.28 -59.61 23.35
CMD CYC PD . -52.06 -61.53 21.84
CAD CYC PD . -49.04 -60.99 21.17
CBD CYC PD . -49.23 -60.14 19.93
CGD CYC PD . -48.35 -60.55 18.75
O1D CYC PD . -47.51 -61.45 18.94
O2D CYC PD . -48.51 -59.97 17.67
CHA CYC QD . -28.91 -17.57 48.22
NA CYC QD . -29.81 -19.84 48.43
C1A CYC QD . -29.51 -18.72 47.70
C2A CYC QD . -29.81 -18.92 46.29
C3A CYC QD . -30.22 -20.20 46.19
C4A CYC QD . -30.40 -20.71 47.55
CMA CYC QD . -30.47 -20.94 44.90
CAA CYC QD . -29.59 -17.92 45.20
CBA CYC QD . -30.87 -17.14 44.82
CGA CYC QD . -31.49 -16.39 45.98
O1A CYC QD . -30.80 -15.51 46.55
O2A CYC QD . -32.65 -16.68 46.33
CHB CYC QD . -30.93 -21.91 47.94
NB CYC QD . -32.32 -23.01 46.18
C1B CYC QD . -31.70 -22.92 47.43
C2B CYC QD . -32.00 -24.08 48.17
C3B CYC QD . -32.81 -24.89 47.43
C4B CYC QD . -33.01 -24.20 46.11
CMB CYC QD . -31.55 -24.43 49.57
CAB CYC QD . -33.42 -26.20 47.77
CBB CYC QD . -34.81 -26.04 48.38
OB CYC QD . -33.64 -24.59 45.16
NC CYC QD . -25.77 -17.48 54.31
C1C CYC QD . -25.17 -17.73 55.51
C2C CYC QD . -25.53 -19.12 55.96
C3C CYC QD . -26.67 -19.53 55.02
C4C CYC QD . -26.60 -18.51 53.91
CMC CYC QD . -24.35 -20.06 55.99
CAC CYC QD . -28.04 -19.58 55.69
CBC CYC QD . -28.11 -20.57 56.81
OC CYC QD . -24.43 -16.96 56.11
CHD CYC QD . -27.31 -18.62 52.71
ND CYC QD . -28.21 -18.35 50.44
C1D CYC QD . -27.57 -17.83 51.54
C2D CYC QD . -27.32 -16.44 51.26
C3D CYC QD . -27.79 -16.18 49.99
C4D CYC QD . -28.34 -17.38 49.47
CMD CYC QD . -26.67 -15.46 52.17
CAD CYC QD . -27.73 -14.87 49.26
CBD CYC QD . -26.45 -14.71 48.45
CGD CYC QD . -26.40 -13.43 47.63
O1D CYC QD . -26.49 -12.34 48.24
O2D CYC QD . -26.26 -13.53 46.40
CHA CYC RD . -30.64 -7.94 66.63
NA CYC RD . -30.29 -6.72 64.55
C1A CYC RD . -30.11 -7.80 65.36
C2A CYC RD . -29.32 -8.81 64.69
C3A CYC RD . -29.00 -8.29 63.47
C4A CYC RD . -29.58 -6.95 63.40
CMA CYC RD . -28.20 -9.00 62.42
CAA CYC RD . -28.96 -10.15 65.25
CBA CYC RD . -27.74 -10.14 66.18
CGA CYC RD . -26.43 -9.80 65.49
O1A CYC RD . -26.29 -8.67 64.99
O2A CYC RD . -25.54 -10.68 65.46
CHB CYC RD . -29.50 -6.05 62.37
NB CYC RD . -27.96 -6.63 60.50
C1B CYC RD . -28.89 -5.84 61.16
C2B CYC RD . -29.16 -4.69 60.38
C3B CYC RD . -28.40 -4.74 59.26
C4B CYC RD . -27.61 -6.02 59.32
CMB CYC RD . -30.10 -3.57 60.69
CAB CYC RD . -28.27 -3.77 58.14
CBB CYC RD . -27.14 -2.77 58.35
OB CYC RD . -26.81 -6.44 58.52
NC CYC RD . -35.29 -3.78 69.34
C1C CYC RD . -36.21 -2.84 69.71
C2C CYC RD . -35.98 -1.58 68.90
C3C CYC RD . -34.72 -1.87 68.09
C4C CYC RD . -34.42 -3.32 68.36
CMC CYC RD . -37.19 -1.15 68.09
CAC CYC RD . -33.55 -0.95 68.43
CBC CYC RD . -33.90 0.52 68.28
OC CYC RD . -37.07 -2.99 70.55
CHD CYC RD . -33.41 -4.05 67.73
ND CYC RD . -31.95 -5.88 66.93
C1D CYC RD . -32.77 -5.33 67.88
C2D CYC RD . -32.76 -6.24 69.00
C3D CYC RD . -31.98 -7.30 68.67
C4D CYC RD . -31.47 -7.09 67.35
CMD CYC RD . -33.47 -6.05 70.30
CAD CYC RD . -31.68 -8.51 69.52
CBD CYC RD . -32.71 -9.62 69.32
CGD CYC RD . -32.35 -10.91 70.02
O1D CYC RD . -31.27 -10.98 70.63
O2D CYC RD . -33.15 -11.87 69.94
CHA CYC SD . -18.27 -1.13 -0.46
NA CYC SD . -19.89 -2.95 -0.52
C1A CYC SD . -18.76 -2.35 -0.02
C2A CYC SD . -18.17 -3.14 1.04
C3A CYC SD . -18.96 -4.24 1.16
C4A CYC SD . -20.02 -4.13 0.16
CMA CYC SD . -18.73 -5.35 2.16
CAA CYC SD . -16.95 -2.78 1.82
CBA CYC SD . -15.63 -3.15 1.15
CGA CYC SD . -15.40 -4.64 0.98
O1A CYC SD . -16.17 -5.28 0.24
O2A CYC SD . -14.44 -5.16 1.58
CHB CYC SD . -21.04 -5.02 -0.10
NB CYC SD . -21.04 -7.13 1.24
C1B CYC SD . -21.52 -6.24 0.28
C2B CYC SD . -22.67 -6.82 -0.33
C3B CYC SD . -22.91 -8.02 0.23
C4B CYC SD . -21.85 -8.24 1.28
CMB CYC SD . -23.51 -6.22 -1.42
CAB CYC SD . -23.99 -9.01 -0.05
CBB CYC SD . -23.53 -10.07 -1.05
OB CYC SD . -21.71 -9.19 2.00
NC CYC SD . -21.71 3.10 -4.48
C1C CYC SD . -22.52 3.82 -5.31
C2C CYC SD . -23.28 2.87 -6.20
C3C CYC SD . -22.98 1.48 -5.60
C4C CYC SD . -21.90 1.73 -4.59
CMC CYC SD . -24.75 3.20 -6.35
CAC CYC SD . -22.66 0.42 -6.65
CBC CYC SD . -23.75 0.27 -7.68
OC CYC SD . -22.58 5.03 -5.37
CHD CYC SD . -21.23 0.73 -3.88
ND CYC SD . -19.90 -0.44 -2.17
C1D CYC SD . -20.13 0.65 -2.96
C2D CYC SD . -19.04 1.57 -2.73
C3D CYC SD . -18.23 1.01 -1.78
C4D CYC SD . -18.77 -0.25 -1.41
CMD CYC SD . -18.84 2.89 -3.40
CAD CYC SD . -16.99 1.61 -1.19
CBD CYC SD . -17.31 2.54 -0.02
CGD CYC SD . -16.11 2.94 0.80
O1D CYC SD . -15.01 2.42 0.54
O2D CYC SD . -16.28 3.77 1.72
CHA CYC TD . -36.50 -41.60 26.02
NA CYC TD . -35.91 -40.71 23.83
C1A CYC TD . -36.17 -40.57 25.16
C2A CYC TD . -35.97 -39.18 25.56
C3A CYC TD . -35.60 -38.51 24.44
C4A CYC TD . -35.69 -39.46 23.34
CMA CYC TD . -35.18 -37.08 24.40
CAA CYC TD . -36.12 -38.66 26.96
CBA CYC TD . -37.49 -38.06 27.24
CGA CYC TD . -38.64 -39.01 26.98
O1A CYC TD . -38.68 -40.07 27.65
O2A CYC TD . -39.49 -38.71 26.12
CHB CYC TD . -35.46 -39.20 22.00
NB CYC TD . -35.70 -36.80 21.39
C1B CYC TD . -35.40 -38.14 21.15
C2B CYC TD . -35.01 -38.28 19.80
C3B CYC TD . -35.09 -37.07 19.19
C4B CYC TD . -35.52 -36.08 20.23
CMB CYC TD . -34.57 -39.52 19.09
CAB CYC TD . -34.82 -36.70 17.77
CBB CYC TD . -35.79 -35.65 17.24
OB CYC TD . -35.69 -34.89 20.12
NC CYC TD . -35.72 -48.19 24.49
C1C CYC TD . -35.48 -49.45 24.01
C2C CYC TD . -35.42 -49.39 22.50
C3C CYC TD . -35.78 -47.94 22.16
C4C CYC TD . -35.84 -47.24 23.49
CMC CYC TD . -34.10 -49.88 21.92
CAC CYC TD . -37.08 -47.81 21.36
CBC CYC TD . -37.02 -48.55 20.04
OC CYC TD . -35.33 -50.45 24.68
CHD CYC TD . -36.03 -45.87 23.66
ND CYC TD . -36.19 -43.60 24.61
C1D CYC TD . -36.32 -44.96 24.73
C2D CYC TD . -36.84 -45.20 26.05
C3D CYC TD . -36.96 -44.00 26.68
C4D CYC TD . -36.54 -42.97 25.79
CMD CYC TD . -37.17 -46.54 26.63
CAD CYC TD . -37.46 -43.77 28.08
CBD CYC TD . -36.36 -43.89 29.14
CGD CYC TD . -36.86 -43.67 30.55
O1D CYC TD . -37.76 -44.42 30.99
O2D CYC TD . -36.34 -42.76 31.23
CHA CYC UD . 9.80 -80.45 36.29
NA CYC UD . 9.85 -79.04 38.27
C1A CYC UD . 10.45 -79.60 37.18
C2A CYC UD . 11.81 -79.14 37.05
C3A CYC UD . 12.04 -78.32 38.12
C4A CYC UD . 10.81 -78.28 38.90
CMA CYC UD . 13.33 -77.59 38.39
CAA CYC UD . 12.75 -79.49 35.93
CBA CYC UD . 13.59 -80.75 36.17
CGA CYC UD . 14.60 -80.61 37.29
O1A CYC UD . 14.18 -80.49 38.45
O2A CYC UD . 15.82 -80.64 36.99
CHB CYC UD . 10.56 -77.58 40.06
NB CYC UD . 12.52 -76.45 41.11
C1B CYC UD . 11.18 -76.81 41.01
C2B CYC UD . 10.46 -76.25 42.08
C3B CYC UD . 11.32 -75.52 42.84
C4B CYC UD . 12.68 -75.66 42.24
CMB CYC UD . 9.00 -76.38 42.37
CAB CYC UD . 11.04 -74.72 44.08
CBB CYC UD . 11.17 -75.55 45.34
OB CYC UD . 13.72 -75.19 42.62
NC CYC UD . 3.05 -81.57 36.28
C1C CYC UD . 1.69 -81.64 36.43
C2C CYC UD . 1.33 -81.13 37.81
C3C CYC UD . 2.68 -80.76 38.44
C4C CYC UD . 3.70 -81.07 37.38
CMC CYC UD . 0.29 -80.03 37.80
CAC CYC UD . 2.93 -81.43 39.79
CBC CYC UD . 1.86 -81.12 40.81
OC CYC UD . 0.91 -82.06 35.60
CHD CYC UD . 5.08 -80.83 37.52
ND CYC UD . 7.49 -80.49 37.13
C1D CYC UD . 6.29 -81.05 36.78
C2D CYC UD . 6.54 -81.85 35.61
C3D CYC UD . 7.88 -81.72 35.30
C4D CYC UD . 8.48 -80.85 36.25
CMD CYC UD . 5.54 -82.68 34.88
CAD CYC UD . 8.60 -82.37 34.16
CBD CYC UD . 8.64 -81.47 32.93
CGD CYC UD . 9.48 -82.03 31.80
O1D CYC UD . 10.08 -83.11 31.97
O2D CYC UD . 9.56 -81.37 30.74
CHA CYC VD . 30.97 -39.11 58.99
NA CYC VD . 29.71 -41.16 59.42
C1A CYC VD . 30.20 -40.19 58.58
C2A CYC VD . 29.88 -40.49 57.20
C3A CYC VD . 29.15 -41.64 57.22
C4A CYC VD . 28.92 -41.96 58.63
CMA CYC VD . 28.67 -42.39 56.02
CAA CYC VD . 30.30 -39.69 56.01
CBA CYC VD . 29.25 -38.68 55.54
CGA CYC VD . 28.83 -37.70 56.61
O1A CYC VD . 29.69 -36.93 57.09
O2A CYC VD . 27.64 -37.69 56.98
CHB CYC VD . 28.16 -43.00 59.13
NB CYC VD . 26.38 -43.70 57.56
C1B CYC VD . 27.13 -43.79 58.72
C2B CYC VD . 26.67 -44.89 59.48
C3B CYC VD . 25.63 -45.46 58.84
C4B CYC VD . 25.44 -44.70 57.55
CMB CYC VD . 27.21 -45.37 60.79
CAB CYC VD . 24.79 -46.63 59.23
CBB CYC VD . 23.33 -46.47 58.85
OB CYC VD . 24.63 -44.90 56.68
NC CYC VD . 33.83 -38.51 65.21
C1C CYC VD . 34.37 -38.64 66.45
C2C CYC VD . 33.87 -39.93 67.07
C3C CYC VD . 32.81 -40.42 66.08
C4C CYC VD . 32.95 -39.53 64.88
CMC CYC VD . 34.98 -40.92 67.37
CAC CYC VD . 31.39 -40.44 66.66
CBC CYC VD . 31.26 -41.32 67.88
OC CYC VD . 35.15 -37.87 66.96
CHD CYC VD . 32.28 -39.73 63.66
ND CYC VD . 31.49 -39.66 61.33
C1D CYC VD . 32.14 -39.08 62.39
C2D CYC VD . 32.55 -37.77 61.95
C3D CYC VD . 32.16 -37.63 60.64
C4D CYC VD . 31.52 -38.83 60.24
CMD CYC VD . 33.25 -36.74 62.76
CAD CYC VD . 32.38 -36.42 59.77
CBD CYC VD . 33.77 -36.36 59.14
CGD CYC VD . 34.00 -35.11 58.31
O1D CYC VD . 33.91 -34.01 58.89
O2D CYC VD . 34.26 -35.23 57.11
CHA CYC WD . 29.61 -28.25 77.40
NA CYC WD . 30.01 -27.09 75.30
C1A CYC WD . 30.15 -28.17 76.13
C2A CYC WD . 30.90 -29.22 75.48
C3A CYC WD . 31.20 -28.76 74.25
C4A CYC WD . 30.70 -27.39 74.15
CMA CYC WD . 31.93 -29.54 73.19
CAA CYC WD . 31.22 -30.55 76.09
CBA CYC WD . 32.38 -30.53 77.09
CGA CYC WD . 33.74 -30.21 76.48
O1A CYC WD . 33.90 -29.11 75.94
O2A CYC WD . 34.63 -31.08 76.55
CHB CYC WD . 30.82 -26.51 73.09
NB CYC WD . 32.25 -27.26 71.19
C1B CYC WD . 31.40 -26.39 71.87
C2B CYC WD . 31.22 -25.24 71.06
C3B CYC WD . 31.92 -25.38 69.91
C4B CYC WD . 32.61 -26.71 69.97
CMB CYC WD . 30.39 -24.03 71.38
CAB CYC WD . 32.06 -24.45 68.76
CBB CYC WD . 33.26 -23.53 68.90
OB CYC WD . 33.32 -27.23 69.15
NC CYC WD . 25.13 -23.81 79.98
C1C CYC WD . 24.26 -22.82 80.32
C2C CYC WD . 24.58 -21.59 79.52
C3C CYC WD . 25.75 -22.00 78.62
C4C CYC WD . 26.02 -23.44 78.98
CMC CYC WD . 23.37 -21.00 78.79
CAC CYC WD . 26.98 -21.10 78.75
CBC CYC WD . 26.68 -19.65 78.44
OC CYC WD . 23.38 -22.91 81.16
CHD CYC WD . 27.01 -24.23 78.37
ND CYC WD . 28.38 -26.13 77.64
C1D CYC WD . 27.59 -25.52 78.58
C2D CYC WD . 27.57 -26.39 79.73
C3D CYC WD . 28.32 -27.50 79.43
C4D CYC WD . 28.82 -27.35 78.10
CMD CYC WD . 26.85 -26.13 81.02
CAD CYC WD . 28.56 -28.68 80.30
CBD CYC WD . 27.52 -29.78 80.13
CGD CYC WD . 27.81 -31.06 80.90
O1D CYC WD . 28.86 -31.10 81.57
O2D CYC WD . 26.99 -31.99 80.84
CHA CYC XD . 36.54 -35.22 27.78
NA CYC XD . 37.08 -33.75 29.64
C1A CYC XD . 36.32 -34.72 29.06
C2A CYC XD . 35.30 -35.21 29.97
C3A CYC XD . 35.47 -34.49 31.12
C4A CYC XD . 36.55 -33.54 30.88
CMA CYC XD . 34.65 -34.68 32.37
CAA CYC XD . 34.31 -36.29 29.69
CBA CYC XD . 32.90 -35.78 29.43
CGA CYC XD . 32.82 -34.74 28.33
O1A CYC XD . 33.20 -35.07 27.19
O2A CYC XD . 32.37 -33.61 28.62
CHB CYC XD . 37.06 -32.61 31.76
NB CYC XD . 35.84 -32.29 33.89
C1B CYC XD . 36.85 -32.06 32.98
C2B CYC XD . 37.75 -31.10 33.52
C3B CYC XD . 37.26 -30.69 34.72
C4B CYC XD . 36.03 -31.50 35.01
CMB CYC XD . 39.01 -30.60 32.92
CAB CYC XD . 37.80 -29.67 35.66
CBB CYC XD . 36.71 -28.86 36.33
OB CYC XD . 35.34 -31.48 35.99
NC CYC XD . 42.41 -34.37 24.42
C1C CYC XD . 43.62 -34.05 23.85
C2C CYC XD . 44.13 -32.78 24.48
C3C CYC XD . 43.16 -32.51 25.65
C4C CYC XD . 42.05 -33.52 25.45
CMC CYC XD . 45.60 -32.81 24.86
CAC CYC XD . 42.72 -31.04 25.68
CBC CYC XD . 43.87 -30.12 26.01
OC CYC XD . 44.16 -34.66 22.96
CHD CYC XD . 40.87 -33.54 26.21
ND CYC XD . 38.73 -34.25 27.23
C1D CYC XD . 39.62 -34.26 26.19
C2D CYC XD . 39.01 -35.03 25.15
C3D CYC XD . 37.79 -35.48 25.62
C4D CYC XD . 37.63 -35.00 26.94
CMD CYC XD . 39.57 -35.31 23.79
CAD CYC XD . 36.81 -36.33 24.88
CBD CYC XD . 37.00 -37.83 25.04
CGD CYC XD . 35.99 -38.66 24.28
O1D CYC XD . 35.98 -38.57 23.03
O2D CYC XD . 35.20 -39.38 24.92
CHA CYC YD . 42.81 -25.49 10.07
NA CYC YD . 41.18 -27.31 9.92
C1A CYC YD . 42.27 -26.70 10.47
C2A CYC YD . 42.79 -27.50 11.57
C3A CYC YD . 42.03 -28.62 11.63
C4A CYC YD . 40.99 -28.48 10.60
CMA CYC YD . 42.25 -29.75 12.57
CAA CYC YD . 43.97 -27.13 12.44
CBA CYC YD . 45.33 -27.52 11.87
CGA CYC YD . 45.55 -29.02 11.74
O1A CYC YD . 44.84 -29.66 10.95
O2A CYC YD . 46.44 -29.54 12.44
CHB CYC YD . 39.97 -29.37 10.31
NB CYC YD . 39.81 -31.39 11.76
C1B CYC YD . 39.42 -30.55 10.72
C2B CYC YD . 38.28 -31.10 10.10
C3B CYC YD . 37.92 -32.24 10.75
C4B CYC YD . 38.93 -32.45 11.84
CMB CYC YD . 37.53 -30.55 8.92
CAB CYC YD . 36.78 -33.16 10.51
CBB CYC YD . 37.16 -34.34 9.63
OB CYC YD . 38.99 -33.35 12.64
NC CYC YD . 39.90 -21.33 5.46
C1C CYC YD . 39.16 -20.67 4.52
C2C CYC YD . 38.22 -21.64 3.85
C3C CYC YD . 38.39 -22.94 4.65
C4C CYC YD . 39.53 -22.67 5.58
CMC CYC YD . 36.79 -21.15 3.71
CAC CYC YD . 38.56 -24.18 3.78
CBC CYC YD . 37.40 -24.40 2.83
OC CYC YD . 39.26 -19.49 4.24
CHD CYC YD . 40.08 -23.61 6.46
ND CYC YD . 41.28 -24.77 8.27
C1D CYC YD . 41.14 -23.70 7.43
C2D CYC YD . 42.23 -22.82 7.72
C3D CYC YD . 42.97 -23.38 8.71
C4D CYC YD . 42.37 -24.62 9.08
CMD CYC YD . 42.51 -21.52 7.03
CAD CYC YD . 44.20 -22.80 9.36
CBD CYC YD . 43.88 -21.96 10.59
CGD CYC YD . 45.10 -21.46 11.33
O1D CYC YD . 46.23 -21.78 10.90
O2D CYC YD . 44.93 -20.73 12.33
CHA CYC ZD . 21.74 -63.03 38.01
NA CYC ZD . 22.36 -62.26 35.77
C1A CYC ZD . 22.03 -62.04 37.09
C2A CYC ZD . 22.10 -60.61 37.38
C3A CYC ZD . 22.44 -60.00 36.22
C4A CYC ZD . 22.52 -61.04 35.20
CMA CYC ZD . 22.68 -58.53 36.06
CAA CYC ZD . 21.84 -59.99 38.72
CBA CYC ZD . 20.46 -59.32 38.81
CGA CYC ZD . 19.31 -60.24 38.45
O1A CYC ZD . 19.14 -61.26 39.13
O2A CYC ZD . 18.60 -59.92 37.47
CHB CYC ZD . 22.80 -60.87 33.85
NB CYC ZD . 22.71 -58.54 33.00
C1B CYC ZD . 22.92 -59.92 32.90
C2B CYC ZD . 23.30 -60.22 31.57
C3B CYC ZD . 23.28 -59.09 30.84
C4B CYC ZD . 22.93 -57.96 31.77
CMB CYC ZD . 23.64 -61.57 31.02
CAB CYC ZD . 23.58 -58.88 29.39
CBB CYC ZD . 22.66 -57.86 28.75
OB CYC ZD . 22.85 -56.78 31.53
NC CYC ZD . 22.94 -69.63 36.79
C1C CYC ZD . 23.26 -70.88 36.35
C2C CYC ZD . 23.23 -70.90 34.85
C3C CYC ZD . 22.97 -69.44 34.45
C4C CYC ZD . 22.77 -68.72 35.76
CMC CYC ZD . 24.48 -71.52 34.22
CAC CYC ZD . 21.82 -69.27 33.47
CBC CYC ZD . 21.99 -70.10 32.22
OC CYC ZD . 23.47 -71.84 37.07
CHD CYC ZD . 22.49 -67.36 35.87
ND CYC ZD . 22.18 -65.07 36.71
C1D CYC ZD . 22.15 -66.43 36.90
C2D CYC ZD . 21.66 -66.64 38.24
C3D CYC ZD . 21.46 -65.40 38.81
C4D CYC ZD . 21.80 -64.41 37.85
CMD CYC ZD . 21.42 -67.96 38.89
CAD CYC ZD . 20.97 -65.13 40.20
CBD CYC ZD . 22.08 -65.03 41.23
CGD CYC ZD . 21.57 -64.76 42.65
O1D CYC ZD . 20.77 -65.58 43.15
O2D CYC ZD . 21.97 -63.73 43.23
CHA CYC AE . -58.97 -5.47 66.21
NA CYC AE . -59.39 -7.57 65.05
C1A CYC AE . -59.53 -6.21 65.19
C2A CYC AE . -60.29 -5.66 64.08
C3A CYC AE . -60.65 -6.71 63.30
C4A CYC AE . -60.10 -7.91 63.93
CMA CYC AE . -61.43 -6.60 62.03
CAA CYC AE . -60.55 -4.20 63.87
CBA CYC AE . -61.76 -3.66 64.65
CGA CYC AE . -63.10 -4.09 64.10
O1A CYC AE . -63.33 -5.32 64.01
O2A CYC AE . -63.91 -3.21 63.77
CHB CYC AE . -60.21 -9.22 63.48
NB CYC AE . -61.74 -9.61 61.55
C1B CYC AE . -60.82 -9.97 62.53
C2B CYC AE . -60.56 -11.36 62.41
C3B CYC AE . -61.28 -11.85 61.38
C4B CYC AE . -62.07 -10.72 60.80
CMB CYC AE . -59.65 -12.19 63.26
CAB CYC AE . -61.34 -13.24 60.84
CBB CYC AE . -62.42 -14.08 61.51
OB CYC AE . -62.85 -10.73 59.89
NC CYC AE . -54.29 -7.89 70.58
C1C CYC AE . -53.36 -8.57 71.31
C2C CYC AE . -53.50 -10.04 71.06
C3C CYC AE . -54.67 -10.16 70.07
C4C CYC AE . -55.09 -8.73 69.81
CMC CYC AE . -52.21 -10.72 70.61
CAC CYC AE . -55.79 -11.06 70.55
CBC CYC AE . -55.33 -12.49 70.81
OC CYC AE . -52.54 -8.06 72.06
CHD CYC AE . -56.10 -8.36 68.92
ND CYC AE . -57.61 -7.12 67.42
C1D CYC AE . -56.76 -7.15 68.49
C2D CYC AE . -56.76 -5.83 69.05
C3D CYC AE . -57.58 -5.05 68.26
C4D CYC AE . -58.11 -5.86 67.23
CMD CYC AE . -56.01 -5.37 70.25
CAD CYC AE . -57.88 -3.59 68.44
CBD CYC AE . -56.94 -2.71 67.63
CGD CYC AE . -57.30 -1.24 67.65
O1D CYC AE . -58.32 -0.88 68.28
O2D CYC AE . -56.55 -0.44 67.04
CHA CYC BE . -69.13 -27.62 20.63
NA CYC BE . -69.22 -27.99 23.04
C1A CYC BE . -68.80 -27.30 21.94
C2A CYC BE . -68.02 -26.13 22.32
C3A CYC BE . -67.95 -26.16 23.68
C4A CYC BE . -68.58 -27.41 24.11
CMA CYC BE . -67.34 -25.09 24.54
CAA CYC BE . -67.46 -25.10 21.38
CBA CYC BE . -66.03 -25.39 20.93
CGA CYC BE . -65.88 -26.72 20.20
O1A CYC BE . -66.54 -26.89 19.16
O2A CYC BE . -65.13 -27.57 20.68
CHB CYC BE . -68.67 -27.89 25.40
NB CYC BE . -66.84 -27.05 26.84
C1B CYC BE . -68.03 -27.73 26.58
C2B CYC BE . -68.52 -28.29 27.79
C3B CYC BE . -67.64 -27.99 28.78
C4B CYC BE . -66.54 -27.17 28.18
CMB CYC BE . -69.77 -29.07 27.99
CAB CYC BE . -67.70 -28.36 30.24
CBB CYC BE . -66.33 -28.67 30.81
OB CYC BE . -65.58 -26.69 28.72
NC CYC BE . -74.17 -31.93 18.90
C1C CYC BE . -75.24 -32.76 18.74
C2C CYC BE . -75.69 -33.25 20.09
C3C CYC BE . -74.69 -32.60 21.07
C4C CYC BE . -73.78 -31.76 20.20
CMC CYC BE . -77.16 -32.97 20.40
CAC CYC BE . -73.97 -33.62 21.95
CBC CYC BE . -74.89 -34.31 22.93
OC CYC BE . -75.76 -33.07 17.68
CHD CYC BE . -72.74 -30.95 20.69
ND CYC BE . -70.94 -29.27 20.92
C1D CYC BE . -71.71 -30.09 20.14
C2D CYC BE . -71.24 -29.91 18.80
C3D CYC BE . -70.24 -28.98 18.82
C4D CYC BE . -70.05 -28.56 20.17
CMD CYC BE . -71.75 -30.63 17.58
CAD CYC BE . -69.45 -28.49 17.64
CBD CYC BE . -70.16 -27.40 16.84
CGD CYC BE . -69.41 -26.99 15.58
O1D CYC BE . -69.20 -27.84 14.70
O2D CYC BE . -69.02 -25.81 15.50
CHA CYC CE . -72.91 -47.03 12.39
NA CYC CE . -71.68 -45.35 11.13
C1A CYC CE . -72.67 -45.73 12.00
C2A CYC CE . -73.40 -44.58 12.47
C3A CYC CE . -72.88 -43.51 11.82
C4A CYC CE . -71.79 -44.00 10.99
CMA CYC CE . -73.37 -42.09 11.97
CAA CYC CE . -74.53 -44.60 13.46
CBA CYC CE . -75.91 -44.87 12.85
CGA CYC CE . -76.40 -43.78 11.92
O1A CYC CE . -75.79 -43.62 10.84
O2A CYC CE . -77.37 -43.10 12.28
CHB CYC CE . -70.95 -43.26 10.16
NB CYC CE . -71.36 -40.80 10.05
C1B CYC CE . -70.72 -41.99 9.72
C2B CYC CE . -69.69 -41.71 8.79
C3B CYC CE . -69.70 -40.38 8.52
C4B CYC CE . -70.78 -39.77 9.35
CMB CYC CE . -68.73 -42.68 8.17
CAB CYC CE . -68.85 -39.60 7.58
CBB CYC CE . -69.47 -39.48 6.20
OB CYC CE . -71.12 -38.61 9.41
NC CYC CE . -68.88 -52.33 10.85
C1C CYC CE . -67.97 -53.25 10.41
C2C CYC CE . -67.27 -52.72 9.19
C3C CYC CE . -67.92 -51.35 8.94
C4C CYC CE . -68.89 -51.18 10.08
CMC CYC CE . -65.75 -52.70 9.32
CAC CYC CE . -68.58 -51.24 7.56
CBC CYC CE . -67.61 -51.50 6.43
OC CYC CE . -67.76 -54.33 10.93
CHD CYC CE . -69.68 -50.03 10.27
ND CYC CE . -71.19 -48.32 11.19
C1D CYC CE . -70.77 -49.63 11.11
C2D CYC CE . -71.67 -50.40 11.92
C3D CYC CE . -72.57 -49.53 12.50
C4D CYC CE . -72.26 -48.21 12.05
CMD CYC CE . -71.64 -51.88 12.11
CAD CYC CE . -73.68 -49.88 13.43
CBD CYC CE . -73.23 -49.87 14.89
CGD CYC CE . -74.38 -50.09 15.87
O1D CYC CE . -75.53 -50.21 15.43
O2D CYC CE . -74.10 -50.13 17.10
CHA CYC DE . -56.30 0.96 13.31
NA CYC DE . -57.10 -0.83 11.85
C1A CYC DE . -56.59 -0.37 13.03
C2A CYC DE . -56.48 -1.45 13.99
C3A CYC DE . -56.88 -2.58 13.35
C4A CYC DE . -57.21 -2.18 11.98
CMA CYC DE . -56.96 -3.94 13.97
CAA CYC DE . -56.05 -1.31 15.42
CBA CYC DE . -54.66 -1.91 15.70
CGA CYC DE . -53.56 -1.33 14.82
O1A CYC DE . -53.34 -0.11 14.89
O2A CYC DE . -52.94 -2.11 14.07
CHB CYC DE . -57.66 -2.99 10.95
NB CYC DE . -57.45 -5.44 11.36
C1B CYC DE . -57.80 -4.31 10.64
C2B CYC DE . -58.43 -4.71 9.43
C3B CYC DE . -58.41 -6.07 9.37
C4B CYC DE . -57.82 -6.56 10.66
CMB CYC DE . -59.00 -3.84 8.36
CAB CYC DE . -58.91 -6.98 8.29
CBB CYC DE . -58.01 -8.20 8.10
OB CYC DE . -57.66 -7.70 11.03
NC CYC DE . -58.72 6.20 9.69
C1C CYC DE . -59.30 7.12 8.85
C2C CYC DE . -59.70 6.43 7.57
C3C CYC DE . -59.27 4.97 7.76
C4C CYC DE . -58.68 4.92 9.15
CMC CYC DE . -61.16 6.64 7.18
CAC CYC DE . -58.31 4.50 6.67
CBC CYC DE . -58.77 4.92 5.30
OC CYC DE . -59.45 8.30 9.09
CHD CYC DE . -58.18 3.78 9.76
ND CYC DE . -57.33 2.14 11.41
C1D CYC DE . -57.48 3.43 10.98
C2D CYC DE . -56.77 4.26 11.92
C3D CYC DE . -56.25 3.44 12.90
C4D CYC DE . -56.61 2.10 12.58
CMD CYC DE . -56.62 5.74 11.86
CAD CYC DE . -55.45 3.86 14.08
CBD CYC DE . -56.31 4.16 15.31
CGD CYC DE . -55.51 4.60 16.53
O1D CYC DE . -54.84 5.65 16.44
O2D CYC DE . -55.55 3.89 17.55
CHA CYC EE . -48.28 16.01 1.22
NA CYC EE . -47.72 15.83 3.59
C1A CYC EE . -48.58 15.70 2.55
C2A CYC EE . -49.86 15.18 3.00
C3A CYC EE . -49.76 15.03 4.34
C4A CYC EE . -48.41 15.47 4.72
CMA CYC EE . -50.84 14.50 5.22
CAA CYC EE . -51.04 14.86 2.11
CBA CYC EE . -51.93 16.07 1.81
CGA CYC EE . -52.62 16.66 3.01
O1A CYC EE . -51.92 17.20 3.90
O2A CYC EE . -53.86 16.59 3.08
CHB CYC EE . -47.86 15.50 5.98
NB CYC EE . -49.42 15.01 7.87
C1B CYC EE . -48.17 15.30 7.29
C2B CYC EE . -47.20 15.35 8.32
C3B CYC EE . -47.80 15.09 9.51
C4B CYC EE . -49.26 14.87 9.24
CMB CYC EE . -45.74 15.63 8.18
CAB CYC EE . -47.22 15.02 10.89
CBB CYC EE . -47.34 16.34 11.64
OB CYC EE . -50.14 14.61 10.01
NC CYC EE . -42.06 17.72 -1.06
C1C CYC EE . -40.76 18.07 -1.30
C2C CYC EE . -40.13 18.54 -0.02
C3C CYC EE . -41.20 18.30 1.05
C4C CYC EE . -42.41 17.83 0.28
CMC CYC EE . -38.77 17.92 0.28
CAC CYC EE . -41.47 19.50 1.94
CBC CYC EE . -40.23 19.99 2.67
OC CYC EE . -40.21 18.03 -2.39
CHD CYC EE . -43.65 17.54 0.86
ND CYC EE . -45.93 16.75 1.31
C1D CYC EE . -44.97 17.16 0.44
C2D CYC EE . -45.58 17.17 -0.86
C3D CYC EE . -46.88 16.75 -0.72
C4D CYC EE . -47.11 16.48 0.65
CMD CYC EE . -44.92 17.58 -2.14
CAD CYC EE . -47.90 16.58 -1.81
CBD CYC EE . -47.93 15.17 -2.36
CGD CYC EE . -49.00 14.95 -3.43
O1D CYC EE . -49.71 15.92 -3.75
O2D CYC EE . -49.11 13.82 -3.93
CHA CYC FE . -61.87 -6.69 45.23
NA CYC FE . -60.94 -4.72 44.13
C1A CYC FE . -61.22 -6.05 44.17
C2A CYC FE . -60.82 -6.69 42.93
C3A CYC FE . -60.26 -5.72 42.17
C4A CYC FE . -60.24 -4.50 42.98
CMA CYC FE . -59.76 -5.91 40.77
CAA CYC FE . -61.02 -8.14 42.59
CBA CYC FE . -59.71 -8.92 42.54
CGA CYC FE . -58.88 -8.83 43.80
O1A CYC FE . -59.37 -9.25 44.87
O2A CYC FE . -57.75 -8.31 43.72
CHB CYC FE . -59.73 -3.27 42.63
NB CYC FE . -58.12 -3.32 40.73
C1B CYC FE . -58.89 -2.70 41.71
C2B CYC FE . -58.68 -1.30 41.64
C3B CYC FE . -57.78 -1.05 40.66
C4B CYC FE . -57.42 -2.35 40.05
CMB CYC FE . -59.31 -0.23 42.49
CAB CYC FE . -57.22 0.26 40.21
CBB CYC FE . -55.74 0.18 39.91
OB CYC FE . -56.66 -2.57 39.13
NC CYC FE . -64.77 -3.35 50.48
C1C CYC FE . -65.26 -2.50 51.44
C2C CYC FE . -64.59 -1.15 51.29
C3C CYC FE . -63.68 -1.31 50.06
C4C CYC FE . -63.85 -2.74 49.64
CMC CYC FE . -65.56 0.02 51.23
CAC CYC FE . -62.23 -0.91 50.34
CBC CYC FE . -62.11 0.50 50.88
OC CYC FE . -66.08 -2.80 52.29
CHD CYC FE . -63.18 -3.31 48.55
ND CYC FE . -62.42 -4.81 46.74
C1D CYC FE . -63.03 -4.62 47.95
C2D CYC FE . -63.38 -5.92 48.43
C3D CYC FE . -62.99 -6.84 47.48
C4D CYC FE . -62.39 -6.14 46.40
CMD CYC FE . -64.05 -6.24 49.73
CAD CYC FE . -63.17 -8.33 47.55
CBD CYC FE . -64.48 -8.82 46.95
CGD CYC FE . -64.67 -10.32 47.02
O1D CYC FE . -64.70 -10.85 48.15
O2D CYC FE . -64.80 -10.96 45.97
CHA CYC GE . -98.21 -68.26 -54.15
NA CYC GE . -97.83 -69.62 -52.16
C1A CYC GE . -97.70 -69.37 -53.49
C2A CYC GE . -96.93 -70.43 -54.15
C3A CYC GE . -96.61 -71.32 -53.17
C4A CYC GE . -97.22 -70.83 -51.93
CMA CYC GE . -95.80 -72.56 -53.37
CAA CYC GE . -96.59 -70.49 -55.60
CBA CYC GE . -97.63 -71.20 -56.48
CGA CYC GE . -97.76 -72.68 -56.21
O1A CYC GE . -98.22 -73.04 -55.11
O2A CYC GE . -97.39 -73.48 -57.10
CHB CYC GE . -97.21 -71.43 -50.68
NB CYC GE . -96.10 -73.67 -50.54
C1B CYC GE . -96.78 -72.55 -50.04
C2B CYC GE . -97.04 -72.76 -48.67
C3B CYC GE . -96.53 -73.97 -48.30
C4B CYC GE . -95.90 -74.56 -49.51
CMB CYC GE . -97.75 -71.84 -47.72
CAB CYC GE . -96.56 -74.64 -46.97
CBB CYC GE . -97.74 -75.58 -46.83
OB CYC GE . -95.34 -75.63 -49.62
NC CYC GE . -101.25 -62.99 -50.98
C1C CYC GE . -101.83 -62.06 -50.17
C2C CYC GE . -102.18 -62.70 -48.84
C3C CYC GE . -101.62 -64.13 -48.95
C4C CYC GE . -101.08 -64.22 -50.36
CMC CYC GE . -101.71 -61.91 -47.63
CAC CYC GE . -102.64 -65.20 -48.59
CBC CYC GE . -103.17 -65.06 -47.18
OC CYC GE . -102.07 -60.90 -50.47
CHD CYC GE . -100.49 -65.38 -50.91
ND CYC GE . -99.29 -67.00 -52.33
C1D CYC GE . -99.98 -65.82 -52.18
C2D CYC GE . -100.09 -65.24 -53.49
C3D CYC GE . -99.44 -66.08 -54.37
C4D CYC GE . -98.92 -67.19 -53.64
CMD CYC GE . -100.78 -63.97 -53.84
CAD CYC GE . -99.29 -65.87 -55.85
CBD CYC GE . -98.08 -65.02 -56.23
CGD CYC GE . -97.90 -64.83 -57.72
O1D CYC GE . -98.71 -65.41 -58.49
O2D CYC GE . -96.98 -64.10 -58.11
CHA CYC HE . -64.23 -113.27 -14.06
NA CYC HE . -62.25 -112.15 -14.95
C1A CYC HE . -63.47 -112.74 -15.09
C2A CYC HE . -63.89 -112.70 -16.48
C3A CYC HE . -62.91 -112.07 -17.16
C4A CYC HE . -61.85 -111.77 -16.20
CMA CYC HE . -62.94 -111.75 -18.62
CAA CYC HE . -65.21 -113.23 -17.00
CBA CYC HE . -65.28 -114.76 -17.08
CGA CYC HE . -64.34 -115.38 -18.10
O1A CYC HE . -63.12 -115.24 -17.95
O2A CYC HE . -64.86 -116.01 -19.05
CHB CYC HE . -60.63 -111.17 -16.45
NB CYC HE . -60.11 -110.62 -18.83
C1B CYC HE . -59.85 -110.68 -17.46
C2B CYC HE . -58.56 -110.15 -17.22
C3B CYC HE . -58.03 -109.74 -18.41
C4B CYC HE . -59.04 -110.05 -19.47
CMB CYC HE . -57.85 -110.03 -15.90
CAB CYC HE . -56.71 -109.11 -18.69
CBB CYC HE . -55.63 -110.14 -19.03
OB CYC HE . -58.95 -109.85 -20.65
NC CYC HE . -62.83 -112.22 -7.45
C1C CYC HE . -62.41 -111.85 -6.21
C2C CYC HE . -60.98 -111.37 -6.31
C3C CYC HE . -60.59 -111.63 -7.76
C4C CYC HE . -61.87 -112.08 -8.44
CMC CYC HE . -60.79 -109.94 -5.83
CAC CYC HE . -59.43 -112.61 -7.93
CBC CYC HE . -58.18 -112.17 -7.20
OC CYC HE . -63.07 -111.89 -5.20
CHD CYC HE . -61.99 -112.30 -9.80
ND CYC HE . -62.91 -112.67 -12.07
C1D CYC HE . -63.00 -112.81 -10.70
C2D CYC HE . -64.18 -113.58 -10.45
C3D CYC HE . -64.78 -113.84 -11.66
C4D CYC HE . -63.97 -113.26 -12.68
CMD CYC HE . -64.68 -114.03 -9.12
CAD CYC HE . -66.05 -114.61 -11.90
CBD CYC HE . -67.29 -113.72 -11.81
CGD CYC HE . -68.59 -114.46 -12.09
O1D CYC HE . -68.54 -115.67 -12.38
O2D CYC HE . -69.65 -113.81 -12.01
CHA CYC IE . -48.21 -82.67 -52.25
NA CYC IE . -47.59 -84.45 -50.70
C1A CYC IE . -48.41 -83.45 -51.13
C2A CYC IE . -49.59 -83.35 -50.27
C3A CYC IE . -49.42 -84.26 -49.29
C4A CYC IE . -48.10 -84.86 -49.50
CMA CYC IE . -50.43 -84.58 -48.23
CAA CYC IE . -50.74 -82.41 -50.48
CBA CYC IE . -50.74 -81.20 -49.55
CGA CYC IE . -49.51 -80.31 -49.70
O1A CYC IE . -49.31 -79.78 -50.80
O2A CYC IE . -48.78 -80.16 -48.70
CHB CYC IE . -47.49 -85.83 -48.70
NB CYC IE . -48.31 -85.74 -46.36
C1B CYC IE . -47.57 -86.28 -47.42
C2B CYC IE . -46.89 -87.42 -46.97
C3B CYC IE . -47.18 -87.62 -45.66
C4B CYC IE . -48.11 -86.52 -45.24
CMB CYC IE . -46.00 -88.32 -47.77
CAB CYC IE . -46.69 -88.69 -44.74
CBB CYC IE . -46.46 -88.20 -43.32
OB CYC IE . -48.61 -86.33 -44.16
NC CYC IE . -43.83 -84.12 -57.23
C1C CYC IE . -42.95 -84.62 -58.17
C2C CYC IE . -42.05 -85.63 -57.51
C3C CYC IE . -42.51 -85.66 -56.04
C4C CYC IE . -43.66 -84.68 -55.97
CMC CYC IE . -42.01 -86.98 -58.19
CAC CYC IE . -41.32 -85.38 -55.12
CBC CYC IE . -40.09 -86.11 -55.59
OC CYC IE . -42.90 -84.27 -59.33
CHD CYC IE . -44.43 -84.43 -54.84
ND CYC IE . -46.29 -83.75 -53.35
C1D CYC IE . -45.51 -83.56 -54.47
C2D CYC IE . -45.98 -82.34 -55.08
C3D CYC IE . -47.03 -81.87 -54.33
C4D CYC IE . -47.24 -82.77 -53.25
CMD CYC IE . -45.43 -81.69 -56.30
CAD CYC IE . -47.85 -80.63 -54.59
CBD CYC IE . -49.04 -80.90 -55.49
CGD CYC IE . -49.86 -79.66 -55.78
O1D CYC IE . -49.31 -78.70 -56.35
O2D CYC IE . -51.05 -79.65 -55.43
CHA CYC JE . -31.00 -74.50 -60.52
NA CYC JE . -33.11 -73.28 -60.61
C1A CYC JE . -32.38 -74.43 -60.63
C2A CYC JE . -33.25 -75.59 -60.78
C3A CYC JE . -34.51 -75.10 -60.89
C4A CYC JE . -34.43 -73.65 -60.77
CMA CYC JE . -35.75 -75.94 -61.08
CAA CYC JE . -32.79 -77.02 -60.79
CBA CYC JE . -32.36 -77.53 -62.17
CGA CYC JE . -33.48 -77.59 -63.19
O1A CYC JE . -34.02 -76.53 -63.57
O2A CYC JE . -33.82 -78.71 -63.62
CHB CYC JE . -35.47 -72.73 -60.81
NB CYC JE . -37.74 -73.65 -61.25
C1B CYC JE . -36.82 -72.64 -60.98
C2B CYC JE . -37.50 -71.40 -60.90
C3B CYC JE . -38.82 -71.61 -61.14
C4B CYC JE . -39.00 -73.08 -61.35
CMB CYC JE . -36.91 -70.05 -60.64
CAB CYC JE . -39.95 -70.63 -61.19
CBB CYC JE . -40.22 -70.15 -62.61
OB CYC JE . -40.01 -73.69 -61.59
NC CYC JE . -26.99 -69.12 -59.13
C1C CYC JE . -26.39 -67.93 -58.87
C2C CYC JE . -27.31 -66.79 -59.25
C3C CYC JE . -28.59 -67.50 -59.73
C4C CYC JE . -28.28 -68.97 -59.63
CMC CYC JE . -27.51 -65.76 -58.17
CAC CYC JE . -29.06 -67.04 -61.11
CBC CYC JE . -29.23 -65.55 -61.21
OC CYC JE . -25.27 -67.79 -58.41
CHD CYC JE . -29.18 -69.98 -59.98
ND CYC JE . -30.35 -72.14 -60.28
C1D CYC JE . -29.19 -71.41 -60.09
C2D CYC JE . -28.12 -72.37 -60.08
C3D CYC JE . -28.66 -73.62 -60.24
C4D CYC JE . -30.08 -73.48 -60.35
CMD CYC JE . -26.67 -72.06 -59.92
CAD CYC JE . -27.91 -74.92 -60.27
CBD CYC JE . -27.65 -75.48 -58.88
CGD CYC JE . -26.95 -76.83 -58.88
O1D CYC JE . -26.65 -77.33 -59.98
O2D CYC JE . -26.69 -77.35 -57.78
CHA CYC KE . 73.06 24.64 106.28
NA CYC KE . 71.20 23.45 107.33
C1A CYC KE . 71.87 24.59 107.00
C2A CYC KE . 71.16 25.77 107.49
C3A CYC KE . 70.01 25.29 108.05
C4A CYC KE . 70.10 23.83 108.04
CMA CYC KE . 68.90 26.16 108.57
CAA CYC KE . 71.62 27.18 107.35
CBA CYC KE . 72.65 27.63 108.39
CGA CYC KE . 72.10 27.79 109.79
O1A CYC KE . 71.50 26.84 110.31
O2A CYC KE . 72.29 28.88 110.37
CHB CYC KE . 69.20 22.94 108.59
NB CYC KE . 67.47 23.93 110.09
C1B CYC KE . 68.11 22.89 109.41
C2B CYC KE . 67.45 21.68 109.70
C3B CYC KE . 66.42 21.94 110.54
C4B CYC KE . 66.41 23.41 110.80
CMB CYC KE . 67.79 20.30 109.20
CAB CYC KE . 65.41 20.99 111.14
CBB CYC KE . 65.86 20.46 112.49
OB CYC KE . 65.66 24.05 111.50
NC CYC KE . 75.99 19.18 103.33
C1C CYC KE . 76.38 17.98 102.81
C2C CYC KE . 75.63 16.87 103.51
C3C CYC KE . 74.74 17.60 104.53
C4C CYC KE . 75.01 19.06 104.30
CMC CYC KE . 74.90 15.94 102.57
CAC CYC KE . 74.96 17.13 105.97
CBC CYC KE . 74.74 15.63 106.14
OC CYC KE . 77.22 17.82 101.94
CHD CYC KE . 74.36 20.11 104.99
ND CYC KE . 73.50 22.28 105.77
C1D CYC KE . 74.43 21.54 105.09
C2D CYC KE . 75.40 22.47 104.60
C3D CYC KE . 75.01 23.73 104.98
C4D CYC KE . 73.80 23.61 105.72
CMD CYC KE . 76.63 22.15 103.80
CAD CYC KE . 75.72 25.03 104.69
CBD CYC KE . 75.31 25.63 103.34
CGD CYC KE . 75.98 26.97 103.05
O1D CYC KE . 76.74 27.46 103.92
O2D CYC KE . 75.74 27.52 101.96
CHA CYC LE . 8.49 16.14 129.73
NA CYC LE . 7.93 17.40 127.73
C1A CYC LE . 8.65 17.21 128.87
C2A CYC LE . 9.62 18.28 129.06
C3A CYC LE . 9.46 19.12 128.00
C4A CYC LE . 8.39 18.56 127.16
CMA CYC LE . 10.25 20.36 127.77
CAA CYC LE . 10.59 18.38 130.19
CBA CYC LE . 10.02 19.03 131.46
CGA CYC LE . 9.58 20.48 131.28
O1A CYC LE . 8.60 20.71 130.56
O2A CYC LE . 10.23 21.36 131.88
CHB CYC LE . 7.89 19.08 125.98
NB CYC LE . 8.92 21.19 125.15
C1B CYC LE . 8.03 20.12 125.12
C2B CYC LE . 7.21 20.25 123.97
C3B CYC LE . 7.58 21.37 123.29
C4B CYC LE . 8.69 22.01 124.06
CMB CYC LE . 6.11 19.33 123.52
CAB CYC LE . 7.03 21.93 122.02
CBB CYC LE . 5.92 22.94 122.28
OB CYC LE . 9.30 23.01 123.80
NC CYC LE . 4.56 10.71 128.34
C1C CYC LE . 3.75 9.73 127.87
C2C CYC LE . 2.92 10.28 126.73
C3C CYC LE . 3.26 11.76 126.71
C4C CYC LE . 4.39 11.92 127.71
CMC CYC LE . 3.13 9.54 125.42
CAC CYC LE . 2.07 12.67 127.00
CBC CYC LE . 0.92 12.46 126.03
OC CYC LE . 3.70 8.58 128.27
CHD CYC LE . 5.10 13.10 127.92
ND CYC LE . 6.76 14.79 128.62
C1D CYC LE . 6.10 13.61 128.82
C2D CYC LE . 6.57 13.09 130.08
C3D CYC LE . 7.51 13.96 130.55
C4D CYC LE . 7.64 15.04 129.64
CMD CYC LE . 6.12 11.83 130.74
CAD CYC LE . 8.29 13.84 131.84
CBD CYC LE . 9.57 13.03 131.67
CGD CYC LE . 10.41 12.95 132.94
O1D CYC LE . 10.02 13.57 133.94
O2D CYC LE . 11.44 12.26 132.91
CHA CYC ME . 28.06 47.61 94.05
NA CYC ME . 26.08 46.98 95.33
C1A CYC ME . 27.33 46.74 94.85
C2A CYC ME . 27.84 45.47 95.35
C3A CYC ME . 26.81 44.92 96.06
C4A CYC ME . 25.68 45.84 95.96
CMA CYC ME . 26.89 43.62 96.82
CAA CYC ME . 29.20 44.91 95.10
CBA CYC ME . 29.23 43.82 94.02
CGA CYC ME . 28.72 44.28 92.67
O1A CYC ME . 29.28 45.23 92.11
O2A CYC ME . 27.75 43.68 92.18
CHB CYC ME . 24.43 45.67 96.50
NB CYC ME . 23.85 43.29 96.87
C1B CYC ME . 23.64 44.66 96.96
C2B CYC ME . 22.42 44.89 97.63
C3B CYC ME . 21.86 43.70 97.96
C4B CYC ME . 22.79 42.63 97.46
CMB CYC ME . 21.78 46.22 97.96
CAB CYC ME . 20.58 43.41 98.69
CBB CYC ME . 19.86 42.19 98.14
OB CYC ME . 22.67 41.43 97.54
NC CYC ME . 26.20 54.08 92.83
C1C CYC ME . 25.65 55.33 92.73
C2C CYC ME . 24.24 55.30 93.26
C3C CYC ME . 23.95 53.79 93.43
C4C CYC ME . 25.31 53.14 93.31
CMC CYC ME . 24.05 56.15 94.50
CAC CYC ME . 22.94 53.25 92.41
CBC CYC ME . 21.60 53.94 92.50
OC CYC ME . 26.23 56.32 92.32
CHD CYC ME . 25.55 51.80 93.59
ND CYC ME . 26.62 49.61 93.99
C1D CYC ME . 26.61 50.84 93.40
C2D CYC ME . 27.79 50.90 92.56
C3D CYC ME . 28.46 49.71 92.71
C4D CYC ME . 27.74 48.90 93.63
CMD CYC ME . 28.19 52.04 91.68
CAD CYC ME . 29.74 49.32 92.04
CBD CYC ME . 30.98 49.71 92.83
CGD CYC ME . 32.29 49.33 92.14
O1D CYC ME . 32.53 49.83 91.02
O2D CYC ME . 33.05 48.54 92.72
CHA CYC NE . 22.48 59.78 77.92
NA CYC NE . 24.65 58.65 77.90
C1A CYC NE . 23.60 59.25 78.55
C2A CYC NE . 23.82 59.24 79.98
C3A CYC NE . 24.99 58.58 80.18
C4A CYC NE . 25.55 58.28 78.86
CMA CYC NE . 25.55 58.23 81.52
CAA CYC NE . 22.88 59.82 81.00
CBA CYC NE . 23.10 61.30 81.29
CGA CYC NE . 24.43 61.63 81.94
O1A CYC NE . 25.47 61.44 81.29
O2A CYC NE . 24.43 62.07 83.11
CHB CYC NE . 26.75 57.67 78.57
NB CYC NE . 28.28 57.29 80.51
C1B CYC NE . 27.90 57.22 79.17
C2B CYC NE . 28.94 56.59 78.45
C3B CYC NE . 29.94 56.25 79.30
C4B CYC NE . 29.52 56.71 80.66
CMB CYC NE . 28.98 56.31 76.96
CAB CYC NE . 31.23 55.57 79.03
CBB CYC NE . 32.36 56.56 78.79
OB CYC NE . 30.13 56.62 81.69
NC CYC NE . 21.02 58.77 71.33
C1C CYC NE . 20.92 58.44 70.00
C2C CYC NE . 22.29 58.08 69.48
C3C CYC NE . 23.21 58.19 70.69
C4C CYC NE . 22.31 58.63 71.82
CMC CYC NE . 22.33 56.75 68.75
CAC CYC NE . 24.42 59.10 70.47
CBC CYC NE . 25.23 58.72 69.26
OC CYC NE . 19.89 58.47 69.35
CHD CYC NE . 22.75 58.86 73.13
ND CYC NE . 22.86 59.21 75.56
C1D CYC NE . 22.21 59.35 74.37
C2D CYC NE . 21.02 60.09 74.64
C3D CYC NE . 20.97 60.34 75.98
C4D CYC NE . 22.13 59.77 76.58
CMD CYC NE . 19.99 60.53 73.63
CAD CYC NE . 19.89 61.07 76.73
CBD CYC NE . 18.77 60.15 77.17
CGD CYC NE . 17.69 60.84 77.99
O1D CYC NE . 17.81 62.06 78.21
O2D CYC NE . 16.72 60.16 78.39
CHA CYC OE . -69.53 -90.37 5.11
NA CYC OE . -71.03 -89.25 3.53
C1A CYC OE . -69.96 -89.26 4.40
C2A CYC OE . -69.34 -87.95 4.45
C3A CYC OE . -70.07 -87.15 3.65
C4A CYC OE . -71.15 -87.97 3.08
CMA CYC OE . -69.78 -85.69 3.40
CAA CYC OE . -68.11 -87.62 5.26
CBA CYC OE . -68.40 -87.18 6.69
CGA CYC OE . -69.13 -85.86 6.83
O1A CYC OE . -70.30 -85.79 6.39
O2A CYC OE . -68.54 -84.91 7.37
CHB CYC OE . -72.14 -87.57 2.21
NB CYC OE . -72.19 -85.15 1.62
C1B CYC OE . -72.63 -86.48 1.57
C2B CYC OE . -73.76 -86.55 0.72
C3B CYC OE . -74.04 -85.31 0.24
C4B CYC OE . -73.01 -84.38 0.82
CMB CYC OE . -74.55 -87.77 0.36
CAB CYC OE . -75.13 -84.86 -0.66
CBB CYC OE . -76.35 -84.35 0.10
OB CYC OE . -72.90 -83.19 0.64
NC CYC OE . -71.97 -96.74 4.46
C1C CYC OE . -72.55 -97.93 4.12
C2C CYC OE . -73.69 -97.66 3.16
C3C CYC OE . -73.92 -96.15 3.29
C4C CYC OE . -72.66 -95.64 3.94
CMC CYC OE . -73.40 -98.16 1.75
CAC CYC OE . -75.16 -95.80 4.10
CBC CYC OE . -76.37 -96.61 3.67
OC CYC OE . -72.18 -99.03 4.49
CHD CYC OE . -72.28 -94.30 4.04
ND CYC OE . -71.06 -92.18 4.40
C1D CYC OE . -71.25 -93.51 4.67
C2D CYC OE . -70.27 -93.86 5.66
C3D CYC OE . -69.53 -92.74 5.94
C4D CYC OE . -70.02 -91.67 5.13
CMD CYC OE . -70.08 -95.20 6.30
CAD CYC OE . -68.39 -92.63 6.91
CBD CYC OE . -67.04 -92.92 6.25
CGD CYC OE . -65.86 -92.85 7.21
O1D CYC OE . -66.08 -92.54 8.40
O2D CYC OE . -64.73 -93.09 6.75
CHA CYC PE . -89.19 -43.61 -41.64
NA CYC PE . -86.88 -43.85 -42.40
C1A CYC PE . -87.82 -43.65 -41.42
C2A CYC PE . -87.18 -43.47 -40.12
C3A CYC PE . -85.85 -43.56 -40.35
C4A CYC PE . -85.66 -43.77 -41.78
CMA CYC PE . -84.80 -43.45 -39.28
CAA CYC PE . -87.91 -43.26 -38.83
CBA CYC PE . -88.21 -41.79 -38.50
CGA CYC PE . -86.97 -40.93 -38.30
O1A CYC PE . -86.23 -40.71 -39.29
O2A CYC PE . -86.74 -40.49 -37.16
CHB CYC PE . -84.47 -43.88 -42.47
NB CYC PE . -82.38 -43.54 -41.15
C1B CYC PE . -83.12 -43.82 -42.30
C2B CYC PE . -82.22 -44.04 -43.37
C3B CYC PE . -80.94 -43.91 -42.91
C4B CYC PE . -81.03 -43.58 -41.45
CMB CYC PE . -82.56 -44.38 -44.79
CAB CYC PE . -79.65 -44.03 -43.64
CBB CYC PE . -79.19 -42.70 -44.22
OB CYC PE . -80.13 -43.40 -40.67
NC CYC PE . -92.21 -45.18 -47.61
C1C CYC PE . -92.60 -45.54 -48.87
C2C CYC PE . -91.39 -45.52 -49.77
C3C CYC PE . -90.26 -44.98 -48.90
C4C CYC PE . -90.85 -44.88 -47.52
CMC CYC PE . -91.11 -46.87 -50.43
CAC CYC PE . -89.66 -43.66 -49.40
CBC CYC PE . -89.12 -43.76 -50.81
OC CYC PE . -93.73 -45.84 -49.20
CHD CYC PE . -90.14 -44.53 -46.36
ND CYC PE . -89.40 -44.09 -44.05
C1D CYC PE . -90.39 -44.24 -44.97
C2D CYC PE . -91.63 -43.99 -44.28
C3D CYC PE . -91.33 -43.74 -42.97
C4D CYC PE . -89.91 -43.81 -42.81
CMD CYC PE . -93.00 -44.02 -44.87
CAD CYC PE . -92.30 -43.44 -41.86
CBD CYC PE . -92.75 -44.69 -41.11
CGD CYC PE . -93.66 -44.40 -39.93
O1D CYC PE . -93.95 -43.21 -39.69
O2D CYC PE . -94.08 -45.36 -39.25
CHA CYC QE . -23.04 -60.51 -36.07
NA CYC QE . -23.96 -62.31 -34.70
C1A CYC QE . -23.81 -61.00 -35.03
C2A CYC QE . -24.60 -60.15 -34.15
C3A CYC QE . -25.18 -60.99 -33.24
C4A CYC QE . -24.75 -62.33 -33.58
CMA CYC QE . -26.06 -60.54 -32.11
CAA CYC QE . -24.71 -58.65 -34.24
CBA CYC QE . -23.52 -57.89 -33.65
CGA CYC QE . -23.35 -58.04 -32.15
O1A CYC QE . -23.07 -59.17 -31.70
O2A CYC QE . -23.51 -57.03 -31.44
CHB CYC QE . -25.07 -63.52 -32.92
NB CYC QE . -26.58 -63.32 -30.94
C1B CYC QE . -25.78 -64.00 -31.86
C2B CYC QE . -25.76 -65.37 -31.53
C3B CYC QE . -26.54 -65.56 -30.43
C4B CYC QE . -27.08 -64.23 -30.03
CMB CYC QE . -25.00 -66.46 -32.22
CAB CYC QE . -26.85 -66.83 -29.70
CBB CYC QE . -25.85 -67.08 -28.58
OB CYC QE . -27.82 -63.97 -29.11
NC CYC QE . -19.98 -64.41 -40.71
C1C CYC QE . -19.48 -65.34 -41.59
C2C CYC QE . -19.45 -66.69 -40.91
C3C CYC QE . -19.98 -66.41 -39.50
C4C CYC QE . -20.33 -64.94 -39.49
CMC CYC QE . -20.18 -67.78 -41.68
CAC CYC QE . -19.00 -66.85 -38.41
CBC CYC QE . -18.58 -68.30 -38.54
OC CYC QE . -19.11 -65.12 -42.72
CHD CYC QE . -20.91 -64.25 -38.42
ND CYC QE . -22.10 -62.56 -37.06
C1D CYC QE . -21.26 -62.90 -38.09
C2D CYC QE . -20.82 -61.66 -38.66
C3D CYC QE . -21.43 -60.63 -37.98
C4D CYC QE . -22.24 -61.20 -36.97
CMD CYC QE . -19.86 -61.49 -39.80
CAD CYC QE . -21.27 -59.15 -38.23
CBD CYC QE . -22.33 -58.59 -39.16
CGD CYC QE . -22.32 -57.06 -39.23
O1D CYC QE . -21.54 -56.45 -38.49
O2D CYC QE . -23.10 -56.51 -40.04
CHA CYC RE . -63.30 -74.76 -7.62
NA CYC RE . -60.89 -74.71 -8.12
C1A CYC RE . -62.21 -74.46 -8.42
C2A CYC RE . -62.31 -73.74 -9.68
C3A CYC RE . -61.03 -73.58 -10.13
C4A CYC RE . -60.16 -74.29 -9.19
CMA CYC RE . -60.65 -72.82 -11.36
CAA CYC RE . -63.57 -73.26 -10.31
CBA CYC RE . -64.04 -74.13 -11.48
CGA CYC RE . -64.21 -75.60 -11.13
O1A CYC RE . -65.02 -75.90 -10.24
O2A CYC RE . -63.52 -76.44 -11.75
CHB CYC RE . -58.79 -74.49 -9.29
NB CYC RE . -57.80 -73.84 -11.49
C1B CYC RE . -57.76 -74.33 -10.19
C2B CYC RE . -56.44 -74.71 -9.88
C3B CYC RE . -55.66 -74.48 -10.96
C4B CYC RE . -56.53 -73.88 -12.02
CMB CYC RE . -55.93 -75.30 -8.59
CAB CYC RE . -54.20 -74.74 -11.15
CBB CYC RE . -53.88 -75.25 -12.55
OB CYC RE . -56.22 -73.51 -13.12
NC CYC RE . -63.12 -76.20 -1.04
C1C CYC RE . -62.95 -76.47 0.29
C2C CYC RE . -61.61 -77.15 0.48
C3C CYC RE . -60.96 -77.09 -0.91
C4C CYC RE . -62.03 -76.54 -1.81
CMC CYC RE . -60.78 -76.58 1.61
CAC CYC RE . -60.39 -78.43 -1.34
CBC CYC RE . -59.60 -79.11 -0.24
OC CYC RE . -63.75 -76.24 1.18
CHD CYC RE . -61.90 -76.37 -3.20
ND CYC RE . -62.32 -75.55 -5.50
C1D CYC RE . -62.77 -75.98 -4.26
C2D CYC RE . -64.20 -76.03 -4.37
C3D CYC RE . -64.55 -75.58 -5.61
C4D CYC RE . -63.37 -75.27 -6.32
CMD CYC RE . -65.15 -76.48 -3.30
CAD CYC RE . -65.95 -75.44 -6.16
CBD CYC RE . -66.59 -74.13 -5.72
CGD CYC RE . -67.84 -73.77 -6.52
O1D CYC RE . -68.72 -74.63 -6.65
O2D CYC RE . -67.91 -72.62 -6.98
CHA CYC SE . 12.88 -9.12 113.08
NA CYC SE . 15.25 -8.66 112.79
C1A CYC SE . 14.01 -8.96 112.31
C2A CYC SE . 14.02 -9.08 110.87
C3A CYC SE . 15.31 -8.87 110.48
C4A CYC SE . 16.09 -8.64 111.69
CMA CYC SE . 15.79 -8.88 109.06
CAA CYC SE . 12.83 -9.37 110.01
CBA CYC SE . 12.50 -10.86 109.84
CGA CYC SE . 13.54 -11.63 109.05
O1A CYC SE . 14.68 -11.74 109.52
O2A CYC SE . 13.19 -12.13 107.95
CHB CYC SE . 17.44 -8.40 111.79
NB CYC SE . 18.75 -8.59 109.69
C1B CYC SE . 18.58 -8.35 111.06
C2B CYC SE . 19.84 -8.03 111.63
C3B CYC SE . 20.78 -8.08 110.66
C4B CYC SE . 20.10 -8.45 109.39
CMB CYC SE . 20.11 -7.70 113.06
CAB CYC SE . 22.25 -7.86 110.76
CBB CYC SE . 23.03 -9.17 110.96
OB CYC SE . 20.58 -8.59 108.29
NC CYC SE . 12.47 -7.53 119.59
C1C CYC SE . 12.53 -7.12 120.89
C2C CYC SE . 13.91 -7.36 121.42
C3C CYC SE . 14.69 -7.94 120.22
C4C CYC SE . 13.68 -7.99 119.11
CMC CYC SE . 14.55 -6.13 122.06
CAC CYC SE . 15.37 -9.26 120.54
CBC CYC SE . 16.28 -9.18 121.75
OC CYC SE . 11.60 -6.66 121.53
CHD CYC SE . 13.95 -8.42 117.80
ND CYC SE . 13.68 -8.74 115.38
C1D CYC SE . 13.16 -8.68 116.64
C2D CYC SE . 11.76 -9.02 116.51
C3D CYC SE . 11.50 -9.22 115.18
C4D CYC SE . 12.70 -9.03 114.46
CMD CYC SE . 10.78 -9.15 117.63
CAD CYC SE . 10.18 -9.57 114.56
CBD CYC SE . 9.38 -8.35 114.15
CGD CYC SE . 8.04 -8.67 113.50
O1D CYC SE . 7.74 -9.87 113.38
O2D CYC SE . 7.32 -7.73 113.13
CHA CYC TE . 70.35 10.31 80.67
NA CYC TE . 68.86 12.01 79.74
C1A CYC TE . 69.19 10.71 80.04
C2A CYC TE . 68.12 9.81 79.63
C3A CYC TE . 67.16 10.59 79.08
C4A CYC TE . 67.65 11.97 79.10
CMA CYC TE . 65.85 10.09 78.53
CAA CYC TE . 68.12 8.33 79.85
CBA CYC TE . 68.82 7.53 78.74
CGA CYC TE . 68.17 7.64 77.37
O1A CYC TE . 68.16 8.74 76.80
O2A CYC TE . 67.67 6.61 76.89
CHB CYC TE . 67.02 13.10 78.61
NB CYC TE . 64.90 12.74 77.35
C1B CYC TE . 65.92 13.51 77.91
C2B CYC TE . 65.68 14.87 77.62
C3B CYC TE . 64.55 14.97 76.90
C4B CYC TE . 64.00 13.57 76.72
CMB CYC TE . 66.52 16.05 78.03
CAB CYC TE . 63.87 16.18 76.35
CBB CYC TE . 64.34 16.51 74.94
OB CYC TE . 63.01 13.23 76.13
NC CYC TE . 74.94 14.55 83.45
C1C CYC TE . 75.73 15.55 83.93
C2C CYC TE . 75.36 16.85 83.27
C3C CYC TE . 74.30 16.45 82.22
C4C CYC TE . 74.05 14.98 82.47
CMC CYC TE . 74.92 17.93 84.24
CAC CYC TE . 74.74 16.79 80.79
CBC CYC TE . 75.16 18.22 80.63
OC CYC TE . 76.59 15.42 84.78
CHD CYC TE . 73.09 14.22 81.81
ND CYC TE . 71.53 12.43 81.11
C1D CYC TE . 72.70 12.84 81.71
C2D CYC TE . 73.39 11.65 82.11
C3D CYC TE . 72.60 10.57 81.77
C4D CYC TE . 71.42 11.07 81.15
CMD CYC TE . 74.72 11.57 82.77
CAD CYC TE . 72.89 9.12 82.00
CBD CYC TE . 72.31 8.60 83.32
CGD CYC TE . 72.50 7.10 83.50
O1D CYC TE . 73.09 6.47 82.60
O2D CYC TE . 72.06 6.58 84.53
CHA CYC UE . 10.07 37.95 62.88
NA CYC UE . 9.16 36.84 64.85
C1A CYC UE . 9.88 36.86 63.70
C2A CYC UE . 10.44 35.54 63.43
C3A CYC UE . 10.06 34.75 64.46
C4A CYC UE . 9.22 35.57 65.34
CMA CYC UE . 10.44 33.31 64.63
CAA CYC UE . 11.29 35.18 62.24
CBA CYC UE . 10.49 34.99 60.95
CGA CYC UE . 9.61 33.76 60.92
O1A CYC UE . 8.71 33.65 61.79
O2A CYC UE . 9.79 32.93 60.02
CHB CYC UE . 8.57 35.18 66.50
NB CYC UE . 8.85 32.79 67.18
C1B CYC UE . 8.40 34.10 67.32
C2B CYC UE . 7.67 34.21 68.54
C3B CYC UE . 7.67 33.00 69.15
C4B CYC UE . 8.43 32.05 68.27
CMB CYC UE . 7.01 35.43 69.09
CAB CYC UE . 7.06 32.60 70.45
CBB CYC UE . 5.64 32.10 70.28
OB CYC UE . 8.67 30.89 68.45
NC CYC UE . 8.66 44.35 64.62
C1C CYC UE . 8.37 45.57 65.14
C2C CYC UE . 7.35 45.42 66.25
C3C CYC UE . 7.11 43.91 66.32
C4C CYC UE . 7.99 43.31 65.26
CMC CYC UE . 7.75 46.08 67.54
CAC CYC UE . 5.63 43.54 66.23
CBC CYC UE . 4.78 44.23 67.27
OC CYC UE . 8.83 46.63 64.75
CHD CYC UE . 8.12 41.94 64.97
ND CYC UE . 9.01 39.79 64.14
C1D CYC UE . 8.79 41.14 63.98
C2D CYC UE . 9.29 41.47 62.68
C3D CYC UE . 9.81 40.34 62.12
C4D CYC UE . 9.66 39.28 63.05
CMD CYC UE . 9.23 42.81 62.03
CAD CYC UE . 10.45 40.20 60.77
CBD CYC UE . 11.97 40.38 60.78
CGD CYC UE . 12.64 39.99 59.49
O1D CYC UE . 11.94 39.49 58.58
O2D CYC UE . 13.86 40.18 59.38
CHA CYC VE . 20.90 0.21 96.07
NA CYC VE . 19.31 1.66 94.89
C1A CYC VE . 20.57 1.31 95.29
C2A CYC VE . 21.56 2.23 94.73
C3A CYC VE . 20.86 3.15 94.02
C4A CYC VE . 19.44 2.80 94.15
CMA CYC VE . 21.49 4.28 93.27
CAA CYC VE . 23.04 2.14 94.92
CBA CYC VE . 23.60 3.25 95.82
CGA CYC VE . 23.01 3.28 97.21
O1A CYC VE . 23.20 2.29 97.95
O2A CYC VE . 22.35 4.29 97.56
CHB CYC VE . 18.36 3.48 93.62
NB CYC VE . 18.89 5.49 92.23
C1B CYC VE . 18.05 4.58 92.85
C2B CYC VE . 16.70 4.97 92.63
C3B CYC VE . 16.71 6.13 91.91
C4B CYC VE . 18.14 6.45 91.60
CMB CYC VE . 15.46 4.29 93.11
CAB CYC VE . 15.56 6.96 91.45
CBB CYC VE . 15.86 8.46 91.53
OB CYC VE . 18.58 7.37 90.96
NC CYC VE . 16.84 -5.08 97.41
C1C CYC VE . 15.90 -6.05 97.60
C2C CYC VE . 14.52 -5.43 97.47
C3C CYC VE . 14.80 -3.97 97.06
C4C CYC VE . 16.30 -3.84 97.09
CMC CYC VE . 13.58 -6.19 96.56
CAC CYC VE . 14.08 -2.97 97.96
CBC CYC VE . 12.68 -3.41 98.30
OC CYC VE . 16.12 -7.21 97.88
CHD CYC VE . 16.99 -2.66 96.84
ND CYC VE . 18.78 -1.03 96.32
C1D CYC VE . 18.35 -2.19 96.90
C2D CYC VE . 19.50 -2.75 97.58
C3D CYC VE . 20.56 -1.92 97.34
C4D CYC VE . 20.12 -0.84 96.54
CMD CYC VE . 19.53 -4.01 98.39
CAD CYC VE . 21.97 -2.11 97.83
CBD CYC VE . 22.73 -3.11 96.97
CGD CYC VE . 24.22 -3.17 97.26
O1D CYC VE . 24.58 -3.28 98.45
O2D CYC VE . 25.00 -3.13 96.30
CHA CYC WE . -79.90 -78.53 -51.40
NA CYC WE . -78.14 -77.33 -52.62
C1A CYC WE . -78.59 -78.12 -51.60
C2A CYC WE . -77.51 -78.51 -50.73
C3A CYC WE . -76.39 -77.91 -51.22
C4A CYC WE . -76.82 -77.10 -52.36
CMA CYC WE . -75.02 -78.07 -50.62
CAA CYC WE . -77.64 -79.40 -49.53
CBA CYC WE . -77.73 -78.60 -48.21
CGA CYC WE . -78.76 -77.49 -48.25
O1A CYC WE . -79.94 -77.79 -48.47
O2A CYC WE . -78.36 -76.32 -48.05
CHB CYC WE . -76.05 -76.21 -53.11
NB CYC WE . -73.64 -76.10 -52.51
C1B CYC WE . -74.79 -75.68 -53.19
C2B CYC WE . -74.46 -74.55 -53.97
C3B CYC WE . -73.20 -74.14 -53.63
C4B CYC WE . -72.62 -75.23 -52.79
CMB CYC WE . -75.36 -73.85 -54.95
CAB CYC WE . -72.44 -72.91 -54.03
CBB CYC WE . -71.79 -72.22 -52.84
OB CYC WE . -71.49 -75.34 -52.38
NC CYC WE . -85.09 -78.69 -55.72
C1C CYC WE . -86.07 -78.65 -56.67
C2C CYC WE . -85.70 -77.62 -57.72
C3C CYC WE . -84.47 -76.92 -57.12
C4C CYC WE . -84.09 -77.74 -55.92
CMC CYC WE . -85.48 -78.23 -59.10
CAC CYC WE . -84.75 -75.45 -56.76
CBC CYC WE . -85.29 -74.66 -57.93
OC CYC WE . -87.06 -79.35 -56.70
CHD CYC WE . -82.95 -77.55 -55.14
ND CYC WE . -81.19 -77.92 -53.42
C1D CYC WE . -82.50 -78.01 -53.85
C2D CYC WE . -83.25 -78.54 -52.75
C3D CYC WE . -82.37 -78.79 -51.73
C4D CYC WE . -81.06 -78.43 -52.16
CMD CYC WE . -84.72 -78.77 -52.70
CAD CYC WE . -82.70 -79.35 -50.38
CBD CYC WE . -82.84 -80.87 -50.37
CGD CYC WE . -83.38 -81.43 -49.07
O1D CYC WE . -84.51 -81.06 -48.68
O2D CYC WE . -82.66 -82.23 -48.43
CHA CYC XE . 53.46 32.83 106.23
NA CYC XE . 53.34 34.29 104.25
C1A CYC XE . 52.78 33.47 105.20
C2A CYC XE . 51.35 33.37 104.99
C3A CYC XE . 51.06 34.15 103.92
C4A CYC XE . 52.33 34.62 103.39
CMA CYC XE . 49.67 34.35 103.38
CAA CYC XE . 50.42 32.53 105.83
CBA CYC XE . 50.17 31.14 105.24
CGA CYC XE . 51.44 30.38 104.91
O1A CYC XE . 52.23 30.11 105.83
O2A CYC XE . 51.63 30.07 103.71
CHB CYC XE . 52.56 35.30 102.19
NB CYC XE . 50.51 36.04 100.97
C1B CYC XE . 51.88 35.80 101.12
C2B CYC XE . 52.51 36.08 99.89
C3B CYC XE . 51.55 36.31 98.94
C4B CYC XE . 50.26 36.47 99.70
CMB CYC XE . 53.99 36.07 99.58
CAB CYC XE . 51.69 36.46 97.46
CBB CYC XE . 50.65 35.68 96.65
OB CYC XE . 49.18 36.83 99.28
NC CYC XE . 59.68 34.09 108.67
C1C CYC XE . 60.92 34.50 109.07
C2C CYC XE . 61.52 35.36 107.98
C3C CYC XE . 60.50 35.31 106.84
C4C CYC XE . 59.32 34.55 107.41
CMC CYC XE . 61.90 36.76 108.45
CAC CYC XE . 61.07 34.71 105.56
CBC CYC XE . 62.30 35.44 105.06
OC CYC XE . 61.45 34.22 110.12
CHD CYC XE . 58.10 34.35 106.75
ND CYC XE . 55.74 33.78 106.27
C1D CYC XE . 56.91 33.57 106.97
C2D CYC XE . 56.68 32.44 107.81
C3D CYC XE . 55.38 32.05 107.65
C4D CYC XE . 54.77 32.91 106.69
CMD CYC XE . 57.67 31.80 108.73
CAD CYC XE . 54.70 30.90 108.33
CBD CYC XE . 54.16 31.22 109.72
CGD CYC XE . 53.68 30.00 110.48
O1D CYC XE . 54.52 29.11 110.77
O2D CYC XE . 52.48 29.92 110.77
CHA CYC YE . -4.37 72.56 49.79
NA CYC YE . -5.30 70.82 48.35
C1A CYC YE . -5.29 72.09 48.87
C2A CYC YE . -6.30 72.91 48.22
C3A CYC YE . -6.98 72.08 47.39
C4A CYC YE . -6.37 70.76 47.49
CMA CYC YE . -8.13 72.50 46.52
CAA CYC YE . -6.50 74.38 48.44
CBA CYC YE . -7.50 74.74 49.54
CGA CYC YE . -8.91 74.26 49.29
O1A CYC YE . -9.14 73.04 49.30
O2A CYC YE . -9.80 75.13 49.09
CHB CYC YE . -6.72 69.61 46.82
NB CYC YE . -8.77 69.72 45.41
C1B CYC YE . -7.65 69.12 45.95
C2B CYC YE . -7.59 67.78 45.48
C3B CYC YE . -8.63 67.56 44.65
C4B CYC YE . -9.43 68.83 44.59
CMB CYC YE . -6.55 66.75 45.80
CAB CYC YE . -9.01 66.33 43.89
CBB CYC YE . -9.98 65.45 44.66
OB CYC YE . -10.44 69.05 43.97
NC CYC YE . 1.35 69.22 51.83
C1C CYC YE . 2.45 68.42 51.94
C2C CYC YE . 2.27 67.22 51.03
C3C CYC YE . 0.74 67.20 50.85
C4C CYC YE . 0.33 68.62 51.09
CMC CYC YE . 3.11 67.25 49.76
CAC CYC YE . 0.02 66.26 51.82
CBC CYC YE . 0.57 64.84 51.81
OC CYC YE . 3.43 68.67 52.59
CHD CYC YE . -0.89 69.20 50.68
ND CYC YE . -2.77 70.70 50.08
C1D CYC YE . -1.59 70.46 50.74
C2D CYC YE . -1.28 71.67 51.46
C3D CYC YE . -2.28 72.58 51.19
C4D CYC YE . -3.23 71.96 50.33
CMD CYC YE . -0.09 71.90 52.32
CAD CYC YE . -2.38 73.98 51.71
CBD CYC YE . -1.76 75.01 50.76
CGD CYC YE . -1.97 76.45 51.18
O1D CYC YE . -2.65 76.67 52.21
O2D CYC YE . -1.44 77.34 50.50
CHA CYC ZE . -32.86 45.31 -7.04
NA CYC ZE . -31.25 46.82 -8.08
C1A CYC ZE . -32.25 46.54 -7.19
C2A CYC ZE . -32.59 47.72 -6.41
C3A CYC ZE . -31.77 48.71 -6.86
C4A CYC ZE . -30.94 48.14 -7.92
CMA CYC ZE . -31.76 50.12 -6.34
CAA CYC ZE . -33.62 47.78 -5.33
CBA CYC ZE . -35.05 48.02 -5.83
CGA CYC ZE . -35.25 49.35 -6.54
O1A CYC ZE . -34.68 49.55 -7.63
O2A CYC ZE . -35.98 50.20 -5.99
CHB CYC ZE . -29.97 48.78 -8.68
NB CYC ZE . -29.64 51.21 -8.23
C1B CYC ZE . -29.39 50.00 -8.87
C2B CYC ZE . -28.39 50.20 -9.86
C3B CYC ZE . -28.03 51.51 -9.85
C4B CYC ZE . -28.82 52.18 -8.78
CMB CYC ZE . -27.80 49.18 -10.78
CAB CYC ZE . -27.04 52.22 -10.71
CBB CYC ZE . -27.69 52.80 -11.96
OB CYC ZE . -28.80 53.34 -8.44
NC CYC ZE . -30.80 39.55 -10.04
C1C CYC ZE . -30.26 38.51 -10.76
C2C CYC ZE . -29.58 39.05 -11.98
C3C CYC ZE . -29.72 40.57 -11.87
C4C CYC ZE . -30.51 40.78 -10.60
CMC CYC ZE . -28.16 38.54 -12.17
CAC CYC ZE . -30.34 41.21 -13.10
CBC CYC ZE . -29.59 40.89 -14.37
OC CYC ZE . -30.35 37.33 -10.45
CHD CYC ZE . -30.89 42.04 -10.11
ND CYC ZE . -31.71 43.88 -8.68
C1D CYC ZE . -31.74 42.57 -9.07
C2D CYC ZE . -32.78 41.94 -8.32
C3D CYC ZE . -33.31 42.88 -7.48
C4D CYC ZE . -32.63 44.11 -7.69
CMD CYC ZE . -33.21 40.51 -8.42
CAD CYC ZE . -34.42 42.68 -6.48
CBD CYC ZE . -33.92 42.22 -5.12
CGD CYC ZE . -35.01 42.21 -4.05
O1D CYC ZE . -36.13 42.67 -4.35
O2D CYC ZE . -34.72 41.74 -2.93
CHA CYC AF . -7.44 88.68 -0.42
NA CYC AF . -8.34 87.17 -2.10
C1A CYC AF . -7.88 87.44 -0.84
C2A CYC AF . -7.96 86.27 0.00
C3A CYC AF . -8.49 85.28 -0.76
C4A CYC AF . -8.67 85.83 -2.11
CMA CYC AF . -8.78 83.88 -0.29
CAA CYC AF . -7.55 86.20 1.44
CBA CYC AF . -6.20 85.52 1.68
CGA CYC AF . -5.06 86.12 0.86
O1A CYC AF . -4.82 87.33 0.97
O2A CYC AF . -4.42 85.36 0.11
CHB CYC AF . -9.10 85.18 -3.24
NB CYC AF . -9.78 82.79 -2.97
C1B CYC AF . -9.53 83.96 -3.68
C2B CYC AF . -9.79 83.73 -5.04
C3B CYC AF . -10.18 82.45 -5.21
C4B CYC AF . -10.21 81.82 -3.85
CMB CYC AF . -9.65 84.72 -6.16
CAB CYC AF . -10.56 81.72 -6.46
CBB CYC AF . -10.08 80.28 -6.46
OB CYC AF . -10.54 80.69 -3.54
NC CYC AF . -8.79 94.61 -3.44
C1C CYC AF . -9.16 95.71 -4.14
C2C CYC AF . -9.64 95.29 -5.50
C3C CYC AF . -9.49 93.76 -5.51
C4C CYC AF . -8.94 93.42 -4.15
CMC CYC AF . -11.03 95.81 -5.87
CAC CYC AF . -8.63 93.30 -6.67
CBC CYC AF . -8.79 94.20 -7.88
OC CYC AF . -9.12 96.86 -3.73
CHD CYC AF . -8.65 92.13 -3.69
ND CYC AF . -8.17 90.21 -2.21
C1D CYC AF . -8.06 91.54 -2.51
C2D CYC AF . -7.25 92.12 -1.47
C3D CYC AF . -6.93 91.13 -0.58
C4D CYC AF . -7.52 89.92 -1.03
CMD CYC AF . -6.81 93.55 -1.37
CAD CYC AF . -6.10 91.28 0.66
CBD CYC AF . -6.92 91.81 1.84
CGD CYC AF . -6.08 92.20 3.04
O1D CYC AF . -5.22 93.09 2.90
O2D CYC AF . -6.29 91.61 4.11
CHA CYC BF . 3.00 103.36 -10.97
NA CYC BF . 3.49 103.04 -8.59
C1A CYC BF . 2.65 103.04 -9.66
C2A CYC BF . 1.31 102.65 -9.26
C3A CYC BF . 1.37 102.42 -7.92
C4A CYC BF . 2.74 102.69 -7.50
CMA CYC BF . 0.21 101.98 -7.08
CAA CYC BF . 0.12 102.55 -10.17
CBA CYC BF . -0.59 103.88 -10.44
CGA CYC BF . -1.18 104.54 -9.20
O1A CYC BF . -0.40 104.97 -8.33
O2A CYC BF . -2.42 104.60 -9.11
CHB CYC BF . 3.26 102.61 -6.22
NB CYC BF . 1.69 101.92 -4.41
C1B CYC BF . 2.91 102.31 -4.93
C2B CYC BF . 3.85 102.38 -3.87
C3B CYC BF . 3.24 102.03 -2.71
C4B CYC BF . 1.81 101.73 -3.06
CMB CYC BF . 5.30 102.77 -3.95
CAB CYC BF . 3.78 101.94 -1.32
CBB CYC BF . 3.59 103.24 -0.56
OB CYC BF . 0.92 101.38 -2.31
NC CYC BF . 9.44 104.58 -12.99
C1C CYC BF . 10.77 104.78 -13.17
C2C CYC BF . 11.43 104.99 -11.83
C3C CYC BF . 10.27 104.97 -10.83
C4C CYC BF . 9.05 104.63 -11.66
CMC CYC BF . 12.55 104.00 -11.53
CAC CYC BF . 10.13 106.27 -10.03
CBC CYC BF . 11.37 106.62 -9.25
OC CYC BF . 11.35 104.78 -14.24
CHD CYC BF . 7.78 104.43 -11.14
ND CYC BF . 5.40 103.85 -10.79
C1D CYC BF . 6.44 104.21 -11.60
C2D CYC BF . 5.87 104.35 -12.92
C3D CYC BF . 4.53 104.05 -12.83
C4D CYC BF . 4.23 103.73 -11.48
CMD CYC BF . 6.61 104.76 -14.16
CAD CYC BF . 3.54 104.06 -13.96
CBD CYC BF . 3.44 102.72 -14.68
CGD CYC BF . 2.35 102.66 -15.72
O1D CYC BF . 1.66 103.67 -15.90
O2D CYC BF . 2.20 101.59 -16.36
CHA CYC CF . -11.15 76.13 30.10
NA CYC CF . -10.03 78.18 29.35
C1A CYC CF . -10.58 76.95 29.13
C2A CYC CF . -10.52 76.62 27.71
C3A CYC CF . -9.98 77.71 27.10
C4A CYC CF . -9.54 78.61 28.16
CMA CYC CF . -9.85 77.89 25.62
CAA CYC CF . -11.04 75.37 27.08
CBA CYC CF . -10.00 74.25 27.01
CGA CYC CF . -9.53 73.78 28.38
O1A CYC CF . -10.37 73.31 29.17
O2A CYC CF . -8.32 73.90 28.66
CHB CYC CF . -8.81 79.78 28.02
NB CYC CF . -7.78 80.11 25.79
C1B CYC CF . -8.08 80.46 27.09
C2B CYC CF . -7.46 81.70 27.39
C3B CYC CF . -6.74 82.09 26.31
C4B CYC CF . -6.98 81.08 25.22
CMB CYC CF . -7.53 82.48 28.67
CAB CYC CF . -5.87 83.30 26.13
CBB CYC CF . -4.63 83.00 25.29
OB CYC CF . -6.55 81.08 24.10
NC CYC CF . -12.82 78.27 36.39
C1C CYC CF . -13.06 78.89 37.57
C2C CYC CF . -12.31 80.20 37.61
C3C CYC CF . -11.63 80.29 36.25
C4C CYC CF . -11.99 79.01 35.54
CMC CYC CF . -13.19 81.39 37.98
CAC CYC CF . -10.13 80.56 36.33
CBC CYC CF . -9.84 81.93 36.90
OC CYC CF . -13.75 78.45 38.47
CHD CYC CF . -11.56 78.66 34.26
ND CYC CF . -11.25 77.61 32.05
C1D CYC CF . -11.62 77.54 33.37
C2D CYC CF . -11.99 76.17 33.61
C3D CYC CF . -11.86 75.49 32.44
C4D CYC CF . -11.41 76.41 31.43
CMD CYC CF . -12.42 75.59 34.92
CAD CYC CF . -12.13 74.02 32.22
CBD CYC CF . -13.59 73.69 31.94
CGD CYC CF . -13.86 72.20 31.87
O1D CYC CF . -13.64 71.52 32.89
O2D CYC CF . -14.28 71.72 30.80
CHA CYC DF . 8.92 -64.70 -59.17
NA CYC DF . 9.62 -63.35 -57.25
C1A CYC DF . 9.88 -64.13 -58.34
C2A CYC DF . 11.31 -64.21 -58.58
C3A CYC DF . 11.89 -63.51 -57.57
C4A CYC DF . 10.82 -63.02 -56.71
CMA CYC DF . 13.37 -63.29 -57.42
CAA CYC DF . 11.97 -64.89 -59.74
CBA CYC DF . 12.33 -66.36 -59.50
CGA CYC DF . 13.38 -66.56 -58.43
O1A CYC DF . 13.09 -66.31 -57.24
O2A CYC DF . 14.50 -66.99 -58.78
CHB CYC DF . 10.94 -62.27 -55.55
NB CYC DF . 13.25 -61.98 -54.66
C1B CYC DF . 11.87 -61.80 -54.68
C2B CYC DF . 11.51 -60.99 -53.56
C3B CYC DF . 12.63 -60.67 -52.88
C4B CYC DF . 13.79 -61.31 -53.57
CMB CYC DF . 10.14 -60.54 -53.18
CAB CYC DF . 12.78 -59.83 -51.64
CBB CYC DF . 12.76 -60.69 -50.38
OB CYC DF . 14.95 -61.28 -53.29
NC CYC DF . 2.16 -63.22 -59.04
C1C CYC DF . 0.93 -62.65 -58.89
C2C CYC DF . 1.01 -61.62 -57.78
C3C CYC DF . 2.25 -62.08 -57.01
C4C CYC DF . 3.04 -62.83 -58.05
CMC CYC DF . 1.01 -60.16 -58.27
CAC CYC DF . 1.93 -62.98 -55.81
CBC CYC DF . 0.95 -62.36 -54.85
OC CYC DF . -0.05 -62.89 -59.56
CHD CYC DF . 4.42 -63.12 -57.95
ND CYC DF . 6.78 -63.78 -58.34
C1D CYC DF . 5.45 -63.82 -58.68
C2D CYC DF . 5.36 -64.67 -59.83
C3D CYC DF . 6.63 -65.10 -60.15
C4D CYC DF . 7.53 -64.55 -59.19
CMD CYC DF . 4.11 -65.03 -60.58
CAD CYC DF . 7.03 -66.00 -61.27
CBD CYC DF . 7.40 -65.23 -62.53
CGD CYC DF . 7.98 -66.10 -63.63
O1D CYC DF . 8.20 -67.30 -63.38
O2D CYC DF . 8.22 -65.57 -64.75
CHA CYC EF . 41.52 -29.74 -40.72
NA CYC EF . 40.24 -31.74 -40.13
C1A CYC EF . 40.55 -30.71 -40.96
C2A CYC EF . 39.79 -30.81 -42.20
C3A CYC EF . 39.02 -31.92 -42.07
C4A CYC EF . 39.20 -32.40 -40.70
CMA CYC EF . 38.15 -32.50 -43.15
CAA CYC EF . 39.90 -29.89 -43.38
CBA CYC EF . 38.80 -28.82 -43.42
CGA CYC EF . 38.79 -27.90 -42.21
O1A CYC EF . 39.81 -27.20 -41.99
O2A CYC EF . 37.78 -27.88 -41.50
CHB CYC EF . 38.54 -33.44 -40.10
NB CYC EF . 36.32 -33.88 -41.12
C1B CYC EF . 37.38 -34.13 -40.25
C2B CYC EF . 37.07 -35.28 -39.48
C3B CYC EF . 35.83 -35.71 -39.83
C4B CYC EF . 35.34 -34.82 -40.92
CMB CYC EF . 37.92 -35.92 -38.41
CAB CYC EF . 35.06 -36.88 -39.29
CBB CYC EF . 33.57 -36.60 -39.20
OB CYC EF . 34.29 -34.87 -41.52
NC CYC EF . 46.17 -30.20 -35.69
C1C CYC EF . 47.02 -30.51 -34.68
C2C CYC EF . 46.51 -31.74 -33.96
C3C CYC EF . 45.13 -31.98 -34.58
C4C CYC EF . 45.06 -31.03 -35.75
CMC CYC EF . 47.45 -32.92 -34.01
CAC CYC EF . 43.97 -31.82 -33.59
CBC CYC EF . 44.06 -32.77 -32.43
OC CYC EF . 48.05 -29.91 -34.40
CHD CYC EF . 44.03 -31.01 -36.70
ND CYC EF . 42.63 -30.59 -38.69
C1D CYC EF . 43.63 -30.22 -37.84
C2D CYC EF . 44.10 -28.94 -38.31
C3D CYC EF . 43.37 -28.63 -39.43
C4D CYC EF . 42.44 -29.66 -39.68
CMD CYC EF . 45.18 -28.10 -37.70
CAD CYC EF . 43.52 -27.39 -40.27
CBD CYC EF . 44.41 -27.59 -41.49
CGD CYC EF . 44.59 -26.36 -42.34
O1D CYC EF . 45.15 -25.37 -41.82
O2D CYC EF . 44.18 -26.38 -43.51
CHA CYC FF . 47.39 -19.97 -23.06
NA CYC FF . 47.31 -18.79 -25.19
C1A CYC FF . 47.52 -19.91 -24.44
C2A CYC FF . 47.88 -21.04 -25.28
C3A CYC FF . 47.89 -20.57 -26.56
C4A CYC FF . 47.55 -19.16 -26.49
CMA CYC FF . 48.21 -21.40 -27.77
CAA CYC FF . 48.17 -22.43 -24.79
CBA CYC FF . 49.62 -22.65 -24.34
CGA CYC FF . 50.66 -22.48 -25.44
O1A CYC FF . 50.84 -21.34 -25.91
O2A CYC FF . 51.28 -23.49 -25.82
CHB CYC FF . 47.45 -18.26 -27.55
NB CYC FF . 47.99 -19.15 -29.81
C1B CYC FF . 47.61 -18.17 -28.91
C2B CYC FF . 47.41 -16.95 -29.60
C3B CYC FF . 47.68 -17.14 -30.90
C4B CYC FF . 48.04 -18.59 -31.07
CMB CYC FF . 46.99 -15.63 -29.02
CAB CYC FF . 47.66 -16.18 -32.04
CBB CYC FF . 49.03 -15.53 -32.27
OB CYC FF . 48.35 -19.18 -32.09
NC CYC FF . 44.87 -14.93 -19.24
C1C CYC FF . 44.38 -13.81 -18.62
C2C CYC FF . 44.73 -12.60 -19.46
C3C CYC FF . 45.40 -13.18 -20.71
C4C CYC FF . 45.47 -14.67 -20.46
CMC CYC FF . 43.55 -11.68 -19.73
CAC CYC FF . 46.76 -12.55 -21.03
CBC CYC FF . 46.69 -11.03 -21.11
OC CYC FF . 43.79 -13.78 -17.56
CHD CYC FF . 46.05 -15.59 -21.33
ND CYC FF . 46.73 -17.68 -22.45
C1D CYC FF . 46.40 -16.98 -21.32
C2D CYC FF . 46.54 -17.90 -20.23
C3D CYC FF . 46.93 -19.11 -20.74
C4D CYC FF . 47.04 -18.98 -22.15
CMD CYC FF . 46.32 -17.59 -18.78
CAD CYC FF . 47.18 -20.37 -19.98
CBD CYC FF . 45.92 -21.21 -19.76
CGD CYC FF . 46.17 -22.53 -19.08
O1D CYC FF . 47.35 -22.85 -18.82
O2D CYC FF . 45.18 -23.25 -18.81
CHA CYC GF . 42.79 -26.92 -73.08
NA CYC GF . 43.69 -25.40 -71.39
C1A CYC GF . 42.83 -26.37 -71.80
C2A CYC GF . 41.99 -26.82 -70.70
C3A CYC GF . 42.38 -26.10 -69.61
C4A CYC GF . 43.40 -25.16 -70.07
CMA CYC GF . 41.81 -26.24 -68.24
CAA CYC GF . 40.94 -27.88 -70.78
CBA CYC GF . 39.51 -27.32 -70.93
CGA CYC GF . 39.38 -26.31 -72.05
O1A CYC GF . 39.71 -26.64 -73.21
O2A CYC GF . 38.95 -25.16 -71.77
CHB CYC GF . 44.02 -24.17 -69.34
NB CYC GF . 43.52 -24.08 -66.91
C1B CYC GF . 44.09 -23.64 -68.09
C2B CYC GF . 44.83 -22.45 -67.84
C3B CYC GF . 44.69 -22.13 -66.53
C4B CYC GF . 43.87 -23.21 -65.90
CMB CYC GF . 45.61 -21.64 -68.83
CAB CYC GF . 45.25 -20.96 -65.78
CBB CYC GF . 44.28 -20.42 -64.75
OB CYC GF . 43.55 -23.32 -64.73
NC CYC GF . 47.76 -26.13 -77.71
C1C CYC GF . 48.86 -25.88 -78.49
C2C CYC GF . 49.69 -24.80 -77.84
C3C CYC GF . 48.91 -24.44 -76.56
C4C CYC GF . 47.71 -25.36 -76.56
CMC CYC GF . 51.14 -25.19 -77.62
CAC CYC GF . 48.56 -22.96 -76.48
CBC CYC GF . 49.78 -22.07 -76.61
OC CYC GF . 49.12 -26.42 -79.54
CHD CYC GF . 46.74 -25.40 -75.55
ND CYC GF . 44.85 -26.02 -74.09
C1D CYC GF . 45.48 -26.05 -75.30
C2D CYC GF . 44.61 -26.78 -76.19
C3D CYC GF . 43.53 -27.19 -75.48
C4D CYC GF . 43.67 -26.73 -74.14
CMD CYC GF . 44.86 -27.06 -77.64
CAD CYC GF . 42.37 -28.00 -75.99
CBD CYC GF . 42.66 -29.49 -76.05
CGD CYC GF . 41.61 -30.29 -76.78
O1D CYC GF . 41.37 -30.03 -77.97
O2D CYC GF . 41.02 -31.20 -76.14
CHA CYC HF . 46.29 -17.28 -91.45
NA CYC HF . 44.59 -19.04 -91.28
C1A CYC HF . 45.78 -18.46 -90.92
C2A CYC HF . 46.44 -19.25 -89.90
C3A CYC HF . 45.64 -20.31 -89.64
C4A CYC HF . 44.48 -20.18 -90.54
CMA CYC HF . 45.92 -21.39 -88.64
CAA CYC HF . 47.77 -18.92 -89.26
CBA CYC HF . 48.99 -19.36 -90.09
CGA CYC HF . 49.09 -20.85 -90.32
O1A CYC HF . 48.23 -21.41 -91.05
O2A CYC HF . 50.02 -21.47 -89.76
CHB CYC HF . 43.41 -21.06 -90.66
NB CYC HF . 43.41 -23.04 -89.15
C1B CYC HF . 42.92 -22.22 -90.17
C2B CYC HF . 41.74 -22.82 -90.69
C3B CYC HF . 41.49 -23.97 -90.03
C4B CYC HF . 42.58 -24.14 -89.00
CMB CYC HF . 40.87 -22.29 -91.79
CAB CYC HF . 40.39 -24.96 -90.20
CBB CYC HF . 40.77 -26.06 -91.19
OB CYC HF . 42.72 -25.03 -88.20
NC CYC HF . 42.91 -13.16 -95.74
C1C CYC HF . 42.08 -12.49 -96.59
C2C CYC HF . 41.01 -13.44 -97.09
C3C CYC HF . 41.35 -14.77 -96.42
C4C CYC HF . 42.55 -14.49 -95.55
CMC CYC HF . 39.60 -12.94 -96.85
CAC CYC HF . 41.57 -15.91 -97.43
CBC CYC HF . 40.38 -16.13 -98.34
OC CYC HF . 42.19 -11.32 -96.91
CHD CYC HF . 43.17 -15.43 -94.74
ND CYC HF . 44.56 -16.58 -93.05
C1D CYC HF . 44.35 -15.53 -93.91
C2D CYC HF . 45.50 -14.67 -93.81
C3D CYC HF . 46.35 -15.22 -92.89
C4D CYC HF . 45.76 -16.42 -92.40
CMD CYC HF . 45.73 -13.42 -94.58
CAD CYC HF . 47.69 -14.68 -92.46
CBD CYC HF . 47.57 -13.74 -91.25
CGD CYC HF . 48.91 -13.21 -90.78
O1D CYC HF . 49.94 -13.54 -91.40
O2D CYC HF . 48.92 -12.46 -89.78
CHA CYC IF . 25.34 -51.42 -59.44
NA CYC IF . 25.76 -50.89 -61.78
C1A CYC IF . 25.74 -50.56 -60.46
C2A CYC IF . 26.23 -49.22 -60.26
C3A CYC IF . 26.60 -48.76 -61.48
C4A CYC IF . 26.14 -49.76 -62.44
CMA CYC IF . 27.29 -47.46 -61.75
CAA CYC IF . 26.36 -48.51 -58.94
CBA CYC IF . 25.10 -47.73 -58.57
CGA CYC IF . 23.87 -48.61 -58.38
O1A CYC IF . 23.91 -49.49 -57.50
O2A CYC IF . 22.88 -48.41 -59.10
CHB CYC IF . 26.16 -49.66 -63.83
NB CYC IF . 26.59 -47.39 -64.72
C1B CYC IF . 26.32 -48.75 -64.82
C2B CYC IF . 26.25 -49.09 -66.19
C3B CYC IF . 26.39 -47.97 -66.93
C4B CYC IF . 26.67 -46.85 -65.99
CMB CYC IF . 26.00 -50.45 -66.77
CAB CYC IF . 26.32 -47.80 -68.42
CBB CYC IF . 25.64 -46.50 -68.82
OB CYC IF . 26.89 -45.69 -66.24
NC CYC IF . 24.32 -58.16 -60.29
C1C CYC IF . 24.22 -59.46 -60.69
C2C CYC IF . 24.34 -59.53 -62.18
C3C CYC IF . 24.37 -58.07 -62.63
C4C CYC IF . 24.48 -57.28 -61.36
CMC CYC IF . 25.51 -60.38 -62.66
CAC CYC IF . 23.17 -57.68 -63.48
CBC CYC IF . 23.00 -58.56 -64.70
OC CYC IF . 24.06 -60.41 -59.95
CHD CYC IF . 24.66 -55.90 -61.31
ND CYC IF . 25.09 -53.57 -60.61
C1D CYC IF . 24.68 -54.85 -60.34
C2D CYC IF . 24.25 -54.84 -58.97
C3D CYC IF . 24.45 -53.58 -58.46
C4D CYC IF . 25.00 -52.77 -59.51
CMD CYC IF . 23.68 -56.00 -58.21
CAD CYC IF . 24.14 -53.10 -57.07
CBD CYC IF . 25.26 -53.41 -56.08
CGD CYC IF . 24.93 -53.03 -54.65
O1D CYC IF . 23.95 -53.58 -54.11
O2D CYC IF . 25.63 -52.18 -54.08
CHA CYC JF . -2.34 26.91 -6.02
NA CYC JF . -2.30 27.92 -3.82
C1A CYC JF . -1.72 27.59 -5.01
C2A CYC JF . -0.35 28.09 -5.06
C3A CYC JF . -0.11 28.67 -3.86
C4A CYC JF . -1.34 28.55 -3.07
CMA CYC JF . 1.18 29.32 -3.47
CAA CYC JF . 0.57 27.95 -6.24
CBA CYC JF . 1.20 26.56 -6.39
CGA CYC JF . 2.11 26.13 -5.26
O1A CYC JF . 1.61 25.96 -4.13
O2A CYC JF . 3.32 25.96 -5.51
CHB CYC JF . -1.57 29.01 -1.80
NB CYC JF . 0.36 30.04 -0.61
C1B CYC JF . -0.95 29.61 -0.74
C2B CYC JF . -1.64 29.89 0.46
C3B CYC JF . -0.79 30.48 1.34
C4B CYC JF . 0.54 30.58 0.64
CMB CYC JF . -3.07 29.62 0.79
CAB CYC JF . -1.01 30.97 2.72
CBB CYC JF . -0.74 29.90 3.76
OB CYC JF . 1.57 31.04 1.06
NC CYC JF . -9.01 25.64 -6.16
C1C CYC JF . -10.35 25.50 -6.03
C2C CYC JF . -10.71 25.50 -4.57
C3C CYC JF . -9.37 25.78 -3.86
C4C CYC JF . -8.35 25.82 -4.96
CMC CYC JF . -11.83 26.47 -4.22
CAC CYC JF . -9.05 24.77 -2.75
CBC CYC JF . -10.16 24.66 -1.72
OC CYC JF . -11.13 25.35 -6.95
CHD CYC JF . -6.99 26.04 -4.76
ND CYC JF . -4.62 26.58 -5.15
C1D CYC JF . -5.80 26.04 -5.57
C2D CYC JF . -5.54 25.45 -6.85
C3D CYC JF . -4.24 25.71 -7.18
C4D CYC JF . -3.65 26.44 -6.11
CMD CYC JF . -6.52 24.71 -7.70
CAD CYC JF . -3.53 25.31 -8.43
CBD CYC JF . -3.74 26.32 -9.55
CGD CYC JF . -2.87 26.09 -10.77
O1D CYC JF . -2.03 25.16 -10.73
O2D CYC JF . -3.01 26.83 -11.76
CHA CYC KF . 21.35 62.38 23.93
NA CYC KF . 20.30 60.19 23.72
C1A CYC KF . 20.64 61.42 23.23
C2A CYC KF . 20.22 61.54 21.84
C3A CYC KF . 19.59 60.38 21.53
C4A CYC KF . 19.56 59.58 22.74
CMA CYC KF . 19.04 60.03 20.18
CAA CYC KF . 20.48 62.72 20.96
CBA CYC KF . 19.32 63.72 20.89
CGA CYC KF . 18.98 64.34 22.22
O1A CYC KF . 19.86 64.99 22.82
O2A CYC KF . 17.82 64.20 22.65
CHB CYC KF . 18.97 58.35 22.93
NB CYC KF . 17.49 57.55 21.09
C1B CYC KF . 18.13 57.46 22.32
C2B CYC KF . 17.77 56.26 22.94
C3B CYC KF . 16.90 55.59 22.14
C4B CYC KF . 16.72 56.42 20.90
CMB CYC KF . 18.21 55.75 24.28
CAB CYC KF . 16.21 54.28 22.36
CBB CYC KF . 14.78 54.28 21.85
OB CYC KF . 16.05 56.19 19.93
NC CYC KF . 24.95 61.00 29.56
C1C CYC KF . 25.62 60.52 30.65
C2C CYC KF . 25.03 59.18 31.03
C3C CYC KF . 23.83 59.02 30.09
C4C CYC KF . 23.93 60.16 29.13
CMC CYC KF . 26.03 58.05 30.99
CAC CYC KF . 22.48 58.96 30.83
CBC CYC KF . 22.41 57.81 31.80
OC CYC KF . 26.54 61.07 31.21
CHD CYC KF . 23.10 60.34 28.01
ND CYC KF . 22.11 61.13 25.90
C1D CYC KF . 22.84 61.36 27.04
C2D CYC KF . 23.14 62.76 27.05
C3D CYC KF . 22.64 63.31 25.88
C4D CYC KF . 21.99 62.27 25.16
CMD CYC KF . 23.89 63.49 28.10
CAD CYC KF . 22.73 64.73 25.44
CBD CYC KF . 24.01 65.04 24.68
CGD CYC KF . 24.07 66.47 24.15
O1D CYC KF . 23.96 67.40 24.96
O2D CYC KF . 24.22 66.64 22.93
CHA CYC LF . 22.37 67.96 44.05
NA CYC LF . 22.54 69.64 42.28
C1A CYC LF . 22.73 68.39 42.78
C2A CYC LF . 23.38 67.54 41.80
C3A CYC LF . 23.59 68.32 40.70
C4A CYC LF . 23.05 69.64 41.01
CMA CYC LF . 24.24 67.85 39.44
CAA CYC LF . 23.75 66.10 41.99
CBA CYC LF . 25.11 65.87 42.66
CGA CYC LF . 26.30 66.35 41.85
O1A CYC LF . 26.43 67.58 41.65
O2A CYC LF . 27.09 65.50 41.40
CHB CYC LF . 23.03 70.75 40.20
NB CYC LF . 24.05 70.49 37.93
C1B CYC LF . 23.42 71.19 38.95
C2B CYC LF . 23.21 72.53 38.55
C3B CYC LF . 23.74 72.69 37.30
C4B CYC LF . 24.28 71.36 36.88
CMB CYC LF . 22.57 73.64 39.32
CAB CYC LF . 23.81 73.90 36.45
CBB CYC LF . 25.08 74.70 36.68
OB CYC LF . 24.81 71.06 35.85
NC CYC LF . 18.67 71.78 48.33
C1C CYC LF . 17.94 72.70 49.03
C2C CYC LF . 18.18 74.08 48.45
C3C CYC LF . 19.27 73.85 47.39
C4C CYC LF . 19.43 72.35 47.32
CMC CYC LF . 16.92 74.75 47.95
CAC CYC LF . 20.59 74.56 47.71
CBC CYC LF . 20.40 76.03 47.96
OC CYC LF . 17.21 72.45 49.97
CHD CYC LF . 20.24 71.69 46.40
ND CYC LF . 21.36 70.00 45.01
C1D CYC LF . 20.74 70.37 46.18
C2D CYC LF . 20.77 69.22 47.03
C3D CYC LF . 21.38 68.20 46.35
C4D CYC LF . 21.74 68.68 45.06
CMD CYC LF . 20.24 69.15 48.43
CAD CYC LF . 21.61 66.79 46.84
CBD CYC LF . 20.43 65.87 46.55
CGD CYC LF . 20.70 64.41 46.82
O1D CYC LF . 21.87 64.08 47.16
O2D CYC LF . 19.77 63.60 46.68
CHA CYC MF . 24.46 87.92 -20.75
NA CYC MF . 23.04 86.00 -21.27
C1A CYC MF . 24.16 86.56 -20.73
C2A CYC MF . 25.00 85.55 -20.11
C3A CYC MF . 24.34 84.37 -20.27
C4A CYC MF . 23.13 84.65 -21.03
CMA CYC MF . 24.80 83.04 -19.74
CAA CYC MF . 26.31 85.81 -19.42
CBA CYC MF . 27.47 86.13 -20.37
CGA CYC MF . 27.94 84.95 -21.20
O1A CYC MF . 27.40 83.85 -21.03
O2A CYC MF . 28.83 85.16 -22.05
CHB CYC MF . 22.16 83.76 -21.45
NB CYC MF . 22.60 81.35 -21.01
C1B CYC MF . 21.88 82.44 -21.49
C2B CYC MF . 20.68 81.95 -22.08
C3B CYC MF . 20.67 80.60 -22.02
C4B CYC MF . 21.92 80.18 -21.29
CMB CYC MF . 19.59 82.77 -22.71
CAB CYC MF . 19.66 79.64 -22.54
CBB CYC MF . 20.30 78.39 -23.15
OB CYC MF . 22.28 79.08 -20.99
NC CYC MF . 20.15 92.66 -23.15
C1C CYC MF . 19.16 93.43 -23.69
C2C CYC MF . 18.30 92.59 -24.61
C3C CYC MF . 18.83 91.16 -24.39
C4C CYC MF . 20.04 91.32 -23.51
CMC CYC MF . 16.82 92.76 -24.39
CAC CYC MF . 19.09 90.40 -25.69
CBC CYC MF . 17.87 90.35 -26.59
OC CYC MF . 19.02 94.63 -23.51
CHD CYC MF . 20.88 90.27 -23.12
ND CYC MF . 22.56 88.85 -21.99
C1D CYC MF . 22.10 90.08 -22.38
C2D CYC MF . 23.07 91.04 -21.92
C3D CYC MF . 24.06 90.34 -21.26
C4D CYC MF . 23.74 88.96 -21.31
CMD CYC MF . 23.03 92.52 -22.11
CAD CYC MF . 25.27 90.93 -20.60
CBD CYC MF . 24.99 91.42 -19.19
CGD CYC MF . 25.74 92.69 -18.82
O1D CYC MF . 26.98 92.69 -18.90
O2D CYC MF . 25.07 93.68 -18.47
CHA CYC NF . 9.45 43.50 -1.62
NA CYC NF . 10.22 44.61 -3.65
C1A CYC NF . 9.85 44.62 -2.33
C2A CYC NF . 10.04 45.94 -1.75
C3A CYC NF . 10.47 46.74 -2.76
C4A CYC NF . 10.48 45.92 -3.97
CMA CYC NF . 10.87 48.17 -2.61
CAA CYC NF . 9.85 46.29 -0.31
CBA CYC NF . 8.83 47.41 -0.11
CGA CYC NF . 7.49 47.11 -0.75
O1A CYC NF . 6.90 46.06 -0.41
O2A CYC NF . 7.06 47.90 -1.61
CHB CYC NF . 10.82 46.33 -5.25
NB CYC NF . 10.56 48.77 -5.60
C1B CYC NF . 10.93 47.48 -5.95
C2B CYC NF . 11.50 47.50 -7.25
C3B CYC NF . 11.47 48.77 -7.71
C4B CYC NF . 10.86 49.62 -6.64
CMB CYC NF . 12.06 46.34 -8.02
CAB CYC NF . 11.94 49.32 -9.02
CBB CYC NF . 10.82 49.33 -10.06
OB CYC NF . 10.66 50.81 -6.65
NC CYC NF . 10.48 37.17 -3.84
C1C CYC NF . 10.77 35.98 -4.45
C2C CYC NF . 10.83 36.19 -5.94
C3C CYC NF . 10.58 37.69 -6.13
C4C CYC NF . 10.39 38.22 -4.73
CMC CYC NF . 12.10 35.66 -6.58
CAC CYC NF . 9.42 37.99 -7.08
CBC CYC NF . 9.59 37.36 -8.43
OC CYC NF . 10.93 34.92 -3.88
CHD CYC NF . 10.16 39.56 -4.43
ND CYC NF . 9.90 41.69 -3.22
C1D CYC NF . 9.77 40.33 -3.29
C2D CYC NF . 9.14 39.93 -2.06
C3D CYC NF . 8.94 41.05 -1.30
C4D CYC NF . 9.44 42.17 -2.03
CMD CYC NF . 8.76 38.53 -1.69
CAD CYC NF . 8.32 41.12 0.06
CBD CYC NF . 9.33 41.03 1.21
CGD CYC NF . 8.68 41.02 2.57
O1D CYC NF . 7.94 40.06 2.88
O2D CYC NF . 8.90 41.98 3.34
CHA CYC OF . 16.05 -2.97 -22.36
NA CYC OF . 15.34 -5.16 -23.17
C1A CYC OF . 15.35 -3.79 -23.23
C2A CYC OF . 14.54 -3.31 -24.33
C3A CYC OF . 14.00 -4.41 -24.92
C4A CYC OF . 14.51 -5.58 -24.18
CMA CYC OF . 13.08 -4.40 -26.10
CAA CYC OF . 14.36 -1.88 -24.72
CBA CYC OF . 13.35 -1.11 -23.86
CGA CYC OF . 11.93 -1.60 -23.94
O1A CYC OF . 11.67 -2.75 -23.51
O2A CYC OF . 11.07 -0.85 -24.44
CHB CYC OF . 14.23 -6.91 -24.41
NB CYC OF . 12.61 -7.42 -26.23
C1B CYC OF . 13.50 -7.73 -25.21
C2B CYC OF . 13.55 -9.14 -25.07
C3B CYC OF . 12.72 -9.70 -25.98
C4B CYC OF . 12.09 -8.58 -26.75
CMB CYC OF . 14.36 -9.94 -24.10
CAB CYC OF . 12.43 -11.13 -26.24
CBB CYC OF . 11.25 -11.65 -25.41
OB CYC OF . 11.29 -8.65 -27.65
NC CYC OF . 20.63 -5.27 -17.86
C1C CYC OF . 21.52 -5.92 -17.04
C2C CYC OF . 21.11 -7.36 -16.94
C3C CYC OF . 19.86 -7.47 -17.82
C4C CYC OF . 19.65 -6.09 -18.37
CMC CYC OF . 22.22 -8.34 -17.28
CAC CYC OF . 18.64 -8.02 -17.07
CBC CYC OF . 18.92 -9.35 -16.39
OC CYC OF . 22.46 -5.41 -16.48
CHD CYC OF . 18.63 -5.75 -19.27
ND CYC OF . 17.23 -4.58 -20.93
C1D CYC OF . 18.12 -4.56 -19.88
C2D CYC OF . 18.32 -3.18 -19.56
C3D CYC OF . 17.58 -2.42 -20.44
C4D CYC OF . 16.90 -3.31 -21.32
CMD CYC OF . 19.18 -2.63 -18.46
CAD CYC OF . 17.50 -0.93 -20.50
CBD CYC OF . 18.61 -0.34 -21.34
CGD CYC OF . 18.45 1.15 -21.62
O1D CYC OF . 17.44 1.72 -21.18
O2D CYC OF . 19.33 1.72 -22.27
CHA CYC PF . -1.97 -28.71 -63.99
NA CYC PF . -2.00 -28.38 -61.57
C1A CYC PF . -1.49 -28.14 -62.82
C2A CYC PF . -0.44 -27.14 -62.75
C3A CYC PF . -0.31 -26.82 -61.44
C4A CYC PF . -1.22 -27.68 -60.70
CMA CYC PF . 0.65 -25.79 -60.90
CAA CYC PF . 0.29 -26.56 -63.94
CBA CYC PF . 1.64 -27.21 -64.21
CGA CYC PF . 1.54 -28.68 -64.58
O1A CYC PF . 0.87 -28.98 -65.59
O2A CYC PF . 2.14 -29.52 -63.89
CHB CYC PF . -1.38 -27.76 -59.34
NB CYC PF . 0.31 -26.56 -57.95
C1B CYC PF . -0.82 -27.35 -58.17
C2B CYC PF . -1.36 -27.73 -56.92
C3B CYC PF . -0.57 -27.23 -55.93
C4B CYC PF . 0.52 -26.43 -56.60
CMB CYC PF . -2.57 -28.56 -56.68
CAB CYC PF . -0.69 -27.39 -54.45
CBB CYC PF . 0.65 -27.57 -53.78
OB CYC PF . 1.41 -25.80 -56.08
NC CYC PF . -8.05 -31.75 -64.43
C1C CYC PF . -9.32 -32.26 -64.31
C2C CYC PF . -9.62 -32.47 -62.85
C3C CYC PF . -8.30 -32.16 -62.15
C4C CYC PF . -7.41 -31.58 -63.22
CMC CYC PF . -10.82 -31.66 -62.38
CAC CYC PF . -7.69 -33.38 -61.44
CBC CYC PF . -8.60 -33.96 -60.38
OC CYC PF . -10.07 -32.50 -65.24
CHD CYC PF . -6.16 -31.02 -62.98
ND CYC PF . -4.04 -29.79 -63.22
C1D CYC PF . -5.05 -30.55 -63.76
C2D CYC PF . -4.71 -30.78 -65.14
C3D CYC PF . -3.52 -30.12 -65.39
C4D CYC PF . -3.10 -29.49 -64.19
CMD CYC PF . -5.49 -31.58 -66.12
CAD CYC PF . -2.78 -30.07 -66.69
CBD CYC PF . -3.25 -28.94 -67.60
CGD CYC PF . -2.47 -28.85 -68.90
O1D CYC PF . -2.40 -29.85 -69.63
O2D CYC PF . -1.94 -27.76 -69.19
CHA CYC QF . -10.36 -47.33 -68.74
NA CYC QF . -8.92 -46.17 -70.33
C1A CYC QF . -9.84 -46.18 -69.32
C2A CYC QF . -10.20 -44.83 -68.94
C3A CYC QF . -9.49 -44.01 -69.76
C4A CYC QF . -8.68 -44.86 -70.63
CMA CYC QF . -9.57 -42.51 -69.74
CAA CYC QF . -11.18 -44.46 -67.86
CBA CYC QF . -12.64 -44.40 -68.31
CGA CYC QF . -12.93 -43.37 -69.38
O1A CYC QF . -12.46 -43.56 -70.53
O2A CYC QF . -13.63 -42.40 -69.08
CHB CYC QF . -7.81 -44.46 -71.63
NB CYC QF . -7.59 -42.01 -72.01
C1B CYC QF . -7.31 -43.35 -72.25
C2B CYC QF . -6.40 -43.44 -73.32
C3B CYC QF . -6.14 -42.19 -73.78
C4B CYC QF . -6.90 -41.23 -72.92
CMB CYC QF . -5.80 -44.68 -73.91
CAB CYC QF . -5.27 -41.76 -74.92
CBB CYC QF . -6.04 -41.66 -76.22
OB CYC QF . -6.93 -40.03 -72.98
NC CYC QF . -8.07 -53.61 -70.06
C1C CYC QF . -7.46 -54.77 -70.46
C2C CYC QF . -6.76 -54.52 -71.77
C3C CYC QF . -7.20 -53.11 -72.18
C4C CYC QF . -7.91 -52.57 -70.97
CMC CYC QF . -5.25 -54.73 -71.69
CAC CYC QF . -8.09 -53.08 -73.43
CBC CYC QF . -7.46 -53.78 -74.61
OC CYC QF . -7.47 -55.82 -69.85
CHD CYC QF . -8.35 -51.26 -70.84
ND CYC QF . -9.22 -49.12 -69.96
C1D CYC QF . -9.17 -50.49 -69.94
C2D CYC QF . -10.11 -50.93 -68.94
C3D CYC QF . -10.67 -49.80 -68.38
C4D CYC QF . -10.09 -48.66 -69.02
CMD CYC QF . -10.43 -52.33 -68.58
CAD CYC QF . -11.68 -49.75 -67.29
CBD CYC QF . -11.04 -49.76 -65.90
CGD CYC QF . -12.00 -49.49 -64.76
O1D CYC QF . -13.18 -49.21 -65.05
O2D CYC QF . -11.58 -49.56 -63.60
CHA CYC RF . 16.03 -4.01 -75.03
NA CYC RF . 14.86 -5.86 -76.11
C1A CYC RF . 15.38 -5.24 -75.01
C2A CYC RF . 15.10 -6.01 -73.81
C3A CYC RF . 14.40 -7.09 -74.22
C4A CYC RF . 14.32 -7.04 -75.67
CMA CYC RF . 13.84 -8.14 -73.30
CAA CYC RF . 15.47 -5.61 -72.40
CBA CYC RF . 16.84 -6.08 -71.96
CGA CYC RF . 17.98 -5.34 -72.62
O1A CYC RF . 18.19 -4.17 -72.28
O2A CYC RF . 18.65 -5.94 -73.49
CHB CYC RF . 13.73 -7.96 -76.52
NB CYC RF . 12.94 -10.07 -75.48
C1B CYC RF . 13.17 -9.20 -76.52
C2B CYC RF . 12.69 -9.79 -77.72
C3B CYC RF . 12.24 -11.04 -77.45
C4B CYC RF . 12.38 -11.23 -75.97
CMB CYC RF . 12.70 -9.19 -79.10
CAB CYC RF . 11.70 -12.08 -78.36
CBB CYC RF . 12.78 -13.03 -78.85
OB CYC RF . 12.08 -12.20 -75.31
NC CYC RF . 15.63 0.34 -80.27
C1C CYC RF . 15.38 1.06 -81.41
C2C CYC RF . 14.77 0.15 -82.44
C3C CYC RF . 14.93 -1.25 -81.85
C4C CYC RF . 15.32 -1.01 -80.41
CMC CYC RF . 13.35 0.55 -82.81
CAC CYC RF . 15.95 -2.13 -82.58
CBC CYC RF . 15.65 -2.25 -84.06
OC CYC RF . 15.60 2.25 -81.55
CHD CYC RF . 15.39 -2.00 -79.44
ND CYC RF . 15.57 -3.22 -77.31
C1D CYC RF . 15.86 -2.13 -78.09
C2D CYC RF . 16.73 -1.30 -77.32
C3D CYC RF . 16.90 -1.89 -76.08
C4D CYC RF . 16.15 -3.11 -76.08
CMD CYC RF . 17.35 -0.02 -77.75
CAD CYC RF . 17.72 -1.37 -74.94
CBD CYC RF . 17.00 -0.30 -74.13
CGD CYC RF . 17.82 0.26 -72.98
O1D CYC RF . 18.94 0.75 -73.25
O2D CYC RF . 17.36 0.19 -71.83
CHA CYC SF . 28.75 4.28 -89.14
NA CYC SF . 29.18 4.67 -86.77
C1A CYC SF . 28.34 4.49 -87.84
C2A CYC SF . 26.95 4.55 -87.43
C3A CYC SF . 26.97 4.80 -86.10
C4A CYC SF . 28.37 4.87 -85.68
CMA CYC SF . 25.75 4.97 -85.24
CAA CYC SF . 25.77 4.39 -88.33
CBA CYC SF . 25.36 5.67 -89.08
CGA CYC SF . 24.91 6.80 -88.18
O1A CYC SF . 25.74 7.33 -87.41
O2A CYC SF . 23.72 7.16 -88.24
CHB CYC SF . 28.88 5.11 -84.42
NB CYC SF . 27.20 5.46 -82.60
C1B CYC SF . 28.48 5.36 -83.14
C2B CYC SF . 29.42 5.58 -82.11
C3B CYC SF . 28.76 5.82 -80.95
C4B CYC SF . 27.29 5.73 -81.26
CMB CYC SF . 30.92 5.58 -82.22
CAB CYC SF . 29.29 6.14 -79.59
CBB CYC SF . 29.42 7.64 -79.36
OB CYC SF . 26.37 5.87 -80.50
NC CYC SF . 35.31 3.42 -90.98
C1C CYC SF . 36.66 3.29 -91.13
C2C CYC SF . 37.34 3.86 -89.91
C3C CYC SF . 36.19 4.36 -89.02
C4C CYC SF . 34.94 4.01 -89.79
CMC CYC SF . 38.31 2.90 -89.23
CAC CYC SF . 36.29 5.84 -88.65
CBC CYC SF . 37.59 6.19 -87.97
OC CYC SF . 37.22 2.79 -92.07
CHD CYC SF . 33.65 4.27 -89.31
ND CYC SF . 31.21 4.33 -88.96
C1D CYC SF . 32.29 4.16 -89.77
C2D CYC SF . 31.77 3.93 -91.10
C3D CYC SF . 30.39 3.94 -91.00
C4D CYC SF . 30.05 4.18 -89.66
CMD CYC SF . 32.56 3.71 -92.34
CAD CYC SF . 29.42 3.72 -92.13
CBD CYC SF . 29.14 2.25 -92.41
CGD CYC SF . 28.18 2.02 -93.56
O1D CYC SF . 27.69 3.01 -94.13
O2D CYC SF . 27.93 0.84 -93.89
CHA CYC TF . 11.82 -6.39 -42.51
NA CYC TF . 12.73 -4.62 -43.91
C1A CYC TF . 12.34 -5.91 -43.70
C2A CYC TF . 12.46 -6.69 -44.92
C3A CYC TF . 12.99 -5.86 -45.85
C4A CYC TF . 13.24 -4.58 -45.18
CMA CYC TF . 13.23 -6.20 -47.29
CAA CYC TF . 12.03 -8.12 -45.09
CBA CYC TF . 13.19 -9.03 -45.49
CGA CYC TF . 14.38 -8.94 -44.56
O1A CYC TF . 14.19 -9.19 -43.36
O2A CYC TF . 15.48 -8.62 -45.03
CHB CYC TF . 13.78 -3.44 -45.74
NB CYC TF . 15.10 -3.84 -47.81
C1B CYC TF . 14.50 -3.06 -46.82
C2B CYC TF . 14.73 -1.70 -47.11
C3B CYC TF . 15.51 -1.60 -48.21
C4B CYC TF . 15.75 -3.01 -48.70
CMB CYC TF . 14.25 -0.50 -46.34
CAB CYC TF . 16.06 -0.40 -48.90
CBB CYC TF . 17.42 -0.01 -48.36
OB CYC TF . 16.37 -3.36 -49.67
NC CYC TF . 9.50 -2.33 -37.60
C1C CYC TF . 9.09 -1.37 -36.73
C2C CYC TF . 9.90 -0.12 -36.94
C3C CYC TF . 10.70 -0.41 -38.22
C4C CYC TF . 10.44 -1.87 -38.51
CMC CYC TF . 9.08 1.16 -36.97
CAC CYC TF . 12.18 -0.06 -38.11
CBC CYC TF . 12.42 1.36 -37.67
OC CYC TF . 8.22 -1.51 -35.88
CHD CYC TF . 11.04 -2.59 -39.54
ND CYC TF . 11.53 -4.33 -41.22
C1D CYC TF . 11.09 -3.95 -39.97
C2D CYC TF . 10.81 -5.17 -39.27
C3D CYC TF . 11.03 -6.22 -40.13
C4D CYC TF . 11.49 -5.69 -41.36
CMD CYC TF . 10.34 -5.28 -37.85
CAD CYC TF . 10.87 -7.67 -39.82
CBD CYC TF . 9.50 -8.23 -40.22
CGD CYC TF . 9.32 -9.70 -39.83
O1D CYC TF . 9.32 -9.98 -38.62
O2D CYC TF . 9.19 -10.53 -40.74
CHA CYC UF . 57.26 69.84 35.07
NA CYC UF . 56.61 67.57 34.48
C1A CYC UF . 56.46 68.92 34.42
C2A CYC UF . 55.35 69.28 33.54
C3A CYC UF . 54.83 68.11 33.10
C4A CYC UF . 55.62 67.03 33.71
CMA CYC UF . 53.66 67.98 32.17
CAA CYC UF . 54.93 70.68 33.21
CBA CYC UF . 53.97 71.30 34.23
CGA CYC UF . 52.60 70.65 34.31
O1A CYC UF . 52.53 69.46 34.68
O2A CYC UF . 51.60 71.33 33.99
CHB CYC UF . 55.46 65.67 33.55
NB CYC UF . 53.57 64.94 32.09
C1B CYC UF . 54.66 64.74 32.94
C2B CYC UF . 54.86 63.36 33.12
C3B CYC UF . 53.93 62.69 32.40
C4B CYC UF . 53.08 63.70 31.71
CMB CYC UF . 55.91 62.69 33.97
CAB CYC UF . 53.72 61.20 32.27
CBB CYC UF . 52.76 60.67 33.32
OB CYC UF . 52.15 63.52 30.98
NC CYC UF . 62.88 68.16 38.62
C1C CYC UF . 63.96 67.61 39.26
C2C CYC UF . 63.77 66.13 39.37
C3C CYC UF . 62.36 65.88 38.79
C4C CYC UF . 61.93 67.23 38.26
CMC CYC UF . 64.88 65.31 38.72
CAC CYC UF . 61.39 65.27 39.80
CBC CYC UF . 61.87 63.96 40.36
OC CYC UF . 64.92 68.23 39.67
CHD CYC UF . 60.74 67.45 37.57
ND CYC UF . 58.89 68.41 36.24
C1D CYC UF . 59.99 68.57 37.05
C2D CYC UF . 60.14 69.98 37.25
C3D CYC UF . 59.16 70.61 36.54
C4D CYC UF . 58.37 69.62 35.89
CMD CYC UF . 61.19 70.65 38.08
CAD CYC UF . 58.93 72.10 36.44
CBD CYC UF . 59.68 72.72 35.28
CGD CYC UF . 59.48 74.21 35.14
O1D CYC UF . 58.75 74.79 35.98
O2D CYC UF . 60.06 74.81 34.21
CHA CYC VF . 35.22 40.22 -1.33
NA CYC VF . 35.68 40.57 1.04
C1A CYC VF . 35.86 40.87 -0.28
C2A CYC VF . 36.74 42.01 -0.43
C3A CYC VF . 37.11 42.36 0.83
C4A CYC VF . 36.49 41.40 1.74
CMA CYC VF . 38.00 43.52 1.17
CAA CYC VF . 37.09 42.69 -1.72
CBA CYC VF . 38.36 42.18 -2.40
CGA CYC VF . 38.16 40.90 -3.19
O1A CYC VF . 37.38 40.92 -4.16
O2A CYC VF . 38.79 39.88 -2.83
CHB CYC VF . 36.60 41.35 3.12
NB CYC VF . 38.37 42.79 4.12
C1B CYC VF . 37.32 41.89 4.15
C2B CYC VF . 37.04 41.57 5.50
C3B CYC VF . 37.94 42.19 6.29
C4B CYC VF . 38.81 43.02 5.41
CMB CYC VF . 35.97 40.66 6.02
CAB CYC VF . 38.08 42.14 7.78
CBB CYC VF . 39.53 42.16 8.23
OB CYC VF . 39.72 43.75 5.70
NC CYC VF . 29.67 36.45 -0.46
C1C CYC VF . 28.57 35.72 -0.10
C2C CYC VF . 28.76 35.20 1.30
C3C CYC VF . 30.06 35.85 1.78
C4C CYC VF . 30.59 36.58 0.57
CMC CYC VF . 27.56 35.42 2.21
CAC CYC VF . 31.05 34.85 2.39
CBC CYC VF . 30.44 34.05 3.50
OC CYC VF . 27.61 35.51 -0.81
CHD CYC VF . 31.80 37.28 0.53
ND CYC VF . 33.59 38.82 -0.16
C1D CYC VF . 32.59 37.93 -0.46
C2D CYC VF . 32.62 37.78 -1.89
C3D CYC VF . 33.58 38.62 -2.39
C4D CYC VF . 34.20 39.28 -1.29
CMD CYC VF . 31.74 36.88 -2.70
CAD CYC VF . 33.96 38.81 -3.83
CBD CYC VF . 33.11 39.86 -4.53
CGD CYC VF . 33.50 40.09 -5.98
O1D CYC VF . 33.53 39.12 -6.74
O2D CYC VF . 33.79 41.26 -6.32
CHA CYC WF . 29.31 20.60 -4.35
NA CYC WF . 30.24 21.91 -6.18
C1A CYC WF . 29.54 21.79 -5.02
C2A CYC WF . 29.11 23.08 -4.54
C3A CYC WF . 29.55 23.99 -5.45
C4A CYC WF . 30.24 23.24 -6.50
CMA CYC WF . 29.34 25.48 -5.36
CAA CYC WF . 28.33 23.34 -3.28
CBA CYC WF . 26.84 22.96 -3.37
CGA CYC WF . 26.04 23.83 -4.32
O1A CYC WF . 26.30 23.78 -5.53
O2A CYC WF . 25.13 24.54 -3.84
CHB CYC WF . 30.84 23.74 -7.64
NB CYC WF . 30.59 26.18 -8.05
C1B CYC WF . 31.04 24.89 -8.33
C2B CYC WF . 31.77 24.92 -9.54
C3B CYC WF . 31.81 26.18 -10.01
C4B CYC WF . 31.03 27.03 -9.04
CMB CYC WF . 32.44 23.75 -10.23
CAB CYC WF . 32.46 26.73 -11.23
CBB CYC WF . 31.50 26.79 -12.41
OB CYC WF . 30.83 28.22 -9.09
NC CYC WF . 32.16 14.68 -6.05
C1C CYC WF . 32.84 13.58 -6.52
C2C CYC WF . 33.20 13.82 -7.97
C3C CYC WF . 32.56 15.18 -8.31
C4C CYC WF . 32.00 15.67 -7.00
CMC CYC WF . 34.70 13.74 -8.22
CAC CYC WF . 31.52 15.10 -9.42
CBC CYC WF . 32.07 14.50 -10.69
OC CYC WF . 33.10 12.58 -5.89
CHD CYC WF . 31.39 16.92 -6.82
ND CYC WF . 30.42 18.94 -5.78
C1D CYC WF . 30.65 17.58 -5.79
C2D CYC WF . 29.96 17.06 -4.64
C3D CYC WF . 29.39 18.11 -3.97
C4D CYC WF . 29.69 19.30 -4.69
CMD CYC WF . 29.88 15.63 -4.24
CAD CYC WF . 28.58 18.04 -2.71
CBD CYC WF . 29.42 17.71 -1.50
CGD CYC WF . 28.71 17.92 -0.18
O1D CYC WF . 27.59 18.47 -0.19
O2D CYC WF . 29.28 17.53 0.87
CHA CYC XF . 48.89 64.88 16.45
NA CYC XF . 49.41 66.60 14.80
C1A CYC XF . 49.13 65.32 15.15
C2A CYC XF . 49.03 64.48 13.96
C3A CYC XF . 49.32 65.29 12.92
C4A CYC XF . 49.65 66.60 13.46
CMA CYC XF . 49.27 64.87 11.47
CAA CYC XF . 48.64 63.03 13.95
CBA CYC XF . 49.83 62.08 13.74
CGA CYC XF . 50.93 62.27 14.76
O1A CYC XF . 50.66 62.09 15.96
O2A CYC XF . 52.06 62.60 14.35
CHB CYC XF . 50.03 67.71 12.75
NB CYC XF . 51.02 67.19 10.53
C1B CYC XF . 50.53 68.04 11.53
C2B CYC XF . 50.62 69.38 11.08
C3B CYC XF . 51.17 69.39 9.83
C4B CYC XF . 51.43 67.95 9.46
CMB CYC XF . 50.20 70.61 11.81
CAB CYC XF . 51.46 70.54 8.94
CBB CYC XF . 52.75 70.34 8.14
OB CYC XF . 51.89 67.51 8.44
NC CYC XF . 47.58 69.01 21.70
C1C CYC XF . 47.34 69.98 22.62
C2C CYC XF . 47.92 71.29 22.13
C3C CYC XF . 48.59 70.93 20.80
C4C CYC XF . 48.27 69.47 20.58
CMC CYC XF . 46.91 72.42 22.08
CAC CYC XF . 50.08 71.24 20.76
CBC CYC XF . 50.39 72.69 21.08
OC CYC XF . 46.76 69.82 23.68
CHD CYC XF . 48.64 68.74 19.44
ND CYC XF . 48.81 66.98 17.73
C1D CYC XF . 48.62 67.36 19.03
C2D CYC XF . 48.51 66.16 19.80
C3D CYC XF . 48.59 65.09 18.93
C4D CYC XF . 48.77 65.61 17.62
CMD CYC XF . 48.34 66.07 21.29
CAD CYC XF . 48.51 63.64 19.28
CBD CYC XF . 47.08 63.12 19.30
CGD CYC XF . 46.98 61.65 19.69
O1D CYC XF . 47.41 61.31 20.81
O2D CYC XF . 46.47 60.86 18.88
CHA CYC YF . -31.77 -25.38 -87.90
NA CYC YF . -31.96 -24.55 -85.61
C1A CYC YF . -31.23 -24.91 -86.70
C2A CYC YF . -29.82 -24.72 -86.47
C3A CYC YF . -29.71 -24.24 -85.18
C4A CYC YF . -31.07 -24.16 -84.66
CMA CYC YF . -28.43 -23.88 -84.51
CAA CYC YF . -28.72 -24.98 -87.45
CBA CYC YF . -28.26 -26.43 -87.52
CGA CYC YF . -27.58 -26.94 -86.26
O1A CYC YF . -28.26 -27.00 -85.21
O2A CYC YF . -26.38 -27.26 -86.32
CHB CYC YF . -31.46 -23.75 -83.39
NB CYC YF . -29.63 -23.22 -81.79
C1B CYC YF . -30.95 -23.34 -82.20
C2B CYC YF . -31.80 -22.97 -81.12
C3B CYC YF . -31.03 -22.62 -80.07
C4B CYC YF . -29.60 -22.76 -80.48
CMB CYC YF . -33.30 -22.96 -81.10
CAB CYC YF . -31.43 -22.14 -78.71
CBB CYC YF . -31.56 -23.29 -77.72
OB CYC YF . -28.60 -22.53 -79.85
NC CYC YF . -38.48 -25.62 -89.23
C1C CYC YF . -39.85 -25.56 -89.30
C2C CYC YF . -40.40 -25.42 -87.90
C3C CYC YF . -39.16 -25.44 -86.99
C4C CYC YF . -37.99 -25.53 -87.93
CMC CYC YF . -41.30 -24.22 -87.72
CAC CYC YF . -39.19 -26.54 -85.93
CBC CYC YF . -40.38 -26.45 -85.01
OC CYC YF . -40.51 -25.63 -90.31
CHD CYC YF . -36.65 -25.52 -87.53
ND CYC YF . -34.19 -25.37 -87.45
C1D CYC YF . -35.35 -25.64 -88.13
C2D CYC YF . -34.95 -26.09 -89.44
C3D CYC YF . -33.59 -26.05 -89.51
C4D CYC YF . -33.10 -25.58 -88.26
CMD CYC YF . -35.87 -26.53 -90.55
CAD CYC YF . -32.73 -26.40 -90.68
CBD CYC YF . -32.54 -25.23 -91.64
CGD CYC YF . -31.63 -25.53 -92.82
O1D CYC YF . -31.09 -26.66 -92.86
O2D CYC YF . -31.45 -24.65 -93.67
CHA CYC ZF . -9.37 4.89 -52.47
NA CYC ZF . -10.81 2.97 -52.91
C1A CYC ZF . -10.12 4.09 -53.31
C2A CYC ZF . -10.23 4.26 -54.75
C3A CYC ZF . -11.04 3.27 -55.19
C4A CYC ZF . -11.41 2.46 -54.03
CMA CYC ZF . -11.45 3.07 -56.62
CAA CYC ZF . -9.55 5.33 -55.56
CBA CYC ZF . -10.35 6.61 -55.76
CGA CYC ZF . -10.31 7.55 -54.57
O1A CYC ZF . -9.21 8.03 -54.24
O2A CYC ZF . -11.38 7.80 -53.97
CHB CYC ZF . -12.22 1.34 -54.00
NB CYC ZF . -13.16 0.58 -56.18
C1B CYC ZF . -12.97 0.53 -54.81
C2B CYC ZF . -13.71 -0.55 -54.28
C3B CYC ZF . -14.39 -1.15 -55.29
C4B CYC ZF . -14.00 -0.45 -56.55
CMB CYC ZF . -13.78 -1.00 -52.85
CAB CYC ZF . -15.34 -2.30 -55.24
CBB CYC ZF . -16.51 -2.12 -56.20
OB CYC ZF . -14.36 -0.69 -57.68
NC CYC ZF . -7.18 2.85 -46.39
C1C CYC ZF . -6.82 2.27 -45.22
C2C CYC ZF . -7.83 1.22 -44.85
C3C CYC ZF . -8.88 1.30 -45.97
C4C CYC ZF . -8.34 2.32 -46.93
CMC CYC ZF . -7.24 -0.15 -44.61
CAC CYC ZF . -10.28 1.62 -45.46
CBC CYC ZF . -10.75 0.67 -44.39
OC CYC ZF . -5.84 2.55 -44.56
CHD CYC ZF . -8.94 2.65 -48.15
ND CYC ZF . -9.31 3.56 -50.40
C1D CYC ZF . -8.77 3.66 -49.15
C2D CYC ZF . -8.15 4.95 -49.07
C3D CYC ZF . -8.28 5.56 -50.30
C4D CYC ZF . -9.01 4.68 -51.14
CMD CYC ZF . -7.45 5.53 -47.88
CAD CYC ZF . -7.76 6.91 -50.70
CBD CYC ZF . -6.31 6.88 -51.15
CGD CYC ZF . -5.77 8.25 -51.55
O1D CYC ZF . -5.83 9.17 -50.72
O2D CYC ZF . -5.29 8.36 -52.70
CHA CYC AG . -11.55 10.42 -32.52
NA CYC AG . -10.82 12.03 -34.19
C1A CYC AG . -10.92 10.75 -33.70
C2A CYC AG . -10.26 9.81 -34.59
C3A CYC AG . -9.79 10.54 -35.63
C4A CYC AG . -10.10 11.94 -35.35
CMA CYC AG . -9.08 9.97 -36.82
CAA CYC AG . -10.20 8.33 -34.37
CBA CYC AG . -9.14 7.89 -33.35
CGA CYC AG . -7.71 8.16 -33.77
O1A CYC AG . -7.34 9.34 -33.90
O2A CYC AG . -6.95 7.18 -33.95
CHB CYC AG . -9.78 13.04 -36.12
NB CYC AG . -8.32 12.65 -38.09
C1B CYC AG . -9.09 13.42 -37.23
C2B CYC AG . -9.05 14.76 -37.66
C3B CYC AG . -8.29 14.84 -38.77
C4B CYC AG . -7.79 13.46 -39.07
CMB CYC AG . -9.74 15.93 -37.03
CAB CYC AG . -7.94 16.02 -39.61
CBB CYC AG . -6.64 16.68 -39.17
OB CYC AG . -7.08 13.10 -39.97
NC CYC AG . -15.37 14.69 -28.90
C1C CYC AG . -16.09 15.68 -28.30
C2C CYC AG . -15.57 17.02 -28.75
C3C CYC AG . -14.35 16.68 -29.63
C4C CYC AG . -14.36 15.18 -29.72
CMC CYC AG . -16.62 17.90 -29.41
CAC CYC AG . -13.04 17.26 -29.10
CBC CYC AG . -13.08 18.75 -28.91
OC CYC AG . -17.02 15.52 -27.54
CHD CYC AG . -13.47 14.44 -30.49
ND CYC AG . -12.40 12.58 -31.71
C1D CYC AG . -13.13 13.05 -30.65
C2D CYC AG . -13.37 11.93 -29.78
C3D CYC AG . -12.81 10.81 -30.38
C4D CYC AG . -12.22 11.22 -31.61
CMD CYC AG . -14.09 11.95 -28.47
CAD CYC AG . -12.83 9.42 -29.85
CBD CYC AG . -14.14 8.71 -30.13
CGD CYC AG . -14.15 7.24 -29.73
O1D CYC AG . -13.08 6.72 -29.38
O2D CYC AG . -15.23 6.62 -29.79
CHA CYC BG . -18.25 -11.46 -80.00
NA CYC BG . -17.12 -10.27 -81.81
C1A CYC BG . -17.61 -10.35 -80.54
C2A CYC BG . -17.29 -9.13 -79.79
C3A CYC BG . -16.66 -8.32 -80.67
C4A CYC BG . -16.64 -9.00 -81.96
CMA CYC BG . -16.08 -6.97 -80.34
CAA CYC BG . -17.59 -8.89 -78.34
CBA CYC BG . -18.74 -7.90 -78.13
CGA CYC BG . -20.02 -8.30 -78.84
O1A CYC BG . -20.55 -9.39 -78.53
O2A CYC BG . -20.48 -7.53 -79.69
CHB CYC BG . -16.11 -8.54 -83.14
NB CYC BG . -15.97 -6.07 -83.25
C1B CYC BG . -15.74 -7.36 -83.71
C2B CYC BG . -15.04 -7.30 -84.94
C3B CYC BG . -14.81 -6.00 -85.24
C4B CYC BG . -15.42 -5.17 -84.15
CMB CYC BG . -14.57 -8.45 -85.77
CAB CYC BG . -14.09 -5.41 -86.42
CBB CYC BG . -14.73 -4.12 -86.92
OB CYC BG . -15.44 -3.97 -84.03
NC CYC BG . -18.15 -17.65 -82.85
C1C CYC BG . -18.02 -18.80 -83.57
C2C CYC BG . -17.65 -18.46 -84.99
C3C CYC BG . -17.62 -16.92 -85.02
C4C CYC BG . -17.91 -16.51 -83.60
CMC CYC BG . -16.39 -19.14 -85.48
CAC CYC BG . -18.57 -16.34 -86.06
CBC CYC BG . -18.29 -16.82 -87.46
OC CYC BG . -18.19 -19.92 -83.13
CHD CYC BG . -17.93 -15.18 -83.17
ND CYC BG . -17.96 -13.15 -81.75
C1D CYC BG . -18.29 -14.47 -81.97
C2D CYC BG . -19.08 -14.87 -80.84
C3D CYC BG . -19.15 -13.80 -79.97
C4D CYC BG . -18.43 -12.72 -80.55
CMD CYC BG . -19.70 -16.21 -80.62
CAD CYC BG . -19.86 -13.77 -78.65
CBD CYC BG . -18.99 -14.22 -77.49
CGD CYC BG . -19.70 -14.21 -76.15
O1D CYC BG . -20.71 -14.94 -76.02
O2D CYC BG . -19.25 -13.49 -75.25
CHA CYC CG . 46.52 67.96 -18.08
NA CYC CG . 45.30 65.94 -18.75
C1A CYC CG . 46.12 66.64 -17.91
C2A CYC CG . 46.47 65.82 -16.76
C3A CYC CG . 45.80 64.65 -16.92
C4A CYC CG . 45.22 64.68 -18.25
CMA CYC CG . 45.72 63.55 -15.90
CAA CYC CG . 47.36 66.23 -15.63
CBA CYC CG . 48.73 65.54 -15.67
CGA CYC CG . 49.38 65.62 -17.04
O1A CYC CG . 49.60 66.75 -17.51
O2A CYC CG . 49.67 64.56 -17.62
CHB CYC CG . 44.56 63.65 -18.91
NB CYC CG . 45.05 61.41 -17.98
C1B CYC CG . 44.42 62.30 -18.83
C2B CYC CG . 43.55 61.58 -19.68
C3B CYC CG . 43.65 60.26 -19.39
C4B CYC CG . 44.61 60.13 -18.26
CMB CYC CG . 42.66 62.13 -20.75
CAB CYC CG . 42.94 59.09 -20.02
CBB CYC CG . 43.83 57.87 -20.12
OB CYC CG . 44.97 59.13 -17.68
NC CYC CG . 43.81 72.16 -22.79
C1C CYC CG . 43.11 72.81 -23.78
C2C CYC CG . 42.29 71.80 -24.54
C3C CYC CG . 42.83 70.45 -24.05
C4C CYC CG . 43.64 70.79 -22.82
CMC CYC CG . 40.80 72.00 -24.37
CAC CYC CG . 43.62 69.70 -25.11
CBC CYC CG . 42.82 69.48 -26.37
OC CYC CG . 43.13 74.01 -23.98
CHD CYC CG . 44.15 69.85 -21.94
ND CYC CG . 45.22 68.66 -20.04
C1D CYC CG . 45.04 69.78 -20.81
C2D CYC CG . 45.95 70.76 -20.28
C3D CYC CG . 46.59 70.20 -19.20
C4D CYC CG . 46.13 68.87 -19.05
CMD CYC CG . 46.15 72.16 -20.79
CAD CYC CG . 47.63 70.86 -18.34
CBD CYC CG . 47.04 71.71 -17.22
CGD CYC CG . 48.10 72.43 -16.39
O1D CYC CG . 48.78 73.31 -16.94
O2D CYC CG . 48.25 72.05 -15.22
CHA CYC DG . -23.81 60.71 3.51
NA CYC DG . -23.78 60.25 5.92
C1A CYC DG . -23.30 60.85 4.80
C2A CYC DG . -22.21 61.77 5.13
C3A CYC DG . -22.20 61.83 6.48
C4A CYC DG . -22.94 60.66 6.93
CMA CYC DG . -21.50 62.87 7.30
CAA CYC DG . -21.41 62.57 4.14
CBA CYC DG . -20.04 61.96 3.87
CGA CYC DG . -20.08 60.52 3.42
O1A CYC DG . -20.66 60.25 2.34
O2A CYC DG . -19.55 59.65 4.14
CHB CYC DG . -22.97 60.12 8.21
NB CYC DG . -20.82 60.70 9.30
C1B CYC DG . -22.09 60.15 9.26
C2B CYC DG . -22.38 59.57 10.51
C3B CYC DG . -21.28 59.66 11.30
C4B CYC DG . -20.30 60.54 10.57
CMB CYC DG . -23.68 58.95 10.92
CAB CYC DG . -21.04 59.13 12.67
CBB CYC DG . -21.27 57.64 12.77
OB CYC DG . -19.26 61.00 10.96
NC CYC DG . -30.14 58.55 2.09
C1C CYC DG . -31.43 58.12 2.02
C2C CYC DG . -31.83 57.53 3.35
C3C CYC DG . -30.55 57.60 4.18
C4C CYC DG . -29.55 58.32 3.32
CMC CYC DG . -33.05 58.20 3.97
CAC CYC DG . -30.05 56.23 4.64
CBC CYC DG . -31.05 55.51 5.54
OC CYC DG . -32.15 58.19 1.04
CHD CYC DG . -28.26 58.68 3.72
ND CYC DG . -26.00 59.68 3.88
C1D CYC DG . -27.07 59.25 3.14
C2D CYC DG . -26.71 59.46 1.75
C3D CYC DG . -25.45 60.02 1.73
C4D CYC DG . -25.01 60.17 3.07
CMD CYC DG . -27.54 59.12 0.56
CAD CYC DG . -24.67 60.42 0.52
CBD CYC DG . -24.75 61.93 0.25
CGD CYC DG . -23.84 62.37 -0.87
O1D CYC DG . -24.02 61.90 -2.00
O2D CYC DG . -22.95 63.21 -0.60
CHA CYC EG . -46.19 7.93 -85.62
NA CYC EG . -46.93 7.63 -83.31
C1A CYC EG . -46.06 8.11 -84.25
C2A CYC EG . -45.02 8.91 -83.63
C3A CYC EG . -45.35 8.99 -82.32
C4A CYC EG . -46.39 7.98 -82.10
CMA CYC EG . -44.74 9.91 -81.30
CAA CYC EG . -43.89 9.56 -84.36
CBA CYC EG . -42.60 8.73 -84.37
CGA CYC EG . -42.76 7.34 -84.97
O1A CYC EG . -43.13 7.26 -86.16
O2A CYC EG . -42.53 6.36 -84.25
CHB CYC EG . -46.90 7.55 -80.89
NB CYC EG . -45.24 7.87 -79.07
C1B CYC EG . -46.49 7.50 -79.59
C2B CYC EG . -47.30 7.01 -78.55
C3B CYC EG . -46.59 7.04 -77.39
C4B CYC EG . -45.24 7.61 -77.71
CMB CYC EG . -48.71 6.50 -78.65
CAB CYC EG . -47.00 6.63 -76.02
CBB CYC EG . -45.87 5.96 -75.24
OB CYC EG . -44.31 7.83 -76.97
NC CYC EG . -51.84 5.65 -88.71
C1C CYC EG . -53.05 5.15 -89.14
C2C CYC EG . -53.72 4.44 -87.98
C3C CYC EG . -52.86 4.80 -86.76
C4C CYC EG . -51.64 5.47 -87.34
CMC CYC EG . -55.21 4.76 -87.83
CAC CYC EG . -52.56 3.60 -85.86
CBC CYC EG . -53.81 2.96 -85.31
OC CYC EG . -53.47 5.22 -90.27
CHD CYC EG . -50.52 5.86 -86.60
ND CYC EG . -48.40 6.89 -85.84
C1D CYC EG . -49.21 6.42 -86.85
C2D CYC EG . -48.47 6.56 -88.07
C3D CYC EG . -47.25 7.14 -87.75
C4D CYC EG . -47.23 7.35 -86.35
CMD CYC EG . -48.91 6.16 -89.43
CAD CYC EG . -46.15 7.48 -88.70
CBD CYC EG . -46.20 8.92 -89.20
CGD CYC EG . -45.01 9.31 -90.07
O1D CYC EG . -44.81 8.66 -91.12
O2D CYC EG . -44.29 10.25 -89.68
CHA CYC FG . -23.33 -12.24 16.79
NA CYC FG . -22.68 -11.07 18.84
C1A CYC FG . -23.45 -11.96 18.14
C2A CYC FG . -24.37 -12.65 19.04
C3A CYC FG . -24.21 -12.06 20.25
C4A CYC FG . -23.21 -11.00 20.09
CMA CYC FG . -24.98 -12.39 21.50
CAA CYC FG . -25.29 -13.76 18.65
CBA CYC FG . -26.77 -13.33 18.58
CGA CYC FG . -27.06 -12.27 17.53
O1A CYC FG . -26.73 -12.51 16.36
O2A CYC FG . -27.61 -11.22 17.90
CHB CYC FG . -22.84 -10.05 21.01
NB CYC FG . -23.82 -10.26 23.33
C1B CYC FG . -23.17 -9.62 22.25
C2B CYC FG . -23.01 -8.28 22.58
C3B CYC FG . -23.96 -8.00 23.52
C4B CYC FG . -24.24 -9.29 24.21
CMB CYC FG . -22.16 -7.27 21.88
CAB CYC FG . -24.64 -6.72 23.88
CBB CYC FG . -26.15 -6.68 23.66
OB CYC FG . -24.82 -9.49 25.24
NC CYC FG . -17.85 -10.70 13.12
C1C CYC FG . -16.66 -10.32 12.55
C2C CYC FG . -16.09 -9.16 13.33
C3C CYC FG . -17.15 -8.87 14.40
C4C CYC FG . -18.16 -9.96 14.25
CMC CYC FG . -14.69 -9.42 13.85
CAC CYC FG . -17.78 -7.48 14.30
CBC CYC FG . -16.76 -6.38 14.30
OC CYC FG . -16.16 -10.83 11.57
CHD CYC FG . -19.25 -10.13 15.10
ND CYC FG . -21.24 -11.09 16.21
C1D CYC FG . -20.48 -10.88 15.09
C2D CYC FG . -21.20 -11.45 13.99
C3D CYC FG . -22.35 -12.01 14.49
C4D CYC FG . -22.36 -11.81 15.90
CMD CYC FG . -20.79 -11.40 12.55
CAD CYC FG . -23.42 -12.73 13.72
CBD CYC FG . -23.29 -14.25 13.76
CGD CYC FG . -24.45 -14.97 13.11
O1D CYC FG . -25.33 -14.28 12.54
O2D CYC FG . -24.49 -16.23 13.18
CHA CYC GG . 23.25 27.10 119.54
NA CYC GG . 25.47 26.23 120.05
C1A CYC GG . 24.59 26.89 119.23
C2A CYC GG . 25.25 27.34 118.02
C3A CYC GG . 26.55 26.97 118.15
C4A CYC GG . 26.66 26.18 119.38
CMA CYC GG . 27.62 27.26 117.13
CAA CYC GG . 24.59 28.06 116.89
CBA CYC GG . 24.30 27.15 115.69
CGA CYC GG . 23.53 25.89 116.05
O1A CYC GG . 22.39 26.03 116.53
O2A CYC GG . 24.06 24.79 115.82
CHB CYC GG . 27.73 25.47 119.82
NB CYC GG . 29.88 25.90 118.64
C1B CYC GG . 29.05 25.23 119.53
C2B CYC GG . 29.74 24.17 120.13
C3B CYC GG . 30.96 24.06 119.52
C4B CYC GG . 31.10 25.24 118.61
CMB CYC GG . 29.25 23.24 121.20
CAB CYC GG . 32.03 23.01 119.64
CBB CYC GG . 32.07 22.13 118.42
OB CYC GG . 32.04 25.55 117.93
NC CYC GG . 20.73 26.52 125.81
C1C CYC GG . 20.39 26.36 127.13
C2C CYC GG . 21.42 25.49 127.81
C3C CYC GG . 22.45 25.19 126.71
C4C CYC GG . 21.92 25.90 125.47
CMC CYC GG . 21.99 26.07 129.09
CAC CYC GG . 22.70 23.69 126.52
CBC CYC GG . 23.26 23.04 127.75
OC CYC GG . 19.41 26.82 127.67
CHD CYC GG . 22.55 25.89 124.23
ND CYC GG . 23.17 26.44 121.89
C1D CYC GG . 22.23 26.32 122.88
C2D CYC GG . 20.96 26.59 122.28
C3D CYC GG . 21.19 26.93 120.96
C4D CYC GG . 22.59 26.86 120.72
CMD CYC GG . 19.62 26.55 122.95
CAD CYC GG . 20.15 27.31 119.93
CBD CYC GG . 19.92 28.81 119.77
CGD CYC GG . 18.95 29.14 118.64
O1D CYC GG . 17.79 28.72 118.73
O2D CYC GG . 19.38 29.81 117.68
CHA CYC HG . 48.82 8.29 81.92
NA CYC HG . 48.34 6.77 83.78
C1A CYC HG . 48.03 7.82 82.96
C2A CYC HG . 46.72 8.37 83.30
C3A CYC HG . 46.25 7.60 84.32
C4A CYC HG . 47.34 6.70 84.72
CMA CYC HG . 44.89 7.73 84.93
CAA CYC HG . 46.05 9.53 82.63
CBA CYC HG . 46.19 10.84 83.42
CGA CYC HG . 47.62 11.06 83.88
O1A CYC HG . 48.52 11.13 83.02
O2A CYC HG . 47.83 11.19 85.11
CHB CYC HG . 47.38 5.85 85.80
NB CYC HG . 45.56 6.22 87.49
C1B CYC HG . 46.70 5.58 86.96
C2B CYC HG . 47.10 4.56 87.84
C3B CYC HG . 46.28 4.56 88.93
C4B CYC HG . 45.23 5.62 88.70
CMB CYC HG . 48.26 3.62 87.68
CAB CYC HG . 46.32 3.71 90.15
CBB CYC HG . 47.21 4.31 91.23
OB CYC HG . 44.30 5.93 89.40
NC CYC HG . 54.35 5.26 79.24
C1C CYC HG . 55.38 4.46 78.81
C2C CYC HG . 55.49 3.27 79.73
C3C CYC HG . 54.66 3.69 80.95
C4C CYC HG . 53.81 4.82 80.44
CMC CYC HG . 55.07 1.97 79.07
CAC CYC HG . 55.53 4.11 82.14
CBC CYC HG . 56.59 3.09 82.48
OC CYC HG . 56.06 4.66 77.82
CHD CYC HG . 52.69 5.36 81.11
ND CYC HG . 50.66 6.65 81.72
C1D CYC HG . 51.80 6.50 80.98
C2D CYC HG . 51.91 7.67 80.16
C3D CYC HG . 50.82 8.46 80.41
C4D CYC HG . 50.01 7.82 81.38
CMD CYC HG . 53.02 7.99 79.21
CAD CYC HG . 50.52 9.79 79.78
CBD CYC HG . 49.80 9.67 78.44
CGD CYC HG . 49.58 11.00 77.74
O1D CYC HG . 50.58 11.67 77.43
O2D CYC HG . 48.41 11.37 77.51
CHA CYC IG . 21.94 22.94 71.52
NA CYC IG . 24.20 23.03 70.62
C1A CYC IG . 23.31 22.72 71.61
C2A CYC IG . 23.98 22.08 72.73
C3A CYC IG . 25.30 22.05 72.41
C4A CYC IG . 25.44 22.78 71.15
CMA CYC IG . 26.38 21.42 73.23
CAA CYC IG . 23.30 21.52 73.94
CBA CYC IG . 23.22 22.50 75.11
CGA CYC IG . 22.34 23.71 74.83
O1A CYC IG . 21.15 23.52 74.54
O2A CYC IG . 22.86 24.85 74.89
CHB CYC IG . 26.61 23.07 70.49
NB CYC IG . 28.59 23.11 71.98
C1B CYC IG . 27.94 23.19 70.76
C2B CYC IG . 28.89 23.44 69.74
C3B CYC IG . 30.11 23.57 70.31
C4B CYC IG . 29.95 23.33 71.77
CMB CYC IG . 28.63 23.60 68.27
CAB CYC IG . 31.43 23.87 69.66
CBB CYC IG . 32.30 24.79 70.51
OB CYC IG . 30.78 23.34 72.64
NC CYC IG . 18.55 24.50 65.79
C1C CYC IG . 18.05 24.79 64.55
C2C CYC IG . 19.19 25.11 63.61
C3C CYC IG . 20.45 25.01 64.49
C4C CYC IG . 19.93 24.55 65.84
CMC CYC IG . 19.21 24.26 62.36
CAC CYC IG . 21.26 26.30 64.57
CBC CYC IG . 21.78 26.74 63.22
OC CYC IG . 16.86 24.80 64.25
CHD CYC IG . 20.75 24.28 66.95
ND CYC IG . 21.61 23.57 69.16
C1D CYC IG . 20.59 24.01 68.36
C2D CYC IG . 19.44 24.16 69.20
C3D CYC IG . 19.79 23.78 70.47
C4D CYC IG . 21.17 23.38 70.45
CMD CYC IG . 18.09 24.66 68.79
CAD CYC IG . 18.87 23.82 71.66
CBD CYC IG . 18.94 22.65 72.63
CGD CYC IG . 17.83 22.72 73.67
O1D CYC IG . 16.87 23.48 73.43
O2D CYC IG . 17.93 22.02 74.72
CHA CYC JG . 10.52 29.27 -95.28
NA CYC JG . 8.81 28.20 -96.69
C1A CYC JG . 9.50 28.33 -95.51
C2A CYC JG . 8.99 27.38 -94.53
C3A CYC JG . 7.85 26.87 -95.10
C4A CYC JG . 7.90 27.21 -96.51
CMA CYC JG . 6.79 26.09 -94.35
CAA CYC JG . 9.54 27.14 -93.16
CBA CYC JG . 10.67 26.10 -93.13
CGA CYC JG . 11.89 26.49 -93.94
O1A CYC JG . 12.59 27.45 -93.55
O2A CYC JG . 12.14 25.83 -94.97
CHB CYC JG . 7.06 26.80 -97.54
NB CYC JG . 6.09 24.55 -96.97
C1B CYC JG . 6.25 25.70 -97.74
C2B CYC JG . 5.45 25.54 -98.92
C3B CYC JG . 4.62 24.50 -98.74
C4B CYC JG . 5.02 23.83 -97.47
CMB CYC JG . 5.43 26.36 -100.19
CAB CYC JG . 3.52 23.99 -99.62
CBB CYC JG . 4.03 22.99 -100.65
OB CYC JG . 4.57 22.83 -96.97
NC CYC JG . 8.77 31.55 -99.96
C1C CYC JG . 8.08 31.57 -101.13
C2C CYC JG . 8.78 32.45 -102.12
C3C CYC JG . 9.98 33.01 -101.35
C4C CYC JG . 9.94 32.32 -100.02
CMC CYC JG . 9.13 31.73 -103.42
CAC CYC JG . 10.01 34.54 -101.27
CBC CYC JG . 10.16 35.22 -102.62
OC CYC JG . 7.04 30.98 -101.34
CHD CYC JG . 10.94 32.47 -99.03
ND CYC JG . 10.49 30.70 -97.30
C1D CYC JG . 11.17 31.80 -97.77
C2D CYC JG . 12.11 32.17 -96.76
C3D CYC JG . 12.00 31.29 -95.72
C4D CYC JG . 10.97 30.33 -96.07
CMD CYC JG . 13.06 33.33 -96.84
CAD CYC JG . 12.78 31.27 -94.44
CBD CYC JG . 12.02 31.84 -93.26
CGD CYC JG . 11.97 33.36 -93.21
O1D CYC JG . 12.45 33.93 -92.21
O2D CYC JG . 11.46 33.96 -94.17
HHA CYC JG . 10.98 29.16 -94.46
HMA1 CYC JG . 5.95 26.15 -94.83
HMA2 CYC JG . 6.68 26.48 -93.47
HMA3 CYC JG . 7.07 25.17 -94.27
HAA1 CYC JG . 8.81 26.84 -92.57
HAA2 CYC JG . 9.88 28.00 -92.79
HBA1 CYC JG . 10.95 25.97 -92.20
HBA2 CYC JG . 10.33 25.25 -93.46
HHB CYC JG . 7.06 27.42 -98.25
HB CYC JG . 6.64 24.26 -96.35
HMB1 CYC JG . 4.91 26.94 -99.60
HMB2 CYC JG . 5.83 27.22 -100.41
HMB3 CYC JG . 6.36 26.11 -100.18
HAB1 CYC JG . 3.10 24.76 -100.08
HAB2 CYC JG . 2.83 23.56 -99.06
HBB1 CYC JG . 4.73 23.41 -101.19
HBB2 CYC JG . 4.38 22.21 -100.20
HBB3 CYC JG . 3.29 22.73 -101.23
HC CYC JG . 8.48 31.14 -99.26
H2C CYC JG . 8.18 33.20 -102.34
H3C CYC JG . 10.81 32.73 -101.80
HMC1 CYC JG . 8.33 31.43 -103.86
HMC2 CYC JG . 9.71 30.97 -103.23
HMC3 CYC JG . 9.61 32.35 -104.02
HAC1 CYC JG . 10.74 34.82 -100.68
HAC2 CYC JG . 9.16 34.85 -100.87
HBC1 CYC JG . 10.21 36.18 -102.50
HBC2 CYC JG . 9.42 34.99 -103.19
HBC3 CYC JG . 11.00 34.90 -103.04
HHD CYC JG . 11.59 33.12 -99.25
HD CYC JG . 9.89 30.29 -97.74
HMD1 CYC JG . 13.88 33.05 -97.27
HMD2 CYC JG . 13.26 33.66 -95.95
HMD3 CYC JG . 12.66 34.05 -97.36
HAD1 CYC JG . 13.61 31.78 -94.56
HAD2 CYC JG . 13.04 30.35 -94.23
HBD1 CYC JG . 11.08 31.50 -93.28
HBD2 CYC JG . 12.41 31.52 -92.41
CHA CYC KG . 81.29 53.13 13.26
NA CYC KG . 80.37 51.00 13.86
C1A CYC KG . 80.53 52.05 13.00
C2A CYC KG . 79.76 51.83 11.77
C3A CYC KG . 79.47 50.51 11.78
C4A CYC KG . 79.58 50.09 13.19
CMA CYC KG . 79.04 49.71 10.58
CAA CYC KG . 79.54 52.84 10.70
CBA CYC KG . 78.19 53.55 10.93
CGA CYC KG . 78.03 54.16 12.32
O1A CYC KG . 78.77 55.12 12.64
O2A CYC KG . 77.15 53.70 13.06
CHB CYC KG . 79.19 48.91 13.79
NB CYC KG . 77.03 48.09 13.02
C1B CYC KG . 78.21 47.97 13.70
C2B CYC KG . 78.31 46.69 14.25
C3B CYC KG . 77.16 46.03 13.97
C4B CYC KG . 76.28 46.95 13.21
CMB CYC KG . 79.44 46.08 15.01
CAB CYC KG . 76.73 44.66 14.37
CBB CYC KG . 75.76 44.69 15.54
OB CYC KG . 75.15 46.75 12.84
NC CYC KG . 86.11 53.30 17.86
C1C CYC KG . 87.10 53.32 18.80
C2C CYC KG . 86.64 52.51 19.98
C3C CYC KG . 85.45 51.71 19.41
C4C CYC KG . 85.07 52.42 18.15
CMC CYC KG . 87.74 51.70 20.66
CAC CYC KG . 84.30 51.53 20.41
CBC CYC KG . 84.69 50.76 21.65
OC CYC KG . 88.14 53.94 18.73
CHD CYC KG . 83.90 52.22 17.36
ND CYC KG . 82.48 52.42 15.30
C1D CYC KG . 83.34 52.95 16.21
C2D CYC KG . 83.48 54.34 15.86
C3D CYC KG . 82.74 54.57 14.73
C4D CYC KG . 82.14 53.35 14.34
CMD CYC KG . 84.29 55.37 16.61
CAD CYC KG . 82.61 55.86 13.99
CBD CYC KG . 83.37 55.79 12.67
CGD CYC KG . 82.94 56.89 11.71
O1D CYC KG . 83.07 58.06 12.08
O2D CYC KG . 82.43 56.56 10.62
CHA CYC LG . 4.38 -20.96 22.76
NA CYC LG . 3.42 -22.79 21.46
C1A CYC LG . 3.93 -22.27 22.61
C2A CYC LG . 3.87 -23.23 23.69
C3A CYC LG . 3.34 -24.36 23.16
C4A CYC LG . 3.17 -24.12 21.72
CMA CYC LG . 3.05 -25.61 23.94
CAA CYC LG . 4.29 -22.97 25.11
CBA CYC LG . 5.63 -23.62 25.48
CGA CYC LG . 6.79 -23.15 24.62
O1A CYC LG . 7.07 -21.94 24.64
O2A CYC LG . 7.40 -24.00 23.96
CHB CYC LG . 2.79 -25.02 20.75
NB CYC LG . 2.47 -27.36 21.54
C1B CYC LG . 2.54 -26.35 20.58
C2B CYC LG . 2.35 -26.93 19.31
C3B CYC LG . 2.41 -28.28 19.44
C4B CYC LG . 2.33 -28.57 20.91
CMB CYC LG . 2.25 -26.23 17.98
CAB CYC LG . 2.54 -29.36 18.42
CBB CYC LG . 3.87 -30.09 18.56
OB CYC LG . 2.25 -29.64 21.47
NC CYC LG . 2.62 -15.89 18.63
C1C CYC LG . 2.17 -15.00 17.69
C2C CYC LG . 1.86 -15.73 16.41
C3C CYC LG . 2.17 -17.21 16.74
C4C CYC LG . 2.59 -17.20 18.18
CMC CYC LG . 0.47 -15.47 15.87
CAC CYC LG . 3.19 -17.83 15.80
CBC CYC LG . 2.80 -17.75 14.35
OC CYC LG . 2.04 -13.81 17.85
CHD CYC LG . 2.94 -18.34 18.89
ND CYC LG . 3.54 -19.87 20.73
C1D CYC LG . 3.59 -18.64 20.14
C2D CYC LG . 4.45 -17.84 20.96
C3D CYC LG . 4.84 -18.59 22.03
C4D CYC LG . 4.25 -19.89 21.90
CMD CYC LG . 4.85 -16.41 20.69
CAD CYC LG . 5.74 -18.17 23.15
CBD CYC LG . 5.00 -17.75 24.42
CGD CYC LG . 5.91 -17.53 25.61
O1D CYC LG . 7.14 -17.62 25.45
O2D CYC LG . 5.37 -17.27 26.72
CHA CYC MG . -66.01 -101.24 -31.40
NA CYC MG . -68.35 -100.69 -31.78
C1A CYC MG . -67.02 -100.44 -31.91
C2A CYC MG . -66.81 -99.21 -32.67
C3A CYC MG . -68.06 -98.74 -32.96
C4A CYC MG . -69.02 -99.65 -32.35
CMA CYC MG . -68.35 -97.47 -33.72
CAA CYC MG . -65.48 -98.62 -33.02
CBA CYC MG . -65.06 -97.51 -32.05
CGA CYC MG . -65.02 -97.94 -30.59
O1A CYC MG . -64.24 -98.86 -30.29
O2A CYC MG . -65.75 -97.34 -29.78
CHB CYC MG . -70.37 -99.51 -32.27
NB CYC MG . -71.41 -97.81 -33.79
C1B CYC MG . -71.38 -98.71 -32.72
C2B CYC MG . -72.58 -98.66 -32.03
C3B CYC MG . -73.24 -97.54 -32.44
C4B CYC MG . -72.61 -97.12 -33.73
CMB CYC MG . -73.01 -99.54 -30.89
CAB CYC MG . -74.37 -96.81 -31.79
CBB CYC MG . -73.86 -95.82 -30.75
OB CYC MG . -72.97 -96.27 -34.50
NC CYC MG . -67.17 -107.61 -29.22
C1C CYC MG . -67.62 -108.84 -28.83
C2C CYC MG . -69.12 -108.80 -28.70
C3C CYC MG . -69.52 -107.42 -29.23
C4C CYC MG . -68.20 -106.71 -29.47
CMC CYC MG . -69.84 -109.97 -29.36
CAC CYC MG . -70.47 -106.65 -28.32
CBC CYC MG . -71.79 -107.36 -28.13
OC CYC MG . -66.92 -109.79 -28.55
CHD CYC MG . -68.09 -105.39 -29.87
ND CYC MG . -67.28 -103.23 -30.71
C1D CYC MG . -67.05 -104.42 -30.09
C2D CYC MG . -65.67 -104.42 -29.70
C3D CYC MG . -65.12 -103.24 -30.14
C4D CYC MG . -66.13 -102.49 -30.81
CMD CYC MG . -64.96 -105.49 -28.95
CAD CYC MG . -63.69 -102.80 -29.97
CBD CYC MG . -62.76 -103.21 -31.11
CGD CYC MG . -61.34 -102.69 -30.93
O1D CYC MG . -60.71 -103.07 -29.92
O2D CYC MG . -60.88 -101.93 -31.79
CHA CYC NG . -74.29 -52.75 -28.97
NA CYC NG . -75.47 -54.02 -27.25
C1A CYC NG . -74.41 -53.83 -28.09
C2A CYC NG . -73.41 -54.86 -27.90
C3A CYC NG . -73.91 -55.69 -26.95
C4A CYC NG . -75.30 -55.26 -26.72
CMA CYC NG . -73.18 -56.83 -26.31
CAA CYC NG . -72.08 -54.95 -28.59
CBA CYC NG . -72.07 -55.90 -29.79
CGA CYC NG . -73.18 -55.58 -30.78
O1A CYC NG . -73.20 -54.45 -31.30
O2A CYC NG . -74.02 -56.47 -31.03
CHB CYC NG . -76.22 -55.91 -25.92
NB CYC NG . -75.93 -58.16 -26.77
C1B CYC NG . -76.41 -57.25 -25.83
C2B CYC NG . -77.08 -57.97 -24.81
C3B CYC NG . -76.91 -59.31 -25.03
C4B CYC NG . -76.26 -59.44 -26.38
CMB CYC NG . -77.80 -57.41 -23.61
CAB CYC NG . -77.28 -60.48 -24.19
CBB CYC NG . -76.25 -61.60 -24.27
OB CYC NG . -76.01 -60.45 -26.99
NC CYC NG . -78.50 -47.35 -29.20
C1C CYC NG . -79.43 -46.35 -29.07
C2C CYC NG . -80.53 -46.83 -28.17
C3C CYC NG . -80.23 -48.32 -27.96
C4C CYC NG . -78.85 -48.52 -28.53
CMC CYC NG . -80.66 -46.01 -26.89
CAC CYC NG . -81.29 -49.22 -28.61
CBC CYC NG . -82.69 -48.90 -28.16
OC CYC NG . -79.36 -45.26 -29.60
CHD CYC NG . -78.10 -49.69 -28.41
ND CYC NG . -76.28 -51.39 -28.49
C1D CYC NG . -76.88 -50.24 -28.97
C2D CYC NG . -76.10 -49.82 -30.09
C3D CYC NG . -75.04 -50.69 -30.22
C4D CYC NG . -75.14 -51.68 -29.19
CMD CYC NG . -76.35 -48.64 -30.96
CAD CYC NG . -73.95 -50.65 -31.26
CBD CYC NG . -72.77 -49.77 -30.86
CGD CYC NG . -71.71 -49.66 -31.94
O1D CYC NG . -72.04 -49.16 -33.04
O2D CYC NG . -70.57 -50.08 -31.69
CHA CYC OG . -42.55 -59.11 -28.56
NA CYC OG . -43.79 -57.41 -29.77
C1A CYC OG . -43.72 -58.55 -29.05
C2A CYC OG . -45.05 -59.08 -28.78
C3A CYC OG . -45.92 -58.26 -29.42
C4A CYC OG . -45.10 -57.30 -30.16
CMA CYC OG . -47.41 -58.35 -29.36
CAA CYC OG . -45.36 -60.28 -27.93
CBA CYC OG . -45.50 -61.58 -28.73
CGA CYC OG . -44.20 -62.06 -29.35
O1A CYC OG . -43.24 -62.33 -28.59
O2A CYC OG . -44.15 -62.18 -30.59
CHB CYC OG . -45.55 -56.31 -31.02
NB CYC OG . -47.77 -56.83 -31.99
C1B CYC OG . -46.65 -56.04 -31.77
C2B CYC OG . -46.78 -54.84 -32.50
C3B CYC OG . -47.95 -54.88 -33.21
C4B CYC OG . -48.62 -56.18 -32.85
CMB CYC OG . -45.83 -53.69 -32.54
CAB CYC OG . -48.52 -53.88 -34.14
CBB CYC OG . -49.19 -54.53 -35.35
OB CYC OG . -49.68 -56.60 -33.25
NC CYC OG . -36.47 -56.02 -28.26
C1C CYC OG . -35.35 -55.24 -28.27
C2C CYC OG . -35.60 -54.00 -29.09
C3C CYC OG . -37.00 -54.23 -29.68
C4C CYC OG . -37.51 -55.49 -29.02
CMC CYC OG . -35.43 -52.72 -28.32
CAC CYC OG . -37.01 -54.29 -31.20
CBC CYC OG . -36.44 -53.04 -31.83
OC CYC OG . -34.31 -55.49 -27.69
CHD CYC OG . -38.79 -56.02 -29.18
ND CYC OG . -40.85 -57.38 -28.97
C1D CYC OG . -39.49 -57.24 -28.85
C2D CYC OG . -38.98 -58.51 -28.41
C3D CYC OG . -40.05 -59.35 -28.24
C4D CYC OG . -41.24 -58.64 -28.57
CMD CYC OG . -37.55 -58.87 -28.18
CAD CYC OG . -39.96 -60.78 -27.81
CBD CYC OG . -40.95 -61.25 -26.76
CGD CYC OG . -40.64 -62.65 -26.25
O1D CYC OG . -39.50 -63.10 -26.48
O2D CYC OG . -41.55 -63.28 -25.65
CHA CYC PG . 23.48 72.93 -7.10
NA CYC PG . 24.12 73.79 -4.90
C1A CYC PG . 23.41 72.94 -5.71
C2A CYC PG . 22.60 72.03 -4.92
C3A CYC PG . 22.86 72.33 -3.63
C4A CYC PG . 23.77 73.47 -3.61
CMA CYC PG . 22.28 71.60 -2.45
CAA CYC PG . 21.71 70.96 -5.48
CBA CYC PG . 20.35 71.47 -5.96
CGA CYC PG . 19.49 70.39 -6.56
O1A CYC PG . 19.16 69.43 -5.86
O2A CYC PG . 19.14 70.51 -7.76
CHB CYC PG . 24.25 74.16 -2.52
NB CYC PG . 23.40 73.43 -0.28
C1B CYC PG . 24.15 74.22 -1.16
C2B CYC PG . 24.86 75.19 -0.40
C3B CYC PG . 24.52 75.04 0.91
C4B CYC PG . 23.58 73.89 1.00
CMB CYC PG . 25.80 76.24 -0.91
CAB CYC PG . 24.98 75.82 2.09
CBB CYC PG . 24.04 76.98 2.41
OB CYC PG . 23.06 73.42 1.98
NC CYC PG . 28.37 76.05 -10.68
C1C CYC PG . 29.43 76.73 -11.21
C2C CYC PG . 29.95 77.71 -10.19
C3C CYC PG . 29.01 77.54 -8.98
C4C CYC PG . 28.08 76.41 -9.38
CMC CYC PG . 31.42 77.56 -9.88
CAC CYC PG . 28.28 78.82 -8.60
CBC CYC PG . 29.21 79.96 -8.30
OC CYC PG . 29.88 76.58 -12.33
CHD CYC PG . 27.09 75.88 -8.55
ND CYC PG . 25.33 74.47 -7.56
C1D CYC PG . 25.99 74.97 -8.66
C2D CYC PG . 25.32 74.44 -9.80
C3D CYC PG . 24.31 73.63 -9.36
C4D CYC PG . 24.32 73.63 -7.94
CMD CYC PG . 25.64 74.73 -11.24
CAD CYC PG . 23.34 72.85 -10.21
CBD CYC PG . 23.84 71.47 -10.60
CGD CYC PG . 22.86 70.69 -11.47
O1D CYC PG . 23.21 69.55 -11.86
O2D CYC PG . 21.76 71.21 -11.73
CHA CYC QG . 51.46 79.06 -33.68
NA CYC QG . 53.01 79.71 -31.89
C1A CYC QG . 51.92 79.03 -32.35
C2A CYC QG . 51.33 78.24 -31.28
C3A CYC QG . 52.06 78.52 -30.16
C4A CYC QG . 53.12 79.46 -30.55
CMA CYC QG . 51.79 77.95 -28.80
CAA CYC QG . 50.15 77.32 -31.43
CBA CYC QG . 48.81 77.99 -31.11
CGA CYC QG . 48.48 79.17 -32.00
O1A CYC QG . 48.21 78.94 -33.20
O2A CYC QG . 48.49 80.31 -31.49
CHB CYC QG . 54.15 80.06 -29.80
NB CYC QG . 54.16 79.62 -27.27
C1B CYC QG . 54.62 80.17 -28.48
C2B CYC QG . 55.73 81.03 -28.16
C3B CYC QG . 56.06 80.85 -26.85
C4B CYC QG . 55.08 79.89 -26.28
CMB CYC QG . 56.51 82.01 -29.00
CAB CYC QG . 57.14 81.48 -26.04
CBB CYC QG . 56.69 82.79 -25.39
OB CYC QG . 55.01 79.48 -25.14
NC CYC QG . 56.07 81.89 -34.80
C1C CYC QG . 57.19 82.60 -34.50
C2C CYC QG . 57.59 83.45 -35.68
C3C CYC QG . 56.53 83.13 -36.74
C4C CYC QG . 55.57 82.18 -36.06
CMC CYC QG . 57.74 84.92 -35.34
CAC CYC QG . 57.08 82.58 -38.06
CBC CYC QG . 58.05 83.53 -38.76
OC CYC QG . 57.80 82.54 -33.44
CHD CYC QG . 54.40 81.70 -36.67
ND CYC QG . 53.11 80.45 -34.90
C1D CYC QG . 53.32 80.86 -36.20
C2D CYC QG . 52.30 80.26 -37.00
C3D CYC QG . 51.48 79.53 -36.17
C4D CYC QG . 51.99 79.66 -34.83
CMD CYC QG . 52.16 80.41 -38.48
CAD CYC QG . 50.27 78.72 -36.55
CBD CYC QG . 50.54 77.22 -36.58
CGD CYC QG . 51.17 76.72 -37.87
O1D CYC QG . 50.57 75.85 -38.52
O2D CYC QG . 52.26 77.20 -38.22
HHA CYC QG . 50.64 78.63 -33.82
HMA1 CYC QG . 52.61 77.56 -28.44
HMA2 CYC QG . 51.12 77.26 -28.84
HMA3 CYC QG . 51.48 78.65 -28.21
HAA1 CYC QG . 50.28 76.55 -30.83
HAA2 CYC QG . 50.13 76.97 -32.34
HBA1 CYC QG . 48.10 77.32 -31.19
HBA2 CYC QG . 48.83 78.30 -30.17
HHB CYC QG . 54.71 80.54 -30.40
HB CYC QG . 53.41 79.24 -27.10
HMB1 CYC QG . 56.92 81.18 -29.29
HMB2 CYC QG . 56.52 82.15 -29.96
HMB3 CYC QG . 55.61 82.36 -29.12
HAB1 CYC QG . 57.92 81.66 -26.61
HAB2 CYC QG . 57.42 80.85 -25.33
HBB1 CYC QG . 56.44 83.42 -26.08
HBB2 CYC QG . 55.92 82.61 -24.81
HBB3 CYC QG . 57.42 83.16 -24.87
HC CYC QG . 55.75 81.30 -34.25
H2C CYC QG . 58.46 83.11 -35.99
H3C CYC QG . 56.04 83.95 -36.94
HMC1 CYC QG . 58.44 85.04 -34.69
HMC2 CYC QG . 56.89 85.25 -34.99
HMC3 CYC QG . 57.96 85.41 -36.15
HAC1 CYC QG . 56.33 82.39 -38.67
HAC2 CYC QG . 57.55 81.74 -37.89
HBC1 CYC QG . 58.30 83.15 -39.63
HBC2 CYC QG . 58.85 83.65 -38.22
HBC3 CYC QG . 57.61 84.39 -38.90
HHD CYC QG . 54.30 81.99 -37.56
HD CYC QG . 53.58 80.70 -34.23
HMD1 CYC QG . 51.61 81.19 -38.68
HMD2 CYC QG . 51.73 79.62 -38.85
HMD3 CYC QG . 53.03 80.52 -38.89
HAD1 CYC QG . 49.96 79.01 -37.43
HAD2 CYC QG . 49.56 78.91 -35.92
HBD1 CYC QG . 51.14 76.98 -35.84
HBD2 CYC QG . 49.70 76.73 -36.44
CHA CYC RG . 2.03 16.76 -82.59
NA CYC RG . 2.43 17.45 -80.27
C1A CYC RG . 1.70 16.81 -81.24
C2A CYC RG . 0.58 16.10 -80.64
C3A CYC RG . 0.65 16.33 -79.31
C4A CYC RG . 1.73 17.29 -79.10
CMA CYC RG . -0.22 15.68 -78.27
CAA CYC RG . -0.41 15.24 -81.39
CBA CYC RG . -1.79 15.89 -81.49
CGA CYC RG . -1.75 17.31 -82.04
O1A CYC RG . -1.19 17.50 -83.13
O2A CYC RG . -2.28 18.21 -81.37
CHB CYC RG . 2.11 17.86 -77.91
NB CYC RG . 0.36 17.81 -76.16
C1B CYC RG . 1.62 18.09 -76.66
C2B CYC RG . 2.41 18.65 -75.63
C3B CYC RG . 1.65 18.77 -74.51
C4B CYC RG . 0.30 18.19 -74.84
CMB CYC RG . 3.84 19.10 -75.70
CAB CYC RG . 2.00 19.32 -73.17
CBB CYC RG . 0.86 20.08 -72.52
OB CYC RG . -0.66 18.08 -74.11
NC CYC RG . 8.15 18.56 -85.17
C1C CYC RG . 9.46 18.88 -85.41
C2C CYC RG . 10.12 19.21 -84.10
C3C CYC RG . 8.93 19.49 -83.17
C4C CYC RG . 7.79 18.79 -83.86
CMC CYC RG . 11.10 18.16 -83.63
CAC CYC RG . 8.69 20.97 -82.94
CBC CYC RG . 9.94 21.68 -82.49
OC CYC RG . 10.02 18.82 -86.49
CHD CYC RG . 6.57 18.50 -83.24
ND CYC RG . 4.32 17.67 -82.64
C1D CYC RG . 5.28 17.95 -83.57
C2D CYC RG . 4.71 17.61 -84.85
C3D CYC RG . 3.44 17.13 -84.63
C4D CYC RG . 3.19 17.16 -83.24
CMD CYC RG . 5.38 17.75 -86.19
CAD CYC RG . 2.48 16.65 -85.68
CBD CYC RG . 2.71 15.21 -86.09
CGD CYC RG . 1.81 14.74 -87.22
O1D CYC RG . 1.94 15.27 -88.34
O2D CYC RG . 0.98 13.85 -86.97
#